data_6R6P
#
_entry.id   6R6P
#
_cell.length_a   1
_cell.length_b   1
_cell.length_c   1
_cell.angle_alpha   90
_cell.angle_beta   90
_cell.angle_gamma   90
#
_symmetry.space_group_name_H-M   'P 1'
#
loop_
_entity.id
_entity.type
_entity.pdbx_description
1 polymer '28S ribosomal RNA'
2 polymer '5S ribosomal RNA'
3 polymer '5.8S ribosomal RNA'
4 polymer uL2
5 polymer uL3
6 polymer uL4
7 polymer '60S ribosomal protein L5'
8 polymer '60S ribosomal protein L6'
9 polymer uL30
10 polymer eL8
11 polymer uL6
12 polymer 'Ribosomal protein L10 (Predicted)'
13 polymer uL5
14 polymer '60S ribosomal protein L13'
15 polymer 'Ribosomal protein L14'
16 polymer 'Ribosomal protein L15'
17 polymer uL13
18 polymer uL22
19 polymer eL18
20 polymer eL19
21 polymer eL20
22 polymer eL21
23 polymer 'Ribosomal protein L22'
24 polymer uL14
25 polymer 'Ribosomal protein L24'
26 polymer uL23
27 polymer 'Ribosomal protein L26'
28 polymer '60S ribosomal protein L27'
29 polymer uL15
30 polymer '60S ribosomal protein L29'
31 polymer eL30
32 polymer eL31
33 polymer eL32
34 polymer eL33
35 polymer eL34
36 polymer uL29
37 polymer '60S ribosomal protein L36'
38 polymer 'Ribosomal protein L37'
39 polymer eL38
40 polymer 'ribosomal protein eL39'
41 polymer eL40
42 polymer '60s ribosomal protein l41'
43 polymer eL42
44 polymer 'ribosomal protein eL43'
45 polymer eL28
46 polymer '60S acidic ribosomal protein P0'
47 polymer 'Ribosomal protein L12'
48 polymer 'X-box-binding protein 1'
49 polymer A/P-tRNA
50 polymer P/E-tRNA
51 polymer '18S rRNA'
52 polymer uS2
53 polymer '40S ribosomal protein S3a'
54 polymer uS5
55 polymer '40S ribosomal protein S4'
56 polymer '40S ribosomal protein S6'
57 polymer '40S ribosomal protein S7'
58 polymer '40S ribosomal protein S8'
59 polymer 'Ribosomal protein S9 (Predicted)'
60 polymer 'Ribosomal protein S11'
61 polymer 'ribosomal protein uS15'
62 polymer uS11
63 polymer 'Ribosomal protein S16'
64 polymer eS17
65 polymer eS21
66 polymer 'Ribosomal protein S15a'
67 polymer 'Ribosomal protein S23'
68 polymer eS24
69 polymer eS26
70 polymer '40S ribosomal protein S27'
71 polymer '40S ribosomal protein S30'
72 polymer 'Ribosomal protein S3'
73 polymer 'Ribosomal protein S5'
74 polymer eS10
75 polymer '40S ribosomal protein S12'
76 polymer uS14
77 polymer uS13
78 polymer eS19
79 polymer uS10
80 polymer 'ribosomal protein eS25'
81 polymer 'Ribosomal protein S28'
82 polymer S29
83 polymer eS31
84 polymer 'ribosomal protein RACK1'
85 polymer mRNA
86 non-polymer 'MAGNESIUM ION'
87 non-polymer 'ZINC ION'
#
loop_
_entity_poly.entity_id
_entity_poly.type
_entity_poly.pdbx_seq_one_letter_code
_entity_poly.pdbx_strand_id
1 'polyribonucleotide'
;CGCGACCUCAGAUCAGACGUGGCGACCCGCUGAAUUUAAGCAUAUUAGUCAGCGGAGGAGAAGAAACUAACCAGGAUUCC
CUCAGUAACGGCGAGUGAACAGGGAAGAGCCCAGCGCCGAAUCCCCGCCCCGCGGCGGGGCGCGGGACAUGUGGCGUACG
GAAGACCCGCUCCCCGGCGCCGCUCGUGGGGGGCCCAAGUCCUUCUGAUCGAGGCCCAGCCCGUGGACGGUGUGAGGCCG
GUAGCGGCCCCCGGCGCGCCGGGCCCGGGUCUUCCCGGAGUCGGGUUGCUUGGGAAUGCAGCCCAAAGCGGGUGGUAAAC
UCCAUCUAAGGCUAAAUACCGGCACGAGACCGAUAGUCAACAAGUACCGUAAGGGAAAGUUGAAAAGAACUUUGAAGAGA
GAGUUCAAGAGGGCGUGAAACCGUUAAGAGGUAAACGGGUGGGGUCCGCGCAGUCCGCCCGGAGGAUUCAACCCGGCGGC
GGGUCCGGCCGUGUCGGCGGCCCGGCGGAUCUUUCCCGCGCGGGGGACCGUCCCCCGACCGGCGACCGGCCGCCGCCGGG
CGCAUUUCCACCGCGGCGGUGCGCCGCGACCGGCUCCGGGACGGCUGGGAAGGCCCGGCGGGGAAGGUGGCUCGGCCGAG
UGUUACAGCCCCCCCGGCAGCAGCACUCGCCGAAUCCCGGGGCCGAGGGAGCGAGACCCGUCGCCGCGCUCUCCCCCCUC
CCGGCGCCGCCGGGGGGGGCCGGGCCACCCCUCCCACGGCGCGACCGCUCGGGGCGGACUGUCCCCAGUGCGCCCCGGGC
GGGUCGCGCCGUCGGGCCCGGGGGAGGGGCCACGCGCGCGUCCCCCGAAGAGGGGGACGGCGGAGCGAGCGCACGGGGUC
GGCGGCGACGUCGGCUACCCACCCGACCCGUCUUGAAACACGGACCAAGGAGUCUAACACGUGCGCGAGUCGGGGGCUCG
CACGAAAGCCGCCGUGGCGCAAUGAAGGUGAAGGCCGGCGCGCUCGCCGGCCGAGGUGGGAUCCCGAGGCCUCUCCAGUC
CGCCGAGGGCGCACCACCGGCCCGUCUCGCCCGCCGCGCCGGGGAGGUGGAGCACGAGCGCACGUGUUAGGACCCGAAAG
AUGGUGAACUAUGCCUGGGCAGGGCGAAGCCAGAGGAAACUCUGGUGGAGGUCCGUAGCGGUCCUGACGUGCAAAUCGGU
CGUCCGACCUGGGUAUAGGGGCGAAAGACUAAUCGAACCAUCUAGUAGCUGGUUCCCUCCGAAGUUUCCCUCAGGAUAGC
UGGCGCUCUCGCACACGCAGUUUUAUCCGGUAAAGCGAAUGAUUAGAGGUCUUGGGGCCGAAACGAUCUCAACCUAUUCU
CAAACUUUAAAUGGGUAAGAAGCCCGGCUCGCUGGCGUGAGCCGGGCGUGGAAUGGAGUGCCUAGUGGGCCACUUUUGGU
AAGCAGAACUGGCGCUGCGGGAUGAACCGAACGCCGGGUUAAGGCGCCCGAUGCCGACGCUCAUCAGACCCCAGAAAAGG
UGUUGGUUGAUAUAGACAGCAGGACGGUGGCCAUGGAAGUCGGAAUCCGCUAAGGAGUGUGUAACAACUCACCUGCCGAA
UCAACUAGCCCUGAAAAUGGAUGGCGCUGGAGCGUCGGGCCCAUACCCGGCCGUCGCCGGCAGUCGAGAGUGGACGGGAG
CGGCGGGGGCGGCGCGCGCGCGCGCCCGCCCCCGGAGCCCCGCGGACGCUACGCCGCGACGAGUAGGAGGGCCGCUGCGG
UGAGCCUUGAAGCCUAGGGCGCGGGCCCGGGUGGAGCCGCCGCAGGUGCAGAUCUUGGUGGUAGUAGCAAAUAUUCAAAC
GAGAACUUUGAAGGCCGAAGUGGAGAAGGGUUCCAUGUGAACAGCAGUUGAACAUGGGUCAGUCGGUCCUGAGAGAUGGG
CGAGCGCCGUUCCGAAGGGACGGGCGAUGGCCUCCGUUGCCCUCGGCCGAUCGAAAGGGAGUCGGGUUCAGAUCCCCGAA
UCCGGAGUGGCGGAGAUGGGCGCCGCGAGGCGUCCAGUGCGGUAACGCGACCGAUCCCGGAGAAGCCGGCGGGAGCCCCG
GGGAGAGUUCUCUUUUCUUUGUGAAGGGCAGGGCGCCCUGGAAUGGGUUCGCCCCGAGAGAGGGGCCCGUGCCUUGGAAA
GCGUCGCGGUUCCGGCGGCGUCCGGUGAGCUCUCGCUGGCCCUUGAAAAUCCGGGGGAGAGGGUGUAAAUCUCGCGCCGG
GCCGUACCCAUAUCCGCAGCAGGUCUCCAAGGUGAACAGCCUCUGGCAUGUUGGAACAAUGUAGGUAAGGGAAGUCGGCA
AGCCGGAUCCGUAACUUCGGGAUAAGGAUUGGCUCUAAGGGCUGGGUCGGUCGUCGGCCGGCGCCUAGCAGCCGACUUAG
AACUGGUGCGGACCAGGGGAAUCCGACUGUUUAAUUAAAACAAAGCAUCGCGAAGGCCCGCGGCGGGUGUUGACGCGAUG
UGAUUUCUGCCCAGUGCUCUGAAUGUCAAAGUGAAGAAAUUCAAUGAAGCGCGGGUAAACGGCGGGAGUAACUAUGACUC
UCUUAAGGUAGCCAAAUGCCUCGUCAUCUAAUUAGUGACGCGCAUGAAUGGAUGAACGAGAUUCCCACUGUCCCUACCUA
CUAUCCAGCGAAACCACAGCCAAGGGAACGGGCUUGGCGGAAUCAGCGGGGAAAGAAGACCCUGUUGAGCUUGACUCUAG
UCUGGCACGGUGAAGAGACAUGUUUUUUCACUGACCCGGUGAGGCGGGGGGGCGAGCCCCGAGGGGCUCUCGCUUCUGGC
GCCAAGCGCCCGGCCGCGCGCCGGCCGGGCGCGACCCGCUCCGGGGACAGUGCCAGGUGGGGAGUUUGACUGGGGCGGUA
CACCUGUCAAACGGUAACGCAGGUGUCCUAAGGCGAGCUCAGGGAGGACAGAAACCUCCCGUGGAGCAGAAGGGCAAAAG
CUCGCUUGAUCUUGAUUUUCAGUACGAAUACAGACCGUGAAAGCGGGGCCUCACGAUCCUUCUGACCUUUUGGGUUUUAA
GCAGGAGGUGUCAGAAAAGUUACCACAGGGAUAACUGGCUUGUGGCGGCCAAGCGUUCAUAGCGACGUCGCUUUUUGAUC
CUUCGAUGUCGGCUCUUCCUAUCAUUGUGAAGCAGAAUUCACCAAGCGUUGGAUUGUUCACCCACUAAUAGGGAACGUGA
GCUGGGUUUAGACCGUCGUGAGACAGGUUAGUUUUACCCUACUGAUGAUGUGUUGUUGCCAUGGUAAUCCUGCUCAGUAC
GAGAGGAACCGCAGGUUCAGACAUUUGGUGUAUGUGCUUGGCUGAGGAGCCAAUGGGGCGAAGCUACCAUCUGUGGGAUU
AUGACUGAACGCCUCUAAGUCAGAAUCCCGCCCAGGCGGAACGAUACGGCAGCGCCGCGGAGCCUCGGUUGGCCUCGGAU
AGCCGGUCCCCCGCGGGGUCCGGUGCGGAGUGCCCUUCGUCCUGGGAAACGGGGCGCGGCCGGAGAGGCGGCCGCCCCCU
CGCCCGUCACGCACGCCGUUCGUGGGGAACCUGGCGCUAAACCAUUCGUAGACGACCUGCUUCUGGGUCGGGGUUUCGUA
CGUAGCAGAGCAGCUCCCUCGCUGCGAUCUAUUGAAAGUCAGCCCUCGACACAAGGGUUUGU
;
5
2 'polyribonucleotide'
;GUCUACGGCCAUACCACCCUGAACGCGCCCGAUCUCGUCUGAUCUCGGAAGCUAAGCAGGGUCGGGCCUGGUUAGUACUU
GGAUGGGAGACCGCCUGGGAAUACCGGGUGCUGUAGGCUU
;
7
3 'polyribonucleotide'
;CGACUCUUAGCGGUGGAUCACUCGGCUCGUGCGUCGAUGAAGAACGCAGCUAGCUGCGAGAAUUAAUGUGAAUUGCAGGA
CACAUUGAUCAUCGACACUUCGAACGCACUUGCGGCCCCGGGUUCCUCCCGGGGCUACGCCUGUCUGAGCGUCGCU
;
8
4 'polypeptide(L)'
;GRVIRGQRKGAGSVFRAHVKHRKGAARLRAVDFAERHGYIKGIVKDIIHDPGRGAPLAKVVFRDPYRFKKRTELFIAAEG
IHTGQFVYCGKKAQLNIGNVLPVGTMPEGTIVCCLEEKPGDRGKLARASGNYATVISHNPETKKTRVKLPSGSKKVISSA
NRAVVGVVAGGGRIDKPILKAGRAYHKYKAKRNCWPRVRGVAMNPVEHPFGGGNHQHIGKPSTIRRDAPAGRKVGLIAAR
RTGR
;
A
5 'polypeptide(L)'
;SHRKFSAPRHGSLGFLPRKRSSRHRGKVKSFPKDDPSKPVHLTAFLGYKAGMTHIVREVDRPGSKVNKKEVVEAVTIVET
PPMVVVGIVGYVETPRGLRTFKTVFAEHISDECKRRFYKNWHKSKKKAFTKYCKKWQDDAGKRQLDKDFSSMKKYCQVIR
VLAHTQMRLLPLRQKKAHLMEIQVNGGTVAEKLDWARERLEQQVPVSQVFGQDEMIDVIGVTKGKGYKGVTSRWHTKKLP
RKTHRGLRKVACIGAWHPARVAFSVARAGQKGYHHRTEINKKIYKIGQGYLIKDGKLIKNNASTDYDLSDKSINPLGGFV
HYGEVTNDFVMLKGCVVGTKKRVLTLRKSLLVQTKRRALEKIDLKFIDTTSKFGHGRFQTVEEKKAFMGPLKKD
;
B
6 'polypeptide(L)'
;ACARPLISVYSEKGESSGKNVTLPAVFKAPIRPDIVNFVHTNLRKNNRQPYAVSELAGHQTSAESWGTGRAVARIPRVRG
GGTHRSGQGAFGNMCRGGRMFAPTKTWRRWHRRVNTTQKRYAICSALAASALPALVMSKGHRIEEVPELPLVVEDKVEGY
KKTKEAVLLLKKLKAWNDIKKVYASQRMRAGKGKMRNRRRIQRRGPCVIYNEDNGIVKAFRNIPGITLLNVTKLNILKLA
PGGHVGRFCIWTESAFRKLDDLYGTWRKAASLKSNYNLPMHKMLNTDLSRILKSPEIQRALRAPRKKIHRRVLKKNPLKN
LRIMLKLNPYAKTMRRNTILRQARNHKLRVERAAAALAAKSD
;
C
7 'polypeptide(L)'
;FVKVVKNKAYFKRYQVKFRRRREGKTDYYARKRLVIQDKNKYNTPKYRMIVRVTNRDIICQIAYARIEGDMIVCAAYAHE
LPKYGVKVGLTNYAAAYCTGLLLARRLLNRFGMDKIYEGQVEVTGDEYNVESIDGQPGAFTCYLDAGLARTTTGNKVFGA
LKGAVDGGLSIPHSTKRFPGYDSESKEFNAEVHRKHIMGQNVADYMRYLMEEDEDAYKKQFSQYIKNNVTPDMMEEMYKK
AHAAIRENPVYEKKPKREVKKKRWNRPKMSLAQKKDRVAQKKASFLRAQERA
;
D
8 'polypeptide(L)'
;PHCSRNPVLVRGIGRYSRSAMYSRKALYKRKYAAPKSRIERKKKREKVLATVTKPVGGDKNGGTRVVKLRKMPRYYPTED
VPRKLLSHGRKPFSQHVRKLRASITPGTILIILTGRHRGKRVVFLKQLSSGLLLVTGPLSLNRVPLRRTHQKFVIATSTK
IDISGVKIPKHLTDAYFKKKQLRKPRHQEGEIFDTEKEKYEITEQRKVDQKAVDSQILPKIKAVPQLQGYLRSVFALTNG
VYPHKLVF
;
E
9 'polypeptide(L)'
;NFAELKIKRLRKKFAQKMLRKARRKLIYEKAKHYHKEYRQMYRTEIRMARMARKAGNFYVPAEPKLAFVIRIRGINGVSP
KVRKVLQLLRLRQIFNGTFVKLNKASINMLRIVEPYIAWGYPNLKSVNELIYKRGYGKINKKRIALTDNALIARSLGKYG
IICMEDLIHEIYTVGKRFKEANNFLWPFKLSSPRGGMKKKTTHFVEGEDAGNREDQINRLIRRMN
;
F
10 'polypeptide(L)'
;KVVNPLFEKRPKNFGIGQDIQPKRDLTRFVKWPRYIRLQRQRAILYKRLKVPPAINQFTQVLDRQTATQLLKLAHKYRPE
TKQEKKQRLLARAEKKAAGKGDVPTKRPPVLRAGVNTVTTLVENKKAQLVVIAHDVDPIELVVFLPALCRKMGVPYCILK
GKARLGRLVHRKTCTTVAFTQVNSEDKGALAKLVEAIRTNYNDRYDEIRRHWGGNVLGPKSVARIAKLEKAKAKELATKL
G
;
G
11 'polypeptide(L)'
;MKTILSNQTVDIPENVDISLKGRTVIVKGPRGTLRRDFNHINVELSLLGKKKKRLRVDKWWGNRKELATVRTICSHVQNM
IKGVTLGFRYKMRSVYAHFPINVVIQENGSLVEIRNFLGEKYIRRVRMRPGVACSVSQAQKDELVLEGNDIELVSNSAAL
IQQATTVKNKDIRKFLDGIYVSEKGTVQQA
;
H
12 'polypeptide(L)'
;GRRPARCYRYCKNKPYPKSRFCRGVPDAKIRIFDLGRKKAKVDEFPLCGHMVSDEYEQLSSEALEAARICANKYMVKSCG
KDGFHIRVRLHPFHVIRINKMLSCAGADRLQTGMRGAFGKPQGTVARVHIGQVIMSIRTKLQNKEHVVEALRRAKFKFPG
RQKIHISKKWGFTKFNADEFEDMVAEKRLIPDGCGVKYIPNRGPLDKWRALHS
;
I
13 'polypeptide(L)'
;ENPMRELRIRKLCLNICVGESGDRLTRAAKVLEQLTGQTPVFSKARYTVRSFGIRRNEKIAVHCTVRGAKAEEILEKGLK
VREYELRKNNFSDTGNFGFGIQEHIDLGIKYDPSIGIYGLDFYVVLGRPGFSIADKKRRTGCIGAKHRISKEEAMRWFQQ
KYDGIILPG
;
J
14 'polypeptide(L)'
;APSRNGMILKPHFHKDWQRRVATWFNQPARKIRRRKARQARARRIAPRPASGPLRPIVRCPTVRYHTKVRAGRGFSLEEL
RVAGIHKKVARTIGISVDPRRRNKSTESLQANVQRLKEYRSKLVLFPRKPSAPKKGDSSAEELKLATQLTGPVMPIRNVF
KKEKARVITEEEKNFKAFASLRMARANARLFGIRAKRAKEAAEQDVEKKK
;
L
15 'polypeptide(L)'
;VFRRFVEVGRVAYVSFGPHAGKLVAIVDVIDQNRALVDGPCTRVRRQAMPFKCMQLTDFILKFPHSARQKYVRKAWEKAD
INTKWAATRWAKKIEARERKAKMTDFDRYKVMKAKKMRNRIIKNEVKKLQRAALLKAS
;
M
16 'polypeptide(L)'
;GAYKYIQELWRKKQSDVMRFLLRVRCWQYRQLSALHRAPRPTRPDKARRLGYKAKQGYVIYRIRVRRGGRKRPVPKGATY
GKPVHHGVNQLKFARSLQSVAEERAGRHCGALRVLNSYWVGEDSTYKFFEVILIDPFHKAIRRNPDTQWITKPVHKHREM
RGLTSAGRKSRGLGKGHKFHHTIGGSRRAAWRRRNTLQLHRYR
;
N
17 'polypeptide(L)'
;QVLVLDGRGHLLGRLAAIVAKQVLLGRKVVVVRCEGINISGNFYRNKLKYLAFLRKRMNTNPSRGPYHFRAPSRIFWRTV
RGMLPHKTKRGQAALDRLKVFDGIPPPYDKKKRMVVPAALKVVRLKPTRKFAYLGRLAHEVGWKYQAVTATLEEKRKEKA
KIHYRKKKQLMRLRKQAEKNVEKKIDRFTEVLKTHGFLV
;
O
18 'polypeptide(L)'
;VRYSLDPENPTKSCKSRGSNLRVHFKNTRETAQAIKGMHIRKATKYLKDVTLKKQCVPFRRYNGGVGRCAQAKQWGWTQG
RWPKKSAEFLLHMLKNAESNAELKGLDVDSLVIEHIQVNKAPKMRRRTYRAHGRINPYMSSPCHIEMILTEKE
;
P
19 'polypeptide(L)'
;GVDIRHNKDRKVRRKEPKSQDIYLRLLVKLYRFLARRTNSTFNQVVLKRLFMSRTNRPPLSLSRMIRKMKLPGREGKTAV
VVGTITDDVRVQEVPKLKVCALRVSSRARSRILKAGGKILTFDQLALDSPKGCGTVLLSGPRKGREVYRHFGKAPGTPHS
HTKPYVRSKGRKFERARGRRASRGYKN
;
Q
20 'polypeptide(L)'
;SMLRLQKRLASSVLRCGKKKVWLDPNETNEIANANSRQQIRKLIKDGLIIRKPVTVHSRARCRKNTLARRKGRHMGIGKR
KGTANARMPEKVTWMRRMRILRRLLRRYRESKKIDRHMYHSLYLKVKGNVFKNKRILMEHIHKLKADKARKKLLADQAEA
RRSKTKEARKRREERLQAKK
;
R
21 'polypeptide(L)'
;KASGTLREYKVVGRCLPTPKCRTPPLYRMRIFAPNHVVAKSRFWYFVSQLKKMKKSSGEIVYCGQVFEKSPLRVKNFGIW
LRYDSRSGTHNMYREYRDLTTAGAVTQCYRDMGARHRARAHSIQIMKVEEIAASKCRRPAVKQFHDSKIKFPLPHRVLRR
QHKPRFTTKRPNTFF
;
S
22 'polypeptide(L)'
;TNTKGKRRGTRYMFSRPFRKHGVVPLATYMRIYKKGDIVDIKGMGTVQKGMPHKCYHGKTGRVYNVTQHAVGIVVNKQVK
GKILAKRINVRIEHIKHSKSRDSFLKRVKENDQKKKEAKEKGTWVQLKRQPAPPREAHFVRTNGKEPELLEPIPYEFMA
;
T
23 'polypeptide(L)'
;QVLKFTLDCTHPVEDGIMDAANFEQFLQERIKVNGKAGNLGGGVVTIERSKSKITVTSEVPFSKRYLKYLTKKYLKKNNL
RDWLRVVANSKESYELRYF
;
U
24 'polypeptide(L)'
;SGAKFRISLGLPVGAVINCADNTGAKNLYIISVKGIKGRLNRLPAAGVGDMVMATVKKGKPELRKKVHPAVVIRQRKSYR
RKDGVFLYFEDNAGVIVNNKGEMKGSAITGPVAKECADLWPRIASNAGSIA
;
V
25 'polypeptide(L)' MKVELCSFSGYKIYPGHGRRYARTDGKVFQFLNAKCESAFLSKRNPRQINWTVLYRRKHKKGQ W
26 'polypeptide(L)'
;KKIRTSPTFRRPKTLRLRRQPKYPRKSAPRRNKLDHYAIIKFPLTTESAMKKIEDNNTLVFIVDVKANKHQIKQAVKKLY
DIDVAKVNTLIRPDGEKKAYVRLAPDYDALDVANKIGII
;
X
27 'polypeptide(L)'
;MKFNPFVTSDRSKNRKRHFNAPSHIRRKIMSSPLSKELRQKYNVRSMPIRKDDEVQVVRGHYKGQQIGKVVQVYRKKYVI
YIERVQREKANGTTVHVGIHPSKVVITRLKLDKDRKKILERKAKSRQVGKEKGK
;
Y
28 'polypeptide(L)'
;GKFMKPGKVVLVLAGRYSGRKAVIVKNIDDGTSDRPYSHALVAGIDRYPRKVTAAMGKKKIAKRSKIKSFVKVYNYNHLM
PTRYSVDIPLDKTVVNKDVFRDPALKRKARREAKVKFEERYKTGKNKWFFQKLRF
;
Z
29 'polypeptide(L)'
;PSRLRKTRKLRGHVSHGHGRIGKHRKHPGGRGNAGGMHHHRINFDKYHPGYFGKVGMRHYHLKRNQSFCPTVNLDKLWTL
VSEQTRVNAAKNKTGAAPIIDVVRSGYYKVLGKGKLPKQPVIVKAKFFSRRAEEKIKGVGGACVLVA
;
a
30 'polypeptide(L)' AKSKNHTTHNQSRKWHRNGIKKPRSQRYESLKGVDPKFLRNMRFAKKHNKKGLKKMQANNAKAMAARAEAIKALV b
31 'polypeptide(L)'
;SINSRLQLVMKSGKYVLGYKQTLKMIRQGKAKLVILANNCPALRKSEIEYYAMLAKTGVHHYSGNNIELGTACGKYYRVC
TLAIIDPGDSDIIR
;
c
32 'polypeptide(L)'
;NEVVTREYTINIHKRIHGVGFKKRAPRALKEIRKFAMKEMGTPDVRIDTRLNKAVWAKGIRNVPYRIRVRLSRKRNEDED
SPNKLYTLVTYVPVTTFKNLQTVNVDE
;
d
33 'polypeptide(L)'
;AALRPLVKPKIVKKRTKKFIRHQSDRYVKIKRNWRKPRGIDNRVRRRFKGQILMPNIGYGSNKKTKHMLPSGFRKFLVHN
VKELEVLLMCNKSYCAEIAHNVSSKNRKAIVERAAQLAIRVTNPNARL
;
e
34 'polypeptide(L)'
;SGRLWCKAIFAGYKRGLRNQREHTALLKIEGVYARDETEFYLGKRCAYVYKAKNNTVTPGGKPNKTRVIWGKVTRAHGNS
GMVRAKFRSNLPAKAIGHRIRVMLYPSRI
;
f
35 'polypeptide(L)'
;VQRLTYRRRLSYNTASNKTRLSRTPGNRIVYLYTKKVGKAPKSACGVCPGRLRGVRAVRPKVLMRLSKTKKHVSRAYGGS
MCAKCVRDRIKRAFLIEEQKIVVKVLKAQAQSQK
;
g
36 'polypeptide(L)'
;AKIKARDLRGKKKEELLKQLDDLKVELSQLRVAKVTGGAASKLSKIRVVRKSIARVLTVINQTQKENLRKFYKGKKYKPL
DLRPKKTRAMRRRLNKHEESLKTKKQQRKERLYPLRKYAVKA
;
h
37 'polypeptide(L)'
;ALRYPMAVGLNKGHKVTKNVSKPRHSRRRGRLTKHTKFVRDMIREVCGFAPYERRAMELLKVSKDKRALKFIKKRVGTHI
RAKRKREELSSVLAAMRKAAAK
;
i
38 'polypeptide(L)'
;TKGTSSFGKRRNKTHTLCRRCGSKAYHLQKSTCGKCGYPAKRKRKYNWSAKAKRRNTTGTGRMRHLKIVYRRFRHGFREG
TTPKPK
;
j
39 'polypeptide(L)' PRKIEEIKDFLLTARRKDAKSVKIKKNKDNVKFKVRCSRYLYTLVITDKEKAEKLKQSLPPGLAVKELK k
40 'polypeptide(L)' SSHKTFRIKRFLAKKQKQNRPIPQWIRMKTGNKIRYNSKRRHWRRTKLGL l
41 'polypeptide(L)' IIEPSLRQLAQKYNCDKMICRKCYARLHPRAVNCRKKKCGHTNNLRPKKKVK m
42 'polypeptide(L)' RAKWRKKRMRRLKRKRRKMRQRS n
43 'polypeptide(L)'
;VNVPKTRRTFCKKCGKHQPHKVTQYKKGKDSLYAQGKRRYDRKQSGYGGQTKPIFRKKAKTTKKIVLRLECVEPNCRSKR
MLAIKRCKHFELGGDKKRKGQVIQ
;
o
44 'polypeptide(L)'
;AKRTKKVGIVGKYGTRYGASLRKMVKKIEISQHAKYTCSFCGKTKMKRRAVGIWHCGSCMKTVAGGAWTYNTTSAVTVKS
AIRRLKELKDQ
;
p
45 'polypeptide(L)'
;SAHLQWMVVRNCSSFLIKRNKQTYSTEPNNLKARNSFRYNGLIHRKTVGVEPAADGKGVVVVMKRRSGQRKPATSYVRTT
INKNARATLSSIRHMIRKNKYHPDLRMAAIRRASAILRSQKPVMV
;
r
46 'polypeptide(L)'
;DRATWKSNYFLKIIQLLDDYPKCFIVGADNVGSKQMQQIRMSLRGKAVVLMGKNTMMRKAIRGHLENNPALEKLLPHIRG
NVGFVFTKEDLTEIRDMLLANKVPAAARAGAIAPCEVTVPAQNTGLGPEKTSFFQALGITTKISRGTIEILSDVQLIKTG
DKVGASEATLLNMLNISPFSFGLIIQQVFDNGSIYNPE
;
s
47 'polypeptide(L)'
;MPPKFDPNEIKVVYLRCTGGEVGATSALAPKIGPLGLSPKKVGDDIAKATGDWKGLRITVKLTIQNRQAQIEVVPSASAL
IIKALKEPPRDRKKQKNIKHSGNITFDEIVNIARQMRHRSLARELSGTIKEILGTAQSVGCNVDGRHPHDIIDDINSGAV
ECP
;
t
48 'polypeptide(L)' DPVPYQPPFLCQWGRHQPAWKPLM 1
49 'polyribonucleotide' GCUUCCGUAGUGCAGCGGCUAGCACGUUAGGCUCAUAAUCUAAAGGUCCUUGGUUCGAAACCAUCCGGGGGCACCA 2
50 'polyribonucleotide' GCCCGGAUAGCUCAGCUGUAGAGCAUCAGACUUAAAAUCUGAGGGUCCAGGGUUCAAGUCCCUGUUCGGGCGCCA 3
51 'polyribonucleotide'
;UACCUGGUUGAUCCUGCCAGUAGCAUAUGCUUGUCUCAAAGAUUAAGCCAUGCAUGUCUAAGUACGCACGGCCGGUACAG
UGAAACUGCGAAUGGCUCAUUAAAUCAGUUAUGGUUCCUUUGGUCGCUCGUACUUGGAUAACUGUGGUAAUUCUAGAGCU
AAUACAUGCCGACGGGCGCUGACCCCCUUCGCGGGGGGGAUGCGUGCAUUUAUCAGUGGUGACUCUAGAUAACCUCGGGC
CGAUCGCACGCCCGGCGGCGACGACCCAUUCGAACGUCUGCCCUAUCAACUUUCGAUGGUAGUCGCCGUGCCUACCAUGG
UGACCACGGGUGACGGGGAAUCAGGGUUCGAUUCCGGAGAGGGAGCCUGAGAAACGGCUACCACAUCCAAGGAAGGCAGC
AGGCGCGCAAAUUACCCACUCCCGACCCGGGGAGGUAGUGACGAAAAAUAACAAUACAGGACUCUUUCGAGGCCCUGUAA
UUGGAAUGAGUCCACUUUAAAUCCUUUAACGAGGAUCCAUUGGAGGGCAAGUCUGGUGCCAGCAGCCGCGAUAAUUCCAG
CUCCAAUAGCGUAUAUUAAAGUUGCUGCAGUUAAAAAGCUCGUAGUUGGAUCUUGGGAGCGGCCGUCCCCUGCUCGGCGC
CGGCCCGAAGCGUUUACUUUGAAAAAAUUAGAGUGUUCAAAGCAGGCCGCCUGGAUACCGCAGCUAGGAAUAAUGGAAUA
GGACCGCGGUUCUAUUUUGUUGGUUUUCGGAACUGAGGCCAUGAUUAAGAGGGACGGCCGGGGGCAUUCGUAUUGCGCCG
CUAGAGGUGAAAUUCUUGGACCGGCGCAAGACGGACCAGAGCGAAAGCAUUUGCCAAGAAUGUUUUCAUUAAUCAAGAAC
GAAAGUCGGAGGUUCGAAGACGAUCAGAUACCGUCGUAGUUCCGACCAUAAACGAUGCCGACUGGCGAUGCGGCGGCGUU
AUUCCCAUGACCCGCCGGGCAGCUUCCGGGAAACCAAAGUCUUUGGGUUCCGGGGGGAGUAUGGUUGCAAAGCUGAAACU
UAAAGGAAUUGACGGAAGGGCACCACCAGGAGUGGAGCCUGCGGCUUAAUUUGACUCAACACGGGAAACCUCACCCGGCC
CGGACACGGACAGGAUUGACAGAUUGAUAGCUCUUUCUCGAUUCCGUGGGUGGUGGUGCAUGGCCGUUCUUAGUUGGUGG
AGCGAUUUGUCUGGUUAAUUCCGAUAACGAACGAGACUCUGGCAUGCUAACUAGUUACGCGACCCCGGUCGGCGUAACUU
CUUAGAGGGACAAGUGGCGUUCAGCCACCCGAGAUUGAGCAAUAACAGGUCUGUGAUGCCCUUAGAUGUCCGGGGCUGCA
CGCGCGCUACACUGACUGGCUCAGCGUGUGCCUACCCUACGCCGGCAGGCGCGGGUAACCCGUUGAACCCCAUUCGUGAU
GGGGAUCGGGGAUUGCAAUUAUUCCCCAUGAACGAGGAAUUCCCAGUAAGUGCGGGUCAUAAGCUUGCGUUGAUUAAGUC
CCUGCCCUUUGUACACACCGCCCGUCGCUACUACCGAUUGGAUGGUUUAGUGAGGCCCUCGGAUCGGCCCCGCCGGGGUG
CCCUGGCGGAGCGCUGAGAAGACGGUCGAACUUGACUAUCUAGAGGAAGUAAAAGUCGUAACAAGGUUUCCGUAGGUGAA
CCUGCGGAAGGAUCAUUA
;
K
52 'polypeptide(L)'
;SGALDVLQMKEEDVLKFLAAGTHLGGTNLDFQMEQYIYKRKSDGIYIINLKRTWEKLLLAARAIVAIENPADVSVISSRN
TGQRAVLKFAAATGATPIAGRFTPGTFTNQIQTAFREPRLLVVTDPRADHQPLTEASYVNLPTIALCNTDSPLRYVDIAI
PCNNKGAHSVGLMWWMLAREVLRMRGTISREHPWEVMPDLYFYRDPEEIEKEEQAAA
;
q
53 'polypeptide(L)'
;VVDPFSKKDWYDVKAPAMFNIRNIGKTLVTRTQGTKIASDGLKGRVFEVSLADLQNDEVAFRKFKLITEDVQGKNCLTNF
HGMDLTRDKMCSMVKKWQTMIEAHVDVKTTDGYLLRLFCVGFTKKRNNQIRKTSYAQHQQVRQIRKKMMEIMTREVQTND
LKEVVNKLIPDSIGKDIEKACQSIYPLHDVFVRKVKMLKKPKFELGKLMELHG
;
u
54 'polypeptide(L)'
;KEWLPVTKLGRLVKDMKIKSLEEIYLFSLPIKESEIIDFFLGASLKDEVLKIMPVQKQTRAGQRTRFKAFVAIGDYNGHV
GLGVKCSKEVATAIRGAIILAKLSIVPVRRGYWGNKIGKPHTVPCKVTGRCGSVLVRLIPAPRGTGIVSAPVPKKLLMMA
GIDDCYTSARGCTATLGNFAKATFDAISKTYSYLTPDLWKETVFTKSPYQEFTDHLVKTHT
;
v
55 'polypeptide(L)'
;ARGPKKHLKRVAAPKHWMLDKLTGVFAPRPSTGPHKLRECLPLIIFLRNRLKYALTGDEVKKICMQRFIKIDGKVRTDIT
YPAGFMDVISIDKTGENFRLIYDTKGRFAVHRITPEEAKYKLCKVRKIFVGTKGIPHLVTHDARTIRYPDPLIKVNDTIQ
IDLETGKITDFIKFDTGNLCMVTGGANLGRIGVITNRERHPGSFDVVHVKDANGNSFATRLSNIFVIGKGNKPWISLPRG
KGIRLTIAEERDKRLAAKQSSG
;
x
56 'polypeptide(L)'
;MKLNISFPATGCQKLIEVDDERKLRTFYEKRMATEVAADALGEEWKGYVVRISGGNDKQGFPMKQGVLTHGRVRLLLSKG
HSCYRPRRTGERKRKSVRGCIVDANLSVLNLVIVKKGEKDIPGLTDTTVPRRLGPKRASRIRKLFNLSKEDDVRQYVVRK
PLNKEGKKPRTKAPKIQRLVTPRVLQHKRRRIALKKQRTKKNKEEAAEYAKLLAKRMKEAKEKRQEQIAKRRRLSSL
;
z
57 'polypeptide(L)'
;AKIVKPNGEKPDEFESGISQALLELEMNSDLKAQLRELNITAAKEIEVGGGRKAIIIFVPVPQLKSFQKIQVRLVRELEK
KFSGKHVVFIAQRRILPKPTRKSRTKNKQKRPRSRTLTAVHDAILEDLVFPSEIVGKRIRVKLDGSRLIKVHLDKAQQNN
VEHKVETFSGVYKKLTGKDVNFEFPEFQL
;
y
58 'polypeptide(L)'
;GISRDNWHKRRKTGGKRKPYHKKRKYELGRPAANTKIGPRRIHTVRVRGGNKKYRALRLDVGNFSWGSECCTRKTRIIDV
VYNASNNELVRTKTLVKNCIVLIDSTPYRQWYESHYALPLGRKKGAKLTPEEEEILNKKRSKKIQKKYDERKKNAKISSL
LEEQFQQGKLLACIASRPGQCGRADGYVLEGKELEFYLRKIKARKG
;
CC
59 'polypeptide(L)'
;PVARSWVCRKTYVTPRRPFEKSRLDQELKLIGEYGLRNKREVWRVKFTLAKIRKAARELLTLDEKDPRRLFEGNALLRRL
VRIGVLDEGKMKLDYILGLKIEDFLERRLQTQVFKLGLAKSIHHARVLIRQRHIRVRKQVVNIPSFIVRLDSQKHIDFSL
RSPYGGGRPGRVKRKNAKKGQGGAG
;
XX
60 'polypeptide(L)'
;DIQTERAYQKQPTIFQNKKRVLLGETGKEKLPRYYKNIGLGFKTPKEAIEGTYIDKKCPFTGNVSIRGRILSGVVTKMKM
QRTIVIRRDYLHYIRKYNRFEKRHKNMSVHLSPCFRDVQIGDIVTVGECRPLSKTVRFNVLKVTKAAGTKK
;
EE
61 'polypeptide(L)'
;GRMHAPGKGLSQSALPYRRSVPTWLKLTSDDVKEQIYKLAKKGLTPSQIGVILRDSHGVAQVRFVTGNKILRILKSKGLA
PDLPEDLYHLIKKAVAVRKHLERNRKDKDAKFRLILIESRIHRLARYYKTKRVLPPNWKYESSTASALV
;
QQ
62 'polypeptide(L)'
;SLGPQVAEGENVFGVCHIFASFNDTFVHVTDLSGKETICRVTGGMKVKADRDESSPYAAMLAAQDVAQRCKELGITALHI
KLRATGGNRTKTPGPGAQSALRALARSGMKIGRIEDVTPIPSDSTRRKGGRRGRRL
;
MM
63 'polypeptide(L)'
;GPLQSVQVFGRKKTATAVAHCKRGNGLIKVNGRPLEMIEPRTLQYKLLEPVLLLGKERFAGVDIRVRVKGGGHVAQIYAI
RQSISKALVAYYQKYVDEASKKEIKDILIQYDRTLLVADPRRCESKKFGGPGARARYQKSYR
;
UU
64 'polypeptide(L)'
;GRVRTKTVKKAARVIIEKYYTRLGNDFHTNKRVCEEIAIIPSKKLRNKIAGYVTHLMKRIQRGPVRGISIKLQEEERERR
DNYVPEVSALDQEIIEVDPDTKEMLKLLDFGSLSNLQVTQPTVGMNFKTPRG
;
YY
65 'polypeptide(L)'
;MQNDAGEFVDLYVPRKCSASNRIIGAKDHASIQMNVAEVDKVTGRFNGQFKTYAICGAIRRMGESDDSILRLAKADGIVS
KNF
;
HH
66 'polypeptide(L)'
;VRMNVLADALKSINNAEKRGKRQVLIRPCSKVIVRFLTVMMKHGYIGEFEIIDDHRAGKIVVNLTGRLNKCGVISPRFDV
QLKDLEKWQNNLLPSRQFGFIVLTTSAGIMDHEEARRKHTGGKILGFFF
;
TT
67 'polypeptide(L)'
;GKCRGLRTARKLRSHRRDQKWHDKQYKKAHLGTALKANPFGGASHAKGIVLEKVGVEAKQPNSAIRKCVRVQLIKNGKKI
TAFVPNDGCLNFIEENDEVLVAGFGRKGHAVGDIPGVRFKVVKVANVSLLALYKGKKERPR
;
VV
68 'polypeptide(L)'
;TVTIRTRKFMTNRLLQRKQMVIDVLHPGKATVPKTEIREKLAKMYKTTPDVIFVFGFRTHFGGGKTTGFGMIYDSLDYAK
KNEPKHRLARHGLYEKKKTSRKQRKERKNRMKKVRGTAKANVGA
;
NN
69 'polypeptide(L)'
;TKKRRNNGRAKKGRGHVQPIRCTNCARCVPKDKAIKKFVIRNIVEAAAVRDISEASVFDAYVLPKLYVKLHYCVSCAIHS
KVVRNRSREARKDRTPPPRFR
;
ZZ
70 'polypeptide(L)'
;PLAKDLLHPSPEEEKRKHKKKRLVQSPNSYFMDVKCPGCYKITTVFSHAQTVVLCVGCSTVLCQPTGGKARLTEGCSFRR
KQH
;
JJ
71 'polypeptide(L)' SLARVGKVRGQTLKVAKQEKKKKRTGRAKRRMQYNRRFVNVVPTFGKKKGPNANS AA
72 'polypeptide(L)'
;MAVQISKKRKFVADGIFKAELNEFLTRELAEDGYSGVEVRVTPTRTEIIILATRTQNVLGEKGRRIRELTAVVQKRFGFP
EGSVELYAEKVATRGLCAIAQAESLRYKLLGGLAVRRACYGVLRFIMESGAKGCEVVVSGKLRGQRAKSMKFVDGLMIHS
GDPVNYYVDTAVRHVLLRQGVLGIKVKIMLPWDPSGKIGPKKPLPDHVSIVEPKDEILPTTPISEQKG
;
DD
73 'polypeptide(L)'
;TPDIKLFGKWSTDDVQINDISLQDYIAVKEKYAKYLPHSAGRYAAKRFRKAQCPIVERLTNSMMMHGRNNGKKLMTVRIV
KHAFEIIHLLTGENPLQVLVNAIINSGPREDSTRIGRAGTVRRQAVDVSPLRRVNQAIWLLCTGAREAAFRNIKTIAECL
ADELINAAKGSSNSYAIKKKDELERVAKSNR
;
BB
74 'polypeptide(L)'
;MLMPKKNRIAIYELLFKEGVMVAKKDVHMPKHPELADKNVPNLHVMKAMQSLKSRGYVKEQFAWRHFYWYLTNEGIQYLR
DYLHLPPEIVPATLRR
;
SS
75 'polypeptide(L)'
;VNTALQEVLKTALIHDGLARGIREAAKALDKRQAHLCVLASNCDEPMYVKLVEALCAEHQINLIKVDDNKKLGEWVGLCK
IDREGKPRKVVGCSCVVVKDYGKESQAKDVIEEYFKC
;
RR
76 'polypeptide(L)'
;FRKFTYRGVDLDQLLDMSYEQLMQLYSARQRRRLSRGLRRKQHSLLKRLRKAKKEAPPMEKPEVVKTHLRDMIILPEMVG
SMVGVYNGKTFNQVEIKPEMIGHYLGEFSITYKPVKHGRP
;
9
77 'polypeptide(L)'
;SLVIPEKFQHILRVLNTNIDGRRKIAFAITAIKGVGRRYAHVVLRKADIDLTKRAGELTEDEVERVITIMQNPRQYKIPD
WFLNRQKDVKDGKYSQVLANGLDNKLREDLERLKKIRAHRGLRHFWGLRVRGQHTKTTGRRGRT
;
II
78 'polypeptide(L)'
;GVTVKDVNQQEFVRALAAFLKKSGKLKVPEWVDTVKLAKHKELAPYDENWFYTRAASTARHLYLRGGAGVGSMTKIYGGR
QRNGVMPSHFSRGSKSVARRVLQALEGLKMVEKDQDGGRKLTPQGQRDLDRIAGQVAAAKK
;
PP
79 'polypeptide(L)'
;HRIRITLTSRNVKSLEKVCADLIRGAKEKNLKVKGPVRMPTKTLRITTRKTPCGEGSKTWDRFQMRIHKRLIDLHSPSEI
VKQITSISIEPGVEVEVTIA
;
GG
80 'polypeptide(L)' RDKLNNLVLFDKATYDKLCKEVPNYKLITPAVVSERLKIRGSLARAALQELLSKGLIKLVSKHRAQVIYTRNTKG OO
81 'polypeptide(L)' QPIKLARVTKVLGRTGSQGQCTQVRVEFMDDTSRSIIRNVKGPVREGDVLTLLESEREARRL FF
82 'polypeptide(L)' GHQQLYWSHPRKFGQGSRSCRVCSNRHGLIRKYGLNMCRQCFRQYAKDIGFIKLD w
83 'polypeptide(L)' KSYTTPKKNKHKRKKVKLAVLKYYKVDENGKISRLRRECPSDECGAGVFMASHFDRHYCGKCCLTYCF 0
84 'polypeptide(L)'
;TEQMTLRGTLKGHNGWVTQIATTPQFPDMILSASRDKTIIMWKLTRDETNYGIPQRALRGHSHFVSDVVISSDGQFALSG
SWDGTLRLWDLTTGTTTRRFVGHTKDVLSVAFSSDNRQIVSGSRDKTIKLWNTLGVCKYTVQDESHSEWVSCVRFSPNSS
NPIIVSCGWDKLVKVWNLANCKLKTNHIGHTGYLNTVTVSPDGSLCASGGKDGQAMLWDLNEGKHLYTLDGGDIINALCF
SPNRYWLCAATGPSIKIWDLEGKIIVDELKQEVISTSSKAEPPQCTSLAWSADGQTLFAGYTDNLVRVWQVTI
;
6
85 'polyribonucleotide' CCAUUAAUGA 4
#
# COMPACT_ATOMS: atom_id res chain seq x y z
N GLY D 1 36.23 -6.97 3.15
CA GLY D 1 35.44 -7.72 4.11
C GLY D 1 36.15 -8.94 4.64
N ARG D 2 35.44 -9.73 5.46
CA ARG D 2 36.01 -10.96 5.97
C ARG D 2 36.05 -12.04 4.90
N VAL D 3 36.67 -13.16 5.25
CA VAL D 3 36.61 -14.36 4.42
C VAL D 3 35.34 -15.13 4.76
N ILE D 4 34.56 -15.46 3.73
CA ILE D 4 33.23 -16.03 3.96
C ILE D 4 33.36 -17.51 4.34
N ARG D 5 32.27 -18.06 4.87
CA ARG D 5 32.22 -19.50 5.09
C ARG D 5 32.06 -20.21 3.75
N GLY D 6 32.59 -21.40 3.67
CA GLY D 6 32.78 -22.06 2.38
C GLY D 6 34.13 -21.73 1.80
N GLN D 7 34.50 -20.45 1.80
CA GLN D 7 35.88 -20.07 1.52
C GLN D 7 36.78 -20.43 2.70
N ARG D 8 36.24 -20.39 3.93
CA ARG D 8 36.99 -20.85 5.09
C ARG D 8 37.02 -22.36 5.22
N LYS D 9 36.17 -23.09 4.50
CA LYS D 9 36.12 -24.54 4.62
C LYS D 9 37.26 -25.25 3.91
N GLY D 10 37.99 -24.55 3.04
CA GLY D 10 39.08 -25.20 2.33
C GLY D 10 40.29 -25.45 3.20
N ALA D 11 40.53 -24.59 4.17
CA ALA D 11 41.66 -24.78 5.09
C ALA D 11 41.42 -25.91 6.07
N GLY D 12 40.17 -26.23 6.37
CA GLY D 12 39.87 -27.34 7.25
C GLY D 12 40.01 -26.97 8.72
N SER D 13 40.35 -28.00 9.51
CA SER D 13 40.70 -27.97 10.93
C SER D 13 39.53 -27.70 11.88
N VAL D 14 38.38 -27.29 11.34
CA VAL D 14 37.12 -27.25 12.07
C VAL D 14 36.12 -27.96 11.17
N PHE D 15 36.40 -27.94 9.86
CA PHE D 15 35.49 -28.44 8.84
C PHE D 15 35.94 -29.79 8.29
N ARG D 16 36.92 -30.44 8.92
CA ARG D 16 37.36 -31.75 8.46
C ARG D 16 36.33 -32.81 8.87
N ALA D 17 36.47 -33.98 8.26
CA ALA D 17 35.54 -35.07 8.51
C ALA D 17 35.80 -35.70 9.87
N HIS D 18 34.73 -36.23 10.48
CA HIS D 18 34.82 -36.87 11.78
C HIS D 18 35.03 -38.36 11.55
N VAL D 19 36.30 -38.73 11.45
CA VAL D 19 36.70 -40.07 11.03
C VAL D 19 37.26 -40.89 12.20
N LYS D 20 36.84 -40.59 13.43
CA LYS D 20 37.30 -41.34 14.59
C LYS D 20 36.71 -42.74 14.61
N HIS D 21 35.39 -42.83 14.71
CA HIS D 21 34.71 -44.11 14.93
C HIS D 21 34.35 -44.82 13.63
N ARG D 22 34.80 -44.31 12.49
CA ARG D 22 34.52 -44.98 11.23
C ARG D 22 35.36 -46.24 11.10
N LYS D 23 34.78 -47.28 10.51
CA LYS D 23 35.32 -48.62 10.56
C LYS D 23 36.27 -48.93 9.42
N GLY D 24 36.78 -47.92 8.71
CA GLY D 24 37.74 -48.12 7.65
C GLY D 24 37.21 -47.61 6.32
N ALA D 25 37.93 -47.96 5.26
CA ALA D 25 37.56 -47.59 3.90
C ALA D 25 36.86 -48.74 3.23
N ALA D 26 35.64 -48.51 2.74
CA ALA D 26 34.84 -49.52 2.08
C ALA D 26 35.34 -49.66 0.64
N ARG D 27 36.26 -50.60 0.43
CA ARG D 27 36.91 -50.78 -0.86
C ARG D 27 36.73 -52.21 -1.34
N LEU D 28 36.65 -52.38 -2.66
CA LEU D 28 36.57 -53.71 -3.23
C LEU D 28 37.92 -54.42 -3.11
N ARG D 29 37.90 -55.74 -3.32
CA ARG D 29 39.14 -56.50 -3.34
C ARG D 29 39.92 -56.19 -4.61
N ALA D 30 41.22 -55.98 -4.47
CA ALA D 30 42.07 -55.59 -5.59
C ALA D 30 42.19 -56.71 -6.62
N VAL D 31 42.55 -56.32 -7.84
CA VAL D 31 42.64 -57.28 -8.94
C VAL D 31 43.90 -58.14 -8.78
N ASP D 32 43.76 -59.42 -9.08
CA ASP D 32 44.89 -60.35 -9.12
C ASP D 32 44.56 -61.43 -10.16
N PHE D 33 45.28 -62.55 -10.07
CA PHE D 33 45.07 -63.66 -10.98
C PHE D 33 43.68 -64.28 -10.79
N ALA D 34 43.21 -64.35 -9.54
CA ALA D 34 41.89 -64.89 -9.26
C ALA D 34 40.78 -63.95 -9.70
N GLU D 35 40.99 -62.64 -9.56
CA GLU D 35 40.03 -61.68 -10.08
C GLU D 35 39.99 -61.67 -11.59
N ARG D 36 41.13 -61.94 -12.23
CA ARG D 36 41.23 -61.79 -13.67
C ARG D 36 40.75 -63.03 -14.42
N HIS D 37 41.06 -64.22 -13.91
CA HIS D 37 40.75 -65.43 -14.66
C HIS D 37 39.68 -66.31 -14.03
N GLY D 38 39.74 -66.56 -12.73
CA GLY D 38 38.77 -67.44 -12.11
C GLY D 38 37.89 -66.74 -11.10
N TYR D 39 37.80 -67.31 -9.89
CA TYR D 39 37.05 -66.71 -8.80
C TYR D 39 37.58 -67.26 -7.48
N ILE D 40 37.64 -66.40 -6.48
CA ILE D 40 38.01 -66.81 -5.13
C ILE D 40 36.83 -66.50 -4.20
N LYS D 41 36.67 -67.34 -3.18
CA LYS D 41 35.50 -67.39 -2.32
C LYS D 41 35.84 -66.80 -0.95
N GLY D 42 34.90 -66.05 -0.38
CA GLY D 42 35.05 -65.56 0.97
C GLY D 42 33.75 -65.68 1.73
N ILE D 43 33.86 -65.55 3.05
CA ILE D 43 32.72 -65.67 3.94
C ILE D 43 32.39 -64.30 4.53
N VAL D 44 31.10 -64.03 4.69
CA VAL D 44 30.65 -62.82 5.37
C VAL D 44 30.64 -63.10 6.86
N LYS D 45 31.58 -62.51 7.60
CA LYS D 45 31.65 -62.73 9.04
C LYS D 45 30.54 -61.99 9.78
N ASP D 46 30.52 -60.67 9.66
CA ASP D 46 29.45 -59.88 10.24
C ASP D 46 29.21 -58.63 9.42
N ILE D 47 28.12 -57.95 9.75
CA ILE D 47 27.71 -56.70 9.10
C ILE D 47 27.76 -55.62 10.18
N ILE D 48 28.41 -54.51 9.88
CA ILE D 48 28.67 -53.47 10.85
C ILE D 48 28.08 -52.16 10.33
N HIS D 49 27.75 -51.27 11.25
CA HIS D 49 27.26 -49.93 10.91
C HIS D 49 28.42 -48.94 10.98
N ASP D 50 28.61 -48.19 9.90
CA ASP D 50 29.68 -47.20 9.86
C ASP D 50 29.11 -45.82 10.17
N PRO D 51 29.77 -45.05 11.04
CA PRO D 51 29.27 -43.69 11.34
C PRO D 51 29.42 -42.77 10.15
N GLY D 52 28.44 -41.89 9.98
CA GLY D 52 28.41 -40.99 8.84
C GLY D 52 28.04 -41.63 7.54
N ARG D 53 27.50 -42.85 7.55
CA ARG D 53 27.14 -43.58 6.35
C ARG D 53 25.79 -44.24 6.55
N GLY D 54 24.91 -44.09 5.56
CA GLY D 54 23.61 -44.75 5.64
C GLY D 54 23.63 -46.20 5.23
N ALA D 55 24.74 -46.68 4.68
CA ALA D 55 24.89 -48.05 4.21
C ALA D 55 25.64 -48.89 5.24
N PRO D 56 25.19 -50.10 5.51
CA PRO D 56 25.98 -51.01 6.36
C PRO D 56 27.09 -51.68 5.59
N LEU D 57 28.23 -51.84 6.26
CA LEU D 57 29.39 -52.49 5.68
C LEU D 57 29.40 -53.96 6.08
N ALA D 58 30.21 -54.75 5.38
CA ALA D 58 30.28 -56.19 5.63
C ALA D 58 31.74 -56.61 5.70
N LYS D 59 32.12 -57.23 6.81
CA LYS D 59 33.43 -57.86 6.90
C LYS D 59 33.39 -59.16 6.11
N VAL D 60 34.20 -59.24 5.06
CA VAL D 60 34.26 -60.42 4.21
C VAL D 60 35.70 -60.94 4.23
N VAL D 61 35.86 -62.17 4.68
CA VAL D 61 37.18 -62.78 4.84
C VAL D 61 37.42 -63.74 3.69
N PHE D 62 38.51 -63.49 2.96
CA PHE D 62 39.03 -64.38 1.91
C PHE D 62 40.28 -65.08 2.43
N ARG D 63 40.68 -66.13 1.73
CA ARG D 63 41.98 -66.74 1.95
C ARG D 63 42.94 -66.24 0.87
N ASP D 64 44.14 -65.86 1.29
CA ASP D 64 45.11 -65.33 0.34
C ASP D 64 45.72 -66.49 -0.45
N PRO D 65 45.69 -66.45 -1.78
CA PRO D 65 46.13 -67.60 -2.57
C PRO D 65 47.64 -67.74 -2.73
N TYR D 66 48.43 -66.90 -2.08
CA TYR D 66 49.88 -66.95 -2.25
C TYR D 66 50.58 -67.15 -0.91
N ARG D 67 50.05 -66.54 0.14
CA ARG D 67 50.54 -66.71 1.49
C ARG D 67 49.41 -67.19 2.39
N PHE D 68 49.76 -68.05 3.34
CA PHE D 68 48.76 -68.62 4.24
C PHE D 68 48.32 -67.56 5.25
N LYS D 69 47.23 -66.85 4.92
CA LYS D 69 46.72 -65.77 5.74
C LYS D 69 45.30 -65.47 5.31
N LYS D 70 44.42 -65.24 6.28
CA LYS D 70 43.02 -64.89 6.00
C LYS D 70 42.93 -63.38 5.82
N ARG D 71 42.75 -62.95 4.57
CA ARG D 71 42.60 -61.53 4.26
C ARG D 71 41.14 -61.12 4.42
N THR D 72 40.92 -60.02 5.14
CA THR D 72 39.60 -59.46 5.33
C THR D 72 39.43 -58.21 4.48
N GLU D 73 38.19 -57.92 4.10
CA GLU D 73 37.88 -56.80 3.22
C GLU D 73 36.64 -56.08 3.72
N LEU D 74 36.51 -54.82 3.31
CA LEU D 74 35.36 -53.98 3.66
C LEU D 74 34.54 -53.75 2.39
N PHE D 75 33.55 -54.61 2.18
CA PHE D 75 32.61 -54.40 1.11
C PHE D 75 31.40 -53.62 1.62
N ILE D 76 30.55 -53.22 0.68
CA ILE D 76 29.22 -52.72 1.01
C ILE D 76 28.23 -53.83 0.67
N ALA D 77 27.57 -54.35 1.70
CA ALA D 77 26.67 -55.47 1.51
C ALA D 77 25.40 -55.02 0.78
N ALA D 78 24.98 -55.82 -0.20
CA ALA D 78 23.75 -55.54 -0.91
C ALA D 78 22.56 -55.86 -0.02
N GLU D 79 21.39 -55.36 -0.42
CA GLU D 79 20.18 -55.57 0.35
C GLU D 79 19.71 -57.01 0.17
N GLY D 80 19.88 -57.82 1.22
CA GLY D 80 19.62 -59.24 1.18
C GLY D 80 20.80 -60.09 1.57
N ILE D 81 21.97 -59.48 1.81
CA ILE D 81 23.16 -60.23 2.19
C ILE D 81 23.10 -60.53 3.68
N HIS D 82 23.23 -61.80 4.03
CA HIS D 82 23.26 -62.25 5.41
C HIS D 82 24.65 -62.74 5.77
N THR D 83 24.87 -62.98 7.06
CA THR D 83 26.14 -63.50 7.51
C THR D 83 26.23 -64.99 7.23
N GLY D 84 27.46 -65.49 7.16
CA GLY D 84 27.68 -66.86 6.75
C GLY D 84 27.47 -67.12 5.28
N GLN D 85 27.40 -66.08 4.47
CA GLN D 85 27.18 -66.21 3.04
C GLN D 85 28.52 -66.22 2.32
N PHE D 86 28.63 -67.05 1.29
CA PHE D 86 29.81 -67.15 0.46
C PHE D 86 29.72 -66.10 -0.64
N VAL D 87 30.51 -65.03 -0.50
CA VAL D 87 30.66 -64.04 -1.56
C VAL D 87 31.81 -64.49 -2.45
N TYR D 88 31.51 -64.76 -3.71
CA TYR D 88 32.52 -65.08 -4.70
C TYR D 88 32.99 -63.80 -5.36
N CYS D 89 34.18 -63.86 -5.98
CA CYS D 89 34.66 -62.71 -6.74
C CYS D 89 35.63 -63.15 -7.82
N GLY D 90 35.47 -62.57 -9.00
CA GLY D 90 36.34 -62.86 -10.11
C GLY D 90 35.56 -62.87 -11.41
N LYS D 91 36.21 -63.35 -12.47
CA LYS D 91 35.60 -63.35 -13.79
C LYS D 91 34.59 -64.48 -13.95
N LYS D 92 34.89 -65.66 -13.39
CA LYS D 92 34.01 -66.83 -13.51
C LYS D 92 32.90 -66.86 -12.47
N ALA D 93 32.63 -65.76 -11.79
CA ALA D 93 31.62 -65.76 -10.73
C ALA D 93 30.22 -65.78 -11.31
N GLN D 94 29.31 -66.47 -10.63
CA GLN D 94 27.94 -66.58 -11.08
C GLN D 94 27.16 -65.31 -10.73
N LEU D 95 26.08 -65.09 -11.48
CA LEU D 95 25.33 -63.83 -11.43
C LEU D 95 24.23 -63.97 -10.39
N ASN D 96 24.53 -63.59 -9.16
CA ASN D 96 23.55 -63.49 -8.09
C ASN D 96 23.93 -62.33 -7.17
N ILE D 97 23.07 -62.04 -6.20
CA ILE D 97 23.18 -60.82 -5.41
C ILE D 97 24.34 -60.93 -4.43
N GLY D 98 25.23 -59.94 -4.47
CA GLY D 98 26.38 -59.91 -3.59
C GLY D 98 27.51 -60.75 -4.12
N ASN D 99 27.81 -60.58 -5.41
CA ASN D 99 28.79 -61.42 -6.10
C ASN D 99 29.45 -60.53 -7.15
N VAL D 100 30.57 -59.91 -6.76
CA VAL D 100 31.23 -58.94 -7.62
C VAL D 100 31.97 -59.66 -8.75
N LEU D 101 31.73 -59.18 -9.98
CA LEU D 101 32.23 -59.80 -11.19
C LEU D 101 32.23 -58.73 -12.28
N PRO D 102 33.09 -58.86 -13.31
CA PRO D 102 33.24 -57.75 -14.25
C PRO D 102 32.04 -57.51 -15.16
N VAL D 103 31.95 -56.25 -15.61
CA VAL D 103 30.78 -55.76 -16.33
C VAL D 103 30.76 -56.32 -17.75
N GLY D 104 31.93 -56.58 -18.32
CA GLY D 104 31.99 -57.24 -19.62
C GLY D 104 31.54 -58.68 -19.61
N THR D 105 31.51 -59.32 -18.43
CA THR D 105 31.04 -60.69 -18.33
C THR D 105 29.62 -60.78 -17.83
N MET D 106 29.13 -59.79 -17.09
CA MET D 106 27.72 -59.82 -16.72
C MET D 106 26.85 -59.47 -17.94
N PRO D 107 25.62 -59.98 -17.97
CA PRO D 107 24.69 -59.52 -19.00
C PRO D 107 24.18 -58.13 -18.69
N GLU D 108 23.83 -57.39 -19.75
CA GLU D 108 23.35 -56.03 -19.57
C GLU D 108 21.92 -56.04 -19.05
N GLY D 109 21.55 -54.93 -18.40
CA GLY D 109 20.33 -54.86 -17.63
C GLY D 109 20.50 -55.29 -16.20
N THR D 110 21.70 -55.68 -15.79
CA THR D 110 21.97 -56.15 -14.45
C THR D 110 22.04 -54.98 -13.49
N ILE D 111 21.25 -55.05 -12.42
CA ILE D 111 21.27 -54.02 -11.39
C ILE D 111 22.51 -54.23 -10.53
N VAL D 112 23.49 -53.33 -10.65
CA VAL D 112 24.71 -53.43 -9.87
C VAL D 112 24.94 -52.14 -9.10
N CYS D 113 25.86 -52.22 -8.15
CA CYS D 113 26.28 -51.07 -7.35
C CYS D 113 27.72 -51.30 -6.95
N CYS D 114 28.29 -50.30 -6.26
CA CYS D 114 29.71 -50.23 -5.89
C CYS D 114 30.60 -50.42 -7.13
N LEU D 115 30.33 -49.60 -8.14
CA LEU D 115 30.97 -49.76 -9.44
C LEU D 115 32.33 -49.08 -9.45
N GLU D 116 33.29 -49.72 -10.13
CA GLU D 116 34.58 -49.09 -10.38
C GLU D 116 34.47 -48.15 -11.56
N GLU D 117 35.07 -46.95 -11.41
CA GLU D 117 35.10 -46.00 -12.51
C GLU D 117 36.15 -46.40 -13.55
N LYS D 118 37.39 -46.48 -13.13
CA LYS D 118 38.54 -47.00 -13.86
C LYS D 118 38.91 -48.37 -13.32
N PRO D 119 39.42 -49.29 -14.17
CA PRO D 119 39.67 -50.65 -13.68
C PRO D 119 40.83 -50.78 -12.71
N GLY D 120 40.51 -50.96 -11.43
CA GLY D 120 41.53 -51.19 -10.42
C GLY D 120 41.48 -50.28 -9.21
N ASP D 121 40.47 -49.41 -9.13
CA ASP D 121 40.40 -48.44 -8.04
C ASP D 121 39.51 -48.89 -6.89
N ARG D 122 39.16 -50.18 -6.83
CA ARG D 122 38.53 -50.84 -5.67
C ARG D 122 37.16 -50.27 -5.33
N GLY D 123 36.41 -49.79 -6.33
CA GLY D 123 35.02 -49.44 -6.14
C GLY D 123 34.75 -47.97 -5.84
N LYS D 124 34.14 -47.26 -6.78
CA LYS D 124 33.92 -45.82 -6.61
C LYS D 124 32.47 -45.37 -6.83
N LEU D 125 31.76 -45.96 -7.77
CA LEU D 125 30.50 -45.40 -8.25
C LEU D 125 29.28 -46.11 -7.65
N ALA D 126 28.22 -45.31 -7.41
CA ALA D 126 26.86 -45.79 -7.13
C ALA D 126 26.78 -46.62 -5.85
N ARG D 127 27.30 -46.06 -4.76
CA ARG D 127 27.47 -46.82 -3.52
C ARG D 127 27.17 -45.98 -2.28
N ALA D 128 26.08 -45.22 -2.30
CA ALA D 128 25.81 -44.32 -1.15
C ALA D 128 24.92 -44.96 -0.10
N SER D 129 23.62 -45.14 -0.39
CA SER D 129 22.77 -45.87 0.54
C SER D 129 21.75 -46.79 -0.12
N GLY D 130 21.23 -46.47 -1.30
CA GLY D 130 20.25 -47.30 -1.95
C GLY D 130 20.41 -47.31 -3.45
N ASN D 131 21.45 -46.61 -3.91
CA ASN D 131 21.64 -46.31 -5.32
C ASN D 131 22.15 -47.52 -6.08
N TYR D 132 21.99 -47.48 -7.40
CA TYR D 132 22.39 -48.58 -8.26
C TYR D 132 22.67 -48.06 -9.65
N ALA D 133 23.67 -48.65 -10.30
CA ALA D 133 23.95 -48.37 -11.69
C ALA D 133 23.45 -49.53 -12.56
N THR D 134 22.98 -49.20 -13.76
CA THR D 134 22.49 -50.22 -14.66
C THR D 134 23.41 -50.33 -15.88
N VAL D 135 23.43 -51.52 -16.47
CA VAL D 135 24.27 -51.81 -17.62
C VAL D 135 23.39 -51.79 -18.86
N ILE D 136 23.63 -50.83 -19.74
CA ILE D 136 22.78 -50.61 -20.91
C ILE D 136 23.20 -51.50 -22.07
N SER D 137 24.45 -51.38 -22.51
CA SER D 137 24.92 -52.12 -23.68
C SER D 137 26.42 -52.35 -23.56
N HIS D 138 26.86 -53.47 -24.14
CA HIS D 138 28.27 -53.81 -24.19
C HIS D 138 28.83 -53.55 -25.58
N ASN D 139 30.11 -53.87 -25.74
CA ASN D 139 30.81 -53.75 -27.02
C ASN D 139 31.97 -54.75 -27.02
N PRO D 140 31.99 -55.71 -27.95
CA PRO D 140 33.11 -56.66 -28.01
C PRO D 140 34.42 -56.02 -28.42
N GLU D 141 34.38 -55.17 -29.44
CA GLU D 141 35.57 -54.44 -29.87
C GLU D 141 35.81 -53.24 -28.95
N THR D 142 37.09 -53.03 -28.61
CA THR D 142 37.68 -52.01 -27.72
C THR D 142 37.26 -52.15 -26.26
N LYS D 143 36.42 -53.12 -25.90
CA LYS D 143 36.04 -53.47 -24.53
C LYS D 143 35.42 -52.28 -23.78
N LYS D 144 34.30 -51.79 -24.29
CA LYS D 144 33.60 -50.67 -23.70
C LYS D 144 32.16 -51.06 -23.38
N THR D 145 31.57 -50.30 -22.46
CA THR D 145 30.24 -50.61 -21.92
C THR D 145 29.55 -49.28 -21.61
N ARG D 146 28.24 -49.23 -21.85
CA ARG D 146 27.44 -48.07 -21.48
C ARG D 146 26.76 -48.36 -20.15
N VAL D 147 26.90 -47.44 -19.20
CA VAL D 147 26.37 -47.61 -17.84
C VAL D 147 25.55 -46.39 -17.49
N LYS D 148 24.31 -46.60 -17.04
CA LYS D 148 23.50 -45.52 -16.52
C LYS D 148 23.71 -45.39 -15.02
N LEU D 149 24.19 -44.22 -14.60
CA LEU D 149 24.41 -43.87 -13.22
C LEU D 149 23.09 -43.41 -12.59
N PRO D 150 22.96 -43.46 -11.25
CA PRO D 150 21.68 -43.10 -10.62
C PRO D 150 21.31 -41.62 -10.70
N SER D 151 22.13 -40.75 -11.29
CA SER D 151 21.72 -39.39 -11.61
C SER D 151 21.00 -39.29 -12.95
N GLY D 152 20.85 -40.40 -13.67
CA GLY D 152 20.33 -40.38 -15.01
C GLY D 152 21.37 -40.19 -16.09
N SER D 153 22.62 -39.92 -15.72
CA SER D 153 23.68 -39.78 -16.69
C SER D 153 24.05 -41.15 -17.27
N LYS D 154 24.55 -41.14 -18.50
CA LYS D 154 24.86 -42.35 -19.24
C LYS D 154 26.30 -42.26 -19.71
N LYS D 155 27.14 -43.17 -19.23
CA LYS D 155 28.58 -43.01 -19.26
C LYS D 155 29.22 -44.19 -19.98
N VAL D 156 30.29 -43.92 -20.73
CA VAL D 156 31.07 -44.97 -21.38
C VAL D 156 32.18 -45.38 -20.42
N ILE D 157 32.05 -46.57 -19.84
CA ILE D 157 33.00 -47.13 -18.91
C ILE D 157 33.52 -48.43 -19.52
N SER D 158 34.84 -48.65 -19.44
CA SER D 158 35.45 -49.83 -20.03
C SER D 158 34.97 -51.10 -19.34
N SER D 159 34.98 -52.20 -20.09
CA SER D 159 34.39 -53.45 -19.62
C SER D 159 35.29 -54.22 -18.66
N ALA D 160 36.52 -53.75 -18.42
CA ALA D 160 37.47 -54.50 -17.62
C ALA D 160 37.18 -54.44 -16.12
N ASN D 161 36.36 -53.51 -15.65
CA ASN D 161 36.14 -53.35 -14.23
C ASN D 161 34.85 -54.03 -13.79
N ARG D 162 34.59 -53.96 -12.49
CA ARG D 162 33.61 -54.81 -11.81
C ARG D 162 32.78 -54.01 -10.83
N ALA D 163 31.79 -54.69 -10.24
CA ALA D 163 30.82 -54.13 -9.32
C ALA D 163 30.10 -55.27 -8.62
N VAL D 164 29.71 -55.03 -7.36
CA VAL D 164 28.85 -56.01 -6.69
C VAL D 164 27.46 -55.94 -7.28
N VAL D 165 26.73 -57.05 -7.20
CA VAL D 165 25.44 -57.21 -7.86
C VAL D 165 24.33 -56.94 -6.85
N GLY D 166 23.44 -56.01 -7.17
CA GLY D 166 22.30 -55.65 -6.37
C GLY D 166 22.25 -54.16 -6.13
N VAL D 167 21.40 -53.75 -5.21
CA VAL D 167 21.31 -52.38 -4.77
C VAL D 167 22.04 -52.25 -3.44
N VAL D 168 22.36 -51.03 -3.05
CA VAL D 168 23.02 -50.79 -1.78
C VAL D 168 21.98 -50.94 -0.67
N ALA D 169 22.34 -51.68 0.39
CA ALA D 169 21.44 -51.87 1.51
C ALA D 169 21.25 -50.57 2.30
N GLY D 170 20.03 -50.34 2.75
CA GLY D 170 19.67 -49.10 3.40
C GLY D 170 18.83 -48.15 2.58
N GLY D 171 18.10 -48.66 1.58
CA GLY D 171 17.28 -47.80 0.77
C GLY D 171 16.05 -47.30 1.50
N GLY D 172 15.51 -46.20 1.02
CA GLY D 172 14.39 -45.55 1.66
C GLY D 172 14.74 -44.69 2.86
N ARG D 173 16.02 -44.37 3.04
CA ARG D 173 16.47 -43.64 4.21
C ARG D 173 15.98 -42.20 4.21
N ILE D 174 15.91 -41.58 3.02
CA ILE D 174 15.45 -40.19 2.94
C ILE D 174 13.93 -40.06 2.89
N ASP D 175 13.20 -41.18 2.93
CA ASP D 175 11.74 -41.11 2.91
C ASP D 175 11.18 -40.63 4.23
N LYS D 176 11.86 -40.92 5.33
CA LYS D 176 11.45 -40.40 6.63
C LYS D 176 12.06 -39.01 6.86
N PRO D 177 11.27 -38.04 7.32
CA PRO D 177 11.83 -36.74 7.68
C PRO D 177 12.68 -36.82 8.93
N ILE D 178 13.43 -35.75 9.19
CA ILE D 178 14.33 -35.71 10.34
C ILE D 178 13.54 -35.43 11.62
N LEU D 179 12.56 -34.53 11.54
CA LEU D 179 11.60 -34.07 12.53
C LEU D 179 12.18 -33.17 13.62
N LYS D 180 13.51 -33.09 13.73
CA LYS D 180 14.10 -32.35 14.83
C LYS D 180 15.46 -31.78 14.44
N ALA D 181 15.72 -30.56 14.93
CA ALA D 181 17.07 -30.02 14.91
C ALA D 181 18.02 -30.90 15.71
N GLY D 182 17.53 -31.57 16.75
CA GLY D 182 18.38 -32.49 17.49
C GLY D 182 18.80 -33.71 16.68
N ARG D 183 17.86 -34.30 15.93
CA ARG D 183 18.23 -35.45 15.10
C ARG D 183 19.09 -35.03 13.92
N ALA D 184 18.90 -33.82 13.39
CA ALA D 184 19.82 -33.34 12.36
C ALA D 184 21.21 -33.05 12.92
N TYR D 185 21.27 -32.56 14.17
CA TYR D 185 22.53 -32.32 14.84
C TYR D 185 23.28 -33.63 15.09
N HIS D 186 22.57 -34.66 15.54
CA HIS D 186 23.20 -35.95 15.72
C HIS D 186 23.57 -36.61 14.40
N LYS D 187 22.84 -36.30 13.32
CA LYS D 187 23.20 -36.84 12.01
C LYS D 187 24.50 -36.21 11.50
N TYR D 188 24.62 -34.89 11.57
CA TYR D 188 25.81 -34.25 11.02
C TYR D 188 27.00 -34.21 11.99
N LYS D 189 26.77 -34.49 13.28
CA LYS D 189 27.87 -34.56 14.23
C LYS D 189 28.80 -35.73 13.94
N ALA D 190 28.24 -36.83 13.42
CA ALA D 190 29.08 -37.94 13.01
C ALA D 190 29.77 -37.68 11.67
N LYS D 191 29.31 -36.72 10.89
CA LYS D 191 29.90 -36.47 9.56
C LYS D 191 30.97 -35.39 9.61
N ARG D 192 30.58 -34.15 9.90
CA ARG D 192 31.46 -32.97 9.86
C ARG D 192 30.67 -31.75 10.30
N ASN D 193 31.39 -30.69 10.65
CA ASN D 193 30.79 -29.41 11.05
C ASN D 193 30.31 -28.68 9.80
N CYS D 194 29.10 -29.01 9.37
CA CYS D 194 28.50 -28.30 8.25
C CYS D 194 27.01 -28.02 8.43
N TRP D 195 26.42 -28.37 9.57
CA TRP D 195 24.98 -28.30 9.70
C TRP D 195 24.38 -26.93 10.05
N PRO D 196 24.89 -26.15 11.06
CA PRO D 196 24.25 -24.84 11.30
C PRO D 196 24.57 -23.86 10.18
N ARG D 197 23.60 -23.68 9.29
CA ARG D 197 23.79 -22.97 8.04
C ARG D 197 23.05 -21.66 8.12
N VAL D 198 23.77 -20.59 8.47
CA VAL D 198 23.19 -19.26 8.50
C VAL D 198 23.03 -18.76 7.08
N ARG D 199 21.83 -18.32 6.74
CA ARG D 199 21.59 -17.69 5.45
C ARG D 199 22.34 -16.36 5.37
N GLY D 200 22.96 -16.12 4.23
CA GLY D 200 23.85 -14.98 4.08
C GLY D 200 23.14 -13.65 4.00
N VAL D 201 21.83 -13.66 3.76
CA VAL D 201 21.07 -12.42 3.77
C VAL D 201 20.94 -11.91 5.21
N ALA D 202 20.85 -12.81 6.18
CA ALA D 202 20.78 -12.45 7.59
C ALA D 202 22.13 -12.03 8.16
N MET D 203 23.21 -12.15 7.41
CA MET D 203 24.53 -11.80 7.88
C MET D 203 24.82 -10.32 7.66
N ASN D 204 25.94 -9.86 8.20
CA ASN D 204 26.47 -8.55 7.91
C ASN D 204 27.07 -8.54 6.52
N PRO D 205 27.18 -7.36 5.85
CA PRO D 205 27.71 -7.34 4.48
C PRO D 205 29.21 -7.53 4.38
N VAL D 206 29.89 -7.79 5.50
CA VAL D 206 31.34 -7.90 5.51
C VAL D 206 31.82 -9.33 5.52
N GLU D 207 30.94 -10.31 5.81
CA GLU D 207 31.31 -11.71 5.75
C GLU D 207 30.51 -12.49 4.73
N HIS D 208 29.72 -11.81 3.89
CA HIS D 208 28.92 -12.48 2.87
C HIS D 208 28.54 -11.44 1.83
N PRO D 209 28.48 -11.79 0.54
CA PRO D 209 28.10 -10.82 -0.48
C PRO D 209 26.61 -10.51 -0.55
N PHE D 210 25.78 -11.17 0.24
CA PHE D 210 24.34 -10.92 0.23
C PHE D 210 23.85 -10.16 1.46
N GLY D 211 24.72 -9.93 2.45
CA GLY D 211 24.29 -9.32 3.68
C GLY D 211 24.12 -7.81 3.59
N GLY D 212 23.51 -7.25 4.62
CA GLY D 212 23.34 -5.82 4.73
C GLY D 212 21.93 -5.37 4.38
N GLY D 213 21.74 -4.05 4.47
CA GLY D 213 20.47 -3.44 4.16
C GLY D 213 19.54 -3.41 5.35
N ASN D 214 18.59 -2.48 5.30
CA ASN D 214 17.60 -2.35 6.36
C ASN D 214 16.52 -3.42 6.24
N HIS D 215 16.31 -3.96 5.04
CA HIS D 215 15.47 -5.13 4.82
C HIS D 215 16.34 -6.31 4.43
N GLN D 216 15.91 -7.51 4.82
CA GLN D 216 16.62 -8.72 4.42
C GLN D 216 16.26 -9.05 2.98
N HIS D 217 17.06 -8.57 2.05
CA HIS D 217 16.90 -8.86 0.63
C HIS D 217 18.27 -9.19 0.05
N ILE D 218 18.27 -9.88 -1.09
CA ILE D 218 19.52 -10.22 -1.74
C ILE D 218 20.11 -9.02 -2.46
N GLY D 219 19.29 -8.33 -3.25
CA GLY D 219 19.68 -7.11 -3.93
C GLY D 219 20.24 -7.30 -5.33
N LYS D 220 21.10 -8.29 -5.50
CA LYS D 220 21.70 -8.67 -6.76
C LYS D 220 21.14 -10.02 -7.23
N PRO D 221 21.25 -10.34 -8.52
CA PRO D 221 20.79 -11.67 -8.97
C PRO D 221 21.63 -12.79 -8.37
N SER D 222 20.95 -13.78 -7.81
CA SER D 222 21.63 -14.85 -7.08
C SER D 222 22.32 -15.84 -8.01
N THR D 223 21.89 -15.92 -9.26
CA THR D 223 22.55 -16.78 -10.24
C THR D 223 23.86 -16.13 -10.67
N ILE D 224 24.98 -16.78 -10.40
CA ILE D 224 26.28 -16.23 -10.68
C ILE D 224 27.00 -17.16 -11.67
N ARG D 225 27.93 -16.60 -12.42
CA ARG D 225 28.62 -17.32 -13.48
C ARG D 225 29.61 -18.33 -12.92
N ARG D 226 30.08 -19.22 -13.80
CA ARG D 226 31.09 -20.20 -13.42
C ARG D 226 32.46 -19.54 -13.25
N ASP D 227 32.70 -18.43 -13.96
CA ASP D 227 33.98 -17.74 -13.94
C ASP D 227 34.09 -16.75 -12.78
N ALA D 228 33.24 -16.89 -11.76
CA ALA D 228 33.23 -16.04 -10.58
C ALA D 228 34.41 -16.38 -9.67
N PRO D 229 34.99 -15.38 -9.02
CA PRO D 229 36.13 -15.65 -8.13
C PRO D 229 35.68 -16.28 -6.82
N ALA D 230 36.66 -16.75 -6.06
CA ALA D 230 36.41 -17.31 -4.74
C ALA D 230 36.05 -16.21 -3.76
N GLY D 231 35.04 -16.47 -2.93
CA GLY D 231 34.49 -15.46 -2.06
C GLY D 231 33.37 -14.66 -2.69
N ARG D 232 33.16 -14.78 -4.00
CA ARG D 232 32.06 -14.16 -4.71
C ARG D 232 31.06 -15.18 -5.25
N LYS D 233 31.52 -16.37 -5.61
CA LYS D 233 30.69 -17.40 -6.25
C LYS D 233 29.73 -17.97 -5.22
N VAL D 234 28.65 -17.22 -4.99
CA VAL D 234 27.68 -17.50 -3.93
C VAL D 234 26.29 -17.47 -4.53
N GLY D 235 25.51 -18.53 -4.32
CA GLY D 235 24.12 -18.52 -4.74
C GLY D 235 23.76 -19.70 -5.61
N LEU D 236 23.39 -19.43 -6.85
CA LEU D 236 23.02 -20.45 -7.81
C LEU D 236 24.14 -20.52 -8.84
N ILE D 237 24.95 -21.58 -8.74
CA ILE D 237 26.25 -21.65 -9.42
C ILE D 237 25.97 -22.03 -10.87
N ALA D 238 25.99 -21.03 -11.77
CA ALA D 238 25.82 -21.19 -13.22
C ALA D 238 24.50 -21.88 -13.58
N ALA D 239 23.42 -21.26 -13.14
CA ALA D 239 22.10 -21.85 -13.32
C ALA D 239 21.63 -21.71 -14.76
N ARG D 240 21.25 -22.83 -15.36
CA ARG D 240 20.66 -22.80 -16.70
C ARG D 240 19.25 -22.23 -16.64
N ARG D 241 18.36 -22.92 -15.93
CA ARG D 241 17.10 -22.35 -15.47
C ARG D 241 17.17 -22.21 -13.95
N THR D 242 16.15 -21.59 -13.37
CA THR D 242 16.14 -21.43 -11.92
C THR D 242 14.78 -21.62 -11.26
N GLY D 243 13.68 -21.70 -11.99
CA GLY D 243 12.37 -21.71 -11.40
C GLY D 243 11.90 -23.09 -10.97
N ARG D 244 10.58 -23.23 -10.90
CA ARG D 244 9.94 -24.47 -10.47
C ARG D 244 9.87 -25.47 -11.61
N SER E 1 7.58 27.80 32.62
CA SER E 1 6.15 27.90 32.40
C SER E 1 5.41 28.02 33.73
N HIS E 2 4.09 28.08 33.66
CA HIS E 2 3.29 28.21 34.87
C HIS E 2 2.99 26.83 35.46
N ARG E 3 2.30 26.84 36.59
CA ARG E 3 1.84 25.60 37.20
C ARG E 3 0.54 25.18 36.53
N LYS E 4 0.45 23.88 36.19
CA LYS E 4 -0.68 23.39 35.41
C LYS E 4 -1.97 23.42 36.22
N PHE E 5 -1.93 22.81 37.41
CA PHE E 5 -3.10 22.70 38.27
C PHE E 5 -2.85 23.53 39.52
N SER E 6 -3.68 24.55 39.74
CA SER E 6 -3.53 25.41 40.90
C SER E 6 -3.89 24.65 42.17
N ALA E 7 -3.18 24.96 43.24
CA ALA E 7 -3.34 24.27 44.51
C ALA E 7 -3.04 25.24 45.64
N PRO E 8 -3.73 25.12 46.77
CA PRO E 8 -3.41 25.95 47.93
C PRO E 8 -2.08 25.55 48.54
N ARG E 9 -1.56 26.46 49.38
CA ARG E 9 -0.27 26.27 50.01
C ARG E 9 -0.33 25.25 51.13
N HIS E 10 0.63 24.33 51.14
CA HIS E 10 0.87 23.46 52.30
C HIS E 10 1.57 24.26 53.39
N GLY E 11 0.90 24.46 54.52
CA GLY E 11 1.49 25.15 55.65
C GLY E 11 1.14 26.62 55.67
N SER E 12 1.35 27.22 56.84
CA SER E 12 1.02 28.62 57.07
C SER E 12 2.29 29.46 57.08
N LEU E 13 2.24 30.61 56.40
CA LEU E 13 3.35 31.53 56.39
C LEU E 13 3.44 32.39 57.65
N GLY E 14 2.41 32.38 58.49
CA GLY E 14 2.46 33.14 59.72
C GLY E 14 3.19 32.41 60.83
N PHE E 15 3.04 31.09 60.86
CA PHE E 15 3.69 30.24 61.84
C PHE E 15 5.01 29.66 61.33
N LEU E 16 5.92 30.48 60.79
CA LEU E 16 7.16 29.82 60.38
C LEU E 16 8.49 30.48 60.73
N PRO E 17 8.66 31.07 61.90
CA PRO E 17 9.86 30.71 62.66
C PRO E 17 9.53 29.46 63.45
N ARG E 18 9.90 28.29 62.96
CA ARG E 18 9.53 27.05 63.63
C ARG E 18 10.70 26.52 64.46
N LYS E 19 11.17 27.38 65.34
CA LYS E 19 12.24 27.01 66.25
C LYS E 19 11.65 26.43 67.53
N ARG E 20 12.50 25.77 68.31
CA ARG E 20 12.09 25.33 69.63
C ARG E 20 11.88 26.55 70.51
N SER E 21 10.86 26.49 71.36
CA SER E 21 10.44 27.63 72.15
C SER E 21 11.50 27.99 73.18
N SER E 22 11.91 29.27 73.17
CA SER E 22 12.88 29.76 74.14
C SER E 22 12.31 29.80 75.55
N ARG E 23 10.99 29.88 75.68
CA ARG E 23 10.31 29.84 76.96
C ARG E 23 9.53 28.54 77.09
N HIS E 24 9.45 28.00 78.30
CA HIS E 24 8.69 26.79 78.56
C HIS E 24 7.28 27.09 79.03
N ARG E 25 7.10 28.17 79.79
CA ARG E 25 5.79 28.59 80.26
C ARG E 25 5.11 29.47 79.21
N GLY E 26 3.82 29.24 79.00
CA GLY E 26 3.04 30.03 78.06
C GLY E 26 2.90 31.48 78.46
N LYS E 27 3.49 32.38 77.67
CA LYS E 27 3.55 33.79 78.01
C LYS E 27 2.42 34.55 77.33
N VAL E 28 1.80 35.46 78.08
CA VAL E 28 0.76 36.32 77.53
C VAL E 28 1.42 37.39 76.67
N LYS E 29 1.04 37.45 75.40
CA LYS E 29 1.50 38.50 74.51
C LYS E 29 0.56 39.69 74.46
N SER E 30 -0.70 39.51 74.85
CA SER E 30 -1.69 40.57 74.74
C SER E 30 -2.71 40.39 75.85
N PHE E 31 -2.68 41.25 76.86
CA PHE E 31 -3.72 41.30 77.86
C PHE E 31 -4.92 42.08 77.33
N PRO E 32 -6.11 41.86 77.89
CA PRO E 32 -7.27 42.68 77.49
C PRO E 32 -7.11 44.13 77.90
N LYS E 33 -7.83 44.99 77.17
CA LYS E 33 -7.76 46.43 77.40
C LYS E 33 -8.54 46.80 78.66
N ASP E 34 -8.09 47.86 79.33
CA ASP E 34 -8.70 48.31 80.57
C ASP E 34 -9.47 49.61 80.37
N ASP E 35 -10.60 49.74 81.05
CA ASP E 35 -11.35 50.96 81.11
C ASP E 35 -11.81 51.22 82.54
N PRO E 36 -11.72 52.45 83.05
CA PRO E 36 -12.04 52.72 84.46
C PRO E 36 -13.54 52.79 84.73
N SER E 37 -14.24 51.73 84.42
CA SER E 37 -15.67 51.58 84.69
C SER E 37 -16.01 50.30 85.44
N LYS E 38 -15.31 49.21 85.15
CA LYS E 38 -15.43 47.90 85.77
C LYS E 38 -14.50 47.80 86.98
N PRO E 39 -14.82 46.97 87.97
CA PRO E 39 -13.92 46.83 89.13
C PRO E 39 -12.66 46.06 88.75
N VAL E 40 -11.67 46.14 89.65
CA VAL E 40 -10.36 45.55 89.37
C VAL E 40 -10.43 44.03 89.53
N HIS E 41 -9.68 43.33 88.68
CA HIS E 41 -9.68 41.89 88.63
C HIS E 41 -8.44 41.41 87.89
N LEU E 42 -8.13 40.13 88.06
CA LEU E 42 -7.09 39.50 87.26
C LEU E 42 -7.63 39.12 85.89
N THR E 43 -6.74 39.10 84.91
CA THR E 43 -7.10 38.77 83.54
C THR E 43 -6.48 37.46 83.06
N ALA E 44 -5.76 36.76 83.91
CA ALA E 44 -5.13 35.50 83.53
C ALA E 44 -4.93 34.64 84.76
N PHE E 45 -4.68 33.36 84.52
CA PHE E 45 -4.43 32.39 85.58
C PHE E 45 -3.53 31.31 85.00
N LEU E 46 -2.97 30.47 85.86
CA LEU E 46 -1.93 29.54 85.41
C LEU E 46 -2.19 28.18 86.03
N GLY E 47 -2.51 27.18 85.20
CA GLY E 47 -2.81 25.85 85.67
C GLY E 47 -2.11 24.80 84.84
N TYR E 48 -2.17 23.55 85.32
CA TYR E 48 -1.44 22.45 84.70
C TYR E 48 -2.42 21.48 84.04
N LYS E 49 -2.10 21.06 82.82
CA LYS E 49 -2.97 20.16 82.07
C LYS E 49 -2.95 18.77 82.71
N ALA E 50 -4.12 18.30 83.15
CA ALA E 50 -4.24 17.02 83.84
C ALA E 50 -4.60 15.89 82.89
N GLY E 51 -5.71 16.02 82.18
CA GLY E 51 -6.14 14.95 81.30
C GLY E 51 -7.35 15.33 80.47
N MET E 52 -8.03 14.30 79.98
CA MET E 52 -9.11 14.41 79.01
C MET E 52 -10.22 13.43 79.40
N THR E 53 -11.47 13.81 79.13
CA THR E 53 -12.61 12.92 79.36
C THR E 53 -13.81 13.40 78.53
N HIS E 54 -14.93 12.69 78.65
CA HIS E 54 -16.19 13.07 78.05
C HIS E 54 -16.97 14.03 78.93
N ILE E 55 -17.93 14.72 78.30
CA ILE E 55 -18.99 15.47 78.98
C ILE E 55 -20.29 15.26 78.21
N VAL E 56 -21.29 14.69 78.87
CA VAL E 56 -22.63 14.58 78.31
C VAL E 56 -23.44 15.74 78.87
N ARG E 57 -23.98 16.58 77.98
CA ARG E 57 -24.70 17.77 78.39
C ARG E 57 -25.93 17.96 77.51
N GLU E 58 -26.76 18.91 77.89
CA GLU E 58 -28.00 19.21 77.17
C GLU E 58 -27.77 20.36 76.21
N VAL E 59 -28.13 20.15 74.95
CA VAL E 59 -27.95 21.15 73.91
C VAL E 59 -29.18 22.06 73.87
N ASP E 60 -28.96 23.36 73.91
CA ASP E 60 -30.05 24.31 74.07
C ASP E 60 -29.91 25.48 73.09
N ARG E 61 -29.71 25.17 71.81
CA ARG E 61 -29.90 26.25 70.85
C ARG E 61 -31.01 25.88 69.86
N PRO E 62 -31.89 26.81 69.53
CA PRO E 62 -32.95 26.52 68.56
C PRO E 62 -32.45 26.62 67.13
N GLY E 63 -33.19 25.98 66.23
CA GLY E 63 -32.91 26.00 64.81
C GLY E 63 -32.11 24.81 64.33
N SER E 64 -31.35 24.19 65.22
CA SER E 64 -30.51 23.05 64.86
C SER E 64 -31.31 21.76 64.89
N LYS E 65 -30.73 20.73 64.24
CA LYS E 65 -31.28 19.39 64.34
C LYS E 65 -30.97 18.77 65.70
N VAL E 66 -29.94 19.26 66.38
CA VAL E 66 -29.51 18.73 67.66
C VAL E 66 -30.15 19.51 68.82
N ASN E 67 -31.21 20.29 68.52
CA ASN E 67 -31.95 21.03 69.54
C ASN E 67 -32.60 20.09 70.55
N LYS E 68 -32.42 20.40 71.83
CA LYS E 68 -32.96 19.65 72.97
C LYS E 68 -32.51 18.19 72.96
N LYS E 69 -31.26 17.97 72.58
CA LYS E 69 -30.66 16.64 72.51
C LYS E 69 -29.47 16.56 73.47
N GLU E 70 -28.76 15.45 73.40
CA GLU E 70 -27.61 15.20 74.26
C GLU E 70 -26.42 14.84 73.39
N VAL E 71 -25.30 15.52 73.60
CA VAL E 71 -24.06 15.24 72.88
C VAL E 71 -22.99 14.85 73.89
N VAL E 72 -21.91 14.26 73.38
CA VAL E 72 -20.69 14.09 74.16
C VAL E 72 -19.72 15.16 73.70
N GLU E 73 -18.81 15.55 74.59
CA GLU E 73 -17.83 16.58 74.29
C GLU E 73 -16.47 16.16 74.84
N ALA E 74 -15.43 16.35 74.03
CA ALA E 74 -14.07 16.16 74.50
C ALA E 74 -13.64 17.41 75.26
N VAL E 75 -13.24 17.23 76.52
CA VAL E 75 -12.88 18.35 77.39
C VAL E 75 -11.48 18.12 77.96
N THR E 76 -10.89 19.21 78.44
CA THR E 76 -9.61 19.19 79.11
C THR E 76 -9.83 19.50 80.58
N ILE E 77 -9.27 18.66 81.44
CA ILE E 77 -9.15 18.98 82.86
C ILE E 77 -7.83 19.72 83.02
N VAL E 78 -7.88 20.90 83.64
CA VAL E 78 -6.69 21.64 83.98
C VAL E 78 -6.73 21.87 85.48
N GLU E 79 -5.82 21.21 86.21
CA GLU E 79 -5.72 21.40 87.64
C GLU E 79 -5.15 22.79 87.92
N THR E 80 -5.95 23.62 88.57
CA THR E 80 -5.61 25.02 88.82
C THR E 80 -5.67 25.30 90.31
N PRO E 81 -4.58 25.05 91.04
CA PRO E 81 -4.53 25.42 92.46
C PRO E 81 -4.48 26.93 92.61
N PRO E 82 -4.93 27.46 93.75
CA PRO E 82 -4.88 28.92 93.94
C PRO E 82 -3.43 29.40 94.06
N MET E 83 -3.14 30.49 93.35
CA MET E 83 -1.77 30.97 93.31
C MET E 83 -1.50 31.91 94.49
N VAL E 84 -0.23 32.26 94.67
CA VAL E 84 0.21 33.13 95.75
C VAL E 84 0.75 34.41 95.11
N VAL E 85 0.24 35.56 95.56
CA VAL E 85 0.75 36.85 95.11
C VAL E 85 1.96 37.22 95.95
N VAL E 86 3.10 37.44 95.30
CA VAL E 86 4.34 37.76 95.99
C VAL E 86 5.01 39.02 95.47
N GLY E 87 4.30 39.81 94.67
CA GLY E 87 4.90 41.03 94.18
C GLY E 87 3.99 41.75 93.21
N ILE E 88 4.36 43.00 92.94
CA ILE E 88 3.71 43.83 91.93
C ILE E 88 4.77 44.53 91.10
N VAL E 89 4.36 45.00 89.92
CA VAL E 89 5.27 45.62 88.98
C VAL E 89 4.49 46.67 88.18
N GLY E 90 5.12 47.83 87.99
CA GLY E 90 4.47 48.92 87.29
C GLY E 90 5.05 49.20 85.91
N TYR E 91 4.25 49.78 85.03
CA TYR E 91 4.67 50.04 83.66
C TYR E 91 4.29 51.46 83.26
N VAL E 92 5.14 52.08 82.46
CA VAL E 92 4.94 53.43 81.96
C VAL E 92 4.98 53.38 80.43
N GLU E 93 4.18 54.24 79.80
CA GLU E 93 4.08 54.28 78.34
C GLU E 93 5.12 55.24 77.78
N THR E 94 6.05 54.72 77.01
CA THR E 94 7.15 55.46 76.42
C THR E 94 6.96 55.54 74.90
N PRO E 95 7.53 56.55 74.24
CA PRO E 95 7.50 56.55 72.77
C PRO E 95 8.32 55.44 72.14
N ARG E 96 9.18 54.77 72.89
CA ARG E 96 9.83 53.55 72.44
C ARG E 96 9.08 52.29 72.84
N GLY E 97 8.03 52.40 73.66
CA GLY E 97 7.26 51.21 74.00
C GLY E 97 6.51 51.26 75.32
N LEU E 98 6.67 50.23 76.13
CA LEU E 98 5.92 50.08 77.37
C LEU E 98 6.90 49.50 78.40
N ARG E 99 7.54 50.40 79.15
CA ARG E 99 8.72 50.06 79.93
C ARG E 99 8.34 49.82 81.39
N THR E 100 8.97 48.82 82.00
CA THR E 100 8.78 48.60 83.43
C THR E 100 9.45 49.71 84.23
N PHE E 101 8.86 50.04 85.37
CA PHE E 101 9.25 51.18 86.18
C PHE E 101 9.75 50.79 87.55
N LYS E 102 9.00 49.96 88.27
CA LYS E 102 9.39 49.53 89.60
C LYS E 102 8.74 48.19 89.91
N THR E 103 9.53 47.26 90.43
CA THR E 103 9.07 45.96 90.87
C THR E 103 9.25 45.85 92.37
N VAL E 104 8.15 45.63 93.09
CA VAL E 104 8.18 45.51 94.54
C VAL E 104 7.71 44.10 94.88
N PHE E 105 8.63 43.28 95.38
CA PHE E 105 8.30 41.95 95.87
C PHE E 105 7.74 42.02 97.29
N ALA E 106 7.25 40.89 97.78
CA ALA E 106 6.65 40.82 99.09
C ALA E 106 7.72 40.57 100.15
N GLU E 107 7.29 40.63 101.42
CA GLU E 107 8.21 40.37 102.52
C GLU E 107 8.49 38.89 102.68
N HIS E 108 7.45 38.08 102.82
CA HIS E 108 7.57 36.65 103.06
C HIS E 108 7.38 35.91 101.74
N ILE E 109 8.48 35.53 101.12
CA ILE E 109 8.47 34.80 99.84
C ILE E 109 8.70 33.33 100.13
N SER E 110 7.84 32.48 99.58
CA SER E 110 7.91 31.05 99.86
C SER E 110 9.09 30.41 99.14
N ASP E 111 9.46 29.21 99.61
CA ASP E 111 10.60 28.50 99.06
C ASP E 111 10.33 28.01 97.64
N GLU E 112 9.07 27.74 97.31
CA GLU E 112 8.73 27.36 95.94
C GLU E 112 8.95 28.52 94.98
N CYS E 113 8.67 29.75 95.43
CA CYS E 113 9.00 30.92 94.62
C CYS E 113 10.49 31.18 94.60
N LYS E 114 11.19 30.84 95.69
CA LYS E 114 12.64 31.04 95.74
C LYS E 114 13.39 30.02 94.88
N ARG E 115 12.79 28.87 94.58
CA ARG E 115 13.43 27.88 93.70
C ARG E 115 13.58 28.39 92.28
N ARG E 116 12.71 29.31 91.85
CA ARG E 116 12.77 29.81 90.49
C ARG E 116 14.00 30.66 90.25
N PHE E 117 14.48 31.37 91.27
CA PHE E 117 15.64 32.24 91.15
C PHE E 117 16.96 31.48 91.12
N TYR E 118 16.95 30.16 91.28
CA TYR E 118 18.17 29.36 91.29
C TYR E 118 18.09 28.27 90.23
N LYS E 119 19.22 28.03 89.56
CA LYS E 119 19.36 26.90 88.66
C LYS E 119 19.77 25.62 89.37
N ASN E 120 20.30 25.72 90.60
CA ASN E 120 20.71 24.55 91.37
C ASN E 120 20.36 24.83 92.83
N TRP E 121 19.20 24.33 93.26
CA TRP E 121 18.72 24.55 94.63
C TRP E 121 19.52 23.76 95.65
N HIS E 122 20.17 22.67 95.25
CA HIS E 122 20.93 21.85 96.19
C HIS E 122 22.22 22.55 96.61
N LYS E 123 23.06 22.93 95.64
CA LYS E 123 24.33 23.55 95.94
C LYS E 123 24.21 25.03 96.35
N SER E 124 23.03 25.61 96.25
CA SER E 124 22.83 26.99 96.66
C SER E 124 22.83 27.12 98.18
N LYS E 125 23.02 28.34 98.66
CA LYS E 125 22.99 28.63 100.08
C LYS E 125 21.71 29.31 100.51
N LYS E 126 20.73 29.43 99.61
CA LYS E 126 19.38 29.95 99.87
C LYS E 126 19.44 31.39 100.40
N LYS E 127 20.18 32.24 99.69
CA LYS E 127 20.45 33.59 100.17
C LYS E 127 19.63 34.66 99.45
N ALA E 128 18.62 34.27 98.68
CA ALA E 128 17.83 35.24 97.93
C ALA E 128 16.91 36.03 98.86
N PHE E 129 16.79 37.33 98.58
CA PHE E 129 15.92 38.29 99.27
C PHE E 129 16.22 38.44 100.76
N THR E 130 17.43 38.08 101.20
CA THR E 130 17.75 38.16 102.61
C THR E 130 18.00 39.58 103.08
N LYS E 131 18.54 40.44 102.22
CA LYS E 131 18.67 41.86 102.54
C LYS E 131 17.50 42.67 102.00
N TYR E 132 16.59 42.05 101.25
CA TYR E 132 15.37 42.71 100.81
C TYR E 132 14.22 42.51 101.79
N CYS E 133 14.19 41.38 102.50
CA CYS E 133 13.15 41.16 103.50
C CYS E 133 13.36 42.01 104.74
N LYS E 134 14.56 42.56 104.94
CA LYS E 134 14.84 43.46 106.04
C LYS E 134 14.31 44.87 105.81
N LYS E 135 13.77 45.14 104.61
CA LYS E 135 13.24 46.45 104.27
C LYS E 135 11.76 46.61 104.60
N TRP E 136 11.25 45.85 105.57
CA TRP E 136 9.84 45.89 105.92
C TRP E 136 9.58 46.17 107.39
N GLN E 137 10.42 45.70 108.30
CA GLN E 137 10.18 45.84 109.73
C GLN E 137 10.86 47.08 110.31
N ASP E 138 11.48 47.90 109.48
CA ASP E 138 12.13 49.12 109.93
C ASP E 138 11.36 50.33 109.44
N ASP E 139 11.67 51.50 110.01
CA ASP E 139 10.94 52.71 109.65
C ASP E 139 11.43 53.30 108.34
N ALA E 140 12.75 53.37 108.14
CA ALA E 140 13.30 54.00 106.95
C ALA E 140 13.08 53.14 105.71
N GLY E 141 13.18 51.82 105.86
CA GLY E 141 12.94 50.93 104.73
C GLY E 141 11.49 50.92 104.29
N LYS E 142 10.56 50.87 105.25
CA LYS E 142 9.14 50.96 104.92
C LYS E 142 8.77 52.33 104.39
N ARG E 143 9.47 53.38 104.83
CA ARG E 143 9.23 54.71 104.27
C ARG E 143 9.70 54.80 102.83
N GLN E 144 10.85 54.21 102.51
CA GLN E 144 11.35 54.22 101.14
C GLN E 144 10.48 53.36 100.23
N LEU E 145 9.99 52.23 100.74
CA LEU E 145 9.08 51.40 99.96
C LEU E 145 7.73 52.07 99.76
N ASP E 146 7.24 52.81 100.76
CA ASP E 146 5.98 53.54 100.59
C ASP E 146 6.15 54.70 99.62
N LYS E 147 7.33 55.33 99.61
CA LYS E 147 7.63 56.33 98.59
C LYS E 147 7.70 55.72 97.20
N ASP E 148 8.18 54.48 97.10
CA ASP E 148 8.20 53.79 95.81
C ASP E 148 6.78 53.44 95.36
N PHE E 149 5.92 53.00 96.29
CA PHE E 149 4.50 52.80 95.96
C PHE E 149 3.82 54.09 95.52
N SER E 150 4.16 55.21 96.16
CA SER E 150 3.58 56.49 95.76
C SER E 150 4.08 56.94 94.39
N SER E 151 5.35 56.68 94.09
CA SER E 151 5.88 56.99 92.76
C SER E 151 5.24 56.13 91.68
N MET E 152 4.97 54.86 92.00
CA MET E 152 4.26 54.00 91.07
C MET E 152 2.82 54.46 90.86
N LYS E 153 2.15 54.88 91.94
CA LYS E 153 0.78 55.38 91.85
C LYS E 153 0.71 56.67 91.05
N LYS E 154 1.75 57.50 91.12
CA LYS E 154 1.77 58.73 90.34
C LYS E 154 2.08 58.49 88.87
N TYR E 155 3.12 57.68 88.58
CA TYR E 155 3.69 57.66 87.23
C TYR E 155 3.35 56.44 86.40
N CYS E 156 2.90 55.34 87.00
CA CYS E 156 2.65 54.12 86.25
C CYS E 156 1.26 54.14 85.63
N GLN E 157 1.16 53.56 84.44
CA GLN E 157 -0.11 53.47 83.72
C GLN E 157 -0.65 52.05 83.64
N VAL E 158 0.22 51.05 83.62
CA VAL E 158 -0.17 49.64 83.54
C VAL E 158 0.41 48.91 84.74
N ILE E 159 -0.44 48.23 85.49
CA ILE E 159 -0.03 47.51 86.69
C ILE E 159 -0.23 46.01 86.46
N ARG E 160 0.86 45.25 86.58
CA ARG E 160 0.80 43.81 86.59
C ARG E 160 1.19 43.31 87.97
N VAL E 161 0.73 42.10 88.29
CA VAL E 161 0.93 41.51 89.60
C VAL E 161 1.74 40.23 89.42
N LEU E 162 2.61 39.96 90.39
CA LEU E 162 3.48 38.78 90.38
C LEU E 162 2.84 37.68 91.21
N ALA E 163 2.46 36.59 90.55
CA ALA E 163 1.84 35.46 91.22
C ALA E 163 2.54 34.17 90.80
N HIS E 164 2.74 33.28 91.77
CA HIS E 164 3.37 32.00 91.48
C HIS E 164 2.46 30.86 91.90
N THR E 165 2.66 29.72 91.24
CA THR E 165 1.85 28.54 91.52
C THR E 165 2.30 27.88 92.83
N GLN E 166 1.47 26.96 93.32
CA GLN E 166 1.75 26.19 94.53
C GLN E 166 2.08 24.76 94.11
N MET E 167 3.34 24.37 94.28
CA MET E 167 3.77 23.03 93.89
C MET E 167 3.66 22.02 95.02
N ARG E 168 3.26 22.45 96.22
CA ARG E 168 3.08 21.52 97.33
C ARG E 168 1.85 20.64 97.12
N LEU E 169 0.76 21.23 96.63
CA LEU E 169 -0.51 20.55 96.47
C LEU E 169 -0.69 19.89 95.10
N LEU E 170 0.40 19.58 94.41
CA LEU E 170 0.33 19.01 93.08
C LEU E 170 1.07 17.67 93.02
N PRO E 171 0.60 16.72 92.22
CA PRO E 171 1.28 15.42 92.12
C PRO E 171 2.48 15.39 91.19
N LEU E 172 2.96 16.54 90.71
CA LEU E 172 4.10 16.57 89.81
C LEU E 172 5.39 16.28 90.54
N ARG E 173 6.43 15.97 89.77
CA ARG E 173 7.74 15.67 90.34
C ARG E 173 8.47 16.95 90.75
N GLN E 174 8.34 18.01 89.96
CA GLN E 174 9.11 19.22 90.22
C GLN E 174 8.53 20.02 91.38
N LYS E 175 9.38 20.82 92.00
CA LYS E 175 9.00 21.69 93.08
C LYS E 175 9.23 23.17 92.77
N LYS E 176 9.89 23.48 91.66
CA LYS E 176 10.16 24.86 91.26
C LYS E 176 8.88 25.49 90.73
N ALA E 177 8.36 26.48 91.45
CA ALA E 177 7.09 27.08 91.08
C ALA E 177 7.24 28.04 89.92
N HIS E 178 6.19 28.15 89.12
CA HIS E 178 6.14 29.07 88.00
C HIS E 178 5.61 30.42 88.47
N LEU E 179 6.34 31.49 88.16
CA LEU E 179 5.95 32.86 88.41
C LEU E 179 5.38 33.47 87.13
N MET E 180 4.53 34.49 87.31
CA MET E 180 3.83 35.07 86.19
C MET E 180 3.37 36.48 86.52
N GLU E 181 3.54 37.39 85.56
CA GLU E 181 2.86 38.68 85.60
C GLU E 181 1.45 38.55 85.04
N ILE E 182 0.48 39.10 85.77
CA ILE E 182 -0.91 39.15 85.34
C ILE E 182 -1.36 40.60 85.42
N GLN E 183 -1.75 41.16 84.29
CA GLN E 183 -2.16 42.57 84.27
C GLN E 183 -3.51 42.75 84.93
N VAL E 184 -3.56 43.61 85.94
CA VAL E 184 -4.80 43.91 86.64
C VAL E 184 -5.51 45.00 85.85
N ASN E 185 -6.63 44.64 85.22
CA ASN E 185 -7.45 45.60 84.49
C ASN E 185 -8.70 45.93 85.29
N GLY E 186 -8.99 47.22 85.40
CA GLY E 186 -10.09 47.67 86.24
C GLY E 186 -10.22 49.18 86.28
N GLY E 187 -10.34 49.74 87.47
CA GLY E 187 -10.58 51.17 87.62
C GLY E 187 -9.32 52.02 87.48
N THR E 188 -9.18 53.01 88.35
CA THR E 188 -8.04 53.91 88.25
C THR E 188 -6.78 53.24 88.78
N VAL E 189 -5.64 53.92 88.56
CA VAL E 189 -4.34 53.37 88.93
C VAL E 189 -4.18 53.34 90.44
N ALA E 190 -4.73 54.33 91.15
CA ALA E 190 -4.62 54.38 92.60
C ALA E 190 -5.41 53.26 93.27
N GLU E 191 -6.66 53.08 92.86
CA GLU E 191 -7.48 51.99 93.40
C GLU E 191 -6.94 50.63 92.97
N LYS E 192 -6.38 50.55 91.77
CA LYS E 192 -5.76 49.33 91.27
C LYS E 192 -4.56 48.93 92.12
N LEU E 193 -3.69 49.90 92.42
CA LEU E 193 -2.50 49.61 93.22
C LEU E 193 -2.85 49.36 94.68
N ASP E 194 -3.90 50.01 95.19
CA ASP E 194 -4.35 49.72 96.56
C ASP E 194 -4.94 48.32 96.66
N TRP E 195 -5.69 47.89 95.65
CA TRP E 195 -6.22 46.53 95.64
C TRP E 195 -5.11 45.50 95.50
N ALA E 196 -4.08 45.81 94.71
CA ALA E 196 -2.94 44.90 94.58
C ALA E 196 -2.12 44.83 95.85
N ARG E 197 -1.99 45.96 96.56
CA ARG E 197 -1.34 45.96 97.87
C ARG E 197 -2.14 45.16 98.90
N GLU E 198 -3.47 45.23 98.81
CA GLU E 198 -4.31 44.41 99.68
C GLU E 198 -4.18 42.92 99.35
N ARG E 199 -4.12 42.58 98.06
CA ARG E 199 -3.96 41.19 97.65
C ARG E 199 -2.52 40.70 97.68
N LEU E 200 -1.58 41.54 98.10
CA LEU E 200 -0.21 41.08 98.30
C LEU E 200 -0.14 40.11 99.47
N GLU E 201 0.75 39.10 99.32
CA GLU E 201 0.93 38.00 100.29
C GLU E 201 -0.36 37.23 100.53
N GLN E 202 -1.16 37.06 99.48
CA GLN E 202 -2.47 36.44 99.61
C GLN E 202 -2.65 35.33 98.57
N GLN E 203 -3.73 34.59 98.76
CA GLN E 203 -4.14 33.52 97.86
C GLN E 203 -5.12 34.05 96.83
N VAL E 204 -4.93 33.66 95.58
CA VAL E 204 -5.89 33.99 94.53
C VAL E 204 -6.45 32.69 93.99
N PRO E 205 -7.74 32.41 94.23
CA PRO E 205 -8.36 31.21 93.67
C PRO E 205 -8.78 31.41 92.22
N VAL E 206 -9.50 30.43 91.66
CA VAL E 206 -9.85 30.49 90.25
C VAL E 206 -11.11 31.32 90.04
N SER E 207 -12.06 31.21 90.97
CA SER E 207 -13.35 31.88 90.83
C SER E 207 -13.25 33.41 90.94
N GLN E 208 -12.14 33.92 91.48
CA GLN E 208 -11.92 35.37 91.46
C GLN E 208 -11.39 35.85 90.12
N VAL E 209 -11.01 34.93 89.22
CA VAL E 209 -10.44 35.30 87.93
C VAL E 209 -11.42 34.95 86.82
N PHE E 210 -11.87 33.70 86.78
CA PHE E 210 -12.79 33.23 85.76
C PHE E 210 -14.10 32.79 86.39
N GLY E 211 -15.12 32.68 85.56
CA GLY E 211 -16.43 32.26 86.01
C GLY E 211 -17.03 31.15 85.18
N GLN E 212 -18.34 30.97 85.29
CA GLN E 212 -19.04 29.96 84.52
C GLN E 212 -19.14 30.40 83.05
N ASP E 213 -19.25 29.38 82.18
CA ASP E 213 -19.53 29.43 80.72
C ASP E 213 -18.87 30.61 79.99
N GLU E 214 -17.58 30.79 80.26
CA GLU E 214 -16.80 31.88 79.70
C GLU E 214 -15.94 31.38 78.54
N MET E 215 -15.85 32.21 77.50
CA MET E 215 -14.99 31.93 76.35
C MET E 215 -13.62 32.55 76.62
N ILE E 216 -12.61 31.72 76.79
CA ILE E 216 -11.28 32.20 77.18
C ILE E 216 -10.25 31.78 76.15
N ASP E 217 -8.98 32.13 76.41
CA ASP E 217 -7.87 31.87 75.51
C ASP E 217 -6.88 30.93 76.20
N VAL E 218 -6.29 30.02 75.44
CA VAL E 218 -5.35 29.04 75.95
C VAL E 218 -3.98 29.35 75.38
N ILE E 219 -2.99 29.52 76.25
CA ILE E 219 -1.63 29.85 75.85
C ILE E 219 -0.71 28.75 76.38
N GLY E 220 0.09 28.16 75.49
CA GLY E 220 0.96 27.09 75.94
C GLY E 220 1.90 26.65 74.85
N VAL E 221 2.86 25.83 75.24
CA VAL E 221 3.85 25.30 74.32
C VAL E 221 3.39 23.93 73.84
N THR E 222 3.54 23.69 72.54
CA THR E 222 3.17 22.43 71.90
C THR E 222 3.96 21.26 72.50
N LYS E 223 3.32 20.09 72.56
CA LYS E 223 4.02 18.84 72.79
C LYS E 223 5.11 18.65 71.74
N GLY E 224 6.35 18.49 72.20
CA GLY E 224 7.47 18.40 71.29
C GLY E 224 7.53 17.05 70.59
N LYS E 225 7.91 17.07 69.32
CA LYS E 225 7.95 15.87 68.50
C LYS E 225 9.31 15.60 67.87
N GLY E 226 10.25 16.53 67.99
CA GLY E 226 11.59 16.29 67.50
C GLY E 226 11.80 16.75 66.07
N TYR E 227 12.98 16.41 65.56
CA TYR E 227 13.39 16.76 64.20
C TYR E 227 12.64 15.89 63.22
N LYS E 228 11.50 16.36 62.73
CA LYS E 228 10.68 15.58 61.82
C LYS E 228 10.91 15.98 60.37
N GLY E 229 10.47 15.09 59.48
CA GLY E 229 10.60 15.32 58.05
C GLY E 229 9.60 16.33 57.56
N VAL E 230 9.72 16.66 56.27
CA VAL E 230 8.85 17.67 55.70
C VAL E 230 7.44 17.09 55.45
N THR E 231 7.34 15.77 55.28
CA THR E 231 6.02 15.14 55.12
C THR E 231 5.24 15.16 56.42
N SER E 232 5.90 14.87 57.55
CA SER E 232 5.23 14.96 58.83
C SER E 232 5.09 16.40 59.30
N ARG E 233 5.94 17.30 58.81
CA ARG E 233 5.99 18.66 59.33
C ARG E 233 5.01 19.57 58.61
N TRP E 234 5.12 19.67 57.29
CA TRP E 234 4.31 20.59 56.50
C TRP E 234 3.14 19.90 55.81
N HIS E 235 2.99 18.59 55.98
CA HIS E 235 1.92 17.76 55.39
C HIS E 235 1.89 17.88 53.87
N THR E 236 3.07 17.79 53.26
CA THR E 236 3.18 17.86 51.81
C THR E 236 2.82 16.51 51.19
N LYS E 237 2.71 16.51 49.86
CA LYS E 237 2.40 15.29 49.13
C LYS E 237 3.61 14.37 49.07
N LYS E 238 3.39 13.09 49.34
CA LYS E 238 4.46 12.11 49.20
C LYS E 238 4.75 11.85 47.74
N LEU E 239 6.03 11.75 47.41
CA LEU E 239 6.46 11.32 46.10
C LEU E 239 6.11 9.83 45.91
N PRO E 240 5.91 9.37 44.66
CA PRO E 240 5.52 7.96 44.46
C PRO E 240 6.63 6.97 44.79
N ARG E 241 6.32 5.68 44.66
CA ARG E 241 7.23 4.62 45.11
C ARG E 241 8.48 4.55 44.25
N LYS E 242 8.36 4.88 42.96
CA LYS E 242 9.43 4.70 41.98
C LYS E 242 10.59 5.68 42.14
N THR E 243 10.56 6.58 43.12
CA THR E 243 11.64 7.54 43.31
C THR E 243 12.88 6.87 43.85
N HIS E 244 14.04 7.47 43.56
CA HIS E 244 15.33 6.88 43.86
C HIS E 244 15.93 7.42 45.15
N ARG E 245 15.98 8.74 45.31
CA ARG E 245 16.61 9.36 46.46
C ARG E 245 15.69 9.47 47.66
N GLY E 246 14.40 9.22 47.50
CA GLY E 246 13.46 9.32 48.60
C GLY E 246 12.08 9.76 48.16
N LEU E 247 11.07 9.36 48.94
CA LEU E 247 9.68 9.63 48.61
C LEU E 247 8.94 10.37 49.72
N ARG E 248 9.64 10.76 50.79
CA ARG E 248 9.06 11.56 51.87
C ARG E 248 9.71 12.93 51.93
N LYS E 249 9.99 13.50 50.76
CA LYS E 249 10.79 14.70 50.59
C LYS E 249 9.99 15.70 49.75
N VAL E 250 10.50 16.92 49.63
CA VAL E 250 9.97 17.88 48.67
C VAL E 250 10.75 17.72 47.37
N ALA E 251 10.02 17.53 46.26
CA ALA E 251 10.66 17.22 44.99
C ALA E 251 11.35 18.45 44.41
N CYS E 252 10.58 19.48 44.07
CA CYS E 252 11.13 20.72 43.55
C CYS E 252 11.07 21.79 44.62
N ILE E 253 12.22 22.43 44.87
CA ILE E 253 12.23 23.62 45.71
C ILE E 253 11.67 24.82 44.95
N GLY E 254 12.27 25.13 43.80
CA GLY E 254 11.84 26.27 43.04
C GLY E 254 12.55 26.34 41.70
N ALA E 255 12.50 27.53 41.11
CA ALA E 255 13.01 27.77 39.77
C ALA E 255 14.52 28.01 39.80
N TRP E 256 15.07 28.37 38.64
CA TRP E 256 16.49 28.64 38.51
C TRP E 256 16.82 30.05 39.01
N HIS E 257 16.34 31.08 38.27
CA HIS E 257 16.58 32.49 38.54
C HIS E 257 15.57 33.00 39.57
N PRO E 258 16.07 33.84 40.52
CA PRO E 258 15.85 33.56 41.95
C PRO E 258 14.48 33.10 42.38
N ALA E 259 14.49 31.81 42.69
CA ALA E 259 13.60 31.12 43.60
C ALA E 259 14.44 30.16 44.42
N ARG E 260 15.69 30.58 44.69
CA ARG E 260 16.53 29.95 45.70
C ARG E 260 15.78 29.96 47.02
N VAL E 261 15.98 28.89 47.79
CA VAL E 261 15.01 28.43 48.78
C VAL E 261 14.71 29.50 49.82
N ALA E 262 13.43 29.81 49.95
CA ALA E 262 12.97 30.94 50.72
C ALA E 262 12.35 30.46 52.03
N PHE E 263 11.74 31.40 52.74
CA PHE E 263 10.99 31.08 53.94
C PHE E 263 9.70 30.33 53.61
N SER E 264 9.20 30.49 52.39
CA SER E 264 7.96 29.89 51.94
C SER E 264 8.13 28.46 51.44
N VAL E 265 9.35 28.00 51.26
CA VAL E 265 9.62 26.65 50.79
C VAL E 265 9.64 25.72 51.99
N ALA E 266 8.87 24.63 51.91
CA ALA E 266 8.76 23.69 53.01
C ALA E 266 10.03 22.86 53.15
N ARG E 267 10.51 22.69 54.38
CA ARG E 267 11.68 21.87 54.64
C ARG E 267 11.47 21.00 55.87
N ALA E 268 12.45 20.14 56.12
CA ALA E 268 12.44 19.24 57.27
C ALA E 268 13.19 19.87 58.43
N GLY E 269 12.60 19.75 59.62
CA GLY E 269 13.21 20.34 60.80
C GLY E 269 12.42 20.08 62.07
N GLN E 270 12.34 21.07 62.93
CA GLN E 270 11.67 20.93 64.22
C GLN E 270 10.17 20.92 64.04
N LYS E 271 9.52 19.84 64.50
CA LYS E 271 8.08 19.78 64.62
C LYS E 271 7.74 19.68 66.11
N GLY E 272 6.80 20.51 66.55
CA GLY E 272 6.41 20.53 67.94
C GLY E 272 7.30 21.43 68.76
N TYR E 273 6.92 21.54 70.05
CA TYR E 273 7.53 22.43 71.05
C TYR E 273 7.50 23.88 70.56
N HIS E 274 6.34 24.29 70.04
CA HIS E 274 6.12 25.64 69.55
C HIS E 274 5.13 26.36 70.47
N HIS E 275 5.38 27.64 70.69
CA HIS E 275 4.45 28.47 71.43
C HIS E 275 3.19 28.67 70.61
N ARG E 276 2.03 28.47 71.22
CA ARG E 276 0.75 28.62 70.54
C ARG E 276 -0.28 29.25 71.48
N THR E 277 -1.09 30.13 70.90
CA THR E 277 -2.23 30.73 71.58
C THR E 277 -3.47 30.45 70.76
N GLU E 278 -4.44 29.76 71.34
CA GLU E 278 -5.67 29.40 70.66
C GLU E 278 -6.85 30.02 71.42
N ILE E 279 -7.72 30.71 70.70
CA ILE E 279 -8.76 31.50 71.30
C ILE E 279 -10.07 30.72 71.33
N ASN E 280 -11.03 31.23 72.11
CA ASN E 280 -12.42 30.77 72.14
C ASN E 280 -12.55 29.32 72.60
N LYS E 281 -12.13 29.06 73.83
CA LYS E 281 -12.36 27.78 74.50
C LYS E 281 -13.34 28.02 75.64
N LYS E 282 -14.42 27.24 75.67
CA LYS E 282 -15.50 27.45 76.63
C LYS E 282 -15.22 26.70 77.92
N ILE E 283 -15.39 27.38 79.05
CA ILE E 283 -15.25 26.74 80.36
C ILE E 283 -16.59 26.08 80.69
N TYR E 284 -16.60 24.76 80.79
CA TYR E 284 -17.82 24.07 81.21
C TYR E 284 -18.03 24.12 82.72
N LYS E 285 -16.97 23.96 83.51
CA LYS E 285 -17.11 23.93 84.96
C LYS E 285 -15.79 24.31 85.60
N ILE E 286 -15.84 25.17 86.60
CA ILE E 286 -14.72 25.42 87.50
C ILE E 286 -14.97 24.57 88.76
N GLY E 287 -14.19 23.51 88.91
CA GLY E 287 -14.41 22.56 89.97
C GLY E 287 -13.93 23.04 91.32
N GLN E 288 -14.20 22.24 92.34
CA GLN E 288 -13.82 22.52 93.71
C GLN E 288 -12.97 21.37 94.22
N GLY E 289 -11.91 21.70 94.95
CA GLY E 289 -10.95 20.71 95.40
C GLY E 289 -11.44 19.91 96.60
N TYR E 290 -10.54 19.06 97.08
CA TYR E 290 -10.84 18.23 98.25
C TYR E 290 -10.80 19.08 99.50
N LEU E 291 -11.96 19.26 100.14
CA LEU E 291 -12.05 19.99 101.39
C LEU E 291 -12.64 19.10 102.46
N ILE E 292 -12.32 19.39 103.71
CA ILE E 292 -12.67 18.54 104.85
C ILE E 292 -13.49 19.36 105.83
N LYS E 293 -14.68 18.86 106.16
CA LYS E 293 -15.44 19.35 107.30
C LYS E 293 -15.56 18.31 108.41
N ASP E 294 -15.84 17.05 108.06
CA ASP E 294 -15.63 15.91 108.93
C ASP E 294 -14.65 14.91 108.35
N GLY E 295 -14.88 14.50 107.10
CA GLY E 295 -13.96 13.66 106.36
C GLY E 295 -13.72 14.25 104.98
N LYS E 296 -13.27 13.44 104.04
CA LYS E 296 -13.02 13.90 102.68
C LYS E 296 -14.33 14.11 101.94
N LEU E 297 -14.38 15.17 101.14
CA LEU E 297 -15.53 15.48 100.30
C LEU E 297 -15.13 15.23 98.85
N ILE E 298 -15.31 13.99 98.41
CA ILE E 298 -14.96 13.58 97.05
C ILE E 298 -16.10 13.82 96.08
N LYS E 299 -17.29 14.16 96.57
CA LYS E 299 -18.48 14.19 95.74
C LYS E 299 -18.56 15.44 94.87
N ASN E 300 -18.07 16.57 95.35
CA ASN E 300 -18.33 17.86 94.71
C ASN E 300 -17.55 18.09 93.42
N ASN E 301 -16.74 17.13 92.96
CA ASN E 301 -16.01 17.32 91.71
C ASN E 301 -16.85 16.94 90.50
N ALA E 302 -17.29 15.69 90.43
CA ALA E 302 -17.91 15.16 89.22
C ALA E 302 -19.40 14.86 89.36
N SER E 303 -19.97 15.00 90.55
CA SER E 303 -21.39 14.74 90.72
C SER E 303 -22.19 15.97 90.28
N THR E 304 -23.07 15.78 89.31
CA THR E 304 -23.92 16.85 88.82
C THR E 304 -25.29 16.76 89.50
N ASP E 305 -26.22 17.61 89.09
CA ASP E 305 -27.58 17.53 89.58
C ASP E 305 -28.42 16.47 88.87
N TYR E 306 -27.87 15.82 87.84
CA TYR E 306 -28.52 14.70 87.18
C TYR E 306 -27.90 13.36 87.51
N ASP E 307 -26.62 13.34 87.94
CA ASP E 307 -25.93 12.11 88.25
C ASP E 307 -26.13 11.71 89.71
N LEU E 308 -25.95 12.67 90.63
CA LEU E 308 -26.06 12.52 92.09
C LEU E 308 -25.28 11.32 92.63
N SER E 309 -24.10 11.10 92.08
CA SER E 309 -23.21 10.04 92.51
C SER E 309 -22.20 10.58 93.52
N ASP E 310 -21.19 9.78 93.84
CA ASP E 310 -20.11 10.17 94.72
C ASP E 310 -18.76 10.09 94.02
N LYS E 311 -18.72 10.56 92.78
CA LYS E 311 -17.52 10.45 91.94
C LYS E 311 -16.76 11.77 91.91
N SER E 312 -15.45 11.66 91.77
CA SER E 312 -14.59 12.79 91.43
C SER E 312 -14.11 12.62 90.00
N ILE E 313 -13.51 13.69 89.46
CA ILE E 313 -13.03 13.68 88.08
C ILE E 313 -11.78 12.83 87.90
N ASN E 314 -11.16 12.37 88.98
CA ASN E 314 -10.05 11.45 88.87
C ASN E 314 -10.54 10.11 88.34
N PRO E 315 -9.97 9.61 87.25
CA PRO E 315 -10.42 8.32 86.69
C PRO E 315 -10.04 7.13 87.56
N LEU E 316 -10.49 5.94 87.17
CA LEU E 316 -10.07 4.72 87.84
C LEU E 316 -8.60 4.46 87.55
N GLY E 317 -7.77 4.53 88.59
CA GLY E 317 -6.34 4.50 88.42
C GLY E 317 -5.70 5.85 88.18
N GLY E 318 -6.45 6.94 88.36
CA GLY E 318 -5.90 8.27 88.18
C GLY E 318 -5.72 8.64 86.72
N PHE E 319 -5.28 9.87 86.52
CA PHE E 319 -4.99 10.35 85.17
C PHE E 319 -3.70 9.70 84.66
N VAL E 320 -3.70 9.35 83.38
CA VAL E 320 -2.58 8.64 82.78
C VAL E 320 -1.44 9.62 82.54
N HIS E 321 -0.25 9.27 83.06
CA HIS E 321 0.99 10.05 82.99
C HIS E 321 0.90 11.43 83.65
N TYR E 322 -0.10 11.68 84.49
CA TYR E 322 -0.15 12.96 85.20
C TYR E 322 -0.10 12.80 86.72
N GLY E 323 -1.01 12.05 87.31
CA GLY E 323 -1.14 12.00 88.74
C GLY E 323 -2.60 11.94 89.13
N GLU E 324 -2.90 12.48 90.31
CA GLU E 324 -4.26 12.51 90.85
C GLU E 324 -4.59 13.94 91.24
N VAL E 325 -5.70 14.46 90.72
CA VAL E 325 -6.11 15.84 90.97
C VAL E 325 -6.79 15.90 92.33
N THR E 326 -6.16 16.60 93.28
CA THR E 326 -6.74 16.82 94.59
C THR E 326 -7.13 18.28 94.81
N ASN E 327 -6.86 19.15 93.84
CA ASN E 327 -7.15 20.58 93.95
C ASN E 327 -8.34 20.94 93.07
N ASP E 328 -8.76 22.19 93.20
CA ASP E 328 -9.81 22.73 92.33
C ASP E 328 -9.28 22.88 90.90
N PHE E 329 -10.18 22.71 89.94
CA PHE E 329 -9.81 22.52 88.56
C PHE E 329 -10.75 23.30 87.67
N VAL E 330 -10.37 23.43 86.39
CA VAL E 330 -11.25 23.93 85.36
C VAL E 330 -11.35 22.85 84.28
N MET E 331 -12.41 22.96 83.47
CA MET E 331 -12.73 21.96 82.48
C MET E 331 -13.19 22.66 81.21
N LEU E 332 -12.38 22.58 80.16
CA LEU E 332 -12.56 23.37 78.96
C LEU E 332 -13.02 22.51 77.80
N LYS E 333 -13.99 23.01 77.04
CA LYS E 333 -14.48 22.30 75.88
C LYS E 333 -13.44 22.30 74.77
N GLY E 334 -13.15 21.12 74.25
CA GLY E 334 -12.14 20.97 73.22
C GLY E 334 -10.88 20.31 73.71
N CYS E 335 -9.80 20.55 72.98
CA CYS E 335 -8.47 20.12 73.36
C CYS E 335 -7.54 21.30 73.39
N VAL E 336 -6.69 21.34 74.41
CA VAL E 336 -5.75 22.43 74.60
C VAL E 336 -4.37 21.97 74.14
N VAL E 337 -3.48 22.92 73.95
CA VAL E 337 -2.14 22.64 73.43
C VAL E 337 -1.25 22.17 74.57
N GLY E 338 -0.33 21.26 74.26
CA GLY E 338 0.59 20.75 75.25
C GLY E 338 0.26 19.31 75.64
N THR E 339 1.26 18.64 76.21
CA THR E 339 1.14 17.27 76.68
C THR E 339 0.66 17.24 78.12
N LYS E 340 0.75 16.08 78.77
CA LYS E 340 0.43 15.98 80.18
C LYS E 340 1.51 16.69 81.00
N LYS E 341 1.13 17.08 82.23
CA LYS E 341 1.94 17.83 83.19
C LYS E 341 2.43 19.18 82.65
N ARG E 342 1.75 19.75 81.67
CA ARG E 342 2.22 20.96 81.01
C ARG E 342 1.63 22.20 81.66
N VAL E 343 2.50 23.18 81.92
CA VAL E 343 2.07 24.49 82.40
C VAL E 343 1.27 25.19 81.30
N LEU E 344 0.21 25.89 81.68
CA LEU E 344 -0.76 26.36 80.71
C LEU E 344 -1.40 27.64 81.22
N THR E 345 -1.43 28.66 80.37
CA THR E 345 -1.98 29.96 80.73
C THR E 345 -3.41 30.10 80.24
N LEU E 346 -4.31 30.45 81.15
CA LEU E 346 -5.70 30.74 80.83
C LEU E 346 -5.87 32.26 80.83
N ARG E 347 -6.28 32.83 79.70
CA ARG E 347 -6.36 34.27 79.54
C ARG E 347 -7.80 34.66 79.25
N LYS E 348 -8.22 35.83 79.75
CA LYS E 348 -9.53 36.35 79.38
C LYS E 348 -9.53 36.77 77.92
N SER E 349 -10.73 36.82 77.34
CA SER E 349 -10.87 37.03 75.90
C SER E 349 -10.56 38.47 75.51
N LEU E 350 -9.89 38.62 74.37
CA LEU E 350 -9.59 39.92 73.80
C LEU E 350 -10.75 40.48 73.00
N LEU E 351 -11.67 39.63 72.54
CA LEU E 351 -12.78 40.03 71.69
C LEU E 351 -14.06 40.01 72.51
N VAL E 352 -14.97 40.91 72.17
CA VAL E 352 -16.27 41.00 72.85
C VAL E 352 -17.12 39.82 72.40
N GLN E 353 -17.22 38.80 73.26
CA GLN E 353 -17.90 37.56 72.93
C GLN E 353 -19.41 37.79 72.97
N THR E 354 -19.95 38.24 71.84
CA THR E 354 -21.40 38.41 71.68
C THR E 354 -21.82 37.53 70.51
N LYS E 355 -22.02 36.25 70.81
CA LYS E 355 -22.51 35.26 69.87
C LYS E 355 -23.41 34.30 70.64
N ARG E 356 -24.24 33.56 69.91
CA ARG E 356 -25.07 32.55 70.58
C ARG E 356 -24.23 31.36 71.01
N ARG E 357 -23.31 30.93 70.14
CA ARG E 357 -22.38 29.84 70.45
C ARG E 357 -21.43 30.21 71.57
N ALA E 358 -21.12 31.49 71.74
CA ALA E 358 -20.25 31.96 72.81
C ALA E 358 -21.00 32.20 74.11
N LEU E 359 -22.25 32.66 74.04
CA LEU E 359 -23.02 33.00 75.23
C LEU E 359 -24.02 31.92 75.61
N GLU E 360 -23.95 30.74 75.00
CA GLU E 360 -24.82 29.64 75.38
C GLU E 360 -24.45 29.09 76.75
N LYS E 361 -25.43 28.99 77.64
CA LYS E 361 -25.20 28.42 78.96
C LYS E 361 -25.03 26.91 78.87
N ILE E 362 -24.33 26.35 79.86
CA ILE E 362 -23.99 24.94 79.89
C ILE E 362 -24.54 24.32 81.17
N ASP E 363 -25.31 23.26 81.01
CA ASP E 363 -25.81 22.46 82.13
C ASP E 363 -25.32 21.03 81.95
N LEU E 364 -24.47 20.59 82.88
CA LEU E 364 -23.86 19.27 82.77
C LEU E 364 -24.87 18.19 83.16
N LYS E 365 -24.70 17.01 82.57
CA LYS E 365 -25.61 15.91 82.87
C LYS E 365 -24.88 14.64 83.29
N PHE E 366 -23.73 14.33 82.69
CA PHE E 366 -23.00 13.11 83.02
C PHE E 366 -21.52 13.34 82.74
N ILE E 367 -20.69 13.20 83.77
CA ILE E 367 -19.25 13.35 83.65
C ILE E 367 -18.63 11.96 83.67
N ASP E 368 -18.03 11.57 82.53
CA ASP E 368 -17.52 10.22 82.36
C ASP E 368 -16.15 10.13 83.02
N THR E 369 -16.07 9.39 84.13
CA THR E 369 -14.85 9.23 84.89
C THR E 369 -14.36 7.78 84.87
N THR E 370 -14.47 7.14 83.71
CA THR E 370 -14.00 5.77 83.56
C THR E 370 -12.48 5.72 83.45
N SER E 371 -11.95 4.50 83.48
CA SER E 371 -10.50 4.31 83.41
C SER E 371 -9.97 4.64 82.03
N LYS E 372 -9.08 5.61 81.94
CA LYS E 372 -8.47 6.01 80.69
C LYS E 372 -7.20 5.22 80.37
N PHE E 373 -6.83 4.29 81.24
CA PHE E 373 -5.63 3.47 81.06
C PHE E 373 -5.96 2.18 80.32
N GLY E 374 -6.62 2.32 79.17
CA GLY E 374 -7.13 1.22 78.39
C GLY E 374 -8.60 1.42 78.11
N HIS E 375 -9.27 0.35 77.71
CA HIS E 375 -10.70 0.40 77.43
C HIS E 375 -11.44 0.25 78.75
N GLY E 376 -11.65 1.35 79.44
CA GLY E 376 -12.38 1.32 80.69
C GLY E 376 -13.86 1.10 80.48
N ARG E 377 -14.48 0.40 81.41
CA ARG E 377 -15.89 0.05 81.29
C ARG E 377 -16.66 0.22 82.59
N PHE E 378 -16.05 0.78 83.63
CA PHE E 378 -16.73 1.07 84.88
C PHE E 378 -16.47 2.51 85.27
N GLN E 379 -17.44 3.11 85.96
CA GLN E 379 -17.30 4.51 86.37
C GLN E 379 -16.58 4.67 87.70
N THR E 380 -16.83 3.79 88.67
CA THR E 380 -16.23 3.95 89.98
C THR E 380 -15.99 2.58 90.61
N VAL E 381 -15.31 2.62 91.76
CA VAL E 381 -14.82 1.40 92.42
C VAL E 381 -15.99 0.61 92.99
N GLU E 382 -16.96 1.28 93.61
CA GLU E 382 -18.09 0.57 94.21
C GLU E 382 -19.01 -0.02 93.15
N GLU E 383 -19.16 0.66 92.01
CA GLU E 383 -19.94 0.11 90.90
C GLU E 383 -19.24 -1.10 90.29
N LYS E 384 -17.91 -1.03 90.16
CA LYS E 384 -17.16 -2.16 89.63
C LYS E 384 -17.23 -3.37 90.58
N LYS E 385 -17.09 -3.14 91.89
CA LYS E 385 -17.17 -4.24 92.84
C LYS E 385 -18.59 -4.80 92.94
N ALA E 386 -19.61 -3.96 92.82
CA ALA E 386 -20.98 -4.45 92.85
C ALA E 386 -21.34 -5.22 91.57
N PHE E 387 -20.67 -4.92 90.45
CA PHE E 387 -20.94 -5.71 89.25
C PHE E 387 -20.13 -7.00 89.24
N MET E 388 -18.84 -6.94 89.59
CA MET E 388 -17.98 -8.11 89.52
C MET E 388 -18.31 -9.12 90.61
N GLY E 389 -18.60 -8.64 91.81
CA GLY E 389 -18.86 -9.51 92.93
C GLY E 389 -17.60 -9.78 93.74
N PRO E 390 -17.61 -10.81 94.57
CA PRO E 390 -16.41 -11.17 95.31
C PRO E 390 -15.36 -11.84 94.42
N LEU E 391 -14.14 -11.34 94.50
CA LEU E 391 -13.02 -11.88 93.74
C LEU E 391 -12.25 -12.87 94.61
N LYS E 392 -11.13 -13.35 94.08
CA LYS E 392 -10.27 -14.23 94.86
C LYS E 392 -9.50 -13.46 95.93
N LYS E 393 -9.18 -12.20 95.66
CA LYS E 393 -8.39 -11.37 96.58
C LYS E 393 -9.27 -10.66 97.62
N ASP E 394 -10.13 -11.43 98.28
CA ASP E 394 -11.02 -10.88 99.30
C ASP E 394 -10.96 -11.70 100.59
N ALA F 1 109.52 53.39 3.32
CA ALA F 1 110.37 52.87 4.39
C ALA F 1 110.37 53.81 5.59
N CYS F 2 110.26 53.24 6.79
CA CYS F 2 110.27 54.00 8.02
C CYS F 2 111.65 53.95 8.67
N ALA F 3 111.78 54.58 9.83
CA ALA F 3 113.05 54.61 10.53
C ALA F 3 113.32 53.28 11.22
N ARG F 4 114.58 52.87 11.20
CA ARG F 4 115.00 51.59 11.78
C ARG F 4 116.18 51.83 12.71
N PRO F 5 116.00 51.75 14.02
CA PRO F 5 117.13 51.94 14.95
C PRO F 5 118.07 50.74 15.00
N LEU F 6 119.03 50.78 15.91
CA LEU F 6 120.11 49.79 15.96
C LEU F 6 120.08 49.11 17.33
N ILE F 7 119.51 47.91 17.40
CA ILE F 7 119.30 47.21 18.66
C ILE F 7 120.58 46.45 19.01
N SER F 8 121.00 46.55 20.26
CA SER F 8 122.20 45.86 20.71
C SER F 8 121.91 44.42 21.08
N VAL F 9 122.97 43.60 21.11
CA VAL F 9 122.87 42.19 21.46
C VAL F 9 123.55 41.99 22.81
N TYR F 10 122.79 41.54 23.80
CA TYR F 10 123.30 41.34 25.15
C TYR F 10 124.01 39.98 25.26
N SER F 11 124.91 39.90 26.23
CA SER F 11 125.65 38.67 26.49
C SER F 11 124.88 37.80 27.48
N GLU F 12 125.53 36.76 28.00
CA GLU F 12 124.90 35.82 28.89
C GLU F 12 124.77 36.32 30.33
N LYS F 13 125.26 37.52 30.62
CA LYS F 13 125.23 38.07 31.97
C LYS F 13 124.82 39.54 31.93
N GLY F 14 123.90 39.89 31.04
CA GLY F 14 123.72 41.28 30.70
C GLY F 14 124.91 41.74 29.90
N GLU F 15 125.38 42.96 30.17
CA GLU F 15 126.68 43.50 29.74
C GLU F 15 126.80 43.49 28.21
N SER F 16 126.00 44.37 27.59
CA SER F 16 125.88 44.48 26.14
C SER F 16 127.21 44.69 25.45
N SER F 17 127.53 43.77 24.54
CA SER F 17 128.81 43.79 23.84
C SER F 17 128.71 44.71 22.62
N GLY F 18 129.72 44.65 21.75
CA GLY F 18 129.79 45.49 20.57
C GLY F 18 129.02 45.00 19.36
N LYS F 19 128.11 44.04 19.52
CA LYS F 19 127.32 43.53 18.42
C LYS F 19 125.98 44.25 18.38
N ASN F 20 125.67 44.83 17.22
CA ASN F 20 124.50 45.68 17.04
C ASN F 20 123.84 45.33 15.73
N VAL F 21 122.56 44.95 15.78
CA VAL F 21 121.80 44.53 14.61
C VAL F 21 120.69 45.56 14.37
N THR F 22 120.50 45.94 13.11
CA THR F 22 119.46 46.90 12.76
C THR F 22 118.08 46.28 12.97
N LEU F 23 117.16 47.07 13.52
CA LEU F 23 115.81 46.60 13.79
C LEU F 23 115.06 46.33 12.48
N PRO F 24 114.38 45.19 12.35
CA PRO F 24 113.62 44.92 11.13
C PRO F 24 112.40 45.81 11.00
N ALA F 25 111.82 45.81 9.81
CA ALA F 25 110.57 46.50 9.54
C ALA F 25 109.35 45.71 10.00
N VAL F 26 109.55 44.47 10.44
CA VAL F 26 108.47 43.68 11.03
C VAL F 26 107.99 44.34 12.31
N PHE F 27 108.91 44.95 13.07
CA PHE F 27 108.56 45.72 14.26
C PHE F 27 107.96 47.08 13.92
N LYS F 28 108.09 47.54 12.68
CA LYS F 28 107.43 48.76 12.23
C LYS F 28 106.20 48.48 11.38
N ALA F 29 105.79 47.22 11.27
CA ALA F 29 104.52 46.87 10.66
C ALA F 29 103.35 47.49 11.43
N PRO F 30 102.25 47.81 10.77
CA PRO F 30 101.14 48.49 11.46
C PRO F 30 100.37 47.58 12.42
N ILE F 31 99.73 48.22 13.40
CA ILE F 31 99.02 47.53 14.47
C ILE F 31 97.52 47.62 14.21
N ARG F 32 96.85 46.46 14.09
CA ARG F 32 95.40 46.42 13.98
C ARG F 32 94.87 45.35 14.91
N PRO F 33 94.49 45.73 16.14
CA PRO F 33 94.00 44.73 17.11
C PRO F 33 92.67 44.10 16.72
N ASP F 34 91.88 44.72 15.85
CA ASP F 34 90.67 44.06 15.35
C ASP F 34 91.03 42.86 14.48
N ILE F 35 92.05 42.99 13.62
CA ILE F 35 92.51 41.86 12.83
C ILE F 35 93.17 40.81 13.72
N VAL F 36 93.95 41.26 14.72
CA VAL F 36 94.59 40.32 15.64
C VAL F 36 93.56 39.53 16.43
N ASN F 37 92.48 40.19 16.87
CA ASN F 37 91.43 39.52 17.62
C ASN F 37 90.62 38.59 16.73
N PHE F 38 90.38 39.01 15.48
CA PHE F 38 89.67 38.17 14.50
C PHE F 38 90.42 36.89 14.21
N VAL F 39 91.71 37.01 13.88
CA VAL F 39 92.54 35.84 13.55
C VAL F 39 92.75 34.97 14.78
N HIS F 40 92.88 35.58 15.97
CA HIS F 40 93.05 34.82 17.19
C HIS F 40 91.81 34.00 17.52
N THR F 41 90.63 34.63 17.53
CA THR F 41 89.41 33.91 17.87
C THR F 41 88.91 33.01 16.76
N ASN F 42 89.48 33.08 15.54
CA ASN F 42 89.15 32.10 14.53
C ASN F 42 90.14 30.95 14.45
N LEU F 43 91.42 31.17 14.78
CA LEU F 43 92.37 30.07 14.85
C LEU F 43 92.32 29.34 16.18
N ARG F 44 91.73 29.97 17.20
CA ARG F 44 91.57 29.33 18.50
C ARG F 44 90.50 28.25 18.48
N LYS F 45 89.58 28.29 17.51
CA LYS F 45 88.54 27.28 17.40
C LYS F 45 89.01 26.00 16.73
N ASN F 46 90.28 25.92 16.30
CA ASN F 46 90.74 24.79 15.49
C ASN F 46 91.31 23.65 16.32
N ASN F 47 91.76 23.91 17.55
CA ASN F 47 92.22 22.85 18.45
C ASN F 47 91.13 22.47 19.44
N ARG F 48 89.89 22.46 18.99
CA ARG F 48 88.71 22.30 19.83
C ARG F 48 88.02 21.00 19.46
N GLN F 49 88.02 20.03 20.40
CA GLN F 49 87.46 18.72 20.14
C GLN F 49 85.93 18.77 20.13
N PRO F 50 85.28 17.95 19.31
CA PRO F 50 83.82 17.97 19.25
C PRO F 50 83.20 17.33 20.49
N TYR F 51 81.99 17.79 20.80
CA TYR F 51 81.15 17.14 21.80
C TYR F 51 79.75 16.96 21.22
N ALA F 52 79.11 15.86 21.59
CA ALA F 52 77.78 15.58 21.07
C ALA F 52 77.01 14.73 22.07
N VAL F 53 75.69 14.80 21.95
CA VAL F 53 74.77 13.94 22.69
C VAL F 53 74.38 12.80 21.75
N SER F 54 74.33 11.58 22.29
CA SER F 54 74.08 10.40 21.48
C SER F 54 72.68 10.40 20.89
N GLU F 55 72.55 9.83 19.69
CA GLU F 55 71.27 9.80 18.98
C GLU F 55 70.26 8.89 19.65
N LEU F 56 70.73 7.89 20.39
CA LEU F 56 69.85 6.97 21.09
C LEU F 56 69.32 7.53 22.40
N ALA F 57 69.88 8.64 22.88
CA ALA F 57 69.48 9.20 24.17
C ALA F 57 68.09 9.81 24.08
N GLY F 58 67.15 9.27 24.86
CA GLY F 58 65.80 9.75 24.88
C GLY F 58 64.81 8.98 24.04
N HIS F 59 65.28 8.23 23.05
CA HIS F 59 64.40 7.49 22.15
C HIS F 59 64.60 5.98 22.27
N GLN F 60 65.26 5.51 23.32
CA GLN F 60 65.29 4.08 23.60
C GLN F 60 63.99 3.60 24.23
N THR F 61 63.15 4.51 24.72
CA THR F 61 61.84 4.16 25.22
C THR F 61 60.87 3.97 24.06
N SER F 62 59.81 3.21 24.33
CA SER F 62 58.71 3.02 23.38
C SER F 62 57.47 3.58 24.06
N ALA F 63 57.26 4.89 23.89
CA ALA F 63 56.23 5.62 24.61
C ALA F 63 55.18 6.12 23.62
N GLU F 64 54.07 5.39 23.51
CA GLU F 64 52.93 5.84 22.73
C GLU F 64 52.05 6.71 23.61
N SER F 65 51.60 7.84 23.05
CA SER F 65 50.91 8.84 23.84
C SER F 65 49.48 8.42 24.15
N TRP F 66 49.08 8.65 25.40
CA TRP F 66 47.66 8.57 25.74
C TRP F 66 46.95 9.75 25.10
N GLY F 67 45.90 9.46 24.35
CA GLY F 67 45.26 10.48 23.55
C GLY F 67 44.31 11.37 24.33
N THR F 68 43.16 11.65 23.74
CA THR F 68 42.13 12.46 24.39
C THR F 68 41.20 11.56 25.20
N GLY F 69 40.53 12.15 26.18
CA GLY F 69 39.59 11.44 27.01
C GLY F 69 40.06 11.15 28.43
N ARG F 70 41.29 11.49 28.80
CA ARG F 70 41.80 11.23 30.13
C ARG F 70 42.37 12.51 30.72
N ALA F 71 42.68 12.48 32.02
CA ALA F 71 43.15 13.67 32.71
C ALA F 71 44.58 14.05 32.35
N VAL F 72 45.34 13.15 31.73
CA VAL F 72 46.69 13.47 31.28
C VAL F 72 46.61 14.41 30.08
N ALA F 73 47.72 15.10 29.81
CA ALA F 73 47.73 16.10 28.74
C ALA F 73 48.77 15.73 27.68
N ARG F 74 48.39 14.80 26.80
CA ARG F 74 48.93 14.64 25.44
C ARG F 74 50.45 14.47 25.39
N ILE F 75 51.00 13.81 26.42
CA ILE F 75 52.43 13.54 26.50
C ILE F 75 52.65 12.08 26.14
N PRO F 76 53.69 11.74 25.34
CA PRO F 76 54.04 10.33 25.14
C PRO F 76 54.49 9.66 26.43
N ARG F 77 53.69 8.72 26.92
CA ARG F 77 53.90 8.09 28.21
C ARG F 77 54.26 6.62 28.04
N VAL F 78 54.91 6.07 29.05
CA VAL F 78 55.44 4.71 28.98
C VAL F 78 54.31 3.70 29.02
N ARG F 79 54.32 2.77 28.07
CA ARG F 79 53.23 1.81 27.93
C ARG F 79 53.29 0.73 29.00
N GLY F 80 52.27 0.69 29.85
CA GLY F 80 52.02 -0.36 30.82
C GLY F 80 53.11 -0.46 31.89
N GLY F 81 53.12 -1.60 32.57
CA GLY F 81 54.12 -1.88 33.58
C GLY F 81 53.70 -1.52 34.98
N GLY F 82 54.23 -2.26 35.96
CA GLY F 82 53.98 -1.99 37.37
C GLY F 82 55.20 -1.32 37.99
N THR F 83 55.75 -0.37 37.24
CA THR F 83 57.01 0.29 37.56
C THR F 83 56.70 1.72 37.98
N HIS F 84 57.67 2.37 38.64
CA HIS F 84 57.59 3.81 38.84
C HIS F 84 57.56 4.55 37.51
N ARG F 85 58.29 4.04 36.51
CA ARG F 85 58.23 4.60 35.16
C ARG F 85 57.19 3.81 34.37
N SER F 86 55.94 4.23 34.53
CA SER F 86 54.81 3.56 33.88
C SER F 86 53.73 4.62 33.68
N GLY F 87 53.56 5.06 32.44
CA GLY F 87 52.66 6.16 32.15
C GLY F 87 53.21 7.46 32.68
N GLN F 88 54.53 7.63 32.57
CA GLN F 88 55.24 8.76 33.16
C GLN F 88 55.38 9.93 32.19
N GLY F 89 56.05 9.72 31.06
CA GLY F 89 56.25 10.80 30.10
C GLY F 89 57.64 10.85 29.53
N ALA F 90 57.74 10.91 28.20
CA ALA F 90 59.03 10.94 27.52
C ALA F 90 58.84 11.67 26.19
N PHE F 91 59.86 11.56 25.33
CA PHE F 91 59.87 12.08 23.95
C PHE F 91 59.67 13.59 23.90
N GLY F 92 60.26 14.32 24.84
CA GLY F 92 60.13 15.76 24.85
C GLY F 92 61.21 16.42 25.67
N ASN F 93 61.48 17.69 25.33
CA ASN F 93 62.45 18.46 26.08
C ASN F 93 61.93 18.89 27.45
N MET F 94 60.62 18.91 27.64
CA MET F 94 60.01 19.34 28.89
C MET F 94 59.87 18.21 29.90
N CYS F 95 60.19 16.98 29.52
CA CYS F 95 59.94 15.81 30.36
C CYS F 95 61.18 15.42 31.16
N ARG F 96 60.95 14.79 32.31
CA ARG F 96 62.05 14.16 33.04
C ARG F 96 62.52 12.95 32.25
N GLY F 97 63.83 12.83 32.08
CA GLY F 97 64.32 11.86 31.12
C GLY F 97 64.06 12.36 29.72
N GLY F 98 64.02 11.43 28.77
CA GLY F 98 63.80 11.84 27.40
C GLY F 98 65.01 12.54 26.82
N ARG F 99 64.78 13.22 25.70
CA ARG F 99 65.81 13.93 24.98
C ARG F 99 65.53 15.42 24.99
N MET F 100 66.57 16.20 24.72
CA MET F 100 66.46 17.64 24.77
C MET F 100 66.11 18.22 23.41
N PHE F 101 65.74 19.49 23.41
CA PHE F 101 65.67 20.25 22.17
C PHE F 101 67.06 20.44 21.59
N ALA F 102 67.16 20.27 20.26
CA ALA F 102 68.39 20.41 19.47
C ALA F 102 69.53 19.55 19.99
N PRO F 103 69.52 18.25 19.77
CA PRO F 103 70.68 17.42 20.13
C PRO F 103 71.93 17.87 19.37
N THR F 104 72.99 18.13 20.12
CA THR F 104 74.24 18.60 19.55
C THR F 104 74.86 17.51 18.69
N LYS F 105 75.35 17.90 17.52
CA LYS F 105 75.82 16.97 16.51
C LYS F 105 77.34 17.07 16.37
N THR F 106 77.92 15.99 15.86
CA THR F 106 79.35 16.00 15.56
C THR F 106 79.66 16.83 14.32
N TRP F 107 78.71 17.01 13.42
CA TRP F 107 78.94 17.73 12.17
C TRP F 107 78.64 19.22 12.28
N ARG F 108 78.76 19.79 13.47
CA ARG F 108 78.79 21.24 13.61
C ARG F 108 80.04 21.79 12.93
N ARG F 109 79.95 23.01 12.42
CA ARG F 109 81.12 23.69 11.83
C ARG F 109 82.01 24.14 12.99
N TRP F 110 82.84 23.21 13.47
CA TRP F 110 83.69 23.50 14.63
C TRP F 110 84.87 24.38 14.27
N HIS F 111 85.46 24.18 13.10
CA HIS F 111 86.75 24.75 12.75
C HIS F 111 86.57 25.95 11.84
N ARG F 112 87.48 26.91 11.96
CA ARG F 112 87.47 28.13 11.15
C ARG F 112 88.80 28.26 10.45
N ARG F 113 88.78 28.45 9.14
CA ARG F 113 89.99 28.77 8.38
C ARG F 113 90.00 30.25 8.01
N VAL F 114 91.16 30.87 8.22
CA VAL F 114 91.35 32.30 7.97
C VAL F 114 92.20 32.41 6.71
N ASN F 115 92.15 33.57 6.05
CA ASN F 115 93.02 33.83 4.93
C ASN F 115 94.48 33.85 5.38
N THR F 116 95.35 33.35 4.50
CA THR F 116 96.78 33.27 4.81
C THR F 116 97.40 34.65 4.96
N THR F 117 96.97 35.60 4.12
CA THR F 117 97.45 36.97 4.23
C THR F 117 96.95 37.64 5.50
N GLN F 118 95.74 37.30 5.96
CA GLN F 118 95.26 37.84 7.23
C GLN F 118 96.00 37.23 8.41
N LYS F 119 96.35 35.94 8.33
CA LYS F 119 97.14 35.33 9.41
C LYS F 119 98.55 35.92 9.47
N ARG F 120 99.15 36.15 8.30
CA ARG F 120 100.47 36.81 8.26
C ARG F 120 100.38 38.25 8.72
N TYR F 121 99.27 38.94 8.43
CA TYR F 121 99.11 40.32 8.89
C TYR F 121 98.97 40.38 10.40
N ALA F 122 98.19 39.46 10.98
CA ALA F 122 98.01 39.43 12.42
C ALA F 122 99.30 39.04 13.13
N ILE F 123 100.09 38.14 12.53
CA ILE F 123 101.32 37.76 13.20
C ILE F 123 102.39 38.84 13.03
N CYS F 124 102.34 39.63 11.95
CA CYS F 124 103.23 40.79 11.84
C CYS F 124 102.84 41.89 12.81
N SER F 125 101.53 42.08 13.06
CA SER F 125 101.10 43.03 14.07
C SER F 125 101.48 42.57 15.47
N ALA F 126 101.43 41.25 15.72
CA ALA F 126 101.85 40.72 17.00
C ALA F 126 103.36 40.87 17.20
N LEU F 127 104.15 40.66 16.15
CA LEU F 127 105.58 40.89 16.26
C LEU F 127 105.91 42.37 16.40
N ALA F 128 105.11 43.25 15.81
CA ALA F 128 105.35 44.68 15.94
C ALA F 128 104.96 45.21 17.31
N ALA F 129 103.93 44.64 17.94
CA ALA F 129 103.57 45.02 19.29
C ALA F 129 104.29 44.19 20.34
N SER F 130 105.13 43.24 19.93
CA SER F 130 106.10 42.66 20.86
C SER F 130 107.15 43.68 21.27
N ALA F 131 107.38 44.72 20.46
CA ALA F 131 108.11 45.92 20.83
C ALA F 131 107.14 46.88 21.52
N LEU F 132 107.52 48.17 21.65
CA LEU F 132 106.67 49.24 22.20
C LEU F 132 106.25 48.97 23.64
N PRO F 133 107.13 49.23 24.62
CA PRO F 133 106.88 48.80 26.01
C PRO F 133 105.61 49.37 26.67
N ALA F 134 104.98 50.38 26.09
CA ALA F 134 103.68 50.81 26.60
C ALA F 134 102.61 49.76 26.30
N LEU F 135 102.78 49.00 25.21
CA LEU F 135 101.88 47.91 24.92
C LEU F 135 102.22 46.65 25.71
N VAL F 136 103.47 46.54 26.17
CA VAL F 136 103.89 45.37 26.95
C VAL F 136 103.48 45.50 28.41
N MET F 137 103.57 46.72 28.98
CA MET F 137 103.14 46.92 30.36
C MET F 137 101.63 46.87 30.47
N SER F 138 100.91 47.38 29.46
CA SER F 138 99.46 47.28 29.45
C SER F 138 99.00 45.84 29.25
N LYS F 139 99.84 44.98 28.70
CA LYS F 139 99.57 43.54 28.77
C LYS F 139 99.70 43.03 30.20
N GLY F 140 100.75 43.46 30.91
CA GLY F 140 100.88 43.10 32.31
C GLY F 140 102.22 42.51 32.69
N HIS F 141 103.21 42.66 31.83
CA HIS F 141 104.54 42.10 32.10
C HIS F 141 105.37 43.10 32.91
N ARG F 142 105.94 42.61 34.02
CA ARG F 142 106.82 43.45 34.84
C ARG F 142 108.12 43.66 34.09
N ILE F 143 108.52 44.92 33.93
CA ILE F 143 109.47 45.29 32.89
C ILE F 143 110.57 46.17 33.47
N GLU F 144 110.46 46.47 34.77
CA GLU F 144 111.10 47.64 35.37
C GLU F 144 112.62 47.60 35.37
N GLU F 145 113.22 46.43 35.15
CA GLU F 145 114.68 46.33 35.10
C GLU F 145 115.17 45.76 33.78
N VAL F 146 114.30 45.61 32.80
CA VAL F 146 114.69 45.07 31.50
C VAL F 146 115.51 46.13 30.75
N PRO F 147 116.75 45.82 30.35
CA PRO F 147 117.62 46.88 29.81
C PRO F 147 117.22 47.38 28.44
N GLU F 148 116.74 46.49 27.56
CA GLU F 148 116.26 46.91 26.24
C GLU F 148 115.18 45.93 25.82
N LEU F 149 114.03 46.47 25.39
CA LEU F 149 112.82 45.64 25.26
C LEU F 149 112.85 44.74 24.03
N PRO F 150 113.43 45.12 22.86
CA PRO F 150 113.81 44.06 21.91
C PRO F 150 115.03 43.32 22.43
N LEU F 151 114.80 42.40 23.36
CA LEU F 151 115.88 41.77 24.13
C LEU F 151 116.51 40.68 23.28
N VAL F 152 117.64 41.00 22.67
CA VAL F 152 118.37 40.07 21.80
C VAL F 152 119.60 39.60 22.56
N VAL F 153 119.73 38.28 22.68
CA VAL F 153 120.79 37.69 23.50
C VAL F 153 121.69 36.96 22.50
N GLU F 154 122.78 36.34 22.97
CA GLU F 154 123.76 35.68 22.14
C GLU F 154 123.18 34.42 21.49
N ASP F 155 124.00 33.80 20.64
CA ASP F 155 123.69 32.48 20.09
C ASP F 155 124.11 31.35 21.01
N LYS F 156 124.64 31.66 22.20
CA LYS F 156 124.97 30.67 23.21
C LYS F 156 123.79 30.33 24.09
N VAL F 157 122.62 30.89 23.81
CA VAL F 157 121.43 30.58 24.62
C VAL F 157 120.90 29.19 24.26
N GLU F 158 121.04 28.81 22.99
CA GLU F 158 120.67 27.45 22.59
C GLU F 158 121.64 26.40 23.13
N GLY F 159 122.83 26.81 23.55
CA GLY F 159 123.80 25.87 24.10
C GLY F 159 123.55 25.45 25.52
N TYR F 160 122.58 26.06 26.22
CA TYR F 160 122.30 25.66 27.58
C TYR F 160 121.54 24.35 27.62
N LYS F 161 121.79 23.56 28.67
CA LYS F 161 121.08 22.31 28.90
C LYS F 161 120.57 22.19 30.32
N LYS F 162 120.70 23.25 31.12
CA LYS F 162 120.34 23.22 32.54
C LYS F 162 119.35 24.32 32.87
N THR F 163 118.30 23.95 33.60
CA THR F 163 117.30 24.93 34.01
C THR F 163 117.87 25.91 35.03
N LYS F 164 118.87 25.51 35.81
CA LYS F 164 119.56 26.44 36.70
C LYS F 164 120.27 27.52 35.91
N GLU F 165 120.93 27.14 34.82
CA GLU F 165 121.59 28.13 33.95
C GLU F 165 120.58 28.99 33.21
N ALA F 166 119.41 28.43 32.86
CA ALA F 166 118.37 29.23 32.23
C ALA F 166 117.78 30.25 33.20
N VAL F 167 117.55 29.84 34.46
CA VAL F 167 117.07 30.76 35.49
C VAL F 167 118.11 31.84 35.78
N LEU F 168 119.39 31.47 35.78
CA LEU F 168 120.47 32.45 35.96
C LEU F 168 120.53 33.44 34.80
N LEU F 169 120.30 32.96 33.57
CA LEU F 169 120.25 33.84 32.42
C LEU F 169 119.08 34.82 32.49
N LEU F 170 117.91 34.34 32.94
CA LEU F 170 116.75 35.21 33.10
C LEU F 170 116.97 36.24 34.21
N LYS F 171 117.68 35.85 35.28
CA LYS F 171 117.99 36.78 36.35
C LYS F 171 118.99 37.84 35.92
N LYS F 172 119.98 37.45 35.10
CA LYS F 172 120.94 38.43 34.61
C LYS F 172 120.33 39.34 33.55
N LEU F 173 119.36 38.84 32.78
CA LEU F 173 118.60 39.68 31.87
C LEU F 173 117.48 40.45 32.56
N LYS F 174 117.28 40.21 33.86
CA LYS F 174 116.36 40.94 34.73
C LYS F 174 114.90 40.79 34.31
N ALA F 175 114.58 39.72 33.60
CA ALA F 175 113.21 39.39 33.25
C ALA F 175 112.60 38.36 34.20
N TRP F 176 113.25 38.12 35.34
CA TRP F 176 112.80 37.09 36.27
C TRP F 176 111.56 37.52 37.06
N ASN F 177 111.24 38.82 37.06
CA ASN F 177 110.06 39.29 37.78
C ASN F 177 108.77 38.83 37.12
N ASP F 178 108.78 38.56 35.81
CA ASP F 178 107.62 37.98 35.16
C ASP F 178 107.36 36.55 35.62
N ILE F 179 108.43 35.76 35.77
CA ILE F 179 108.29 34.40 36.25
C ILE F 179 107.89 34.41 37.73
N LYS F 180 108.41 35.39 38.48
CA LYS F 180 108.02 35.60 39.87
C LYS F 180 106.53 35.93 39.97
N LYS F 181 106.03 36.73 39.04
CA LYS F 181 104.61 37.05 38.95
C LYS F 181 103.77 35.82 38.60
N VAL F 182 104.32 34.93 37.76
CA VAL F 182 103.64 33.67 37.45
C VAL F 182 103.54 32.78 38.70
N TYR F 183 104.63 32.70 39.48
CA TYR F 183 104.59 31.96 40.75
C TYR F 183 103.60 32.59 41.73
N ALA F 184 103.48 33.92 41.72
CA ALA F 184 102.51 34.58 42.59
C ALA F 184 101.08 34.37 42.09
N SER F 185 100.89 34.15 40.79
CA SER F 185 99.58 33.99 40.19
C SER F 185 99.18 32.54 39.99
N GLN F 186 99.98 31.58 40.44
CA GLN F 186 99.54 30.19 40.45
C GLN F 186 98.47 29.99 41.51
N ARG F 187 97.21 29.81 41.09
CA ARG F 187 96.12 29.52 42.02
C ARG F 187 95.10 28.64 41.30
N MET F 188 94.04 28.29 42.02
CA MET F 188 93.04 27.35 41.55
C MET F 188 92.08 28.02 40.57
N ARG F 189 91.64 27.26 39.56
CA ARG F 189 90.67 27.75 38.59
C ARG F 189 89.26 27.77 39.19
N ALA F 190 88.47 28.76 38.80
CA ALA F 190 87.07 28.80 39.19
C ALA F 190 86.22 27.97 38.24
N GLY F 191 85.28 27.21 38.81
CA GLY F 191 84.23 26.59 38.04
C GLY F 191 84.34 25.08 37.98
N LYS F 192 83.62 24.51 37.01
CA LYS F 192 83.57 23.07 36.80
C LYS F 192 84.73 22.54 35.96
N GLY F 193 85.72 23.38 35.66
CA GLY F 193 86.87 22.92 34.91
C GLY F 193 87.85 22.09 35.71
N LYS F 194 87.72 22.08 37.04
CA LYS F 194 88.64 21.31 37.87
C LYS F 194 88.45 19.82 37.71
N MET F 195 87.23 19.37 37.46
CA MET F 195 86.94 17.97 37.19
C MET F 195 87.04 17.63 35.71
N ARG F 196 87.63 18.51 34.90
CA ARG F 196 87.80 18.31 33.47
C ARG F 196 89.25 18.55 33.07
N ASN F 197 90.17 18.17 33.95
CA ASN F 197 91.63 18.20 33.72
C ASN F 197 92.15 19.60 33.44
N ARG F 198 91.54 20.61 34.06
CA ARG F 198 91.91 22.01 33.94
C ARG F 198 92.02 22.64 35.33
N ARG F 199 92.80 21.98 36.20
CA ARG F 199 92.76 22.27 37.63
C ARG F 199 93.39 23.62 37.96
N ARG F 200 94.62 23.84 37.53
CA ARG F 200 95.41 25.00 37.94
C ARG F 200 95.59 25.98 36.79
N ILE F 201 95.77 27.26 37.14
CA ILE F 201 95.99 28.33 36.17
C ILE F 201 97.19 29.16 36.60
N GLN F 202 97.78 29.84 35.61
CA GLN F 202 98.92 30.72 35.82
C GLN F 202 98.98 31.72 34.67
N ARG F 203 99.81 32.74 34.83
CA ARG F 203 99.99 33.72 33.77
C ARG F 203 100.96 33.20 32.71
N ARG F 204 100.95 33.85 31.55
CA ARG F 204 101.93 33.60 30.52
C ARG F 204 103.09 34.58 30.70
N GLY F 205 104.32 34.06 30.57
CA GLY F 205 105.49 34.83 30.87
C GLY F 205 106.28 35.23 29.65
N PRO F 206 107.61 35.26 29.79
CA PRO F 206 108.47 35.66 28.66
C PRO F 206 108.49 34.61 27.57
N CYS F 207 107.97 34.97 26.40
CA CYS F 207 107.98 34.06 25.26
C CYS F 207 109.36 34.11 24.61
N VAL F 208 110.05 32.98 24.59
CA VAL F 208 111.41 32.90 24.09
C VAL F 208 111.39 32.34 22.67
N ILE F 209 112.04 33.04 21.75
CA ILE F 209 112.12 32.63 20.35
C ILE F 209 113.50 32.06 20.09
N TYR F 210 113.55 30.81 19.67
CA TYR F 210 114.80 30.11 19.39
C TYR F 210 114.89 29.79 17.91
N ASN F 211 116.13 29.69 17.41
CA ASN F 211 116.33 29.33 16.01
C ASN F 211 116.50 27.82 15.86
N GLU F 212 117.51 27.25 16.50
CA GLU F 212 117.79 25.83 16.40
C GLU F 212 117.60 25.15 17.76
N ASP F 213 117.31 23.86 17.71
CA ASP F 213 117.14 23.06 18.91
C ASP F 213 118.48 22.45 19.32
N ASN F 214 119.11 23.03 20.35
CA ASN F 214 120.36 22.50 20.85
C ASN F 214 120.30 22.36 22.38
N GLY F 215 119.12 22.46 22.97
CA GLY F 215 118.95 22.37 24.40
C GLY F 215 118.18 23.52 25.03
N ILE F 216 117.84 24.56 24.26
CA ILE F 216 117.07 25.67 24.80
C ILE F 216 115.64 25.26 25.13
N VAL F 217 115.07 24.33 24.35
CA VAL F 217 113.73 23.83 24.62
C VAL F 217 113.76 22.94 25.86
N LYS F 218 114.84 22.20 26.07
CA LYS F 218 114.99 21.41 27.30
C LYS F 218 115.28 22.29 28.50
N ALA F 219 115.85 23.48 28.28
CA ALA F 219 116.27 24.35 29.37
C ALA F 219 115.14 25.26 29.88
N PHE F 220 114.38 25.89 28.97
CA PHE F 220 113.28 26.75 29.38
C PHE F 220 111.97 25.97 29.42
N ARG F 221 111.99 24.84 30.13
CA ARG F 221 110.95 23.83 30.02
C ARG F 221 110.11 23.68 31.27
N ASN F 222 110.72 23.65 32.45
CA ASN F 222 109.98 23.62 33.70
C ASN F 222 109.85 24.98 34.34
N ILE F 223 110.37 26.03 33.73
CA ILE F 223 110.24 27.37 34.29
C ILE F 223 108.87 27.87 33.88
N PRO F 224 107.97 28.17 34.83
CA PRO F 224 106.56 28.41 34.48
C PRO F 224 106.36 29.78 33.84
N GLY F 225 105.74 29.77 32.66
CA GLY F 225 105.38 30.98 31.95
C GLY F 225 106.01 31.09 30.57
N ILE F 226 107.18 30.48 30.38
CA ILE F 226 107.93 30.61 29.14
C ILE F 226 107.35 29.69 28.09
N THR F 227 106.95 30.26 26.96
CA THR F 227 106.58 29.51 25.77
C THR F 227 107.71 29.64 24.74
N LEU F 228 108.14 28.51 24.19
CA LEU F 228 109.18 28.50 23.18
C LEU F 228 108.56 28.55 21.79
N LEU F 229 109.12 29.40 20.93
CA LEU F 229 108.68 29.47 19.55
C LEU F 229 109.88 29.40 18.62
N ASN F 230 109.78 28.58 17.58
CA ASN F 230 110.75 28.57 16.51
C ASN F 230 110.57 29.82 15.65
N VAL F 231 111.62 30.17 14.91
CA VAL F 231 111.58 31.38 14.08
C VAL F 231 110.63 31.21 12.91
N THR F 232 110.78 30.11 12.17
CA THR F 232 109.92 29.83 11.03
C THR F 232 108.57 29.26 11.42
N LYS F 233 108.36 28.95 12.70
CA LYS F 233 107.13 28.34 13.18
C LYS F 233 106.47 29.19 14.26
N LEU F 234 106.39 30.50 14.02
CA LEU F 234 105.78 31.40 14.99
C LEU F 234 104.26 31.20 15.02
N ASN F 235 103.71 31.24 16.23
CA ASN F 235 102.30 30.93 16.47
C ASN F 235 101.58 32.17 16.96
N ILE F 236 100.43 32.45 16.33
CA ILE F 236 99.64 33.63 16.69
C ILE F 236 99.05 33.47 18.08
N LEU F 237 98.64 32.24 18.42
CA LEU F 237 98.03 31.95 19.72
C LEU F 237 99.00 32.11 20.88
N LYS F 238 100.31 32.07 20.62
CA LYS F 238 101.32 32.30 21.65
C LYS F 238 101.97 33.67 21.57
N LEU F 239 101.96 34.32 20.41
CA LEU F 239 102.45 35.69 20.30
C LEU F 239 101.40 36.72 20.73
N ALA F 240 100.12 36.36 20.72
CA ALA F 240 99.08 37.24 21.25
C ALA F 240 98.04 36.38 21.95
N PRO F 241 98.31 35.98 23.20
CA PRO F 241 97.37 35.11 23.91
C PRO F 241 96.16 35.90 24.41
N GLY F 242 95.00 35.29 24.23
CA GLY F 242 93.75 35.92 24.65
C GLY F 242 93.27 37.04 23.75
N GLY F 243 93.87 37.23 22.58
CA GLY F 243 93.50 38.30 21.69
C GLY F 243 94.22 39.61 21.94
N HIS F 244 94.97 39.72 23.03
CA HIS F 244 95.67 40.96 23.36
C HIS F 244 97.04 40.92 22.71
N VAL F 245 97.41 42.02 22.05
CA VAL F 245 98.42 41.95 21.00
C VAL F 245 99.82 41.96 21.58
N GLY F 246 100.04 42.68 22.67
CA GLY F 246 101.38 42.77 23.25
C GLY F 246 101.80 41.51 23.99
N ARG F 247 103.10 41.24 23.97
CA ARG F 247 103.67 40.07 24.61
C ARG F 247 105.16 40.31 24.81
N PHE F 248 105.66 40.03 26.02
CA PHE F 248 107.07 40.16 26.31
C PHE F 248 107.83 39.00 25.68
N CYS F 249 108.73 39.32 24.75
CA CYS F 249 109.45 38.32 23.97
C CYS F 249 110.95 38.48 24.15
N ILE F 250 111.63 37.35 24.25
CA ILE F 250 113.09 37.29 24.35
C ILE F 250 113.61 36.63 23.08
N TRP F 251 114.35 37.39 22.28
CA TRP F 251 114.87 36.95 21.01
C TRP F 251 116.31 36.48 21.16
N THR F 252 116.79 35.78 20.14
CA THR F 252 118.20 35.48 19.98
C THR F 252 118.74 36.24 18.79
N GLU F 253 120.07 36.18 18.61
CA GLU F 253 120.71 36.89 17.51
C GLU F 253 120.33 36.30 16.17
N SER F 254 120.32 34.97 16.07
CA SER F 254 119.97 34.26 14.85
C SER F 254 118.45 34.16 14.64
N ALA F 255 117.65 34.73 15.54
CA ALA F 255 116.21 34.94 15.31
C ALA F 255 115.93 36.37 14.86
N PHE F 256 116.59 37.32 15.53
CA PHE F 256 116.47 38.74 15.22
C PHE F 256 117.09 39.07 13.87
N ARG F 257 118.04 38.26 13.40
CA ARG F 257 118.54 38.40 12.04
C ARG F 257 117.72 37.63 11.01
N LYS F 258 117.01 36.60 11.43
CA LYS F 258 116.23 35.78 10.51
C LYS F 258 114.81 36.32 10.29
N LEU F 259 114.36 37.25 11.14
CA LEU F 259 113.09 37.94 10.88
C LEU F 259 113.14 38.72 9.56
N ASP F 260 114.29 39.32 9.24
CA ASP F 260 114.48 40.00 7.97
C ASP F 260 114.51 39.02 6.80
N ASP F 261 114.92 37.78 7.02
CA ASP F 261 114.85 36.76 5.99
C ASP F 261 113.49 36.08 5.93
N LEU F 262 112.64 36.30 6.93
CA LEU F 262 111.26 35.83 6.89
C LEU F 262 110.34 36.81 6.17
N TYR F 263 110.29 38.06 6.64
CA TYR F 263 109.29 39.00 6.13
C TYR F 263 109.89 40.15 5.32
N GLY F 264 111.18 40.43 5.47
CA GLY F 264 111.82 41.47 4.68
C GLY F 264 111.44 42.87 5.14
N THR F 265 111.82 43.84 4.31
CA THR F 265 111.40 45.23 4.46
C THR F 265 110.31 45.51 3.42
N TRP F 266 109.91 46.79 3.30
CA TRP F 266 108.86 47.13 2.34
C TRP F 266 109.36 47.11 0.90
N ARG F 267 110.66 47.35 0.69
CA ARG F 267 111.23 47.38 -0.66
C ARG F 267 111.92 46.07 -1.03
N LYS F 268 111.68 45.00 -0.28
CA LYS F 268 112.27 43.71 -0.56
C LYS F 268 111.22 42.64 -0.30
N ALA F 269 111.30 41.54 -1.05
CA ALA F 269 110.37 40.44 -0.89
C ALA F 269 110.66 39.66 0.40
N ALA F 270 109.87 38.61 0.62
CA ALA F 270 110.01 37.83 1.86
C ALA F 270 111.29 37.00 1.86
N SER F 271 111.73 36.52 0.69
CA SER F 271 112.96 35.77 0.42
C SER F 271 113.01 34.40 1.08
N LEU F 272 111.96 33.97 1.78
CA LEU F 272 111.85 32.59 2.23
C LEU F 272 110.46 32.09 1.87
N LYS F 273 109.51 33.01 1.77
CA LYS F 273 108.18 32.73 1.25
C LYS F 273 108.15 32.99 -0.25
N SER F 274 107.11 32.49 -0.91
CA SER F 274 107.03 32.61 -2.36
C SER F 274 106.60 34.02 -2.77
N ASN F 275 105.40 34.42 -2.37
CA ASN F 275 104.80 35.69 -2.79
C ASN F 275 104.22 36.37 -1.56
N TYR F 276 105.04 37.19 -0.89
CA TYR F 276 104.57 37.95 0.26
C TYR F 276 105.47 39.17 0.45
N ASN F 277 104.88 40.36 0.34
CA ASN F 277 105.53 41.59 0.74
C ASN F 277 104.93 42.07 2.05
N LEU F 278 105.62 43.04 2.68
CA LEU F 278 105.07 43.66 3.87
C LEU F 278 103.86 44.52 3.53
N PRO F 279 102.89 44.60 4.44
CA PRO F 279 101.75 45.49 4.20
C PRO F 279 102.14 46.95 4.33
N MET F 280 101.25 47.80 3.80
CA MET F 280 101.48 49.24 3.82
C MET F 280 100.59 49.89 4.88
N HIS F 281 101.07 51.01 5.41
CA HIS F 281 100.32 51.77 6.40
C HIS F 281 99.17 52.52 5.73
N LYS F 282 98.03 52.57 6.42
CA LYS F 282 96.94 53.43 5.95
C LYS F 282 97.28 54.90 6.18
N MET F 283 97.98 55.20 7.26
CA MET F 283 98.57 56.51 7.51
C MET F 283 99.96 56.31 8.09
N LEU F 284 100.91 57.15 7.68
CA LEU F 284 102.29 56.95 8.09
C LEU F 284 102.59 57.63 9.41
N ASN F 285 102.40 58.95 9.48
CA ASN F 285 102.63 59.69 10.71
C ASN F 285 101.37 59.67 11.55
N THR F 286 101.37 58.88 12.61
CA THR F 286 100.22 58.74 13.49
C THR F 286 100.25 59.71 14.67
N ASP F 287 101.24 60.60 14.72
CA ASP F 287 101.33 61.60 15.79
C ASP F 287 100.48 62.79 15.40
N LEU F 288 99.16 62.63 15.53
CA LEU F 288 98.24 63.67 15.11
C LEU F 288 98.28 64.89 16.02
N SER F 289 98.79 64.76 17.24
CA SER F 289 99.05 65.92 18.08
C SER F 289 100.10 66.83 17.43
N ARG F 290 101.21 66.24 16.99
CA ARG F 290 102.24 66.98 16.26
C ARG F 290 101.71 67.50 14.92
N ILE F 291 100.84 66.72 14.27
CA ILE F 291 100.25 67.14 12.99
C ILE F 291 99.37 68.38 13.18
N LEU F 292 98.54 68.39 14.23
CA LEU F 292 97.64 69.51 14.45
C LEU F 292 98.33 70.71 15.08
N LYS F 293 99.44 70.52 15.80
CA LYS F 293 100.19 71.66 16.30
C LYS F 293 101.27 72.12 15.32
N SER F 294 101.40 71.46 14.18
CA SER F 294 102.25 71.96 13.12
C SER F 294 101.69 73.26 12.56
N PRO F 295 102.55 74.20 12.16
CA PRO F 295 102.06 75.51 11.69
C PRO F 295 101.36 75.46 10.33
N GLU F 296 101.58 74.41 9.54
CA GLU F 296 101.02 74.35 8.19
C GLU F 296 99.50 74.17 8.22
N ILE F 297 98.96 73.61 9.29
CA ILE F 297 97.51 73.49 9.44
C ILE F 297 96.94 74.69 10.18
N GLN F 298 97.57 75.10 11.27
CA GLN F 298 97.09 76.23 12.08
C GLN F 298 97.21 77.56 11.38
N ARG F 299 97.99 77.67 10.29
CA ARG F 299 97.95 78.87 9.47
C ARG F 299 96.63 78.97 8.71
N ALA F 300 96.03 77.83 8.37
CA ALA F 300 94.79 77.78 7.60
C ALA F 300 93.56 77.62 8.48
N LEU F 301 93.74 77.19 9.72
CA LEU F 301 92.62 77.07 10.66
C LEU F 301 92.09 78.45 11.03
N ARG F 302 90.80 78.49 11.37
CA ARG F 302 90.17 79.74 11.79
C ARG F 302 90.21 79.86 13.32
N ALA F 303 89.51 80.86 13.85
CA ALA F 303 89.32 81.15 15.26
C ALA F 303 88.16 80.32 15.82
N PRO F 304 88.28 79.81 17.04
CA PRO F 304 87.23 78.97 17.61
C PRO F 304 86.07 79.81 18.14
N ARG F 305 85.03 79.11 18.58
CA ARG F 305 83.87 79.72 19.23
C ARG F 305 83.60 78.91 20.50
N LYS F 306 84.28 79.27 21.59
CA LYS F 306 84.22 78.50 22.83
C LYS F 306 83.55 79.26 23.96
N LYS F 307 82.98 80.43 23.69
CA LYS F 307 82.22 81.15 24.70
C LYS F 307 80.91 80.42 24.92
N ILE F 308 80.74 79.85 26.11
CA ILE F 308 79.56 79.04 26.43
C ILE F 308 78.36 79.98 26.58
N HIS F 309 77.46 79.96 25.61
CA HIS F 309 76.26 80.79 25.62
C HIS F 309 75.12 79.95 26.20
N ARG F 310 74.87 80.10 27.50
CA ARG F 310 73.84 79.35 28.17
C ARG F 310 72.48 80.04 27.97
N ARG F 311 71.43 79.42 28.48
CA ARG F 311 70.06 79.88 28.24
C ARG F 311 69.78 81.09 29.12
N VAL F 312 69.44 82.21 28.49
CA VAL F 312 69.04 83.40 29.24
C VAL F 312 67.56 83.27 29.61
N LEU F 313 67.24 83.63 30.86
CA LEU F 313 65.86 83.60 31.31
C LEU F 313 65.10 84.76 30.69
N LYS F 314 64.00 84.45 30.00
CA LYS F 314 63.20 85.48 29.34
C LYS F 314 62.42 86.26 30.39
N LYS F 315 62.83 87.49 30.64
CA LYS F 315 62.10 88.37 31.54
C LYS F 315 61.05 89.15 30.74
N ASN F 316 59.88 89.35 31.35
CA ASN F 316 58.73 89.93 30.67
C ASN F 316 58.96 91.41 30.42
N PRO F 317 58.91 91.88 29.16
CA PRO F 317 59.09 93.32 28.91
C PRO F 317 57.96 94.18 29.45
N LEU F 318 56.77 93.62 29.63
CA LEU F 318 55.67 94.40 30.19
C LEU F 318 55.77 94.53 31.71
N LYS F 319 56.67 93.78 32.35
CA LYS F 319 56.87 93.86 33.78
C LYS F 319 58.27 94.34 34.16
N ASN F 320 59.24 94.22 33.26
CA ASN F 320 60.62 94.60 33.54
C ASN F 320 60.96 95.80 32.67
N LEU F 321 61.22 96.94 33.32
CA LEU F 321 61.39 98.20 32.61
C LEU F 321 62.72 98.26 31.87
N ARG F 322 63.79 97.72 32.46
CA ARG F 322 65.07 97.77 31.76
C ARG F 322 65.20 96.70 30.68
N ILE F 323 64.46 95.58 30.80
CA ILE F 323 64.34 94.67 29.67
C ILE F 323 63.54 95.31 28.54
N MET F 324 62.47 96.03 28.91
CA MET F 324 61.69 96.80 27.93
C MET F 324 62.53 97.87 27.26
N LEU F 325 63.48 98.46 27.98
CA LEU F 325 64.37 99.45 27.37
C LEU F 325 65.47 98.81 26.54
N LYS F 326 65.92 97.61 26.92
CA LYS F 326 66.88 96.88 26.09
C LYS F 326 66.27 96.50 24.76
N LEU F 327 64.98 96.14 24.75
CA LEU F 327 64.31 95.84 23.49
C LEU F 327 63.80 97.09 22.78
N ASN F 328 63.54 98.18 23.50
CA ASN F 328 62.90 99.37 22.96
C ASN F 328 63.26 100.58 23.81
N PRO F 329 64.22 101.42 23.37
CA PRO F 329 64.63 102.56 24.21
C PRO F 329 63.64 103.71 24.22
N TYR F 330 62.61 103.71 23.37
CA TYR F 330 61.61 104.77 23.37
C TYR F 330 60.53 104.57 24.45
N ALA F 331 60.52 103.41 25.10
CA ALA F 331 59.59 103.17 26.21
C ALA F 331 59.90 104.05 27.42
N LYS F 332 61.13 104.57 27.52
CA LYS F 332 61.47 105.53 28.56
C LYS F 332 60.63 106.79 28.44
N THR F 333 60.56 107.38 27.24
CA THR F 333 59.69 108.52 27.02
C THR F 333 58.22 108.12 27.03
N MET F 334 57.90 106.91 26.54
CA MET F 334 56.53 106.41 26.57
C MET F 334 55.98 106.22 27.98
N ARG F 335 56.84 106.02 28.98
CA ARG F 335 56.38 105.94 30.35
C ARG F 335 56.66 107.22 31.13
N ARG F 336 57.54 108.08 30.64
CA ARG F 336 57.67 109.43 31.20
C ARG F 336 56.43 110.26 30.90
N ASN F 337 55.99 110.27 29.65
CA ASN F 337 54.62 110.65 29.34
C ASN F 337 53.68 109.53 29.77
N THR F 338 52.42 109.90 30.03
CA THR F 338 51.36 109.19 30.77
C THR F 338 51.68 109.08 32.27
N ILE F 339 52.82 109.59 32.72
CA ILE F 339 53.02 109.97 34.11
C ILE F 339 52.97 111.48 34.26
N LEU F 340 53.77 112.20 33.48
CA LEU F 340 53.77 113.65 33.56
C LEU F 340 52.47 114.24 33.05
N ARG F 341 51.96 113.72 31.92
CA ARG F 341 50.72 114.25 31.35
C ARG F 341 49.52 113.89 32.21
N GLN F 342 49.50 112.68 32.78
CA GLN F 342 48.40 112.31 33.67
C GLN F 342 48.48 113.03 35.00
N ALA F 343 49.69 113.39 35.46
CA ALA F 343 49.82 114.23 36.65
C ALA F 343 49.32 115.65 36.38
N ARG F 344 49.61 116.19 35.20
CA ARG F 344 49.07 117.49 34.81
C ARG F 344 47.56 117.46 34.72
N ASN F 345 47.00 116.40 34.13
CA ASN F 345 45.55 116.29 34.01
C ASN F 345 44.87 116.08 35.36
N HIS F 346 45.53 115.36 36.27
CA HIS F 346 45.00 115.20 37.62
C HIS F 346 45.03 116.51 38.39
N LYS F 347 46.11 117.29 38.22
CA LYS F 347 46.19 118.63 38.82
C LYS F 347 45.11 119.55 38.27
N LEU F 348 44.85 119.46 36.96
CA LEU F 348 43.81 120.29 36.35
C LEU F 348 42.42 119.87 36.81
N ARG F 349 42.19 118.56 37.03
CA ARG F 349 40.89 118.14 37.51
C ARG F 349 40.69 118.52 38.99
N VAL F 350 41.76 118.51 39.79
CA VAL F 350 41.67 119.01 41.16
C VAL F 350 41.40 120.52 41.17
N GLU F 351 42.01 121.26 40.23
CA GLU F 351 41.73 122.69 40.12
C GLU F 351 40.30 122.95 39.66
N ARG F 352 39.77 122.11 38.77
CA ARG F 352 38.38 122.24 38.36
C ARG F 352 37.43 121.92 39.50
N ALA F 353 37.78 120.93 40.33
CA ALA F 353 36.95 120.61 41.49
C ALA F 353 36.99 121.72 42.53
N ALA F 354 38.15 122.38 42.68
CA ALA F 354 38.27 123.50 43.60
C ALA F 354 37.46 124.70 43.10
N ALA F 355 37.49 124.95 41.80
CA ALA F 355 36.67 126.02 41.22
C ALA F 355 35.18 125.68 41.31
N ALA F 356 34.83 124.40 41.21
CA ALA F 356 33.44 123.99 41.37
C ALA F 356 32.97 124.16 42.81
N LEU F 357 33.84 123.86 43.78
CA LEU F 357 33.50 124.09 45.18
C LEU F 357 33.41 125.58 45.50
N ALA F 358 34.25 126.40 44.85
CA ALA F 358 34.15 127.84 45.02
C ALA F 358 32.86 128.39 44.42
N ALA F 359 32.43 127.81 43.29
CA ALA F 359 31.15 128.23 42.69
C ALA F 359 29.96 127.75 43.51
N LYS F 360 30.07 126.58 44.16
CA LYS F 360 29.02 126.13 45.05
C LYS F 360 28.95 126.96 46.32
N SER F 361 30.10 127.42 46.82
CA SER F 361 30.11 128.30 47.99
C SER F 361 29.61 129.69 47.65
N ASP F 362 29.88 130.17 46.43
CA ASP F 362 29.41 131.47 45.99
C ASP F 362 27.99 131.38 45.44
N PHE G 1 -9.19 66.16 -41.17
CA PHE G 1 -8.09 66.46 -40.25
C PHE G 1 -6.99 65.42 -40.34
N VAL G 2 -5.85 65.70 -39.70
CA VAL G 2 -4.76 64.74 -39.54
C VAL G 2 -4.24 64.85 -38.12
N LYS G 3 -3.55 63.81 -37.67
CA LYS G 3 -2.71 63.91 -36.47
C LYS G 3 -1.48 64.71 -36.84
N VAL G 4 -1.34 65.90 -36.27
CA VAL G 4 -0.29 66.83 -36.68
C VAL G 4 1.05 66.33 -36.18
N VAL G 5 1.92 65.92 -37.12
CA VAL G 5 3.25 65.47 -36.77
C VAL G 5 4.12 66.65 -36.36
N LYS G 6 4.01 67.76 -37.08
CA LYS G 6 4.85 68.93 -36.84
C LYS G 6 4.20 69.79 -35.75
N ASN G 7 4.48 69.40 -34.50
CA ASN G 7 3.99 70.10 -33.33
C ASN G 7 5.11 70.92 -32.70
N LYS G 8 4.78 71.57 -31.57
CA LYS G 8 5.79 72.28 -30.79
C LYS G 8 6.85 71.32 -30.28
N ALA G 9 6.45 70.11 -29.87
CA ALA G 9 7.40 69.09 -29.46
C ALA G 9 8.28 68.64 -30.62
N TYR G 10 7.72 68.60 -31.84
CA TYR G 10 8.51 68.27 -33.02
C TYR G 10 9.56 69.33 -33.30
N PHE G 11 9.20 70.60 -33.18
CA PHE G 11 10.20 71.65 -33.40
C PHE G 11 11.18 71.78 -32.24
N LYS G 12 10.81 71.31 -31.04
CA LYS G 12 11.77 71.32 -29.94
C LYS G 12 12.76 70.17 -30.06
N ARG G 13 12.32 68.99 -30.48
CA ARG G 13 13.24 67.89 -30.70
C ARG G 13 13.91 67.92 -32.08
N TYR G 14 13.52 68.86 -32.94
CA TYR G 14 14.05 68.89 -34.30
C TYR G 14 15.44 69.53 -34.32
N GLN G 15 16.41 68.79 -34.85
CA GLN G 15 17.75 69.30 -35.09
C GLN G 15 17.94 69.60 -36.57
N VAL G 16 18.37 70.81 -36.88
CA VAL G 16 18.66 71.15 -38.27
C VAL G 16 20.00 70.54 -38.68
N LYS G 17 20.18 70.36 -39.98
CA LYS G 17 21.45 69.91 -40.52
C LYS G 17 22.33 71.13 -40.79
N PHE G 18 23.44 70.93 -41.50
CA PHE G 18 24.33 72.02 -41.80
C PHE G 18 23.70 72.93 -42.87
N ARG G 19 24.23 74.15 -42.98
CA ARG G 19 23.62 75.15 -43.86
C ARG G 19 23.76 74.76 -45.33
N ARG G 20 24.96 74.32 -45.74
CA ARG G 20 25.15 73.87 -47.10
C ARG G 20 24.45 72.54 -47.37
N ARG G 21 24.18 71.75 -46.32
CA ARG G 21 23.37 70.54 -46.48
C ARG G 21 21.91 70.89 -46.73
N ARG G 22 21.37 71.86 -45.99
CA ARG G 22 20.00 72.29 -46.19
C ARG G 22 19.82 73.01 -47.52
N GLU G 23 20.86 73.73 -47.98
CA GLU G 23 20.83 74.29 -49.32
C GLU G 23 20.99 73.21 -50.38
N GLY G 24 21.69 72.12 -50.05
CA GLY G 24 21.88 71.03 -50.98
C GLY G 24 23.07 71.25 -51.89
N LYS G 25 24.21 71.58 -51.31
CA LYS G 25 25.40 71.91 -52.08
C LYS G 25 26.63 71.10 -51.70
N THR G 26 26.78 70.74 -50.44
CA THR G 26 28.01 70.12 -49.94
C THR G 26 27.72 68.70 -49.49
N ASP G 27 28.52 67.75 -50.02
CA ASP G 27 28.53 66.39 -49.51
C ASP G 27 29.63 66.33 -48.45
N TYR G 28 29.22 66.44 -47.18
CA TYR G 28 30.19 66.44 -46.09
C TYR G 28 30.83 65.08 -45.89
N TYR G 29 30.09 64.00 -46.19
CA TYR G 29 30.66 62.67 -46.14
C TYR G 29 31.75 62.47 -47.19
N ALA G 30 31.63 63.16 -48.32
CA ALA G 30 32.70 63.12 -49.33
C ALA G 30 33.85 64.04 -48.96
N ARG G 31 33.54 65.21 -48.40
CA ARG G 31 34.60 66.17 -48.11
C ARG G 31 35.44 65.75 -46.91
N LYS G 32 34.85 64.99 -45.98
CA LYS G 32 35.60 64.51 -44.82
C LYS G 32 36.67 63.51 -45.25
N ARG G 33 36.48 62.84 -46.37
CA ARG G 33 37.53 62.00 -46.93
C ARG G 33 38.40 62.72 -47.93
N LEU G 34 37.88 63.78 -48.58
CA LEU G 34 38.67 64.55 -49.52
C LEU G 34 39.71 65.42 -48.83
N VAL G 35 39.26 66.36 -48.00
CA VAL G 35 40.00 67.60 -47.78
C VAL G 35 40.93 67.57 -46.58
N ILE G 36 40.77 66.61 -45.66
CA ILE G 36 41.56 66.63 -44.44
C ILE G 36 42.98 66.14 -44.72
N GLN G 37 43.94 66.82 -44.11
CA GLN G 37 45.36 66.47 -44.22
C GLN G 37 45.74 65.58 -43.05
N ASP G 38 46.68 64.67 -43.30
CA ASP G 38 47.25 63.86 -42.24
C ASP G 38 47.99 64.75 -41.24
N LYS G 39 47.93 64.37 -39.96
CA LYS G 39 48.43 65.25 -38.90
C LYS G 39 49.94 65.26 -38.79
N ASN G 40 50.64 64.32 -39.42
CA ASN G 40 52.10 64.33 -39.45
C ASN G 40 52.68 65.26 -40.51
N LYS G 41 51.83 66.05 -41.18
CA LYS G 41 52.23 67.09 -42.11
C LYS G 41 52.29 68.45 -41.43
N TYR G 42 51.35 68.69 -40.51
CA TYR G 42 51.26 69.72 -39.49
C TYR G 42 50.94 71.13 -39.98
N ASN G 43 51.18 71.45 -41.26
CA ASN G 43 50.80 72.76 -41.74
C ASN G 43 50.49 72.81 -43.24
N THR G 44 50.59 71.69 -43.97
CA THR G 44 50.67 71.89 -45.41
C THR G 44 49.26 71.96 -46.02
N PRO G 45 49.10 72.72 -47.10
CA PRO G 45 47.80 72.74 -47.79
C PRO G 45 47.57 71.43 -48.54
N LYS G 46 46.32 70.98 -48.55
CA LYS G 46 45.91 69.85 -49.36
C LYS G 46 45.04 70.41 -50.47
N TYR G 47 45.63 70.54 -51.65
CA TYR G 47 45.01 71.26 -52.74
C TYR G 47 43.97 70.40 -53.44
N ARG G 48 42.75 70.92 -53.55
CA ARG G 48 41.70 70.26 -54.31
C ARG G 48 41.33 71.14 -55.50
N MET G 49 40.89 70.49 -56.56
CA MET G 49 40.56 71.13 -57.84
C MET G 49 39.08 70.86 -58.06
N ILE G 50 38.27 71.88 -57.78
CA ILE G 50 36.82 71.79 -57.75
C ILE G 50 36.29 72.10 -59.14
N VAL G 51 35.48 71.20 -59.69
CA VAL G 51 34.80 71.46 -60.96
C VAL G 51 33.30 71.45 -60.70
N ARG G 52 32.62 72.55 -61.05
CA ARG G 52 31.18 72.68 -60.90
C ARG G 52 30.59 73.04 -62.25
N VAL G 53 29.66 72.23 -62.73
CA VAL G 53 29.03 72.43 -64.03
C VAL G 53 27.71 73.15 -63.81
N THR G 54 27.57 74.31 -64.45
CA THR G 54 26.39 75.14 -64.40
C THR G 54 25.69 75.06 -65.75
N ASN G 55 24.42 75.45 -65.81
CA ASN G 55 23.66 75.43 -67.07
C ASN G 55 24.23 76.41 -68.09
N ARG G 56 24.90 77.48 -67.64
CA ARG G 56 25.47 78.47 -68.56
C ARG G 56 26.93 78.75 -68.26
N ASP G 57 27.58 77.92 -67.43
CA ASP G 57 28.95 78.21 -67.00
C ASP G 57 29.60 76.91 -66.59
N ILE G 58 30.94 76.94 -66.51
CA ILE G 58 31.74 75.87 -65.92
C ILE G 58 32.77 76.55 -65.03
N ILE G 59 32.79 76.17 -63.74
CA ILE G 59 33.64 76.79 -62.75
C ILE G 59 34.71 75.77 -62.35
N CYS G 60 35.98 76.12 -62.57
CA CYS G 60 37.09 75.25 -62.18
C CYS G 60 38.01 76.05 -61.26
N GLN G 61 38.08 75.65 -60.00
CA GLN G 61 38.84 76.35 -59.00
C GLN G 61 39.85 75.41 -58.37
N ILE G 62 40.89 75.98 -57.77
CA ILE G 62 41.88 75.24 -56.99
C ILE G 62 42.00 75.93 -55.64
N ALA G 63 41.79 75.16 -54.57
CA ALA G 63 41.68 75.70 -53.23
C ALA G 63 42.33 74.76 -52.23
N TYR G 64 42.37 75.21 -50.97
CA TYR G 64 42.85 74.43 -49.84
C TYR G 64 42.16 74.92 -48.58
N ALA G 65 41.86 74.00 -47.68
CA ALA G 65 41.03 74.31 -46.53
C ALA G 65 41.83 74.92 -45.39
N ARG G 66 41.20 75.87 -44.70
CA ARG G 66 41.70 76.40 -43.44
C ARG G 66 40.57 76.37 -42.42
N ILE G 67 40.91 76.68 -41.18
CA ILE G 67 39.91 76.62 -40.11
C ILE G 67 38.93 77.79 -40.17
N GLU G 68 39.33 78.90 -40.80
CA GLU G 68 38.44 80.04 -41.02
C GLU G 68 37.69 79.93 -42.34
N GLY G 69 37.64 78.76 -42.95
CA GLY G 69 37.13 78.60 -44.29
C GLY G 69 38.27 78.47 -45.29
N ASP G 70 37.98 77.77 -46.38
CA ASP G 70 39.00 77.53 -47.39
C ASP G 70 39.30 78.79 -48.20
N MET G 71 40.51 78.85 -48.74
CA MET G 71 40.96 79.98 -49.55
C MET G 71 41.22 79.51 -50.97
N ILE G 72 40.56 80.16 -51.93
CA ILE G 72 40.80 79.90 -53.35
C ILE G 72 42.19 80.38 -53.71
N VAL G 73 43.05 79.48 -54.20
CA VAL G 73 44.36 79.91 -54.65
C VAL G 73 44.37 80.16 -56.16
N CYS G 74 43.45 79.57 -56.92
CA CYS G 74 43.34 79.90 -58.33
C CYS G 74 41.92 79.62 -58.80
N ALA G 75 41.47 80.38 -59.81
CA ALA G 75 40.12 80.22 -60.32
C ALA G 75 40.10 80.37 -61.83
N ALA G 76 39.10 79.76 -62.46
CA ALA G 76 38.89 79.85 -63.89
C ALA G 76 37.42 79.62 -64.20
N TYR G 77 36.86 80.49 -65.05
CA TYR G 77 35.45 80.43 -65.41
C TYR G 77 35.33 80.20 -66.91
N ALA G 78 34.24 79.55 -67.32
CA ALA G 78 34.04 79.27 -68.74
C ALA G 78 33.61 80.49 -69.55
N HIS G 79 33.21 81.58 -68.90
CA HIS G 79 32.87 82.80 -69.63
C HIS G 79 34.07 83.71 -69.86
N GLU G 80 35.28 83.20 -69.64
CA GLU G 80 36.50 83.90 -70.04
C GLU G 80 36.96 83.49 -71.43
N LEU G 81 36.29 82.52 -72.04
CA LEU G 81 36.54 82.01 -73.39
C LEU G 81 36.23 82.96 -74.56
N PRO G 82 35.26 83.90 -74.49
CA PRO G 82 35.21 84.94 -75.52
C PRO G 82 36.40 85.89 -75.53
N LYS G 83 37.18 85.95 -74.45
CA LYS G 83 38.46 86.67 -74.49
C LYS G 83 39.55 85.89 -75.21
N TYR G 84 39.31 84.61 -75.53
CA TYR G 84 40.30 83.74 -76.12
C TYR G 84 39.92 83.22 -77.50
N GLY G 85 38.65 83.29 -77.88
CA GLY G 85 38.25 82.87 -79.21
C GLY G 85 36.97 82.08 -79.27
N VAL G 86 36.65 81.36 -78.20
CA VAL G 86 35.43 80.56 -78.13
C VAL G 86 34.30 81.53 -77.82
N LYS G 87 33.57 81.96 -78.86
CA LYS G 87 32.49 82.91 -78.67
C LYS G 87 31.25 82.25 -78.09
N VAL G 88 30.92 81.05 -78.59
CA VAL G 88 29.69 80.34 -78.25
C VAL G 88 30.02 78.89 -77.93
N GLY G 89 29.08 78.23 -77.25
CA GLY G 89 29.30 76.88 -76.79
C GLY G 89 30.14 76.85 -75.53
N LEU G 90 29.66 77.51 -74.48
CA LEU G 90 30.42 77.74 -73.27
C LEU G 90 30.21 76.69 -72.19
N THR G 91 29.39 75.66 -72.45
CA THR G 91 29.03 74.71 -71.42
C THR G 91 29.18 73.26 -71.88
N ASN G 92 29.93 73.02 -72.94
CA ASN G 92 30.11 71.67 -73.45
C ASN G 92 31.45 71.09 -73.01
N TYR G 93 31.79 69.91 -73.56
CA TYR G 93 32.96 69.15 -73.11
C TYR G 93 34.25 69.87 -73.50
N ALA G 94 34.28 70.45 -74.70
CA ALA G 94 35.46 71.20 -75.13
C ALA G 94 35.65 72.47 -74.34
N ALA G 95 34.56 73.11 -73.92
CA ALA G 95 34.67 74.26 -73.03
C ALA G 95 35.16 73.86 -71.65
N ALA G 96 34.77 72.67 -71.17
CA ALA G 96 35.31 72.16 -69.91
C ALA G 96 36.81 71.89 -70.03
N TYR G 97 37.23 71.33 -71.17
CA TYR G 97 38.65 71.09 -71.42
C TYR G 97 39.43 72.40 -71.46
N CYS G 98 38.89 73.42 -72.13
CA CYS G 98 39.56 74.72 -72.19
C CYS G 98 39.58 75.41 -70.84
N THR G 99 38.53 75.24 -70.03
CA THR G 99 38.51 75.82 -68.69
C THR G 99 39.55 75.17 -67.79
N GLY G 100 39.68 73.84 -67.87
CA GLY G 100 40.70 73.15 -67.09
C GLY G 100 42.12 73.48 -67.54
N LEU G 101 42.31 73.59 -68.86
CA LEU G 101 43.60 74.00 -69.41
C LEU G 101 43.99 75.41 -68.98
N LEU G 102 43.00 76.32 -68.98
CA LEU G 102 43.27 77.69 -68.57
C LEU G 102 43.54 77.77 -67.07
N LEU G 103 42.83 76.97 -66.27
CA LEU G 103 43.10 76.89 -64.84
C LEU G 103 44.52 76.42 -64.57
N ALA G 104 44.96 75.37 -65.27
CA ALA G 104 46.29 74.83 -65.08
C ALA G 104 47.37 75.81 -65.51
N ARG G 105 47.22 76.43 -66.68
CA ARG G 105 48.26 77.34 -67.16
C ARG G 105 48.29 78.64 -66.35
N ARG G 106 47.14 79.09 -65.84
CA ARG G 106 47.10 80.24 -64.95
C ARG G 106 47.80 79.95 -63.63
N LEU G 107 47.58 78.76 -63.07
CA LEU G 107 48.25 78.40 -61.83
C LEU G 107 49.76 78.26 -62.04
N LEU G 108 50.17 77.72 -63.20
CA LEU G 108 51.59 77.55 -63.49
C LEU G 108 52.29 78.90 -63.68
N ASN G 109 51.71 79.85 -64.39
CA ASN G 109 52.43 81.12 -64.52
C ASN G 109 52.13 82.09 -63.38
N ARG G 110 51.26 81.74 -62.42
CA ARG G 110 51.22 82.50 -61.18
C ARG G 110 52.14 81.93 -60.10
N PHE G 111 52.48 80.64 -60.17
CA PHE G 111 53.51 80.10 -59.30
C PHE G 111 54.91 80.25 -59.85
N GLY G 112 55.04 80.47 -61.17
CA GLY G 112 56.34 80.56 -61.78
C GLY G 112 56.81 79.31 -62.49
N MET G 113 55.92 78.35 -62.74
CA MET G 113 56.23 77.09 -63.41
C MET G 113 55.76 77.10 -64.86
N ASP G 114 55.96 78.22 -65.56
CA ASP G 114 55.51 78.33 -66.95
C ASP G 114 56.37 77.47 -67.88
N LYS G 115 57.69 77.66 -67.84
CA LYS G 115 58.55 76.97 -68.80
C LYS G 115 58.75 75.51 -68.42
N ILE G 116 59.05 75.24 -67.15
CA ILE G 116 59.14 73.87 -66.67
C ILE G 116 57.73 73.30 -66.59
N TYR G 117 57.58 72.01 -66.93
CA TYR G 117 56.29 71.30 -67.01
C TYR G 117 55.36 71.96 -68.00
N GLU G 118 55.75 71.90 -69.28
CA GLU G 118 54.91 72.41 -70.37
C GLU G 118 53.60 71.65 -70.52
N GLY G 119 53.57 70.38 -70.11
CA GLY G 119 52.36 69.59 -70.25
C GLY G 119 52.31 68.92 -71.62
N GLN G 120 51.09 68.62 -72.06
CA GLN G 120 50.87 67.96 -73.35
C GLN G 120 50.49 69.05 -74.35
N VAL G 121 51.50 69.56 -75.06
CA VAL G 121 51.27 70.63 -76.04
C VAL G 121 50.54 70.06 -77.25
N GLU G 122 51.14 69.08 -77.92
CA GLU G 122 50.50 68.37 -79.02
C GLU G 122 49.51 67.38 -78.43
N VAL G 123 48.21 67.66 -78.60
CA VAL G 123 47.17 66.85 -77.99
C VAL G 123 47.09 65.52 -78.73
N THR G 124 47.20 64.42 -77.98
CA THR G 124 47.18 63.07 -78.54
C THR G 124 45.90 62.31 -78.21
N GLY G 125 45.55 62.22 -76.93
CA GLY G 125 44.39 61.49 -76.50
C GLY G 125 44.70 60.27 -75.64
N ASP G 126 45.97 59.90 -75.51
CA ASP G 126 46.36 58.73 -74.72
C ASP G 126 46.33 59.07 -73.23
N GLU G 127 46.82 58.13 -72.42
CA GLU G 127 47.01 58.40 -71.00
C GLU G 127 48.22 59.33 -70.82
N TYR G 128 48.16 60.16 -69.79
CA TYR G 128 49.23 61.12 -69.55
C TYR G 128 49.33 61.39 -68.06
N ASN G 129 50.55 61.37 -67.55
CA ASN G 129 50.81 61.72 -66.16
C ASN G 129 52.06 62.59 -66.08
N VAL G 130 52.01 63.59 -65.21
CA VAL G 130 53.12 64.52 -65.05
C VAL G 130 54.13 63.94 -64.07
N GLU G 131 55.33 63.64 -64.56
CA GLU G 131 56.39 63.07 -63.74
C GLU G 131 57.28 64.17 -63.18
N SER G 132 57.73 63.99 -61.95
CA SER G 132 58.56 64.98 -61.28
C SER G 132 59.96 65.00 -61.88
N ILE G 133 60.49 66.20 -62.09
CA ILE G 133 61.82 66.37 -62.67
C ILE G 133 62.79 66.74 -61.57
N ASP G 134 63.86 65.96 -61.44
CA ASP G 134 64.87 66.23 -60.41
C ASP G 134 65.70 67.44 -60.79
N GLY G 135 66.14 68.19 -59.78
CA GLY G 135 66.87 69.42 -59.98
C GLY G 135 66.01 70.62 -60.32
N GLN G 136 64.70 70.48 -60.27
CA GLN G 136 63.73 71.50 -60.63
C GLN G 136 62.70 71.59 -59.50
N PRO G 137 61.95 72.69 -59.40
CA PRO G 137 60.80 72.69 -58.49
C PRO G 137 59.75 71.70 -58.95
N GLY G 138 59.15 71.01 -57.97
CA GLY G 138 58.34 69.86 -58.28
C GLY G 138 57.01 70.21 -58.91
N ALA G 139 56.38 69.18 -59.48
CA ALA G 139 55.10 69.35 -60.15
C ALA G 139 54.00 69.56 -59.12
N PHE G 140 53.04 70.42 -59.47
CA PHE G 140 51.93 70.71 -58.56
C PHE G 140 50.98 69.52 -58.52
N THR G 141 50.61 69.11 -57.31
CA THR G 141 49.66 68.03 -57.12
C THR G 141 48.38 68.58 -56.49
N CYS G 142 47.24 68.10 -56.97
CA CYS G 142 45.94 68.46 -56.42
C CYS G 142 44.97 67.34 -56.74
N TYR G 143 43.90 67.27 -55.97
CA TYR G 143 42.97 66.15 -56.07
C TYR G 143 41.60 66.64 -56.50
N LEU G 144 40.95 65.89 -57.38
CA LEU G 144 39.75 66.35 -58.06
C LEU G 144 38.56 66.36 -57.10
N ASP G 145 37.67 67.33 -57.32
CA ASP G 145 36.44 67.48 -56.53
C ASP G 145 35.29 67.65 -57.52
N ALA G 146 34.51 66.58 -57.70
CA ALA G 146 33.33 66.61 -58.56
C ALA G 146 32.07 67.05 -57.83
N GLY G 147 32.05 66.97 -56.51
CA GLY G 147 30.92 67.44 -55.73
C GLY G 147 29.71 66.52 -55.75
N LEU G 148 28.58 67.04 -56.22
CA LEU G 148 27.32 66.29 -56.25
C LEU G 148 26.93 65.91 -57.67
N ALA G 149 27.92 65.55 -58.49
CA ALA G 149 27.68 65.12 -59.86
C ALA G 149 28.02 63.64 -59.98
N ARG G 150 27.09 62.87 -60.55
CA ARG G 150 27.29 61.44 -60.74
C ARG G 150 28.35 61.21 -61.80
N THR G 151 29.48 60.65 -61.38
CA THR G 151 30.66 60.49 -62.25
C THR G 151 30.55 59.18 -63.01
N THR G 152 29.87 59.23 -64.15
CA THR G 152 29.83 58.12 -65.08
C THR G 152 30.88 58.34 -66.16
N THR G 153 30.89 57.48 -67.18
CA THR G 153 31.82 57.61 -68.29
C THR G 153 31.40 58.77 -69.18
N GLY G 154 32.27 59.74 -69.35
CA GLY G 154 32.02 60.87 -70.22
C GLY G 154 31.47 62.11 -69.55
N ASN G 155 32.08 62.56 -68.46
CA ASN G 155 31.59 63.72 -67.72
C ASN G 155 32.47 64.93 -68.01
N LYS G 156 31.85 66.12 -68.01
CA LYS G 156 32.59 67.35 -68.22
C LYS G 156 33.52 67.68 -67.06
N VAL G 157 33.24 67.17 -65.86
CA VAL G 157 34.19 67.26 -64.75
C VAL G 157 35.48 66.52 -65.11
N PHE G 158 35.36 65.35 -65.72
CA PHE G 158 36.52 64.61 -66.17
C PHE G 158 37.15 65.21 -67.41
N GLY G 159 36.39 65.95 -68.21
CA GLY G 159 37.00 66.72 -69.28
C GLY G 159 37.86 67.86 -68.78
N ALA G 160 37.38 68.57 -67.75
CA ALA G 160 38.21 69.58 -67.09
C ALA G 160 39.39 68.96 -66.37
N LEU G 161 39.23 67.74 -65.87
CA LEU G 161 40.34 67.00 -65.27
C LEU G 161 41.42 66.70 -66.32
N LYS G 162 41.00 66.22 -67.49
CA LYS G 162 41.95 65.97 -68.59
C LYS G 162 42.58 67.27 -69.08
N GLY G 163 41.84 68.37 -69.05
CA GLY G 163 42.43 69.66 -69.39
C GLY G 163 43.48 70.12 -68.41
N ALA G 164 43.25 69.89 -67.12
CA ALA G 164 44.26 70.23 -66.12
C ALA G 164 45.49 69.32 -66.22
N VAL G 165 45.27 68.04 -66.53
CA VAL G 165 46.39 67.11 -66.71
C VAL G 165 47.22 67.49 -67.93
N ASP G 166 46.57 67.84 -69.05
CA ASP G 166 47.29 68.32 -70.22
C ASP G 166 47.92 69.69 -70.01
N GLY G 167 47.38 70.49 -69.09
CA GLY G 167 48.05 71.72 -68.71
C GLY G 167 49.28 71.48 -67.86
N GLY G 168 49.29 70.40 -67.10
CA GLY G 168 50.49 70.02 -66.38
C GLY G 168 50.33 69.86 -64.88
N LEU G 169 49.12 69.57 -64.42
CA LEU G 169 48.87 69.36 -63.01
C LEU G 169 48.93 67.87 -62.70
N SER G 170 49.78 67.51 -61.73
CA SER G 170 50.00 66.10 -61.38
C SER G 170 48.83 65.62 -60.53
N ILE G 171 47.80 65.16 -61.21
CA ILE G 171 46.57 64.68 -60.58
C ILE G 171 46.48 63.18 -60.80
N PRO G 172 46.33 62.37 -59.74
CA PRO G 172 46.11 60.93 -59.94
C PRO G 172 44.70 60.68 -60.47
N HIS G 173 44.60 59.89 -61.53
CA HIS G 173 43.30 59.61 -62.15
C HIS G 173 43.42 58.30 -62.92
N SER G 174 42.38 58.03 -63.72
CA SER G 174 42.32 56.82 -64.53
C SER G 174 41.56 57.14 -65.81
N THR G 175 41.81 56.33 -66.84
CA THR G 175 41.12 56.45 -68.11
C THR G 175 39.85 55.60 -68.18
N LYS G 176 39.33 55.18 -67.03
CA LYS G 176 38.12 54.35 -67.02
C LYS G 176 36.88 55.19 -67.26
N ARG G 177 36.86 56.44 -66.79
CA ARG G 177 35.67 57.27 -66.89
C ARG G 177 35.89 58.48 -67.79
N PHE G 178 36.82 58.36 -68.76
CA PHE G 178 36.93 59.26 -69.89
C PHE G 178 36.02 58.80 -71.02
N PRO G 179 35.48 59.72 -71.82
CA PRO G 179 34.65 59.32 -72.96
C PRO G 179 35.48 58.63 -74.03
N GLY G 180 34.95 57.54 -74.57
CA GLY G 180 35.69 56.64 -75.43
C GLY G 180 36.01 55.31 -74.78
N TYR G 181 35.75 55.18 -73.48
CA TYR G 181 35.99 53.92 -72.78
C TYR G 181 34.92 52.90 -73.14
N ASP G 182 35.34 51.71 -73.51
CA ASP G 182 34.42 50.64 -73.87
C ASP G 182 33.99 49.92 -72.59
N SER G 183 32.68 49.76 -72.41
CA SER G 183 32.15 49.26 -71.15
C SER G 183 32.10 47.73 -71.08
N GLU G 184 32.08 47.05 -72.22
CA GLU G 184 31.98 45.59 -72.24
C GLU G 184 33.27 44.91 -72.66
N SER G 185 34.25 45.66 -73.15
CA SER G 185 35.54 45.10 -73.53
C SER G 185 36.72 45.69 -72.77
N LYS G 186 36.54 46.87 -72.14
CA LYS G 186 37.45 47.45 -71.15
C LYS G 186 38.81 47.82 -71.75
N GLU G 187 38.80 48.55 -72.86
CA GLU G 187 39.98 49.22 -73.35
C GLU G 187 39.63 50.65 -73.70
N PHE G 188 40.66 51.49 -73.83
CA PHE G 188 40.51 52.91 -74.10
C PHE G 188 40.97 53.18 -75.53
N ASN G 189 40.06 53.71 -76.35
CA ASN G 189 40.34 53.85 -77.78
C ASN G 189 41.25 55.03 -78.10
N ALA G 190 41.18 56.09 -77.29
CA ALA G 190 42.02 57.29 -77.34
C ALA G 190 41.91 58.07 -78.64
N GLU G 191 40.89 57.80 -79.46
CA GLU G 191 40.56 58.62 -80.61
C GLU G 191 39.19 59.26 -80.50
N VAL G 192 38.22 58.52 -79.94
CA VAL G 192 36.92 59.08 -79.59
C VAL G 192 37.09 60.16 -78.53
N HIS G 193 38.05 59.99 -77.62
CA HIS G 193 38.36 61.01 -76.62
C HIS G 193 38.90 62.28 -77.29
N ARG G 194 39.75 62.13 -78.32
CA ARG G 194 40.22 63.28 -79.08
C ARG G 194 39.09 63.95 -79.83
N LYS G 195 38.14 63.17 -80.35
CA LYS G 195 36.97 63.76 -81.02
C LYS G 195 36.11 64.55 -80.04
N HIS G 196 35.92 64.03 -78.81
CA HIS G 196 35.14 64.75 -77.82
C HIS G 196 35.87 66.01 -77.34
N ILE G 197 37.19 65.95 -77.20
CA ILE G 197 37.96 67.12 -76.78
C ILE G 197 37.94 68.20 -77.85
N MET G 198 38.13 67.81 -79.12
CA MET G 198 38.11 68.81 -80.18
C MET G 198 36.70 69.20 -80.59
N GLY G 199 35.67 68.54 -80.08
CA GLY G 199 34.31 69.00 -80.29
C GLY G 199 33.64 68.45 -81.52
N GLN G 200 34.02 67.26 -81.97
CA GLN G 200 33.41 66.69 -83.16
C GLN G 200 32.04 66.09 -82.89
N ASN G 201 31.72 65.80 -81.62
CA ASN G 201 30.38 65.33 -81.27
C ASN G 201 29.32 66.40 -81.54
N VAL G 202 29.66 67.67 -81.31
CA VAL G 202 28.74 68.76 -81.59
C VAL G 202 28.66 69.02 -83.10
N ALA G 203 29.81 68.98 -83.78
CA ALA G 203 29.86 69.33 -85.20
C ALA G 203 29.19 68.26 -86.07
N ASP G 204 29.31 66.99 -85.67
CA ASP G 204 28.63 65.93 -86.41
C ASP G 204 27.12 66.02 -86.27
N TYR G 205 26.63 66.45 -85.10
CA TYR G 205 25.20 66.65 -84.92
C TYR G 205 24.71 67.93 -85.60
N MET G 206 25.59 68.93 -85.73
CA MET G 206 25.29 70.08 -86.56
C MET G 206 25.12 69.67 -88.02
N ARG G 207 26.01 68.81 -88.52
CA ARG G 207 25.88 68.31 -89.89
C ARG G 207 24.63 67.44 -90.05
N TYR G 208 24.30 66.66 -89.02
CA TYR G 208 23.12 65.81 -89.05
C TYR G 208 21.84 66.63 -89.10
N LEU G 209 21.75 67.69 -88.30
CA LEU G 209 20.58 68.57 -88.38
C LEU G 209 20.58 69.37 -89.68
N MET G 210 21.76 69.72 -90.21
CA MET G 210 21.83 70.47 -91.46
C MET G 210 21.36 69.65 -92.64
N GLU G 211 21.62 68.34 -92.63
CA GLU G 211 21.06 67.47 -93.67
C GLU G 211 19.64 67.01 -93.36
N GLU G 212 19.20 67.10 -92.11
CA GLU G 212 17.83 66.71 -91.77
C GLU G 212 16.82 67.82 -92.06
N ASP G 213 16.93 68.95 -91.35
CA ASP G 213 15.96 70.03 -91.48
C ASP G 213 16.55 71.34 -90.94
N GLU G 214 16.26 72.44 -91.63
CA GLU G 214 16.84 73.73 -91.29
C GLU G 214 16.22 74.35 -90.04
N ASP G 215 14.93 74.10 -89.80
CA ASP G 215 14.24 74.74 -88.69
C ASP G 215 14.70 74.18 -87.34
N ALA G 216 14.80 72.86 -87.23
CA ALA G 216 15.32 72.25 -86.00
C ALA G 216 16.79 72.57 -85.80
N TYR G 217 17.55 72.70 -86.90
CA TYR G 217 18.95 73.11 -86.81
C TYR G 217 19.08 74.52 -86.25
N LYS G 218 18.23 75.45 -86.70
CA LYS G 218 18.27 76.81 -86.20
C LYS G 218 17.80 76.88 -84.75
N LYS G 219 16.77 76.11 -84.40
CA LYS G 219 16.27 76.07 -83.03
C LYS G 219 17.31 75.48 -82.07
N GLN G 220 18.09 74.51 -82.52
CA GLN G 220 19.10 73.91 -81.64
C GLN G 220 20.37 74.75 -81.58
N PHE G 221 20.80 75.35 -82.68
CA PHE G 221 22.08 76.03 -82.74
C PHE G 221 21.92 77.45 -83.28
N SER G 222 21.01 78.21 -82.68
CA SER G 222 20.73 79.58 -83.10
C SER G 222 21.94 80.49 -82.99
N GLN G 223 22.74 80.38 -81.91
CA GLN G 223 23.95 81.18 -81.79
C GLN G 223 25.17 80.51 -82.41
N TYR G 224 25.00 79.41 -83.13
CA TYR G 224 26.06 78.93 -84.00
C TYR G 224 25.92 79.45 -85.42
N ILE G 225 24.69 79.74 -85.86
CA ILE G 225 24.49 80.51 -87.08
C ILE G 225 24.96 81.95 -86.85
N LYS G 226 24.67 82.49 -85.67
CA LYS G 226 25.27 83.73 -85.23
C LYS G 226 26.76 83.51 -85.00
N ASN G 227 27.56 84.56 -85.29
CA ASN G 227 29.02 84.63 -85.22
C ASN G 227 29.72 83.70 -86.20
N ASN G 228 28.98 83.11 -87.16
CA ASN G 228 29.51 82.33 -88.28
C ASN G 228 30.34 81.13 -87.81
N VAL G 229 29.68 80.23 -87.09
CA VAL G 229 30.32 79.02 -86.57
C VAL G 229 29.80 77.85 -87.40
N THR G 230 30.64 77.39 -88.33
CA THR G 230 30.39 76.24 -89.17
C THR G 230 31.05 75.00 -88.56
N PRO G 231 30.55 73.79 -88.88
CA PRO G 231 31.19 72.58 -88.35
C PRO G 231 32.60 72.33 -88.84
N ASP G 232 32.99 72.89 -90.00
CA ASP G 232 34.36 72.77 -90.46
C ASP G 232 35.31 73.75 -89.77
N MET G 233 34.77 74.76 -89.10
CA MET G 233 35.58 75.74 -88.38
C MET G 233 35.92 75.29 -86.97
N MET G 234 35.28 74.21 -86.49
CA MET G 234 35.24 73.89 -85.06
C MET G 234 36.60 73.44 -84.52
N GLU G 235 37.24 72.49 -85.22
CA GLU G 235 38.50 71.94 -84.77
C GLU G 235 39.63 72.97 -84.81
N GLU G 236 39.68 73.76 -85.89
CA GLU G 236 40.67 74.83 -85.97
C GLU G 236 40.39 75.94 -84.96
N MET G 237 39.12 76.16 -84.62
CA MET G 237 38.78 77.16 -83.61
C MET G 237 39.26 76.73 -82.23
N TYR G 238 39.07 75.46 -81.89
CA TYR G 238 39.58 75.00 -80.60
C TYR G 238 41.10 74.87 -80.58
N LYS G 239 41.73 74.63 -81.74
CA LYS G 239 43.19 74.68 -81.81
C LYS G 239 43.71 76.09 -81.56
N LYS G 240 43.09 77.11 -82.17
CA LYS G 240 43.49 78.49 -81.91
C LYS G 240 43.18 78.91 -80.48
N ALA G 241 42.10 78.38 -79.89
CA ALA G 241 41.78 78.69 -78.50
C ALA G 241 42.81 78.08 -77.56
N HIS G 242 43.24 76.84 -77.81
CA HIS G 242 44.27 76.21 -77.00
C HIS G 242 45.60 76.94 -77.15
N ALA G 243 45.91 77.41 -78.37
CA ALA G 243 47.13 78.17 -78.58
C ALA G 243 47.09 79.51 -77.87
N ALA G 244 45.91 80.15 -77.83
CA ALA G 244 45.76 81.41 -77.12
C ALA G 244 45.89 81.22 -75.61
N ILE G 245 45.36 80.12 -75.09
CA ILE G 245 45.52 79.79 -73.67
C ILE G 245 46.98 79.51 -73.34
N ARG G 246 47.69 78.81 -74.23
CA ARG G 246 49.10 78.53 -73.97
C ARG G 246 49.98 79.76 -74.12
N GLU G 247 49.59 80.73 -74.94
CA GLU G 247 50.45 81.91 -75.10
C GLU G 247 50.12 83.01 -74.09
N ASN G 248 48.89 83.09 -73.61
CA ASN G 248 48.53 84.15 -72.66
C ASN G 248 47.41 83.65 -71.74
N PRO G 249 47.75 82.95 -70.66
CA PRO G 249 46.72 82.55 -69.67
C PRO G 249 46.62 83.44 -68.44
N VAL G 250 47.33 84.57 -68.38
CA VAL G 250 47.29 85.41 -67.20
C VAL G 250 45.96 86.17 -67.18
N TYR G 251 45.52 86.55 -65.98
CA TYR G 251 44.23 87.17 -65.79
C TYR G 251 44.39 88.60 -65.31
N GLU G 252 43.51 89.47 -65.81
CA GLU G 252 43.48 90.87 -65.40
C GLU G 252 42.08 91.20 -64.90
N LYS G 253 42.01 91.92 -63.79
CA LYS G 253 40.73 92.35 -63.23
C LYS G 253 40.26 93.61 -63.93
N LYS G 254 39.22 94.24 -63.38
CA LYS G 254 38.68 95.45 -63.96
C LYS G 254 38.57 96.56 -62.93
N PRO G 255 38.80 97.82 -63.31
CA PRO G 255 38.73 98.92 -62.34
C PRO G 255 37.30 99.29 -61.95
N LYS G 256 36.76 98.62 -60.94
CA LYS G 256 35.40 98.87 -60.46
C LYS G 256 35.32 100.26 -59.85
N ARG G 257 34.74 101.20 -60.59
CA ARG G 257 34.55 102.57 -60.14
C ARG G 257 33.17 103.04 -60.59
N GLU G 258 32.82 104.26 -60.15
CA GLU G 258 31.60 104.99 -60.54
C GLU G 258 30.34 104.18 -60.18
N VAL G 259 30.16 104.01 -58.87
CA VAL G 259 29.02 103.31 -58.32
C VAL G 259 28.20 104.31 -57.52
N LYS G 260 26.89 104.37 -57.81
CA LYS G 260 26.01 105.32 -57.15
C LYS G 260 25.71 104.95 -55.71
N LYS G 261 25.89 103.67 -55.35
CA LYS G 261 25.68 103.14 -54.00
C LYS G 261 24.26 103.38 -53.49
N LYS G 262 23.30 102.77 -54.19
CA LYS G 262 21.91 102.78 -53.78
C LYS G 262 21.52 101.41 -53.24
N ARG G 263 20.35 101.35 -52.61
CA ARG G 263 19.88 100.14 -51.94
C ARG G 263 18.68 99.58 -52.71
N TRP G 264 18.92 98.51 -53.46
CA TRP G 264 17.84 97.80 -54.15
C TRP G 264 17.05 96.90 -53.21
N ASN G 265 17.61 96.58 -52.04
CA ASN G 265 16.97 95.70 -51.08
C ASN G 265 16.03 96.50 -50.19
N ARG G 266 15.05 95.81 -49.60
CA ARG G 266 14.14 96.47 -48.68
C ARG G 266 14.74 96.46 -47.28
N PRO G 267 14.81 97.59 -46.59
CA PRO G 267 15.39 97.61 -45.25
C PRO G 267 14.51 96.93 -44.22
N LYS G 268 15.12 96.61 -43.08
CA LYS G 268 14.45 95.83 -42.05
C LYS G 268 13.59 96.72 -41.17
N MET G 269 12.39 96.23 -40.85
CA MET G 269 11.43 96.98 -40.05
C MET G 269 11.80 96.88 -38.58
N SER G 270 11.61 97.98 -37.85
CA SER G 270 12.10 98.09 -36.47
C SER G 270 11.01 97.74 -35.46
N LEU G 271 11.41 97.75 -34.19
CA LEU G 271 10.54 97.30 -33.09
C LEU G 271 9.36 98.23 -32.88
N ALA G 272 9.63 99.54 -32.84
CA ALA G 272 8.56 100.52 -32.68
C ALA G 272 7.61 100.50 -33.86
N GLN G 273 8.13 100.25 -35.06
CA GLN G 273 7.29 100.15 -36.26
C GLN G 273 6.40 98.91 -36.20
N LYS G 274 6.93 97.77 -35.75
CA LYS G 274 6.11 96.56 -35.66
C LYS G 274 5.06 96.68 -34.56
N LYS G 275 5.43 97.27 -33.41
CA LYS G 275 4.48 97.50 -32.33
C LYS G 275 3.39 98.48 -32.75
N ASP G 276 3.75 99.53 -33.50
CA ASP G 276 2.76 100.46 -34.02
C ASP G 276 1.87 99.82 -35.07
N ARG G 277 2.43 98.91 -35.89
CA ARG G 277 1.61 98.19 -36.87
C ARG G 277 0.57 97.32 -36.19
N VAL G 278 0.96 96.55 -35.17
CA VAL G 278 -0.02 95.67 -34.54
C VAL G 278 -1.01 96.48 -33.69
N ALA G 279 -0.58 97.63 -33.15
CA ALA G 279 -1.51 98.49 -32.43
C ALA G 279 -2.52 99.13 -33.37
N GLN G 280 -2.08 99.57 -34.56
CA GLN G 280 -2.98 100.10 -35.56
C GLN G 280 -3.91 99.03 -36.12
N LYS G 281 -3.46 97.79 -36.23
CA LYS G 281 -4.35 96.71 -36.68
C LYS G 281 -5.42 96.41 -35.64
N LYS G 282 -5.04 96.41 -34.35
CA LYS G 282 -6.02 96.24 -33.28
C LYS G 282 -7.02 97.39 -33.24
N ALA G 283 -6.55 98.62 -33.41
CA ALA G 283 -7.43 99.78 -33.39
C ALA G 283 -8.34 99.81 -34.62
N SER G 284 -7.83 99.36 -35.76
CA SER G 284 -8.65 99.30 -36.96
C SER G 284 -9.71 98.21 -36.86
N PHE G 285 -9.37 97.08 -36.22
CA PHE G 285 -10.37 96.04 -36.00
C PHE G 285 -11.45 96.50 -35.02
N LEU G 286 -11.06 97.23 -33.98
CA LEU G 286 -12.05 97.78 -33.05
C LEU G 286 -12.93 98.82 -33.71
N ARG G 287 -12.35 99.66 -34.57
CA ARG G 287 -13.13 100.66 -35.29
C ARG G 287 -14.05 100.00 -36.32
N ALA G 288 -13.64 98.86 -36.88
CA ALA G 288 -14.51 98.15 -37.81
C ALA G 288 -15.66 97.45 -37.09
N GLN G 289 -15.40 96.91 -35.90
CA GLN G 289 -16.48 96.24 -35.18
C GLN G 289 -17.36 97.19 -34.38
N GLU G 290 -16.94 98.44 -34.18
CA GLU G 290 -17.83 99.45 -33.59
C GLU G 290 -18.57 100.23 -34.68
N ARG G 291 -19.20 99.51 -35.59
CA ARG G 291 -20.03 100.10 -36.65
C ARG G 291 -21.41 99.46 -36.73
N ALA G 292 -21.52 98.16 -36.48
CA ALA G 292 -22.80 97.47 -36.54
C ALA G 292 -23.00 96.58 -35.30
N PRO H 1 80.48 117.00 45.60
CA PRO H 1 79.61 116.91 46.79
C PRO H 1 78.16 117.25 46.49
N HIS H 2 77.83 117.40 45.21
CA HIS H 2 76.49 117.78 44.81
C HIS H 2 75.57 116.56 44.83
N CYS H 3 74.31 116.81 45.18
CA CYS H 3 73.32 115.76 45.38
C CYS H 3 72.66 115.42 44.04
N SER H 4 71.54 114.70 44.10
CA SER H 4 70.83 114.26 42.90
C SER H 4 70.15 115.44 42.22
N ARG H 5 70.43 115.61 40.92
CA ARG H 5 69.81 116.71 40.18
C ARG H 5 68.37 116.38 39.78
N ASN H 6 68.14 115.22 39.18
CA ASN H 6 66.75 114.93 38.85
C ASN H 6 66.05 114.24 40.02
N PRO H 7 64.77 114.52 40.23
CA PRO H 7 64.02 113.85 41.30
C PRO H 7 63.61 112.45 40.89
N VAL H 8 63.24 111.66 41.89
CA VAL H 8 62.77 110.29 41.65
C VAL H 8 61.33 110.38 41.18
N LEU H 9 61.13 110.38 39.87
CA LEU H 9 59.80 110.47 39.28
C LEU H 9 59.06 109.14 39.42
N VAL H 10 59.58 108.10 38.80
CA VAL H 10 59.21 106.71 39.05
C VAL H 10 60.50 105.97 39.36
N ARG H 11 60.46 105.05 40.34
CA ARG H 11 61.62 104.30 40.80
C ARG H 11 62.30 103.53 39.67
N GLY H 12 63.51 103.96 39.32
CA GLY H 12 64.23 103.44 38.17
C GLY H 12 64.10 104.25 36.91
N ILE H 13 63.35 105.36 36.94
CA ILE H 13 63.06 106.15 35.75
C ILE H 13 63.44 107.60 36.05
N GLY H 14 64.28 108.18 35.19
CA GLY H 14 64.62 109.58 35.32
C GLY H 14 63.46 110.49 35.01
N ARG H 15 63.58 111.75 35.45
CA ARG H 15 62.42 112.64 35.41
C ARG H 15 62.39 113.50 34.15
N TYR H 16 63.44 114.26 33.86
CA TYR H 16 63.32 115.27 32.82
C TYR H 16 63.52 114.72 31.41
N SER H 17 64.76 114.34 31.07
CA SER H 17 65.14 113.87 29.74
C SER H 17 66.59 113.42 29.73
N ARG H 18 67.12 113.12 28.54
CA ARG H 18 68.56 113.17 28.34
C ARG H 18 69.04 114.60 28.15
N SER H 19 68.26 115.43 27.43
CA SER H 19 68.74 116.75 27.03
C SER H 19 68.64 117.78 28.17
N ALA H 20 67.58 117.72 28.97
CA ALA H 20 67.50 118.64 30.11
C ALA H 20 68.53 118.29 31.17
N MET H 21 68.82 116.99 31.35
CA MET H 21 69.91 116.62 32.23
C MET H 21 71.26 116.96 31.64
N TYR H 22 71.39 116.95 30.31
CA TYR H 22 72.59 117.47 29.65
C TYR H 22 72.79 118.94 29.95
N SER H 23 71.71 119.72 29.84
CA SER H 23 71.77 121.16 30.10
C SER H 23 72.00 121.47 31.56
N ARG H 24 71.56 120.59 32.47
CA ARG H 24 71.76 120.84 33.89
C ARG H 24 73.13 120.38 34.38
N LYS H 25 73.58 119.19 33.96
CA LYS H 25 74.91 118.71 34.32
C LYS H 25 76.03 119.48 33.62
N ALA H 26 75.70 120.15 32.51
CA ALA H 26 76.61 121.02 31.75
C ALA H 26 77.84 120.26 31.26
N LEU H 27 77.58 119.27 30.38
CA LEU H 27 78.67 118.70 29.60
C LEU H 27 79.18 119.67 28.56
N TYR H 28 78.36 120.64 28.15
CA TYR H 28 78.88 121.84 27.50
C TYR H 28 79.69 122.62 28.51
N LYS H 29 80.74 123.29 28.03
CA LYS H 29 81.82 124.05 28.69
C LYS H 29 82.75 123.17 29.52
N ARG H 30 82.47 121.87 29.66
CA ARG H 30 83.43 120.91 30.20
C ARG H 30 84.06 120.06 29.10
N LYS H 31 84.24 120.64 27.92
CA LYS H 31 84.87 119.96 26.79
C LYS H 31 86.37 119.96 27.05
N TYR H 32 86.85 118.87 27.64
CA TYR H 32 88.20 118.81 28.20
C TYR H 32 89.21 118.42 27.13
N ALA H 33 90.32 119.16 27.07
CA ALA H 33 91.41 118.86 26.15
C ALA H 33 92.45 117.99 26.86
N ALA H 34 92.05 116.75 27.12
CA ALA H 34 92.90 115.78 27.82
C ALA H 34 93.00 114.51 26.99
N PRO H 35 94.10 114.32 26.24
CA PRO H 35 94.28 113.13 25.42
C PRO H 35 95.32 112.17 25.99
N VAL H 48 109.14 93.93 33.82
CA VAL H 48 109.96 94.48 34.88
C VAL H 48 111.37 93.91 34.76
N LEU H 49 111.52 92.62 35.12
CA LEU H 49 112.65 91.74 34.82
C LEU H 49 113.92 92.08 35.62
N ALA H 50 113.90 93.18 36.37
CA ALA H 50 115.11 93.59 37.09
C ALA H 50 114.87 93.88 38.55
N THR H 51 113.75 94.51 38.91
CA THR H 51 113.51 94.97 40.27
C THR H 51 112.43 94.11 40.94
N VAL H 52 112.59 93.93 42.26
CA VAL H 52 111.64 93.17 43.04
C VAL H 52 110.35 93.99 43.23
N THR H 53 109.24 93.28 43.42
CA THR H 53 107.94 93.96 43.45
C THR H 53 107.65 94.55 44.83
N LYS H 54 107.45 93.70 45.84
CA LYS H 54 107.12 94.14 47.19
C LYS H 54 107.73 93.22 48.25
N PRO H 55 109.04 93.36 48.56
CA PRO H 55 109.54 92.79 49.81
C PRO H 55 109.62 93.82 50.93
N VAL H 56 109.44 93.39 52.18
CA VAL H 56 109.69 94.24 53.35
C VAL H 56 110.48 93.38 54.32
N GLY H 57 111.80 93.58 54.36
CA GLY H 57 112.62 92.74 55.23
C GLY H 57 114.03 93.26 55.34
N GLY H 58 114.79 92.62 56.24
CA GLY H 58 116.18 92.96 56.49
C GLY H 58 116.85 91.92 57.36
N ASP H 59 118.15 91.74 57.19
CA ASP H 59 118.87 90.70 57.92
C ASP H 59 120.29 91.19 58.18
N LYS H 60 120.96 90.52 59.13
CA LYS H 60 122.31 90.91 59.51
C LYS H 60 123.35 90.32 58.57
N ASN H 61 123.41 89.00 58.47
CA ASN H 61 124.40 88.31 57.66
C ASN H 61 123.83 88.00 56.28
N GLY H 62 124.68 88.10 55.26
CA GLY H 62 124.28 87.85 53.89
C GLY H 62 123.55 88.97 53.21
N GLY H 63 123.44 90.14 53.85
CA GLY H 63 122.70 91.24 53.27
C GLY H 63 121.29 91.32 53.80
N THR H 64 120.36 91.82 53.00
CA THR H 64 118.96 91.90 53.36
C THR H 64 118.18 90.84 52.61
N ARG H 65 117.42 90.03 53.34
CA ARG H 65 116.64 88.97 52.73
C ARG H 65 115.44 89.54 51.96
N VAL H 66 115.10 88.90 50.86
CA VAL H 66 113.94 89.27 50.05
C VAL H 66 112.83 88.31 50.47
N VAL H 67 111.98 88.77 51.39
CA VAL H 67 110.89 87.94 51.89
C VAL H 67 109.72 88.01 50.92
N LYS H 68 108.75 87.12 51.10
CA LYS H 68 107.54 87.10 50.29
C LYS H 68 106.34 87.26 51.20
N LEU H 69 105.77 88.46 51.24
CA LEU H 69 104.51 88.66 51.93
C LEU H 69 103.40 87.98 51.14
N ARG H 70 102.50 87.30 51.88
CA ARG H 70 101.37 86.53 51.35
C ARG H 70 101.88 85.44 50.40
N LYS H 71 102.58 84.49 51.00
CA LYS H 71 103.32 83.47 50.28
C LYS H 71 102.38 82.39 49.72
N MET H 72 102.98 81.45 48.99
CA MET H 72 102.22 80.37 48.39
C MET H 72 101.75 79.38 49.45
N PRO H 73 100.61 78.72 49.24
CA PRO H 73 100.12 77.76 50.22
C PRO H 73 100.92 76.47 50.22
N ARG H 74 100.68 75.65 51.25
CA ARG H 74 101.39 74.40 51.44
C ARG H 74 100.55 73.16 51.11
N TYR H 75 99.23 73.27 51.10
CA TYR H 75 98.38 72.18 50.66
C TYR H 75 97.25 72.69 49.79
N TYR H 76 97.05 72.03 48.65
CA TYR H 76 95.90 72.25 47.79
C TYR H 76 94.98 71.05 47.89
N PRO H 77 93.67 71.26 48.08
CA PRO H 77 92.74 70.12 48.12
C PRO H 77 92.63 69.46 46.76
N THR H 78 92.55 68.12 46.78
CA THR H 78 92.60 67.32 45.55
C THR H 78 91.39 67.55 44.65
N GLU H 79 90.26 67.97 45.21
CA GLU H 79 89.09 68.36 44.45
C GLU H 79 88.58 69.69 44.99
N ASP H 80 88.02 70.50 44.10
CA ASP H 80 87.51 71.80 44.50
C ASP H 80 86.37 72.21 43.58
N VAL H 81 85.56 73.14 44.07
CA VAL H 81 84.44 73.68 43.31
C VAL H 81 84.92 74.89 42.51
N PRO H 82 84.31 75.20 41.36
CA PRO H 82 84.71 76.41 40.63
C PRO H 82 84.09 77.68 41.20
N ARG H 83 84.27 78.79 40.49
CA ARG H 83 83.71 80.08 40.91
C ARG H 83 82.23 80.15 40.54
N LYS H 84 81.64 81.33 40.62
CA LYS H 84 80.22 81.52 40.33
C LYS H 84 80.06 82.58 39.23
N LEU H 85 78.80 82.95 38.98
CA LEU H 85 78.47 83.87 37.90
C LEU H 85 78.01 85.24 38.43
N LEU H 86 78.43 85.60 39.65
CA LEU H 86 78.32 86.91 40.30
C LEU H 86 76.91 87.28 40.74
N SER H 87 75.90 86.50 40.34
CA SER H 87 74.51 86.50 40.82
C SER H 87 73.71 87.78 40.53
N HIS H 88 74.37 88.83 40.03
CA HIS H 88 73.80 89.93 39.24
C HIS H 88 72.89 90.90 40.00
N GLY H 89 72.39 90.54 41.18
CA GLY H 89 71.49 91.45 41.86
C GLY H 89 71.45 91.40 43.37
N ARG H 90 72.34 90.63 43.99
CA ARG H 90 72.16 90.25 45.38
C ARG H 90 72.82 91.25 46.31
N LYS H 91 72.11 91.63 47.37
CA LYS H 91 72.55 92.49 48.43
C LYS H 91 72.48 91.77 49.77
N PRO H 92 73.38 92.06 50.70
CA PRO H 92 73.32 91.45 52.03
C PRO H 92 72.17 92.03 52.84
N PHE H 93 71.95 91.45 54.03
CA PHE H 93 70.84 91.85 54.88
C PHE H 93 71.06 93.23 55.48
N SER H 94 72.31 93.65 55.63
CA SER H 94 72.60 94.99 56.14
C SER H 94 72.48 96.07 55.07
N GLN H 95 72.13 95.70 53.83
CA GLN H 95 71.98 96.67 52.74
C GLN H 95 70.61 96.55 52.09
N HIS H 96 69.63 96.00 52.81
CA HIS H 96 68.27 95.92 52.30
C HIS H 96 67.49 97.20 52.63
N VAL H 97 66.39 97.37 51.94
CA VAL H 97 65.42 98.41 52.25
C VAL H 97 64.53 97.90 53.37
N ARG H 98 64.11 98.79 54.26
CA ARG H 98 63.38 98.43 55.47
C ARG H 98 61.94 98.90 55.32
N LYS H 99 61.01 97.96 55.28
CA LYS H 99 59.61 98.23 55.03
C LYS H 99 58.87 98.55 56.32
N LEU H 100 57.76 99.28 56.17
CA LEU H 100 56.86 99.61 57.26
C LEU H 100 55.43 99.46 56.77
N ARG H 101 54.59 98.85 57.60
CA ARG H 101 53.19 98.78 57.23
C ARG H 101 52.50 100.11 57.55
N ALA H 102 51.38 100.35 56.88
CA ALA H 102 50.69 101.63 56.98
C ALA H 102 50.01 101.82 58.34
N SER H 103 49.70 100.74 59.04
CA SER H 103 49.05 100.84 60.34
C SER H 103 50.02 101.01 61.49
N ILE H 104 51.31 100.72 61.28
CA ILE H 104 52.32 100.83 62.33
C ILE H 104 52.93 102.22 62.23
N THR H 105 52.56 103.09 63.17
CA THR H 105 53.10 104.43 63.36
C THR H 105 53.71 104.52 64.74
N PRO H 106 54.73 105.39 64.96
CA PRO H 106 55.26 105.57 66.31
C PRO H 106 54.24 106.16 67.28
N GLY H 107 53.82 105.36 68.26
CA GLY H 107 52.79 105.75 69.21
C GLY H 107 51.56 104.86 69.19
N THR H 108 51.53 103.79 68.40
CA THR H 108 50.36 102.94 68.33
C THR H 108 50.39 101.88 69.42
N ILE H 109 49.38 101.02 69.45
CA ILE H 109 49.30 99.90 70.39
C ILE H 109 49.27 98.61 69.58
N LEU H 110 50.16 97.69 69.93
CA LEU H 110 50.36 96.45 69.21
C LEU H 110 49.87 95.28 70.06
N ILE H 111 49.39 94.24 69.38
CA ILE H 111 49.03 92.98 70.03
C ILE H 111 50.09 91.96 69.63
N ILE H 112 50.91 91.55 70.59
CA ILE H 112 51.97 90.57 70.33
C ILE H 112 51.38 89.17 70.43
N LEU H 113 51.69 88.32 69.44
CA LEU H 113 50.93 87.10 69.20
C LEU H 113 51.72 85.80 69.34
N THR H 114 53.04 85.82 69.20
CA THR H 114 53.77 84.59 69.00
C THR H 114 54.75 84.22 70.11
N GLY H 115 55.18 85.16 70.95
CA GLY H 115 56.16 84.87 71.97
C GLY H 115 55.55 84.28 73.22
N ARG H 116 56.37 84.25 74.28
CA ARG H 116 55.82 83.89 75.59
C ARG H 116 54.99 85.03 76.16
N HIS H 117 55.28 86.27 75.75
CA HIS H 117 54.39 87.41 75.97
C HIS H 117 53.36 87.36 74.85
N ARG H 118 52.30 86.59 75.07
CA ARG H 118 51.35 86.26 74.02
C ARG H 118 49.99 86.86 74.32
N GLY H 119 49.50 87.71 73.41
CA GLY H 119 48.25 88.39 73.60
C GLY H 119 48.35 89.74 74.29
N LYS H 120 49.55 90.24 74.52
CA LYS H 120 49.73 91.48 75.28
C LYS H 120 49.65 92.70 74.37
N ARG H 121 49.27 93.82 74.98
CA ARG H 121 49.08 95.09 74.31
C ARG H 121 50.24 96.01 74.70
N VAL H 122 50.96 96.50 73.69
CA VAL H 122 52.24 97.18 73.88
C VAL H 122 52.22 98.54 73.19
N VAL H 123 52.59 99.58 73.91
CA VAL H 123 52.88 100.87 73.29
C VAL H 123 54.12 100.74 72.41
N PHE H 124 53.95 100.99 71.11
CA PHE H 124 55.05 100.93 70.15
C PHE H 124 55.87 102.22 70.19
N LEU H 125 57.18 102.09 69.98
CA LEU H 125 58.07 103.25 70.06
C LEU H 125 58.64 103.67 68.71
N LYS H 126 59.37 102.79 68.03
CA LYS H 126 60.09 103.18 66.82
C LYS H 126 60.54 101.94 66.05
N GLN H 127 60.85 102.15 64.78
CA GLN H 127 61.48 101.11 63.95
C GLN H 127 62.99 101.19 64.10
N LEU H 128 63.60 100.04 64.37
CA LEU H 128 65.05 99.98 64.55
C LEU H 128 65.76 99.92 63.20
N SER H 129 67.08 99.79 63.24
CA SER H 129 67.91 99.75 62.04
C SER H 129 68.16 98.32 61.56
N SER H 130 67.24 97.40 61.84
CA SER H 130 67.37 96.01 61.41
C SER H 130 66.04 95.43 60.94
N GLY H 131 65.01 96.25 60.77
CA GLY H 131 63.70 95.78 60.39
C GLY H 131 62.88 95.23 61.53
N LEU H 132 63.37 95.30 62.76
CA LEU H 132 62.69 94.76 63.92
C LEU H 132 62.05 95.89 64.72
N LEU H 133 60.80 95.68 65.14
CA LEU H 133 60.05 96.70 65.84
C LEU H 133 60.52 96.79 67.29
N LEU H 134 60.76 98.02 67.76
CA LEU H 134 61.07 98.22 69.16
C LEU H 134 59.77 98.17 69.97
N VAL H 135 59.83 97.55 71.13
CA VAL H 135 58.66 97.17 71.91
C VAL H 135 58.92 97.49 73.37
N THR H 136 58.01 98.25 73.98
CA THR H 136 58.10 98.56 75.41
C THR H 136 56.68 98.66 75.93
N GLY H 137 56.18 97.56 76.46
CA GLY H 137 55.04 97.60 77.35
C GLY H 137 55.56 98.11 78.68
N PRO H 138 54.72 98.82 79.44
CA PRO H 138 55.14 99.27 80.76
C PRO H 138 55.34 98.10 81.71
N LEU H 139 56.51 98.06 82.35
CA LEU H 139 56.86 96.95 83.22
C LEU H 139 56.00 96.92 84.48
N SER H 140 55.53 98.10 84.91
CA SER H 140 54.57 98.14 86.01
C SER H 140 53.20 97.62 85.59
N LEU H 141 52.85 97.76 84.31
CA LEU H 141 51.51 97.39 83.83
C LEU H 141 51.48 95.98 83.23
N ASN H 142 52.27 95.72 82.19
CA ASN H 142 52.10 94.54 81.37
C ASN H 142 53.24 93.54 81.49
N ARG H 143 54.30 93.86 82.25
CA ARG H 143 55.49 93.02 82.46
C ARG H 143 56.15 92.70 81.11
N VAL H 144 56.59 93.76 80.43
CA VAL H 144 57.24 93.64 79.12
C VAL H 144 58.52 94.47 79.13
N PRO H 145 59.67 93.89 78.79
CA PRO H 145 60.92 94.68 78.76
C PRO H 145 61.09 95.47 77.48
N LEU H 146 62.26 96.09 77.34
CA LEU H 146 62.73 96.57 76.04
C LEU H 146 62.95 95.34 75.17
N ARG H 147 62.08 95.12 74.17
CA ARG H 147 62.11 93.87 73.45
C ARG H 147 61.85 94.13 71.98
N ARG H 148 62.56 93.40 71.12
CA ARG H 148 62.33 93.49 69.69
C ARG H 148 61.24 92.53 69.26
N THR H 149 60.47 92.93 68.26
CA THR H 149 59.50 92.03 67.60
C THR H 149 59.62 92.16 66.10
N HIS H 150 58.70 91.55 65.37
CA HIS H 150 58.69 91.58 63.92
C HIS H 150 57.32 92.06 63.43
N GLN H 151 57.29 92.66 62.23
CA GLN H 151 56.06 93.23 61.70
C GLN H 151 55.04 92.17 61.33
N LYS H 152 55.51 91.00 60.88
CA LYS H 152 54.60 89.95 60.43
C LYS H 152 53.91 89.25 61.59
N PHE H 153 54.50 89.29 62.78
CA PHE H 153 54.00 88.54 63.93
C PHE H 153 53.10 89.38 64.83
N VAL H 154 52.70 90.57 64.39
CA VAL H 154 52.05 91.56 65.24
C VAL H 154 50.82 92.12 64.55
N ILE H 155 49.67 92.07 65.24
CA ILE H 155 48.50 92.83 64.84
C ILE H 155 48.61 94.23 65.42
N ALA H 156 48.51 95.25 64.55
CA ALA H 156 48.65 96.64 64.96
C ALA H 156 47.26 97.24 65.18
N THR H 157 46.89 97.41 66.45
CA THR H 157 45.62 98.02 66.81
C THR H 157 45.70 99.53 66.61
N SER H 158 44.70 100.10 65.95
CA SER H 158 44.69 101.53 65.64
C SER H 158 44.22 102.36 66.84
N THR H 159 45.11 102.44 67.83
CA THR H 159 44.94 103.33 68.99
C THR H 159 46.27 104.03 69.20
N LYS H 160 46.32 105.32 68.89
CA LYS H 160 47.57 106.05 68.76
C LYS H 160 47.66 107.14 69.82
N ILE H 161 48.65 107.03 70.70
CA ILE H 161 48.91 108.06 71.71
C ILE H 161 49.86 109.10 71.13
N ASP H 162 49.97 110.24 71.81
CA ASP H 162 50.97 111.25 71.47
C ASP H 162 52.30 110.84 72.09
N ILE H 163 53.31 110.62 71.27
CA ILE H 163 54.58 110.05 71.73
C ILE H 163 55.78 110.85 71.25
N SER H 164 55.60 111.84 70.38
CA SER H 164 56.70 112.53 69.71
C SER H 164 57.55 113.40 70.63
N GLY H 165 57.13 113.62 71.87
CA GLY H 165 57.91 114.43 72.79
C GLY H 165 58.68 113.64 73.82
N VAL H 166 59.26 112.51 73.41
CA VAL H 166 60.05 111.68 74.31
C VAL H 166 61.50 111.71 73.84
N LYS H 167 62.38 111.11 74.64
CA LYS H 167 63.81 111.01 74.34
C LYS H 167 64.23 109.55 74.47
N ILE H 168 64.22 108.84 73.35
CA ILE H 168 64.70 107.46 73.35
C ILE H 168 66.23 107.47 73.36
N PRO H 169 66.89 106.58 74.09
CA PRO H 169 68.36 106.51 74.02
C PRO H 169 68.82 105.96 72.67
N LYS H 170 69.91 106.54 72.16
CA LYS H 170 70.43 106.17 70.86
C LYS H 170 71.32 104.93 70.91
N HIS H 171 71.84 104.57 72.08
CA HIS H 171 72.77 103.47 72.18
C HIS H 171 72.12 102.10 72.06
N LEU H 172 70.80 102.02 72.21
CA LEU H 172 70.10 100.74 72.05
C LEU H 172 69.79 100.51 70.58
N THR H 173 70.17 99.33 70.08
CA THR H 173 70.09 99.00 68.67
C THR H 173 70.14 97.49 68.51
N ASP H 174 70.28 97.04 67.25
CA ASP H 174 70.41 95.61 66.96
C ASP H 174 71.68 95.03 67.55
N ALA H 175 72.76 95.83 67.62
CA ALA H 175 73.97 95.39 68.29
C ALA H 175 73.82 95.38 69.81
N TYR H 176 72.86 96.13 70.35
CA TYR H 176 72.62 96.12 71.78
C TYR H 176 71.72 94.97 72.20
N PHE H 177 70.76 94.59 71.36
CA PHE H 177 69.92 93.43 71.61
C PHE H 177 70.55 92.24 70.89
N LYS H 178 71.45 91.55 71.59
CA LYS H 178 72.22 90.46 70.98
C LYS H 178 72.68 89.53 72.08
N LYS H 179 72.56 88.23 71.83
CA LYS H 179 72.93 87.22 72.81
C LYS H 179 74.42 86.91 72.74
N LYS H 180 74.99 86.55 73.89
CA LYS H 180 76.44 86.50 74.04
C LYS H 180 77.00 85.15 74.51
N GLN H 181 76.17 84.12 74.61
CA GLN H 181 76.62 82.84 75.17
C GLN H 181 77.26 81.97 74.08
N LEU H 182 77.48 80.69 74.42
CA LEU H 182 78.01 79.65 73.54
C LEU H 182 79.41 79.98 73.03
N ARG H 183 80.35 80.03 73.97
CA ARG H 183 81.76 80.23 73.66
C ARG H 183 82.46 78.89 73.42
N LYS H 184 83.55 78.95 72.66
CA LYS H 184 84.29 77.78 72.17
C LYS H 184 85.22 77.06 73.15
N PRO H 185 86.24 77.72 73.80
CA PRO H 185 87.45 76.98 74.18
C PRO H 185 87.37 76.10 75.42
N ARG H 186 86.17 75.73 75.88
CA ARG H 186 86.02 74.95 77.10
C ARG H 186 86.50 73.51 76.90
N HIS H 187 86.51 72.73 77.99
CA HIS H 187 87.11 71.40 77.98
C HIS H 187 86.24 70.38 77.24
N GLN H 188 84.93 70.64 77.13
CA GLN H 188 84.00 70.03 76.18
C GLN H 188 83.65 68.58 76.51
N GLU H 189 84.30 67.99 77.52
CA GLU H 189 84.08 66.60 77.87
C GLU H 189 83.84 66.48 79.38
N GLY H 190 82.78 65.76 79.75
CA GLY H 190 82.45 65.56 81.15
C GLY H 190 80.97 65.80 81.44
N GLU H 191 80.69 66.69 82.37
CA GLU H 191 79.34 67.15 82.68
C GLU H 191 79.28 68.67 82.66
N ILE H 192 79.92 69.25 81.64
CA ILE H 192 80.22 70.68 81.55
C ILE H 192 79.79 71.20 80.18
N PHE H 193 80.24 72.42 79.85
CA PHE H 193 80.00 73.10 78.57
C PHE H 193 78.50 73.37 78.37
N ASP H 194 78.01 74.30 79.19
CA ASP H 194 76.75 75.05 79.06
C ASP H 194 75.52 74.23 79.43
N THR H 195 75.68 73.01 79.94
CA THR H 195 74.55 72.32 80.55
C THR H 195 74.30 72.82 81.98
N GLU H 196 75.29 73.44 82.59
CA GLU H 196 75.19 73.95 83.95
C GLU H 196 74.89 75.46 83.91
N LYS H 197 74.98 76.10 85.08
CA LYS H 197 74.93 77.54 85.39
C LYS H 197 73.53 78.14 85.26
N GLU H 198 72.62 77.48 84.53
CA GLU H 198 71.17 77.54 84.68
C GLU H 198 70.49 78.90 84.56
N LYS H 199 71.24 79.98 84.31
CA LYS H 199 70.74 81.33 84.53
C LYS H 199 71.20 82.26 83.40
N TYR H 200 70.64 83.47 83.42
CA TYR H 200 71.14 84.60 82.64
C TYR H 200 70.75 85.88 83.37
N GLU H 201 71.72 86.78 83.55
CA GLU H 201 71.54 87.97 84.37
C GLU H 201 70.66 89.00 83.67
N ILE H 202 70.32 90.06 84.40
CA ILE H 202 69.43 91.08 83.88
C ILE H 202 70.20 92.26 83.29
N THR H 203 71.46 92.48 83.71
CA THR H 203 72.38 93.50 83.18
C THR H 203 71.79 94.91 83.34
N GLU H 204 71.80 95.37 84.61
CA GLU H 204 71.06 96.51 85.14
C GLU H 204 71.12 97.85 84.38
N GLN H 205 72.05 97.98 83.43
CA GLN H 205 71.94 99.05 82.43
C GLN H 205 70.62 98.93 81.66
N ARG H 206 70.19 97.70 81.39
CA ARG H 206 68.87 97.45 80.81
C ARG H 206 67.75 97.93 81.74
N LYS H 207 67.93 97.75 83.06
CA LYS H 207 66.95 98.24 84.02
C LYS H 207 66.88 99.77 84.04
N VAL H 208 68.04 100.42 83.98
CA VAL H 208 68.10 101.89 83.98
C VAL H 208 67.47 102.44 82.70
N ASP H 209 67.72 101.79 81.56
CA ASP H 209 67.10 102.19 80.30
C ASP H 209 65.59 101.98 80.32
N GLN H 210 65.14 100.87 80.93
CA GLN H 210 63.71 100.59 81.05
C GLN H 210 63.02 101.63 81.93
N LYS H 211 63.67 102.04 83.02
CA LYS H 211 63.11 103.09 83.87
C LYS H 211 63.05 104.43 83.14
N ALA H 212 64.14 104.79 82.42
CA ALA H 212 64.17 106.06 81.71
C ALA H 212 63.20 106.11 80.52
N VAL H 213 62.81 104.97 79.99
CA VAL H 213 61.82 104.96 78.90
C VAL H 213 60.38 104.91 79.44
N ASP H 214 60.08 104.05 80.43
CA ASP H 214 58.69 103.97 80.86
C ASP H 214 58.30 105.13 81.77
N SER H 215 59.26 105.84 82.38
CA SER H 215 58.94 107.05 83.10
C SER H 215 58.52 108.18 82.17
N GLN H 216 58.87 108.10 80.89
CA GLN H 216 58.35 109.03 79.89
C GLN H 216 57.09 108.50 79.23
N ILE H 217 56.93 107.18 79.13
CA ILE H 217 55.72 106.61 78.52
C ILE H 217 54.51 106.77 79.45
N LEU H 218 54.69 106.47 80.74
CA LEU H 218 53.57 106.31 81.67
C LEU H 218 52.69 107.56 81.93
N PRO H 219 53.21 108.79 82.10
CA PRO H 219 52.28 109.93 82.21
C PRO H 219 51.57 110.30 80.92
N LYS H 220 52.02 109.78 79.78
CA LYS H 220 51.32 110.00 78.52
C LYS H 220 50.32 108.89 78.20
N ILE H 221 50.26 107.84 79.00
CA ILE H 221 49.24 106.82 78.85
C ILE H 221 48.27 106.77 80.02
N LYS H 222 48.63 107.34 81.17
CA LYS H 222 47.65 107.46 82.25
C LYS H 222 46.74 108.68 82.09
N ALA H 223 46.92 109.48 81.05
CA ALA H 223 45.98 110.58 80.79
C ALA H 223 44.74 110.08 80.07
N VAL H 224 44.90 109.11 79.17
CA VAL H 224 43.77 108.51 78.47
C VAL H 224 43.03 107.59 79.43
N PRO H 225 41.70 107.71 79.58
CA PRO H 225 40.99 106.88 80.56
C PRO H 225 40.91 105.42 80.13
N GLN H 226 41.12 104.52 81.08
CA GLN H 226 41.09 103.05 80.98
C GLN H 226 42.14 102.49 80.02
N LEU H 227 43.12 103.30 79.60
CA LEU H 227 44.15 102.84 78.70
C LEU H 227 45.12 101.90 79.41
N GLN H 228 45.41 102.18 80.69
CA GLN H 228 46.27 101.28 81.45
C GLN H 228 45.57 99.95 81.73
N GLY H 229 44.24 99.95 81.86
CA GLY H 229 43.52 98.70 81.98
C GLY H 229 43.53 97.92 80.68
N TYR H 230 43.40 98.63 79.54
CA TYR H 230 43.50 97.97 78.24
C TYR H 230 44.90 97.40 78.00
N LEU H 231 45.94 98.04 78.55
CA LEU H 231 47.29 97.50 78.41
C LEU H 231 47.55 96.36 79.37
N ARG H 232 46.98 96.39 80.58
CA ARG H 232 47.13 95.27 81.51
C ARG H 232 46.29 94.07 81.09
N SER H 233 45.27 94.27 80.26
CA SER H 233 44.51 93.15 79.75
C SER H 233 45.33 92.35 78.74
N VAL H 234 44.83 91.16 78.40
CA VAL H 234 45.46 90.28 77.43
C VAL H 234 44.45 89.96 76.35
N PHE H 235 44.92 89.83 75.11
CA PHE H 235 44.05 89.55 73.98
C PHE H 235 43.84 88.05 73.83
N ALA H 236 42.58 87.66 73.57
CA ALA H 236 42.23 86.27 73.37
C ALA H 236 40.94 86.20 72.58
N LEU H 237 40.92 85.32 71.58
CA LEU H 237 39.70 85.11 70.80
C LEU H 237 38.74 84.21 71.57
N THR H 238 37.45 84.45 71.38
CA THR H 238 36.42 83.68 72.07
C THR H 238 35.30 83.29 71.11
N ASN H 239 34.22 82.73 71.62
CA ASN H 239 33.14 82.25 70.77
C ASN H 239 32.34 83.42 70.18
N GLY H 240 32.06 83.33 68.88
CA GLY H 240 31.33 84.38 68.19
C GLY H 240 32.16 85.56 67.74
N VAL H 241 33.47 85.53 67.98
CA VAL H 241 34.36 86.64 67.65
C VAL H 241 35.35 86.15 66.60
N TYR H 242 35.32 86.78 65.42
CA TYR H 242 36.14 86.34 64.30
C TYR H 242 36.91 87.52 63.73
N PRO H 243 38.20 87.33 63.41
CA PRO H 243 39.04 88.48 63.01
C PRO H 243 38.67 89.10 61.68
N HIS H 244 37.96 88.39 60.81
CA HIS H 244 37.41 89.04 59.63
C HIS H 244 36.16 89.85 59.94
N LYS H 245 35.57 89.65 61.12
CA LYS H 245 34.41 90.43 61.55
C LYS H 245 34.81 91.65 62.37
N LEU H 246 35.62 91.48 63.42
CA LEU H 246 35.94 92.65 64.25
C LEU H 246 37.03 93.49 63.61
N VAL H 247 36.95 94.79 63.85
CA VAL H 247 37.92 95.76 63.35
C VAL H 247 38.77 96.23 64.54
N PHE H 248 40.02 96.55 64.25
CA PHE H 248 40.96 96.97 65.28
C PHE H 248 41.68 98.25 64.88
N ASN I 1 105.66 97.74 18.77
CA ASN I 1 104.79 96.71 18.22
C ASN I 1 103.63 96.43 19.17
N PHE I 2 103.96 96.15 20.43
CA PHE I 2 102.95 95.80 21.42
C PHE I 2 102.08 97.00 21.79
N ALA I 3 102.68 98.19 21.90
CA ALA I 3 101.91 99.39 22.15
C ALA I 3 101.03 99.73 20.96
N GLU I 4 101.52 99.47 19.74
CA GLU I 4 100.70 99.67 18.54
C GLU I 4 99.52 98.73 18.51
N LEU I 5 99.71 97.47 18.90
CA LEU I 5 98.59 96.53 18.99
C LEU I 5 97.61 96.91 20.10
N LYS I 6 98.12 97.48 21.20
CA LYS I 6 97.26 97.96 22.28
C LYS I 6 96.38 99.11 21.82
N ILE I 7 96.97 100.08 21.12
CA ILE I 7 96.20 101.23 20.61
C ILE I 7 95.23 100.78 19.52
N LYS I 8 95.62 99.77 18.72
CA LYS I 8 94.71 99.21 17.72
C LYS I 8 93.52 98.51 18.37
N ARG I 9 93.75 97.78 19.47
CA ARG I 9 92.67 97.11 20.17
C ARG I 9 91.72 98.11 20.81
N LEU I 10 92.26 99.18 21.39
CA LEU I 10 91.41 100.24 21.94
C LEU I 10 90.63 100.96 20.85
N ARG I 11 91.22 101.13 19.66
CA ARG I 11 90.51 101.71 18.53
C ARG I 11 89.36 100.82 18.07
N LYS I 12 89.58 99.50 18.05
CA LYS I 12 88.51 98.58 17.65
C LYS I 12 87.38 98.54 18.67
N LYS I 13 87.73 98.60 19.96
CA LYS I 13 86.68 98.64 20.99
C LYS I 13 85.88 99.94 20.92
N PHE I 14 86.55 101.06 20.66
CA PHE I 14 85.84 102.32 20.48
C PHE I 14 84.98 102.31 19.22
N ALA I 15 85.42 101.64 18.16
CA ALA I 15 84.63 101.55 16.94
C ALA I 15 83.37 100.72 17.16
N GLN I 16 83.49 99.58 17.86
CA GLN I 16 82.32 98.79 18.23
C GLN I 16 81.36 99.57 19.11
N LYS I 17 81.89 100.34 20.07
CA LYS I 17 81.02 101.12 20.96
C LYS I 17 80.29 102.22 20.23
N MET I 18 80.97 102.92 19.32
CA MET I 18 80.35 104.01 18.56
C MET I 18 79.30 103.48 17.60
N LEU I 19 79.60 102.36 16.92
CA LEU I 19 78.62 101.76 16.01
C LEU I 19 77.42 101.21 16.75
N ARG I 20 77.62 100.70 17.96
CA ARG I 20 76.51 100.20 18.78
C ARG I 20 75.62 101.35 19.25
N LYS I 21 76.23 102.49 19.63
CA LYS I 21 75.45 103.66 20.00
C LYS I 21 74.68 104.24 18.81
N ALA I 22 75.27 104.16 17.61
CA ALA I 22 74.59 104.63 16.41
C ALA I 22 73.38 103.75 16.08
N ARG I 23 73.54 102.43 16.18
CA ARG I 23 72.39 101.54 15.96
C ARG I 23 71.33 101.71 17.04
N ARG I 24 71.74 102.01 18.27
CA ARG I 24 70.80 102.27 19.36
C ARG I 24 69.97 103.52 19.09
N LYS I 25 70.63 104.59 18.63
CA LYS I 25 69.92 105.81 18.26
C LYS I 25 69.01 105.60 17.06
N LEU I 26 69.42 104.74 16.12
CA LEU I 26 68.57 104.36 14.99
C LEU I 26 67.28 103.69 15.47
N ILE I 27 67.40 102.73 16.40
CA ILE I 27 66.23 102.02 16.93
C ILE I 27 65.30 102.98 17.67
N TYR I 28 65.88 103.90 18.45
CA TYR I 28 65.09 104.89 19.18
C TYR I 28 64.30 105.80 18.24
N GLU I 29 64.97 106.33 17.21
CA GLU I 29 64.30 107.25 16.30
C GLU I 29 63.26 106.55 15.42
N LYS I 30 63.52 105.29 15.03
CA LYS I 30 62.51 104.57 14.27
C LYS I 30 61.30 104.20 15.12
N ALA I 31 61.52 103.95 16.42
CA ALA I 31 60.38 103.71 17.32
C ALA I 31 59.56 104.98 17.51
N LYS I 32 60.23 106.14 17.58
CA LYS I 32 59.51 107.40 17.68
C LYS I 32 58.70 107.69 16.42
N HIS I 33 59.27 107.38 15.25
CA HIS I 33 58.54 107.53 13.99
C HIS I 33 57.36 106.57 13.89
N TYR I 34 57.50 105.36 14.46
CA TYR I 34 56.38 104.43 14.46
C TYR I 34 55.26 104.89 15.38
N HIS I 35 55.63 105.50 16.52
CA HIS I 35 54.64 106.14 17.39
C HIS I 35 53.90 107.25 16.67
N LYS I 36 54.62 108.07 15.90
CA LYS I 36 54.00 109.15 15.14
C LYS I 36 53.06 108.61 14.07
N GLU I 37 53.45 107.52 13.39
CA GLU I 37 52.60 106.93 12.36
C GLU I 37 51.34 106.29 12.95
N TYR I 38 51.47 105.66 14.13
CA TYR I 38 50.31 105.08 14.79
C TYR I 38 49.31 106.15 15.23
N ARG I 39 49.83 107.25 15.81
CA ARG I 39 48.95 108.35 16.19
C ARG I 39 48.31 109.00 14.98
N GLN I 40 49.05 109.08 13.86
CA GLN I 40 48.51 109.62 12.61
C GLN I 40 47.36 108.77 12.08
N MET I 41 47.54 107.44 12.07
CA MET I 41 46.49 106.55 11.56
C MET I 41 45.25 106.58 12.44
N TYR I 42 45.44 106.50 13.76
CA TYR I 42 44.30 106.53 14.67
C TYR I 42 43.58 107.87 14.66
N ARG I 43 44.30 108.95 14.38
CA ARG I 43 43.63 110.23 14.19
C ARG I 43 42.84 110.27 12.88
N THR I 44 43.47 109.86 11.77
CA THR I 44 42.85 110.09 10.46
C THR I 44 41.67 109.16 10.20
N GLU I 45 41.58 108.00 10.88
CA GLU I 45 40.37 107.19 10.74
C GLU I 45 39.16 107.89 11.34
N ILE I 46 39.34 108.50 12.53
CA ILE I 46 38.27 109.27 13.16
C ILE I 46 37.98 110.54 12.35
N ARG I 47 39.01 111.12 11.71
CA ARG I 47 38.78 112.27 10.84
C ARG I 47 37.90 111.91 9.64
N MET I 48 38.19 110.77 8.99
CA MET I 48 37.35 110.28 7.89
C MET I 48 35.92 110.02 8.35
N ALA I 49 35.76 109.41 9.53
CA ALA I 49 34.42 109.12 10.04
C ALA I 49 33.64 110.40 10.37
N ARG I 50 34.32 111.41 10.91
CA ARG I 50 33.66 112.66 11.25
C ARG I 50 33.27 113.45 10.00
N MET I 51 34.14 113.48 8.99
CA MET I 51 33.76 114.20 7.77
C MET I 51 32.75 113.42 6.94
N ALA I 52 32.62 112.11 7.16
CA ALA I 52 31.50 111.40 6.55
C ALA I 52 30.19 111.67 7.28
N ARG I 53 30.24 111.75 8.62
CA ARG I 53 29.02 112.03 9.38
C ARG I 53 28.57 113.49 9.30
N LYS I 54 29.48 114.40 8.94
CA LYS I 54 29.11 115.81 8.84
C LYS I 54 28.14 116.05 7.70
N ALA I 55 28.37 115.41 6.56
CA ALA I 55 27.37 115.37 5.50
C ALA I 55 26.49 114.13 5.68
N GLY I 56 25.62 113.88 4.72
CA GLY I 56 24.80 112.69 4.77
C GLY I 56 25.50 111.50 4.16
N ASN I 57 26.60 111.06 4.77
CA ASN I 57 27.41 109.99 4.18
C ASN I 57 27.78 108.96 5.24
N PHE I 58 28.60 107.97 4.86
CA PHE I 58 29.10 106.97 5.77
C PHE I 58 30.52 106.59 5.35
N TYR I 59 31.44 106.57 6.31
CA TYR I 59 32.80 106.06 6.08
C TYR I 59 32.80 104.57 6.37
N VAL I 60 32.82 103.76 5.32
CA VAL I 60 33.04 102.33 5.48
C VAL I 60 34.52 102.12 5.72
N PRO I 61 34.92 101.59 6.87
CA PRO I 61 36.35 101.39 7.12
C PRO I 61 36.90 100.24 6.29
N ALA I 62 38.22 100.21 6.20
CA ALA I 62 38.89 99.17 5.43
C ALA I 62 38.80 97.83 6.15
N GLU I 63 38.65 96.77 5.38
CA GLU I 63 38.87 95.43 5.90
C GLU I 63 40.33 95.33 6.32
N PRO I 64 40.64 95.10 7.59
CA PRO I 64 42.04 95.15 8.02
C PRO I 64 42.82 93.96 7.49
N LYS I 65 44.03 94.24 6.98
CA LYS I 65 44.84 93.27 6.28
C LYS I 65 45.44 92.20 7.18
N LEU I 66 45.25 92.30 8.49
CA LEU I 66 45.90 91.41 9.44
C LEU I 66 44.86 90.82 10.38
N ALA I 67 44.91 89.49 10.56
CA ALA I 67 44.07 88.77 11.49
C ALA I 67 44.96 87.95 12.43
N PHE I 68 44.38 87.57 13.56
CA PHE I 68 45.02 86.66 14.52
C PHE I 68 44.12 85.46 14.68
N VAL I 69 44.70 84.27 14.51
CA VAL I 69 43.98 83.01 14.43
C VAL I 69 44.46 82.12 15.56
N ILE I 70 43.53 81.52 16.31
CA ILE I 70 43.86 80.60 17.40
C ILE I 70 43.14 79.29 17.17
N ARG I 71 43.90 78.19 17.13
CA ARG I 71 43.28 76.87 17.07
C ARG I 71 42.70 76.51 18.44
N ILE I 72 41.38 76.30 18.50
CA ILE I 72 40.72 76.08 19.78
C ILE I 72 40.33 74.63 20.01
N ARG I 73 40.40 73.76 19.00
CA ARG I 73 40.09 72.36 19.16
C ARG I 73 41.33 71.53 18.90
N GLY I 74 41.52 70.47 19.69
CA GLY I 74 42.70 69.66 19.65
C GLY I 74 42.82 68.79 18.40
N ILE I 75 43.72 67.81 18.49
CA ILE I 75 44.15 67.05 17.33
C ILE I 75 43.32 65.78 17.12
N ASN I 76 42.52 65.37 18.10
CA ASN I 76 41.79 64.12 18.02
C ASN I 76 40.53 64.28 17.16
N GLY I 77 40.41 63.43 16.14
CA GLY I 77 39.25 63.45 15.28
C GLY I 77 39.20 64.66 14.36
N VAL I 78 40.19 64.80 13.48
CA VAL I 78 40.32 65.94 12.61
C VAL I 78 40.24 65.49 11.15
N SER I 79 39.52 66.26 10.33
CA SER I 79 39.40 65.99 8.91
C SER I 79 40.77 66.12 8.24
N PRO I 80 41.02 65.39 7.14
CA PRO I 80 42.34 65.49 6.49
C PRO I 80 42.60 66.83 5.85
N LYS I 81 41.61 67.40 5.15
CA LYS I 81 41.78 68.71 4.53
C LYS I 81 41.93 69.80 5.59
N VAL I 82 41.14 69.72 6.66
CA VAL I 82 41.20 70.69 7.74
C VAL I 82 42.55 70.59 8.47
N ARG I 83 43.03 69.36 8.67
CA ARG I 83 44.34 69.15 9.29
C ARG I 83 45.47 69.68 8.41
N LYS I 84 45.33 69.53 7.09
CA LYS I 84 46.31 70.08 6.16
C LYS I 84 46.34 71.61 6.22
N VAL I 85 45.17 72.24 6.27
CA VAL I 85 45.12 73.70 6.34
C VAL I 85 45.66 74.20 7.68
N LEU I 86 45.39 73.46 8.77
CA LEU I 86 45.91 73.86 10.07
C LEU I 86 47.43 73.70 10.14
N GLN I 87 47.98 72.67 9.52
CA GLN I 87 49.43 72.55 9.53
C GLN I 87 50.10 73.45 8.48
N LEU I 88 49.33 73.98 7.51
CA LEU I 88 49.86 75.06 6.69
C LEU I 88 49.81 76.40 7.40
N LEU I 89 48.81 76.61 8.26
CA LEU I 89 48.71 77.82 9.06
C LEU I 89 49.47 77.71 10.37
N ARG I 90 50.20 76.61 10.58
CA ARG I 90 51.08 76.38 11.72
C ARG I 90 50.31 76.36 13.04
N LEU I 91 49.18 75.65 13.04
CA LEU I 91 48.36 75.47 14.22
C LEU I 91 48.31 73.97 14.50
N ARG I 92 49.31 73.49 15.24
CA ARG I 92 49.46 72.06 15.48
C ARG I 92 48.99 71.61 16.86
N GLN I 93 49.02 72.50 17.85
CA GLN I 93 48.44 72.24 19.15
C GLN I 93 47.11 72.97 19.29
N ILE I 94 46.39 72.64 20.37
CA ILE I 94 45.33 73.51 20.83
C ILE I 94 45.97 74.77 21.42
N PHE I 95 45.27 75.91 21.23
CA PHE I 95 45.65 77.22 21.79
C PHE I 95 46.99 77.70 21.24
N ASN I 96 47.12 77.63 19.91
CA ASN I 96 48.18 78.31 19.19
C ASN I 96 47.59 79.45 18.38
N GLY I 97 48.37 80.51 18.25
CA GLY I 97 47.95 81.69 17.51
C GLY I 97 48.96 82.10 16.47
N THR I 98 48.46 82.59 15.34
CA THR I 98 49.29 83.09 14.25
C THR I 98 48.72 84.38 13.69
N PHE I 99 49.61 85.27 13.25
CA PHE I 99 49.21 86.45 12.50
C PHE I 99 49.16 86.10 11.02
N VAL I 100 47.99 86.31 10.41
CA VAL I 100 47.74 85.91 9.02
C VAL I 100 47.27 87.14 8.26
N LYS I 101 47.90 87.42 7.12
CA LYS I 101 47.41 88.50 6.27
C LYS I 101 46.21 88.04 5.46
N LEU I 102 45.39 88.99 5.05
CA LEU I 102 44.09 88.70 4.45
C LEU I 102 44.14 88.89 2.95
N ASN I 103 43.73 87.86 2.23
CA ASN I 103 43.37 87.95 0.83
C ASN I 103 42.30 86.89 0.57
N LYS I 104 42.02 86.63 -0.71
CA LYS I 104 40.94 85.71 -1.07
C LYS I 104 41.27 84.28 -0.65
N ALA I 105 42.52 83.86 -0.88
CA ALA I 105 42.95 82.52 -0.49
C ALA I 105 42.93 82.33 1.02
N SER I 106 43.38 83.35 1.76
CA SER I 106 43.40 83.26 3.22
C SER I 106 41.99 83.23 3.81
N ILE I 107 41.08 84.08 3.28
CA ILE I 107 39.71 84.11 3.76
C ILE I 107 39.01 82.78 3.45
N ASN I 108 39.30 82.19 2.28
CA ASN I 108 38.66 80.91 1.95
C ASN I 108 39.22 79.76 2.78
N MET I 109 40.53 79.78 3.09
CA MET I 109 41.10 78.78 3.99
C MET I 109 40.53 78.89 5.39
N LEU I 110 40.41 80.11 5.92
CA LEU I 110 39.84 80.31 7.25
C LEU I 110 38.35 79.96 7.28
N ARG I 111 37.62 80.20 6.19
CA ARG I 111 36.20 79.85 6.21
C ARG I 111 35.97 78.36 6.00
N ILE I 112 36.96 77.62 5.46
CA ILE I 112 36.79 76.17 5.44
C ILE I 112 37.38 75.50 6.68
N VAL I 113 38.13 76.23 7.53
CA VAL I 113 38.48 75.64 8.82
C VAL I 113 37.89 76.41 10.00
N GLU I 114 36.78 77.13 9.77
CA GLU I 114 36.00 77.80 10.82
C GLU I 114 35.69 77.02 12.10
N PRO I 115 35.20 75.76 12.10
CA PRO I 115 34.73 75.20 13.38
C PRO I 115 35.84 74.79 14.35
N TYR I 116 37.10 74.83 13.95
CA TYR I 116 38.19 74.44 14.85
C TYR I 116 39.03 75.62 15.31
N ILE I 117 38.76 76.83 14.84
CA ILE I 117 39.56 77.99 15.17
C ILE I 117 38.66 79.11 15.66
N ALA I 118 39.26 80.05 16.37
CA ALA I 118 38.68 81.36 16.66
C ALA I 118 39.64 82.38 16.08
N TRP I 119 39.18 83.12 15.08
CA TRP I 119 40.02 84.10 14.42
C TRP I 119 39.32 85.45 14.42
N GLY I 120 40.12 86.50 14.58
CA GLY I 120 39.56 87.83 14.59
C GLY I 120 40.57 88.83 14.10
N TYR I 121 40.21 90.10 14.18
CA TYR I 121 41.14 91.15 13.78
C TYR I 121 41.67 91.83 15.02
N PRO I 122 42.94 91.63 15.37
CA PRO I 122 43.44 92.10 16.67
C PRO I 122 43.73 93.60 16.64
N ASN I 123 44.31 94.07 17.74
CA ASN I 123 44.56 95.48 17.96
C ASN I 123 46.05 95.68 18.16
N LEU I 124 46.45 96.95 18.25
CA LEU I 124 47.86 97.30 18.40
C LEU I 124 48.42 96.83 19.74
N LYS I 125 47.66 97.00 20.81
CA LYS I 125 48.10 96.50 22.11
C LYS I 125 48.10 94.98 22.16
N SER I 126 47.20 94.34 21.38
CA SER I 126 47.22 92.89 21.27
C SER I 126 48.50 92.40 20.60
N VAL I 127 48.90 93.06 19.49
CA VAL I 127 50.18 92.76 18.85
C VAL I 127 51.33 93.05 19.80
N ASN I 128 51.20 94.07 20.64
CA ASN I 128 52.25 94.42 21.60
C ASN I 128 52.43 93.32 22.65
N GLU I 129 51.33 92.80 23.23
CA GLU I 129 51.47 91.70 24.18
C GLU I 129 51.98 90.44 23.50
N LEU I 130 51.49 90.13 22.30
CA LEU I 130 51.88 88.89 21.63
C LEU I 130 53.33 88.92 21.15
N ILE I 131 53.89 90.10 20.91
CA ILE I 131 55.29 90.15 20.49
C ILE I 131 56.23 90.38 21.68
N TYR I 132 55.88 91.19 22.67
CA TYR I 132 56.81 91.37 23.78
C TYR I 132 56.75 90.20 24.77
N LYS I 133 55.55 89.79 25.19
CA LYS I 133 55.46 88.73 26.19
C LYS I 133 55.72 87.36 25.58
N ARG I 134 55.26 87.14 24.35
CA ARG I 134 55.37 85.84 23.69
C ARG I 134 56.29 85.91 22.48
N GLY I 135 57.44 86.58 22.62
CA GLY I 135 58.33 86.75 21.49
C GLY I 135 59.30 85.61 21.30
N TYR I 136 58.97 84.70 20.40
CA TYR I 136 59.74 83.50 20.12
C TYR I 136 60.01 83.44 18.63
N GLY I 137 61.30 83.44 18.27
CA GLY I 137 61.68 83.43 16.87
C GLY I 137 62.30 82.12 16.43
N LYS I 138 62.34 81.90 15.13
CA LYS I 138 62.86 80.66 14.55
C LYS I 138 64.23 80.96 13.94
N ILE I 139 65.27 80.70 14.73
CA ILE I 139 66.65 80.94 14.32
C ILE I 139 67.37 79.60 14.32
N ASN I 140 67.83 79.20 13.12
CA ASN I 140 68.43 77.88 12.85
C ASN I 140 67.48 76.75 13.28
N LYS I 141 66.20 76.93 12.92
CA LYS I 141 65.11 75.99 13.23
C LYS I 141 64.98 75.72 14.73
N LYS I 142 65.18 76.77 15.53
CA LYS I 142 65.11 76.66 16.99
C LYS I 142 64.26 77.79 17.55
N ARG I 143 63.44 77.46 18.54
CA ARG I 143 62.49 78.39 19.15
C ARG I 143 63.21 79.20 20.23
N ILE I 144 63.83 80.28 19.80
CA ILE I 144 64.70 81.09 20.66
C ILE I 144 63.96 82.34 21.09
N ALA I 145 64.03 82.67 22.38
CA ALA I 145 63.35 83.83 22.92
C ALA I 145 64.01 85.12 22.43
N LEU I 146 63.20 86.16 22.26
CA LEU I 146 63.66 87.44 21.73
C LEU I 146 64.07 88.36 22.89
N THR I 147 65.20 88.01 23.50
CA THR I 147 65.74 88.77 24.62
C THR I 147 66.66 89.90 24.17
N ASP I 148 66.83 90.11 22.87
CA ASP I 148 67.74 91.13 22.35
C ASP I 148 67.29 91.49 20.95
N ASN I 149 67.59 92.73 20.55
CA ASN I 149 67.32 93.16 19.18
C ASN I 149 68.33 92.61 18.19
N ALA I 150 69.47 92.12 18.67
CA ALA I 150 70.51 91.59 17.79
C ALA I 150 70.05 90.31 17.09
N LEU I 151 69.14 89.56 17.70
CA LEU I 151 68.61 88.35 17.09
C LEU I 151 67.79 88.68 15.84
N ILE I 152 66.89 89.66 15.95
CA ILE I 152 66.10 90.09 14.81
C ILE I 152 66.98 90.81 13.79
N ALA I 153 67.97 91.57 14.26
CA ALA I 153 68.87 92.26 13.34
C ALA I 153 69.80 91.30 12.60
N ARG I 154 70.07 90.11 13.16
CA ARG I 154 70.87 89.12 12.47
C ARG I 154 70.00 88.27 11.54
N SER I 155 68.76 87.98 11.94
CA SER I 155 67.92 87.11 11.11
C SER I 155 67.28 87.87 9.95
N LEU I 156 66.77 89.07 10.18
CA LEU I 156 66.06 89.84 9.15
C LEU I 156 66.78 91.14 8.83
N GLY I 157 68.11 91.13 8.89
CA GLY I 157 68.88 92.31 8.55
C GLY I 157 68.85 92.65 7.08
N LYS I 158 68.61 91.67 6.21
CA LYS I 158 68.49 91.91 4.78
C LYS I 158 67.07 92.23 4.35
N TYR I 159 66.15 92.45 5.28
CA TYR I 159 64.77 92.77 4.96
C TYR I 159 64.32 94.11 5.56
N GLY I 160 65.18 94.81 6.29
CA GLY I 160 64.84 96.08 6.88
C GLY I 160 64.20 96.02 8.25
N ILE I 161 64.07 94.83 8.83
CA ILE I 161 63.46 94.63 10.14
C ILE I 161 64.59 94.23 11.09
N ILE I 162 65.02 95.16 11.94
CA ILE I 162 66.19 94.93 12.78
C ILE I 162 65.87 95.06 14.26
N CYS I 163 64.61 95.25 14.63
CA CYS I 163 64.26 95.36 16.04
C CYS I 163 62.82 94.91 16.28
N MET I 164 62.46 94.89 17.57
CA MET I 164 61.11 94.57 17.99
C MET I 164 60.11 95.55 17.43
N GLU I 165 60.48 96.83 17.38
CA GLU I 165 59.58 97.86 16.85
C GLU I 165 59.38 97.71 15.35
N ASP I 166 60.45 97.37 14.62
CA ASP I 166 60.32 97.09 13.19
C ASP I 166 59.43 95.88 12.95
N LEU I 167 59.56 94.85 13.79
CA LEU I 167 58.74 93.65 13.62
C LEU I 167 57.27 93.93 13.91
N ILE I 168 57.00 94.68 14.99
CA ILE I 168 55.62 95.05 15.33
C ILE I 168 55.01 95.95 14.26
N HIS I 169 55.81 96.87 13.70
CA HIS I 169 55.30 97.74 12.66
C HIS I 169 54.99 96.97 11.37
N GLU I 170 55.82 95.98 11.04
CA GLU I 170 55.54 95.16 9.86
C GLU I 170 54.29 94.32 10.05
N ILE I 171 54.17 93.66 11.21
CA ILE I 171 53.02 92.81 11.50
C ILE I 171 51.72 93.62 11.54
N TYR I 172 51.74 94.79 12.20
CA TYR I 172 50.53 95.60 12.29
C TYR I 172 50.20 96.24 10.96
N THR I 173 51.10 97.10 10.45
CA THR I 173 50.95 97.62 9.09
C THR I 173 51.75 96.70 8.18
N VAL I 174 51.09 95.60 7.80
CA VAL I 174 51.51 94.62 6.80
C VAL I 174 52.02 95.30 5.53
N GLY I 175 53.25 94.98 5.16
CA GLY I 175 53.86 95.55 3.97
C GLY I 175 54.36 94.50 3.02
N LYS I 176 55.63 94.61 2.61
CA LYS I 176 56.23 93.65 1.70
C LYS I 176 57.08 92.62 2.41
N ARG I 177 57.19 92.69 3.73
CA ARG I 177 58.03 91.77 4.51
C ARG I 177 57.21 90.95 5.51
N PHE I 178 55.90 90.88 5.32
CA PHE I 178 55.04 90.15 6.25
C PHE I 178 55.29 88.66 6.20
N LYS I 179 55.64 88.13 5.02
CA LYS I 179 55.93 86.71 4.89
C LYS I 179 57.17 86.32 5.68
N GLU I 180 58.22 87.14 5.57
CA GLU I 180 59.45 86.86 6.31
C GLU I 180 59.29 87.08 7.80
N ALA I 181 58.50 88.10 8.20
CA ALA I 181 58.26 88.32 9.63
C ALA I 181 57.42 87.21 10.23
N ASN I 182 56.40 86.74 9.50
CA ASN I 182 55.54 85.68 10.00
C ASN I 182 56.25 84.32 10.00
N ASN I 183 57.18 84.11 9.05
CA ASN I 183 57.97 82.88 9.07
C ASN I 183 59.02 82.94 10.19
N PHE I 184 59.51 84.13 10.52
CA PHE I 184 60.41 84.28 11.66
C PHE I 184 59.69 84.02 12.97
N LEU I 185 58.46 84.52 13.11
CA LEU I 185 57.71 84.32 14.34
C LEU I 185 57.27 82.86 14.47
N TRP I 186 57.66 82.23 15.57
CA TRP I 186 57.11 80.94 15.94
C TRP I 186 55.62 81.10 16.26
N PRO I 187 54.79 80.10 15.96
CA PRO I 187 53.37 80.21 16.31
C PRO I 187 53.16 80.22 17.82
N PHE I 188 52.41 81.21 18.29
CA PHE I 188 52.39 81.58 19.70
C PHE I 188 51.65 80.53 20.52
N LYS I 189 52.36 79.97 21.51
CA LYS I 189 51.82 78.99 22.44
C LYS I 189 51.07 79.75 23.51
N LEU I 190 49.76 79.96 23.31
CA LEU I 190 49.00 80.71 24.28
C LEU I 190 48.40 79.77 25.32
N SER I 191 48.13 80.31 26.51
CA SER I 191 47.57 79.52 27.59
C SER I 191 46.07 79.40 27.43
N SER I 192 45.44 78.69 28.37
CA SER I 192 43.99 78.58 28.38
C SER I 192 43.36 79.92 28.77
N PRO I 193 42.20 80.24 28.21
CA PRO I 193 41.56 81.54 28.51
C PRO I 193 41.07 81.61 29.94
N ARG I 194 41.61 82.57 30.69
CA ARG I 194 41.21 82.80 32.06
C ARG I 194 39.80 83.36 32.13
N GLY I 195 38.94 82.71 32.92
CA GLY I 195 37.54 83.07 33.00
C GLY I 195 36.63 82.09 32.31
N GLY I 196 37.17 81.15 31.56
CA GLY I 196 36.38 80.11 30.93
C GLY I 196 35.92 80.49 29.53
N MET I 197 35.73 79.46 28.72
CA MET I 197 35.13 79.60 27.40
C MET I 197 33.61 79.56 27.51
N LYS I 198 32.95 80.25 26.58
CA LYS I 198 31.49 80.17 26.54
C LYS I 198 31.04 78.81 26.05
N LYS I 199 31.42 78.45 24.82
CA LYS I 199 31.15 77.13 24.27
C LYS I 199 32.12 76.91 23.12
N LYS I 200 32.85 75.79 23.15
CA LYS I 200 33.88 75.56 22.15
C LYS I 200 33.30 75.08 20.83
N THR I 201 32.22 74.29 20.88
CA THR I 201 31.81 73.52 19.71
C THR I 201 31.04 74.30 18.67
N THR I 202 30.27 75.32 19.06
CA THR I 202 29.44 76.07 18.13
C THR I 202 30.12 77.38 17.74
N HIS I 203 29.52 78.06 16.78
CA HIS I 203 30.06 79.29 16.22
C HIS I 203 29.71 80.49 17.11
N PHE I 204 30.52 81.54 16.99
CA PHE I 204 30.37 82.76 17.80
C PHE I 204 29.04 83.46 17.56
N VAL I 205 28.43 83.27 16.40
CA VAL I 205 27.10 83.85 16.14
C VAL I 205 26.05 83.18 17.01
N GLU I 206 26.08 81.85 17.10
CA GLU I 206 25.10 81.08 17.87
C GLU I 206 25.54 80.84 19.31
N GLY I 207 26.37 81.73 19.87
CA GLY I 207 26.73 81.68 21.27
C GLY I 207 27.98 80.90 21.59
N GLU I 208 28.70 80.41 20.60
CA GLU I 208 29.89 79.61 20.81
C GLU I 208 31.13 80.51 20.80
N ASP I 209 32.31 79.92 20.67
CA ASP I 209 33.55 80.67 20.65
C ASP I 209 34.36 80.44 19.38
N ALA I 210 33.85 79.64 18.45
CA ALA I 210 34.53 79.38 17.19
C ALA I 210 34.08 80.39 16.13
N GLY I 211 34.93 80.57 15.13
CA GLY I 211 34.57 81.41 14.02
C GLY I 211 35.18 82.80 14.05
N ASN I 212 34.40 83.81 13.67
CA ASN I 212 34.92 85.15 13.45
C ASN I 212 34.61 86.03 14.67
N ARG I 213 35.67 86.40 15.40
CA ARG I 213 35.62 87.33 16.51
C ARG I 213 36.18 88.69 16.13
N GLU I 214 35.82 89.17 14.93
CA GLU I 214 36.43 90.28 14.19
C GLU I 214 36.69 91.57 14.97
N ASP I 215 35.95 91.80 16.06
CA ASP I 215 36.30 92.83 17.03
C ASP I 215 36.47 92.29 18.43
N GLN I 216 35.81 91.19 18.77
CA GLN I 216 35.85 90.62 20.11
C GLN I 216 36.99 89.62 20.31
N ILE I 217 37.99 89.61 19.41
CA ILE I 217 39.13 88.72 19.60
C ILE I 217 40.08 89.28 20.66
N ASN I 218 39.99 90.58 20.95
CA ASN I 218 40.95 91.21 21.84
C ASN I 218 40.74 90.82 23.30
N ARG I 219 39.48 90.66 23.73
CA ARG I 219 39.20 90.18 25.08
C ARG I 219 39.71 88.76 25.27
N LEU I 220 39.57 87.92 24.24
CA LEU I 220 40.09 86.56 24.32
C LEU I 220 41.62 86.53 24.26
N ILE I 221 42.23 87.50 23.58
CA ILE I 221 43.69 87.62 23.60
C ILE I 221 44.18 88.04 24.99
N ARG I 222 43.48 88.98 25.64
CA ARG I 222 43.81 89.34 27.01
C ARG I 222 43.59 88.19 27.98
N ARG I 223 42.60 87.33 27.73
CA ARG I 223 42.39 86.18 28.60
C ARG I 223 43.42 85.09 28.36
N MET I 224 43.93 84.95 27.14
CA MET I 224 44.89 83.89 26.82
C MET I 224 46.33 84.34 26.88
N ASN I 225 46.60 85.61 27.14
CA ASN I 225 47.97 86.09 27.17
C ASN I 225 48.24 86.84 28.48
N LYS J 1 59.80 -107.51 0.18
CA LYS J 1 59.74 -106.32 -0.65
C LYS J 1 60.40 -105.13 0.03
N VAL J 2 60.82 -104.15 -0.77
CA VAL J 2 61.56 -103.00 -0.29
C VAL J 2 60.60 -101.82 -0.31
N VAL J 3 59.42 -102.03 -0.90
CA VAL J 3 58.42 -100.98 -1.07
C VAL J 3 57.47 -101.02 0.11
N ASN J 4 56.81 -99.90 0.37
CA ASN J 4 55.92 -99.74 1.50
C ASN J 4 54.64 -99.06 1.03
N PRO J 5 53.47 -99.68 1.23
CA PRO J 5 52.21 -99.04 0.85
C PRO J 5 51.71 -97.96 1.79
N LEU J 6 52.54 -97.48 2.72
CA LEU J 6 52.22 -96.31 3.53
C LEU J 6 52.62 -95.00 2.87
N PHE J 7 53.04 -95.04 1.61
CA PHE J 7 53.60 -93.87 0.91
C PHE J 7 52.51 -93.32 0.00
N GLU J 8 51.72 -92.38 0.52
CA GLU J 8 50.63 -91.77 -0.22
C GLU J 8 51.19 -90.81 -1.26
N LYS J 9 50.53 -90.74 -2.41
CA LYS J 9 50.94 -89.81 -3.45
C LYS J 9 50.68 -88.37 -3.02
N ARG J 10 49.46 -88.09 -2.53
CA ARG J 10 48.88 -86.80 -2.10
C ARG J 10 49.27 -85.61 -2.99
N PRO J 11 48.80 -85.54 -4.23
CA PRO J 11 49.19 -84.44 -5.11
C PRO J 11 48.49 -83.15 -4.73
N LYS J 12 49.10 -82.04 -5.15
CA LYS J 12 48.58 -80.71 -4.87
C LYS J 12 48.00 -80.09 -6.13
N ASN J 13 46.81 -79.52 -6.00
CA ASN J 13 46.17 -78.80 -7.09
C ASN J 13 46.56 -77.34 -6.97
N PHE J 14 47.33 -76.84 -7.93
CA PHE J 14 47.78 -75.46 -7.93
C PHE J 14 46.86 -74.57 -8.78
N GLY J 15 45.57 -74.60 -8.47
CA GLY J 15 44.58 -73.82 -9.18
C GLY J 15 43.98 -72.72 -8.32
N ILE J 16 43.09 -71.95 -8.95
CA ILE J 16 42.41 -70.87 -8.27
C ILE J 16 41.37 -71.46 -7.31
N GLY J 17 41.45 -71.07 -6.04
CA GLY J 17 40.61 -71.64 -5.01
C GLY J 17 41.10 -72.96 -4.44
N GLN J 18 42.04 -73.61 -5.11
CA GLN J 18 42.64 -74.85 -4.68
C GLN J 18 43.81 -74.54 -3.72
N ASP J 19 44.70 -75.51 -3.52
CA ASP J 19 45.85 -75.38 -2.63
C ASP J 19 46.76 -74.22 -3.07
N ILE J 20 47.60 -73.77 -2.14
CA ILE J 20 48.29 -72.49 -2.26
C ILE J 20 49.34 -72.54 -3.38
N GLN J 21 49.68 -71.37 -3.91
CA GLN J 21 50.60 -71.27 -5.04
C GLN J 21 52.04 -71.30 -4.55
N PRO J 22 52.93 -71.99 -5.27
CA PRO J 22 54.30 -72.17 -4.78
C PRO J 22 55.14 -70.91 -5.00
N LYS J 23 56.28 -70.89 -4.32
CA LYS J 23 57.25 -69.81 -4.45
C LYS J 23 58.01 -70.01 -5.75
N ARG J 24 57.40 -69.55 -6.84
CA ARG J 24 57.95 -69.75 -8.17
C ARG J 24 58.85 -68.57 -8.55
N ASP J 25 59.29 -68.55 -9.81
CA ASP J 25 60.15 -67.49 -10.30
C ASP J 25 59.35 -66.21 -10.46
N LEU J 26 59.79 -65.15 -9.78
CA LEU J 26 59.07 -63.87 -9.78
C LEU J 26 59.99 -62.71 -10.11
N THR J 27 61.04 -62.95 -10.92
CA THR J 27 61.95 -61.88 -11.32
C THR J 27 61.30 -60.90 -12.29
N ARG J 28 60.20 -61.30 -12.95
CA ARG J 28 59.50 -60.42 -13.87
C ARG J 28 58.78 -59.30 -13.14
N PHE J 29 58.40 -59.53 -11.88
CA PHE J 29 57.50 -58.62 -11.16
C PHE J 29 58.12 -58.08 -9.88
N VAL J 30 59.44 -57.97 -9.82
CA VAL J 30 60.10 -57.37 -8.66
C VAL J 30 59.95 -55.86 -8.73
N LYS J 31 59.59 -55.25 -7.60
CA LYS J 31 59.66 -53.80 -7.51
C LYS J 31 61.12 -53.40 -7.40
N TRP J 32 61.77 -53.19 -8.54
CA TRP J 32 63.19 -52.87 -8.54
C TRP J 32 63.39 -51.42 -8.11
N PRO J 33 64.57 -51.10 -7.54
CA PRO J 33 64.86 -49.71 -7.17
C PRO J 33 64.97 -48.76 -8.35
N ARG J 34 65.13 -47.47 -8.02
CA ARG J 34 65.03 -46.41 -9.00
C ARG J 34 66.20 -46.43 -9.98
N TYR J 35 67.41 -46.76 -9.50
CA TYR J 35 68.56 -46.79 -10.40
C TYR J 35 68.50 -47.99 -11.32
N ILE J 36 68.00 -49.13 -10.84
CA ILE J 36 67.86 -50.32 -11.69
C ILE J 36 66.80 -50.10 -12.76
N ARG J 37 65.64 -49.56 -12.36
CA ARG J 37 64.59 -49.31 -13.34
C ARG J 37 65.00 -48.21 -14.32
N LEU J 38 65.82 -47.25 -13.87
CA LEU J 38 66.28 -46.18 -14.75
C LEU J 38 67.28 -46.71 -15.78
N GLN J 39 68.25 -47.50 -15.34
CA GLN J 39 69.23 -48.04 -16.29
C GLN J 39 68.64 -49.12 -17.18
N ARG J 40 67.51 -49.72 -16.81
CA ARG J 40 66.85 -50.64 -17.75
C ARG J 40 66.02 -49.88 -18.79
N GLN J 41 65.16 -48.97 -18.34
CA GLN J 41 64.34 -48.30 -19.35
C GLN J 41 65.09 -47.21 -20.10
N ARG J 42 66.31 -46.85 -19.69
CA ARG J 42 67.18 -46.06 -20.56
C ARG J 42 67.60 -46.84 -21.80
N ALA J 43 68.03 -48.09 -21.61
CA ALA J 43 68.34 -48.95 -22.75
C ALA J 43 67.09 -49.28 -23.56
N ILE J 44 65.94 -49.36 -22.90
CA ILE J 44 64.67 -49.48 -23.63
C ILE J 44 64.42 -48.25 -24.50
N LEU J 45 64.74 -47.05 -23.98
CA LEU J 45 64.64 -45.84 -24.79
C LEU J 45 65.62 -45.82 -25.96
N TYR J 46 66.82 -46.37 -25.76
CA TYR J 46 67.75 -46.52 -26.88
C TYR J 46 67.21 -47.49 -27.92
N LYS J 47 66.45 -48.50 -27.50
CA LYS J 47 65.81 -49.38 -28.46
C LYS J 47 64.60 -48.74 -29.15
N ARG J 48 63.88 -47.85 -28.46
CA ARG J 48 62.68 -47.26 -29.03
C ARG J 48 63.00 -46.11 -29.98
N LEU J 49 63.76 -45.13 -29.50
CA LEU J 49 63.87 -43.86 -30.21
C LEU J 49 64.74 -43.97 -31.46
N LYS J 50 64.54 -43.03 -32.36
CA LYS J 50 65.26 -42.96 -33.63
C LYS J 50 66.67 -42.46 -33.33
N VAL J 51 67.58 -43.41 -33.15
CA VAL J 51 68.97 -43.09 -32.84
C VAL J 51 69.65 -42.55 -34.09
N PRO J 52 70.34 -41.41 -34.01
CA PRO J 52 71.07 -40.87 -35.17
C PRO J 52 72.24 -41.77 -35.52
N PRO J 53 72.71 -41.75 -36.78
CA PRO J 53 73.76 -42.69 -37.19
C PRO J 53 75.11 -42.42 -36.55
N ALA J 54 75.39 -41.18 -36.12
CA ALA J 54 76.65 -40.88 -35.44
C ALA J 54 76.76 -41.57 -34.09
N ILE J 55 75.65 -41.95 -33.47
CA ILE J 55 75.65 -42.70 -32.23
C ILE J 55 75.44 -44.18 -32.57
N ASN J 56 74.62 -44.45 -33.60
CA ASN J 56 74.27 -45.81 -33.94
C ASN J 56 75.39 -46.55 -34.68
N GLN J 57 76.45 -45.86 -35.08
CA GLN J 57 77.59 -46.53 -35.71
C GLN J 57 78.41 -47.35 -34.73
N PHE J 58 78.19 -47.21 -33.43
CA PHE J 58 78.91 -47.97 -32.42
C PHE J 58 78.23 -49.29 -32.07
N THR J 59 77.03 -49.54 -32.58
CA THR J 59 76.45 -50.87 -32.48
C THR J 59 77.11 -51.83 -33.46
N GLN J 60 77.60 -51.32 -34.59
CA GLN J 60 78.46 -52.09 -35.48
C GLN J 60 79.79 -52.31 -34.79
N VAL J 61 80.00 -53.53 -34.29
CA VAL J 61 81.19 -53.88 -33.52
C VAL J 61 81.92 -54.98 -34.26
N LEU J 62 83.26 -54.87 -34.30
CA LEU J 62 84.11 -55.93 -34.84
C LEU J 62 83.90 -57.23 -34.08
N ASP J 63 83.90 -58.34 -34.81
CA ASP J 63 83.38 -59.60 -34.32
C ASP J 63 84.41 -60.32 -33.43
N ARG J 64 84.09 -61.58 -33.08
CA ARG J 64 84.78 -62.29 -32.01
C ARG J 64 86.19 -62.72 -32.43
N GLN J 65 86.31 -63.31 -33.62
CA GLN J 65 87.60 -63.85 -34.06
C GLN J 65 88.59 -62.73 -34.36
N THR J 66 88.14 -61.69 -35.05
CA THR J 66 89.00 -60.56 -35.36
C THR J 66 89.31 -59.76 -34.09
N ALA J 67 88.38 -59.73 -33.13
CA ALA J 67 88.65 -59.08 -31.85
C ALA J 67 89.71 -59.81 -31.05
N THR J 68 89.65 -61.15 -31.02
CA THR J 68 90.67 -61.91 -30.31
C THR J 68 92.02 -61.86 -31.02
N GLN J 69 92.02 -61.80 -32.35
CA GLN J 69 93.29 -61.64 -33.07
C GLN J 69 93.88 -60.25 -32.85
N LEU J 70 93.03 -59.22 -32.77
CA LEU J 70 93.53 -57.88 -32.48
C LEU J 70 94.04 -57.78 -31.05
N LEU J 71 93.42 -58.48 -30.10
CA LEU J 71 93.94 -58.51 -28.74
C LEU J 71 95.26 -59.27 -28.66
N LYS J 72 95.40 -60.32 -29.47
CA LYS J 72 96.66 -61.06 -29.52
C LYS J 72 97.78 -60.20 -30.11
N LEU J 73 97.44 -59.35 -31.08
CA LEU J 73 98.45 -58.46 -31.65
C LEU J 73 98.76 -57.30 -30.70
N ALA J 74 97.76 -56.82 -29.95
CA ALA J 74 98.00 -55.72 -29.02
C ALA J 74 98.73 -56.18 -27.77
N HIS J 75 98.64 -57.47 -27.43
CA HIS J 75 99.35 -58.00 -26.27
C HIS J 75 100.86 -57.98 -26.49
N LYS J 76 101.31 -58.04 -27.74
CA LYS J 76 102.73 -57.89 -28.03
C LYS J 76 103.21 -56.46 -27.83
N TYR J 77 102.31 -55.48 -27.83
CA TYR J 77 102.67 -54.07 -27.77
C TYR J 77 102.02 -53.36 -26.59
N ARG J 78 101.56 -54.10 -25.58
CA ARG J 78 101.09 -53.49 -24.34
C ARG J 78 102.21 -52.71 -23.67
N PRO J 79 101.92 -51.55 -23.08
CA PRO J 79 102.97 -50.72 -22.48
C PRO J 79 103.44 -51.30 -21.14
N GLU J 80 104.38 -50.59 -20.52
CA GLU J 80 105.00 -51.07 -19.30
C GLU J 80 104.07 -50.88 -18.11
N THR J 81 104.54 -51.35 -16.95
CA THR J 81 103.71 -51.51 -15.76
C THR J 81 104.32 -50.65 -14.65
N LYS J 82 103.52 -50.39 -13.61
CA LYS J 82 104.04 -49.83 -12.37
C LYS J 82 105.08 -50.77 -11.77
N GLN J 83 106.23 -50.16 -11.42
CA GLN J 83 107.49 -50.73 -10.95
C GLN J 83 108.29 -51.42 -12.06
N GLU J 84 107.67 -51.66 -13.21
CA GLU J 84 108.46 -51.94 -14.40
C GLU J 84 109.05 -50.66 -14.96
N LYS J 85 108.35 -49.54 -14.74
CA LYS J 85 108.95 -48.22 -14.86
C LYS J 85 110.19 -48.09 -13.99
N LYS J 86 110.13 -48.59 -12.75
CA LYS J 86 111.26 -48.48 -11.83
C LYS J 86 112.41 -49.38 -12.25
N GLN J 87 112.12 -50.61 -12.71
CA GLN J 87 113.16 -51.47 -13.26
C GLN J 87 113.78 -50.87 -14.52
N ARG J 88 112.98 -50.23 -15.38
CA ARG J 88 113.49 -49.63 -16.60
C ARG J 88 114.36 -48.41 -16.30
N LEU J 89 114.02 -47.65 -15.25
CA LEU J 89 114.88 -46.55 -14.84
C LEU J 89 116.15 -47.04 -14.16
N LEU J 90 116.05 -48.07 -13.33
CA LEU J 90 117.22 -48.54 -12.58
C LEU J 90 118.21 -49.26 -13.48
N ALA J 91 117.73 -49.94 -14.54
CA ALA J 91 118.63 -50.60 -15.47
C ALA J 91 119.47 -49.59 -16.25
N ARG J 92 118.86 -48.49 -16.70
CA ARG J 92 119.62 -47.46 -17.39
C ARG J 92 120.46 -46.64 -16.41
N ALA J 93 120.03 -46.55 -15.15
CA ALA J 93 120.85 -45.88 -14.14
C ALA J 93 122.11 -46.68 -13.84
N GLU J 94 122.02 -48.01 -13.86
CA GLU J 94 123.22 -48.85 -13.76
C GLU J 94 124.01 -48.89 -15.06
N LYS J 95 123.35 -48.66 -16.20
CA LYS J 95 124.02 -48.65 -17.49
C LYS J 95 124.76 -47.34 -17.76
N LYS J 96 124.41 -46.27 -17.04
CA LYS J 96 124.93 -44.93 -17.31
C LYS J 96 126.44 -44.86 -17.13
N ALA J 97 126.93 -45.10 -15.91
CA ALA J 97 128.39 -45.16 -15.68
C ALA J 97 128.72 -46.44 -14.93
N ALA J 98 128.79 -47.54 -15.66
CA ALA J 98 129.47 -48.77 -15.27
C ALA J 98 130.32 -49.34 -16.39
N GLY J 99 129.84 -49.26 -17.63
CA GLY J 99 130.50 -49.86 -18.78
C GLY J 99 130.48 -49.00 -20.02
N LYS J 100 130.60 -47.67 -19.83
CA LYS J 100 130.58 -46.66 -20.89
C LYS J 100 129.27 -46.73 -21.69
N GLY J 101 128.19 -46.37 -20.98
CA GLY J 101 126.88 -46.29 -21.58
C GLY J 101 126.40 -44.87 -21.75
N ASP J 102 126.34 -44.39 -23.00
CA ASP J 102 125.84 -43.05 -23.26
C ASP J 102 124.32 -43.03 -23.35
N VAL J 103 123.73 -44.17 -23.73
CA VAL J 103 122.31 -44.42 -23.97
C VAL J 103 121.67 -43.36 -24.88
N PRO J 104 121.94 -43.37 -26.20
CA PRO J 104 120.94 -42.83 -27.14
C PRO J 104 120.15 -43.91 -27.87
N THR J 105 120.30 -45.18 -27.47
CA THR J 105 120.11 -46.32 -28.36
C THR J 105 118.71 -46.56 -28.92
N LYS J 106 117.71 -46.89 -28.10
CA LYS J 106 116.51 -47.50 -28.64
C LYS J 106 115.40 -47.50 -27.60
N ARG J 107 114.18 -47.17 -28.03
CA ARG J 107 112.98 -47.35 -27.24
C ARG J 107 112.00 -48.24 -28.00
N PRO J 108 111.30 -49.13 -27.31
CA PRO J 108 110.35 -50.01 -27.99
C PRO J 108 109.05 -49.27 -28.29
N PRO J 109 108.37 -49.63 -29.38
CA PRO J 109 107.08 -49.00 -29.68
C PRO J 109 105.99 -49.52 -28.74
N VAL J 110 105.15 -48.59 -28.28
CA VAL J 110 104.06 -48.88 -27.36
C VAL J 110 102.75 -48.40 -27.98
N LEU J 111 101.67 -48.57 -27.23
CA LEU J 111 100.35 -48.15 -27.67
C LEU J 111 100.06 -46.72 -27.23
N ARG J 112 98.87 -46.25 -27.57
CA ARG J 112 98.35 -44.97 -27.11
C ARG J 112 97.05 -45.21 -26.37
N ALA J 113 96.69 -44.27 -25.50
CA ALA J 113 95.57 -44.50 -24.60
C ALA J 113 94.52 -43.40 -24.63
N GLY J 114 94.91 -42.16 -24.85
CA GLY J 114 93.96 -41.06 -24.76
C GLY J 114 93.45 -40.59 -26.12
N VAL J 115 92.24 -40.03 -26.11
CA VAL J 115 91.64 -39.49 -27.32
C VAL J 115 92.43 -38.29 -27.85
N ASN J 116 93.09 -37.55 -26.96
CA ASN J 116 93.91 -36.41 -27.37
C ASN J 116 95.10 -36.87 -28.21
N THR J 117 95.85 -37.85 -27.68
CA THR J 117 97.00 -38.38 -28.41
C THR J 117 96.57 -39.08 -29.68
N VAL J 118 95.43 -39.79 -29.65
CA VAL J 118 94.93 -40.49 -30.83
C VAL J 118 94.54 -39.51 -31.94
N THR J 119 93.80 -38.45 -31.59
CA THR J 119 93.44 -37.46 -32.60
C THR J 119 94.66 -36.70 -33.13
N THR J 120 95.65 -36.41 -32.28
CA THR J 120 96.84 -35.72 -32.79
C THR J 120 97.64 -36.59 -33.74
N LEU J 121 97.85 -37.88 -33.42
CA LEU J 121 98.63 -38.70 -34.33
C LEU J 121 97.79 -39.38 -35.41
N VAL J 122 96.49 -39.10 -35.49
CA VAL J 122 95.75 -39.35 -36.71
C VAL J 122 95.76 -38.13 -37.62
N GLU J 123 95.68 -36.92 -37.05
CA GLU J 123 95.84 -35.71 -37.86
C GLU J 123 97.26 -35.58 -38.40
N ASN J 124 98.25 -36.13 -37.69
CA ASN J 124 99.61 -36.22 -38.21
C ASN J 124 99.77 -37.40 -39.16
N LYS J 125 98.73 -38.26 -39.25
CA LYS J 125 98.74 -39.52 -40.02
C LYS J 125 99.89 -40.43 -39.59
N LYS J 126 100.13 -40.50 -38.30
CA LYS J 126 101.12 -41.41 -37.72
C LYS J 126 100.49 -42.68 -37.16
N ALA J 127 99.19 -42.84 -37.32
CA ALA J 127 98.50 -44.04 -36.86
C ALA J 127 98.37 -45.06 -37.98
N GLN J 128 98.17 -46.31 -37.58
CA GLN J 128 97.88 -47.39 -38.52
C GLN J 128 96.59 -48.12 -38.24
N LEU J 129 96.08 -48.08 -37.02
CA LEU J 129 94.84 -48.75 -36.65
C LEU J 129 94.35 -48.15 -35.34
N VAL J 130 93.10 -47.70 -35.31
CA VAL J 130 92.53 -47.00 -34.15
C VAL J 130 91.38 -47.83 -33.61
N VAL J 131 91.51 -48.30 -32.38
CA VAL J 131 90.51 -49.11 -31.71
C VAL J 131 89.67 -48.19 -30.84
N ILE J 132 88.35 -48.33 -30.94
CA ILE J 132 87.39 -47.49 -30.24
C ILE J 132 86.47 -48.39 -29.43
N ALA J 133 86.33 -48.10 -28.14
CA ALA J 133 85.35 -48.81 -27.33
C ALA J 133 83.95 -48.33 -27.65
N HIS J 134 83.00 -49.26 -27.76
CA HIS J 134 81.66 -48.86 -28.15
C HIS J 134 80.85 -48.29 -26.99
N ASP J 135 81.24 -48.55 -25.75
CA ASP J 135 80.40 -48.34 -24.58
C ASP J 135 80.93 -47.24 -23.67
N VAL J 136 81.37 -46.13 -24.26
CA VAL J 136 81.70 -44.96 -23.45
C VAL J 136 80.41 -44.29 -22.99
N ASP J 137 80.38 -43.84 -21.73
CA ASP J 137 79.12 -43.41 -21.15
C ASP J 137 78.79 -41.98 -21.58
N PRO J 138 79.74 -41.00 -21.62
CA PRO J 138 79.48 -39.84 -22.50
C PRO J 138 79.94 -40.11 -23.92
N ILE J 139 78.99 -40.11 -24.87
CA ILE J 139 79.35 -40.47 -26.24
C ILE J 139 80.06 -39.31 -26.95
N GLU J 140 79.96 -38.09 -26.42
CA GLU J 140 80.54 -36.89 -27.05
C GLU J 140 82.06 -36.92 -27.13
N LEU J 141 82.72 -37.81 -26.39
CA LEU J 141 84.16 -37.98 -26.49
C LEU J 141 84.54 -38.56 -27.85
N VAL J 142 83.80 -39.57 -28.32
CA VAL J 142 84.05 -40.20 -29.61
C VAL J 142 82.73 -40.18 -30.38
N VAL J 143 82.56 -39.16 -31.22
CA VAL J 143 81.53 -39.15 -32.26
C VAL J 143 82.22 -38.79 -33.57
N PHE J 144 82.99 -37.71 -33.53
CA PHE J 144 83.74 -37.21 -34.67
C PHE J 144 84.83 -38.18 -35.11
N LEU J 145 85.37 -38.97 -34.19
CA LEU J 145 86.62 -39.70 -34.38
C LEU J 145 86.53 -40.85 -35.41
N PRO J 146 85.44 -41.63 -35.55
CA PRO J 146 85.35 -42.52 -36.73
C PRO J 146 85.31 -41.77 -38.04
N ALA J 147 84.58 -40.66 -38.10
CA ALA J 147 84.57 -39.83 -39.29
C ALA J 147 85.93 -39.20 -39.54
N LEU J 148 86.63 -38.83 -38.47
CA LEU J 148 87.96 -38.24 -38.61
C LEU J 148 88.97 -39.27 -39.10
N CYS J 149 88.84 -40.53 -38.65
CA CYS J 149 89.71 -41.59 -39.16
C CYS J 149 89.40 -41.90 -40.62
N ARG J 150 88.12 -41.84 -41.01
CA ARG J 150 87.77 -42.00 -42.42
C ARG J 150 88.30 -40.85 -43.26
N LYS J 151 88.32 -39.63 -42.70
CA LYS J 151 88.81 -38.47 -43.44
C LYS J 151 90.32 -38.54 -43.63
N MET J 152 91.06 -38.85 -42.56
CA MET J 152 92.51 -38.96 -42.65
C MET J 152 92.97 -40.29 -43.25
N GLY J 153 92.07 -41.22 -43.53
CA GLY J 153 92.45 -42.46 -44.16
C GLY J 153 93.03 -43.49 -43.22
N VAL J 154 92.83 -43.33 -41.93
CA VAL J 154 93.34 -44.25 -40.92
C VAL J 154 92.27 -45.29 -40.64
N PRO J 155 92.59 -46.58 -40.64
CA PRO J 155 91.59 -47.61 -40.34
C PRO J 155 91.14 -47.54 -38.88
N TYR J 156 89.82 -47.53 -38.68
CA TYR J 156 89.23 -47.51 -37.36
C TYR J 156 88.35 -48.74 -37.16
N CYS J 157 88.44 -49.33 -35.98
CA CYS J 157 87.59 -50.44 -35.60
C CYS J 157 86.95 -50.13 -34.25
N ILE J 158 85.85 -50.83 -33.97
CA ILE J 158 85.07 -50.62 -32.76
C ILE J 158 84.93 -51.96 -32.06
N LEU J 159 85.35 -52.01 -30.79
CA LEU J 159 85.28 -53.24 -30.01
C LEU J 159 84.35 -53.10 -28.82
N LYS J 160 83.86 -54.26 -28.39
CA LYS J 160 83.12 -54.39 -27.14
C LYS J 160 84.01 -54.07 -25.96
N GLY J 161 83.61 -53.08 -25.15
CA GLY J 161 84.16 -52.98 -23.82
C GLY J 161 85.34 -52.06 -23.61
N LYS J 162 85.09 -50.93 -22.95
CA LYS J 162 86.17 -50.09 -22.48
C LYS J 162 86.92 -50.73 -21.32
N ALA J 163 86.29 -51.67 -20.60
CA ALA J 163 86.97 -52.43 -19.56
C ALA J 163 88.08 -53.28 -20.13
N ARG J 164 87.74 -54.13 -21.11
CA ARG J 164 88.75 -54.98 -21.71
C ARG J 164 89.64 -54.22 -22.69
N LEU J 165 89.26 -53.01 -23.09
CA LEU J 165 90.19 -52.16 -23.82
C LEU J 165 91.20 -51.49 -22.88
N GLY J 166 90.80 -51.16 -21.66
CA GLY J 166 91.68 -50.62 -20.65
C GLY J 166 92.41 -51.66 -19.85
N ARG J 167 92.11 -52.94 -20.04
CA ARG J 167 92.97 -54.00 -19.51
C ARG J 167 94.21 -54.21 -20.36
N LEU J 168 94.27 -53.65 -21.56
CA LEU J 168 95.50 -53.69 -22.35
C LEU J 168 96.58 -52.83 -21.72
N VAL J 169 96.23 -51.61 -21.31
CA VAL J 169 97.06 -50.80 -20.45
C VAL J 169 96.83 -51.29 -19.02
N HIS J 170 97.64 -50.83 -18.07
CA HIS J 170 97.46 -51.24 -16.68
C HIS J 170 96.57 -50.26 -15.92
N ARG J 171 95.39 -49.99 -16.47
CA ARG J 171 94.42 -49.06 -15.88
C ARG J 171 93.02 -49.66 -15.91
N LYS J 172 92.01 -48.84 -15.65
CA LYS J 172 90.63 -49.31 -15.61
C LYS J 172 89.92 -49.11 -16.94
N THR J 173 89.81 -47.86 -17.40
CA THR J 173 89.07 -47.53 -18.61
C THR J 173 90.00 -46.95 -19.66
N CYS J 174 89.62 -47.17 -20.92
CA CYS J 174 90.32 -46.61 -22.07
C CYS J 174 89.36 -46.63 -23.24
N THR J 175 89.32 -45.53 -23.98
CA THR J 175 88.38 -45.37 -25.08
C THR J 175 89.00 -45.57 -26.46
N THR J 176 90.18 -45.02 -26.71
CA THR J 176 90.85 -45.17 -27.99
C THR J 176 92.25 -45.69 -27.80
N VAL J 177 92.66 -46.61 -28.67
CA VAL J 177 94.01 -47.18 -28.69
C VAL J 177 94.55 -47.11 -30.11
N ALA J 178 95.70 -46.48 -30.29
CA ALA J 178 96.28 -46.30 -31.61
C ALA J 178 97.51 -47.19 -31.79
N PHE J 179 97.64 -47.78 -32.97
CA PHE J 179 98.81 -48.56 -33.35
C PHE J 179 99.71 -47.68 -34.19
N THR J 180 100.85 -47.28 -33.63
CA THR J 180 101.77 -46.39 -34.32
C THR J 180 102.84 -47.15 -35.10
N GLN J 181 103.64 -47.95 -34.40
CA GLN J 181 104.75 -48.67 -35.02
C GLN J 181 104.66 -50.14 -34.63
N VAL J 182 104.84 -51.02 -35.61
CA VAL J 182 104.86 -52.46 -35.39
C VAL J 182 106.16 -53.02 -35.95
N ASN J 183 106.49 -54.23 -35.48
CA ASN J 183 107.72 -54.88 -35.90
C ASN J 183 107.50 -55.67 -37.19
N SER J 184 108.62 -56.13 -37.77
CA SER J 184 108.58 -56.84 -39.04
C SER J 184 108.01 -58.25 -38.90
N GLU J 185 108.06 -58.84 -37.70
CA GLU J 185 107.50 -60.16 -37.50
C GLU J 185 105.98 -60.12 -37.29
N ASP J 186 105.43 -58.94 -37.02
CA ASP J 186 104.00 -58.79 -36.78
C ASP J 186 103.35 -57.88 -37.82
N LYS J 187 104.13 -57.36 -38.77
CA LYS J 187 103.61 -56.46 -39.79
C LYS J 187 102.64 -57.16 -40.73
N GLY J 188 102.84 -58.45 -40.98
CA GLY J 188 101.92 -59.18 -41.84
C GLY J 188 100.55 -59.39 -41.21
N ALA J 189 100.53 -59.75 -39.92
CA ALA J 189 99.27 -59.84 -39.19
C ALA J 189 98.62 -58.47 -39.03
N LEU J 190 99.44 -57.41 -38.88
CA LEU J 190 98.90 -56.06 -38.81
C LEU J 190 98.24 -55.66 -40.13
N ALA J 191 98.86 -56.01 -41.26
CA ALA J 191 98.27 -55.72 -42.56
C ALA J 191 97.02 -56.53 -42.81
N LYS J 192 96.98 -57.79 -42.33
CA LYS J 192 95.77 -58.61 -42.42
C LYS J 192 94.63 -58.00 -41.63
N LEU J 193 94.91 -57.52 -40.40
CA LEU J 193 93.87 -56.89 -39.60
C LEU J 193 93.43 -55.55 -40.19
N VAL J 194 94.38 -54.78 -40.76
CA VAL J 194 94.04 -53.52 -41.43
C VAL J 194 93.14 -53.76 -42.62
N GLU J 195 93.40 -54.83 -43.39
CA GLU J 195 92.55 -55.16 -44.53
C GLU J 195 91.16 -55.60 -44.07
N ALA J 196 91.10 -56.47 -43.05
CA ALA J 196 89.83 -56.97 -42.54
C ALA J 196 88.99 -55.89 -41.87
N ILE J 197 89.62 -54.86 -41.32
CA ILE J 197 88.89 -53.74 -40.72
C ILE J 197 88.49 -52.70 -41.77
N ARG J 198 89.36 -52.45 -42.76
CA ARG J 198 89.05 -51.47 -43.80
C ARG J 198 87.95 -51.96 -44.73
N THR J 199 87.84 -53.28 -44.94
CA THR J 199 86.73 -53.81 -45.72
C THR J 199 85.44 -53.91 -44.93
N ASN J 200 85.40 -53.43 -43.69
CA ASN J 200 84.18 -53.42 -42.88
C ASN J 200 83.76 -52.02 -42.46
N TYR J 201 84.70 -51.12 -42.17
CA TYR J 201 84.40 -49.79 -41.65
C TYR J 201 84.65 -48.68 -42.65
N ASN J 202 85.82 -48.65 -43.28
CA ASN J 202 86.18 -47.52 -44.14
C ASN J 202 85.51 -47.60 -45.51
N ASP J 203 85.40 -48.79 -46.08
CA ASP J 203 84.92 -48.93 -47.45
C ASP J 203 83.41 -48.69 -47.57
N ARG J 204 82.66 -48.88 -46.50
CA ARG J 204 81.21 -48.67 -46.54
C ARG J 204 80.77 -47.66 -45.49
N TYR J 205 81.58 -46.62 -45.30
CA TYR J 205 81.22 -45.52 -44.40
C TYR J 205 80.00 -44.75 -44.91
N ASP J 206 79.76 -44.75 -46.22
CA ASP J 206 78.54 -44.15 -46.75
C ASP J 206 77.30 -44.89 -46.29
N GLU J 207 77.34 -46.23 -46.31
CA GLU J 207 76.22 -47.01 -45.77
C GLU J 207 76.12 -46.90 -44.25
N ILE J 208 77.26 -46.71 -43.57
CA ILE J 208 77.23 -46.49 -42.13
C ILE J 208 76.56 -45.16 -41.79
N ARG J 209 76.90 -44.11 -42.52
CA ARG J 209 76.34 -42.78 -42.25
C ARG J 209 74.88 -42.69 -42.69
N ARG J 210 74.50 -43.39 -43.75
CA ARG J 210 73.09 -43.43 -44.14
C ARG J 210 72.28 -44.45 -43.36
N HIS J 211 72.93 -45.31 -42.56
CA HIS J 211 72.24 -46.33 -41.80
C HIS J 211 71.57 -45.70 -40.58
N TRP J 212 70.38 -45.16 -40.81
CA TRP J 212 69.52 -44.75 -39.71
C TRP J 212 69.01 -45.98 -38.97
N GLY J 213 68.81 -45.84 -37.66
CA GLY J 213 68.35 -46.97 -36.89
C GLY J 213 67.56 -46.62 -35.65
N GLY J 214 66.41 -47.27 -35.49
CA GLY J 214 65.54 -47.04 -34.35
C GLY J 214 64.16 -47.59 -34.63
N ASN J 215 63.14 -47.00 -33.98
CA ASN J 215 61.72 -47.30 -34.16
C ASN J 215 61.40 -48.78 -33.89
N VAL J 216 62.16 -49.43 -33.02
CA VAL J 216 61.93 -50.83 -32.68
C VAL J 216 60.96 -50.86 -31.51
N LEU J 217 59.73 -51.26 -31.78
CA LEU J 217 58.70 -51.29 -30.74
C LEU J 217 58.93 -52.48 -29.80
N GLY J 218 58.29 -52.41 -28.64
CA GLY J 218 58.36 -53.48 -27.67
C GLY J 218 57.60 -54.69 -28.16
N PRO J 219 57.95 -55.87 -27.62
CA PRO J 219 57.34 -57.11 -28.12
C PRO J 219 55.85 -57.23 -27.83
N LYS J 220 55.37 -56.57 -26.78
CA LYS J 220 53.94 -56.58 -26.47
C LYS J 220 53.13 -55.85 -27.53
N SER J 221 53.72 -54.87 -28.21
CA SER J 221 53.06 -54.20 -29.31
C SER J 221 53.39 -54.82 -30.66
N VAL J 222 54.58 -55.41 -30.80
CA VAL J 222 54.94 -56.11 -32.04
C VAL J 222 54.05 -57.34 -32.22
N ALA J 223 53.75 -58.06 -31.14
CA ALA J 223 52.83 -59.20 -31.21
C ALA J 223 51.41 -58.76 -31.55
N ARG J 224 51.01 -57.57 -31.09
CA ARG J 224 49.68 -57.07 -31.42
C ARG J 224 49.59 -56.66 -32.90
N ILE J 225 50.63 -56.01 -33.41
CA ILE J 225 50.67 -55.64 -34.83
C ILE J 225 50.71 -56.90 -35.70
N ALA J 226 51.45 -57.92 -35.27
CA ALA J 226 51.49 -59.18 -36.00
C ALA J 226 50.15 -59.91 -35.95
N LYS J 227 49.43 -59.81 -34.83
CA LYS J 227 48.11 -60.41 -34.73
C LYS J 227 47.12 -59.70 -35.65
N LEU J 228 47.18 -58.36 -35.72
CA LEU J 228 46.32 -57.63 -36.64
C LEU J 228 46.67 -57.93 -38.11
N GLU J 229 47.95 -58.11 -38.42
CA GLU J 229 48.33 -58.44 -39.80
C GLU J 229 47.90 -59.85 -40.17
N LYS J 230 48.03 -60.82 -39.25
CA LYS J 230 47.52 -62.15 -39.51
C LYS J 230 45.99 -62.17 -39.61
N ALA J 231 45.31 -61.30 -38.86
CA ALA J 231 43.86 -61.20 -38.98
C ALA J 231 43.45 -60.61 -40.33
N LYS J 232 44.19 -59.61 -40.81
CA LYS J 232 43.90 -59.04 -42.12
C LYS J 232 44.20 -60.04 -43.24
N ALA J 233 45.24 -60.86 -43.07
CA ALA J 233 45.53 -61.90 -44.05
C ALA J 233 44.46 -62.99 -44.04
N LYS J 234 43.96 -63.34 -42.85
CA LYS J 234 42.88 -64.32 -42.76
C LYS J 234 41.57 -63.79 -43.32
N GLU J 235 41.33 -62.48 -43.19
CA GLU J 235 40.10 -61.92 -43.75
C GLU J 235 40.17 -61.75 -45.26
N LEU J 236 41.27 -61.20 -45.79
CA LEU J 236 41.44 -61.11 -47.25
C LEU J 236 42.79 -61.67 -47.66
N ALA J 237 42.89 -63.01 -47.69
CA ALA J 237 43.80 -63.70 -48.59
C ALA J 237 43.15 -64.86 -49.34
N THR J 238 42.21 -65.58 -48.72
CA THR J 238 41.51 -66.68 -49.37
C THR J 238 40.29 -66.21 -50.15
N LYS J 239 39.88 -64.96 -49.98
CA LYS J 239 38.82 -64.40 -50.81
C LYS J 239 39.31 -64.17 -52.23
N LEU J 240 40.62 -63.95 -52.40
CA LEU J 240 41.23 -63.73 -53.70
C LEU J 240 42.03 -64.93 -54.17
N GLY J 241 42.96 -65.44 -53.36
CA GLY J 241 43.78 -66.57 -53.76
C GLY J 241 43.58 -67.82 -52.92
N MET K 1 -2.70 84.92 34.09
CA MET K 1 -1.73 85.81 34.72
C MET K 1 -2.16 86.14 36.15
N LYS K 2 -1.30 86.86 36.87
CA LYS K 2 -1.61 87.29 38.22
C LYS K 2 -2.45 88.56 38.17
N THR K 3 -3.70 88.48 38.64
CA THR K 3 -4.59 89.64 38.70
C THR K 3 -4.27 90.42 39.97
N ILE K 4 -4.11 91.74 39.82
CA ILE K 4 -3.55 92.58 40.88
C ILE K 4 -4.45 92.67 42.10
N LEU K 5 -5.77 92.59 41.92
CA LEU K 5 -6.71 92.70 43.03
C LEU K 5 -8.05 92.11 42.64
N SER K 6 -8.60 91.26 43.50
CA SER K 6 -9.99 90.85 43.41
C SER K 6 -10.64 91.06 44.77
N ASN K 7 -11.60 91.97 44.83
CA ASN K 7 -12.26 92.36 46.07
C ASN K 7 -13.74 92.03 46.02
N GLN K 8 -14.32 91.79 47.20
CA GLN K 8 -15.76 91.59 47.30
C GLN K 8 -16.24 91.97 48.69
N THR K 9 -17.38 92.63 48.77
CA THR K 9 -17.94 93.10 50.02
C THR K 9 -19.22 92.34 50.38
N VAL K 10 -19.43 92.15 51.68
CA VAL K 10 -20.61 91.49 52.22
C VAL K 10 -21.22 92.45 53.22
N ASP K 11 -22.40 92.99 52.89
CA ASP K 11 -23.09 93.92 53.78
C ASP K 11 -23.93 93.12 54.76
N ILE K 12 -23.57 93.16 56.04
CA ILE K 12 -24.27 92.35 57.03
C ILE K 12 -25.44 93.16 57.60
N PRO K 13 -26.58 92.54 57.87
CA PRO K 13 -27.69 93.28 58.48
C PRO K 13 -27.45 93.52 59.96
N GLU K 14 -28.33 94.35 60.53
CA GLU K 14 -28.15 94.81 61.91
C GLU K 14 -28.47 93.77 62.96
N ASN K 15 -29.02 92.61 62.58
CA ASN K 15 -29.32 91.54 63.51
C ASN K 15 -28.13 90.60 63.70
N VAL K 16 -27.01 90.86 63.04
CA VAL K 16 -25.88 89.95 62.99
C VAL K 16 -24.68 90.63 63.62
N ASP K 17 -23.94 89.90 64.44
CA ASP K 17 -22.66 90.37 64.98
C ASP K 17 -21.57 89.43 64.50
N ILE K 18 -20.63 89.95 63.71
CA ILE K 18 -19.53 89.13 63.22
C ILE K 18 -18.22 89.73 63.70
N SER K 19 -17.23 88.87 63.89
CA SER K 19 -15.87 89.31 64.17
C SER K 19 -14.91 88.26 63.65
N LEU K 20 -13.62 88.56 63.74
CA LEU K 20 -12.62 87.68 63.15
C LEU K 20 -11.32 87.76 63.94
N LYS K 21 -10.74 86.58 64.21
CA LYS K 21 -9.39 86.48 64.77
C LYS K 21 -8.48 86.01 63.66
N GLY K 22 -7.93 86.96 62.92
CA GLY K 22 -7.17 86.65 61.73
C GLY K 22 -8.09 86.19 60.62
N ARG K 23 -7.95 84.94 60.20
CA ARG K 23 -8.82 84.34 59.21
C ARG K 23 -9.87 83.43 59.85
N THR K 24 -10.08 83.57 61.15
CA THR K 24 -11.03 82.72 61.88
C THR K 24 -12.24 83.59 62.22
N VAL K 25 -13.29 83.47 61.44
CA VAL K 25 -14.47 84.32 61.61
C VAL K 25 -15.45 83.62 62.53
N ILE K 26 -16.20 84.45 63.27
CA ILE K 26 -17.24 83.98 64.16
C ILE K 26 -18.46 84.88 63.99
N VAL K 27 -19.63 84.26 63.82
CA VAL K 27 -20.87 84.93 63.50
C VAL K 27 -21.90 84.53 64.55
N LYS K 28 -22.33 85.49 65.36
CA LYS K 28 -23.35 85.22 66.37
C LYS K 28 -24.53 86.16 66.19
N GLY K 29 -25.69 85.70 66.64
CA GLY K 29 -26.92 86.44 66.52
C GLY K 29 -28.06 85.76 67.26
N PRO K 30 -29.23 85.68 66.61
CA PRO K 30 -30.41 85.13 67.29
C PRO K 30 -30.34 83.64 67.59
N ARG K 31 -30.01 82.81 66.60
CA ARG K 31 -30.11 81.37 66.75
C ARG K 31 -28.86 80.72 67.33
N GLY K 32 -27.75 81.44 67.44
CA GLY K 32 -26.57 80.89 68.06
C GLY K 32 -25.31 81.37 67.35
N THR K 33 -24.20 80.71 67.67
CA THR K 33 -22.89 81.06 67.14
C THR K 33 -22.48 80.07 66.07
N LEU K 34 -21.74 80.56 65.07
CA LEU K 34 -21.15 79.72 64.04
C LEU K 34 -19.76 80.23 63.73
N ARG K 35 -18.76 79.35 63.86
CA ARG K 35 -17.38 79.70 63.61
C ARG K 35 -16.90 79.02 62.33
N ARG K 36 -15.96 79.67 61.66
CA ARG K 36 -15.34 79.07 60.49
C ARG K 36 -13.90 79.56 60.39
N ASP K 37 -12.98 78.62 60.22
CA ASP K 37 -11.55 78.92 60.23
C ASP K 37 -11.09 78.95 58.77
N PHE K 38 -10.97 80.15 58.21
CA PHE K 38 -10.49 80.32 56.84
C PHE K 38 -8.98 80.43 56.76
N ASN K 39 -8.26 79.79 57.67
CA ASN K 39 -6.85 79.48 57.45
C ASN K 39 -6.75 78.45 56.34
N HIS K 40 -5.58 78.42 55.67
CA HIS K 40 -5.20 77.64 54.49
C HIS K 40 -6.05 78.02 53.28
N ILE K 41 -6.77 79.14 53.38
CA ILE K 41 -7.49 79.71 52.25
C ILE K 41 -6.75 80.93 51.67
N ASN K 42 -6.00 81.65 52.52
CA ASN K 42 -4.97 82.61 52.12
C ASN K 42 -5.55 83.82 51.37
N VAL K 43 -6.44 84.54 52.05
CA VAL K 43 -7.01 85.79 51.57
C VAL K 43 -6.85 86.85 52.65
N GLU K 44 -7.31 88.07 52.34
CA GLU K 44 -7.37 89.16 53.31
C GLU K 44 -8.81 89.40 53.71
N LEU K 45 -9.07 89.43 55.01
CA LEU K 45 -10.42 89.64 55.54
C LEU K 45 -10.42 90.90 56.38
N SER K 46 -10.84 92.01 55.78
CA SER K 46 -11.05 93.26 56.51
C SER K 46 -12.52 93.36 56.92
N LEU K 47 -12.77 94.15 57.95
CA LEU K 47 -14.11 94.26 58.52
C LEU K 47 -14.35 95.72 58.86
N LEU K 48 -15.13 96.42 58.03
CA LEU K 48 -15.19 97.87 58.12
C LEU K 48 -16.64 98.34 58.28
N GLY K 49 -16.77 99.64 58.47
CA GLY K 49 -18.01 100.30 58.85
C GLY K 49 -18.14 100.44 60.35
N LYS K 50 -18.88 101.47 60.77
CA LYS K 50 -19.19 101.61 62.19
C LYS K 50 -20.15 100.51 62.61
N LYS K 51 -19.83 99.87 63.73
CA LYS K 51 -20.40 98.59 64.20
C LYS K 51 -20.25 97.48 63.17
N LYS K 52 -19.19 97.55 62.34
CA LYS K 52 -18.76 96.50 61.42
C LYS K 52 -19.85 96.14 60.40
N LYS K 53 -20.17 97.12 59.55
CA LYS K 53 -21.30 96.99 58.64
C LYS K 53 -21.00 96.04 57.47
N ARG K 54 -19.74 95.88 57.08
CA ARG K 54 -19.45 95.01 55.95
C ARG K 54 -18.14 94.26 56.16
N LEU K 55 -18.09 93.07 55.57
CA LEU K 55 -16.92 92.19 55.57
C LEU K 55 -16.35 92.20 54.16
N ARG K 56 -15.11 92.67 54.02
CA ARG K 56 -14.47 92.83 52.72
C ARG K 56 -13.39 91.76 52.60
N VAL K 57 -13.40 91.05 51.47
CA VAL K 57 -12.44 89.98 51.20
C VAL K 57 -11.62 90.36 49.98
N ASP K 58 -10.29 90.27 50.12
CA ASP K 58 -9.33 90.63 49.10
C ASP K 58 -8.48 89.42 48.73
N LYS K 59 -8.15 89.33 47.45
CA LYS K 59 -7.08 88.45 46.98
C LYS K 59 -6.12 89.28 46.14
N TRP K 60 -4.87 89.33 46.56
CA TRP K 60 -3.84 90.13 45.92
C TRP K 60 -2.87 89.22 45.18
N TRP K 61 -2.69 89.49 43.88
CA TRP K 61 -1.74 88.80 43.00
C TRP K 61 -2.00 87.29 42.95
N GLY K 62 -3.23 86.93 42.63
CA GLY K 62 -3.62 85.52 42.49
C GLY K 62 -4.09 85.25 41.08
N ASN K 63 -3.71 84.09 40.55
CA ASN K 63 -4.21 83.64 39.26
C ASN K 63 -5.55 82.93 39.47
N ARG K 64 -6.01 82.21 38.43
CA ARG K 64 -7.42 81.85 38.27
C ARG K 64 -7.91 80.90 39.38
N LYS K 65 -7.05 79.95 39.78
CA LYS K 65 -7.39 78.98 40.81
C LYS K 65 -7.59 79.59 42.19
N GLU K 66 -7.00 80.75 42.47
CA GLU K 66 -7.23 81.47 43.71
C GLU K 66 -8.14 82.68 43.54
N LEU K 67 -8.39 83.12 42.30
CA LEU K 67 -9.47 84.07 42.06
C LEU K 67 -10.82 83.39 42.19
N ALA K 68 -10.86 82.07 42.00
CA ALA K 68 -12.10 81.32 42.18
C ALA K 68 -12.48 81.07 43.64
N THR K 69 -11.81 81.68 44.61
CA THR K 69 -12.10 81.45 46.02
C THR K 69 -12.74 82.63 46.73
N VAL K 70 -12.69 83.82 46.14
CA VAL K 70 -13.28 85.01 46.77
C VAL K 70 -14.79 84.87 46.85
N ARG K 71 -15.42 84.41 45.77
CA ARG K 71 -16.86 84.23 45.78
C ARG K 71 -17.28 83.02 46.61
N THR K 72 -16.42 82.01 46.79
CA THR K 72 -16.85 80.92 47.67
C THR K 72 -16.72 81.31 49.14
N ILE K 73 -15.77 82.19 49.49
CA ILE K 73 -15.74 82.74 50.85
C ILE K 73 -16.96 83.61 51.09
N CYS K 74 -17.31 84.44 50.09
CA CYS K 74 -18.53 85.24 50.17
C CYS K 74 -19.79 84.39 50.29
N SER K 75 -19.82 83.25 49.61
CA SER K 75 -20.99 82.38 49.66
C SER K 75 -21.10 81.65 50.99
N HIS K 76 -19.95 81.24 51.56
CA HIS K 76 -19.99 80.68 52.91
C HIS K 76 -20.39 81.71 53.95
N VAL K 77 -20.01 82.98 53.76
CA VAL K 77 -20.44 84.03 54.69
C VAL K 77 -21.94 84.29 54.56
N GLN K 78 -22.47 84.32 53.32
CA GLN K 78 -23.93 84.42 53.13
C GLN K 78 -24.67 83.25 53.76
N ASN K 79 -24.16 82.02 53.58
CA ASN K 79 -24.84 80.86 54.16
C ASN K 79 -24.76 80.86 55.68
N MET K 80 -23.67 81.39 56.25
CA MET K 80 -23.56 81.42 57.70
C MET K 80 -24.45 82.49 58.31
N ILE K 81 -24.56 83.65 57.65
CA ILE K 81 -25.50 84.69 58.08
C ILE K 81 -26.94 84.20 57.95
N LYS K 82 -27.24 83.46 56.89
CA LYS K 82 -28.58 82.90 56.72
C LYS K 82 -28.89 81.84 57.77
N GLY K 83 -27.88 81.04 58.14
CA GLY K 83 -28.09 80.06 59.19
C GLY K 83 -28.24 80.67 60.57
N VAL K 84 -27.57 81.80 60.81
CA VAL K 84 -27.71 82.48 62.09
C VAL K 84 -29.07 83.18 62.19
N THR K 85 -29.45 83.94 61.15
CA THR K 85 -30.71 84.67 61.21
C THR K 85 -31.90 83.76 60.99
N LEU K 86 -31.99 83.14 59.82
CA LEU K 86 -33.19 82.43 59.41
C LEU K 86 -33.08 80.91 59.60
N GLY K 87 -31.88 80.37 59.71
CA GLY K 87 -31.70 78.94 59.86
C GLY K 87 -31.87 78.19 58.55
N PHE K 88 -31.66 76.88 58.62
CA PHE K 88 -31.83 76.01 57.47
C PHE K 88 -32.80 74.89 57.80
N ARG K 89 -33.79 74.70 56.94
CA ARG K 89 -34.82 73.68 57.06
C ARG K 89 -34.85 72.90 55.76
N TYR K 90 -34.46 71.63 55.82
CA TYR K 90 -34.51 70.76 54.65
C TYR K 90 -35.64 69.76 54.81
N LYS K 91 -36.56 69.76 53.85
CA LYS K 91 -37.68 68.85 53.83
C LYS K 91 -37.36 67.69 52.88
N MET K 92 -37.66 66.47 53.31
CA MET K 92 -37.32 65.34 52.46
C MET K 92 -38.37 64.24 52.61
N ARG K 93 -38.91 63.82 51.49
CA ARG K 93 -40.10 62.97 51.42
C ARG K 93 -39.69 61.51 51.23
N SER K 94 -40.45 60.61 51.83
CA SER K 94 -40.22 59.17 51.68
C SER K 94 -41.04 58.66 50.50
N VAL K 95 -40.36 58.37 49.40
CA VAL K 95 -40.99 57.87 48.18
C VAL K 95 -40.88 56.35 48.20
N TYR K 96 -42.02 55.68 48.09
CA TYR K 96 -42.04 54.22 48.13
C TYR K 96 -43.13 53.72 47.19
N ALA K 97 -42.94 52.50 46.70
CA ALA K 97 -43.92 51.88 45.80
C ALA K 97 -44.93 51.04 46.58
N HIS K 98 -44.45 50.05 47.33
CA HIS K 98 -45.33 49.19 48.12
C HIS K 98 -45.07 49.28 49.61
N PHE K 99 -43.83 49.07 50.05
CA PHE K 99 -43.54 48.99 51.48
C PHE K 99 -43.45 50.38 52.09
N PRO K 100 -44.28 50.72 53.08
CA PRO K 100 -44.17 52.03 53.72
C PRO K 100 -42.95 52.10 54.62
N ILE K 101 -42.12 53.11 54.39
CA ILE K 101 -40.86 53.27 55.11
C ILE K 101 -41.16 53.90 56.47
N ASN K 102 -40.80 53.21 57.54
CA ASN K 102 -41.09 53.68 58.90
C ASN K 102 -39.86 54.41 59.44
N VAL K 103 -40.02 55.69 59.73
CA VAL K 103 -38.92 56.52 60.23
C VAL K 103 -39.27 56.96 61.64
N VAL K 104 -38.34 56.76 62.57
CA VAL K 104 -38.56 57.18 63.96
C VAL K 104 -37.26 57.76 64.54
N ILE K 105 -37.37 58.94 65.16
CA ILE K 105 -36.27 59.57 65.87
C ILE K 105 -36.20 58.99 67.28
N GLN K 106 -35.00 58.98 67.87
CA GLN K 106 -34.83 58.30 69.14
C GLN K 106 -34.57 59.24 70.32
N GLU K 107 -33.51 60.04 70.31
CA GLU K 107 -33.24 60.90 71.47
C GLU K 107 -34.01 62.22 71.36
N ASN K 108 -33.59 63.09 70.44
CA ASN K 108 -34.42 64.21 70.02
C ASN K 108 -34.59 64.18 68.51
N GLY K 109 -33.46 64.22 67.81
CA GLY K 109 -33.40 64.03 66.38
C GLY K 109 -32.09 63.38 66.01
N SER K 110 -31.34 62.95 67.02
CA SER K 110 -29.96 62.51 66.81
C SER K 110 -29.89 61.18 66.07
N LEU K 111 -30.43 60.12 66.65
CA LEU K 111 -30.45 58.82 66.01
C LEU K 111 -31.78 58.65 65.30
N VAL K 112 -31.72 58.25 64.03
CA VAL K 112 -32.90 58.04 63.20
C VAL K 112 -32.90 56.58 62.75
N GLU K 113 -33.98 55.87 63.08
CA GLU K 113 -34.20 54.50 62.65
C GLU K 113 -35.09 54.48 61.41
N ILE K 114 -34.63 53.77 60.39
CA ILE K 114 -35.37 53.57 59.15
C ILE K 114 -35.68 52.07 59.04
N ARG K 115 -36.96 51.75 58.87
CA ARG K 115 -37.43 50.38 58.81
C ARG K 115 -38.28 50.19 57.57
N ASN K 116 -38.40 48.93 57.17
CA ASN K 116 -39.27 48.46 56.08
C ASN K 116 -38.94 49.12 54.75
N PHE K 117 -37.64 49.32 54.49
CA PHE K 117 -37.18 49.77 53.18
C PHE K 117 -36.99 48.55 52.29
N LEU K 118 -37.80 48.45 51.23
CA LEU K 118 -37.87 47.30 50.32
C LEU K 118 -38.19 45.99 51.04
N GLY K 119 -38.91 46.07 52.17
CA GLY K 119 -39.24 44.89 52.93
C GLY K 119 -38.09 44.25 53.66
N GLU K 120 -36.97 44.95 53.82
CA GLU K 120 -35.81 44.38 54.49
C GLU K 120 -36.02 44.33 55.99
N LYS K 121 -35.32 43.38 56.63
CA LYS K 121 -35.38 43.24 58.08
C LYS K 121 -34.31 44.05 58.80
N TYR K 122 -33.24 44.42 58.10
CA TYR K 122 -32.16 45.20 58.71
C TYR K 122 -32.61 46.64 58.93
N ILE K 123 -32.64 47.05 60.19
CA ILE K 123 -32.93 48.43 60.54
C ILE K 123 -31.74 49.30 60.16
N ARG K 124 -32.00 50.55 59.81
CA ARG K 124 -30.96 51.49 59.41
C ARG K 124 -30.90 52.61 60.44
N ARG K 125 -29.85 52.60 61.26
CA ARG K 125 -29.62 53.65 62.24
C ARG K 125 -28.67 54.68 61.66
N VAL K 126 -29.01 55.96 61.81
CA VAL K 126 -28.16 57.05 61.33
C VAL K 126 -28.00 58.06 62.45
N ARG K 127 -26.75 58.33 62.83
CA ARG K 127 -26.44 59.45 63.70
C ARG K 127 -26.37 60.73 62.87
N MET K 128 -27.06 61.76 63.33
CA MET K 128 -27.00 63.05 62.66
C MET K 128 -25.78 63.83 63.12
N ARG K 129 -25.48 64.89 62.38
CA ARG K 129 -24.37 65.75 62.73
C ARG K 129 -24.73 66.56 63.97
N PRO K 130 -23.74 66.91 64.80
CA PRO K 130 -24.03 67.68 66.04
C PRO K 130 -24.52 69.08 65.73
N GLY K 131 -25.78 69.34 66.06
CA GLY K 131 -26.43 70.61 65.76
C GLY K 131 -27.61 70.48 64.82
N VAL K 132 -27.87 69.30 64.27
CA VAL K 132 -28.96 69.07 63.32
C VAL K 132 -30.07 68.34 64.05
N ALA K 133 -31.26 68.91 64.06
CA ALA K 133 -32.42 68.33 64.71
C ALA K 133 -33.35 67.73 63.66
N CYS K 134 -33.65 66.44 63.80
CA CYS K 134 -34.56 65.75 62.90
C CYS K 134 -35.94 65.66 63.52
N SER K 135 -36.97 65.77 62.68
CA SER K 135 -38.34 65.70 63.16
C SER K 135 -39.24 65.12 62.08
N VAL K 136 -40.36 64.55 62.50
CA VAL K 136 -41.42 64.15 61.59
C VAL K 136 -42.49 65.22 61.65
N SER K 137 -42.74 65.88 60.52
CA SER K 137 -43.62 67.04 60.50
C SER K 137 -45.08 66.63 60.56
N GLN K 138 -45.94 67.64 60.61
CA GLN K 138 -47.39 67.45 60.65
C GLN K 138 -47.99 67.83 59.31
N ALA K 139 -49.24 67.37 59.10
CA ALA K 139 -50.03 67.58 57.89
C ALA K 139 -49.33 67.05 56.63
N GLN K 140 -48.52 66.01 56.79
CA GLN K 140 -47.85 65.36 55.67
C GLN K 140 -47.56 63.92 56.09
N LYS K 141 -47.70 62.99 55.15
CA LYS K 141 -47.73 61.56 55.47
C LYS K 141 -46.37 61.02 55.93
N ASP K 142 -45.38 61.03 55.05
CA ASP K 142 -44.06 60.43 55.32
C ASP K 142 -42.99 61.41 54.87
N GLU K 143 -42.58 62.30 55.79
CA GLU K 143 -41.72 63.40 55.41
C GLU K 143 -40.91 63.86 56.62
N LEU K 144 -39.60 63.98 56.43
CA LEU K 144 -38.67 64.36 57.48
C LEU K 144 -38.25 65.81 57.33
N VAL K 145 -38.04 66.47 58.45
CA VAL K 145 -37.62 67.87 58.51
C VAL K 145 -36.31 67.93 59.28
N LEU K 146 -35.28 68.48 58.64
CA LEU K 146 -33.98 68.68 59.27
C LEU K 146 -33.77 70.16 59.51
N GLU K 147 -33.66 70.56 60.77
CA GLU K 147 -33.46 71.94 61.16
C GLU K 147 -32.04 72.14 61.67
N GLY K 148 -31.48 73.31 61.37
CA GLY K 148 -30.17 73.59 61.93
C GLY K 148 -29.69 74.97 61.55
N ASN K 149 -28.41 75.22 61.87
CA ASN K 149 -27.74 76.47 61.56
C ASN K 149 -26.67 76.31 60.49
N ASP K 150 -25.87 75.26 60.56
CA ASP K 150 -24.79 75.03 59.61
C ASP K 150 -25.34 74.27 58.41
N ILE K 151 -25.27 74.89 57.23
CA ILE K 151 -25.75 74.26 55.99
C ILE K 151 -24.93 73.03 55.65
N GLU K 152 -23.64 73.03 56.02
CA GLU K 152 -22.77 71.87 55.83
C GLU K 152 -23.29 70.68 56.61
N LEU K 153 -23.58 70.87 57.90
CA LEU K 153 -24.01 69.78 58.76
C LEU K 153 -25.41 69.30 58.38
N VAL K 154 -26.32 70.24 58.07
CA VAL K 154 -27.70 69.86 57.73
C VAL K 154 -27.74 69.09 56.41
N SER K 155 -27.02 69.58 55.40
CA SER K 155 -27.04 68.90 54.11
C SER K 155 -26.25 67.60 54.12
N ASN K 156 -25.19 67.50 54.94
CA ASN K 156 -24.49 66.23 55.09
C ASN K 156 -25.37 65.21 55.80
N SER K 157 -26.13 65.66 56.81
CA SER K 157 -27.06 64.78 57.50
C SER K 157 -28.21 64.35 56.59
N ALA K 158 -28.60 65.21 55.64
CA ALA K 158 -29.60 64.79 54.65
C ALA K 158 -29.00 63.78 53.68
N ALA K 159 -27.75 63.97 53.27
CA ALA K 159 -27.11 63.05 52.33
C ALA K 159 -26.86 61.68 52.96
N LEU K 160 -26.64 61.63 54.28
CA LEU K 160 -26.45 60.35 54.96
C LEU K 160 -27.71 59.49 54.90
N ILE K 161 -28.87 60.05 55.26
CA ILE K 161 -30.11 59.28 55.17
C ILE K 161 -30.66 59.19 53.76
N GLN K 162 -30.11 59.96 52.81
CA GLN K 162 -30.48 59.72 51.42
C GLN K 162 -29.68 58.56 50.82
N GLN K 163 -28.40 58.44 51.18
CA GLN K 163 -27.57 57.34 50.73
C GLN K 163 -27.75 56.07 51.56
N ALA K 164 -28.38 56.16 52.73
CA ALA K 164 -28.69 54.94 53.47
C ALA K 164 -29.81 54.16 52.80
N THR K 165 -30.76 54.85 52.19
CA THR K 165 -31.89 54.20 51.50
C THR K 165 -31.60 54.17 50.01
N THR K 166 -30.71 53.25 49.62
CA THR K 166 -30.41 53.00 48.22
C THR K 166 -30.75 51.55 47.89
N VAL K 167 -31.07 51.31 46.62
CA VAL K 167 -31.50 50.01 46.14
C VAL K 167 -30.29 49.29 45.56
N LYS K 168 -30.00 48.10 46.07
CA LYS K 168 -28.81 47.34 45.67
C LYS K 168 -29.18 46.25 44.68
N ASN K 169 -28.37 46.12 43.63
CA ASN K 169 -28.40 45.03 42.65
C ASN K 169 -29.74 44.94 41.91
N LYS K 170 -30.39 46.08 41.69
CA LYS K 170 -31.64 46.13 40.94
C LYS K 170 -31.56 47.26 39.93
N ASP K 171 -32.66 47.44 39.21
CA ASP K 171 -32.83 48.57 38.31
C ASP K 171 -33.44 49.71 39.13
N ILE K 172 -32.61 50.68 39.50
CA ILE K 172 -33.09 51.82 40.28
C ILE K 172 -33.90 52.79 39.46
N ARG K 173 -33.91 52.65 38.13
CA ARG K 173 -34.81 53.43 37.29
C ARG K 173 -36.24 52.95 37.43
N LYS K 174 -36.44 51.69 37.84
CA LYS K 174 -37.75 51.13 38.14
C LYS K 174 -38.07 51.18 39.62
N PHE K 175 -37.13 50.78 40.47
CA PHE K 175 -37.33 50.82 41.92
C PHE K 175 -36.98 52.22 42.41
N LEU K 176 -37.98 53.10 42.40
CA LEU K 176 -37.82 54.48 42.83
C LEU K 176 -38.23 54.57 44.30
N ASP K 177 -37.33 54.12 45.17
CA ASP K 177 -37.62 54.06 46.60
C ASP K 177 -36.52 54.78 47.38
N GLY K 178 -36.91 55.36 48.50
CA GLY K 178 -35.96 56.03 49.37
C GLY K 178 -36.45 57.36 49.91
N ILE K 179 -35.67 57.99 50.77
CA ILE K 179 -36.00 59.29 51.34
C ILE K 179 -35.20 60.34 50.58
N TYR K 180 -35.88 61.19 49.81
CA TYR K 180 -35.24 62.09 48.88
C TYR K 180 -35.54 63.54 49.25
N VAL K 181 -34.55 64.41 49.09
CA VAL K 181 -34.67 65.81 49.46
C VAL K 181 -35.57 66.54 48.47
N SER K 182 -36.64 67.15 48.96
CA SER K 182 -37.62 67.80 48.10
C SER K 182 -37.64 69.32 48.23
N GLU K 183 -37.27 69.87 49.37
CA GLU K 183 -37.37 71.31 49.58
C GLU K 183 -36.20 71.76 50.45
N LYS K 184 -35.65 72.93 50.11
CA LYS K 184 -34.53 73.53 50.82
C LYS K 184 -34.91 74.97 51.13
N GLY K 185 -35.17 75.27 52.40
CA GLY K 185 -35.58 76.60 52.81
C GLY K 185 -35.03 76.95 54.16
N THR K 186 -35.70 77.88 54.84
CA THR K 186 -35.28 78.36 56.14
C THR K 186 -36.31 77.98 57.19
N VAL K 187 -35.94 78.21 58.46
CA VAL K 187 -36.87 77.97 59.56
C VAL K 187 -37.92 79.06 59.61
N GLN K 188 -37.48 80.32 59.67
CA GLN K 188 -38.37 81.47 59.58
C GLN K 188 -38.07 82.23 58.30
N GLN K 189 -39.09 82.93 57.79
CA GLN K 189 -38.99 83.57 56.48
C GLN K 189 -38.55 85.02 56.58
N ALA K 190 -39.19 85.80 57.47
CA ALA K 190 -38.94 87.23 57.71
C ALA K 190 -38.99 88.08 56.44
N GLY L 1 -5.22 40.63 6.27
CA GLY L 1 -4.99 40.59 4.84
C GLY L 1 -3.57 40.97 4.46
N ARG L 2 -3.25 42.25 4.59
CA ARG L 2 -1.93 42.78 4.29
C ARG L 2 -1.32 43.35 5.55
N ARG L 3 -0.01 43.66 5.47
CA ARG L 3 0.72 44.15 6.63
C ARG L 3 0.30 45.59 6.96
N PRO L 4 0.18 45.93 8.24
CA PRO L 4 -0.34 47.25 8.62
C PRO L 4 0.58 48.40 8.18
N ALA L 5 0.00 49.60 8.13
CA ALA L 5 0.65 50.76 7.55
C ALA L 5 1.73 51.37 8.44
N ARG L 6 2.00 50.77 9.61
CA ARG L 6 3.15 51.17 10.40
C ARG L 6 4.46 50.81 9.71
N CYS L 7 4.44 49.76 8.88
CA CYS L 7 5.65 49.26 8.25
C CYS L 7 5.91 49.92 6.90
N TYR L 8 4.88 50.44 6.25
CA TYR L 8 4.97 51.04 4.93
C TYR L 8 4.66 52.53 5.01
N ARG L 9 5.10 53.18 6.08
CA ARG L 9 4.74 54.56 6.35
C ARG L 9 5.74 55.56 5.77
N TYR L 10 7.02 55.30 5.92
CA TYR L 10 8.04 56.29 5.61
C TYR L 10 8.69 56.00 4.27
N CYS L 11 9.27 57.05 3.69
CA CYS L 11 9.91 56.97 2.37
C CYS L 11 11.28 56.33 2.55
N LYS L 12 11.30 54.99 2.55
CA LYS L 12 12.50 54.26 2.89
C LYS L 12 13.37 53.97 1.67
N ASN L 13 12.77 53.56 0.56
CA ASN L 13 13.50 53.12 -0.63
C ASN L 13 13.35 54.15 -1.74
N LYS L 14 13.99 53.85 -2.87
CA LYS L 14 13.85 54.66 -4.08
C LYS L 14 12.43 54.53 -4.64
N PRO L 15 11.96 55.54 -5.38
CA PRO L 15 10.65 55.41 -6.05
C PRO L 15 10.69 54.32 -7.11
N TYR L 16 9.83 53.31 -6.92
CA TYR L 16 9.87 52.04 -7.63
C TYR L 16 8.52 51.84 -8.32
N PRO L 17 8.32 52.43 -9.50
CA PRO L 17 6.99 52.37 -10.14
C PRO L 17 6.80 51.11 -10.96
N LYS L 18 5.62 50.98 -11.55
CA LYS L 18 5.35 49.90 -12.49
C LYS L 18 5.87 50.29 -13.86
N SER L 19 6.72 49.45 -14.45
CA SER L 19 7.33 49.74 -15.73
C SER L 19 7.57 48.41 -16.45
N ARG L 20 8.44 48.44 -17.46
CA ARG L 20 8.80 47.22 -18.17
C ARG L 20 9.59 46.27 -17.29
N PHE L 21 10.35 46.81 -16.33
CA PHE L 21 11.18 45.98 -15.47
C PHE L 21 10.38 45.42 -14.31
N CYS L 22 9.56 46.25 -13.69
CA CYS L 22 8.68 45.81 -12.59
C CYS L 22 7.32 45.45 -13.18
N ARG L 23 7.10 44.16 -13.43
CA ARG L 23 5.83 43.68 -13.95
C ARG L 23 5.24 42.69 -12.95
N GLY L 24 3.93 42.48 -13.07
CA GLY L 24 3.21 41.67 -12.11
C GLY L 24 2.68 42.45 -10.93
N VAL L 25 2.43 43.74 -11.11
CA VAL L 25 1.96 44.59 -10.00
C VAL L 25 0.46 44.41 -9.84
N PRO L 26 -0.04 44.15 -8.64
CA PRO L 26 -1.48 44.13 -8.42
C PRO L 26 -2.07 45.53 -8.56
N ASP L 27 -3.30 45.58 -9.05
CA ASP L 27 -3.93 46.86 -9.39
C ASP L 27 -4.33 47.59 -8.11
N ALA L 28 -4.35 48.93 -8.20
CA ALA L 28 -4.60 49.77 -7.05
C ALA L 28 -6.06 49.71 -6.63
N LYS L 29 -6.31 49.97 -5.34
CA LYS L 29 -7.66 49.93 -4.82
C LYS L 29 -8.46 51.15 -5.29
N ILE L 30 -7.84 52.32 -5.31
CA ILE L 30 -8.51 53.52 -5.79
C ILE L 30 -8.49 53.55 -7.32
N ARG L 31 -9.66 53.71 -7.91
CA ARG L 31 -9.81 53.76 -9.37
C ARG L 31 -10.27 55.14 -9.82
N ILE L 32 -11.39 55.62 -9.32
CA ILE L 32 -11.88 56.95 -9.62
C ILE L 32 -11.21 57.93 -8.66
N PHE L 33 -10.63 59.00 -9.20
CA PHE L 33 -9.89 59.95 -8.38
C PHE L 33 -10.66 61.25 -8.14
N ASP L 34 -11.63 61.57 -8.98
CA ASP L 34 -12.41 62.78 -8.79
C ASP L 34 -13.86 62.54 -9.16
N LEU L 35 -14.75 63.13 -8.37
CA LEU L 35 -16.19 62.92 -8.52
C LEU L 35 -16.94 64.09 -7.89
N GLY L 36 -18.24 63.91 -7.70
CA GLY L 36 -19.14 65.00 -7.38
C GLY L 36 -19.79 65.48 -8.66
N ARG L 37 -20.12 66.77 -8.75
CA ARG L 37 -20.57 67.33 -10.02
C ARG L 37 -19.34 67.85 -10.75
N LYS L 38 -18.57 66.91 -11.30
CA LYS L 38 -17.37 67.25 -12.03
C LYS L 38 -17.67 67.86 -13.39
N LYS L 39 -18.88 67.68 -13.91
CA LYS L 39 -19.29 68.34 -15.15
C LYS L 39 -19.86 69.71 -14.78
N ALA L 40 -18.94 70.64 -14.50
CA ALA L 40 -19.31 71.95 -13.99
C ALA L 40 -18.30 72.98 -14.46
N LYS L 41 -18.71 74.24 -14.44
CA LYS L 41 -17.84 75.34 -14.85
C LYS L 41 -17.14 75.94 -13.64
N VAL L 42 -16.13 76.77 -13.90
CA VAL L 42 -15.35 77.40 -12.84
C VAL L 42 -16.07 78.56 -12.18
N ASP L 43 -17.18 79.04 -12.77
CA ASP L 43 -17.82 80.25 -12.29
C ASP L 43 -18.78 80.00 -11.12
N GLU L 44 -18.98 78.76 -10.72
CA GLU L 44 -19.99 78.45 -9.71
C GLU L 44 -19.46 77.75 -8.47
N PHE L 45 -18.23 77.23 -8.48
CA PHE L 45 -17.63 76.56 -7.32
C PHE L 45 -16.35 77.25 -6.87
N PRO L 46 -16.44 78.45 -6.24
CA PRO L 46 -15.18 79.13 -5.85
C PRO L 46 -14.72 78.88 -4.43
N LEU L 47 -14.58 77.61 -4.01
CA LEU L 47 -14.27 77.36 -2.61
C LEU L 47 -12.81 77.03 -2.39
N CYS L 48 -12.30 75.97 -3.04
CA CYS L 48 -10.89 75.56 -3.04
C CYS L 48 -10.38 75.25 -1.62
N GLY L 49 -10.95 74.19 -1.05
CA GLY L 49 -10.49 73.68 0.23
C GLY L 49 -9.56 72.49 0.02
N HIS L 50 -8.37 72.58 0.62
CA HIS L 50 -7.31 71.60 0.39
C HIS L 50 -6.94 70.91 1.70
N MET L 51 -6.60 69.62 1.58
CA MET L 51 -5.91 68.87 2.62
C MET L 51 -4.42 68.88 2.28
N VAL L 52 -3.61 69.46 3.15
CA VAL L 52 -2.18 69.58 2.94
C VAL L 52 -1.47 68.76 4.01
N SER L 53 -0.57 67.87 3.59
CA SER L 53 0.18 67.08 4.55
C SER L 53 1.27 67.92 5.20
N ASP L 54 1.75 67.44 6.35
CA ASP L 54 2.84 68.08 7.07
C ASP L 54 3.99 67.12 7.31
N GLU L 55 3.92 65.91 6.76
CA GLU L 55 4.96 64.91 6.93
C GLU L 55 5.37 64.36 5.58
N TYR L 56 6.65 64.02 5.46
CA TYR L 56 7.22 63.40 4.27
C TYR L 56 7.11 61.89 4.44
N GLU L 57 6.05 61.31 3.88
CA GLU L 57 5.69 59.94 4.20
C GLU L 57 5.10 59.25 2.97
N GLN L 58 4.47 58.11 3.18
CA GLN L 58 3.78 57.36 2.15
C GLN L 58 2.35 57.10 2.58
N LEU L 59 1.40 57.35 1.68
CA LEU L 59 -0.02 57.11 1.95
C LEU L 59 -0.54 56.02 1.02
N SER L 60 -1.23 55.04 1.58
CA SER L 60 -1.64 53.89 0.79
C SER L 60 -2.89 54.19 -0.03
N SER L 61 -3.02 53.44 -1.13
CA SER L 61 -4.17 53.60 -2.02
C SER L 61 -5.46 53.18 -1.36
N GLU L 62 -5.41 52.22 -0.43
CA GLU L 62 -6.59 51.82 0.30
C GLU L 62 -7.03 52.91 1.29
N ALA L 63 -6.07 53.62 1.88
CA ALA L 63 -6.40 54.77 2.71
C ALA L 63 -6.96 55.91 1.88
N LEU L 64 -6.44 56.10 0.67
CA LEU L 64 -6.99 57.10 -0.25
C LEU L 64 -8.43 56.76 -0.63
N GLU L 65 -8.70 55.48 -0.88
CA GLU L 65 -10.06 55.03 -1.20
C GLU L 65 -11.01 55.25 -0.02
N ALA L 66 -10.55 54.93 1.20
CA ALA L 66 -11.40 55.09 2.38
C ALA L 66 -11.69 56.56 2.66
N ALA L 67 -10.69 57.43 2.51
CA ALA L 67 -10.91 58.85 2.72
C ALA L 67 -11.78 59.45 1.63
N ARG L 68 -11.67 58.95 0.39
CA ARG L 68 -12.56 59.40 -0.68
C ARG L 68 -14.00 59.02 -0.38
N ILE L 69 -14.23 57.79 0.09
CA ILE L 69 -15.58 57.34 0.40
C ILE L 69 -16.17 58.15 1.57
N CYS L 70 -15.33 58.44 2.58
CA CYS L 70 -15.80 59.21 3.73
C CYS L 70 -16.14 60.66 3.36
N ALA L 71 -15.28 61.30 2.57
CA ALA L 71 -15.54 62.66 2.13
C ALA L 71 -16.75 62.74 1.20
N ASN L 72 -16.90 61.75 0.31
CA ASN L 72 -18.05 61.68 -0.58
C ASN L 72 -19.34 61.52 0.21
N LYS L 73 -19.34 60.65 1.22
CA LYS L 73 -20.54 60.41 2.01
C LYS L 73 -20.93 61.65 2.82
N TYR L 74 -19.95 62.33 3.43
CA TYR L 74 -20.30 63.52 4.21
C TYR L 74 -20.73 64.68 3.31
N MET L 75 -20.12 64.83 2.12
CA MET L 75 -20.53 65.93 1.26
C MET L 75 -21.89 65.67 0.63
N VAL L 76 -22.23 64.42 0.34
CA VAL L 76 -23.58 64.10 -0.12
C VAL L 76 -24.60 64.35 0.99
N LYS L 77 -24.28 63.96 2.23
CA LYS L 77 -25.21 64.20 3.33
C LYS L 77 -25.29 65.67 3.73
N SER L 78 -24.30 66.49 3.38
CA SER L 78 -24.29 67.88 3.79
C SER L 78 -24.84 68.83 2.72
N CYS L 79 -24.28 68.83 1.51
CA CYS L 79 -24.64 69.84 0.52
C CYS L 79 -25.46 69.32 -0.64
N GLY L 80 -25.44 68.03 -0.91
CA GLY L 80 -26.22 67.49 -2.00
C GLY L 80 -25.40 66.51 -2.82
N LYS L 81 -26.06 65.89 -3.78
CA LYS L 81 -25.39 64.90 -4.63
C LYS L 81 -24.52 65.55 -5.69
N ASP L 82 -24.88 66.75 -6.13
CA ASP L 82 -24.17 67.44 -7.22
C ASP L 82 -23.91 68.90 -6.85
N GLY L 83 -23.40 69.12 -5.64
CA GLY L 83 -23.09 70.47 -5.21
C GLY L 83 -21.65 70.64 -4.78
N PHE L 84 -20.77 69.75 -5.25
CA PHE L 84 -19.38 69.75 -4.84
C PHE L 84 -18.56 69.08 -5.94
N HIS L 85 -17.23 69.20 -5.82
CA HIS L 85 -16.32 68.49 -6.70
C HIS L 85 -15.08 68.13 -5.89
N ILE L 86 -14.81 66.84 -5.77
CA ILE L 86 -13.70 66.32 -4.97
C ILE L 86 -12.69 65.67 -5.92
N ARG L 87 -11.45 66.17 -5.87
CA ARG L 87 -10.30 65.53 -6.50
C ARG L 87 -9.39 64.97 -5.41
N VAL L 88 -8.74 63.85 -5.72
CA VAL L 88 -7.66 63.30 -4.93
C VAL L 88 -6.39 63.49 -5.76
N ARG L 89 -5.53 64.41 -5.33
CA ARG L 89 -4.36 64.80 -6.11
C ARG L 89 -3.14 63.94 -5.80
N LEU L 90 -3.34 62.70 -5.36
CA LEU L 90 -2.25 61.76 -5.10
C LEU L 90 -2.55 60.46 -5.83
N HIS L 91 -1.93 60.27 -6.99
CA HIS L 91 -2.02 59.02 -7.73
C HIS L 91 -0.93 58.08 -7.25
N PRO L 92 -1.25 56.92 -6.68
CA PRO L 92 -0.21 56.03 -6.13
C PRO L 92 0.52 55.27 -7.24
N PHE L 93 1.85 55.39 -7.26
CA PHE L 93 2.66 54.66 -8.21
C PHE L 93 3.78 53.86 -7.59
N HIS L 94 4.19 54.13 -6.35
CA HIS L 94 5.28 53.40 -5.73
C HIS L 94 4.82 51.99 -5.37
N VAL L 95 5.43 51.00 -6.02
CA VAL L 95 5.07 49.60 -5.79
C VAL L 95 5.83 49.13 -4.55
N ILE L 96 5.08 48.71 -3.53
CA ILE L 96 5.68 48.25 -2.28
C ILE L 96 5.84 46.73 -2.39
N ARG L 97 6.76 46.18 -1.59
CA ARG L 97 7.13 44.78 -1.73
C ARG L 97 6.81 43.99 -0.47
N ILE L 98 6.60 42.69 -0.67
CA ILE L 98 6.27 41.75 0.40
C ILE L 98 7.27 40.60 0.39
N ASN L 99 7.74 40.21 1.57
CA ASN L 99 8.66 39.09 1.73
C ASN L 99 7.99 38.13 2.70
N LYS L 100 7.19 37.21 2.17
CA LYS L 100 6.41 36.31 3.00
C LYS L 100 7.16 35.00 3.19
N MET L 101 7.15 34.51 4.44
CA MET L 101 7.82 33.27 4.80
C MET L 101 6.89 32.08 4.59
N LEU L 102 7.38 30.89 4.89
CA LEU L 102 6.59 29.67 4.75
C LEU L 102 5.55 29.57 5.85
N THR L 112 14.73 28.84 4.10
CA THR L 112 15.62 29.88 3.58
C THR L 112 15.63 31.10 4.49
N GLY L 113 14.55 31.85 4.47
CA GLY L 113 14.43 33.05 5.29
C GLY L 113 14.95 34.30 4.56
N MET L 114 16.17 34.70 4.86
CA MET L 114 16.78 35.87 4.25
C MET L 114 17.67 35.49 3.07
N ARG L 115 17.76 34.19 2.77
CA ARG L 115 18.60 33.69 1.69
C ARG L 115 17.95 34.01 0.35
N GLY L 116 18.48 35.02 -0.34
CA GLY L 116 17.89 35.46 -1.59
C GLY L 116 16.55 36.14 -1.37
N ALA L 117 16.56 37.20 -0.58
CA ALA L 117 15.32 37.81 -0.07
C ALA L 117 15.05 39.11 -0.82
N PHE L 118 14.31 39.00 -1.92
CA PHE L 118 13.78 40.15 -2.63
C PHE L 118 12.26 40.04 -2.67
N GLY L 119 11.60 41.19 -2.58
CA GLY L 119 10.16 41.21 -2.40
C GLY L 119 9.39 41.11 -3.71
N LYS L 120 8.26 40.39 -3.65
CA LYS L 120 7.27 40.40 -4.70
C LYS L 120 6.37 41.63 -4.53
N PRO L 121 5.77 42.13 -5.60
CA PRO L 121 4.89 43.31 -5.49
C PRO L 121 3.64 43.01 -4.68
N GLN L 122 3.35 43.87 -3.70
CA GLN L 122 2.22 43.69 -2.80
C GLN L 122 1.11 44.70 -3.07
N GLY L 123 1.46 45.96 -3.26
CA GLY L 123 0.45 46.97 -3.52
C GLY L 123 1.09 48.27 -3.96
N THR L 124 0.25 49.28 -4.09
CA THR L 124 0.69 50.61 -4.49
C THR L 124 0.57 51.57 -3.31
N VAL L 125 1.41 52.61 -3.34
CA VAL L 125 1.47 53.59 -2.28
C VAL L 125 1.97 54.89 -2.92
N ALA L 126 1.67 56.02 -2.30
CA ALA L 126 1.96 57.33 -2.86
C ALA L 126 2.94 58.08 -1.98
N ARG L 127 4.04 58.53 -2.58
CA ARG L 127 4.99 59.39 -1.89
C ARG L 127 4.37 60.78 -1.69
N VAL L 128 4.34 61.24 -0.44
CA VAL L 128 3.72 62.51 -0.09
C VAL L 128 4.78 63.39 0.55
N HIS L 129 4.95 64.59 0.00
CA HIS L 129 5.92 65.56 0.47
C HIS L 129 5.32 66.45 1.55
N ILE L 130 6.18 67.22 2.20
CA ILE L 130 5.73 68.21 3.18
C ILE L 130 5.24 69.44 2.43
N GLY L 131 3.95 69.72 2.54
CA GLY L 131 3.34 70.81 1.82
C GLY L 131 2.65 70.44 0.53
N GLN L 132 2.33 69.17 0.33
CA GLN L 132 1.70 68.69 -0.90
C GLN L 132 0.22 68.46 -0.66
N VAL L 133 -0.60 68.84 -1.63
CA VAL L 133 -2.05 68.74 -1.50
C VAL L 133 -2.48 67.29 -1.67
N ILE L 134 -3.26 66.80 -0.71
CA ILE L 134 -3.77 65.43 -0.75
C ILE L 134 -5.11 65.39 -1.45
N MET L 135 -6.09 66.12 -0.93
CA MET L 135 -7.42 66.18 -1.49
C MET L 135 -7.83 67.63 -1.69
N SER L 136 -8.73 67.86 -2.64
CA SER L 136 -9.21 69.20 -2.95
C SER L 136 -10.70 69.15 -3.22
N ILE L 137 -11.43 70.12 -2.66
CA ILE L 137 -12.88 70.21 -2.80
C ILE L 137 -13.21 71.62 -3.27
N ARG L 138 -13.94 71.73 -4.38
CA ARG L 138 -14.49 73.01 -4.79
C ARG L 138 -16.01 72.97 -4.75
N THR L 139 -16.58 74.04 -4.20
CA THR L 139 -18.02 74.26 -4.10
C THR L 139 -18.23 75.75 -3.82
N LYS L 140 -19.46 76.12 -3.46
CA LYS L 140 -19.81 77.52 -3.27
C LYS L 140 -19.24 78.07 -1.97
N LEU L 141 -19.38 79.39 -1.79
CA LEU L 141 -18.84 80.08 -0.63
C LEU L 141 -19.67 79.87 0.62
N GLN L 142 -20.90 79.38 0.50
CA GLN L 142 -21.76 79.10 1.64
C GLN L 142 -21.61 77.68 2.16
N ASN L 143 -20.43 77.08 1.99
CA ASN L 143 -20.25 75.65 2.22
C ASN L 143 -18.94 75.36 2.96
N LYS L 144 -18.34 76.40 3.56
CA LYS L 144 -16.98 76.34 4.09
C LYS L 144 -16.88 75.37 5.26
N GLU L 145 -17.82 75.46 6.21
CA GLU L 145 -17.76 74.64 7.40
C GLU L 145 -18.00 73.16 7.08
N HIS L 146 -18.83 72.88 6.08
CA HIS L 146 -19.04 71.48 5.68
C HIS L 146 -17.82 70.93 4.94
N VAL L 147 -17.13 71.76 4.15
CA VAL L 147 -15.89 71.31 3.52
C VAL L 147 -14.81 71.05 4.55
N VAL L 148 -14.70 71.93 5.55
CA VAL L 148 -13.73 71.76 6.63
C VAL L 148 -14.03 70.51 7.44
N GLU L 149 -15.32 70.24 7.71
CA GLU L 149 -15.65 69.04 8.48
C GLU L 149 -15.49 67.77 7.64
N ALA L 150 -15.70 67.85 6.32
CA ALA L 150 -15.46 66.71 5.45
C ALA L 150 -13.97 66.37 5.38
N LEU L 151 -13.11 67.38 5.26
CA LEU L 151 -11.68 67.14 5.27
C LEU L 151 -11.20 66.70 6.65
N ARG L 152 -11.86 67.15 7.72
CA ARG L 152 -11.51 66.69 9.05
C ARG L 152 -11.88 65.21 9.25
N ARG L 153 -13.02 64.78 8.69
CA ARG L 153 -13.37 63.36 8.73
C ARG L 153 -12.48 62.54 7.82
N ALA L 154 -11.94 63.15 6.77
CA ALA L 154 -11.02 62.45 5.87
C ALA L 154 -9.59 62.41 6.38
N LYS L 155 -9.21 63.28 7.32
CA LYS L 155 -7.89 63.19 7.94
C LYS L 155 -7.75 61.94 8.79
N PHE L 156 -8.84 61.40 9.30
CA PHE L 156 -8.82 60.27 10.22
C PHE L 156 -8.55 58.93 9.54
N LYS L 157 -8.38 58.91 8.22
CA LYS L 157 -8.03 57.71 7.49
C LYS L 157 -6.55 57.64 7.13
N PHE L 158 -5.79 58.68 7.42
CA PHE L 158 -4.38 58.72 7.08
C PHE L 158 -3.52 58.76 8.35
N PRO L 159 -2.33 58.19 8.32
CA PRO L 159 -1.37 58.40 9.40
C PRO L 159 -0.73 59.78 9.27
N GLY L 160 -0.08 60.21 10.35
CA GLY L 160 0.61 61.47 10.34
C GLY L 160 -0.27 62.64 10.75
N ARG L 161 0.12 63.82 10.28
CA ARG L 161 -0.55 65.07 10.62
C ARG L 161 -0.86 65.83 9.35
N GLN L 162 -2.11 66.28 9.22
CA GLN L 162 -2.57 67.03 8.06
C GLN L 162 -3.17 68.34 8.51
N LYS L 163 -3.36 69.25 7.55
CA LYS L 163 -3.97 70.55 7.78
C LYS L 163 -5.02 70.81 6.72
N ILE L 164 -6.01 71.62 7.09
CA ILE L 164 -7.10 72.00 6.20
C ILE L 164 -6.95 73.48 5.89
N HIS L 165 -6.83 73.82 4.61
CA HIS L 165 -6.58 75.19 4.20
C HIS L 165 -7.56 75.60 3.10
N ILE L 166 -8.30 76.67 3.33
CA ILE L 166 -9.12 77.28 2.29
C ILE L 166 -8.22 78.24 1.52
N SER L 167 -7.83 77.85 0.31
CA SER L 167 -6.82 78.61 -0.42
C SER L 167 -7.41 79.86 -1.05
N LYS L 168 -6.52 80.74 -1.50
CA LYS L 168 -6.92 81.99 -2.15
C LYS L 168 -7.28 81.79 -3.62
N LYS L 169 -7.06 80.60 -4.17
CA LYS L 169 -7.31 80.38 -5.59
C LYS L 169 -8.81 80.25 -5.86
N TRP L 170 -9.15 80.22 -7.15
CA TRP L 170 -10.55 80.13 -7.60
C TRP L 170 -10.80 78.69 -8.04
N GLY L 171 -11.37 77.88 -7.15
CA GLY L 171 -11.69 76.52 -7.48
C GLY L 171 -10.48 75.64 -7.72
N PHE L 172 -10.31 75.15 -8.94
CA PHE L 172 -9.17 74.32 -9.30
C PHE L 172 -8.25 75.02 -10.28
N THR L 173 -8.14 76.34 -10.18
CA THR L 173 -7.32 77.14 -11.06
C THR L 173 -6.11 77.68 -10.32
N LYS L 174 -5.11 78.12 -11.09
CA LYS L 174 -3.87 78.65 -10.55
C LYS L 174 -3.91 80.15 -10.33
N PHE L 175 -5.08 80.78 -10.41
CA PHE L 175 -5.21 82.22 -10.36
C PHE L 175 -5.93 82.66 -9.09
N ASN L 176 -5.54 83.82 -8.60
CA ASN L 176 -6.06 84.32 -7.33
C ASN L 176 -7.49 84.83 -7.51
N ALA L 177 -8.31 84.64 -6.47
CA ALA L 177 -9.74 84.89 -6.58
C ALA L 177 -10.10 86.37 -6.57
N ASP L 178 -9.24 87.24 -6.03
CA ASP L 178 -9.54 88.66 -6.07
C ASP L 178 -9.35 89.25 -7.46
N GLU L 179 -8.42 88.70 -8.24
CA GLU L 179 -8.12 89.17 -9.58
C GLU L 179 -8.72 88.28 -10.66
N PHE L 180 -9.37 87.17 -10.27
CA PHE L 180 -9.94 86.25 -11.25
C PHE L 180 -11.05 86.89 -12.07
N GLU L 181 -12.02 87.53 -11.40
CA GLU L 181 -13.11 88.17 -12.11
C GLU L 181 -12.65 89.37 -12.91
N ASP L 182 -11.59 90.05 -12.45
CA ASP L 182 -11.01 91.14 -13.23
C ASP L 182 -10.35 90.64 -14.50
N MET L 183 -9.65 89.50 -14.42
CA MET L 183 -9.05 88.92 -15.62
C MET L 183 -10.11 88.36 -16.57
N VAL L 184 -11.22 87.84 -16.04
CA VAL L 184 -12.31 87.38 -16.90
C VAL L 184 -12.99 88.56 -17.59
N ALA L 185 -13.19 89.66 -16.86
CA ALA L 185 -13.77 90.87 -17.45
C ALA L 185 -12.84 91.51 -18.47
N GLU L 186 -11.52 91.39 -18.28
CA GLU L 186 -10.56 91.82 -19.28
C GLU L 186 -10.35 90.77 -20.37
N LYS L 187 -10.98 89.59 -20.24
CA LYS L 187 -10.92 88.49 -21.21
C LYS L 187 -9.48 88.00 -21.42
N ARG L 188 -8.70 88.01 -20.36
CA ARG L 188 -7.42 87.32 -20.32
C ARG L 188 -7.59 85.86 -19.91
N LEU L 189 -8.75 85.51 -19.35
CA LEU L 189 -9.08 84.16 -18.95
C LEU L 189 -10.39 83.72 -19.58
N ILE L 190 -10.41 82.49 -20.10
CA ILE L 190 -11.60 81.88 -20.69
C ILE L 190 -12.04 80.75 -19.79
N PRO L 191 -13.29 80.74 -19.31
CA PRO L 191 -13.79 79.59 -18.54
C PRO L 191 -13.95 78.37 -19.44
N ASP L 192 -13.12 77.35 -19.19
CA ASP L 192 -13.02 76.17 -20.05
C ASP L 192 -13.18 74.92 -19.18
N GLY L 193 -14.43 74.54 -18.93
CA GLY L 193 -14.69 73.28 -18.22
C GLY L 193 -14.34 73.36 -16.75
N CYS L 194 -13.58 72.37 -16.28
CA CYS L 194 -13.15 72.34 -14.88
C CYS L 194 -12.06 73.38 -14.61
N GLY L 195 -11.36 73.82 -15.65
CA GLY L 195 -10.27 74.75 -15.47
C GLY L 195 -10.47 76.04 -16.24
N VAL L 196 -9.40 76.83 -16.36
CA VAL L 196 -9.45 78.12 -17.03
C VAL L 196 -8.32 78.16 -18.04
N LYS L 197 -8.50 78.97 -19.08
CA LYS L 197 -7.52 79.10 -20.15
C LYS L 197 -6.96 80.51 -20.15
N TYR L 198 -5.63 80.61 -20.13
CA TYR L 198 -4.93 81.88 -20.09
C TYR L 198 -4.58 82.33 -21.50
N ILE L 199 -4.79 83.61 -21.78
CA ILE L 199 -4.47 84.20 -23.08
C ILE L 199 -3.28 85.12 -22.89
N PRO L 200 -2.09 84.75 -23.36
CA PRO L 200 -0.98 85.71 -23.38
C PRO L 200 -1.11 86.65 -24.57
N ASN L 201 -0.30 87.71 -24.53
CA ASN L 201 -0.22 88.64 -25.65
C ASN L 201 0.91 88.25 -26.61
N ARG L 202 0.92 86.98 -27.01
CA ARG L 202 1.95 86.48 -27.92
C ARG L 202 1.39 85.67 -29.08
N GLY L 203 0.09 85.37 -29.11
CA GLY L 203 -0.47 84.61 -30.19
C GLY L 203 -0.62 85.44 -31.45
N PRO L 204 -1.07 84.78 -32.53
CA PRO L 204 -1.39 85.53 -33.75
C PRO L 204 -2.61 86.40 -33.56
N LEU L 205 -2.72 87.41 -34.42
CA LEU L 205 -3.80 88.40 -34.30
C LEU L 205 -5.15 87.83 -34.69
N ASP L 206 -5.19 86.71 -35.42
CA ASP L 206 -6.46 86.07 -35.75
C ASP L 206 -7.16 85.51 -34.52
N LYS L 207 -6.39 85.07 -33.52
CA LYS L 207 -7.00 84.64 -32.26
C LYS L 207 -7.59 85.82 -31.50
N TRP L 208 -6.90 86.97 -31.53
CA TRP L 208 -7.43 88.17 -30.91
C TRP L 208 -8.69 88.67 -31.62
N ARG L 209 -8.74 88.50 -32.95
CA ARG L 209 -9.93 88.91 -33.70
C ARG L 209 -11.07 87.90 -33.52
N ALA L 210 -10.75 86.62 -33.30
CA ALA L 210 -11.79 85.65 -32.96
C ALA L 210 -12.35 85.91 -31.57
N LEU L 211 -11.51 86.39 -30.65
CA LEU L 211 -11.99 86.94 -29.39
C LEU L 211 -12.48 88.37 -29.61
N HIS L 212 -12.97 88.99 -28.53
CA HIS L 212 -13.34 90.41 -28.47
C HIS L 212 -14.44 90.79 -29.46
N SER L 213 -15.24 89.81 -29.89
CA SER L 213 -16.27 90.04 -30.89
C SER L 213 -17.35 88.96 -30.80
N GLU M 1 -2.89 85.05 -67.63
CA GLU M 1 -1.71 85.80 -68.07
C GLU M 1 -0.44 85.17 -67.53
N ASN M 2 -0.57 84.01 -66.90
CA ASN M 2 0.60 83.32 -66.36
C ASN M 2 1.41 82.70 -67.49
N PRO M 3 2.73 82.95 -67.55
CA PRO M 3 3.50 82.54 -68.73
C PRO M 3 3.77 81.04 -68.81
N MET M 4 4.09 80.40 -67.68
CA MET M 4 4.49 79.00 -67.69
C MET M 4 3.90 78.22 -66.53
N ARG M 5 2.72 78.64 -66.05
CA ARG M 5 1.97 77.86 -65.07
C ARG M 5 0.97 76.91 -65.72
N GLU M 6 1.24 76.47 -66.95
CA GLU M 6 0.33 75.60 -67.67
C GLU M 6 0.39 74.19 -67.09
N LEU M 7 -0.74 73.72 -66.59
CA LEU M 7 -0.81 72.42 -65.94
C LEU M 7 -0.77 71.33 -67.01
N ARG M 8 0.09 70.33 -66.79
CA ARG M 8 0.27 69.25 -67.76
C ARG M 8 0.29 67.92 -67.01
N ILE M 9 0.06 66.85 -67.77
CA ILE M 9 0.13 65.50 -67.22
C ILE M 9 1.60 65.13 -67.06
N ARG M 10 2.04 64.93 -65.83
CA ARG M 10 3.45 64.61 -65.63
C ARG M 10 3.74 63.14 -65.93
N LYS M 11 2.88 62.22 -65.48
CA LYS M 11 3.01 60.82 -65.87
C LYS M 11 1.67 60.11 -65.73
N LEU M 12 1.65 58.87 -66.21
CA LEU M 12 0.50 57.99 -66.09
C LEU M 12 0.99 56.64 -65.61
N CYS M 13 0.51 56.21 -64.45
CA CYS M 13 0.97 54.98 -63.82
C CYS M 13 -0.07 53.89 -64.03
N LEU M 14 0.34 52.80 -64.67
CA LEU M 14 -0.52 51.67 -64.93
C LEU M 14 -0.11 50.54 -64.00
N ASN M 15 -1.09 49.87 -63.39
CA ASN M 15 -0.73 48.62 -62.74
C ASN M 15 -1.85 47.60 -62.85
N ILE M 16 -1.42 46.34 -62.78
CA ILE M 16 -2.29 45.17 -62.67
C ILE M 16 -1.79 44.34 -61.50
N CYS M 17 -2.66 44.07 -60.54
CA CYS M 17 -2.32 43.29 -59.36
C CYS M 17 -3.05 41.94 -59.47
N VAL M 18 -2.37 40.95 -60.03
CA VAL M 18 -3.01 39.66 -60.26
C VAL M 18 -3.13 38.87 -58.97
N GLY M 19 -2.29 39.17 -57.98
CA GLY M 19 -2.47 38.67 -56.64
C GLY M 19 -1.44 37.67 -56.15
N GLU M 20 -1.04 36.68 -56.94
CA GLU M 20 -0.26 35.58 -56.39
C GLU M 20 1.16 35.52 -56.92
N SER M 21 1.37 35.13 -58.18
CA SER M 21 2.69 34.86 -58.75
C SER M 21 2.53 34.41 -60.21
N GLY M 22 3.67 34.25 -60.87
CA GLY M 22 3.83 33.34 -61.98
C GLY M 22 3.17 33.63 -63.31
N ASP M 23 2.29 32.71 -63.73
CA ASP M 23 1.77 32.71 -65.09
C ASP M 23 0.78 33.86 -65.30
N ARG M 24 -0.08 34.11 -64.31
CA ARG M 24 -0.99 35.25 -64.38
C ARG M 24 -0.21 36.56 -64.38
N LEU M 25 0.90 36.60 -63.64
CA LEU M 25 1.74 37.79 -63.56
C LEU M 25 2.45 38.09 -64.88
N THR M 26 3.06 37.07 -65.50
CA THR M 26 3.69 37.30 -66.80
C THR M 26 2.67 37.49 -67.92
N ARG M 27 1.44 36.98 -67.74
CA ARG M 27 0.39 37.22 -68.72
C ARG M 27 -0.09 38.66 -68.66
N ALA M 28 -0.24 39.21 -67.46
CA ALA M 28 -0.54 40.63 -67.32
C ALA M 28 0.62 41.50 -67.76
N ALA M 29 1.86 41.00 -67.63
CA ALA M 29 3.01 41.71 -68.20
C ALA M 29 2.93 41.78 -69.72
N LYS M 30 2.49 40.70 -70.36
CA LYS M 30 2.27 40.72 -71.79
C LYS M 30 1.12 41.66 -72.17
N VAL M 31 0.09 41.75 -71.32
CA VAL M 31 -1.01 42.70 -71.54
C VAL M 31 -0.50 44.13 -71.51
N LEU M 32 0.30 44.48 -70.50
CA LEU M 32 0.85 45.83 -70.40
C LEU M 32 1.86 46.13 -71.50
N GLU M 33 2.61 45.12 -71.95
CA GLU M 33 3.56 45.33 -73.03
C GLU M 33 2.84 45.57 -74.36
N GLN M 34 1.76 44.83 -74.62
CA GLN M 34 0.97 45.08 -75.82
C GLN M 34 0.19 46.38 -75.73
N LEU M 35 -0.12 46.84 -74.52
CA LEU M 35 -0.81 48.12 -74.37
C LEU M 35 0.13 49.30 -74.60
N THR M 36 1.34 49.25 -74.05
CA THR M 36 2.25 50.39 -74.12
C THR M 36 3.21 50.30 -75.30
N GLY M 37 4.00 49.25 -75.36
CA GLY M 37 5.17 49.19 -76.20
C GLY M 37 6.49 49.18 -75.46
N GLN M 38 6.46 48.94 -74.15
CA GLN M 38 7.65 48.89 -73.32
C GLN M 38 7.46 47.79 -72.28
N THR M 39 8.58 47.23 -71.81
CA THR M 39 8.52 46.13 -70.87
C THR M 39 8.20 46.64 -69.48
N PRO M 40 7.11 46.20 -68.85
CA PRO M 40 6.76 46.67 -67.50
C PRO M 40 7.64 46.00 -66.46
N VAL M 41 7.51 46.47 -65.22
CA VAL M 41 8.35 46.00 -64.12
C VAL M 41 7.44 45.42 -63.04
N PHE M 42 7.81 44.23 -62.56
CA PHE M 42 7.01 43.55 -61.55
C PHE M 42 7.25 44.17 -60.18
N SER M 43 6.36 43.85 -59.25
CA SER M 43 6.41 44.37 -57.89
C SER M 43 6.17 43.22 -56.93
N LYS M 44 7.13 42.99 -56.05
CA LYS M 44 7.08 41.91 -55.07
C LYS M 44 6.37 42.39 -53.81
N ALA M 45 6.34 41.54 -52.79
CA ALA M 45 5.63 41.86 -51.56
C ALA M 45 6.54 42.55 -50.55
N ARG M 46 5.91 43.10 -49.52
CA ARG M 46 6.61 43.70 -48.40
C ARG M 46 6.76 42.74 -47.21
N TYR M 47 5.68 42.05 -46.85
CA TYR M 47 5.73 41.05 -45.79
C TYR M 47 4.66 40.00 -46.06
N THR M 48 4.78 38.87 -45.36
CA THR M 48 3.93 37.72 -45.60
C THR M 48 2.55 37.93 -44.98
N VAL M 49 1.51 37.77 -45.78
CA VAL M 49 0.13 37.79 -45.32
C VAL M 49 -0.50 36.45 -45.66
N ARG M 50 -0.94 35.72 -44.61
CA ARG M 50 -1.46 34.38 -44.82
C ARG M 50 -2.87 34.41 -45.41
N SER M 51 -3.68 35.41 -45.05
CA SER M 51 -5.06 35.49 -45.54
C SER M 51 -5.14 35.85 -47.02
N PHE M 52 -4.11 36.50 -47.56
CA PHE M 52 -4.08 36.87 -48.97
C PHE M 52 -3.33 35.86 -49.83
N GLY M 53 -2.72 34.84 -49.20
CA GLY M 53 -1.99 33.83 -49.94
C GLY M 53 -0.65 34.29 -50.47
N ILE M 54 -0.09 35.36 -49.91
CA ILE M 54 1.16 35.92 -50.38
C ILE M 54 2.25 35.69 -49.33
N ARG M 55 3.50 35.64 -49.80
CA ARG M 55 4.66 35.46 -48.95
C ARG M 55 5.60 36.64 -49.14
N ARG M 56 6.62 36.71 -48.29
CA ARG M 56 7.60 37.78 -48.36
C ARG M 56 8.46 37.62 -49.61
N ASN M 57 8.71 38.75 -50.29
CA ASN M 57 9.46 38.90 -51.54
C ASN M 57 8.83 38.14 -52.72
N GLU M 58 7.59 37.70 -52.60
CA GLU M 58 6.91 37.03 -53.70
C GLU M 58 6.36 38.06 -54.66
N LYS M 59 6.63 37.86 -55.96
CA LYS M 59 6.19 38.80 -56.99
C LYS M 59 4.68 38.77 -57.13
N ILE M 60 4.03 39.89 -56.84
CA ILE M 60 2.58 39.96 -56.86
C ILE M 60 2.09 40.69 -58.10
N ALA M 61 2.48 41.95 -58.26
CA ALA M 61 1.84 42.82 -59.23
C ALA M 61 2.80 43.20 -60.35
N VAL M 62 2.30 44.00 -61.29
CA VAL M 62 3.11 44.50 -62.39
C VAL M 62 2.66 45.93 -62.68
N HIS M 63 3.62 46.81 -63.00
CA HIS M 63 3.32 48.21 -63.19
C HIS M 63 4.22 48.80 -64.26
N CYS M 64 3.86 50.02 -64.69
CA CYS M 64 4.52 50.70 -65.78
C CYS M 64 4.17 52.18 -65.74
N THR M 65 5.17 53.05 -65.70
CA THR M 65 4.96 54.49 -65.71
C THR M 65 5.27 55.03 -67.10
N VAL M 66 4.30 55.74 -67.68
CA VAL M 66 4.39 56.23 -69.05
C VAL M 66 4.44 57.75 -69.02
N ARG M 67 5.34 58.32 -69.82
CA ARG M 67 5.57 59.75 -69.87
C ARG M 67 5.19 60.30 -71.24
N GLY M 68 4.58 61.48 -71.25
CA GLY M 68 4.41 62.23 -72.48
C GLY M 68 3.20 61.90 -73.33
N ALA M 69 3.42 61.89 -74.66
CA ALA M 69 2.31 61.75 -75.61
C ALA M 69 1.73 60.35 -75.62
N LYS M 70 2.54 59.34 -75.31
CA LYS M 70 2.02 57.98 -75.17
C LYS M 70 1.11 57.88 -73.96
N ALA M 71 1.46 58.56 -72.86
CA ALA M 71 0.59 58.63 -71.70
C ALA M 71 -0.68 59.41 -72.01
N GLU M 72 -0.55 60.46 -72.84
CA GLU M 72 -1.73 61.21 -73.29
C GLU M 72 -2.67 60.33 -74.12
N GLU M 73 -2.12 59.47 -74.97
CA GLU M 73 -2.94 58.64 -75.83
C GLU M 73 -3.58 57.48 -75.04
N ILE M 74 -2.85 56.93 -74.07
CA ILE M 74 -3.42 55.88 -73.23
C ILE M 74 -4.49 56.45 -72.31
N LEU M 75 -4.30 57.67 -71.81
CA LEU M 75 -5.34 58.29 -71.00
C LEU M 75 -6.53 58.72 -71.85
N GLU M 76 -6.29 59.03 -73.13
CA GLU M 76 -7.40 59.25 -74.06
C GLU M 76 -8.21 57.97 -74.26
N LYS M 77 -7.54 56.82 -74.37
CA LYS M 77 -8.22 55.54 -74.40
C LYS M 77 -9.01 55.28 -73.12
N GLY M 78 -8.43 55.62 -71.96
CA GLY M 78 -9.09 55.36 -70.69
C GLY M 78 -10.32 56.21 -70.47
N LEU M 79 -10.25 57.50 -70.81
CA LEU M 79 -11.44 58.34 -70.71
C LEU M 79 -12.45 58.03 -71.82
N LYS M 80 -11.97 57.52 -72.96
CA LYS M 80 -12.88 57.02 -73.99
C LYS M 80 -13.64 55.80 -73.50
N VAL M 81 -13.04 55.00 -72.63
CA VAL M 81 -13.78 53.92 -71.99
C VAL M 81 -14.74 54.48 -70.93
N ARG M 82 -14.23 55.34 -70.05
CA ARG M 82 -14.96 55.76 -68.87
C ARG M 82 -15.89 56.95 -69.09
N GLU M 83 -16.14 57.34 -70.35
CA GLU M 83 -17.23 58.28 -70.74
C GLU M 83 -16.97 59.67 -70.16
N TYR M 84 -15.69 60.05 -70.06
CA TYR M 84 -15.21 61.38 -69.67
C TYR M 84 -15.69 61.83 -68.29
N GLU M 85 -16.15 60.92 -67.44
CA GLU M 85 -16.80 61.28 -66.19
C GLU M 85 -16.02 60.73 -65.00
N LEU M 86 -15.93 61.53 -63.95
CA LEU M 86 -15.29 61.15 -62.69
C LEU M 86 -16.15 61.66 -61.55
N ARG M 87 -15.62 61.58 -60.34
CA ARG M 87 -16.37 61.96 -59.14
C ARG M 87 -15.54 62.94 -58.33
N LYS M 88 -16.14 63.43 -57.24
CA LYS M 88 -15.44 64.35 -56.34
C LYS M 88 -14.37 63.60 -55.54
N ASN M 89 -14.70 62.40 -55.06
CA ASN M 89 -13.77 61.65 -54.21
C ASN M 89 -12.63 61.00 -55.00
N ASN M 90 -12.69 60.99 -56.34
CA ASN M 90 -11.60 60.44 -57.13
C ASN M 90 -10.40 61.36 -57.19
N PHE M 91 -10.53 62.61 -56.76
CA PHE M 91 -9.46 63.58 -56.86
C PHE M 91 -8.74 63.69 -55.52
N SER M 92 -7.41 63.69 -55.55
CA SER M 92 -6.65 63.76 -54.33
C SER M 92 -6.42 65.22 -53.92
N ASP M 93 -5.85 65.39 -52.73
CA ASP M 93 -5.59 66.72 -52.19
C ASP M 93 -4.42 67.42 -52.85
N THR M 94 -3.54 66.67 -53.53
CA THR M 94 -2.38 67.22 -54.18
C THR M 94 -2.56 67.43 -55.68
N GLY M 95 -3.76 67.16 -56.20
CA GLY M 95 -4.04 67.42 -57.59
C GLY M 95 -3.67 66.30 -58.53
N ASN M 96 -3.77 65.04 -58.10
CA ASN M 96 -3.53 63.89 -58.96
C ASN M 96 -4.71 62.94 -58.84
N PHE M 97 -5.06 62.28 -59.94
CA PHE M 97 -6.28 61.48 -59.91
C PHE M 97 -6.02 60.10 -60.49
N GLY M 98 -7.05 59.27 -60.51
CA GLY M 98 -6.90 57.92 -61.00
C GLY M 98 -8.24 57.21 -61.01
N PHE M 99 -8.27 56.11 -61.75
CA PHE M 99 -9.47 55.30 -61.92
C PHE M 99 -9.06 53.93 -62.44
N GLY M 100 -9.89 52.93 -62.16
CA GLY M 100 -9.57 51.58 -62.59
C GLY M 100 -10.65 50.95 -63.44
N ILE M 101 -10.26 50.18 -64.44
CA ILE M 101 -11.23 49.52 -65.31
C ILE M 101 -11.10 48.01 -65.13
N GLN M 102 -12.20 47.31 -65.43
CA GLN M 102 -12.30 45.89 -65.14
C GLN M 102 -11.96 44.99 -66.32
N GLU M 103 -11.93 45.54 -67.54
CA GLU M 103 -11.58 44.78 -68.73
C GLU M 103 -10.58 45.58 -69.55
N HIS M 104 -9.43 44.97 -69.85
CA HIS M 104 -8.44 45.61 -70.69
C HIS M 104 -8.82 45.59 -72.17
N ILE M 105 -9.80 44.78 -72.55
CA ILE M 105 -10.23 44.70 -73.95
C ILE M 105 -11.05 45.90 -74.38
N ASP M 106 -11.49 46.74 -73.44
CA ASP M 106 -12.17 47.97 -73.79
C ASP M 106 -11.23 49.04 -74.33
N LEU M 107 -9.94 48.91 -74.06
CA LEU M 107 -8.92 49.86 -74.53
C LEU M 107 -8.47 49.59 -75.96
N GLY M 108 -9.09 48.63 -76.65
CA GLY M 108 -8.67 48.25 -77.98
C GLY M 108 -7.80 47.02 -78.06
N ILE M 109 -7.59 46.33 -76.93
CA ILE M 109 -6.76 45.13 -76.90
C ILE M 109 -7.63 43.95 -77.34
N LYS M 110 -7.14 43.18 -78.31
CA LYS M 110 -7.87 42.03 -78.79
C LYS M 110 -7.87 40.91 -77.76
N TYR M 111 -8.97 40.16 -77.73
CA TYR M 111 -9.11 39.05 -76.79
C TYR M 111 -8.23 37.88 -77.24
N ASP M 112 -7.92 37.00 -76.29
CA ASP M 112 -7.11 35.82 -76.52
C ASP M 112 -7.64 34.79 -75.53
N PRO M 113 -7.93 33.56 -75.97
CA PRO M 113 -8.27 32.51 -74.99
C PRO M 113 -7.12 32.14 -74.08
N SER M 114 -5.88 32.28 -74.53
CA SER M 114 -4.74 32.02 -73.66
C SER M 114 -4.45 33.22 -72.75
N ILE M 115 -4.22 34.39 -73.35
CA ILE M 115 -3.98 35.61 -72.58
C ILE M 115 -5.35 36.10 -72.08
N GLY M 116 -5.67 35.78 -70.84
CA GLY M 116 -7.03 35.86 -70.33
C GLY M 116 -7.53 37.25 -69.97
N ILE M 117 -8.40 37.30 -68.98
CA ILE M 117 -9.13 38.52 -68.60
C ILE M 117 -8.33 39.23 -67.53
N TYR M 118 -8.07 40.53 -67.73
CA TYR M 118 -7.35 41.33 -66.76
C TYR M 118 -7.93 42.72 -66.71
N GLY M 119 -8.37 43.14 -65.53
CA GLY M 119 -8.58 44.55 -65.29
C GLY M 119 -7.28 45.24 -64.94
N LEU M 120 -7.29 46.57 -65.05
CA LEU M 120 -6.08 47.35 -64.81
C LEU M 120 -6.47 48.66 -64.15
N ASP M 121 -5.45 49.45 -63.79
CA ASP M 121 -5.69 50.63 -62.98
C ASP M 121 -4.77 51.76 -63.43
N PHE M 122 -5.39 52.88 -63.83
CA PHE M 122 -4.70 54.11 -64.22
C PHE M 122 -4.59 55.06 -63.04
N TYR M 123 -3.47 55.78 -62.97
CA TYR M 123 -3.33 56.90 -62.05
C TYR M 123 -2.58 58.02 -62.77
N VAL M 124 -3.29 59.11 -63.06
CA VAL M 124 -2.70 60.29 -63.69
C VAL M 124 -2.05 61.15 -62.62
N VAL M 125 -0.77 61.47 -62.81
CA VAL M 125 -0.03 62.39 -61.96
C VAL M 125 0.19 63.66 -62.77
N LEU M 126 -0.44 64.75 -62.31
CA LEU M 126 -0.38 66.03 -62.99
C LEU M 126 0.84 66.82 -62.52
N GLY M 127 1.26 67.77 -63.36
CA GLY M 127 2.47 68.52 -63.07
C GLY M 127 2.46 69.90 -63.68
N ARG M 128 3.54 70.61 -63.44
CA ARG M 128 3.80 71.96 -63.95
C ARG M 128 5.20 72.00 -64.52
N PRO M 129 5.52 73.03 -65.30
CA PRO M 129 6.94 73.30 -65.58
C PRO M 129 7.63 73.85 -64.34
N GLY M 130 8.44 73.02 -63.68
CA GLY M 130 9.10 73.46 -62.47
C GLY M 130 9.05 72.47 -61.32
N PHE M 131 8.56 71.25 -61.58
CA PHE M 131 8.53 70.20 -60.56
C PHE M 131 9.76 69.31 -60.60
N SER M 132 10.81 69.70 -61.31
CA SER M 132 12.04 68.93 -61.31
C SER M 132 12.90 69.19 -60.08
N ILE M 133 12.57 70.22 -59.30
CA ILE M 133 13.35 70.55 -58.11
C ILE M 133 13.11 69.52 -57.02
N ALA M 134 11.90 68.98 -56.93
CA ALA M 134 11.55 68.04 -55.88
C ALA M 134 12.16 66.66 -56.08
N ASP M 135 12.77 66.39 -57.23
CA ASP M 135 13.40 65.09 -57.47
C ASP M 135 14.76 65.17 -58.17
N LYS M 136 15.31 66.37 -58.37
CA LYS M 136 16.64 66.47 -58.92
C LYS M 136 17.69 66.20 -57.83
N LYS M 137 18.96 66.25 -58.21
CA LYS M 137 20.00 65.69 -57.35
C LYS M 137 20.41 66.66 -56.24
N ARG M 138 20.98 67.80 -56.60
CA ARG M 138 21.73 68.58 -55.62
C ARG M 138 20.84 69.52 -54.79
N ARG M 139 20.20 70.50 -55.42
CA ARG M 139 19.46 71.53 -54.67
C ARG M 139 17.97 71.23 -54.72
N THR M 140 17.56 70.23 -53.92
CA THR M 140 16.15 69.92 -53.76
C THR M 140 15.45 71.00 -52.95
N GLY M 141 14.12 71.00 -53.02
CA GLY M 141 13.34 71.94 -52.25
C GLY M 141 11.86 71.75 -52.50
N CYS M 142 11.06 72.24 -51.56
CA CYS M 142 9.61 72.23 -51.71
C CYS M 142 9.21 73.24 -52.77
N ILE M 143 8.29 72.84 -53.65
CA ILE M 143 7.94 73.66 -54.82
C ILE M 143 6.84 74.62 -54.39
N GLY M 144 7.24 75.64 -53.64
CA GLY M 144 6.37 76.74 -53.26
C GLY M 144 5.20 76.38 -52.37
N ALA M 145 4.27 77.30 -52.24
CA ALA M 145 3.03 77.10 -51.50
C ALA M 145 1.81 77.40 -52.34
N LYS M 146 1.86 78.42 -53.19
CA LYS M 146 0.81 78.70 -54.17
C LYS M 146 1.13 78.12 -55.53
N HIS M 147 2.22 77.37 -55.64
CA HIS M 147 2.60 76.70 -56.88
C HIS M 147 2.08 75.27 -56.96
N ARG M 148 1.67 74.69 -55.83
CA ARG M 148 1.13 73.34 -55.83
C ARG M 148 -0.23 73.29 -56.52
N ILE M 149 -0.55 72.10 -57.03
CA ILE M 149 -1.81 71.89 -57.76
C ILE M 149 -2.90 71.55 -56.75
N SER M 150 -3.99 72.29 -56.81
CA SER M 150 -5.11 72.11 -55.89
C SER M 150 -6.22 71.27 -56.54
N LYS M 151 -7.19 70.89 -55.71
CA LYS M 151 -8.29 70.06 -56.19
C LYS M 151 -9.24 70.86 -57.06
N GLU M 152 -9.46 72.13 -56.72
CA GLU M 152 -10.25 73.04 -57.56
C GLU M 152 -9.58 73.23 -58.92
N GLU M 153 -8.25 73.39 -58.92
CA GLU M 153 -7.51 73.55 -60.16
C GLU M 153 -7.54 72.28 -60.99
N ALA M 154 -7.51 71.12 -60.34
CA ALA M 154 -7.62 69.85 -61.06
C ALA M 154 -8.99 69.67 -61.68
N MET M 155 -10.05 70.07 -60.96
CA MET M 155 -11.41 70.02 -61.50
C MET M 155 -11.56 70.93 -62.72
N ARG M 156 -11.09 72.18 -62.61
CA ARG M 156 -11.27 73.09 -63.73
C ARG M 156 -10.35 72.74 -64.90
N TRP M 157 -9.18 72.14 -64.62
CA TRP M 157 -8.32 71.68 -65.72
C TRP M 157 -8.93 70.49 -66.45
N PHE M 158 -9.54 69.55 -65.71
CA PHE M 158 -10.17 68.41 -66.35
C PHE M 158 -11.39 68.84 -67.16
N GLN M 159 -12.18 69.78 -66.63
CA GLN M 159 -13.34 70.27 -67.35
C GLN M 159 -12.97 71.15 -68.53
N GLN M 160 -11.79 71.79 -68.50
CA GLN M 160 -11.36 72.59 -69.63
C GLN M 160 -10.68 71.73 -70.70
N LYS M 161 -10.03 70.64 -70.31
CA LYS M 161 -9.27 69.84 -71.26
C LYS M 161 -10.13 68.75 -71.89
N TYR M 162 -10.70 67.87 -71.07
CA TYR M 162 -11.39 66.69 -71.57
C TYR M 162 -12.90 66.81 -71.57
N ASP M 163 -13.43 68.04 -71.41
CA ASP M 163 -14.86 68.33 -71.31
C ASP M 163 -15.52 67.53 -70.20
N GLY M 164 -15.12 67.86 -68.96
CA GLY M 164 -15.49 67.04 -67.82
C GLY M 164 -16.97 67.17 -67.46
N ILE M 165 -17.57 66.02 -67.18
CA ILE M 165 -18.96 65.91 -66.76
C ILE M 165 -19.00 65.28 -65.37
N ILE M 166 -18.02 65.66 -64.54
CA ILE M 166 -17.79 65.12 -63.20
C ILE M 166 -19.05 65.22 -62.35
N LEU M 167 -19.47 64.06 -61.80
CA LEU M 167 -20.69 63.99 -61.02
C LEU M 167 -20.37 64.00 -59.52
N PRO M 168 -21.15 64.70 -58.72
CA PRO M 168 -20.87 64.75 -57.28
C PRO M 168 -21.31 63.47 -56.58
N GLY M 169 -20.68 63.23 -55.43
CA GLY M 169 -20.98 62.06 -54.62
C GLY M 169 -20.07 60.88 -54.90
N ALA N 1 57.57 27.90 1.29
CA ALA N 1 57.00 28.90 0.41
C ALA N 1 58.02 29.96 0.05
N PRO N 2 58.46 29.98 -1.21
CA PRO N 2 59.42 31.00 -1.65
C PRO N 2 58.76 32.37 -1.74
N SER N 3 59.51 33.40 -1.38
CA SER N 3 58.96 34.74 -1.30
C SER N 3 60.02 35.78 -1.64
N ARG N 4 59.60 36.79 -2.40
CA ARG N 4 60.28 38.07 -2.68
C ARG N 4 61.75 37.87 -3.13
N ASN N 5 61.85 37.31 -4.33
CA ASN N 5 63.04 37.35 -5.19
C ASN N 5 64.27 36.66 -4.61
N GLY N 6 64.19 35.35 -4.40
CA GLY N 6 65.35 34.53 -4.14
C GLY N 6 65.63 33.57 -5.29
N MET N 7 66.67 32.76 -5.10
CA MET N 7 66.95 31.70 -6.06
C MET N 7 65.93 30.58 -5.93
N ILE N 8 65.68 29.90 -7.04
CA ILE N 8 64.75 28.77 -7.06
C ILE N 8 65.58 27.53 -6.74
N LEU N 9 65.76 27.30 -5.44
CA LEU N 9 66.74 26.34 -4.96
C LEU N 9 66.18 24.92 -4.98
N LYS N 10 67.10 23.96 -5.12
CA LYS N 10 66.80 22.53 -5.07
C LYS N 10 67.79 21.87 -4.12
N PRO N 11 67.51 21.87 -2.81
CA PRO N 11 68.41 21.19 -1.86
C PRO N 11 68.17 19.68 -1.87
N HIS N 12 69.27 18.93 -1.86
CA HIS N 12 69.21 17.46 -1.85
C HIS N 12 69.36 16.94 -0.42
N PHE N 13 68.32 17.16 0.37
CA PHE N 13 68.29 16.74 1.76
C PHE N 13 66.99 16.02 2.08
N HIS N 14 66.44 15.31 1.10
CA HIS N 14 65.18 14.60 1.27
C HIS N 14 65.36 13.14 1.66
N LYS N 15 66.59 12.64 1.71
CA LYS N 15 66.87 11.28 2.15
C LYS N 15 67.24 11.30 3.63
N ASP N 16 67.70 10.16 4.14
CA ASP N 16 68.12 10.05 5.54
C ASP N 16 69.62 10.29 5.59
N TRP N 17 69.99 11.57 5.41
CA TRP N 17 71.40 11.93 5.30
C TRP N 17 72.11 12.01 6.64
N GLN N 18 71.39 12.22 7.74
CA GLN N 18 72.04 12.34 9.04
C GLN N 18 72.59 11.01 9.55
N ARG N 19 72.03 9.89 9.11
CA ARG N 19 72.65 8.60 9.38
C ARG N 19 73.93 8.42 8.57
N ARG N 20 74.03 9.09 7.43
CA ARG N 20 75.14 8.91 6.49
C ARG N 20 76.04 10.14 6.40
N VAL N 21 76.03 11.00 7.42
CA VAL N 21 77.04 12.06 7.49
C VAL N 21 78.41 11.43 7.72
N ALA N 22 79.35 11.73 6.84
CA ALA N 22 80.74 11.28 6.98
C ALA N 22 81.57 12.43 7.52
N THR N 23 81.74 12.47 8.84
CA THR N 23 82.56 13.49 9.46
C THR N 23 84.04 13.21 9.21
N TRP N 24 84.82 14.28 9.04
CA TRP N 24 86.22 14.16 8.64
C TRP N 24 87.18 14.55 9.75
N PHE N 25 86.87 14.17 10.99
CA PHE N 25 87.81 14.41 12.08
C PHE N 25 88.95 13.40 12.09
N ASN N 26 88.86 12.34 11.29
CA ASN N 26 89.94 11.38 11.17
C ASN N 26 91.14 11.95 10.42
N GLN N 27 90.92 12.92 9.52
CA GLN N 27 91.92 13.23 8.49
C GLN N 27 93.28 13.81 8.94
N PRO N 28 93.45 14.56 10.05
CA PRO N 28 94.85 14.85 10.44
C PRO N 28 95.57 13.64 10.98
N ALA N 29 94.87 12.77 11.71
CA ALA N 29 95.44 11.49 12.10
C ALA N 29 95.71 10.61 10.88
N ARG N 30 94.89 10.73 9.84
CA ARG N 30 95.12 9.97 8.61
C ARG N 30 96.33 10.50 7.87
N LYS N 31 96.57 11.81 7.90
CA LYS N 31 97.80 12.37 7.35
C LYS N 31 99.01 11.89 8.13
N ILE N 32 98.88 11.78 9.45
CA ILE N 32 99.95 11.23 10.29
C ILE N 32 100.21 9.76 9.95
N ARG N 33 99.15 8.99 9.72
CA ARG N 33 99.31 7.56 9.38
C ARG N 33 99.94 7.39 8.01
N ARG N 34 99.54 8.21 7.04
CA ARG N 34 100.15 8.15 5.71
C ARG N 34 101.60 8.59 5.75
N ARG N 35 101.93 9.58 6.58
CA ARG N 35 103.31 10.01 6.78
C ARG N 35 104.16 8.91 7.40
N LYS N 36 103.62 8.22 8.41
CA LYS N 36 104.35 7.13 9.06
C LYS N 36 104.54 5.94 8.13
N ALA N 37 103.51 5.61 7.34
CA ALA N 37 103.65 4.52 6.38
C ALA N 37 104.62 4.88 5.26
N ARG N 38 104.66 6.14 4.84
CA ARG N 38 105.59 6.57 3.80
C ARG N 38 107.02 6.57 4.30
N GLN N 39 107.23 7.01 5.55
CA GLN N 39 108.57 6.96 6.14
C GLN N 39 109.02 5.52 6.41
N ALA N 40 108.07 4.64 6.77
CA ALA N 40 108.43 3.23 6.96
C ALA N 40 108.78 2.56 5.65
N ARG N 41 108.08 2.93 4.57
CA ARG N 41 108.44 2.41 3.25
C ARG N 41 109.79 2.95 2.78
N ALA N 42 110.06 4.22 3.07
CA ALA N 42 111.34 4.81 2.68
C ALA N 42 112.50 4.21 3.48
N ARG N 43 112.27 3.86 4.75
CA ARG N 43 113.28 3.13 5.50
C ARG N 43 113.39 1.68 5.07
N ARG N 44 112.32 1.12 4.50
CA ARG N 44 112.38 -0.25 4.01
C ARG N 44 113.24 -0.36 2.76
N ILE N 45 112.95 0.46 1.74
CA ILE N 45 113.80 0.51 0.55
C ILE N 45 114.85 1.60 0.76
N ALA N 46 116.01 1.19 1.25
CA ALA N 46 117.01 2.12 1.79
C ALA N 46 117.88 2.84 0.75
N PRO N 47 118.37 2.21 -0.37
CA PRO N 47 119.04 3.04 -1.37
C PRO N 47 118.11 3.50 -2.48
N ARG N 48 116.93 2.91 -2.54
CA ARG N 48 115.97 3.14 -3.61
C ARG N 48 115.27 4.48 -3.43
N PRO N 49 114.78 5.10 -4.51
CA PRO N 49 114.00 6.33 -4.36
C PRO N 49 112.68 6.10 -3.63
N ALA N 50 112.33 7.06 -2.78
CA ALA N 50 111.17 6.91 -1.90
C ALA N 50 109.85 7.04 -2.65
N SER N 51 109.82 7.76 -3.77
CA SER N 51 108.58 7.92 -4.51
C SER N 51 108.21 6.65 -5.28
N GLY N 52 109.18 6.02 -5.92
CA GLY N 52 108.94 4.79 -6.64
C GLY N 52 109.68 4.73 -7.97
N PRO N 53 109.16 3.94 -8.90
CA PRO N 53 109.84 3.77 -10.19
C PRO N 53 109.64 4.97 -11.10
N LEU N 54 110.43 4.98 -12.19
CA LEU N 54 110.41 6.09 -13.13
C LEU N 54 109.15 6.07 -13.98
N ARG N 55 108.50 7.23 -14.12
CA ARG N 55 107.27 7.36 -14.89
C ARG N 55 107.53 8.09 -16.20
N PRO N 56 106.86 7.69 -17.29
CA PRO N 56 107.20 8.22 -18.62
C PRO N 56 106.61 9.60 -18.87
N ILE N 57 107.02 10.16 -20.01
CA ILE N 57 106.44 11.39 -20.53
C ILE N 57 105.12 11.05 -21.22
N VAL N 58 104.05 11.69 -20.76
CA VAL N 58 102.69 11.36 -21.18
C VAL N 58 101.90 12.66 -21.38
N ARG N 59 101.29 12.82 -22.55
CA ARG N 59 100.50 13.99 -22.89
C ARG N 59 99.02 13.71 -22.65
N CYS N 60 98.30 14.75 -22.21
CA CYS N 60 96.91 14.61 -21.84
C CYS N 60 96.02 14.40 -23.07
N PRO N 61 94.98 13.56 -22.94
CA PRO N 61 93.94 13.49 -23.98
C PRO N 61 92.91 14.59 -23.77
N THR N 62 91.78 14.54 -24.51
CA THR N 62 90.60 15.38 -24.28
C THR N 62 90.90 16.88 -24.41
N VAL N 63 90.87 17.39 -25.64
CA VAL N 63 91.43 18.64 -26.18
C VAL N 63 91.31 19.90 -25.31
N ARG N 64 90.49 19.85 -24.25
CA ARG N 64 90.57 20.82 -23.15
C ARG N 64 92.00 21.07 -22.69
N TYR N 65 92.68 20.01 -22.23
CA TYR N 65 94.03 20.21 -21.69
C TYR N 65 95.07 20.26 -22.81
N HIS N 66 95.31 19.13 -23.47
CA HIS N 66 95.88 19.01 -24.83
C HIS N 66 97.32 19.49 -24.99
N THR N 67 97.89 20.11 -23.95
CA THR N 67 99.25 20.62 -23.98
C THR N 67 100.05 20.25 -22.74
N LYS N 68 99.41 19.79 -21.69
CA LYS N 68 100.11 19.43 -20.46
C LYS N 68 100.78 18.08 -20.60
N VAL N 69 101.87 17.91 -19.87
CA VAL N 69 102.65 16.68 -19.89
C VAL N 69 102.58 16.06 -18.50
N ARG N 70 102.15 14.81 -18.42
CA ARG N 70 101.92 14.13 -17.15
C ARG N 70 102.98 13.06 -16.91
N ALA N 71 102.83 12.39 -15.77
CA ALA N 71 103.51 11.14 -15.50
C ALA N 71 102.57 10.00 -15.86
N GLY N 72 103.13 8.92 -16.41
CA GLY N 72 102.34 7.84 -16.96
C GLY N 72 102.20 6.65 -16.04
N ARG N 73 101.45 5.66 -16.54
CA ARG N 73 101.33 4.39 -15.83
C ARG N 73 102.61 3.58 -15.95
N GLY N 74 103.26 3.62 -17.11
CA GLY N 74 104.51 2.92 -17.31
C GLY N 74 105.03 3.15 -18.71
N PHE N 75 106.29 2.77 -18.90
CA PHE N 75 106.89 2.78 -20.23
C PHE N 75 106.33 1.64 -21.05
N SER N 76 106.14 1.87 -22.35
CA SER N 76 105.54 0.86 -23.19
C SER N 76 106.61 -0.09 -23.74
N LEU N 77 106.14 -1.18 -24.33
CA LEU N 77 107.04 -2.26 -24.74
C LEU N 77 107.85 -1.88 -25.97
N GLU N 78 107.29 -1.05 -26.85
CA GLU N 78 108.07 -0.55 -27.99
C GLU N 78 109.16 0.40 -27.52
N GLU N 79 108.87 1.21 -26.50
CA GLU N 79 109.88 2.07 -25.89
C GLU N 79 110.99 1.25 -25.25
N LEU N 80 110.63 0.16 -24.57
CA LEU N 80 111.63 -0.72 -23.99
C LEU N 80 112.44 -1.44 -25.05
N ARG N 81 111.81 -1.78 -26.17
CA ARG N 81 112.52 -2.48 -27.25
C ARG N 81 113.50 -1.55 -27.96
N VAL N 82 113.13 -0.29 -28.14
CA VAL N 82 114.07 0.66 -28.77
C VAL N 82 115.18 1.03 -27.78
N ALA N 83 114.86 1.15 -26.49
CA ALA N 83 115.88 1.46 -25.50
C ALA N 83 116.78 0.27 -25.18
N GLY N 84 116.37 -0.94 -25.56
CA GLY N 84 117.23 -2.09 -25.36
C GLY N 84 117.14 -2.73 -23.99
N ILE N 85 116.03 -2.54 -23.29
CA ILE N 85 115.82 -3.07 -21.95
C ILE N 85 114.68 -4.08 -22.02
N HIS N 86 114.92 -5.28 -21.52
CA HIS N 86 113.89 -6.32 -21.51
C HIS N 86 112.81 -5.98 -20.48
N LYS N 87 111.58 -6.41 -20.78
CA LYS N 87 110.42 -5.99 -20.00
C LYS N 87 110.36 -6.66 -18.63
N LYS N 88 111.05 -7.79 -18.45
CA LYS N 88 111.15 -8.43 -17.13
C LYS N 88 112.42 -8.03 -16.40
N VAL N 89 113.34 -7.35 -17.07
CA VAL N 89 114.51 -6.79 -16.40
C VAL N 89 114.25 -5.36 -15.93
N ALA N 90 113.40 -4.62 -16.66
CA ALA N 90 113.11 -3.23 -16.31
C ALA N 90 112.35 -3.11 -15.00
N ARG N 91 111.49 -4.08 -14.69
CA ARG N 91 110.80 -4.07 -13.41
C ARG N 91 111.74 -4.33 -12.25
N THR N 92 112.74 -5.18 -12.46
CA THR N 92 113.75 -5.41 -11.44
C THR N 92 114.69 -4.22 -11.28
N ILE N 93 114.95 -3.49 -12.38
CA ILE N 93 115.78 -2.30 -12.32
C ILE N 93 115.06 -1.17 -11.60
N GLY N 94 113.76 -1.03 -11.84
CA GLY N 94 113.01 0.06 -11.23
C GLY N 94 112.37 0.95 -12.27
N ILE N 95 112.02 0.37 -13.41
CA ILE N 95 111.40 1.08 -14.52
C ILE N 95 109.96 0.62 -14.63
N SER N 96 109.02 1.56 -14.69
CA SER N 96 107.61 1.23 -14.78
C SER N 96 107.29 0.66 -16.16
N VAL N 97 106.63 -0.49 -16.19
CA VAL N 97 106.30 -1.20 -17.41
C VAL N 97 104.80 -1.47 -17.42
N ASP N 98 104.10 -1.01 -18.46
CA ASP N 98 102.76 -1.51 -18.68
C ASP N 98 102.59 -1.96 -20.13
N PRO N 99 101.95 -3.11 -20.35
CA PRO N 99 101.79 -3.63 -21.71
C PRO N 99 100.58 -3.07 -22.45
N ARG N 100 99.80 -2.18 -21.85
CA ARG N 100 98.59 -1.68 -22.47
C ARG N 100 98.82 -0.50 -23.40
N ARG N 101 99.89 0.27 -23.20
CA ARG N 101 100.06 1.53 -23.91
C ARG N 101 100.48 1.32 -25.36
N ARG N 102 99.79 2.00 -26.26
CA ARG N 102 100.14 2.09 -27.67
C ARG N 102 101.30 3.05 -27.86
N ASN N 103 101.79 3.15 -29.09
CA ASN N 103 102.73 4.20 -29.44
C ASN N 103 102.49 4.53 -30.91
N LYS N 104 101.67 5.55 -31.14
CA LYS N 104 101.28 5.94 -32.49
C LYS N 104 102.22 6.98 -33.09
N SER N 105 103.01 7.64 -32.28
CA SER N 105 103.88 8.72 -32.72
C SER N 105 105.33 8.26 -32.82
N THR N 106 106.20 9.23 -33.11
CA THR N 106 107.64 9.03 -33.15
C THR N 106 108.37 9.89 -32.15
N GLU N 107 107.91 11.14 -31.94
CA GLU N 107 108.61 12.07 -31.06
C GLU N 107 108.45 11.69 -29.60
N SER N 108 107.25 11.25 -29.19
CA SER N 108 107.06 10.79 -27.82
C SER N 108 107.81 9.49 -27.55
N LEU N 109 107.88 8.62 -28.56
CA LEU N 109 108.71 7.42 -28.49
C LEU N 109 110.17 7.76 -28.25
N GLN N 110 110.72 8.69 -29.05
CA GLN N 110 112.12 9.06 -28.90
C GLN N 110 112.38 9.81 -27.60
N ALA N 111 111.41 10.60 -27.13
CA ALA N 111 111.56 11.30 -25.86
C ALA N 111 111.59 10.32 -24.69
N ASN N 112 110.72 9.32 -24.70
CA ASN N 112 110.75 8.30 -23.65
C ASN N 112 111.99 7.43 -23.73
N VAL N 113 112.49 7.16 -24.94
CA VAL N 113 113.73 6.41 -25.09
C VAL N 113 114.91 7.20 -24.53
N GLN N 114 114.94 8.52 -24.77
CA GLN N 114 116.02 9.34 -24.22
C GLN N 114 115.92 9.44 -22.70
N ARG N 115 114.69 9.46 -22.15
CA ARG N 115 114.53 9.43 -20.70
C ARG N 115 115.01 8.10 -20.12
N LEU N 116 114.74 6.99 -20.81
CA LEU N 116 115.23 5.69 -20.34
C LEU N 116 116.75 5.59 -20.43
N LYS N 117 117.35 6.18 -21.47
CA LYS N 117 118.81 6.17 -21.58
C LYS N 117 119.45 7.02 -20.51
N GLU N 118 118.85 8.19 -20.20
CA GLU N 118 119.38 9.04 -19.15
C GLU N 118 119.22 8.39 -17.77
N TYR N 119 118.12 7.67 -17.57
CA TYR N 119 117.91 6.96 -16.30
C TYR N 119 118.86 5.79 -16.15
N ARG N 120 119.11 5.05 -17.24
CA ARG N 120 120.08 3.97 -17.20
C ARG N 120 121.50 4.50 -17.00
N SER N 121 121.78 5.72 -17.47
CA SER N 121 123.08 6.32 -17.22
C SER N 121 123.23 6.73 -15.76
N LYS N 122 122.21 7.38 -15.19
CA LYS N 122 122.34 7.89 -13.83
C LYS N 122 121.99 6.85 -12.75
N LEU N 123 121.55 5.66 -13.13
CA LEU N 123 121.26 4.63 -12.13
C LEU N 123 122.53 3.91 -11.70
N VAL N 124 122.64 3.66 -10.41
CA VAL N 124 123.75 2.91 -9.82
C VAL N 124 123.18 1.57 -9.36
N LEU N 125 123.59 0.50 -10.03
CA LEU N 125 123.05 -0.83 -9.77
C LEU N 125 123.97 -1.58 -8.81
N PHE N 126 123.46 -1.91 -7.62
CA PHE N 126 124.27 -2.60 -6.64
C PHE N 126 124.31 -4.10 -6.94
N PRO N 127 125.43 -4.76 -6.69
CA PRO N 127 125.49 -6.21 -6.92
C PRO N 127 124.78 -6.98 -5.82
N ARG N 128 124.51 -8.25 -6.11
CA ARG N 128 123.81 -9.11 -5.16
C ARG N 128 124.74 -9.59 -4.05
N LYS N 129 125.78 -10.32 -4.41
CA LYS N 129 126.76 -10.82 -3.47
C LYS N 129 127.82 -9.76 -3.20
N PRO N 130 128.52 -9.84 -2.05
CA PRO N 130 129.70 -8.97 -1.86
C PRO N 130 130.81 -9.25 -2.83
N SER N 131 131.00 -10.50 -3.25
CA SER N 131 131.84 -10.81 -4.40
C SER N 131 131.14 -10.30 -5.66
N ALA N 132 131.67 -9.23 -6.24
CA ALA N 132 130.95 -8.49 -7.28
C ALA N 132 130.97 -9.26 -8.59
N PRO N 133 129.82 -9.59 -9.17
CA PRO N 133 129.79 -10.22 -10.49
C PRO N 133 129.90 -9.20 -11.62
N LYS N 134 129.75 -9.65 -12.86
CA LYS N 134 129.79 -8.75 -14.00
C LYS N 134 128.54 -7.87 -14.05
N LYS N 135 128.62 -6.83 -14.90
CA LYS N 135 127.58 -5.82 -15.11
C LYS N 135 127.21 -5.07 -13.83
N GLY N 136 128.19 -4.86 -12.94
CA GLY N 136 127.97 -4.15 -11.70
C GLY N 136 128.63 -2.79 -11.67
N ASP N 137 128.89 -2.31 -10.46
CA ASP N 137 129.48 -0.99 -10.25
C ASP N 137 130.66 -1.11 -9.30
N SER N 138 131.54 -0.11 -9.35
CA SER N 138 132.76 -0.12 -8.58
C SER N 138 132.50 0.26 -7.13
N SER N 139 133.44 -0.13 -6.26
CA SER N 139 133.33 0.16 -4.83
C SER N 139 133.42 1.65 -4.53
N ALA N 140 134.10 2.40 -5.41
CA ALA N 140 134.02 3.86 -5.35
C ALA N 140 132.59 4.32 -5.60
N GLU N 141 131.95 3.76 -6.63
CA GLU N 141 130.51 4.01 -6.86
C GLU N 141 129.66 2.94 -6.18
N GLU N 142 130.03 2.65 -4.95
CA GLU N 142 129.29 2.03 -3.86
C GLU N 142 129.39 2.87 -2.60
N LEU N 143 130.56 3.47 -2.35
CA LEU N 143 130.79 4.31 -1.19
C LEU N 143 130.41 5.76 -1.42
N LYS N 144 130.43 6.23 -2.68
CA LYS N 144 130.16 7.64 -2.93
C LYS N 144 128.70 8.02 -2.78
N LEU N 145 127.78 7.06 -2.71
CA LEU N 145 126.37 7.36 -2.54
C LEU N 145 125.74 6.31 -1.62
N ALA N 146 124.96 6.79 -0.65
CA ALA N 146 124.18 5.90 0.21
C ALA N 146 122.81 6.48 0.52
N THR N 147 122.41 7.57 -0.13
CA THR N 147 121.18 8.27 0.19
C THR N 147 120.12 8.01 -0.87
N GLN N 148 118.89 8.41 -0.55
CA GLN N 148 117.74 8.23 -1.42
C GLN N 148 117.58 9.45 -2.32
N LEU N 149 116.44 9.54 -3.00
CA LEU N 149 116.06 10.72 -3.77
C LEU N 149 114.67 11.15 -3.30
N THR N 150 114.62 12.19 -2.49
CA THR N 150 113.35 12.68 -1.95
C THR N 150 112.56 13.37 -3.06
N GLY N 151 111.43 12.79 -3.43
CA GLY N 151 110.62 13.29 -4.52
C GLY N 151 110.59 12.30 -5.66
N PRO N 152 109.87 12.63 -6.74
CA PRO N 152 109.81 11.74 -7.90
C PRO N 152 111.13 11.74 -8.65
N VAL N 153 111.54 10.54 -9.08
CA VAL N 153 112.79 10.40 -9.81
C VAL N 153 112.64 10.95 -11.21
N MET N 154 113.59 11.84 -11.61
CA MET N 154 113.62 12.60 -12.85
C MET N 154 112.31 13.35 -13.06
N PRO N 155 112.08 14.44 -12.31
CA PRO N 155 110.75 15.07 -12.32
C PRO N 155 110.43 15.74 -13.66
N ILE N 156 109.19 15.55 -14.10
CA ILE N 156 108.78 15.96 -15.43
C ILE N 156 108.41 17.44 -15.39
N ARG N 157 109.25 18.26 -16.03
CA ARG N 157 109.02 19.70 -16.10
C ARG N 157 108.35 20.04 -17.42
N ASN N 158 107.12 20.54 -17.35
CA ASN N 158 106.39 20.95 -18.55
C ASN N 158 106.95 22.28 -19.01
N VAL N 159 108.00 22.23 -19.84
CA VAL N 159 108.72 23.41 -20.27
C VAL N 159 108.39 23.68 -21.74
N PHE N 160 108.35 24.95 -22.10
CA PHE N 160 108.10 25.38 -23.47
C PHE N 160 109.37 25.93 -24.08
N LYS N 161 109.48 25.81 -25.40
CA LYS N 161 110.66 26.29 -26.11
C LYS N 161 110.61 27.80 -26.29
N LYS N 162 111.78 28.43 -26.34
CA LYS N 162 111.89 29.86 -26.49
C LYS N 162 112.00 30.23 -27.96
N GLU N 163 111.09 31.08 -28.43
CA GLU N 163 111.01 31.45 -29.83
C GLU N 163 111.72 32.76 -30.08
N LYS N 164 112.14 32.95 -31.34
CA LYS N 164 112.81 34.17 -31.77
C LYS N 164 111.81 35.08 -32.48
N ALA N 165 111.87 36.37 -32.16
CA ALA N 165 110.98 37.35 -32.76
C ALA N 165 111.33 37.55 -34.24
N ARG N 166 110.33 37.50 -35.10
CA ARG N 166 110.56 37.41 -36.54
C ARG N 166 110.39 38.76 -37.23
N VAL N 167 110.68 38.76 -38.53
CA VAL N 167 110.96 39.96 -39.33
C VAL N 167 109.89 40.04 -40.42
N ILE N 168 108.62 39.89 -40.00
CA ILE N 168 107.43 39.45 -40.75
C ILE N 168 107.35 39.93 -42.19
N THR N 169 107.16 39.00 -43.13
CA THR N 169 107.09 39.32 -44.54
C THR N 169 105.65 39.63 -44.95
N GLU N 170 105.53 40.18 -46.17
CA GLU N 170 104.22 40.53 -46.73
C GLU N 170 103.38 39.30 -47.03
N GLU N 171 104.00 38.13 -47.18
CA GLU N 171 103.26 36.90 -47.42
C GLU N 171 102.46 36.49 -46.18
N GLU N 172 103.12 36.52 -45.01
CA GLU N 172 102.39 36.30 -43.76
C GLU N 172 101.48 37.46 -43.41
N LYS N 173 101.82 38.68 -43.84
CA LYS N 173 100.90 39.81 -43.64
C LYS N 173 99.66 39.73 -44.53
N ASN N 174 99.77 39.07 -45.69
CA ASN N 174 98.68 38.94 -46.63
C ASN N 174 97.85 37.68 -46.38
N PHE N 175 98.35 36.76 -45.56
CA PHE N 175 97.52 35.65 -45.09
C PHE N 175 96.30 36.16 -44.31
N LYS N 176 95.15 35.52 -44.57
CA LYS N 176 93.90 35.83 -43.89
C LYS N 176 93.51 34.64 -43.02
N ALA N 177 93.28 34.90 -41.73
CA ALA N 177 93.09 33.82 -40.76
C ALA N 177 91.62 33.43 -40.59
N PHE N 178 90.74 34.42 -40.37
CA PHE N 178 89.33 34.12 -40.12
C PHE N 178 88.65 33.58 -41.36
N ALA N 179 89.01 34.10 -42.54
CA ALA N 179 88.45 33.57 -43.79
C ALA N 179 88.90 32.14 -44.04
N SER N 180 90.16 31.84 -43.69
CA SER N 180 90.64 30.47 -43.82
C SER N 180 89.95 29.54 -42.85
N LEU N 181 89.66 30.01 -41.63
CA LEU N 181 88.93 29.20 -40.66
C LEU N 181 87.50 28.94 -41.12
N ARG N 182 86.81 29.96 -41.67
CA ARG N 182 85.44 29.77 -42.13
C ARG N 182 85.39 28.87 -43.37
N MET N 183 86.38 28.99 -44.26
CA MET N 183 86.45 28.08 -45.40
C MET N 183 86.76 26.65 -44.98
N ALA N 184 87.57 26.48 -43.92
CA ALA N 184 87.81 25.13 -43.40
C ALA N 184 86.56 24.55 -42.77
N ARG N 185 85.77 25.37 -42.07
CA ARG N 185 84.48 24.93 -41.54
C ARG N 185 83.53 24.51 -42.66
N ALA N 186 83.46 25.31 -43.73
CA ALA N 186 82.55 24.99 -44.83
C ALA N 186 83.01 23.74 -45.58
N ASN N 187 84.31 23.56 -45.75
CA ASN N 187 84.82 22.36 -46.43
C ASN N 187 84.63 21.11 -45.59
N ALA N 188 84.80 21.23 -44.26
CA ALA N 188 84.54 20.10 -43.39
C ALA N 188 83.06 19.76 -43.32
N ARG N 189 82.19 20.76 -43.48
CA ARG N 189 80.76 20.49 -43.52
C ARG N 189 80.37 19.82 -44.82
N LEU N 190 80.89 20.30 -45.95
CA LEU N 190 80.42 19.89 -47.27
C LEU N 190 81.43 19.04 -48.03
N PHE N 191 82.29 18.30 -47.32
CA PHE N 191 83.22 17.42 -48.01
C PHE N 191 82.51 16.18 -48.59
N GLY N 192 81.52 15.65 -47.87
CA GLY N 192 80.86 14.44 -48.33
C GLY N 192 79.75 14.69 -49.33
N ILE N 193 79.06 15.83 -49.20
CA ILE N 193 77.97 16.15 -50.11
C ILE N 193 78.52 16.43 -51.51
N ARG N 194 79.63 17.17 -51.59
CA ARG N 194 80.28 17.41 -52.87
C ARG N 194 80.86 16.13 -53.46
N ALA N 195 81.25 15.17 -52.61
CA ALA N 195 81.67 13.87 -53.12
C ALA N 195 80.49 13.10 -53.70
N LYS N 196 79.31 13.23 -53.08
CA LYS N 196 78.10 12.63 -53.64
C LYS N 196 77.73 13.28 -54.98
N ARG N 197 77.89 14.61 -55.08
CA ARG N 197 77.66 15.30 -56.34
C ARG N 197 78.65 14.88 -57.41
N ALA N 198 79.92 14.68 -57.04
CA ALA N 198 80.92 14.21 -58.00
C ALA N 198 80.62 12.77 -58.44
N LYS N 199 80.11 11.95 -57.52
CA LYS N 199 79.74 10.58 -57.89
C LYS N 199 78.55 10.54 -58.84
N GLU N 200 77.52 11.35 -58.57
CA GLU N 200 76.37 11.35 -59.49
C GLU N 200 76.70 12.06 -60.80
N ALA N 201 77.64 13.01 -60.80
CA ALA N 201 78.07 13.63 -62.04
C ALA N 201 78.89 12.65 -62.88
N ALA N 202 79.73 11.84 -62.24
CA ALA N 202 80.43 10.78 -62.96
C ALA N 202 79.47 9.71 -63.48
N GLU N 203 78.41 9.43 -62.72
CA GLU N 203 77.39 8.48 -63.19
C GLU N 203 76.64 9.02 -64.40
N GLN N 204 76.34 10.32 -64.40
CA GLN N 204 75.72 10.93 -65.58
C GLN N 204 76.68 11.01 -66.75
N ASP N 205 77.98 11.17 -66.50
CA ASP N 205 78.96 11.16 -67.59
C ASP N 205 79.12 9.76 -68.18
N VAL N 206 78.98 8.71 -67.37
CA VAL N 206 78.97 7.35 -67.90
C VAL N 206 77.68 7.07 -68.65
N GLU N 207 76.55 7.57 -68.14
CA GLU N 207 75.26 7.38 -68.80
C GLU N 207 75.17 8.14 -70.11
N LYS N 208 75.91 9.24 -70.25
CA LYS N 208 75.97 9.96 -71.52
C LYS N 208 76.71 9.14 -72.57
N LYS N 209 77.76 8.43 -72.18
CA LYS N 209 78.48 7.58 -73.12
C LYS N 209 77.67 6.34 -73.45
N LYS N 210 77.02 5.72 -72.47
CA LYS N 210 76.20 4.54 -72.69
C LYS N 210 74.88 4.90 -73.37
N VAL O 1 -5.50 93.46 56.36
CA VAL O 1 -4.59 93.45 57.51
C VAL O 1 -3.29 94.14 57.15
N PHE O 2 -3.16 94.56 55.90
CA PHE O 2 -1.95 95.19 55.43
C PHE O 2 -1.97 96.69 55.71
N ARG O 3 -0.78 97.25 55.91
CA ARG O 3 -0.65 98.67 56.23
C ARG O 3 0.28 99.35 55.23
N ARG O 4 1.33 98.65 54.82
CA ARG O 4 2.30 99.18 53.87
C ARG O 4 1.92 98.73 52.47
N PHE O 5 1.72 99.70 51.58
CA PHE O 5 1.29 99.45 50.21
C PHE O 5 2.26 100.09 49.23
N VAL O 6 2.35 99.50 48.04
CA VAL O 6 3.15 100.12 46.98
C VAL O 6 2.30 101.22 46.35
N GLU O 7 2.53 102.44 46.79
CA GLU O 7 1.81 103.62 46.34
C GLU O 7 2.80 104.57 45.68
N VAL O 8 2.31 105.39 44.75
CA VAL O 8 3.11 106.47 44.20
C VAL O 8 3.40 107.46 45.32
N GLY O 9 4.65 107.50 45.76
CA GLY O 9 5.04 108.26 46.93
C GLY O 9 5.51 107.43 48.10
N ARG O 10 5.57 106.11 47.95
CA ARG O 10 6.05 105.25 49.03
C ARG O 10 7.56 105.39 49.18
N VAL O 11 8.00 105.60 50.41
CA VAL O 11 9.42 105.64 50.74
C VAL O 11 9.84 104.26 51.23
N ALA O 12 10.90 103.73 50.63
CA ALA O 12 11.38 102.39 50.89
C ALA O 12 12.86 102.42 51.24
N TYR O 13 13.33 101.34 51.85
CA TYR O 13 14.71 101.16 52.25
C TYR O 13 15.32 100.06 51.40
N VAL O 14 16.41 100.36 50.70
CA VAL O 14 17.06 99.38 49.84
C VAL O 14 17.84 98.41 50.71
N SER O 15 17.51 97.11 50.60
CA SER O 15 18.18 96.10 51.41
C SER O 15 19.57 95.79 50.88
N PHE O 16 19.68 95.42 49.61
CA PHE O 16 20.95 95.04 49.01
C PHE O 16 21.03 95.64 47.62
N GLY O 17 22.21 95.54 47.00
CA GLY O 17 22.43 96.04 45.68
C GLY O 17 23.47 97.15 45.65
N PRO O 18 23.48 97.93 44.57
CA PRO O 18 24.42 99.06 44.48
C PRO O 18 24.13 100.16 45.48
N HIS O 19 22.88 100.61 45.53
CA HIS O 19 22.48 101.67 46.46
C HIS O 19 21.95 101.10 47.77
N ALA O 20 22.71 100.19 48.37
CA ALA O 20 22.24 99.50 49.56
C ALA O 20 22.26 100.41 50.78
N GLY O 21 21.17 100.36 51.56
CA GLY O 21 21.07 101.18 52.74
C GLY O 21 20.66 102.62 52.48
N LYS O 22 19.83 102.85 51.45
CA LYS O 22 19.41 104.18 51.09
C LYS O 22 17.89 104.22 50.89
N LEU O 23 17.34 105.42 50.91
CA LEU O 23 15.91 105.64 50.81
C LEU O 23 15.49 105.85 49.36
N VAL O 24 14.24 105.51 49.08
CA VAL O 24 13.71 105.43 47.72
C VAL O 24 12.28 105.97 47.71
N ALA O 25 11.99 106.86 46.78
CA ALA O 25 10.62 107.24 46.46
C ALA O 25 10.17 106.43 45.25
N ILE O 26 9.03 105.73 45.39
CA ILE O 26 8.44 105.00 44.28
C ILE O 26 7.66 105.99 43.41
N VAL O 27 8.08 106.15 42.16
CA VAL O 27 7.41 107.07 41.26
C VAL O 27 6.32 106.38 40.46
N ASP O 28 6.63 105.24 39.85
CA ASP O 28 5.64 104.52 39.06
C ASP O 28 5.88 103.02 39.24
N VAL O 29 4.87 102.22 38.90
CA VAL O 29 4.94 100.77 38.96
C VAL O 29 5.01 100.23 37.54
N ILE O 30 6.04 99.46 37.26
CA ILE O 30 6.32 98.96 35.92
C ILE O 30 5.74 97.57 35.70
N ASP O 31 5.99 96.66 36.64
CA ASP O 31 5.60 95.26 36.48
C ASP O 31 5.22 94.75 37.88
N GLN O 32 4.96 93.44 37.97
CA GLN O 32 4.69 92.82 39.26
C GLN O 32 5.92 92.84 40.16
N ASN O 33 7.10 92.74 39.58
CA ASN O 33 8.35 92.58 40.33
C ASN O 33 9.40 93.59 39.87
N ARG O 34 8.96 94.78 39.49
CA ARG O 34 9.85 95.84 39.03
C ARG O 34 9.15 97.17 39.17
N ALA O 35 9.83 98.15 39.77
CA ALA O 35 9.25 99.46 40.04
C ALA O 35 10.15 100.56 39.48
N LEU O 36 9.61 101.77 39.42
CA LEU O 36 10.33 102.95 38.95
C LEU O 36 10.66 103.80 40.16
N VAL O 37 11.93 104.19 40.29
CA VAL O 37 12.57 104.50 41.56
C VAL O 37 13.36 105.80 41.43
N ASP O 38 13.15 106.73 42.37
CA ASP O 38 13.93 107.95 42.42
C ASP O 38 14.50 108.13 43.82
N GLY O 39 15.62 108.83 43.90
CA GLY O 39 16.37 108.98 45.13
C GLY O 39 16.85 110.38 45.48
N PRO O 40 15.98 111.40 45.34
CA PRO O 40 16.44 112.78 45.05
C PRO O 40 17.45 113.39 46.02
N CYS O 41 17.30 113.16 47.32
CA CYS O 41 18.25 113.65 48.30
C CYS O 41 19.04 112.54 48.97
N THR O 42 18.95 111.31 48.45
CA THR O 42 19.65 110.17 49.01
C THR O 42 20.71 109.61 48.05
N ARG O 43 21.12 110.42 47.05
CA ARG O 43 22.19 110.10 46.11
C ARG O 43 21.90 108.83 45.30
N VAL O 44 20.63 108.63 44.96
CA VAL O 44 20.20 107.51 44.11
C VAL O 44 19.61 108.11 42.85
N ARG O 45 20.06 107.63 41.70
CA ARG O 45 19.58 108.14 40.43
C ARG O 45 18.20 107.54 40.13
N ARG O 46 17.49 108.17 39.20
CA ARG O 46 16.26 107.62 38.64
C ARG O 46 16.55 106.34 37.86
N GLN O 47 16.07 105.19 38.34
CA GLN O 47 16.15 103.97 37.55
C GLN O 47 15.03 103.01 37.95
N ALA O 48 14.98 101.87 37.26
CA ALA O 48 14.10 100.79 37.64
C ALA O 48 14.78 99.91 38.69
N MET O 49 13.98 99.35 39.58
CA MET O 49 14.51 98.57 40.68
C MET O 49 13.44 97.58 41.14
N PRO O 50 13.77 96.30 41.30
CA PRO O 50 12.76 95.31 41.66
C PRO O 50 12.33 95.43 43.12
N PHE O 51 11.21 94.77 43.42
CA PHE O 51 10.66 94.82 44.77
C PHE O 51 11.40 93.89 45.74
N LYS O 52 12.31 93.05 45.24
CA LYS O 52 13.02 92.13 46.11
C LYS O 52 14.05 92.87 46.98
N CYS O 53 14.75 93.85 46.40
CA CYS O 53 15.82 94.55 47.09
C CYS O 53 15.38 95.88 47.68
N MET O 54 14.13 95.97 48.13
CA MET O 54 13.65 97.21 48.74
C MET O 54 12.62 96.86 49.82
N GLN O 55 12.70 97.56 50.95
CA GLN O 55 11.86 97.31 52.11
C GLN O 55 11.04 98.58 52.35
N LEU O 56 9.74 98.49 52.08
CA LEU O 56 8.90 99.69 52.08
C LEU O 56 8.55 100.11 53.51
N THR O 57 8.71 101.39 53.78
CA THR O 57 8.46 101.97 55.09
C THR O 57 7.02 102.50 55.16
N ASP O 58 6.72 103.28 56.20
CA ASP O 58 5.40 103.85 56.41
C ASP O 58 5.37 105.36 56.16
N PHE O 59 6.13 105.81 55.17
CA PHE O 59 6.17 107.21 54.77
C PHE O 59 5.56 107.36 53.39
N ILE O 60 4.65 108.33 53.24
CA ILE O 60 4.05 108.63 51.95
C ILE O 60 4.16 110.14 51.71
N LEU O 61 4.38 110.51 50.45
CA LEU O 61 4.43 111.91 50.06
C LEU O 61 3.82 112.07 48.66
N LYS O 62 3.34 113.28 48.39
CA LYS O 62 2.41 113.52 47.28
C LYS O 62 3.13 114.10 46.08
N PHE O 63 3.13 113.35 44.98
CA PHE O 63 3.59 113.82 43.68
C PHE O 63 2.98 112.90 42.62
N PRO O 64 2.68 113.41 41.43
CA PRO O 64 2.08 112.55 40.40
C PRO O 64 3.09 111.55 39.84
N HIS O 65 2.54 110.46 39.28
CA HIS O 65 3.27 109.24 38.95
C HIS O 65 4.32 109.39 37.83
N SER O 66 4.58 110.55 37.22
CA SER O 66 5.63 110.66 36.21
C SER O 66 6.43 111.94 36.41
N ALA O 67 6.76 112.25 37.67
CA ALA O 67 7.43 113.50 37.98
C ALA O 67 8.88 113.51 37.48
N ARG O 68 9.30 114.64 36.93
CA ARG O 68 10.61 114.77 36.30
C ARG O 68 11.62 115.34 37.29
N GLN O 69 11.75 114.61 38.41
CA GLN O 69 12.77 114.72 39.47
C GLN O 69 12.64 115.97 40.34
N LYS O 70 11.97 117.00 39.83
CA LYS O 70 11.95 118.29 40.49
C LYS O 70 10.83 118.37 41.52
N TYR O 71 9.63 117.94 41.11
CA TYR O 71 8.50 117.95 42.03
C TYR O 71 8.64 116.89 43.11
N VAL O 72 9.31 115.78 42.80
CA VAL O 72 9.55 114.79 43.85
C VAL O 72 10.71 115.22 44.76
N ARG O 73 11.68 116.00 44.25
CA ARG O 73 12.68 116.60 45.14
C ARG O 73 12.03 117.63 46.07
N LYS O 74 11.10 118.42 45.55
CA LYS O 74 10.41 119.41 46.38
C LYS O 74 9.48 118.73 47.39
N ALA O 75 8.83 117.62 47.00
CA ALA O 75 8.00 116.89 47.95
C ALA O 75 8.84 116.20 49.02
N TRP O 76 10.03 115.71 48.65
CA TRP O 76 10.95 115.14 49.63
C TRP O 76 11.41 116.18 50.64
N GLU O 77 11.79 117.37 50.14
CA GLU O 77 12.25 118.43 51.03
C GLU O 77 11.11 119.05 51.84
N LYS O 78 9.87 118.96 51.34
CA LYS O 78 8.73 119.48 52.07
C LYS O 78 8.30 118.53 53.18
N ALA O 79 8.22 117.23 52.88
CA ALA O 79 7.88 116.26 53.91
C ALA O 79 9.01 116.02 54.89
N ASP O 80 10.25 116.35 54.49
CA ASP O 80 11.46 116.28 55.33
C ASP O 80 11.69 114.86 55.85
N ILE O 81 11.91 113.95 54.90
CA ILE O 81 12.10 112.53 55.22
C ILE O 81 13.45 112.29 55.85
N ASN O 82 14.42 113.20 55.68
CA ASN O 82 15.76 113.00 56.22
C ASN O 82 15.76 113.09 57.75
N THR O 83 15.20 114.16 58.30
CA THR O 83 15.18 114.32 59.75
C THR O 83 14.21 113.35 60.42
N LYS O 84 13.08 113.05 59.76
CA LYS O 84 12.15 112.07 60.28
C LYS O 84 12.74 110.66 60.24
N TRP O 85 13.57 110.39 59.24
CA TRP O 85 14.27 109.11 59.17
C TRP O 85 15.35 109.02 60.24
N ALA O 86 16.03 110.14 60.53
CA ALA O 86 16.99 110.17 61.62
C ALA O 86 16.31 110.01 62.98
N ALA O 87 15.07 110.49 63.11
CA ALA O 87 14.30 110.29 64.32
C ALA O 87 13.56 108.95 64.36
N THR O 88 13.55 108.21 63.25
CA THR O 88 12.90 106.91 63.22
C THR O 88 13.73 105.89 63.99
N ARG O 89 13.03 105.05 64.77
CA ARG O 89 13.70 104.08 65.65
C ARG O 89 14.46 103.03 64.87
N TRP O 90 13.94 102.64 63.69
CA TRP O 90 14.59 101.58 62.91
C TRP O 90 15.91 102.04 62.32
N ALA O 91 15.99 103.30 61.87
CA ALA O 91 17.28 103.80 61.42
C ALA O 91 18.23 104.03 62.59
N LYS O 92 17.69 104.28 63.79
CA LYS O 92 18.52 104.38 64.98
C LYS O 92 19.16 103.04 65.32
N LYS O 93 18.42 101.93 65.18
CA LYS O 93 19.06 100.65 65.42
C LYS O 93 19.89 100.18 64.23
N ILE O 94 19.65 100.69 63.03
CA ILE O 94 20.57 100.46 61.91
C ILE O 94 21.93 101.13 62.18
N GLU O 95 21.92 102.40 62.62
CA GLU O 95 23.19 103.04 62.94
C GLU O 95 23.79 102.51 64.24
N ALA O 96 22.98 101.91 65.12
CA ALA O 96 23.54 101.18 66.26
C ALA O 96 24.29 99.93 65.79
N ARG O 97 23.74 99.22 64.80
CA ARG O 97 24.47 98.10 64.20
C ARG O 97 25.74 98.57 63.50
N GLU O 98 25.69 99.75 62.89
CA GLU O 98 26.89 100.32 62.25
C GLU O 98 27.95 100.67 63.28
N ARG O 99 27.55 101.21 64.43
CA ARG O 99 28.49 101.49 65.51
C ARG O 99 29.07 100.21 66.10
N LYS O 100 28.24 99.16 66.18
CA LYS O 100 28.72 97.86 66.64
C LYS O 100 29.74 97.28 65.68
N ALA O 101 29.55 97.49 64.37
CA ALA O 101 30.53 97.04 63.40
C ALA O 101 31.79 97.89 63.43
N LYS O 102 31.68 99.18 63.71
CA LYS O 102 32.82 100.08 63.80
C LYS O 102 33.42 100.13 65.20
N MET O 103 33.00 99.25 66.10
CA MET O 103 33.56 99.17 67.45
C MET O 103 35.02 98.71 67.39
N THR O 104 35.92 99.53 67.92
CA THR O 104 37.34 99.26 67.99
C THR O 104 37.62 98.37 69.22
N ASP O 105 38.84 97.82 69.29
CA ASP O 105 39.17 96.88 70.37
C ASP O 105 39.25 97.57 71.72
N PHE O 106 39.83 98.78 71.77
CA PHE O 106 39.82 99.57 72.99
C PHE O 106 38.41 99.99 73.38
N ASP O 107 37.60 100.35 72.38
CA ASP O 107 36.19 100.65 72.60
C ASP O 107 35.45 99.42 73.10
N ARG O 108 35.79 98.24 72.57
CA ARG O 108 35.17 97.00 73.01
C ARG O 108 35.58 96.64 74.44
N TYR O 109 36.81 96.98 74.83
CA TYR O 109 37.24 96.77 76.22
C TYR O 109 36.47 97.67 77.18
N LYS O 110 36.29 98.95 76.80
CA LYS O 110 35.51 99.87 77.62
C LYS O 110 34.06 99.42 77.73
N VAL O 111 33.49 98.93 76.62
CA VAL O 111 32.13 98.39 76.59
C VAL O 111 32.03 97.15 77.47
N MET O 112 33.07 96.31 77.48
CA MET O 112 33.04 95.08 78.28
C MET O 112 33.09 95.38 79.78
N LYS O 113 33.92 96.35 80.18
CA LYS O 113 33.94 96.76 81.59
C LYS O 113 32.62 97.40 82.01
N ALA O 114 32.01 98.17 81.11
CA ALA O 114 30.71 98.78 81.42
C ALA O 114 29.61 97.73 81.51
N LYS O 115 29.65 96.72 80.61
CA LYS O 115 28.76 95.57 80.71
C LYS O 115 28.88 94.88 82.04
N LYS O 116 30.12 94.65 82.48
CA LYS O 116 30.39 93.92 83.72
C LYS O 116 29.81 94.66 84.92
N MET O 117 30.12 95.95 85.05
CA MET O 117 29.68 96.69 86.23
C MET O 117 28.17 96.94 86.18
N ARG O 118 27.62 97.22 85.00
CA ARG O 118 26.18 97.44 84.87
C ARG O 118 25.39 96.18 85.15
N ASN O 119 25.88 95.02 84.69
CA ASN O 119 25.20 93.76 84.98
C ASN O 119 25.30 93.38 86.45
N ARG O 120 26.42 93.69 87.12
CA ARG O 120 26.51 93.44 88.55
C ARG O 120 25.52 94.29 89.34
N ILE O 121 25.40 95.57 88.98
CA ILE O 121 24.49 96.46 89.71
C ILE O 121 23.03 96.08 89.45
N ILE O 122 22.67 95.79 88.20
CA ILE O 122 21.30 95.40 87.88
C ILE O 122 20.97 94.02 88.45
N LYS O 123 21.95 93.11 88.55
CA LYS O 123 21.70 91.81 89.14
C LYS O 123 21.49 91.90 90.65
N ASN O 124 22.24 92.80 91.31
CA ASN O 124 21.99 93.06 92.73
C ASN O 124 20.61 93.67 92.94
N GLU O 125 20.19 94.55 92.02
CA GLU O 125 18.84 95.12 92.13
C GLU O 125 17.76 94.08 91.87
N VAL O 126 18.00 93.14 90.95
CA VAL O 126 17.04 92.06 90.70
C VAL O 126 16.94 91.14 91.91
N LYS O 127 18.08 90.88 92.58
CA LYS O 127 18.03 90.08 93.81
C LYS O 127 17.30 90.79 94.94
N LYS O 128 17.46 92.12 95.02
CA LYS O 128 16.70 92.89 96.00
C LYS O 128 15.20 92.89 95.68
N LEU O 129 14.84 92.97 94.40
CA LEU O 129 13.43 92.85 94.02
C LEU O 129 12.88 91.45 94.29
N GLN O 130 13.69 90.41 94.13
CA GLN O 130 13.23 89.06 94.42
C GLN O 130 12.99 88.87 95.92
N ARG O 131 13.91 89.33 96.77
CA ARG O 131 13.69 89.19 98.21
C ARG O 131 12.57 90.10 98.70
N ALA O 132 12.38 91.26 98.05
CA ALA O 132 11.25 92.13 98.42
C ALA O 132 9.91 91.52 97.99
N ALA O 133 9.87 90.87 96.83
CA ALA O 133 8.66 90.20 96.40
C ALA O 133 8.36 88.97 97.26
N LEU O 134 9.41 88.28 97.73
CA LEU O 134 9.21 87.17 98.67
C LEU O 134 8.67 87.67 100.00
N LEU O 135 9.18 88.79 100.50
CA LEU O 135 8.67 89.39 101.73
C LEU O 135 7.25 89.92 101.56
N LYS O 136 6.92 90.40 100.36
CA LYS O 136 5.56 90.89 100.10
C LYS O 136 4.57 89.75 99.99
N ALA O 137 4.97 88.64 99.36
CA ALA O 137 4.10 87.47 99.27
C ALA O 137 4.06 86.67 100.56
N SER O 138 5.00 86.89 101.47
CA SER O 138 5.00 86.22 102.76
C SER O 138 3.89 86.76 103.66
N GLY P 1 94.29 -32.05 -30.64
CA GLY P 1 93.56 -32.69 -29.55
C GLY P 1 92.08 -32.83 -29.82
N ALA P 2 91.39 -33.56 -28.95
CA ALA P 2 89.98 -33.84 -29.13
C ALA P 2 89.06 -32.83 -28.45
N TYR P 3 89.62 -31.95 -27.61
CA TYR P 3 88.78 -31.04 -26.83
C TYR P 3 88.13 -29.97 -27.68
N LYS P 4 88.77 -29.56 -28.78
CA LYS P 4 88.14 -28.59 -29.67
C LYS P 4 86.99 -29.23 -30.45
N TYR P 5 87.13 -30.49 -30.85
CA TYR P 5 86.04 -31.22 -31.49
C TYR P 5 84.86 -31.39 -30.53
N ILE P 6 85.15 -31.71 -29.28
CA ILE P 6 84.10 -31.79 -28.26
C ILE P 6 83.50 -30.41 -27.99
N GLN P 7 84.30 -29.35 -28.11
CA GLN P 7 83.82 -27.98 -27.89
C GLN P 7 82.80 -27.56 -28.94
N GLU P 8 83.14 -27.68 -30.23
CA GLU P 8 82.13 -27.36 -31.24
C GLU P 8 81.02 -28.40 -31.32
N LEU P 9 81.26 -29.64 -30.84
CA LEU P 9 80.18 -30.61 -30.74
C LEU P 9 79.14 -30.19 -29.71
N TRP P 10 79.58 -29.66 -28.58
CA TRP P 10 78.65 -29.08 -27.61
C TRP P 10 78.14 -27.70 -28.02
N ARG P 11 78.80 -27.04 -28.97
CA ARG P 11 78.24 -25.82 -29.52
C ARG P 11 77.05 -26.09 -30.44
N LYS P 12 77.17 -27.10 -31.30
CA LYS P 12 76.11 -27.39 -32.28
C LYS P 12 74.97 -28.15 -31.61
N LYS P 13 74.22 -27.43 -30.77
CA LYS P 13 73.13 -28.05 -30.01
C LYS P 13 71.88 -28.28 -30.82
N GLN P 14 71.76 -27.65 -31.98
CA GLN P 14 70.55 -27.72 -32.78
C GLN P 14 70.54 -28.90 -33.75
N SER P 15 71.69 -29.55 -33.94
CA SER P 15 71.76 -30.71 -34.80
C SER P 15 71.05 -31.90 -34.16
N ASP P 16 70.77 -32.91 -34.99
CA ASP P 16 69.89 -34.01 -34.56
C ASP P 16 70.57 -34.89 -33.52
N VAL P 17 71.89 -35.08 -33.64
CA VAL P 17 72.63 -35.90 -32.68
C VAL P 17 72.62 -35.26 -31.30
N MET P 18 72.89 -33.96 -31.23
CA MET P 18 72.91 -33.29 -29.94
C MET P 18 71.51 -33.06 -29.39
N ARG P 19 70.50 -32.94 -30.26
CA ARG P 19 69.12 -32.89 -29.76
C ARG P 19 68.70 -34.22 -29.15
N PHE P 20 69.10 -35.34 -29.77
CA PHE P 20 68.86 -36.66 -29.20
C PHE P 20 69.59 -36.83 -27.87
N LEU P 21 70.83 -36.37 -27.80
CA LEU P 21 71.61 -36.49 -26.57
C LEU P 21 71.03 -35.62 -25.46
N LEU P 22 70.60 -34.40 -25.77
CA LEU P 22 69.98 -33.55 -24.76
C LEU P 22 68.63 -34.10 -24.32
N ARG P 23 67.88 -34.75 -25.22
CA ARG P 23 66.61 -35.36 -24.84
C ARG P 23 66.82 -36.54 -23.89
N VAL P 24 67.78 -37.42 -24.21
CA VAL P 24 68.03 -38.60 -23.39
C VAL P 24 68.63 -38.21 -22.04
N ARG P 25 69.59 -37.28 -22.04
CA ARG P 25 70.17 -36.83 -20.78
C ARG P 25 69.18 -36.01 -19.95
N CYS P 26 68.28 -35.26 -20.59
CA CYS P 26 67.27 -34.51 -19.85
C CYS P 26 66.27 -35.44 -19.19
N TRP P 27 65.85 -36.50 -19.90
CA TRP P 27 65.01 -37.53 -19.28
C TRP P 27 65.74 -38.21 -18.11
N GLN P 28 66.99 -38.60 -18.33
CA GLN P 28 67.74 -39.35 -17.32
C GLN P 28 68.03 -38.50 -16.09
N TYR P 29 68.19 -37.20 -16.26
CA TYR P 29 68.47 -36.33 -15.14
C TYR P 29 67.19 -35.86 -14.45
N ARG P 30 66.07 -35.83 -15.18
CA ARG P 30 64.79 -35.56 -14.56
C ARG P 30 64.29 -36.74 -13.73
N GLN P 31 64.63 -37.96 -14.14
CA GLN P 31 64.21 -39.15 -13.39
C GLN P 31 65.06 -39.42 -12.15
N LEU P 32 65.99 -38.54 -11.79
CA LEU P 32 66.78 -38.64 -10.57
C LEU P 32 66.26 -37.63 -9.55
N SER P 33 66.99 -37.51 -8.43
CA SER P 33 66.60 -36.59 -7.38
C SER P 33 67.01 -35.17 -7.73
N ALA P 34 66.72 -34.23 -6.82
CA ALA P 34 66.98 -32.82 -7.07
C ALA P 34 68.45 -32.45 -6.96
N LEU P 35 69.23 -33.21 -6.19
CA LEU P 35 70.65 -32.91 -5.98
C LEU P 35 71.36 -34.22 -5.74
N HIS P 36 72.31 -34.56 -6.61
CA HIS P 36 73.03 -35.82 -6.48
C HIS P 36 74.44 -35.70 -7.02
N ARG P 37 75.35 -36.47 -6.42
CA ARG P 37 76.76 -36.37 -6.75
C ARG P 37 77.05 -37.10 -8.06
N ALA P 38 77.66 -36.39 -9.01
CA ALA P 38 78.09 -37.11 -10.20
C ALA P 38 79.54 -37.55 -10.04
N PRO P 39 79.89 -38.75 -10.48
CA PRO P 39 81.27 -39.23 -10.27
C PRO P 39 82.26 -38.76 -11.32
N ARG P 40 81.77 -38.37 -12.50
CA ARG P 40 82.63 -37.90 -13.57
C ARG P 40 81.89 -36.82 -14.35
N PRO P 41 82.60 -35.88 -14.96
CA PRO P 41 81.92 -34.82 -15.72
C PRO P 41 81.32 -35.33 -17.02
N THR P 42 80.03 -35.06 -17.20
CA THR P 42 79.36 -35.35 -18.47
C THR P 42 79.92 -34.48 -19.59
N ARG P 43 80.33 -33.26 -19.27
CA ARG P 43 80.87 -32.31 -20.24
C ARG P 43 82.29 -31.95 -19.80
N PRO P 44 83.28 -32.78 -20.14
CA PRO P 44 84.63 -32.61 -19.57
C PRO P 44 85.36 -31.40 -20.09
N ASP P 45 85.14 -30.99 -21.35
CA ASP P 45 85.82 -29.83 -21.89
C ASP P 45 85.36 -28.54 -21.22
N LYS P 46 84.06 -28.39 -21.01
CA LYS P 46 83.55 -27.22 -20.29
C LYS P 46 83.96 -27.26 -18.82
N ALA P 47 83.99 -28.46 -18.23
CA ALA P 47 84.45 -28.59 -16.84
C ALA P 47 85.92 -28.18 -16.70
N ARG P 48 86.76 -28.57 -17.65
CA ARG P 48 88.17 -28.18 -17.62
C ARG P 48 88.34 -26.69 -17.87
N ARG P 49 87.54 -26.11 -18.77
CA ARG P 49 87.65 -24.67 -19.02
C ARG P 49 87.16 -23.84 -17.84
N LEU P 50 86.26 -24.38 -17.03
CA LEU P 50 85.84 -23.67 -15.83
C LEU P 50 86.71 -23.99 -14.62
N GLY P 51 87.48 -25.08 -14.65
CA GLY P 51 88.47 -25.32 -13.62
C GLY P 51 88.52 -26.71 -13.01
N TYR P 52 87.80 -27.67 -13.59
CA TYR P 52 87.82 -29.03 -13.08
C TYR P 52 89.09 -29.73 -13.56
N LYS P 53 89.97 -30.06 -12.63
CA LYS P 53 91.13 -30.89 -12.90
C LYS P 53 90.85 -32.29 -12.34
N ALA P 54 90.90 -33.30 -13.21
CA ALA P 54 90.48 -34.65 -12.82
C ALA P 54 91.54 -35.27 -11.92
N LYS P 55 91.47 -34.90 -10.64
CA LYS P 55 92.33 -35.44 -9.59
C LYS P 55 91.47 -35.71 -8.37
N GLN P 56 92.09 -36.16 -7.29
CA GLN P 56 91.37 -36.43 -6.06
C GLN P 56 91.00 -35.12 -5.36
N GLY P 57 89.71 -34.98 -5.08
CA GLY P 57 89.22 -33.86 -4.29
C GLY P 57 88.25 -32.94 -4.98
N TYR P 58 88.22 -32.91 -6.32
CA TYR P 58 87.27 -32.07 -7.04
C TYR P 58 86.00 -32.87 -7.27
N VAL P 59 84.90 -32.39 -6.69
CA VAL P 59 83.63 -33.08 -6.70
C VAL P 59 82.67 -32.27 -7.57
N ILE P 60 81.70 -32.94 -8.19
CA ILE P 60 80.67 -32.27 -8.94
C ILE P 60 79.30 -32.79 -8.53
N TYR P 61 78.33 -31.89 -8.46
CA TYR P 61 76.94 -32.26 -8.24
C TYR P 61 76.10 -31.92 -9.46
N ARG P 62 74.98 -32.60 -9.57
CA ARG P 62 73.98 -32.34 -10.60
C ARG P 62 72.68 -32.01 -9.89
N ILE P 63 72.01 -30.97 -10.35
CA ILE P 63 70.99 -30.30 -9.55
C ILE P 63 69.87 -29.79 -10.46
N ARG P 64 68.64 -29.89 -9.97
CA ARG P 64 67.45 -29.48 -10.71
C ARG P 64 66.88 -28.21 -10.09
N VAL P 65 66.69 -27.20 -10.91
CA VAL P 65 66.05 -25.95 -10.52
C VAL P 65 64.83 -25.75 -11.41
N ARG P 66 63.70 -25.40 -10.80
CA ARG P 66 62.49 -25.16 -11.58
C ARG P 66 62.65 -23.91 -12.45
N ARG P 67 61.90 -23.91 -13.54
CA ARG P 67 62.05 -22.92 -14.60
C ARG P 67 60.95 -21.88 -14.49
N GLY P 68 61.27 -20.65 -14.86
CA GLY P 68 60.31 -19.56 -14.84
C GLY P 68 60.75 -18.44 -13.94
N GLY P 69 59.87 -17.45 -13.79
CA GLY P 69 60.14 -16.27 -12.99
C GLY P 69 59.97 -16.49 -11.50
N ARG P 70 59.59 -15.43 -10.80
CA ARG P 70 59.40 -15.47 -9.36
C ARG P 70 58.04 -14.86 -9.02
N LYS P 71 57.21 -15.63 -8.33
CA LYS P 71 55.95 -15.08 -7.85
C LYS P 71 56.16 -14.51 -6.45
N ARG P 72 55.54 -13.38 -6.19
CA ARG P 72 55.79 -12.65 -4.94
C ARG P 72 55.15 -13.38 -3.76
N PRO P 73 55.90 -13.73 -2.72
CA PRO P 73 55.33 -14.49 -1.60
C PRO P 73 54.42 -13.66 -0.70
N VAL P 74 53.21 -13.41 -1.17
CA VAL P 74 52.20 -12.63 -0.44
C VAL P 74 50.97 -13.52 -0.27
N PRO P 75 49.94 -13.11 0.50
CA PRO P 75 48.64 -13.80 0.40
C PRO P 75 47.89 -13.49 -0.89
N LYS P 76 46.60 -13.89 -0.93
CA LYS P 76 45.75 -14.08 -2.12
C LYS P 76 45.94 -13.05 -3.23
N GLY P 77 45.68 -11.78 -2.91
CA GLY P 77 46.16 -10.67 -3.70
C GLY P 77 47.15 -9.89 -2.86
N ALA P 78 46.64 -8.82 -2.24
CA ALA P 78 47.16 -8.26 -0.98
C ALA P 78 48.61 -7.80 -1.06
N THR P 79 48.85 -6.84 -1.95
CA THR P 79 50.06 -6.03 -1.91
C THR P 79 49.60 -4.65 -1.46
N TYR P 80 49.70 -4.39 -0.17
CA TYR P 80 49.06 -3.22 0.43
C TYR P 80 49.87 -1.97 0.13
N GLY P 81 49.23 -0.99 -0.49
CA GLY P 81 49.86 0.28 -0.76
C GLY P 81 49.54 0.75 -2.15
N LYS P 82 50.46 1.54 -2.70
CA LYS P 82 50.29 2.18 -3.99
C LYS P 82 50.25 1.13 -5.11
N PRO P 83 49.57 1.43 -6.24
CA PRO P 83 49.41 0.41 -7.29
C PRO P 83 50.65 0.11 -8.14
N VAL P 84 51.84 0.52 -7.70
CA VAL P 84 53.07 0.16 -8.40
C VAL P 84 53.37 -1.32 -8.22
N HIS P 85 53.10 -1.86 -7.03
CA HIS P 85 53.65 -3.15 -6.64
C HIS P 85 52.63 -4.28 -6.59
N HIS P 86 51.38 -4.04 -6.99
CA HIS P 86 50.33 -5.05 -6.90
C HIS P 86 50.53 -6.24 -7.83
N GLY P 87 51.36 -6.13 -8.87
CA GLY P 87 51.63 -7.26 -9.73
C GLY P 87 52.55 -8.25 -9.05
N VAL P 88 52.13 -9.51 -8.99
CA VAL P 88 52.92 -10.53 -8.31
C VAL P 88 53.31 -11.64 -9.28
N ASN P 89 52.63 -11.74 -10.41
CA ASN P 89 52.92 -12.82 -11.35
C ASN P 89 54.12 -12.51 -12.22
N GLN P 90 54.04 -11.44 -12.99
CA GLN P 90 55.05 -11.18 -14.03
C GLN P 90 56.22 -10.36 -13.50
N LEU P 91 56.82 -10.78 -12.38
CA LEU P 91 58.03 -10.15 -11.88
C LEU P 91 59.14 -11.19 -11.87
N LYS P 92 60.37 -10.71 -12.03
CA LYS P 92 61.50 -11.59 -12.27
C LYS P 92 62.53 -11.46 -11.15
N PHE P 93 63.05 -12.60 -10.73
CA PHE P 93 64.09 -12.63 -9.71
C PHE P 93 65.41 -12.18 -10.30
N ALA P 94 66.07 -11.23 -9.63
CA ALA P 94 67.18 -10.48 -10.24
C ALA P 94 68.46 -11.29 -10.36
N ARG P 95 68.52 -12.48 -9.80
CA ARG P 95 69.72 -13.31 -9.83
C ARG P 95 69.42 -14.57 -10.66
N SER P 96 70.45 -15.08 -11.33
CA SER P 96 70.25 -16.11 -12.35
C SER P 96 69.98 -17.48 -11.72
N LEU P 97 69.29 -18.33 -12.49
CA LEU P 97 68.94 -19.67 -12.02
C LEU P 97 70.16 -20.57 -11.90
N GLN P 98 71.19 -20.34 -12.70
CA GLN P 98 72.45 -21.06 -12.55
C GLN P 98 73.12 -20.71 -11.22
N SER P 99 73.04 -19.44 -10.82
CA SER P 99 73.52 -19.05 -9.51
C SER P 99 72.61 -19.57 -8.39
N VAL P 100 71.31 -19.75 -8.67
CA VAL P 100 70.43 -20.40 -7.71
C VAL P 100 70.83 -21.87 -7.52
N ALA P 101 71.24 -22.52 -8.60
CA ALA P 101 71.72 -23.90 -8.52
C ALA P 101 73.03 -23.98 -7.72
N GLU P 102 73.95 -23.06 -7.97
CA GLU P 102 75.18 -22.96 -7.17
C GLU P 102 74.86 -22.67 -5.70
N GLU P 103 73.86 -21.84 -5.46
CA GLU P 103 73.45 -21.48 -4.11
C GLU P 103 72.89 -22.69 -3.37
N ARG P 104 72.05 -23.48 -4.03
CA ARG P 104 71.50 -24.68 -3.39
C ARG P 104 72.55 -25.76 -3.19
N ALA P 105 73.51 -25.86 -4.12
CA ALA P 105 74.60 -26.82 -3.94
C ALA P 105 75.50 -26.43 -2.77
N GLY P 106 75.82 -25.14 -2.63
CA GLY P 106 76.60 -24.70 -1.48
C GLY P 106 75.84 -24.76 -0.17
N ARG P 107 74.51 -24.59 -0.23
CA ARG P 107 73.70 -24.73 0.98
C ARG P 107 73.65 -26.18 1.43
N HIS P 108 73.56 -27.12 0.48
CA HIS P 108 73.61 -28.53 0.84
C HIS P 108 74.99 -28.95 1.31
N CYS P 109 76.05 -28.33 0.76
CA CYS P 109 77.41 -28.61 1.21
C CYS P 109 78.14 -27.29 1.46
N GLY P 110 77.93 -26.73 2.65
CA GLY P 110 78.75 -25.63 3.14
C GLY P 110 80.17 -26.04 3.50
N ALA P 111 80.43 -27.33 3.65
CA ALA P 111 81.79 -27.82 3.83
C ALA P 111 82.61 -27.78 2.56
N LEU P 112 81.97 -27.95 1.41
CA LEU P 112 82.66 -27.86 0.13
C LEU P 112 82.67 -26.40 -0.33
N ARG P 113 83.48 -26.11 -1.35
CA ARG P 113 83.57 -24.75 -1.87
C ARG P 113 83.25 -24.75 -3.36
N VAL P 114 82.36 -23.83 -3.76
CA VAL P 114 81.92 -23.77 -5.15
C VAL P 114 82.99 -23.09 -5.98
N LEU P 115 83.39 -23.75 -7.08
CA LEU P 115 84.30 -23.11 -8.03
C LEU P 115 83.51 -22.37 -9.11
N ASN P 116 82.74 -23.12 -9.90
CA ASN P 116 81.91 -22.57 -10.96
C ASN P 116 80.85 -23.63 -11.30
N SER P 117 80.10 -23.42 -12.37
CA SER P 117 79.05 -24.36 -12.77
C SER P 117 78.75 -24.15 -14.25
N TYR P 118 78.06 -25.14 -14.83
CA TYR P 118 77.71 -25.09 -16.24
C TYR P 118 76.38 -25.80 -16.48
N TRP P 119 75.95 -25.80 -17.73
CA TRP P 119 74.63 -26.26 -18.15
C TRP P 119 74.75 -27.62 -18.81
N VAL P 120 73.89 -28.57 -18.41
CA VAL P 120 73.88 -29.88 -19.04
C VAL P 120 72.54 -30.24 -19.68
N GLY P 121 71.50 -29.44 -19.49
CA GLY P 121 70.22 -29.74 -20.11
C GLY P 121 69.13 -28.87 -19.55
N GLU P 122 67.99 -28.89 -20.22
CA GLU P 122 66.83 -28.16 -19.76
C GLU P 122 65.56 -28.88 -20.19
N ASP P 123 64.51 -28.72 -19.40
CA ASP P 123 63.17 -29.15 -19.71
C ASP P 123 62.28 -27.91 -19.70
N SER P 124 60.99 -28.08 -20.02
CA SER P 124 60.05 -26.98 -19.88
C SER P 124 59.85 -26.59 -18.43
N THR P 125 59.96 -27.56 -17.52
CA THR P 125 59.73 -27.33 -16.11
C THR P 125 61.00 -27.27 -15.27
N TYR P 126 62.13 -27.72 -15.80
CA TYR P 126 63.37 -27.75 -15.02
C TYR P 126 64.56 -27.33 -15.88
N LYS P 127 65.60 -26.84 -15.21
CA LYS P 127 66.93 -26.72 -15.76
C LYS P 127 67.85 -27.70 -15.05
N PHE P 128 69.01 -27.95 -15.66
CA PHE P 128 69.96 -28.93 -15.17
C PHE P 128 71.36 -28.34 -15.23
N PHE P 129 71.96 -28.15 -14.06
CA PHE P 129 73.29 -27.56 -13.96
C PHE P 129 74.23 -28.51 -13.24
N GLU P 130 75.52 -28.35 -13.54
CA GLU P 130 76.59 -29.15 -12.97
C GLU P 130 77.55 -28.21 -12.28
N VAL P 131 77.69 -28.36 -10.96
CA VAL P 131 78.42 -27.42 -10.11
C VAL P 131 79.70 -28.08 -9.63
N ILE P 132 80.84 -27.42 -9.90
CA ILE P 132 82.14 -27.93 -9.49
C ILE P 132 82.39 -27.56 -8.03
N LEU P 133 82.71 -28.56 -7.22
CA LEU P 133 82.92 -28.40 -5.79
C LEU P 133 84.32 -28.88 -5.42
N ILE P 134 84.95 -28.16 -4.50
CA ILE P 134 86.35 -28.36 -4.14
C ILE P 134 86.44 -28.60 -2.64
N ASP P 135 87.24 -29.60 -2.25
CA ASP P 135 87.55 -29.84 -0.85
C ASP P 135 88.51 -28.78 -0.33
N PRO P 136 88.19 -28.14 0.81
CA PRO P 136 89.18 -27.25 1.44
C PRO P 136 90.27 -27.99 2.18
N PHE P 137 90.02 -29.24 2.57
CA PHE P 137 90.89 -29.96 3.49
C PHE P 137 91.65 -31.11 2.87
N HIS P 138 91.38 -31.47 1.62
CA HIS P 138 92.10 -32.57 1.00
C HIS P 138 93.51 -32.11 0.62
N LYS P 139 94.47 -33.03 0.74
CA LYS P 139 95.88 -32.65 0.62
C LYS P 139 96.28 -32.32 -0.80
N ALA P 140 95.60 -32.92 -1.80
CA ALA P 140 95.92 -32.64 -3.20
C ALA P 140 95.56 -31.21 -3.59
N ILE P 141 94.58 -30.61 -2.92
CA ILE P 141 94.27 -29.20 -3.12
C ILE P 141 95.10 -28.33 -2.19
N ARG P 142 95.29 -28.81 -0.95
CA ARG P 142 95.92 -28.02 0.09
C ARG P 142 97.42 -27.82 -0.15
N ARG P 143 98.08 -28.79 -0.79
CA ARG P 143 99.50 -28.70 -1.08
C ARG P 143 99.78 -28.17 -2.48
N ASN P 144 98.76 -27.86 -3.26
CA ASN P 144 98.94 -27.34 -4.61
C ASN P 144 98.96 -25.82 -4.54
N PRO P 145 100.07 -25.16 -4.90
CA PRO P 145 100.13 -23.69 -4.78
C PRO P 145 99.27 -22.96 -5.79
N ASP P 146 98.85 -23.61 -6.87
CA ASP P 146 97.95 -22.98 -7.84
C ASP P 146 96.55 -22.80 -7.29
N THR P 147 96.05 -23.76 -6.53
CA THR P 147 94.67 -23.74 -6.04
C THR P 147 94.55 -23.70 -4.53
N GLN P 148 95.55 -23.17 -3.82
CA GLN P 148 95.46 -23.06 -2.37
C GLN P 148 94.93 -21.71 -1.91
N TRP P 149 94.55 -20.83 -2.84
CA TRP P 149 93.77 -19.67 -2.46
C TRP P 149 92.36 -20.04 -2.02
N ILE P 150 91.86 -21.18 -2.50
CA ILE P 150 90.53 -21.66 -2.15
C ILE P 150 90.47 -22.04 -0.68
N THR P 151 91.57 -22.57 -0.14
CA THR P 151 91.63 -23.01 1.25
C THR P 151 91.65 -21.85 2.25
N LYS P 152 91.91 -20.63 1.78
CA LYS P 152 91.89 -19.45 2.62
C LYS P 152 90.46 -19.12 3.05
N PRO P 153 90.26 -18.61 4.27
CA PRO P 153 88.89 -18.38 4.75
C PRO P 153 88.19 -17.17 4.15
N VAL P 154 88.85 -16.42 3.26
CA VAL P 154 88.20 -15.29 2.62
C VAL P 154 87.16 -15.75 1.62
N HIS P 155 87.37 -16.92 1.01
CA HIS P 155 86.50 -17.42 -0.06
C HIS P 155 85.42 -18.36 0.44
N LYS P 156 84.93 -18.17 1.66
CA LYS P 156 83.83 -18.97 2.18
C LYS P 156 82.52 -18.50 1.57
N HIS P 157 81.80 -19.45 0.96
CA HIS P 157 80.46 -19.26 0.40
C HIS P 157 80.44 -18.17 -0.69
N ARG P 158 81.24 -18.43 -1.73
CA ARG P 158 81.19 -17.61 -2.94
C ARG P 158 79.83 -17.71 -3.62
N GLU P 159 79.18 -18.87 -3.51
CA GLU P 159 77.83 -19.06 -4.03
C GLU P 159 76.80 -18.21 -3.28
N MET P 160 77.11 -17.81 -2.05
CA MET P 160 76.22 -16.94 -1.29
C MET P 160 76.52 -15.47 -1.49
N ARG P 161 77.80 -15.11 -1.54
CA ARG P 161 78.17 -13.71 -1.71
C ARG P 161 78.21 -13.28 -3.17
N GLY P 162 77.94 -14.19 -4.11
CA GLY P 162 77.93 -13.81 -5.51
C GLY P 162 79.30 -13.63 -6.12
N LEU P 163 80.25 -14.50 -5.80
CA LEU P 163 81.62 -14.37 -6.26
C LEU P 163 81.96 -15.33 -7.40
N THR P 164 81.10 -16.30 -7.68
CA THR P 164 81.32 -17.21 -8.79
C THR P 164 80.93 -16.55 -10.11
N SER P 165 81.10 -17.29 -11.21
CA SER P 165 80.80 -16.72 -12.52
C SER P 165 79.31 -16.60 -12.79
N ALA P 166 78.48 -17.41 -12.16
CA ALA P 166 77.04 -17.31 -12.35
C ALA P 166 76.44 -16.20 -11.50
N GLY P 167 76.93 -16.02 -10.27
CA GLY P 167 76.45 -14.93 -9.44
C GLY P 167 77.10 -13.60 -9.72
N ARG P 168 78.25 -13.60 -10.39
CA ARG P 168 78.92 -12.35 -10.73
C ARG P 168 78.22 -11.63 -11.87
N LYS P 169 77.62 -12.39 -12.80
CA LYS P 169 76.89 -11.78 -13.91
C LYS P 169 75.61 -11.12 -13.46
N SER P 170 75.03 -11.54 -12.34
CA SER P 170 73.81 -10.93 -11.81
C SER P 170 74.08 -9.66 -11.03
N ARG P 171 75.35 -9.35 -10.73
CA ARG P 171 75.68 -8.17 -9.96
C ARG P 171 75.74 -6.91 -10.80
N GLY P 172 75.82 -7.04 -12.12
CA GLY P 172 75.89 -5.88 -12.99
C GLY P 172 77.22 -5.15 -12.94
N LEU P 173 78.31 -5.86 -12.64
CA LEU P 173 79.61 -5.23 -12.51
C LEU P 173 80.41 -5.37 -13.81
N GLY P 174 81.25 -4.38 -14.06
CA GLY P 174 82.07 -4.38 -15.26
C GLY P 174 82.70 -3.03 -15.45
N LYS P 175 83.57 -2.96 -16.46
CA LYS P 175 84.27 -1.74 -16.82
C LYS P 175 83.50 -1.01 -17.91
N GLY P 176 83.44 0.31 -17.81
CA GLY P 176 82.98 1.09 -18.93
C GLY P 176 81.81 2.02 -18.74
N HIS P 177 81.29 2.53 -19.86
CA HIS P 177 80.22 3.53 -19.85
C HIS P 177 78.84 2.92 -19.72
N LYS P 178 78.73 1.60 -19.75
CA LYS P 178 77.42 0.99 -19.74
C LYS P 178 76.98 0.51 -18.37
N PHE P 179 77.86 0.50 -17.38
CA PHE P 179 77.39 0.05 -16.07
C PHE P 179 77.14 1.21 -15.13
N HIS P 180 78.21 1.92 -14.75
CA HIS P 180 78.24 3.10 -13.87
C HIS P 180 77.68 2.90 -12.46
N HIS P 181 77.16 1.73 -12.17
CA HIS P 181 76.98 1.19 -10.83
C HIS P 181 78.09 0.17 -10.63
N THR P 182 78.33 -0.18 -9.37
CA THR P 182 79.50 -0.94 -8.92
C THR P 182 80.80 -0.27 -9.36
N ILE P 183 80.80 1.07 -9.39
CA ILE P 183 81.98 1.84 -9.73
C ILE P 183 82.83 2.12 -8.49
N GLY P 184 82.40 1.62 -7.33
CA GLY P 184 83.27 1.44 -6.20
C GLY P 184 83.42 -0.04 -5.93
N GLY P 185 82.90 -0.51 -4.80
CA GLY P 185 82.89 -1.93 -4.55
C GLY P 185 81.74 -2.64 -5.23
N SER P 186 80.53 -2.17 -4.99
CA SER P 186 79.32 -2.77 -5.56
C SER P 186 78.27 -1.67 -5.72
N ARG P 187 77.02 -2.09 -5.96
CA ARG P 187 75.91 -1.15 -6.01
C ARG P 187 75.72 -0.45 -4.67
N ARG P 188 75.91 -1.20 -3.57
CA ARG P 188 75.81 -0.62 -2.24
C ARG P 188 76.89 0.41 -1.99
N ALA P 189 78.13 0.12 -2.42
CA ALA P 189 79.22 1.05 -2.20
C ALA P 189 79.10 2.28 -3.07
N ALA P 190 78.61 2.10 -4.31
CA ALA P 190 78.36 3.24 -5.19
C ALA P 190 77.26 4.14 -4.63
N TRP P 191 76.16 3.52 -4.16
CA TRP P 191 75.09 4.27 -3.51
C TRP P 191 75.58 4.99 -2.27
N ARG P 192 76.48 4.36 -1.51
CA ARG P 192 76.98 4.96 -0.28
C ARG P 192 77.87 6.16 -0.57
N ARG P 193 78.79 6.06 -1.53
CA ARG P 193 79.61 7.21 -1.88
C ARG P 193 78.80 8.32 -2.54
N ARG P 194 77.73 7.97 -3.24
CA ARG P 194 76.93 9.00 -3.89
C ARG P 194 75.88 9.63 -2.98
N ASN P 195 75.61 9.02 -1.81
CA ASN P 195 74.60 9.57 -0.91
C ASN P 195 75.10 9.72 0.53
N THR P 196 76.40 9.70 0.77
CA THR P 196 76.97 10.22 2.00
C THR P 196 77.41 11.65 1.77
N LEU P 197 77.14 12.52 2.76
CA LEU P 197 77.56 13.91 2.68
C LEU P 197 78.92 14.06 3.32
N GLN P 198 79.87 14.63 2.58
CA GLN P 198 81.24 14.80 3.06
C GLN P 198 81.35 16.19 3.69
N LEU P 199 80.98 16.26 4.97
CA LEU P 199 81.11 17.49 5.74
C LEU P 199 82.51 17.53 6.35
N HIS P 200 83.35 18.41 5.83
CA HIS P 200 84.77 18.45 6.17
C HIS P 200 84.99 19.12 7.53
N ARG P 201 86.25 19.40 7.86
CA ARG P 201 86.54 20.15 9.07
C ARG P 201 86.41 21.66 8.83
N TYR P 202 86.97 22.14 7.72
CA TYR P 202 86.91 23.56 7.39
C TYR P 202 85.88 23.88 6.32
N ARG P 203 85.31 22.85 5.69
CA ARG P 203 84.29 22.95 4.62
C ARG P 203 84.76 23.82 3.44
N GLN Q 1 28.55 72.86 71.85
CA GLN Q 1 29.26 72.14 70.78
C GLN Q 1 28.34 71.17 70.06
N VAL Q 2 27.08 71.13 70.49
CA VAL Q 2 26.08 70.23 69.94
C VAL Q 2 24.91 71.07 69.45
N LEU Q 3 24.57 70.95 68.17
CA LEU Q 3 23.34 71.55 67.67
C LEU Q 3 22.14 70.75 68.13
N VAL Q 4 21.07 71.45 68.48
CA VAL Q 4 19.78 70.85 68.77
C VAL Q 4 18.81 71.45 67.77
N LEU Q 5 18.46 70.69 66.75
CA LEU Q 5 17.54 71.13 65.71
C LEU Q 5 16.14 70.64 66.00
N ASP Q 6 15.15 71.46 65.66
CA ASP Q 6 13.75 71.10 65.82
C ASP Q 6 13.24 70.58 64.48
N GLY Q 7 12.51 69.47 64.53
CA GLY Q 7 11.92 68.93 63.32
C GLY Q 7 10.56 69.48 62.98
N ARG Q 8 10.08 70.45 63.76
CA ARG Q 8 8.77 71.04 63.49
C ARG Q 8 8.83 71.90 62.25
N GLY Q 9 7.96 71.62 61.28
CA GLY Q 9 7.80 72.45 60.11
C GLY Q 9 8.91 72.36 59.08
N HIS Q 10 9.95 71.60 59.34
CA HIS Q 10 11.09 71.49 58.43
C HIS Q 10 10.86 70.38 57.43
N LEU Q 11 11.25 70.63 56.19
CA LEU Q 11 11.10 69.68 55.12
C LEU Q 11 12.10 68.54 55.27
N LEU Q 12 11.68 67.36 54.81
CA LEU Q 12 12.39 66.10 55.04
C LEU Q 12 13.78 66.10 54.41
N GLY Q 13 13.85 66.14 53.07
CA GLY Q 13 15.15 66.10 52.42
C GLY Q 13 15.91 67.40 52.51
N ARG Q 14 15.20 68.53 52.58
CA ARG Q 14 15.82 69.83 52.76
C ARG Q 14 16.56 69.92 54.09
N LEU Q 15 15.97 69.35 55.14
CA LEU Q 15 16.67 69.30 56.42
C LEU Q 15 17.74 68.23 56.43
N ALA Q 16 17.48 67.10 55.75
CA ALA Q 16 18.40 65.97 55.79
C ALA Q 16 19.72 66.26 55.09
N ALA Q 17 19.70 67.06 54.02
CA ALA Q 17 20.94 67.42 53.34
C ALA Q 17 21.83 68.30 54.20
N ILE Q 18 21.23 69.28 54.88
CA ILE Q 18 21.97 70.18 55.76
C ILE Q 18 22.52 69.42 56.96
N VAL Q 19 21.72 68.50 57.53
CA VAL Q 19 22.17 67.69 58.65
C VAL Q 19 23.30 66.76 58.22
N ALA Q 20 23.20 66.16 57.04
CA ALA Q 20 24.24 65.27 56.54
C ALA Q 20 25.55 66.01 56.32
N LYS Q 21 25.48 67.22 55.75
CA LYS Q 21 26.70 68.00 55.53
C LYS Q 21 27.32 68.47 56.85
N GLN Q 22 26.50 68.93 57.79
CA GLN Q 22 27.07 69.42 59.04
C GLN Q 22 27.56 68.29 59.95
N VAL Q 23 27.07 67.08 59.75
CA VAL Q 23 27.63 65.96 60.51
C VAL Q 23 28.89 65.42 59.84
N LEU Q 24 28.98 65.46 58.50
CA LEU Q 24 30.24 65.12 57.84
C LEU Q 24 31.32 66.16 58.09
N LEU Q 25 30.95 67.40 58.42
CA LEU Q 25 31.93 68.41 58.82
C LEU Q 25 32.33 68.32 60.29
N GLY Q 26 32.06 67.20 60.96
CA GLY Q 26 32.54 66.98 62.31
C GLY Q 26 31.82 67.80 63.35
N ARG Q 27 30.51 67.61 63.49
CA ARG Q 27 29.72 68.37 64.44
C ARG Q 27 28.53 67.53 64.90
N LYS Q 28 28.32 67.48 66.21
CA LYS Q 28 27.25 66.68 66.79
C LYS Q 28 25.92 67.40 66.61
N VAL Q 29 24.98 66.75 65.93
CA VAL Q 29 23.67 67.31 65.64
C VAL Q 29 22.62 66.38 66.20
N VAL Q 30 21.68 66.94 66.97
CA VAL Q 30 20.57 66.19 67.55
C VAL Q 30 19.30 66.78 66.95
N VAL Q 31 18.69 66.07 66.02
CA VAL Q 31 17.45 66.49 65.39
C VAL Q 31 16.29 65.87 66.17
N VAL Q 32 15.33 66.71 66.57
CA VAL Q 32 14.34 66.30 67.55
C VAL Q 32 12.97 66.78 67.06
N ARG Q 33 11.92 66.17 67.63
CA ARG Q 33 10.51 66.35 67.23
C ARG Q 33 10.31 66.08 65.74
N CYS Q 34 10.66 64.86 65.34
CA CYS Q 34 10.71 64.51 63.93
C CYS Q 34 9.36 64.07 63.37
N GLU Q 35 8.33 63.93 64.20
CA GLU Q 35 7.00 63.71 63.67
C GLU Q 35 6.33 64.99 63.19
N GLY Q 36 6.91 66.14 63.52
CA GLY Q 36 6.48 67.41 62.96
C GLY Q 36 7.08 67.76 61.62
N ILE Q 37 7.92 66.86 61.08
CA ILE Q 37 8.46 67.04 59.74
C ILE Q 37 7.34 66.91 58.72
N ASN Q 38 7.24 67.89 57.83
CA ASN Q 38 6.27 67.86 56.74
C ASN Q 38 6.98 67.67 55.41
N ILE Q 39 6.35 66.93 54.51
CA ILE Q 39 6.90 66.59 53.20
C ILE Q 39 6.02 67.23 52.14
N SER Q 40 6.62 67.95 51.21
CA SER Q 40 5.87 68.59 50.13
C SER Q 40 5.25 67.55 49.19
N GLY Q 41 4.12 67.92 48.60
CA GLY Q 41 3.27 66.95 47.94
C GLY Q 41 2.28 66.39 48.94
N ASN Q 42 1.06 66.13 48.51
CA ASN Q 42 0.01 65.83 49.49
C ASN Q 42 0.11 64.38 50.00
N PHE Q 43 -0.87 64.03 50.83
CA PHE Q 43 -0.75 62.86 51.68
C PHE Q 43 -0.87 61.57 50.88
N TYR Q 44 -1.69 61.54 49.83
CA TYR Q 44 -1.84 60.32 49.07
C TYR Q 44 -0.60 60.03 48.24
N ARG Q 45 0.05 61.09 47.72
CA ARG Q 45 1.33 60.95 47.03
C ARG Q 45 2.41 60.41 47.96
N ASN Q 46 2.55 61.02 49.14
CA ASN Q 46 3.60 60.58 50.06
C ASN Q 46 3.31 59.20 50.64
N LYS Q 47 2.03 58.88 50.85
CA LYS Q 47 1.65 57.58 51.37
C LYS Q 47 1.91 56.49 50.35
N LEU Q 48 1.58 56.73 49.07
CA LEU Q 48 1.87 55.73 48.04
C LEU Q 48 3.36 55.62 47.76
N LYS Q 49 4.12 56.69 47.97
CA LYS Q 49 5.58 56.60 47.91
C LYS Q 49 6.11 55.66 48.99
N TYR Q 50 5.65 55.83 50.23
CA TYR Q 50 6.17 54.96 51.28
C TYR Q 50 5.60 53.55 51.18
N LEU Q 51 4.40 53.38 50.61
CA LEU Q 51 3.86 52.04 50.40
C LEU Q 51 4.59 51.32 49.28
N ALA Q 52 5.03 52.04 48.24
CA ALA Q 52 5.90 51.43 47.24
C ALA Q 52 7.24 51.04 47.86
N PHE Q 53 7.75 51.88 48.78
CA PHE Q 53 8.96 51.52 49.52
C PHE Q 53 8.75 50.27 50.38
N LEU Q 54 7.54 50.09 50.93
CA LEU Q 54 7.22 48.87 51.65
C LEU Q 54 7.12 47.67 50.73
N ARG Q 55 6.63 47.88 49.50
CA ARG Q 55 6.54 46.79 48.55
C ARG Q 55 7.91 46.32 48.05
N LYS Q 56 8.88 47.24 47.98
CA LYS Q 56 10.26 46.84 47.67
C LYS Q 56 10.83 46.05 48.84
N ARG Q 57 10.89 44.72 48.70
CA ARG Q 57 11.45 43.88 49.76
C ARG Q 57 12.04 42.62 49.15
N MET Q 58 12.96 42.00 49.89
CA MET Q 58 13.67 40.82 49.39
C MET Q 58 12.73 39.63 49.36
N ASN Q 59 12.75 38.90 48.24
CA ASN Q 59 11.78 37.83 48.02
C ASN Q 59 12.12 36.60 48.85
N THR Q 60 13.40 36.24 48.94
CA THR Q 60 13.76 34.98 49.56
C THR Q 60 13.78 35.08 51.09
N ASN Q 61 14.34 36.15 51.64
CA ASN Q 61 14.37 36.35 53.08
C ASN Q 61 14.19 37.84 53.35
N PRO Q 62 12.97 38.26 53.69
CA PRO Q 62 12.74 39.68 53.97
C PRO Q 62 13.36 40.14 55.29
N SER Q 63 13.61 39.23 56.22
CA SER Q 63 14.38 39.57 57.42
C SER Q 63 15.83 39.86 57.08
N ARG Q 64 16.37 39.22 56.05
CA ARG Q 64 17.69 39.57 55.54
C ARG Q 64 17.65 40.85 54.72
N GLY Q 65 16.53 41.10 54.04
CA GLY Q 65 16.44 42.20 53.11
C GLY Q 65 16.23 43.57 53.73
N PRO Q 66 15.44 44.42 53.06
CA PRO Q 66 15.32 45.82 53.48
C PRO Q 66 14.53 45.96 54.78
N TYR Q 67 15.07 46.74 55.70
CA TYR Q 67 14.42 47.02 56.98
C TYR Q 67 13.61 48.30 56.84
N HIS Q 68 12.30 48.18 57.01
CA HIS Q 68 11.37 49.27 56.75
C HIS Q 68 10.96 49.86 58.10
N PHE Q 69 11.66 50.90 58.52
CA PHE Q 69 11.43 51.49 59.83
C PHE Q 69 10.22 52.42 59.76
N ARG Q 70 9.30 52.23 60.71
CA ARG Q 70 8.03 52.96 60.71
C ARG Q 70 8.07 54.26 61.50
N ALA Q 71 8.97 54.36 62.49
CA ALA Q 71 8.99 55.54 63.36
C ALA Q 71 9.55 56.74 62.59
N PRO Q 72 9.04 57.96 62.86
CA PRO Q 72 9.50 59.13 62.10
C PRO Q 72 10.95 59.49 62.36
N SER Q 73 11.46 59.24 63.57
CA SER Q 73 12.88 59.46 63.84
C SER Q 73 13.74 58.52 63.02
N ARG Q 74 13.33 57.27 62.88
CA ARG Q 74 14.11 56.35 62.07
C ARG Q 74 13.90 56.55 60.58
N ILE Q 75 12.77 57.14 60.16
CA ILE Q 75 12.62 57.57 58.77
C ILE Q 75 13.58 58.71 58.46
N PHE Q 76 13.73 59.66 59.40
CA PHE Q 76 14.73 60.72 59.22
C PHE Q 76 16.15 60.17 59.26
N TRP Q 77 16.40 59.17 60.11
CA TRP Q 77 17.71 58.51 60.12
C TRP Q 77 17.97 57.80 58.79
N ARG Q 78 16.93 57.23 58.19
CA ARG Q 78 17.07 56.57 56.89
C ARG Q 78 17.34 57.57 55.77
N THR Q 79 16.67 58.73 55.80
CA THR Q 79 16.89 59.70 54.75
C THR Q 79 18.17 60.52 54.95
N VAL Q 80 18.79 60.45 56.13
CA VAL Q 80 20.15 60.96 56.25
C VAL Q 80 21.17 59.87 55.88
N ARG Q 81 20.84 58.61 56.17
CA ARG Q 81 21.70 57.49 55.82
C ARG Q 81 21.81 57.32 54.31
N GLY Q 82 20.75 57.68 53.58
CA GLY Q 82 20.80 57.67 52.13
C GLY Q 82 21.57 58.83 51.52
N MET Q 83 22.00 59.79 52.33
CA MET Q 83 22.80 60.92 51.87
C MET Q 83 24.24 60.82 52.36
N LEU Q 84 24.47 60.07 53.43
CA LEU Q 84 25.81 59.87 53.98
C LEU Q 84 26.49 58.70 53.27
N PRO Q 85 27.82 58.76 53.10
CA PRO Q 85 28.54 57.58 52.58
C PRO Q 85 28.70 56.49 53.63
N HIS Q 86 27.60 55.80 53.92
CA HIS Q 86 27.52 54.93 55.08
C HIS Q 86 28.25 53.61 54.89
N LYS Q 87 28.77 53.33 53.70
CA LYS Q 87 29.60 52.14 53.50
C LYS Q 87 31.05 52.37 53.92
N THR Q 88 31.41 53.58 54.32
CA THR Q 88 32.76 53.92 54.73
C THR Q 88 32.82 54.22 56.21
N LYS Q 89 34.04 54.31 56.72
CA LYS Q 89 34.25 54.49 58.15
C LYS Q 89 33.86 55.89 58.60
N ARG Q 90 34.11 56.90 57.76
CA ARG Q 90 33.68 58.25 58.10
C ARG Q 90 32.15 58.39 58.03
N GLY Q 91 31.50 57.65 57.13
CA GLY Q 91 30.04 57.65 57.12
C GLY Q 91 29.45 56.94 58.32
N GLN Q 92 30.07 55.85 58.76
CA GLN Q 92 29.62 55.19 59.99
C GLN Q 92 29.88 56.05 61.21
N ALA Q 93 30.98 56.81 61.21
CA ALA Q 93 31.22 57.77 62.29
C ALA Q 93 30.19 58.90 62.26
N ALA Q 94 29.74 59.30 61.07
CA ALA Q 94 28.70 60.31 60.96
C ALA Q 94 27.35 59.78 61.47
N LEU Q 95 27.05 58.52 61.16
CA LEU Q 95 25.85 57.88 61.71
C LEU Q 95 25.94 57.73 63.23
N ASP Q 96 27.15 57.54 63.77
CA ASP Q 96 27.31 57.53 65.22
C ASP Q 96 27.16 58.92 65.82
N ARG Q 97 27.58 59.96 65.08
CA ARG Q 97 27.42 61.33 65.58
C ARG Q 97 25.96 61.76 65.62
N LEU Q 98 25.19 61.37 64.61
CA LEU Q 98 23.80 61.82 64.52
C LEU Q 98 22.92 61.08 65.52
N LYS Q 99 22.13 61.83 66.28
CA LYS Q 99 21.16 61.28 67.23
C LYS Q 99 19.79 61.86 66.92
N VAL Q 100 18.83 60.98 66.62
CA VAL Q 100 17.50 61.39 66.17
C VAL Q 100 16.48 60.87 67.17
N PHE Q 101 15.48 61.70 67.50
CA PHE Q 101 14.50 61.36 68.53
C PHE Q 101 13.08 61.63 68.06
N ASP Q 102 12.16 60.74 68.43
CA ASP Q 102 10.73 61.01 68.35
C ASP Q 102 10.27 61.75 69.60
N GLY Q 103 9.43 62.77 69.39
CA GLY Q 103 9.11 63.66 70.48
C GLY Q 103 10.34 64.46 70.85
N ILE Q 104 10.47 64.77 72.14
CA ILE Q 104 11.68 65.41 72.63
C ILE Q 104 11.98 64.96 74.06
N PRO Q 105 13.12 64.31 74.28
CA PRO Q 105 13.37 63.64 75.56
C PRO Q 105 13.76 64.63 76.65
N PRO Q 106 13.67 64.22 77.92
CA PRO Q 106 14.14 65.07 79.03
C PRO Q 106 15.62 65.45 79.00
N PRO Q 107 16.54 64.69 78.35
CA PRO Q 107 17.86 65.28 78.08
C PRO Q 107 17.85 66.47 77.12
N TYR Q 108 16.78 66.69 76.35
CA TYR Q 108 16.79 67.79 75.38
C TYR Q 108 15.58 68.70 75.45
N ASP Q 109 14.61 68.46 76.36
CA ASP Q 109 13.46 69.35 76.44
C ASP Q 109 13.78 70.67 77.12
N LYS Q 110 14.82 70.70 77.95
CA LYS Q 110 15.23 71.91 78.64
C LYS Q 110 16.47 72.51 77.98
N LYS Q 111 16.52 72.44 76.64
CA LYS Q 111 17.58 73.03 75.86
C LYS Q 111 16.97 73.94 74.81
N LYS Q 112 17.65 75.05 74.51
CA LYS Q 112 17.23 75.91 73.42
C LYS Q 112 17.50 75.23 72.09
N ARG Q 113 16.46 75.06 71.28
CA ARG Q 113 16.55 74.34 70.03
C ARG Q 113 16.60 75.33 68.87
N MET Q 114 17.22 74.91 67.77
CA MET Q 114 17.49 75.76 66.62
C MET Q 114 16.48 75.52 65.51
N VAL Q 115 16.34 76.53 64.64
CA VAL Q 115 15.45 76.48 63.49
C VAL Q 115 16.28 76.79 62.25
N VAL Q 116 16.13 75.96 61.22
CA VAL Q 116 16.79 76.17 59.93
C VAL Q 116 15.77 76.81 58.98
N PRO Q 117 15.92 78.09 58.64
CA PRO Q 117 15.02 78.69 57.64
C PRO Q 117 15.31 78.27 56.21
N ALA Q 118 16.47 77.68 55.94
CA ALA Q 118 16.77 77.19 54.60
C ALA Q 118 16.11 75.86 54.29
N ALA Q 119 15.43 75.25 55.27
CA ALA Q 119 14.75 73.97 55.08
C ALA Q 119 13.32 74.02 55.60
N LEU Q 120 12.77 75.21 55.80
CA LEU Q 120 11.50 75.39 56.46
C LEU Q 120 10.39 75.57 55.44
N LYS Q 121 9.17 75.15 55.81
CA LYS Q 121 8.07 75.07 54.85
C LYS Q 121 7.58 76.44 54.43
N VAL Q 122 7.47 77.38 55.38
CA VAL Q 122 7.02 78.73 55.08
C VAL Q 122 8.00 79.47 54.17
N VAL Q 123 9.27 79.11 54.22
CA VAL Q 123 10.28 79.76 53.38
C VAL Q 123 10.35 79.08 52.01
N ARG Q 124 10.21 77.76 51.97
CA ARG Q 124 10.52 77.01 50.75
C ARG Q 124 9.29 76.70 49.89
N LEU Q 125 8.15 76.35 50.48
CA LEU Q 125 6.95 76.07 49.71
C LEU Q 125 6.11 77.32 49.50
N LYS Q 126 5.42 77.35 48.36
CA LYS Q 126 4.36 78.33 48.16
C LYS Q 126 3.21 78.02 49.11
N PRO Q 127 2.52 79.05 49.62
CA PRO Q 127 1.43 78.82 50.58
C PRO Q 127 0.18 78.18 49.97
N THR Q 128 0.09 78.09 48.65
CA THR Q 128 -1.04 77.46 47.99
C THR Q 128 -0.82 75.97 47.72
N ARG Q 129 0.35 75.44 48.04
CA ARG Q 129 0.63 74.04 47.78
C ARG Q 129 0.17 73.16 48.95
N LYS Q 130 0.39 71.86 48.80
CA LYS Q 130 -0.03 70.89 49.80
C LYS Q 130 1.19 70.16 50.37
N PHE Q 131 0.97 69.52 51.52
CA PHE Q 131 2.03 68.83 52.23
C PHE Q 131 1.42 67.72 53.08
N ALA Q 132 2.27 66.99 53.78
CA ALA Q 132 1.82 65.87 54.59
C ALA Q 132 2.74 65.71 55.79
N TYR Q 133 2.14 65.54 56.96
CA TYR Q 133 2.91 65.37 58.19
C TYR Q 133 3.47 63.96 58.28
N LEU Q 134 4.75 63.87 58.66
CA LEU Q 134 5.39 62.57 58.81
C LEU Q 134 4.84 61.80 59.99
N GLY Q 135 4.31 62.50 61.01
CA GLY Q 135 3.68 61.80 62.12
C GLY Q 135 2.39 61.09 61.70
N ARG Q 136 1.55 61.78 60.92
CA ARG Q 136 0.33 61.16 60.39
C ARG Q 136 0.68 60.05 59.40
N LEU Q 137 1.70 60.28 58.57
CA LEU Q 137 2.17 59.27 57.63
C LEU Q 137 2.65 58.01 58.34
N ALA Q 138 3.43 58.18 59.42
CA ALA Q 138 3.93 57.04 60.16
C ALA Q 138 2.82 56.34 60.92
N HIS Q 139 1.86 57.09 61.46
CA HIS Q 139 0.75 56.47 62.19
C HIS Q 139 -0.17 55.69 61.27
N GLU Q 140 -0.35 56.14 60.04
CA GLU Q 140 -1.21 55.40 59.13
C GLU Q 140 -0.45 54.40 58.28
N VAL Q 141 0.88 54.36 58.39
CA VAL Q 141 1.64 53.20 57.92
C VAL Q 141 1.72 52.13 59.00
N GLY Q 142 1.77 52.51 60.28
CA GLY Q 142 1.85 51.50 61.32
C GLY Q 142 2.65 51.82 62.56
N TRP Q 143 3.20 53.03 62.66
CA TRP Q 143 3.87 53.46 63.88
C TRP Q 143 2.86 53.60 65.01
N LYS Q 144 3.21 53.07 66.19
CA LYS Q 144 2.25 52.81 67.24
C LYS Q 144 1.99 53.99 68.17
N TYR Q 145 2.94 54.91 68.29
CA TYR Q 145 2.95 55.76 69.48
C TYR Q 145 2.76 57.24 69.17
N GLN Q 146 1.77 57.57 68.35
CA GLN Q 146 1.44 58.97 68.15
C GLN Q 146 0.73 59.55 69.37
N ALA Q 147 -0.14 58.77 70.00
CA ALA Q 147 -0.98 59.29 71.08
C ALA Q 147 -0.20 59.44 72.38
N VAL Q 148 0.70 58.49 72.66
CA VAL Q 148 1.56 58.58 73.84
C VAL Q 148 2.51 59.77 73.72
N THR Q 149 3.08 59.97 72.52
CA THR Q 149 3.90 61.14 72.26
C THR Q 149 3.10 62.43 72.34
N ALA Q 150 1.82 62.38 71.94
CA ALA Q 150 0.95 63.56 72.04
C ALA Q 150 0.68 63.93 73.50
N THR Q 151 0.42 62.94 74.35
CA THR Q 151 0.19 63.23 75.76
C THR Q 151 1.45 63.71 76.46
N LEU Q 152 2.61 63.13 76.12
CA LEU Q 152 3.87 63.58 76.70
C LEU Q 152 4.23 64.99 76.24
N GLU Q 153 3.95 65.31 74.98
CA GLU Q 153 4.16 66.68 74.51
C GLU Q 153 3.19 67.66 75.13
N GLU Q 154 1.95 67.22 75.44
CA GLU Q 154 1.03 68.10 76.16
C GLU Q 154 1.51 68.40 77.57
N LYS Q 155 2.04 67.37 78.25
CA LYS Q 155 2.63 67.56 79.59
C LYS Q 155 3.81 68.52 79.55
N ARG Q 156 4.71 68.36 78.58
CA ARG Q 156 5.85 69.25 78.55
C ARG Q 156 5.52 70.63 77.99
N LYS Q 157 4.43 70.78 77.22
CA LYS Q 157 3.99 72.12 76.85
C LYS Q 157 3.42 72.85 78.05
N GLU Q 158 2.74 72.13 78.96
CA GLU Q 158 2.32 72.74 80.21
C GLU Q 158 3.52 73.15 81.07
N LYS Q 159 4.54 72.27 81.14
CA LYS Q 159 5.75 72.59 81.91
C LYS Q 159 6.51 73.77 81.29
N ALA Q 160 6.58 73.83 79.96
CA ALA Q 160 7.25 74.94 79.30
C ALA Q 160 6.46 76.23 79.40
N LYS Q 161 5.14 76.15 79.49
CA LYS Q 161 4.33 77.34 79.74
C LYS Q 161 4.59 77.88 81.14
N ILE Q 162 4.73 76.99 82.13
CA ILE Q 162 5.10 77.41 83.49
C ILE Q 162 6.49 78.07 83.49
N HIS Q 163 7.44 77.47 82.77
CA HIS Q 163 8.79 78.04 82.70
C HIS Q 163 8.81 79.38 81.98
N TYR Q 164 7.99 79.54 80.93
CA TYR Q 164 7.96 80.81 80.23
C TYR Q 164 7.24 81.88 81.02
N ARG Q 165 6.29 81.49 81.87
CA ARG Q 165 5.68 82.43 82.81
C ARG Q 165 6.70 82.91 83.83
N LYS Q 166 7.53 81.99 84.35
CA LYS Q 166 8.60 82.40 85.26
C LYS Q 166 9.64 83.27 84.56
N LYS Q 167 9.89 83.02 83.27
CA LYS Q 167 10.82 83.84 82.50
C LYS Q 167 10.26 85.24 82.28
N LYS Q 168 8.95 85.34 82.03
CA LYS Q 168 8.31 86.66 81.92
C LYS Q 168 8.34 87.41 83.25
N GLN Q 169 8.21 86.69 84.37
CA GLN Q 169 8.29 87.33 85.67
C GLN Q 169 9.70 87.84 85.96
N LEU Q 170 10.72 87.04 85.60
CA LEU Q 170 12.10 87.50 85.73
C LEU Q 170 12.39 88.67 84.80
N MET Q 171 11.75 88.69 83.63
CA MET Q 171 12.00 89.77 82.68
C MET Q 171 11.31 91.07 83.10
N ARG Q 172 10.13 90.99 83.70
CA ARG Q 172 9.52 92.22 84.23
C ARG Q 172 10.28 92.73 85.45
N LEU Q 173 10.87 91.82 86.25
CA LEU Q 173 11.76 92.26 87.32
C LEU Q 173 13.01 92.93 86.77
N ARG Q 174 13.54 92.40 85.67
CA ARG Q 174 14.72 92.99 85.02
C ARG Q 174 14.42 94.38 84.47
N LYS Q 175 13.25 94.55 83.84
CA LYS Q 175 12.88 95.85 83.29
C LYS Q 175 12.60 96.87 84.38
N GLN Q 176 11.93 96.47 85.47
CA GLN Q 176 11.69 97.42 86.54
C GLN Q 176 12.96 97.73 87.31
N ALA Q 177 13.91 96.78 87.35
CA ALA Q 177 15.22 97.05 87.94
C ALA Q 177 16.01 98.03 87.10
N GLU Q 178 15.96 97.89 85.77
CA GLU Q 178 16.63 98.87 84.90
C GLU Q 178 15.99 100.25 85.03
N LYS Q 179 14.66 100.29 85.22
CA LYS Q 179 13.98 101.56 85.47
C LYS Q 179 14.40 102.18 86.80
N ASN Q 180 14.66 101.36 87.82
CA ASN Q 180 15.15 101.89 89.10
C ASN Q 180 16.60 102.35 89.02
N VAL Q 181 17.43 101.67 88.24
CA VAL Q 181 18.88 101.88 88.27
C VAL Q 181 19.35 102.88 87.20
N GLU Q 182 18.52 103.22 86.21
CA GLU Q 182 18.90 104.13 85.13
C GLU Q 182 19.22 105.58 85.55
N LYS Q 183 19.10 105.91 86.83
CA LYS Q 183 19.62 107.18 87.35
C LYS Q 183 21.05 107.06 87.84
N LYS Q 184 21.48 105.87 88.27
CA LYS Q 184 22.82 105.67 88.79
C LYS Q 184 23.72 104.89 87.83
N ILE Q 185 23.18 104.42 86.70
CA ILE Q 185 24.02 103.90 85.63
C ILE Q 185 23.92 104.80 84.41
N ASP Q 186 23.78 106.11 84.65
CA ASP Q 186 23.60 107.08 83.57
C ASP Q 186 24.81 107.13 82.65
N ARG Q 187 26.02 107.07 83.21
CA ARG Q 187 27.22 107.01 82.39
C ARG Q 187 27.71 105.58 82.17
N PHE Q 188 26.96 104.58 82.63
CA PHE Q 188 27.18 103.19 82.22
C PHE Q 188 26.28 102.80 81.06
N THR Q 189 25.09 103.38 80.98
CA THR Q 189 24.17 103.08 79.89
C THR Q 189 24.53 103.88 78.64
N GLU Q 190 25.07 105.09 78.82
CA GLU Q 190 25.40 105.95 77.69
C GLU Q 190 26.60 105.43 76.92
N VAL Q 191 27.57 104.82 77.63
CA VAL Q 191 28.76 104.30 76.95
C VAL Q 191 28.50 102.99 76.23
N LEU Q 192 27.30 102.44 76.32
CA LEU Q 192 26.89 101.33 75.44
C LEU Q 192 26.16 101.83 74.19
N LYS Q 193 25.40 102.92 74.30
CA LYS Q 193 24.67 103.41 73.14
C LYS Q 193 25.51 104.32 72.25
N THR Q 194 26.64 104.83 72.73
CA THR Q 194 27.58 105.51 71.86
C THR Q 194 28.45 104.54 71.07
N HIS Q 195 28.41 103.25 71.40
CA HIS Q 195 29.12 102.22 70.65
C HIS Q 195 28.19 101.23 69.99
N GLY Q 196 26.88 101.33 70.21
CA GLY Q 196 25.92 100.60 69.41
C GLY Q 196 25.03 99.60 70.12
N PHE Q 197 24.75 99.82 71.40
CA PHE Q 197 23.89 98.93 72.17
C PHE Q 197 22.64 99.66 72.65
N LEU Q 198 21.62 98.88 72.97
CA LEU Q 198 20.36 99.29 73.60
C LEU Q 198 19.56 100.30 72.79
N VAL Q 199 19.86 100.45 71.51
CA VAL Q 199 19.12 101.38 70.65
C VAL Q 199 18.54 100.59 69.49
N VAL R 1 69.98 18.18 71.36
CA VAL R 1 68.96 18.69 70.45
C VAL R 1 68.55 20.10 70.85
N ARG R 2 67.92 20.81 69.93
CA ARG R 2 67.44 22.16 70.17
C ARG R 2 65.91 22.18 70.22
N TYR R 3 65.38 23.08 71.01
CA TYR R 3 63.94 23.30 71.11
C TYR R 3 63.60 24.70 70.59
N SER R 4 62.31 24.96 70.46
CA SER R 4 61.80 26.30 70.25
C SER R 4 61.45 26.92 71.59
N LEU R 5 61.76 28.21 71.72
CA LEU R 5 61.56 29.00 72.96
C LEU R 5 62.32 28.37 74.12
N ASP R 6 63.64 28.47 74.03
CA ASP R 6 64.53 28.00 75.08
C ASP R 6 64.23 28.72 76.39
N PRO R 7 64.31 28.04 77.53
CA PRO R 7 63.86 28.64 78.79
C PRO R 7 64.83 29.70 79.31
N GLU R 8 64.28 30.66 80.06
CA GLU R 8 65.07 31.74 80.61
C GLU R 8 65.94 31.25 81.77
N ASN R 9 65.43 30.34 82.59
CA ASN R 9 66.13 29.81 83.75
C ASN R 9 66.23 28.30 83.67
N PRO R 10 67.31 27.79 83.05
CA PRO R 10 67.44 26.32 82.88
C PRO R 10 67.74 25.57 84.16
N THR R 11 68.07 26.26 85.26
CA THR R 11 68.31 25.56 86.52
C THR R 11 67.00 25.05 87.11
N LYS R 12 65.94 25.85 87.05
CA LYS R 12 64.63 25.50 87.57
C LYS R 12 63.63 25.21 86.46
N SER R 13 64.11 24.58 85.40
CA SER R 13 63.27 24.15 84.28
C SER R 13 63.79 22.83 83.75
N CYS R 14 62.87 21.91 83.49
CA CYS R 14 63.21 20.61 82.90
C CYS R 14 62.53 20.46 81.55
N LYS R 15 63.01 19.47 80.79
CA LYS R 15 62.65 19.30 79.39
C LYS R 15 62.30 17.84 79.12
N SER R 16 61.36 17.62 78.20
CA SER R 16 61.06 16.26 77.75
C SER R 16 60.43 16.30 76.37
N ARG R 17 60.84 15.37 75.51
CA ARG R 17 60.33 15.30 74.15
C ARG R 17 60.08 13.85 73.75
N GLY R 18 59.50 13.70 72.56
CA GLY R 18 59.22 12.41 71.97
C GLY R 18 59.06 12.53 70.46
N SER R 19 59.75 11.68 69.71
CA SER R 19 59.76 11.73 68.26
C SER R 19 59.09 10.50 67.68
N ASN R 20 58.44 10.69 66.52
CA ASN R 20 57.79 9.64 65.73
C ASN R 20 56.72 8.92 66.56
N LEU R 21 55.92 9.69 67.29
CA LEU R 21 54.87 9.14 68.13
C LEU R 21 53.61 8.97 67.29
N ARG R 22 53.18 7.72 67.08
CA ARG R 22 52.06 7.41 66.19
C ARG R 22 50.75 7.80 66.90
N VAL R 23 50.46 9.09 66.87
CA VAL R 23 49.22 9.64 67.43
C VAL R 23 48.59 10.38 66.25
N HIS R 24 47.43 10.98 66.44
CA HIS R 24 46.89 11.92 65.48
C HIS R 24 47.35 13.33 65.82
N PHE R 25 47.85 14.04 64.79
CA PHE R 25 48.43 15.36 64.98
C PHE R 25 47.41 16.38 65.48
N LYS R 26 46.18 16.33 64.94
CA LYS R 26 45.19 17.33 65.27
C LYS R 26 44.66 17.14 66.69
N ASN R 27 44.39 15.89 67.07
CA ASN R 27 43.98 15.59 68.44
C ASN R 27 45.08 15.91 69.43
N THR R 28 46.33 15.63 69.06
CA THR R 28 47.46 15.91 69.93
C THR R 28 47.67 17.42 70.12
N ARG R 29 47.52 18.20 69.04
CA ARG R 29 47.66 19.64 69.14
C ARG R 29 46.54 20.24 69.98
N GLU R 30 45.32 19.71 69.85
CA GLU R 30 44.20 20.26 70.62
C GLU R 30 44.33 19.93 72.10
N THR R 31 44.74 18.70 72.44
CA THR R 31 44.94 18.41 73.86
C THR R 31 46.20 19.08 74.40
N ALA R 32 47.17 19.43 73.55
CA ALA R 32 48.32 20.20 74.02
C ALA R 32 47.93 21.64 74.30
N GLN R 33 47.06 22.22 73.47
CA GLN R 33 46.54 23.56 73.78
C GLN R 33 45.61 23.54 74.98
N ALA R 34 44.96 22.40 75.25
CA ALA R 34 44.17 22.29 76.46
C ALA R 34 45.05 22.18 77.71
N ILE R 35 46.18 21.47 77.61
CA ILE R 35 47.04 21.24 78.77
C ILE R 35 48.03 22.39 79.00
N LYS R 36 48.23 23.26 78.01
CA LYS R 36 49.27 24.29 78.10
C LYS R 36 48.91 25.35 79.13
N GLY R 37 49.81 25.56 80.10
CA GLY R 37 49.66 26.58 81.11
C GLY R 37 49.31 26.06 82.49
N MET R 38 48.88 24.80 82.60
CA MET R 38 48.41 24.28 83.87
C MET R 38 49.56 23.89 84.79
N HIS R 39 49.21 23.60 86.03
CA HIS R 39 50.09 22.91 86.96
C HIS R 39 50.20 21.45 86.54
N ILE R 40 51.25 20.77 87.01
CA ILE R 40 51.52 19.40 86.56
C ILE R 40 50.50 18.42 87.16
N ARG R 41 50.10 18.63 88.41
CA ARG R 41 49.14 17.72 89.04
C ARG R 41 47.73 17.94 88.51
N LYS R 42 47.36 19.22 88.31
CA LYS R 42 46.10 19.55 87.65
C LYS R 42 46.08 19.05 86.22
N ALA R 43 47.24 19.03 85.55
CA ALA R 43 47.33 18.55 84.18
C ALA R 43 47.14 17.04 84.11
N THR R 44 47.77 16.30 85.05
CA THR R 44 47.56 14.85 85.09
C THR R 44 46.13 14.49 85.47
N LYS R 45 45.52 15.27 86.37
CA LYS R 45 44.11 15.05 86.71
C LYS R 45 43.21 15.35 85.52
N TYR R 46 43.56 16.38 84.74
CA TYR R 46 42.79 16.71 83.54
C TYR R 46 42.91 15.62 82.49
N LEU R 47 44.10 15.04 82.31
CA LEU R 47 44.26 13.97 81.34
C LEU R 47 43.57 12.69 81.79
N LYS R 48 43.55 12.41 83.10
CA LYS R 48 42.77 11.28 83.59
C LYS R 48 41.28 11.52 83.43
N ASP R 49 40.83 12.78 83.54
CA ASP R 49 39.43 13.08 83.26
C ASP R 49 39.10 12.95 81.78
N VAL R 50 40.06 13.26 80.89
CA VAL R 50 39.86 13.05 79.46
C VAL R 50 39.78 11.55 79.16
N THR R 51 40.61 10.75 79.84
CA THR R 51 40.56 9.30 79.65
C THR R 51 39.26 8.70 80.17
N LEU R 52 38.79 9.17 81.33
CA LEU R 52 37.55 8.68 81.91
C LEU R 52 36.31 9.41 81.41
N LYS R 53 36.47 10.33 80.46
CA LYS R 53 35.39 11.11 79.83
C LYS R 53 34.61 11.92 80.87
N LYS R 54 35.35 12.59 81.74
CA LYS R 54 34.78 13.49 82.75
C LYS R 54 34.98 14.96 82.41
N GLN R 55 36.14 15.32 81.88
CA GLN R 55 36.39 16.64 81.33
C GLN R 55 36.91 16.48 79.90
N CYS R 56 36.53 17.39 79.02
CA CYS R 56 36.79 17.23 77.60
C CYS R 56 37.92 18.13 77.15
N VAL R 57 38.26 18.01 75.87
CA VAL R 57 39.23 18.88 75.20
C VAL R 57 38.48 19.66 74.13
N PRO R 58 38.43 20.99 74.21
CA PRO R 58 37.75 21.76 73.16
C PRO R 58 38.58 21.81 71.89
N PHE R 59 37.94 21.51 70.77
CA PHE R 59 38.58 21.57 69.46
C PHE R 59 38.31 22.95 68.89
N ARG R 60 39.33 23.80 68.88
CA ARG R 60 39.18 25.20 68.55
C ARG R 60 39.63 25.53 67.13
N ARG R 61 40.69 24.90 66.64
CA ARG R 61 41.17 25.13 65.28
C ARG R 61 40.76 24.01 64.33
N TYR R 62 40.99 22.75 64.71
CA TYR R 62 40.65 21.61 63.88
C TYR R 62 39.31 21.07 64.36
N ASN R 63 38.24 21.77 63.99
CA ASN R 63 36.89 21.47 64.45
C ASN R 63 35.94 21.18 63.30
N GLY R 64 36.42 20.43 62.30
CA GLY R 64 35.58 20.08 61.17
C GLY R 64 34.75 18.85 61.43
N GLY R 65 33.43 19.03 61.51
CA GLY R 65 32.53 17.92 61.77
C GLY R 65 32.60 17.36 63.17
N VAL R 66 33.12 18.13 64.12
CA VAL R 66 33.27 17.67 65.49
C VAL R 66 31.98 17.96 66.25
N GLY R 67 31.43 16.93 66.89
CA GLY R 67 30.18 17.09 67.60
C GLY R 67 30.33 17.89 68.88
N ARG R 68 29.23 18.51 69.29
CA ARG R 68 29.24 19.35 70.48
C ARG R 68 29.03 18.51 71.73
N CYS R 69 29.49 19.04 72.87
CA CYS R 69 29.25 18.41 74.15
C CYS R 69 28.98 19.49 75.19
N ALA R 70 28.50 19.06 76.36
CA ALA R 70 28.20 19.99 77.42
C ALA R 70 29.45 20.42 78.18
N GLN R 71 30.50 19.59 78.18
CA GLN R 71 31.67 19.83 79.01
C GLN R 71 32.56 20.94 78.49
N ALA R 72 32.37 21.41 77.26
CA ALA R 72 33.21 22.45 76.69
C ALA R 72 32.87 23.84 77.18
N LYS R 73 31.80 23.99 77.97
CA LYS R 73 31.47 25.30 78.53
C LYS R 73 32.38 25.68 79.69
N GLN R 74 33.17 24.74 80.23
CA GLN R 74 34.24 25.12 81.14
C GLN R 74 35.30 25.93 80.44
N TRP R 75 35.54 25.66 79.15
CA TRP R 75 36.50 26.39 78.35
C TRP R 75 35.86 27.55 77.59
N GLY R 76 34.55 27.51 77.40
CA GLY R 76 33.88 28.57 76.68
C GLY R 76 33.83 28.31 75.20
N TRP R 77 33.60 27.05 74.84
CA TRP R 77 33.56 26.63 73.45
C TRP R 77 32.39 25.67 73.31
N THR R 78 32.06 25.33 72.06
CA THR R 78 30.94 24.43 71.79
C THR R 78 31.40 23.01 71.47
N GLN R 79 32.34 22.86 70.54
CA GLN R 79 32.85 21.54 70.19
C GLN R 79 33.73 20.98 71.31
N GLY R 80 33.75 19.66 71.41
CA GLY R 80 34.53 19.00 72.44
C GLY R 80 34.58 17.51 72.25
N ARG R 81 35.75 16.92 72.51
CA ARG R 81 35.95 15.50 72.29
C ARG R 81 37.01 15.04 73.30
N TRP R 82 37.17 13.72 73.44
CA TRP R 82 38.01 13.14 74.50
C TRP R 82 39.11 12.28 73.90
N PRO R 83 40.22 12.90 73.43
CA PRO R 83 41.28 12.10 72.79
C PRO R 83 42.07 11.25 73.78
N LYS R 84 41.76 9.95 73.76
CA LYS R 84 42.26 9.03 74.77
C LYS R 84 43.73 8.68 74.54
N LYS R 85 44.08 8.34 73.30
CA LYS R 85 45.47 8.00 72.97
C LYS R 85 46.39 9.20 73.14
N SER R 86 45.91 10.38 72.75
CA SER R 86 46.69 11.61 72.92
C SER R 86 46.89 11.92 74.40
N ALA R 87 45.82 11.79 75.21
CA ALA R 87 45.92 12.05 76.63
C ALA R 87 46.85 11.06 77.33
N GLU R 88 46.80 9.79 76.93
CA GLU R 88 47.68 8.79 77.54
C GLU R 88 49.15 9.00 77.14
N PHE R 89 49.39 9.38 75.88
CA PHE R 89 50.78 9.53 75.45
C PHE R 89 51.42 10.80 76.02
N LEU R 90 50.71 11.93 76.03
CA LEU R 90 51.28 13.07 76.74
C LEU R 90 50.89 13.10 78.22
N LEU R 91 50.41 11.98 78.77
CA LEU R 91 50.49 11.73 80.20
C LEU R 91 51.77 10.96 80.55
N HIS R 92 52.14 10.01 79.70
CA HIS R 92 53.44 9.35 79.83
C HIS R 92 54.59 10.35 79.64
N MET R 93 54.39 11.36 78.80
CA MET R 93 55.44 12.35 78.61
C MET R 93 55.56 13.29 79.83
N LEU R 94 54.43 13.61 80.49
CA LEU R 94 54.52 14.32 81.76
C LEU R 94 55.13 13.45 82.86
N LYS R 95 54.92 12.15 82.82
CA LYS R 95 55.61 11.24 83.75
C LYS R 95 57.13 11.27 83.52
N ASN R 96 57.54 11.26 82.24
CA ASN R 96 58.96 11.37 81.91
C ASN R 96 59.53 12.73 82.33
N ALA R 97 58.76 13.80 82.16
CA ALA R 97 59.22 15.13 82.54
C ALA R 97 59.33 15.27 84.06
N GLU R 98 58.41 14.64 84.80
CA GLU R 98 58.49 14.63 86.26
C GLU R 98 59.70 13.82 86.72
N SER R 99 60.01 12.72 86.03
CA SER R 99 61.22 11.97 86.32
C SER R 99 62.47 12.78 86.03
N ASN R 100 62.45 13.58 84.96
CA ASN R 100 63.61 14.40 84.64
C ASN R 100 63.79 15.53 85.64
N ALA R 101 62.69 16.08 86.14
CA ALA R 101 62.77 17.08 87.20
C ALA R 101 63.27 16.46 88.50
N GLU R 102 62.89 15.21 88.78
CA GLU R 102 63.41 14.51 89.95
C GLU R 102 64.90 14.21 89.80
N LEU R 103 65.35 13.91 88.58
CA LEU R 103 66.78 13.69 88.34
C LEU R 103 67.57 14.99 88.49
N LYS R 104 67.03 16.10 87.98
CA LYS R 104 67.69 17.39 88.14
C LYS R 104 67.63 17.90 89.57
N GLY R 105 66.67 17.46 90.37
CA GLY R 105 66.57 17.88 91.74
C GLY R 105 65.61 19.05 91.90
N LEU R 106 64.50 19.00 91.18
CA LEU R 106 63.51 20.05 91.19
C LEU R 106 62.33 19.69 92.09
N ASP R 107 61.63 20.72 92.54
CA ASP R 107 60.44 20.53 93.36
C ASP R 107 59.30 20.04 92.47
N VAL R 108 58.66 18.94 92.86
CA VAL R 108 57.75 18.24 91.97
C VAL R 108 56.42 18.99 91.84
N ASP R 109 55.82 19.35 92.97
CA ASP R 109 54.49 19.94 92.99
C ASP R 109 54.50 21.47 92.80
N SER R 110 55.55 22.03 92.19
CA SER R 110 55.58 23.45 91.84
C SER R 110 55.85 23.66 90.36
N LEU R 111 55.68 22.62 89.54
CA LEU R 111 56.01 22.67 88.12
C LEU R 111 54.80 23.11 87.30
N VAL R 112 55.01 24.09 86.43
CA VAL R 112 54.00 24.57 85.49
C VAL R 112 54.56 24.37 84.09
N ILE R 113 53.74 23.84 83.19
CA ILE R 113 54.15 23.65 81.80
C ILE R 113 54.25 25.00 81.10
N GLU R 114 55.50 25.42 80.84
CA GLU R 114 55.73 26.73 80.24
C GLU R 114 55.54 26.68 78.73
N HIS R 115 56.10 25.67 78.08
CA HIS R 115 56.09 25.54 76.63
C HIS R 115 55.72 24.13 76.23
N ILE R 116 54.90 24.00 75.20
CA ILE R 116 54.60 22.73 74.58
C ILE R 116 54.43 22.95 73.08
N GLN R 117 54.93 22.03 72.28
CA GLN R 117 54.89 22.14 70.83
C GLN R 117 54.65 20.76 70.23
N VAL R 118 53.70 20.69 69.30
CA VAL R 118 53.37 19.48 68.58
C VAL R 118 53.60 19.77 67.10
N ASN R 119 54.60 19.13 66.51
CA ASN R 119 54.91 19.22 65.10
C ASN R 119 54.47 17.93 64.39
N LYS R 120 54.44 18.00 63.06
CA LYS R 120 54.16 16.83 62.25
C LYS R 120 55.42 16.00 62.04
N ALA R 121 55.24 14.71 61.85
CA ALA R 121 56.31 13.75 61.63
C ALA R 121 56.24 13.23 60.20
N PRO R 122 57.24 12.46 59.73
CA PRO R 122 57.08 11.80 58.43
C PRO R 122 55.93 10.79 58.44
N LYS R 123 55.05 10.94 57.45
CA LYS R 123 53.82 10.15 57.41
C LYS R 123 54.11 8.69 57.09
N MET R 124 53.33 7.81 57.71
CA MET R 124 53.45 6.37 57.49
C MET R 124 52.43 5.97 56.44
N ARG R 125 52.93 5.53 55.28
CA ARG R 125 52.08 5.26 54.13
C ARG R 125 51.60 3.82 54.12
N ARG R 126 50.32 3.70 53.80
CA ARG R 126 49.57 2.47 53.60
C ARG R 126 48.52 2.67 52.51
N ARG R 127 47.84 1.60 52.09
CA ARG R 127 46.83 1.76 51.05
C ARG R 127 45.43 1.26 51.37
N THR R 128 44.46 1.74 50.60
CA THR R 128 43.08 1.36 50.73
C THR R 128 42.57 1.15 49.32
N TYR R 129 41.85 0.08 49.07
CA TYR R 129 41.37 -0.20 47.74
C TYR R 129 39.94 0.25 47.58
N ARG R 130 39.74 1.13 46.62
CA ARG R 130 38.43 1.72 46.39
C ARG R 130 37.87 1.22 45.05
N ALA R 131 36.77 1.83 44.62
CA ALA R 131 35.99 1.33 43.50
C ALA R 131 36.75 1.43 42.18
N HIS R 132 36.34 0.57 41.24
CA HIS R 132 36.81 0.54 39.85
C HIS R 132 38.32 0.28 39.77
N GLY R 133 38.83 -0.54 40.67
CA GLY R 133 40.21 -0.96 40.65
C GLY R 133 41.22 0.14 40.93
N ARG R 134 40.95 1.00 41.91
CA ARG R 134 41.83 2.10 42.23
C ARG R 134 42.40 1.95 43.63
N ILE R 135 43.61 2.44 43.83
CA ILE R 135 44.28 2.37 45.11
C ILE R 135 44.65 3.77 45.56
N ASN R 136 44.20 4.17 46.74
CA ASN R 136 44.47 5.50 47.25
C ASN R 136 45.36 5.46 48.48
N PRO R 137 46.08 6.54 48.80
CA PRO R 137 46.93 6.50 50.00
C PRO R 137 46.12 6.45 51.28
N TYR R 138 46.69 5.89 52.35
CA TYR R 138 46.06 5.75 53.68
C TYR R 138 47.27 6.10 54.54
N MET R 139 47.35 7.33 55.00
CA MET R 139 48.57 7.87 55.60
C MET R 139 48.35 8.18 57.07
N SER R 140 49.06 7.45 57.94
CA SER R 140 49.20 7.87 59.33
C SER R 140 49.99 9.17 59.38
N SER R 141 49.53 10.10 60.22
CA SER R 141 50.18 11.39 60.41
C SER R 141 50.63 11.52 61.86
N PRO R 142 51.80 10.98 62.20
CA PRO R 142 52.27 11.03 63.59
C PRO R 142 52.85 12.40 63.91
N CYS R 143 53.22 12.58 65.18
CA CYS R 143 53.61 13.88 65.68
C CYS R 143 54.89 13.80 66.50
N HIS R 144 55.65 14.88 66.46
CA HIS R 144 56.75 15.13 67.38
C HIS R 144 56.25 16.06 68.49
N ILE R 145 56.50 15.69 69.73
CA ILE R 145 56.03 16.48 70.86
C ILE R 145 57.24 16.90 71.68
N GLU R 146 57.26 18.16 72.12
CA GLU R 146 58.33 18.58 73.02
C GLU R 146 57.79 19.63 73.98
N MET R 147 58.24 19.57 75.24
CA MET R 147 57.68 20.41 76.28
C MET R 147 58.71 20.72 77.34
N ILE R 148 58.47 21.83 78.05
CA ILE R 148 59.35 22.35 79.09
C ILE R 148 58.48 22.67 80.32
N LEU R 149 58.88 22.14 81.47
CA LEU R 149 58.28 22.50 82.75
C LEU R 149 59.19 23.49 83.47
N THR R 150 58.59 24.36 84.28
CA THR R 150 59.30 25.42 84.96
C THR R 150 58.74 25.56 86.37
N GLU R 151 59.62 25.72 87.37
CA GLU R 151 59.18 25.98 88.73
C GLU R 151 58.59 27.38 88.81
N LYS R 152 57.26 27.47 88.90
CA LYS R 152 56.55 28.75 88.97
C LYS R 152 55.46 28.63 90.03
N GLU R 153 55.80 28.97 91.27
CA GLU R 153 54.82 29.04 92.35
C GLU R 153 55.28 30.02 93.43
N GLY S 1 48.97 67.33 22.70
CA GLY S 1 49.36 66.45 21.62
C GLY S 1 49.68 67.20 20.34
N VAL S 2 50.85 66.95 19.77
CA VAL S 2 51.29 67.64 18.57
C VAL S 2 51.42 66.60 17.47
N ASP S 3 51.11 66.99 16.24
CA ASP S 3 51.07 66.05 15.12
C ASP S 3 52.36 66.12 14.29
N ILE S 4 53.44 65.63 14.90
CA ILE S 4 54.67 65.36 14.15
C ILE S 4 54.62 63.92 13.68
N ARG S 5 54.77 63.73 12.37
CA ARG S 5 55.03 62.39 11.85
C ARG S 5 56.44 61.98 12.27
N HIS S 6 56.54 61.10 13.26
CA HIS S 6 57.83 60.70 13.81
C HIS S 6 58.51 59.59 13.03
N ASN S 7 58.08 59.34 11.79
CA ASN S 7 58.71 58.30 10.98
C ASN S 7 60.09 58.75 10.51
N LYS S 8 60.25 60.04 10.22
CA LYS S 8 61.50 60.57 9.66
C LYS S 8 62.15 61.60 10.57
N ASP S 9 61.88 61.55 11.88
CA ASP S 9 62.55 62.47 12.79
C ASP S 9 64.00 62.08 13.06
N ARG S 10 64.33 60.80 12.97
CA ARG S 10 65.69 60.30 13.16
C ARG S 10 66.34 60.14 11.79
N LYS S 11 67.31 60.99 11.49
CA LYS S 11 68.07 60.86 10.26
C LYS S 11 69.01 59.66 10.38
N VAL S 12 69.00 58.81 9.35
CA VAL S 12 69.66 57.51 9.41
C VAL S 12 71.07 57.55 8.85
N ARG S 13 71.68 58.73 8.73
CA ARG S 13 73.01 58.85 8.17
C ARG S 13 74.07 58.32 9.14
N ARG S 14 75.29 58.21 8.65
CA ARG S 14 76.41 57.70 9.45
C ARG S 14 77.00 58.82 10.30
N LYS S 15 77.19 58.53 11.58
CA LYS S 15 77.87 59.45 12.50
C LYS S 15 79.32 59.07 12.73
N GLU S 16 79.61 57.77 12.75
CA GLU S 16 80.95 57.24 12.99
C GLU S 16 81.12 56.02 12.11
N PRO S 17 82.35 55.65 11.75
CA PRO S 17 82.55 54.39 11.03
C PRO S 17 82.27 53.19 11.92
N LYS S 18 81.56 52.22 11.36
CA LYS S 18 81.19 51.02 12.12
C LYS S 18 82.38 50.13 12.39
N SER S 19 83.45 50.27 11.61
CA SER S 19 84.65 49.49 11.81
C SER S 19 85.39 49.92 13.08
N GLN S 20 86.20 49.00 13.60
CA GLN S 20 86.96 49.24 14.82
C GLN S 20 88.45 49.43 14.54
N ASP S 21 88.81 49.77 13.31
CA ASP S 21 90.20 49.89 12.92
C ASP S 21 90.79 51.24 13.33
N ILE S 22 91.93 51.18 14.00
CA ILE S 22 92.40 52.34 14.76
C ILE S 22 93.09 53.38 13.87
N TYR S 23 93.75 52.94 12.78
CA TYR S 23 94.31 53.91 11.82
C TYR S 23 93.21 54.70 11.13
N LEU S 24 92.15 54.03 10.72
CA LEU S 24 91.00 54.71 10.15
C LEU S 24 90.32 55.60 11.18
N ARG S 25 90.29 55.20 12.45
CA ARG S 25 89.71 56.07 13.47
C ARG S 25 90.57 57.30 13.73
N LEU S 26 91.90 57.19 13.60
CA LEU S 26 92.75 58.37 13.75
C LEU S 26 92.58 59.32 12.56
N LEU S 27 92.46 58.77 11.35
CA LEU S 27 92.14 59.59 10.18
C LEU S 27 90.77 60.24 10.32
N VAL S 28 89.81 59.52 10.90
CA VAL S 28 88.49 60.06 11.18
C VAL S 28 88.57 61.22 12.17
N LYS S 29 89.37 61.06 13.24
CA LYS S 29 89.53 62.14 14.22
C LYS S 29 90.14 63.39 13.59
N LEU S 30 91.17 63.21 12.77
CA LEU S 30 91.83 64.34 12.12
C LEU S 30 90.89 65.06 11.15
N TYR S 31 90.09 64.30 10.38
CA TYR S 31 89.17 64.97 9.48
C TYR S 31 87.88 65.45 10.17
N ARG S 32 87.52 64.90 11.34
CA ARG S 32 86.52 65.53 12.20
C ARG S 32 86.96 66.93 12.59
N PHE S 33 88.19 67.05 13.09
CA PHE S 33 88.71 68.36 13.49
C PHE S 33 88.80 69.32 12.32
N LEU S 34 89.27 68.83 11.16
CA LEU S 34 89.34 69.69 9.98
C LEU S 34 87.96 70.07 9.46
N ALA S 35 86.95 69.20 9.63
CA ALA S 35 85.61 69.51 9.17
C ALA S 35 84.95 70.56 10.06
N ARG S 36 85.03 70.40 11.38
CA ARG S 36 84.40 71.37 12.26
C ARG S 36 85.31 72.54 12.60
N ARG S 37 86.48 72.66 11.97
CA ARG S 37 87.23 73.91 12.09
C ARG S 37 87.38 74.63 10.76
N THR S 38 87.86 73.97 9.71
CA THR S 38 88.09 74.64 8.44
C THR S 38 86.77 74.95 7.74
N ASN S 39 86.76 76.05 6.99
CA ASN S 39 85.57 76.48 6.27
C ASN S 39 85.38 75.77 4.94
N SER S 40 86.28 74.87 4.57
CA SER S 40 86.19 74.17 3.30
C SER S 40 85.24 72.98 3.40
N THR S 41 84.64 72.63 2.26
CA THR S 41 83.72 71.52 2.14
C THR S 41 84.44 70.23 1.74
N PHE S 42 85.70 70.36 1.27
CA PHE S 42 86.53 69.21 0.94
C PHE S 42 86.73 68.29 2.13
N ASN S 43 87.03 68.85 3.29
CA ASN S 43 87.25 68.04 4.49
C ASN S 43 85.97 67.37 4.95
N GLN S 44 84.82 68.02 4.76
CA GLN S 44 83.54 67.41 5.09
C GLN S 44 83.22 66.24 4.17
N VAL S 45 83.52 66.38 2.88
CA VAL S 45 83.26 65.29 1.94
C VAL S 45 84.22 64.12 2.20
N VAL S 46 85.48 64.44 2.55
CA VAL S 46 86.45 63.39 2.90
C VAL S 46 86.04 62.66 4.17
N LEU S 47 85.53 63.40 5.17
CA LEU S 47 85.06 62.77 6.40
C LEU S 47 83.82 61.90 6.15
N LYS S 48 82.87 62.40 5.34
CA LYS S 48 81.67 61.66 5.01
C LYS S 48 81.98 60.39 4.21
N ARG S 49 83.01 60.43 3.37
CA ARG S 49 83.38 59.24 2.62
C ARG S 49 84.35 58.33 3.36
N LEU S 50 84.98 58.82 4.43
CA LEU S 50 85.64 57.92 5.38
C LEU S 50 84.64 57.23 6.29
N PHE S 51 83.45 57.81 6.47
CA PHE S 51 82.42 57.14 7.26
C PHE S 51 81.89 55.87 6.59
N MET S 52 81.89 55.81 5.25
CA MET S 52 81.10 54.83 4.52
C MET S 52 81.70 53.42 4.63
N SER S 53 80.98 52.47 4.04
CA SER S 53 81.31 51.05 4.11
C SER S 53 82.12 50.62 2.89
N ARG S 54 82.58 49.36 2.91
CA ARG S 54 83.49 48.87 1.88
C ARG S 54 82.79 48.71 0.54
N THR S 55 81.52 48.26 0.55
CA THR S 55 80.74 48.22 -0.67
C THR S 55 80.20 49.59 -1.07
N ASN S 56 80.46 50.61 -0.26
CA ASN S 56 79.99 51.97 -0.53
C ASN S 56 81.13 52.88 -0.97
N ARG S 57 82.38 52.57 -0.60
CA ARG S 57 83.52 53.15 -1.26
C ARG S 57 84.06 52.17 -2.31
N PRO S 58 83.79 52.38 -3.59
CA PRO S 58 84.17 51.39 -4.60
C PRO S 58 85.64 51.51 -4.95
N PRO S 59 86.26 50.42 -5.44
CA PRO S 59 87.65 50.53 -5.92
C PRO S 59 87.72 51.32 -7.21
N LEU S 60 88.65 52.27 -7.25
CA LEU S 60 88.86 53.11 -8.41
C LEU S 60 90.02 52.57 -9.22
N SER S 61 89.85 52.52 -10.53
CA SER S 61 90.82 51.88 -11.41
C SER S 61 91.82 52.90 -11.94
N LEU S 62 93.00 52.39 -12.29
CA LEU S 62 94.12 53.25 -12.66
C LEU S 62 93.89 53.92 -14.01
N SER S 63 93.26 53.22 -14.96
CA SER S 63 93.02 53.83 -16.26
C SER S 63 91.91 54.88 -16.19
N ARG S 64 90.90 54.67 -15.35
CA ARG S 64 89.91 55.73 -15.13
C ARG S 64 90.53 56.91 -14.39
N MET S 65 91.52 56.66 -13.53
CA MET S 65 92.22 57.75 -12.87
C MET S 65 93.04 58.56 -13.87
N ILE S 66 93.73 57.88 -14.80
CA ILE S 66 94.43 58.56 -15.89
C ILE S 66 93.47 59.34 -16.77
N ARG S 67 92.31 58.75 -17.06
CA ARG S 67 91.30 59.40 -17.89
C ARG S 67 90.77 60.67 -17.24
N LYS S 68 90.39 60.59 -15.97
CA LYS S 68 89.83 61.74 -15.27
C LYS S 68 90.88 62.77 -14.88
N MET S 69 92.18 62.42 -14.86
CA MET S 69 93.20 63.41 -14.56
C MET S 69 93.86 64.01 -15.80
N LYS S 70 93.67 63.43 -16.99
CA LYS S 70 94.12 64.10 -18.20
C LYS S 70 93.08 65.03 -18.80
N LEU S 71 92.06 65.41 -18.02
CA LEU S 71 91.17 66.50 -18.39
C LEU S 71 91.94 67.82 -18.44
N PRO S 72 91.49 68.79 -19.23
CA PRO S 72 92.19 70.08 -19.27
C PRO S 72 91.97 70.90 -18.00
N GLY S 73 93.01 71.65 -17.63
CA GLY S 73 92.96 72.52 -16.48
C GLY S 73 93.60 71.95 -15.22
N ARG S 74 93.60 70.63 -15.07
CA ARG S 74 94.10 70.00 -13.85
C ARG S 74 95.55 69.52 -14.00
N GLU S 75 96.42 70.46 -14.35
CA GLU S 75 97.85 70.23 -14.37
C GLU S 75 98.45 70.80 -13.09
N GLY S 76 99.34 70.04 -12.46
CA GLY S 76 99.76 70.35 -11.11
C GLY S 76 98.74 70.00 -10.05
N LYS S 77 97.81 69.10 -10.37
CA LYS S 77 96.67 68.76 -9.55
C LYS S 77 96.91 67.41 -8.90
N THR S 78 96.29 67.17 -7.75
CA THR S 78 96.35 65.86 -7.12
C THR S 78 94.98 65.20 -7.17
N ALA S 79 94.97 63.86 -7.13
CA ALA S 79 93.74 63.08 -7.22
C ALA S 79 93.50 62.41 -5.88
N VAL S 80 92.44 62.83 -5.18
CA VAL S 80 92.10 62.34 -3.87
C VAL S 80 90.95 61.35 -4.01
N VAL S 81 91.21 60.09 -3.68
CA VAL S 81 90.22 59.02 -3.72
C VAL S 81 90.09 58.47 -2.31
N VAL S 82 88.86 58.34 -1.83
CA VAL S 82 88.62 57.89 -0.47
C VAL S 82 88.37 56.38 -0.44
N GLY S 83 88.75 55.67 -1.49
CA GLY S 83 88.66 54.23 -1.52
C GLY S 83 90.00 53.59 -1.78
N THR S 84 90.07 52.69 -2.75
CA THR S 84 91.30 52.02 -3.13
C THR S 84 91.63 52.30 -4.59
N ILE S 85 92.92 52.37 -4.89
CA ILE S 85 93.42 52.55 -6.25
C ILE S 85 93.88 51.19 -6.75
N THR S 86 93.16 50.64 -7.72
CA THR S 86 93.51 49.37 -8.33
C THR S 86 94.14 49.59 -9.70
N ASP S 87 95.06 48.71 -10.05
CA ASP S 87 95.77 48.77 -11.32
C ASP S 87 94.93 48.16 -12.42
N ASP S 88 94.99 48.77 -13.61
CA ASP S 88 94.49 48.15 -14.83
C ASP S 88 95.67 47.69 -15.65
N VAL S 89 95.69 46.41 -16.00
CA VAL S 89 96.78 45.86 -16.82
C VAL S 89 96.60 46.14 -18.30
N ARG S 90 95.50 46.78 -18.69
CA ARG S 90 95.19 47.03 -20.09
C ARG S 90 95.47 48.47 -20.50
N VAL S 91 96.17 49.24 -19.66
CA VAL S 91 96.71 50.54 -20.04
C VAL S 91 98.22 50.38 -20.20
N GLN S 92 98.79 51.09 -21.18
CA GLN S 92 100.21 50.93 -21.52
C GLN S 92 101.07 52.03 -20.92
N GLU S 93 100.78 53.29 -21.26
CA GLU S 93 101.55 54.42 -20.77
C GLU S 93 100.83 55.06 -19.58
N VAL S 94 101.61 55.60 -18.65
CA VAL S 94 101.07 56.28 -17.48
C VAL S 94 101.91 57.53 -17.18
N PRO S 95 101.29 58.71 -17.07
CA PRO S 95 102.07 59.93 -16.80
C PRO S 95 102.41 60.09 -15.33
N LYS S 96 102.98 61.24 -14.98
CA LYS S 96 103.25 61.56 -13.59
C LYS S 96 101.93 61.82 -12.86
N LEU S 97 101.80 61.27 -11.66
CA LEU S 97 100.58 61.35 -10.89
C LEU S 97 100.90 61.85 -9.49
N LYS S 98 99.84 62.28 -8.79
CA LYS S 98 99.93 62.64 -7.38
C LYS S 98 98.65 62.12 -6.74
N VAL S 99 98.70 60.91 -6.20
CA VAL S 99 97.52 60.13 -5.84
C VAL S 99 97.45 60.03 -4.31
N CYS S 100 96.31 60.41 -3.75
CA CYS S 100 96.04 60.25 -2.33
C CYS S 100 94.92 59.24 -2.17
N ALA S 101 95.15 58.22 -1.35
CA ALA S 101 94.18 57.16 -1.18
C ALA S 101 94.37 56.48 0.18
N LEU S 102 93.35 55.72 0.58
CA LEU S 102 93.48 54.88 1.76
C LEU S 102 94.47 53.76 1.53
N ARG S 103 94.38 53.09 0.38
CA ARG S 103 95.23 51.95 0.10
C ARG S 103 95.40 51.81 -1.41
N VAL S 104 96.64 51.68 -1.84
CA VAL S 104 96.97 51.42 -3.24
C VAL S 104 97.57 50.02 -3.31
N SER S 105 97.13 49.23 -4.28
CA SER S 105 97.65 47.88 -4.46
C SER S 105 99.12 47.92 -4.89
N SER S 106 99.77 46.76 -4.80
CA SER S 106 101.22 46.70 -5.02
C SER S 106 101.58 46.95 -6.47
N ARG S 107 100.77 46.46 -7.41
CA ARG S 107 101.07 46.65 -8.83
C ARG S 107 100.84 48.09 -9.26
N ALA S 108 99.76 48.71 -8.78
CA ALA S 108 99.50 50.12 -9.08
C ALA S 108 100.53 51.02 -8.42
N ARG S 109 100.97 50.67 -7.20
CA ARG S 109 101.99 51.44 -6.51
C ARG S 109 103.33 51.36 -7.24
N SER S 110 103.69 50.15 -7.69
CA SER S 110 104.92 49.98 -8.46
C SER S 110 104.85 50.71 -9.80
N ARG S 111 103.67 50.73 -10.43
CA ARG S 111 103.51 51.41 -11.71
C ARG S 111 103.63 52.92 -11.56
N ILE S 112 103.03 53.49 -10.50
CA ILE S 112 103.11 54.93 -10.28
C ILE S 112 104.53 55.34 -9.87
N LEU S 113 105.16 54.58 -8.98
CA LEU S 113 106.53 54.91 -8.57
C LEU S 113 107.56 54.62 -9.67
N LYS S 114 107.23 53.79 -10.66
CA LYS S 114 108.09 53.63 -11.82
C LYS S 114 107.88 54.74 -12.84
N ALA S 115 106.64 55.21 -13.00
CA ALA S 115 106.39 56.35 -13.86
C ALA S 115 106.91 57.65 -13.28
N GLY S 116 107.12 57.72 -11.97
CA GLY S 116 107.69 58.88 -11.33
C GLY S 116 106.70 59.73 -10.56
N GLY S 117 105.52 59.22 -10.26
CA GLY S 117 104.54 59.96 -9.49
C GLY S 117 104.76 59.85 -8.00
N LYS S 118 103.86 60.48 -7.26
CA LYS S 118 103.89 60.50 -5.81
C LYS S 118 102.60 59.94 -5.26
N ILE S 119 102.70 59.10 -4.25
CA ILE S 119 101.55 58.48 -3.60
C ILE S 119 101.55 58.93 -2.14
N LEU S 120 100.60 59.78 -1.80
CA LEU S 120 100.45 60.32 -0.45
C LEU S 120 99.34 59.58 0.28
N THR S 121 99.39 59.67 1.61
CA THR S 121 98.29 59.22 2.45
C THR S 121 97.45 60.43 2.85
N PHE S 122 96.44 60.20 3.69
CA PHE S 122 95.54 61.30 4.05
C PHE S 122 96.15 62.25 5.07
N ASP S 123 97.02 61.76 5.95
CA ASP S 123 97.72 62.67 6.87
C ASP S 123 98.74 63.52 6.12
N GLN S 124 99.42 62.94 5.13
CA GLN S 124 100.30 63.72 4.27
C GLN S 124 99.52 64.69 3.40
N LEU S 125 98.30 64.32 2.99
CA LEU S 125 97.46 65.25 2.24
C LEU S 125 96.99 66.41 3.12
N ALA S 126 96.71 66.14 4.40
CA ALA S 126 96.34 67.22 5.31
C ALA S 126 97.53 68.12 5.64
N LEU S 127 98.74 67.56 5.70
CA LEU S 127 99.92 68.40 5.88
C LEU S 127 100.27 69.20 4.64
N ASP S 128 99.97 68.65 3.46
CA ASP S 128 100.25 69.36 2.21
C ASP S 128 99.23 70.46 1.96
N SER S 129 97.96 70.10 1.84
CA SER S 129 96.87 71.05 1.63
C SER S 129 95.81 70.81 2.70
N PRO S 130 95.78 71.61 3.76
CA PRO S 130 94.75 71.40 4.80
C PRO S 130 93.36 71.81 4.37
N LYS S 131 93.22 72.87 3.58
CA LYS S 131 91.91 73.26 3.06
C LYS S 131 91.52 72.47 1.82
N GLY S 132 92.42 71.69 1.25
CA GLY S 132 92.11 70.91 0.06
C GLY S 132 92.33 71.65 -1.24
N CYS S 133 93.29 72.58 -1.27
CA CYS S 133 93.58 73.31 -2.49
C CYS S 133 94.45 72.48 -3.43
N GLY S 134 94.17 72.56 -4.72
CA GLY S 134 94.89 71.77 -5.70
C GLY S 134 94.45 70.33 -5.76
N THR S 135 93.23 70.02 -5.34
CA THR S 135 92.73 68.66 -5.28
C THR S 135 91.58 68.45 -6.25
N VAL S 136 91.44 67.23 -6.74
CA VAL S 136 90.26 66.75 -7.43
C VAL S 136 89.83 65.46 -6.75
N LEU S 137 88.62 65.45 -6.19
CA LEU S 137 88.14 64.32 -5.41
C LEU S 137 87.37 63.39 -6.35
N LEU S 138 87.84 62.16 -6.47
CA LEU S 138 87.27 61.18 -7.38
C LEU S 138 86.63 60.03 -6.62
N SER S 139 85.89 59.21 -7.34
CA SER S 139 85.25 58.03 -6.78
C SER S 139 85.02 57.01 -7.88
N GLY S 140 85.10 55.73 -7.51
CA GLY S 140 84.97 54.66 -8.46
C GLY S 140 83.53 54.41 -8.87
N PRO S 141 83.33 53.35 -9.65
CA PRO S 141 81.98 53.03 -10.13
C PRO S 141 81.10 52.50 -9.00
N ARG S 142 80.09 53.27 -8.63
CA ARG S 142 79.21 52.88 -7.54
C ARG S 142 78.24 51.78 -7.97
N LYS S 143 77.65 51.90 -9.16
CA LYS S 143 76.77 50.87 -9.70
C LYS S 143 77.53 49.76 -10.42
N GLY S 144 78.85 49.70 -10.26
CA GLY S 144 79.64 48.71 -10.95
C GLY S 144 79.60 47.31 -10.38
N ARG S 145 78.98 47.13 -9.22
CA ARG S 145 78.91 45.81 -8.62
C ARG S 145 77.87 44.95 -9.35
N GLU S 146 78.07 43.63 -9.27
CA GLU S 146 77.14 42.67 -9.84
C GLU S 146 75.81 42.66 -9.10
N VAL S 147 75.80 43.13 -7.85
CA VAL S 147 74.61 43.15 -7.01
C VAL S 147 73.56 44.13 -7.55
N TYR S 148 73.99 45.19 -8.24
CA TYR S 148 73.05 46.13 -8.82
C TYR S 148 72.44 45.65 -10.13
N ARG S 149 72.94 44.55 -10.70
CA ARG S 149 72.32 44.01 -11.91
C ARG S 149 71.02 43.28 -11.61
N HIS S 150 70.78 42.92 -10.35
CA HIS S 150 69.57 42.23 -9.93
C HIS S 150 68.53 43.18 -9.34
N PHE S 151 68.82 44.46 -9.27
CA PHE S 151 67.95 45.42 -8.60
C PHE S 151 67.06 46.14 -9.60
N GLY S 152 66.21 47.01 -9.06
CA GLY S 152 65.35 47.85 -9.88
C GLY S 152 64.02 47.20 -10.22
N LYS S 153 63.67 47.26 -11.49
CA LYS S 153 62.42 46.69 -11.97
C LYS S 153 62.52 45.17 -11.97
N ALA S 154 61.42 44.49 -11.66
CA ALA S 154 61.45 43.04 -11.50
C ALA S 154 61.56 42.36 -12.86
N PRO S 155 62.16 41.17 -12.92
CA PRO S 155 62.10 40.36 -14.14
C PRO S 155 60.72 39.72 -14.27
N GLY S 156 60.51 39.05 -15.41
CA GLY S 156 59.19 38.54 -15.71
C GLY S 156 58.18 39.65 -15.93
N THR S 157 58.59 40.72 -16.60
CA THR S 157 57.91 42.00 -16.68
C THR S 157 58.41 42.71 -17.93
N PRO S 158 57.54 43.29 -18.75
CA PRO S 158 58.00 43.94 -19.98
C PRO S 158 58.80 45.20 -19.70
N HIS S 159 59.73 45.49 -20.63
CA HIS S 159 60.67 46.62 -20.56
C HIS S 159 61.53 46.57 -19.29
N SER S 160 61.92 45.37 -18.88
CA SER S 160 62.80 45.17 -17.74
C SER S 160 64.02 44.39 -18.18
N HIS S 161 65.20 44.84 -17.72
CA HIS S 161 66.45 44.20 -18.10
C HIS S 161 67.20 43.76 -16.85
N THR S 162 66.49 43.10 -15.93
CA THR S 162 67.04 42.68 -14.66
C THR S 162 67.52 41.24 -14.75
N LYS S 163 68.74 40.99 -14.28
CA LYS S 163 69.25 39.64 -14.22
C LYS S 163 68.55 38.87 -13.10
N PRO S 164 67.87 37.77 -13.38
CA PRO S 164 67.23 37.00 -12.31
C PRO S 164 68.25 36.17 -11.54
N TYR S 165 67.88 35.82 -10.32
CA TYR S 165 68.72 34.99 -9.47
C TYR S 165 68.61 33.54 -9.94
N VAL S 166 69.58 33.12 -10.74
CA VAL S 166 69.64 31.77 -11.27
C VAL S 166 70.86 31.07 -10.68
N ARG S 167 70.67 29.85 -10.19
CA ARG S 167 71.77 29.13 -9.56
C ARG S 167 72.80 28.65 -10.57
N SER S 168 72.38 28.41 -11.81
CA SER S 168 73.30 28.01 -12.88
C SER S 168 72.62 28.31 -14.20
N LYS S 169 73.23 29.15 -15.02
CA LYS S 169 72.64 29.53 -16.29
C LYS S 169 72.89 28.45 -17.33
N GLY S 170 71.99 28.38 -18.31
CA GLY S 170 72.08 27.36 -19.33
C GLY S 170 70.84 27.37 -20.21
N ARG S 171 70.57 26.23 -20.84
CA ARG S 171 69.44 26.14 -21.75
C ARG S 171 68.11 25.88 -21.06
N LYS S 172 68.06 25.02 -20.04
CA LYS S 172 66.79 24.51 -19.53
C LYS S 172 66.48 25.01 -18.12
N PHE S 173 67.25 25.96 -17.61
CA PHE S 173 66.97 26.55 -16.31
C PHE S 173 66.05 27.75 -16.39
N GLU S 174 66.11 28.48 -17.50
CA GLU S 174 65.18 29.53 -17.87
C GLU S 174 65.01 29.52 -19.39
N ARG S 175 64.62 30.67 -19.96
CA ARG S 175 64.32 30.89 -21.38
C ARG S 175 63.30 29.88 -21.92
N ALA S 176 62.12 29.94 -21.29
CA ALA S 176 60.94 29.13 -21.54
C ALA S 176 59.76 30.04 -21.28
N ARG S 177 58.59 29.46 -20.91
CA ARG S 177 57.36 30.22 -20.61
C ARG S 177 57.57 31.41 -19.67
N GLY S 178 57.38 32.61 -20.20
CA GLY S 178 57.82 33.84 -19.59
C GLY S 178 58.92 34.55 -20.35
N ARG S 179 59.65 33.82 -21.19
CA ARG S 179 60.68 34.41 -22.04
C ARG S 179 60.51 34.08 -23.52
N ARG S 180 59.70 33.09 -23.87
CA ARG S 180 59.44 32.72 -25.26
C ARG S 180 58.03 33.12 -25.65
N ALA S 181 57.88 33.66 -26.86
CA ALA S 181 56.55 33.91 -27.39
C ALA S 181 55.86 32.61 -27.78
N SER S 182 56.64 31.56 -28.04
CA SER S 182 56.05 30.27 -28.39
C SER S 182 55.47 29.57 -27.16
N ARG S 183 56.15 29.66 -26.02
CA ARG S 183 55.65 29.08 -24.77
C ARG S 183 54.84 30.14 -24.03
N GLY S 184 53.61 30.31 -24.48
CA GLY S 184 52.68 31.18 -23.79
C GLY S 184 52.86 32.67 -24.02
N TYR S 185 53.91 33.25 -23.42
CA TYR S 185 54.07 34.69 -23.42
C TYR S 185 55.52 35.03 -23.15
N LYS S 186 55.95 36.20 -23.65
CA LYS S 186 57.27 36.73 -23.36
C LYS S 186 57.13 38.15 -22.85
N ASN S 187 58.21 38.66 -22.26
CA ASN S 187 58.23 40.00 -21.73
C ASN S 187 59.50 40.75 -22.15
N SER T 1 47.28 -20.43 79.37
CA SER T 1 47.73 -19.20 78.73
C SER T 1 47.77 -19.36 77.21
N MET T 2 48.25 -20.53 76.75
CA MET T 2 48.33 -20.82 75.33
C MET T 2 48.17 -22.33 75.18
N LEU T 3 46.94 -22.77 74.88
CA LEU T 3 46.62 -24.20 74.89
C LEU T 3 46.00 -24.67 73.59
N ARG T 4 46.19 -23.92 72.49
CA ARG T 4 45.71 -24.39 71.18
C ARG T 4 46.49 -25.61 70.72
N LEU T 5 47.80 -25.63 70.98
CA LEU T 5 48.62 -26.78 70.65
C LEU T 5 48.21 -28.01 71.44
N GLN T 6 47.97 -27.86 72.74
CA GLN T 6 47.57 -28.99 73.57
C GLN T 6 46.16 -29.46 73.23
N LYS T 7 45.25 -28.54 72.88
CA LYS T 7 43.90 -28.96 72.50
C LYS T 7 43.90 -29.69 71.15
N ARG T 8 44.72 -29.22 70.19
CA ARG T 8 44.83 -29.91 68.91
C ARG T 8 45.48 -31.29 69.07
N LEU T 9 46.49 -31.39 69.92
CA LEU T 9 47.13 -32.68 70.19
C LEU T 9 46.19 -33.64 70.91
N ALA T 10 45.39 -33.12 71.85
CA ALA T 10 44.44 -33.98 72.55
C ALA T 10 43.32 -34.43 71.62
N SER T 11 42.90 -33.56 70.69
CA SER T 11 41.94 -33.96 69.68
C SER T 11 42.50 -35.05 68.76
N SER T 12 43.78 -34.91 68.38
CA SER T 12 44.40 -35.90 67.52
C SER T 12 44.63 -37.24 68.23
N VAL T 13 44.85 -37.22 69.54
CA VAL T 13 45.04 -38.48 70.26
C VAL T 13 43.69 -39.14 70.56
N LEU T 14 42.74 -38.37 71.12
CA LEU T 14 41.42 -38.90 71.45
C LEU T 14 40.56 -39.21 70.24
N ARG T 15 40.96 -38.76 69.03
CA ARG T 15 40.23 -38.98 67.78
C ARG T 15 38.83 -38.38 67.86
N CYS T 16 38.73 -37.22 68.48
CA CYS T 16 37.48 -36.51 68.69
C CYS T 16 37.62 -35.11 68.09
N GLY T 17 36.67 -34.25 68.43
CA GLY T 17 36.59 -32.92 67.84
C GLY T 17 37.71 -31.97 68.18
N LYS T 18 37.94 -31.76 69.47
CA LYS T 18 38.36 -30.57 70.25
C LYS T 18 37.12 -29.76 70.61
N LYS T 19 35.95 -30.17 70.14
CA LYS T 19 34.71 -29.77 70.80
C LYS T 19 34.52 -30.56 72.09
N LYS T 20 35.09 -31.76 72.15
CA LYS T 20 34.94 -32.66 73.29
C LYS T 20 36.18 -32.71 74.16
N VAL T 21 37.26 -32.05 73.77
CA VAL T 21 38.45 -31.97 74.61
C VAL T 21 38.20 -30.99 75.74
N TRP T 22 38.26 -31.48 76.97
CA TRP T 22 38.04 -30.66 78.16
C TRP T 22 39.39 -30.46 78.85
N LEU T 23 40.09 -29.40 78.46
CA LEU T 23 41.33 -29.05 79.14
C LEU T 23 41.01 -28.45 80.51
N ASP T 24 41.69 -28.94 81.55
CA ASP T 24 41.38 -28.59 82.93
C ASP T 24 41.70 -27.12 83.19
N PRO T 25 40.72 -26.28 83.53
CA PRO T 25 41.00 -24.86 83.74
C PRO T 25 41.70 -24.58 85.05
N ASN T 26 41.63 -25.49 86.03
CA ASN T 26 42.29 -25.26 87.31
C ASN T 26 43.78 -25.53 87.21
N GLU T 27 44.16 -26.67 86.63
CA GLU T 27 45.56 -27.03 86.46
C GLU T 27 45.98 -26.70 85.03
N THR T 28 46.20 -25.40 84.79
CA THR T 28 46.55 -24.93 83.45
C THR T 28 48.02 -25.19 83.12
N ASN T 29 48.91 -24.94 84.09
CA ASN T 29 50.34 -25.07 83.84
C ASN T 29 50.76 -26.53 83.67
N GLU T 30 50.07 -27.45 84.34
CA GLU T 30 50.35 -28.88 84.21
C GLU T 30 49.93 -29.45 82.86
N ILE T 31 49.19 -28.69 82.05
CA ILE T 31 48.88 -29.07 80.68
C ILE T 31 49.79 -28.27 79.76
N ALA T 32 50.07 -27.02 80.14
CA ALA T 32 50.88 -26.13 79.30
C ALA T 32 52.34 -26.56 79.24
N ASN T 33 52.84 -27.25 80.26
CA ASN T 33 54.19 -27.78 80.18
C ASN T 33 54.28 -29.06 79.34
N ALA T 34 53.15 -29.69 79.04
CA ALA T 34 53.11 -30.90 78.21
C ALA T 34 53.05 -30.46 76.76
N ASN T 35 54.23 -30.33 76.14
CA ASN T 35 54.33 -29.79 74.79
C ASN T 35 54.06 -30.83 73.70
N SER T 36 53.71 -32.06 74.04
CA SER T 36 53.54 -33.09 73.03
C SER T 36 52.62 -34.19 73.56
N ARG T 37 52.21 -35.06 72.65
CA ARG T 37 51.61 -36.31 73.07
C ARG T 37 52.69 -37.24 73.61
N GLN T 38 52.24 -38.24 74.39
CA GLN T 38 52.93 -39.14 75.33
C GLN T 38 53.26 -38.37 76.62
N GLN T 39 53.06 -37.06 76.62
CA GLN T 39 52.87 -36.25 77.81
C GLN T 39 51.40 -35.90 78.00
N ILE T 40 50.74 -35.53 76.90
CA ILE T 40 49.29 -35.37 76.95
C ILE T 40 48.60 -36.72 77.13
N ARG T 41 49.22 -37.81 76.63
CA ARG T 41 48.70 -39.15 76.94
C ARG T 41 48.87 -39.50 78.41
N LYS T 42 49.94 -39.01 79.04
CA LYS T 42 50.09 -39.13 80.48
C LYS T 42 49.02 -38.33 81.22
N LEU T 43 48.66 -37.16 80.69
CA LEU T 43 47.55 -36.39 81.24
C LEU T 43 46.23 -37.10 81.07
N ILE T 44 46.06 -37.86 79.98
CA ILE T 44 44.87 -38.69 79.78
C ILE T 44 44.79 -39.77 80.84
N LYS T 45 45.88 -40.52 81.03
CA LYS T 45 45.85 -41.62 81.99
C LYS T 45 45.83 -41.12 83.43
N ASP T 46 46.23 -39.87 83.67
CA ASP T 46 45.97 -39.24 84.96
C ASP T 46 44.54 -38.75 85.08
N GLY T 47 43.89 -38.46 83.97
CA GLY T 47 42.51 -38.02 84.00
C GLY T 47 42.32 -36.53 84.17
N LEU T 48 43.32 -35.72 83.83
CA LEU T 48 43.17 -34.28 83.96
C LEU T 48 42.36 -33.69 82.82
N ILE T 49 42.44 -34.28 81.63
CA ILE T 49 41.58 -33.91 80.52
C ILE T 49 40.66 -35.08 80.21
N ILE T 50 39.39 -34.76 79.98
CA ILE T 50 38.33 -35.76 79.87
C ILE T 50 37.62 -35.57 78.53
N ARG T 51 37.34 -36.68 77.85
CA ARG T 51 36.48 -36.64 76.68
C ARG T 51 35.07 -36.26 77.09
N LYS T 52 34.60 -35.12 76.59
CA LYS T 52 33.24 -34.69 76.89
C LYS T 52 32.23 -35.59 76.21
N PRO T 53 31.10 -35.88 76.84
CA PRO T 53 30.11 -36.76 76.21
C PRO T 53 29.40 -36.07 75.05
N VAL T 54 28.78 -36.90 74.21
CA VAL T 54 28.04 -36.41 73.06
C VAL T 54 26.80 -35.68 73.52
N THR T 55 26.54 -34.52 72.92
CA THR T 55 25.30 -33.78 73.15
C THR T 55 24.11 -34.64 72.71
N VAL T 56 23.13 -34.77 73.60
CA VAL T 56 22.08 -35.77 73.43
C VAL T 56 21.13 -35.36 72.32
N HIS T 57 20.60 -36.36 71.61
CA HIS T 57 19.62 -36.16 70.54
C HIS T 57 18.63 -37.30 70.67
N SER T 58 17.51 -37.04 71.35
CA SER T 58 16.61 -38.09 71.78
C SER T 58 15.78 -38.64 70.61
N ARG T 59 15.09 -39.74 70.89
CA ARG T 59 14.32 -40.46 69.91
C ARG T 59 12.97 -40.91 70.50
N ALA T 60 12.72 -40.62 71.78
CA ALA T 60 11.50 -41.09 72.43
C ALA T 60 10.25 -40.36 71.91
N ARG T 61 10.39 -39.05 71.62
CA ARG T 61 9.28 -38.30 71.04
C ARG T 61 8.92 -38.81 69.66
N CYS T 62 9.94 -39.06 68.82
CA CYS T 62 9.71 -39.63 67.50
C CYS T 62 9.18 -41.05 67.58
N ARG T 63 9.57 -41.81 68.61
CA ARG T 63 9.07 -43.16 68.76
C ARG T 63 7.60 -43.17 69.17
N LYS T 64 7.20 -42.23 70.03
CA LYS T 64 5.79 -42.05 70.36
C LYS T 64 4.99 -41.58 69.14
N ASN T 65 5.59 -40.70 68.33
CA ASN T 65 4.93 -40.26 67.10
C ASN T 65 4.79 -41.40 66.09
N THR T 66 5.79 -42.28 65.99
CA THR T 66 5.67 -43.41 65.09
C THR T 66 4.67 -44.45 65.60
N LEU T 67 4.53 -44.62 66.91
CA LEU T 67 3.46 -45.46 67.43
C LEU T 67 2.09 -44.88 67.13
N ALA T 68 1.99 -43.54 67.18
CA ALA T 68 0.75 -42.88 66.78
C ALA T 68 0.47 -43.08 65.29
N ARG T 69 1.51 -43.05 64.46
CA ARG T 69 1.36 -43.37 63.04
C ARG T 69 0.98 -44.83 62.80
N ARG T 70 1.46 -45.74 63.65
CA ARG T 70 1.09 -47.16 63.50
C ARG T 70 -0.37 -47.38 63.83
N LYS T 71 -0.88 -46.70 64.87
CA LYS T 71 -2.32 -46.72 65.11
C LYS T 71 -3.07 -45.98 64.01
N GLY T 72 -2.43 -45.00 63.40
CA GLY T 72 -2.91 -44.22 62.27
C GLY T 72 -3.40 -42.88 62.75
N ARG T 73 -2.47 -41.94 62.86
CA ARG T 73 -2.66 -40.60 63.41
C ARG T 73 -1.60 -39.75 62.75
N HIS T 74 -1.87 -38.44 62.63
CA HIS T 74 -1.14 -37.52 61.76
C HIS T 74 -1.11 -38.04 60.33
N MET T 75 -2.23 -38.64 59.90
CA MET T 75 -2.32 -39.33 58.63
C MET T 75 -3.56 -38.92 57.84
N GLY T 76 -4.22 -37.83 58.22
CA GLY T 76 -5.44 -37.41 57.57
C GLY T 76 -5.20 -36.75 56.23
N ILE T 77 -6.23 -36.03 55.78
CA ILE T 77 -6.14 -35.34 54.50
C ILE T 77 -5.25 -34.11 54.63
N GLY T 78 -5.27 -33.47 55.80
CA GLY T 78 -4.53 -32.25 56.03
C GLY T 78 -3.12 -32.42 56.57
N LYS T 79 -2.57 -33.62 56.53
CA LYS T 79 -1.15 -33.87 56.77
C LYS T 79 -0.59 -34.78 55.70
N ARG T 80 -0.92 -34.46 54.45
CA ARG T 80 -0.60 -35.31 53.30
C ARG T 80 -0.14 -34.38 52.18
N LYS T 81 1.17 -34.23 52.03
CA LYS T 81 1.72 -33.29 51.06
C LYS T 81 1.89 -33.90 49.67
N GLY T 82 2.34 -35.16 49.61
CA GLY T 82 2.55 -35.80 48.33
C GLY T 82 1.29 -36.47 47.81
N THR T 83 1.36 -36.88 46.54
CA THR T 83 0.25 -37.56 45.91
C THR T 83 0.18 -39.02 46.41
N ALA T 84 -0.88 -39.71 45.97
CA ALA T 84 -1.01 -41.13 46.30
C ALA T 84 0.08 -41.95 45.65
N ASN T 85 0.44 -41.61 44.41
CA ASN T 85 1.55 -42.28 43.73
C ASN T 85 2.89 -41.92 44.37
N ALA T 86 2.98 -40.75 44.99
CA ALA T 86 4.22 -40.37 45.68
C ALA T 86 4.36 -41.11 47.01
N ARG T 87 3.24 -41.29 47.72
CA ARG T 87 3.31 -41.94 49.02
C ARG T 87 3.35 -43.46 48.90
N MET T 88 2.30 -44.06 48.34
CA MET T 88 2.24 -45.51 48.14
C MET T 88 2.00 -45.76 46.67
N PRO T 89 3.05 -45.98 45.87
CA PRO T 89 2.90 -46.00 44.42
C PRO T 89 2.16 -47.22 43.88
N GLU T 90 1.42 -46.99 42.80
CA GLU T 90 0.57 -48.01 42.20
C GLU T 90 1.39 -49.14 41.59
N LYS T 91 2.59 -48.84 41.09
CA LYS T 91 3.45 -49.88 40.54
C LYS T 91 3.96 -50.81 41.62
N VAL T 92 4.31 -50.27 42.78
CA VAL T 92 4.78 -51.11 43.89
C VAL T 92 3.62 -51.90 44.49
N THR T 93 2.43 -51.29 44.53
CA THR T 93 1.22 -52.02 44.93
C THR T 93 0.93 -53.18 43.97
N TRP T 94 1.12 -52.94 42.67
CA TRP T 94 0.97 -53.99 41.67
C TRP T 94 2.02 -55.08 41.84
N MET T 95 3.27 -54.71 42.14
CA MET T 95 4.32 -55.71 42.33
C MET T 95 4.04 -56.58 43.54
N ARG T 96 3.62 -55.95 44.66
CA ARG T 96 3.28 -56.71 45.86
C ARG T 96 2.11 -57.64 45.61
N ARG T 97 1.07 -57.17 44.90
CA ARG T 97 -0.10 -58.00 44.66
C ARG T 97 0.20 -59.14 43.71
N MET T 98 1.06 -58.91 42.71
CA MET T 98 1.43 -60.00 41.80
C MET T 98 2.33 -61.02 42.50
N ARG T 99 3.31 -60.55 43.27
CA ARG T 99 4.20 -61.47 43.98
C ARG T 99 3.51 -62.21 45.12
N ILE T 100 2.35 -61.74 45.58
CA ILE T 100 1.53 -62.51 46.51
C ILE T 100 0.64 -63.50 45.76
N LEU T 101 -0.08 -63.05 44.73
CA LEU T 101 -1.10 -63.90 44.12
C LEU T 101 -0.48 -64.98 43.25
N ARG T 102 0.62 -64.69 42.54
CA ARG T 102 1.28 -65.72 41.75
C ARG T 102 1.95 -66.76 42.64
N ARG T 103 2.49 -66.34 43.78
CA ARG T 103 3.04 -67.26 44.76
C ARG T 103 1.95 -68.15 45.34
N LEU T 104 0.77 -67.58 45.61
CA LEU T 104 -0.35 -68.38 46.11
C LEU T 104 -0.87 -69.36 45.07
N LEU T 105 -0.94 -68.93 43.81
CA LEU T 105 -1.35 -69.83 42.72
C LEU T 105 -0.36 -70.97 42.54
N ARG T 106 0.94 -70.70 42.63
CA ARG T 106 1.88 -71.80 42.46
C ARG T 106 1.98 -72.69 43.69
N ARG T 107 1.69 -72.18 44.89
CA ARG T 107 1.57 -73.07 46.05
C ARG T 107 0.36 -73.97 45.93
N TYR T 108 -0.78 -73.45 45.46
CA TYR T 108 -1.94 -74.29 45.21
C TYR T 108 -1.74 -75.24 44.03
N ARG T 109 -0.86 -74.91 43.09
CA ARG T 109 -0.53 -75.85 42.03
C ARG T 109 0.34 -76.99 42.55
N GLU T 110 1.38 -76.66 43.32
CA GLU T 110 2.29 -77.66 43.86
C GLU T 110 1.71 -78.48 45.00
N SER T 111 0.63 -78.01 45.63
CA SER T 111 -0.05 -78.77 46.66
C SER T 111 -1.18 -79.64 46.12
N LYS T 112 -1.27 -79.78 44.78
CA LYS T 112 -2.26 -80.60 44.08
C LYS T 112 -3.69 -80.17 44.40
N LYS T 113 -3.90 -78.86 44.56
CA LYS T 113 -5.24 -78.34 44.79
C LYS T 113 -5.93 -77.97 43.50
N ILE T 114 -5.19 -77.41 42.55
CA ILE T 114 -5.68 -77.12 41.21
C ILE T 114 -4.74 -77.78 40.20
N ASP T 115 -5.22 -77.91 38.98
CA ASP T 115 -4.42 -78.48 37.91
C ASP T 115 -3.81 -77.37 37.05
N ARG T 116 -3.08 -77.78 36.02
CA ARG T 116 -2.25 -76.86 35.25
C ARG T 116 -3.10 -75.92 34.39
N HIS T 117 -4.23 -76.42 33.87
CA HIS T 117 -5.06 -75.62 32.98
C HIS T 117 -5.82 -74.54 33.75
N MET T 118 -6.41 -74.90 34.90
CA MET T 118 -7.05 -73.90 35.75
C MET T 118 -6.03 -72.96 36.36
N TYR T 119 -4.82 -73.46 36.64
CA TYR T 119 -3.71 -72.59 37.04
C TYR T 119 -3.39 -71.54 36.00
N HIS T 120 -3.36 -71.93 34.72
CA HIS T 120 -3.03 -70.98 33.66
C HIS T 120 -4.16 -69.97 33.45
N SER T 121 -5.41 -70.44 33.58
CA SER T 121 -6.56 -69.53 33.44
C SER T 121 -6.60 -68.51 34.57
N LEU T 122 -6.41 -68.96 35.81
CA LEU T 122 -6.36 -68.03 36.93
C LEU T 122 -5.10 -67.17 36.91
N TYR T 123 -4.01 -67.65 36.31
CA TYR T 123 -2.82 -66.83 36.15
C TYR T 123 -3.07 -65.67 35.20
N LEU T 124 -3.77 -65.94 34.09
CA LEU T 124 -4.16 -64.87 33.19
C LEU T 124 -5.17 -63.93 33.82
N LYS T 125 -6.06 -64.44 34.68
CA LYS T 125 -7.01 -63.58 35.37
C LYS T 125 -6.32 -62.69 36.41
N VAL T 126 -5.31 -63.22 37.11
CA VAL T 126 -4.51 -62.43 38.04
C VAL T 126 -3.73 -61.34 37.29
N LYS T 127 -3.18 -61.69 36.12
CA LYS T 127 -2.51 -60.68 35.30
C LYS T 127 -3.49 -59.62 34.79
N GLY T 128 -4.73 -60.00 34.51
CA GLY T 128 -5.75 -59.03 34.15
C GLY T 128 -6.61 -58.58 35.32
N ASN T 129 -6.02 -58.66 36.52
CA ASN T 129 -6.49 -58.17 37.84
C ASN T 129 -8.00 -58.28 38.07
N VAL T 130 -8.50 -59.51 37.95
CA VAL T 130 -9.87 -59.79 38.34
C VAL T 130 -10.01 -59.69 39.85
N PHE T 131 -8.97 -60.08 40.58
CA PHE T 131 -9.01 -60.20 42.03
C PHE T 131 -8.05 -59.18 42.66
N LYS T 132 -8.52 -58.47 43.67
CA LYS T 132 -7.72 -57.44 44.30
C LYS T 132 -6.94 -57.93 45.51
N ASN T 133 -7.19 -59.14 45.99
CA ASN T 133 -6.50 -59.70 47.14
C ASN T 133 -6.58 -61.23 47.07
N LYS T 134 -6.28 -61.87 48.20
CA LYS T 134 -6.20 -63.33 48.28
C LYS T 134 -7.51 -63.96 48.72
N ARG T 135 -8.32 -63.22 49.48
CA ARG T 135 -9.56 -63.77 50.05
C ARG T 135 -10.59 -64.06 48.98
N ILE T 136 -10.83 -63.09 48.08
CA ILE T 136 -11.83 -63.30 47.03
C ILE T 136 -11.30 -64.28 45.98
N LEU T 137 -9.98 -64.40 45.86
CA LEU T 137 -9.42 -65.43 44.98
C LEU T 137 -9.64 -66.83 45.55
N MET T 138 -9.47 -66.98 46.87
CA MET T 138 -9.80 -68.25 47.52
C MET T 138 -11.29 -68.57 47.38
N GLU T 139 -12.15 -67.56 47.52
CA GLU T 139 -13.59 -67.78 47.36
C GLU T 139 -13.93 -68.19 45.93
N HIS T 140 -13.23 -67.62 44.94
CA HIS T 140 -13.47 -67.99 43.54
C HIS T 140 -12.98 -69.40 43.26
N ILE T 141 -11.87 -69.80 43.89
CA ILE T 141 -11.40 -71.19 43.78
C ILE T 141 -12.41 -72.15 44.39
N HIS T 142 -13.01 -71.77 45.52
CA HIS T 142 -14.01 -72.62 46.17
C HIS T 142 -15.26 -72.77 45.30
N LYS T 143 -15.70 -71.66 44.68
CA LYS T 143 -16.86 -71.71 43.80
C LYS T 143 -16.59 -72.54 42.55
N LEU T 144 -15.39 -72.39 41.97
CA LEU T 144 -15.02 -73.20 40.80
C LEU T 144 -14.95 -74.69 41.14
N LYS T 145 -14.40 -75.04 42.30
CA LYS T 145 -14.26 -76.44 42.64
C LYS T 145 -15.61 -77.07 42.99
N ALA T 146 -16.51 -76.31 43.63
CA ALA T 146 -17.86 -76.83 43.88
C ALA T 146 -18.64 -77.03 42.59
N ASP T 147 -18.56 -76.06 41.67
CA ASP T 147 -19.26 -76.19 40.40
C ASP T 147 -18.70 -77.32 39.55
N LYS T 148 -17.37 -77.49 39.56
CA LYS T 148 -16.77 -78.59 38.81
C LYS T 148 -17.07 -79.94 39.44
N ALA T 149 -17.23 -79.99 40.77
CA ALA T 149 -17.64 -81.23 41.43
C ALA T 149 -19.05 -81.63 41.03
N ARG T 150 -19.98 -80.66 41.02
CA ARG T 150 -21.37 -80.95 40.61
C ARG T 150 -21.44 -81.36 39.15
N LYS T 151 -20.73 -80.64 38.26
CA LYS T 151 -20.75 -80.97 36.85
C LYS T 151 -20.07 -82.30 36.56
N LYS T 152 -19.02 -82.64 37.32
CA LYS T 152 -18.35 -83.93 37.15
C LYS T 152 -19.25 -85.07 37.62
N LEU T 153 -20.01 -84.86 38.69
CA LEU T 153 -20.96 -85.87 39.16
C LEU T 153 -22.05 -86.13 38.13
N LEU T 154 -22.63 -85.06 37.58
CA LEU T 154 -23.68 -85.23 36.56
C LEU T 154 -23.14 -85.83 35.27
N ALA T 155 -21.93 -85.44 34.86
CA ALA T 155 -21.34 -85.97 33.65
C ALA T 155 -20.96 -87.43 33.80
N ASP T 156 -20.48 -87.82 34.98
CA ASP T 156 -20.17 -89.23 35.22
C ASP T 156 -21.43 -90.08 35.30
N GLN T 157 -22.54 -89.52 35.82
CA GLN T 157 -23.79 -90.26 35.82
C GLN T 157 -24.33 -90.44 34.40
N ALA T 158 -24.19 -89.41 33.56
CA ALA T 158 -24.61 -89.52 32.16
C ALA T 158 -23.74 -90.51 31.39
N GLU T 159 -22.43 -90.51 31.65
CA GLU T 159 -21.53 -91.48 31.03
C GLU T 159 -21.82 -92.89 31.51
N ALA T 160 -22.23 -93.04 32.77
CA ALA T 160 -22.64 -94.35 33.28
C ALA T 160 -23.91 -94.85 32.61
N ARG T 161 -24.86 -93.93 32.35
CA ARG T 161 -26.07 -94.28 31.59
C ARG T 161 -25.73 -94.73 30.18
N ARG T 162 -24.84 -94.00 29.50
CA ARG T 162 -24.47 -94.35 28.13
C ARG T 162 -23.70 -95.67 28.07
N SER T 163 -22.80 -95.90 29.04
CA SER T 163 -22.06 -97.16 29.08
C SER T 163 -22.96 -98.34 29.41
N LYS T 164 -23.95 -98.12 30.28
CA LYS T 164 -24.91 -99.19 30.59
C LYS T 164 -25.77 -99.54 29.39
N THR T 165 -26.19 -98.51 28.63
CA THR T 165 -26.96 -98.76 27.40
C THR T 165 -26.12 -99.50 26.36
N LYS T 166 -24.85 -99.12 26.22
CA LYS T 166 -23.98 -99.78 25.24
C LYS T 166 -23.68 -101.23 25.64
N GLU T 167 -23.46 -101.48 26.93
CA GLU T 167 -23.22 -102.86 27.37
C GLU T 167 -24.48 -103.72 27.26
N ALA T 168 -25.66 -103.13 27.51
CA ALA T 168 -26.90 -103.86 27.31
C ALA T 168 -27.13 -104.18 25.83
N ARG T 169 -26.76 -103.26 24.95
CA ARG T 169 -26.79 -103.51 23.51
C ARG T 169 -25.87 -104.67 23.14
N LYS T 170 -24.66 -104.67 23.69
CA LYS T 170 -23.68 -105.72 23.37
C LYS T 170 -24.14 -107.08 23.87
N ARG T 171 -24.70 -107.14 25.08
CA ARG T 171 -25.19 -108.41 25.62
C ARG T 171 -26.40 -108.92 24.84
N ARG T 172 -27.35 -108.03 24.51
CA ARG T 172 -28.53 -108.43 23.76
C ARG T 172 -28.17 -108.90 22.35
N GLU T 173 -27.23 -108.22 21.69
CA GLU T 173 -26.87 -108.63 20.34
C GLU T 173 -26.00 -109.87 20.32
N GLU T 174 -25.16 -110.10 21.34
CA GLU T 174 -24.43 -111.37 21.34
C GLU T 174 -25.35 -112.53 21.70
N ARG T 175 -26.41 -112.29 22.47
CA ARG T 175 -27.45 -113.30 22.62
C ARG T 175 -28.18 -113.57 21.31
N LEU T 176 -28.39 -112.52 20.51
CA LEU T 176 -29.05 -112.69 19.22
C LEU T 176 -28.21 -113.50 18.24
N GLN T 177 -26.91 -113.16 18.10
CA GLN T 177 -26.06 -113.97 17.23
C GLN T 177 -25.69 -115.32 17.84
N ALA T 178 -25.91 -115.53 19.14
CA ALA T 178 -25.79 -116.87 19.70
C ALA T 178 -27.02 -117.71 19.38
N LYS T 179 -28.22 -117.11 19.43
CA LYS T 179 -29.45 -117.80 19.11
C LYS T 179 -29.67 -117.96 17.60
N LYS T 180 -28.91 -117.22 16.79
CA LYS T 180 -28.97 -117.26 15.31
C LYS T 180 -30.37 -116.97 14.76
N LYS U 1 21.67 81.29 17.02
CA LYS U 1 21.47 82.55 17.73
C LYS U 1 21.21 82.33 19.21
N ALA U 2 21.99 83.01 20.05
CA ALA U 2 21.83 82.97 21.50
C ALA U 2 21.40 84.36 21.98
N SER U 3 21.33 84.51 23.31
CA SER U 3 20.87 85.77 23.87
C SER U 3 21.62 86.05 25.17
N GLY U 4 21.63 87.34 25.53
CA GLY U 4 22.11 87.81 26.81
C GLY U 4 21.15 88.90 27.27
N THR U 5 21.67 90.09 27.55
CA THR U 5 20.86 91.30 27.53
C THR U 5 20.96 91.90 26.13
N LEU U 6 19.82 92.19 25.53
CA LEU U 6 19.83 92.52 24.10
C LEU U 6 20.12 94.00 23.89
N ARG U 7 20.62 94.31 22.69
CA ARG U 7 20.89 95.67 22.28
C ARG U 7 20.33 95.87 20.88
N GLU U 8 19.99 97.12 20.56
CA GLU U 8 19.38 97.43 19.28
C GLU U 8 20.40 98.14 18.39
N TYR U 9 20.60 97.58 17.19
CA TYR U 9 21.62 98.05 16.25
C TYR U 9 20.93 98.44 14.95
N LYS U 10 21.09 99.70 14.56
CA LYS U 10 20.71 100.11 13.21
C LYS U 10 21.82 99.68 12.25
N VAL U 11 21.47 98.83 11.30
CA VAL U 11 22.43 98.29 10.35
C VAL U 11 21.94 98.63 8.94
N VAL U 12 22.77 99.32 8.17
CA VAL U 12 22.47 99.62 6.78
C VAL U 12 23.44 98.84 5.90
N GLY U 13 22.99 98.51 4.69
CA GLY U 13 23.81 97.72 3.80
C GLY U 13 23.38 97.86 2.36
N ARG U 14 24.25 97.43 1.45
CA ARG U 14 23.97 97.48 0.03
C ARG U 14 24.79 96.40 -0.66
N CYS U 15 24.69 96.37 -1.99
CA CYS U 15 25.50 95.48 -2.80
C CYS U 15 26.79 96.17 -3.21
N LEU U 16 27.74 95.38 -3.71
CA LEU U 16 28.97 95.95 -4.23
C LEU U 16 28.70 96.63 -5.57
N PRO U 17 29.42 97.72 -5.88
CA PRO U 17 29.18 98.40 -7.16
C PRO U 17 29.66 97.58 -8.35
N THR U 18 28.78 97.43 -9.32
CA THR U 18 28.97 96.63 -10.52
C THR U 18 29.01 97.53 -11.74
N PRO U 19 29.56 97.07 -12.87
CA PRO U 19 29.43 97.85 -14.11
C PRO U 19 28.01 97.99 -14.63
N LYS U 20 27.10 97.09 -14.25
CA LYS U 20 25.71 97.22 -14.66
C LYS U 20 24.92 98.15 -13.74
N CYS U 21 25.39 98.37 -12.50
CA CYS U 21 24.73 99.29 -11.58
C CYS U 21 25.79 99.85 -10.63
N ARG U 22 26.04 101.15 -10.73
CA ARG U 22 27.10 101.77 -9.94
C ARG U 22 26.65 102.26 -8.57
N THR U 23 25.34 102.51 -8.40
CA THR U 23 24.80 103.03 -7.15
C THR U 23 23.61 102.18 -6.70
N PRO U 24 23.87 101.10 -5.96
CA PRO U 24 22.77 100.26 -5.45
C PRO U 24 22.06 100.95 -4.30
N PRO U 25 20.80 100.59 -4.05
CA PRO U 25 20.07 101.23 -2.94
C PRO U 25 20.53 100.71 -1.59
N LEU U 26 20.33 101.54 -0.58
CA LEU U 26 20.72 101.23 0.79
C LEU U 26 19.52 100.72 1.57
N TYR U 27 19.73 99.64 2.33
CA TYR U 27 18.66 98.99 3.07
C TYR U 27 19.00 99.03 4.55
N ARG U 28 18.03 99.42 5.37
CA ARG U 28 18.20 99.66 6.79
C ARG U 28 17.34 98.70 7.59
N MET U 29 17.91 98.13 8.65
CA MET U 29 17.14 97.34 9.59
C MET U 29 17.55 97.69 11.01
N ARG U 30 16.72 97.26 11.96
CA ARG U 30 16.92 97.47 13.39
C ARG U 30 17.01 96.09 14.05
N ILE U 31 18.23 95.58 14.12
CA ILE U 31 18.48 94.22 14.58
C ILE U 31 18.64 94.22 16.10
N PHE U 32 17.90 93.35 16.78
CA PHE U 32 18.05 93.17 18.21
C PHE U 32 19.00 92.00 18.46
N ALA U 33 20.14 92.29 19.07
CA ALA U 33 21.23 91.33 19.16
C ALA U 33 22.08 91.67 20.37
N PRO U 34 22.82 90.70 20.93
CA PRO U 34 23.75 91.03 22.02
C PRO U 34 24.89 91.95 21.61
N ASN U 35 25.62 91.64 20.54
CA ASN U 35 26.72 92.48 20.10
C ASN U 35 26.67 92.65 18.58
N HIS U 36 27.59 93.47 18.08
CA HIS U 36 27.47 93.97 16.70
C HIS U 36 27.86 92.92 15.68
N VAL U 37 28.69 91.94 16.06
CA VAL U 37 29.06 90.86 15.14
C VAL U 37 27.85 90.01 14.81
N VAL U 38 27.11 89.59 15.84
CA VAL U 38 25.91 88.79 15.58
C VAL U 38 24.78 89.68 15.06
N ALA U 39 24.84 90.99 15.32
CA ALA U 39 23.88 91.91 14.69
C ALA U 39 24.07 91.95 13.19
N LYS U 40 25.33 92.05 12.74
CA LYS U 40 25.64 92.00 11.32
C LYS U 40 25.31 90.64 10.71
N SER U 41 25.50 89.56 11.48
CA SER U 41 25.14 88.23 10.98
C SER U 41 23.63 88.08 10.77
N ARG U 42 22.83 88.54 11.75
CA ARG U 42 21.37 88.50 11.58
C ARG U 42 20.90 89.46 10.50
N PHE U 43 21.63 90.57 10.30
CA PHE U 43 21.31 91.47 9.19
C PHE U 43 21.50 90.78 7.85
N TRP U 44 22.62 90.05 7.69
CA TRP U 44 22.82 89.30 6.46
C TRP U 44 21.78 88.20 6.30
N TYR U 45 21.33 87.62 7.43
CA TYR U 45 20.27 86.60 7.38
C TYR U 45 18.96 87.17 6.85
N PHE U 46 18.48 88.27 7.43
CA PHE U 46 17.20 88.83 6.99
C PHE U 46 17.29 89.46 5.61
N VAL U 47 18.42 90.06 5.25
CA VAL U 47 18.55 90.64 3.91
C VAL U 47 18.70 89.54 2.87
N SER U 48 19.34 88.42 3.22
CA SER U 48 19.37 87.28 2.31
C SER U 48 18.01 86.64 2.15
N GLN U 49 17.16 86.72 3.19
CA GLN U 49 15.78 86.28 3.02
C GLN U 49 15.01 87.21 2.09
N LEU U 50 15.11 88.53 2.30
CA LEU U 50 14.26 89.47 1.59
C LEU U 50 14.75 89.74 0.17
N LYS U 51 15.96 90.27 0.03
CA LYS U 51 16.51 90.67 -1.26
C LYS U 51 17.58 89.68 -1.71
N LYS U 52 18.01 89.85 -2.96
CA LYS U 52 19.14 89.08 -3.51
C LYS U 52 20.43 89.73 -3.06
N MET U 53 20.90 89.35 -1.87
CA MET U 53 22.13 89.94 -1.33
C MET U 53 22.73 88.97 -0.32
N LYS U 54 23.96 88.53 -0.58
CA LYS U 54 24.73 87.75 0.36
C LYS U 54 25.89 88.59 0.89
N LYS U 55 26.60 88.04 1.88
CA LYS U 55 27.68 88.78 2.54
C LYS U 55 28.86 89.00 1.60
N SER U 56 29.17 88.00 0.77
CA SER U 56 30.27 88.17 -0.18
C SER U 56 29.85 88.98 -1.40
N SER U 57 28.55 89.02 -1.71
CA SER U 57 28.03 89.82 -2.80
C SER U 57 27.43 91.13 -2.31
N GLY U 58 27.98 91.69 -1.24
CA GLY U 58 27.48 92.94 -0.72
C GLY U 58 28.38 93.44 0.39
N GLU U 59 27.97 94.55 1.00
CA GLU U 59 28.70 95.12 2.11
C GLU U 59 27.74 95.84 3.04
N ILE U 60 28.04 95.77 4.34
CA ILE U 60 27.33 96.56 5.33
C ILE U 60 27.99 97.93 5.40
N VAL U 61 27.18 98.96 5.17
CA VAL U 61 27.68 100.33 5.09
C VAL U 61 27.97 100.87 6.48
N TYR U 62 27.04 100.68 7.42
CA TYR U 62 27.25 101.12 8.79
C TYR U 62 26.41 100.28 9.74
N CYS U 63 27.04 99.80 10.81
CA CYS U 63 26.38 99.07 11.89
C CYS U 63 26.63 99.82 13.19
N GLY U 64 25.57 100.41 13.75
CA GLY U 64 25.74 101.18 14.97
C GLY U 64 24.61 101.02 15.98
N GLN U 65 24.96 100.97 17.25
CA GLN U 65 23.95 100.81 18.30
C GLN U 65 23.14 102.08 18.48
N VAL U 66 21.83 101.95 18.43
CA VAL U 66 20.92 103.07 18.71
C VAL U 66 20.47 102.96 20.16
N PHE U 67 20.44 104.09 20.84
CA PHE U 67 20.11 104.13 22.26
C PHE U 67 18.70 104.64 22.46
N GLU U 68 18.18 104.43 23.66
CA GLU U 68 16.82 104.82 23.98
C GLU U 68 16.74 106.34 24.13
N LYS U 69 15.81 106.96 23.39
CA LYS U 69 15.67 108.41 23.43
C LYS U 69 15.03 108.91 24.72
N SER U 70 14.39 108.04 25.50
CA SER U 70 13.88 108.40 26.82
C SER U 70 13.94 107.17 27.71
N PRO U 71 15.10 106.89 28.31
CA PRO U 71 15.24 105.69 29.13
C PRO U 71 14.57 105.77 30.50
N LEU U 72 14.17 106.96 30.94
CA LEU U 72 13.60 107.15 32.26
C LEU U 72 12.08 107.15 32.25
N ARG U 73 11.46 106.98 31.09
CA ARG U 73 10.01 107.00 30.94
C ARG U 73 9.53 105.58 30.63
N VAL U 74 8.62 105.07 31.47
CA VAL U 74 8.08 103.74 31.24
C VAL U 74 7.12 103.77 30.06
N LYS U 75 7.22 102.77 29.19
CA LYS U 75 6.47 102.74 27.95
C LYS U 75 5.91 101.34 27.70
N ASN U 76 4.84 101.29 26.92
CA ASN U 76 4.30 100.03 26.46
C ASN U 76 4.86 99.73 25.07
N PHE U 77 5.16 98.46 24.83
CA PHE U 77 5.77 98.05 23.56
C PHE U 77 4.98 96.90 22.97
N GLY U 78 4.50 97.08 21.75
CA GLY U 78 3.87 96.02 20.99
C GLY U 78 4.84 95.48 19.97
N ILE U 79 5.12 94.19 20.07
CA ILE U 79 6.11 93.52 19.26
C ILE U 79 5.42 92.45 18.41
N TRP U 80 5.71 92.45 17.12
CA TRP U 80 5.14 91.48 16.19
C TRP U 80 6.12 90.34 15.98
N LEU U 81 5.63 89.11 16.10
CA LEU U 81 6.47 87.92 16.18
C LEU U 81 6.17 86.96 15.04
N ARG U 82 7.22 86.30 14.56
CA ARG U 82 7.10 85.22 13.58
C ARG U 82 8.01 84.10 14.06
N TYR U 83 7.45 83.12 14.76
CA TYR U 83 8.27 82.07 15.36
C TYR U 83 7.93 80.73 14.71
N ASP U 84 8.68 79.71 15.10
CA ASP U 84 8.55 78.37 14.54
C ASP U 84 8.32 77.38 15.68
N SER U 85 7.26 76.59 15.58
CA SER U 85 6.91 75.62 16.60
C SER U 85 7.51 74.26 16.25
N ARG U 86 7.08 73.23 16.98
CA ARG U 86 7.27 71.86 16.50
C ARG U 86 6.46 71.61 15.23
N SER U 87 5.30 72.25 15.12
CA SER U 87 4.55 72.33 13.88
C SER U 87 5.07 73.49 13.04
N GLY U 88 4.30 73.91 12.03
CA GLY U 88 4.68 75.02 11.18
C GLY U 88 4.78 76.37 11.89
N THR U 89 5.27 77.38 11.16
CA THR U 89 5.55 78.68 11.75
C THR U 89 4.28 79.44 12.05
N HIS U 90 4.27 80.14 13.18
CA HIS U 90 3.12 80.91 13.64
C HIS U 90 3.49 82.38 13.78
N ASN U 91 2.46 83.22 13.79
CA ASN U 91 2.60 84.66 13.96
C ASN U 91 1.92 85.08 15.25
N MET U 92 2.52 86.06 15.95
CA MET U 92 1.96 86.54 17.20
C MET U 92 2.10 88.05 17.32
N TYR U 93 1.43 88.60 18.33
CA TYR U 93 1.54 90.00 18.72
C TYR U 93 1.57 90.04 20.24
N ARG U 94 2.67 90.52 20.81
CA ARG U 94 2.82 90.60 22.25
C ARG U 94 2.92 92.05 22.70
N GLU U 95 2.54 92.30 23.95
CA GLU U 95 2.66 93.61 24.55
C GLU U 95 3.40 93.48 25.87
N TYR U 96 4.37 94.37 26.09
CA TYR U 96 5.11 94.38 27.34
C TYR U 96 5.21 95.82 27.82
N ARG U 97 5.75 95.97 29.03
CA ARG U 97 5.87 97.27 29.68
C ARG U 97 7.25 97.37 30.29
N ASP U 98 8.15 98.10 29.63
CA ASP U 98 9.54 98.22 30.06
C ASP U 98 10.02 99.61 29.65
N LEU U 99 11.24 99.96 30.08
CA LEU U 99 11.78 101.28 29.81
C LEU U 99 12.30 101.40 28.39
N THR U 100 13.04 100.38 27.93
CA THR U 100 13.75 100.43 26.67
C THR U 100 13.19 99.41 25.68
N THR U 101 13.42 99.69 24.39
CA THR U 101 13.00 98.78 23.33
C THR U 101 13.76 97.46 23.41
N ALA U 102 15.08 97.53 23.60
CA ALA U 102 15.89 96.32 23.73
C ALA U 102 15.55 95.53 24.98
N GLY U 103 15.17 96.22 26.06
CA GLY U 103 14.71 95.54 27.25
C GLY U 103 13.38 94.82 27.04
N ALA U 104 12.46 95.46 26.30
CA ALA U 104 11.20 94.81 25.97
C ALA U 104 11.40 93.61 25.05
N VAL U 105 12.35 93.70 24.12
CA VAL U 105 12.62 92.57 23.23
C VAL U 105 13.33 91.44 24.00
N THR U 106 14.16 91.79 24.99
CA THR U 106 14.76 90.78 25.87
C THR U 106 13.69 90.05 26.66
N GLN U 107 12.75 90.81 27.24
CA GLN U 107 11.61 90.22 27.94
C GLN U 107 10.75 89.38 27.00
N CYS U 108 10.68 89.76 25.72
CA CYS U 108 9.95 88.96 24.74
C CYS U 108 10.65 87.64 24.45
N TYR U 109 11.99 87.65 24.33
CA TYR U 109 12.72 86.39 24.12
C TYR U 109 12.60 85.45 25.32
N ARG U 110 12.74 85.99 26.53
CA ARG U 110 12.58 85.15 27.73
C ARG U 110 11.14 84.65 27.87
N ASP U 111 10.15 85.46 27.50
CA ASP U 111 8.77 85.03 27.61
C ASP U 111 8.42 83.99 26.55
N MET U 112 8.97 84.12 25.34
CA MET U 112 8.74 83.10 24.32
C MET U 112 9.41 81.79 24.68
N GLY U 113 10.64 81.84 25.20
CA GLY U 113 11.28 80.63 25.69
C GLY U 113 10.58 80.00 26.86
N ALA U 114 9.93 80.82 27.70
CA ALA U 114 9.23 80.30 28.86
C ALA U 114 7.89 79.69 28.48
N ARG U 115 7.12 80.36 27.62
CA ARG U 115 5.78 79.90 27.31
C ARG U 115 5.78 78.83 26.21
N HIS U 116 6.45 79.08 25.08
CA HIS U 116 6.26 78.28 23.90
C HIS U 116 7.50 77.54 23.44
N ARG U 117 8.60 77.61 24.21
CA ARG U 117 9.92 77.04 23.86
C ARG U 117 10.42 77.55 22.50
N ALA U 118 10.16 78.82 22.23
CA ALA U 118 10.64 79.44 21.00
C ALA U 118 12.07 79.92 21.24
N ARG U 119 13.03 79.34 20.52
CA ARG U 119 14.42 79.70 20.72
C ARG U 119 14.79 80.88 19.83
N ALA U 120 15.94 81.49 20.14
CA ALA U 120 16.37 82.72 19.48
C ALA U 120 16.74 82.50 18.02
N HIS U 121 16.99 81.26 17.61
CA HIS U 121 17.19 80.95 16.20
C HIS U 121 15.89 80.77 15.46
N SER U 122 14.79 80.47 16.16
CA SER U 122 13.49 80.31 15.54
C SER U 122 12.62 81.55 15.61
N ILE U 123 12.96 82.51 16.47
CA ILE U 123 12.20 83.75 16.61
C ILE U 123 12.71 84.78 15.61
N GLN U 124 11.80 85.32 14.80
CA GLN U 124 12.08 86.42 13.90
C GLN U 124 11.28 87.63 14.35
N ILE U 125 11.96 88.67 14.84
CA ILE U 125 11.30 89.89 15.27
C ILE U 125 10.89 90.67 14.03
N MET U 126 9.59 90.93 13.88
CA MET U 126 9.13 91.74 12.76
C MET U 126 9.42 93.21 13.02
N LYS U 127 8.74 93.78 14.03
CA LYS U 127 8.89 95.19 14.38
C LYS U 127 8.30 95.43 15.76
N VAL U 128 8.82 96.48 16.41
CA VAL U 128 8.40 96.91 17.74
C VAL U 128 7.89 98.33 17.62
N GLU U 129 6.72 98.60 18.21
CA GLU U 129 6.14 99.93 18.20
C GLU U 129 5.78 100.34 19.62
N GLU U 130 6.11 101.57 19.98
CA GLU U 130 5.71 102.11 21.28
C GLU U 130 4.24 102.50 21.25
N ILE U 131 3.56 102.26 22.37
CA ILE U 131 2.12 102.40 22.48
C ILE U 131 1.82 103.38 23.62
N ALA U 132 0.78 104.18 23.45
CA ALA U 132 0.29 105.05 24.52
C ALA U 132 -0.57 104.25 25.50
N ALA U 133 -1.31 104.94 26.37
CA ALA U 133 -2.14 104.28 27.35
C ALA U 133 -3.32 103.55 26.72
N SER U 134 -3.81 104.04 25.58
CA SER U 134 -4.82 103.34 24.81
C SER U 134 -4.13 102.39 23.83
N LYS U 135 -4.90 101.82 22.90
CA LYS U 135 -4.43 100.92 21.84
C LYS U 135 -3.73 99.67 22.38
N CYS U 136 -4.11 99.23 23.57
CA CYS U 136 -3.57 98.01 24.18
C CYS U 136 -4.66 96.95 24.23
N ARG U 137 -4.29 95.71 23.90
CA ARG U 137 -5.24 94.62 23.84
C ARG U 137 -4.93 93.48 24.80
N ARG U 138 -4.00 93.66 25.72
CA ARG U 138 -3.66 92.60 26.64
C ARG U 138 -3.99 93.00 28.08
N PRO U 139 -4.73 92.16 28.81
CA PRO U 139 -5.15 92.56 30.16
C PRO U 139 -4.02 92.59 31.17
N ALA U 140 -2.97 91.77 30.98
CA ALA U 140 -1.81 91.81 31.88
C ALA U 140 -1.04 93.11 31.75
N VAL U 141 -1.12 93.78 30.61
CA VAL U 141 -0.55 95.11 30.46
C VAL U 141 -1.53 96.18 30.90
N LYS U 142 -2.81 96.00 30.59
CA LYS U 142 -3.82 97.02 30.90
C LYS U 142 -4.16 97.09 32.38
N GLN U 143 -3.79 96.08 33.17
CA GLN U 143 -4.06 96.14 34.61
C GLN U 143 -3.12 97.12 35.32
N PHE U 144 -2.02 97.51 34.69
CA PHE U 144 -1.09 98.47 35.26
C PHE U 144 -1.39 99.90 34.85
N HIS U 145 -2.49 100.13 34.12
CA HIS U 145 -2.93 101.48 33.77
C HIS U 145 -3.86 101.98 34.86
N ASP U 146 -3.26 102.65 35.85
CA ASP U 146 -3.99 103.22 36.95
C ASP U 146 -3.29 104.50 37.39
N SER U 147 -4.07 105.53 37.68
CA SER U 147 -3.51 106.78 38.17
C SER U 147 -2.98 106.62 39.59
N LYS U 148 -3.76 105.97 40.45
CA LYS U 148 -3.36 105.68 41.82
C LYS U 148 -3.38 104.16 41.98
N ILE U 149 -2.27 103.53 41.61
CA ILE U 149 -2.13 102.09 41.75
C ILE U 149 -1.76 101.77 43.20
N LYS U 150 -2.26 100.65 43.70
CA LYS U 150 -2.15 100.35 45.13
C LYS U 150 -2.19 98.84 45.31
N PHE U 151 -1.08 98.28 45.81
CA PHE U 151 -1.01 96.86 46.12
C PHE U 151 0.08 96.65 47.15
N PRO U 152 -0.11 95.74 48.11
CA PRO U 152 0.97 95.45 49.05
C PRO U 152 1.95 94.43 48.47
N LEU U 153 2.91 94.02 49.30
CA LEU U 153 3.76 92.88 48.97
C LEU U 153 3.36 91.75 49.91
N PRO U 154 2.28 91.00 49.58
CA PRO U 154 1.57 90.21 50.60
C PRO U 154 2.35 89.06 51.20
N HIS U 155 2.80 88.11 50.38
CA HIS U 155 3.63 87.01 50.87
C HIS U 155 5.08 87.29 50.51
N ARG U 156 5.66 88.25 51.24
CA ARG U 156 7.03 88.65 51.00
C ARG U 156 7.93 87.65 51.71
N VAL U 157 8.19 86.54 51.02
CA VAL U 157 9.03 85.49 51.55
C VAL U 157 10.48 85.95 51.58
N LEU U 158 11.19 85.62 52.66
CA LEU U 158 12.51 86.19 52.84
C LEU U 158 13.55 85.40 52.07
N ARG U 159 14.67 86.06 51.82
CA ARG U 159 15.88 85.45 51.28
C ARG U 159 17.00 85.69 52.28
N ARG U 160 18.23 85.39 51.86
CA ARG U 160 19.41 85.27 52.72
C ARG U 160 19.15 84.24 53.81
N GLN U 161 19.04 83.00 53.34
CA GLN U 161 18.70 81.87 54.20
C GLN U 161 19.92 81.28 54.89
N HIS U 162 21.10 81.48 54.30
CA HIS U 162 22.29 80.71 54.67
C HIS U 162 23.32 81.49 55.46
N LYS U 163 23.39 82.81 55.33
CA LYS U 163 24.04 83.60 56.36
C LYS U 163 23.19 83.47 57.63
N PRO U 164 23.83 83.52 58.82
CA PRO U 164 23.84 82.36 59.72
C PRO U 164 22.63 81.43 59.63
N ARG U 165 22.94 80.18 59.27
CA ARG U 165 21.92 79.23 58.86
C ARG U 165 21.14 78.69 60.04
N PHE U 166 21.79 78.46 61.17
CA PHE U 166 21.16 77.87 62.34
C PHE U 166 20.77 78.98 63.29
N THR U 167 19.48 79.25 63.39
CA THR U 167 19.00 80.38 64.19
C THR U 167 17.89 79.91 65.11
N THR U 168 17.60 80.75 66.11
CA THR U 168 16.53 80.45 67.05
C THR U 168 15.19 81.00 66.57
N LYS U 169 15.19 82.23 66.07
CA LYS U 169 13.95 82.86 65.61
C LYS U 169 13.45 82.23 64.33
N ARG U 170 12.19 81.82 64.33
CA ARG U 170 11.56 81.43 63.08
C ARG U 170 11.30 82.68 62.24
N PRO U 171 11.62 82.65 60.94
CA PRO U 171 11.64 83.89 60.17
C PRO U 171 10.26 84.45 59.86
N ASN U 172 10.16 85.77 59.80
CA ASN U 172 8.91 86.48 59.60
C ASN U 172 8.75 86.80 58.12
N THR U 173 7.51 86.99 57.70
CA THR U 173 7.21 87.28 56.30
C THR U 173 6.20 88.40 56.11
N PHE U 174 5.64 88.95 57.19
CA PHE U 174 4.66 90.03 57.09
C PHE U 174 5.39 91.36 57.20
N PHE U 175 5.61 92.02 56.07
CA PHE U 175 6.32 93.30 56.08
C PHE U 175 5.62 94.32 55.19
N THR V 1 29.51 41.39 -7.99
CA THR V 1 30.38 42.43 -8.51
C THR V 1 29.86 42.95 -9.84
N ASN V 2 30.51 44.00 -10.35
CA ASN V 2 30.14 44.57 -11.64
C ASN V 2 30.84 43.81 -12.75
N THR V 3 30.75 44.33 -13.97
CA THR V 3 31.47 43.79 -15.10
C THR V 3 32.67 44.68 -15.43
N LYS V 4 33.64 44.10 -16.11
CA LYS V 4 34.91 44.77 -16.42
C LYS V 4 34.96 45.25 -17.86
N GLY V 5 33.82 45.68 -18.41
CA GLY V 5 33.78 46.09 -19.80
C GLY V 5 34.42 47.44 -20.04
N LYS V 6 34.75 47.68 -21.32
CA LYS V 6 35.43 48.92 -21.68
C LYS V 6 34.49 50.12 -21.65
N ARG V 7 33.22 49.93 -22.00
CA ARG V 7 32.23 50.99 -22.02
C ARG V 7 31.13 50.77 -20.98
N ARG V 8 31.54 50.32 -19.79
CA ARG V 8 30.60 50.08 -18.69
C ARG V 8 30.19 51.42 -18.09
N GLY V 9 28.92 51.76 -18.23
CA GLY V 9 28.43 53.01 -17.67
C GLY V 9 28.80 54.25 -18.45
N THR V 10 28.83 54.16 -19.77
CA THR V 10 29.12 55.29 -20.64
C THR V 10 27.87 55.75 -21.40
N ARG V 11 26.73 55.74 -20.71
CA ARG V 11 25.47 56.14 -21.35
C ARG V 11 25.44 57.64 -21.61
N TYR V 12 25.98 58.43 -20.69
CA TYR V 12 26.02 59.88 -20.85
C TYR V 12 27.40 60.39 -21.21
N MET V 13 28.46 59.63 -20.91
CA MET V 13 29.82 60.09 -21.17
C MET V 13 30.12 60.06 -22.65
N PHE V 14 30.01 58.89 -23.27
CA PHE V 14 30.31 58.72 -24.69
C PHE V 14 29.06 58.91 -25.54
N SER V 15 28.36 60.03 -25.32
CA SER V 15 27.15 60.35 -26.03
C SER V 15 27.23 61.79 -26.54
N ARG V 16 26.39 62.09 -27.47
CA ARG V 16 26.35 63.42 -28.06
C ARG V 16 25.33 64.29 -27.33
N PRO V 17 25.59 65.59 -27.21
CA PRO V 17 24.64 66.48 -26.52
C PRO V 17 23.38 66.72 -27.35
N PHE V 18 22.46 67.47 -26.75
CA PHE V 18 21.12 67.62 -27.31
C PHE V 18 21.14 68.55 -28.52
N ARG V 19 20.51 68.09 -29.61
CA ARG V 19 20.47 68.76 -30.92
C ARG V 19 21.86 69.06 -31.47
N LYS V 20 22.83 68.20 -31.17
CA LYS V 20 24.18 68.30 -31.73
C LYS V 20 24.63 66.95 -32.26
N HIS V 21 23.69 66.13 -32.73
CA HIS V 21 23.99 64.86 -33.36
C HIS V 21 24.40 65.09 -34.81
N GLY V 22 24.65 64.01 -35.55
CA GLY V 22 24.86 64.11 -36.97
C GLY V 22 26.30 64.14 -37.43
N VAL V 23 26.57 64.91 -38.48
CA VAL V 23 27.90 64.98 -39.07
C VAL V 23 28.83 65.77 -38.17
N VAL V 24 30.00 65.19 -37.89
CA VAL V 24 31.04 65.92 -37.14
C VAL V 24 31.57 67.05 -38.03
N PRO V 25 31.67 68.27 -37.52
CA PRO V 25 32.17 69.37 -38.35
C PRO V 25 33.65 69.24 -38.64
N LEU V 26 34.07 69.87 -39.74
CA LEU V 26 35.33 69.55 -40.38
C LEU V 26 36.53 70.29 -39.81
N ALA V 27 36.32 71.44 -39.15
CA ALA V 27 37.42 72.10 -38.46
C ALA V 27 37.93 71.25 -37.31
N THR V 28 37.03 70.49 -36.66
CA THR V 28 37.41 69.54 -35.63
C THR V 28 38.32 68.46 -36.19
N TYR V 29 38.06 68.02 -37.42
CA TYR V 29 38.99 67.11 -38.10
C TYR V 29 40.31 67.77 -38.41
N MET V 30 40.32 69.07 -38.74
CA MET V 30 41.54 69.70 -39.22
C MET V 30 42.15 70.69 -38.21
N ARG V 31 41.97 70.47 -36.91
CA ARG V 31 42.90 71.06 -35.95
C ARG V 31 44.30 70.50 -36.15
N ILE V 32 45.32 71.30 -35.85
CA ILE V 32 46.71 70.85 -35.90
C ILE V 32 47.22 70.64 -34.48
N TYR V 33 48.18 69.73 -34.33
CA TYR V 33 48.72 69.38 -33.02
C TYR V 33 50.21 69.13 -33.15
N LYS V 34 50.99 69.76 -32.26
CA LYS V 34 52.43 69.62 -32.24
C LYS V 34 52.84 68.78 -31.04
N LYS V 35 54.14 68.54 -30.90
CA LYS V 35 54.66 67.87 -29.72
C LYS V 35 54.68 68.81 -28.53
N GLY V 36 54.23 68.31 -27.37
CA GLY V 36 54.23 69.09 -26.16
C GLY V 36 53.03 69.99 -25.96
N ASP V 37 52.00 69.87 -26.79
CA ASP V 37 50.81 70.69 -26.62
C ASP V 37 49.95 70.17 -25.48
N ILE V 38 49.48 71.08 -24.64
CA ILE V 38 48.60 70.72 -23.53
C ILE V 38 47.19 70.52 -24.07
N VAL V 39 46.67 69.30 -23.89
CA VAL V 39 45.49 68.82 -24.60
C VAL V 39 44.57 68.12 -23.60
N ASP V 40 43.31 68.56 -23.55
CA ASP V 40 42.27 67.87 -22.78
C ASP V 40 41.55 66.85 -23.65
N ILE V 41 40.92 65.87 -23.00
CA ILE V 41 40.27 64.75 -23.70
C ILE V 41 38.78 64.77 -23.38
N LYS V 42 37.96 64.76 -24.43
CA LYS V 42 36.51 64.64 -24.30
C LYS V 42 36.03 63.62 -25.34
N GLY V 43 35.45 62.52 -24.88
CA GLY V 43 35.04 61.47 -25.78
C GLY V 43 33.80 61.85 -26.57
N MET V 44 33.75 61.38 -27.81
CA MET V 44 32.65 61.64 -28.73
C MET V 44 32.03 60.31 -29.15
N GLY V 45 30.69 60.25 -29.13
CA GLY V 45 30.01 59.01 -29.41
C GLY V 45 29.91 58.64 -30.88
N THR V 46 30.07 59.62 -31.78
CA THR V 46 29.94 59.35 -33.22
C THR V 46 31.14 58.54 -33.73
N VAL V 47 32.33 59.09 -33.59
CA VAL V 47 33.54 58.39 -34.02
C VAL V 47 33.92 57.39 -32.93
N GLN V 48 34.06 56.11 -33.34
CA GLN V 48 34.14 55.01 -32.39
C GLN V 48 35.47 54.29 -32.41
N LYS V 49 36.21 54.38 -33.51
CA LYS V 49 37.59 53.91 -33.55
C LYS V 49 38.50 54.95 -32.92
N GLY V 50 39.54 54.49 -32.23
CA GLY V 50 40.44 55.42 -31.57
C GLY V 50 39.87 56.08 -30.35
N MET V 51 38.80 55.53 -29.79
CA MET V 51 38.15 56.14 -28.63
C MET V 51 38.96 55.85 -27.37
N PRO V 52 39.22 56.85 -26.54
CA PRO V 52 39.93 56.61 -25.28
C PRO V 52 39.03 55.91 -24.27
N HIS V 53 39.66 55.45 -23.19
CA HIS V 53 38.90 54.83 -22.13
C HIS V 53 38.22 55.89 -21.28
N LYS V 54 37.15 55.49 -20.60
CA LYS V 54 36.31 56.41 -19.84
C LYS V 54 37.00 56.99 -18.61
N CYS V 55 38.13 56.45 -18.18
CA CYS V 55 38.91 57.02 -17.11
C CYS V 55 39.83 58.15 -17.58
N TYR V 56 39.75 58.53 -18.86
CA TYR V 56 40.49 59.67 -19.38
C TYR V 56 39.57 60.79 -19.84
N HIS V 57 38.25 60.62 -19.72
CA HIS V 57 37.27 61.61 -20.14
C HIS V 57 37.34 62.80 -19.21
N GLY V 58 37.87 63.93 -19.71
CA GLY V 58 38.06 65.10 -18.90
C GLY V 58 39.48 65.30 -18.40
N LYS V 59 40.38 64.37 -18.67
CA LYS V 59 41.77 64.48 -18.25
C LYS V 59 42.60 65.21 -19.31
N THR V 60 43.71 65.78 -18.87
CA THR V 60 44.52 66.67 -19.69
C THR V 60 45.98 66.23 -19.62
N GLY V 61 46.59 66.01 -20.79
CA GLY V 61 47.99 65.63 -20.86
C GLY V 61 48.77 66.38 -21.91
N ARG V 62 50.00 65.94 -22.18
CA ARG V 62 50.84 66.55 -23.21
C ARG V 62 51.07 65.54 -24.33
N VAL V 63 51.25 66.07 -25.53
CA VAL V 63 51.35 65.27 -26.75
C VAL V 63 52.80 64.84 -26.95
N TYR V 64 53.01 63.53 -27.14
CA TYR V 64 54.34 63.00 -27.40
C TYR V 64 54.52 62.49 -28.83
N ASN V 65 53.44 62.04 -29.48
CA ASN V 65 53.50 61.45 -30.80
C ASN V 65 52.32 61.97 -31.61
N VAL V 66 52.58 62.36 -32.86
CA VAL V 66 51.54 62.81 -33.78
C VAL V 66 51.60 61.91 -34.99
N THR V 67 50.63 61.02 -35.12
CA THR V 67 50.55 60.10 -36.24
C THR V 67 49.71 60.73 -37.36
N GLN V 68 49.28 59.92 -38.33
CA GLN V 68 48.59 60.44 -39.51
C GLN V 68 47.22 61.02 -39.15
N HIS V 69 46.34 60.20 -38.60
CA HIS V 69 45.04 60.70 -38.15
C HIS V 69 44.74 60.27 -36.72
N ALA V 70 45.76 60.34 -35.86
CA ALA V 70 45.59 60.18 -34.42
C ALA V 70 46.71 60.93 -33.72
N VAL V 71 46.55 61.09 -32.41
CA VAL V 71 47.48 61.84 -31.57
C VAL V 71 47.80 61.01 -30.34
N GLY V 72 49.08 60.76 -30.08
CA GLY V 72 49.50 60.16 -28.84
C GLY V 72 49.68 61.23 -27.77
N ILE V 73 49.29 60.91 -26.55
CA ILE V 73 49.26 61.87 -25.46
C ILE V 73 49.67 61.20 -24.15
N VAL V 74 50.50 61.91 -23.37
CA VAL V 74 50.98 61.43 -22.07
C VAL V 74 50.07 62.02 -21.01
N VAL V 75 49.13 61.21 -20.52
CA VAL V 75 48.17 61.65 -19.52
C VAL V 75 48.59 61.15 -18.15
N ASN V 76 47.94 61.66 -17.11
CA ASN V 76 48.25 61.31 -15.73
C ASN V 76 47.09 60.54 -15.12
N LYS V 77 47.33 59.27 -14.79
CA LYS V 77 46.30 58.42 -14.19
C LYS V 77 46.73 58.04 -12.78
N GLN V 78 45.86 58.29 -11.81
CA GLN V 78 46.14 57.91 -10.43
C GLN V 78 45.70 56.48 -10.20
N VAL V 79 46.64 55.53 -10.27
CA VAL V 79 46.29 54.14 -10.02
C VAL V 79 46.49 53.86 -8.55
N LYS V 80 45.55 54.34 -7.73
CA LYS V 80 45.32 54.05 -6.33
C LYS V 80 46.41 54.48 -5.36
N GLY V 81 47.65 54.67 -5.80
CA GLY V 81 48.67 54.99 -4.81
C GLY V 81 49.75 55.90 -5.35
N LYS V 82 49.63 56.22 -6.63
CA LYS V 82 50.67 56.92 -7.36
C LYS V 82 50.05 57.42 -8.66
N ILE V 83 50.59 58.52 -9.16
CA ILE V 83 50.16 59.10 -10.43
C ILE V 83 51.14 58.66 -11.49
N LEU V 84 50.63 58.03 -12.54
CA LEU V 84 51.46 57.48 -13.60
C LEU V 84 51.27 58.31 -14.87
N ALA V 85 52.39 58.76 -15.44
CA ALA V 85 52.39 59.42 -16.73
C ALA V 85 52.40 58.35 -17.81
N LYS V 86 51.22 58.03 -18.32
CA LYS V 86 51.05 56.92 -19.23
C LYS V 86 50.56 57.41 -20.59
N ARG V 87 50.93 56.68 -21.63
CA ARG V 87 50.80 57.15 -23.01
C ARG V 87 49.64 56.44 -23.68
N ILE V 88 48.67 57.22 -24.17
CA ILE V 88 47.50 56.67 -24.86
C ILE V 88 47.38 57.32 -26.23
N ASN V 89 46.91 56.53 -27.19
CA ASN V 89 46.75 56.94 -28.57
C ASN V 89 45.28 57.24 -28.82
N VAL V 90 44.94 58.51 -28.97
CA VAL V 90 43.55 58.97 -29.07
C VAL V 90 43.38 59.65 -30.42
N ARG V 91 42.32 59.29 -31.14
CA ARG V 91 42.00 59.86 -32.43
C ARG V 91 41.57 61.32 -32.25
N ILE V 92 41.54 62.06 -33.37
CA ILE V 92 41.47 63.53 -33.39
C ILE V 92 40.16 64.02 -32.80
N GLU V 93 39.06 63.33 -33.09
CA GLU V 93 37.73 63.85 -32.77
C GLU V 93 37.42 63.79 -31.29
N HIS V 94 38.16 62.98 -30.53
CA HIS V 94 38.02 62.91 -29.08
C HIS V 94 38.95 63.88 -28.36
N ILE V 95 39.44 64.90 -29.07
CA ILE V 95 40.55 65.74 -28.62
C ILE V 95 40.25 67.19 -28.96
N LYS V 96 40.37 68.07 -27.96
CA LYS V 96 40.34 69.51 -28.16
C LYS V 96 41.67 70.11 -27.71
N HIS V 97 41.77 71.44 -27.79
CA HIS V 97 42.89 72.17 -27.21
C HIS V 97 42.51 72.65 -25.81
N SER V 98 43.46 72.55 -24.88
CA SER V 98 43.27 73.03 -23.53
C SER V 98 43.72 74.48 -23.45
N LYS V 99 42.80 75.38 -23.09
CA LYS V 99 43.10 76.80 -23.00
C LYS V 99 43.60 77.21 -21.61
N SER V 100 44.03 76.25 -20.79
CA SER V 100 44.65 76.58 -19.52
C SER V 100 46.06 77.12 -19.69
N ARG V 101 46.71 76.81 -20.80
CA ARG V 101 48.05 77.30 -21.10
C ARG V 101 48.02 78.64 -21.81
N ASP V 102 46.90 78.98 -22.48
CA ASP V 102 46.85 80.18 -23.30
C ASP V 102 46.87 81.45 -22.46
N SER V 103 46.17 81.45 -21.32
CA SER V 103 46.21 82.60 -20.42
C SER V 103 47.59 82.76 -19.80
N PHE V 104 48.27 81.65 -19.52
CA PHE V 104 49.65 81.71 -19.05
C PHE V 104 50.59 82.27 -20.09
N LEU V 105 50.40 81.89 -21.36
CA LEU V 105 51.26 82.40 -22.43
C LEU V 105 51.02 83.89 -22.69
N LYS V 106 49.76 84.32 -22.59
CA LYS V 106 49.48 85.75 -22.72
C LYS V 106 50.01 86.54 -21.53
N ARG V 107 50.00 85.95 -20.34
CA ARG V 107 50.59 86.63 -19.19
C ARG V 107 52.12 86.69 -19.29
N VAL V 108 52.76 85.65 -19.84
CA VAL V 108 54.19 85.68 -20.09
C VAL V 108 54.54 86.74 -21.13
N LYS V 109 53.73 86.85 -22.18
CA LYS V 109 53.96 87.89 -23.20
C LYS V 109 53.78 89.29 -22.63
N GLU V 110 52.76 89.48 -21.78
CA GLU V 110 52.53 90.76 -21.13
C GLU V 110 53.65 91.10 -20.15
N ASN V 111 54.16 90.11 -19.42
CA ASN V 111 55.26 90.35 -18.50
C ASN V 111 56.56 90.65 -19.24
N ASP V 112 56.79 90.00 -20.38
CA ASP V 112 57.98 90.31 -21.18
C ASP V 112 57.89 91.71 -21.77
N GLN V 113 56.70 92.13 -22.20
CA GLN V 113 56.53 93.48 -22.72
C GLN V 113 56.69 94.52 -21.62
N LYS V 114 56.11 94.28 -20.45
CA LYS V 114 56.23 95.21 -19.32
C LYS V 114 57.58 95.13 -18.63
N LYS V 115 58.40 94.14 -18.96
CA LYS V 115 59.79 94.08 -18.51
C LYS V 115 60.73 94.82 -19.46
N LYS V 116 60.49 94.70 -20.77
CA LYS V 116 61.23 95.50 -21.73
C LYS V 116 60.89 96.98 -21.57
N GLU V 117 59.62 97.29 -21.30
CA GLU V 117 59.24 98.64 -20.92
C GLU V 117 59.69 98.90 -19.48
N ALA V 118 60.05 100.15 -19.21
CA ALA V 118 60.47 100.65 -17.89
C ALA V 118 61.71 99.91 -17.35
N LYS V 119 62.56 99.43 -18.25
CA LYS V 119 63.85 98.87 -17.87
C LYS V 119 64.95 99.92 -17.93
N GLU V 120 64.96 100.72 -18.99
CA GLU V 120 65.86 101.87 -19.08
C GLU V 120 65.36 103.05 -18.25
N LYS V 121 64.09 103.04 -17.83
CA LYS V 121 63.55 104.12 -17.04
C LYS V 121 64.00 104.06 -15.58
N GLY V 122 64.16 102.86 -15.04
CA GLY V 122 64.62 102.67 -13.68
C GLY V 122 63.52 102.35 -12.68
N THR V 123 62.26 102.38 -13.09
CA THR V 123 61.17 102.11 -12.18
C THR V 123 60.93 100.61 -12.06
N TRP V 124 60.52 100.18 -10.85
CA TRP V 124 60.25 98.78 -10.57
C TRP V 124 58.74 98.59 -10.52
N VAL V 125 58.21 97.81 -11.46
CA VAL V 125 56.78 97.55 -11.56
C VAL V 125 56.51 96.12 -11.13
N GLN V 126 55.48 95.94 -10.31
CA GLN V 126 55.11 94.62 -9.81
C GLN V 126 54.55 93.76 -10.94
N LEU V 127 55.20 92.61 -11.19
CA LEU V 127 54.81 91.73 -12.28
C LEU V 127 54.06 90.49 -11.82
N LYS V 128 54.09 90.17 -10.52
CA LYS V 128 53.42 88.99 -10.02
C LYS V 128 51.91 89.20 -9.98
N ARG V 129 51.17 88.10 -9.84
CA ARG V 129 49.76 88.21 -9.57
C ARG V 129 49.55 88.48 -8.07
N GLN V 130 48.32 88.84 -7.72
CA GLN V 130 48.00 89.11 -6.34
C GLN V 130 46.52 88.78 -6.17
N PRO V 131 46.13 88.12 -5.08
CA PRO V 131 44.70 87.78 -4.88
C PRO V 131 43.81 88.98 -4.58
N ALA V 132 42.54 88.72 -4.29
CA ALA V 132 41.56 89.77 -4.06
C ALA V 132 41.88 90.55 -2.79
N PRO V 133 42.23 91.83 -2.88
CA PRO V 133 42.67 92.56 -1.70
C PRO V 133 41.48 93.00 -0.86
N PRO V 134 41.71 93.59 0.31
CA PRO V 134 40.63 94.35 0.97
C PRO V 134 40.17 95.51 0.11
N ARG V 135 38.90 95.89 0.30
CA ARG V 135 38.15 96.60 -0.73
C ARG V 135 38.37 98.12 -0.74
N GLU V 136 39.48 98.60 -0.17
CA GLU V 136 40.00 99.96 -0.38
C GLU V 136 39.00 101.05 0.02
N ALA V 137 38.85 101.18 1.35
CA ALA V 137 37.87 102.00 2.08
C ALA V 137 37.51 103.34 1.46
N HIS V 138 36.20 103.60 1.35
CA HIS V 138 35.69 104.72 0.58
C HIS V 138 34.47 105.29 1.30
N PHE V 139 33.83 106.26 0.66
CA PHE V 139 32.61 106.89 1.15
C PHE V 139 31.42 106.33 0.40
N VAL V 140 30.37 105.97 1.12
CA VAL V 140 29.10 105.58 0.53
C VAL V 140 28.17 106.76 0.64
N ARG V 141 27.88 107.39 -0.49
CA ARG V 141 27.09 108.61 -0.52
C ARG V 141 25.61 108.31 -0.74
N THR V 142 24.78 109.26 -0.35
CA THR V 142 23.35 109.25 -0.71
C THR V 142 22.94 110.70 -0.95
N ASN V 143 21.99 110.90 -1.86
CA ASN V 143 21.58 112.25 -2.25
C ASN V 143 20.40 112.70 -1.41
N GLY V 144 20.64 112.85 -0.12
CA GLY V 144 19.65 113.36 0.81
C GLY V 144 18.70 112.34 1.41
N LYS V 145 18.33 111.32 0.63
CA LYS V 145 17.35 110.35 1.07
C LYS V 145 17.96 109.39 2.09
N GLU V 146 17.08 108.73 2.83
CA GLU V 146 17.42 107.77 3.86
C GLU V 146 17.39 106.36 3.28
N PRO V 147 18.08 105.40 3.91
CA PRO V 147 17.96 104.00 3.46
C PRO V 147 16.58 103.44 3.71
N GLU V 148 16.15 102.57 2.79
CA GLU V 148 14.82 101.98 2.85
C GLU V 148 14.75 100.95 3.96
N LEU V 149 13.77 101.11 4.85
CA LEU V 149 13.62 100.21 5.98
C LEU V 149 13.05 98.88 5.52
N LEU V 150 13.83 97.81 5.66
CA LEU V 150 13.33 96.48 5.37
C LEU V 150 12.56 95.91 6.55
N GLU V 151 11.58 95.08 6.24
CA GLU V 151 10.67 94.53 7.23
C GLU V 151 10.58 93.02 7.02
N PRO V 152 10.73 92.22 8.07
CA PRO V 152 10.44 90.78 7.95
C PRO V 152 8.96 90.57 7.68
N ILE V 153 8.66 89.83 6.61
CA ILE V 153 7.30 89.68 6.10
C ILE V 153 6.49 88.80 7.04
N PRO V 154 5.19 89.06 7.20
CA PRO V 154 4.36 88.16 8.02
C PRO V 154 4.09 86.86 7.28
N TYR V 155 3.99 85.78 8.04
CA TYR V 155 3.81 84.45 7.46
C TYR V 155 2.38 84.21 7.02
N GLU V 156 2.21 83.60 5.86
CA GLU V 156 0.92 83.13 5.39
C GLU V 156 1.15 81.82 4.64
N PHE V 157 0.24 80.88 4.81
CA PHE V 157 0.44 79.52 4.31
C PHE V 157 0.16 79.47 2.81
N MET V 158 1.12 78.95 2.05
CA MET V 158 1.05 78.99 0.60
C MET V 158 0.06 77.95 0.05
N ALA V 159 0.18 76.70 0.48
CA ALA V 159 -0.60 75.61 -0.09
C ALA V 159 -2.05 75.61 0.39
N GLN W 1 14.77 -71.27 83.64
CA GLN W 1 15.92 -70.38 83.69
C GLN W 1 15.91 -69.54 84.96
N VAL W 2 17.01 -69.56 85.70
CA VAL W 2 17.13 -68.84 86.97
C VAL W 2 18.19 -67.77 86.81
N LEU W 3 17.82 -66.52 87.07
CA LEU W 3 18.74 -65.39 87.01
C LEU W 3 18.95 -64.88 88.44
N LYS W 4 20.19 -64.89 88.90
CA LYS W 4 20.55 -64.50 90.26
C LYS W 4 21.54 -63.35 90.19
N PHE W 5 21.08 -62.15 90.51
CA PHE W 5 21.90 -60.94 90.47
C PHE W 5 22.17 -60.48 91.89
N THR W 6 23.34 -59.86 92.11
CA THR W 6 23.68 -59.30 93.41
C THR W 6 23.95 -57.81 93.28
N LEU W 7 23.65 -57.06 94.34
CA LEU W 7 23.76 -55.60 94.34
C LEU W 7 24.44 -55.17 95.64
N ASP W 8 25.63 -55.72 95.90
CA ASP W 8 26.17 -55.62 97.25
C ASP W 8 26.72 -54.23 97.56
N CYS W 9 26.66 -53.87 98.84
CA CYS W 9 27.09 -52.57 99.36
C CYS W 9 27.73 -52.79 100.73
N THR W 10 29.06 -52.95 100.73
CA THR W 10 29.76 -53.18 101.99
C THR W 10 29.97 -51.89 102.75
N HIS W 11 30.51 -50.88 102.09
CA HIS W 11 30.84 -49.67 102.84
C HIS W 11 30.17 -48.37 102.37
N PRO W 12 28.87 -48.36 102.03
CA PRO W 12 28.03 -47.28 102.55
C PRO W 12 27.35 -47.73 103.84
N VAL W 13 27.27 -49.05 104.02
CA VAL W 13 26.57 -49.63 105.16
C VAL W 13 27.47 -49.67 106.38
N GLU W 14 28.71 -50.16 106.21
CA GLU W 14 29.66 -50.14 107.33
C GLU W 14 30.15 -48.73 107.65
N ASP W 15 30.03 -47.79 106.70
CA ASP W 15 30.34 -46.40 106.98
C ASP W 15 29.14 -45.61 107.49
N GLY W 16 27.93 -46.14 107.33
CA GLY W 16 26.76 -45.54 107.96
C GLY W 16 26.19 -44.33 107.26
N ILE W 17 25.76 -44.52 106.01
CA ILE W 17 25.10 -43.45 105.27
C ILE W 17 23.77 -43.88 104.66
N MET W 18 23.48 -45.18 104.58
CA MET W 18 22.22 -45.68 104.06
C MET W 18 21.77 -46.86 104.90
N ASP W 19 20.59 -47.38 104.61
CA ASP W 19 20.00 -48.47 105.38
C ASP W 19 19.44 -49.54 104.45
N ALA W 20 19.88 -50.78 104.67
CA ALA W 20 19.54 -51.88 103.77
C ALA W 20 18.07 -52.28 103.89
N ALA W 21 17.44 -52.04 105.04
CA ALA W 21 16.03 -52.34 105.19
C ALA W 21 15.17 -51.41 104.34
N ASN W 22 15.47 -50.11 104.36
CA ASN W 22 14.77 -49.17 103.50
C ASN W 22 15.12 -49.39 102.03
N PHE W 23 16.34 -49.84 101.74
CA PHE W 23 16.70 -50.16 100.36
C PHE W 23 15.93 -51.37 99.84
N GLU W 24 15.76 -52.40 100.68
CA GLU W 24 14.97 -53.57 100.29
C GLU W 24 13.50 -53.23 100.17
N GLN W 25 12.99 -52.33 101.04
CA GLN W 25 11.62 -51.86 100.91
C GLN W 25 11.41 -51.08 99.62
N PHE W 26 12.40 -50.26 99.24
CA PHE W 26 12.34 -49.52 97.98
C PHE W 26 12.37 -50.46 96.78
N LEU W 27 13.17 -51.52 96.84
CA LEU W 27 13.17 -52.51 95.76
C LEU W 27 11.85 -53.26 95.68
N GLN W 28 11.31 -53.69 96.82
CA GLN W 28 10.03 -54.40 96.83
C GLN W 28 8.86 -53.52 96.42
N GLU W 29 8.98 -52.20 96.54
CA GLU W 29 7.92 -51.31 96.07
C GLU W 29 8.14 -50.78 94.67
N ARG W 30 9.36 -50.87 94.11
CA ARG W 30 9.63 -50.27 92.81
C ARG W 30 10.08 -51.23 91.73
N ILE W 31 10.23 -52.53 92.01
CA ILE W 31 10.50 -53.47 90.92
C ILE W 31 9.21 -53.71 90.13
N LYS W 32 9.27 -53.43 88.83
CA LYS W 32 8.11 -53.53 87.94
C LYS W 32 8.28 -54.75 87.05
N VAL W 33 7.35 -55.71 87.16
CA VAL W 33 7.37 -56.92 86.35
C VAL W 33 6.09 -56.94 85.52
N ASN W 34 6.25 -56.98 84.18
CA ASN W 34 5.17 -56.95 83.20
C ASN W 34 4.29 -55.72 83.36
N GLY W 35 4.91 -54.57 83.58
CA GLY W 35 4.17 -53.34 83.73
C GLY W 35 3.41 -53.18 85.03
N LYS W 36 3.73 -53.99 86.05
CA LYS W 36 3.05 -53.93 87.32
C LYS W 36 4.09 -53.83 88.43
N ALA W 37 3.99 -52.80 89.26
CA ALA W 37 4.92 -52.62 90.36
C ALA W 37 4.47 -53.39 91.60
N GLY W 38 3.15 -53.54 91.78
CA GLY W 38 2.65 -54.27 92.91
C GLY W 38 2.79 -55.78 92.77
N ASN W 39 2.80 -56.45 93.92
CA ASN W 39 2.82 -57.89 94.12
C ASN W 39 4.11 -58.55 93.61
N LEU W 40 5.12 -57.75 93.25
CA LEU W 40 6.40 -58.19 92.66
C LEU W 40 6.20 -59.08 91.44
N GLY W 41 5.18 -58.76 90.64
CA GLY W 41 4.83 -59.59 89.50
C GLY W 41 4.31 -60.96 89.88
N GLY W 42 3.68 -61.07 91.05
CA GLY W 42 3.28 -62.38 91.54
C GLY W 42 4.41 -63.08 92.26
N GLY W 43 4.38 -64.41 92.22
CA GLY W 43 5.43 -65.20 92.83
C GLY W 43 6.55 -65.54 91.87
N VAL W 44 7.17 -64.52 91.29
CA VAL W 44 8.21 -64.69 90.29
C VAL W 44 9.58 -64.29 90.82
N VAL W 45 9.74 -63.03 91.22
CA VAL W 45 11.03 -62.54 91.70
C VAL W 45 11.07 -62.65 93.22
N THR W 46 12.29 -62.74 93.75
CA THR W 46 12.51 -62.93 95.16
C THR W 46 13.72 -62.11 95.59
N ILE W 47 13.56 -61.33 96.66
CA ILE W 47 14.60 -60.46 97.18
C ILE W 47 15.15 -61.14 98.43
N GLU W 48 16.28 -61.83 98.28
CA GLU W 48 16.91 -62.49 99.40
C GLU W 48 17.69 -61.48 100.25
N ARG W 49 18.18 -61.94 101.40
CA ARG W 49 18.84 -61.06 102.35
C ARG W 49 20.01 -61.78 102.98
N SER W 50 21.16 -61.10 103.03
CA SER W 50 22.35 -61.65 103.67
C SER W 50 23.07 -60.60 104.52
N LYS W 51 22.37 -59.52 104.89
CA LYS W 51 22.76 -58.44 105.81
C LYS W 51 23.83 -57.51 105.26
N SER W 52 24.44 -57.87 104.14
CA SER W 52 25.33 -57.00 103.38
C SER W 52 25.01 -56.99 101.90
N LYS W 53 24.58 -58.13 101.35
CA LYS W 53 24.40 -58.31 99.92
C LYS W 53 22.93 -58.50 99.61
N ILE W 54 22.44 -57.77 98.61
CA ILE W 54 21.06 -57.87 98.17
C ILE W 54 21.02 -58.76 96.93
N THR W 55 20.24 -59.84 97.00
CA THR W 55 20.16 -60.83 95.93
C THR W 55 18.77 -60.78 95.29
N VAL W 56 18.73 -60.64 93.97
CA VAL W 56 17.49 -60.65 93.20
C VAL W 56 17.48 -61.94 92.39
N THR W 57 16.47 -62.78 92.64
CA THR W 57 16.32 -64.05 91.94
C THR W 57 15.04 -64.01 91.10
N SER W 58 15.18 -64.27 89.81
CA SER W 58 14.06 -64.21 88.88
C SER W 58 14.00 -65.47 88.03
N GLU W 59 12.79 -65.82 87.61
CA GLU W 59 12.56 -66.96 86.73
C GLU W 59 12.26 -66.56 85.29
N VAL W 60 11.61 -65.41 85.10
CA VAL W 60 11.33 -64.86 83.77
C VAL W 60 12.59 -64.20 83.25
N PRO W 61 12.70 -63.89 81.95
CA PRO W 61 13.81 -63.04 81.48
C PRO W 61 13.74 -61.66 82.10
N PHE W 62 14.80 -61.31 82.83
CA PHE W 62 14.81 -60.12 83.67
C PHE W 62 16.14 -59.40 83.50
N SER W 63 16.09 -58.08 83.45
CA SER W 63 17.26 -57.28 83.13
C SER W 63 18.20 -57.17 84.33
N LYS W 64 19.33 -56.51 84.11
CA LYS W 64 20.35 -56.31 85.12
C LYS W 64 20.69 -54.85 85.35
N ARG W 65 20.75 -54.04 84.29
CA ARG W 65 20.95 -52.61 84.45
C ARG W 65 19.72 -51.89 84.98
N TYR W 66 18.55 -52.55 84.98
CA TYR W 66 17.39 -52.00 85.67
C TYR W 66 17.62 -51.94 87.18
N LEU W 67 18.43 -52.86 87.72
CA LEU W 67 18.83 -52.77 89.13
C LEU W 67 19.72 -51.56 89.37
N LYS W 68 20.62 -51.28 88.43
CA LYS W 68 21.45 -50.08 88.51
C LYS W 68 20.61 -48.82 88.43
N TYR W 69 19.59 -48.83 87.58
CA TYR W 69 18.70 -47.69 87.46
C TYR W 69 17.88 -47.48 88.74
N LEU W 70 17.42 -48.58 89.35
CA LEU W 70 16.68 -48.47 90.61
C LEU W 70 17.55 -47.99 91.75
N THR W 71 18.81 -48.45 91.82
CA THR W 71 19.64 -47.97 92.92
C THR W 71 20.12 -46.54 92.69
N LYS W 72 20.27 -46.10 91.43
CA LYS W 72 20.54 -44.68 91.19
C LYS W 72 19.34 -43.82 91.53
N LYS W 73 18.13 -44.31 91.25
CA LYS W 73 16.93 -43.59 91.66
C LYS W 73 16.80 -43.54 93.18
N TYR W 74 17.23 -44.61 93.87
CA TYR W 74 17.25 -44.63 95.32
C TYR W 74 18.23 -43.61 95.89
N LEU W 75 19.44 -43.55 95.32
CA LEU W 75 20.43 -42.58 95.78
C LEU W 75 20.02 -41.15 95.48
N LYS W 76 19.31 -40.93 94.38
CA LYS W 76 18.82 -39.58 94.09
C LYS W 76 17.66 -39.20 95.02
N LYS W 77 16.81 -40.17 95.37
CA LYS W 77 15.71 -39.90 96.29
C LYS W 77 16.22 -39.62 97.70
N ASN W 78 17.31 -40.28 98.10
CA ASN W 78 17.90 -40.02 99.42
C ASN W 78 19.10 -39.08 99.35
N ASN W 79 19.26 -38.38 98.22
CA ASN W 79 20.27 -37.32 98.04
C ASN W 79 21.70 -37.83 98.21
N LEU W 80 21.94 -39.08 97.82
CA LEU W 80 23.24 -39.70 97.97
C LEU W 80 23.98 -39.81 96.64
N ARG W 81 23.51 -39.10 95.60
CA ARG W 81 24.19 -39.10 94.31
C ARG W 81 25.15 -37.89 94.25
N ASP W 82 26.04 -37.87 95.23
CA ASP W 82 27.11 -36.88 95.28
C ASP W 82 28.47 -37.49 95.57
N TRP W 83 28.55 -38.63 96.27
CA TRP W 83 29.82 -39.29 96.54
C TRP W 83 29.75 -40.79 96.33
N LEU W 84 28.62 -41.31 95.85
CA LEU W 84 28.46 -42.74 95.63
C LEU W 84 28.33 -43.03 94.13
N ARG W 85 28.61 -44.27 93.77
CA ARG W 85 28.65 -44.67 92.38
C ARG W 85 28.44 -46.18 92.31
N VAL W 86 27.84 -46.62 91.21
CA VAL W 86 27.49 -48.03 91.01
C VAL W 86 28.53 -48.63 90.08
N VAL W 87 29.23 -49.67 90.55
CA VAL W 87 30.33 -50.28 89.83
C VAL W 87 29.90 -51.67 89.39
N ALA W 88 30.10 -51.98 88.11
CA ALA W 88 29.95 -53.35 87.66
C ALA W 88 31.13 -54.16 88.16
N ASN W 89 30.96 -54.82 89.32
CA ASN W 89 32.06 -55.54 89.95
C ASN W 89 32.46 -56.75 89.13
N SER W 90 31.50 -57.59 88.76
CA SER W 90 31.73 -58.73 87.90
C SER W 90 30.45 -58.99 87.12
N LYS W 91 30.35 -60.16 86.51
CA LYS W 91 29.07 -60.57 85.95
C LYS W 91 28.08 -60.88 87.07
N GLU W 92 26.79 -60.68 86.76
CA GLU W 92 25.67 -60.94 87.68
C GLU W 92 25.75 -60.10 88.96
N SER W 93 26.41 -58.93 88.90
CA SER W 93 26.74 -58.23 90.13
C SER W 93 26.95 -56.74 89.88
N TYR W 94 26.46 -55.93 90.83
CA TYR W 94 26.86 -54.54 91.01
C TYR W 94 27.34 -54.33 92.44
N GLU W 95 28.08 -53.24 92.65
CA GLU W 95 28.61 -52.89 93.96
C GLU W 95 28.47 -51.38 94.15
N LEU W 96 27.97 -50.98 95.32
CA LEU W 96 27.88 -49.56 95.65
C LEU W 96 29.18 -49.11 96.30
N ARG W 97 29.90 -48.20 95.65
CA ARG W 97 31.20 -47.74 96.11
C ARG W 97 31.24 -46.22 96.10
N TYR W 98 32.39 -45.68 96.51
CA TYR W 98 32.64 -44.25 96.46
C TYR W 98 33.22 -43.86 95.11
N PHE W 99 33.66 -42.61 94.99
CA PHE W 99 34.35 -42.16 93.79
C PHE W 99 35.82 -42.53 93.85
N SER X 1 -33.89 23.83 57.87
CA SER X 1 -33.86 23.86 59.33
C SER X 1 -32.68 23.06 59.86
N GLY X 2 -32.83 21.74 59.90
CA GLY X 2 -31.74 20.87 60.34
C GLY X 2 -30.64 20.80 59.29
N ALA X 3 -29.41 20.95 59.75
CA ALA X 3 -28.26 21.01 58.86
C ALA X 3 -27.67 19.62 58.63
N LYS X 4 -26.48 19.56 58.04
CA LYS X 4 -25.88 18.30 57.66
C LYS X 4 -25.29 17.56 58.86
N PHE X 5 -24.54 18.27 59.71
CA PHE X 5 -23.84 17.72 60.89
C PHE X 5 -22.88 16.60 60.48
N ARG X 6 -21.80 17.04 59.81
CA ARG X 6 -20.83 16.25 59.04
C ARG X 6 -20.45 14.92 59.66
N ILE X 7 -20.49 13.86 58.85
CA ILE X 7 -20.14 12.51 59.26
C ILE X 7 -18.87 12.08 58.53
N SER X 8 -18.39 10.88 58.85
CA SER X 8 -17.22 10.33 58.17
C SER X 8 -17.61 9.80 56.80
N LEU X 9 -17.00 10.36 55.76
CA LEU X 9 -17.26 9.97 54.39
C LEU X 9 -16.22 8.98 53.90
N GLY X 10 -16.68 7.91 53.25
CA GLY X 10 -15.80 6.83 52.87
C GLY X 10 -16.09 6.12 51.56
N LEU X 11 -16.83 6.77 50.66
CA LEU X 11 -17.16 6.20 49.35
C LEU X 11 -16.66 7.12 48.25
N PRO X 12 -15.42 6.95 47.79
CA PRO X 12 -14.87 7.84 46.77
C PRO X 12 -15.41 7.54 45.37
N VAL X 13 -14.86 8.25 44.39
CA VAL X 13 -15.12 7.94 43.00
C VAL X 13 -14.47 6.61 42.63
N GLY X 14 -15.27 5.68 42.12
CA GLY X 14 -14.80 4.36 41.78
C GLY X 14 -15.44 3.24 42.57
N ALA X 15 -16.18 3.56 43.63
CA ALA X 15 -16.85 2.55 44.42
C ALA X 15 -18.09 2.03 43.68
N VAL X 16 -18.49 0.81 44.01
CA VAL X 16 -19.77 0.26 43.59
C VAL X 16 -20.60 -0.04 44.84
N ILE X 17 -21.82 0.48 44.86
CA ILE X 17 -22.75 0.27 45.97
C ILE X 17 -23.94 -0.52 45.43
N ASN X 18 -24.48 -1.43 46.23
CA ASN X 18 -25.57 -2.24 45.71
C ASN X 18 -26.88 -1.46 45.76
N CYS X 19 -27.69 -1.63 44.72
CA CYS X 19 -28.91 -0.85 44.57
C CYS X 19 -30.01 -1.49 45.43
N ALA X 20 -30.55 -0.72 46.36
CA ALA X 20 -31.40 -1.26 47.43
C ALA X 20 -32.86 -0.82 47.30
N ASP X 21 -33.39 -0.80 46.08
CA ASP X 21 -34.81 -0.60 45.88
C ASP X 21 -35.26 -1.46 44.71
N ASN X 22 -36.49 -1.22 44.24
CA ASN X 22 -37.11 -2.04 43.21
C ASN X 22 -36.97 -1.46 41.81
N THR X 23 -35.86 -0.77 41.53
CA THR X 23 -35.64 -0.25 40.19
C THR X 23 -35.17 -1.33 39.23
N GLY X 24 -34.60 -2.43 39.73
CA GLY X 24 -34.07 -3.48 38.89
C GLY X 24 -32.57 -3.43 38.69
N ALA X 25 -31.91 -2.43 39.26
CA ALA X 25 -30.46 -2.33 39.15
C ALA X 25 -29.78 -3.18 40.22
N LYS X 26 -28.58 -3.66 39.91
CA LYS X 26 -27.80 -4.46 40.84
C LYS X 26 -26.72 -3.63 41.54
N ASN X 27 -25.93 -2.89 40.77
CA ASN X 27 -24.84 -2.09 41.29
C ASN X 27 -24.99 -0.64 40.86
N LEU X 28 -24.22 0.23 41.49
CA LEU X 28 -24.15 1.65 41.18
C LEU X 28 -22.70 2.06 41.30
N TYR X 29 -22.08 2.40 40.19
CA TYR X 29 -20.70 2.87 40.16
C TYR X 29 -20.71 4.37 40.38
N ILE X 30 -20.10 4.81 41.47
CA ILE X 30 -20.01 6.24 41.78
C ILE X 30 -19.01 6.89 40.83
N ILE X 31 -19.48 7.87 40.06
CA ILE X 31 -18.65 8.49 39.04
C ILE X 31 -18.18 9.86 39.52
N SER X 32 -18.95 10.48 40.41
CA SER X 32 -18.66 11.77 41.02
C SER X 32 -19.67 12.00 42.13
N VAL X 33 -19.36 12.95 43.01
CA VAL X 33 -20.20 13.30 44.14
C VAL X 33 -20.72 14.73 43.92
N LYS X 34 -22.02 14.91 44.06
CA LYS X 34 -22.62 16.23 43.86
C LYS X 34 -22.46 17.08 45.13
N GLY X 35 -21.82 18.23 44.98
CA GLY X 35 -21.65 19.16 46.08
C GLY X 35 -20.22 19.42 46.48
N ILE X 36 -19.27 18.59 46.05
CA ILE X 36 -17.87 18.75 46.41
C ILE X 36 -17.20 19.68 45.41
N LYS X 37 -16.58 20.75 45.92
CA LYS X 37 -15.86 21.68 45.07
C LYS X 37 -14.56 21.06 44.58
N GLY X 38 -13.82 20.41 45.46
CA GLY X 38 -12.67 19.62 45.08
C GLY X 38 -11.37 20.20 45.63
N ARG X 39 -10.30 19.47 45.34
CA ARG X 39 -8.94 19.80 45.77
C ARG X 39 -8.01 18.98 44.88
N LEU X 40 -6.76 19.43 44.76
CA LEU X 40 -5.79 18.77 43.90
C LEU X 40 -5.47 17.38 44.42
N ASN X 41 -5.64 16.38 43.55
CA ASN X 41 -5.46 14.93 43.73
C ASN X 41 -6.49 14.30 44.66
N ARG X 42 -7.39 15.06 45.27
CA ARG X 42 -8.34 14.54 46.23
C ARG X 42 -9.58 14.02 45.52
N LEU X 43 -9.93 12.77 45.79
CA LEU X 43 -11.09 12.16 45.16
C LEU X 43 -12.38 12.67 45.80
N PRO X 44 -13.41 12.98 45.02
CA PRO X 44 -14.72 13.29 45.60
C PRO X 44 -15.33 12.05 46.25
N ALA X 45 -15.57 12.13 47.54
CA ALA X 45 -16.09 11.01 48.31
C ALA X 45 -17.41 11.36 48.96
N ALA X 46 -18.38 10.47 48.80
CA ALA X 46 -19.73 10.67 49.33
C ALA X 46 -19.89 9.94 50.65
N GLY X 47 -20.41 10.65 51.65
CA GLY X 47 -20.78 10.02 52.89
C GLY X 47 -22.19 9.45 52.81
N VAL X 48 -22.74 9.15 53.98
CA VAL X 48 -24.10 8.64 54.05
C VAL X 48 -25.07 9.82 53.94
N GLY X 49 -26.23 9.56 53.35
CA GLY X 49 -27.22 10.60 53.18
C GLY X 49 -26.91 11.63 52.12
N ASP X 50 -25.91 11.39 51.27
CA ASP X 50 -25.47 12.37 50.30
C ASP X 50 -25.98 12.06 48.90
N MET X 51 -26.30 13.12 48.16
CA MET X 51 -26.53 13.02 46.73
C MET X 51 -25.22 12.75 46.01
N VAL X 52 -25.28 11.88 45.00
CA VAL X 52 -24.09 11.38 44.32
C VAL X 52 -24.50 11.10 42.88
N MET X 53 -23.52 10.96 42.00
CA MET X 53 -23.78 10.61 40.61
C MET X 53 -23.28 9.19 40.38
N ALA X 54 -24.14 8.32 39.88
CA ALA X 54 -23.81 6.91 39.73
C ALA X 54 -24.18 6.43 38.33
N THR X 55 -23.75 5.21 38.04
CA THR X 55 -24.05 4.57 36.76
C THR X 55 -24.30 3.09 37.02
N VAL X 56 -25.40 2.56 36.48
CA VAL X 56 -25.72 1.15 36.66
C VAL X 56 -24.80 0.32 35.78
N LYS X 57 -23.91 -0.45 36.41
CA LYS X 57 -23.01 -1.33 35.68
C LYS X 57 -23.65 -2.65 35.30
N LYS X 58 -24.54 -3.18 36.13
CA LYS X 58 -25.28 -4.38 35.77
C LYS X 58 -26.66 -4.31 36.41
N GLY X 59 -27.62 -4.96 35.75
CA GLY X 59 -29.01 -4.87 36.15
C GLY X 59 -29.92 -4.74 34.95
N LYS X 60 -30.93 -3.88 35.05
CA LYS X 60 -31.79 -3.65 33.90
C LYS X 60 -31.06 -2.78 32.87
N PRO X 61 -31.03 -3.19 31.60
CA PRO X 61 -30.31 -2.41 30.59
C PRO X 61 -30.98 -1.11 30.20
N GLU X 62 -32.23 -0.89 30.60
CA GLU X 62 -32.81 0.45 30.56
C GLU X 62 -32.08 1.38 31.52
N LEU X 63 -31.65 0.85 32.66
CA LEU X 63 -30.88 1.63 33.63
C LEU X 63 -29.38 1.62 33.31
N ARG X 64 -28.89 0.62 32.59
CA ARG X 64 -27.48 0.55 32.28
C ARG X 64 -27.11 1.57 31.19
N LYS X 65 -25.80 1.83 31.10
CA LYS X 65 -25.17 2.67 30.07
C LYS X 65 -25.69 4.11 30.06
N LYS X 66 -26.09 4.63 31.22
CA LYS X 66 -26.48 6.02 31.36
C LYS X 66 -26.29 6.46 32.81
N VAL X 67 -26.16 7.76 33.00
CA VAL X 67 -25.85 8.35 34.30
C VAL X 67 -27.14 8.63 35.05
N HIS X 68 -27.24 8.15 36.28
CA HIS X 68 -28.34 8.47 37.17
C HIS X 68 -27.82 9.25 38.37
N PRO X 69 -28.66 10.08 38.98
CA PRO X 69 -28.34 10.58 40.32
C PRO X 69 -28.86 9.63 41.38
N ALA X 70 -28.06 9.44 42.42
CA ALA X 70 -28.39 8.51 43.50
C ALA X 70 -28.21 9.20 44.85
N VAL X 71 -28.75 8.58 45.88
CA VAL X 71 -28.59 9.02 47.26
C VAL X 71 -28.05 7.84 48.06
N VAL X 72 -26.96 8.07 48.78
CA VAL X 72 -26.32 7.01 49.57
C VAL X 72 -27.13 6.79 50.84
N ILE X 73 -27.46 5.54 51.13
CA ILE X 73 -28.32 5.18 52.25
C ILE X 73 -27.54 4.45 53.35
N ARG X 74 -26.64 3.55 52.98
CA ARG X 74 -25.87 2.79 53.95
C ARG X 74 -24.39 2.84 53.58
N GLN X 75 -23.54 3.03 54.57
CA GLN X 75 -22.10 2.94 54.36
C GLN X 75 -21.47 2.04 55.42
N ARG X 76 -20.51 1.23 54.99
CA ARG X 76 -19.75 0.38 55.90
C ARG X 76 -18.75 1.18 56.72
N LYS X 77 -18.33 2.35 56.24
CA LYS X 77 -17.43 3.22 57.00
C LYS X 77 -18.15 3.75 58.23
N SER X 78 -17.53 3.57 59.39
CA SER X 78 -18.14 3.94 60.67
C SER X 78 -18.08 5.45 60.85
N TYR X 79 -19.26 6.07 60.91
CA TYR X 79 -19.36 7.51 61.08
C TYR X 79 -19.75 7.83 62.51
N ARG X 80 -19.97 9.12 62.78
CA ARG X 80 -20.20 9.62 64.13
C ARG X 80 -21.53 10.36 64.18
N ARG X 81 -22.41 9.93 65.09
CA ARG X 81 -23.59 10.70 65.43
C ARG X 81 -23.24 11.74 66.48
N LYS X 82 -24.17 12.67 66.69
CA LYS X 82 -23.91 13.76 67.64
C LYS X 82 -23.96 13.29 69.08
N ASP X 83 -24.71 12.23 69.38
CA ASP X 83 -24.80 11.75 70.76
C ASP X 83 -23.60 10.91 71.19
N GLY X 84 -22.70 10.59 70.27
CA GLY X 84 -21.44 9.96 70.66
C GLY X 84 -21.35 8.47 70.47
N VAL X 85 -22.25 7.87 69.70
CA VAL X 85 -22.17 6.45 69.36
C VAL X 85 -21.87 6.34 67.88
N PHE X 86 -21.05 5.35 67.50
CA PHE X 86 -20.80 5.16 66.09
C PHE X 86 -21.77 4.12 65.52
N LEU X 87 -21.97 4.18 64.20
CA LEU X 87 -22.91 3.30 63.52
C LEU X 87 -22.38 2.96 62.14
N TYR X 88 -22.34 1.67 61.81
CA TYR X 88 -21.97 1.25 60.47
C TYR X 88 -22.84 0.08 60.05
N PHE X 89 -23.05 -0.06 58.74
CA PHE X 89 -24.17 -0.81 58.18
C PHE X 89 -23.77 -2.08 57.44
N GLU X 90 -22.48 -2.46 57.45
CA GLU X 90 -21.92 -3.71 56.95
C GLU X 90 -21.91 -3.81 55.41
N ASP X 91 -22.56 -2.87 54.73
CA ASP X 91 -22.51 -2.84 53.27
C ASP X 91 -22.51 -1.39 52.80
N ASN X 92 -22.69 -1.20 51.50
CA ASN X 92 -22.70 0.11 50.88
C ASN X 92 -23.86 0.16 49.90
N ALA X 93 -24.81 1.05 50.16
CA ALA X 93 -26.08 1.02 49.44
C ALA X 93 -26.62 2.42 49.22
N GLY X 94 -27.25 2.62 48.05
CA GLY X 94 -27.95 3.84 47.73
C GLY X 94 -29.02 3.57 46.69
N VAL X 95 -29.92 4.54 46.51
CA VAL X 95 -31.04 4.40 45.60
C VAL X 95 -31.04 5.53 44.59
N ILE X 96 -31.72 5.30 43.46
CA ILE X 96 -31.75 6.26 42.36
C ILE X 96 -32.83 7.30 42.63
N VAL X 97 -32.41 8.56 42.75
CA VAL X 97 -33.28 9.69 43.09
C VAL X 97 -32.93 10.84 42.15
N ASN X 98 -33.95 11.44 41.52
CA ASN X 98 -33.70 12.48 40.53
C ASN X 98 -33.32 13.80 41.19
N ASN X 99 -33.24 14.87 40.39
CA ASN X 99 -32.74 16.15 40.87
C ASN X 99 -33.74 16.87 41.78
N LYS X 100 -35.01 16.48 41.76
CA LYS X 100 -36.03 17.14 42.58
C LYS X 100 -36.44 16.31 43.78
N GLY X 101 -35.65 15.29 44.15
CA GLY X 101 -35.90 14.52 45.34
C GLY X 101 -36.82 13.34 45.17
N GLU X 102 -37.46 13.18 44.01
CA GLU X 102 -38.39 12.09 43.79
C GLU X 102 -37.62 10.80 43.49
N MET X 103 -38.00 9.71 44.16
CA MET X 103 -37.37 8.43 43.88
C MET X 103 -37.86 7.88 42.55
N LYS X 104 -37.03 7.03 41.94
CA LYS X 104 -37.45 6.28 40.76
C LYS X 104 -38.05 4.94 41.16
N GLY X 105 -37.60 4.38 42.28
CA GLY X 105 -38.18 3.17 42.82
C GLY X 105 -39.38 3.47 43.71
N SER X 106 -39.84 2.44 44.42
CA SER X 106 -41.02 2.55 45.26
C SER X 106 -40.87 1.96 46.65
N ALA X 107 -39.95 1.01 46.87
CA ALA X 107 -39.80 0.38 48.18
C ALA X 107 -38.34 0.03 48.39
N ILE X 108 -37.82 0.40 49.56
CA ILE X 108 -36.40 0.21 49.90
C ILE X 108 -36.28 -0.99 50.82
N THR X 109 -35.43 -1.94 50.45
CA THR X 109 -35.08 -3.04 51.33
C THR X 109 -33.91 -2.64 52.23
N GLY X 110 -33.84 -3.27 53.40
CA GLY X 110 -32.81 -2.97 54.36
C GLY X 110 -33.06 -1.69 55.13
N PRO X 111 -32.20 -1.38 56.09
CA PRO X 111 -32.37 -0.16 56.88
C PRO X 111 -31.86 1.08 56.15
N VAL X 112 -32.36 2.23 56.58
CA VAL X 112 -31.98 3.53 56.05
C VAL X 112 -31.47 4.37 57.21
N ALA X 113 -30.33 5.03 57.00
CA ALA X 113 -29.68 5.80 58.05
C ALA X 113 -30.49 7.01 58.47
N LYS X 114 -30.29 7.45 59.71
CA LYS X 114 -31.00 8.60 60.24
C LYS X 114 -30.55 9.90 59.58
N GLU X 115 -29.28 9.99 59.20
CA GLU X 115 -28.79 11.17 58.51
C GLU X 115 -29.36 11.27 57.09
N CYS X 116 -29.71 10.14 56.48
CA CYS X 116 -30.41 10.16 55.20
C CYS X 116 -31.89 10.42 55.38
N ALA X 117 -32.48 9.91 56.47
CA ALA X 117 -33.91 10.08 56.69
C ALA X 117 -34.26 11.51 57.07
N ASP X 118 -33.40 12.18 57.85
CA ASP X 118 -33.65 13.55 58.24
C ASP X 118 -33.41 14.54 57.12
N LEU X 119 -32.68 14.16 56.09
CA LEU X 119 -32.38 15.05 54.98
C LEU X 119 -33.26 14.82 53.76
N TRP X 120 -33.66 13.56 53.51
CA TRP X 120 -34.54 13.25 52.39
C TRP X 120 -35.81 12.59 52.92
N PRO X 121 -36.93 13.32 53.00
CA PRO X 121 -38.13 12.74 53.59
C PRO X 121 -38.84 11.75 52.69
N ARG X 122 -38.74 11.91 51.36
CA ARG X 122 -39.38 10.98 50.45
C ARG X 122 -38.68 9.62 50.41
N ILE X 123 -37.41 9.57 50.80
CA ILE X 123 -36.71 8.30 50.97
C ILE X 123 -37.10 7.65 52.29
N ALA X 124 -37.25 8.46 53.35
CA ALA X 124 -37.69 7.95 54.64
C ALA X 124 -39.15 7.49 54.62
N SER X 125 -39.95 7.99 53.68
CA SER X 125 -41.31 7.47 53.51
C SER X 125 -41.30 6.05 52.97
N ASN X 126 -40.43 5.77 51.99
CA ASN X 126 -40.30 4.43 51.44
C ASN X 126 -39.35 3.55 52.24
N ALA X 127 -38.76 4.09 53.32
CA ALA X 127 -37.84 3.32 54.14
C ALA X 127 -38.59 2.23 54.93
N GLY X 128 -37.96 1.07 55.05
CA GLY X 128 -38.50 0.00 55.88
C GLY X 128 -38.27 0.27 57.35
N SER X 129 -37.03 0.62 57.70
CA SER X 129 -36.67 1.00 59.05
C SER X 129 -35.70 2.18 58.99
N ILE X 130 -35.65 2.94 60.07
CA ILE X 130 -34.80 4.11 60.18
C ILE X 130 -33.65 3.74 61.13
N ALA X 131 -32.51 3.35 60.56
CA ALA X 131 -31.27 2.98 61.25
C ALA X 131 -31.44 1.88 62.30
N MET Y 1 -28.18 10.02 77.92
CA MET Y 1 -27.35 9.32 78.90
C MET Y 1 -27.92 7.93 79.20
N LYS Y 2 -28.81 7.46 78.33
CA LYS Y 2 -29.40 6.14 78.47
C LYS Y 2 -28.35 5.08 78.13
N VAL Y 3 -27.86 4.39 79.16
CA VAL Y 3 -26.86 3.35 78.94
C VAL Y 3 -27.52 2.11 78.35
N GLU Y 4 -26.75 1.36 77.57
CA GLU Y 4 -27.25 0.17 76.90
C GLU Y 4 -26.27 -0.98 77.15
N LEU Y 5 -26.81 -2.20 77.13
CA LEU Y 5 -25.99 -3.38 77.36
C LEU Y 5 -25.29 -3.80 76.08
N CYS Y 6 -24.15 -4.46 76.25
CA CYS Y 6 -23.41 -4.98 75.10
C CYS Y 6 -24.11 -6.20 74.53
N SER Y 7 -24.16 -6.28 73.21
CA SER Y 7 -24.89 -7.37 72.55
C SER Y 7 -24.16 -8.70 72.64
N PHE Y 8 -22.83 -8.68 72.81
CA PHE Y 8 -22.06 -9.92 72.89
C PHE Y 8 -21.75 -10.29 74.34
N SER Y 9 -21.06 -9.41 75.07
CA SER Y 9 -20.66 -9.71 76.43
C SER Y 9 -21.80 -9.48 77.41
N GLY Y 10 -22.28 -8.24 77.51
CA GLY Y 10 -23.32 -7.89 78.46
C GLY Y 10 -22.98 -6.72 79.35
N TYR Y 11 -21.82 -6.09 79.18
CA TYR Y 11 -21.48 -4.91 79.96
C TYR Y 11 -22.29 -3.71 79.50
N LYS Y 12 -22.43 -2.73 80.39
CA LYS Y 12 -23.11 -1.50 80.05
C LYS Y 12 -22.21 -0.64 79.16
N ILE Y 13 -22.82 -0.01 78.15
CA ILE Y 13 -22.09 0.83 77.22
C ILE Y 13 -22.46 2.28 77.52
N TYR Y 14 -21.50 3.02 78.08
CA TYR Y 14 -21.70 4.43 78.36
C TYR Y 14 -21.65 5.21 77.05
N PRO Y 15 -22.36 6.35 76.97
CA PRO Y 15 -22.58 6.99 75.65
C PRO Y 15 -21.35 7.57 74.99
N GLY Y 16 -20.21 7.66 75.68
CA GLY Y 16 -18.99 8.09 75.03
C GLY Y 16 -18.26 6.96 74.34
N HIS Y 17 -18.55 5.72 74.76
CA HIS Y 17 -17.86 4.54 74.29
C HIS Y 17 -18.71 3.78 73.28
N GLY Y 18 -18.23 2.61 72.87
CA GLY Y 18 -19.02 1.68 72.10
C GLY Y 18 -18.98 1.92 70.61
N ARG Y 19 -19.54 0.95 69.89
CA ARG Y 19 -19.70 1.03 68.45
C ARG Y 19 -21.00 0.30 68.13
N ARG Y 20 -21.58 0.57 66.97
CA ARG Y 20 -22.90 0.05 66.66
C ARG Y 20 -22.95 -0.51 65.25
N TYR Y 21 -23.57 -1.68 65.13
CA TYR Y 21 -23.53 -2.52 63.94
C TYR Y 21 -24.96 -2.80 63.49
N ALA Y 22 -25.38 -2.18 62.39
CA ALA Y 22 -26.73 -2.35 61.87
C ALA Y 22 -26.68 -3.28 60.67
N ARG Y 23 -26.88 -4.57 60.91
CA ARG Y 23 -26.90 -5.54 59.83
C ARG Y 23 -28.20 -5.38 59.04
N THR Y 24 -28.14 -5.73 57.75
CA THR Y 24 -29.21 -5.47 56.79
C THR Y 24 -30.47 -6.30 57.01
N ASP Y 25 -30.49 -7.22 57.97
CA ASP Y 25 -31.69 -7.98 58.28
C ASP Y 25 -32.72 -7.21 59.09
N GLY Y 26 -32.40 -5.99 59.52
CA GLY Y 26 -33.33 -5.17 60.27
C GLY Y 26 -33.09 -5.09 61.76
N LYS Y 27 -32.04 -5.72 62.26
CA LYS Y 27 -31.72 -5.69 63.69
C LYS Y 27 -30.36 -5.07 63.91
N VAL Y 28 -30.23 -4.35 65.04
CA VAL Y 28 -29.11 -3.48 65.32
C VAL Y 28 -28.46 -3.91 66.62
N PHE Y 29 -27.13 -4.07 66.61
CA PHE Y 29 -26.38 -4.52 67.77
C PHE Y 29 -25.44 -3.41 68.26
N GLN Y 30 -25.14 -3.44 69.55
CA GLN Y 30 -24.21 -2.49 70.17
C GLN Y 30 -23.08 -3.27 70.84
N PHE Y 31 -21.86 -2.79 70.67
CA PHE Y 31 -20.70 -3.48 71.20
C PHE Y 31 -19.84 -2.52 72.01
N LEU Y 32 -19.31 -3.03 73.13
CA LEU Y 32 -18.51 -2.20 74.02
C LEU Y 32 -17.15 -1.87 73.40
N ASN Y 33 -16.52 -2.85 72.75
CA ASN Y 33 -15.19 -2.66 72.21
C ASN Y 33 -14.96 -3.56 71.00
N ALA Y 34 -13.80 -3.38 70.38
CA ALA Y 34 -13.45 -4.13 69.18
C ALA Y 34 -13.17 -5.60 69.48
N LYS Y 35 -12.90 -5.93 70.75
CA LYS Y 35 -12.80 -7.33 71.17
C LYS Y 35 -14.13 -8.06 70.95
N CYS Y 36 -15.21 -7.53 71.52
CA CYS Y 36 -16.54 -8.10 71.31
C CYS Y 36 -17.00 -7.95 69.87
N GLU Y 37 -16.60 -6.87 69.20
CA GLU Y 37 -16.96 -6.67 67.80
C GLU Y 37 -16.34 -7.73 66.90
N SER Y 38 -15.04 -7.99 67.07
CA SER Y 38 -14.37 -9.03 66.29
C SER Y 38 -14.87 -10.42 66.65
N ALA Y 39 -15.22 -10.64 67.93
CA ALA Y 39 -15.78 -11.93 68.33
C ALA Y 39 -17.14 -12.18 67.68
N PHE Y 40 -17.98 -11.14 67.60
CA PHE Y 40 -19.28 -11.30 66.94
C PHE Y 40 -19.13 -11.45 65.43
N LEU Y 41 -18.21 -10.69 64.82
CA LEU Y 41 -18.04 -10.77 63.37
C LEU Y 41 -17.37 -12.06 62.94
N SER Y 42 -16.56 -12.66 63.81
CA SER Y 42 -16.04 -14.00 63.57
C SER Y 42 -16.95 -15.08 64.17
N LYS Y 43 -18.09 -14.68 64.75
CA LYS Y 43 -19.24 -15.55 65.04
C LYS Y 43 -18.93 -16.59 66.12
N ARG Y 44 -18.33 -16.13 67.21
CA ARG Y 44 -18.18 -16.99 68.38
C ARG Y 44 -19.46 -16.97 69.21
N ASN Y 45 -19.68 -18.07 69.91
CA ASN Y 45 -20.81 -18.17 70.83
C ASN Y 45 -20.46 -17.47 72.13
N PRO Y 46 -21.20 -16.43 72.54
CA PRO Y 46 -20.90 -15.79 73.83
C PRO Y 46 -21.21 -16.65 75.04
N ARG Y 47 -21.97 -17.73 74.88
CA ARG Y 47 -22.21 -18.67 75.98
C ARG Y 47 -21.06 -19.66 76.15
N GLN Y 48 -20.05 -19.62 75.29
CA GLN Y 48 -18.93 -20.55 75.36
C GLN Y 48 -17.61 -19.88 75.70
N ILE Y 49 -17.56 -18.55 75.76
CA ILE Y 49 -16.36 -17.82 76.10
C ILE Y 49 -16.45 -17.42 77.57
N ASN Y 50 -15.38 -17.69 78.33
CA ASN Y 50 -15.43 -17.84 79.78
C ASN Y 50 -15.67 -16.55 80.56
N TRP Y 51 -15.65 -15.38 79.91
CA TRP Y 51 -15.76 -14.12 80.66
C TRP Y 51 -17.04 -13.35 80.39
N THR Y 52 -17.96 -13.88 79.58
CA THR Y 52 -19.15 -13.12 79.23
C THR Y 52 -20.27 -13.34 80.23
N VAL Y 53 -21.19 -12.37 80.27
CA VAL Y 53 -22.32 -12.41 81.19
C VAL Y 53 -23.28 -13.54 80.83
N LEU Y 54 -23.40 -13.85 79.53
CA LEU Y 54 -24.20 -14.98 79.10
C LEU Y 54 -23.60 -16.30 79.59
N TYR Y 55 -22.27 -16.40 79.56
CA TYR Y 55 -21.58 -17.56 80.13
C TYR Y 55 -21.81 -17.67 81.63
N ARG Y 56 -21.77 -16.54 82.34
CA ARG Y 56 -21.96 -16.55 83.78
C ARG Y 56 -23.38 -16.94 84.15
N ARG Y 57 -24.37 -16.42 83.43
CA ARG Y 57 -25.76 -16.78 83.71
C ARG Y 57 -26.08 -18.22 83.27
N LYS Y 58 -25.35 -18.73 82.27
CA LYS Y 58 -25.58 -20.11 81.83
C LYS Y 58 -24.98 -21.11 82.79
N HIS Y 59 -23.73 -20.89 83.21
CA HIS Y 59 -23.03 -21.83 84.09
C HIS Y 59 -23.17 -21.48 85.57
N LYS Y 60 -24.05 -20.51 85.91
CA LYS Y 60 -24.51 -20.26 87.28
C LYS Y 60 -23.38 -19.85 88.22
N LYS Y 61 -22.35 -19.22 87.69
CA LYS Y 61 -21.22 -18.79 88.50
C LYS Y 61 -21.52 -17.46 89.17
N GLY Y 62 -20.96 -17.28 90.36
CA GLY Y 62 -21.18 -16.05 91.12
C GLY Y 62 -22.33 -16.22 92.09
N GLN Y 63 -23.26 -15.25 92.06
CA GLN Y 63 -24.50 -15.13 92.87
C GLN Y 63 -24.38 -15.56 94.34
N LYS Z 1 70.60 -70.23 -11.22
CA LYS Z 1 70.05 -71.14 -10.22
C LYS Z 1 69.77 -70.28 -8.97
N LYS Z 2 69.06 -69.17 -9.20
CA LYS Z 2 68.70 -68.26 -8.11
C LYS Z 2 67.50 -67.45 -8.59
N ILE Z 3 66.39 -67.54 -7.85
CA ILE Z 3 65.14 -66.89 -8.23
C ILE Z 3 64.70 -65.98 -7.09
N ARG Z 4 64.04 -64.88 -7.47
CA ARG Z 4 63.44 -63.99 -6.48
C ARG Z 4 62.19 -64.65 -5.92
N THR Z 5 62.25 -65.05 -4.64
CA THR Z 5 61.12 -65.72 -4.01
C THR Z 5 59.99 -64.72 -3.72
N SER Z 6 60.33 -63.59 -3.11
CA SER Z 6 59.42 -62.52 -2.74
C SER Z 6 59.37 -61.45 -3.83
N PRO Z 7 58.20 -60.85 -4.08
CA PRO Z 7 58.12 -59.78 -5.08
C PRO Z 7 58.76 -58.47 -4.66
N THR Z 8 58.99 -58.28 -3.36
CA THR Z 8 59.66 -57.08 -2.89
C THR Z 8 61.17 -57.23 -3.00
N PHE Z 9 61.85 -56.09 -3.16
CA PHE Z 9 63.32 -56.07 -3.18
C PHE Z 9 63.78 -55.31 -1.94
N ARG Z 10 64.17 -56.05 -0.91
CA ARG Z 10 64.71 -55.44 0.30
C ARG Z 10 66.22 -55.32 0.14
N ARG Z 11 66.79 -54.30 0.81
CA ARG Z 11 68.21 -54.02 0.74
C ARG Z 11 69.02 -55.18 1.33
N PRO Z 12 70.06 -55.66 0.64
CA PRO Z 12 70.81 -56.81 1.14
C PRO Z 12 71.66 -56.46 2.34
N LYS Z 13 71.73 -57.41 3.28
CA LYS Z 13 72.48 -57.23 4.51
C LYS Z 13 73.98 -57.31 4.21
N THR Z 14 74.63 -56.15 4.15
CA THR Z 14 76.05 -56.06 3.82
C THR Z 14 76.89 -56.09 5.09
N LEU Z 15 78.16 -56.42 4.91
CA LEU Z 15 79.09 -56.48 6.04
C LEU Z 15 79.50 -55.08 6.45
N ARG Z 16 79.52 -54.86 7.76
CA ARG Z 16 79.99 -53.60 8.32
C ARG Z 16 80.96 -53.90 9.45
N LEU Z 17 82.01 -53.09 9.55
CA LEU Z 17 83.06 -53.31 10.51
C LEU Z 17 82.74 -52.60 11.83
N ARG Z 18 83.67 -52.72 12.78
CA ARG Z 18 83.53 -52.12 14.10
C ARG Z 18 84.54 -51.00 14.26
N ARG Z 19 84.39 -50.25 15.35
CA ARG Z 19 85.34 -49.19 15.71
C ARG Z 19 86.66 -49.80 16.13
N GLN Z 20 87.66 -49.72 15.26
CA GLN Z 20 89.04 -50.03 15.57
C GLN Z 20 89.84 -48.74 15.34
N PRO Z 21 89.79 -47.79 16.28
CA PRO Z 21 90.32 -46.46 16.02
C PRO Z 21 91.84 -46.43 16.03
N LYS Z 22 92.38 -45.52 15.22
CA LYS Z 22 93.82 -45.36 15.10
C LYS Z 22 94.40 -44.52 16.23
N TYR Z 23 93.63 -43.59 16.77
CA TYR Z 23 94.03 -42.80 17.93
C TYR Z 23 92.81 -42.64 18.82
N PRO Z 24 92.99 -42.61 20.13
CA PRO Z 24 91.84 -42.31 21.02
C PRO Z 24 91.48 -40.84 20.97
N ARG Z 25 90.18 -40.56 21.13
CA ARG Z 25 89.73 -39.18 21.04
C ARG Z 25 90.09 -38.39 22.29
N LYS Z 26 90.08 -39.04 23.45
CA LYS Z 26 90.58 -38.44 24.68
C LYS Z 26 91.79 -39.22 25.18
N SER Z 27 92.72 -38.49 25.81
CA SER Z 27 93.98 -39.09 26.22
C SER Z 27 93.82 -39.99 27.43
N ALA Z 28 93.07 -39.52 28.43
CA ALA Z 28 92.82 -40.29 29.63
C ALA Z 28 91.33 -40.49 29.84
N PRO Z 29 90.91 -41.59 30.43
CA PRO Z 29 89.52 -41.71 30.86
C PRO Z 29 89.24 -40.76 32.02
N ARG Z 30 87.99 -40.33 32.11
CA ARG Z 30 87.60 -39.36 33.14
C ARG Z 30 87.63 -40.02 34.52
N ARG Z 31 88.23 -39.34 35.48
CA ARG Z 31 88.31 -39.88 36.82
C ARG Z 31 86.94 -39.83 37.50
N ASN Z 32 86.76 -40.73 38.47
CA ASN Z 32 85.50 -40.85 39.18
C ASN Z 32 85.38 -39.68 40.14
N LYS Z 33 84.57 -38.69 39.77
CA LYS Z 33 84.24 -37.58 40.65
C LYS Z 33 82.98 -37.83 41.46
N LEU Z 34 82.58 -39.08 41.59
CA LEU Z 34 81.44 -39.51 42.38
C LEU Z 34 81.90 -40.59 43.36
N ASP Z 35 82.99 -40.28 44.07
CA ASP Z 35 83.61 -41.24 44.97
C ASP Z 35 82.78 -41.40 46.24
N HIS Z 36 83.20 -42.36 47.08
CA HIS Z 36 82.46 -42.67 48.29
C HIS Z 36 82.54 -41.53 49.30
N TYR Z 37 83.64 -40.80 49.31
CA TYR Z 37 83.78 -39.64 50.19
C TYR Z 37 82.96 -38.46 49.68
N ALA Z 38 82.93 -38.26 48.37
CA ALA Z 38 82.23 -37.11 47.78
C ALA Z 38 80.74 -37.34 47.62
N ILE Z 39 80.27 -38.58 47.77
CA ILE Z 39 78.83 -38.83 47.62
C ILE Z 39 78.09 -38.66 48.95
N ILE Z 40 78.77 -38.80 50.08
CA ILE Z 40 78.17 -38.62 51.40
C ILE Z 40 78.76 -37.35 52.00
N LYS Z 41 77.92 -36.33 52.17
CA LYS Z 41 78.41 -35.05 52.66
C LYS Z 41 78.54 -35.05 54.18
N PHE Z 42 77.43 -35.21 54.89
CA PHE Z 42 77.43 -35.12 56.34
C PHE Z 42 76.19 -35.80 56.88
N PRO Z 43 76.23 -36.29 58.11
CA PRO Z 43 75.00 -36.71 58.81
C PRO Z 43 74.34 -35.53 59.51
N LEU Z 44 73.10 -35.76 59.92
CA LEU Z 44 72.31 -34.73 60.59
C LEU Z 44 72.33 -34.92 62.11
N THR Z 45 72.41 -33.80 62.82
CA THR Z 45 72.36 -33.77 64.28
C THR Z 45 71.02 -33.25 64.79
N THR Z 46 69.97 -33.39 63.97
CA THR Z 46 68.62 -33.06 64.38
C THR Z 46 68.17 -33.99 65.49
N GLU Z 47 67.41 -33.44 66.45
CA GLU Z 47 66.83 -34.27 67.51
C GLU Z 47 65.85 -35.29 66.96
N SER Z 48 65.11 -34.93 65.89
CA SER Z 48 64.25 -35.90 65.22
C SER Z 48 65.07 -37.00 64.54
N ALA Z 49 66.20 -36.63 63.95
CA ALA Z 49 67.07 -37.62 63.34
C ALA Z 49 67.72 -38.52 64.39
N MET Z 50 68.05 -37.98 65.56
CA MET Z 50 68.61 -38.80 66.63
C MET Z 50 67.57 -39.71 67.25
N LYS Z 51 66.31 -39.27 67.31
CA LYS Z 51 65.23 -40.16 67.73
C LYS Z 51 65.02 -41.28 66.70
N LYS Z 52 65.16 -40.94 65.41
CA LYS Z 52 65.08 -41.94 64.35
C LYS Z 52 66.21 -42.97 64.47
N ILE Z 53 67.42 -42.51 64.79
CA ILE Z 53 68.56 -43.41 64.97
C ILE Z 53 68.36 -44.29 66.20
N GLU Z 54 67.93 -43.69 67.32
CA GLU Z 54 67.80 -44.43 68.57
C GLU Z 54 66.63 -45.42 68.54
N ASP Z 55 65.60 -45.15 67.75
CA ASP Z 55 64.42 -46.00 67.73
C ASP Z 55 64.41 -47.01 66.59
N ASN Z 56 64.69 -46.58 65.36
CA ASN Z 56 64.39 -47.38 64.19
C ASN Z 56 65.63 -48.01 63.54
N ASN Z 57 66.78 -47.99 64.22
CA ASN Z 57 68.02 -48.66 63.79
C ASN Z 57 68.50 -48.15 62.42
N THR Z 58 68.53 -46.83 62.28
CA THR Z 58 68.89 -46.17 61.04
C THR Z 58 70.03 -45.19 61.29
N LEU Z 59 70.51 -44.60 60.20
CA LEU Z 59 71.45 -43.48 60.22
C LEU Z 59 71.01 -42.48 59.18
N VAL Z 60 70.99 -41.20 59.53
CA VAL Z 60 70.52 -40.16 58.63
C VAL Z 60 71.74 -39.48 58.02
N PHE Z 61 71.77 -39.40 56.68
CA PHE Z 61 72.87 -38.76 55.96
C PHE Z 61 72.31 -37.77 54.95
N ILE Z 62 73.14 -36.78 54.60
CA ILE Z 62 72.83 -35.82 53.56
C ILE Z 62 73.75 -36.12 52.38
N VAL Z 63 73.14 -36.36 51.22
CA VAL Z 63 73.76 -36.96 50.05
C VAL Z 63 73.61 -36.00 48.88
N ASP Z 64 74.60 -36.03 47.97
CA ASP Z 64 74.49 -35.36 46.69
C ASP Z 64 73.29 -35.90 45.90
N VAL Z 65 72.72 -35.04 45.05
CA VAL Z 65 71.43 -35.33 44.43
C VAL Z 65 71.55 -36.33 43.28
N LYS Z 66 72.76 -36.57 42.77
CA LYS Z 66 72.97 -37.46 41.62
C LYS Z 66 73.27 -38.89 42.03
N ALA Z 67 72.74 -39.35 43.16
CA ALA Z 67 73.11 -40.64 43.73
C ALA Z 67 71.96 -41.64 43.65
N ASN Z 68 72.32 -42.92 43.58
CA ASN Z 68 71.37 -44.02 43.64
C ASN Z 68 71.32 -44.58 45.05
N LYS Z 69 70.27 -45.34 45.33
CA LYS Z 69 70.19 -46.06 46.60
C LYS Z 69 71.27 -47.12 46.71
N HIS Z 70 71.59 -47.78 45.59
CA HIS Z 70 72.71 -48.73 45.57
C HIS Z 70 74.03 -48.02 45.80
N GLN Z 71 74.18 -46.80 45.27
CA GLN Z 71 75.40 -46.03 45.48
C GLN Z 71 75.54 -45.61 46.93
N ILE Z 72 74.45 -45.21 47.59
CA ILE Z 72 74.50 -44.85 49.00
C ILE Z 72 74.78 -46.08 49.87
N LYS Z 73 74.20 -47.23 49.48
CA LYS Z 73 74.42 -48.48 50.23
C LYS Z 73 75.88 -48.92 50.16
N GLN Z 74 76.44 -49.00 48.95
CA GLN Z 74 77.85 -49.36 48.80
C GLN Z 74 78.78 -48.28 49.34
N ALA Z 75 78.32 -47.03 49.39
CA ALA Z 75 79.15 -45.96 49.96
C ALA Z 75 79.27 -46.09 51.47
N VAL Z 76 78.14 -46.34 52.16
CA VAL Z 76 78.18 -46.55 53.60
C VAL Z 76 78.95 -47.82 53.95
N LYS Z 77 78.75 -48.88 53.16
CA LYS Z 77 79.46 -50.15 53.39
C LYS Z 77 80.96 -50.01 53.12
N LYS Z 78 81.36 -49.12 52.20
CA LYS Z 78 82.77 -48.92 51.92
C LYS Z 78 83.42 -48.00 52.96
N LEU Z 79 82.71 -46.96 53.39
CA LEU Z 79 83.31 -45.99 54.30
C LEU Z 79 83.39 -46.52 55.73
N TYR Z 80 82.29 -47.05 56.27
CA TYR Z 80 82.27 -47.38 57.69
C TYR Z 80 82.21 -48.88 57.97
N ASP Z 81 82.38 -49.72 56.93
CA ASP Z 81 82.50 -51.18 57.04
C ASP Z 81 81.28 -51.82 57.71
N ILE Z 82 80.11 -51.24 57.51
CA ILE Z 82 78.89 -51.68 58.18
C ILE Z 82 77.89 -52.12 57.10
N ASP Z 83 77.17 -53.19 57.39
CA ASP Z 83 76.18 -53.71 56.45
C ASP Z 83 74.87 -52.93 56.57
N VAL Z 84 74.15 -52.87 55.44
CA VAL Z 84 72.98 -52.02 55.30
C VAL Z 84 71.77 -52.90 55.02
N ALA Z 85 70.70 -52.74 55.80
CA ALA Z 85 69.45 -53.40 55.47
C ALA Z 85 68.80 -52.76 54.26
N LYS Z 86 68.57 -51.44 54.31
CA LYS Z 86 68.05 -50.75 53.14
C LYS Z 86 68.44 -49.27 53.18
N VAL Z 87 68.28 -48.61 52.04
CA VAL Z 87 68.51 -47.18 51.89
C VAL Z 87 67.20 -46.55 51.46
N ASN Z 88 66.79 -45.47 52.13
CA ASN Z 88 65.48 -44.88 51.94
C ASN Z 88 65.66 -43.39 51.71
N THR Z 89 65.43 -42.92 50.50
CA THR Z 89 65.85 -41.58 50.10
C THR Z 89 64.67 -40.65 49.86
N LEU Z 90 64.91 -39.36 50.14
CA LEU Z 90 64.01 -38.28 49.75
C LEU Z 90 64.87 -37.12 49.28
N ILE Z 91 64.24 -36.10 48.69
CA ILE Z 91 64.94 -34.88 48.32
C ILE Z 91 64.30 -33.72 49.07
N ARG Z 92 65.10 -33.02 49.87
CA ARG Z 92 64.60 -31.88 50.61
C ARG Z 92 64.29 -30.73 49.66
N PRO Z 93 63.49 -29.73 50.09
CA PRO Z 93 63.34 -28.52 49.27
C PRO Z 93 64.48 -27.52 49.43
N ASP Z 94 65.73 -28.02 49.46
CA ASP Z 94 66.94 -27.22 49.49
C ASP Z 94 67.94 -27.71 48.46
N GLY Z 95 67.63 -28.77 47.72
CA GLY Z 95 68.50 -29.32 46.71
C GLY Z 95 69.21 -30.60 47.10
N GLU Z 96 69.36 -30.86 48.40
CA GLU Z 96 70.10 -32.02 48.85
C GLU Z 96 69.19 -33.23 48.99
N LYS Z 97 69.79 -34.41 48.98
CA LYS Z 97 69.10 -35.67 49.18
C LYS Z 97 69.29 -36.10 50.62
N LYS Z 98 68.24 -36.65 51.22
CA LYS Z 98 68.30 -37.17 52.58
C LYS Z 98 68.14 -38.67 52.54
N ALA Z 99 69.09 -39.39 53.13
CA ALA Z 99 69.12 -40.84 53.10
C ALA Z 99 68.96 -41.39 54.50
N TYR Z 100 67.89 -42.14 54.72
CA TYR Z 100 67.71 -42.93 55.93
C TYR Z 100 68.27 -44.32 55.64
N VAL Z 101 69.42 -44.64 56.22
CA VAL Z 101 70.09 -45.91 55.99
C VAL Z 101 69.69 -46.82 57.13
N ARG Z 102 68.73 -47.71 56.87
CA ARG Z 102 68.36 -48.74 57.82
C ARG Z 102 69.44 -49.80 57.87
N LEU Z 103 70.00 -50.02 59.05
CA LEU Z 103 71.11 -50.95 59.24
C LEU Z 103 70.60 -52.35 59.52
N ALA Z 104 71.50 -53.33 59.37
CA ALA Z 104 71.19 -54.69 59.74
C ALA Z 104 71.12 -54.81 61.26
N PRO Z 105 70.24 -55.65 61.80
CA PRO Z 105 70.05 -55.70 63.25
C PRO Z 105 71.18 -56.34 64.03
N ASP Z 106 72.19 -56.92 63.37
CA ASP Z 106 73.32 -57.45 64.09
C ASP Z 106 74.28 -56.37 64.58
N TYR Z 107 74.23 -55.18 63.99
CA TYR Z 107 75.05 -54.05 64.39
C TYR Z 107 74.15 -52.94 64.93
N ASP Z 108 74.61 -52.29 65.99
CA ASP Z 108 73.82 -51.25 66.64
C ASP Z 108 73.97 -49.92 65.91
N ALA Z 109 72.95 -49.08 66.04
CA ALA Z 109 72.95 -47.75 65.42
C ALA Z 109 73.57 -46.70 66.33
N LEU Z 110 73.32 -46.79 67.64
CA LEU Z 110 73.89 -45.81 68.57
C LEU Z 110 75.41 -45.96 68.69
N ASP Z 111 75.91 -47.19 68.60
CA ASP Z 111 77.35 -47.43 68.67
C ASP Z 111 78.06 -46.88 67.42
N VAL Z 112 77.49 -47.10 66.24
CA VAL Z 112 78.11 -46.57 65.03
C VAL Z 112 77.89 -45.07 64.92
N ALA Z 113 76.85 -44.52 65.57
CA ALA Z 113 76.72 -43.07 65.67
C ALA Z 113 77.80 -42.48 66.57
N ASN Z 114 78.14 -43.19 67.65
CA ASN Z 114 79.27 -42.78 68.48
C ASN Z 114 80.59 -42.92 67.74
N LYS Z 115 80.70 -43.89 66.83
CA LYS Z 115 81.90 -44.02 66.03
C LYS Z 115 82.03 -42.88 65.02
N ILE Z 116 80.94 -42.52 64.34
CA ILE Z 116 81.02 -41.46 63.35
C ILE Z 116 81.06 -40.07 63.99
N GLY Z 117 80.65 -39.95 65.25
CA GLY Z 117 80.85 -38.74 66.02
C GLY Z 117 79.59 -38.08 66.54
N ILE Z 118 78.44 -38.32 65.93
CA ILE Z 118 77.22 -37.62 66.32
C ILE Z 118 76.64 -38.25 67.58
N ILE Z 119 76.01 -37.40 68.40
CA ILE Z 119 75.36 -37.83 69.63
C ILE Z 119 74.24 -36.83 69.96
N MET AA 1 105.89 18.79 32.58
CA MET AA 1 104.79 18.08 31.95
C MET AA 1 105.14 16.61 31.76
N LYS AA 2 104.17 15.83 31.27
CA LYS AA 2 104.42 14.47 30.83
C LYS AA 2 104.37 14.42 29.31
N PHE AA 3 105.27 13.64 28.70
CA PHE AA 3 105.31 13.51 27.25
C PHE AA 3 104.87 12.14 26.76
N ASN AA 4 104.87 11.14 27.62
CA ASN AA 4 104.46 9.80 27.24
C ASN AA 4 102.94 9.77 27.10
N PRO AA 5 102.40 9.45 25.93
CA PRO AA 5 100.94 9.40 25.77
C PRO AA 5 100.28 8.16 26.37
N PHE AA 6 101.05 7.29 27.03
CA PHE AA 6 100.49 6.13 27.73
C PHE AA 6 100.32 6.39 29.22
N VAL AA 7 100.98 7.41 29.77
CA VAL AA 7 100.76 7.83 31.15
C VAL AA 7 99.41 8.51 31.23
N THR AA 8 98.67 8.25 32.33
CA THR AA 8 97.26 8.59 32.39
C THR AA 8 97.04 10.10 32.48
N SER AA 9 97.48 10.72 33.59
CA SER AA 9 97.35 12.16 33.87
C SER AA 9 95.90 12.65 33.82
N ASP AA 10 94.96 11.80 34.21
CA ASP AA 10 93.54 12.15 34.23
C ASP AA 10 93.05 12.12 35.67
N ARG AA 11 92.12 13.03 35.99
CA ARG AA 11 91.62 13.20 37.35
C ARG AA 11 90.89 11.95 37.84
N SER AA 12 89.78 11.62 37.19
CA SER AA 12 88.96 10.49 37.64
C SER AA 12 89.64 9.16 37.39
N LYS AA 13 90.45 9.06 36.33
CA LYS AA 13 91.14 7.80 36.06
C LYS AA 13 92.28 7.57 37.05
N ASN AA 14 93.00 8.62 37.45
CA ASN AA 14 94.02 8.44 38.49
C ASN AA 14 93.40 8.18 39.85
N ARG AA 15 92.25 8.79 40.15
CA ARG AA 15 91.54 8.45 41.38
C ARG AA 15 91.03 7.00 41.35
N LYS AA 16 90.63 6.52 40.17
CA LYS AA 16 90.20 5.13 40.04
C LYS AA 16 91.37 4.17 40.23
N ARG AA 17 92.51 4.45 39.60
CA ARG AA 17 93.68 3.59 39.75
C ARG AA 17 94.29 3.68 41.15
N HIS AA 18 94.00 4.76 41.88
CA HIS AA 18 94.43 4.84 43.28
C HIS AA 18 93.52 4.04 44.19
N PHE AA 19 92.21 4.31 44.14
CA PHE AA 19 91.28 3.69 45.08
C PHE AA 19 90.81 2.30 44.65
N ASN AA 20 91.26 1.78 43.51
CA ASN AA 20 90.97 0.41 43.14
C ASN AA 20 92.25 -0.36 42.84
N ALA AA 21 93.35 0.06 43.44
CA ALA AA 21 94.63 -0.59 43.20
C ALA AA 21 94.68 -1.93 43.93
N PRO AA 22 95.30 -2.95 43.32
CA PRO AA 22 95.49 -4.20 44.04
C PRO AA 22 96.58 -4.12 45.09
N SER AA 23 96.79 -5.21 45.84
CA SER AA 23 97.54 -5.16 47.09
C SER AA 23 99.03 -4.90 46.86
N HIS AA 24 99.60 -5.46 45.79
CA HIS AA 24 101.01 -5.25 45.52
C HIS AA 24 101.33 -3.85 45.00
N ILE AA 25 100.32 -3.11 44.55
CA ILE AA 25 100.51 -1.73 44.12
C ILE AA 25 100.22 -0.82 45.32
N ARG AA 26 99.28 -1.25 46.17
CA ARG AA 26 99.03 -0.56 47.44
C ARG AA 26 100.26 -0.59 48.35
N ARG AA 27 101.05 -1.67 48.28
CA ARG AA 27 102.31 -1.74 49.02
C ARG AA 27 103.30 -0.67 48.56
N LYS AA 28 103.31 -0.37 47.26
CA LYS AA 28 104.22 0.64 46.75
C LYS AA 28 103.69 2.05 46.98
N ILE AA 29 102.37 2.21 46.96
CA ILE AA 29 101.77 3.52 47.26
C ILE AA 29 101.99 3.87 48.73
N MET AA 30 101.87 2.90 49.62
CA MET AA 30 102.05 3.12 51.06
C MET AA 30 103.53 3.01 51.45
N SER AA 31 104.33 3.89 50.88
CA SER AA 31 105.74 3.99 51.23
C SER AA 31 105.98 5.26 52.04
N SER AA 32 107.01 5.21 52.88
CA SER AA 32 107.30 6.28 53.82
C SER AA 32 108.77 6.64 53.76
N PRO AA 33 109.12 7.91 53.97
CA PRO AA 33 110.53 8.30 53.93
C PRO AA 33 111.30 7.81 55.14
N LEU AA 34 112.62 7.79 54.99
CA LEU AA 34 113.53 7.34 56.02
C LEU AA 34 114.12 8.54 56.76
N SER AA 35 114.66 8.27 57.94
CA SER AA 35 115.33 9.32 58.71
C SER AA 35 116.65 9.70 58.04
N LYS AA 36 117.22 10.81 58.49
CA LYS AA 36 118.44 11.33 57.86
C LYS AA 36 119.64 10.42 58.10
N GLU AA 37 119.71 9.75 59.26
CA GLU AA 37 120.77 8.79 59.50
C GLU AA 37 120.66 7.59 58.56
N LEU AA 38 119.44 7.09 58.36
CA LEU AA 38 119.24 5.96 57.46
C LEU AA 38 119.48 6.36 56.00
N ARG AA 39 119.13 7.59 55.63
CA ARG AA 39 119.39 8.06 54.26
C ARG AA 39 120.89 8.22 54.03
N GLN AA 40 121.63 8.72 55.03
CA GLN AA 40 123.08 8.82 54.89
C GLN AA 40 123.73 7.44 54.88
N LYS AA 41 123.16 6.47 55.58
CA LYS AA 41 123.79 5.16 55.67
C LYS AA 41 123.49 4.30 54.44
N TYR AA 42 122.29 4.39 53.87
CA TYR AA 42 121.90 3.51 52.78
C TYR AA 42 121.77 4.17 51.42
N ASN AA 43 121.73 5.51 51.36
CA ASN AA 43 121.42 6.30 50.15
C ASN AA 43 120.08 5.87 49.55
N VAL AA 44 119.08 5.74 50.41
CA VAL AA 44 117.72 5.34 50.02
C VAL AA 44 116.76 6.42 50.50
N ARG AA 45 115.96 6.96 49.57
CA ARG AA 45 115.06 8.05 49.90
C ARG AA 45 113.83 7.57 50.67
N SER AA 46 113.13 6.57 50.13
CA SER AA 46 111.91 6.08 50.74
C SER AA 46 111.82 4.57 50.58
N MET AA 47 111.02 3.95 51.46
CA MET AA 47 110.78 2.53 51.46
C MET AA 47 109.33 2.25 51.84
N PRO AA 48 108.76 1.16 51.32
CA PRO AA 48 107.46 0.70 51.84
C PRO AA 48 107.59 0.16 53.26
N ILE AA 49 106.55 0.38 54.05
CA ILE AA 49 106.61 0.06 55.47
C ILE AA 49 106.16 -1.39 55.70
N ARG AA 50 106.66 -1.99 56.78
CA ARG AA 50 106.50 -3.41 57.05
C ARG AA 50 105.72 -3.55 58.37
N LYS AA 51 105.53 -4.80 58.81
CA LYS AA 51 104.72 -5.11 59.98
C LYS AA 51 105.33 -4.55 61.26
N ASP AA 52 106.65 -4.55 61.36
CA ASP AA 52 107.34 -4.23 62.61
C ASP AA 52 108.47 -3.22 62.39
N ASP AA 53 108.18 -2.13 61.70
CA ASP AA 53 109.12 -1.03 61.56
C ASP AA 53 108.93 -0.01 62.67
N GLU AA 54 110.00 0.72 62.98
CA GLU AA 54 109.97 1.75 64.01
C GLU AA 54 109.71 3.11 63.40
N VAL AA 55 108.78 3.85 64.02
CA VAL AA 55 108.11 4.99 63.39
C VAL AA 55 108.07 6.16 64.35
N GLN AA 56 108.49 7.33 63.88
CA GLN AA 56 108.11 8.61 64.47
C GLN AA 56 106.99 9.23 63.65
N VAL AA 57 106.02 9.82 64.36
CA VAL AA 57 104.88 10.47 63.73
C VAL AA 57 105.24 11.92 63.49
N VAL AA 58 105.12 12.37 62.24
CA VAL AA 58 105.61 13.68 61.84
C VAL AA 58 104.54 14.75 61.94
N ARG AA 59 103.36 14.50 61.38
CA ARG AA 59 102.29 15.49 61.36
C ARG AA 59 100.99 14.88 61.90
N GLY AA 60 100.16 15.73 62.49
CA GLY AA 60 98.86 15.36 62.99
C GLY AA 60 98.69 15.79 64.43
N HIS AA 61 97.55 15.40 65.02
CA HIS AA 61 97.30 15.66 66.43
C HIS AA 61 98.19 14.80 67.32
N TYR AA 62 98.61 13.63 66.83
CA TYR AA 62 99.48 12.72 67.56
C TYR AA 62 100.95 12.94 67.20
N LYS AA 63 101.32 14.17 66.88
CA LYS AA 63 102.70 14.53 66.58
C LYS AA 63 103.56 14.45 67.83
N GLY AA 64 104.74 13.85 67.68
CA GLY AA 64 105.67 13.76 68.80
C GLY AA 64 107.00 13.22 68.35
N GLN AA 65 107.86 12.94 69.33
CA GLN AA 65 109.18 12.39 69.07
C GLN AA 65 109.30 10.93 69.51
N GLN AA 66 108.19 10.30 69.86
CA GLN AA 66 108.21 8.92 70.35
C GLN AA 66 108.37 7.95 69.20
N ILE AA 67 109.38 7.09 69.30
CA ILE AA 67 109.63 6.05 68.31
C ILE AA 67 108.73 4.87 68.62
N GLY AA 68 107.70 4.67 67.82
CA GLY AA 68 106.73 3.62 68.05
C GLY AA 68 106.80 2.55 66.97
N LYS AA 69 106.76 1.29 67.40
CA LYS AA 69 106.72 0.17 66.47
C LYS AA 69 105.35 0.10 65.83
N VAL AA 70 105.33 -0.26 64.54
CA VAL AA 70 104.07 -0.51 63.85
C VAL AA 70 103.40 -1.73 64.45
N VAL AA 71 102.13 -1.59 64.84
CA VAL AA 71 101.33 -2.78 65.13
C VAL AA 71 101.09 -3.56 63.84
N GLN AA 72 100.39 -2.94 62.88
CA GLN AA 72 100.09 -3.65 61.64
C GLN AA 72 99.75 -2.67 60.53
N VAL AA 73 100.04 -3.09 59.30
CA VAL AA 73 99.84 -2.26 58.11
C VAL AA 73 98.52 -2.68 57.46
N TYR AA 74 97.54 -1.79 57.48
CA TYR AA 74 96.20 -2.08 56.97
C TYR AA 74 96.07 -1.39 55.61
N ARG AA 75 96.25 -2.16 54.54
CA ARG AA 75 96.38 -1.62 53.20
C ARG AA 75 95.04 -1.38 52.51
N LYS AA 76 93.92 -1.73 53.13
CA LYS AA 76 92.63 -1.44 52.53
C LYS AA 76 92.28 0.05 52.67
N LYS AA 77 92.41 0.59 53.88
CA LYS AA 77 92.16 2.00 54.12
C LYS AA 77 93.39 2.87 53.91
N TYR AA 78 94.48 2.29 53.40
CA TYR AA 78 95.78 2.94 53.21
C TYR AA 78 96.28 3.55 54.52
N VAL AA 79 96.49 2.72 55.54
CA VAL AA 79 96.80 3.23 56.87
C VAL AA 79 97.66 2.22 57.61
N ILE AA 80 98.30 2.68 58.68
CA ILE AA 80 99.09 1.80 59.55
C ILE AA 80 98.67 2.04 60.99
N TYR AA 81 98.82 1.00 61.81
CA TYR AA 81 98.58 1.07 63.24
C TYR AA 81 99.91 0.93 63.96
N ILE AA 82 100.20 1.88 64.84
CA ILE AA 82 101.43 1.98 65.61
C ILE AA 82 101.07 1.61 67.05
N GLU AA 83 102.09 1.27 67.86
CA GLU AA 83 101.87 0.81 69.23
C GLU AA 83 101.22 1.88 70.10
N ARG AA 84 101.91 2.99 70.34
CA ARG AA 84 101.44 4.00 71.28
C ARG AA 84 100.51 5.01 70.64
N VAL AA 85 100.23 4.90 69.34
CA VAL AA 85 99.30 5.82 68.67
C VAL AA 85 97.92 5.18 68.79
N GLN AA 86 97.31 5.40 69.95
CA GLN AA 86 96.02 4.78 70.27
C GLN AA 86 95.16 5.82 70.96
N ARG AA 87 93.94 5.41 71.31
CA ARG AA 87 92.97 6.34 71.87
C ARG AA 87 91.91 5.54 72.64
N GLU AA 88 91.51 6.08 73.78
CA GLU AA 88 90.48 5.44 74.58
C GLU AA 88 89.10 5.69 74.00
N LYS AA 89 88.27 4.64 73.94
CA LYS AA 89 86.91 4.74 73.45
C LYS AA 89 86.03 5.18 74.62
N ALA AA 90 84.70 5.13 74.46
CA ALA AA 90 83.81 5.45 75.56
C ALA AA 90 83.83 4.36 76.62
N ASN AA 91 83.95 3.11 76.21
CA ASN AA 91 83.92 1.97 77.13
C ASN AA 91 85.28 1.65 77.75
N GLY AA 92 86.27 2.55 77.61
CA GLY AA 92 87.55 2.37 78.25
C GLY AA 92 88.56 1.57 77.46
N THR AA 93 88.14 0.87 76.41
CA THR AA 93 89.06 0.08 75.60
C THR AA 93 89.86 0.99 74.67
N THR AA 94 91.13 0.66 74.47
CA THR AA 94 92.00 1.45 73.61
C THR AA 94 92.02 0.88 72.20
N VAL AA 95 91.80 1.75 71.22
CA VAL AA 95 91.84 1.39 69.81
C VAL AA 95 92.94 2.20 69.15
N HIS AA 96 93.78 1.53 68.36
CA HIS AA 96 94.90 2.19 67.71
C HIS AA 96 94.40 3.11 66.60
N VAL AA 97 94.74 4.39 66.70
CA VAL AA 97 94.33 5.37 65.70
C VAL AA 97 95.29 5.27 64.52
N GLY AA 98 94.73 5.08 63.33
CA GLY AA 98 95.55 4.92 62.15
C GLY AA 98 96.16 6.22 61.66
N ILE AA 99 97.38 6.12 61.17
CA ILE AA 99 98.10 7.23 60.57
C ILE AA 99 98.44 6.84 59.14
N HIS AA 100 98.25 7.77 58.20
CA HIS AA 100 98.64 7.50 56.83
C HIS AA 100 100.17 7.50 56.73
N PRO AA 101 100.75 6.58 55.95
CA PRO AA 101 102.22 6.45 55.92
C PRO AA 101 102.96 7.62 55.28
N SER AA 102 102.29 8.56 54.64
CA SER AA 102 102.97 9.75 54.13
C SER AA 102 103.40 10.68 55.25
N LYS AA 103 102.73 10.61 56.40
CA LYS AA 103 103.07 11.41 57.58
C LYS AA 103 103.93 10.63 58.56
N VAL AA 104 104.73 9.70 58.05
CA VAL AA 104 105.43 8.69 58.84
C VAL AA 104 106.87 8.64 58.39
N VAL AA 105 107.81 8.73 59.34
CA VAL AA 105 109.23 8.57 59.03
C VAL AA 105 109.74 7.32 59.75
N ILE AA 106 110.65 6.61 59.08
CA ILE AA 106 111.23 5.38 59.60
C ILE AA 106 112.54 5.74 60.28
N THR AA 107 112.71 5.27 61.53
CA THR AA 107 113.96 5.43 62.25
C THR AA 107 114.79 4.16 62.29
N ARG AA 108 114.17 2.98 62.32
CA ARG AA 108 114.87 1.71 62.25
C ARG AA 108 114.10 0.74 61.37
N LEU AA 109 114.80 0.08 60.46
CA LEU AA 109 114.20 -0.93 59.60
C LEU AA 109 114.32 -2.32 60.23
N LYS AA 110 113.42 -3.21 59.82
CA LYS AA 110 113.49 -4.62 60.23
C LYS AA 110 114.07 -5.38 59.05
N LEU AA 111 115.36 -5.66 59.12
CA LEU AA 111 116.12 -6.11 57.95
C LEU AA 111 116.03 -7.62 57.79
N ASP AA 112 115.59 -8.05 56.61
CA ASP AA 112 115.71 -9.43 56.17
C ASP AA 112 116.42 -9.44 54.82
N LYS AA 113 116.53 -10.61 54.18
CA LYS AA 113 117.30 -10.73 52.94
C LYS AA 113 116.61 -10.01 51.78
N ASP AA 114 115.27 -10.05 51.76
CA ASP AA 114 114.53 -9.33 50.73
C ASP AA 114 114.68 -7.83 50.87
N ARG AA 115 114.63 -7.31 52.09
CA ARG AA 115 114.82 -5.87 52.28
C ARG AA 115 116.25 -5.45 52.00
N LYS AA 116 117.22 -6.32 52.32
CA LYS AA 116 118.61 -6.03 51.99
C LYS AA 116 118.84 -5.97 50.48
N LYS AA 117 118.23 -6.89 49.72
CA LYS AA 117 118.43 -6.84 48.27
C LYS AA 117 117.63 -5.69 47.63
N ILE AA 118 116.49 -5.30 48.23
CA ILE AA 118 115.77 -4.12 47.74
C ILE AA 118 116.59 -2.84 47.96
N LEU AA 119 117.18 -2.70 49.14
CA LEU AA 119 118.00 -1.52 49.42
C LEU AA 119 119.29 -1.52 48.60
N GLU AA 120 119.88 -2.69 48.34
CA GLU AA 120 121.06 -2.73 47.48
C GLU AA 120 120.70 -2.38 46.03
N ARG AA 121 119.53 -2.83 45.56
CA ARG AA 121 119.09 -2.48 44.21
C ARG AA 121 118.80 -0.99 44.08
N LYS AA 122 118.19 -0.39 45.11
CA LYS AA 122 117.90 1.04 45.07
C LYS AA 122 119.17 1.87 45.19
N ALA AA 123 120.15 1.41 45.98
CA ALA AA 123 121.42 2.12 46.08
C ALA AA 123 122.21 2.01 44.77
N LYS AA 124 122.12 0.86 44.10
CA LYS AA 124 122.75 0.71 42.80
C LYS AA 124 122.10 1.60 41.75
N SER AA 125 120.78 1.75 41.80
CA SER AA 125 120.09 2.63 40.88
C SER AA 125 120.42 4.10 41.14
N ARG AA 126 120.57 4.48 42.42
CA ARG AA 126 121.02 5.83 42.76
C ARG AA 126 122.44 6.07 42.31
N GLN AA 127 123.30 5.06 42.39
CA GLN AA 127 124.68 5.20 41.94
C GLN AA 127 124.75 5.35 40.42
N VAL AA 128 123.93 4.59 39.69
CA VAL AA 128 123.89 4.71 38.23
C VAL AA 128 123.32 6.07 37.82
N GLY AA 129 122.29 6.55 38.54
CA GLY AA 129 121.75 7.86 38.25
C GLY AA 129 122.70 9.00 38.56
N LYS AA 130 123.47 8.88 39.65
CA LYS AA 130 124.46 9.89 39.99
C LYS AA 130 125.62 9.87 39.00
N GLU AA 131 126.00 8.69 38.50
CA GLU AA 131 127.04 8.62 37.48
C GLU AA 131 126.55 9.18 36.15
N LYS AA 132 125.28 8.99 35.82
CA LYS AA 132 124.74 9.56 34.58
C LYS AA 132 124.57 11.07 34.70
N GLY AA 133 124.26 11.58 35.89
CA GLY AA 133 124.18 13.01 36.09
C GLY AA 133 125.51 13.69 36.27
N LYS AA 134 126.56 12.96 36.65
CA LYS AA 134 127.88 13.52 36.82
C LYS AA 134 128.55 13.78 35.47
N GLY BA 1 17.71 -100.66 7.82
CA GLY BA 1 17.30 -100.81 9.20
C GLY BA 1 18.32 -100.26 10.19
N LYS BA 2 18.58 -101.01 11.25
CA LYS BA 2 19.56 -100.61 12.25
C LYS BA 2 20.97 -100.76 11.67
N PHE BA 3 21.77 -99.69 11.78
CA PHE BA 3 23.07 -99.64 11.15
C PHE BA 3 24.23 -99.46 12.13
N MET BA 4 23.95 -99.21 13.41
CA MET BA 4 25.01 -99.06 14.41
C MET BA 4 25.50 -100.46 14.75
N LYS BA 5 26.47 -100.94 13.99
CA LYS BA 5 26.97 -102.30 14.08
C LYS BA 5 28.28 -102.35 14.87
N PRO BA 6 28.67 -103.53 15.38
CA PRO BA 6 29.98 -103.66 16.04
C PRO BA 6 31.18 -103.73 15.10
N GLY BA 7 31.03 -103.32 13.85
CA GLY BA 7 32.16 -103.16 12.96
C GLY BA 7 32.16 -101.79 12.31
N LYS BA 8 31.48 -100.84 12.93
CA LYS BA 8 31.24 -99.52 12.35
C LYS BA 8 32.30 -98.52 12.81
N VAL BA 9 32.78 -97.71 11.87
CA VAL BA 9 33.68 -96.59 12.16
C VAL BA 9 32.83 -95.39 12.53
N VAL BA 10 33.19 -94.72 13.63
CA VAL BA 10 32.37 -93.69 14.24
C VAL BA 10 33.27 -92.52 14.65
N LEU BA 11 32.91 -91.31 14.21
CA LEU BA 11 33.56 -90.11 14.71
C LEU BA 11 33.05 -89.79 16.11
N VAL BA 12 33.97 -89.62 17.06
CA VAL BA 12 33.60 -89.13 18.38
C VAL BA 12 33.26 -87.65 18.27
N LEU BA 13 32.05 -87.28 18.68
CA LEU BA 13 31.53 -85.96 18.42
C LEU BA 13 31.67 -85.00 19.59
N ALA BA 14 31.69 -85.51 20.83
CA ALA BA 14 31.79 -84.67 22.01
C ALA BA 14 32.85 -85.23 22.95
N GLY BA 15 33.06 -84.53 24.07
CA GLY BA 15 34.02 -84.98 25.06
C GLY BA 15 35.43 -84.48 24.79
N ARG BA 16 36.37 -85.08 25.51
CA ARG BA 16 37.79 -84.73 25.36
C ARG BA 16 38.36 -85.22 24.04
N TYR BA 17 37.77 -86.26 23.45
CA TYR BA 17 38.24 -86.87 22.21
C TYR BA 17 37.45 -86.39 21.01
N SER BA 18 37.06 -85.11 21.00
CA SER BA 18 36.21 -84.55 19.96
C SER BA 18 36.96 -84.50 18.63
N GLY BA 19 36.40 -85.17 17.63
CA GLY BA 19 37.00 -85.27 16.32
C GLY BA 19 37.82 -86.51 16.09
N ARG BA 20 37.98 -87.36 17.10
CA ARG BA 20 38.74 -88.59 16.93
C ARG BA 20 37.88 -89.65 16.26
N LYS BA 21 38.52 -90.76 15.89
CA LYS BA 21 37.87 -91.84 15.20
C LYS BA 21 37.89 -93.10 16.07
N ALA BA 22 36.82 -93.88 16.00
CA ALA BA 22 36.67 -95.02 16.89
C ALA BA 22 35.95 -96.14 16.15
N VAL BA 23 36.01 -97.33 16.74
CA VAL BA 23 35.31 -98.51 16.22
C VAL BA 23 34.40 -99.03 17.32
N ILE BA 24 33.12 -99.21 16.99
CA ILE BA 24 32.17 -99.81 17.92
C ILE BA 24 32.57 -101.26 18.16
N VAL BA 25 32.58 -101.67 19.43
CA VAL BA 25 32.69 -103.08 19.77
C VAL BA 25 31.46 -103.61 20.47
N LYS BA 26 30.57 -102.74 20.96
CA LYS BA 26 29.33 -103.22 21.54
C LYS BA 26 28.28 -102.11 21.42
N ASN BA 27 27.04 -102.50 21.09
CA ASN BA 27 25.92 -101.57 20.94
C ASN BA 27 24.75 -102.04 21.81
N ILE BA 28 24.64 -101.49 23.02
CA ILE BA 28 23.72 -102.06 24.00
C ILE BA 28 22.28 -101.66 23.67
N ASP BA 29 22.04 -100.36 23.48
CA ASP BA 29 20.82 -99.65 23.00
C ASP BA 29 19.48 -100.25 23.43
N ASP BA 30 19.40 -100.71 24.67
CA ASP BA 30 18.15 -101.22 25.21
C ASP BA 30 17.89 -100.65 26.60
N GLY BA 31 18.97 -100.35 27.32
CA GLY BA 31 18.87 -99.90 28.70
C GLY BA 31 19.64 -100.80 29.65
N THR BA 32 19.95 -100.28 30.83
CA THR BA 32 20.78 -101.03 31.78
C THR BA 32 20.15 -100.99 33.16
N SER BA 33 19.37 -99.92 33.43
CA SER BA 33 18.78 -99.46 34.69
C SER BA 33 19.84 -98.92 35.66
N ASP BA 34 21.10 -98.97 35.26
CA ASP BA 34 22.17 -98.16 35.84
C ASP BA 34 22.73 -97.18 34.82
N ARG BA 35 22.17 -97.17 33.62
CA ARG BA 35 22.52 -96.31 32.50
C ARG BA 35 21.32 -96.33 31.55
N PRO BA 36 20.29 -95.52 31.84
CA PRO BA 36 18.97 -95.75 31.22
C PRO BA 36 18.86 -95.34 29.76
N TYR BA 37 19.87 -94.70 29.18
CA TYR BA 37 19.81 -94.30 27.79
C TYR BA 37 20.38 -95.39 26.89
N SER BA 38 20.24 -95.20 25.58
CA SER BA 38 20.84 -96.09 24.60
C SER BA 38 22.29 -95.70 24.40
N HIS BA 39 23.18 -96.69 24.48
CA HIS BA 39 24.61 -96.39 24.43
C HIS BA 39 25.36 -97.48 23.67
N ALA BA 40 26.60 -97.15 23.34
CA ALA BA 40 27.48 -98.04 22.58
C ALA BA 40 28.89 -97.89 23.12
N LEU BA 41 29.47 -99.02 23.52
CA LEU BA 41 30.85 -99.07 23.99
C LEU BA 41 31.76 -99.20 22.78
N VAL BA 42 32.64 -98.21 22.59
CA VAL BA 42 33.54 -98.16 21.45
C VAL BA 42 34.97 -98.24 21.96
N ALA BA 43 35.87 -98.59 21.05
CA ALA BA 43 37.31 -98.60 21.30
C ALA BA 43 37.99 -97.85 20.16
N GLY BA 44 38.64 -96.74 20.49
CA GLY BA 44 39.17 -95.88 19.46
C GLY BA 44 40.64 -95.55 19.60
N ILE BA 45 41.11 -94.57 18.84
CA ILE BA 45 42.52 -94.17 18.84
C ILE BA 45 42.60 -92.67 19.11
N ASP BA 46 43.63 -92.27 19.86
CA ASP BA 46 43.77 -90.91 20.36
C ASP BA 46 44.87 -90.15 19.63
N ARG BA 47 46.09 -90.69 19.63
CA ARG BA 47 47.23 -90.05 19.00
C ARG BA 47 47.49 -90.70 17.65
N TYR BA 48 47.35 -89.92 16.60
CA TYR BA 48 47.46 -90.30 15.20
C TYR BA 48 48.93 -90.34 14.78
N PRO BA 49 49.31 -91.33 13.96
CA PRO BA 49 50.68 -91.36 13.45
C PRO BA 49 50.92 -90.27 12.42
N ARG BA 50 52.19 -89.91 12.26
CA ARG BA 50 52.55 -88.75 11.48
C ARG BA 50 52.91 -89.15 10.04
N LYS BA 51 53.25 -88.15 9.23
CA LYS BA 51 53.55 -88.37 7.82
C LYS BA 51 54.96 -88.92 7.68
N VAL BA 52 55.14 -89.83 6.71
CA VAL BA 52 56.32 -90.69 6.66
C VAL BA 52 57.33 -90.22 5.61
N THR BA 53 56.87 -89.79 4.42
CA THR BA 53 57.63 -89.14 3.35
C THR BA 53 58.80 -89.96 2.79
N ALA BA 54 58.91 -91.26 3.12
CA ALA BA 54 59.79 -92.24 2.48
C ALA BA 54 61.29 -91.95 2.54
N ALA BA 55 61.70 -90.88 3.21
CA ALA BA 55 63.10 -90.50 3.35
C ALA BA 55 63.40 -90.18 4.80
N MET BA 56 62.70 -90.88 5.70
CA MET BA 56 62.75 -90.59 7.12
C MET BA 56 63.68 -91.51 7.88
N GLY BA 57 63.80 -92.77 7.48
CA GLY BA 57 64.69 -93.71 8.12
C GLY BA 57 64.09 -95.09 8.28
N LYS BA 58 64.44 -95.79 9.36
CA LYS BA 58 63.72 -96.98 9.81
C LYS BA 58 63.22 -96.83 11.24
N LYS BA 59 64.12 -96.52 12.16
CA LYS BA 59 63.74 -96.30 13.56
C LYS BA 59 62.91 -95.04 13.70
N LYS BA 60 63.15 -94.03 12.87
CA LYS BA 60 62.34 -92.82 12.96
C LYS BA 60 60.94 -93.05 12.38
N ILE BA 61 60.80 -93.92 11.37
CA ILE BA 61 59.47 -94.30 10.91
C ILE BA 61 58.75 -95.12 11.98
N ALA BA 62 59.49 -96.01 12.67
CA ALA BA 62 58.91 -96.76 13.78
C ALA BA 62 58.53 -95.85 14.95
N LYS BA 63 59.20 -94.71 15.09
CA LYS BA 63 58.85 -93.74 16.12
C LYS BA 63 57.64 -92.90 15.70
N ARG BA 64 57.55 -92.55 14.41
CA ARG BA 64 56.38 -91.81 13.93
C ARG BA 64 55.13 -92.67 13.90
N SER BA 65 55.28 -93.98 13.75
CA SER BA 65 54.11 -94.87 13.67
C SER BA 65 53.71 -95.41 15.05
N LYS BA 66 53.48 -94.49 15.99
CA LYS BA 66 52.95 -94.82 17.30
C LYS BA 66 51.50 -94.37 17.39
N ILE BA 67 50.65 -95.25 17.95
CA ILE BA 67 49.21 -95.02 17.99
C ILE BA 67 48.75 -95.22 19.43
N LYS BA 68 48.18 -94.17 20.02
CA LYS BA 68 47.61 -94.25 21.36
C LYS BA 68 46.11 -94.49 21.24
N SER BA 69 45.60 -95.45 22.00
CA SER BA 69 44.21 -95.88 21.91
C SER BA 69 43.45 -95.49 23.15
N PHE BA 70 42.14 -95.75 23.12
CA PHE BA 70 41.26 -95.56 24.27
C PHE BA 70 40.06 -96.48 24.13
N VAL BA 71 39.27 -96.54 25.20
CA VAL BA 71 38.00 -97.27 25.20
C VAL BA 71 37.00 -96.47 26.02
N LYS BA 72 35.77 -96.33 25.52
CA LYS BA 72 34.84 -95.39 26.12
C LYS BA 72 33.40 -95.75 25.74
N VAL BA 73 32.49 -95.56 26.69
CA VAL BA 73 31.06 -95.61 26.43
C VAL BA 73 30.59 -94.19 26.10
N TYR BA 74 29.90 -94.04 24.97
CA TYR BA 74 29.32 -92.76 24.59
C TYR BA 74 27.80 -92.90 24.45
N ASN BA 75 27.16 -91.78 24.11
CA ASN BA 75 25.78 -91.77 23.68
C ASN BA 75 25.66 -92.19 22.22
N TYR BA 76 24.46 -92.02 21.67
CA TYR BA 76 24.31 -92.13 20.22
C TYR BA 76 24.19 -90.76 19.54
N ASN BA 77 23.68 -89.75 20.25
CA ASN BA 77 23.67 -88.39 19.73
C ASN BA 77 24.94 -87.62 20.07
N HIS BA 78 25.90 -88.28 20.71
CA HIS BA 78 27.25 -87.76 20.89
C HIS BA 78 28.26 -88.48 19.99
N LEU BA 79 27.78 -89.13 18.94
CA LEU BA 79 28.64 -89.86 18.01
C LEU BA 79 28.20 -89.57 16.58
N MET BA 80 29.06 -89.97 15.64
CA MET BA 80 28.84 -89.71 14.22
C MET BA 80 29.34 -90.90 13.40
N PRO BA 81 28.47 -91.83 13.03
CA PRO BA 81 28.90 -92.95 12.18
C PRO BA 81 29.14 -92.51 10.75
N THR BA 82 29.82 -93.38 10.01
CA THR BA 82 30.16 -93.14 8.61
C THR BA 82 29.80 -94.37 7.79
N ARG BA 83 30.12 -94.30 6.49
CA ARG BA 83 29.92 -95.45 5.60
C ARG BA 83 31.02 -96.48 5.71
N TYR BA 84 32.16 -96.13 6.33
CA TYR BA 84 33.29 -97.02 6.39
C TYR BA 84 33.10 -98.08 7.47
N SER BA 85 33.97 -99.08 7.46
CA SER BA 85 33.90 -100.19 8.39
C SER BA 85 35.28 -100.79 8.54
N VAL BA 86 35.62 -101.18 9.77
CA VAL BA 86 36.88 -101.85 10.09
C VAL BA 86 36.55 -103.16 10.79
N ASP BA 87 36.96 -104.27 10.19
CA ASP BA 87 36.64 -105.61 10.72
C ASP BA 87 37.73 -106.09 11.68
N ILE BA 88 38.04 -105.25 12.66
CA ILE BA 88 39.03 -105.54 13.69
C ILE BA 88 38.39 -106.49 14.70
N PRO BA 89 39.10 -107.55 15.15
CA PRO BA 89 38.49 -108.50 16.10
C PRO BA 89 38.07 -107.89 17.44
N LEU BA 90 39.05 -107.40 18.22
CA LEU BA 90 38.86 -106.79 19.54
C LEU BA 90 37.98 -107.66 20.45
N ASP BA 91 38.55 -108.81 20.82
CA ASP BA 91 37.81 -109.87 21.52
C ASP BA 91 37.28 -109.41 22.88
N LYS BA 92 36.20 -110.06 23.31
CA LYS BA 92 35.48 -109.67 24.52
C LYS BA 92 36.12 -110.18 25.80
N THR BA 93 37.21 -110.94 25.70
CA THR BA 93 37.91 -111.38 26.91
C THR BA 93 38.69 -110.25 27.56
N VAL BA 94 38.96 -109.17 26.83
CA VAL BA 94 39.67 -108.01 27.35
C VAL BA 94 38.76 -106.79 27.41
N VAL BA 95 38.05 -106.48 26.32
CA VAL BA 95 37.17 -105.33 26.25
C VAL BA 95 35.75 -105.80 26.53
N ASN BA 96 35.21 -105.38 27.68
CA ASN BA 96 33.88 -105.77 28.10
C ASN BA 96 33.25 -104.55 28.79
N LYS BA 97 32.16 -104.78 29.52
CA LYS BA 97 31.49 -103.71 30.24
C LYS BA 97 32.00 -103.53 31.66
N ASP BA 98 32.67 -104.54 32.23
CA ASP BA 98 33.27 -104.43 33.55
C ASP BA 98 34.71 -103.91 33.50
N VAL BA 99 35.05 -103.16 32.46
CA VAL BA 99 36.39 -102.58 32.34
C VAL BA 99 36.52 -101.34 33.21
N PHE BA 100 35.49 -100.50 33.24
CA PHE BA 100 35.56 -99.21 33.91
C PHE BA 100 35.55 -99.31 35.42
N ARG BA 101 35.12 -100.45 35.98
CA ARG BA 101 35.07 -100.60 37.42
C ARG BA 101 36.42 -100.98 38.03
N ASP BA 102 37.47 -101.10 37.22
CA ASP BA 102 38.80 -101.42 37.71
C ASP BA 102 39.83 -100.75 36.81
N PRO BA 103 40.62 -99.80 37.32
CA PRO BA 103 41.60 -99.11 36.46
C PRO BA 103 42.81 -99.96 36.08
N ALA BA 104 42.98 -101.14 36.67
CA ALA BA 104 44.08 -102.01 36.26
C ALA BA 104 43.78 -102.75 34.96
N LEU BA 105 42.49 -103.03 34.69
CA LEU BA 105 42.10 -103.70 33.46
C LEU BA 105 41.85 -102.73 32.31
N LYS BA 106 41.59 -101.45 32.61
CA LYS BA 106 41.40 -100.48 31.53
C LYS BA 106 42.72 -100.12 30.88
N ARG BA 107 43.82 -100.18 31.64
CA ARG BA 107 45.14 -100.09 31.04
C ARG BA 107 45.43 -101.30 30.16
N LYS BA 108 44.93 -102.48 30.56
CA LYS BA 108 45.05 -103.68 29.74
C LYS BA 108 44.20 -103.59 28.48
N ALA BA 109 43.02 -102.95 28.58
CA ALA BA 109 42.18 -102.76 27.41
C ALA BA 109 42.78 -101.76 26.43
N ARG BA 110 43.47 -100.75 26.93
CA ARG BA 110 44.21 -99.83 26.08
C ARG BA 110 45.46 -100.48 25.50
N ARG BA 111 46.05 -101.42 26.25
CA ARG BA 111 47.24 -102.13 25.77
C ARG BA 111 46.89 -103.11 24.66
N GLU BA 112 45.77 -103.82 24.80
CA GLU BA 112 45.37 -104.80 23.80
C GLU BA 112 44.85 -104.12 22.53
N ALA BA 113 44.15 -102.99 22.68
CA ALA BA 113 43.64 -102.28 21.51
C ALA BA 113 44.72 -101.46 20.82
N LYS BA 114 45.90 -101.31 21.43
CA LYS BA 114 46.96 -100.52 20.81
C LYS BA 114 47.58 -101.24 19.63
N VAL BA 115 47.93 -102.52 19.81
CA VAL BA 115 48.63 -103.27 18.76
C VAL BA 115 47.67 -103.60 17.62
N LYS BA 116 46.40 -103.82 17.95
CA LYS BA 116 45.43 -104.25 16.94
C LYS BA 116 45.10 -103.14 15.94
N PHE BA 117 45.22 -101.87 16.36
CA PHE BA 117 45.14 -100.79 15.38
C PHE BA 117 46.50 -100.48 14.77
N GLU BA 118 47.60 -100.84 15.45
CA GLU BA 118 48.92 -100.56 14.92
C GLU BA 118 49.36 -101.57 13.87
N GLU BA 119 48.93 -102.83 14.01
CA GLU BA 119 49.28 -103.85 13.03
C GLU BA 119 48.47 -103.72 11.74
N ARG BA 120 47.37 -102.97 11.75
CA ARG BA 120 46.56 -102.75 10.56
C ARG BA 120 46.82 -101.38 9.94
N TYR BA 121 47.46 -100.47 10.68
CA TYR BA 121 47.99 -99.26 10.06
C TYR BA 121 49.07 -99.59 9.03
N LYS BA 122 49.84 -100.64 9.27
CA LYS BA 122 50.76 -101.15 8.27
C LYS BA 122 50.00 -101.84 7.14
N THR BA 123 50.72 -102.14 6.07
CA THR BA 123 50.27 -102.78 4.82
C THR BA 123 49.19 -101.97 4.08
N GLY BA 124 48.97 -100.71 4.45
CA GLY BA 124 48.14 -99.81 3.68
C GLY BA 124 46.65 -100.10 3.68
N LYS BA 125 46.13 -100.80 4.69
CA LYS BA 125 44.71 -101.09 4.78
C LYS BA 125 44.01 -100.12 5.72
N ASN BA 126 42.86 -99.61 5.27
CA ASN BA 126 42.02 -98.63 5.98
C ASN BA 126 42.82 -97.38 6.35
N LYS BA 127 43.27 -96.67 5.30
CA LYS BA 127 44.10 -95.49 5.48
C LYS BA 127 43.30 -94.25 5.82
N TRP BA 128 41.99 -94.24 5.61
CA TRP BA 128 41.17 -93.10 6.02
C TRP BA 128 41.06 -93.02 7.53
N PHE BA 129 41.03 -94.18 8.20
CA PHE BA 129 40.81 -94.25 9.64
C PHE BA 129 41.97 -93.69 10.44
N PHE BA 130 43.17 -93.66 9.89
CA PHE BA 130 44.36 -93.21 10.60
C PHE BA 130 44.82 -91.84 10.13
N GLN BA 131 43.96 -91.12 9.41
CA GLN BA 131 44.21 -89.75 9.01
C GLN BA 131 43.26 -88.84 9.78
N LYS BA 132 43.76 -87.68 10.19
CA LYS BA 132 42.98 -86.79 11.03
C LYS BA 132 41.94 -86.03 10.22
N LEU BA 133 40.78 -85.81 10.83
CA LEU BA 133 39.76 -84.97 10.23
C LEU BA 133 40.20 -83.52 10.34
N ARG BA 134 40.23 -82.82 9.21
CA ARG BA 134 40.72 -81.44 9.17
C ARG BA 134 39.56 -80.50 9.49
N PHE BA 135 39.30 -80.34 10.78
CA PHE BA 135 38.29 -79.39 11.23
C PHE BA 135 38.95 -78.25 11.99
N PRO CA 1 77.89 33.14 17.29
CA PRO CA 1 77.54 33.78 18.56
C PRO CA 1 76.04 33.86 18.81
N SER CA 2 75.55 32.97 19.68
CA SER CA 2 74.16 33.05 20.12
C SER CA 2 73.93 34.21 21.07
N ARG CA 3 75.01 34.83 21.57
CA ARG CA 3 74.92 36.04 22.37
C ARG CA 3 74.33 37.20 21.56
N LEU CA 4 74.60 37.24 20.26
CA LEU CA 4 74.19 38.36 19.42
C LEU CA 4 73.02 38.03 18.50
N ARG CA 5 72.45 36.83 18.61
CA ARG CA 5 71.35 36.46 17.74
C ARG CA 5 70.04 37.06 18.24
N LYS CA 6 68.98 36.88 17.45
CA LYS CA 6 67.70 37.53 17.70
C LYS CA 6 66.89 36.84 18.79
N THR CA 7 67.15 35.56 19.06
CA THR CA 7 66.40 34.81 20.05
C THR CA 7 66.67 35.27 21.49
N ARG CA 8 67.69 36.10 21.71
CA ARG CA 8 67.92 36.65 23.03
C ARG CA 8 67.09 37.88 23.29
N LYS CA 9 66.82 38.68 22.26
CA LYS CA 9 65.99 39.87 22.41
C LYS CA 9 64.50 39.56 22.40
N LEU CA 10 64.12 38.31 22.19
CA LEU CA 10 62.72 37.91 22.13
C LEU CA 10 62.30 37.09 23.35
N ARG CA 11 63.11 37.08 24.40
CA ARG CA 11 62.73 36.44 25.66
C ARG CA 11 61.77 37.36 26.40
N GLY CA 12 60.59 36.84 26.72
CA GLY CA 12 59.52 37.63 27.29
C GLY CA 12 58.41 37.95 26.30
N HIS CA 13 58.76 38.07 25.02
CA HIS CA 13 57.78 38.25 23.97
C HIS CA 13 57.11 36.91 23.69
N VAL CA 14 55.79 36.91 23.58
CA VAL CA 14 55.02 35.66 23.56
C VAL CA 14 55.21 34.94 22.22
N SER CA 15 54.86 35.61 21.12
CA SER CA 15 54.85 34.96 19.82
C SER CA 15 56.23 34.87 19.18
N HIS CA 16 57.27 35.40 19.84
CA HIS CA 16 58.68 35.25 19.47
C HIS CA 16 58.95 35.87 18.09
N GLY CA 17 58.29 36.97 17.79
CA GLY CA 17 58.50 37.67 16.54
C GLY CA 17 57.83 37.07 15.33
N HIS CA 18 56.85 36.16 15.52
CA HIS CA 18 56.23 35.46 14.42
C HIS CA 18 54.72 35.65 14.39
N GLY CA 19 54.20 36.65 15.09
CA GLY CA 19 52.81 37.02 14.91
C GLY CA 19 51.84 36.39 15.90
N ARG CA 20 50.86 37.16 16.34
CA ARG CA 20 49.87 36.70 17.30
C ARG CA 20 48.63 36.12 16.62
N ILE CA 21 48.13 36.78 15.58
CA ILE CA 21 46.92 36.30 14.90
C ILE CA 21 47.21 35.06 14.09
N GLY CA 22 48.11 35.16 13.10
CA GLY CA 22 48.56 34.00 12.36
C GLY CA 22 49.82 33.46 12.98
N LYS CA 23 49.71 32.32 13.66
CA LYS CA 23 50.81 31.75 14.41
C LYS CA 23 51.86 31.18 13.46
N HIS CA 24 53.06 30.94 13.99
CA HIS CA 24 54.09 30.26 13.22
C HIS CA 24 53.75 28.78 13.22
N ARG CA 25 52.99 28.37 12.21
CA ARG CA 25 52.67 26.97 12.03
C ARG CA 25 53.81 26.29 11.28
N LYS CA 26 53.66 25.00 10.99
CA LYS CA 26 54.80 24.21 10.54
C LYS CA 26 55.12 24.47 9.07
N HIS CA 27 54.15 24.21 8.18
CA HIS CA 27 54.32 24.48 6.75
C HIS CA 27 53.01 25.02 6.19
N PRO CA 28 52.83 26.34 6.21
CA PRO CA 28 51.54 26.91 5.78
C PRO CA 28 51.32 26.90 4.28
N GLY CA 29 52.38 26.96 3.47
CA GLY CA 29 52.20 27.02 2.03
C GLY CA 29 52.84 25.88 1.27
N GLY CA 30 53.07 24.76 1.96
CA GLY CA 30 53.71 23.61 1.36
C GLY CA 30 55.21 23.61 1.59
N ARG CA 31 55.81 22.46 1.31
CA ARG CA 31 57.24 22.27 1.51
C ARG CA 31 58.01 22.61 0.24
N GLY CA 32 59.09 23.37 0.40
CA GLY CA 32 59.99 23.67 -0.68
C GLY CA 32 59.42 24.57 -1.76
N ASN CA 33 59.45 24.10 -3.00
CA ASN CA 33 58.98 24.84 -4.16
C ASN CA 33 57.59 24.41 -4.57
N ALA CA 34 56.74 24.13 -3.58
CA ALA CA 34 55.42 23.56 -3.81
C ALA CA 34 54.50 24.56 -4.50
N GLY CA 35 53.64 24.04 -5.37
CA GLY CA 35 52.67 24.87 -6.04
C GLY CA 35 53.27 25.73 -7.14
N GLY CA 36 53.77 25.10 -8.19
CA GLY CA 36 54.35 25.85 -9.28
C GLY CA 36 53.32 26.62 -10.08
N MET CA 37 52.35 25.91 -10.65
CA MET CA 37 51.28 26.54 -11.42
C MET CA 37 50.16 27.07 -10.55
N HIS CA 38 50.18 26.82 -9.24
CA HIS CA 38 49.06 27.12 -8.37
C HIS CA 38 49.56 27.76 -7.09
N HIS CA 39 48.99 28.93 -6.76
CA HIS CA 39 49.07 29.68 -5.50
C HIS CA 39 50.45 30.24 -5.17
N HIS CA 40 51.48 29.90 -5.96
CA HIS CA 40 52.74 30.63 -6.01
C HIS CA 40 53.01 31.11 -7.43
N ARG CA 41 51.97 31.13 -8.27
CA ARG CA 41 52.10 31.43 -9.68
C ARG CA 41 52.53 32.86 -9.92
N ILE CA 42 52.07 33.80 -9.09
CA ILE CA 42 52.45 35.20 -9.25
C ILE CA 42 53.93 35.39 -8.92
N ASN CA 43 54.42 34.71 -7.89
CA ASN CA 43 55.85 34.74 -7.56
C ASN CA 43 56.68 34.12 -8.68
N PHE CA 44 56.27 32.95 -9.17
CA PHE CA 44 57.00 32.27 -10.23
C PHE CA 44 56.82 32.93 -11.59
N ASP CA 45 55.94 33.91 -11.72
CA ASP CA 45 55.85 34.70 -12.95
C ASP CA 45 56.64 36.00 -12.87
N LYS CA 46 56.53 36.75 -11.77
CA LYS CA 46 57.20 38.04 -11.69
C LYS CA 46 58.56 37.97 -11.01
N TYR CA 47 59.07 36.78 -10.70
CA TYR CA 47 60.44 36.68 -10.23
C TYR CA 47 61.25 35.55 -10.85
N HIS CA 48 60.62 34.58 -11.52
CA HIS CA 48 61.35 33.51 -12.19
C HIS CA 48 60.72 33.22 -13.56
N PRO CA 49 60.95 34.09 -14.55
CA PRO CA 49 60.39 33.82 -15.88
C PRO CA 49 61.17 32.74 -16.60
N GLY CA 50 60.47 31.92 -17.37
CA GLY CA 50 61.09 30.83 -18.08
C GLY CA 50 61.33 29.58 -17.28
N TYR CA 51 60.75 29.48 -16.08
CA TYR CA 51 61.06 28.33 -15.23
C TYR CA 51 60.35 27.07 -15.67
N PHE CA 52 59.22 27.19 -16.37
CA PHE CA 52 58.43 26.05 -16.78
C PHE CA 52 58.48 25.88 -18.30
N GLY CA 53 58.81 24.68 -18.75
CA GLY CA 53 58.76 24.35 -20.16
C GLY CA 53 60.05 23.73 -20.66
N LYS CA 54 59.94 23.15 -21.85
CA LYS CA 54 61.08 22.60 -22.56
C LYS CA 54 61.52 23.55 -23.67
N VAL CA 55 62.82 23.59 -23.92
CA VAL CA 55 63.37 24.38 -25.02
C VAL CA 55 64.67 23.73 -25.46
N GLY CA 56 64.92 23.75 -26.75
CA GLY CA 56 66.19 23.34 -27.31
C GLY CA 56 66.36 21.83 -27.41
N MET CA 57 67.42 21.44 -28.09
CA MET CA 57 67.73 20.03 -28.26
C MET CA 57 68.38 19.47 -27.00
N ARG CA 58 68.48 18.15 -26.96
CA ARG CA 58 69.12 17.45 -25.85
C ARG CA 58 70.40 16.79 -26.34
N HIS CA 59 71.52 17.15 -25.73
CA HIS CA 59 72.81 16.53 -25.98
C HIS CA 59 73.09 15.60 -24.82
N TYR CA 60 73.02 14.30 -25.06
CA TYR CA 60 72.94 13.32 -23.97
C TYR CA 60 74.27 13.18 -23.24
N HIS CA 61 75.31 12.77 -23.96
CA HIS CA 61 76.65 12.63 -23.37
C HIS CA 61 77.45 13.88 -23.70
N LEU CA 62 77.19 14.93 -22.94
CA LEU CA 62 77.92 16.18 -23.09
C LEU CA 62 79.14 16.16 -22.20
N LYS CA 63 80.21 16.76 -22.69
CA LYS CA 63 81.45 16.93 -21.93
C LYS CA 63 82.02 18.30 -22.25
N ARG CA 64 82.64 18.92 -21.23
CA ARG CA 64 83.19 20.25 -21.41
C ARG CA 64 84.56 20.23 -22.09
N ASN CA 65 85.13 19.05 -22.30
CA ASN CA 65 86.44 18.93 -22.93
C ASN CA 65 86.39 19.34 -24.40
N GLN CA 66 85.30 19.03 -25.09
CA GLN CA 66 85.17 19.43 -26.49
C GLN CA 66 84.88 20.91 -26.64
N SER CA 67 84.04 21.45 -25.76
CA SER CA 67 83.60 22.84 -25.85
C SER CA 67 84.47 23.80 -25.04
N PHE CA 68 85.58 23.32 -24.49
CA PHE CA 68 86.50 24.20 -23.77
C PHE CA 68 87.21 25.11 -24.74
N CYS CA 69 86.81 26.38 -24.76
CA CYS CA 69 87.45 27.40 -25.60
C CYS CA 69 87.58 28.68 -24.80
N PRO CA 70 88.67 28.82 -24.04
CA PRO CA 70 88.86 30.05 -23.26
C PRO CA 70 89.27 31.21 -24.15
N THR CA 71 88.73 32.39 -23.84
CA THR CA 71 88.86 33.55 -24.70
C THR CA 71 89.67 34.64 -24.02
N VAL CA 72 90.53 35.29 -24.79
CA VAL CA 72 91.29 36.45 -24.33
C VAL CA 72 91.03 37.58 -25.32
N ASN CA 73 91.01 38.80 -24.81
CA ASN CA 73 90.80 39.98 -25.64
C ASN CA 73 92.14 40.56 -26.06
N LEU CA 74 92.10 41.43 -27.08
CA LEU CA 74 93.28 42.18 -27.46
C LEU CA 74 93.61 43.30 -26.49
N ASP CA 75 92.68 43.68 -25.62
CA ASP CA 75 92.95 44.74 -24.67
C ASP CA 75 93.91 44.26 -23.59
N LYS CA 76 93.80 42.99 -23.20
CA LYS CA 76 94.79 42.34 -22.35
C LYS CA 76 95.54 41.30 -23.20
N LEU CA 77 96.55 41.78 -23.91
CA LEU CA 77 97.38 40.93 -24.76
C LEU CA 77 98.84 40.97 -24.39
N TRP CA 78 99.36 42.15 -24.04
CA TRP CA 78 100.71 42.29 -23.54
C TRP CA 78 100.85 41.89 -22.07
N THR CA 79 99.73 41.56 -21.41
CA THR CA 79 99.77 41.11 -20.03
C THR CA 79 100.30 39.69 -19.91
N LEU CA 80 100.10 38.86 -20.95
CA LEU CA 80 100.54 37.48 -20.92
C LEU CA 80 102.05 37.33 -21.07
N VAL CA 81 102.71 38.35 -21.59
CA VAL CA 81 104.14 38.33 -21.87
C VAL CA 81 104.80 39.34 -20.93
N SER CA 82 106.05 39.08 -20.56
CA SER CA 82 106.76 39.91 -19.60
C SER CA 82 107.01 41.32 -20.15
N GLU CA 83 107.26 42.25 -19.24
CA GLU CA 83 107.28 43.66 -19.58
C GLU CA 83 108.52 44.09 -20.35
N GLN CA 84 109.64 43.38 -20.20
CA GLN CA 84 110.84 43.76 -20.93
C GLN CA 84 110.73 43.43 -22.42
N THR CA 85 109.80 42.56 -22.81
CA THR CA 85 109.56 42.28 -24.22
C THR CA 85 108.98 43.50 -24.93
N ARG CA 86 108.11 44.25 -24.26
CA ARG CA 86 107.60 45.48 -24.82
C ARG CA 86 108.44 46.71 -24.45
N VAL CA 87 109.35 46.58 -23.48
CA VAL CA 87 110.40 47.58 -23.33
C VAL CA 87 111.34 47.53 -24.53
N ASN CA 88 111.77 46.31 -24.90
CA ASN CA 88 112.61 46.11 -26.08
C ASN CA 88 111.72 45.99 -27.33
N ALA CA 89 111.08 47.11 -27.66
CA ALA CA 89 110.18 47.18 -28.81
C ALA CA 89 110.30 48.56 -29.41
N ALA CA 90 109.94 48.65 -30.70
CA ALA CA 90 110.17 49.82 -31.57
C ALA CA 90 111.62 50.28 -31.51
N LYS CA 91 112.52 49.31 -31.70
CA LYS CA 91 113.95 49.55 -31.59
C LYS CA 91 114.63 48.54 -32.50
N ASN CA 92 115.97 48.54 -32.49
CA ASN CA 92 116.90 47.61 -33.14
C ASN CA 92 116.91 47.78 -34.67
N LYS CA 93 116.21 48.79 -35.21
CA LYS CA 93 116.14 49.12 -36.64
C LYS CA 93 115.65 47.92 -37.47
N THR CA 94 114.70 47.19 -36.92
CA THR CA 94 114.30 45.93 -37.54
C THR CA 94 112.79 45.80 -37.73
N GLY CA 95 112.00 46.29 -36.78
CA GLY CA 95 110.62 45.85 -36.70
C GLY CA 95 110.61 44.49 -36.01
N ALA CA 96 110.89 44.51 -34.70
CA ALA CA 96 111.25 43.29 -33.97
C ALA CA 96 110.11 42.28 -33.93
N ALA CA 97 108.87 42.76 -33.71
CA ALA CA 97 107.62 42.00 -33.81
C ALA CA 97 107.61 40.71 -32.98
N PRO CA 98 107.48 40.80 -31.65
CA PRO CA 98 107.57 39.61 -30.81
C PRO CA 98 106.38 38.68 -31.00
N ILE CA 99 106.57 37.43 -30.58
CA ILE CA 99 105.58 36.38 -30.72
C ILE CA 99 104.87 36.20 -29.39
N ILE CA 100 103.54 36.27 -29.41
CA ILE CA 100 102.71 36.03 -28.24
C ILE CA 100 102.00 34.71 -28.46
N ASP CA 101 102.49 33.66 -27.81
CA ASP CA 101 101.88 32.35 -27.88
C ASP CA 101 100.73 32.30 -26.88
N VAL CA 102 99.50 32.24 -27.40
CA VAL CA 102 98.31 32.35 -26.57
C VAL CA 102 97.96 31.01 -25.92
N VAL CA 103 98.20 29.91 -26.63
CA VAL CA 103 97.96 28.57 -26.08
C VAL CA 103 98.95 28.27 -24.96
N ARG CA 104 100.17 28.81 -25.05
CA ARG CA 104 101.14 28.70 -23.97
C ARG CA 104 100.67 29.44 -22.73
N SER CA 105 99.99 30.58 -22.91
CA SER CA 105 99.47 31.33 -21.78
C SER CA 105 98.21 30.71 -21.19
N GLY CA 106 97.41 30.03 -22.00
CA GLY CA 106 96.24 29.34 -21.52
C GLY CA 106 94.91 29.72 -22.13
N TYR CA 107 94.91 30.36 -23.31
CA TYR CA 107 93.68 30.70 -24.01
C TYR CA 107 93.74 30.15 -25.43
N TYR CA 108 92.58 29.93 -26.02
CA TYR CA 108 92.50 29.38 -27.37
C TYR CA 108 92.09 30.43 -28.41
N LYS CA 109 90.97 31.12 -28.20
CA LYS CA 109 90.48 32.10 -29.13
C LYS CA 109 90.85 33.51 -28.66
N VAL CA 110 91.31 34.34 -29.59
CA VAL CA 110 91.64 35.73 -29.32
C VAL CA 110 90.52 36.61 -29.88
N LEU CA 111 89.83 37.31 -28.99
CA LEU CA 111 88.74 38.19 -29.38
C LEU CA 111 89.25 39.61 -29.59
N GLY CA 112 88.38 40.48 -30.09
CA GLY CA 112 88.81 41.79 -30.52
C GLY CA 112 88.31 42.97 -29.71
N LYS CA 113 88.10 42.76 -28.42
CA LYS CA 113 87.68 43.86 -27.55
C LYS CA 113 88.87 44.72 -27.16
N GLY CA 114 88.72 46.03 -27.32
CA GLY CA 114 89.64 46.97 -26.72
C GLY CA 114 90.65 47.51 -27.69
N LYS CA 115 91.41 48.50 -27.23
CA LYS CA 115 92.41 49.17 -28.04
C LYS CA 115 93.74 48.42 -27.94
N LEU CA 116 94.41 48.25 -29.07
CA LEU CA 116 95.69 47.59 -29.12
C LEU CA 116 96.78 48.61 -29.40
N PRO CA 117 97.88 48.63 -28.64
CA PRO CA 117 98.94 49.62 -28.88
C PRO CA 117 99.71 49.32 -30.16
N LYS CA 118 100.30 50.38 -30.72
CA LYS CA 118 100.94 50.32 -32.03
C LYS CA 118 102.30 49.65 -31.89
N GLN CA 119 102.30 48.32 -32.05
CA GLN CA 119 103.49 47.50 -32.03
C GLN CA 119 103.15 46.21 -32.76
N PRO CA 120 103.95 45.80 -33.74
CA PRO CA 120 103.66 44.56 -34.46
C PRO CA 120 103.84 43.33 -33.57
N VAL CA 121 102.96 42.35 -33.77
CA VAL CA 121 102.96 41.11 -32.99
C VAL CA 121 102.79 39.92 -33.92
N ILE CA 122 103.15 38.74 -33.41
CA ILE CA 122 102.80 37.48 -34.04
C ILE CA 122 101.95 36.72 -33.02
N VAL CA 123 100.64 36.76 -33.20
CA VAL CA 123 99.72 36.11 -32.27
C VAL CA 123 99.48 34.69 -32.76
N LYS CA 124 99.93 33.71 -32.00
CA LYS CA 124 99.72 32.30 -32.31
C LYS CA 124 98.58 31.78 -31.46
N ALA CA 125 97.43 31.54 -32.07
CA ALA CA 125 96.26 31.05 -31.37
C ALA CA 125 95.58 29.99 -32.21
N LYS CA 126 94.71 29.21 -31.57
CA LYS CA 126 93.97 28.17 -32.27
C LYS CA 126 92.84 28.77 -33.10
N PHE CA 127 92.15 29.78 -32.57
CA PHE CA 127 91.07 30.44 -33.27
C PHE CA 127 91.23 31.94 -33.14
N PHE CA 128 90.66 32.66 -34.10
CA PHE CA 128 90.70 34.11 -34.12
C PHE CA 128 89.31 34.68 -34.36
N SER CA 129 89.10 35.89 -33.85
CA SER CA 129 87.95 36.67 -34.23
C SER CA 129 88.31 37.53 -35.43
N ARG CA 130 87.31 37.83 -36.26
CA ARG CA 130 87.54 38.64 -37.45
C ARG CA 130 87.91 40.07 -37.07
N ARG CA 131 87.26 40.60 -36.04
CA ARG CA 131 87.55 41.95 -35.56
C ARG CA 131 88.94 42.00 -34.93
N ALA CA 132 89.33 40.93 -34.24
CA ALA CA 132 90.68 40.83 -33.68
C ALA CA 132 91.73 40.79 -34.78
N GLU CA 133 91.45 40.03 -35.86
CA GLU CA 133 92.38 39.98 -36.98
C GLU CA 133 92.47 41.32 -37.70
N GLU CA 134 91.34 42.04 -37.81
CA GLU CA 134 91.37 43.37 -38.41
C GLU CA 134 92.16 44.36 -37.58
N LYS CA 135 92.05 44.29 -36.26
CA LYS CA 135 92.85 45.17 -35.40
C LYS CA 135 94.34 44.82 -35.48
N ILE CA 136 94.67 43.53 -35.53
CA ILE CA 136 96.08 43.12 -35.59
C ILE CA 136 96.70 43.51 -36.94
N LYS CA 137 95.96 43.32 -38.04
CA LYS CA 137 96.50 43.72 -39.33
C LYS CA 137 96.46 45.24 -39.53
N GLY CA 138 95.62 45.95 -38.76
CA GLY CA 138 95.67 47.40 -38.80
C GLY CA 138 96.83 47.98 -38.02
N VAL CA 139 97.21 47.32 -36.91
CA VAL CA 139 98.44 47.71 -36.23
C VAL CA 139 99.66 47.35 -37.06
N GLY CA 140 99.65 46.17 -37.69
CA GLY CA 140 100.76 45.76 -38.50
C GLY CA 140 101.33 44.42 -38.09
N GLY CA 141 100.51 43.60 -37.44
CA GLY CA 141 100.90 42.31 -36.95
C GLY CA 141 100.57 41.19 -37.92
N ALA CA 142 100.48 39.97 -37.39
CA ALA CA 142 100.20 38.80 -38.20
C ALA CA 142 99.51 37.76 -37.34
N CYS CA 143 98.43 37.18 -37.85
CA CYS CA 143 97.69 36.14 -37.16
C CYS CA 143 98.12 34.77 -37.68
N VAL CA 144 98.73 33.98 -36.81
CA VAL CA 144 99.24 32.65 -37.17
C VAL CA 144 98.40 31.61 -36.45
N LEU CA 145 97.84 30.68 -37.21
CA LEU CA 145 97.07 29.58 -36.64
C LEU CA 145 98.00 28.51 -36.08
N VAL CA 146 97.47 27.73 -35.13
CA VAL CA 146 98.21 26.63 -34.52
C VAL CA 146 97.20 25.60 -34.04
N ALA CA 147 97.61 24.34 -34.07
CA ALA CA 147 96.74 23.25 -33.63
C ALA CA 147 97.39 22.47 -32.49
N ALA DA 1 29.66 30.20 7.11
CA ALA DA 1 30.86 30.95 7.46
C ALA DA 1 31.12 32.06 6.46
N LYS DA 2 30.20 33.03 6.41
CA LYS DA 2 30.34 34.14 5.49
C LYS DA 2 31.35 35.15 6.04
N SER DA 3 31.85 35.99 5.14
CA SER DA 3 32.87 36.98 5.47
C SER DA 3 32.55 38.29 4.77
N LYS DA 4 33.39 39.29 5.00
CA LYS DA 4 33.24 40.58 4.34
C LYS DA 4 33.91 40.53 2.98
N ASN DA 5 33.26 41.13 1.98
CA ASN DA 5 33.64 40.92 0.59
C ASN DA 5 34.66 41.96 0.10
N HIS DA 6 34.31 43.24 0.16
CA HIS DA 6 35.13 44.28 -0.43
C HIS DA 6 34.84 45.61 0.25
N THR DA 7 35.90 46.37 0.55
CA THR DA 7 35.74 47.71 1.07
C THR DA 7 36.98 48.52 0.70
N THR DA 8 36.85 49.85 0.87
CA THR DA 8 37.93 50.80 0.64
C THR DA 8 37.97 51.79 1.81
N HIS DA 9 37.98 51.24 3.02
CA HIS DA 9 37.81 52.06 4.21
C HIS DA 9 39.11 52.74 4.65
N ASN DA 10 40.11 51.95 5.04
CA ASN DA 10 41.37 52.48 5.53
C ASN DA 10 42.35 52.72 4.39
N GLN DA 11 41.91 52.48 3.15
CA GLN DA 11 42.83 52.43 2.02
C GLN DA 11 43.34 53.82 1.66
N SER DA 12 42.47 54.82 1.65
CA SER DA 12 42.91 56.19 1.33
C SER DA 12 43.87 56.73 2.38
N ARG DA 13 43.67 56.36 3.65
CA ARG DA 13 44.62 56.71 4.71
C ARG DA 13 45.96 56.05 4.47
N LYS DA 14 45.96 54.75 4.13
CA LYS DA 14 47.19 54.04 3.81
C LYS DA 14 47.90 54.64 2.61
N TRP DA 15 47.13 55.10 1.63
CA TRP DA 15 47.70 55.65 0.40
C TRP DA 15 48.31 57.03 0.65
N HIS DA 16 47.67 57.83 1.50
CA HIS DA 16 48.19 59.17 1.78
C HIS DA 16 49.18 59.21 2.95
N ARG DA 17 49.44 58.08 3.61
CA ARG DA 17 50.56 58.03 4.57
C ARG DA 17 51.89 58.28 3.89
N ASN DA 18 52.21 57.52 2.86
CA ASN DA 18 53.50 57.62 2.20
C ASN DA 18 53.53 58.65 1.07
N GLY DA 19 52.57 59.56 1.01
CA GLY DA 19 52.71 60.69 0.11
C GLY DA 19 52.57 60.39 -1.36
N ILE DA 20 51.34 60.21 -1.85
CA ILE DA 20 51.02 60.00 -3.27
C ILE DA 20 51.73 61.03 -4.14
N LYS DA 21 52.56 60.56 -5.07
CA LYS DA 21 53.49 61.41 -5.80
C LYS DA 21 53.03 61.66 -7.22
N LYS DA 22 53.40 62.84 -7.74
CA LYS DA 22 53.42 63.05 -9.17
C LYS DA 22 54.51 62.16 -9.78
N PRO DA 23 54.36 61.75 -11.04
CA PRO DA 23 55.38 60.89 -11.65
C PRO DA 23 56.68 61.65 -11.89
N ARG DA 24 57.75 60.88 -12.06
CA ARG DA 24 59.09 61.45 -12.20
C ARG DA 24 59.24 62.14 -13.55
N SER DA 25 59.00 63.44 -13.58
CA SER DA 25 59.16 64.23 -14.78
C SER DA 25 60.64 64.55 -14.96
N GLN DA 26 61.20 64.17 -16.10
CA GLN DA 26 62.60 64.40 -16.41
C GLN DA 26 62.72 65.20 -17.70
N ARG DA 27 63.75 66.04 -17.77
CA ARG DA 27 64.13 66.67 -19.02
C ARG DA 27 64.66 65.60 -19.96
N TYR DA 28 64.43 65.80 -21.27
CA TYR DA 28 64.76 64.86 -22.35
C TYR DA 28 64.04 63.52 -22.11
N GLU DA 29 62.72 63.58 -22.27
CA GLU DA 29 61.89 62.38 -22.14
C GLU DA 29 62.18 61.38 -23.26
N SER DA 30 61.80 60.14 -23.02
CA SER DA 30 62.15 59.06 -23.93
C SER DA 30 61.30 59.10 -25.20
N LEU DA 31 61.75 58.36 -26.21
CA LEU DA 31 61.09 58.28 -27.51
C LEU DA 31 60.46 56.92 -27.76
N LYS DA 32 60.00 56.25 -26.71
CA LYS DA 32 59.36 54.94 -26.85
C LYS DA 32 57.88 55.14 -27.10
N GLY DA 33 57.42 54.78 -28.31
CA GLY DA 33 56.06 55.02 -28.73
C GLY DA 33 55.93 55.96 -29.91
N VAL DA 34 57.00 56.67 -30.26
CA VAL DA 34 57.00 57.53 -31.43
C VAL DA 34 56.97 56.65 -32.68
N ASP DA 35 56.38 57.17 -33.75
CA ASP DA 35 56.19 56.40 -34.98
C ASP DA 35 57.52 56.04 -35.62
N PRO DA 36 57.64 54.83 -36.18
CA PRO DA 36 58.97 54.31 -36.53
C PRO DA 36 59.63 54.98 -37.71
N LYS DA 37 58.87 55.46 -38.69
CA LYS DA 37 59.47 56.16 -39.82
C LYS DA 37 60.07 57.50 -39.39
N PHE DA 38 59.41 58.19 -38.47
CA PHE DA 38 59.92 59.46 -37.97
C PHE DA 38 61.09 59.25 -37.03
N LEU DA 39 61.08 58.16 -36.25
CA LEU DA 39 62.27 57.81 -35.47
C LEU DA 39 63.45 57.44 -36.36
N ARG DA 40 63.18 56.67 -37.42
CA ARG DA 40 64.16 56.31 -38.43
C ARG DA 40 64.82 57.55 -39.03
N ASN DA 41 64.02 58.53 -39.41
CA ASN DA 41 64.58 59.66 -40.12
C ASN DA 41 65.15 60.73 -39.19
N MET DA 42 64.69 60.81 -37.93
CA MET DA 42 65.45 61.63 -36.99
C MET DA 42 66.77 60.96 -36.63
N ARG DA 43 66.84 59.63 -36.69
CA ARG DA 43 68.12 58.94 -36.53
C ARG DA 43 69.05 59.25 -37.70
N PHE DA 44 68.50 59.33 -38.93
CA PHE DA 44 69.33 59.76 -40.06
C PHE DA 44 69.78 61.20 -39.93
N ALA DA 45 68.92 62.08 -39.41
CA ALA DA 45 69.29 63.48 -39.22
C ALA DA 45 70.39 63.62 -38.16
N LYS DA 46 70.29 62.85 -37.07
CA LYS DA 46 71.35 62.86 -36.07
C LYS DA 46 72.62 62.19 -36.56
N LYS DA 47 72.49 61.27 -37.52
CA LYS DA 47 73.68 60.66 -38.13
C LYS DA 47 74.40 61.65 -39.04
N HIS DA 48 73.65 62.45 -39.79
CA HIS DA 48 74.24 63.37 -40.75
C HIS DA 48 74.38 64.80 -40.23
N ASN DA 49 74.11 65.04 -38.94
CA ASN DA 49 74.46 66.33 -38.35
C ASN DA 49 75.97 66.59 -38.31
N LYS DA 50 76.80 65.54 -38.34
CA LYS DA 50 78.24 65.75 -38.36
C LYS DA 50 78.72 66.30 -39.70
N LYS DA 51 77.94 66.13 -40.76
CA LYS DA 51 78.26 66.76 -42.04
C LYS DA 51 77.83 68.21 -42.01
N GLY DA 52 78.76 69.09 -42.39
CA GLY DA 52 78.53 70.52 -42.28
C GLY DA 52 79.05 71.15 -41.02
N LEU DA 53 80.05 70.55 -40.37
CA LEU DA 53 80.61 71.12 -39.15
C LEU DA 53 81.47 72.34 -39.46
N LYS DA 54 82.19 72.32 -40.58
CA LYS DA 54 83.01 73.47 -40.96
C LYS DA 54 82.16 74.67 -41.36
N LYS DA 55 81.02 74.43 -42.03
CA LYS DA 55 80.09 75.50 -42.34
C LYS DA 55 79.48 76.08 -41.08
N MET DA 56 79.12 75.21 -40.13
CA MET DA 56 78.51 75.66 -38.86
C MET DA 56 79.51 76.45 -38.03
N GLN DA 57 80.76 75.97 -37.94
CA GLN DA 57 81.78 76.66 -37.15
C GLN DA 57 82.17 77.99 -37.80
N ALA DA 58 82.28 78.00 -39.14
CA ALA DA 58 82.59 79.24 -39.84
C ALA DA 58 81.46 80.26 -39.72
N ASN DA 59 80.21 79.81 -39.77
CA ASN DA 59 79.10 80.75 -39.65
C ASN DA 59 78.93 81.22 -38.19
N ASN DA 60 79.31 80.38 -37.22
CA ASN DA 60 79.33 80.85 -35.83
C ASN DA 60 80.46 81.85 -35.60
N ALA DA 61 81.59 81.69 -36.28
CA ALA DA 61 82.67 82.67 -36.19
C ALA DA 61 82.26 83.99 -36.84
N LYS DA 62 81.56 83.92 -37.97
CA LYS DA 62 81.05 85.14 -38.59
C LYS DA 62 79.95 85.79 -37.75
N ALA DA 63 79.18 84.98 -37.00
CA ALA DA 63 78.19 85.54 -36.09
C ALA DA 63 78.86 86.22 -34.90
N MET DA 64 79.98 85.65 -34.41
CA MET DA 64 80.77 86.32 -33.38
C MET DA 64 81.35 87.63 -33.89
N ALA DA 65 81.80 87.65 -35.14
CA ALA DA 65 82.29 88.89 -35.74
C ALA DA 65 81.18 89.92 -35.91
N ALA DA 66 79.97 89.45 -36.24
CA ALA DA 66 78.82 90.35 -36.37
C ALA DA 66 78.41 90.94 -35.03
N ARG DA 67 78.43 90.11 -33.97
CA ARG DA 67 78.14 90.64 -32.64
C ARG DA 67 79.25 91.55 -32.14
N ALA DA 68 80.49 91.31 -32.56
CA ALA DA 68 81.58 92.22 -32.21
C ALA DA 68 81.44 93.56 -32.91
N GLU DA 69 81.05 93.55 -34.19
CA GLU DA 69 80.78 94.81 -34.89
C GLU DA 69 79.56 95.53 -34.32
N ALA DA 70 78.55 94.76 -33.88
CA ALA DA 70 77.36 95.37 -33.27
C ALA DA 70 77.68 96.01 -31.93
N ILE DA 71 78.48 95.34 -31.09
CA ILE DA 71 78.85 95.92 -29.81
C ILE DA 71 79.88 97.03 -29.98
N LYS DA 72 80.64 97.04 -31.09
CA LYS DA 72 81.51 98.16 -31.39
C LYS DA 72 80.71 99.39 -31.83
N ALA DA 73 79.66 99.18 -32.62
CA ALA DA 73 78.78 100.29 -33.00
C ALA DA 73 77.94 100.75 -31.83
N LEU DA 74 77.65 99.87 -30.88
CA LEU DA 74 76.86 100.26 -29.72
C LEU DA 74 77.71 100.95 -28.66
N VAL DA 75 78.99 100.59 -28.55
CA VAL DA 75 79.88 101.21 -27.57
C VAL DA 75 80.87 102.12 -28.28
N SER EA 1 -2.32 -84.59 -3.24
CA SER EA 1 -1.29 -83.63 -2.86
C SER EA 1 -0.32 -84.23 -1.85
N ILE EA 2 0.35 -83.36 -1.10
CA ILE EA 2 1.30 -83.81 -0.08
C ILE EA 2 0.74 -83.38 1.27
N ASN EA 3 0.02 -82.24 1.28
CA ASN EA 3 -0.56 -81.72 2.51
C ASN EA 3 -1.71 -82.59 2.99
N SER EA 4 -2.53 -83.09 2.05
CA SER EA 4 -3.62 -83.99 2.42
C SER EA 4 -3.09 -85.34 2.91
N ARG EA 5 -1.97 -85.80 2.34
CA ARG EA 5 -1.36 -87.04 2.82
C ARG EA 5 -0.76 -86.86 4.21
N LEU EA 6 -0.17 -85.69 4.48
CA LEU EA 6 0.31 -85.39 5.83
C LEU EA 6 -0.84 -85.29 6.82
N GLN EA 7 -1.97 -84.72 6.40
CA GLN EA 7 -3.14 -84.67 7.28
C GLN EA 7 -3.71 -86.06 7.55
N LEU EA 8 -3.65 -86.94 6.55
CA LEU EA 8 -4.10 -88.32 6.74
C LEU EA 8 -3.15 -89.09 7.65
N VAL EA 9 -1.85 -88.78 7.60
CA VAL EA 9 -0.89 -89.38 8.53
C VAL EA 9 -1.13 -88.87 9.95
N MET EA 10 -1.44 -87.58 10.11
CA MET EA 10 -1.77 -87.06 11.42
C MET EA 10 -3.08 -87.63 11.95
N LYS EA 11 -4.00 -87.98 11.07
CA LYS EA 11 -5.27 -88.56 11.50
C LYS EA 11 -5.10 -90.01 11.91
N SER EA 12 -4.39 -90.80 11.10
CA SER EA 12 -4.34 -92.24 11.30
C SER EA 12 -2.94 -92.77 11.55
N GLY EA 13 -1.95 -92.30 10.82
CA GLY EA 13 -0.63 -92.90 10.85
C GLY EA 13 0.16 -92.56 12.11
N LYS EA 14 1.36 -93.14 12.18
CA LYS EA 14 2.28 -92.91 13.29
C LYS EA 14 3.40 -91.97 12.86
N TYR EA 15 3.60 -90.90 13.64
CA TYR EA 15 4.49 -89.83 13.26
C TYR EA 15 5.35 -89.42 14.44
N VAL EA 16 6.47 -88.78 14.13
CA VAL EA 16 7.41 -88.23 15.10
C VAL EA 16 7.76 -86.82 14.67
N LEU EA 17 7.49 -85.85 15.54
CA LEU EA 17 7.76 -84.44 15.27
C LEU EA 17 8.92 -84.00 16.15
N GLY EA 18 9.98 -83.49 15.52
CA GLY EA 18 11.13 -82.98 16.25
C GLY EA 18 12.45 -83.62 15.83
N TYR EA 19 13.50 -82.79 15.83
CA TYR EA 19 14.79 -83.20 15.28
C TYR EA 19 15.50 -84.23 16.16
N LYS EA 20 15.56 -83.98 17.48
CA LYS EA 20 16.30 -84.87 18.37
C LYS EA 20 15.61 -86.23 18.49
N GLN EA 21 14.29 -86.26 18.35
CA GLN EA 21 13.58 -87.53 18.43
C GLN EA 21 13.60 -88.27 17.09
N THR EA 22 13.52 -87.54 15.96
CA THR EA 22 13.64 -88.22 14.67
C THR EA 22 15.06 -88.69 14.40
N LEU EA 23 16.06 -88.11 15.06
CA LEU EA 23 17.42 -88.61 14.95
C LEU EA 23 17.53 -90.01 15.53
N LYS EA 24 16.94 -90.21 16.71
CA LYS EA 24 16.88 -91.53 17.33
C LYS EA 24 15.99 -92.49 16.54
N MET EA 25 14.94 -91.97 15.91
CA MET EA 25 14.08 -92.83 15.09
C MET EA 25 14.80 -93.33 13.83
N ILE EA 26 15.54 -92.44 13.17
CA ILE EA 26 16.36 -92.83 12.02
C ILE EA 26 17.43 -93.83 12.44
N ARG EA 27 18.07 -93.58 13.59
CA ARG EA 27 19.16 -94.45 14.01
C ARG EA 27 18.66 -95.80 14.50
N GLN EA 28 17.45 -95.86 15.08
CA GLN EA 28 16.88 -97.15 15.48
C GLN EA 28 16.37 -97.92 14.27
N GLY EA 29 15.73 -97.25 13.32
CA GLY EA 29 15.23 -97.88 12.13
C GLY EA 29 13.73 -97.92 11.99
N LYS EA 30 12.99 -97.30 12.91
CA LYS EA 30 11.54 -97.27 12.80
C LYS EA 30 11.09 -96.28 11.73
N ALA EA 31 11.82 -95.18 11.57
CA ALA EA 31 11.41 -94.12 10.65
C ALA EA 31 11.55 -94.56 9.21
N LYS EA 32 10.41 -94.64 8.50
CA LYS EA 32 10.40 -95.05 7.11
C LYS EA 32 10.41 -93.89 6.13
N LEU EA 33 9.92 -92.72 6.53
CA LEU EA 33 10.02 -91.53 5.69
C LEU EA 33 10.40 -90.34 6.54
N VAL EA 34 11.30 -89.50 6.03
CA VAL EA 34 11.75 -88.31 6.75
C VAL EA 34 11.48 -87.09 5.86
N ILE EA 35 10.78 -86.11 6.41
CA ILE EA 35 10.42 -84.90 5.67
C ILE EA 35 11.09 -83.70 6.33
N LEU EA 36 11.83 -82.94 5.53
CA LEU EA 36 12.61 -81.80 5.98
C LEU EA 36 11.94 -80.50 5.55
N ALA EA 37 12.22 -79.43 6.28
CA ALA EA 37 11.82 -78.09 5.88
C ALA EA 37 12.89 -77.47 4.98
N ASN EA 38 12.54 -76.35 4.36
CA ASN EA 38 13.48 -75.68 3.46
C ASN EA 38 14.39 -74.69 4.17
N ASN EA 39 13.92 -74.06 5.25
CA ASN EA 39 14.75 -73.11 5.99
C ASN EA 39 15.60 -73.77 7.08
N CYS EA 40 15.80 -75.08 6.99
CA CYS EA 40 16.72 -75.75 7.88
C CYS EA 40 18.16 -75.36 7.54
N PRO EA 41 19.09 -75.49 8.49
CA PRO EA 41 20.50 -75.39 8.14
C PRO EA 41 20.88 -76.50 7.18
N ALA EA 42 21.69 -76.15 6.17
CA ALA EA 42 22.07 -77.14 5.16
C ALA EA 42 23.00 -78.18 5.73
N LEU EA 43 23.73 -77.84 6.81
CA LEU EA 43 24.48 -78.83 7.58
C LEU EA 43 23.55 -79.90 8.16
N ARG EA 44 22.46 -79.47 8.80
CA ARG EA 44 21.51 -80.43 9.36
C ARG EA 44 20.75 -81.17 8.27
N LYS EA 45 20.52 -80.52 7.13
CA LYS EA 45 19.91 -81.19 5.97
C LYS EA 45 20.79 -82.32 5.45
N SER EA 46 22.08 -82.04 5.24
CA SER EA 46 22.99 -83.06 4.76
C SER EA 46 23.26 -84.12 5.82
N GLU EA 47 23.17 -83.77 7.11
CA GLU EA 47 23.35 -84.74 8.18
C GLU EA 47 22.18 -85.72 8.23
N ILE EA 48 20.94 -85.22 8.10
CA ILE EA 48 19.76 -86.07 8.03
C ILE EA 48 19.80 -86.93 6.76
N GLU EA 49 20.23 -86.35 5.64
CA GLU EA 49 20.38 -87.15 4.42
C GLU EA 49 21.46 -88.21 4.53
N TYR EA 50 22.53 -87.94 5.29
CA TYR EA 50 23.61 -88.91 5.45
C TYR EA 50 23.16 -90.07 6.33
N TYR EA 51 22.45 -89.77 7.42
CA TYR EA 51 21.92 -90.86 8.24
C TYR EA 51 20.81 -91.63 7.53
N ALA EA 52 20.04 -90.97 6.67
CA ALA EA 52 19.03 -91.70 5.91
C ALA EA 52 19.66 -92.53 4.81
N MET EA 53 20.82 -92.11 4.29
CA MET EA 53 21.57 -92.95 3.36
C MET EA 53 22.17 -94.16 4.07
N LEU EA 54 22.56 -93.97 5.33
CA LEU EA 54 23.06 -95.10 6.12
C LEU EA 54 21.94 -96.06 6.49
N ALA EA 55 20.74 -95.55 6.76
CA ALA EA 55 19.65 -96.37 7.26
C ALA EA 55 18.62 -96.76 6.20
N LYS EA 56 18.87 -96.39 4.93
CA LYS EA 56 17.98 -96.67 3.79
C LYS EA 56 16.57 -96.11 4.02
N THR EA 57 16.49 -94.79 4.12
CA THR EA 57 15.26 -94.09 4.45
C THR EA 57 15.04 -92.96 3.44
N GLY EA 58 13.82 -92.87 2.92
CA GLY EA 58 13.51 -91.82 1.96
C GLY EA 58 13.39 -90.47 2.63
N VAL EA 59 13.81 -89.43 1.89
CA VAL EA 59 13.81 -88.05 2.36
C VAL EA 59 13.02 -87.21 1.36
N HIS EA 60 12.02 -86.50 1.86
CA HIS EA 60 11.24 -85.54 1.07
C HIS EA 60 11.46 -84.13 1.61
N HIS EA 61 11.79 -83.20 0.73
CA HIS EA 61 11.96 -81.81 1.10
C HIS EA 61 10.63 -81.09 0.87
N TYR EA 62 9.98 -80.68 1.96
CA TYR EA 62 8.75 -79.92 1.86
C TYR EA 62 9.05 -78.54 1.30
N SER EA 63 8.33 -78.14 0.25
CA SER EA 63 8.63 -76.93 -0.49
C SER EA 63 8.33 -75.66 0.29
N GLY EA 64 7.52 -75.73 1.34
CA GLY EA 64 7.15 -74.56 2.11
C GLY EA 64 8.04 -74.37 3.33
N ASN EA 65 7.75 -73.28 4.04
CA ASN EA 65 8.45 -72.89 5.27
C ASN EA 65 8.16 -73.90 6.37
N ASN EA 66 8.95 -73.84 7.46
CA ASN EA 66 8.69 -74.73 8.58
C ASN EA 66 7.41 -74.35 9.33
N ILE EA 67 7.04 -73.07 9.28
CA ILE EA 67 5.74 -72.65 9.81
C ILE EA 67 4.61 -73.26 8.99
N GLU EA 68 4.76 -73.26 7.66
CA GLU EA 68 3.77 -73.90 6.79
C GLU EA 68 3.77 -75.41 6.96
N LEU EA 69 4.91 -76.00 7.28
CA LEU EA 69 4.98 -77.45 7.50
C LEU EA 69 4.30 -77.82 8.82
N GLY EA 70 4.45 -76.99 9.85
CA GLY EA 70 3.69 -77.18 11.07
C GLY EA 70 2.20 -76.94 10.88
N THR EA 71 1.82 -76.02 10.00
CA THR EA 71 0.41 -75.81 9.69
C THR EA 71 -0.17 -77.01 8.94
N ALA EA 72 0.62 -77.59 8.03
CA ALA EA 72 0.21 -78.80 7.33
C ALA EA 72 0.12 -79.99 8.28
N CYS EA 73 0.98 -80.04 9.30
CA CYS EA 73 0.82 -81.02 10.36
C CYS EA 73 -0.38 -80.70 11.25
N GLY EA 74 -0.86 -79.47 11.25
CA GLY EA 74 -1.98 -79.08 12.08
C GLY EA 74 -1.60 -78.61 13.46
N LYS EA 75 -0.31 -78.58 13.78
CA LYS EA 75 0.16 -78.10 15.07
C LYS EA 75 0.26 -76.57 15.04
N TYR EA 76 0.10 -75.98 16.22
CA TYR EA 76 0.14 -74.53 16.37
C TYR EA 76 1.56 -74.01 16.60
N TYR EA 77 2.56 -74.87 16.47
CA TYR EA 77 3.96 -74.46 16.51
C TYR EA 77 4.63 -74.79 15.19
N ARG EA 78 5.94 -74.60 15.10
CA ARG EA 78 6.68 -74.90 13.90
C ARG EA 78 7.55 -76.14 14.11
N VAL EA 79 7.62 -76.98 13.09
CA VAL EA 79 8.39 -78.22 13.12
C VAL EA 79 9.27 -78.28 11.88
N CYS EA 80 10.54 -78.60 12.07
CA CYS EA 80 11.54 -78.55 11.02
C CYS EA 80 11.77 -79.90 10.34
N THR EA 81 11.61 -81.00 11.08
CA THR EA 81 11.84 -82.33 10.53
C THR EA 81 10.85 -83.29 11.15
N LEU EA 82 10.10 -84.01 10.30
CA LEU EA 82 9.18 -85.03 10.79
C LEU EA 82 9.57 -86.39 10.24
N ALA EA 83 9.04 -87.43 10.88
CA ALA EA 83 9.23 -88.80 10.45
C ALA EA 83 7.90 -89.53 10.44
N ILE EA 84 7.62 -90.23 9.35
CA ILE EA 84 6.47 -91.10 9.23
C ILE EA 84 6.97 -92.53 9.40
N ILE EA 85 6.44 -93.22 10.41
CA ILE EA 85 6.86 -94.57 10.75
C ILE EA 85 5.88 -95.59 10.17
N ASP EA 86 4.63 -95.52 10.58
CA ASP EA 86 3.59 -96.47 10.18
C ASP EA 86 2.37 -95.70 9.72
N PRO EA 87 2.27 -95.37 8.43
CA PRO EA 87 1.07 -94.66 7.95
C PRO EA 87 -0.14 -95.59 7.90
N GLY EA 88 -1.30 -95.04 8.24
CA GLY EA 88 -2.52 -95.81 8.33
C GLY EA 88 -3.05 -96.30 7.00
N ASP EA 89 -3.51 -95.38 6.15
CA ASP EA 89 -4.06 -95.76 4.85
C ASP EA 89 -3.62 -94.81 3.75
N SER EA 90 -2.50 -94.13 3.93
CA SER EA 90 -1.97 -93.21 2.94
C SER EA 90 -0.91 -93.90 2.09
N ASP EA 91 -0.62 -93.31 0.95
CA ASP EA 91 0.44 -93.76 0.06
C ASP EA 91 1.55 -92.71 0.02
N ILE EA 92 1.86 -92.15 1.19
CA ILE EA 92 2.95 -91.18 1.30
C ILE EA 92 4.30 -91.87 1.19
N ILE EA 93 4.37 -93.16 1.52
CA ILE EA 93 5.59 -93.95 1.38
C ILE EA 93 5.40 -94.87 0.18
N ARG EA 94 6.24 -94.67 -0.83
CA ARG EA 94 6.10 -95.41 -2.09
C ARG EA 94 7.07 -96.58 -2.15
N ASN FA 1 29.55 -3.23 108.15
CA ASN FA 1 30.04 -1.89 107.84
C ASN FA 1 30.52 -1.87 106.39
N GLU FA 2 31.48 -2.74 106.07
CA GLU FA 2 32.05 -2.79 104.74
C GLU FA 2 32.25 -4.22 104.22
N VAL FA 3 31.75 -5.22 104.93
CA VAL FA 3 31.81 -6.61 104.49
C VAL FA 3 30.41 -7.18 104.46
N VAL FA 4 29.42 -6.32 104.22
CA VAL FA 4 28.03 -6.72 104.36
C VAL FA 4 27.57 -7.51 103.13
N THR FA 5 26.70 -8.49 103.40
CA THR FA 5 26.06 -9.29 102.38
C THR FA 5 24.55 -9.15 102.59
N ARG FA 6 23.82 -8.81 101.53
CA ARG FA 6 22.36 -8.77 101.67
C ARG FA 6 21.70 -9.09 100.34
N GLU FA 7 20.43 -9.46 100.44
CA GLU FA 7 19.62 -9.85 99.30
C GLU FA 7 18.97 -8.64 98.66
N TYR FA 8 18.77 -8.73 97.34
CA TYR FA 8 17.95 -7.79 96.59
C TYR FA 8 17.17 -8.60 95.56
N THR FA 9 16.22 -7.95 94.93
CA THR FA 9 15.57 -8.52 93.76
C THR FA 9 15.44 -7.46 92.68
N ILE FA 10 15.71 -7.89 91.46
CA ILE FA 10 15.81 -6.98 90.31
C ILE FA 10 14.78 -7.42 89.27
N ASN FA 11 13.89 -6.50 88.91
CA ASN FA 11 13.07 -6.69 87.72
C ASN FA 11 13.89 -6.35 86.48
N ILE FA 12 14.19 -7.36 85.69
CA ILE FA 12 14.92 -7.14 84.45
C ILE FA 12 14.00 -6.48 83.43
N HIS FA 13 12.69 -6.73 83.54
CA HIS FA 13 11.71 -6.27 82.56
C HIS FA 13 11.66 -4.75 82.47
N LYS FA 14 11.69 -4.09 83.63
CA LYS FA 14 11.65 -2.63 83.68
C LYS FA 14 12.92 -2.01 83.09
N ARG FA 15 14.08 -2.55 83.44
CA ARG FA 15 15.34 -2.03 82.92
C ARG FA 15 15.61 -2.46 81.49
N ILE FA 16 14.85 -3.41 80.96
CA ILE FA 16 15.10 -3.98 79.64
C ILE FA 16 14.09 -3.49 78.61
N HIS FA 17 12.98 -2.88 79.05
CA HIS FA 17 11.94 -2.42 78.14
C HIS FA 17 12.41 -1.37 77.15
N GLY FA 18 12.52 -1.75 75.88
CA GLY FA 18 12.85 -0.83 74.81
C GLY FA 18 14.05 -1.20 73.95
N VAL FA 19 14.74 -2.31 74.19
CA VAL FA 19 15.95 -2.65 73.44
C VAL FA 19 15.64 -3.82 72.51
N GLY FA 20 16.52 -3.99 71.52
CA GLY FA 20 16.34 -5.01 70.51
C GLY FA 20 16.72 -6.40 71.00
N PHE FA 21 16.27 -7.40 70.23
CA PHE FA 21 16.33 -8.81 70.66
C PHE FA 21 17.76 -9.33 70.77
N LYS FA 22 18.70 -8.78 70.02
CA LYS FA 22 20.08 -9.24 70.06
C LYS FA 22 20.92 -8.53 71.11
N LYS FA 23 20.28 -7.78 72.01
CA LYS FA 23 21.02 -7.00 73.01
C LYS FA 23 20.33 -7.07 74.36
N ARG FA 24 19.26 -7.87 74.50
CA ARG FA 24 18.47 -7.88 75.74
C ARG FA 24 19.24 -8.52 76.89
N ALA FA 25 19.85 -9.68 76.66
CA ALA FA 25 20.60 -10.30 77.75
C ALA FA 25 21.95 -9.63 78.09
N PRO FA 26 22.76 -9.13 77.11
CA PRO FA 26 23.89 -8.28 77.52
C PRO FA 26 23.46 -6.99 78.21
N ARG FA 27 22.35 -6.38 77.76
CA ARG FA 27 21.80 -5.22 78.47
C ARG FA 27 21.32 -5.59 79.86
N ALA FA 28 20.84 -6.83 80.04
CA ALA FA 28 20.42 -7.32 81.35
C ALA FA 28 21.61 -7.42 82.30
N LEU FA 29 22.73 -7.98 81.82
CA LEU FA 29 23.91 -8.05 82.70
C LEU FA 29 24.54 -6.68 82.94
N LYS FA 30 24.46 -5.78 81.96
CA LYS FA 30 24.96 -4.42 82.17
C LYS FA 30 24.08 -3.67 83.18
N GLU FA 31 22.77 -3.92 83.18
CA GLU FA 31 21.91 -3.29 84.18
C GLU FA 31 22.08 -3.92 85.55
N ILE FA 32 22.41 -5.22 85.62
CA ILE FA 32 22.76 -5.83 86.90
C ILE FA 32 24.04 -5.24 87.46
N ARG FA 33 25.04 -5.02 86.61
CA ARG FA 33 26.27 -4.37 87.03
C ARG FA 33 26.04 -2.92 87.44
N LYS FA 34 25.12 -2.22 86.76
CA LYS FA 34 24.76 -0.86 87.14
C LYS FA 34 24.00 -0.84 88.47
N PHE FA 35 23.16 -1.85 88.72
CA PHE FA 35 22.46 -1.95 90.00
C PHE FA 35 23.44 -2.23 91.13
N ALA FA 36 24.46 -3.05 90.88
CA ALA FA 36 25.48 -3.30 91.89
C ALA FA 36 26.31 -2.06 92.17
N MET FA 37 26.67 -1.31 91.12
CA MET FA 37 27.38 -0.05 91.30
C MET FA 37 26.51 1.04 91.92
N LYS FA 38 25.19 0.90 91.83
CA LYS FA 38 24.30 1.90 92.41
C LYS FA 38 24.06 1.66 93.89
N GLU FA 39 23.68 0.44 94.27
CA GLU FA 39 23.53 0.12 95.68
C GLU FA 39 24.87 0.02 96.39
N MET FA 40 25.71 -0.91 95.96
CA MET FA 40 27.06 -0.99 96.52
C MET FA 40 27.90 0.16 95.99
N GLY FA 41 28.73 0.75 96.85
CA GLY FA 41 29.54 1.87 96.46
C GLY FA 41 30.90 1.49 95.92
N THR FA 42 30.98 0.36 95.22
CA THR FA 42 32.22 -0.13 94.65
C THR FA 42 32.06 -0.24 93.13
N PRO FA 43 32.98 0.31 92.35
CA PRO FA 43 32.92 0.14 90.89
C PRO FA 43 33.49 -1.18 90.40
N ASP FA 44 33.94 -2.05 91.29
CA ASP FA 44 34.45 -3.36 90.93
C ASP FA 44 33.35 -4.38 91.20
N VAL FA 45 32.75 -4.90 90.15
CA VAL FA 45 31.60 -5.78 90.22
C VAL FA 45 31.97 -7.10 89.56
N ARG FA 46 31.83 -8.20 90.29
CA ARG FA 46 32.12 -9.53 89.79
C ARG FA 46 30.81 -10.31 89.71
N ILE FA 47 30.34 -10.53 88.48
CA ILE FA 47 29.11 -11.27 88.22
C ILE FA 47 29.44 -12.76 88.18
N ASP FA 48 28.72 -13.54 88.98
CA ASP FA 48 29.01 -14.97 89.11
C ASP FA 48 28.50 -15.74 87.89
N THR FA 49 29.16 -16.87 87.61
CA THR FA 49 28.80 -17.69 86.46
C THR FA 49 27.44 -18.37 86.65
N ARG FA 50 27.03 -18.58 87.90
CA ARG FA 50 25.67 -19.08 88.13
C ARG FA 50 24.64 -18.03 87.77
N LEU FA 51 24.93 -16.74 88.03
CA LEU FA 51 24.07 -15.67 87.57
C LEU FA 51 24.08 -15.54 86.06
N ASN FA 52 25.25 -15.76 85.44
CA ASN FA 52 25.36 -15.81 83.98
C ASN FA 52 24.43 -16.86 83.40
N LYS FA 53 24.50 -18.09 83.93
CA LYS FA 53 23.66 -19.18 83.46
C LYS FA 53 22.19 -18.94 83.78
N ALA FA 54 21.90 -18.24 84.89
CA ALA FA 54 20.51 -17.99 85.26
C ALA FA 54 19.87 -16.95 84.35
N VAL FA 55 20.60 -15.92 83.94
CA VAL FA 55 20.05 -14.94 83.02
C VAL FA 55 19.98 -15.49 81.61
N TRP FA 56 21.06 -16.12 81.15
CA TRP FA 56 21.12 -16.67 79.80
C TRP FA 56 20.51 -18.06 79.68
N ALA FA 57 19.80 -18.55 80.70
CA ALA FA 57 19.19 -19.87 80.67
C ALA FA 57 17.87 -19.90 79.92
N LYS FA 58 17.47 -18.78 79.33
CA LYS FA 58 16.24 -18.73 78.55
C LYS FA 58 16.46 -18.06 77.21
N GLY FA 59 17.63 -17.48 76.96
CA GLY FA 59 17.99 -16.95 75.65
C GLY FA 59 18.37 -15.48 75.71
N ILE FA 60 18.95 -15.03 74.59
CA ILE FA 60 19.29 -13.61 74.44
C ILE FA 60 18.05 -12.76 74.20
N ARG FA 61 16.94 -13.39 73.81
CA ARG FA 61 15.72 -12.69 73.44
C ARG FA 61 14.67 -12.73 74.55
N ASN FA 62 14.40 -13.90 75.09
CA ASN FA 62 13.43 -14.06 76.18
C ASN FA 62 14.16 -14.07 77.52
N VAL FA 63 14.64 -12.89 77.89
CA VAL FA 63 15.30 -12.72 79.20
C VAL FA 63 14.24 -12.83 80.29
N PRO FA 64 14.53 -13.48 81.42
CA PRO FA 64 13.55 -13.55 82.52
C PRO FA 64 13.20 -12.18 83.09
N TYR FA 65 12.04 -12.15 83.75
CA TYR FA 65 11.46 -10.87 84.18
C TYR FA 65 11.99 -10.47 85.55
N ARG FA 66 11.99 -11.39 86.51
CA ARG FA 66 12.36 -11.10 87.89
C ARG FA 66 13.49 -12.00 88.31
N ILE FA 67 14.39 -11.48 89.15
CA ILE FA 67 15.52 -12.28 89.61
C ILE FA 67 15.84 -11.90 91.06
N ARG FA 68 16.32 -12.88 91.82
CA ARG FA 68 16.70 -12.70 93.21
C ARG FA 68 18.21 -12.83 93.30
N VAL FA 69 18.88 -11.77 93.76
CA VAL FA 69 20.33 -11.66 93.68
C VAL FA 69 20.89 -11.25 95.04
N ARG FA 70 21.85 -12.02 95.55
CA ARG FA 70 22.60 -11.65 96.73
C ARG FA 70 23.79 -10.79 96.32
N LEU FA 71 23.90 -9.60 96.90
CA LEU FA 71 25.06 -8.73 96.70
C LEU FA 71 25.93 -8.79 97.95
N SER FA 72 27.23 -9.02 97.76
CA SER FA 72 28.15 -9.17 98.87
C SER FA 72 29.37 -8.29 98.64
N ARG FA 73 29.63 -7.36 99.57
CA ARG FA 73 30.81 -6.51 99.50
C ARG FA 73 31.96 -7.24 100.19
N LYS FA 74 33.10 -7.33 99.51
CA LYS FA 74 34.22 -8.15 99.96
C LYS FA 74 35.40 -7.28 100.39
N ARG FA 75 36.52 -7.96 100.67
CA ARG FA 75 37.70 -7.35 101.26
C ARG FA 75 38.84 -7.13 100.28
N ASN FA 76 39.02 -8.04 99.32
CA ASN FA 76 40.12 -8.04 98.33
C ASN FA 76 41.48 -8.01 99.03
N GLU FA 77 41.73 -9.11 99.74
CA GLU FA 77 42.89 -9.20 100.63
C GLU FA 77 44.19 -9.55 99.90
N ASP FA 78 44.12 -9.98 98.64
CA ASP FA 78 45.32 -10.51 97.99
C ASP FA 78 45.77 -9.67 96.80
N GLU FA 79 44.82 -9.24 95.97
CA GLU FA 79 45.17 -8.55 94.73
C GLU FA 79 45.55 -7.10 95.00
N ASP FA 80 46.55 -6.63 94.26
CA ASP FA 80 46.99 -5.24 94.37
C ASP FA 80 46.29 -4.37 93.32
N SER FA 81 44.97 -4.37 93.39
CA SER FA 81 44.04 -3.67 92.53
C SER FA 81 43.86 -2.23 93.01
N PRO FA 82 43.60 -1.30 92.09
CA PRO FA 82 43.28 0.08 92.50
C PRO FA 82 41.97 0.20 93.29
N ASN FA 83 41.04 -0.73 93.11
CA ASN FA 83 39.81 -0.77 93.88
C ASN FA 83 40.00 -1.74 95.04
N LYS FA 84 40.06 -1.20 96.26
CA LYS FA 84 40.32 -2.02 97.44
C LYS FA 84 39.14 -2.89 97.83
N LEU FA 85 37.93 -2.56 97.38
CA LEU FA 85 36.73 -3.31 97.75
C LEU FA 85 35.94 -3.62 96.49
N TYR FA 86 35.51 -4.86 96.36
CA TYR FA 86 34.68 -5.28 95.23
C TYR FA 86 33.36 -5.86 95.73
N THR FA 87 32.50 -6.20 94.78
CA THR FA 87 31.17 -6.72 95.07
C THR FA 87 30.92 -7.97 94.25
N LEU FA 88 30.74 -9.10 94.92
CA LEU FA 88 30.35 -10.34 94.28
C LEU FA 88 28.83 -10.38 94.17
N VAL FA 89 28.34 -10.74 92.98
CA VAL FA 89 26.95 -10.63 92.61
C VAL FA 89 26.47 -12.04 92.27
N THR FA 90 25.66 -12.64 93.16
CA THR FA 90 25.37 -14.07 93.12
C THR FA 90 23.88 -14.31 92.93
N TYR FA 91 23.53 -15.32 92.14
CA TYR FA 91 22.14 -15.70 91.93
C TYR FA 91 21.60 -16.50 93.11
N VAL FA 92 20.32 -16.30 93.42
CA VAL FA 92 19.64 -17.09 94.45
C VAL FA 92 18.42 -17.76 93.83
N PRO FA 93 18.37 -19.09 93.76
CA PRO FA 93 17.20 -19.78 93.18
C PRO FA 93 16.00 -19.67 94.12
N VAL FA 94 14.95 -18.99 93.64
CA VAL FA 94 13.74 -18.75 94.41
C VAL FA 94 12.54 -19.18 93.58
N THR FA 95 11.71 -20.06 94.13
CA THR FA 95 10.58 -20.59 93.38
C THR FA 95 9.40 -19.62 93.37
N THR FA 96 8.84 -19.34 94.54
CA THR FA 96 7.70 -18.41 94.64
C THR FA 96 8.21 -17.00 94.96
N PHE FA 97 7.70 -16.03 94.23
CA PHE FA 97 8.33 -14.72 94.18
C PHE FA 97 7.58 -13.64 94.94
N LYS FA 98 6.28 -13.78 95.15
CA LYS FA 98 5.47 -12.73 95.74
C LYS FA 98 5.80 -12.54 97.22
N ASN FA 99 5.63 -11.30 97.68
CA ASN FA 99 5.93 -10.84 99.04
C ASN FA 99 7.39 -11.06 99.43
N LEU FA 100 8.31 -10.87 98.48
CA LEU FA 100 9.74 -10.93 98.74
C LEU FA 100 10.31 -9.51 98.76
N GLN FA 101 10.98 -9.16 99.84
CA GLN FA 101 11.58 -7.85 100.04
C GLN FA 101 13.09 -7.98 100.15
N THR FA 102 13.77 -6.84 100.28
CA THR FA 102 15.22 -6.80 100.40
C THR FA 102 15.61 -7.23 101.80
N VAL FA 103 15.91 -8.52 101.96
CA VAL FA 103 16.28 -9.07 103.26
C VAL FA 103 17.76 -8.83 103.51
N ASN FA 104 18.08 -8.19 104.63
CA ASN FA 104 19.46 -7.95 105.04
C ASN FA 104 19.92 -9.20 105.79
N VAL FA 105 20.50 -10.14 105.05
CA VAL FA 105 20.94 -11.40 105.64
C VAL FA 105 22.22 -11.19 106.43
N ASP FA 106 22.51 -12.13 107.33
CA ASP FA 106 23.69 -12.07 108.17
C ASP FA 106 24.73 -13.08 107.70
N GLU FA 107 25.99 -12.72 107.86
CA GLU FA 107 27.09 -13.57 107.43
C GLU FA 107 27.73 -14.29 108.62
N ALA GA 1 84.03 63.89 64.49
CA ALA GA 1 83.89 64.34 63.10
C ALA GA 1 84.04 63.17 62.13
N ALA GA 2 83.50 63.34 60.93
CA ALA GA 2 83.57 62.34 59.87
C ALA GA 2 84.19 62.97 58.62
N LEU GA 3 84.22 62.17 57.55
CA LEU GA 3 84.76 62.64 56.27
C LEU GA 3 83.64 63.30 55.48
N ARG GA 4 83.79 64.59 55.22
CA ARG GA 4 82.80 65.36 54.46
C ARG GA 4 83.09 65.30 52.97
N PRO GA 5 82.06 65.30 52.14
CA PRO GA 5 82.27 65.33 50.68
C PRO GA 5 82.69 66.72 50.21
N LEU GA 6 82.96 66.81 48.91
CA LEU GA 6 83.35 68.10 48.32
C LEU GA 6 82.17 69.06 48.29
N VAL GA 7 81.10 68.68 47.60
CA VAL GA 7 79.87 69.46 47.56
C VAL GA 7 78.75 68.56 48.09
N LYS GA 8 77.78 69.18 48.77
CA LYS GA 8 76.64 68.46 49.34
C LYS GA 8 75.37 68.97 48.67
N PRO GA 9 74.96 68.37 47.56
CA PRO GA 9 73.69 68.76 46.94
C PRO GA 9 72.51 68.14 47.67
N LYS GA 10 71.33 68.71 47.43
CA LYS GA 10 70.09 68.15 47.95
C LYS GA 10 69.64 67.06 47.01
N ILE GA 11 69.85 65.81 47.42
CA ILE GA 11 69.50 64.67 46.57
C ILE GA 11 67.98 64.53 46.55
N VAL GA 12 67.39 64.82 45.41
CA VAL GA 12 65.95 64.66 45.20
C VAL GA 12 65.72 63.37 44.43
N LYS GA 13 64.68 62.63 44.81
CA LYS GA 13 64.35 61.37 44.18
C LYS GA 13 62.88 61.40 43.77
N LYS GA 14 62.63 61.10 42.49
CA LYS GA 14 61.28 61.16 41.95
C LYS GA 14 60.38 60.07 42.50
N ARG GA 15 60.97 58.93 42.91
CA ARG GA 15 60.22 57.83 43.48
C ARG GA 15 61.17 56.96 44.28
N THR GA 16 60.84 56.70 45.54
CA THR GA 16 61.68 55.90 46.41
C THR GA 16 61.10 54.54 46.73
N LYS GA 17 59.93 54.21 46.21
CA LYS GA 17 59.39 52.87 46.39
C LYS GA 17 59.85 51.95 45.26
N LYS GA 18 59.70 50.65 45.50
CA LYS GA 18 60.13 49.64 44.54
C LYS GA 18 59.03 49.34 43.54
N PHE GA 19 59.41 49.20 42.28
CA PHE GA 19 58.50 48.73 41.25
C PHE GA 19 58.30 47.22 41.37
N ILE GA 20 57.30 46.80 42.13
CA ILE GA 20 57.06 45.37 42.30
C ILE GA 20 56.34 44.82 41.07
N ARG GA 21 56.49 43.52 40.87
CA ARG GA 21 55.88 42.84 39.74
C ARG GA 21 54.40 42.59 40.02
N HIS GA 22 53.61 42.55 38.95
CA HIS GA 22 52.17 42.32 39.06
C HIS GA 22 51.87 40.91 39.55
N GLN GA 23 50.90 40.83 40.48
CA GLN GA 23 50.43 39.61 41.15
C GLN GA 23 51.52 38.90 41.96
N SER GA 24 52.58 39.62 42.32
CA SER GA 24 53.55 39.10 43.28
C SER GA 24 53.00 39.10 44.69
N ASP GA 25 51.97 39.92 44.97
CA ASP GA 25 51.25 39.81 46.24
C ASP GA 25 50.45 38.52 46.30
N ARG GA 26 49.91 38.09 45.16
CA ARG GA 26 49.06 36.91 45.13
C ARG GA 26 49.86 35.62 45.12
N TYR GA 27 50.95 35.58 44.35
CA TYR GA 27 51.67 34.35 44.16
C TYR GA 27 53.07 34.43 44.76
N VAL GA 28 53.54 33.30 45.27
CA VAL GA 28 54.86 33.23 45.88
C VAL GA 28 55.94 32.98 44.81
N LYS GA 29 55.61 32.24 43.75
CA LYS GA 29 56.55 32.03 42.66
C LYS GA 29 56.82 33.29 41.85
N ILE GA 30 55.94 34.28 41.93
CA ILE GA 30 56.12 35.55 41.25
C ILE GA 30 56.95 36.46 42.16
N LYS GA 31 58.20 36.71 41.78
CA LYS GA 31 59.11 37.48 42.60
C LYS GA 31 58.80 38.97 42.49
N ARG GA 32 59.49 39.77 43.31
CA ARG GA 32 59.31 41.21 43.29
C ARG GA 32 60.08 41.90 42.17
N ASN GA 33 60.93 41.16 41.44
CA ASN GA 33 61.69 41.75 40.35
C ASN GA 33 60.77 42.10 39.18
N TRP GA 34 60.98 43.26 38.58
CA TRP GA 34 60.04 43.78 37.60
C TRP GA 34 60.12 43.02 36.29
N ARG GA 35 58.96 42.58 35.81
CA ARG GA 35 58.77 42.09 34.45
C ARG GA 35 57.65 42.89 33.80
N LYS GA 36 57.88 43.37 32.58
CA LYS GA 36 56.86 44.15 31.90
C LYS GA 36 55.69 43.27 31.48
N PRO GA 37 54.46 43.66 31.78
CA PRO GA 37 53.30 42.94 31.25
C PRO GA 37 53.24 43.03 29.73
N ARG GA 38 53.01 41.87 29.09
CA ARG GA 38 52.94 41.82 27.63
C ARG GA 38 51.70 41.08 27.17
N GLY GA 39 50.60 41.20 27.92
CA GLY GA 39 49.36 40.56 27.56
C GLY GA 39 48.47 41.43 26.70
N ILE GA 40 47.51 40.78 26.03
CA ILE GA 40 46.58 41.52 25.19
C ILE GA 40 45.59 42.32 26.02
N ASP GA 41 45.21 41.82 27.20
CA ASP GA 41 44.28 42.51 28.09
C ASP GA 41 44.91 42.51 29.48
N ASN GA 42 45.79 43.49 29.74
CA ASN GA 42 46.39 43.64 31.06
C ASN GA 42 46.22 45.07 31.51
N ARG GA 43 45.59 45.22 32.69
CA ARG GA 43 45.37 46.48 33.37
C ARG GA 43 46.64 47.30 33.56
N VAL GA 44 47.71 46.63 33.96
CA VAL GA 44 48.99 47.31 34.19
C VAL GA 44 49.63 47.71 32.85
N ARG GA 45 49.46 46.87 31.83
CA ARG GA 45 50.07 47.14 30.52
C ARG GA 45 49.42 48.35 29.86
N ARG GA 46 48.09 48.40 29.84
CA ARG GA 46 47.40 49.53 29.22
C ARG GA 46 47.02 50.61 30.22
N ARG GA 47 47.57 50.55 31.44
CA ARG GA 47 47.67 51.66 32.40
C ARG GA 47 46.28 52.19 32.80
N PHE GA 48 45.53 51.34 33.48
CA PHE GA 48 44.28 51.78 34.09
C PHE GA 48 44.58 52.58 35.36
N LYS GA 49 43.52 52.98 36.05
CA LYS GA 49 43.61 53.96 37.13
C LYS GA 49 43.82 53.25 38.46
N GLY GA 50 44.83 53.70 39.20
CA GLY GA 50 45.04 53.21 40.55
C GLY GA 50 45.64 51.82 40.67
N GLN GA 51 46.69 51.54 39.92
CA GLN GA 51 47.38 50.26 39.94
C GLN GA 51 48.87 50.47 40.17
N ILE GA 52 49.64 49.40 40.00
CA ILE GA 52 51.09 49.54 40.01
C ILE GA 52 51.51 50.26 38.73
N LEU GA 53 52.60 51.01 38.82
CA LEU GA 53 53.03 51.85 37.71
C LEU GA 53 54.23 51.23 37.04
N MET GA 54 54.33 51.46 35.73
CA MET GA 54 55.47 50.84 35.07
C MET GA 54 56.69 51.74 35.13
N PRO GA 55 57.89 51.15 35.26
CA PRO GA 55 59.12 51.95 35.24
C PRO GA 55 59.41 52.50 33.85
N ASN GA 56 59.21 53.80 33.69
CA ASN GA 56 59.52 54.51 32.46
C ASN GA 56 60.86 55.23 32.64
N ILE GA 57 61.28 55.93 31.59
CA ILE GA 57 62.51 56.72 31.65
C ILE GA 57 62.32 58.01 32.43
N GLY GA 58 61.08 58.39 32.71
CA GLY GA 58 60.79 59.64 33.40
C GLY GA 58 61.13 59.63 34.88
N TYR GA 59 61.37 58.46 35.47
CA TYR GA 59 61.77 58.36 36.86
C TYR GA 59 63.27 58.49 37.06
N GLY GA 60 64.00 58.92 36.03
CA GLY GA 60 65.45 58.95 36.11
C GLY GA 60 65.93 60.07 37.01
N SER GA 61 66.85 59.74 37.91
CA SER GA 61 67.40 60.73 38.82
C SER GA 61 68.35 61.66 38.07
N ASN GA 62 68.66 62.79 38.71
CA ASN GA 62 69.54 63.79 38.13
C ASN GA 62 70.96 63.23 37.97
N LYS GA 63 71.62 63.65 36.88
CA LYS GA 63 72.95 63.14 36.57
C LYS GA 63 74.01 63.62 37.55
N LYS GA 64 73.76 64.76 38.22
CA LYS GA 64 74.69 65.21 39.25
C LYS GA 64 74.56 64.38 40.53
N THR GA 65 73.37 63.84 40.79
CA THR GA 65 73.12 63.08 42.00
C THR GA 65 72.82 61.61 41.75
N LYS GA 66 73.09 61.10 40.54
CA LYS GA 66 72.88 59.69 40.25
C LYS GA 66 73.98 58.86 40.89
N HIS GA 67 73.61 57.67 41.38
CA HIS GA 67 74.48 56.72 42.09
C HIS GA 67 75.11 57.32 43.34
N MET GA 68 74.47 58.31 43.95
CA MET GA 68 75.03 59.04 45.07
C MET GA 68 74.43 58.55 46.38
N LEU GA 69 75.29 58.31 47.36
CA LEU GA 69 74.86 57.92 48.69
C LEU GA 69 74.19 59.11 49.40
N PRO GA 70 73.40 58.85 50.46
CA PRO GA 70 72.85 59.97 51.24
C PRO GA 70 73.90 60.79 51.97
N SER GA 71 75.11 60.26 52.18
CA SER GA 71 76.17 61.05 52.78
C SER GA 71 76.76 62.05 51.79
N GLY GA 72 76.68 61.76 50.49
CA GLY GA 72 77.25 62.62 49.46
C GLY GA 72 78.35 61.99 48.64
N PHE GA 73 78.65 60.71 48.82
CA PHE GA 73 79.72 60.03 48.12
C PHE GA 73 79.17 59.06 47.09
N ARG GA 74 80.08 58.47 46.32
CA ARG GA 74 79.77 57.37 45.41
C ARG GA 74 80.61 56.17 45.78
N LYS GA 75 80.00 54.99 45.73
CA LYS GA 75 80.70 53.78 46.17
C LYS GA 75 81.72 53.33 45.15
N PHE GA 76 82.79 52.71 45.64
CA PHE GA 76 83.78 52.04 44.81
C PHE GA 76 84.25 50.79 45.55
N LEU GA 77 84.04 49.63 44.93
CA LEU GA 77 84.29 48.36 45.59
C LEU GA 77 85.79 48.07 45.59
N VAL GA 78 86.35 47.84 46.77
CA VAL GA 78 87.79 47.72 46.97
C VAL GA 78 88.09 46.37 47.59
N HIS GA 79 89.01 45.62 46.99
CA HIS GA 79 89.41 44.32 47.51
C HIS GA 79 90.65 44.36 48.39
N ASN GA 80 91.70 45.09 48.00
CA ASN GA 80 92.97 45.03 48.70
C ASN GA 80 93.51 46.43 48.97
N VAL GA 81 94.71 46.48 49.55
CA VAL GA 81 95.34 47.75 49.92
C VAL GA 81 95.81 48.51 48.68
N LYS GA 82 96.21 47.79 47.63
CA LYS GA 82 96.70 48.43 46.41
C LYS GA 82 95.59 49.17 45.67
N GLU GA 83 94.35 48.76 45.87
CA GLU GA 83 93.21 49.43 45.25
C GLU GA 83 92.78 50.68 46.04
N LEU GA 84 93.36 50.92 47.21
CA LEU GA 84 93.07 52.14 47.95
C LEU GA 84 93.75 53.38 47.37
N GLU GA 85 94.92 53.22 46.76
CA GLU GA 85 95.58 54.35 46.11
C GLU GA 85 94.91 54.75 44.80
N VAL GA 86 93.95 53.96 44.33
CA VAL GA 86 93.13 54.35 43.18
C VAL GA 86 92.28 55.57 43.53
N LEU GA 87 91.68 55.56 44.73
CA LEU GA 87 90.83 56.65 45.19
C LEU GA 87 91.61 57.73 45.94
N LEU GA 88 92.90 57.88 45.67
CA LEU GA 88 93.70 58.86 46.38
C LEU GA 88 93.39 60.28 45.92
N MET GA 89 93.09 60.46 44.63
CA MET GA 89 92.70 61.75 44.10
C MET GA 89 91.20 61.91 43.96
N CYS GA 90 90.43 61.06 44.64
CA CYS GA 90 88.97 61.10 44.53
C CYS GA 90 88.28 61.01 45.89
N ASN GA 91 89.00 61.31 46.98
CA ASN GA 91 88.46 61.13 48.31
C ASN GA 91 87.39 62.15 48.69
N LYS GA 92 87.33 63.29 48.00
CA LYS GA 92 86.30 64.28 48.26
C LYS GA 92 84.98 63.99 47.57
N SER GA 93 84.96 63.02 46.66
CA SER GA 93 83.74 62.69 45.92
C SER GA 93 83.44 61.20 45.85
N TYR GA 94 84.39 60.33 46.22
CA TYR GA 94 84.22 58.89 46.10
C TYR GA 94 84.69 58.24 47.39
N CYS GA 95 84.08 57.11 47.74
CA CYS GA 95 84.37 56.40 48.97
C CYS GA 95 84.66 54.95 48.69
N ALA GA 96 85.45 54.33 49.56
CA ALA GA 96 85.83 52.94 49.39
C ALA GA 96 84.78 52.01 49.99
N GLU GA 97 84.69 50.80 49.42
CA GLU GA 97 83.76 49.79 49.89
C GLU GA 97 84.51 48.47 49.92
N ILE GA 98 84.75 47.94 51.12
CA ILE GA 98 85.48 46.68 51.25
C ILE GA 98 84.55 45.53 50.92
N ALA GA 99 85.06 44.57 50.14
CA ALA GA 99 84.24 43.48 49.64
C ALA GA 99 83.87 42.51 50.76
N HIS GA 100 82.90 41.63 50.45
CA HIS GA 100 82.42 40.67 51.43
C HIS GA 100 83.42 39.55 51.65
N ASN GA 101 84.13 39.15 50.60
CA ASN GA 101 85.04 38.02 50.68
C ASN GA 101 86.42 38.39 51.23
N VAL GA 102 86.62 39.62 51.65
CA VAL GA 102 87.90 40.04 52.22
C VAL GA 102 87.95 39.61 53.67
N SER GA 103 89.05 38.96 54.07
CA SER GA 103 89.21 38.45 55.43
C SER GA 103 89.37 39.60 56.41
N SER GA 104 89.19 39.27 57.70
CA SER GA 104 89.32 40.24 58.77
C SER GA 104 90.78 40.54 59.12
N LYS GA 105 91.73 39.79 58.59
CA LYS GA 105 93.14 40.04 58.88
C LYS GA 105 93.65 41.28 58.14
N ASN GA 106 93.37 41.37 56.84
CA ASN GA 106 93.78 42.51 56.06
C ASN GA 106 92.72 43.60 55.95
N ARG GA 107 91.52 43.37 56.48
CA ARG GA 107 90.50 44.42 56.53
C ARG GA 107 90.93 45.56 57.44
N LYS GA 108 91.60 45.23 58.56
CA LYS GA 108 92.13 46.25 59.45
C LYS GA 108 93.24 47.04 58.77
N ALA GA 109 94.05 46.38 57.94
CA ALA GA 109 95.09 47.08 57.18
C ALA GA 109 94.48 48.01 56.13
N ILE GA 110 93.40 47.58 55.48
CA ILE GA 110 92.69 48.42 54.52
C ILE GA 110 92.08 49.64 55.21
N VAL GA 111 91.48 49.44 56.40
CA VAL GA 111 90.86 50.54 57.13
C VAL GA 111 91.91 51.54 57.61
N GLU GA 112 93.04 51.06 58.14
CA GLU GA 112 94.06 51.99 58.61
C GLU GA 112 94.78 52.68 57.45
N ARG GA 113 94.90 52.02 56.29
CA ARG GA 113 95.50 52.67 55.14
C ARG GA 113 94.58 53.73 54.55
N ALA GA 114 93.27 53.46 54.55
CA ALA GA 114 92.31 54.48 54.12
C ALA GA 114 92.24 55.64 55.11
N ALA GA 115 92.46 55.36 56.39
CA ALA GA 115 92.53 56.43 57.38
C ALA GA 115 93.79 57.27 57.20
N GLN GA 116 94.90 56.65 56.79
CA GLN GA 116 96.10 57.41 56.49
C GLN GA 116 95.94 58.23 55.22
N LEU GA 117 95.27 57.68 54.20
CA LEU GA 117 95.08 58.36 52.93
C LEU GA 117 93.85 59.26 52.92
N ALA GA 118 93.14 59.37 54.04
CA ALA GA 118 91.97 60.25 54.22
C ALA GA 118 90.84 59.91 53.25
N ILE GA 119 90.53 58.62 53.16
CA ILE GA 119 89.47 58.11 52.30
C ILE GA 119 88.41 57.48 53.17
N ARG GA 120 87.15 57.86 52.95
CA ARG GA 120 86.06 57.36 53.77
C ARG GA 120 85.70 55.93 53.38
N VAL GA 121 85.57 55.06 54.38
CA VAL GA 121 85.08 53.71 54.21
C VAL GA 121 83.70 53.64 54.84
N THR GA 122 82.71 53.15 54.09
CA THR GA 122 81.34 53.10 54.58
C THR GA 122 81.10 51.97 55.57
N ASN GA 123 82.03 51.03 55.71
CA ASN GA 123 81.92 49.94 56.70
C ASN GA 123 83.27 49.61 57.34
N PRO GA 124 83.76 50.46 58.26
CA PRO GA 124 85.01 50.11 58.96
C PRO GA 124 84.78 49.15 60.13
N ASN GA 125 83.66 49.32 60.84
CA ASN GA 125 83.35 48.53 62.03
C ASN GA 125 82.41 47.40 61.65
N ALA GA 126 82.98 46.39 60.99
CA ALA GA 126 82.21 45.21 60.60
C ALA GA 126 82.68 43.94 61.28
N ARG GA 127 83.93 43.53 61.07
CA ARG GA 127 84.38 42.21 61.49
C ARG GA 127 85.06 42.23 62.85
N LEU GA 128 86.19 42.93 62.96
CA LEU GA 128 87.01 43.05 64.18
C LEU GA 128 87.36 41.72 64.84
N SER HA 1 46.59 84.76 77.55
CA SER HA 1 46.19 83.76 78.54
C SER HA 1 44.99 82.96 78.05
N GLY HA 2 44.64 83.13 76.78
CA GLY HA 2 43.51 82.45 76.18
C GLY HA 2 43.87 81.91 74.80
N ARG HA 3 42.84 81.82 73.96
CA ARG HA 3 42.99 81.25 72.63
C ARG HA 3 43.52 82.28 71.65
N LEU HA 4 44.47 81.87 70.81
CA LEU HA 4 45.07 82.75 69.81
C LEU HA 4 44.93 82.17 68.40
N TRP HA 5 43.97 81.28 68.20
CA TRP HA 5 43.77 80.65 66.91
C TRP HA 5 42.28 80.56 66.59
N CYS HA 6 41.97 80.41 65.31
CA CYS HA 6 40.59 80.41 64.85
C CYS HA 6 40.15 78.98 64.54
N LYS HA 7 38.89 78.68 64.82
CA LYS HA 7 38.37 77.34 64.60
C LYS HA 7 38.20 77.06 63.11
N ALA HA 8 38.60 75.87 62.69
CA ALA HA 8 38.46 75.46 61.30
C ALA HA 8 38.32 73.95 61.24
N ILE HA 9 37.87 73.48 60.08
CA ILE HA 9 37.59 72.07 59.83
C ILE HA 9 38.43 71.62 58.65
N PHE HA 10 39.14 70.50 58.78
CA PHE HA 10 39.73 69.85 57.63
C PHE HA 10 38.64 69.07 56.91
N ALA HA 11 38.06 69.69 55.87
CA ALA HA 11 36.88 69.13 55.23
C ALA HA 11 37.22 68.05 54.20
N GLY HA 12 38.47 67.97 53.77
CA GLY HA 12 38.85 67.02 52.76
C GLY HA 12 40.02 67.55 51.95
N TYR HA 13 40.38 66.81 50.92
CA TYR HA 13 41.49 67.16 50.05
C TYR HA 13 40.98 67.82 48.77
N LYS HA 14 41.90 68.38 48.01
CA LYS HA 14 41.62 68.83 46.65
C LYS HA 14 41.33 67.62 45.77
N ARG HA 15 40.09 67.49 45.31
CA ARG HA 15 39.70 66.30 44.58
C ARG HA 15 38.60 66.63 43.59
N GLY HA 16 38.49 65.80 42.55
CA GLY HA 16 37.38 65.85 41.62
C GLY HA 16 36.27 64.93 42.08
N LEU HA 17 35.75 64.15 41.14
CA LEU HA 17 34.78 63.13 41.53
C LEU HA 17 35.45 61.81 41.85
N ARG HA 18 36.43 61.40 41.03
CA ARG HA 18 37.07 60.10 41.20
C ARG HA 18 38.58 60.24 41.34
N ASN HA 19 39.10 61.47 41.37
CA ASN HA 19 40.51 61.72 41.60
C ASN HA 19 40.69 62.25 43.00
N GLN HA 20 41.95 62.44 43.40
CA GLN HA 20 42.28 63.01 44.69
C GLN HA 20 43.70 63.54 44.63
N ARG HA 21 43.88 64.82 44.95
CA ARG HA 21 45.20 65.43 45.05
C ARG HA 21 45.46 65.69 46.53
N GLU HA 22 46.19 64.77 47.17
CA GLU HA 22 46.38 64.80 48.62
C GLU HA 22 47.36 65.88 49.07
N HIS HA 23 48.09 66.50 48.14
CA HIS HA 23 49.03 67.56 48.47
C HIS HA 23 48.38 68.93 48.63
N THR HA 24 47.05 68.99 48.66
CA THR HA 24 46.32 70.23 48.90
C THR HA 24 45.09 69.93 49.73
N ALA HA 25 44.96 70.59 50.88
CA ALA HA 25 43.90 70.35 51.83
C ALA HA 25 42.84 71.44 51.74
N LEU HA 26 41.59 71.06 52.00
CA LEU HA 26 40.47 71.98 52.02
C LEU HA 26 40.08 72.29 53.45
N LEU HA 27 39.99 73.58 53.76
CA LEU HA 27 39.84 74.07 55.12
C LEU HA 27 38.60 74.95 55.19
N LYS HA 28 37.71 74.63 56.11
CA LYS HA 28 36.49 75.42 56.32
C LYS HA 28 36.66 76.19 57.62
N ILE HA 29 36.99 77.47 57.51
CA ILE HA 29 37.18 78.32 58.68
C ILE HA 29 35.82 78.76 59.19
N GLU HA 30 35.57 78.55 60.48
CA GLU HA 30 34.29 78.90 61.07
C GLU HA 30 34.14 80.41 61.17
N GLY HA 31 32.97 80.92 60.77
CA GLY HA 31 32.69 82.34 60.81
C GLY HA 31 32.60 82.97 59.45
N VAL HA 32 33.49 82.59 58.54
CA VAL HA 32 33.49 83.09 57.18
C VAL HA 32 32.74 82.09 56.29
N TYR HA 33 31.79 82.60 55.51
CA TYR HA 33 31.00 81.75 54.63
C TYR HA 33 30.82 82.40 53.26
N ALA HA 34 31.78 83.19 52.82
CA ALA HA 34 31.70 83.87 51.54
C ALA HA 34 33.10 84.11 50.99
N ARG HA 35 33.16 84.36 49.69
CA ARG HA 35 34.43 84.60 49.02
C ARG HA 35 34.99 85.99 49.34
N ASP HA 36 34.13 86.93 49.69
CA ASP HA 36 34.60 88.29 49.96
C ASP HA 36 35.27 88.39 51.32
N GLU HA 37 34.81 87.61 52.29
CA GLU HA 37 35.31 87.72 53.67
C GLU HA 37 36.48 86.80 53.97
N THR HA 38 36.84 85.90 53.06
CA THR HA 38 37.96 84.99 53.26
C THR HA 38 39.28 85.57 52.74
N GLU HA 39 39.31 86.84 52.38
CA GLU HA 39 40.55 87.49 51.98
C GLU HA 39 41.46 87.83 53.14
N PHE HA 40 40.95 87.74 54.38
CA PHE HA 40 41.77 88.00 55.54
C PHE HA 40 42.75 86.86 55.80
N TYR HA 41 42.31 85.63 55.57
CA TYR HA 41 43.07 84.45 55.94
C TYR HA 41 44.05 84.00 54.88
N LEU HA 42 44.27 84.80 53.84
CA LEU HA 42 45.17 84.42 52.75
C LEU HA 42 46.61 84.50 53.22
N GLY HA 43 47.24 83.35 53.42
CA GLY HA 43 48.63 83.30 53.83
C GLY HA 43 48.87 82.93 55.28
N LYS HA 44 47.81 82.70 56.05
CA LYS HA 44 47.97 82.46 57.48
C LYS HA 44 48.56 81.08 57.76
N ARG HA 45 49.40 81.01 58.78
CA ARG HA 45 50.07 79.78 59.16
C ARG HA 45 49.09 78.87 59.89
N CYS HA 46 48.94 77.65 59.39
CA CYS HA 46 47.96 76.72 59.92
C CYS HA 46 48.61 75.38 60.21
N ALA HA 47 48.01 74.66 61.17
CA ALA HA 47 48.59 73.42 61.66
C ALA HA 47 47.48 72.48 62.12
N TYR HA 48 47.80 71.18 62.11
CA TYR HA 48 46.92 70.15 62.67
C TYR HA 48 47.58 69.62 63.94
N VAL HA 49 47.07 70.03 65.08
CA VAL HA 49 47.62 69.62 66.37
C VAL HA 49 47.02 68.29 66.77
N TYR HA 50 47.86 67.27 66.94
CA TYR HA 50 47.44 65.95 67.39
C TYR HA 50 48.41 65.47 68.44
N LYS HA 51 48.23 64.23 68.89
CA LYS HA 51 49.15 63.63 69.85
C LYS HA 51 49.19 62.12 69.62
N ALA HA 52 50.27 61.51 70.10
CA ALA HA 52 50.53 60.10 69.85
C ALA HA 52 51.08 59.48 71.13
N LYS HA 53 51.63 58.27 70.99
CA LYS HA 53 52.08 57.50 72.14
C LYS HA 53 53.41 57.99 72.68
N ASN HA 54 54.44 58.05 71.83
CA ASN HA 54 55.79 58.35 72.27
C ASN HA 54 55.97 59.84 72.57
N ASN HA 55 56.80 60.13 73.55
CA ASN HA 55 57.10 61.51 73.93
C ASN HA 55 58.03 62.14 72.90
N THR HA 56 57.67 63.33 72.44
CA THR HA 56 58.50 64.12 71.54
C THR HA 56 58.81 65.46 72.19
N VAL HA 57 59.75 66.19 71.59
CA VAL HA 57 60.26 67.45 72.13
C VAL HA 57 59.21 68.55 72.03
N THR HA 58 59.49 69.69 72.67
CA THR HA 58 58.65 70.87 72.57
C THR HA 58 59.50 72.13 72.71
N PRO HA 59 59.45 73.04 71.75
CA PRO HA 59 60.24 74.29 71.85
C PRO HA 59 59.67 75.21 72.91
N GLY HA 60 60.47 75.47 73.94
CA GLY HA 60 60.02 76.31 75.04
C GLY HA 60 59.30 75.56 76.14
N GLY HA 61 59.66 74.30 76.37
CA GLY HA 61 59.01 73.53 77.41
C GLY HA 61 59.57 72.13 77.47
N LYS HA 62 59.02 71.36 78.41
CA LYS HA 62 59.40 69.96 78.59
C LYS HA 62 58.84 69.12 77.45
N PRO HA 63 59.43 67.94 77.19
CA PRO HA 63 58.86 67.04 76.17
C PRO HA 63 57.49 66.51 76.57
N ASN HA 64 56.60 66.44 75.58
CA ASN HA 64 55.21 66.03 75.79
C ASN HA 64 54.83 65.06 74.68
N LYS HA 65 53.54 64.77 74.58
CA LYS HA 65 53.02 63.84 73.58
C LYS HA 65 52.43 64.52 72.36
N THR HA 66 52.25 65.84 72.39
CA THR HA 66 51.58 66.55 71.31
C THR HA 66 52.50 66.72 70.12
N ARG HA 67 51.90 66.70 68.92
CA ARG HA 67 52.61 66.86 67.67
C ARG HA 67 51.78 67.75 66.74
N VAL HA 68 52.44 68.31 65.73
CA VAL HA 68 51.78 69.16 64.74
C VAL HA 68 52.23 68.74 63.34
N ILE HA 69 51.47 69.21 62.36
CA ILE HA 69 51.87 69.22 60.95
C ILE HA 69 51.58 70.62 60.45
N TRP HA 70 52.63 71.43 60.28
CA TRP HA 70 52.45 72.82 59.91
C TRP HA 70 52.05 72.97 58.45
N GLY HA 71 51.66 74.17 58.09
CA GLY HA 71 51.26 74.46 56.72
C GLY HA 71 51.11 75.93 56.47
N LYS HA 72 50.34 76.24 55.42
CA LYS HA 72 50.21 77.60 54.92
C LYS HA 72 48.94 77.67 54.08
N VAL HA 73 48.08 78.65 54.38
CA VAL HA 73 46.83 78.82 53.65
C VAL HA 73 47.13 79.47 52.31
N THR HA 74 46.85 78.74 51.22
CA THR HA 74 47.26 79.22 49.90
C THR HA 74 46.26 80.22 49.32
N ARG HA 75 45.02 79.79 49.07
CA ARG HA 75 44.03 80.65 48.45
C ARG HA 75 42.63 80.11 48.76
N ALA HA 76 41.63 80.88 48.35
CA ALA HA 76 40.25 80.55 48.65
C ALA HA 76 39.73 79.46 47.71
N HIS HA 77 38.59 78.87 48.09
CA HIS HA 77 37.99 77.76 47.35
C HIS HA 77 36.50 77.98 47.21
N GLY HA 78 36.09 78.69 46.15
CA GLY HA 78 34.74 78.60 45.65
C GLY HA 78 33.58 79.16 46.47
N ASN HA 79 33.52 80.48 46.61
CA ASN HA 79 32.31 81.27 46.90
C ASN HA 79 31.67 81.05 48.27
N SER HA 80 32.20 80.17 49.12
CA SER HA 80 31.48 79.87 50.36
C SER HA 80 32.39 79.87 51.59
N GLY HA 81 33.51 80.59 51.52
CA GLY HA 81 34.42 80.66 52.65
C GLY HA 81 35.33 79.47 52.82
N MET HA 82 35.16 78.42 52.01
CA MET HA 82 36.13 77.33 51.95
C MET HA 82 37.43 77.87 51.37
N VAL HA 83 38.55 77.39 51.92
CA VAL HA 83 39.86 77.93 51.60
C VAL HA 83 40.79 76.74 51.41
N ARG HA 84 41.94 76.97 50.79
CA ARG HA 84 42.88 75.91 50.49
C ARG HA 84 44.17 76.09 51.28
N ALA HA 85 44.83 74.98 51.57
CA ALA HA 85 46.12 75.03 52.23
C ALA HA 85 47.03 73.97 51.63
N LYS HA 86 48.34 74.21 51.72
CA LYS HA 86 49.35 73.25 51.29
C LYS HA 86 50.27 73.03 52.48
N PHE HA 87 50.19 71.84 53.08
CA PHE HA 87 51.03 71.60 54.24
C PHE HA 87 52.39 71.09 53.79
N ARG HA 88 53.35 71.09 54.72
CA ARG HA 88 54.68 70.59 54.39
C ARG HA 88 54.76 69.08 54.51
N SER HA 89 53.83 68.46 55.22
CA SER HA 89 53.62 67.02 55.19
C SER HA 89 52.13 66.77 55.00
N ASN HA 90 51.80 65.71 54.27
CA ASN HA 90 50.40 65.47 53.97
C ASN HA 90 49.66 64.96 55.20
N LEU HA 91 48.38 65.34 55.28
CA LEU HA 91 47.54 64.96 56.41
C LEU HA 91 47.19 63.47 56.34
N PRO HA 92 46.94 62.82 57.49
CA PRO HA 92 46.75 61.36 57.49
C PRO HA 92 45.43 60.88 56.88
N ALA HA 93 44.52 61.81 56.53
CA ALA HA 93 43.14 61.58 56.10
C ALA HA 93 42.28 60.93 57.18
N LYS HA 94 42.79 60.88 58.41
CA LYS HA 94 42.00 60.55 59.59
C LYS HA 94 41.45 61.80 60.24
N ALA HA 95 42.00 62.96 59.88
CA ALA HA 95 41.64 64.26 60.42
C ALA HA 95 40.39 64.86 59.77
N ILE HA 96 39.60 64.06 59.05
CA ILE HA 96 38.37 64.51 58.40
C ILE HA 96 37.36 64.93 59.46
N GLY HA 97 37.06 66.23 59.52
CA GLY HA 97 36.10 66.74 60.47
C GLY HA 97 36.68 67.18 61.79
N HIS HA 98 37.99 67.09 61.98
CA HIS HA 98 38.63 67.52 63.21
C HIS HA 98 39.13 68.96 63.07
N ARG HA 99 39.47 69.55 64.21
CA ARG HA 99 39.95 70.92 64.22
C ARG HA 99 41.34 71.02 63.61
N ILE HA 100 41.59 72.11 62.91
CA ILE HA 100 42.94 72.60 62.67
C ILE HA 100 42.99 74.03 63.20
N ARG HA 101 44.21 74.56 63.33
CA ARG HA 101 44.43 75.88 63.88
C ARG HA 101 44.97 76.77 62.77
N VAL HA 102 44.18 77.77 62.37
CA VAL HA 102 44.66 78.87 61.55
C VAL HA 102 45.08 79.99 62.51
N MET HA 103 46.38 80.29 62.54
CA MET HA 103 46.91 81.27 63.46
C MET HA 103 46.68 82.68 62.93
N LEU HA 104 47.26 83.65 63.62
CA LEU HA 104 47.07 85.04 63.28
C LEU HA 104 48.38 85.76 62.98
N TYR HA 105 49.49 85.05 62.80
CA TYR HA 105 50.73 85.81 62.68
C TYR HA 105 51.53 85.63 61.39
N PRO HA 106 50.90 85.44 60.23
CA PRO HA 106 51.36 86.18 59.04
C PRO HA 106 50.55 87.46 58.85
N SER HA 107 50.51 88.29 59.90
CA SER HA 107 49.63 89.44 59.94
C SER HA 107 50.11 90.54 59.02
N ARG HA 108 49.25 90.95 58.08
CA ARG HA 108 49.55 92.03 57.16
C ARG HA 108 48.62 93.22 57.32
N ILE HA 109 47.66 93.16 58.24
CA ILE HA 109 46.73 94.24 58.46
C ILE HA 109 46.90 94.75 59.89
N VAL IA 1 28.33 -42.61 62.06
CA VAL IA 1 28.43 -42.28 60.64
C VAL IA 1 29.75 -41.56 60.38
N GLN IA 2 30.67 -42.27 59.73
CA GLN IA 2 32.01 -41.75 59.47
C GLN IA 2 32.12 -41.41 57.99
N ARG IA 3 32.12 -40.11 57.68
CA ARG IA 3 32.38 -39.63 56.33
C ARG IA 3 33.88 -39.70 56.08
N LEU IA 4 34.30 -40.66 55.26
CA LEU IA 4 35.72 -40.95 55.05
C LEU IA 4 36.16 -40.49 53.67
N THR IA 5 37.46 -40.43 53.49
CA THR IA 5 38.10 -39.85 52.32
C THR IA 5 38.75 -40.96 51.48
N TYR IA 6 39.47 -40.54 50.44
CA TYR IA 6 40.28 -41.49 49.70
C TYR IA 6 41.59 -41.79 50.44
N ARG IA 7 42.34 -42.72 49.88
CA ARG IA 7 43.70 -42.99 50.32
C ARG IA 7 44.71 -42.79 49.20
N ARG IA 8 44.26 -42.31 48.04
CA ARG IA 8 45.10 -42.00 46.89
C ARG IA 8 44.84 -40.55 46.48
N ARG IA 9 45.37 -40.16 45.32
CA ARG IA 9 45.25 -38.78 44.87
C ARG IA 9 44.28 -38.58 43.72
N LEU IA 10 43.83 -39.63 43.05
CA LEU IA 10 42.85 -39.48 41.97
C LEU IA 10 41.50 -39.23 42.62
N SER IA 11 41.05 -37.98 42.59
CA SER IA 11 39.84 -37.57 43.29
C SER IA 11 38.62 -37.48 42.39
N TYR IA 12 38.54 -38.34 41.38
CA TYR IA 12 37.42 -38.35 40.45
C TYR IA 12 36.81 -39.74 40.40
N ASN IA 13 35.59 -39.82 39.85
CA ASN IA 13 34.85 -41.08 39.81
C ASN IA 13 35.13 -41.82 38.50
N THR IA 14 36.42 -42.03 38.26
CA THR IA 14 36.93 -42.69 37.08
C THR IA 14 36.77 -44.20 37.27
N ALA IA 15 36.77 -44.94 36.15
CA ALA IA 15 36.70 -46.41 36.18
C ALA IA 15 37.91 -47.04 36.88
N SER IA 16 39.04 -46.34 36.94
CA SER IA 16 40.18 -46.79 37.70
C SER IA 16 40.13 -46.34 39.16
N ASN IA 17 39.01 -45.78 39.61
CA ASN IA 17 38.86 -45.25 40.96
C ASN IA 17 37.54 -45.73 41.56
N LYS IA 18 37.27 -47.03 41.43
CA LYS IA 18 36.10 -47.64 42.02
C LYS IA 18 36.47 -48.27 43.36
N THR IA 19 35.73 -47.91 44.40
CA THR IA 19 36.02 -48.33 45.76
C THR IA 19 34.91 -49.23 46.30
N ARG IA 20 35.20 -49.85 47.44
CA ARG IA 20 34.19 -50.58 48.20
C ARG IA 20 34.46 -50.37 49.68
N LEU IA 21 33.41 -50.41 50.47
CA LEU IA 21 33.49 -50.12 51.89
C LEU IA 21 33.95 -51.39 52.62
N SER IA 22 34.83 -51.22 53.60
CA SER IA 22 35.35 -52.36 54.34
C SER IA 22 35.57 -51.99 55.80
N ARG IA 23 35.09 -52.86 56.69
CA ARG IA 23 35.26 -52.67 58.13
C ARG IA 23 36.55 -53.34 58.57
N THR IA 24 37.33 -52.63 59.37
CA THR IA 24 38.66 -52.99 59.82
C THR IA 24 38.63 -53.42 61.29
N PRO IA 25 39.67 -54.10 61.77
CA PRO IA 25 39.77 -54.35 63.22
C PRO IA 25 40.04 -53.10 64.06
N GLY IA 26 40.35 -51.95 63.44
CA GLY IA 26 40.43 -50.71 64.16
C GLY IA 26 39.11 -50.02 64.42
N ASN IA 27 37.99 -50.70 64.11
CA ASN IA 27 36.62 -50.24 64.31
C ASN IA 27 36.36 -48.94 63.56
N ARG IA 28 36.79 -48.90 62.30
CA ARG IA 28 36.44 -47.81 61.40
C ARG IA 28 36.34 -48.36 60.00
N ILE IA 29 35.54 -47.69 59.18
CA ILE IA 29 35.28 -48.12 57.82
C ILE IA 29 36.31 -47.45 56.91
N VAL IA 30 36.69 -48.10 55.82
CA VAL IA 30 37.71 -47.59 54.93
C VAL IA 30 37.38 -48.00 53.50
N TYR IA 31 37.92 -47.26 52.54
CA TYR IA 31 37.83 -47.64 51.13
C TYR IA 31 38.89 -48.68 50.78
N LEU IA 32 38.49 -49.70 50.04
CA LEU IA 32 39.42 -50.59 49.35
C LEU IA 32 39.12 -50.53 47.87
N TYR IA 33 40.17 -50.30 47.08
CA TYR IA 33 40.00 -50.08 45.65
C TYR IA 33 39.76 -51.41 44.94
N THR IA 34 38.60 -51.53 44.30
CA THR IA 34 38.22 -52.77 43.66
C THR IA 34 39.03 -53.01 42.39
N LYS IA 35 39.30 -54.28 42.12
CA LYS IA 35 39.84 -54.66 40.82
C LYS IA 35 38.72 -54.60 39.79
N LYS IA 36 39.10 -54.33 38.55
CA LYS IA 36 38.12 -54.21 37.48
C LYS IA 36 37.64 -55.60 37.08
N VAL IA 37 36.34 -55.71 36.83
CA VAL IA 37 35.70 -57.00 36.57
C VAL IA 37 36.05 -57.45 35.17
N GLY IA 38 36.93 -58.46 35.07
CA GLY IA 38 37.22 -59.06 33.79
C GLY IA 38 36.13 -59.98 33.32
N LYS IA 39 36.16 -60.29 32.02
CA LYS IA 39 35.12 -61.09 31.40
C LYS IA 39 35.70 -62.38 30.84
N ALA IA 40 34.83 -63.39 30.73
CA ALA IA 40 35.20 -64.68 30.17
C ALA IA 40 35.45 -64.53 28.67
N PRO IA 41 36.28 -65.38 28.08
CA PRO IA 41 36.56 -65.27 26.64
C PRO IA 41 35.36 -65.67 25.78
N LYS IA 42 35.36 -65.14 24.57
CA LYS IA 42 34.32 -65.36 23.58
C LYS IA 42 34.84 -66.34 22.53
N SER IA 43 33.94 -67.14 21.97
CA SER IA 43 34.32 -68.18 21.02
C SER IA 43 34.75 -67.57 19.69
N ALA IA 44 35.56 -68.33 18.95
CA ALA IA 44 36.05 -67.93 17.64
C ALA IA 44 35.03 -68.13 16.54
N CYS IA 45 33.85 -68.68 16.85
CA CYS IA 45 32.80 -68.82 15.86
C CYS IA 45 32.17 -67.48 15.52
N GLY IA 46 31.84 -66.69 16.54
CA GLY IA 46 31.17 -65.42 16.35
C GLY IA 46 29.67 -65.51 16.24
N VAL IA 47 29.08 -66.67 16.51
CA VAL IA 47 27.64 -66.85 16.39
C VAL IA 47 26.96 -67.09 17.73
N CYS IA 48 27.71 -67.32 18.80
CA CYS IA 48 27.12 -67.57 20.10
C CYS IA 48 27.27 -66.35 20.99
N PRO IA 49 26.19 -65.82 21.56
CA PRO IA 49 26.33 -64.66 22.46
C PRO IA 49 26.92 -65.01 23.80
N GLY IA 50 26.82 -66.28 24.23
CA GLY IA 50 27.36 -66.66 25.52
C GLY IA 50 28.87 -66.77 25.52
N ARG IA 51 29.42 -66.82 26.72
CA ARG IA 51 30.85 -66.93 26.92
C ARG IA 51 31.21 -68.33 27.39
N LEU IA 52 32.48 -68.68 27.24
CA LEU IA 52 32.93 -70.04 27.47
C LEU IA 52 32.94 -70.38 28.96
N ARG IA 53 32.81 -71.67 29.25
CA ARG IA 53 32.77 -72.17 30.61
C ARG IA 53 34.03 -72.98 30.90
N GLY IA 54 34.42 -73.00 32.17
CA GLY IA 54 35.64 -73.64 32.58
C GLY IA 54 36.86 -72.76 32.55
N VAL IA 55 36.75 -71.54 32.02
CA VAL IA 55 37.86 -70.59 31.95
C VAL IA 55 37.58 -69.49 32.97
N ARG IA 56 38.58 -69.16 33.78
CA ARG IA 56 38.42 -68.15 34.82
C ARG IA 56 38.31 -66.76 34.20
N ALA IA 57 37.20 -66.09 34.50
CA ALA IA 57 36.93 -64.76 33.96
C ALA IA 57 37.66 -63.72 34.81
N VAL IA 58 38.75 -63.18 34.27
CA VAL IA 58 39.61 -62.28 35.02
C VAL IA 58 40.39 -61.44 34.02
N ARG IA 59 40.97 -60.33 34.51
CA ARG IA 59 41.85 -59.43 33.78
C ARG IA 59 42.96 -60.21 33.07
N PRO IA 60 43.29 -59.87 31.81
CA PRO IA 60 44.09 -60.79 30.98
C PRO IA 60 45.55 -60.94 31.39
N LYS IA 61 46.09 -60.08 32.25
CA LYS IA 61 47.45 -60.29 32.72
C LYS IA 61 47.47 -61.17 33.97
N VAL IA 62 46.30 -61.45 34.54
CA VAL IA 62 46.20 -62.47 35.59
C VAL IA 62 46.29 -63.85 34.96
N LEU IA 63 45.92 -63.97 33.68
CA LEU IA 63 46.11 -65.22 32.93
C LEU IA 63 47.58 -65.60 32.78
N MET IA 64 48.48 -64.62 32.85
CA MET IA 64 49.91 -64.92 32.96
C MET IA 64 50.23 -65.58 34.29
N ARG IA 65 49.46 -65.27 35.34
CA ARG IA 65 49.73 -65.79 36.68
C ARG IA 65 49.05 -67.11 36.94
N LEU IA 66 47.93 -67.38 36.26
CA LEU IA 66 47.14 -68.58 36.51
C LEU IA 66 47.83 -69.83 35.96
N SER IA 67 47.32 -70.98 36.39
CA SER IA 67 47.81 -72.26 35.91
C SER IA 67 47.20 -72.59 34.54
N LYS IA 68 47.66 -73.70 33.96
CA LYS IA 68 47.26 -74.04 32.59
C LYS IA 68 45.82 -74.52 32.53
N THR IA 69 45.41 -75.37 33.47
CA THR IA 69 44.05 -75.91 33.47
C THR IA 69 42.99 -74.90 33.86
N LYS IA 70 43.38 -73.75 34.41
CA LYS IA 70 42.45 -72.67 34.71
C LYS IA 70 42.20 -71.75 33.52
N LYS IA 71 42.81 -72.03 32.37
CA LYS IA 71 42.70 -71.16 31.21
C LYS IA 71 42.04 -71.79 30.01
N HIS IA 72 41.98 -73.11 29.93
CA HIS IA 72 41.32 -73.79 28.83
C HIS IA 72 40.52 -74.96 29.39
N VAL IA 73 40.02 -75.80 28.49
CA VAL IA 73 39.31 -77.02 28.86
C VAL IA 73 39.91 -78.15 28.02
N SER IA 74 39.89 -79.37 28.58
CA SER IA 74 40.49 -80.52 27.92
C SER IA 74 39.57 -80.99 26.79
N ARG IA 75 39.73 -80.34 25.64
CA ARG IA 75 38.94 -80.60 24.44
C ARG IA 75 39.68 -79.96 23.27
N ALA IA 76 39.51 -80.54 22.09
CA ALA IA 76 39.96 -79.89 20.86
C ALA IA 76 39.19 -78.57 20.67
N TYR IA 77 39.94 -77.53 20.28
CA TYR IA 77 39.48 -76.13 20.28
C TYR IA 77 38.95 -75.72 21.67
N GLY IA 78 39.65 -76.18 22.71
CA GLY IA 78 39.22 -75.92 24.08
C GLY IA 78 39.82 -74.63 24.59
N GLY IA 79 38.99 -73.86 25.29
CA GLY IA 79 39.39 -72.54 25.75
C GLY IA 79 39.29 -71.45 24.71
N SER IA 80 38.89 -71.78 23.48
CA SER IA 80 38.72 -70.79 22.44
C SER IA 80 37.42 -70.96 21.64
N MET IA 81 36.66 -72.03 21.87
CA MET IA 81 35.45 -72.28 21.09
C MET IA 81 34.52 -73.18 21.91
N CYS IA 82 33.23 -72.88 21.87
CA CYS IA 82 32.25 -73.65 22.62
C CYS IA 82 32.02 -75.00 21.96
N ALA IA 83 31.56 -75.96 22.77
CA ALA IA 83 31.51 -77.37 22.35
C ALA IA 83 30.47 -77.62 21.27
N LYS IA 84 29.40 -76.84 21.24
CA LYS IA 84 28.40 -77.00 20.19
C LYS IA 84 28.96 -76.59 18.83
N CYS IA 85 29.65 -75.46 18.77
CA CYS IA 85 30.28 -75.07 17.52
C CYS IA 85 31.46 -75.97 17.17
N VAL IA 86 32.11 -76.56 18.18
CA VAL IA 86 33.17 -77.54 17.91
C VAL IA 86 32.61 -78.78 17.23
N ARG IA 87 31.53 -79.35 17.78
CA ARG IA 87 30.97 -80.56 17.19
C ARG IA 87 30.29 -80.27 15.85
N ASP IA 88 29.72 -79.06 15.69
CA ASP IA 88 29.19 -78.68 14.38
C ASP IA 88 30.30 -78.49 13.36
N ARG IA 89 31.47 -77.99 13.79
CA ARG IA 89 32.61 -77.86 12.88
C ARG IA 89 33.17 -79.23 12.50
N ILE IA 90 33.17 -80.18 13.44
CA ILE IA 90 33.60 -81.55 13.17
C ILE IA 90 32.70 -82.20 12.13
N LYS IA 91 31.38 -82.18 12.36
CA LYS IA 91 30.48 -82.82 11.41
C LYS IA 91 30.38 -82.04 10.10
N ARG IA 92 30.64 -80.72 10.12
CA ARG IA 92 30.67 -79.96 8.87
C ARG IA 92 31.86 -80.35 8.02
N ALA IA 93 33.05 -80.47 8.64
CA ALA IA 93 34.24 -80.94 7.94
C ALA IA 93 34.03 -82.32 7.36
N PHE IA 94 33.42 -83.22 8.15
CA PHE IA 94 33.16 -84.58 7.69
C PHE IA 94 32.17 -84.63 6.53
N LEU IA 95 31.08 -83.87 6.61
CA LEU IA 95 30.07 -83.92 5.56
C LEU IA 95 30.52 -83.25 4.27
N ILE IA 96 31.28 -82.15 4.36
CA ILE IA 96 31.81 -81.55 3.13
C ILE IA 96 32.86 -82.48 2.51
N GLU IA 97 33.66 -83.18 3.33
CA GLU IA 97 34.61 -84.13 2.79
C GLU IA 97 33.93 -85.32 2.12
N GLU IA 98 32.83 -85.81 2.71
CA GLU IA 98 32.13 -86.94 2.12
C GLU IA 98 31.39 -86.55 0.83
N GLN IA 99 30.85 -85.32 0.78
CA GLN IA 99 30.26 -84.88 -0.48
C GLN IA 99 31.31 -84.60 -1.55
N LYS IA 100 32.53 -84.20 -1.16
CA LYS IA 100 33.60 -84.12 -2.14
C LYS IA 100 34.00 -85.49 -2.66
N ILE IA 101 33.95 -86.51 -1.79
CA ILE IA 101 34.18 -87.89 -2.23
C ILE IA 101 33.09 -88.34 -3.20
N VAL IA 102 31.83 -87.97 -2.93
CA VAL IA 102 30.72 -88.36 -3.81
C VAL IA 102 30.82 -87.67 -5.16
N VAL IA 103 31.17 -86.37 -5.18
CA VAL IA 103 31.36 -85.64 -6.43
C VAL IA 103 32.56 -86.20 -7.21
N LYS IA 104 33.60 -86.62 -6.50
CA LYS IA 104 34.77 -87.21 -7.16
C LYS IA 104 34.44 -88.58 -7.77
N VAL IA 105 33.61 -89.38 -7.08
CA VAL IA 105 33.19 -90.67 -7.62
C VAL IA 105 32.31 -90.48 -8.85
N LEU IA 106 31.39 -89.51 -8.80
CA LEU IA 106 30.54 -89.25 -9.97
C LEU IA 106 31.34 -88.67 -11.13
N LYS IA 107 32.37 -87.86 -10.84
CA LYS IA 107 33.24 -87.35 -11.90
C LYS IA 107 34.07 -88.47 -12.51
N ALA IA 108 34.53 -89.42 -11.69
CA ALA IA 108 35.29 -90.56 -12.21
C ALA IA 108 34.40 -91.48 -13.04
N GLN IA 109 33.12 -91.63 -12.66
CA GLN IA 109 32.19 -92.40 -13.48
C GLN IA 109 31.88 -91.68 -14.79
N ALA IA 110 31.81 -90.34 -14.77
CA ALA IA 110 31.63 -89.60 -16.01
C ALA IA 110 32.86 -89.71 -16.92
N GLN IA 111 34.05 -89.76 -16.33
CA GLN IA 111 35.27 -89.99 -17.11
C GLN IA 111 35.29 -91.40 -17.70
N SER IA 112 34.81 -92.39 -16.94
CA SER IA 112 34.79 -93.77 -17.42
C SER IA 112 33.74 -93.98 -18.50
N GLN IA 113 32.61 -93.27 -18.42
CA GLN IA 113 31.60 -93.39 -19.47
C GLN IA 113 31.99 -92.59 -20.71
N LYS IA 114 32.16 -91.28 -20.57
CA LYS IA 114 32.52 -90.43 -21.69
C LYS IA 114 33.93 -89.90 -21.55
N ALA JA 1 102.84 -29.67 58.45
CA ALA JA 1 101.39 -29.51 58.32
C ALA JA 1 101.00 -29.14 56.90
N LYS JA 2 101.85 -28.34 56.25
CA LYS JA 2 101.59 -27.90 54.89
C LYS JA 2 101.88 -29.04 53.91
N ILE JA 3 100.98 -29.22 52.95
CA ILE JA 3 101.20 -30.14 51.84
C ILE JA 3 101.48 -29.26 50.61
N LYS JA 4 102.76 -29.18 50.25
CA LYS JA 4 103.19 -28.34 49.14
C LYS JA 4 103.18 -29.15 47.85
N ALA JA 5 103.80 -28.61 46.81
CA ALA JA 5 103.82 -29.28 45.51
C ALA JA 5 105.18 -29.89 45.16
N ARG JA 6 106.28 -29.27 45.62
CA ARG JA 6 107.61 -29.76 45.30
C ARG JA 6 107.86 -31.14 45.92
N ASP JA 7 107.33 -31.38 47.11
CA ASP JA 7 107.43 -32.69 47.72
C ASP JA 7 106.50 -33.72 47.10
N LEU JA 8 105.50 -33.28 46.34
CA LEU JA 8 104.58 -34.20 45.67
C LEU JA 8 104.99 -34.49 44.23
N ARG JA 9 105.91 -33.70 43.65
CA ARG JA 9 106.34 -33.93 42.27
C ARG JA 9 107.01 -35.30 42.09
N GLY JA 10 107.71 -35.80 43.10
CA GLY JA 10 108.48 -37.02 42.95
C GLY JA 10 107.97 -38.25 43.69
N LYS JA 11 106.68 -38.31 44.02
CA LYS JA 11 106.15 -39.43 44.78
C LYS JA 11 105.49 -40.46 43.87
N LYS JA 12 105.35 -41.67 44.40
CA LYS JA 12 104.72 -42.77 43.69
C LYS JA 12 103.21 -42.55 43.67
N LYS JA 13 102.55 -43.11 42.64
CA LYS JA 13 101.13 -42.85 42.41
C LYS JA 13 100.26 -43.46 43.50
N GLU JA 14 100.62 -44.66 44.00
CA GLU JA 14 99.82 -45.28 45.05
C GLU JA 14 99.97 -44.56 46.37
N GLU JA 15 101.15 -43.97 46.64
CA GLU JA 15 101.32 -43.16 47.83
C GLU JA 15 100.56 -41.85 47.74
N LEU JA 16 100.45 -41.29 46.53
CA LEU JA 16 99.61 -40.12 46.31
C LEU JA 16 98.13 -40.44 46.51
N LEU JA 17 97.70 -41.64 46.08
CA LEU JA 17 96.33 -42.05 46.33
C LEU JA 17 96.06 -42.30 47.82
N LYS JA 18 97.06 -42.82 48.55
CA LYS JA 18 96.90 -43.03 49.98
C LYS JA 18 96.82 -41.71 50.74
N GLN JA 19 97.65 -40.74 50.35
CA GLN JA 19 97.58 -39.41 50.95
C GLN JA 19 96.27 -38.70 50.58
N LEU JA 20 95.77 -38.91 49.37
CA LEU JA 20 94.49 -38.37 48.97
C LEU JA 20 93.34 -38.97 49.78
N ASP JA 21 93.40 -40.29 50.03
CA ASP JA 21 92.37 -40.93 50.83
C ASP JA 21 92.42 -40.48 52.27
N ASP JA 22 93.62 -40.24 52.81
CA ASP JA 22 93.74 -39.71 54.17
C ASP JA 22 93.19 -38.30 54.26
N LEU JA 23 93.43 -37.47 53.24
CA LEU JA 23 92.85 -36.13 53.20
C LEU JA 23 91.33 -36.17 53.04
N LYS JA 24 90.79 -37.16 52.32
CA LYS JA 24 89.34 -37.29 52.23
C LYS JA 24 88.73 -37.74 53.56
N VAL JA 25 89.42 -38.61 54.30
CA VAL JA 25 88.97 -38.99 55.64
C VAL JA 25 88.96 -37.78 56.57
N GLU JA 26 90.03 -36.97 56.52
CA GLU JA 26 90.09 -35.77 57.35
C GLU JA 26 89.03 -34.74 56.94
N LEU JA 27 88.74 -34.65 55.64
CA LEU JA 27 87.70 -33.74 55.14
C LEU JA 27 86.32 -34.17 55.62
N SER JA 28 86.04 -35.47 55.60
CA SER JA 28 84.76 -35.97 56.10
C SER JA 28 84.63 -35.77 57.61
N GLN JA 29 85.73 -35.97 58.35
CA GLN JA 29 85.70 -35.74 59.80
C GLN JA 29 85.51 -34.25 60.12
N LEU JA 30 86.08 -33.37 59.30
CA LEU JA 30 85.87 -31.93 59.54
C LEU JA 30 84.46 -31.50 59.14
N ARG JA 31 83.84 -32.17 58.16
CA ARG JA 31 82.43 -31.89 57.89
C ARG JA 31 81.53 -32.33 59.04
N VAL JA 32 81.83 -33.52 59.61
CA VAL JA 32 81.08 -33.99 60.78
C VAL JA 32 81.27 -33.05 61.97
N ALA JA 33 82.50 -32.54 62.14
CA ALA JA 33 82.76 -31.58 63.22
C ALA JA 33 82.08 -30.24 62.96
N LYS JA 34 81.96 -29.85 61.70
CA LYS JA 34 81.22 -28.64 61.35
C LYS JA 34 79.74 -28.77 61.69
N VAL JA 35 79.16 -29.94 61.42
CA VAL JA 35 77.74 -30.13 61.71
C VAL JA 35 77.50 -30.27 63.21
N THR JA 36 78.38 -30.97 63.92
CA THR JA 36 78.30 -31.08 65.37
C THR JA 36 78.84 -29.84 66.10
N GLY JA 37 79.27 -28.82 65.36
CA GLY JA 37 79.79 -27.61 65.96
C GLY JA 37 81.29 -27.67 66.18
N GLY JA 38 81.71 -28.44 67.19
CA GLY JA 38 83.13 -28.59 67.45
C GLY JA 38 83.74 -27.30 67.98
N ALA JA 39 84.63 -26.71 67.19
CA ALA JA 39 85.25 -25.44 67.54
C ALA JA 39 85.67 -24.73 66.26
N ALA JA 40 86.07 -23.46 66.41
CA ALA JA 40 86.54 -22.70 65.27
C ALA JA 40 87.88 -23.22 64.76
N SER JA 41 88.67 -23.84 65.64
CA SER JA 41 89.91 -24.48 65.21
C SER JA 41 89.67 -25.69 64.31
N LYS JA 42 88.50 -26.31 64.41
CA LYS JA 42 88.11 -27.34 63.45
C LYS JA 42 87.36 -26.76 62.26
N LEU JA 43 86.67 -25.63 62.43
CA LEU JA 43 86.01 -24.99 61.31
C LEU JA 43 86.98 -24.32 60.35
N SER JA 44 88.18 -23.96 60.81
CA SER JA 44 89.13 -23.25 59.96
C SER JA 44 90.02 -24.18 59.13
N LYS JA 45 90.10 -25.46 59.48
CA LYS JA 45 90.99 -26.38 58.79
C LYS JA 45 90.37 -27.02 57.55
N ILE JA 46 89.06 -26.84 57.34
CA ILE JA 46 88.40 -27.46 56.20
C ILE JA 46 88.86 -26.83 54.88
N ARG JA 47 89.19 -25.54 54.91
CA ARG JA 47 89.71 -24.88 53.71
C ARG JA 47 91.11 -25.38 53.38
N VAL JA 48 91.94 -25.59 54.41
CA VAL JA 48 93.29 -26.10 54.21
C VAL JA 48 93.24 -27.51 53.65
N VAL JA 49 92.31 -28.34 54.16
CA VAL JA 49 92.19 -29.71 53.68
C VAL JA 49 91.67 -29.74 52.24
N ARG JA 50 90.71 -28.86 51.90
CA ARG JA 50 90.21 -28.81 50.53
C ARG JA 50 91.27 -28.34 49.54
N LYS JA 51 92.09 -27.34 49.93
CA LYS JA 51 93.16 -26.90 49.04
C LYS JA 51 94.27 -27.94 48.94
N SER JA 52 94.49 -28.74 49.99
CA SER JA 52 95.48 -29.82 49.89
C SER JA 52 94.99 -30.93 48.96
N ILE JA 53 93.69 -31.25 49.01
CA ILE JA 53 93.11 -32.19 48.07
C ILE JA 53 93.23 -31.68 46.64
N ALA JA 54 93.01 -30.37 46.45
CA ALA JA 54 93.17 -29.76 45.13
C ALA JA 54 94.61 -29.84 44.64
N ARG JA 55 95.58 -29.66 45.53
CA ARG JA 55 96.99 -29.75 45.15
C ARG JA 55 97.39 -31.18 44.79
N VAL JA 56 96.92 -32.16 45.56
CA VAL JA 56 97.26 -33.56 45.29
C VAL JA 56 96.66 -34.01 43.96
N LEU JA 57 95.38 -33.70 43.72
CA LEU JA 57 94.75 -34.03 42.46
C LEU JA 57 95.37 -33.27 41.29
N THR JA 58 95.83 -32.04 41.51
CA THR JA 58 96.49 -31.28 40.47
C THR JA 58 97.83 -31.91 40.08
N VAL JA 59 98.62 -32.34 41.07
CA VAL JA 59 99.91 -32.97 40.79
C VAL JA 59 99.72 -34.31 40.09
N ILE JA 60 98.70 -35.09 40.50
CA ILE JA 60 98.39 -36.36 39.83
C ILE JA 60 98.00 -36.12 38.37
N ASN JA 61 97.16 -35.11 38.12
CA ASN JA 61 96.73 -34.81 36.75
C ASN JA 61 97.89 -34.30 35.88
N GLN JA 62 98.78 -33.50 36.49
CA GLN JA 62 100.01 -33.07 35.80
C GLN JA 62 100.84 -34.26 35.36
N THR JA 63 101.14 -35.17 36.30
CA THR JA 63 102.03 -36.29 36.01
C THR JA 63 101.41 -37.24 34.98
N GLN JA 64 100.11 -37.48 35.06
CA GLN JA 64 99.50 -38.38 34.09
C GLN JA 64 99.41 -37.75 32.70
N LYS JA 65 99.19 -36.43 32.61
CA LYS JA 65 99.13 -35.86 31.26
C LYS JA 65 100.51 -35.67 30.65
N GLU JA 66 101.56 -35.39 31.45
CA GLU JA 66 102.88 -35.40 30.84
C GLU JA 66 103.35 -36.81 30.48
N ASN JA 67 102.90 -37.83 31.22
CA ASN JA 67 103.22 -39.20 30.81
C ASN JA 67 102.49 -39.58 29.52
N LEU JA 68 101.23 -39.15 29.37
CA LEU JA 68 100.51 -39.45 28.14
C LEU JA 68 101.06 -38.70 26.94
N ARG JA 69 101.49 -37.45 27.12
CA ARG JA 69 102.08 -36.76 25.98
C ARG JA 69 103.51 -37.18 25.70
N LYS JA 70 104.23 -37.72 26.69
CA LYS JA 70 105.50 -38.37 26.40
C LYS JA 70 105.29 -39.68 25.64
N PHE JA 71 104.18 -40.38 25.94
CA PHE JA 71 103.87 -41.61 25.20
C PHE JA 71 103.48 -41.31 23.76
N TYR JA 72 102.55 -40.37 23.56
CA TYR JA 72 102.07 -40.05 22.22
C TYR JA 72 102.96 -39.04 21.50
N LYS JA 73 104.04 -38.58 22.11
CA LYS JA 73 104.98 -37.68 21.45
C LYS JA 73 105.83 -38.49 20.49
N GLY JA 74 105.63 -38.27 19.19
CA GLY JA 74 106.32 -39.05 18.18
C GLY JA 74 105.37 -39.68 17.18
N LYS JA 75 104.18 -40.03 17.64
CA LYS JA 75 103.16 -40.58 16.74
C LYS JA 75 102.56 -39.45 15.90
N LYS JA 76 101.91 -39.84 14.81
CA LYS JA 76 101.33 -38.86 13.90
C LYS JA 76 99.91 -38.48 14.29
N TYR JA 77 99.17 -39.40 14.91
CA TYR JA 77 97.81 -39.14 15.38
C TYR JA 77 97.81 -39.20 16.90
N LYS JA 78 97.81 -38.03 17.52
CA LYS JA 78 97.74 -37.89 18.97
C LYS JA 78 96.32 -37.50 19.38
N PRO JA 79 95.92 -37.77 20.63
CA PRO JA 79 94.55 -37.45 21.05
C PRO JA 79 94.25 -35.95 21.07
N LEU JA 80 92.94 -35.66 21.10
CA LEU JA 80 92.46 -34.29 20.95
C LEU JA 80 92.79 -33.43 22.16
N ASP JA 81 92.92 -34.04 23.33
CA ASP JA 81 93.36 -33.29 24.51
C ASP JA 81 94.84 -32.93 24.41
N LEU JA 82 95.62 -33.74 23.68
CA LEU JA 82 97.03 -33.46 23.50
C LEU JA 82 97.32 -32.58 22.29
N ARG JA 83 96.40 -32.48 21.35
CA ARG JA 83 96.56 -31.58 20.22
C ARG JA 83 96.46 -30.13 20.69
N PRO JA 84 97.23 -29.23 20.08
CA PRO JA 84 97.22 -27.82 20.53
C PRO JA 84 95.94 -27.10 20.12
N LYS JA 85 95.42 -26.31 21.05
CA LYS JA 85 94.17 -25.56 20.87
C LYS JA 85 94.48 -24.08 21.00
N LYS JA 86 94.67 -23.39 19.88
CA LYS JA 86 94.85 -21.95 19.94
C LYS JA 86 93.52 -21.25 19.71
N THR JA 87 92.98 -21.38 18.50
CA THR JA 87 91.64 -20.94 18.10
C THR JA 87 91.22 -21.76 16.89
N ARG JA 88 89.96 -21.57 16.48
CA ARG JA 88 89.35 -22.41 15.43
C ARG JA 88 90.01 -22.18 14.07
N ALA JA 89 90.05 -20.93 13.62
CA ALA JA 89 90.65 -20.63 12.31
C ALA JA 89 92.16 -20.82 12.33
N MET JA 90 92.80 -20.59 13.48
CA MET JA 90 94.24 -20.76 13.57
C MET JA 90 94.64 -22.24 13.58
N ARG JA 91 93.78 -23.12 14.07
CA ARG JA 91 93.95 -24.54 13.81
C ARG JA 91 93.59 -24.92 12.38
N ARG JA 92 92.66 -24.21 11.75
CA ARG JA 92 92.31 -24.46 10.35
C ARG JA 92 93.17 -23.68 9.36
N ARG JA 93 94.32 -23.16 9.78
CA ARG JA 93 95.24 -22.50 8.86
C ARG JA 93 96.05 -23.53 8.07
N LEU JA 94 97.12 -23.05 7.43
CA LEU JA 94 98.01 -23.86 6.62
C LEU JA 94 99.00 -24.61 7.51
N ASN JA 95 100.06 -25.15 6.89
CA ASN JA 95 100.95 -26.13 7.50
C ASN JA 95 102.33 -25.56 7.81
N LYS JA 96 102.57 -24.26 7.51
CA LYS JA 96 103.82 -23.49 7.61
C LYS JA 96 104.81 -23.89 6.51
N HIS JA 97 104.51 -24.96 5.78
CA HIS JA 97 105.21 -25.35 4.56
C HIS JA 97 104.37 -25.12 3.33
N GLU JA 98 103.06 -25.34 3.45
CA GLU JA 98 102.13 -25.10 2.35
C GLU JA 98 102.02 -23.62 2.02
N GLU JA 99 102.24 -22.75 3.00
CA GLU JA 99 102.29 -21.32 2.73
C GLU JA 99 103.56 -20.96 1.96
N SER JA 100 104.62 -21.75 2.13
CA SER JA 100 105.90 -21.51 1.46
C SER JA 100 106.07 -22.32 0.18
N LEU JA 101 105.11 -23.18 -0.16
CA LEU JA 101 105.17 -23.90 -1.42
C LEU JA 101 104.90 -22.96 -2.59
N LYS JA 102 105.88 -22.82 -3.46
CA LYS JA 102 105.75 -22.04 -4.68
C LYS JA 102 105.80 -22.96 -5.88
N THR JA 103 105.15 -22.53 -6.97
CA THR JA 103 105.18 -23.31 -8.20
C THR JA 103 106.53 -23.17 -8.89
N LYS JA 104 106.76 -24.06 -9.86
CA LYS JA 104 108.01 -24.04 -10.62
C LYS JA 104 108.13 -22.79 -11.47
N LYS JA 105 107.01 -22.30 -12.01
CA LYS JA 105 107.02 -21.07 -12.80
C LYS JA 105 107.34 -19.86 -11.93
N GLN JA 106 106.79 -19.79 -10.72
CA GLN JA 106 107.06 -18.68 -9.82
C GLN JA 106 108.49 -18.73 -9.28
N GLN JA 107 109.01 -19.94 -9.01
CA GLN JA 107 110.41 -20.08 -8.63
C GLN JA 107 111.34 -19.68 -9.78
N ARG JA 108 110.95 -19.99 -11.01
CA ARG JA 108 111.75 -19.60 -12.17
C ARG JA 108 111.72 -18.08 -12.36
N LYS JA 109 110.58 -17.44 -12.08
CA LYS JA 109 110.50 -15.98 -12.13
C LYS JA 109 111.39 -15.34 -11.06
N GLU JA 110 111.28 -15.81 -9.82
CA GLU JA 110 112.09 -15.27 -8.73
C GLU JA 110 113.57 -15.59 -8.87
N ARG JA 111 113.91 -16.61 -9.65
CA ARG JA 111 115.30 -16.97 -9.84
C ARG JA 111 115.93 -16.22 -11.00
N LEU JA 112 115.22 -16.09 -12.11
CA LEU JA 112 115.77 -15.41 -13.27
C LEU JA 112 115.67 -13.90 -13.17
N TYR JA 113 114.69 -13.37 -12.43
CA TYR JA 113 114.49 -11.92 -12.31
C TYR JA 113 114.29 -11.56 -10.84
N PRO JA 114 115.36 -11.47 -10.06
CA PRO JA 114 115.21 -11.08 -8.66
C PRO JA 114 115.10 -9.57 -8.52
N LEU JA 115 114.52 -9.15 -7.40
CA LEU JA 115 114.39 -7.73 -7.10
C LEU JA 115 115.77 -7.15 -6.80
N ARG JA 116 116.24 -6.25 -7.66
CA ARG JA 116 117.60 -5.74 -7.57
C ARG JA 116 117.67 -4.56 -6.61
N LYS JA 117 118.89 -4.31 -6.13
CA LYS JA 117 119.20 -3.19 -5.23
C LYS JA 117 119.84 -2.10 -6.06
N TYR JA 118 119.32 -0.88 -5.96
CA TYR JA 118 119.74 0.18 -6.86
C TYR JA 118 119.60 1.53 -6.17
N ALA JA 119 120.26 2.53 -6.77
CA ALA JA 119 120.15 3.92 -6.34
C ALA JA 119 120.34 4.80 -7.56
N VAL JA 120 119.89 6.05 -7.46
CA VAL JA 120 119.91 6.96 -8.60
C VAL JA 120 120.74 8.21 -8.30
N LYS JA 121 120.87 9.06 -9.31
CA LYS JA 121 121.50 10.39 -9.26
C LYS JA 121 122.97 10.29 -8.82
N ALA JA 122 123.75 9.67 -9.70
CA ALA JA 122 125.21 9.65 -9.58
C ALA JA 122 125.84 9.48 -10.95
N ALA KA 1 98.67 29.32 -49.91
CA ALA KA 1 99.90 29.06 -49.16
C ALA KA 1 99.61 28.98 -47.67
N LEU KA 2 100.67 29.17 -46.87
CA LEU KA 2 100.65 29.17 -45.42
C LEU KA 2 100.10 27.85 -44.87
N ARG KA 3 100.89 26.80 -45.08
CA ARG KA 3 100.53 25.45 -44.63
C ARG KA 3 100.63 25.39 -43.11
N TYR KA 4 99.59 25.93 -42.45
CA TYR KA 4 99.48 25.99 -41.00
C TYR KA 4 98.79 24.75 -40.46
N PRO KA 5 99.19 24.28 -39.28
CA PRO KA 5 98.38 23.29 -38.57
C PRO KA 5 97.11 23.93 -38.02
N MET KA 6 95.98 23.67 -38.66
CA MET KA 6 94.73 24.30 -38.28
C MET KA 6 93.95 23.41 -37.32
N ALA KA 7 93.12 24.06 -36.51
CA ALA KA 7 92.39 23.34 -35.47
C ALA KA 7 91.10 22.70 -35.98
N VAL KA 8 90.70 22.96 -37.22
CA VAL KA 8 89.43 22.46 -37.73
C VAL KA 8 89.49 22.37 -39.25
N GLY KA 9 88.93 21.29 -39.79
CA GLY KA 9 88.61 21.15 -41.20
C GLY KA 9 89.58 20.32 -42.00
N LEU KA 10 89.28 19.03 -42.13
CA LEU KA 10 89.85 18.07 -43.08
C LEU KA 10 91.34 17.77 -42.92
N ASN KA 11 92.06 18.52 -42.10
CA ASN KA 11 93.42 18.17 -41.71
C ASN KA 11 93.71 18.58 -40.27
N LYS KA 12 92.70 18.57 -39.41
CA LYS KA 12 92.82 19.13 -38.08
C LYS KA 12 93.70 18.25 -37.19
N GLY KA 13 94.32 18.89 -36.22
CA GLY KA 13 95.23 18.22 -35.32
C GLY KA 13 96.66 18.73 -35.48
N HIS KA 14 97.46 18.48 -34.45
CA HIS KA 14 98.87 18.88 -34.48
C HIS KA 14 99.65 17.94 -35.39
N LYS KA 15 100.60 18.51 -36.13
CA LYS KA 15 101.35 17.77 -37.15
C LYS KA 15 102.35 16.84 -36.49
N VAL KA 16 101.97 15.57 -36.34
CA VAL KA 16 102.82 14.54 -35.76
C VAL KA 16 102.89 13.37 -36.73
N THR KA 17 104.10 12.94 -37.07
CA THR KA 17 104.28 11.82 -37.97
C THR KA 17 103.91 10.51 -37.27
N LYS KA 18 103.63 9.49 -38.08
CA LYS KA 18 103.18 8.19 -37.59
C LYS KA 18 104.20 7.13 -37.96
N ASN KA 19 104.55 6.28 -36.98
CA ASN KA 19 105.50 5.20 -37.22
C ASN KA 19 104.80 3.96 -37.75
N VAL KA 20 105.56 3.15 -38.51
CA VAL KA 20 105.06 1.89 -39.04
C VAL KA 20 105.36 0.81 -38.00
N SER KA 21 104.46 0.69 -37.03
CA SER KA 21 104.63 -0.26 -35.94
C SER KA 21 103.94 -1.59 -36.27
N LYS KA 22 104.39 -2.63 -35.59
CA LYS KA 22 103.77 -3.95 -35.72
C LYS KA 22 102.43 -3.94 -34.99
N PRO KA 23 101.36 -4.44 -35.60
CA PRO KA 23 100.07 -4.48 -34.91
C PRO KA 23 100.06 -5.50 -33.77
N ARG KA 24 99.10 -5.33 -32.88
CA ARG KA 24 99.04 -6.14 -31.67
C ARG KA 24 98.57 -7.56 -31.99
N HIS KA 25 98.97 -8.48 -31.12
CA HIS KA 25 98.52 -9.86 -31.19
C HIS KA 25 97.12 -10.04 -30.61
N SER KA 26 96.61 -9.05 -29.88
CA SER KA 26 95.23 -9.13 -29.42
C SER KA 26 94.25 -8.90 -30.56
N ARG KA 27 94.67 -8.21 -31.62
CA ARG KA 27 93.79 -7.85 -32.72
C ARG KA 27 93.51 -9.01 -33.66
N ARG KA 28 94.31 -10.07 -33.65
CA ARG KA 28 94.16 -11.15 -34.62
C ARG KA 28 93.22 -12.26 -34.16
N ARG KA 29 92.49 -12.06 -33.07
CA ARG KA 29 91.52 -13.06 -32.65
C ARG KA 29 90.34 -13.05 -33.62
N GLY KA 30 89.83 -14.24 -33.91
CA GLY KA 30 88.77 -14.38 -34.88
C GLY KA 30 89.23 -14.63 -36.29
N ARG KA 31 90.53 -14.51 -36.56
CA ARG KA 31 91.06 -14.85 -37.88
C ARG KA 31 91.02 -16.35 -38.09
N LEU KA 32 90.74 -16.74 -39.33
CA LEU KA 32 90.56 -18.16 -39.64
C LEU KA 32 91.90 -18.87 -39.65
N THR KA 33 91.94 -20.03 -39.00
CA THR KA 33 93.08 -20.92 -39.03
C THR KA 33 92.69 -22.16 -39.82
N LYS KA 34 93.67 -22.76 -40.52
CA LYS KA 34 93.40 -23.95 -41.33
C LYS KA 34 92.98 -25.13 -40.48
N HIS KA 35 93.58 -25.27 -39.29
CA HIS KA 35 93.21 -26.37 -38.40
C HIS KA 35 91.80 -26.19 -37.85
N THR KA 36 91.45 -24.98 -37.42
CA THR KA 36 90.09 -24.73 -36.94
C THR KA 36 89.07 -24.83 -38.07
N LYS KA 37 89.45 -24.47 -39.29
CA LYS KA 37 88.58 -24.67 -40.44
C LYS KA 37 88.34 -26.15 -40.70
N PHE KA 38 89.38 -26.97 -40.54
CA PHE KA 38 89.23 -28.42 -40.67
C PHE KA 38 88.31 -28.98 -39.60
N VAL KA 39 88.46 -28.51 -38.35
CA VAL KA 39 87.60 -28.94 -37.25
C VAL KA 39 86.14 -28.58 -37.53
N ARG KA 40 85.91 -27.34 -37.97
CA ARG KA 40 84.54 -26.86 -38.15
C ARG KA 40 83.85 -27.51 -39.35
N ASP KA 41 84.55 -27.64 -40.49
CA ASP KA 41 83.85 -28.27 -41.61
C ASP KA 41 83.86 -29.79 -41.51
N MET KA 42 84.61 -30.37 -40.58
CA MET KA 42 84.42 -31.78 -40.28
C MET KA 42 83.21 -31.99 -39.38
N ILE KA 43 83.02 -31.11 -38.40
CA ILE KA 43 81.87 -31.24 -37.51
C ILE KA 43 80.57 -30.87 -38.22
N ARG KA 44 80.63 -29.96 -39.21
CA ARG KA 44 79.42 -29.65 -39.97
C ARG KA 44 78.99 -30.76 -40.94
N GLU KA 45 79.76 -31.86 -41.07
CA GLU KA 45 79.25 -33.06 -41.71
C GLU KA 45 79.13 -34.24 -40.77
N VAL KA 46 79.79 -34.21 -39.61
CA VAL KA 46 79.48 -35.17 -38.56
C VAL KA 46 78.07 -34.95 -38.01
N CYS KA 47 77.78 -33.72 -37.58
CA CYS KA 47 76.48 -33.41 -36.99
C CYS KA 47 75.40 -33.28 -38.05
N GLY KA 48 75.56 -32.33 -38.97
CA GLY KA 48 74.56 -32.06 -39.98
C GLY KA 48 74.15 -30.60 -39.98
N PHE KA 49 72.87 -30.37 -40.28
CA PHE KA 49 72.31 -29.04 -40.39
C PHE KA 49 71.18 -28.85 -39.38
N ALA KA 50 70.90 -27.58 -39.08
CA ALA KA 50 69.84 -27.19 -38.18
C ALA KA 50 68.50 -27.19 -38.90
N PRO KA 51 67.38 -27.25 -38.17
CA PRO KA 51 66.07 -27.15 -38.84
C PRO KA 51 65.81 -25.80 -39.52
N TYR KA 52 66.19 -24.69 -38.89
CA TYR KA 52 65.97 -23.38 -39.53
C TYR KA 52 66.90 -23.20 -40.71
N GLU KA 53 68.13 -23.71 -40.61
CA GLU KA 53 69.05 -23.68 -41.74
C GLU KA 53 68.55 -24.57 -42.87
N ARG KA 54 67.92 -25.70 -42.54
CA ARG KA 54 67.35 -26.57 -43.57
C ARG KA 54 66.16 -25.90 -44.25
N ARG KA 55 65.34 -25.16 -43.49
CA ARG KA 55 64.22 -24.44 -44.09
C ARG KA 55 64.72 -23.29 -44.97
N ALA KA 56 65.80 -22.62 -44.56
CA ALA KA 56 66.36 -21.56 -45.39
C ALA KA 56 67.00 -22.14 -46.66
N MET KA 57 67.57 -23.34 -46.57
CA MET KA 57 68.04 -24.04 -47.76
C MET KA 57 66.89 -24.41 -48.69
N GLU KA 58 65.75 -24.82 -48.11
CA GLU KA 58 64.58 -25.14 -48.93
C GLU KA 58 63.99 -23.89 -49.59
N LEU KA 59 64.10 -22.73 -48.95
CA LEU KA 59 63.71 -21.49 -49.62
C LEU KA 59 64.71 -21.06 -50.68
N LEU KA 60 66.01 -21.29 -50.46
CA LEU KA 60 67.00 -20.95 -51.48
C LEU KA 60 66.97 -21.90 -52.67
N LYS KA 61 66.42 -23.11 -52.50
CA LYS KA 61 66.18 -23.97 -53.65
C LYS KA 61 65.06 -23.41 -54.53
N VAL KA 62 64.09 -22.71 -53.92
CA VAL KA 62 63.05 -22.02 -54.68
C VAL KA 62 63.55 -20.66 -55.16
N SER KA 63 64.67 -20.19 -54.61
CA SER KA 63 65.31 -18.90 -54.91
C SER KA 63 64.36 -17.75 -54.60
N LYS KA 64 64.09 -17.62 -53.30
CA LYS KA 64 63.22 -16.61 -52.73
C LYS KA 64 64.04 -15.87 -51.68
N ASP KA 65 65.21 -15.37 -52.10
CA ASP KA 65 66.27 -14.95 -51.19
C ASP KA 65 65.88 -13.76 -50.32
N LYS KA 66 64.94 -12.92 -50.76
CA LYS KA 66 64.47 -11.84 -49.90
C LYS KA 66 63.68 -12.37 -48.72
N ARG KA 67 62.79 -13.34 -48.97
CA ARG KA 67 62.04 -13.96 -47.88
C ARG KA 67 62.94 -14.84 -47.03
N ALA KA 68 63.97 -15.43 -47.63
CA ALA KA 68 64.98 -16.16 -46.85
C ALA KA 68 65.74 -15.23 -45.92
N LEU KA 69 66.08 -14.03 -46.40
CA LEU KA 69 66.76 -13.04 -45.57
C LEU KA 69 65.87 -12.55 -44.44
N LYS KA 70 64.59 -12.32 -44.72
CA LYS KA 70 63.66 -11.90 -43.67
C LYS KA 70 63.46 -13.00 -42.63
N PHE KA 71 63.43 -14.26 -43.08
CA PHE KA 71 63.28 -15.38 -42.13
C PHE KA 71 64.53 -15.57 -41.28
N ILE KA 72 65.71 -15.47 -41.88
CA ILE KA 72 66.95 -15.61 -41.10
C ILE KA 72 67.15 -14.40 -40.18
N LYS KA 73 66.63 -13.23 -40.56
CA LYS KA 73 66.69 -12.08 -39.66
C LYS KA 73 65.74 -12.26 -38.48
N LYS KA 74 64.56 -12.81 -38.71
CA LYS KA 74 63.65 -13.06 -37.60
C LYS KA 74 64.12 -14.22 -36.73
N ARG KA 75 64.88 -15.15 -37.31
CA ARG KA 75 65.31 -16.36 -36.61
C ARG KA 75 66.61 -16.16 -35.84
N VAL KA 76 67.56 -15.42 -36.40
CA VAL KA 76 68.89 -15.29 -35.82
C VAL KA 76 69.06 -13.98 -35.08
N GLY KA 77 68.56 -12.87 -35.63
CA GLY KA 77 68.81 -11.59 -35.01
C GLY KA 77 69.13 -10.47 -35.98
N THR KA 78 70.35 -9.92 -35.89
CA THR KA 78 70.71 -8.73 -36.63
C THR KA 78 70.84 -9.00 -38.12
N HIS KA 79 70.80 -7.91 -38.89
CA HIS KA 79 70.81 -8.00 -40.36
C HIS KA 79 72.17 -8.44 -40.88
N ILE KA 80 73.25 -8.04 -40.21
CA ILE KA 80 74.59 -8.44 -40.63
C ILE KA 80 74.79 -9.94 -40.45
N ARG KA 81 74.38 -10.46 -39.30
CA ARG KA 81 74.45 -11.91 -39.07
C ARG KA 81 73.50 -12.68 -39.97
N ALA KA 82 72.34 -12.10 -40.28
CA ALA KA 82 71.41 -12.74 -41.21
C ALA KA 82 71.98 -12.80 -42.62
N LYS KA 83 72.64 -11.73 -43.07
CA LYS KA 83 73.25 -11.73 -44.39
C LYS KA 83 74.44 -12.67 -44.46
N ARG KA 84 75.21 -12.77 -43.38
CA ARG KA 84 76.33 -13.72 -43.34
C ARG KA 84 75.83 -15.16 -43.36
N LYS KA 85 74.75 -15.45 -42.63
CA LYS KA 85 74.17 -16.79 -42.65
C LYS KA 85 73.56 -17.11 -44.01
N ARG KA 86 72.98 -16.12 -44.69
CA ARG KA 86 72.43 -16.34 -46.02
C ARG KA 86 73.53 -16.61 -47.04
N GLU KA 87 74.66 -15.89 -46.94
CA GLU KA 87 75.78 -16.14 -47.84
C GLU KA 87 76.43 -17.49 -47.56
N GLU KA 88 76.49 -17.90 -46.29
CA GLU KA 88 77.03 -19.21 -45.95
C GLU KA 88 76.14 -20.33 -46.48
N LEU KA 89 74.82 -20.21 -46.34
CA LEU KA 89 73.92 -21.23 -46.87
C LEU KA 89 73.88 -21.21 -48.40
N SER KA 90 74.09 -20.06 -49.02
CA SER KA 90 74.19 -20.00 -50.48
C SER KA 90 75.46 -20.68 -50.97
N SER KA 91 76.57 -20.53 -50.23
CA SER KA 91 77.79 -21.23 -50.57
C SER KA 91 77.64 -22.74 -50.39
N VAL KA 92 76.91 -23.15 -49.34
CA VAL KA 92 76.62 -24.57 -49.14
C VAL KA 92 75.77 -25.13 -50.29
N LEU KA 93 74.75 -24.36 -50.71
CA LEU KA 93 73.89 -24.79 -51.82
C LEU KA 93 74.66 -24.85 -53.14
N ALA KA 94 75.58 -23.91 -53.36
CA ALA KA 94 76.39 -23.93 -54.57
C ALA KA 94 77.36 -25.09 -54.57
N ALA KA 95 77.95 -25.41 -53.41
CA ALA KA 95 78.85 -26.56 -53.32
C ALA KA 95 78.09 -27.87 -53.52
N MET KA 96 76.87 -27.97 -52.98
CA MET KA 96 76.07 -29.18 -53.18
C MET KA 96 75.62 -29.30 -54.63
N ARG KA 97 75.30 -28.19 -55.29
CA ARG KA 97 74.91 -28.24 -56.69
C ARG KA 97 76.09 -28.62 -57.59
N LYS KA 98 77.29 -28.12 -57.27
CA LYS KA 98 78.47 -28.49 -58.03
C LYS KA 98 78.88 -29.95 -57.78
N ALA KA 99 78.65 -30.45 -56.56
CA ALA KA 99 78.94 -31.86 -56.29
C ALA KA 99 77.89 -32.77 -56.91
N ALA KA 100 76.67 -32.28 -57.10
CA ALA KA 100 75.63 -33.10 -57.73
C ALA KA 100 75.79 -33.13 -59.24
N ALA KA 101 76.03 -31.97 -59.86
CA ALA KA 101 76.21 -31.91 -61.31
C ALA KA 101 77.70 -31.94 -61.64
N LYS KA 102 78.33 -33.03 -61.24
CA LYS KA 102 79.77 -33.22 -61.47
C LYS KA 102 80.00 -34.08 -62.72
N THR LA 1 30.78 -10.33 32.23
CA THR LA 1 31.51 -11.43 32.83
C THR LA 1 32.88 -11.61 32.20
N LYS LA 2 33.31 -10.61 31.42
CA LYS LA 2 34.61 -10.65 30.76
C LYS LA 2 35.74 -10.16 31.65
N GLY LA 3 35.45 -9.77 32.89
CA GLY LA 3 36.48 -9.27 33.79
C GLY LA 3 36.86 -10.25 34.87
N THR LA 4 36.36 -10.01 36.09
CA THR LA 4 36.83 -10.72 37.27
C THR LA 4 36.47 -12.21 37.24
N SER LA 5 35.27 -12.52 36.75
CA SER LA 5 34.88 -13.92 36.59
C SER LA 5 35.67 -14.62 35.48
N SER LA 6 36.27 -13.86 34.56
CA SER LA 6 37.16 -14.44 33.56
C SER LA 6 38.58 -14.60 34.09
N PHE LA 7 39.02 -13.71 34.97
CA PHE LA 7 40.30 -13.93 35.66
C PHE LA 7 40.22 -15.07 36.66
N GLY LA 8 39.01 -15.40 37.13
CA GLY LA 8 38.88 -16.45 38.12
C GLY LA 8 39.20 -17.85 37.63
N LYS LA 9 38.87 -18.14 36.38
CA LYS LA 9 39.00 -19.51 35.86
C LYS LA 9 40.30 -19.71 35.08
N ARG LA 10 41.36 -19.00 35.46
CA ARG LA 10 42.67 -19.17 34.86
C ARG LA 10 43.46 -20.16 35.69
N ARG LA 11 43.57 -21.39 35.19
CA ARG LA 11 44.22 -22.49 35.89
C ARG LA 11 45.47 -22.99 35.19
N ASN LA 12 45.35 -23.44 33.94
CA ASN LA 12 46.42 -24.12 33.23
C ASN LA 12 47.32 -23.13 32.51
N LYS LA 13 48.61 -23.46 32.42
CA LYS LA 13 49.60 -22.58 31.87
C LYS LA 13 49.86 -22.88 30.41
N THR LA 14 50.31 -21.87 29.67
CA THR LA 14 50.71 -22.04 28.28
C THR LA 14 52.22 -22.01 28.09
N HIS LA 15 52.92 -21.07 28.72
CA HIS LA 15 54.36 -20.96 28.62
C HIS LA 15 55.00 -21.52 29.88
N THR LA 16 56.13 -22.21 29.72
CA THR LA 16 56.93 -22.70 30.83
C THR LA 16 58.38 -22.27 30.61
N LEU LA 17 59.25 -22.67 31.54
CA LEU LA 17 60.66 -22.30 31.45
C LEU LA 17 61.33 -23.05 30.31
N CYS LA 18 61.96 -22.32 29.41
CA CYS LA 18 62.71 -22.94 28.33
C CYS LA 18 64.02 -23.49 28.86
N ARG LA 19 64.72 -24.24 27.99
CA ARG LA 19 65.95 -24.91 28.39
C ARG LA 19 67.13 -24.52 27.49
N ARG LA 20 67.00 -23.45 26.72
CA ARG LA 20 68.15 -22.78 26.12
C ARG LA 20 68.33 -21.35 26.62
N CYS LA 21 67.23 -20.59 26.75
CA CYS LA 21 67.31 -19.24 27.28
C CYS LA 21 66.86 -19.12 28.73
N GLY LA 22 66.23 -20.16 29.28
CA GLY LA 22 65.85 -20.19 30.69
C GLY LA 22 64.71 -19.28 31.08
N SER LA 23 64.10 -18.58 30.14
CA SER LA 23 62.97 -17.71 30.43
C SER LA 23 61.67 -18.48 30.30
N LYS LA 24 60.62 -17.95 30.93
CA LYS LA 24 59.29 -18.52 30.83
C LYS LA 24 58.73 -18.19 29.45
N ALA LA 25 59.08 -18.99 28.44
CA ALA LA 25 58.51 -18.78 27.12
C ALA LA 25 58.19 -20.06 26.36
N TYR LA 26 58.53 -21.23 26.89
CA TYR LA 26 58.36 -22.47 26.13
C TYR LA 26 56.88 -22.83 26.09
N HIS LA 27 56.27 -22.68 24.92
CA HIS LA 27 54.84 -22.92 24.78
C HIS LA 27 54.57 -24.41 24.76
N LEU LA 28 53.61 -24.85 25.57
CA LEU LA 28 53.37 -26.28 25.74
C LEU LA 28 52.61 -26.90 24.57
N GLN LA 29 51.96 -26.08 23.74
CA GLN LA 29 51.20 -26.59 22.61
C GLN LA 29 51.97 -26.54 21.29
N LYS LA 30 52.63 -25.42 21.00
CA LYS LA 30 53.41 -25.30 19.77
C LYS LA 30 54.81 -25.90 19.89
N SER LA 31 55.25 -26.20 21.11
CA SER LA 31 56.60 -26.70 21.43
C SER LA 31 57.71 -25.78 20.93
N THR LA 32 57.43 -24.48 20.88
CA THR LA 32 58.38 -23.46 20.48
C THR LA 32 58.59 -22.49 21.62
N CYS LA 33 59.58 -21.60 21.47
CA CYS LA 33 59.92 -20.65 22.50
C CYS LA 33 59.37 -19.25 22.22
N GLY LA 34 59.71 -18.68 21.07
CA GLY LA 34 59.31 -17.31 20.79
C GLY LA 34 60.18 -16.25 21.46
N LYS LA 35 61.12 -16.64 22.30
CA LYS LA 35 62.18 -15.78 22.80
C LYS LA 35 63.52 -16.12 22.20
N CYS LA 36 63.78 -17.41 21.94
CA CYS LA 36 64.94 -17.84 21.18
C CYS LA 36 64.61 -18.83 20.08
N GLY LA 37 63.42 -19.42 20.06
CA GLY LA 37 63.07 -20.40 19.06
C GLY LA 37 63.82 -21.71 19.22
N TYR LA 38 63.48 -22.47 20.28
CA TYR LA 38 64.27 -23.64 20.63
C TYR LA 38 64.26 -24.79 19.61
N PRO LA 39 63.11 -25.23 19.04
CA PRO LA 39 63.21 -26.28 18.01
C PRO LA 39 63.89 -25.83 16.73
N ALA LA 40 64.01 -24.53 16.49
CA ALA LA 40 64.87 -24.03 15.44
C ALA LA 40 66.32 -24.08 15.89
N LYS LA 41 67.22 -24.38 14.94
CA LYS LA 41 68.64 -24.47 15.26
C LYS LA 41 69.28 -23.11 15.47
N ARG LA 42 68.64 -22.04 15.04
CA ARG LA 42 69.20 -20.69 15.11
C ARG LA 42 68.51 -19.88 16.18
N LYS LA 43 69.25 -18.95 16.78
CA LYS LA 43 68.72 -18.09 17.82
C LYS LA 43 67.80 -17.03 17.22
N ARG LA 44 66.61 -16.89 17.79
CA ARG LA 44 65.69 -15.84 17.37
C ARG LA 44 66.20 -14.49 17.87
N LYS LA 45 66.58 -13.63 16.93
CA LYS LA 45 66.87 -12.23 17.22
C LYS LA 45 66.35 -11.39 16.07
N TYR LA 46 66.06 -10.13 16.37
CA TYR LA 46 65.56 -9.20 15.37
C TYR LA 46 66.20 -7.85 15.57
N ASN LA 47 66.21 -7.07 14.49
CA ASN LA 47 66.82 -5.74 14.50
C ASN LA 47 65.80 -4.66 14.82
N TRP LA 48 64.52 -5.00 14.94
CA TRP LA 48 63.55 -4.05 15.44
C TRP LA 48 63.54 -3.96 16.96
N SER LA 49 64.27 -4.83 17.67
CA SER LA 49 64.40 -4.75 19.12
C SER LA 49 65.88 -4.76 19.48
N ALA LA 50 66.49 -3.57 19.43
CA ALA LA 50 67.88 -3.43 19.87
C ALA LA 50 67.99 -3.58 21.38
N LYS LA 51 66.92 -3.23 22.11
CA LYS LA 51 66.89 -3.44 23.55
C LYS LA 51 66.88 -4.92 23.88
N ALA LA 52 66.12 -5.72 23.14
CA ALA LA 52 66.14 -7.17 23.35
C ALA LA 52 67.43 -7.80 22.83
N LYS LA 53 68.12 -7.15 21.89
CA LYS LA 53 69.46 -7.61 21.52
C LYS LA 53 70.45 -7.39 22.67
N ARG LA 54 70.49 -6.17 23.21
CA ARG LA 54 71.43 -5.85 24.27
C ARG LA 54 71.03 -6.43 25.62
N ARG LA 55 69.82 -6.99 25.75
CA ARG LA 55 69.55 -7.85 26.89
C ARG LA 55 70.45 -9.08 26.88
N ASN LA 56 70.63 -9.71 25.69
CA ASN LA 56 71.62 -10.77 25.55
C ASN LA 56 72.45 -10.59 24.26
N THR LA 57 73.46 -9.73 24.36
CA THR LA 57 74.62 -9.77 23.48
C THR LA 57 75.66 -10.70 24.10
N THR LA 58 76.89 -10.66 23.58
CA THR LA 58 77.98 -11.45 24.14
C THR LA 58 78.58 -10.85 25.41
N GLY LA 59 78.23 -9.62 25.75
CA GLY LA 59 78.79 -9.01 26.94
C GLY LA 59 77.91 -9.13 28.16
N THR LA 60 77.01 -10.11 28.15
CA THR LA 60 76.00 -10.26 29.19
C THR LA 60 76.36 -11.31 30.22
N GLY LA 61 76.67 -12.53 29.79
CA GLY LA 61 76.87 -13.65 30.68
C GLY LA 61 78.25 -13.74 31.28
N ARG LA 62 78.66 -14.97 31.58
CA ARG LA 62 79.93 -15.20 32.26
C ARG LA 62 81.13 -15.02 31.34
N MET LA 63 80.95 -15.29 30.04
CA MET LA 63 82.01 -15.24 29.02
C MET LA 63 83.19 -16.15 29.38
N ARG LA 64 82.87 -17.33 29.93
CA ARG LA 64 83.88 -18.16 30.61
C ARG LA 64 84.90 -18.76 29.65
N HIS LA 65 84.63 -18.76 28.35
CA HIS LA 65 85.61 -19.11 27.34
C HIS LA 65 86.15 -17.89 26.60
N LEU LA 66 85.32 -16.88 26.37
CA LEU LA 66 85.74 -15.77 25.53
C LEU LA 66 86.69 -14.83 26.27
N LYS LA 67 86.59 -14.74 27.61
CA LYS LA 67 87.54 -13.91 28.34
C LYS LA 67 88.94 -14.52 28.37
N ILE LA 68 89.04 -15.86 28.43
CA ILE LA 68 90.37 -16.45 28.36
C ILE LA 68 90.86 -16.53 26.91
N VAL LA 69 89.96 -16.47 25.93
CA VAL LA 69 90.38 -16.25 24.55
C VAL LA 69 91.01 -14.87 24.39
N TYR LA 70 90.40 -13.85 25.01
CA TYR LA 70 90.97 -12.49 24.97
C TYR LA 70 92.31 -12.42 25.69
N ARG LA 71 92.41 -13.11 26.84
CA ARG LA 71 93.65 -13.12 27.60
C ARG LA 71 94.76 -13.90 26.87
N ARG LA 72 94.41 -15.01 26.21
CA ARG LA 72 95.40 -15.76 25.45
C ARG LA 72 95.80 -15.02 24.18
N PHE LA 73 94.91 -14.18 23.66
CA PHE LA 73 95.27 -13.29 22.55
C PHE LA 73 96.29 -12.25 22.99
N ARG LA 74 96.04 -11.58 24.12
CA ARG LA 74 96.99 -10.55 24.56
C ARG LA 74 98.29 -11.17 25.07
N HIS LA 75 98.28 -12.46 25.42
CA HIS LA 75 99.51 -13.14 25.80
C HIS LA 75 100.28 -13.66 24.58
N GLY LA 76 99.59 -14.07 23.52
CA GLY LA 76 100.26 -14.43 22.28
C GLY LA 76 99.94 -15.80 21.71
N PHE LA 77 98.95 -16.47 22.28
CA PHE LA 77 98.51 -17.82 21.89
C PHE LA 77 99.63 -18.86 21.95
N ARG LA 78 100.54 -18.71 22.91
CA ARG LA 78 101.59 -19.72 23.06
C ARG LA 78 101.06 -20.93 23.82
N GLU LA 79 101.60 -22.11 23.50
CA GLU LA 79 101.12 -23.36 24.05
C GLU LA 79 102.28 -24.22 24.50
N GLY LA 80 102.14 -24.83 25.67
CA GLY LA 80 103.11 -25.78 26.17
C GLY LA 80 104.37 -25.20 26.74
N THR LA 81 104.50 -23.87 26.78
CA THR LA 81 105.67 -23.25 27.36
C THR LA 81 105.49 -23.04 28.85
N THR LA 82 106.58 -23.17 29.59
CA THR LA 82 106.61 -22.89 31.01
C THR LA 82 107.65 -21.82 31.29
N PRO LA 83 107.39 -20.91 32.24
CA PRO LA 83 108.42 -19.94 32.61
C PRO LA 83 109.58 -20.60 33.33
N LYS LA 84 110.69 -19.86 33.38
CA LYS LA 84 111.93 -20.40 33.92
C LYS LA 84 111.83 -20.58 35.43
N PRO LA 85 111.96 -21.80 35.95
CA PRO LA 85 111.78 -22.02 37.39
C PRO LA 85 112.97 -21.53 38.19
N LYS LA 86 112.81 -21.57 39.51
CA LYS LA 86 113.86 -21.14 40.43
C LYS LA 86 114.87 -22.25 40.67
N PRO MA 1 48.35 -66.70 55.23
CA PRO MA 1 48.66 -67.79 56.16
C PRO MA 1 47.94 -69.07 55.78
N ARG MA 2 48.48 -70.22 56.21
CA ARG MA 2 47.92 -71.50 55.83
C ARG MA 2 47.65 -72.36 57.06
N LYS MA 3 46.46 -72.94 57.11
CA LYS MA 3 46.10 -73.94 58.10
C LYS MA 3 46.58 -75.30 57.63
N ILE MA 4 47.29 -76.02 58.49
CA ILE MA 4 47.65 -77.41 58.27
C ILE MA 4 46.65 -78.26 59.04
N GLU MA 5 46.11 -79.30 58.40
CA GLU MA 5 45.12 -80.15 59.02
C GLU MA 5 45.67 -81.49 59.49
N GLU MA 6 46.98 -81.71 59.34
CA GLU MA 6 47.59 -82.99 59.72
C GLU MA 6 48.80 -82.73 60.61
N ILE MA 7 48.93 -83.54 61.67
CA ILE MA 7 50.06 -83.39 62.58
C ILE MA 7 51.37 -83.82 61.92
N LYS MA 8 51.31 -84.83 61.05
CA LYS MA 8 52.52 -85.26 60.34
C LYS MA 8 52.96 -84.22 59.32
N ASP MA 9 52.00 -83.59 58.63
CA ASP MA 9 52.32 -82.50 57.71
C ASP MA 9 52.85 -81.28 58.45
N PHE MA 10 52.34 -81.02 59.65
CA PHE MA 10 52.87 -79.91 60.46
C PHE MA 10 54.29 -80.21 60.93
N LEU MA 11 54.58 -81.47 61.26
CA LEU MA 11 55.94 -81.82 61.65
C LEU MA 11 56.91 -81.73 60.47
N LEU MA 12 56.46 -82.16 59.29
CA LEU MA 12 57.29 -82.02 58.09
C LEU MA 12 57.48 -80.56 57.69
N THR MA 13 56.52 -79.70 58.00
CA THR MA 13 56.69 -78.28 57.78
C THR MA 13 57.66 -77.68 58.80
N ALA MA 14 57.58 -78.12 60.06
CA ALA MA 14 58.42 -77.54 61.10
C ALA MA 14 59.86 -78.00 61.01
N ARG MA 15 60.12 -79.18 60.43
CA ARG MA 15 61.49 -79.68 60.32
C ARG MA 15 62.20 -79.19 59.07
N ARG MA 16 61.67 -78.17 58.39
CA ARG MA 16 62.28 -77.66 57.17
C ARG MA 16 63.48 -76.78 57.47
N LYS MA 17 64.07 -76.22 56.42
CA LYS MA 17 65.25 -75.37 56.51
C LYS MA 17 64.90 -73.88 56.54
N ASP MA 18 63.84 -73.47 55.84
CA ASP MA 18 63.43 -72.07 55.85
C ASP MA 18 62.85 -71.63 57.18
N ALA MA 19 62.44 -72.58 58.01
CA ALA MA 19 61.60 -72.28 59.16
C ALA MA 19 62.38 -71.54 60.24
N LYS MA 20 61.62 -70.92 61.13
CA LYS MA 20 62.10 -70.20 62.29
C LYS MA 20 61.05 -70.40 63.37
N SER MA 21 61.02 -69.50 64.36
CA SER MA 21 60.24 -69.59 65.59
C SER MA 21 58.80 -70.04 65.40
N VAL MA 22 58.37 -70.95 66.28
CA VAL MA 22 57.00 -71.40 66.37
C VAL MA 22 56.48 -70.99 67.75
N LYS MA 23 55.29 -70.41 67.78
CA LYS MA 23 54.70 -69.93 69.02
C LYS MA 23 53.43 -70.72 69.33
N ILE MA 24 53.14 -70.84 70.62
CA ILE MA 24 52.03 -71.62 71.12
C ILE MA 24 51.04 -70.67 71.77
N LYS MA 25 49.80 -70.65 71.26
CA LYS MA 25 48.76 -69.75 71.74
C LYS MA 25 47.64 -70.59 72.34
N LYS MA 26 47.38 -70.38 73.64
CA LYS MA 26 46.34 -71.10 74.35
C LYS MA 26 45.03 -70.31 74.21
N ASN MA 27 44.08 -70.87 73.47
CA ASN MA 27 42.83 -70.20 73.17
C ASN MA 27 41.62 -70.94 73.74
N LYS MA 28 41.74 -71.37 75.00
CA LYS MA 28 40.72 -72.06 75.82
C LYS MA 28 40.04 -73.20 75.06
N ASP MA 29 40.86 -74.25 74.86
CA ASP MA 29 40.66 -75.54 74.15
C ASP MA 29 40.78 -75.40 72.63
N ASN MA 30 41.43 -74.34 72.15
CA ASN MA 30 41.67 -74.11 70.73
C ASN MA 30 43.14 -73.78 70.50
N VAL MA 31 44.03 -74.64 71.04
CA VAL MA 31 45.46 -74.34 71.14
C VAL MA 31 46.08 -74.33 69.75
N LYS MA 32 46.74 -73.23 69.42
CA LYS MA 32 47.29 -73.01 68.09
C LYS MA 32 48.81 -73.02 68.11
N PHE MA 33 49.39 -73.68 67.12
CA PHE MA 33 50.83 -73.72 66.91
C PHE MA 33 51.13 -72.98 65.62
N LYS MA 34 51.87 -71.87 65.73
CA LYS MA 34 52.10 -70.95 64.62
C LYS MA 34 53.58 -70.96 64.30
N VAL MA 35 54.00 -71.62 63.23
CA VAL MA 35 55.40 -71.64 62.82
C VAL MA 35 55.61 -70.64 61.69
N ARG MA 36 56.64 -69.81 61.84
CA ARG MA 36 56.98 -68.79 60.84
C ARG MA 36 57.96 -69.38 59.84
N CYS MA 37 57.66 -69.23 58.56
CA CYS MA 37 58.54 -69.66 57.48
C CYS MA 37 58.93 -68.45 56.64
N SER MA 38 59.58 -68.72 55.50
CA SER MA 38 60.02 -67.64 54.62
C SER MA 38 58.84 -66.96 53.94
N ARG MA 39 57.93 -67.74 53.38
CA ARG MA 39 56.78 -67.21 52.64
C ARG MA 39 55.50 -67.19 53.45
N TYR MA 40 55.15 -68.28 54.12
CA TYR MA 40 53.85 -68.45 54.74
C TYR MA 40 53.98 -68.66 56.24
N LEU MA 41 52.91 -68.30 56.96
CA LEU MA 41 52.78 -68.61 58.38
C LEU MA 41 51.87 -69.83 58.50
N TYR MA 42 52.39 -70.92 59.04
CA TYR MA 42 51.66 -72.17 59.07
C TYR MA 42 51.10 -72.41 60.46
N THR MA 43 49.79 -72.62 60.54
CA THR MA 43 49.09 -72.75 61.81
C THR MA 43 48.41 -74.11 61.93
N LEU MA 44 48.52 -74.69 63.12
CA LEU MA 44 47.87 -75.95 63.45
C LEU MA 44 46.98 -75.75 64.66
N VAL MA 45 45.70 -76.07 64.52
CA VAL MA 45 44.72 -75.90 65.58
C VAL MA 45 44.44 -77.27 66.20
N ILE MA 46 44.67 -77.40 67.51
CA ILE MA 46 44.46 -78.64 68.24
C ILE MA 46 43.43 -78.35 69.33
N THR MA 47 42.41 -79.19 69.42
CA THR MA 47 41.37 -79.03 70.42
C THR MA 47 41.58 -79.92 71.65
N ASP MA 48 42.63 -80.74 71.66
CA ASP MA 48 42.91 -81.66 72.76
C ASP MA 48 44.14 -81.18 73.50
N LYS MA 49 44.00 -80.98 74.82
CA LYS MA 49 45.09 -80.46 75.64
C LYS MA 49 46.20 -81.50 75.78
N GLU MA 50 45.85 -82.78 75.87
CA GLU MA 50 46.87 -83.83 75.98
C GLU MA 50 47.61 -83.99 74.66
N LYS MA 51 46.90 -83.84 73.53
CA LYS MA 51 47.57 -83.89 72.22
C LYS MA 51 48.48 -82.68 72.02
N ALA MA 52 48.07 -81.51 72.53
CA ALA MA 52 48.94 -80.33 72.48
C ALA MA 52 50.17 -80.51 73.36
N GLU MA 53 50.00 -81.12 74.53
CA GLU MA 53 51.13 -81.38 75.42
C GLU MA 53 52.08 -82.42 74.83
N LYS MA 54 51.54 -83.40 74.09
CA LYS MA 54 52.38 -84.35 73.40
C LYS MA 54 53.13 -83.69 72.24
N LEU MA 55 52.49 -82.73 71.56
CA LEU MA 55 53.13 -82.04 70.45
C LEU MA 55 54.19 -81.04 70.93
N LYS MA 56 54.04 -80.53 72.16
CA LYS MA 56 55.05 -79.64 72.73
C LYS MA 56 56.40 -80.33 72.90
N GLN MA 57 56.41 -81.63 73.17
CA GLN MA 57 57.64 -82.41 73.27
C GLN MA 57 58.06 -83.00 71.94
N SER MA 58 57.43 -82.61 70.84
CA SER MA 58 57.70 -83.17 69.51
C SER MA 58 58.35 -82.15 68.59
N LEU MA 59 59.30 -81.38 69.12
CA LEU MA 59 60.07 -80.43 68.32
C LEU MA 59 61.52 -80.89 68.25
N PRO MA 60 61.94 -81.60 67.20
CA PRO MA 60 63.32 -82.08 67.10
C PRO MA 60 64.39 -80.99 67.00
N PRO MA 61 64.37 -80.07 66.02
CA PRO MA 61 65.64 -79.48 65.56
C PRO MA 61 66.22 -78.41 66.47
N GLY MA 62 65.66 -78.18 67.66
CA GLY MA 62 66.15 -77.12 68.52
C GLY MA 62 65.63 -75.77 68.08
N LEU MA 63 64.36 -75.72 67.70
CA LEU MA 63 63.71 -74.50 67.23
C LEU MA 63 63.23 -73.70 68.44
N ALA MA 64 62.86 -72.44 68.21
CA ALA MA 64 62.31 -71.58 69.25
C ALA MA 64 60.88 -72.01 69.54
N VAL MA 65 60.61 -72.35 70.80
CA VAL MA 65 59.31 -72.89 71.21
C VAL MA 65 58.72 -71.86 72.17
N LYS MA 66 58.93 -70.59 71.88
CA LYS MA 66 58.45 -69.49 72.72
C LYS MA 66 56.93 -69.44 72.77
N GLU MA 67 56.35 -69.84 73.89
CA GLU MA 67 54.90 -69.85 74.06
C GLU MA 67 54.40 -68.43 74.27
N LEU MA 68 53.44 -68.02 73.45
CA LEU MA 68 52.96 -66.64 73.46
C LEU MA 68 52.08 -66.42 74.68
N LYS MA 69 52.35 -65.34 75.42
CA LYS MA 69 51.59 -65.00 76.60
C LYS MA 69 51.58 -63.49 76.81
N SER NA 1 52.19 -27.74 44.23
CA SER NA 1 51.04 -28.43 43.65
C SER NA 1 51.07 -29.92 43.99
N SER NA 2 52.14 -30.32 44.70
CA SER NA 2 52.42 -31.69 45.16
C SER NA 2 52.61 -32.69 44.03
N HIS NA 3 52.73 -32.22 42.78
CA HIS NA 3 53.08 -33.03 41.62
C HIS NA 3 54.18 -32.35 40.83
N LYS NA 4 55.22 -31.93 41.54
CA LYS NA 4 56.31 -31.18 40.94
C LYS NA 4 57.16 -32.06 40.04
N THR NA 5 57.99 -31.41 39.23
CA THR NA 5 59.09 -32.07 38.55
C THR NA 5 60.40 -31.65 39.20
N PHE NA 6 61.49 -32.28 38.75
CA PHE NA 6 62.78 -32.06 39.37
C PHE NA 6 63.32 -30.66 39.08
N ARG NA 7 63.08 -30.16 37.86
CA ARG NA 7 63.52 -28.81 37.50
C ARG NA 7 62.76 -27.76 38.30
N ILE NA 8 61.44 -27.92 38.43
CA ILE NA 8 60.63 -26.96 39.17
C ILE NA 8 60.97 -26.99 40.66
N LYS NA 9 61.20 -28.19 41.22
CA LYS NA 9 61.55 -28.28 42.62
C LYS NA 9 62.95 -27.73 42.90
N ARG NA 10 63.88 -27.89 41.95
CA ARG NA 10 65.21 -27.33 42.11
C ARG NA 10 65.18 -25.81 42.02
N PHE NA 11 64.36 -25.26 41.12
CA PHE NA 11 64.17 -23.82 41.02
C PHE NA 11 63.55 -23.24 42.29
N LEU NA 12 62.52 -23.90 42.82
CA LEU NA 12 61.88 -23.42 44.04
C LEU NA 12 62.79 -23.56 45.25
N ALA NA 13 63.66 -24.58 45.26
CA ALA NA 13 64.63 -24.70 46.34
C ALA NA 13 65.65 -23.57 46.31
N LYS NA 14 66.09 -23.19 45.10
CA LYS NA 14 66.99 -22.03 45.01
C LYS NA 14 66.27 -20.73 45.38
N LYS NA 15 64.98 -20.61 45.08
CA LYS NA 15 64.24 -19.43 45.52
C LYS NA 15 64.09 -19.38 47.03
N GLN NA 16 63.90 -20.55 47.68
CA GLN NA 16 63.86 -20.60 49.14
C GLN NA 16 65.20 -20.21 49.74
N LYS NA 17 66.30 -20.67 49.16
CA LYS NA 17 67.61 -20.31 49.70
C LYS NA 17 68.00 -18.87 49.39
N GLN NA 18 67.42 -18.27 48.35
CA GLN NA 18 67.64 -16.84 48.12
C GLN NA 18 66.81 -15.98 49.06
N ASN NA 19 65.61 -16.42 49.42
CA ASN NA 19 64.76 -15.68 50.36
C ASN NA 19 65.31 -15.88 51.76
N ARG NA 20 66.32 -15.05 52.10
CA ARG NA 20 67.04 -15.18 53.36
C ARG NA 20 67.68 -13.83 53.68
N PRO NA 21 67.53 -13.32 54.90
CA PRO NA 21 67.99 -11.96 55.21
C PRO NA 21 69.51 -11.87 55.32
N ILE NA 22 69.98 -10.63 55.35
CA ILE NA 22 71.41 -10.35 55.41
C ILE NA 22 71.92 -10.60 56.83
N PRO NA 23 73.01 -11.34 57.00
CA PRO NA 23 73.56 -11.52 58.35
C PRO NA 23 74.18 -10.23 58.87
N GLN NA 24 74.27 -10.16 60.20
CA GLN NA 24 74.63 -8.91 60.88
C GLN NA 24 76.10 -8.55 60.72
N TRP NA 25 76.96 -9.50 60.37
CA TRP NA 25 78.39 -9.21 60.22
C TRP NA 25 78.74 -8.56 58.90
N ILE NA 26 77.77 -8.37 58.00
CA ILE NA 26 78.01 -7.66 56.75
C ILE NA 26 78.24 -6.18 57.02
N ARG NA 27 77.45 -5.59 57.92
CA ARG NA 27 77.40 -4.14 58.09
C ARG NA 27 78.66 -3.56 58.72
N MET NA 28 79.53 -4.38 59.30
CA MET NA 28 80.78 -3.91 59.86
C MET NA 28 81.92 -3.89 58.85
N LYS NA 29 81.65 -4.21 57.58
CA LYS NA 29 82.68 -4.15 56.55
C LYS NA 29 83.04 -2.69 56.24
N THR NA 30 84.15 -2.53 55.51
CA THR NA 30 84.68 -1.19 55.25
C THR NA 30 83.88 -0.47 54.17
N GLY NA 31 83.84 -1.03 52.96
CA GLY NA 31 83.19 -0.37 51.85
C GLY NA 31 81.75 -0.80 51.65
N ASN NA 32 81.00 -0.91 52.75
CA ASN NA 32 79.62 -1.39 52.68
C ASN NA 32 78.69 -0.21 52.39
N LYS NA 33 77.81 -0.40 51.40
CA LYS NA 33 76.73 0.52 51.11
C LYS NA 33 75.37 -0.19 51.11
N ILE NA 34 75.32 -1.37 51.72
CA ILE NA 34 74.13 -2.22 51.71
C ILE NA 34 73.48 -2.16 53.09
N ARG NA 35 72.21 -1.74 53.13
CA ARG NA 35 71.46 -1.62 54.37
C ARG NA 35 70.54 -2.81 54.60
N TYR NA 36 69.63 -3.07 53.66
CA TYR NA 36 68.77 -4.25 53.70
C TYR NA 36 68.84 -4.95 52.35
N ASN NA 37 68.05 -6.02 52.21
CA ASN NA 37 68.26 -6.93 51.09
C ASN NA 37 67.62 -6.42 49.80
N SER NA 38 66.47 -5.74 49.90
CA SER NA 38 65.68 -5.17 48.81
C SER NA 38 65.24 -6.22 47.77
N LYS NA 39 65.34 -7.51 48.11
CA LYS NA 39 64.85 -8.60 47.27
C LYS NA 39 64.08 -9.61 48.11
N ARG NA 40 63.60 -9.18 49.29
CA ARG NA 40 62.87 -10.06 50.18
C ARG NA 40 61.51 -10.39 49.57
N ARG NA 41 61.38 -11.61 49.06
CA ARG NA 41 60.21 -12.03 48.34
C ARG NA 41 59.21 -12.66 49.30
N HIS NA 42 57.96 -12.23 49.22
CA HIS NA 42 56.88 -12.81 50.00
C HIS NA 42 55.98 -13.63 49.08
N TRP NA 43 55.34 -14.65 49.64
CA TRP NA 43 54.56 -15.60 48.86
C TRP NA 43 53.18 -15.08 48.43
N ARG NA 44 52.88 -13.81 48.67
CA ARG NA 44 51.67 -13.17 48.16
C ARG NA 44 51.95 -12.04 47.17
N ARG NA 45 53.09 -11.37 47.28
CA ARG NA 45 53.38 -10.23 46.43
C ARG NA 45 53.86 -10.67 45.06
N THR NA 46 55.00 -11.36 45.00
CA THR NA 46 55.52 -11.91 43.75
C THR NA 46 55.18 -13.38 43.70
N LYS NA 47 54.53 -13.80 42.61
CA LYS NA 47 53.88 -15.11 42.58
C LYS NA 47 54.54 -16.09 41.61
N LEU NA 48 55.68 -15.71 41.00
CA LEU NA 48 56.54 -16.60 40.21
C LEU NA 48 55.79 -17.24 39.04
N GLY NA 49 55.43 -16.39 38.07
CA GLY NA 49 54.66 -16.85 36.93
C GLY NA 49 55.45 -17.74 36.00
N LEU NA 50 55.72 -18.97 36.45
CA LEU NA 50 56.53 -19.94 35.71
C LEU NA 50 55.73 -20.64 34.63
N ILE OA 1 -50.17 54.09 41.16
CA ILE OA 1 -49.35 53.22 41.99
C ILE OA 1 -48.38 54.08 42.80
N ILE OA 2 -48.21 55.32 42.36
CA ILE OA 2 -47.29 56.25 43.00
C ILE OA 2 -47.75 57.66 42.64
N GLU OA 3 -47.48 58.62 43.53
CA GLU OA 3 -47.85 60.00 43.27
C GLU OA 3 -46.92 60.57 42.20
N PRO OA 4 -47.45 61.32 41.22
CA PRO OA 4 -46.62 61.71 40.07
C PRO OA 4 -45.54 62.74 40.37
N SER OA 5 -45.81 63.71 41.26
CA SER OA 5 -44.78 64.69 41.57
C SER OA 5 -43.65 64.06 42.38
N LEU OA 6 -43.98 63.14 43.28
CA LEU OA 6 -42.93 62.41 43.99
C LEU OA 6 -42.20 61.44 43.07
N ARG OA 7 -42.89 60.91 42.05
CA ARG OA 7 -42.23 60.09 41.05
C ARG OA 7 -41.23 60.90 40.24
N GLN OA 8 -41.61 62.12 39.84
CA GLN OA 8 -40.68 63.01 39.14
C GLN OA 8 -39.54 63.45 40.05
N LEU OA 9 -39.81 63.61 41.35
CA LEU OA 9 -38.76 63.95 42.29
C LEU OA 9 -37.77 62.79 42.47
N ALA OA 10 -38.25 61.55 42.33
CA ALA OA 10 -37.34 60.40 42.30
C ALA OA 10 -36.59 60.30 40.97
N GLN OA 11 -37.25 60.69 39.87
CA GLN OA 11 -36.61 60.73 38.55
C GLN OA 11 -35.46 61.73 38.53
N LYS OA 12 -35.60 62.83 39.28
CA LYS OA 12 -34.56 63.87 39.30
C LYS OA 12 -33.27 63.37 39.95
N TYR OA 13 -33.37 62.39 40.84
CA TYR OA 13 -32.17 61.82 41.46
C TYR OA 13 -31.72 60.51 40.82
N ASN OA 14 -32.61 59.79 40.13
CA ASN OA 14 -32.24 58.46 39.65
C ASN OA 14 -32.13 58.32 38.14
N CYS OA 15 -32.75 59.20 37.35
CA CYS OA 15 -32.81 58.96 35.91
C CYS OA 15 -32.32 60.13 35.09
N ASP OA 16 -32.52 61.36 35.57
CA ASP OA 16 -32.14 62.56 34.82
C ASP OA 16 -30.64 62.79 34.96
N LYS OA 17 -29.88 61.97 34.24
CA LYS OA 17 -28.43 61.94 34.37
C LYS OA 17 -27.78 61.86 32.99
N MET OA 18 -26.51 62.27 32.95
CA MET OA 18 -25.66 62.09 31.78
C MET OA 18 -24.62 61.02 32.06
N ILE OA 19 -24.35 60.19 31.06
CA ILE OA 19 -23.44 59.06 31.18
C ILE OA 19 -22.32 59.24 30.18
N CYS OA 20 -21.07 59.12 30.66
CA CYS OA 20 -19.93 59.19 29.77
C CYS OA 20 -19.81 57.90 28.96
N ARG OA 21 -19.19 58.01 27.78
CA ARG OA 21 -18.96 56.84 26.95
C ARG OA 21 -17.72 56.06 27.35
N LYS OA 22 -16.78 56.71 28.03
CA LYS OA 22 -15.50 56.07 28.35
C LYS OA 22 -15.53 55.37 29.69
N CYS OA 23 -15.96 56.05 30.75
CA CYS OA 23 -15.90 55.52 32.10
C CYS OA 23 -17.28 55.27 32.71
N TYR OA 24 -18.35 55.51 31.94
CA TYR OA 24 -19.74 55.21 32.30
C TYR OA 24 -20.21 55.93 33.56
N ALA OA 25 -19.63 57.10 33.84
CA ALA OA 25 -19.89 57.79 35.09
C ALA OA 25 -21.24 58.49 35.06
N ARG OA 26 -21.92 58.48 36.21
CA ARG OA 26 -23.21 59.14 36.37
C ARG OA 26 -22.96 60.62 36.63
N LEU OA 27 -23.47 61.47 35.74
CA LEU OA 27 -23.17 62.90 35.80
C LEU OA 27 -24.48 63.69 35.85
N HIS OA 28 -24.37 64.97 36.21
CA HIS OA 28 -25.52 65.85 36.27
C HIS OA 28 -26.04 66.14 34.86
N PRO OA 29 -27.34 66.40 34.69
CA PRO OA 29 -27.90 66.53 33.33
C PRO OA 29 -27.48 67.79 32.58
N ARG OA 30 -26.85 68.75 33.24
CA ARG OA 30 -26.34 69.94 32.55
C ARG OA 30 -24.88 69.83 32.17
N ALA OA 31 -24.34 68.61 32.08
CA ALA OA 31 -22.91 68.42 31.89
C ALA OA 31 -22.52 68.48 30.42
N VAL OA 32 -21.34 69.04 30.18
CA VAL OA 32 -20.70 68.97 28.88
C VAL OA 32 -19.36 68.27 28.92
N ASN OA 33 -18.77 68.09 30.10
CA ASN OA 33 -17.56 67.32 30.28
C ASN OA 33 -17.79 66.27 31.35
N CYS OA 34 -16.75 65.49 31.65
CA CYS OA 34 -16.81 64.50 32.71
C CYS OA 34 -15.85 64.86 33.84
N ARG OA 35 -16.20 64.42 35.05
CA ARG OA 35 -15.41 64.74 36.23
C ARG OA 35 -14.13 63.92 36.32
N LYS OA 36 -14.15 62.69 35.79
CA LYS OA 36 -13.17 61.69 36.17
C LYS OA 36 -11.84 61.89 35.46
N LYS OA 37 -10.76 61.73 36.23
CA LYS OA 37 -9.41 61.75 35.66
C LYS OA 37 -9.16 60.52 34.80
N LYS OA 38 -9.79 59.39 35.14
CA LYS OA 38 -9.55 58.11 34.48
C LYS OA 38 -10.04 58.08 33.04
N CYS OA 39 -10.95 58.98 32.65
CA CYS OA 39 -11.40 59.06 31.28
C CYS OA 39 -10.77 60.24 30.53
N GLY OA 40 -10.06 61.12 31.22
CA GLY OA 40 -9.43 62.25 30.57
C GLY OA 40 -10.36 63.35 30.13
N HIS OA 41 -11.52 63.48 30.80
CA HIS OA 41 -12.58 64.46 30.49
C HIS OA 41 -13.03 64.32 29.03
N THR OA 42 -13.60 63.15 28.73
CA THR OA 42 -13.73 62.67 27.36
C THR OA 42 -14.73 63.51 26.56
N ASN OA 43 -15.75 64.05 27.23
CA ASN OA 43 -16.88 64.85 26.75
C ASN OA 43 -17.77 64.12 25.75
N ASN OA 44 -17.58 62.82 25.55
CA ASN OA 44 -18.53 61.99 24.82
C ASN OA 44 -19.59 61.57 25.83
N LEU OA 45 -20.75 62.23 25.78
CA LEU OA 45 -21.79 62.04 26.77
C LEU OA 45 -23.07 61.61 26.08
N ARG OA 46 -23.92 60.94 26.85
CA ARG OA 46 -25.23 60.51 26.39
C ARG OA 46 -26.22 60.71 27.51
N PRO OA 47 -27.51 60.88 27.19
CA PRO OA 47 -28.52 60.85 28.26
C PRO OA 47 -28.67 59.44 28.81
N LYS OA 48 -29.07 59.36 30.08
CA LYS OA 48 -29.33 58.06 30.68
C LYS OA 48 -30.62 57.49 30.10
N LYS OA 49 -30.61 56.19 29.82
CA LYS OA 49 -31.70 55.55 29.08
C LYS OA 49 -32.96 55.50 29.95
N LYS OA 50 -34.01 56.16 29.48
CA LYS OA 50 -35.26 56.19 30.22
C LYS OA 50 -35.97 54.83 30.16
N VAL OA 51 -36.66 54.50 31.23
CA VAL OA 51 -37.36 53.22 31.33
C VAL OA 51 -38.61 53.27 30.46
N LYS OA 52 -38.95 52.14 29.85
CA LYS OA 52 -40.11 52.06 28.99
C LYS OA 52 -41.38 51.82 29.80
N ARG PA 1 -26.73 -26.20 -17.16
CA ARG PA 1 -26.47 -27.62 -16.92
C ARG PA 1 -26.39 -27.89 -15.42
N ALA PA 2 -27.07 -28.97 -15.00
CA ALA PA 2 -27.18 -29.27 -13.57
C ALA PA 2 -25.84 -29.67 -12.96
N LYS PA 3 -24.93 -30.20 -13.78
CA LYS PA 3 -23.61 -30.59 -13.28
C LYS PA 3 -22.79 -29.37 -12.88
N TRP PA 4 -22.70 -28.38 -13.77
CA TRP PA 4 -22.00 -27.15 -13.39
C TRP PA 4 -22.79 -26.29 -12.41
N ARG PA 5 -24.12 -26.43 -12.35
CA ARG PA 5 -24.84 -25.75 -11.27
C ARG PA 5 -24.50 -26.36 -9.91
N LYS PA 6 -24.35 -27.69 -9.85
CA LYS PA 6 -23.94 -28.32 -8.61
C LYS PA 6 -22.49 -27.97 -8.24
N LYS PA 7 -21.61 -27.86 -9.25
CA LYS PA 7 -20.22 -27.51 -8.96
C LYS PA 7 -20.09 -26.05 -8.55
N ARG PA 8 -20.89 -25.16 -9.15
CA ARG PA 8 -20.97 -23.77 -8.73
C ARG PA 8 -21.49 -23.66 -7.30
N MET PA 9 -22.50 -24.46 -6.96
CA MET PA 9 -23.00 -24.46 -5.59
C MET PA 9 -21.98 -25.04 -4.61
N ARG PA 10 -21.14 -25.98 -5.04
CA ARG PA 10 -20.08 -26.47 -4.17
C ARG PA 10 -19.01 -25.41 -3.92
N ARG PA 11 -18.65 -24.65 -4.95
CA ARG PA 11 -17.72 -23.53 -4.77
C ARG PA 11 -18.33 -22.45 -3.89
N LEU PA 12 -19.63 -22.20 -4.04
CA LEU PA 12 -20.31 -21.22 -3.20
C LEU PA 12 -20.41 -21.68 -1.75
N LYS PA 13 -20.58 -23.00 -1.53
CA LYS PA 13 -20.56 -23.55 -0.18
C LYS PA 13 -19.17 -23.42 0.43
N ARG PA 14 -18.12 -23.62 -0.37
CA ARG PA 14 -16.75 -23.43 0.13
C ARG PA 14 -16.51 -21.97 0.51
N LYS PA 15 -17.06 -21.04 -0.28
CA LYS PA 15 -16.95 -19.62 0.04
C LYS PA 15 -17.71 -19.27 1.32
N ARG PA 16 -18.90 -19.85 1.51
CA ARG PA 16 -19.67 -19.62 2.73
C ARG PA 16 -18.96 -20.20 3.96
N ARG PA 17 -18.36 -21.38 3.82
CA ARG PA 17 -17.62 -21.97 4.93
C ARG PA 17 -16.38 -21.17 5.27
N LYS PA 18 -15.71 -20.61 4.26
CA LYS PA 18 -14.54 -19.76 4.52
C LYS PA 18 -14.95 -18.46 5.20
N MET PA 19 -16.06 -17.84 4.76
CA MET PA 19 -16.52 -16.60 5.37
C MET PA 19 -17.10 -16.82 6.76
N ARG PA 20 -17.57 -18.03 7.08
CA ARG PA 20 -17.97 -18.31 8.45
C ARG PA 20 -16.76 -18.62 9.32
N GLN PA 21 -15.76 -19.31 8.76
CA GLN PA 21 -14.54 -19.66 9.49
C GLN PA 21 -13.67 -18.45 9.79
N ARG PA 22 -13.81 -17.38 8.99
CA ARG PA 22 -13.09 -16.13 9.30
C ARG PA 22 -13.52 -15.53 10.64
N SER PA 23 -14.79 -15.67 11.00
CA SER PA 23 -15.29 -15.13 12.25
C SER PA 23 -14.81 -15.94 13.45
N VAL QA 1 29.20 27.81 -41.48
CA VAL QA 1 29.59 28.94 -42.32
C VAL QA 1 29.86 28.46 -43.74
N ASN QA 2 30.29 29.37 -44.60
CA ASN QA 2 30.53 29.08 -46.01
C ASN QA 2 31.83 29.76 -46.42
N VAL QA 3 32.76 28.97 -46.97
CA VAL QA 3 33.98 29.48 -47.58
C VAL QA 3 34.09 28.87 -48.97
N PRO QA 4 34.74 29.53 -49.93
CA PRO QA 4 34.95 28.91 -51.24
C PRO QA 4 36.21 28.05 -51.25
N LYS QA 5 36.35 27.29 -52.33
CA LYS QA 5 37.52 26.43 -52.47
C LYS QA 5 38.72 27.15 -53.07
N THR QA 6 38.53 28.39 -53.53
CA THR QA 6 39.63 29.20 -54.04
C THR QA 6 39.68 30.52 -53.28
N ARG QA 7 40.89 31.03 -53.07
CA ARG QA 7 41.08 32.27 -52.31
C ARG QA 7 42.33 32.97 -52.82
N ARG QA 8 42.17 34.13 -53.44
CA ARG QA 8 43.30 34.94 -53.89
C ARG QA 8 43.85 35.65 -52.66
N THR QA 9 44.95 35.14 -52.12
CA THR QA 9 45.52 35.69 -50.89
C THR QA 9 47.04 35.54 -50.91
N PHE QA 10 47.68 35.95 -49.82
CA PHE QA 10 49.13 36.08 -49.79
C PHE QA 10 49.81 34.71 -49.69
N CYS QA 11 50.93 34.57 -50.37
CA CYS QA 11 51.77 33.38 -50.31
C CYS QA 11 53.13 33.74 -49.73
N LYS QA 12 53.62 32.89 -48.82
CA LYS QA 12 54.88 33.19 -48.13
C LYS QA 12 56.08 33.03 -49.04
N LYS QA 13 56.08 32.00 -49.89
CA LYS QA 13 57.24 31.73 -50.73
C LYS QA 13 57.34 32.69 -51.89
N CYS QA 14 56.22 33.00 -52.54
CA CYS QA 14 56.24 33.93 -53.67
C CYS QA 14 56.35 35.37 -53.21
N GLY QA 15 55.60 35.74 -52.18
CA GLY QA 15 55.56 37.11 -51.72
C GLY QA 15 54.49 37.96 -52.35
N LYS QA 16 53.53 37.37 -53.05
CA LYS QA 16 52.46 38.09 -53.70
C LYS QA 16 51.12 37.44 -53.39
N HIS QA 17 50.04 38.11 -53.77
CA HIS QA 17 48.71 37.54 -53.72
C HIS QA 17 48.49 36.64 -54.92
N GLN QA 18 48.34 35.35 -54.68
CA GLN QA 18 48.08 34.32 -55.67
C GLN QA 18 46.83 33.57 -55.26
N PRO QA 19 46.14 32.92 -56.21
CA PRO QA 19 45.02 32.06 -55.81
C PRO QA 19 45.50 30.79 -55.15
N HIS QA 20 44.95 30.49 -53.98
CA HIS QA 20 45.22 29.28 -53.23
C HIS QA 20 43.99 28.38 -53.24
N LYS QA 21 44.25 27.07 -53.25
CA LYS QA 21 43.21 26.05 -53.21
C LYS QA 21 42.87 25.79 -51.74
N VAL QA 22 41.60 25.92 -51.39
CA VAL QA 22 41.15 25.87 -50.01
C VAL QA 22 40.49 24.53 -49.75
N THR QA 23 40.92 23.86 -48.67
CA THR QA 23 40.29 22.64 -48.19
C THR QA 23 40.34 22.65 -46.66
N GLN QA 24 39.81 21.59 -46.05
CA GLN QA 24 39.67 21.53 -44.60
C GLN QA 24 40.77 20.65 -44.00
N TYR QA 25 41.34 21.11 -42.90
CA TYR QA 25 42.43 20.41 -42.21
C TYR QA 25 41.87 19.39 -41.22
N LYS QA 26 42.49 18.21 -41.21
CA LYS QA 26 42.15 17.15 -40.28
C LYS QA 26 43.42 16.65 -39.60
N LYS QA 27 43.24 16.01 -38.44
CA LYS QA 27 44.35 15.51 -37.66
C LYS QA 27 44.92 14.23 -38.30
N GLY QA 28 46.21 14.02 -38.12
CA GLY QA 28 46.88 12.85 -38.64
C GLY QA 28 47.09 11.77 -37.58
N LYS QA 29 47.70 10.67 -38.03
CA LYS QA 29 48.01 9.58 -37.12
C LYS QA 29 49.22 9.94 -36.25
N ASP QA 30 49.21 9.41 -35.02
CA ASP QA 30 50.24 9.75 -34.05
C ASP QA 30 51.58 9.04 -34.32
N SER QA 31 51.59 8.03 -35.20
CA SER QA 31 52.78 7.39 -35.78
C SER QA 31 53.63 6.59 -34.80
N LEU QA 32 53.31 6.65 -33.49
CA LEU QA 32 53.76 5.73 -32.45
C LEU QA 32 55.26 5.81 -32.13
N TYR QA 33 56.02 6.63 -32.87
CA TYR QA 33 57.46 6.72 -32.66
C TYR QA 33 57.90 8.16 -32.43
N ALA QA 34 57.03 8.99 -31.88
CA ALA QA 34 57.42 10.31 -31.43
C ALA QA 34 58.06 10.21 -30.05
N GLN QA 35 58.67 11.31 -29.59
CA GLN QA 35 59.41 11.29 -28.34
C GLN QA 35 58.48 11.16 -27.14
N GLY QA 36 57.46 12.02 -27.07
CA GLY QA 36 56.50 11.93 -25.99
C GLY QA 36 55.65 10.67 -26.06
N LYS QA 37 55.39 10.17 -27.27
CA LYS QA 37 54.64 8.94 -27.42
C LYS QA 37 55.43 7.73 -26.93
N ARG QA 38 56.73 7.67 -27.26
CA ARG QA 38 57.57 6.58 -26.76
C ARG QA 38 57.84 6.72 -25.26
N ARG QA 39 57.91 7.96 -24.76
CA ARG QA 39 58.02 8.18 -23.33
C ARG QA 39 56.78 7.70 -22.58
N TYR QA 40 55.59 7.99 -23.12
CA TYR QA 40 54.36 7.50 -22.52
C TYR QA 40 54.23 5.99 -22.64
N ASP QA 41 54.71 5.41 -23.75
CA ASP QA 41 54.67 3.96 -23.91
C ASP QA 41 55.57 3.26 -22.88
N ARG QA 42 56.77 3.79 -22.63
CA ARG QA 42 57.62 3.16 -21.64
C ARG QA 42 57.14 3.44 -20.22
N LYS QA 43 56.56 4.61 -19.97
CA LYS QA 43 56.04 4.91 -18.64
C LYS QA 43 54.77 4.11 -18.35
N GLN QA 44 54.03 3.74 -19.39
CA GLN QA 44 52.83 2.91 -19.22
C GLN QA 44 53.20 1.43 -19.15
N SER QA 45 54.27 1.01 -19.81
CA SER QA 45 54.72 -0.37 -19.73
C SER QA 45 55.25 -0.68 -18.33
N GLY QA 46 54.88 -1.84 -17.82
CA GLY QA 46 55.14 -2.17 -16.43
C GLY QA 46 53.89 -2.02 -15.59
N TYR QA 47 54.07 -2.26 -14.30
CA TYR QA 47 52.98 -2.04 -13.37
C TYR QA 47 52.96 -0.57 -12.93
N GLY QA 48 52.00 -0.21 -12.10
CA GLY QA 48 51.77 1.17 -11.73
C GLY QA 48 50.43 1.71 -12.15
N GLY QA 49 49.61 0.91 -12.81
CA GLY QA 49 48.33 1.38 -13.30
C GLY QA 49 48.50 2.29 -14.49
N GLN QA 50 48.04 3.53 -14.37
CA GLN QA 50 48.21 4.54 -15.41
C GLN QA 50 48.90 5.76 -14.82
N THR QA 51 49.86 6.29 -15.56
CA THR QA 51 50.76 7.32 -15.05
C THR QA 51 50.41 8.73 -15.49
N LYS QA 52 49.63 8.90 -16.55
CA LYS QA 52 49.31 10.23 -17.03
C LYS QA 52 47.79 10.42 -17.12
N PRO QA 53 47.30 11.64 -16.90
CA PRO QA 53 45.86 11.85 -16.74
C PRO QA 53 45.08 11.72 -18.04
N ILE QA 54 43.86 11.19 -17.92
CA ILE QA 54 42.87 11.17 -18.99
C ILE QA 54 41.89 12.30 -18.73
N PHE QA 55 41.87 13.29 -19.62
CA PHE QA 55 40.96 14.42 -19.45
C PHE QA 55 39.53 14.00 -19.78
N ARG QA 56 38.63 14.22 -18.83
CA ARG QA 56 37.23 13.82 -18.99
C ARG QA 56 36.32 14.93 -18.47
N LYS QA 57 36.58 16.17 -18.88
CA LYS QA 57 35.77 17.31 -18.49
C LYS QA 57 35.49 18.17 -19.72
N LYS QA 58 35.02 17.53 -20.79
CA LYS QA 58 34.79 18.21 -22.05
C LYS QA 58 33.64 19.19 -21.94
N ALA QA 59 33.88 20.44 -22.34
CA ALA QA 59 32.90 21.51 -22.23
C ALA QA 59 32.61 22.25 -23.53
N LYS QA 60 33.50 22.19 -24.52
CA LYS QA 60 33.24 22.85 -25.79
C LYS QA 60 32.22 22.06 -26.60
N THR QA 61 31.55 22.77 -27.52
CA THR QA 61 30.59 22.15 -28.40
C THR QA 61 31.05 22.10 -29.85
N THR QA 62 32.12 22.79 -30.20
CA THR QA 62 32.65 22.77 -31.56
C THR QA 62 34.15 23.08 -31.51
N LYS QA 63 34.77 23.11 -32.69
CA LYS QA 63 36.20 23.29 -32.83
C LYS QA 63 36.48 24.53 -33.67
N LYS QA 64 37.66 25.12 -33.48
CA LYS QA 64 38.16 26.13 -34.40
C LYS QA 64 38.57 25.44 -35.70
N ILE QA 65 37.84 25.71 -36.78
CA ILE QA 65 38.14 25.06 -38.05
C ILE QA 65 39.37 25.71 -38.68
N VAL QA 66 40.14 24.88 -39.39
CA VAL QA 66 41.41 25.28 -39.98
C VAL QA 66 41.33 25.00 -41.47
N LEU QA 67 41.58 26.03 -42.28
CA LEU QA 67 41.69 25.87 -43.72
C LEU QA 67 43.12 25.60 -44.10
N ARG QA 68 43.32 24.60 -44.96
CA ARG QA 68 44.62 24.24 -45.51
C ARG QA 68 44.72 24.90 -46.87
N LEU QA 69 45.42 26.03 -46.93
CA LEU QA 69 45.56 26.82 -48.14
C LEU QA 69 46.76 26.30 -48.92
N GLU QA 70 46.51 25.76 -50.11
CA GLU QA 70 47.53 25.17 -50.96
C GLU QA 70 47.60 25.98 -52.25
N CYS QA 71 48.82 26.34 -52.66
CA CYS QA 71 49.00 27.21 -53.81
C CYS QA 71 48.70 26.48 -55.11
N VAL QA 72 48.18 27.24 -56.08
CA VAL QA 72 47.78 26.66 -57.36
C VAL QA 72 48.94 26.69 -58.35
N GLU QA 73 49.74 27.76 -58.34
CA GLU QA 73 50.82 27.92 -59.30
C GLU QA 73 51.92 26.90 -59.04
N PRO QA 74 52.41 26.20 -60.06
CA PRO QA 74 53.47 25.21 -59.86
C PRO QA 74 54.81 25.88 -59.56
N ASN QA 75 55.77 25.02 -59.19
CA ASN QA 75 57.12 25.31 -58.70
C ASN QA 75 57.14 26.02 -57.35
N CYS QA 76 55.98 26.24 -56.72
CA CYS QA 76 55.91 26.79 -55.36
C CYS QA 76 55.32 25.78 -54.38
N ARG QA 77 54.08 25.34 -54.61
CA ARG QA 77 53.37 24.31 -53.85
C ARG QA 77 53.33 24.61 -52.35
N SER QA 78 53.12 25.87 -52.01
CA SER QA 78 53.17 26.29 -50.61
C SER QA 78 51.84 26.03 -49.93
N LYS QA 79 51.92 25.54 -48.69
CA LYS QA 79 50.75 25.26 -47.88
C LYS QA 79 50.80 26.10 -46.61
N ARG QA 80 49.61 26.43 -46.09
CA ARG QA 80 49.53 27.29 -44.91
C ARG QA 80 48.22 27.02 -44.18
N MET QA 81 48.29 26.94 -42.85
CA MET QA 81 47.10 26.79 -42.03
C MET QA 81 46.51 28.15 -41.71
N LEU QA 82 45.18 28.25 -41.73
CA LEU QA 82 44.49 29.48 -41.38
C LEU QA 82 43.28 29.13 -40.52
N ALA QA 83 43.28 29.58 -39.28
CA ALA QA 83 42.20 29.25 -38.36
C ALA QA 83 41.11 30.31 -38.40
N ILE QA 84 39.86 29.86 -38.42
CA ILE QA 84 38.70 30.75 -38.31
C ILE QA 84 38.02 30.42 -36.98
N LYS QA 85 37.10 31.28 -36.56
CA LYS QA 85 36.44 31.18 -35.26
C LYS QA 85 35.58 29.91 -35.14
N ARG QA 86 35.07 29.69 -33.93
CA ARG QA 86 34.37 28.46 -33.61
C ARG QA 86 32.99 28.44 -34.27
N CYS QA 87 32.72 27.39 -35.04
CA CYS QA 87 31.43 27.19 -35.68
C CYS QA 87 31.12 25.71 -35.71
N LYS QA 88 29.84 25.37 -35.60
CA LYS QA 88 29.41 23.99 -35.62
C LYS QA 88 28.76 23.59 -36.95
N HIS QA 89 28.76 24.48 -37.93
CA HIS QA 89 28.31 24.16 -39.27
C HIS QA 89 29.33 24.73 -40.26
N PHE QA 90 29.74 23.92 -41.22
CA PHE QA 90 30.85 24.30 -42.08
C PHE QA 90 30.77 23.54 -43.39
N GLU QA 91 31.07 24.23 -44.50
CA GLU QA 91 30.94 23.67 -45.84
C GLU QA 91 31.78 24.49 -46.80
N LEU QA 92 32.10 23.89 -47.95
CA LEU QA 92 32.86 24.55 -49.00
C LEU QA 92 32.07 24.50 -50.29
N GLY QA 93 31.99 25.64 -50.99
CA GLY QA 93 31.12 25.76 -52.15
C GLY QA 93 29.66 25.71 -51.80
N GLY QA 94 29.31 26.08 -50.58
CA GLY QA 94 28.01 25.82 -50.00
C GLY QA 94 26.93 26.85 -50.21
N ASP QA 95 26.34 26.91 -51.42
CA ASP QA 95 25.05 27.57 -51.65
C ASP QA 95 25.06 29.07 -51.37
N LYS QA 96 25.56 29.87 -52.32
CA LYS QA 96 25.95 31.27 -52.17
C LYS QA 96 24.84 32.25 -51.76
N LYS QA 97 23.65 31.73 -51.43
CA LYS QA 97 22.51 32.23 -50.65
C LYS QA 97 21.60 33.18 -51.43
N ARG QA 98 21.99 33.62 -52.64
CA ARG QA 98 21.09 34.06 -53.71
C ARG QA 98 20.19 35.23 -53.28
N LYS QA 99 20.84 36.38 -53.09
CA LYS QA 99 20.14 37.58 -52.64
C LYS QA 99 19.07 38.02 -53.64
N GLY QA 100 17.88 38.32 -53.12
CA GLY QA 100 16.73 38.63 -53.96
C GLY QA 100 15.96 37.39 -54.35
N GLN QA 101 15.51 36.63 -53.35
CA GLN QA 101 14.83 35.36 -53.60
C GLN QA 101 13.76 35.15 -52.54
N VAL QA 102 12.68 34.48 -52.94
CA VAL QA 102 11.58 34.17 -52.02
C VAL QA 102 12.05 33.11 -51.03
N ILE QA 103 11.81 33.36 -49.74
CA ILE QA 103 12.08 32.39 -48.69
C ILE QA 103 10.76 31.73 -48.32
N GLN QA 104 10.63 30.44 -48.59
CA GLN QA 104 9.43 29.70 -48.25
C GLN QA 104 9.78 28.46 -47.43
N ALA RA 1 -8.21 -46.95 19.09
CA ALA RA 1 -9.48 -46.78 19.79
C ALA RA 1 -9.41 -47.35 21.21
N LYS RA 2 -8.26 -47.94 21.54
CA LYS RA 2 -8.07 -48.49 22.88
C LYS RA 2 -7.84 -47.39 23.90
N ARG RA 3 -6.78 -46.60 23.73
CA ARG RA 3 -6.50 -45.46 24.57
C ARG RA 3 -6.57 -44.15 23.82
N THR RA 4 -5.95 -44.07 22.64
CA THR RA 4 -6.01 -42.90 21.78
C THR RA 4 -6.84 -43.21 20.54
N LYS RA 5 -7.27 -42.15 19.85
CA LYS RA 5 -8.15 -42.34 18.70
C LYS RA 5 -7.36 -42.75 17.46
N LYS RA 6 -6.45 -41.89 16.99
CA LYS RA 6 -5.77 -42.18 15.73
C LYS RA 6 -4.30 -41.77 15.69
N VAL RA 7 -3.68 -41.41 16.81
CA VAL RA 7 -2.27 -41.00 16.73
C VAL RA 7 -1.35 -42.21 16.77
N GLY RA 8 -1.66 -43.21 17.59
CA GLY RA 8 -0.86 -44.43 17.64
C GLY RA 8 0.55 -44.25 18.16
N ILE RA 9 1.54 -44.59 17.31
CA ILE RA 9 2.93 -44.61 17.74
C ILE RA 9 3.51 -43.20 17.86
N VAL RA 10 2.97 -42.22 17.13
CA VAL RA 10 3.53 -40.88 17.14
C VAL RA 10 2.85 -40.01 18.19
N GLY RA 11 2.12 -40.66 19.11
CA GLY RA 11 1.60 -39.96 20.27
C GLY RA 11 2.67 -39.56 21.28
N LYS RA 12 3.85 -40.16 21.19
CA LYS RA 12 4.98 -39.75 22.03
C LYS RA 12 5.54 -38.40 21.60
N TYR RA 13 5.26 -37.97 20.37
CA TYR RA 13 5.68 -36.65 19.90
C TYR RA 13 4.82 -35.53 20.45
N GLY RA 14 3.67 -35.86 21.03
CA GLY RA 14 2.84 -34.84 21.64
C GLY RA 14 2.07 -34.07 20.60
N THR RA 15 2.03 -32.74 20.78
CA THR RA 15 1.27 -31.84 19.93
C THR RA 15 2.11 -31.32 18.77
N ARG RA 16 3.43 -31.47 18.86
CA ARG RA 16 4.36 -30.82 17.96
C ARG RA 16 4.43 -31.53 16.61
N TYR RA 17 5.16 -30.89 15.69
CA TYR RA 17 5.73 -31.38 14.43
C TYR RA 17 4.72 -31.55 13.31
N GLY RA 18 3.44 -31.30 13.53
CA GLY RA 18 2.50 -31.31 12.43
C GLY RA 18 1.77 -32.60 12.19
N ALA RA 19 0.49 -32.49 11.81
CA ALA RA 19 -0.36 -33.66 11.66
C ALA RA 19 0.03 -34.51 10.47
N SER RA 20 0.29 -33.89 9.31
CA SER RA 20 0.64 -34.65 8.13
C SER RA 20 2.03 -35.26 8.25
N LEU RA 21 2.96 -34.56 8.93
CA LEU RA 21 4.28 -35.14 9.15
C LEU RA 21 4.22 -36.31 10.12
N ARG RA 22 3.43 -36.21 11.19
CA ARG RA 22 3.29 -37.35 12.10
C ARG RA 22 2.53 -38.50 11.47
N LYS RA 23 1.55 -38.21 10.61
CA LYS RA 23 0.85 -39.27 9.89
C LYS RA 23 1.78 -39.93 8.85
N MET RA 24 2.72 -39.17 8.30
CA MET RA 24 3.75 -39.74 7.44
C MET RA 24 4.67 -40.67 8.23
N VAL RA 25 5.13 -40.22 9.39
CA VAL RA 25 6.13 -40.98 10.16
C VAL RA 25 5.52 -42.14 10.94
N LYS RA 26 4.19 -42.19 11.08
CA LYS RA 26 3.51 -43.29 11.77
C LYS RA 26 3.83 -44.65 11.15
N LYS RA 27 3.76 -44.74 9.81
CA LYS RA 27 4.01 -46.00 9.13
C LYS RA 27 5.48 -46.43 9.22
N ILE RA 28 6.40 -45.46 9.14
CA ILE RA 28 7.82 -45.78 9.22
C ILE RA 28 8.21 -46.21 10.64
N GLU RA 29 7.61 -45.57 11.65
CA GLU RA 29 7.87 -45.98 13.04
C GLU RA 29 7.30 -47.37 13.33
N ILE RA 30 6.13 -47.69 12.77
CA ILE RA 30 5.57 -49.04 12.93
C ILE RA 30 6.44 -50.07 12.22
N SER RA 31 6.88 -49.77 10.99
CA SER RA 31 7.71 -50.70 10.23
C SER RA 31 9.12 -50.82 10.80
N GLN RA 32 9.57 -49.83 11.56
CA GLN RA 32 10.87 -49.89 12.22
C GLN RA 32 10.80 -50.70 13.51
N HIS RA 33 9.82 -50.40 14.35
CA HIS RA 33 9.78 -50.96 15.70
C HIS RA 33 9.08 -52.31 15.79
N ALA RA 34 8.70 -52.90 14.66
CA ALA RA 34 8.06 -54.21 14.70
C ALA RA 34 9.09 -55.31 14.48
N LYS RA 35 8.74 -56.51 14.91
CA LYS RA 35 9.57 -57.68 14.70
C LYS RA 35 9.07 -58.46 13.49
N TYR RA 36 9.99 -58.87 12.63
CA TYR RA 36 9.66 -59.59 11.41
C TYR RA 36 9.98 -61.07 11.59
N THR RA 37 9.26 -61.90 10.84
CA THR RA 37 9.51 -63.33 10.84
C THR RA 37 10.83 -63.63 10.14
N CYS RA 38 11.72 -64.35 10.82
CA CYS RA 38 13.02 -64.68 10.26
C CYS RA 38 12.88 -65.71 9.15
N SER RA 39 13.59 -65.48 8.05
CA SER RA 39 13.61 -66.38 6.91
C SER RA 39 14.65 -67.49 7.06
N PHE RA 40 15.24 -67.62 8.24
CA PHE RA 40 16.23 -68.66 8.51
C PHE RA 40 15.85 -69.57 9.67
N CYS RA 41 14.96 -69.15 10.55
CA CYS RA 41 14.49 -70.01 11.64
C CYS RA 41 12.98 -69.95 11.86
N GLY RA 42 12.25 -69.04 11.22
CA GLY RA 42 10.82 -68.97 11.38
C GLY RA 42 10.35 -68.29 12.64
N LYS RA 43 11.25 -67.63 13.37
CA LYS RA 43 10.91 -66.95 14.61
C LYS RA 43 10.71 -65.47 14.33
N THR RA 44 9.75 -64.86 15.03
CA THR RA 44 9.49 -63.43 14.88
C THR RA 44 10.43 -62.67 15.81
N LYS RA 45 11.71 -62.59 15.38
CA LYS RA 45 12.75 -61.98 16.20
C LYS RA 45 13.68 -61.07 15.41
N MET RA 46 13.32 -60.65 14.20
CA MET RA 46 14.12 -59.68 13.47
C MET RA 46 13.95 -58.30 14.09
N LYS RA 47 15.02 -57.77 14.64
CA LYS RA 47 15.02 -56.45 15.28
C LYS RA 47 16.03 -55.56 14.58
N ARG RA 48 15.67 -54.29 14.39
CA ARG RA 48 16.55 -53.35 13.74
C ARG RA 48 17.67 -52.95 14.69
N ARG RA 49 18.90 -53.32 14.35
CA ARG RA 49 20.06 -52.88 15.13
C ARG RA 49 20.39 -51.43 14.81
N ALA RA 50 20.71 -51.14 13.56
CA ALA RA 50 21.07 -49.80 13.11
C ALA RA 50 20.49 -49.62 11.72
N VAL RA 51 21.01 -48.63 11.00
CA VAL RA 51 20.50 -48.23 9.69
C VAL RA 51 20.83 -49.33 8.67
N GLY RA 52 19.81 -49.95 8.09
CA GLY RA 52 20.01 -50.91 7.04
C GLY RA 52 20.46 -52.28 7.47
N ILE RA 53 20.48 -52.56 8.77
CA ILE RA 53 20.97 -53.81 9.32
C ILE RA 53 19.95 -54.37 10.30
N TRP RA 54 19.50 -55.60 10.04
CA TRP RA 54 18.52 -56.30 10.86
C TRP RA 54 19.19 -57.51 11.49
N HIS RA 55 18.76 -57.88 12.69
CA HIS RA 55 19.44 -58.94 13.43
C HIS RA 55 18.40 -59.89 14.03
N CYS RA 56 18.67 -61.18 13.94
CA CYS RA 56 17.84 -62.19 14.58
C CYS RA 56 18.41 -62.51 15.95
N GLY RA 57 17.55 -62.50 16.96
CA GLY RA 57 18.01 -62.71 18.32
C GLY RA 57 18.21 -64.14 18.75
N SER RA 58 17.90 -65.12 17.88
CA SER RA 58 17.98 -66.51 18.25
C SER RA 58 19.12 -67.24 17.53
N CYS RA 59 19.13 -67.21 16.20
CA CYS RA 59 20.18 -67.86 15.43
C CYS RA 59 21.33 -66.91 15.09
N MET RA 60 21.21 -65.64 15.48
CA MET RA 60 22.23 -64.60 15.30
C MET RA 60 22.57 -64.38 13.82
N LYS RA 61 21.55 -64.45 12.97
CA LYS RA 61 21.70 -64.09 11.57
C LYS RA 61 21.53 -62.59 11.42
N THR RA 62 22.51 -61.95 10.80
CA THR RA 62 22.49 -60.51 10.60
C THR RA 62 22.36 -60.23 9.10
N VAL RA 63 21.26 -59.60 8.71
CA VAL RA 63 20.91 -59.42 7.31
C VAL RA 63 20.98 -57.93 6.99
N ALA RA 64 21.70 -57.59 5.92
CA ALA RA 64 21.70 -56.22 5.40
C ALA RA 64 20.42 -56.02 4.61
N GLY RA 65 19.50 -55.23 5.15
CA GLY RA 65 18.23 -54.98 4.50
C GLY RA 65 17.98 -53.51 4.26
N GLY RA 66 16.71 -53.12 4.21
CA GLY RA 66 16.36 -51.73 4.02
C GLY RA 66 16.55 -50.90 5.27
N ALA RA 67 16.45 -49.58 5.09
CA ALA RA 67 16.71 -48.65 6.18
C ALA RA 67 15.62 -48.71 7.25
N TRP RA 68 14.36 -48.80 6.83
CA TRP RA 68 13.23 -48.80 7.76
C TRP RA 68 12.42 -50.08 7.73
N THR RA 69 12.44 -50.82 6.64
CA THR RA 69 11.80 -52.13 6.54
C THR RA 69 12.86 -53.19 6.33
N TYR RA 70 12.45 -54.45 6.44
CA TYR RA 70 13.37 -55.55 6.22
C TYR RA 70 13.65 -55.73 4.73
N ASN RA 71 12.61 -55.99 3.95
CA ASN RA 71 12.71 -56.06 2.50
C ASN RA 71 11.94 -54.91 1.87
N THR RA 72 12.50 -54.37 0.79
CA THR RA 72 11.86 -53.30 0.04
C THR RA 72 11.41 -53.83 -1.32
N THR RA 73 10.42 -53.14 -1.90
CA THR RA 73 9.83 -53.55 -3.18
C THR RA 73 10.85 -53.46 -4.31
N SER RA 74 11.71 -52.45 -4.26
CA SER RA 74 12.78 -52.31 -5.25
C SER RA 74 13.76 -53.47 -5.15
N ALA RA 75 14.11 -53.88 -3.93
CA ALA RA 75 15.01 -55.02 -3.77
C ALA RA 75 14.37 -56.33 -4.20
N VAL RA 76 13.05 -56.47 -4.00
CA VAL RA 76 12.35 -57.67 -4.47
C VAL RA 76 12.34 -57.72 -6.00
N THR RA 77 12.10 -56.58 -6.66
CA THR RA 77 12.14 -56.54 -8.12
C THR RA 77 13.56 -56.77 -8.66
N VAL RA 78 14.58 -56.26 -7.96
CA VAL RA 78 15.95 -56.51 -8.36
C VAL RA 78 16.31 -57.98 -8.20
N LYS RA 79 15.86 -58.61 -7.11
CA LYS RA 79 16.11 -60.04 -6.90
C LYS RA 79 15.41 -60.89 -7.95
N SER RA 80 14.19 -60.50 -8.33
CA SER RA 80 13.48 -61.22 -9.40
C SER RA 80 14.16 -61.03 -10.75
N ALA RA 81 14.69 -59.84 -11.02
CA ALA RA 81 15.39 -59.60 -12.28
C ALA RA 81 16.70 -60.36 -12.34
N ILE RA 82 17.41 -60.46 -11.21
CA ILE RA 82 18.65 -61.24 -11.17
C ILE RA 82 18.35 -62.73 -11.31
N ARG RA 83 17.24 -63.19 -10.73
CA ARG RA 83 16.81 -64.58 -10.92
C ARG RA 83 16.48 -64.86 -12.38
N ARG RA 84 15.82 -63.91 -13.05
CA ARG RA 84 15.47 -64.07 -14.45
C ARG RA 84 16.70 -64.07 -15.34
N LEU RA 85 17.66 -63.18 -15.08
CA LEU RA 85 18.89 -63.15 -15.86
C LEU RA 85 19.77 -64.37 -15.61
N LYS RA 86 19.77 -64.88 -14.37
CA LYS RA 86 20.55 -66.09 -14.07
C LYS RA 86 19.95 -67.31 -14.74
N GLU RA 87 18.62 -67.45 -14.71
CA GLU RA 87 17.98 -68.56 -15.42
C GLU RA 87 18.10 -68.41 -16.94
N LEU RA 88 18.17 -67.16 -17.43
CA LEU RA 88 18.38 -66.93 -18.85
C LEU RA 88 19.79 -67.33 -19.27
N LYS RA 89 20.79 -67.04 -18.43
CA LYS RA 89 22.15 -67.45 -18.73
C LYS RA 89 22.32 -68.96 -18.60
N ASP RA 90 21.64 -69.58 -17.63
CA ASP RA 90 21.83 -71.00 -17.38
C ASP RA 90 21.06 -71.86 -18.39
N GLN RA 91 19.72 -71.71 -18.41
CA GLN RA 91 18.79 -72.52 -19.21
C GLN RA 91 18.96 -74.03 -19.05
N SER SA 1 103.15 55.55 17.50
CA SER SA 1 103.48 56.79 18.20
C SER SA 1 102.84 56.82 19.58
N ALA SA 2 101.90 57.75 19.78
CA ALA SA 2 101.21 57.90 21.05
C ALA SA 2 99.71 57.67 20.91
N HIS SA 3 99.07 58.30 19.93
CA HIS SA 3 97.64 58.10 19.70
C HIS SA 3 97.33 56.68 19.24
N LEU SA 4 98.26 56.06 18.49
CA LEU SA 4 98.10 54.68 18.05
C LEU SA 4 98.04 53.71 19.23
N GLN SA 5 99.05 53.78 20.10
CA GLN SA 5 99.05 52.92 21.26
C GLN SA 5 98.02 53.34 22.30
N TRP SA 6 97.53 54.58 22.27
CA TRP SA 6 96.37 54.90 23.10
C TRP SA 6 95.11 54.22 22.58
N MET SA 7 94.92 54.20 21.26
CA MET SA 7 93.81 53.47 20.66
C MET SA 7 93.89 51.97 20.94
N VAL SA 8 95.11 51.44 21.11
CA VAL SA 8 95.23 50.04 21.54
C VAL SA 8 94.89 49.90 23.02
N VAL SA 9 95.51 50.72 23.88
CA VAL SA 9 95.50 50.51 25.33
C VAL SA 9 94.15 50.87 25.96
N ARG SA 10 93.37 51.77 25.32
CA ARG SA 10 92.22 52.42 25.95
C ARG SA 10 91.12 51.49 26.42
N ASN SA 11 91.08 50.23 25.97
CA ASN SA 11 90.03 49.32 26.40
C ASN SA 11 90.54 47.95 26.85
N CYS SA 12 91.74 47.53 26.45
CA CYS SA 12 92.23 46.19 26.75
C CYS SA 12 93.60 46.25 27.44
N SER SA 13 93.72 47.12 28.43
CA SER SA 13 94.93 47.20 29.24
C SER SA 13 94.72 46.46 30.56
N SER SA 14 95.82 45.94 31.11
CA SER SA 14 95.76 45.21 32.37
C SER SA 14 95.53 46.11 33.56
N PHE SA 15 95.88 47.39 33.47
CA PHE SA 15 95.70 48.33 34.57
C PHE SA 15 94.34 49.01 34.56
N LEU SA 16 93.52 48.77 33.55
CA LEU SA 16 92.19 49.34 33.49
C LEU SA 16 91.30 48.69 34.54
N ILE SA 17 90.46 49.50 35.18
CA ILE SA 17 89.57 49.00 36.23
C ILE SA 17 88.19 49.67 36.13
N LYS SA 18 87.20 48.90 35.71
CA LYS SA 18 85.77 49.15 35.74
C LYS SA 18 85.25 48.84 37.14
N ARG SA 19 84.05 48.24 37.25
CA ARG SA 19 83.40 47.82 38.50
C ARG SA 19 82.89 49.02 39.32
N ASN SA 20 81.60 49.32 39.05
CA ASN SA 20 80.73 50.31 39.68
C ASN SA 20 80.98 51.72 39.16
N LYS SA 21 81.01 51.85 37.83
CA LYS SA 21 80.72 53.04 37.01
C LYS SA 21 81.84 54.05 36.95
N GLN SA 22 83.00 53.78 37.54
CA GLN SA 22 84.16 54.64 37.32
C GLN SA 22 85.30 53.83 36.73
N THR SA 23 85.90 54.36 35.68
CA THR SA 23 86.99 53.68 34.98
C THR SA 23 88.30 54.38 35.36
N TYR SA 24 89.10 53.72 36.18
CA TYR SA 24 90.40 54.22 36.58
C TYR SA 24 91.49 53.44 35.87
N SER SA 25 92.74 53.74 36.22
CA SER SA 25 93.90 53.10 35.60
C SER SA 25 95.01 53.05 36.64
N THR SA 26 95.56 51.86 36.87
CA THR SA 26 96.39 51.61 38.05
C THR SA 26 97.86 51.38 37.73
N GLU SA 27 98.35 51.95 36.63
CA GLU SA 27 99.76 51.81 36.33
C GLU SA 27 100.59 52.81 37.13
N PRO SA 28 101.88 52.54 37.34
CA PRO SA 28 102.76 53.58 37.87
C PRO SA 28 102.91 54.73 36.88
N ASN SA 29 103.27 55.89 37.45
CA ASN SA 29 103.38 57.18 36.76
C ASN SA 29 102.06 57.64 36.14
N ASN SA 30 100.94 57.15 36.67
CA ASN SA 30 99.61 57.69 36.36
C ASN SA 30 99.12 58.40 37.62
N LEU SA 31 99.39 59.69 37.68
CA LEU SA 31 98.82 60.52 38.73
C LEU SA 31 97.44 60.98 38.29
N LYS SA 32 96.54 61.12 39.28
CA LYS SA 32 95.08 61.35 39.24
C LYS SA 32 94.33 60.06 38.85
N ALA SA 33 95.07 59.03 38.42
CA ALA SA 33 94.59 57.66 38.19
C ALA SA 33 93.44 57.58 37.20
N ARG SA 34 93.37 58.51 36.24
CA ARG SA 34 92.31 58.49 35.25
C ARG SA 34 92.72 57.66 34.05
N ASN SA 35 91.72 57.07 33.40
CA ASN SA 35 91.93 56.37 32.13
C ASN SA 35 91.71 57.38 31.01
N SER SA 36 92.59 58.38 30.95
CA SER SA 36 92.45 59.49 30.02
C SER SA 36 93.71 59.59 29.17
N PHE SA 37 93.63 60.41 28.12
CA PHE SA 37 94.80 60.62 27.28
C PHE SA 37 95.76 61.63 27.90
N ARG SA 38 95.30 62.51 28.77
CA ARG SA 38 96.22 63.41 29.46
C ARG SA 38 96.97 62.67 30.56
N TYR SA 39 96.25 61.86 31.34
CA TYR SA 39 96.83 61.19 32.51
C TYR SA 39 97.15 59.74 32.19
N ASN SA 40 98.24 59.55 31.45
CA ASN SA 40 98.76 58.22 31.18
C ASN SA 40 100.26 58.37 30.94
N GLY SA 41 101.05 57.68 31.77
CA GLY SA 41 102.49 57.89 31.76
C GLY SA 41 103.28 56.87 30.98
N LEU SA 42 102.62 55.77 30.61
CA LEU SA 42 103.31 54.72 29.88
C LEU SA 42 103.52 55.09 28.40
N ILE SA 43 102.61 55.89 27.85
CA ILE SA 43 102.55 56.10 26.42
C ILE SA 43 103.45 57.26 25.98
N HIS SA 44 103.38 58.37 26.69
CA HIS SA 44 103.87 59.64 26.18
C HIS SA 44 105.40 59.72 26.22
N ARG SA 45 105.92 60.67 25.45
CA ARG SA 45 107.35 60.92 25.40
C ARG SA 45 107.84 61.57 26.69
N LYS SA 46 107.00 62.40 27.30
CA LYS SA 46 107.31 63.10 28.55
C LYS SA 46 106.33 62.64 29.61
N THR SA 47 106.86 62.22 30.76
CA THR SA 47 106.06 61.62 31.81
C THR SA 47 106.52 62.10 33.19
N VAL SA 48 105.57 62.63 33.95
CA VAL SA 48 105.76 63.04 35.34
C VAL SA 48 104.99 62.07 36.23
N GLY SA 49 105.67 61.47 37.18
CA GLY SA 49 105.02 60.65 38.19
C GLY SA 49 105.39 61.10 39.59
N VAL SA 50 104.44 60.98 40.50
CA VAL SA 50 104.64 61.35 41.90
C VAL SA 50 104.30 60.15 42.77
N GLU SA 51 105.27 59.69 43.55
CA GLU SA 51 105.06 58.53 44.40
C GLU SA 51 105.59 58.82 45.80
N PRO SA 52 105.08 58.12 46.82
CA PRO SA 52 105.70 58.21 48.15
C PRO SA 52 107.02 57.47 48.18
N ALA SA 53 107.88 57.90 49.10
CA ALA SA 53 109.20 57.28 49.24
C ALA SA 53 109.08 55.92 49.90
N ALA SA 54 110.09 55.08 49.66
CA ALA SA 54 110.12 53.75 50.24
C ALA SA 54 110.45 53.77 51.73
N ASP SA 55 111.20 54.77 52.18
CA ASP SA 55 111.55 54.85 53.60
C ASP SA 55 110.38 55.37 54.44
N GLY SA 56 109.45 56.11 53.82
CA GLY SA 56 108.30 56.64 54.51
C GLY SA 56 108.31 58.15 54.67
N LYS SA 57 109.46 58.79 54.48
CA LYS SA 57 109.58 60.24 54.63
C LYS SA 57 110.12 60.81 53.34
N GLY SA 58 109.32 61.66 52.70
CA GLY SA 58 109.68 62.28 51.43
C GLY SA 58 108.80 61.78 50.29
N VAL SA 59 108.99 62.44 49.15
CA VAL SA 59 108.23 62.16 47.93
C VAL SA 59 109.23 61.96 46.80
N VAL SA 60 109.11 60.83 46.08
CA VAL SA 60 109.92 60.62 44.90
C VAL SA 60 109.17 61.10 43.67
N VAL SA 61 109.89 61.77 42.79
CA VAL SA 61 109.38 62.31 41.54
C VAL SA 61 110.08 61.58 40.40
N VAL SA 62 109.30 61.06 39.46
CA VAL SA 62 109.80 60.24 38.37
C VAL SA 62 109.65 61.04 37.09
N MET SA 63 110.74 61.18 36.35
CA MET SA 63 110.80 61.95 35.12
C MET SA 63 111.21 61.02 33.98
N LYS SA 64 110.45 61.00 32.90
CA LYS SA 64 110.86 60.21 31.75
C LYS SA 64 111.98 60.94 31.01
N ARG SA 65 112.96 60.19 30.52
CA ARG SA 65 114.26 60.77 30.18
C ARG SA 65 114.30 61.35 28.77
N ARG SA 66 113.61 60.71 27.82
CA ARG SA 66 113.53 60.88 26.36
C ARG SA 66 114.79 60.34 25.67
N SER SA 67 115.86 60.01 26.40
CA SER SA 67 117.14 59.70 25.78
C SER SA 67 117.13 58.35 25.08
N GLY SA 68 116.23 57.47 25.49
CA GLY SA 68 116.05 56.22 24.78
C GLY SA 68 114.67 55.62 24.94
N GLN SA 69 114.01 55.35 23.82
CA GLN SA 69 112.84 54.47 23.85
C GLN SA 69 113.33 53.03 23.71
N ARG SA 70 112.39 52.08 23.81
CA ARG SA 70 112.61 50.63 23.78
C ARG SA 70 113.52 50.15 24.92
N LYS SA 71 113.74 50.97 25.95
CA LYS SA 71 114.70 50.66 27.02
C LYS SA 71 114.09 51.09 28.34
N PRO SA 72 113.27 50.24 28.97
CA PRO SA 72 112.55 50.68 30.18
C PRO SA 72 113.40 50.76 31.42
N ALA SA 73 114.64 50.24 31.42
CA ALA SA 73 115.48 50.33 32.60
C ALA SA 73 116.06 51.73 32.77
N THR SA 74 116.40 52.39 31.67
CA THR SA 74 116.95 53.74 31.68
C THR SA 74 115.95 54.76 31.15
N SER SA 75 114.67 54.40 31.06
CA SER SA 75 113.66 55.31 30.55
C SER SA 75 113.21 56.35 31.56
N TYR SA 76 113.41 56.09 32.85
CA TYR SA 76 112.94 56.97 33.91
C TYR SA 76 114.08 57.32 34.85
N VAL SA 77 113.97 58.48 35.49
CA VAL SA 77 114.90 58.90 36.52
C VAL SA 77 114.09 59.31 37.75
N ARG SA 78 114.55 58.89 38.93
CA ARG SA 78 113.85 59.13 40.17
C ARG SA 78 114.65 60.08 41.05
N THR SA 79 113.96 61.05 41.64
CA THR SA 79 114.56 61.94 42.61
C THR SA 79 113.73 61.93 43.89
N THR SA 80 114.35 62.27 45.00
CA THR SA 80 113.69 62.24 46.31
C THR SA 80 113.73 63.64 46.91
N ILE SA 81 112.56 64.14 47.29
CA ILE SA 81 112.43 65.45 47.92
C ILE SA 81 111.90 65.22 49.33
N ASN SA 82 112.70 65.60 50.33
CA ASN SA 82 112.33 65.53 51.74
C ASN SA 82 112.73 66.87 52.34
N LYS SA 83 111.83 67.85 52.29
CA LYS SA 83 112.13 69.20 52.74
C LYS SA 83 110.92 69.71 53.52
N ASN SA 84 110.85 71.03 53.72
CA ASN SA 84 109.85 71.65 54.58
C ASN SA 84 108.52 71.94 53.87
N ALA SA 85 108.25 71.21 52.78
CA ALA SA 85 107.00 71.03 52.04
C ALA SA 85 106.56 72.23 51.19
N ARG SA 86 107.01 73.42 51.55
CA ARG SA 86 106.79 74.55 50.66
C ARG SA 86 107.83 74.55 49.56
N ALA SA 87 109.08 74.26 49.93
CA ALA SA 87 110.11 73.99 48.94
C ALA SA 87 109.84 72.73 48.14
N THR SA 88 109.08 71.77 48.69
CA THR SA 88 108.71 70.59 47.91
C THR SA 88 107.72 70.94 46.80
N LEU SA 89 106.63 71.65 47.15
CA LEU SA 89 105.69 72.10 46.13
C LEU SA 89 106.34 73.05 45.14
N SER SA 90 107.21 73.94 45.61
CA SER SA 90 107.91 74.86 44.72
C SER SA 90 108.91 74.14 43.82
N SER SA 91 109.57 73.09 44.32
CA SER SA 91 110.54 72.37 43.52
C SER SA 91 109.87 71.56 42.43
N ILE SA 92 108.75 70.89 42.75
CA ILE SA 92 108.03 70.14 41.73
C ILE SA 92 107.38 71.08 40.72
N ARG SA 93 106.90 72.24 41.20
CA ARG SA 93 106.35 73.26 40.32
C ARG SA 93 107.41 73.81 39.36
N HIS SA 94 108.64 74.00 39.86
CA HIS SA 94 109.72 74.46 39.00
C HIS SA 94 110.17 73.38 38.03
N MET SA 95 110.16 72.11 38.46
CA MET SA 95 110.45 70.99 37.57
C MET SA 95 109.51 70.96 36.37
N ILE SA 96 108.21 71.13 36.63
CA ILE SA 96 107.27 71.01 35.52
C ILE SA 96 107.13 72.34 34.77
N ARG SA 97 107.54 73.45 35.39
CA ARG SA 97 107.38 74.76 34.74
C ARG SA 97 108.60 75.14 33.92
N LYS SA 98 109.77 75.23 34.56
CA LYS SA 98 110.93 75.85 33.93
C LYS SA 98 111.56 74.94 32.88
N ASN SA 99 111.39 73.64 33.00
CA ASN SA 99 111.94 72.70 32.04
C ASN SA 99 111.07 72.51 30.81
N LYS SA 100 109.91 73.19 30.76
CA LYS SA 100 108.90 73.05 29.70
C LYS SA 100 108.45 71.60 29.54
N TYR SA 101 108.36 70.88 30.66
CA TYR SA 101 108.21 69.44 30.64
C TYR SA 101 106.74 69.11 30.88
N HIS SA 102 105.94 69.20 29.81
CA HIS SA 102 104.53 68.84 29.70
C HIS SA 102 103.69 69.51 30.78
N PRO SA 103 103.40 70.82 30.67
CA PRO SA 103 102.81 71.56 31.80
C PRO SA 103 101.36 71.20 32.13
N ASP SA 104 100.76 70.23 31.46
CA ASP SA 104 99.40 69.81 31.79
C ASP SA 104 99.34 68.96 33.05
N LEU SA 105 100.43 68.32 33.42
CA LEU SA 105 100.51 67.48 34.61
C LEU SA 105 100.94 68.26 35.84
N ARG SA 106 101.10 69.59 35.72
CA ARG SA 106 101.81 70.39 36.71
C ARG SA 106 101.01 70.50 38.01
N MET SA 107 99.83 71.10 37.93
CA MET SA 107 99.05 71.35 39.13
C MET SA 107 98.50 70.05 39.72
N ALA SA 108 98.22 69.07 38.86
CA ALA SA 108 97.76 67.77 39.34
C ALA SA 108 98.87 67.01 40.06
N ALA SA 109 100.12 67.16 39.61
CA ALA SA 109 101.24 66.59 40.35
C ALA SA 109 101.47 67.32 41.66
N ILE SA 110 101.21 68.62 41.69
CA ILE SA 110 101.23 69.36 42.96
C ILE SA 110 100.17 68.83 43.93
N ARG SA 111 98.98 68.54 43.41
CA ARG SA 111 97.89 67.95 44.21
C ARG SA 111 98.30 66.60 44.79
N ARG SA 112 98.86 65.71 43.95
CA ARG SA 112 99.23 64.38 44.42
C ARG SA 112 100.40 64.45 45.39
N ALA SA 113 101.36 65.35 45.14
CA ALA SA 113 102.51 65.50 46.03
C ALA SA 113 102.08 65.99 47.40
N SER SA 114 101.21 67.01 47.47
CA SER SA 114 100.83 67.50 48.77
C SER SA 114 99.82 66.58 49.46
N ALA SA 115 99.12 65.74 48.71
CA ALA SA 115 98.30 64.72 49.35
C ALA SA 115 99.16 63.61 49.95
N ILE SA 116 100.28 63.26 49.30
CA ILE SA 116 101.23 62.34 49.92
C ILE SA 116 101.88 62.97 51.15
N LEU SA 117 102.11 64.29 51.11
CA LEU SA 117 102.58 65.04 52.27
C LEU SA 117 101.60 64.95 53.45
N ARG SA 118 100.29 65.10 53.19
CA ARG SA 118 99.34 64.89 54.27
C ARG SA 118 99.19 63.42 54.64
N SER SA 119 99.56 62.50 53.76
CA SER SA 119 99.53 61.08 54.09
C SER SA 119 100.65 60.69 55.04
N GLN SA 120 101.83 61.28 54.89
CA GLN SA 120 102.98 60.86 55.68
C GLN SA 120 103.12 61.62 57.00
N LYS SA 121 102.02 61.69 57.75
CA LYS SA 121 102.02 62.29 59.07
C LYS SA 121 101.03 61.54 59.96
N PRO SA 122 101.13 61.63 61.29
CA PRO SA 122 100.08 61.06 62.15
C PRO SA 122 98.75 61.78 61.94
N VAL SA 123 97.72 60.98 61.64
CA VAL SA 123 96.47 61.53 61.13
C VAL SA 123 95.46 61.77 62.27
N MET SA 124 95.47 60.95 63.31
CA MET SA 124 94.46 61.05 64.36
C MET SA 124 95.16 61.28 65.69
N VAL SA 125 94.37 61.27 66.76
CA VAL SA 125 94.89 61.49 68.11
C VAL SA 125 95.25 60.17 68.76
N ASP TA 1 -29.96 90.72 7.52
CA ASP TA 1 -30.29 90.31 8.88
C ASP TA 1 -29.63 91.27 9.88
N ARG TA 2 -30.41 91.65 10.90
CA ARG TA 2 -30.02 92.37 12.12
C ARG TA 2 -29.71 93.85 11.86
N ALA TA 3 -29.62 94.25 10.60
CA ALA TA 3 -29.56 95.66 10.21
C ALA TA 3 -30.73 96.07 9.33
N THR TA 4 -30.96 95.33 8.24
CA THR TA 4 -32.10 95.60 7.38
C THR TA 4 -33.42 95.29 8.08
N TRP TA 5 -33.43 94.31 8.98
CA TRP TA 5 -34.63 94.02 9.76
C TRP TA 5 -34.94 95.15 10.74
N LYS TA 6 -33.91 95.74 11.35
CA LYS TA 6 -34.13 96.87 12.25
C LYS TA 6 -34.56 98.12 11.48
N SER TA 7 -34.01 98.33 10.28
CA SER TA 7 -34.43 99.46 9.46
C SER TA 7 -35.87 99.30 8.98
N ASN TA 8 -36.25 98.06 8.62
CA ASN TA 8 -37.63 97.80 8.21
C ASN TA 8 -38.58 97.93 9.40
N TYR TA 9 -38.14 97.55 10.60
CA TYR TA 9 -38.96 97.69 11.79
C TYR TA 9 -39.16 99.16 12.14
N PHE TA 10 -38.11 99.98 11.94
CA PHE TA 10 -38.23 101.42 12.15
C PHE TA 10 -39.17 102.06 11.13
N LEU TA 11 -39.10 101.61 9.86
CA LEU TA 11 -40.02 102.11 8.84
C LEU TA 11 -41.45 101.71 9.14
N LYS TA 12 -41.65 100.49 9.67
CA LYS TA 12 -43.00 100.04 10.02
C LYS TA 12 -43.58 100.82 11.20
N ILE TA 13 -42.76 101.10 12.22
CA ILE TA 13 -43.30 101.84 13.37
C ILE TA 13 -43.54 103.31 13.01
N ILE TA 14 -42.70 103.90 12.14
CA ILE TA 14 -42.98 105.28 11.77
C ILE TA 14 -44.15 105.35 10.77
N GLN TA 15 -44.39 104.28 10.00
CA GLN TA 15 -45.55 104.24 9.12
C GLN TA 15 -46.84 104.08 9.92
N LEU TA 16 -46.81 103.25 10.96
CA LEU TA 16 -48.00 103.10 11.80
C LEU TA 16 -48.27 104.35 12.64
N LEU TA 17 -47.22 105.06 13.08
CA LEU TA 17 -47.43 106.32 13.78
C LEU TA 17 -47.93 107.42 12.84
N ASP TA 18 -47.54 107.37 11.55
CA ASP TA 18 -48.06 108.35 10.60
C ASP TA 18 -49.44 107.97 10.07
N ASP TA 19 -49.84 106.69 10.20
CA ASP TA 19 -51.13 106.25 9.71
C ASP TA 19 -52.21 106.37 10.78
N TYR TA 20 -52.01 105.72 11.93
CA TYR TA 20 -53.01 105.71 12.98
C TYR TA 20 -52.53 106.52 14.17
N PRO TA 21 -53.13 107.68 14.46
CA PRO TA 21 -52.68 108.50 15.59
C PRO TA 21 -53.16 108.01 16.94
N LYS TA 22 -54.07 107.04 16.99
CA LYS TA 22 -54.60 106.53 18.26
C LYS TA 22 -54.13 105.10 18.47
N CYS TA 23 -53.61 104.84 19.66
CA CYS TA 23 -53.02 103.54 19.99
C CYS TA 23 -53.47 103.10 21.38
N PHE TA 24 -53.60 101.78 21.53
CA PHE TA 24 -54.02 101.16 22.78
C PHE TA 24 -52.88 100.29 23.28
N ILE TA 25 -52.53 100.43 24.55
CA ILE TA 25 -51.46 99.66 25.19
C ILE TA 25 -52.14 98.52 25.94
N VAL TA 26 -52.07 97.32 25.38
CA VAL TA 26 -52.73 96.15 25.94
C VAL TA 26 -51.68 95.14 26.37
N GLY TA 27 -52.14 94.08 27.04
CA GLY TA 27 -51.25 93.04 27.51
C GLY TA 27 -51.03 91.97 26.45
N ALA TA 28 -49.77 91.54 26.33
CA ALA TA 28 -49.37 90.48 25.41
C ALA TA 28 -49.09 89.18 26.15
N ASP TA 29 -49.93 88.83 27.12
CA ASP TA 29 -49.69 87.73 28.04
C ASP TA 29 -49.96 86.36 27.41
N ASN TA 30 -50.10 85.34 28.27
CA ASN TA 30 -50.25 83.93 27.91
C ASN TA 30 -51.37 83.69 26.91
N VAL TA 31 -50.99 83.24 25.71
CA VAL TA 31 -51.91 83.16 24.57
C VAL TA 31 -51.33 82.15 23.59
N GLY TA 32 -52.19 81.57 22.75
CA GLY TA 32 -51.76 80.63 21.74
C GLY TA 32 -51.66 81.26 20.35
N SER TA 33 -51.10 80.48 19.43
CA SER TA 33 -50.90 80.96 18.06
C SER TA 33 -52.22 81.07 17.31
N LYS TA 34 -53.07 80.04 17.41
CA LYS TA 34 -54.41 80.10 16.83
C LYS TA 34 -55.26 81.16 17.52
N GLN TA 35 -55.02 81.40 18.81
CA GLN TA 35 -55.72 82.46 19.53
C GLN TA 35 -55.33 83.84 19.02
N MET TA 36 -54.02 84.06 18.78
CA MET TA 36 -53.57 85.32 18.17
C MET TA 36 -54.09 85.47 16.74
N GLN TA 37 -54.18 84.36 16.00
CA GLN TA 37 -54.76 84.44 14.66
C GLN TA 37 -56.25 84.79 14.70
N GLN TA 38 -56.98 84.32 15.72
CA GLN TA 38 -58.37 84.73 15.88
C GLN TA 38 -58.48 86.20 16.28
N ILE TA 39 -57.53 86.68 17.09
CA ILE TA 39 -57.50 88.11 17.44
C ILE TA 39 -57.23 88.97 16.21
N ARG TA 40 -56.33 88.52 15.33
CA ARG TA 40 -56.07 89.25 14.09
C ARG TA 40 -57.26 89.18 13.12
N MET TA 41 -57.93 88.03 13.05
CA MET TA 41 -59.12 87.92 12.19
C MET TA 41 -60.28 88.75 12.74
N SER TA 42 -60.32 88.98 14.05
CA SER TA 42 -61.29 89.92 14.60
C SER TA 42 -60.92 91.35 14.23
N LEU TA 43 -59.69 91.77 14.55
CA LEU TA 43 -59.22 93.10 14.22
C LEU TA 43 -58.45 93.13 12.89
N ARG TA 44 -59.08 92.59 11.85
CA ARG TA 44 -58.44 92.52 10.54
C ARG TA 44 -58.36 93.89 9.87
N GLY TA 45 -59.52 94.50 9.60
CA GLY TA 45 -59.56 95.68 8.77
C GLY TA 45 -59.19 96.98 9.46
N LYS TA 46 -59.73 97.19 10.66
CA LYS TA 46 -59.59 98.49 11.32
C LYS TA 46 -58.28 98.59 12.11
N ALA TA 47 -58.07 97.68 13.04
CA ALA TA 47 -56.97 97.79 13.97
C ALA TA 47 -55.72 97.04 13.48
N VAL TA 48 -54.57 97.48 13.98
CA VAL TA 48 -53.28 96.85 13.67
C VAL TA 48 -52.65 96.42 14.99
N VAL TA 49 -52.29 95.15 15.09
CA VAL TA 49 -51.72 94.56 16.30
C VAL TA 49 -50.21 94.50 16.13
N LEU TA 50 -49.47 94.94 17.16
CA LEU TA 50 -48.02 95.03 17.10
C LEU TA 50 -47.43 94.68 18.46
N MET TA 51 -46.21 94.16 18.43
CA MET TA 51 -45.45 93.81 19.63
C MET TA 51 -44.61 95.01 20.06
N GLY TA 52 -44.52 95.23 21.37
CA GLY TA 52 -43.62 96.25 21.90
C GLY TA 52 -42.30 95.64 22.36
N LYS TA 53 -41.23 96.39 22.20
CA LYS TA 53 -39.91 95.90 22.57
C LYS TA 53 -39.06 97.08 23.05
N ASN TA 54 -37.75 96.85 23.18
CA ASN TA 54 -36.87 97.90 23.69
C ASN TA 54 -36.56 98.98 22.66
N THR TA 55 -36.83 98.72 21.39
CA THR TA 55 -36.70 99.75 20.37
C THR TA 55 -38.00 100.54 20.18
N MET TA 56 -38.97 100.37 21.07
CA MET TA 56 -40.12 101.26 21.16
C MET TA 56 -39.81 102.55 21.88
N MET TA 57 -38.58 102.78 22.31
CA MET TA 57 -38.16 104.07 22.83
C MET TA 57 -37.59 104.94 21.71
N ARG TA 58 -38.33 105.01 20.61
CA ARG TA 58 -38.08 105.95 19.52
C ARG TA 58 -39.16 107.02 19.47
N LYS TA 59 -40.08 107.02 20.43
CA LYS TA 59 -41.04 108.11 20.57
C LYS TA 59 -40.36 109.38 21.06
N ALA TA 60 -39.22 109.26 21.74
CA ALA TA 60 -38.38 110.43 22.01
C ALA TA 60 -37.85 111.04 20.72
N ILE TA 61 -37.46 110.20 19.76
CA ILE TA 61 -37.03 110.70 18.46
C ILE TA 61 -38.21 111.27 17.68
N ARG TA 62 -39.39 110.65 17.85
CA ARG TA 62 -40.62 111.16 17.23
C ARG TA 62 -40.99 112.53 17.78
N GLY TA 63 -40.74 112.77 19.07
CA GLY TA 63 -40.94 114.08 19.64
C GLY TA 63 -39.84 115.06 19.29
N HIS TA 64 -38.61 114.57 19.08
CA HIS TA 64 -37.53 115.44 18.61
C HIS TA 64 -37.74 115.87 17.17
N LEU TA 65 -38.50 115.11 16.39
CA LEU TA 65 -38.64 115.39 14.96
C LEU TA 65 -39.73 116.44 14.68
N GLU TA 66 -39.65 117.56 15.42
CA GLU TA 66 -40.27 118.87 15.12
C GLU TA 66 -41.78 118.81 14.83
N ASN TA 67 -42.48 117.79 15.31
CA ASN TA 67 -43.87 117.63 14.93
C ASN TA 67 -44.83 117.66 16.13
N ASN TA 68 -44.61 116.81 17.13
CA ASN TA 68 -45.60 116.60 18.18
C ASN TA 68 -44.95 116.63 19.55
N PRO TA 69 -45.32 117.58 20.43
CA PRO TA 69 -44.86 117.52 21.82
C PRO TA 69 -45.75 116.62 22.67
N ALA TA 70 -45.48 116.60 23.98
CA ALA TA 70 -46.25 115.86 25.00
C ALA TA 70 -46.33 114.36 24.71
N LEU TA 71 -45.27 113.80 24.14
CA LEU TA 71 -45.16 112.37 23.90
C LEU TA 71 -44.34 111.67 24.98
N GLU TA 72 -43.95 112.40 26.03
CA GLU TA 72 -43.11 111.83 27.08
C GLU TA 72 -43.89 111.01 28.10
N LYS TA 73 -45.24 111.03 28.02
CA LYS TA 73 -46.04 110.21 28.91
C LYS TA 73 -45.93 108.73 28.55
N LEU TA 74 -45.82 108.42 27.25
CA LEU TA 74 -45.75 107.04 26.79
C LEU TA 74 -44.36 106.43 26.95
N LEU TA 75 -43.36 107.20 27.37
CA LEU TA 75 -41.99 106.72 27.45
C LEU TA 75 -41.70 105.86 28.69
N PRO TA 76 -42.10 106.21 29.94
CA PRO TA 76 -41.82 105.28 31.05
C PRO TA 76 -42.76 104.09 31.11
N HIS TA 77 -43.92 104.16 30.46
CA HIS TA 77 -44.97 103.15 30.63
C HIS TA 77 -44.80 101.93 29.74
N ILE TA 78 -43.64 101.74 29.12
CA ILE TA 78 -43.38 100.51 28.35
C ILE TA 78 -42.78 99.52 29.34
N ARG TA 79 -43.66 98.85 30.08
CA ARG TA 79 -43.25 97.88 31.09
C ARG TA 79 -44.12 96.64 30.95
N GLY TA 80 -43.57 95.50 31.35
CA GLY TA 80 -44.30 94.25 31.26
C GLY TA 80 -44.25 93.66 29.85
N ASN TA 81 -45.37 93.07 29.45
CA ASN TA 81 -45.51 92.43 28.14
C ASN TA 81 -46.49 93.28 27.33
N VAL TA 82 -45.97 94.03 26.36
CA VAL TA 82 -46.64 95.17 25.78
C VAL TA 82 -47.11 94.84 24.36
N GLY TA 83 -48.38 95.09 24.08
CA GLY TA 83 -48.87 95.08 22.72
C GLY TA 83 -49.53 96.41 22.38
N PHE TA 84 -49.33 96.83 21.14
CA PHE TA 84 -49.90 98.06 20.61
C PHE TA 84 -51.03 97.74 19.64
N VAL TA 85 -52.16 98.41 19.81
CA VAL TA 85 -53.32 98.28 18.94
C VAL TA 85 -53.54 99.65 18.32
N PHE TA 86 -53.13 99.83 17.07
CA PHE TA 86 -53.28 101.09 16.37
C PHE TA 86 -54.63 101.12 15.64
N THR TA 87 -55.42 102.17 15.89
CA THR TA 87 -56.74 102.28 15.28
C THR TA 87 -57.10 103.75 15.16
N LYS TA 88 -58.26 104.02 14.54
CA LYS TA 88 -58.70 105.37 14.26
C LYS TA 88 -60.16 105.64 14.59
N GLU TA 89 -61.03 104.62 14.65
CA GLU TA 89 -62.46 104.83 14.65
C GLU TA 89 -62.98 105.33 16.00
N ASP TA 90 -62.83 104.53 17.06
CA ASP TA 90 -63.45 104.85 18.33
C ASP TA 90 -62.62 104.24 19.45
N LEU TA 91 -62.81 104.75 20.67
CA LEU TA 91 -62.07 104.24 21.81
C LEU TA 91 -62.88 103.27 22.66
N THR TA 92 -64.11 103.62 23.05
CA THR TA 92 -64.86 102.79 23.96
C THR TA 92 -65.47 101.56 23.28
N GLU TA 93 -65.80 101.66 21.99
CA GLU TA 93 -66.34 100.51 21.28
C GLU TA 93 -65.26 99.46 21.03
N ILE TA 94 -64.05 99.89 20.66
CA ILE TA 94 -62.97 98.94 20.47
C ILE TA 94 -62.46 98.42 21.83
N ARG TA 95 -62.60 99.23 22.90
CA ARG TA 95 -62.31 98.72 24.24
C ARG TA 95 -63.31 97.65 24.65
N ASP TA 96 -64.60 97.83 24.33
CA ASP TA 96 -65.60 96.80 24.60
C ASP TA 96 -65.38 95.55 23.74
N MET TA 97 -64.89 95.72 22.50
CA MET TA 97 -64.58 94.57 21.67
C MET TA 97 -63.37 93.81 22.21
N LEU TA 98 -62.36 94.52 22.72
CA LEU TA 98 -61.22 93.84 23.34
C LEU TA 98 -61.60 93.19 24.67
N LEU TA 99 -62.63 93.73 25.34
CA LEU TA 99 -63.14 93.08 26.54
C LEU TA 99 -63.92 91.81 26.20
N ALA TA 100 -64.73 91.86 25.13
CA ALA TA 100 -65.51 90.71 24.69
C ALA TA 100 -64.70 89.73 23.86
N ASN TA 101 -63.43 90.03 23.57
CA ASN TA 101 -62.53 89.13 22.84
C ASN TA 101 -61.80 88.17 23.79
N LYS TA 102 -62.43 87.79 24.91
CA LYS TA 102 -61.83 86.90 25.88
C LYS TA 102 -61.70 85.48 25.31
N VAL TA 103 -60.74 84.75 25.87
CA VAL TA 103 -60.34 83.43 25.39
C VAL TA 103 -60.64 82.44 26.50
N PRO TA 104 -61.13 81.21 26.20
CA PRO TA 104 -61.25 80.18 27.27
C PRO TA 104 -59.93 79.86 27.95
N ALA TA 105 -58.91 79.42 27.19
CA ALA TA 105 -57.51 79.42 27.60
C ALA TA 105 -57.27 78.60 28.89
N ALA TA 106 -57.37 77.28 28.71
CA ALA TA 106 -57.30 76.29 29.79
C ALA TA 106 -56.14 76.54 30.75
N ALA TA 107 -56.46 76.46 32.04
CA ALA TA 107 -55.71 77.15 33.08
C ALA TA 107 -54.37 76.47 33.36
N ARG TA 108 -53.52 77.18 34.11
CA ARG TA 108 -52.22 76.72 34.53
C ARG TA 108 -52.16 76.73 36.05
N ALA TA 109 -51.23 75.95 36.60
CA ALA TA 109 -51.06 75.84 38.04
C ALA TA 109 -50.07 76.89 38.53
N GLY TA 110 -50.53 77.78 39.40
CA GLY TA 110 -49.65 78.79 39.98
C GLY TA 110 -50.14 80.21 39.79
N ALA TA 111 -51.14 80.41 38.94
CA ALA TA 111 -51.64 81.73 38.66
C ALA TA 111 -52.58 82.21 39.77
N ILE TA 112 -52.89 83.51 39.74
CA ILE TA 112 -53.79 84.10 40.72
C ILE TA 112 -55.23 83.84 40.30
N ALA TA 113 -56.17 84.05 41.22
CA ALA TA 113 -57.58 83.80 40.97
C ALA TA 113 -58.33 85.12 40.85
N PRO TA 114 -58.95 85.42 39.70
CA PRO TA 114 -59.68 86.68 39.57
C PRO TA 114 -61.04 86.64 40.27
N CYS TA 115 -61.69 85.49 40.28
CA CYS TA 115 -63.01 85.33 40.89
C CYS TA 115 -63.07 83.97 41.59
N GLU TA 116 -64.21 83.68 42.20
CA GLU TA 116 -64.43 82.39 42.84
C GLU TA 116 -64.80 81.34 41.80
N VAL TA 117 -64.41 80.10 42.06
CA VAL TA 117 -64.58 79.00 41.13
C VAL TA 117 -65.52 77.98 41.76
N THR TA 118 -66.63 77.69 41.07
CA THR TA 118 -67.59 76.70 41.50
C THR TA 118 -67.64 75.55 40.50
N VAL TA 119 -68.05 74.38 40.99
CA VAL TA 119 -68.16 73.18 40.16
C VAL TA 119 -69.62 72.76 40.07
N PRO TA 120 -70.24 72.85 38.89
CA PRO TA 120 -71.63 72.41 38.76
C PRO TA 120 -71.76 70.89 38.82
N ALA TA 121 -73.00 70.45 39.00
CA ALA TA 121 -73.31 69.02 39.08
C ALA TA 121 -73.35 68.46 37.66
N GLN TA 122 -72.19 67.98 37.20
CA GLN TA 122 -72.09 67.41 35.86
C GLN TA 122 -71.07 66.28 35.89
N ASN TA 123 -71.41 65.17 35.22
CA ASN TA 123 -70.56 64.00 35.21
C ASN TA 123 -69.30 64.24 34.37
N THR TA 124 -68.30 63.38 34.59
CA THR TA 124 -67.04 63.51 33.87
C THR TA 124 -67.13 63.00 32.44
N GLY TA 125 -68.16 62.24 32.10
CA GLY TA 125 -68.28 61.70 30.76
C GLY TA 125 -67.37 60.54 30.47
N LEU TA 126 -66.91 59.84 31.51
CA LEU TA 126 -65.99 58.71 31.33
C LEU TA 126 -66.54 57.47 32.02
N GLY TA 127 -65.71 56.42 32.09
CA GLY TA 127 -66.12 55.18 32.71
C GLY TA 127 -65.86 55.15 34.20
N PRO TA 128 -65.79 53.94 34.77
CA PRO TA 128 -65.45 53.82 36.21
C PRO TA 128 -63.95 53.83 36.46
N GLU TA 129 -63.34 55.01 36.33
CA GLU TA 129 -61.93 55.16 36.67
C GLU TA 129 -61.78 55.50 38.14
N LYS TA 130 -60.57 55.88 38.55
CA LYS TA 130 -60.27 56.13 39.96
C LYS TA 130 -60.86 57.46 40.39
N THR TA 131 -61.38 57.50 41.62
CA THR TA 131 -61.94 58.71 42.20
C THR TA 131 -61.08 59.29 43.30
N SER TA 132 -59.84 58.81 43.45
CA SER TA 132 -58.98 59.28 44.53
C SER TA 132 -58.51 60.71 44.30
N PHE TA 133 -58.25 61.09 43.04
CA PHE TA 133 -57.83 62.45 42.73
C PHE TA 133 -58.94 63.47 42.97
N PHE TA 134 -60.20 63.05 42.93
CA PHE TA 134 -61.31 63.94 43.24
C PHE TA 134 -61.71 63.91 44.70
N GLN TA 135 -61.50 62.78 45.38
CA GLN TA 135 -61.87 62.66 46.79
C GLN TA 135 -60.74 63.07 47.74
N ALA TA 136 -59.52 63.29 47.23
CA ALA TA 136 -58.46 63.76 48.11
C ALA TA 136 -58.60 65.23 48.46
N LEU TA 137 -59.33 66.00 47.64
CA LEU TA 137 -59.53 67.42 47.89
C LEU TA 137 -60.72 67.70 48.79
N GLY TA 138 -61.71 66.80 48.81
CA GLY TA 138 -62.90 67.01 49.63
C GLY TA 138 -64.12 67.27 48.78
N ILE TA 139 -64.19 66.66 47.60
CA ILE TA 139 -65.29 66.84 46.67
C ILE TA 139 -66.14 65.58 46.68
N THR TA 140 -67.45 65.74 46.87
CA THR TA 140 -68.38 64.62 46.94
C THR TA 140 -68.59 64.07 45.53
N THR TA 141 -67.83 63.03 45.19
CA THR TA 141 -67.94 62.37 43.89
C THR TA 141 -68.32 60.91 44.11
N LYS TA 142 -69.40 60.49 43.44
CA LYS TA 142 -69.90 59.13 43.53
C LYS TA 142 -69.86 58.48 42.16
N ILE TA 143 -70.09 57.17 42.14
CA ILE TA 143 -70.10 56.37 40.92
C ILE TA 143 -71.52 55.85 40.75
N SER TA 144 -72.28 56.48 39.86
CA SER TA 144 -73.65 56.08 39.54
C SER TA 144 -73.71 55.79 38.05
N ARG TA 145 -73.72 54.50 37.71
CA ARG TA 145 -73.74 53.98 36.33
C ARG TA 145 -72.55 54.51 35.53
N GLY TA 146 -71.38 54.07 35.96
CA GLY TA 146 -70.15 54.36 35.25
C GLY TA 146 -69.55 55.74 35.51
N THR TA 147 -70.30 56.78 35.15
CA THR TA 147 -69.77 58.14 35.18
C THR TA 147 -69.62 58.65 36.61
N ILE TA 148 -68.53 59.39 36.83
CA ILE TA 148 -68.24 59.98 38.13
C ILE TA 148 -69.07 61.26 38.26
N GLU TA 149 -70.01 61.28 39.20
CA GLU TA 149 -70.94 62.38 39.36
C GLU TA 149 -70.62 63.15 40.63
N ILE TA 150 -70.60 64.48 40.51
CA ILE TA 150 -70.41 65.37 41.65
C ILE TA 150 -71.78 65.65 42.25
N LEU TA 151 -71.94 65.36 43.54
CA LEU TA 151 -73.24 65.43 44.20
C LEU TA 151 -73.47 66.72 44.98
N SER TA 152 -72.50 67.61 45.02
CA SER TA 152 -72.66 68.85 45.78
C SER TA 152 -71.80 69.95 45.17
N ASP TA 153 -72.40 71.13 45.00
CA ASP TA 153 -71.67 72.29 44.49
C ASP TA 153 -70.73 72.82 45.56
N VAL TA 154 -69.43 72.58 45.38
CA VAL TA 154 -68.42 72.95 46.36
C VAL TA 154 -67.57 74.07 45.79
N GLN TA 155 -67.45 75.16 46.53
CA GLN TA 155 -66.58 76.27 46.16
C GLN TA 155 -65.14 75.90 46.51
N LEU TA 156 -64.31 75.69 45.49
CA LEU TA 156 -62.94 75.20 45.69
C LEU TA 156 -61.95 76.34 45.84
N ILE TA 157 -61.84 77.20 44.84
CA ILE TA 157 -60.83 78.25 44.78
C ILE TA 157 -61.53 79.59 44.99
N LYS TA 158 -61.09 80.32 46.02
CA LYS TA 158 -61.68 81.61 46.37
C LYS TA 158 -60.90 82.74 45.68
N THR TA 159 -61.23 83.97 46.03
CA THR TA 159 -60.56 85.14 45.47
C THR TA 159 -59.20 85.32 46.12
N GLY TA 160 -58.16 85.48 45.29
CA GLY TA 160 -56.82 85.68 45.79
C GLY TA 160 -56.17 84.44 46.37
N ASP TA 161 -56.67 83.26 46.05
CA ASP TA 161 -56.13 82.01 46.56
C ASP TA 161 -55.26 81.34 45.51
N LYS TA 162 -54.18 80.71 45.96
CA LYS TA 162 -53.27 80.05 45.04
C LYS TA 162 -53.87 78.75 44.52
N VAL TA 163 -53.64 78.48 43.24
CA VAL TA 163 -54.19 77.31 42.58
C VAL TA 163 -53.23 76.14 42.76
N GLY TA 164 -53.71 75.06 43.39
CA GLY TA 164 -52.89 73.89 43.58
C GLY TA 164 -52.77 73.05 42.33
N ALA TA 165 -51.76 72.17 42.34
CA ALA TA 165 -51.47 71.36 41.16
C ALA TA 165 -52.53 70.29 40.92
N SER TA 166 -52.96 69.62 42.00
CA SER TA 166 -53.97 68.56 41.86
C SER TA 166 -55.34 69.13 41.49
N GLU TA 167 -55.71 70.26 42.08
CA GLU TA 167 -56.98 70.89 41.72
C GLU TA 167 -56.93 71.48 40.31
N ALA TA 168 -55.75 71.96 39.88
CA ALA TA 168 -55.59 72.43 38.52
C ALA TA 168 -55.72 71.29 37.51
N THR TA 169 -55.14 70.12 37.83
CA THR TA 169 -55.25 68.97 36.93
C THR TA 169 -56.68 68.43 36.88
N LEU TA 170 -57.40 68.44 38.00
CA LEU TA 170 -58.78 67.97 37.94
C LEU TA 170 -59.68 68.98 37.24
N LEU TA 171 -59.37 70.29 37.31
CA LEU TA 171 -60.11 71.27 36.51
C LEU TA 171 -59.80 71.12 35.02
N ASN TA 172 -58.56 70.77 34.67
CA ASN TA 172 -58.27 70.50 33.26
C ASN TA 172 -58.91 69.20 32.78
N MET TA 173 -59.11 68.23 33.68
CA MET TA 173 -59.84 67.03 33.29
C MET TA 173 -61.34 67.28 33.18
N LEU TA 174 -61.89 68.18 34.01
CA LEU TA 174 -63.30 68.55 33.91
C LEU TA 174 -63.57 69.61 32.85
N ASN TA 175 -62.51 70.15 32.24
CA ASN TA 175 -62.58 71.09 31.10
C ASN TA 175 -63.34 72.38 31.47
N ILE TA 176 -62.93 72.97 32.59
CA ILE TA 176 -63.47 74.25 33.07
C ILE TA 176 -62.30 75.22 33.18
N SER TA 177 -62.37 76.33 32.44
CA SER TA 177 -61.30 77.32 32.40
C SER TA 177 -61.82 78.70 32.81
N PRO TA 178 -61.84 79.01 34.11
CA PRO TA 178 -62.18 80.38 34.53
C PRO TA 178 -60.98 81.30 34.68
N PHE TA 179 -59.76 80.76 34.60
CA PHE TA 179 -58.55 81.53 34.88
C PHE TA 179 -57.98 82.13 33.59
N SER TA 180 -58.77 83.01 32.98
CA SER TA 180 -58.34 83.67 31.75
C SER TA 180 -59.07 85.01 31.64
N PHE TA 181 -58.35 86.00 31.11
CA PHE TA 181 -58.94 87.30 30.83
C PHE TA 181 -58.58 87.73 29.41
N GLY TA 182 -57.47 87.22 28.89
CA GLY TA 182 -57.02 87.54 27.55
C GLY TA 182 -55.95 88.60 27.54
N LEU TA 183 -56.33 89.82 27.17
CA LEU TA 183 -55.42 90.96 27.15
C LEU TA 183 -55.86 92.01 28.17
N ILE TA 184 -54.89 92.59 28.86
CA ILE TA 184 -55.13 93.58 29.90
C ILE TA 184 -54.63 94.93 29.38
N ILE TA 185 -55.53 95.89 29.28
CA ILE TA 185 -55.19 97.23 28.82
C ILE TA 185 -54.70 98.06 30.00
N GLN TA 186 -53.71 98.91 29.75
CA GLN TA 186 -53.12 99.74 30.80
C GLN TA 186 -53.29 101.22 30.54
N GLN TA 187 -52.92 101.70 29.36
CA GLN TA 187 -52.96 103.13 29.05
C GLN TA 187 -53.64 103.33 27.71
N VAL TA 188 -54.50 104.34 27.62
CA VAL TA 188 -55.20 104.71 26.39
C VAL TA 188 -54.67 106.06 25.94
N PHE TA 189 -54.04 106.10 24.78
CA PHE TA 189 -53.50 107.33 24.20
C PHE TA 189 -54.47 107.83 23.13
N ASP TA 190 -54.99 109.04 23.33
CA ASP TA 190 -56.01 109.61 22.44
C ASP TA 190 -55.55 111.00 21.97
N ASN TA 191 -54.74 111.00 20.89
CA ASN TA 191 -54.34 112.22 20.16
C ASN TA 191 -53.63 113.23 21.06
N GLY TA 192 -52.87 112.74 22.04
CA GLY TA 192 -52.17 113.57 23.00
C GLY TA 192 -52.78 113.52 24.39
N SER TA 193 -54.08 113.23 24.50
CA SER TA 193 -54.74 113.13 25.78
C SER TA 193 -54.70 111.68 26.27
N ILE TA 194 -54.40 111.52 27.56
CA ILE TA 194 -54.25 110.21 28.18
C ILE TA 194 -55.40 110.03 29.16
N TYR TA 195 -56.20 108.99 28.95
CA TYR TA 195 -57.39 108.73 29.75
C TYR TA 195 -57.20 107.51 30.63
N ASN TA 196 -58.17 107.29 31.52
CA ASN TA 196 -58.13 106.17 32.44
C ASN TA 196 -59.03 105.06 31.91
N PRO TA 197 -58.51 103.84 31.69
CA PRO TA 197 -59.36 102.74 31.21
C PRO TA 197 -60.33 102.24 32.27
N GLU TA 198 -61.40 102.98 32.51
CA GLU TA 198 -62.41 102.57 33.48
C GLU TA 198 -63.71 102.18 32.78
N MET UA 1 -76.66 58.39 20.29
CA MET UA 1 -75.41 57.66 20.06
C MET UA 1 -74.35 57.47 21.20
N PRO UA 2 -74.42 58.15 22.35
CA PRO UA 2 -73.63 57.66 23.51
C PRO UA 2 -74.07 56.30 24.02
N PRO UA 3 -75.40 56.05 24.44
CA PRO UA 3 -75.65 54.84 25.26
C PRO UA 3 -75.43 53.49 24.57
N LYS UA 4 -76.19 53.15 23.54
CA LYS UA 4 -75.75 52.11 22.61
C LYS UA 4 -75.79 52.60 21.15
N PHE UA 5 -76.97 53.04 20.69
CA PHE UA 5 -77.15 53.48 19.30
C PHE UA 5 -78.41 54.33 19.25
N ASP UA 6 -78.26 55.65 19.22
CA ASP UA 6 -79.38 56.59 19.12
C ASP UA 6 -79.02 57.73 18.18
N PRO UA 7 -79.26 57.56 16.87
CA PRO UA 7 -79.01 58.66 15.92
C PRO UA 7 -80.08 59.74 16.03
N ASN UA 8 -79.68 60.89 16.56
CA ASN UA 8 -80.60 62.02 16.71
C ASN UA 8 -80.39 63.06 15.61
N GLU UA 9 -79.16 63.57 15.47
CA GLU UA 9 -78.85 64.60 14.49
C GLU UA 9 -77.45 64.39 13.91
N ILE UA 10 -77.17 63.15 13.47
CA ILE UA 10 -75.84 62.75 13.02
C ILE UA 10 -75.49 63.42 11.71
N LYS UA 11 -74.59 64.41 11.79
CA LYS UA 11 -74.04 65.10 10.63
C LYS UA 11 -72.54 65.29 10.82
N VAL UA 12 -71.87 64.21 11.23
CA VAL UA 12 -70.46 64.29 11.63
C VAL UA 12 -69.59 64.41 10.39
N VAL UA 13 -68.77 65.46 10.36
CA VAL UA 13 -67.86 65.74 9.24
C VAL UA 13 -66.44 65.64 9.77
N TYR UA 14 -65.65 64.75 9.19
CA TYR UA 14 -64.26 64.58 9.58
C TYR UA 14 -63.37 64.76 8.36
N LEU UA 15 -62.07 64.97 8.61
CA LEU UA 15 -61.11 65.15 7.54
C LEU UA 15 -60.63 63.79 7.04
N ARG UA 16 -60.60 63.64 5.71
CA ARG UA 16 -60.23 62.38 5.10
C ARG UA 16 -59.66 62.63 3.72
N CYS UA 17 -58.54 61.98 3.41
CA CYS UA 17 -57.89 62.08 2.11
C CYS UA 17 -57.86 60.69 1.46
N THR UA 18 -57.14 60.60 0.34
CA THR UA 18 -56.95 59.39 -0.47
C THR UA 18 -58.28 58.76 -0.90
N GLY UA 19 -59.02 59.53 -1.70
CA GLY UA 19 -60.31 59.08 -2.18
C GLY UA 19 -60.43 59.08 -3.70
N GLY UA 20 -59.29 59.04 -4.40
CA GLY UA 20 -59.30 59.01 -5.84
C GLY UA 20 -59.28 57.61 -6.40
N GLU UA 21 -58.38 56.77 -5.88
CA GLU UA 21 -58.28 55.37 -6.27
C GLU UA 21 -58.77 54.50 -5.12
N VAL UA 22 -59.40 53.37 -5.47
CA VAL UA 22 -59.96 52.49 -4.45
C VAL UA 22 -58.88 51.78 -3.66
N GLY UA 23 -57.69 51.62 -4.24
CA GLY UA 23 -56.56 51.03 -3.53
C GLY UA 23 -56.71 49.55 -3.26
N ALA UA 24 -55.94 49.09 -2.28
CA ALA UA 24 -55.99 47.69 -1.86
C ALA UA 24 -56.93 47.49 -0.68
N THR UA 25 -56.66 48.21 0.42
CA THR UA 25 -57.47 48.10 1.63
C THR UA 25 -58.32 49.33 1.92
N SER UA 26 -58.08 50.45 1.22
CA SER UA 26 -58.90 51.67 1.19
C SER UA 26 -58.94 52.46 2.49
N ALA UA 27 -58.28 51.96 3.55
CA ALA UA 27 -58.16 52.62 4.87
C ALA UA 27 -59.54 52.95 5.48
N LEU UA 28 -60.45 51.99 5.38
CA LEU UA 28 -61.81 52.17 5.89
C LEU UA 28 -62.20 51.16 6.95
N ALA UA 29 -61.45 50.06 7.06
CA ALA UA 29 -61.71 49.03 8.07
C ALA UA 29 -61.68 49.48 9.54
N PRO UA 30 -60.81 50.46 10.02
CA PRO UA 30 -60.91 50.84 11.45
C PRO UA 30 -62.19 51.54 11.87
N LYS UA 31 -62.21 51.95 13.15
CA LYS UA 31 -63.39 52.31 13.94
C LYS UA 31 -64.31 53.37 13.35
N ILE UA 32 -63.82 54.20 12.43
CA ILE UA 32 -64.65 55.20 11.79
C ILE UA 32 -65.66 54.53 10.85
N GLY UA 33 -65.28 53.40 10.25
CA GLY UA 33 -66.10 52.68 9.29
C GLY UA 33 -67.40 52.10 9.82
N PRO UA 34 -67.32 51.06 10.66
CA PRO UA 34 -68.56 50.39 11.10
C PRO UA 34 -69.38 51.18 12.11
N LEU UA 35 -68.83 52.24 12.71
CA LEU UA 35 -69.56 53.06 13.66
C LEU UA 35 -70.13 54.27 12.92
N GLY UA 36 -71.44 54.26 12.68
CA GLY UA 36 -72.09 55.37 12.01
C GLY UA 36 -72.91 54.97 10.79
N LEU UA 37 -73.26 53.68 10.71
CA LEU UA 37 -74.06 53.09 9.63
C LEU UA 37 -73.44 53.30 8.26
N SER UA 38 -72.11 53.23 8.17
CA SER UA 38 -71.43 53.39 6.90
C SER UA 38 -70.85 52.05 6.46
N PRO UA 39 -71.44 51.39 5.47
CA PRO UA 39 -70.87 50.13 4.99
C PRO UA 39 -69.62 50.37 4.16
N LYS UA 40 -68.90 49.28 3.89
CA LYS UA 40 -67.64 49.38 3.16
C LYS UA 40 -67.80 49.28 1.65
N LYS UA 41 -68.71 48.43 1.16
CA LYS UA 41 -68.85 48.25 -0.30
C LYS UA 41 -69.57 49.44 -0.93
N VAL UA 42 -70.71 49.84 -0.35
CA VAL UA 42 -71.44 50.99 -0.84
C VAL UA 42 -70.64 52.27 -0.62
N GLY UA 43 -69.89 52.34 0.49
CA GLY UA 43 -69.04 53.48 0.74
C GLY UA 43 -67.90 53.60 -0.25
N ASP UA 44 -67.29 52.48 -0.64
CA ASP UA 44 -66.23 52.49 -1.63
C ASP UA 44 -66.79 52.82 -3.02
N ASP UA 45 -68.02 52.36 -3.31
CA ASP UA 45 -68.63 52.68 -4.59
C ASP UA 45 -68.97 54.18 -4.70
N ILE UA 46 -69.50 54.77 -3.64
CA ILE UA 46 -69.81 56.19 -3.66
C ILE UA 46 -68.53 57.03 -3.63
N ALA UA 47 -67.49 56.55 -2.95
CA ALA UA 47 -66.19 57.24 -2.96
C ALA UA 47 -65.54 57.19 -4.33
N LYS UA 48 -65.71 56.08 -5.06
CA LYS UA 48 -65.22 56.01 -6.44
C LYS UA 48 -66.05 56.89 -7.36
N ALA UA 49 -67.36 56.97 -7.12
CA ALA UA 49 -68.21 57.83 -7.93
C ALA UA 49 -67.91 59.32 -7.71
N THR UA 50 -67.47 59.69 -6.52
CA THR UA 50 -67.01 61.06 -6.28
C THR UA 50 -65.58 61.27 -6.76
N GLY UA 51 -64.74 60.24 -6.72
CA GLY UA 51 -63.41 60.31 -7.28
C GLY UA 51 -63.37 59.69 -8.66
N ASP UA 52 -64.40 59.94 -9.45
CA ASP UA 52 -64.53 59.48 -10.82
C ASP UA 52 -63.71 60.38 -11.76
N TRP UA 53 -63.95 60.30 -13.08
CA TRP UA 53 -63.16 61.04 -14.06
C TRP UA 53 -63.28 62.54 -13.86
N LYS UA 54 -62.17 63.24 -14.15
CA LYS UA 54 -61.97 64.68 -13.92
C LYS UA 54 -62.27 65.06 -12.46
N GLY UA 55 -61.39 64.62 -11.54
CA GLY UA 55 -60.09 64.02 -11.81
C GLY UA 55 -59.86 62.72 -11.07
N LEU UA 56 -58.94 61.91 -11.58
CA LEU UA 56 -58.64 60.60 -11.01
C LEU UA 56 -57.44 60.63 -10.07
N ARG UA 57 -57.12 61.79 -9.49
CA ARG UA 57 -55.96 61.92 -8.63
C ARG UA 57 -56.41 62.05 -7.17
N ILE UA 58 -55.47 61.80 -6.25
CA ILE UA 58 -55.74 61.79 -4.82
C ILE UA 58 -56.13 63.19 -4.36
N THR UA 59 -57.35 63.32 -3.84
CA THR UA 59 -57.89 64.58 -3.33
C THR UA 59 -58.35 64.40 -1.90
N VAL UA 60 -58.89 65.48 -1.34
CA VAL UA 60 -59.43 65.50 0.02
C VAL UA 60 -60.94 65.33 -0.06
N LYS UA 61 -61.48 64.43 0.77
CA LYS UA 61 -62.91 64.11 0.77
C LYS UA 61 -63.46 64.35 2.17
N LEU UA 62 -64.32 65.36 2.32
CA LEU UA 62 -65.04 65.57 3.57
C LEU UA 62 -66.43 64.96 3.41
N THR UA 63 -66.83 64.14 4.38
CA THR UA 63 -67.98 63.26 4.23
C THR UA 63 -69.11 63.70 5.17
N ILE UA 64 -70.34 63.65 4.66
CA ILE UA 64 -71.55 63.93 5.42
C ILE UA 64 -72.44 62.69 5.35
N GLN UA 65 -72.79 62.14 6.50
CA GLN UA 65 -73.61 60.93 6.58
C GLN UA 65 -74.99 61.30 7.09
N ASN UA 66 -75.98 61.28 6.19
CA ASN UA 66 -77.38 61.44 6.57
C ASN UA 66 -78.06 60.09 6.80
N ARG UA 67 -77.42 59.25 7.62
CA ARG UA 67 -77.88 57.98 8.18
C ARG UA 67 -78.00 56.84 7.16
N GLN UA 68 -77.92 57.15 5.87
CA GLN UA 68 -77.97 56.11 4.83
C GLN UA 68 -76.96 56.30 3.70
N ALA UA 69 -76.48 57.51 3.45
CA ALA UA 69 -75.62 57.78 2.31
C ALA UA 69 -74.52 58.75 2.72
N GLN UA 70 -73.41 58.71 1.99
CA GLN UA 70 -72.24 59.53 2.27
C GLN UA 70 -72.08 60.54 1.13
N ILE UA 71 -72.16 61.81 1.46
CA ILE UA 71 -71.92 62.89 0.50
C ILE UA 71 -70.47 63.35 0.69
N GLU UA 72 -69.66 63.20 -0.36
CA GLU UA 72 -68.25 63.58 -0.32
C GLU UA 72 -68.08 64.90 -1.06
N VAL UA 73 -67.57 65.91 -0.36
CA VAL UA 73 -67.28 67.22 -0.93
C VAL UA 73 -65.76 67.39 -0.94
N VAL UA 74 -65.24 67.91 -2.04
CA VAL UA 74 -63.80 68.10 -2.22
C VAL UA 74 -63.48 69.57 -1.94
N PRO UA 75 -62.78 69.88 -0.86
CA PRO UA 75 -62.31 71.26 -0.67
C PRO UA 75 -61.17 71.58 -1.62
N SER UA 76 -61.24 72.78 -2.20
CA SER UA 76 -60.29 73.18 -3.24
C SER UA 76 -58.95 73.50 -2.60
N ALA UA 77 -58.00 72.59 -2.74
CA ALA UA 77 -56.61 72.83 -2.38
C ALA UA 77 -55.85 73.33 -3.61
N SER UA 78 -54.91 74.24 -3.38
CA SER UA 78 -54.22 74.90 -4.49
C SER UA 78 -53.31 73.93 -5.23
N ALA UA 79 -52.51 73.14 -4.50
CA ALA UA 79 -51.65 72.15 -5.14
C ALA UA 79 -52.46 71.05 -5.80
N LEU UA 80 -53.61 70.69 -5.23
CA LEU UA 80 -54.44 69.65 -5.83
C LEU UA 80 -55.11 70.15 -7.11
N ILE UA 81 -55.54 71.41 -7.15
CA ILE UA 81 -56.16 71.87 -8.40
C ILE UA 81 -55.08 72.17 -9.45
N ILE UA 82 -53.85 72.52 -9.05
CA ILE UA 82 -52.78 72.66 -10.03
C ILE UA 82 -52.39 71.31 -10.62
N LYS UA 83 -52.32 70.28 -9.77
CA LYS UA 83 -52.04 68.93 -10.29
C LYS UA 83 -53.22 68.33 -11.03
N ALA UA 84 -54.44 68.82 -10.81
CA ALA UA 84 -55.57 68.38 -11.61
C ALA UA 84 -55.61 69.09 -12.97
N LEU UA 85 -55.23 70.37 -13.01
CA LEU UA 85 -55.09 71.11 -14.26
C LEU UA 85 -53.84 70.72 -15.03
N LYS UA 86 -52.92 69.99 -14.41
CA LYS UA 86 -51.83 69.33 -15.13
C LYS UA 86 -52.40 68.34 -16.15
N GLU UA 87 -51.66 68.16 -17.24
CA GLU UA 87 -52.15 67.48 -18.45
C GLU UA 87 -52.48 66.02 -18.19
N PRO UA 88 -53.74 65.60 -18.38
CA PRO UA 88 -54.10 64.20 -18.16
C PRO UA 88 -53.81 63.36 -19.39
N PRO UA 89 -53.73 62.03 -19.25
CA PRO UA 89 -53.71 61.19 -18.04
C PRO UA 89 -52.32 60.69 -17.64
N ARG UA 90 -52.09 60.57 -16.33
CA ARG UA 90 -50.87 59.95 -15.79
C ARG UA 90 -51.19 59.34 -14.41
N ASP UA 91 -51.56 58.06 -14.42
CA ASP UA 91 -51.92 57.34 -13.20
C ASP UA 91 -50.97 56.17 -12.93
N ARG UA 92 -50.79 55.29 -13.91
CA ARG UA 92 -49.87 54.16 -13.90
C ARG UA 92 -49.72 53.79 -15.37
N LYS UA 93 -49.09 52.63 -15.65
CA LYS UA 93 -49.03 52.03 -16.98
C LYS UA 93 -48.37 52.93 -18.02
N LYS UA 94 -47.03 53.00 -17.97
CA LYS UA 94 -46.11 54.01 -18.53
C LYS UA 94 -46.17 55.30 -17.73
N GLN UA 95 -46.10 55.14 -16.39
CA GLN UA 95 -45.81 56.19 -15.42
C GLN UA 95 -44.29 56.34 -15.34
N LYS UA 96 -43.76 56.91 -14.26
CA LYS UA 96 -42.38 56.87 -13.76
C LYS UA 96 -41.49 57.88 -14.50
N ASN UA 97 -42.04 58.69 -15.41
CA ASN UA 97 -41.22 59.74 -16.04
C ASN UA 97 -41.83 61.17 -15.93
N ILE UA 98 -42.17 61.73 -14.74
CA ILE UA 98 -42.51 61.11 -13.45
C ILE UA 98 -43.90 61.62 -13.07
N LYS UA 99 -43.94 62.90 -12.65
CA LYS UA 99 -45.21 63.64 -12.50
C LYS UA 99 -45.06 65.12 -12.84
N HIS UA 100 -43.92 65.57 -13.34
CA HIS UA 100 -43.51 66.98 -13.25
C HIS UA 100 -43.20 67.56 -14.62
N SER UA 101 -44.14 67.40 -15.56
CA SER UA 101 -44.00 68.02 -16.87
C SER UA 101 -44.06 69.54 -16.77
N GLY UA 102 -45.19 70.08 -16.30
CA GLY UA 102 -45.30 71.49 -15.99
C GLY UA 102 -45.31 72.44 -17.18
N ASN UA 103 -46.38 72.42 -17.96
CA ASN UA 103 -46.53 73.31 -19.12
C ASN UA 103 -47.92 73.95 -19.12
N ILE UA 104 -48.32 74.49 -17.96
CA ILE UA 104 -49.65 75.03 -17.76
C ILE UA 104 -49.62 76.56 -17.65
N THR UA 105 -48.68 77.09 -16.86
CA THR UA 105 -48.40 78.52 -16.63
C THR UA 105 -49.55 79.29 -16.00
N PHE UA 106 -50.54 78.58 -15.44
CA PHE UA 106 -51.65 79.06 -14.57
C PHE UA 106 -52.27 80.39 -15.04
N ASP UA 107 -52.84 80.36 -16.24
CA ASP UA 107 -53.10 81.60 -16.97
C ASP UA 107 -54.28 82.40 -16.41
N GLU UA 108 -55.50 81.85 -16.48
CA GLU UA 108 -56.67 82.58 -16.04
C GLU UA 108 -57.57 81.74 -15.14
N ILE UA 109 -56.98 80.88 -14.32
CA ILE UA 109 -57.75 80.03 -13.41
C ILE UA 109 -57.49 80.38 -11.94
N VAL UA 110 -56.35 81.00 -11.64
CA VAL UA 110 -56.03 81.40 -10.26
C VAL UA 110 -56.94 82.52 -9.78
N ASN UA 111 -57.55 83.28 -10.69
CA ASN UA 111 -58.58 84.25 -10.32
C ASN UA 111 -59.79 83.56 -9.68
N ILE UA 112 -60.30 82.51 -10.34
CA ILE UA 112 -61.42 81.76 -9.79
C ILE UA 112 -60.99 80.97 -8.55
N ALA UA 113 -59.72 80.58 -8.48
CA ALA UA 113 -59.20 79.93 -7.28
C ALA UA 113 -59.19 80.88 -6.08
N ARG UA 114 -58.75 82.12 -6.29
CA ARG UA 114 -58.80 83.14 -5.24
C ARG UA 114 -60.24 83.52 -4.89
N GLN UA 115 -61.16 83.42 -5.85
CA GLN UA 115 -62.57 83.62 -5.53
C GLN UA 115 -63.11 82.48 -4.67
N MET UA 116 -62.67 81.25 -4.89
CA MET UA 116 -63.16 80.12 -4.11
C MET UA 116 -62.30 79.79 -2.89
N ARG UA 117 -61.32 80.64 -2.56
CA ARG UA 117 -60.66 80.52 -1.27
C ARG UA 117 -61.64 80.77 -0.14
N HIS UA 118 -61.59 79.91 0.88
CA HIS UA 118 -62.58 79.95 1.97
C HIS UA 118 -62.12 80.81 3.16
N ARG UA 119 -61.68 82.04 2.84
CA ARG UA 119 -61.34 83.09 3.81
C ARG UA 119 -60.22 82.66 4.77
N SER UA 120 -59.31 81.81 4.31
CA SER UA 120 -58.22 81.33 5.16
C SER UA 120 -56.99 82.23 4.99
N LEU UA 121 -55.85 81.79 5.53
CA LEU UA 121 -54.51 82.36 5.40
C LEU UA 121 -54.31 83.72 6.05
N ALA UA 122 -55.36 84.31 6.68
CA ALA UA 122 -55.30 85.60 7.39
C ALA UA 122 -54.79 86.72 6.48
N ARG UA 123 -55.56 87.00 5.43
CA ARG UA 123 -55.06 87.73 4.28
C ARG UA 123 -55.55 89.17 4.24
N GLU UA 124 -54.75 90.01 3.57
CA GLU UA 124 -55.15 91.32 3.08
C GLU UA 124 -55.68 91.15 1.66
N LEU UA 125 -55.71 92.25 0.88
CA LEU UA 125 -56.08 92.17 -0.53
C LEU UA 125 -55.13 91.25 -1.31
N SER UA 126 -55.55 90.91 -2.53
CA SER UA 126 -55.04 89.75 -3.27
C SER UA 126 -53.57 89.86 -3.69
N GLY UA 127 -52.92 90.99 -3.48
CA GLY UA 127 -51.50 91.11 -3.77
C GLY UA 127 -50.61 90.23 -2.92
N THR UA 128 -51.07 89.85 -1.73
CA THR UA 128 -50.34 88.88 -0.92
C THR UA 128 -50.71 87.45 -1.30
N ILE UA 129 -51.97 87.23 -1.70
CA ILE UA 129 -52.42 85.90 -2.08
C ILE UA 129 -51.74 85.46 -3.38
N LYS UA 130 -51.45 86.42 -4.27
CA LYS UA 130 -50.67 86.14 -5.48
C LYS UA 130 -49.28 85.62 -5.14
N GLU UA 131 -48.60 86.25 -4.18
CA GLU UA 131 -47.27 85.82 -3.80
C GLU UA 131 -47.29 84.53 -2.98
N ILE UA 132 -48.40 84.24 -2.31
CA ILE UA 132 -48.55 82.95 -1.66
C ILE UA 132 -48.71 81.84 -2.69
N LEU UA 133 -49.63 82.02 -3.64
CA LEU UA 133 -49.94 80.97 -4.61
C LEU UA 133 -48.87 80.83 -5.70
N GLY UA 134 -48.03 81.85 -5.90
CA GLY UA 134 -46.94 81.70 -6.84
C GLY UA 134 -45.75 80.94 -6.30
N THR UA 135 -45.68 80.77 -4.97
CA THR UA 135 -44.61 80.03 -4.33
C THR UA 135 -45.07 78.76 -3.65
N ALA UA 136 -46.38 78.55 -3.52
CA ALA UA 136 -46.88 77.32 -2.89
C ALA UA 136 -46.72 76.10 -3.79
N GLN UA 137 -46.87 76.26 -5.10
CA GLN UA 137 -46.70 75.15 -6.03
C GLN UA 137 -45.23 74.79 -6.18
N SER UA 138 -44.99 73.56 -6.68
CA SER UA 138 -43.62 73.06 -6.79
C SER UA 138 -43.37 72.28 -8.07
N VAL UA 139 -44.09 72.56 -9.16
CA VAL UA 139 -43.92 71.83 -10.42
C VAL UA 139 -43.12 72.63 -11.44
N GLY UA 140 -43.67 73.76 -11.89
CA GLY UA 140 -42.94 74.65 -12.79
C GLY UA 140 -42.81 76.04 -12.21
N CYS UA 141 -43.78 76.39 -11.35
CA CYS UA 141 -43.79 77.51 -10.41
C CYS UA 141 -43.95 78.89 -11.05
N ASN UA 142 -43.87 78.98 -12.37
CA ASN UA 142 -43.96 80.26 -13.09
C ASN UA 142 -44.16 79.92 -14.57
N VAL UA 143 -44.01 80.92 -15.43
CA VAL UA 143 -44.12 80.78 -16.88
C VAL UA 143 -42.87 80.03 -17.36
N ASP UA 144 -42.94 79.44 -18.56
CA ASP UA 144 -41.91 78.54 -19.09
C ASP UA 144 -40.52 79.17 -19.18
N GLY UA 145 -40.45 80.46 -19.48
CA GLY UA 145 -39.16 81.13 -19.58
C GLY UA 145 -38.90 82.14 -18.49
N ARG UA 146 -39.44 81.91 -17.30
CA ARG UA 146 -39.31 82.83 -16.18
C ARG UA 146 -38.90 82.07 -14.91
N HIS UA 147 -38.62 82.84 -13.86
CA HIS UA 147 -38.22 82.30 -12.57
C HIS UA 147 -39.13 82.88 -11.48
N PRO UA 148 -39.54 82.05 -10.51
CA PRO UA 148 -40.49 82.52 -9.49
C PRO UA 148 -39.88 83.30 -8.34
N HIS UA 149 -38.65 83.80 -8.47
CA HIS UA 149 -38.00 84.46 -7.33
C HIS UA 149 -38.32 85.95 -7.29
N ASP UA 150 -38.00 86.69 -8.35
CA ASP UA 150 -38.09 88.14 -8.34
C ASP UA 150 -39.00 88.68 -9.45
N ILE UA 151 -39.97 87.88 -9.89
CA ILE UA 151 -40.94 88.32 -10.88
C ILE UA 151 -42.35 88.40 -10.31
N ILE UA 152 -42.70 87.55 -9.34
CA ILE UA 152 -44.03 87.56 -8.72
C ILE UA 152 -44.23 88.81 -7.87
N ASP UA 153 -43.14 89.43 -7.39
CA ASP UA 153 -43.23 90.62 -6.55
C ASP UA 153 -43.76 91.85 -7.28
N ASP UA 154 -43.70 91.87 -8.61
CA ASP UA 154 -44.17 93.00 -9.40
C ASP UA 154 -45.33 92.54 -10.28
N ILE UA 155 -46.55 92.69 -9.77
CA ILE UA 155 -47.77 92.39 -10.50
C ILE UA 155 -48.65 93.63 -10.48
N ASN UA 156 -49.01 94.13 -11.66
CA ASN UA 156 -49.80 95.35 -11.80
C ASN UA 156 -51.19 95.06 -12.39
N SER UA 157 -51.78 93.94 -11.99
CA SER UA 157 -53.10 93.57 -12.48
C SER UA 157 -53.76 92.64 -11.46
N GLY UA 158 -55.08 92.53 -11.56
CA GLY UA 158 -55.82 91.61 -10.72
C GLY UA 158 -55.96 92.02 -9.27
N ALA UA 159 -56.16 93.30 -9.00
CA ALA UA 159 -56.33 93.77 -7.63
C ALA UA 159 -57.79 93.98 -7.24
N VAL UA 160 -58.67 94.13 -8.23
CA VAL UA 160 -60.07 94.43 -7.97
C VAL UA 160 -60.99 93.23 -8.26
N GLU UA 161 -60.73 92.49 -9.33
CA GLU UA 161 -61.64 91.42 -9.75
C GLU UA 161 -61.55 90.17 -8.89
N CYS UA 162 -60.49 90.01 -8.09
CA CYS UA 162 -60.34 88.80 -7.30
C CYS UA 162 -61.29 88.71 -6.10
N PRO UA 163 -61.60 89.81 -5.37
CA PRO UA 163 -62.72 89.60 -4.45
C PRO UA 163 -64.07 89.59 -5.15
N ASP VA 1 55.56 -3.97 48.11
CA ASP VA 1 54.59 -4.41 47.10
C ASP VA 1 54.71 -3.56 45.84
N PRO VA 2 54.30 -4.08 44.68
CA PRO VA 2 54.56 -3.38 43.43
C PRO VA 2 53.88 -2.02 43.37
N VAL VA 3 54.33 -1.20 42.44
CA VAL VA 3 53.74 0.13 42.30
C VAL VA 3 52.37 -0.02 41.66
N PRO VA 4 51.32 0.56 42.23
CA PRO VA 4 49.99 0.41 41.65
C PRO VA 4 49.90 1.10 40.32
N TYR VA 5 49.20 0.50 39.38
CA TYR VA 5 49.11 1.07 38.05
C TYR VA 5 48.03 2.15 38.03
N GLN VA 6 48.01 2.90 36.93
CA GLN VA 6 47.12 4.03 36.84
C GLN VA 6 45.67 3.57 36.74
N PRO VA 7 44.74 4.33 37.31
CA PRO VA 7 43.33 3.94 37.28
C PRO VA 7 42.88 3.69 35.86
N PRO VA 8 42.21 2.57 35.60
CA PRO VA 8 41.80 2.25 34.24
C PRO VA 8 40.93 3.33 33.63
N PHE VA 9 40.75 3.25 32.31
CA PHE VA 9 39.88 4.20 31.62
C PHE VA 9 38.47 3.66 31.61
N LEU VA 10 37.62 4.23 32.44
CA LEU VA 10 36.23 3.79 32.53
C LEU VA 10 35.42 4.36 31.36
N CYS VA 11 34.98 3.48 30.47
CA CYS VA 11 34.21 3.91 29.30
C CYS VA 11 32.81 4.28 29.79
N GLN VA 12 32.75 5.40 30.50
CA GLN VA 12 31.60 5.75 31.32
C GLN VA 12 30.62 6.64 30.57
N TRP VA 13 31.12 7.66 29.89
CA TRP VA 13 30.24 8.55 29.15
C TRP VA 13 30.40 8.31 27.67
N GLY VA 14 29.27 8.19 27.00
CA GLY VA 14 29.26 7.98 25.57
C GLY VA 14 27.85 7.71 25.09
N ARG VA 15 27.77 7.12 23.89
CA ARG VA 15 26.48 6.78 23.32
C ARG VA 15 25.71 5.82 24.20
N HIS VA 16 26.41 4.94 24.92
CA HIS VA 16 25.76 3.88 25.65
C HIS VA 16 25.11 4.36 26.95
N GLN VA 17 25.61 5.42 27.56
CA GLN VA 17 25.14 5.81 28.88
C GLN VA 17 23.99 6.80 28.78
N PRO VA 18 22.81 6.49 29.27
CA PRO VA 18 21.73 7.48 29.32
C PRO VA 18 21.70 8.35 30.57
N ALA VA 19 22.76 8.33 31.39
CA ALA VA 19 22.73 9.06 32.64
C ALA VA 19 22.82 10.56 32.47
N TRP VA 20 23.40 11.02 31.36
CA TRP VA 20 23.46 12.44 31.05
C TRP VA 20 23.81 12.53 29.58
N LYS VA 21 22.96 13.20 28.81
CA LYS VA 21 23.19 13.37 27.39
C LYS VA 21 23.08 14.85 27.04
N PRO VA 22 23.81 15.31 26.03
CA PRO VA 22 23.59 16.67 25.55
C PRO VA 22 22.52 16.67 24.47
N LEU VA 23 22.13 17.88 24.06
CA LEU VA 23 21.23 18.03 22.94
C LEU VA 23 21.80 17.35 21.70
N MET VA 24 20.98 16.58 20.98
CA MET VA 24 21.50 15.79 19.89
C MET VA 24 20.95 15.89 18.47
N SER ZA 1 -72.36 -89.89 -38.61
CA SER ZA 1 -70.93 -89.71 -38.40
C SER ZA 1 -70.50 -90.33 -37.08
N GLY ZA 2 -71.42 -90.37 -36.12
CA GLY ZA 2 -71.15 -90.98 -34.83
C GLY ZA 2 -71.63 -92.42 -34.76
N ALA ZA 3 -70.69 -93.36 -34.92
CA ALA ZA 3 -70.94 -94.80 -34.94
C ALA ZA 3 -72.00 -95.17 -35.98
N LEU ZA 4 -71.83 -94.63 -37.18
CA LEU ZA 4 -72.76 -94.82 -38.29
C LEU ZA 4 -72.07 -95.57 -39.41
N ASP ZA 5 -72.70 -96.65 -39.89
CA ASP ZA 5 -72.12 -97.46 -40.95
C ASP ZA 5 -72.18 -96.76 -42.31
N VAL ZA 6 -73.11 -95.82 -42.49
CA VAL ZA 6 -73.25 -95.12 -43.76
C VAL ZA 6 -72.09 -94.17 -43.99
N LEU ZA 7 -71.71 -93.42 -42.95
CA LEU ZA 7 -70.70 -92.37 -43.06
C LEU ZA 7 -69.32 -92.84 -42.61
N GLN ZA 8 -68.96 -94.09 -42.90
CA GLN ZA 8 -67.64 -94.62 -42.58
C GLN ZA 8 -66.61 -94.15 -43.61
N MET ZA 9 -65.39 -94.65 -43.47
CA MET ZA 9 -64.30 -94.29 -44.35
C MET ZA 9 -64.06 -95.37 -45.39
N LYS ZA 10 -63.91 -94.97 -46.64
CA LYS ZA 10 -63.92 -95.87 -47.78
C LYS ZA 10 -62.49 -96.21 -48.20
N GLU ZA 11 -62.32 -97.43 -48.73
CA GLU ZA 11 -61.01 -97.91 -49.17
C GLU ZA 11 -60.48 -97.10 -50.35
N GLU ZA 12 -61.35 -96.73 -51.28
CA GLU ZA 12 -60.94 -95.82 -52.35
C GLU ZA 12 -60.61 -94.43 -51.85
N ASP ZA 13 -61.27 -93.97 -50.78
CA ASP ZA 13 -60.89 -92.71 -50.15
C ASP ZA 13 -59.50 -92.80 -49.51
N VAL ZA 14 -59.18 -93.95 -48.92
CA VAL ZA 14 -57.84 -94.18 -48.39
C VAL ZA 14 -56.80 -94.16 -49.50
N LEU ZA 15 -57.11 -94.82 -50.63
CA LEU ZA 15 -56.20 -94.85 -51.77
C LEU ZA 15 -55.97 -93.46 -52.36
N LYS ZA 16 -57.03 -92.66 -52.46
CA LYS ZA 16 -56.88 -91.31 -53.00
C LYS ZA 16 -56.19 -90.37 -52.01
N PHE ZA 17 -56.38 -90.58 -50.70
CA PHE ZA 17 -55.62 -89.81 -49.70
C PHE ZA 17 -54.14 -90.13 -49.79
N LEU ZA 18 -53.78 -91.41 -49.95
CA LEU ZA 18 -52.38 -91.77 -50.08
C LEU ZA 18 -51.78 -91.34 -51.40
N ALA ZA 19 -52.58 -91.29 -52.46
CA ALA ZA 19 -52.07 -90.85 -53.75
C ALA ZA 19 -51.91 -89.33 -53.83
N ALA ZA 20 -52.79 -88.58 -53.17
CA ALA ZA 20 -52.65 -87.13 -53.14
C ALA ZA 20 -51.55 -86.69 -52.17
N GLY ZA 21 -51.49 -87.31 -51.00
CA GLY ZA 21 -50.50 -86.93 -50.01
C GLY ZA 21 -51.04 -85.92 -49.01
N THR ZA 22 -52.31 -86.07 -48.64
CA THR ZA 22 -52.93 -85.17 -47.68
C THR ZA 22 -52.45 -85.41 -46.27
N HIS ZA 23 -51.99 -86.63 -45.96
CA HIS ZA 23 -51.45 -86.92 -44.65
C HIS ZA 23 -50.06 -86.33 -44.45
N LEU ZA 24 -49.34 -86.07 -45.54
CA LEU ZA 24 -47.99 -85.51 -45.49
C LEU ZA 24 -48.10 -84.04 -45.12
N GLY ZA 25 -47.94 -83.71 -43.84
CA GLY ZA 25 -48.13 -82.34 -43.40
C GLY ZA 25 -46.94 -81.44 -43.66
N GLY ZA 26 -46.71 -80.50 -42.75
CA GLY ZA 26 -45.62 -79.55 -42.90
C GLY ZA 26 -44.43 -79.90 -42.02
N THR ZA 27 -43.39 -79.08 -42.15
CA THR ZA 27 -42.16 -79.33 -41.40
C THR ZA 27 -42.30 -78.88 -39.95
N ASN ZA 28 -42.77 -77.65 -39.73
CA ASN ZA 28 -42.89 -77.11 -38.38
C ASN ZA 28 -44.19 -77.58 -37.74
N LEU ZA 29 -44.46 -77.06 -36.54
CA LEU ZA 29 -45.58 -77.54 -35.74
C LEU ZA 29 -46.29 -76.34 -35.10
N ASP ZA 30 -47.62 -76.35 -35.15
CA ASP ZA 30 -48.44 -75.34 -34.51
C ASP ZA 30 -48.93 -75.86 -33.16
N PHE ZA 31 -49.14 -74.94 -32.21
CA PHE ZA 31 -49.51 -75.34 -30.87
C PHE ZA 31 -50.98 -75.77 -30.79
N GLN ZA 32 -51.82 -75.26 -31.69
CA GLN ZA 32 -53.21 -75.65 -31.73
C GLN ZA 32 -53.45 -76.92 -32.54
N MET ZA 33 -52.54 -77.27 -33.46
CA MET ZA 33 -52.72 -78.40 -34.35
C MET ZA 33 -52.06 -79.67 -33.82
N GLU ZA 34 -52.00 -79.83 -32.49
CA GLU ZA 34 -51.33 -80.99 -31.91
C GLU ZA 34 -52.24 -82.20 -31.83
N GLN ZA 35 -53.55 -82.00 -31.75
CA GLN ZA 35 -54.51 -83.08 -31.57
C GLN ZA 35 -55.00 -83.65 -32.90
N TYR ZA 36 -54.30 -83.38 -34.01
CA TYR ZA 36 -54.66 -83.94 -35.30
C TYR ZA 36 -53.46 -84.59 -35.97
N ILE ZA 37 -52.39 -84.87 -35.23
CA ILE ZA 37 -51.17 -85.49 -35.75
C ILE ZA 37 -50.85 -86.70 -34.90
N TYR ZA 38 -50.67 -87.85 -35.55
CA TYR ZA 38 -50.38 -89.08 -34.82
C TYR ZA 38 -48.90 -89.20 -34.49
N LYS ZA 39 -48.04 -89.14 -35.50
CA LYS ZA 39 -46.62 -89.41 -35.29
C LYS ZA 39 -45.79 -88.61 -36.29
N ARG ZA 40 -44.65 -88.09 -35.84
CA ARG ZA 40 -43.73 -87.39 -36.70
C ARG ZA 40 -42.81 -88.38 -37.41
N LYS ZA 41 -42.64 -88.20 -38.71
CA LYS ZA 41 -41.80 -89.09 -39.51
C LYS ZA 41 -40.32 -88.77 -39.32
N SER ZA 42 -39.51 -89.47 -40.11
CA SER ZA 42 -38.17 -88.99 -40.40
C SER ZA 42 -38.25 -87.83 -41.37
N ASP ZA 43 -37.17 -87.04 -41.43
CA ASP ZA 43 -37.00 -85.79 -42.19
C ASP ZA 43 -37.94 -84.69 -41.66
N GLY ZA 44 -38.56 -84.89 -40.49
CA GLY ZA 44 -39.30 -83.85 -39.79
C GLY ZA 44 -40.60 -83.40 -40.42
N ILE ZA 45 -41.38 -84.33 -40.99
CA ILE ZA 45 -42.67 -84.01 -41.59
C ILE ZA 45 -43.74 -84.83 -40.88
N TYR ZA 46 -44.81 -84.17 -40.45
CA TYR ZA 46 -45.81 -84.79 -39.61
C TYR ZA 46 -46.82 -85.59 -40.42
N ILE ZA 47 -47.52 -86.48 -39.72
CA ILE ZA 47 -48.57 -87.32 -40.30
C ILE ZA 47 -49.91 -86.83 -39.77
N ILE ZA 48 -50.73 -86.28 -40.66
CA ILE ZA 48 -52.10 -85.93 -40.30
C ILE ZA 48 -52.94 -87.20 -40.27
N ASN ZA 49 -53.69 -87.38 -39.19
CA ASN ZA 49 -54.54 -88.56 -39.04
C ASN ZA 49 -55.71 -88.47 -40.02
N LEU ZA 50 -55.79 -89.44 -40.94
CA LEU ZA 50 -56.77 -89.38 -42.02
C LEU ZA 50 -58.19 -89.65 -41.51
N LYS ZA 51 -58.34 -90.45 -40.46
CA LYS ZA 51 -59.67 -90.70 -39.91
C LYS ZA 51 -60.23 -89.45 -39.23
N ARG ZA 52 -59.40 -88.74 -38.47
CA ARG ZA 52 -59.85 -87.49 -37.87
C ARG ZA 52 -60.03 -86.39 -38.91
N THR ZA 53 -59.25 -86.45 -40.00
CA THR ZA 53 -59.49 -85.55 -41.13
C THR ZA 53 -60.86 -85.81 -41.75
N TRP ZA 54 -61.22 -87.09 -41.91
CA TRP ZA 54 -62.53 -87.44 -42.43
C TRP ZA 54 -63.64 -87.03 -41.47
N GLU ZA 55 -63.39 -87.12 -40.16
CA GLU ZA 55 -64.40 -86.68 -39.18
C GLU ZA 55 -64.61 -85.18 -39.22
N LYS ZA 56 -63.53 -84.40 -39.33
CA LYS ZA 56 -63.69 -82.96 -39.44
C LYS ZA 56 -64.31 -82.55 -40.77
N LEU ZA 57 -64.03 -83.32 -41.83
CA LEU ZA 57 -64.71 -83.09 -43.12
C LEU ZA 57 -66.19 -83.39 -43.01
N LEU ZA 58 -66.57 -84.43 -42.27
CA LEU ZA 58 -67.98 -84.74 -42.03
C LEU ZA 58 -68.66 -83.63 -41.24
N LEU ZA 59 -67.97 -83.08 -40.24
CA LEU ZA 59 -68.58 -82.01 -39.44
C LEU ZA 59 -68.71 -80.72 -40.24
N ALA ZA 60 -67.72 -80.41 -41.09
CA ALA ZA 60 -67.84 -79.26 -41.98
C ALA ZA 60 -68.92 -79.47 -43.03
N ALA ZA 61 -69.13 -80.71 -43.47
CA ALA ZA 61 -70.22 -81.01 -44.39
C ALA ZA 61 -71.58 -80.85 -43.70
N ARG ZA 62 -71.66 -81.21 -42.42
CA ARG ZA 62 -72.86 -80.90 -41.62
C ARG ZA 62 -73.11 -79.41 -41.57
N ALA ZA 63 -72.05 -78.63 -41.35
CA ALA ZA 63 -72.16 -77.17 -41.29
C ALA ZA 63 -72.57 -76.58 -42.64
N ILE ZA 64 -72.17 -77.21 -43.75
CA ILE ZA 64 -72.57 -76.72 -45.07
C ILE ZA 64 -74.03 -77.07 -45.35
N VAL ZA 65 -74.42 -78.32 -45.10
CA VAL ZA 65 -75.76 -78.78 -45.43
C VAL ZA 65 -76.81 -78.12 -44.52
N ALA ZA 66 -76.44 -77.78 -43.28
CA ALA ZA 66 -77.38 -77.13 -42.36
C ALA ZA 66 -77.76 -75.72 -42.81
N ILE ZA 67 -76.95 -75.07 -43.64
CA ILE ZA 67 -77.36 -73.80 -44.23
C ILE ZA 67 -78.38 -74.09 -45.33
N GLU ZA 68 -79.55 -73.46 -45.24
CA GLU ZA 68 -80.65 -73.77 -46.17
C GLU ZA 68 -80.39 -73.18 -47.55
N ASN ZA 69 -79.91 -71.93 -47.59
CA ASN ZA 69 -79.64 -71.27 -48.87
C ASN ZA 69 -78.21 -71.57 -49.31
N PRO ZA 70 -78.01 -72.19 -50.48
CA PRO ZA 70 -76.64 -72.41 -50.96
C PRO ZA 70 -76.04 -71.21 -51.68
N ALA ZA 71 -76.84 -70.20 -52.01
CA ALA ZA 71 -76.34 -69.08 -52.81
C ALA ZA 71 -75.48 -68.11 -52.00
N ASP ZA 72 -75.77 -67.95 -50.70
CA ASP ZA 72 -75.05 -67.02 -49.85
C ASP ZA 72 -73.97 -67.71 -49.02
N VAL ZA 73 -73.31 -68.71 -49.60
CA VAL ZA 73 -72.16 -69.37 -48.99
C VAL ZA 73 -70.93 -68.95 -49.79
N SER ZA 74 -70.08 -68.13 -49.18
CA SER ZA 74 -68.90 -67.63 -49.86
C SER ZA 74 -67.74 -68.61 -49.69
N VAL ZA 75 -67.13 -69.01 -50.80
CA VAL ZA 75 -66.01 -69.95 -50.79
C VAL ZA 75 -64.80 -69.21 -51.35
N ILE ZA 76 -63.75 -69.09 -50.54
CA ILE ZA 76 -62.70 -68.10 -50.74
C ILE ZA 76 -61.39 -68.80 -51.05
N SER ZA 77 -60.65 -68.29 -52.03
CA SER ZA 77 -59.28 -68.69 -52.28
C SER ZA 77 -58.53 -67.52 -52.90
N SER ZA 78 -57.35 -67.23 -52.37
CA SER ZA 78 -56.50 -66.16 -52.90
C SER ZA 78 -55.23 -66.66 -53.55
N ARG ZA 79 -54.72 -67.81 -53.12
CA ARG ZA 79 -53.57 -68.42 -53.79
C ARG ZA 79 -53.98 -69.00 -55.13
N ASN ZA 80 -52.99 -69.20 -56.00
CA ASN ZA 80 -53.24 -69.74 -57.33
C ASN ZA 80 -53.58 -71.22 -57.32
N THR ZA 81 -53.33 -71.91 -56.21
CA THR ZA 81 -53.61 -73.35 -56.15
C THR ZA 81 -55.10 -73.64 -56.12
N GLY ZA 82 -55.86 -72.85 -55.36
CA GLY ZA 82 -57.25 -73.16 -55.08
C GLY ZA 82 -58.30 -72.40 -55.87
N GLN ZA 83 -57.91 -71.58 -56.86
CA GLN ZA 83 -58.87 -70.74 -57.57
C GLN ZA 83 -59.83 -71.57 -58.43
N ARG ZA 84 -59.27 -72.45 -59.26
CA ARG ZA 84 -60.10 -73.34 -60.08
C ARG ZA 84 -60.91 -74.30 -59.21
N ALA ZA 85 -60.34 -74.73 -58.08
CA ALA ZA 85 -61.03 -75.63 -57.17
C ALA ZA 85 -62.26 -74.96 -56.56
N VAL ZA 86 -62.13 -73.73 -56.07
CA VAL ZA 86 -63.28 -73.07 -55.46
C VAL ZA 86 -64.27 -72.60 -56.52
N LEU ZA 87 -63.80 -72.31 -57.74
CA LEU ZA 87 -64.71 -71.93 -58.81
C LEU ZA 87 -65.57 -73.11 -59.26
N LYS ZA 88 -64.96 -74.29 -59.42
CA LYS ZA 88 -65.73 -75.46 -59.81
C LYS ZA 88 -66.55 -76.01 -58.64
N PHE ZA 89 -66.11 -75.80 -57.40
CA PHE ZA 89 -66.93 -76.14 -56.24
C PHE ZA 89 -68.18 -75.27 -56.17
N ALA ZA 90 -68.03 -73.97 -56.45
CA ALA ZA 90 -69.20 -73.09 -56.47
C ALA ZA 90 -70.11 -73.40 -57.65
N ALA ZA 91 -69.54 -73.79 -58.78
CA ALA ZA 91 -70.36 -74.16 -59.93
C ALA ZA 91 -71.09 -75.49 -59.72
N ALA ZA 92 -70.51 -76.38 -58.91
CA ALA ZA 92 -71.16 -77.67 -58.65
C ALA ZA 92 -72.16 -77.58 -57.51
N THR ZA 93 -71.94 -76.67 -56.55
CA THR ZA 93 -72.81 -76.58 -55.39
C THR ZA 93 -73.89 -75.51 -55.56
N GLY ZA 94 -73.49 -74.28 -55.86
CA GLY ZA 94 -74.41 -73.16 -55.89
C GLY ZA 94 -73.86 -72.03 -55.06
N ALA ZA 95 -72.63 -72.20 -54.58
CA ALA ZA 95 -71.96 -71.24 -53.72
C ALA ZA 95 -71.47 -70.04 -54.53
N THR ZA 96 -70.92 -69.05 -53.85
CA THR ZA 96 -70.37 -67.88 -54.51
C THR ZA 96 -68.85 -67.90 -54.37
N PRO ZA 97 -68.10 -67.89 -55.47
CA PRO ZA 97 -66.65 -68.06 -55.38
C PRO ZA 97 -65.89 -66.76 -55.28
N ILE ZA 98 -64.72 -66.84 -54.65
CA ILE ZA 98 -63.71 -65.79 -54.69
C ILE ZA 98 -62.41 -66.45 -55.15
N ALA ZA 99 -61.91 -66.01 -56.31
CA ALA ZA 99 -60.71 -66.55 -56.91
C ALA ZA 99 -59.76 -65.39 -57.21
N GLY ZA 100 -58.98 -65.01 -56.20
CA GLY ZA 100 -58.03 -63.91 -56.37
C GLY ZA 100 -58.66 -62.54 -56.24
N ARG ZA 101 -57.86 -61.57 -55.77
CA ARG ZA 101 -58.24 -60.17 -55.56
C ARG ZA 101 -59.43 -60.06 -54.60
N PHE ZA 102 -59.16 -60.44 -53.35
CA PHE ZA 102 -60.13 -60.24 -52.29
C PHE ZA 102 -60.06 -58.80 -51.82
N THR ZA 103 -61.11 -58.04 -52.08
CA THR ZA 103 -61.14 -56.64 -51.66
C THR ZA 103 -61.42 -56.55 -50.17
N PRO ZA 104 -60.57 -55.88 -49.39
CA PRO ZA 104 -60.86 -55.71 -47.96
C PRO ZA 104 -62.01 -54.73 -47.77
N GLY ZA 105 -63.11 -55.24 -47.20
CA GLY ZA 105 -64.30 -54.45 -47.01
C GLY ZA 105 -65.54 -54.93 -47.74
N THR ZA 106 -65.50 -56.13 -48.34
CA THR ZA 106 -66.68 -56.66 -49.00
C THR ZA 106 -67.74 -57.14 -48.01
N PHE ZA 107 -67.39 -57.29 -46.74
CA PHE ZA 107 -68.34 -57.68 -45.71
C PHE ZA 107 -68.74 -56.53 -44.79
N THR ZA 108 -68.08 -55.37 -44.90
CA THR ZA 108 -68.33 -54.26 -44.00
C THR ZA 108 -68.73 -52.96 -44.70
N ASN ZA 109 -68.31 -52.72 -45.94
CA ASN ZA 109 -68.58 -51.48 -46.64
C ASN ZA 109 -69.77 -51.68 -47.57
N GLN ZA 110 -70.88 -50.99 -47.28
CA GLN ZA 110 -72.10 -51.20 -48.05
C GLN ZA 110 -72.09 -50.48 -49.39
N ILE ZA 111 -71.34 -49.38 -49.50
CA ILE ZA 111 -71.35 -48.57 -50.72
C ILE ZA 111 -70.57 -49.27 -51.84
N GLN ZA 112 -69.71 -50.23 -51.50
CA GLN ZA 112 -69.01 -51.03 -52.49
C GLN ZA 112 -69.99 -51.87 -53.31
N THR ZA 113 -69.60 -52.13 -54.57
CA THR ZA 113 -70.47 -52.86 -55.47
C THR ZA 113 -70.51 -54.34 -55.11
N ALA ZA 114 -69.37 -54.90 -54.69
CA ALA ZA 114 -69.29 -56.31 -54.32
C ALA ZA 114 -69.52 -56.52 -52.83
N PHE ZA 115 -70.63 -55.98 -52.31
CA PHE ZA 115 -70.99 -56.16 -50.91
C PHE ZA 115 -71.90 -57.37 -50.76
N ARG ZA 116 -71.59 -58.23 -49.80
CA ARG ZA 116 -72.34 -59.44 -49.54
C ARG ZA 116 -72.41 -59.67 -48.04
N GLU ZA 117 -73.56 -60.17 -47.56
CA GLU ZA 117 -73.73 -60.59 -46.18
C GLU ZA 117 -74.02 -62.08 -46.19
N PRO ZA 118 -72.98 -62.93 -46.20
CA PRO ZA 118 -73.21 -64.36 -46.37
C PRO ZA 118 -73.61 -65.06 -45.07
N ARG ZA 119 -73.69 -66.39 -45.11
CA ARG ZA 119 -73.97 -67.19 -43.93
C ARG ZA 119 -72.86 -68.17 -43.58
N LEU ZA 120 -71.89 -68.39 -44.46
CA LEU ZA 120 -70.85 -69.38 -44.21
C LEU ZA 120 -69.64 -69.07 -45.08
N LEU ZA 121 -68.46 -69.16 -44.48
CA LEU ZA 121 -67.19 -68.93 -45.17
C LEU ZA 121 -66.37 -70.21 -45.17
N VAL ZA 122 -65.87 -70.60 -46.33
CA VAL ZA 122 -65.04 -71.79 -46.47
C VAL ZA 122 -63.68 -71.31 -46.97
N VAL ZA 123 -62.67 -71.38 -46.11
CA VAL ZA 123 -61.37 -70.76 -46.34
C VAL ZA 123 -60.38 -71.82 -46.82
N THR ZA 124 -59.67 -71.51 -47.91
CA THR ZA 124 -58.65 -72.42 -48.42
C THR ZA 124 -57.43 -72.45 -47.51
N ASP ZA 125 -56.82 -71.28 -47.27
CA ASP ZA 125 -55.59 -71.18 -46.48
C ASP ZA 125 -55.74 -70.07 -45.46
N PRO ZA 126 -55.36 -70.30 -44.19
CA PRO ZA 126 -55.52 -69.25 -43.17
C PRO ZA 126 -54.58 -68.07 -43.35
N ARG ZA 127 -53.30 -68.32 -43.65
CA ARG ZA 127 -52.35 -67.23 -43.83
C ARG ZA 127 -52.61 -66.47 -45.12
N ALA ZA 128 -53.20 -67.12 -46.12
CA ALA ZA 128 -53.55 -66.43 -47.35
C ALA ZA 128 -54.87 -65.68 -47.23
N ASP ZA 129 -55.78 -66.15 -46.39
CA ASP ZA 129 -57.06 -65.50 -46.20
C ASP ZA 129 -57.26 -65.09 -44.75
N HIS ZA 130 -56.23 -64.46 -44.16
CA HIS ZA 130 -56.38 -63.85 -42.85
C HIS ZA 130 -57.34 -62.67 -42.85
N GLN ZA 131 -57.50 -61.99 -43.99
CA GLN ZA 131 -58.40 -60.84 -44.08
C GLN ZA 131 -59.90 -61.22 -44.00
N PRO ZA 132 -60.40 -62.29 -44.64
CA PRO ZA 132 -61.78 -62.71 -44.33
C PRO ZA 132 -62.01 -63.12 -42.89
N LEU ZA 133 -60.97 -63.58 -42.19
CA LEU ZA 133 -61.08 -63.76 -40.74
C LEU ZA 133 -61.28 -62.43 -40.02
N THR ZA 134 -60.64 -61.37 -40.53
CA THR ZA 134 -60.81 -60.06 -39.90
C THR ZA 134 -62.20 -59.48 -40.17
N GLU ZA 135 -62.77 -59.73 -41.35
CA GLU ZA 135 -64.16 -59.30 -41.54
C GLU ZA 135 -65.15 -60.20 -40.82
N ALA ZA 136 -64.81 -61.48 -40.62
CA ALA ZA 136 -65.65 -62.38 -39.86
C ALA ZA 136 -65.53 -62.15 -38.35
N SER ZA 137 -64.52 -61.40 -37.91
CA SER ZA 137 -64.48 -60.98 -36.52
C SER ZA 137 -65.52 -59.90 -36.22
N TYR ZA 138 -66.01 -59.20 -37.25
CA TYR ZA 138 -66.98 -58.13 -37.05
C TYR ZA 138 -68.34 -58.45 -37.62
N VAL ZA 139 -68.45 -59.37 -38.57
CA VAL ZA 139 -69.74 -59.87 -39.05
C VAL ZA 139 -69.84 -61.32 -38.63
N ASN ZA 140 -71.00 -61.72 -38.12
CA ASN ZA 140 -71.17 -63.05 -37.52
C ASN ZA 140 -71.13 -64.12 -38.59
N LEU ZA 141 -69.93 -64.57 -38.93
CA LEU ZA 141 -69.70 -65.46 -40.07
C LEU ZA 141 -68.91 -66.67 -39.63
N PRO ZA 142 -69.49 -67.87 -39.65
CA PRO ZA 142 -68.71 -69.08 -39.35
C PRO ZA 142 -67.70 -69.38 -40.44
N THR ZA 143 -66.61 -70.03 -40.03
CA THR ZA 143 -65.44 -70.21 -40.89
C THR ZA 143 -65.07 -71.68 -40.95
N ILE ZA 144 -65.01 -72.20 -42.17
CA ILE ZA 144 -64.48 -73.53 -42.45
C ILE ZA 144 -63.10 -73.34 -43.08
N ALA ZA 145 -62.09 -74.04 -42.57
CA ALA ZA 145 -60.72 -73.79 -42.98
C ALA ZA 145 -60.00 -75.10 -43.28
N LEU ZA 146 -59.31 -75.13 -44.43
CA LEU ZA 146 -58.48 -76.28 -44.81
C LEU ZA 146 -57.07 -76.02 -44.28
N CYS ZA 147 -56.87 -76.33 -43.00
CA CYS ZA 147 -55.65 -75.96 -42.31
C CYS ZA 147 -54.54 -76.97 -42.55
N ASN ZA 148 -53.33 -76.59 -42.15
CA ASN ZA 148 -52.14 -77.42 -42.23
C ASN ZA 148 -51.63 -77.70 -40.83
N THR ZA 149 -50.50 -78.40 -40.73
CA THR ZA 149 -49.87 -78.64 -39.44
C THR ZA 149 -49.22 -77.38 -38.89
N ASP ZA 150 -48.86 -76.43 -39.77
CA ASP ZA 150 -48.25 -75.17 -39.38
C ASP ZA 150 -49.26 -74.03 -39.31
N SER ZA 151 -50.44 -74.20 -39.89
CA SER ZA 151 -51.42 -73.12 -39.93
C SER ZA 151 -52.04 -72.89 -38.56
N PRO ZA 152 -52.05 -71.66 -38.07
CA PRO ZA 152 -52.67 -71.40 -36.75
C PRO ZA 152 -54.18 -71.41 -36.85
N LEU ZA 153 -54.83 -71.53 -35.70
CA LEU ZA 153 -56.28 -71.55 -35.61
C LEU ZA 153 -56.85 -70.24 -35.08
N ARG ZA 154 -56.25 -69.11 -35.46
CA ARG ZA 154 -56.72 -67.80 -35.01
C ARG ZA 154 -57.91 -67.38 -35.85
N TYR ZA 155 -59.01 -67.00 -35.18
CA TYR ZA 155 -60.30 -66.56 -35.71
C TYR ZA 155 -61.03 -67.59 -36.55
N VAL ZA 156 -60.55 -68.83 -36.64
CA VAL ZA 156 -61.29 -69.85 -37.36
C VAL ZA 156 -62.38 -70.42 -36.47
N ASP ZA 157 -63.26 -71.18 -37.06
CA ASP ZA 157 -64.43 -71.69 -36.34
C ASP ZA 157 -64.56 -73.20 -36.43
N ILE ZA 158 -64.21 -73.79 -37.56
CA ILE ZA 158 -64.03 -75.23 -37.67
C ILE ZA 158 -62.94 -75.46 -38.72
N ALA ZA 159 -62.12 -76.48 -38.52
CA ALA ZA 159 -60.95 -76.68 -39.35
C ALA ZA 159 -60.83 -78.13 -39.81
N ILE ZA 160 -60.24 -78.32 -40.98
CA ILE ZA 160 -59.96 -79.65 -41.52
C ILE ZA 160 -58.46 -79.74 -41.76
N PRO ZA 161 -57.73 -80.55 -40.99
CA PRO ZA 161 -56.27 -80.62 -41.17
C PRO ZA 161 -55.86 -81.35 -42.45
N CYS ZA 162 -55.20 -80.63 -43.35
CA CYS ZA 162 -54.83 -81.17 -44.66
C CYS ZA 162 -53.45 -80.63 -45.04
N ASN ZA 163 -53.06 -80.89 -46.27
CA ASN ZA 163 -51.83 -80.36 -46.85
C ASN ZA 163 -52.24 -79.25 -47.81
N ASN ZA 164 -52.06 -78.00 -47.38
CA ASN ZA 164 -52.49 -76.85 -48.17
C ASN ZA 164 -51.46 -76.40 -49.20
N LYS ZA 165 -50.39 -77.17 -49.41
CA LYS ZA 165 -49.35 -76.83 -50.37
C LYS ZA 165 -49.42 -77.64 -51.65
N GLY ZA 166 -49.70 -78.94 -51.54
CA GLY ZA 166 -49.75 -79.78 -52.72
C GLY ZA 166 -51.01 -79.52 -53.53
N ALA ZA 167 -50.83 -79.25 -54.83
CA ALA ZA 167 -51.95 -78.91 -55.70
C ALA ZA 167 -52.86 -80.11 -55.94
N HIS ZA 168 -52.31 -81.32 -55.89
CA HIS ZA 168 -53.15 -82.51 -55.96
C HIS ZA 168 -53.91 -82.71 -54.65
N SER ZA 169 -53.27 -82.44 -53.52
CA SER ZA 169 -53.89 -82.69 -52.22
C SER ZA 169 -55.03 -81.72 -51.94
N VAL ZA 170 -54.85 -80.44 -52.29
CA VAL ZA 170 -55.88 -79.42 -52.07
C VAL ZA 170 -57.11 -79.72 -52.92
N GLY ZA 171 -56.90 -79.98 -54.21
CA GLY ZA 171 -58.01 -80.32 -55.09
C GLY ZA 171 -58.69 -81.64 -54.74
N LEU ZA 172 -57.93 -82.60 -54.21
CA LEU ZA 172 -58.52 -83.86 -53.78
C LEU ZA 172 -59.39 -83.65 -52.54
N MET ZA 173 -58.97 -82.76 -51.62
CA MET ZA 173 -59.81 -82.53 -50.45
C MET ZA 173 -61.04 -81.69 -50.78
N TRP ZA 174 -60.93 -80.75 -51.73
CA TRP ZA 174 -62.12 -80.08 -52.23
C TRP ZA 174 -63.06 -81.04 -52.93
N TRP ZA 175 -62.50 -82.05 -53.62
CA TRP ZA 175 -63.33 -83.07 -54.26
C TRP ZA 175 -64.04 -83.94 -53.23
N MET ZA 176 -63.33 -84.32 -52.16
CA MET ZA 176 -63.95 -85.09 -51.08
C MET ZA 176 -65.07 -84.32 -50.40
N LEU ZA 177 -64.84 -83.02 -50.15
CA LEU ZA 177 -65.86 -82.20 -49.50
C LEU ZA 177 -67.08 -81.97 -50.41
N ALA ZA 178 -66.83 -81.78 -51.71
CA ALA ZA 178 -67.92 -81.58 -52.66
C ALA ZA 178 -68.75 -82.85 -52.83
N ARG ZA 179 -68.08 -84.01 -52.94
CA ARG ZA 179 -68.81 -85.27 -53.04
C ARG ZA 179 -69.56 -85.58 -51.75
N GLU ZA 180 -69.01 -85.19 -50.59
CA GLU ZA 180 -69.68 -85.46 -49.33
C GLU ZA 180 -70.94 -84.59 -49.17
N VAL ZA 181 -70.87 -83.30 -49.55
CA VAL ZA 181 -72.07 -82.49 -49.42
C VAL ZA 181 -73.11 -82.87 -50.48
N LEU ZA 182 -72.68 -83.33 -51.66
CA LEU ZA 182 -73.64 -83.79 -52.65
C LEU ZA 182 -74.26 -85.14 -52.28
N ARG ZA 183 -73.55 -85.98 -51.50
CA ARG ZA 183 -74.16 -87.19 -50.99
C ARG ZA 183 -75.05 -86.92 -49.80
N MET ZA 184 -74.77 -85.88 -49.02
CA MET ZA 184 -75.65 -85.55 -47.90
C MET ZA 184 -76.96 -84.93 -48.38
N ARG ZA 185 -76.89 -83.84 -49.13
CA ARG ZA 185 -78.14 -83.24 -49.56
C ARG ZA 185 -78.73 -84.03 -50.73
N GLY ZA 186 -80.06 -83.92 -50.88
CA GLY ZA 186 -80.80 -84.79 -51.78
C GLY ZA 186 -80.62 -84.52 -53.26
N THR ZA 187 -79.40 -84.71 -53.76
CA THR ZA 187 -79.11 -84.59 -55.18
C THR ZA 187 -78.53 -85.88 -55.76
N ILE ZA 188 -77.51 -86.44 -55.11
CA ILE ZA 188 -76.77 -87.58 -55.63
C ILE ZA 188 -76.75 -88.66 -54.55
N SER ZA 189 -77.11 -89.90 -54.93
CA SER ZA 189 -77.12 -91.01 -54.01
C SER ZA 189 -75.70 -91.46 -53.66
N ARG ZA 190 -75.61 -92.36 -52.68
CA ARG ZA 190 -74.33 -92.83 -52.15
C ARG ZA 190 -73.90 -94.17 -52.72
N GLU ZA 191 -74.71 -94.79 -53.58
CA GLU ZA 191 -74.36 -96.12 -54.07
C GLU ZA 191 -73.38 -96.07 -55.23
N HIS ZA 192 -73.62 -95.19 -56.19
CA HIS ZA 192 -72.79 -95.06 -57.37
C HIS ZA 192 -71.69 -94.02 -57.14
N PRO ZA 193 -70.51 -94.20 -57.73
CA PRO ZA 193 -69.49 -93.15 -57.65
C PRO ZA 193 -69.87 -91.95 -58.50
N TRP ZA 194 -69.31 -90.80 -58.15
CA TRP ZA 194 -69.67 -89.55 -58.80
C TRP ZA 194 -69.00 -89.47 -60.18
N GLU ZA 195 -69.78 -89.00 -61.16
CA GLU ZA 195 -69.39 -89.13 -62.56
C GLU ZA 195 -68.27 -88.17 -62.96
N VAL ZA 196 -68.29 -86.93 -62.46
CA VAL ZA 196 -67.30 -85.95 -62.85
C VAL ZA 196 -65.96 -86.27 -62.18
N MET ZA 197 -64.91 -86.36 -63.00
CA MET ZA 197 -63.58 -86.82 -62.64
C MET ZA 197 -62.91 -85.81 -61.70
N PRO ZA 198 -62.19 -86.28 -60.67
CA PRO ZA 198 -61.57 -85.34 -59.71
C PRO ZA 198 -60.38 -84.56 -60.26
N ASP ZA 199 -59.93 -84.80 -61.48
CA ASP ZA 199 -58.89 -83.95 -62.08
C ASP ZA 199 -59.43 -82.62 -62.58
N LEU ZA 200 -60.74 -82.42 -62.57
CA LEU ZA 200 -61.32 -81.14 -62.94
C LEU ZA 200 -60.95 -80.05 -61.95
N TYR ZA 201 -60.78 -80.40 -60.69
CA TYR ZA 201 -60.59 -79.43 -59.62
C TYR ZA 201 -59.13 -79.02 -59.45
N PHE ZA 202 -58.20 -79.70 -60.12
CA PHE ZA 202 -56.78 -79.43 -59.94
C PHE ZA 202 -56.37 -78.20 -60.75
N TYR ZA 203 -55.60 -77.31 -60.14
CA TYR ZA 203 -55.04 -76.18 -60.86
C TYR ZA 203 -53.87 -76.65 -61.71
N ARG ZA 204 -53.82 -76.14 -62.94
CA ARG ZA 204 -52.82 -76.57 -63.91
C ARG ZA 204 -51.75 -75.50 -64.08
N ASP ZA 205 -50.50 -75.94 -64.03
CA ASP ZA 205 -49.37 -75.09 -64.41
C ASP ZA 205 -49.52 -74.72 -65.89
N PRO ZA 206 -49.37 -73.45 -66.26
CA PRO ZA 206 -49.39 -73.09 -67.70
C PRO ZA 206 -48.28 -73.73 -68.52
N GLU ZA 207 -47.15 -74.11 -67.90
CA GLU ZA 207 -46.17 -74.93 -68.60
C GLU ZA 207 -46.73 -76.31 -68.91
N GLU ZA 208 -47.50 -76.89 -67.97
CA GLU ZA 208 -48.17 -78.15 -68.24
C GLU ZA 208 -49.29 -77.99 -69.27
N ILE ZA 209 -49.93 -76.82 -69.32
CA ILE ZA 209 -50.95 -76.55 -70.31
C ILE ZA 209 -50.33 -76.48 -71.72
N GLU ZA 210 -49.18 -75.81 -71.84
CA GLU ZA 210 -48.47 -75.78 -73.11
C GLU ZA 210 -47.94 -77.17 -73.49
N LYS ZA 211 -47.52 -77.97 -72.51
CA LYS ZA 211 -47.04 -79.32 -72.80
C LYS ZA 211 -48.18 -80.22 -73.27
N GLU ZA 212 -49.35 -80.09 -72.65
CA GLU ZA 212 -50.51 -80.87 -73.08
C GLU ZA 212 -51.02 -80.40 -74.44
N GLU ZA 213 -50.93 -79.09 -74.73
CA GLU ZA 213 -51.28 -78.59 -76.05
C GLU ZA 213 -50.31 -79.07 -77.12
N GLN ZA 214 -49.03 -79.23 -76.76
CA GLN ZA 214 -48.07 -79.81 -77.69
C GLN ZA 214 -48.33 -81.30 -77.90
N ALA ZA 215 -48.68 -82.02 -76.84
CA ALA ZA 215 -48.89 -83.46 -76.93
C ALA ZA 215 -50.22 -83.84 -77.54
N ALA ZA 216 -51.21 -82.94 -77.54
CA ALA ZA 216 -52.52 -83.27 -78.09
C ALA ZA 216 -52.49 -83.28 -79.62
N ALA ZA 217 -51.93 -82.24 -80.22
CA ALA ZA 217 -51.87 -82.16 -81.68
C ALA ZA 217 -50.61 -82.85 -82.21
N VAL AB 1 30.08 -36.49 -53.33
CA VAL AB 1 30.27 -36.28 -54.76
C VAL AB 1 30.71 -37.58 -55.43
N VAL AB 2 30.77 -38.65 -54.64
CA VAL AB 2 31.20 -39.96 -55.12
C VAL AB 2 30.01 -40.91 -55.02
N ASP AB 3 29.97 -41.89 -55.91
CA ASP AB 3 28.89 -42.87 -55.91
C ASP AB 3 29.12 -43.88 -54.80
N PRO AB 4 28.23 -43.97 -53.80
CA PRO AB 4 28.46 -44.92 -52.69
C PRO AB 4 28.19 -46.36 -53.07
N PHE AB 5 27.55 -46.62 -54.20
CA PHE AB 5 27.26 -47.97 -54.65
C PHE AB 5 28.38 -48.56 -55.51
N SER AB 6 29.46 -47.81 -55.74
CA SER AB 6 30.62 -48.35 -56.44
C SER AB 6 31.53 -49.16 -55.52
N LYS AB 7 31.31 -49.09 -54.20
CA LYS AB 7 32.09 -49.83 -53.22
C LYS AB 7 31.37 -51.10 -52.75
N LYS AB 8 30.62 -51.75 -53.63
CA LYS AB 8 29.79 -52.87 -53.25
C LYS AB 8 30.28 -54.17 -53.89
N ASP AB 9 29.98 -55.28 -53.24
CA ASP AB 9 30.28 -56.62 -53.73
C ASP AB 9 29.01 -57.45 -53.66
N TRP AB 10 28.71 -58.19 -54.72
CA TRP AB 10 27.51 -58.99 -54.81
C TRP AB 10 27.84 -60.44 -54.46
N TYR AB 11 27.20 -60.96 -53.41
CA TYR AB 11 27.43 -62.31 -52.94
C TYR AB 11 26.15 -63.12 -53.06
N ASP AB 12 26.29 -64.38 -53.47
CA ASP AB 12 25.15 -65.30 -53.59
C ASP AB 12 24.80 -65.91 -52.24
N VAL AB 13 23.55 -66.34 -52.12
CA VAL AB 13 23.04 -66.93 -50.88
C VAL AB 13 22.93 -68.44 -51.07
N LYS AB 14 23.43 -69.20 -50.10
CA LYS AB 14 23.44 -70.67 -50.16
C LYS AB 14 22.61 -71.21 -49.00
N ALA AB 15 21.51 -71.87 -49.33
CA ALA AB 15 20.65 -72.53 -48.37
C ALA AB 15 21.27 -73.86 -47.93
N PRO AB 16 20.91 -74.36 -46.75
CA PRO AB 16 21.37 -75.71 -46.36
C PRO AB 16 20.74 -76.81 -47.21
N ALA AB 17 21.31 -78.01 -47.08
CA ALA AB 17 21.12 -79.09 -48.05
C ALA AB 17 20.01 -80.06 -47.68
N MET AB 18 18.96 -79.60 -47.01
CA MET AB 18 17.74 -80.39 -46.89
C MET AB 18 16.60 -79.85 -47.74
N PHE AB 19 16.86 -78.80 -48.54
CA PHE AB 19 15.87 -78.20 -49.41
C PHE AB 19 16.09 -78.68 -50.84
N ASN AB 20 15.35 -78.09 -51.78
CA ASN AB 20 15.48 -78.43 -53.19
C ASN AB 20 16.20 -77.33 -53.98
N ILE AB 21 15.89 -76.07 -53.70
CA ILE AB 21 16.49 -74.95 -54.42
C ILE AB 21 17.66 -74.42 -53.60
N ARG AB 22 18.85 -74.38 -54.21
CA ARG AB 22 20.05 -74.00 -53.50
C ARG AB 22 20.16 -72.49 -53.34
N ASN AB 23 20.23 -71.76 -54.45
CA ASN AB 23 20.41 -70.33 -54.41
C ASN AB 23 19.12 -69.61 -54.04
N ILE AB 24 19.26 -68.46 -53.38
CA ILE AB 24 18.12 -67.66 -52.98
C ILE AB 24 18.20 -66.29 -53.64
N GLY AB 25 19.32 -65.60 -53.44
CA GLY AB 25 19.47 -64.28 -54.04
C GLY AB 25 20.88 -63.77 -53.92
N LYS AB 26 21.01 -62.46 -54.16
CA LYS AB 26 22.28 -61.75 -54.09
C LYS AB 26 22.19 -60.64 -53.05
N THR AB 27 23.35 -60.30 -52.48
CA THR AB 27 23.44 -59.31 -51.42
C THR AB 27 24.64 -58.43 -51.66
N LEU AB 28 24.45 -57.11 -51.61
CA LEU AB 28 25.56 -56.16 -51.74
C LEU AB 28 26.15 -55.86 -50.37
N VAL AB 29 27.47 -55.95 -50.27
CA VAL AB 29 28.21 -55.71 -49.03
C VAL AB 29 29.32 -54.71 -49.35
N THR AB 30 29.52 -53.74 -48.45
CA THR AB 30 30.66 -52.83 -48.58
C THR AB 30 31.98 -53.60 -48.47
N ARG AB 31 32.99 -53.11 -49.18
CA ARG AB 31 34.29 -53.75 -49.15
C ARG AB 31 34.98 -53.54 -47.80
N THR AB 32 35.92 -54.42 -47.49
CA THR AB 32 36.67 -54.31 -46.25
C THR AB 32 37.68 -53.18 -46.36
N GLN AB 33 37.50 -52.15 -45.52
CA GLN AB 33 38.34 -50.96 -45.55
C GLN AB 33 38.76 -50.64 -44.12
N GLY AB 34 40.00 -51.00 -43.77
CA GLY AB 34 40.54 -50.63 -42.48
C GLY AB 34 40.00 -51.51 -41.37
N THR AB 35 39.26 -50.90 -40.45
CA THR AB 35 38.79 -51.61 -39.26
C THR AB 35 37.57 -52.46 -39.56
N LYS AB 36 36.59 -51.92 -40.27
CA LYS AB 36 35.36 -52.65 -40.55
C LYS AB 36 35.60 -53.76 -41.56
N ILE AB 37 34.84 -54.85 -41.40
CA ILE AB 37 35.03 -56.08 -42.15
C ILE AB 37 33.74 -56.40 -42.89
N ALA AB 38 33.87 -56.80 -44.16
CA ALA AB 38 32.70 -57.20 -44.95
C ALA AB 38 32.02 -58.43 -44.37
N SER AB 39 32.81 -59.39 -43.88
CA SER AB 39 32.24 -60.58 -43.27
C SER AB 39 31.53 -60.25 -41.96
N ASP AB 40 32.09 -59.32 -41.18
CA ASP AB 40 31.43 -58.90 -39.95
C ASP AB 40 30.16 -58.11 -40.23
N GLY AB 41 30.13 -57.35 -41.33
CA GLY AB 41 28.92 -56.65 -41.70
C GLY AB 41 27.85 -57.53 -42.33
N LEU AB 42 28.25 -58.67 -42.91
CA LEU AB 42 27.31 -59.60 -43.49
C LEU AB 42 26.85 -60.68 -42.52
N LYS AB 43 27.58 -60.91 -41.43
CA LYS AB 43 27.25 -61.99 -40.51
C LYS AB 43 25.98 -61.73 -39.72
N GLY AB 44 25.67 -60.47 -39.41
CA GLY AB 44 24.49 -60.18 -38.63
C GLY AB 44 23.25 -59.91 -39.46
N ARG AB 45 22.95 -60.79 -40.42
CA ARG AB 45 21.85 -60.57 -41.34
C ARG AB 45 20.93 -61.79 -41.39
N VAL AB 46 19.63 -61.51 -41.49
CA VAL AB 46 18.56 -62.50 -41.44
C VAL AB 46 17.71 -62.35 -42.69
N PHE AB 47 17.46 -63.48 -43.36
CA PHE AB 47 16.69 -63.53 -44.59
C PHE AB 47 15.29 -64.05 -44.29
N GLU AB 48 14.28 -63.37 -44.81
CA GLU AB 48 12.87 -63.73 -44.65
C GLU AB 48 12.39 -64.26 -45.99
N VAL AB 49 12.55 -65.57 -46.22
CA VAL AB 49 12.35 -66.15 -47.54
C VAL AB 49 11.23 -67.16 -47.46
N SER AB 50 10.33 -67.13 -48.45
CA SER AB 50 9.18 -68.03 -48.48
C SER AB 50 9.63 -69.47 -48.77
N LEU AB 51 8.71 -70.41 -48.51
CA LEU AB 51 9.03 -71.83 -48.61
C LEU AB 51 9.04 -72.34 -50.05
N ALA AB 52 8.27 -71.71 -50.95
CA ALA AB 52 8.22 -72.17 -52.34
C ALA AB 52 9.42 -71.73 -53.16
N ASP AB 53 10.26 -70.84 -52.64
CA ASP AB 53 11.54 -70.52 -53.24
C ASP AB 53 12.64 -71.47 -52.81
N LEU AB 54 12.33 -72.43 -51.95
CA LEU AB 54 13.27 -73.46 -51.53
C LEU AB 54 12.78 -74.86 -51.84
N GLN AB 55 11.47 -75.06 -51.89
CA GLN AB 55 10.88 -76.32 -52.32
C GLN AB 55 10.32 -76.19 -53.73
N ASN AB 56 10.17 -77.35 -54.39
CA ASN AB 56 9.74 -77.36 -55.78
C ASN AB 56 8.22 -77.22 -55.89
N ASP AB 57 7.48 -78.22 -55.37
CA ASP AB 57 6.01 -78.24 -55.45
C ASP AB 57 5.49 -78.50 -54.04
N GLU AB 58 5.35 -77.42 -53.27
CA GLU AB 58 4.81 -77.47 -51.92
C GLU AB 58 3.91 -76.26 -51.72
N VAL AB 59 3.57 -75.99 -50.46
CA VAL AB 59 2.76 -74.83 -50.10
C VAL AB 59 3.62 -73.57 -50.13
N ALA AB 60 2.99 -72.40 -50.08
CA ALA AB 60 3.71 -71.14 -50.19
C ALA AB 60 3.33 -70.12 -49.11
N PHE AB 61 2.47 -70.47 -48.17
CA PHE AB 61 2.05 -69.54 -47.12
C PHE AB 61 2.94 -69.59 -45.88
N ARG AB 62 4.18 -70.06 -46.01
CA ARG AB 62 5.06 -70.25 -44.87
C ARG AB 62 6.43 -69.65 -45.19
N LYS AB 63 7.00 -68.95 -44.22
CA LYS AB 63 8.26 -68.25 -44.40
C LYS AB 63 9.31 -68.76 -43.42
N PHE AB 64 10.57 -68.66 -43.83
CA PHE AB 64 11.72 -69.12 -43.05
C PHE AB 64 12.66 -67.95 -42.80
N LYS AB 65 13.20 -67.89 -41.59
CA LYS AB 65 14.27 -66.96 -41.24
C LYS AB 65 15.60 -67.68 -41.35
N LEU AB 66 16.58 -67.02 -41.96
CA LEU AB 66 17.89 -67.65 -42.21
C LEU AB 66 18.99 -66.67 -41.84
N ILE AB 67 19.78 -67.01 -40.83
CA ILE AB 67 20.92 -66.19 -40.42
C ILE AB 67 22.12 -66.50 -41.28
N THR AB 68 22.91 -65.46 -41.59
CA THR AB 68 24.14 -65.64 -42.37
C THR AB 68 25.28 -65.92 -41.42
N GLU AB 69 25.57 -67.21 -41.18
CA GLU AB 69 26.56 -67.55 -40.16
C GLU AB 69 28.00 -67.41 -40.63
N ASP AB 70 28.29 -67.74 -41.88
CA ASP AB 70 29.67 -67.75 -42.34
C ASP AB 70 29.74 -67.25 -43.77
N VAL AB 71 30.86 -66.60 -44.09
CA VAL AB 71 31.12 -66.02 -45.41
C VAL AB 71 32.35 -66.71 -45.99
N GLN AB 72 32.24 -67.17 -47.23
CA GLN AB 72 33.33 -67.88 -47.89
C GLN AB 72 33.83 -67.20 -49.16
N GLY AB 73 32.97 -66.46 -49.86
CA GLY AB 73 33.31 -65.89 -51.14
C GLY AB 73 32.38 -66.40 -52.22
N LYS AB 74 31.45 -65.53 -52.65
CA LYS AB 74 30.25 -65.89 -53.41
C LYS AB 74 29.50 -67.03 -52.70
N ASN AB 75 29.40 -66.90 -51.38
CA ASN AB 75 28.78 -67.90 -50.52
C ASN AB 75 28.29 -67.20 -49.27
N CYS AB 76 26.97 -67.16 -49.07
CA CYS AB 76 26.37 -66.72 -47.82
C CYS AB 76 25.67 -67.95 -47.25
N LEU AB 77 26.39 -68.69 -46.41
CA LEU AB 77 25.90 -69.96 -45.87
C LEU AB 77 24.83 -69.68 -44.83
N THR AB 78 23.60 -70.07 -45.11
CA THR AB 78 22.52 -69.79 -44.17
C THR AB 78 22.21 -71.00 -43.29
N ASN AB 79 21.64 -70.72 -42.13
CA ASN AB 79 21.24 -71.72 -41.16
C ASN AB 79 19.86 -71.35 -40.64
N PHE AB 80 19.14 -72.34 -40.11
CA PHE AB 80 17.76 -72.14 -39.70
C PHE AB 80 17.68 -71.25 -38.46
N HIS AB 81 16.81 -70.25 -38.54
CA HIS AB 81 16.60 -69.28 -37.47
C HIS AB 81 15.15 -69.22 -37.00
N GLY AB 82 14.19 -69.25 -37.91
CA GLY AB 82 12.81 -69.11 -37.50
C GLY AB 82 11.82 -69.38 -38.60
N MET AB 83 10.74 -70.06 -38.25
CA MET AB 83 9.61 -70.29 -39.12
C MET AB 83 8.48 -69.37 -38.72
N ASP AB 84 7.97 -68.59 -39.68
CA ASP AB 84 6.95 -67.59 -39.43
C ASP AB 84 5.88 -67.71 -40.51
N LEU AB 85 4.62 -67.68 -40.09
CA LEU AB 85 3.50 -67.80 -41.01
C LEU AB 85 3.15 -66.45 -41.63
N THR AB 86 2.42 -66.51 -42.75
CA THR AB 86 1.97 -65.31 -43.43
C THR AB 86 0.86 -64.63 -42.64
N ARG AB 87 0.94 -63.30 -42.53
CA ARG AB 87 -0.11 -62.53 -41.85
C ARG AB 87 -1.45 -62.65 -42.56
N ASP AB 88 -1.42 -62.71 -43.90
CA ASP AB 88 -2.65 -62.90 -44.67
C ASP AB 88 -3.23 -64.29 -44.43
N LYS AB 89 -2.36 -65.30 -44.34
CA LYS AB 89 -2.81 -66.66 -44.03
C LYS AB 89 -3.41 -66.73 -42.64
N MET AB 90 -2.81 -66.02 -41.67
CA MET AB 90 -3.34 -66.02 -40.31
C MET AB 90 -4.68 -65.30 -40.23
N CYS AB 91 -4.82 -64.17 -40.91
CA CYS AB 91 -6.08 -63.43 -40.89
C CYS AB 91 -7.16 -64.12 -41.71
N SER AB 92 -6.78 -64.97 -42.68
CA SER AB 92 -7.78 -65.77 -43.38
C SER AB 92 -8.18 -67.00 -42.58
N MET AB 93 -7.24 -67.56 -41.81
CA MET AB 93 -7.57 -68.67 -40.92
C MET AB 93 -8.48 -68.23 -39.77
N VAL AB 94 -8.24 -67.06 -39.20
CA VAL AB 94 -9.05 -66.59 -38.08
C VAL AB 94 -10.42 -66.14 -38.60
N LYS AB 95 -11.48 -66.76 -38.10
CA LYS AB 95 -12.84 -66.34 -38.43
C LYS AB 95 -13.71 -66.54 -37.20
N LYS AB 96 -14.88 -65.91 -37.23
CA LYS AB 96 -15.80 -65.89 -36.11
C LYS AB 96 -16.50 -67.24 -35.99
N TRP AB 97 -17.08 -67.49 -34.80
CA TRP AB 97 -17.89 -68.67 -34.48
C TRP AB 97 -17.08 -69.96 -34.55
N GLN AB 98 -15.84 -69.90 -34.05
CA GLN AB 98 -15.01 -71.07 -33.79
C GLN AB 98 -14.05 -70.71 -32.67
N THR AB 99 -13.53 -71.74 -32.00
CA THR AB 99 -12.69 -71.56 -30.83
C THR AB 99 -11.22 -71.73 -31.21
N MET AB 100 -10.39 -70.80 -30.74
CA MET AB 100 -8.95 -70.78 -30.97
C MET AB 100 -8.21 -71.39 -29.78
N ILE AB 101 -7.23 -72.24 -30.07
CA ILE AB 101 -6.44 -72.93 -29.07
C ILE AB 101 -4.97 -72.67 -29.36
N GLU AB 102 -4.31 -71.90 -28.51
CA GLU AB 102 -2.89 -71.64 -28.65
C GLU AB 102 -2.08 -72.66 -27.84
N ALA AB 103 -0.80 -72.77 -28.20
CA ALA AB 103 0.11 -73.65 -27.47
C ALA AB 103 1.53 -73.14 -27.65
N HIS AB 104 2.15 -72.68 -26.56
CA HIS AB 104 3.54 -72.26 -26.58
C HIS AB 104 4.37 -73.23 -25.77
N VAL AB 105 5.60 -73.50 -26.23
CA VAL AB 105 6.49 -74.40 -25.52
C VAL AB 105 7.93 -73.96 -25.75
N ASP AB 106 8.74 -74.07 -24.69
CA ASP AB 106 10.19 -73.93 -24.77
C ASP AB 106 10.81 -75.32 -24.73
N VAL AB 107 11.80 -75.55 -25.60
CA VAL AB 107 12.30 -76.90 -25.83
C VAL AB 107 13.76 -76.80 -26.27
N LYS AB 108 14.49 -77.89 -26.10
CA LYS AB 108 15.89 -77.96 -26.50
C LYS AB 108 16.13 -79.26 -27.24
N THR AB 109 16.90 -79.20 -28.32
CA THR AB 109 17.20 -80.36 -29.15
C THR AB 109 18.33 -81.18 -28.52
N THR AB 110 18.88 -82.11 -29.30
CA THR AB 110 19.98 -82.94 -28.81
C THR AB 110 21.25 -82.12 -28.62
N ASP AB 111 21.47 -81.14 -29.49
CA ASP AB 111 22.57 -80.20 -29.32
C ASP AB 111 22.08 -78.97 -28.54
N GLY AB 112 22.88 -77.91 -28.51
CA GLY AB 112 22.58 -76.75 -27.70
C GLY AB 112 21.62 -75.75 -28.29
N TYR AB 113 20.90 -76.14 -29.35
CA TYR AB 113 19.92 -75.27 -29.97
C TYR AB 113 18.67 -75.21 -29.10
N LEU AB 114 18.27 -74.01 -28.70
CA LEU AB 114 17.11 -73.81 -27.86
C LEU AB 114 16.01 -73.18 -28.69
N LEU AB 115 14.86 -73.83 -28.74
CA LEU AB 115 13.76 -73.46 -29.62
C LEU AB 115 12.53 -73.04 -28.81
N ARG AB 116 11.75 -72.14 -29.40
CA ARG AB 116 10.46 -71.74 -28.87
C ARG AB 116 9.42 -72.00 -29.96
N LEU AB 117 8.41 -72.81 -29.65
CA LEU AB 117 7.43 -73.24 -30.64
C LEU AB 117 6.04 -72.77 -30.26
N PHE AB 118 5.34 -72.19 -31.26
CA PHE AB 118 3.99 -71.65 -31.14
C PHE AB 118 3.12 -72.39 -32.14
N CYS AB 119 2.16 -73.16 -31.63
CA CYS AB 119 1.17 -73.85 -32.44
C CYS AB 119 -0.20 -73.27 -32.18
N VAL AB 120 -1.09 -73.40 -33.17
CA VAL AB 120 -2.44 -72.91 -33.08
C VAL AB 120 -3.38 -73.92 -33.73
N GLY AB 121 -4.56 -74.09 -33.12
CA GLY AB 121 -5.58 -74.97 -33.62
C GLY AB 121 -6.96 -74.35 -33.56
N PHE AB 122 -7.74 -74.52 -34.61
CA PHE AB 122 -9.06 -73.91 -34.73
C PHE AB 122 -10.11 -75.01 -34.75
N THR AB 123 -11.18 -74.83 -33.96
CA THR AB 123 -12.25 -75.81 -33.93
C THR AB 123 -13.01 -75.86 -35.25
N LYS AB 124 -13.55 -77.03 -35.56
CA LYS AB 124 -14.11 -77.35 -36.87
C LYS AB 124 -15.63 -77.41 -36.81
N LYS AB 125 -16.28 -76.80 -37.79
CA LYS AB 125 -17.71 -77.00 -38.00
C LYS AB 125 -17.93 -78.29 -38.78
N ARG AB 126 -18.80 -79.16 -38.27
CA ARG AB 126 -18.98 -80.48 -38.84
C ARG AB 126 -19.81 -80.41 -40.13
N ASN AB 127 -19.87 -81.54 -40.83
CA ASN AB 127 -20.54 -81.60 -42.11
C ASN AB 127 -22.07 -81.54 -41.95
N ASN AB 128 -22.61 -82.37 -41.05
CA ASN AB 128 -24.03 -82.40 -40.79
C ASN AB 128 -24.45 -81.47 -39.65
N GLN AB 129 -23.60 -80.52 -39.28
CA GLN AB 129 -23.87 -79.67 -38.12
C GLN AB 129 -24.82 -78.55 -38.50
N ILE AB 130 -25.88 -78.40 -37.72
CA ILE AB 130 -26.88 -77.36 -37.93
C ILE AB 130 -26.59 -76.25 -36.93
N ARG AB 131 -25.96 -76.62 -35.81
CA ARG AB 131 -25.58 -75.65 -34.79
C ARG AB 131 -24.51 -74.70 -35.30
N LYS AB 132 -24.73 -73.41 -35.05
CA LYS AB 132 -23.90 -72.36 -35.61
C LYS AB 132 -22.70 -72.01 -34.72
N THR AB 133 -22.78 -72.30 -33.42
CA THR AB 133 -21.75 -71.87 -32.48
C THR AB 133 -20.45 -72.65 -32.68
N SER AB 134 -20.51 -73.98 -32.49
CA SER AB 134 -19.36 -74.90 -32.61
C SER AB 134 -18.21 -74.50 -31.67
N TYR AB 135 -18.55 -74.28 -30.41
CA TYR AB 135 -17.59 -73.88 -29.39
C TYR AB 135 -17.15 -75.08 -28.57
N ALA AB 136 -15.91 -75.03 -28.09
CA ALA AB 136 -15.34 -76.06 -27.25
C ALA AB 136 -15.30 -75.60 -25.79
N GLN AB 137 -15.32 -76.57 -24.89
CA GLN AB 137 -15.25 -76.27 -23.47
C GLN AB 137 -13.82 -75.90 -23.08
N HIS AB 138 -13.69 -75.22 -21.93
CA HIS AB 138 -12.38 -74.75 -21.48
C HIS AB 138 -11.50 -75.90 -21.03
N GLN AB 139 -12.09 -76.90 -20.39
CA GLN AB 139 -11.33 -78.10 -20.03
C GLN AB 139 -10.92 -78.88 -21.27
N GLN AB 140 -11.75 -78.87 -22.32
CA GLN AB 140 -11.38 -79.48 -23.59
C GLN AB 140 -10.22 -78.74 -24.24
N VAL AB 141 -10.24 -77.41 -24.19
CA VAL AB 141 -9.14 -76.59 -24.70
C VAL AB 141 -7.85 -76.87 -23.92
N ARG AB 142 -7.98 -77.05 -22.60
CA ARG AB 142 -6.81 -77.36 -21.78
C ARG AB 142 -6.23 -78.74 -22.10
N GLN AB 143 -7.10 -79.73 -22.32
CA GLN AB 143 -6.64 -81.07 -22.70
C GLN AB 143 -6.01 -81.07 -24.09
N ILE AB 144 -6.57 -80.29 -25.02
CA ILE AB 144 -6.02 -80.21 -26.37
C ILE AB 144 -4.66 -79.51 -26.38
N ARG AB 145 -4.51 -78.41 -25.62
CA ARG AB 145 -3.20 -77.75 -25.58
C ARG AB 145 -2.18 -78.56 -24.79
N LYS AB 146 -2.64 -79.38 -23.84
CA LYS AB 146 -1.72 -80.29 -23.15
C LYS AB 146 -1.22 -81.38 -24.07
N LYS AB 147 -2.12 -81.95 -24.90
CA LYS AB 147 -1.70 -82.92 -25.90
C LYS AB 147 -0.81 -82.29 -26.96
N MET AB 148 -1.05 -81.02 -27.31
CA MET AB 148 -0.18 -80.29 -28.22
C MET AB 148 1.23 -80.16 -27.66
N MET AB 149 1.34 -79.74 -26.40
CA MET AB 149 2.65 -79.61 -25.76
C MET AB 149 3.35 -80.95 -25.64
N GLU AB 150 2.60 -82.02 -25.33
CA GLU AB 150 3.17 -83.35 -25.21
C GLU AB 150 3.71 -83.86 -26.54
N ILE AB 151 2.93 -83.72 -27.62
CA ILE AB 151 3.35 -84.18 -28.94
C ILE AB 151 4.53 -83.36 -29.44
N MET AB 152 4.53 -82.05 -29.20
CA MET AB 152 5.61 -81.21 -29.71
C MET AB 152 6.92 -81.44 -28.96
N THR AB 153 6.85 -81.65 -27.63
CA THR AB 153 8.05 -82.02 -26.89
C THR AB 153 8.55 -83.40 -27.30
N ARG AB 154 7.63 -84.35 -27.53
CA ARG AB 154 8.02 -85.69 -27.98
C ARG AB 154 8.67 -85.67 -29.35
N GLU AB 155 8.24 -84.76 -30.23
CA GLU AB 155 8.81 -84.70 -31.56
C GLU AB 155 10.10 -83.89 -31.63
N VAL AB 156 10.31 -82.94 -30.72
CA VAL AB 156 11.51 -82.10 -30.83
C VAL AB 156 12.64 -82.63 -29.95
N GLN AB 157 12.34 -83.12 -28.75
CA GLN AB 157 13.39 -83.52 -27.80
C GLN AB 157 14.15 -84.77 -28.23
N THR AB 158 13.71 -85.50 -29.25
CA THR AB 158 14.33 -86.77 -29.62
C THR AB 158 15.23 -86.66 -30.84
N ASN AB 159 15.44 -85.46 -31.38
CA ASN AB 159 16.21 -85.31 -32.60
C ASN AB 159 16.86 -83.94 -32.68
N ASP AB 160 17.63 -83.73 -33.75
CA ASP AB 160 18.47 -82.56 -33.95
C ASP AB 160 17.75 -81.51 -34.80
N LEU AB 161 18.51 -80.50 -35.24
CA LEU AB 161 17.92 -79.39 -36.00
C LEU AB 161 17.54 -79.81 -37.41
N LYS AB 162 18.34 -80.69 -38.02
CA LYS AB 162 18.10 -81.09 -39.41
C LYS AB 162 16.81 -81.88 -39.53
N GLU AB 163 16.53 -82.75 -38.57
CA GLU AB 163 15.30 -83.53 -38.64
C GLU AB 163 14.07 -82.73 -38.24
N VAL AB 164 14.20 -81.73 -37.37
CA VAL AB 164 13.03 -80.92 -37.08
C VAL AB 164 12.75 -79.93 -38.20
N VAL AB 165 13.78 -79.54 -38.96
CA VAL AB 165 13.52 -78.77 -40.19
C VAL AB 165 12.85 -79.66 -41.23
N ASN AB 166 13.29 -80.91 -41.36
CA ASN AB 166 12.63 -81.83 -42.26
C ASN AB 166 11.24 -82.26 -41.79
N LYS AB 167 10.90 -82.02 -40.52
CA LYS AB 167 9.52 -82.18 -40.07
C LYS AB 167 8.68 -80.92 -40.26
N LEU AB 168 9.31 -79.74 -40.18
CA LEU AB 168 8.57 -78.49 -40.38
C LEU AB 168 8.42 -78.10 -41.83
N ILE AB 169 9.13 -78.73 -42.76
CA ILE AB 169 8.87 -78.49 -44.19
C ILE AB 169 7.51 -79.06 -44.57
N PRO AB 170 7.08 -80.26 -44.13
CA PRO AB 170 5.65 -80.58 -44.22
C PRO AB 170 4.90 -80.05 -43.00
N ASP AB 171 3.65 -80.47 -42.89
CA ASP AB 171 2.81 -80.20 -41.72
C ASP AB 171 2.67 -81.43 -40.84
N SER AB 172 3.76 -82.20 -40.68
CA SER AB 172 3.68 -83.50 -40.01
C SER AB 172 3.39 -83.35 -38.53
N ILE AB 173 3.91 -82.29 -37.90
CA ILE AB 173 3.55 -82.01 -36.51
C ILE AB 173 2.09 -81.59 -36.42
N GLY AB 174 1.64 -80.75 -37.34
CA GLY AB 174 0.25 -80.35 -37.37
C GLY AB 174 -0.68 -81.51 -37.73
N LYS AB 175 -0.23 -82.40 -38.62
CA LYS AB 175 -1.02 -83.58 -38.96
C LYS AB 175 -1.10 -84.54 -37.78
N ASP AB 176 -0.01 -84.68 -37.03
CA ASP AB 176 -0.02 -85.54 -35.84
C ASP AB 176 -0.93 -85.00 -34.76
N ILE AB 177 -0.93 -83.67 -34.57
CA ILE AB 177 -1.83 -83.05 -33.61
C ILE AB 177 -3.29 -83.18 -34.06
N GLU AB 178 -3.54 -82.97 -35.36
CA GLU AB 178 -4.89 -83.09 -35.91
C GLU AB 178 -5.42 -84.52 -35.83
N LYS AB 179 -4.55 -85.52 -35.96
CA LYS AB 179 -4.99 -86.90 -35.79
C LYS AB 179 -5.21 -87.26 -34.33
N ALA AB 180 -4.30 -86.83 -33.44
CA ALA AB 180 -4.36 -87.28 -32.06
C ALA AB 180 -5.32 -86.48 -31.19
N CYS AB 181 -5.79 -85.32 -31.64
CA CYS AB 181 -6.75 -84.55 -30.86
C CYS AB 181 -8.20 -84.83 -31.25
N GLN AB 182 -8.46 -85.89 -32.02
CA GLN AB 182 -9.82 -86.20 -32.43
C GLN AB 182 -10.67 -86.76 -31.31
N SER AB 183 -10.04 -87.31 -30.26
CA SER AB 183 -10.77 -87.87 -29.14
C SER AB 183 -11.27 -86.81 -28.15
N ILE AB 184 -10.92 -85.55 -28.34
CA ILE AB 184 -11.37 -84.48 -27.45
C ILE AB 184 -12.34 -83.58 -28.20
N TYR AB 185 -11.86 -82.94 -29.27
CA TYR AB 185 -12.73 -82.17 -30.16
C TYR AB 185 -12.17 -82.34 -31.57
N PRO AB 186 -12.98 -82.76 -32.53
CA PRO AB 186 -12.50 -82.85 -33.92
C PRO AB 186 -12.27 -81.48 -34.53
N LEU AB 187 -11.01 -81.15 -34.80
CA LEU AB 187 -10.64 -79.84 -35.31
C LEU AB 187 -9.58 -79.99 -36.39
N HIS AB 188 -9.76 -79.23 -37.47
CA HIS AB 188 -9.02 -79.43 -38.71
C HIS AB 188 -7.84 -78.50 -38.89
N ASP AB 189 -7.91 -77.27 -38.37
CA ASP AB 189 -6.96 -76.23 -38.76
C ASP AB 189 -5.87 -76.13 -37.70
N VAL AB 190 -4.83 -76.95 -37.89
CA VAL AB 190 -3.69 -77.01 -36.98
C VAL AB 190 -2.45 -76.57 -37.74
N PHE AB 191 -1.77 -75.55 -37.21
CA PHE AB 191 -0.50 -75.13 -37.77
C PHE AB 191 0.42 -74.66 -36.65
N VAL AB 192 1.65 -75.17 -36.63
CA VAL AB 192 2.68 -74.55 -35.81
C VAL AB 192 2.99 -73.17 -36.39
N ARG AB 193 2.63 -72.12 -35.66
CA ARG AB 193 2.60 -70.80 -36.28
C ARG AB 193 3.92 -70.07 -36.18
N LYS AB 194 4.74 -70.34 -35.18
CA LYS AB 194 6.01 -69.62 -35.06
C LYS AB 194 7.05 -70.45 -34.33
N VAL AB 195 8.14 -70.78 -35.01
CA VAL AB 195 9.29 -71.45 -34.40
C VAL AB 195 10.44 -70.46 -34.38
N LYS AB 196 11.10 -70.32 -33.24
CA LYS AB 196 12.11 -69.29 -33.05
C LYS AB 196 13.34 -69.88 -32.36
N MET AB 197 14.51 -69.71 -32.97
CA MET AB 197 15.78 -69.96 -32.29
C MET AB 197 16.01 -68.86 -31.25
N LEU AB 198 16.10 -69.26 -29.98
CA LEU AB 198 16.33 -68.26 -28.93
C LEU AB 198 17.80 -68.09 -28.61
N LYS AB 199 18.47 -69.18 -28.22
CA LYS AB 199 19.85 -69.14 -27.77
C LYS AB 199 20.66 -70.18 -28.52
N LYS AB 200 21.84 -69.78 -28.97
CA LYS AB 200 22.71 -70.64 -29.76
C LYS AB 200 24.00 -70.95 -29.01
N PRO AB 201 24.53 -72.16 -29.15
CA PRO AB 201 25.83 -72.48 -28.55
C PRO AB 201 27.00 -71.95 -29.35
N LYS AB 202 28.21 -72.38 -28.99
CA LYS AB 202 29.43 -72.01 -29.69
C LYS AB 202 29.36 -72.48 -31.14
N PHE AB 203 29.92 -71.66 -32.05
CA PHE AB 203 29.77 -71.83 -33.49
C PHE AB 203 30.47 -73.10 -33.96
N GLU AB 204 29.68 -74.04 -34.48
CA GLU AB 204 30.18 -75.33 -34.97
C GLU AB 204 30.21 -75.28 -36.49
N LEU AB 205 31.41 -75.05 -37.04
CA LEU AB 205 31.58 -75.03 -38.49
C LEU AB 205 31.38 -76.42 -39.09
N GLY AB 206 31.63 -77.47 -38.31
CA GLY AB 206 31.34 -78.82 -38.80
C GLY AB 206 29.86 -79.10 -38.90
N LYS AB 207 29.08 -78.63 -37.93
CA LYS AB 207 27.63 -78.72 -38.03
C LYS AB 207 27.10 -77.88 -39.19
N LEU AB 208 27.72 -76.73 -39.43
CA LEU AB 208 27.31 -75.89 -40.55
C LEU AB 208 27.62 -76.56 -41.90
N MET AB 209 28.79 -77.18 -42.02
CA MET AB 209 29.14 -77.86 -43.25
C MET AB 209 28.36 -79.17 -43.41
N GLU AB 210 27.91 -79.76 -42.31
CA GLU AB 210 27.04 -80.94 -42.40
C GLU AB 210 25.65 -80.55 -42.87
N LEU AB 211 25.17 -79.38 -42.43
CA LEU AB 211 23.90 -78.87 -42.95
C LEU AB 211 24.03 -78.43 -44.41
N HIS AB 212 25.19 -77.92 -44.80
CA HIS AB 212 25.46 -77.58 -46.20
C HIS AB 212 26.17 -78.74 -46.90
N GLY AB 213 25.54 -79.91 -46.82
CA GLY AB 213 26.06 -81.10 -47.48
C GLY AB 213 27.28 -81.69 -46.80
N LYS BB 1 -86.76 -38.98 -49.38
CA LYS BB 1 -87.57 -39.30 -48.20
C LYS BB 1 -87.86 -40.79 -48.13
N GLU BB 2 -88.15 -41.39 -49.28
CA GLU BB 2 -88.39 -42.83 -49.35
C GLU BB 2 -87.06 -43.57 -49.21
N TRP BB 3 -86.96 -44.42 -48.20
CA TRP BB 3 -85.71 -45.10 -47.89
C TRP BB 3 -85.53 -46.33 -48.77
N LEU BB 4 -84.40 -46.40 -49.47
CA LEU BB 4 -84.06 -47.57 -50.26
C LEU BB 4 -83.17 -48.50 -49.43
N PRO BB 5 -83.52 -49.76 -49.26
CA PRO BB 5 -82.73 -50.64 -48.39
C PRO BB 5 -81.45 -51.11 -49.08
N VAL BB 6 -80.41 -51.28 -48.26
CA VAL BB 6 -79.12 -51.77 -48.71
C VAL BB 6 -78.76 -53.09 -48.04
N THR BB 7 -78.88 -53.14 -46.71
CA THR BB 7 -78.52 -54.34 -45.96
C THR BB 7 -79.67 -55.33 -45.92
N LYS BB 8 -79.33 -56.57 -45.56
CA LYS BB 8 -80.33 -57.62 -45.44
C LYS BB 8 -81.24 -57.39 -44.24
N LEU BB 9 -80.67 -56.92 -43.12
CA LEU BB 9 -81.48 -56.59 -41.95
C LEU BB 9 -82.37 -55.38 -42.23
N GLY BB 10 -81.87 -54.42 -43.01
CA GLY BB 10 -82.70 -53.30 -43.42
C GLY BB 10 -83.82 -53.71 -44.36
N ARG BB 11 -83.57 -54.71 -45.20
CA ARG BB 11 -84.63 -55.26 -46.05
C ARG BB 11 -85.69 -55.97 -45.20
N LEU BB 12 -85.25 -56.66 -44.14
CA LEU BB 12 -86.21 -57.27 -43.20
C LEU BB 12 -87.02 -56.21 -42.47
N VAL BB 13 -86.40 -55.08 -42.13
CA VAL BB 13 -87.11 -53.97 -41.50
C VAL BB 13 -88.14 -53.37 -42.45
N LYS BB 14 -87.77 -53.19 -43.73
CA LYS BB 14 -88.71 -52.69 -44.73
C LYS BB 14 -89.82 -53.70 -45.02
N ASP BB 15 -89.55 -55.00 -44.84
CA ASP BB 15 -90.59 -56.01 -44.98
C ASP BB 15 -91.42 -56.20 -43.71
N MET BB 16 -91.00 -55.60 -42.59
CA MET BB 16 -91.65 -55.69 -41.28
C MET BB 16 -91.80 -57.12 -40.79
N LYS BB 17 -90.90 -58.01 -41.17
CA LYS BB 17 -90.99 -59.42 -40.77
C LYS BB 17 -90.19 -59.72 -39.52
N ILE BB 18 -89.80 -58.70 -38.76
CA ILE BB 18 -89.28 -58.84 -37.41
C ILE BB 18 -90.04 -57.87 -36.51
N LYS BB 19 -90.39 -58.32 -35.31
CA LYS BB 19 -91.31 -57.54 -34.49
C LYS BB 19 -90.61 -56.42 -33.72
N SER BB 20 -89.35 -56.59 -33.37
CA SER BB 20 -88.62 -55.57 -32.61
C SER BB 20 -87.13 -55.74 -32.85
N LEU BB 21 -86.36 -54.83 -32.26
CA LEU BB 21 -84.91 -54.90 -32.23
C LEU BB 21 -84.38 -55.82 -31.14
N GLU BB 22 -85.28 -56.47 -30.39
CA GLU BB 22 -84.85 -57.38 -29.32
C GLU BB 22 -84.20 -58.63 -29.90
N GLU BB 23 -84.74 -59.15 -31.00
CA GLU BB 23 -84.10 -60.29 -31.67
C GLU BB 23 -82.78 -59.88 -32.33
N ILE BB 24 -82.69 -58.63 -32.79
CA ILE BB 24 -81.45 -58.12 -33.36
C ILE BB 24 -80.35 -58.06 -32.31
N TYR BB 25 -80.70 -57.58 -31.11
CA TYR BB 25 -79.73 -57.58 -30.01
C TYR BB 25 -79.51 -58.98 -29.45
N LEU BB 26 -80.46 -59.89 -29.63
CA LEU BB 26 -80.26 -61.29 -29.25
C LEU BB 26 -79.21 -61.96 -30.12
N PHE BB 27 -79.34 -61.83 -31.43
CA PHE BB 27 -78.40 -62.46 -32.35
C PHE BB 27 -77.19 -61.59 -32.67
N SER BB 28 -77.10 -60.40 -32.05
CA SER BB 28 -75.92 -59.53 -32.09
C SER BB 28 -75.59 -59.08 -33.52
N LEU BB 29 -76.63 -58.83 -34.32
CA LEU BB 29 -76.42 -58.42 -35.69
C LEU BB 29 -76.03 -56.93 -35.73
N PRO BB 30 -75.02 -56.57 -36.52
CA PRO BB 30 -74.61 -55.16 -36.58
C PRO BB 30 -75.60 -54.30 -37.35
N ILE BB 31 -76.05 -53.22 -36.71
CA ILE BB 31 -76.99 -52.29 -37.32
C ILE BB 31 -76.17 -51.19 -37.98
N LYS BB 32 -76.18 -51.16 -39.32
CA LYS BB 32 -75.41 -50.21 -40.09
C LYS BB 32 -76.27 -49.26 -40.90
N GLU BB 33 -77.56 -49.15 -40.57
CA GLU BB 33 -78.46 -48.20 -41.20
C GLU BB 33 -79.10 -47.33 -40.12
N SER BB 34 -79.13 -46.03 -40.38
CA SER BB 34 -79.62 -45.06 -39.40
C SER BB 34 -81.14 -44.96 -39.38
N GLU BB 35 -81.83 -45.63 -40.30
CA GLU BB 35 -83.28 -45.55 -40.38
C GLU BB 35 -83.98 -46.65 -39.60
N ILE BB 36 -83.24 -47.68 -39.16
CA ILE BB 36 -83.85 -48.80 -38.44
C ILE BB 36 -84.34 -48.35 -37.06
N ILE BB 37 -83.54 -47.54 -36.36
CA ILE BB 37 -83.95 -47.08 -35.04
C ILE BB 37 -85.02 -45.99 -35.16
N ASP BB 38 -84.97 -45.20 -36.23
CA ASP BB 38 -86.05 -44.26 -36.50
C ASP BB 38 -87.36 -44.97 -36.85
N PHE BB 39 -87.26 -46.19 -37.39
CA PHE BB 39 -88.45 -46.99 -37.62
C PHE BB 39 -88.99 -47.57 -36.31
N PHE BB 40 -88.12 -48.24 -35.53
CA PHE BB 40 -88.60 -48.93 -34.34
C PHE BB 40 -88.87 -47.98 -33.19
N LEU BB 41 -87.83 -47.30 -32.69
CA LEU BB 41 -87.95 -46.46 -31.50
C LEU BB 41 -87.93 -44.97 -31.83
N GLY BB 42 -88.22 -44.62 -33.08
CA GLY BB 42 -88.16 -43.24 -33.52
C GLY BB 42 -89.28 -42.33 -33.06
N ALA BB 43 -90.26 -42.87 -32.33
CA ALA BB 43 -91.35 -42.03 -31.84
C ALA BB 43 -90.92 -41.23 -30.61
N SER BB 44 -90.31 -41.91 -29.63
CA SER BB 44 -89.88 -41.28 -28.39
C SER BB 44 -88.38 -41.03 -28.33
N LEU BB 45 -87.70 -41.08 -29.47
CA LEU BB 45 -86.25 -40.95 -29.51
C LEU BB 45 -85.87 -39.47 -29.35
N LYS BB 46 -84.90 -39.21 -28.49
CA LYS BB 46 -84.49 -37.84 -28.18
C LYS BB 46 -83.00 -37.66 -28.41
N ASP BB 47 -82.65 -36.48 -28.95
CA ASP BB 47 -81.27 -36.08 -29.23
C ASP BB 47 -80.91 -34.91 -28.34
N GLU BB 48 -79.80 -35.02 -27.59
CA GLU BB 48 -79.29 -33.88 -26.83
C GLU BB 48 -77.78 -33.82 -27.00
N VAL BB 49 -77.29 -32.65 -27.42
CA VAL BB 49 -75.88 -32.45 -27.70
C VAL BB 49 -75.18 -32.09 -26.39
N LEU BB 50 -74.10 -32.82 -26.08
CA LEU BB 50 -73.36 -32.61 -24.85
C LEU BB 50 -72.31 -31.50 -24.99
N LYS BB 51 -71.42 -31.62 -25.96
CA LYS BB 51 -70.35 -30.65 -26.13
C LYS BB 51 -69.87 -30.64 -27.57
N ILE BB 52 -69.68 -29.44 -28.12
CA ILE BB 52 -69.03 -29.24 -29.41
C ILE BB 52 -67.57 -28.94 -29.12
N MET BB 53 -66.68 -29.86 -29.51
CA MET BB 53 -65.27 -29.76 -29.14
C MET BB 53 -64.44 -29.30 -30.33
N PRO BB 54 -63.87 -28.09 -30.31
CA PRO BB 54 -63.10 -27.60 -31.47
C PRO BB 54 -61.67 -28.11 -31.56
N VAL BB 55 -61.52 -29.32 -32.12
CA VAL BB 55 -60.18 -29.85 -32.37
C VAL BB 55 -59.67 -29.30 -33.70
N GLN BB 56 -58.35 -29.30 -33.85
CA GLN BB 56 -57.74 -28.72 -35.03
C GLN BB 56 -56.35 -29.31 -35.22
N LYS BB 57 -55.89 -29.31 -36.46
CA LYS BB 57 -54.54 -29.73 -36.82
C LYS BB 57 -53.81 -28.59 -37.50
N GLN BB 58 -52.49 -28.59 -37.39
CA GLN BB 58 -51.66 -27.51 -37.90
C GLN BB 58 -51.19 -27.86 -39.31
N THR BB 59 -51.54 -27.02 -40.28
CA THR BB 59 -51.09 -27.14 -41.65
C THR BB 59 -50.06 -26.04 -41.93
N ARG BB 60 -49.62 -25.96 -43.19
CA ARG BB 60 -48.64 -24.95 -43.55
C ARG BB 60 -49.28 -23.57 -43.64
N ALA BB 61 -50.56 -23.49 -43.97
CA ALA BB 61 -51.30 -22.22 -44.00
C ALA BB 61 -52.13 -22.08 -42.73
N GLY BB 62 -51.45 -22.02 -41.60
CA GLY BB 62 -52.13 -21.89 -40.32
C GLY BB 62 -52.79 -23.19 -39.90
N GLN BB 63 -53.83 -23.04 -39.08
CA GLN BB 63 -54.56 -24.17 -38.52
C GLN BB 63 -55.89 -24.37 -39.25
N ARG BB 64 -56.44 -25.57 -39.09
CA ARG BB 64 -57.70 -25.96 -39.72
C ARG BB 64 -58.62 -26.49 -38.62
N THR BB 65 -59.56 -25.67 -38.16
CA THR BB 65 -60.47 -26.04 -37.09
C THR BB 65 -61.67 -26.79 -37.65
N ARG BB 66 -61.89 -28.00 -37.14
CA ARG BB 66 -63.05 -28.81 -37.51
C ARG BB 66 -63.72 -29.30 -36.23
N PHE BB 67 -65.04 -29.14 -36.18
CA PHE BB 67 -65.80 -29.28 -34.94
C PHE BB 67 -66.21 -30.72 -34.71
N LYS BB 68 -66.17 -31.14 -33.45
CA LYS BB 68 -66.42 -32.52 -33.03
C LYS BB 68 -67.64 -32.54 -32.12
N ALA BB 69 -68.71 -33.19 -32.58
CA ALA BB 69 -69.99 -33.21 -31.89
C ALA BB 69 -70.18 -34.50 -31.12
N PHE BB 70 -70.69 -34.36 -29.90
CA PHE BB 70 -71.04 -35.45 -29.00
C PHE BB 70 -72.54 -35.39 -28.76
N VAL BB 71 -73.25 -36.46 -29.11
CA VAL BB 71 -74.71 -36.48 -28.99
C VAL BB 71 -75.13 -37.66 -28.13
N ALA BB 72 -75.82 -37.38 -27.02
CA ALA BB 72 -76.47 -38.41 -26.24
C ALA BB 72 -77.88 -38.61 -26.78
N ILE BB 73 -78.22 -39.86 -27.11
CA ILE BB 73 -79.47 -40.19 -27.77
C ILE BB 73 -80.20 -41.23 -26.94
N GLY BB 74 -81.53 -41.17 -26.97
CA GLY BB 74 -82.29 -42.28 -26.44
C GLY BB 74 -83.67 -41.97 -25.91
N ASP BB 75 -84.60 -42.89 -26.14
CA ASP BB 75 -85.89 -42.85 -25.46
C ASP BB 75 -85.70 -43.21 -23.99
N TYR BB 76 -86.72 -42.91 -23.19
CA TYR BB 76 -86.61 -43.03 -21.74
C TYR BB 76 -86.86 -44.44 -21.21
N ASN BB 77 -86.72 -45.47 -22.05
CA ASN BB 77 -86.98 -46.85 -21.64
C ASN BB 77 -85.96 -47.78 -22.31
N GLY BB 78 -84.83 -48.00 -21.63
CA GLY BB 78 -83.99 -49.16 -21.88
C GLY BB 78 -82.97 -49.06 -22.99
N HIS BB 79 -83.02 -48.03 -23.84
CA HIS BB 79 -82.16 -48.00 -25.01
C HIS BB 79 -81.62 -46.58 -25.22
N VAL BB 80 -80.31 -46.40 -25.00
CA VAL BB 80 -79.64 -45.12 -25.23
C VAL BB 80 -78.36 -45.37 -26.01
N GLY BB 81 -77.72 -44.27 -26.42
CA GLY BB 81 -76.46 -44.34 -27.15
C GLY BB 81 -75.71 -43.03 -27.08
N LEU BB 82 -74.45 -43.10 -27.48
CA LEU BB 82 -73.54 -41.96 -27.48
C LEU BB 82 -72.87 -41.90 -28.84
N GLY BB 83 -73.01 -40.79 -29.54
CA GLY BB 83 -72.48 -40.63 -30.89
C GLY BB 83 -71.42 -39.56 -30.94
N VAL BB 84 -70.35 -39.84 -31.69
CA VAL BB 84 -69.19 -38.96 -31.82
C VAL BB 84 -68.91 -38.76 -33.29
N LYS BB 85 -68.88 -37.50 -33.74
CA LYS BB 85 -68.54 -37.25 -35.14
C LYS BB 85 -67.88 -35.88 -35.29
N CYS BB 86 -66.73 -35.85 -35.95
CA CYS BB 86 -66.00 -34.61 -36.19
C CYS BB 86 -66.04 -34.29 -37.69
N SER BB 87 -66.53 -33.10 -38.02
CA SER BB 87 -66.65 -32.66 -39.41
C SER BB 87 -66.36 -31.17 -39.49
N LYS BB 88 -66.43 -30.63 -40.71
CA LYS BB 88 -66.00 -29.25 -40.95
C LYS BB 88 -66.95 -28.23 -40.33
N GLU BB 89 -68.26 -28.44 -40.48
CA GLU BB 89 -69.25 -27.53 -39.91
C GLU BB 89 -70.04 -28.24 -38.83
N VAL BB 90 -70.56 -27.44 -37.89
CA VAL BB 90 -71.14 -27.99 -36.67
C VAL BB 90 -72.49 -28.65 -36.95
N ALA BB 91 -73.23 -28.20 -37.99
CA ALA BB 91 -74.51 -28.80 -38.31
C ALA BB 91 -74.34 -30.20 -38.88
N THR BB 92 -73.41 -30.36 -39.84
CA THR BB 92 -73.10 -31.68 -40.38
C THR BB 92 -72.43 -32.56 -39.32
N ALA BB 93 -71.68 -31.95 -38.39
CA ALA BB 93 -71.08 -32.72 -37.29
C ALA BB 93 -72.13 -33.30 -36.37
N ILE BB 94 -73.12 -32.49 -35.97
CA ILE BB 94 -74.21 -32.96 -35.11
C ILE BB 94 -75.08 -33.97 -35.84
N ARG BB 95 -75.32 -33.76 -37.14
CA ARG BB 95 -76.12 -34.70 -37.92
C ARG BB 95 -75.44 -36.05 -38.07
N GLY BB 96 -74.14 -36.04 -38.37
CA GLY BB 96 -73.39 -37.30 -38.44
C GLY BB 96 -73.25 -37.97 -37.08
N ALA BB 97 -73.21 -37.18 -36.00
CA ALA BB 97 -73.17 -37.76 -34.67
C ALA BB 97 -74.50 -38.43 -34.32
N ILE BB 98 -75.63 -37.84 -34.72
CA ILE BB 98 -76.93 -38.47 -34.53
C ILE BB 98 -77.04 -39.74 -35.36
N ILE BB 99 -76.48 -39.72 -36.59
CA ILE BB 99 -76.52 -40.91 -37.45
C ILE BB 99 -75.69 -42.05 -36.86
N LEU BB 100 -74.45 -41.75 -36.45
CA LEU BB 100 -73.60 -42.77 -35.84
C LEU BB 100 -74.14 -43.23 -34.48
N ALA BB 101 -74.85 -42.34 -33.78
CA ALA BB 101 -75.49 -42.72 -32.53
C ALA BB 101 -76.64 -43.69 -32.77
N LYS BB 102 -77.44 -43.44 -33.81
CA LYS BB 102 -78.49 -44.39 -34.19
C LYS BB 102 -77.91 -45.72 -34.65
N LEU BB 103 -76.75 -45.69 -35.30
CA LEU BB 103 -76.06 -46.95 -35.59
C LEU BB 103 -75.56 -47.65 -34.33
N SER BB 104 -75.19 -46.90 -33.30
CA SER BB 104 -74.51 -47.51 -32.14
C SER BB 104 -75.22 -47.15 -30.83
N ILE BB 105 -76.53 -47.28 -30.77
CA ILE BB 105 -77.17 -47.35 -29.44
C ILE BB 105 -76.93 -48.73 -28.82
N VAL BB 106 -77.03 -48.79 -27.50
CA VAL BB 106 -76.91 -50.04 -26.75
C VAL BB 106 -78.13 -50.19 -25.85
N PRO BB 107 -78.52 -51.42 -25.49
CA PRO BB 107 -79.54 -51.58 -24.45
C PRO BB 107 -78.92 -51.52 -23.06
N VAL BB 108 -79.61 -50.85 -22.15
CA VAL BB 108 -79.16 -50.74 -20.78
C VAL BB 108 -80.01 -51.66 -19.91
N ARG BB 109 -79.48 -51.95 -18.72
CA ARG BB 109 -80.09 -52.91 -17.81
C ARG BB 109 -80.55 -52.19 -16.56
N ARG BB 110 -81.75 -52.53 -16.10
CA ARG BB 110 -82.27 -52.07 -14.82
C ARG BB 110 -82.69 -53.27 -13.99
N GLY BB 111 -82.41 -53.22 -12.69
CA GLY BB 111 -82.70 -54.33 -11.80
C GLY BB 111 -83.29 -53.90 -10.47
N TYR BB 112 -83.18 -54.75 -9.45
CA TYR BB 112 -83.74 -54.47 -8.15
C TYR BB 112 -82.64 -54.40 -7.10
N TRP BB 113 -82.94 -53.70 -6.00
CA TRP BB 113 -82.08 -53.63 -4.83
C TRP BB 113 -82.85 -54.25 -3.66
N GLY BB 114 -82.41 -55.42 -3.20
CA GLY BB 114 -83.06 -56.05 -2.07
C GLY BB 114 -84.42 -56.61 -2.39
N ASN BB 115 -85.47 -55.92 -1.92
CA ASN BB 115 -86.84 -56.31 -2.25
C ASN BB 115 -87.10 -56.11 -3.73
N LYS BB 116 -87.82 -57.05 -4.34
CA LYS BB 116 -87.99 -57.09 -5.79
C LYS BB 116 -89.45 -56.86 -6.20
N ILE BB 117 -90.13 -55.94 -5.52
CA ILE BB 117 -91.52 -55.64 -5.83
C ILE BB 117 -91.58 -54.46 -6.79
N GLY BB 118 -92.51 -54.51 -7.73
CA GLY BB 118 -92.71 -53.41 -8.65
C GLY BB 118 -91.86 -53.48 -9.90
N LYS BB 119 -91.47 -52.32 -10.44
CA LYS BB 119 -90.65 -52.21 -11.62
C LYS BB 119 -89.17 -52.09 -11.25
N PRO BB 120 -88.27 -52.62 -12.09
CA PRO BB 120 -86.83 -52.47 -11.81
C PRO BB 120 -86.39 -51.03 -11.97
N HIS BB 121 -85.56 -50.57 -11.05
CA HIS BB 121 -85.20 -49.16 -10.96
C HIS BB 121 -83.71 -48.89 -10.96
N THR BB 122 -82.89 -49.80 -10.43
CA THR BB 122 -81.48 -49.55 -10.23
C THR BB 122 -80.63 -50.47 -11.10
N VAL BB 123 -79.34 -50.15 -11.15
CA VAL BB 123 -78.35 -51.06 -11.73
C VAL BB 123 -78.25 -52.29 -10.84
N PRO BB 124 -78.37 -53.51 -11.37
CA PRO BB 124 -78.51 -54.68 -10.49
C PRO BB 124 -77.25 -55.09 -9.74
N CYS BB 125 -76.08 -54.63 -10.15
CA CYS BB 125 -74.84 -55.00 -9.49
C CYS BB 125 -73.80 -53.92 -9.73
N LYS BB 126 -72.71 -54.00 -8.97
CA LYS BB 126 -71.60 -53.05 -9.10
C LYS BB 126 -70.87 -53.33 -10.41
N VAL BB 127 -70.98 -52.42 -11.38
CA VAL BB 127 -70.28 -52.55 -12.65
C VAL BB 127 -69.34 -51.37 -12.83
N THR BB 128 -68.53 -51.44 -13.88
CA THR BB 128 -67.56 -50.39 -14.15
C THR BB 128 -67.28 -50.32 -15.63
N GLY BB 129 -66.67 -49.20 -16.03
CA GLY BB 129 -66.32 -48.99 -17.43
C GLY BB 129 -65.27 -47.92 -17.58
N ARG BB 130 -64.35 -48.12 -18.53
CA ARG BB 130 -63.27 -47.16 -18.70
C ARG BB 130 -62.76 -47.13 -20.13
N CYS BB 131 -62.31 -45.95 -20.55
CA CYS BB 131 -61.45 -45.78 -21.70
C CYS BB 131 -60.54 -44.60 -21.38
N GLY BB 132 -59.28 -44.71 -21.77
CA GLY BB 132 -58.31 -43.75 -21.29
C GLY BB 132 -58.08 -43.96 -19.81
N SER BB 133 -58.01 -42.87 -19.05
CA SER BB 133 -57.85 -42.93 -17.61
C SER BB 133 -59.13 -42.65 -16.85
N VAL BB 134 -60.23 -42.36 -17.54
CA VAL BB 134 -61.50 -42.09 -16.90
C VAL BB 134 -62.15 -43.41 -16.52
N LEU BB 135 -62.37 -43.63 -15.23
CA LEU BB 135 -62.97 -44.84 -14.71
C LEU BB 135 -64.32 -44.49 -14.07
N VAL BB 136 -65.40 -45.01 -14.64
CA VAL BB 136 -66.75 -44.73 -14.14
C VAL BB 136 -67.32 -46.03 -13.56
N ARG BB 137 -67.67 -46.00 -12.28
CA ARG BB 137 -68.21 -47.14 -11.58
C ARG BB 137 -69.68 -46.88 -11.27
N LEU BB 138 -70.53 -47.88 -11.52
CA LEU BB 138 -71.96 -47.78 -11.24
C LEU BB 138 -72.31 -48.72 -10.09
N ILE BB 139 -73.00 -48.17 -9.10
CA ILE BB 139 -73.31 -48.82 -7.83
C ILE BB 139 -74.83 -48.97 -7.72
N PRO BB 140 -75.34 -50.10 -7.22
CA PRO BB 140 -76.78 -50.18 -6.94
C PRO BB 140 -77.20 -49.22 -5.84
N ALA BB 141 -78.40 -48.68 -5.99
CA ALA BB 141 -78.95 -47.71 -5.07
C ALA BB 141 -80.32 -48.16 -4.57
N PRO BB 142 -80.70 -47.80 -3.33
CA PRO BB 142 -82.06 -48.09 -2.87
C PRO BB 142 -83.11 -47.23 -3.52
N ARG BB 143 -84.38 -47.48 -3.20
CA ARG BB 143 -85.47 -46.74 -3.80
C ARG BB 143 -85.55 -45.33 -3.22
N GLY BB 144 -86.02 -44.40 -4.04
CA GLY BB 144 -86.20 -43.02 -3.63
C GLY BB 144 -84.92 -42.20 -3.54
N THR BB 145 -83.79 -42.74 -3.98
CA THR BB 145 -82.52 -42.04 -3.85
C THR BB 145 -82.34 -41.00 -4.96
N GLY BB 146 -82.40 -41.43 -6.20
CA GLY BB 146 -82.11 -40.58 -7.34
C GLY BB 146 -80.80 -40.97 -7.99
N ILE BB 147 -80.46 -40.25 -9.06
CA ILE BB 147 -79.20 -40.45 -9.76
C ILE BB 147 -78.21 -39.50 -9.09
N VAL BB 148 -77.47 -40.04 -8.12
CA VAL BB 148 -76.45 -39.26 -7.41
C VAL BB 148 -75.20 -39.30 -8.28
N SER BB 149 -75.03 -38.28 -9.13
CA SER BB 149 -73.99 -38.33 -10.14
C SER BB 149 -73.69 -36.93 -10.65
N ALA BB 150 -72.71 -36.85 -11.54
CA ALA BB 150 -72.41 -35.65 -12.29
C ALA BB 150 -73.54 -35.35 -13.28
N PRO BB 151 -73.69 -34.09 -13.72
CA PRO BB 151 -74.85 -33.75 -14.57
C PRO BB 151 -74.88 -34.45 -15.92
N VAL BB 152 -73.75 -34.66 -16.58
CA VAL BB 152 -73.75 -35.34 -17.89
C VAL BB 152 -74.09 -36.83 -17.78
N PRO BB 153 -73.47 -37.66 -16.91
CA PRO BB 153 -73.97 -39.04 -16.82
C PRO BB 153 -75.29 -39.14 -16.07
N LYS BB 154 -75.67 -38.14 -15.28
CA LYS BB 154 -77.03 -38.08 -14.76
C LYS BB 154 -78.04 -37.87 -15.89
N LYS BB 155 -77.67 -37.07 -16.89
CA LYS BB 155 -78.49 -36.92 -18.09
C LYS BB 155 -78.56 -38.21 -18.88
N LEU BB 156 -77.42 -38.91 -19.00
CA LEU BB 156 -77.42 -40.21 -19.70
C LEU BB 156 -78.25 -41.25 -18.96
N LEU BB 157 -78.20 -41.28 -17.63
CA LEU BB 157 -79.00 -42.25 -16.89
C LEU BB 157 -80.47 -41.84 -16.82
N MET BB 158 -80.77 -40.54 -16.88
CA MET BB 158 -82.15 -40.09 -17.00
C MET BB 158 -82.73 -40.47 -18.35
N MET BB 159 -81.90 -40.45 -19.40
CA MET BB 159 -82.29 -41.04 -20.67
C MET BB 159 -82.45 -42.56 -20.55
N ALA BB 160 -81.56 -43.21 -19.80
CA ALA BB 160 -81.58 -44.67 -19.70
C ALA BB 160 -82.74 -45.19 -18.87
N GLY BB 161 -83.34 -44.35 -18.03
CA GLY BB 161 -84.46 -44.77 -17.22
C GLY BB 161 -84.08 -45.37 -15.87
N ILE BB 162 -82.79 -45.48 -15.58
CA ILE BB 162 -82.33 -45.93 -14.28
C ILE BB 162 -82.57 -44.79 -13.28
N ASP BB 163 -83.57 -44.96 -12.41
CA ASP BB 163 -83.97 -43.88 -11.53
C ASP BB 163 -83.01 -43.70 -10.36
N ASP BB 164 -82.37 -44.77 -9.91
CA ASP BB 164 -81.55 -44.76 -8.71
C ASP BB 164 -80.21 -45.39 -9.01
N CYS BB 165 -79.13 -44.62 -8.89
CA CYS BB 165 -77.78 -45.15 -9.12
C CYS BB 165 -76.77 -44.25 -8.44
N TYR BB 166 -75.78 -44.85 -7.77
CA TYR BB 166 -74.62 -44.13 -7.29
C TYR BB 166 -73.47 -44.31 -8.28
N THR BB 167 -72.69 -43.24 -8.46
CA THR BB 167 -71.56 -43.27 -9.38
C THR BB 167 -70.27 -42.94 -8.64
N SER BB 168 -69.16 -43.34 -9.26
CA SER BB 168 -67.82 -43.03 -8.78
C SER BB 168 -66.93 -42.74 -9.97
N ALA BB 169 -66.09 -41.71 -9.85
CA ALA BB 169 -65.24 -41.26 -10.94
C ALA BB 169 -63.78 -41.30 -10.53
N ARG BB 170 -62.92 -41.71 -11.46
CA ARG BB 170 -61.49 -41.78 -11.23
C ARG BB 170 -60.76 -41.32 -12.48
N GLY BB 171 -59.82 -40.40 -12.30
CA GLY BB 171 -59.04 -39.87 -13.40
C GLY BB 171 -59.46 -38.46 -13.76
N CYS BB 172 -58.88 -37.97 -14.85
CA CYS BB 172 -59.16 -36.62 -15.35
C CYS BB 172 -60.51 -36.65 -16.05
N THR BB 173 -61.56 -36.36 -15.30
CA THR BB 173 -62.92 -36.38 -15.81
C THR BB 173 -63.31 -35.12 -16.57
N ALA BB 174 -62.37 -34.19 -16.77
CA ALA BB 174 -62.66 -33.00 -17.56
C ALA BB 174 -62.80 -33.34 -19.04
N THR BB 175 -62.16 -34.41 -19.49
CA THR BB 175 -62.31 -34.89 -20.87
C THR BB 175 -63.68 -35.53 -20.99
N LEU BB 176 -64.65 -34.75 -21.46
CA LEU BB 176 -66.04 -35.19 -21.50
C LEU BB 176 -66.28 -36.30 -22.52
N GLY BB 177 -65.45 -36.37 -23.57
CA GLY BB 177 -65.59 -37.46 -24.54
C GLY BB 177 -65.26 -38.80 -23.94
N ASN BB 178 -64.09 -38.90 -23.29
CA ASN BB 178 -63.72 -40.14 -22.60
C ASN BB 178 -64.62 -40.42 -21.41
N PHE BB 179 -65.13 -39.36 -20.77
CA PHE BB 179 -66.03 -39.54 -19.63
C PHE BB 179 -67.37 -40.14 -20.06
N ALA BB 180 -67.93 -39.62 -21.16
CA ALA BB 180 -69.18 -40.16 -21.71
C ALA BB 180 -68.97 -41.55 -22.30
N LYS BB 181 -67.83 -41.80 -22.93
CA LYS BB 181 -67.56 -43.13 -23.45
C LYS BB 181 -67.30 -44.14 -22.32
N ALA BB 182 -66.78 -43.67 -21.18
CA ALA BB 182 -66.55 -44.57 -20.05
C ALA BB 182 -67.87 -44.96 -19.39
N THR BB 183 -68.77 -44.00 -19.17
CA THR BB 183 -70.07 -44.37 -18.64
C THR BB 183 -70.92 -45.13 -19.68
N PHE BB 184 -70.64 -44.90 -20.97
CA PHE BB 184 -71.27 -45.68 -22.03
C PHE BB 184 -70.80 -47.12 -22.02
N ASP BB 185 -69.50 -47.34 -21.79
CA ASP BB 185 -68.97 -48.70 -21.66
C ASP BB 185 -69.48 -49.38 -20.41
N ALA BB 186 -69.70 -48.63 -19.33
CA ALA BB 186 -70.28 -49.21 -18.12
C ALA BB 186 -71.72 -49.67 -18.35
N ILE BB 187 -72.56 -48.80 -18.94
CA ILE BB 187 -73.94 -49.19 -19.19
C ILE BB 187 -74.07 -50.18 -20.35
N SER BB 188 -73.02 -50.35 -21.16
CA SER BB 188 -73.02 -51.43 -22.14
C SER BB 188 -72.61 -52.75 -21.51
N LYS BB 189 -71.68 -52.73 -20.55
CA LYS BB 189 -71.26 -53.94 -19.86
C LYS BB 189 -72.23 -54.39 -18.78
N THR BB 190 -73.25 -53.57 -18.47
CA THR BB 190 -74.36 -54.05 -17.65
C THR BB 190 -75.02 -55.29 -18.27
N TYR BB 191 -75.26 -55.27 -19.57
CA TYR BB 191 -75.77 -56.43 -20.29
C TYR BB 191 -74.67 -57.38 -20.78
N SER BB 192 -73.45 -57.24 -20.27
CA SER BB 192 -72.38 -58.19 -20.55
C SER BB 192 -71.89 -58.91 -19.30
N TYR BB 193 -72.17 -58.38 -18.11
CA TYR BB 193 -71.79 -59.05 -16.88
C TYR BB 193 -72.65 -60.29 -16.65
N LEU BB 194 -71.99 -61.38 -16.28
CA LEU BB 194 -72.67 -62.65 -16.02
C LEU BB 194 -73.43 -62.54 -14.70
N THR BB 195 -74.74 -62.50 -14.78
CA THR BB 195 -75.63 -62.46 -13.62
C THR BB 195 -76.01 -63.89 -13.23
N PRO BB 196 -75.96 -64.24 -11.93
CA PRO BB 196 -76.37 -65.59 -11.52
C PRO BB 196 -77.86 -65.89 -11.67
N ASP BB 197 -78.69 -64.89 -11.98
CA ASP BB 197 -80.08 -65.15 -12.35
C ASP BB 197 -80.20 -65.72 -13.77
N LEU BB 198 -79.12 -65.70 -14.55
CA LEU BB 198 -79.11 -66.25 -15.90
C LEU BB 198 -78.63 -67.70 -15.95
N TRP BB 199 -78.86 -68.47 -14.88
CA TRP BB 199 -78.43 -69.86 -14.84
C TRP BB 199 -79.28 -70.80 -15.69
N LYS BB 200 -80.44 -70.34 -16.15
CA LYS BB 200 -81.23 -71.14 -17.09
C LYS BB 200 -80.50 -71.25 -18.41
N GLU BB 201 -80.53 -72.44 -19.01
CA GLU BB 201 -79.89 -72.67 -20.29
C GLU BB 201 -80.62 -71.89 -21.38
N THR BB 202 -79.86 -71.50 -22.40
CA THR BB 202 -80.38 -70.66 -23.48
C THR BB 202 -80.90 -71.57 -24.59
N VAL BB 203 -82.23 -71.68 -24.71
CA VAL BB 203 -82.83 -72.38 -25.83
C VAL BB 203 -82.78 -71.44 -27.04
N PHE BB 204 -81.94 -71.79 -28.01
CA PHE BB 204 -81.64 -70.89 -29.10
C PHE BB 204 -82.76 -70.92 -30.13
N THR BB 205 -83.44 -69.80 -30.30
CA THR BB 205 -84.44 -69.69 -31.34
C THR BB 205 -83.78 -69.51 -32.70
N LYS BB 206 -84.61 -69.58 -33.74
CA LYS BB 206 -84.10 -69.52 -35.10
C LYS BB 206 -83.81 -68.09 -35.51
N SER BB 207 -82.67 -67.90 -36.16
CA SER BB 207 -82.27 -66.58 -36.65
C SER BB 207 -83.23 -66.13 -37.76
N PRO BB 208 -83.53 -64.83 -37.85
CA PRO BB 208 -84.43 -64.36 -38.91
C PRO BB 208 -83.83 -64.48 -40.31
N TYR BB 209 -82.51 -64.46 -40.42
CA TYR BB 209 -81.84 -64.72 -41.69
C TYR BB 209 -82.11 -66.14 -42.18
N GLN BB 210 -82.29 -67.09 -41.26
CA GLN BB 210 -82.64 -68.46 -41.60
C GLN BB 210 -84.15 -68.67 -41.65
N GLU BB 211 -84.92 -67.81 -40.96
CA GLU BB 211 -86.38 -67.82 -41.08
C GLU BB 211 -86.82 -67.43 -42.48
N PHE BB 212 -86.46 -66.23 -42.92
CA PHE BB 212 -86.99 -65.67 -44.16
C PHE BB 212 -85.98 -65.70 -45.29
N THR BB 213 -85.20 -66.78 -45.38
CA THR BB 213 -84.16 -66.91 -46.40
C THR BB 213 -84.69 -67.07 -47.82
N ASP BB 214 -85.99 -67.34 -47.99
CA ASP BB 214 -86.58 -67.45 -49.31
C ASP BB 214 -87.09 -66.11 -49.83
N HIS BB 215 -87.66 -65.28 -48.95
CA HIS BB 215 -88.13 -63.97 -49.36
C HIS BB 215 -86.96 -63.06 -49.70
N LEU BB 216 -85.85 -63.20 -48.95
CA LEU BB 216 -84.64 -62.40 -49.17
C LEU BB 216 -83.93 -62.72 -50.47
N VAL BB 217 -84.29 -63.81 -51.14
CA VAL BB 217 -83.77 -64.10 -52.47
C VAL BB 217 -84.84 -64.08 -53.55
N LYS BB 218 -86.13 -63.98 -53.19
CA LYS BB 218 -87.14 -63.84 -54.22
C LYS BB 218 -87.62 -62.41 -54.42
N THR BB 219 -87.36 -61.50 -53.47
CA THR BB 219 -87.77 -60.12 -53.70
C THR BB 219 -86.64 -59.21 -54.17
N HIS BB 220 -85.39 -59.64 -54.05
CA HIS BB 220 -84.25 -58.90 -54.58
C HIS BB 220 -83.11 -59.88 -54.80
N THR BB 221 -81.95 -59.35 -55.17
CA THR BB 221 -80.77 -60.16 -55.44
C THR BB 221 -80.16 -60.67 -54.14
N ALA CB 1 -63.24 -29.79 44.57
CA ALA CB 1 -63.77 -28.81 45.50
C ALA CB 1 -63.08 -28.93 46.85
N ARG CB 2 -63.23 -27.89 47.68
CA ARG CB 2 -62.62 -27.85 49.00
C ARG CB 2 -63.56 -28.35 50.10
N GLY CB 3 -64.60 -29.11 49.74
CA GLY CB 3 -65.51 -29.65 50.72
C GLY CB 3 -66.74 -30.27 50.08
N PRO CB 4 -67.75 -30.57 50.90
CA PRO CB 4 -68.97 -31.16 50.37
C PRO CB 4 -69.82 -30.15 49.63
N LYS CB 5 -70.59 -30.65 48.66
CA LYS CB 5 -71.44 -29.79 47.84
C LYS CB 5 -72.71 -29.42 48.58
N LYS CB 6 -73.29 -28.28 48.17
CA LYS CB 6 -74.55 -27.82 48.73
C LYS CB 6 -75.61 -27.49 47.69
N HIS CB 7 -75.24 -27.24 46.44
CA HIS CB 7 -76.18 -26.97 45.37
C HIS CB 7 -76.30 -28.16 44.43
N LEU CB 8 -77.26 -28.08 43.52
CA LEU CB 8 -77.47 -29.09 42.49
C LEU CB 8 -78.08 -28.43 41.27
N LYS CB 9 -77.49 -28.67 40.11
CA LYS CB 9 -77.96 -28.03 38.89
C LYS CB 9 -79.19 -28.74 38.35
N ARG CB 10 -80.00 -27.98 37.60
CA ARG CB 10 -81.21 -28.54 37.00
C ARG CB 10 -80.88 -29.54 35.91
N VAL CB 11 -79.81 -29.30 35.16
CA VAL CB 11 -79.37 -30.26 34.15
C VAL CB 11 -78.75 -31.48 34.83
N ALA CB 12 -78.03 -31.27 35.93
CA ALA CB 12 -77.41 -32.36 36.68
C ALA CB 12 -78.39 -33.12 37.55
N ALA CB 13 -79.64 -32.66 37.65
CA ALA CB 13 -80.67 -33.40 38.35
C ALA CB 13 -80.97 -34.72 37.64
N PRO CB 14 -81.33 -35.77 38.38
CA PRO CB 14 -81.59 -37.07 37.74
C PRO CB 14 -82.87 -37.06 36.92
N LYS CB 15 -82.99 -38.09 36.08
CA LYS CB 15 -84.04 -38.14 35.07
C LYS CB 15 -85.40 -38.48 35.66
N HIS CB 16 -85.44 -39.29 36.72
CA HIS CB 16 -86.70 -39.76 37.27
C HIS CB 16 -87.49 -38.67 38.01
N TRP CB 17 -86.86 -37.53 38.31
CA TRP CB 17 -87.61 -36.42 38.87
C TRP CB 17 -88.48 -35.75 37.79
N MET CB 18 -88.05 -35.85 36.53
CA MET CB 18 -88.73 -35.24 35.37
C MET CB 18 -88.92 -33.73 35.53
N LEU CB 19 -87.85 -33.06 35.94
CA LEU CB 19 -87.89 -31.61 36.07
C LEU CB 19 -87.73 -30.95 34.71
N ASP CB 20 -88.13 -29.68 34.64
CA ASP CB 20 -88.10 -28.92 33.41
C ASP CB 20 -86.91 -27.96 33.35
N LYS CB 21 -86.49 -27.63 32.13
CA LYS CB 21 -85.24 -26.89 31.92
C LYS CB 21 -85.45 -25.38 31.91
N LEU CB 22 -86.61 -24.91 31.47
CA LEU CB 22 -86.82 -23.49 31.21
C LEU CB 22 -86.93 -22.66 32.49
N THR CB 23 -87.31 -23.28 33.62
CA THR CB 23 -87.63 -22.50 34.81
C THR CB 23 -86.37 -22.01 35.53
N GLY CB 24 -85.54 -22.93 36.01
CA GLY CB 24 -84.46 -22.55 36.90
C GLY CB 24 -83.13 -23.16 36.50
N VAL CB 25 -82.06 -22.52 36.99
CA VAL CB 25 -80.71 -23.02 36.78
C VAL CB 25 -80.41 -24.14 37.76
N PHE CB 26 -80.77 -23.96 39.02
CA PHE CB 26 -80.50 -24.95 40.06
C PHE CB 26 -81.69 -25.88 40.23
N ALA CB 27 -81.42 -27.03 40.84
CA ALA CB 27 -82.39 -28.04 41.23
C ALA CB 27 -82.39 -28.17 42.74
N PRO CB 28 -83.52 -28.58 43.36
CA PRO CB 28 -83.52 -28.78 44.81
C PRO CB 28 -82.68 -29.97 45.24
N ARG CB 29 -81.53 -29.67 45.81
CA ARG CB 29 -80.60 -30.69 46.31
C ARG CB 29 -81.22 -31.38 47.52
N PRO CB 30 -81.37 -32.70 47.52
CA PRO CB 30 -81.94 -33.39 48.68
C PRO CB 30 -81.00 -33.35 49.87
N SER CB 31 -81.58 -33.25 51.06
CA SER CB 31 -80.80 -33.23 52.27
C SER CB 31 -80.29 -34.62 52.60
N THR CB 32 -79.40 -34.68 53.58
CA THR CB 32 -78.87 -35.96 54.03
C THR CB 32 -79.93 -36.71 54.83
N GLY CB 33 -80.04 -38.01 54.59
CA GLY CB 33 -81.04 -38.80 55.26
C GLY CB 33 -80.97 -40.28 54.97
N PRO CB 34 -82.13 -40.95 54.94
CA PRO CB 34 -82.14 -42.40 54.80
C PRO CB 34 -81.85 -42.91 53.40
N HIS CB 35 -81.94 -42.05 52.38
CA HIS CB 35 -81.79 -42.47 50.99
C HIS CB 35 -80.63 -41.75 50.33
N LYS CB 36 -80.28 -42.21 49.13
CA LYS CB 36 -79.15 -41.68 48.40
C LYS CB 36 -79.56 -40.41 47.64
N LEU CB 37 -78.66 -39.95 46.77
CA LEU CB 37 -78.92 -38.74 46.00
C LEU CB 37 -79.84 -39.02 44.82
N ARG CB 38 -79.46 -39.96 43.96
CA ARG CB 38 -80.18 -40.25 42.72
C ARG CB 38 -81.18 -41.38 42.87
N GLU CB 39 -81.60 -41.69 44.09
CA GLU CB 39 -82.59 -42.74 44.33
C GLU CB 39 -83.84 -42.23 45.01
N CYS CB 40 -83.90 -40.98 45.41
CA CYS CB 40 -85.05 -40.42 46.09
C CYS CB 40 -85.68 -39.30 45.26
N LEU CB 41 -86.83 -38.81 45.72
CA LEU CB 41 -87.50 -37.69 45.11
C LEU CB 41 -87.89 -36.78 46.27
N PRO CB 42 -87.48 -35.51 46.25
CA PRO CB 42 -87.69 -34.64 47.40
C PRO CB 42 -89.15 -34.25 47.59
N LEU CB 43 -89.43 -33.76 48.79
CA LEU CB 43 -90.79 -33.38 49.18
C LEU CB 43 -91.28 -32.17 48.40
N ILE CB 44 -90.37 -31.26 48.05
CA ILE CB 44 -90.77 -30.08 47.28
C ILE CB 44 -91.19 -30.46 45.86
N ILE CB 45 -90.50 -31.42 45.25
CA ILE CB 45 -90.88 -31.90 43.93
C ILE CB 45 -92.16 -32.72 44.01
N PHE CB 46 -92.29 -33.54 45.06
CA PHE CB 46 -93.49 -34.35 45.25
C PHE CB 46 -94.72 -33.50 45.52
N LEU CB 47 -94.55 -32.33 46.12
CA LEU CB 47 -95.68 -31.47 46.42
C LEU CB 47 -95.99 -30.49 45.31
N ARG CB 48 -94.99 -30.04 44.55
CA ARG CB 48 -95.20 -29.03 43.52
C ARG CB 48 -95.36 -29.61 42.13
N ASN CB 49 -94.51 -30.56 41.72
CA ASN CB 49 -94.52 -31.04 40.34
C ASN CB 49 -95.48 -32.21 40.14
N ARG CB 50 -95.56 -33.14 41.07
CA ARG CB 50 -96.39 -34.33 40.91
C ARG CB 50 -97.84 -34.06 41.29
N LEU CB 51 -98.07 -33.56 42.50
CA LEU CB 51 -99.43 -33.36 43.00
C LEU CB 51 -100.03 -32.05 42.50
N LYS CB 52 -99.18 -31.07 42.18
CA LYS CB 52 -99.57 -29.72 41.75
C LYS CB 52 -100.49 -29.04 42.77
N TYR CB 53 -100.18 -29.25 44.05
CA TYR CB 53 -100.93 -28.58 45.11
C TYR CB 53 -100.52 -27.12 45.25
N ALA CB 54 -99.24 -26.88 45.51
CA ALA CB 54 -98.72 -25.53 45.65
C ALA CB 54 -98.25 -24.99 44.31
N LEU CB 55 -97.69 -23.79 44.33
CA LEU CB 55 -97.14 -23.16 43.13
C LEU CB 55 -95.65 -22.92 43.24
N THR CB 56 -95.18 -22.38 44.36
CA THR CB 56 -93.79 -21.99 44.55
C THR CB 56 -93.18 -22.74 45.72
N GLY CB 57 -91.84 -22.67 45.79
CA GLY CB 57 -91.12 -23.26 46.91
C GLY CB 57 -91.40 -22.57 48.23
N ASP CB 58 -91.75 -21.27 48.18
CA ASP CB 58 -92.19 -20.58 49.38
C ASP CB 58 -93.52 -21.14 49.87
N GLU CB 59 -94.42 -21.49 48.94
CA GLU CB 59 -95.68 -22.12 49.33
C GLU CB 59 -95.44 -23.53 49.86
N VAL CB 60 -94.47 -24.25 49.30
CA VAL CB 60 -94.09 -25.56 49.82
C VAL CB 60 -93.53 -25.44 51.24
N LYS CB 61 -92.74 -24.38 51.48
CA LYS CB 61 -92.23 -24.11 52.82
C LYS CB 61 -93.35 -23.77 53.79
N LYS CB 62 -94.36 -23.04 53.33
CA LYS CB 62 -95.53 -22.74 54.16
C LYS CB 62 -96.32 -24.00 54.50
N ILE CB 63 -96.47 -24.90 53.52
CA ILE CB 63 -97.20 -26.15 53.77
C ILE CB 63 -96.44 -27.04 54.74
N CYS CB 64 -95.11 -27.13 54.61
CA CYS CB 64 -94.37 -27.98 55.53
C CYS CB 64 -94.14 -27.32 56.88
N MET CB 65 -94.35 -26.01 57.01
CA MET CB 65 -94.25 -25.35 58.31
C MET CB 65 -95.58 -25.15 59.01
N GLN CB 66 -96.71 -25.38 58.33
CA GLN CB 66 -97.97 -25.51 59.06
C GLN CB 66 -98.17 -26.88 59.70
N ARG CB 67 -97.17 -27.77 59.61
CA ARG CB 67 -97.19 -29.13 60.20
C ARG CB 67 -98.38 -29.93 59.66
N PHE CB 68 -98.34 -30.17 58.35
CA PHE CB 68 -99.38 -30.93 57.66
C PHE CB 68 -98.84 -32.22 57.07
N ILE CB 69 -97.65 -32.18 56.47
CA ILE CB 69 -97.06 -33.37 55.85
C ILE CB 69 -96.36 -34.20 56.92
N LYS CB 70 -96.83 -35.42 57.13
CA LYS CB 70 -96.27 -36.34 58.12
C LYS CB 70 -95.64 -37.51 57.38
N ILE CB 71 -94.32 -37.45 57.18
CA ILE CB 71 -93.60 -38.51 56.49
C ILE CB 71 -93.28 -39.61 57.49
N ASP CB 72 -93.75 -40.83 57.20
CA ASP CB 72 -93.50 -42.14 57.83
C ASP CB 72 -93.27 -42.15 59.34
N GLY CB 73 -94.12 -41.43 60.08
CA GLY CB 73 -94.11 -41.49 61.53
C GLY CB 73 -93.71 -40.23 62.26
N LYS CB 74 -93.14 -39.24 61.57
CA LYS CB 74 -92.69 -38.02 62.23
C LYS CB 74 -92.69 -36.88 61.24
N VAL CB 75 -93.27 -35.74 61.64
CA VAL CB 75 -93.40 -34.60 60.75
C VAL CB 75 -92.03 -33.95 60.55
N ARG CB 76 -91.54 -34.00 59.32
CA ARG CB 76 -90.32 -33.27 58.95
C ARG CB 76 -90.70 -31.88 58.45
N THR CB 77 -89.91 -30.88 58.86
CA THR CB 77 -90.15 -29.49 58.50
C THR CB 77 -89.14 -28.98 57.48
N ASP CB 78 -88.66 -29.85 56.60
CA ASP CB 78 -87.71 -29.48 55.56
C ASP CB 78 -88.30 -29.77 54.19
N ILE CB 79 -88.05 -28.87 53.24
CA ILE CB 79 -88.61 -29.02 51.91
C ILE CB 79 -87.83 -30.01 51.05
N THR CB 80 -86.59 -30.30 51.38
CA THR CB 80 -85.74 -31.18 50.59
C THR CB 80 -85.36 -32.44 51.37
N TYR CB 81 -86.32 -33.00 52.09
CA TYR CB 81 -86.08 -34.26 52.79
C TYR CB 81 -86.05 -35.40 51.76
N PRO CB 82 -85.08 -36.31 51.85
CA PRO CB 82 -85.03 -37.41 50.88
C PRO CB 82 -86.13 -38.44 51.09
N ALA CB 83 -87.13 -38.40 50.21
CA ALA CB 83 -88.24 -39.35 50.23
C ALA CB 83 -87.99 -40.35 49.09
N GLY CB 84 -87.48 -41.52 49.45
CA GLY CB 84 -87.12 -42.55 48.50
C GLY CB 84 -88.19 -43.61 48.37
N PHE CB 85 -87.74 -44.84 48.10
CA PHE CB 85 -88.65 -45.95 47.88
C PHE CB 85 -89.15 -46.49 49.21
N MET CB 86 -90.44 -46.89 49.21
CA MET CB 86 -91.18 -47.34 50.40
C MET CB 86 -91.18 -46.29 51.50
N ASP CB 87 -91.79 -45.15 51.19
CA ASP CB 87 -92.01 -44.07 52.15
C ASP CB 87 -93.48 -43.69 52.13
N VAL CB 88 -94.05 -43.55 53.32
CA VAL CB 88 -95.47 -43.24 53.48
C VAL CB 88 -95.60 -41.79 53.92
N ILE CB 89 -96.17 -40.96 53.05
CA ILE CB 89 -96.45 -39.56 53.36
C ILE CB 89 -97.92 -39.45 53.74
N SER CB 90 -98.18 -38.97 54.95
CA SER CB 90 -99.53 -38.88 55.50
C SER CB 90 -99.90 -37.41 55.63
N ILE CB 91 -100.95 -37.00 54.93
CA ILE CB 91 -101.50 -35.66 55.05
C ILE CB 91 -102.78 -35.75 55.88
N ASP CB 92 -102.84 -34.96 56.95
CA ASP CB 92 -103.91 -35.13 57.94
C ASP CB 92 -105.23 -34.54 57.46
N LYS CB 93 -105.20 -33.37 56.82
CA LYS CB 93 -106.44 -32.66 56.53
C LYS CB 93 -107.16 -33.28 55.33
N THR CB 94 -106.41 -33.70 54.31
CA THR CB 94 -107.05 -34.31 53.15
C THR CB 94 -107.42 -35.77 53.37
N GLY CB 95 -106.87 -36.40 54.40
CA GLY CB 95 -107.16 -37.81 54.65
C GLY CB 95 -106.57 -38.76 53.63
N GLU CB 96 -105.54 -38.33 52.91
CA GLU CB 96 -104.94 -39.10 51.84
C GLU CB 96 -103.55 -39.56 52.27
N ASN CB 97 -103.27 -40.85 52.07
CA ASN CB 97 -101.98 -41.44 52.37
C ASN CB 97 -101.33 -41.89 51.07
N PHE CB 98 -100.06 -41.52 50.88
CA PHE CB 98 -99.35 -41.76 49.63
C PHE CB 98 -98.16 -42.67 49.90
N ARG CB 99 -98.02 -43.72 49.09
CA ARG CB 99 -96.90 -44.64 49.19
C ARG CB 99 -96.01 -44.46 47.97
N LEU CB 100 -94.74 -44.17 48.21
CA LEU CB 100 -93.79 -43.89 47.12
C LEU CB 100 -93.31 -45.20 46.52
N ILE CB 101 -94.04 -45.68 45.52
CA ILE CB 101 -93.66 -46.83 44.71
C ILE CB 101 -93.31 -46.29 43.33
N TYR CB 102 -92.31 -46.91 42.69
CA TYR CB 102 -91.98 -46.58 41.31
C TYR CB 102 -93.14 -46.92 40.38
N ASP CB 103 -93.27 -46.15 39.31
CA ASP CB 103 -94.18 -46.49 38.22
C ASP CB 103 -93.51 -47.55 37.36
N THR CB 104 -94.22 -48.02 36.32
CA THR CB 104 -93.59 -48.95 35.39
C THR CB 104 -92.49 -48.28 34.56
N LYS CB 105 -92.54 -46.96 34.40
CA LYS CB 105 -91.44 -46.20 33.81
C LYS CB 105 -90.43 -45.87 34.89
N GLY CB 106 -89.51 -44.96 34.59
CA GLY CB 106 -88.49 -44.58 35.57
C GLY CB 106 -88.98 -43.73 36.71
N ARG CB 107 -90.11 -43.04 36.54
CA ARG CB 107 -90.59 -42.13 37.56
C ARG CB 107 -91.31 -42.89 38.68
N PHE CB 108 -91.58 -42.17 39.77
CA PHE CB 108 -92.45 -42.67 40.83
C PHE CB 108 -93.91 -42.51 40.42
N ALA CB 109 -94.80 -43.04 41.26
CA ALA CB 109 -96.23 -42.95 41.00
C ALA CB 109 -96.92 -42.30 42.19
N VAL CB 110 -97.97 -41.53 41.89
CA VAL CB 110 -98.86 -41.00 42.90
C VAL CB 110 -99.78 -42.15 43.29
N HIS CB 111 -99.43 -42.85 44.36
CA HIS CB 111 -100.07 -44.11 44.74
C HIS CB 111 -100.81 -43.90 46.05
N ARG CB 112 -102.14 -43.93 45.98
CA ARG CB 112 -103.00 -43.73 47.14
C ARG CB 112 -103.21 -45.05 47.87
N ILE CB 113 -103.03 -45.04 49.19
CA ILE CB 113 -103.19 -46.22 50.02
C ILE CB 113 -104.14 -45.91 51.17
N THR CB 114 -104.72 -46.97 51.72
CA THR CB 114 -105.57 -46.86 52.90
C THR CB 114 -104.71 -46.62 54.14
N PRO CB 115 -105.30 -46.09 55.22
CA PRO CB 115 -104.54 -46.01 56.48
C PRO CB 115 -104.18 -47.36 57.08
N GLU CB 116 -104.98 -48.39 56.80
CA GLU CB 116 -104.64 -49.74 57.25
C GLU CB 116 -103.39 -50.25 56.56
N GLU CB 117 -103.16 -49.84 55.31
CA GLU CB 117 -101.90 -50.15 54.64
C GLU CB 117 -100.79 -49.19 55.07
N ALA CB 118 -101.14 -47.94 55.36
CA ALA CB 118 -100.17 -46.92 55.75
C ALA CB 118 -99.63 -47.13 57.16
N LYS CB 119 -100.28 -47.96 57.97
CA LYS CB 119 -99.77 -48.25 59.30
C LYS CB 119 -98.43 -48.99 59.25
N TYR CB 120 -98.21 -49.80 58.21
CA TYR CB 120 -96.97 -50.55 58.06
C TYR CB 120 -96.29 -50.18 56.74
N LYS CB 121 -95.06 -50.65 56.59
CA LYS CB 121 -94.35 -50.61 55.31
C LYS CB 121 -93.29 -51.71 55.31
N LEU CB 122 -92.77 -51.98 54.13
CA LEU CB 122 -91.81 -53.06 53.91
C LEU CB 122 -90.45 -52.46 53.57
N CYS CB 123 -89.38 -53.00 54.17
CA CYS CB 123 -88.05 -52.47 53.97
C CYS CB 123 -87.05 -53.61 53.88
N LYS CB 124 -86.17 -53.55 52.87
CA LYS CB 124 -85.13 -54.56 52.73
C LYS CB 124 -83.97 -54.26 53.65
N VAL CB 125 -83.50 -55.26 54.37
CA VAL CB 125 -82.31 -55.08 55.20
C VAL CB 125 -81.08 -55.07 54.31
N ARG CB 126 -80.06 -54.31 54.73
CA ARG CB 126 -78.80 -54.27 54.01
C ARG CB 126 -77.71 -55.10 54.67
N LYS CB 127 -77.57 -55.04 55.99
CA LYS CB 127 -76.50 -55.81 56.63
C LYS CB 127 -76.88 -56.15 58.06
N ILE CB 128 -76.10 -57.06 58.64
CA ILE CB 128 -76.28 -57.53 60.01
C ILE CB 128 -75.01 -57.21 60.79
N PHE CB 129 -75.15 -56.40 61.84
CA PHE CB 129 -74.04 -55.96 62.68
C PHE CB 129 -74.15 -56.63 64.04
N VAL CB 130 -73.02 -56.77 64.72
CA VAL CB 130 -72.99 -57.28 66.09
C VAL CB 130 -72.54 -56.13 66.99
N GLY CB 131 -73.44 -55.65 67.83
CA GLY CB 131 -73.15 -54.53 68.71
C GLY CB 131 -72.22 -54.91 69.85
N THR CB 132 -71.99 -53.94 70.73
CA THR CB 132 -70.94 -54.01 71.74
C THR CB 132 -71.24 -55.01 72.86
N LYS CB 133 -72.45 -55.56 72.94
CA LYS CB 133 -72.78 -56.54 73.96
C LYS CB 133 -73.29 -57.84 73.35
N GLY CB 134 -72.85 -58.15 72.14
CA GLY CB 134 -73.31 -59.35 71.45
C GLY CB 134 -74.74 -59.28 71.01
N ILE CB 135 -75.16 -58.15 70.46
CA ILE CB 135 -76.56 -57.90 70.12
C ILE CB 135 -76.67 -57.80 68.61
N PRO CB 136 -77.49 -58.61 67.96
CA PRO CB 136 -77.63 -58.50 66.50
C PRO CB 136 -78.41 -57.24 66.12
N HIS CB 137 -78.01 -56.63 65.00
CA HIS CB 137 -78.57 -55.39 64.49
C HIS CB 137 -78.86 -55.56 63.01
N LEU CB 138 -80.05 -55.15 62.58
CA LEU CB 138 -80.39 -55.07 61.17
C LEU CB 138 -80.25 -53.63 60.71
N VAL CB 139 -79.50 -53.44 59.62
CA VAL CB 139 -79.40 -52.16 58.94
C VAL CB 139 -80.10 -52.30 57.60
N THR CB 140 -81.11 -51.45 57.38
CA THR CB 140 -81.99 -51.52 56.23
C THR CB 140 -81.57 -50.51 55.17
N HIS CB 141 -82.38 -50.40 54.11
CA HIS CB 141 -82.07 -49.45 53.04
C HIS CB 141 -82.35 -48.01 53.46
N ASP CB 142 -83.30 -47.82 54.38
CA ASP CB 142 -83.60 -46.50 54.93
C ASP CB 142 -82.93 -46.25 56.27
N ALA CB 143 -81.78 -46.89 56.50
CA ALA CB 143 -80.90 -46.69 57.65
C ALA CB 143 -81.57 -46.98 58.99
N ARG CB 144 -82.62 -47.80 59.02
CA ARG CB 144 -83.29 -48.14 60.26
C ARG CB 144 -82.49 -49.24 60.96
N THR CB 145 -81.72 -48.87 61.98
CA THR CB 145 -80.94 -49.82 62.76
C THR CB 145 -81.85 -50.39 63.83
N ILE CB 146 -82.31 -51.61 63.62
CA ILE CB 146 -83.26 -52.27 64.51
C ILE CB 146 -82.58 -53.47 65.12
N ARG CB 147 -82.53 -53.52 66.45
CA ARG CB 147 -81.82 -54.61 67.12
C ARG CB 147 -82.78 -55.61 67.74
N TYR CB 148 -82.20 -56.70 68.24
CA TYR CB 148 -82.84 -57.94 68.69
C TYR CB 148 -83.82 -58.49 67.66
N PRO CB 149 -83.36 -58.97 66.49
CA PRO CB 149 -84.31 -59.39 65.46
C PRO CB 149 -84.67 -60.86 65.53
N ASP CB 150 -85.48 -61.31 64.59
CA ASP CB 150 -85.70 -62.73 64.39
C ASP CB 150 -84.46 -63.32 63.70
N PRO CB 151 -83.82 -64.34 64.27
CA PRO CB 151 -82.57 -64.87 63.67
C PRO CB 151 -82.73 -65.59 62.34
N LEU CB 152 -83.94 -65.71 61.79
CA LEU CB 152 -84.11 -66.24 60.45
C LEU CB 152 -83.72 -65.25 59.37
N ILE CB 153 -83.56 -63.97 59.72
CA ILE CB 153 -83.35 -62.92 58.73
C ILE CB 153 -81.91 -62.96 58.25
N LYS CB 154 -81.70 -62.86 56.94
CA LYS CB 154 -80.41 -62.89 56.29
C LYS CB 154 -80.14 -61.52 55.65
N VAL CB 155 -79.10 -61.46 54.82
CA VAL CB 155 -78.63 -60.18 54.29
C VAL CB 155 -79.64 -59.61 53.29
N ASN CB 156 -80.19 -60.44 52.42
CA ASN CB 156 -81.02 -59.98 51.31
C ASN CB 156 -82.51 -60.24 51.56
N ASP CB 157 -82.96 -60.07 52.80
CA ASP CB 157 -84.36 -60.28 53.14
C ASP CB 157 -85.07 -58.94 53.35
N THR CB 158 -86.40 -59.01 53.47
CA THR CB 158 -87.19 -57.82 53.77
C THR CB 158 -87.98 -58.03 55.05
N ILE CB 159 -88.20 -56.92 55.77
CA ILE CB 159 -88.91 -56.92 57.04
C ILE CB 159 -90.07 -55.95 56.96
N GLN CB 160 -91.14 -56.28 57.67
CA GLN CB 160 -92.37 -55.49 57.69
C GLN CB 160 -92.43 -54.78 59.04
N ILE CB 161 -92.05 -53.51 59.06
CA ILE CB 161 -91.95 -52.74 60.30
C ILE CB 161 -93.24 -51.96 60.49
N ASP CB 162 -93.55 -51.67 61.75
CA ASP CB 162 -94.72 -50.88 62.11
C ASP CB 162 -94.29 -49.44 62.36
N LEU CB 163 -95.04 -48.51 61.78
CA LEU CB 163 -94.67 -47.09 61.86
C LEU CB 163 -94.91 -46.50 63.24
N GLU CB 164 -95.87 -47.04 64.00
CA GLU CB 164 -96.21 -46.44 65.28
C GLU CB 164 -95.28 -46.87 66.40
N THR CB 165 -94.50 -47.94 66.22
CA THR CB 165 -93.61 -48.42 67.26
C THR CB 165 -92.19 -48.72 66.78
N GLY CB 166 -91.94 -48.80 65.47
CA GLY CB 166 -90.61 -49.05 64.98
C GLY CB 166 -90.10 -50.46 65.21
N LYS CB 167 -90.99 -51.43 65.26
CA LYS CB 167 -90.61 -52.83 65.47
C LYS CB 167 -91.12 -53.68 64.32
N ILE CB 168 -90.48 -54.83 64.14
CA ILE CB 168 -90.77 -55.72 63.02
C ILE CB 168 -91.99 -56.58 63.35
N THR CB 169 -92.75 -56.93 62.31
CA THR CB 169 -93.88 -57.84 62.45
C THR CB 169 -93.67 -59.13 61.68
N ASP CB 170 -93.42 -59.05 60.37
CA ASP CB 170 -93.23 -60.22 59.52
C ASP CB 170 -91.98 -60.01 58.66
N PHE CB 171 -91.66 -61.01 57.85
CA PHE CB 171 -90.46 -60.93 57.01
C PHE CB 171 -90.64 -61.83 55.80
N ILE CB 172 -89.99 -61.44 54.71
CA ILE CB 172 -89.89 -62.26 53.50
C ILE CB 172 -88.43 -62.64 53.33
N LYS CB 173 -88.16 -63.94 53.30
CA LYS CB 173 -86.84 -64.49 53.06
C LYS CB 173 -86.62 -64.63 51.56
N PHE CB 174 -85.38 -64.38 51.12
CA PHE CB 174 -85.06 -64.43 49.70
C PHE CB 174 -85.04 -65.87 49.21
N ASP CB 175 -86.16 -66.32 48.64
CA ASP CB 175 -86.28 -67.66 48.10
C ASP CB 175 -86.61 -67.57 46.61
N THR CB 176 -86.40 -68.67 45.90
CA THR CB 176 -86.72 -68.74 44.49
C THR CB 176 -88.21 -68.92 44.30
N GLY CB 177 -88.79 -68.10 43.43
CA GLY CB 177 -90.22 -68.10 43.18
C GLY CB 177 -90.96 -66.92 43.76
N ASN CB 178 -90.28 -66.04 44.51
CA ASN CB 178 -90.93 -64.88 45.10
C ASN CB 178 -91.01 -63.75 44.10
N LEU CB 179 -91.81 -62.74 44.43
CA LEU CB 179 -91.95 -61.56 43.59
C LEU CB 179 -90.72 -60.66 43.74
N CYS CB 180 -90.64 -59.64 42.88
CA CYS CB 180 -89.47 -58.78 42.84
C CYS CB 180 -89.82 -57.41 42.31
N MET CB 181 -89.28 -56.37 42.94
CA MET CB 181 -89.35 -55.00 42.45
C MET CB 181 -87.94 -54.53 42.15
N VAL CB 182 -87.64 -54.31 40.87
CA VAL CB 182 -86.31 -53.91 40.45
C VAL CB 182 -86.17 -52.41 40.74
N THR CB 183 -85.45 -52.08 41.79
CA THR CB 183 -85.31 -50.70 42.25
C THR CB 183 -84.01 -50.08 41.76
N GLY CB 184 -83.89 -49.94 40.44
CA GLY CB 184 -82.77 -49.22 39.87
C GLY CB 184 -82.23 -49.78 38.57
N GLY CB 185 -81.85 -48.89 37.66
CA GLY CB 185 -81.23 -49.30 36.42
C GLY CB 185 -82.14 -49.17 35.20
N ALA CB 186 -81.85 -49.96 34.17
CA ALA CB 186 -82.67 -49.92 32.95
C ALA CB 186 -84.00 -50.63 33.14
N ASN CB 187 -84.09 -51.54 34.11
CA ASN CB 187 -85.33 -52.25 34.42
C ASN CB 187 -86.08 -51.61 35.58
N LEU CB 188 -85.99 -50.30 35.72
CA LEU CB 188 -86.60 -49.58 36.85
C LEU CB 188 -88.11 -49.57 36.69
N GLY CB 189 -88.78 -50.42 37.46
CA GLY CB 189 -90.22 -50.51 37.43
C GLY CB 189 -90.76 -51.84 36.97
N ARG CB 190 -89.94 -52.89 37.08
CA ARG CB 190 -90.33 -54.22 36.64
C ARG CB 190 -90.77 -55.09 37.81
N ILE CB 191 -91.83 -55.85 37.58
CA ILE CB 191 -92.41 -56.74 38.60
C ILE CB 191 -92.49 -58.14 38.01
N GLY CB 192 -91.84 -59.10 38.65
CA GLY CB 192 -91.87 -60.47 38.16
C GLY CB 192 -91.46 -61.44 39.24
N VAL CB 193 -91.52 -62.73 38.90
CA VAL CB 193 -91.17 -63.80 39.83
C VAL CB 193 -89.72 -64.20 39.60
N ILE CB 194 -89.05 -64.56 40.69
CA ILE CB 194 -87.63 -64.91 40.66
C ILE CB 194 -87.50 -66.36 40.20
N THR CB 195 -86.71 -66.58 39.13
CA THR CB 195 -86.54 -67.93 38.59
C THR CB 195 -85.12 -68.46 38.65
N ASN CB 196 -84.11 -67.62 38.83
CA ASN CB 196 -82.75 -68.14 38.92
C ASN CB 196 -81.89 -67.22 39.76
N ARG CB 197 -80.95 -67.81 40.48
CA ARG CB 197 -79.91 -67.11 41.23
C ARG CB 197 -78.55 -67.62 40.81
N GLU CB 198 -77.66 -66.72 40.40
CA GLU CB 198 -76.30 -67.08 40.02
C GLU CB 198 -75.33 -66.36 40.96
N ARG CB 199 -74.63 -67.14 41.77
CA ARG CB 199 -73.63 -66.62 42.70
C ARG CB 199 -72.32 -66.38 41.97
N HIS CB 200 -71.52 -65.48 42.51
CA HIS CB 200 -70.19 -65.22 41.98
C HIS CB 200 -69.20 -65.00 43.11
N PRO CB 201 -68.20 -65.86 43.25
CA PRO CB 201 -67.13 -65.60 44.25
C PRO CB 201 -66.27 -64.43 43.79
N GLY CB 202 -66.25 -63.37 44.59
CA GLY CB 202 -65.49 -62.18 44.25
C GLY CB 202 -66.29 -61.19 43.42
N SER CB 203 -66.82 -61.65 42.28
CA SER CB 203 -67.65 -60.80 41.44
C SER CB 203 -69.04 -60.63 42.05
N PHE CB 204 -69.86 -59.84 41.39
CA PHE CB 204 -71.17 -59.47 41.91
C PHE CB 204 -72.23 -60.39 41.35
N ASP CB 205 -73.14 -60.86 42.22
CA ASP CB 205 -74.09 -61.89 41.89
C ASP CB 205 -75.19 -61.35 40.97
N VAL CB 206 -75.98 -62.26 40.39
CA VAL CB 206 -77.04 -61.84 39.49
C VAL CB 206 -78.27 -62.73 39.71
N VAL CB 207 -79.45 -62.19 39.44
CA VAL CB 207 -80.71 -62.89 39.62
C VAL CB 207 -81.50 -62.77 38.32
N HIS CB 208 -81.92 -63.91 37.78
CA HIS CB 208 -82.84 -63.94 36.64
C HIS CB 208 -84.27 -63.94 37.18
N VAL CB 209 -85.03 -62.92 36.79
CA VAL CB 209 -86.41 -62.73 37.23
C VAL CB 209 -87.30 -62.86 36.00
N LYS CB 210 -88.32 -63.71 36.10
CA LYS CB 210 -89.26 -63.95 35.01
C LYS CB 210 -90.52 -63.13 35.24
N ASP CB 211 -90.99 -62.47 34.18
CA ASP CB 211 -92.22 -61.70 34.25
C ASP CB 211 -93.41 -62.66 34.24
N ALA CB 212 -94.56 -62.17 34.73
CA ALA CB 212 -95.78 -62.96 34.74
C ALA CB 212 -96.31 -63.23 33.33
N ASN CB 213 -95.96 -62.40 32.36
CA ASN CB 213 -96.32 -62.64 30.96
C ASN CB 213 -95.28 -63.47 30.23
N GLY CB 214 -94.15 -63.78 30.86
CA GLY CB 214 -93.13 -64.60 30.24
C GLY CB 214 -91.91 -63.87 29.73
N ASN CB 215 -91.54 -62.75 30.34
CA ASN CB 215 -90.38 -61.96 29.91
C ASN CB 215 -89.28 -62.08 30.96
N SER CB 216 -88.37 -63.02 30.76
CA SER CB 216 -87.28 -63.23 31.70
C SER CB 216 -86.17 -62.21 31.45
N PHE CB 217 -85.56 -61.74 32.53
CA PHE CB 217 -84.53 -60.71 32.45
C PHE CB 217 -83.61 -60.82 33.65
N ALA CB 218 -82.33 -60.51 33.44
CA ALA CB 218 -81.34 -60.57 34.50
C ALA CB 218 -81.19 -59.21 35.18
N THR CB 219 -80.88 -59.24 36.47
CA THR CB 219 -80.75 -58.03 37.27
C THR CB 219 -79.70 -58.26 38.34
N ARG CB 220 -78.81 -57.29 38.51
CA ARG CB 220 -77.83 -57.35 39.58
C ARG CB 220 -78.50 -57.17 40.95
N LEU CB 221 -77.83 -57.68 41.98
CA LEU CB 221 -78.40 -57.77 43.32
C LEU CB 221 -78.55 -56.43 44.01
N SER CB 222 -77.87 -55.38 43.52
CA SER CB 222 -77.92 -54.09 44.18
C SER CB 222 -79.24 -53.34 43.94
N ASN CB 223 -80.06 -53.81 43.00
CA ASN CB 223 -81.33 -53.17 42.66
C ASN CB 223 -82.47 -54.16 42.69
N ILE CB 224 -82.58 -54.96 43.75
CA ILE CB 224 -83.60 -55.98 43.88
C ILE CB 224 -84.31 -55.82 45.22
N PHE CB 225 -85.64 -55.79 45.17
CA PHE CB 225 -86.48 -55.65 46.36
C PHE CB 225 -87.67 -56.59 46.21
N VAL CB 226 -87.72 -57.64 47.03
CA VAL CB 226 -88.84 -58.56 46.97
C VAL CB 226 -90.03 -57.95 47.71
N ILE CB 227 -91.24 -58.22 47.21
CA ILE CB 227 -92.46 -57.59 47.71
C ILE CB 227 -93.49 -58.60 48.17
N GLY CB 228 -93.12 -59.87 48.29
CA GLY CB 228 -94.06 -60.86 48.73
C GLY CB 228 -93.57 -62.27 48.44
N LYS CB 229 -94.41 -63.23 48.81
CA LYS CB 229 -94.11 -64.65 48.66
C LYS CB 229 -94.95 -65.24 47.54
N GLY CB 230 -94.30 -65.87 46.57
CA GLY CB 230 -94.99 -66.52 45.46
C GLY CB 230 -95.64 -65.55 44.50
N ASN CB 231 -96.98 -65.48 44.54
CA ASN CB 231 -97.74 -64.57 43.69
C ASN CB 231 -98.66 -63.69 44.53
N LYS CB 232 -98.37 -63.52 45.81
CA LYS CB 232 -99.20 -62.74 46.72
C LYS CB 232 -98.39 -61.59 47.31
N PRO CB 233 -98.47 -60.39 46.74
CA PRO CB 233 -97.75 -59.26 47.32
C PRO CB 233 -98.45 -58.73 48.56
N TRP CB 234 -97.66 -58.10 49.43
CA TRP CB 234 -98.17 -57.54 50.67
C TRP CB 234 -98.36 -56.03 50.58
N ILE CB 235 -98.23 -55.45 49.39
CA ILE CB 235 -98.48 -54.04 49.16
C ILE CB 235 -99.56 -53.91 48.08
N SER CB 236 -100.04 -52.68 47.91
CA SER CB 236 -100.94 -52.37 46.81
C SER CB 236 -100.12 -51.91 45.61
N LEU CB 237 -100.55 -52.33 44.42
CA LEU CB 237 -99.77 -52.07 43.22
C LEU CB 237 -100.43 -50.99 42.36
N PRO CB 238 -99.65 -50.11 41.75
CA PRO CB 238 -100.22 -49.09 40.86
C PRO CB 238 -100.64 -49.69 39.53
N ARG CB 239 -101.21 -48.84 38.68
CA ARG CB 239 -101.61 -49.26 37.34
C ARG CB 239 -100.39 -49.50 36.47
N GLY CB 240 -100.54 -50.41 35.51
CA GLY CB 240 -99.42 -50.87 34.72
C GLY CB 240 -98.87 -52.18 35.24
N LYS CB 241 -98.81 -52.30 36.57
CA LYS CB 241 -98.51 -53.54 37.31
C LYS CB 241 -97.10 -54.07 37.05
N GLY CB 242 -96.19 -53.23 36.55
CA GLY CB 242 -94.82 -53.64 36.31
C GLY CB 242 -94.66 -54.64 35.18
N ILE CB 243 -94.97 -54.22 33.96
CA ILE CB 243 -94.91 -55.11 32.80
C ILE CB 243 -93.88 -54.61 31.78
N ARG CB 244 -93.92 -53.32 31.45
CA ARG CB 244 -93.13 -52.70 30.38
C ARG CB 244 -93.35 -53.41 29.04
N LEU CB 245 -94.60 -53.29 28.58
CA LEU CB 245 -94.97 -53.73 27.25
C LEU CB 245 -94.32 -52.84 26.18
N THR CB 246 -94.44 -53.30 24.93
CA THR CB 246 -93.74 -52.66 23.82
C THR CB 246 -94.36 -51.31 23.49
N ILE CB 247 -93.59 -50.49 22.76
CA ILE CB 247 -94.04 -49.15 22.41
C ILE CB 247 -95.17 -49.19 21.39
N ALA CB 248 -95.21 -50.22 20.54
CA ALA CB 248 -96.33 -50.39 19.63
C ALA CB 248 -97.60 -50.77 20.38
N GLU CB 249 -97.46 -51.61 21.41
CA GLU CB 249 -98.62 -51.95 22.25
C GLU CB 249 -99.08 -50.76 23.08
N GLU CB 250 -98.16 -49.89 23.50
CA GLU CB 250 -98.54 -48.66 24.19
C GLU CB 250 -99.25 -47.70 23.25
N ARG CB 251 -98.79 -47.62 21.99
CA ARG CB 251 -99.48 -46.81 20.99
C ARG CB 251 -100.87 -47.36 20.71
N ASP CB 252 -101.02 -48.69 20.68
CA ASP CB 252 -102.33 -49.30 20.47
C ASP CB 252 -103.27 -49.03 21.65
N LYS CB 253 -102.76 -49.17 22.87
CA LYS CB 253 -103.59 -48.90 24.06
C LYS CB 253 -103.93 -47.42 24.20
N ARG CB 254 -103.09 -46.53 23.68
CA ARG CB 254 -103.44 -45.10 23.68
C ARG CB 254 -104.48 -44.80 22.61
N LEU CB 255 -104.29 -45.33 21.39
CA LEU CB 255 -105.15 -44.98 20.27
C LEU CB 255 -106.54 -45.59 20.41
N ALA CB 256 -106.63 -46.84 20.91
CA ALA CB 256 -107.92 -47.47 21.11
C ALA CB 256 -108.71 -46.79 22.22
N ALA CB 257 -108.03 -46.37 23.29
CA ALA CB 257 -108.71 -45.65 24.36
C ALA CB 257 -109.15 -44.26 23.90
N LYS CB 258 -108.34 -43.61 23.04
CA LYS CB 258 -108.73 -42.29 22.53
C LYS CB 258 -109.93 -42.40 21.58
N GLN CB 259 -109.94 -43.40 20.70
CA GLN CB 259 -111.07 -43.58 19.81
C GLN CB 259 -112.31 -44.12 20.52
N SER CB 260 -112.14 -44.79 21.67
CA SER CB 260 -113.29 -45.20 22.46
C SER CB 260 -113.87 -44.06 23.29
N SER CB 261 -113.02 -43.14 23.76
CA SER CB 261 -113.50 -41.99 24.51
C SER CB 261 -114.14 -40.96 23.60
N GLY CB 262 -113.46 -40.60 22.51
CA GLY CB 262 -113.99 -39.63 21.57
C GLY CB 262 -113.69 -38.19 21.94
N MET DB 1 -48.23 15.94 79.04
CA MET DB 1 -48.35 14.50 79.14
C MET DB 1 -49.51 14.15 80.08
N LYS DB 2 -50.60 13.67 79.49
CA LYS DB 2 -51.86 13.53 80.19
C LYS DB 2 -51.85 12.32 81.12
N LEU DB 3 -52.63 12.42 82.19
CA LEU DB 3 -52.81 11.35 83.17
C LEU DB 3 -54.30 11.10 83.31
N ASN DB 4 -54.74 9.91 82.94
CA ASN DB 4 -56.11 9.46 83.19
C ASN DB 4 -56.08 8.75 84.54
N ILE DB 5 -56.41 9.50 85.60
CA ILE DB 5 -56.30 9.01 86.97
C ILE DB 5 -57.68 8.60 87.45
N SER DB 6 -57.80 7.36 87.93
CA SER DB 6 -59.09 6.78 88.29
C SER DB 6 -59.05 6.30 89.73
N PHE DB 7 -60.09 6.65 90.49
CA PHE DB 7 -60.31 6.15 91.84
C PHE DB 7 -61.47 5.17 91.80
N PRO DB 8 -61.23 3.87 92.03
CA PRO DB 8 -62.25 2.85 91.76
C PRO DB 8 -63.26 2.66 92.89
N ALA DB 9 -62.94 3.13 94.10
CA ALA DB 9 -63.86 2.97 95.22
C ALA DB 9 -65.08 3.88 95.07
N THR DB 10 -64.93 5.00 94.37
CA THR DB 10 -66.04 5.83 93.97
C THR DB 10 -66.40 5.66 92.49
N GLY DB 11 -65.57 4.96 91.73
CA GLY DB 11 -65.81 4.79 90.31
C GLY DB 11 -65.59 6.05 89.49
N CYS DB 12 -64.68 6.91 89.89
CA CYS DB 12 -64.49 8.20 89.25
C CYS DB 12 -63.15 8.24 88.52
N GLN DB 13 -63.02 9.19 87.60
CA GLN DB 13 -61.78 9.35 86.85
C GLN DB 13 -61.68 10.78 86.36
N LYS DB 14 -60.46 11.20 86.04
CA LYS DB 14 -60.21 12.57 85.60
C LYS DB 14 -58.93 12.60 84.75
N LEU DB 15 -58.96 13.41 83.71
CA LEU DB 15 -57.81 13.68 82.87
C LEU DB 15 -57.11 14.92 83.40
N ILE DB 16 -55.81 14.79 83.70
CA ILE DB 16 -55.01 15.89 84.24
C ILE DB 16 -53.77 16.03 83.37
N GLU DB 17 -53.57 17.22 82.80
CA GLU DB 17 -52.38 17.49 82.01
C GLU DB 17 -51.23 17.90 82.91
N VAL DB 18 -50.04 17.39 82.60
CA VAL DB 18 -48.83 17.65 83.37
C VAL DB 18 -47.75 18.14 82.41
N ASP DB 19 -47.14 19.28 82.74
CA ASP DB 19 -46.08 19.88 81.95
C ASP DB 19 -44.84 20.10 82.82
N ASP DB 20 -44.46 19.07 83.58
CA ASP DB 20 -43.31 19.17 84.48
C ASP DB 20 -42.60 17.83 84.50
N GLU DB 21 -41.39 17.80 83.93
CA GLU DB 21 -40.59 16.58 83.96
C GLU DB 21 -40.05 16.28 85.35
N ARG DB 22 -39.93 17.29 86.21
CA ARG DB 22 -39.57 17.06 87.61
C ARG DB 22 -40.68 16.32 88.35
N LYS DB 23 -41.93 16.48 87.91
CA LYS DB 23 -43.03 15.71 88.46
C LYS DB 23 -43.15 14.36 87.77
N LEU DB 24 -42.82 14.29 86.49
CA LEU DB 24 -42.92 13.03 85.75
C LEU DB 24 -41.72 12.12 85.95
N ARG DB 25 -40.67 12.57 86.66
CA ARG DB 25 -39.53 11.72 86.97
C ARG DB 25 -39.90 10.56 87.89
N THR DB 26 -40.95 10.72 88.69
CA THR DB 26 -41.44 9.64 89.54
C THR DB 26 -41.97 8.48 88.72
N PHE DB 27 -42.62 8.77 87.59
CA PHE DB 27 -43.15 7.73 86.72
C PHE DB 27 -42.20 7.38 85.57
N TYR DB 28 -41.13 8.13 85.37
CA TYR DB 28 -40.13 7.77 84.38
C TYR DB 28 -39.36 6.53 84.81
N GLU DB 29 -39.11 5.64 83.84
CA GLU DB 29 -38.41 4.35 84.03
C GLU DB 29 -39.12 3.50 85.09
N LYS DB 30 -40.37 3.13 84.77
CA LYS DB 30 -41.18 2.30 85.63
C LYS DB 30 -41.88 1.23 84.79
N ARG DB 31 -41.97 0.03 85.33
CA ARG DB 31 -42.65 -1.06 84.65
C ARG DB 31 -44.17 -0.93 84.83
N MET DB 32 -44.90 -1.63 83.97
CA MET DB 32 -46.35 -1.69 84.10
C MET DB 32 -46.74 -2.48 85.35
N ALA DB 33 -47.86 -2.05 85.97
CA ALA DB 33 -48.46 -2.69 87.15
C ALA DB 33 -47.50 -2.70 88.34
N THR DB 34 -46.92 -1.55 88.64
CA THR DB 34 -46.03 -1.39 89.78
C THR DB 34 -46.59 -0.33 90.73
N GLU DB 35 -46.45 -0.57 92.03
CA GLU DB 35 -46.92 0.37 93.04
C GLU DB 35 -45.94 1.54 93.11
N VAL DB 36 -46.41 2.73 92.74
CA VAL DB 36 -45.59 3.94 92.69
C VAL DB 36 -46.15 4.93 93.68
N ALA DB 37 -45.28 5.47 94.55
CA ALA DB 37 -45.69 6.51 95.49
C ALA DB 37 -45.84 7.84 94.75
N ALA DB 38 -47.07 8.34 94.66
CA ALA DB 38 -47.37 9.56 93.92
C ALA DB 38 -47.32 10.80 94.80
N ASP DB 39 -46.51 10.78 95.86
CA ASP DB 39 -46.39 11.95 96.72
C ASP DB 39 -45.62 13.09 96.06
N ALA DB 40 -44.73 12.76 95.12
CA ALA DB 40 -43.96 13.74 94.38
C ALA DB 40 -44.69 14.27 93.15
N LEU DB 41 -45.94 13.85 92.94
CA LEU DB 41 -46.70 14.33 91.78
C LEU DB 41 -47.21 15.75 92.00
N GLY DB 42 -47.41 16.17 93.24
CA GLY DB 42 -47.86 17.53 93.51
C GLY DB 42 -47.95 17.77 94.99
N GLU DB 43 -48.42 18.97 95.34
CA GLU DB 43 -48.59 19.34 96.74
C GLU DB 43 -49.82 18.68 97.35
N GLU DB 44 -50.94 18.66 96.62
CA GLU DB 44 -52.15 18.03 97.13
C GLU DB 44 -52.03 16.51 97.12
N TRP DB 45 -51.27 15.96 96.18
CA TRP DB 45 -51.04 14.52 96.12
C TRP DB 45 -50.01 14.13 97.19
N LYS DB 46 -50.47 13.45 98.23
CA LYS DB 46 -49.59 13.01 99.31
C LYS DB 46 -50.17 11.73 99.90
N GLY DB 47 -49.36 10.68 99.96
CA GLY DB 47 -49.81 9.41 100.48
C GLY DB 47 -50.69 8.62 99.56
N TYR DB 48 -50.81 9.01 98.29
CA TYR DB 48 -51.64 8.30 97.31
C TYR DB 48 -50.79 7.24 96.63
N VAL DB 49 -50.95 5.99 97.04
CA VAL DB 49 -50.31 4.88 96.34
C VAL DB 49 -51.08 4.65 95.04
N VAL DB 50 -50.38 4.68 93.92
CA VAL DB 50 -51.00 4.58 92.61
C VAL DB 50 -50.34 3.43 91.84
N ARG DB 51 -51.13 2.74 91.03
CA ARG DB 51 -50.64 1.71 90.12
C ARG DB 51 -50.78 2.21 88.69
N ILE DB 52 -49.71 2.07 87.91
CA ILE DB 52 -49.69 2.52 86.53
C ILE DB 52 -50.00 1.32 85.65
N SER DB 53 -50.74 1.55 84.57
CA SER DB 53 -51.07 0.47 83.64
C SER DB 53 -50.71 0.80 82.19
N GLY DB 54 -50.25 2.01 81.91
CA GLY DB 54 -49.89 2.39 80.57
C GLY DB 54 -51.07 2.87 79.76
N GLY DB 55 -50.77 3.56 78.67
CA GLY DB 55 -51.80 4.11 77.79
C GLY DB 55 -51.37 4.06 76.35
N ASN DB 56 -51.53 5.17 75.65
CA ASN DB 56 -51.29 5.24 74.22
C ASN DB 56 -49.97 5.95 73.93
N ASP DB 57 -49.30 5.53 72.86
CA ASP DB 57 -48.13 6.24 72.37
C ASP DB 57 -48.58 7.54 71.70
N LYS DB 58 -47.63 8.46 71.48
CA LYS DB 58 -47.99 9.78 70.98
C LYS DB 58 -48.42 9.77 69.51
N GLN DB 59 -48.26 8.66 68.80
CA GLN DB 59 -48.85 8.47 67.49
C GLN DB 59 -50.11 7.61 67.52
N GLY DB 60 -50.59 7.26 68.71
CA GLY DB 60 -51.85 6.55 68.84
C GLY DB 60 -51.75 5.05 68.99
N PHE DB 61 -50.62 4.52 69.44
CA PHE DB 61 -50.51 3.07 69.57
C PHE DB 61 -50.58 2.65 71.02
N PRO DB 62 -51.41 1.66 71.36
CA PRO DB 62 -51.55 1.25 72.76
C PRO DB 62 -50.34 0.50 73.27
N MET DB 63 -50.37 0.22 74.57
CA MET DB 63 -49.28 -0.44 75.27
C MET DB 63 -49.52 -1.96 75.28
N LYS DB 64 -48.56 -2.70 75.81
CA LYS DB 64 -48.72 -4.14 75.98
C LYS DB 64 -47.86 -4.63 77.14
N GLN DB 65 -48.45 -5.46 77.99
CA GLN DB 65 -47.74 -6.05 79.11
C GLN DB 65 -46.79 -7.14 78.62
N GLY DB 66 -45.55 -7.12 79.14
CA GLY DB 66 -44.63 -8.22 78.96
C GLY DB 66 -43.77 -8.18 77.72
N VAL DB 67 -44.09 -7.31 76.74
CA VAL DB 67 -43.25 -7.22 75.55
C VAL DB 67 -41.91 -6.55 75.89
N LEU DB 68 -41.90 -5.68 76.91
CA LEU DB 68 -40.70 -5.27 77.66
C LEU DB 68 -39.71 -4.50 76.77
N THR DB 69 -40.21 -3.46 76.11
CA THR DB 69 -39.35 -2.59 75.31
C THR DB 69 -39.62 -1.13 75.66
N HIS DB 70 -39.07 -0.22 74.86
CA HIS DB 70 -39.35 1.21 75.00
C HIS DB 70 -39.71 1.88 73.69
N GLY DB 71 -39.61 1.18 72.57
CA GLY DB 71 -39.91 1.77 71.27
C GLY DB 71 -41.27 1.39 70.73
N ARG DB 72 -41.29 0.63 69.64
CA ARG DB 72 -42.53 0.23 68.98
C ARG DB 72 -42.32 -1.14 68.35
N VAL DB 73 -43.12 -2.12 68.77
CA VAL DB 73 -42.93 -3.52 68.42
C VAL DB 73 -44.16 -4.02 67.69
N ARG DB 74 -43.96 -4.68 66.55
CA ARG DB 74 -45.02 -5.34 65.81
C ARG DB 74 -45.07 -6.81 66.20
N LEU DB 75 -46.26 -7.30 66.55
CA LEU DB 75 -46.42 -8.66 67.05
C LEU DB 75 -47.65 -9.31 66.43
N LEU DB 76 -47.60 -10.64 66.32
CA LEU DB 76 -48.80 -11.41 66.01
C LEU DB 76 -49.72 -11.46 67.21
N LEU DB 77 -50.99 -11.12 66.99
CA LEU DB 77 -51.98 -11.15 68.05
C LEU DB 77 -53.20 -11.92 67.57
N SER DB 78 -53.74 -12.77 68.45
CA SER DB 78 -54.88 -13.59 68.13
C SER DB 78 -55.97 -13.41 69.17
N LYS DB 79 -56.98 -14.29 69.15
CA LYS DB 79 -58.04 -14.25 70.14
C LYS DB 79 -57.50 -14.62 71.52
N GLY DB 80 -57.78 -13.78 72.50
CA GLY DB 80 -57.26 -13.94 73.84
C GLY DB 80 -56.15 -12.99 74.21
N HIS DB 81 -55.58 -12.28 73.24
CA HIS DB 81 -54.52 -11.32 73.49
C HIS DB 81 -55.10 -9.92 73.66
N SER DB 82 -54.31 -9.05 74.30
CA SER DB 82 -54.71 -7.66 74.47
C SER DB 82 -54.51 -6.88 73.19
N CYS DB 83 -55.22 -5.76 73.10
CA CYS DB 83 -55.14 -4.77 72.01
C CYS DB 83 -55.48 -5.34 70.64
N TYR DB 84 -56.25 -6.42 70.59
CA TYR DB 84 -56.65 -7.01 69.31
C TYR DB 84 -57.95 -7.77 69.51
N ARG DB 85 -59.02 -7.26 68.91
CA ARG DB 85 -60.29 -7.99 68.87
C ARG DB 85 -60.34 -8.81 67.59
N PRO DB 86 -60.57 -10.12 67.66
CA PRO DB 86 -60.65 -10.91 66.43
C PRO DB 86 -61.96 -10.68 65.71
N ARG DB 87 -61.91 -10.82 64.39
CA ARG DB 87 -63.08 -10.61 63.54
C ARG DB 87 -63.61 -11.91 62.96
N ARG DB 88 -62.75 -12.67 62.29
CA ARG DB 88 -63.07 -14.06 62.00
C ARG DB 88 -62.71 -14.92 63.22
N THR DB 89 -63.26 -16.12 63.25
CA THR DB 89 -63.03 -17.03 64.38
C THR DB 89 -61.62 -17.60 64.25
N GLY DB 90 -60.68 -17.01 64.99
CA GLY DB 90 -59.29 -17.42 64.91
C GLY DB 90 -58.41 -16.58 64.02
N GLU DB 91 -58.78 -15.34 63.76
CA GLU DB 91 -58.00 -14.48 62.85
C GLU DB 91 -56.82 -13.89 63.58
N ARG DB 92 -55.64 -13.96 62.95
CA ARG DB 92 -54.40 -13.44 63.49
C ARG DB 92 -53.90 -12.32 62.59
N LYS DB 93 -53.35 -11.28 63.21
CA LYS DB 93 -52.94 -10.09 62.46
C LYS DB 93 -51.81 -9.40 63.19
N ARG DB 94 -50.84 -8.88 62.42
CA ARG DB 94 -49.76 -8.08 62.98
C ARG DB 94 -50.31 -6.75 63.51
N LYS DB 95 -49.99 -6.44 64.76
CA LYS DB 95 -50.39 -5.19 65.37
C LYS DB 95 -49.18 -4.52 66.02
N SER DB 96 -49.24 -3.20 66.12
CA SER DB 96 -48.13 -2.37 66.56
C SER DB 96 -48.42 -1.83 67.94
N VAL DB 97 -47.62 -2.24 68.93
CA VAL DB 97 -47.81 -1.87 70.33
C VAL DB 97 -46.50 -1.29 70.88
N ARG DB 98 -46.53 -0.93 72.16
CA ARG DB 98 -45.39 -0.31 72.84
C ARG DB 98 -45.05 -1.15 74.06
N GLY DB 99 -43.77 -1.08 74.48
CA GLY DB 99 -43.32 -1.80 75.65
C GLY DB 99 -43.92 -1.29 76.94
N CYS DB 100 -43.76 -2.11 77.98
CA CYS DB 100 -44.33 -1.86 79.30
C CYS DB 100 -43.45 -1.00 80.19
N ILE DB 101 -42.42 -0.36 79.64
CA ILE DB 101 -41.55 0.55 80.37
C ILE DB 101 -41.97 1.97 80.03
N VAL DB 102 -42.29 2.76 81.05
CA VAL DB 102 -42.84 4.10 80.87
C VAL DB 102 -41.68 5.08 80.68
N ASP DB 103 -41.71 5.79 79.55
CA ASP DB 103 -40.72 6.82 79.27
C ASP DB 103 -41.42 8.11 78.86
N ALA DB 104 -40.66 9.09 78.37
CA ALA DB 104 -41.22 10.36 77.95
C ALA DB 104 -41.83 10.30 76.55
N ASN DB 105 -41.70 9.18 75.85
CA ASN DB 105 -42.25 9.02 74.50
C ASN DB 105 -43.66 8.43 74.60
N LEU DB 106 -44.54 9.19 75.26
CA LEU DB 106 -45.91 8.78 75.49
C LEU DB 106 -46.82 9.99 75.43
N SER DB 107 -48.12 9.73 75.44
CA SER DB 107 -49.13 10.78 75.45
C SER DB 107 -49.99 10.75 76.70
N VAL DB 108 -50.59 9.61 77.01
CA VAL DB 108 -51.52 9.46 78.14
C VAL DB 108 -51.07 8.26 78.97
N LEU DB 109 -50.96 8.46 80.28
CA LEU DB 109 -50.72 7.36 81.22
C LEU DB 109 -51.98 7.07 82.01
N ASN DB 110 -52.34 5.79 82.12
CA ASN DB 110 -53.49 5.37 82.91
C ASN DB 110 -53.04 5.02 84.32
N LEU DB 111 -53.62 5.68 85.30
CA LEU DB 111 -53.24 5.56 86.70
C LEU DB 111 -54.46 5.17 87.53
N VAL DB 112 -54.26 4.27 88.49
CA VAL DB 112 -55.33 3.77 89.36
C VAL DB 112 -54.91 4.01 90.80
N ILE DB 113 -55.64 4.86 91.51
CA ILE DB 113 -55.31 5.12 92.92
C ILE DB 113 -55.77 3.93 93.74
N VAL DB 114 -54.81 3.18 94.29
CA VAL DB 114 -55.14 2.01 95.11
C VAL DB 114 -55.42 2.43 96.54
N LYS DB 115 -54.46 3.11 97.17
CA LYS DB 115 -54.59 3.57 98.55
C LYS DB 115 -54.79 5.08 98.57
N LYS DB 116 -55.80 5.52 99.30
CA LYS DB 116 -56.12 6.94 99.42
C LYS DB 116 -55.28 7.56 100.54
N GLY DB 117 -54.76 8.75 100.28
CA GLY DB 117 -53.86 9.43 101.20
C GLY DB 117 -54.58 10.13 102.34
N GLU DB 118 -53.96 11.22 102.81
CA GLU DB 118 -54.53 11.97 103.93
C GLU DB 118 -55.56 12.99 103.45
N LYS DB 119 -55.16 13.86 102.51
CA LYS DB 119 -56.05 14.89 102.00
C LYS DB 119 -57.08 14.31 101.05
N ASP DB 120 -58.13 15.08 100.80
CA ASP DB 120 -59.23 14.68 99.94
C ASP DB 120 -59.20 15.50 98.66
N ILE DB 121 -59.07 14.83 97.52
CA ILE DB 121 -59.10 15.50 96.23
C ILE DB 121 -60.55 15.84 95.90
N PRO DB 122 -60.84 17.04 95.38
CA PRO DB 122 -62.21 17.35 94.97
C PRO DB 122 -62.58 16.82 93.59
N GLY DB 123 -61.63 16.25 92.85
CA GLY DB 123 -61.92 15.79 91.50
C GLY DB 123 -62.35 14.34 91.41
N LEU DB 124 -61.80 13.50 92.29
CA LEU DB 124 -62.03 12.06 92.24
C LEU DB 124 -62.81 11.55 93.44
N THR DB 125 -62.34 11.82 94.65
CA THR DB 125 -62.94 11.28 95.86
C THR DB 125 -64.12 12.10 96.38
N ASP DB 126 -64.44 13.22 95.75
CA ASP DB 126 -65.57 14.04 96.19
C ASP DB 126 -66.89 13.48 95.68
N THR DB 127 -67.03 13.40 94.35
CA THR DB 127 -68.24 12.88 93.73
C THR DB 127 -68.13 11.37 93.60
N THR DB 128 -69.07 10.65 94.21
CA THR DB 128 -69.09 9.19 94.18
C THR DB 128 -70.12 8.71 93.16
N VAL DB 129 -69.68 7.88 92.23
CA VAL DB 129 -70.54 7.33 91.19
C VAL DB 129 -71.01 5.96 91.64
N PRO DB 130 -72.32 5.70 91.72
CA PRO DB 130 -72.80 4.38 92.12
C PRO DB 130 -72.67 3.38 90.99
N ARG DB 131 -72.91 2.11 91.33
CA ARG DB 131 -72.87 1.04 90.35
C ARG DB 131 -74.07 1.12 89.42
N ARG DB 132 -73.88 0.64 88.19
CA ARG DB 132 -74.90 0.76 87.16
C ARG DB 132 -75.84 -0.44 87.11
N LEU DB 133 -75.31 -1.66 87.19
CA LEU DB 133 -76.12 -2.86 87.20
C LEU DB 133 -76.00 -3.58 88.53
N GLY DB 134 -77.10 -4.18 88.97
CA GLY DB 134 -77.11 -5.00 90.16
C GLY DB 134 -76.84 -6.45 89.82
N PRO DB 135 -76.75 -7.30 90.84
CA PRO DB 135 -76.49 -8.73 90.59
C PRO DB 135 -77.67 -9.42 89.93
N LYS DB 136 -77.37 -10.42 89.11
CA LYS DB 136 -78.36 -11.17 88.34
C LYS DB 136 -78.44 -12.63 88.71
N ARG DB 137 -77.31 -13.28 88.98
CA ARG DB 137 -77.34 -14.65 89.48
C ARG DB 137 -77.81 -14.67 90.93
N ALA DB 138 -78.67 -15.64 91.25
CA ALA DB 138 -79.19 -15.78 92.60
C ALA DB 138 -78.09 -16.13 93.60
N SER DB 139 -77.06 -16.87 93.16
CA SER DB 139 -75.92 -17.15 94.03
C SER DB 139 -75.14 -15.88 94.34
N ARG DB 140 -74.99 -14.98 93.36
CA ARG DB 140 -74.33 -13.71 93.61
C ARG DB 140 -75.18 -12.79 94.49
N ILE DB 141 -76.51 -12.88 94.36
CA ILE DB 141 -77.39 -12.12 95.25
C ILE DB 141 -77.27 -12.64 96.69
N ARG DB 142 -77.18 -13.96 96.86
CA ARG DB 142 -76.96 -14.53 98.18
C ARG DB 142 -75.60 -14.16 98.75
N LYS DB 143 -74.57 -14.09 97.89
CA LYS DB 143 -73.25 -13.69 98.34
C LYS DB 143 -73.21 -12.20 98.73
N LEU DB 144 -73.97 -11.36 98.02
CA LEU DB 144 -74.01 -9.94 98.35
C LEU DB 144 -74.78 -9.70 99.65
N PHE DB 145 -76.00 -10.22 99.73
CA PHE DB 145 -76.87 -9.93 100.88
C PHE DB 145 -76.67 -10.89 102.04
N ASN DB 146 -75.71 -11.82 101.94
CA ASN DB 146 -75.38 -12.83 102.95
C ASN DB 146 -76.61 -13.68 103.30
N LEU DB 147 -77.14 -14.34 102.27
CA LEU DB 147 -78.37 -15.10 102.37
C LEU DB 147 -78.09 -16.59 102.52
N SER DB 148 -79.09 -17.32 103.00
CA SER DB 148 -78.99 -18.75 103.17
C SER DB 148 -79.55 -19.44 101.91
N LYS DB 149 -79.74 -20.76 101.99
CA LYS DB 149 -80.29 -21.54 100.89
C LYS DB 149 -81.78 -21.78 101.02
N GLU DB 150 -82.44 -21.14 101.98
CA GLU DB 150 -83.87 -21.34 102.22
C GLU DB 150 -84.69 -20.06 102.10
N ASP DB 151 -84.08 -18.89 102.29
CA ASP DB 151 -84.81 -17.64 102.21
C ASP DB 151 -85.00 -17.22 100.75
N ASP DB 152 -85.83 -16.20 100.55
CA ASP DB 152 -86.26 -15.82 99.21
C ASP DB 152 -85.21 -14.96 98.53
N VAL DB 153 -85.17 -15.07 97.20
CA VAL DB 153 -84.32 -14.22 96.38
C VAL DB 153 -85.15 -13.20 95.58
N ARG DB 154 -86.42 -13.53 95.29
CA ARG DB 154 -87.28 -12.66 94.48
C ARG DB 154 -87.61 -11.36 95.18
N GLN DB 155 -87.78 -11.41 96.52
CA GLN DB 155 -88.00 -10.19 97.28
C GLN DB 155 -86.73 -9.41 97.54
N TYR DB 156 -85.57 -10.05 97.39
CA TYR DB 156 -84.28 -9.42 97.71
C TYR DB 156 -83.48 -9.05 96.47
N VAL DB 157 -84.04 -9.25 95.27
CA VAL DB 157 -83.36 -8.81 94.06
C VAL DB 157 -83.37 -7.28 93.98
N VAL DB 158 -82.34 -6.71 93.37
CA VAL DB 158 -82.19 -5.27 93.27
C VAL DB 158 -82.96 -4.78 92.05
N ARG DB 159 -83.90 -3.87 92.26
CA ARG DB 159 -84.72 -3.30 91.22
C ARG DB 159 -84.42 -1.81 91.07
N LYS DB 160 -84.60 -1.30 89.85
CA LYS DB 160 -84.17 0.05 89.52
C LYS DB 160 -85.36 0.93 89.18
N PRO DB 161 -85.44 2.14 89.72
CA PRO DB 161 -86.50 3.07 89.31
C PRO DB 161 -86.14 3.78 88.02
N LEU DB 162 -87.19 4.13 87.25
CA LEU DB 162 -87.04 4.75 85.94
C LEU DB 162 -87.97 5.94 85.88
N ASN DB 163 -87.41 7.12 85.59
CA ASN DB 163 -88.21 8.33 85.52
C ASN DB 163 -87.68 9.27 84.45
N LYS DB 164 -88.60 9.83 83.66
CA LYS DB 164 -88.28 10.84 82.65
C LYS DB 164 -89.57 11.59 82.33
N GLU DB 165 -89.43 12.68 81.58
CA GLU DB 165 -90.58 13.50 81.23
C GLU DB 165 -91.43 12.81 80.17
N GLY DB 166 -92.72 13.10 80.20
CA GLY DB 166 -93.66 12.49 79.27
C GLY DB 166 -94.24 11.15 79.68
N LYS DB 167 -93.38 10.22 80.09
CA LYS DB 167 -93.79 8.89 80.45
C LYS DB 167 -94.00 8.76 81.96
N LYS DB 168 -94.73 7.72 82.34
CA LYS DB 168 -95.00 7.47 83.75
C LYS DB 168 -93.76 6.90 84.44
N PRO DB 169 -93.58 7.17 85.73
CA PRO DB 169 -92.49 6.54 86.48
C PRO DB 169 -92.70 5.04 86.62
N ARG DB 170 -91.64 4.28 86.38
CA ARG DB 170 -91.69 2.83 86.38
C ARG DB 170 -90.62 2.27 87.32
N THR DB 171 -90.67 0.96 87.52
CA THR DB 171 -89.67 0.25 88.31
C THR DB 171 -89.43 -1.10 87.65
N LYS DB 172 -88.17 -1.37 87.30
CA LYS DB 172 -87.84 -2.54 86.51
C LYS DB 172 -86.93 -3.47 87.30
N ALA DB 173 -87.22 -4.77 87.21
CA ALA DB 173 -86.48 -5.81 87.90
C ALA DB 173 -85.86 -6.77 86.88
N PRO DB 174 -84.65 -7.26 87.14
CA PRO DB 174 -83.99 -8.16 86.18
C PRO DB 174 -84.51 -9.59 86.27
N LYS DB 175 -84.37 -10.30 85.16
CA LYS DB 175 -84.71 -11.72 85.10
C LYS DB 175 -83.62 -12.52 85.81
N ILE DB 176 -84.00 -13.23 86.86
CA ILE DB 176 -83.04 -14.00 87.65
C ILE DB 176 -82.72 -15.30 86.92
N GLN DB 177 -81.45 -15.48 86.58
CA GLN DB 177 -80.97 -16.67 85.90
C GLN DB 177 -80.51 -17.69 86.92
N ARG DB 178 -80.72 -18.98 86.60
CA ARG DB 178 -80.41 -20.13 87.47
C ARG DB 178 -81.16 -20.04 88.80
N LEU DB 179 -82.47 -19.85 88.72
CA LEU DB 179 -83.34 -19.85 89.88
C LEU DB 179 -84.15 -21.14 89.89
N VAL DB 180 -84.31 -21.71 91.09
CA VAL DB 180 -85.02 -22.99 91.23
C VAL DB 180 -86.50 -22.76 90.99
N THR DB 181 -87.03 -23.41 89.95
CA THR DB 181 -88.42 -23.27 89.55
C THR DB 181 -89.01 -24.64 89.26
N PRO DB 182 -90.32 -24.80 89.38
CA PRO DB 182 -90.95 -26.09 89.02
C PRO DB 182 -90.81 -26.48 87.55
N ARG DB 183 -90.48 -25.56 86.65
CA ARG DB 183 -90.18 -25.96 85.27
C ARG DB 183 -88.86 -26.72 85.19
N VAL DB 184 -87.82 -26.21 85.87
CA VAL DB 184 -86.56 -26.93 85.96
C VAL DB 184 -86.72 -28.23 86.75
N LEU DB 185 -87.59 -28.23 87.77
CA LEU DB 185 -87.89 -29.48 88.49
C LEU DB 185 -88.60 -30.49 87.60
N GLN DB 186 -89.48 -30.02 86.72
CA GLN DB 186 -90.18 -30.90 85.79
C GLN DB 186 -89.22 -31.47 84.75
N HIS DB 187 -88.27 -30.66 84.28
CA HIS DB 187 -87.26 -31.16 83.33
C HIS DB 187 -86.33 -32.15 84.01
N LYS DB 188 -86.00 -31.91 85.29
CA LYS DB 188 -85.15 -32.83 86.04
C LYS DB 188 -85.85 -34.16 86.28
N ARG DB 189 -87.15 -34.12 86.54
CA ARG DB 189 -87.92 -35.37 86.59
C ARG DB 189 -88.06 -36.00 85.22
N ARG DB 190 -88.05 -35.17 84.16
CA ARG DB 190 -88.29 -35.66 82.81
C ARG DB 190 -87.12 -36.50 82.29
N ARG DB 191 -85.88 -36.04 82.51
CA ARG DB 191 -84.78 -36.81 81.94
C ARG DB 191 -84.52 -38.10 82.74
N ILE DB 192 -84.79 -38.10 84.05
CA ILE DB 192 -84.65 -39.35 84.78
C ILE DB 192 -85.83 -40.28 84.50
N ALA DB 193 -87.00 -39.74 84.13
CA ALA DB 193 -88.09 -40.59 83.67
C ALA DB 193 -87.77 -41.20 82.31
N LEU DB 194 -87.08 -40.46 81.45
CA LEU DB 194 -86.59 -41.04 80.20
C LEU DB 194 -85.54 -42.10 80.44
N LYS DB 195 -84.69 -41.93 81.46
CA LYS DB 195 -83.75 -42.97 81.84
C LYS DB 195 -84.46 -44.24 82.32
N LYS DB 196 -85.51 -44.06 83.13
CA LYS DB 196 -86.32 -45.19 83.58
C LYS DB 196 -87.00 -45.90 82.41
N GLN DB 197 -87.51 -45.12 81.45
CA GLN DB 197 -88.15 -45.69 80.27
C GLN DB 197 -87.16 -46.46 79.41
N ARG DB 198 -85.93 -45.95 79.28
CA ARG DB 198 -84.90 -46.67 78.54
C ARG DB 198 -84.52 -47.99 79.22
N THR DB 199 -84.36 -47.97 80.54
CA THR DB 199 -84.01 -49.20 81.25
C THR DB 199 -85.14 -50.24 81.20
N LYS DB 200 -86.39 -49.77 81.31
CA LYS DB 200 -87.53 -50.68 81.21
C LYS DB 200 -87.67 -51.25 79.81
N LYS DB 201 -87.39 -50.43 78.79
CA LYS DB 201 -87.44 -50.91 77.41
C LYS DB 201 -86.35 -51.93 77.14
N ASN DB 202 -85.14 -51.70 77.68
CA ASN DB 202 -84.06 -52.67 77.53
C ASN DB 202 -84.38 -53.98 78.23
N LYS DB 203 -84.99 -53.91 79.43
CA LYS DB 203 -85.34 -55.13 80.14
C LYS DB 203 -86.44 -55.92 79.41
N GLU DB 204 -87.47 -55.23 78.92
CA GLU DB 204 -88.55 -55.92 78.22
C GLU DB 204 -88.09 -56.51 76.89
N GLU DB 205 -87.27 -55.76 76.15
CA GLU DB 205 -86.81 -56.26 74.85
C GLU DB 205 -85.78 -57.37 75.03
N ALA DB 206 -84.98 -57.32 76.10
CA ALA DB 206 -84.06 -58.42 76.39
C ALA DB 206 -84.80 -59.68 76.80
N ALA DB 207 -85.91 -59.53 77.55
CA ALA DB 207 -86.72 -60.69 77.90
C ALA DB 207 -87.41 -61.29 76.68
N GLU DB 208 -87.91 -60.43 75.78
CA GLU DB 208 -88.56 -60.92 74.56
C GLU DB 208 -87.56 -61.62 73.64
N TYR DB 209 -86.34 -61.07 73.54
CA TYR DB 209 -85.32 -61.73 72.74
C TYR DB 209 -84.81 -63.00 73.41
N ALA DB 210 -84.84 -63.07 74.74
CA ALA DB 210 -84.48 -64.31 75.43
C ALA DB 210 -85.50 -65.41 75.15
N LYS DB 211 -86.79 -65.05 75.14
CA LYS DB 211 -87.83 -66.03 74.77
C LYS DB 211 -87.71 -66.46 73.33
N LEU DB 212 -87.44 -65.51 72.42
CA LEU DB 212 -87.28 -65.84 71.00
C LEU DB 212 -86.04 -66.70 70.76
N LEU DB 213 -84.94 -66.42 71.46
CA LEU DB 213 -83.72 -67.21 71.31
C LEU DB 213 -83.88 -68.59 71.93
N ALA DB 214 -84.69 -68.70 72.99
CA ALA DB 214 -84.98 -70.02 73.55
C ALA DB 214 -85.81 -70.85 72.58
N LYS DB 215 -86.77 -70.22 71.90
CA LYS DB 215 -87.55 -70.94 70.89
C LYS DB 215 -86.69 -71.35 69.69
N ARG DB 216 -85.79 -70.47 69.26
CA ARG DB 216 -84.88 -70.81 68.17
C ARG DB 216 -83.91 -71.91 68.58
N MET DB 217 -83.48 -71.92 69.85
CA MET DB 217 -82.60 -72.97 70.33
C MET DB 217 -83.32 -74.31 70.41
N LYS DB 218 -84.59 -74.29 70.81
CA LYS DB 218 -85.39 -75.52 70.83
C LYS DB 218 -85.59 -76.08 69.42
N GLU DB 219 -85.94 -75.22 68.46
CA GLU DB 219 -86.15 -75.73 67.10
C GLU DB 219 -84.83 -76.11 66.42
N ALA DB 220 -83.72 -75.45 66.78
CA ALA DB 220 -82.43 -75.85 66.25
C ALA DB 220 -81.97 -77.18 66.84
N LYS DB 221 -82.28 -77.42 68.11
CA LYS DB 221 -81.99 -78.72 68.72
C LYS DB 221 -82.85 -79.81 68.10
N GLU DB 222 -84.10 -79.47 67.76
CA GLU DB 222 -84.97 -80.42 67.05
C GLU DB 222 -84.42 -80.74 65.65
N LYS DB 223 -83.90 -79.73 64.96
CA LYS DB 223 -83.29 -79.95 63.65
C LYS DB 223 -82.01 -80.78 63.75
N ARG DB 224 -81.22 -80.57 64.80
CA ARG DB 224 -80.02 -81.37 65.02
C ARG DB 224 -80.37 -82.81 65.36
N GLN DB 225 -81.44 -83.02 66.14
CA GLN DB 225 -81.89 -84.38 66.43
C GLN DB 225 -82.43 -85.07 65.18
N GLU DB 226 -83.10 -84.31 64.31
CA GLU DB 226 -83.55 -84.87 63.02
C GLU DB 226 -82.37 -85.23 62.13
N GLN DB 227 -81.30 -84.41 62.15
CA GLN DB 227 -80.12 -84.72 61.35
C GLN DB 227 -79.37 -85.93 61.88
N ILE DB 228 -79.27 -86.07 63.20
CA ILE DB 228 -78.62 -87.24 63.79
C ILE DB 228 -79.47 -88.49 63.58
N ALA DB 229 -80.81 -88.36 63.58
CA ALA DB 229 -81.67 -89.49 63.26
C ALA DB 229 -81.54 -89.89 61.80
N LYS DB 230 -81.34 -88.92 60.91
CA LYS DB 230 -81.09 -89.22 59.51
C LYS DB 230 -79.73 -89.91 59.34
N ARG DB 231 -78.74 -89.50 60.13
CA ARG DB 231 -77.44 -90.17 60.11
C ARG DB 231 -77.55 -91.60 60.63
N ARG DB 232 -78.38 -91.82 61.65
CA ARG DB 232 -78.62 -93.19 62.15
C ARG DB 232 -79.36 -94.03 61.12
N ARG DB 233 -80.27 -93.42 60.36
CA ARG DB 233 -80.97 -94.13 59.30
C ARG DB 233 -80.01 -94.51 58.17
N LEU DB 234 -79.07 -93.61 57.83
CA LEU DB 234 -78.06 -93.94 56.83
C LEU DB 234 -77.07 -94.99 57.33
N SER DB 235 -76.79 -95.01 58.64
CA SER DB 235 -75.91 -96.04 59.17
C SER DB 235 -76.61 -97.39 59.23
N SER DB 236 -77.92 -97.41 59.48
CA SER DB 236 -78.67 -98.65 59.44
C SER DB 236 -78.90 -99.13 58.01
N LEU DB 237 -78.91 -98.21 57.06
CA LEU DB 237 -79.03 -98.57 55.65
C LEU DB 237 -77.71 -99.17 55.15
N ALA EB 1 -59.46 -121.10 24.50
CA ALA EB 1 -59.55 -120.93 23.06
C ALA EB 1 -58.63 -119.80 22.58
N LYS EB 2 -58.64 -119.54 21.27
CA LYS EB 2 -57.83 -118.47 20.73
C LYS EB 2 -58.44 -117.09 20.96
N ILE EB 3 -59.73 -117.03 21.29
CA ILE EB 3 -60.41 -115.75 21.46
C ILE EB 3 -60.02 -115.15 22.81
N VAL EB 4 -59.63 -113.87 22.79
CA VAL EB 4 -59.20 -113.15 23.99
C VAL EB 4 -59.87 -111.78 23.95
N LYS EB 5 -60.81 -111.55 24.87
CA LYS EB 5 -61.31 -110.18 24.91
C LYS EB 5 -60.58 -109.37 25.98
N PRO EB 6 -60.31 -108.09 25.71
CA PRO EB 6 -59.72 -107.24 26.76
C PRO EB 6 -60.69 -106.91 27.87
N ASN EB 7 -61.99 -106.86 27.57
CA ASN EB 7 -63.01 -106.62 28.57
C ASN EB 7 -63.42 -107.93 29.25
N GLY EB 8 -63.87 -107.82 30.50
CA GLY EB 8 -64.26 -108.99 31.26
C GLY EB 8 -65.64 -109.50 30.93
N GLU EB 9 -65.80 -110.09 29.74
CA GLU EB 9 -67.08 -110.63 29.32
C GLU EB 9 -66.83 -111.88 28.49
N LYS EB 10 -67.85 -112.74 28.43
CA LYS EB 10 -67.75 -113.99 27.69
C LYS EB 10 -67.94 -113.74 26.19
N PRO EB 11 -67.20 -114.46 25.34
CA PRO EB 11 -67.37 -114.28 23.89
C PRO EB 11 -68.66 -114.91 23.40
N ASP EB 12 -69.02 -114.54 22.17
CA ASP EB 12 -70.27 -115.01 21.58
C ASP EB 12 -70.10 -116.41 21.01
N GLU EB 13 -71.23 -117.02 20.61
CA GLU EB 13 -71.21 -118.34 20.00
C GLU EB 13 -70.53 -118.31 18.64
N PHE EB 14 -70.70 -117.22 17.89
CA PHE EB 14 -70.07 -117.07 16.58
C PHE EB 14 -68.56 -116.96 16.71
N GLU EB 15 -68.09 -116.15 17.66
CA GLU EB 15 -66.65 -116.01 17.90
C GLU EB 15 -66.06 -117.31 18.45
N SER EB 16 -66.81 -118.03 19.30
CA SER EB 16 -66.32 -119.29 19.83
C SER EB 16 -66.23 -120.35 18.75
N GLY EB 17 -67.18 -120.34 17.80
CA GLY EB 17 -67.10 -121.25 16.67
C GLY EB 17 -65.93 -120.95 15.74
N ILE EB 18 -65.64 -119.66 15.54
CA ILE EB 18 -64.46 -119.27 14.76
C ILE EB 18 -63.17 -119.70 15.47
N SER EB 19 -63.12 -119.54 16.80
CA SER EB 19 -61.94 -119.94 17.55
C SER EB 19 -61.74 -121.44 17.54
N GLN EB 20 -62.83 -122.21 17.64
CA GLN EB 20 -62.72 -123.67 17.56
C GLN EB 20 -62.35 -124.13 16.15
N ALA EB 21 -62.82 -123.43 15.11
CA ALA EB 21 -62.42 -123.78 13.75
C ALA EB 21 -60.95 -123.47 13.52
N LEU EB 22 -60.44 -122.38 14.10
CA LEU EB 22 -59.01 -122.07 13.98
C LEU EB 22 -58.15 -123.05 14.78
N LEU EB 23 -58.66 -123.52 15.93
CA LEU EB 23 -57.95 -124.57 16.67
C LEU EB 23 -57.93 -125.88 15.90
N GLU EB 24 -59.02 -126.20 15.19
CA GLU EB 24 -59.03 -127.39 14.34
C GLU EB 24 -58.07 -127.25 13.17
N LEU EB 25 -57.98 -126.05 12.60
CA LEU EB 25 -57.01 -125.82 11.51
C LEU EB 25 -55.58 -125.90 12.00
N GLU EB 26 -55.32 -125.44 13.24
CA GLU EB 26 -53.99 -125.58 13.82
C GLU EB 26 -53.65 -127.04 14.10
N MET EB 27 -54.59 -127.80 14.65
CA MET EB 27 -54.34 -129.22 14.93
C MET EB 27 -54.28 -130.08 13.68
N ASN EB 28 -54.87 -129.64 12.57
CA ASN EB 28 -54.82 -130.41 11.34
C ASN EB 28 -53.62 -130.04 10.47
N SER EB 29 -53.40 -128.76 10.21
CA SER EB 29 -52.34 -128.36 9.29
C SER EB 29 -51.00 -128.31 10.00
N ASP EB 30 -49.98 -127.89 9.27
CA ASP EB 30 -48.59 -127.98 9.73
C ASP EB 30 -48.03 -126.68 10.28
N LEU EB 31 -48.75 -125.56 10.14
CA LEU EB 31 -48.23 -124.27 10.59
C LEU EB 31 -48.66 -123.95 12.04
N LYS EB 32 -48.44 -124.93 12.92
CA LYS EB 32 -48.81 -124.77 14.32
C LYS EB 32 -47.83 -123.86 15.05
N ALA EB 33 -46.59 -123.76 14.59
CA ALA EB 33 -45.64 -122.83 15.17
C ALA EB 33 -46.00 -121.39 14.86
N GLN EB 34 -46.73 -121.16 13.77
CA GLN EB 34 -47.21 -119.82 13.44
C GLN EB 34 -48.62 -119.58 13.96
N LEU EB 35 -49.37 -120.62 14.30
CA LEU EB 35 -50.70 -120.43 14.85
C LEU EB 35 -50.78 -120.56 16.37
N ARG EB 36 -49.69 -120.94 17.04
CA ARG EB 36 -49.75 -121.12 18.48
C ARG EB 36 -49.67 -119.80 19.24
N GLU EB 37 -48.74 -118.93 18.87
CA GLU EB 37 -48.47 -117.71 19.62
C GLU EB 37 -49.36 -116.54 19.22
N LEU EB 38 -50.40 -116.78 18.43
CA LEU EB 38 -51.21 -115.71 17.87
C LEU EB 38 -52.65 -115.82 18.38
N ASN EB 39 -53.22 -114.68 18.78
CA ASN EB 39 -54.54 -114.63 19.40
C ASN EB 39 -55.50 -113.82 18.54
N ILE EB 40 -56.77 -113.83 18.93
CA ILE EB 40 -57.84 -113.14 18.21
C ILE EB 40 -58.64 -112.33 19.23
N THR EB 41 -58.82 -111.04 18.95
CA THR EB 41 -59.53 -110.17 19.88
C THR EB 41 -61.04 -110.35 19.79
N ALA EB 42 -61.62 -110.22 18.59
CA ALA EB 42 -63.06 -110.33 18.41
C ALA EB 42 -63.35 -110.68 16.96
N ALA EB 43 -64.64 -110.88 16.68
CA ALA EB 43 -65.09 -111.20 15.33
C ALA EB 43 -66.56 -110.82 15.19
N LYS EB 44 -66.93 -110.33 14.01
CA LYS EB 44 -68.30 -109.94 13.72
C LYS EB 44 -68.68 -110.43 12.32
N GLU EB 45 -69.99 -110.38 12.04
CA GLU EB 45 -70.54 -110.81 10.77
C GLU EB 45 -71.52 -109.74 10.28
N ILE EB 46 -71.39 -109.34 9.03
CA ILE EB 46 -72.22 -108.30 8.44
C ILE EB 46 -72.84 -108.84 7.15
N GLU EB 47 -73.74 -108.04 6.58
CA GLU EB 47 -74.35 -108.32 5.29
C GLU EB 47 -73.96 -107.22 4.31
N VAL EB 48 -73.46 -107.62 3.14
CA VAL EB 48 -73.00 -106.68 2.15
C VAL EB 48 -74.13 -106.48 1.14
N GLY EB 49 -74.00 -105.47 0.28
CA GLY EB 49 -74.99 -105.12 -0.72
C GLY EB 49 -75.33 -106.24 -1.70
N GLY EB 50 -76.62 -106.53 -1.81
CA GLY EB 50 -77.05 -107.72 -2.51
C GLY EB 50 -77.30 -108.87 -1.55
N GLY EB 51 -77.52 -110.04 -2.13
CA GLY EB 51 -77.74 -111.23 -1.32
C GLY EB 51 -76.44 -111.92 -0.95
N ARG EB 52 -75.64 -111.30 -0.09
CA ARG EB 52 -74.35 -111.86 0.28
C ARG EB 52 -73.96 -111.37 1.66
N LYS EB 53 -73.39 -112.28 2.45
CA LYS EB 53 -72.88 -111.98 3.78
C LYS EB 53 -71.36 -111.86 3.76
N ALA EB 54 -70.81 -111.40 4.88
CA ALA EB 54 -69.37 -111.22 5.01
C ALA EB 54 -68.98 -111.32 6.48
N ILE EB 55 -67.71 -111.56 6.72
CA ILE EB 55 -67.18 -111.82 8.05
C ILE EB 55 -65.95 -110.96 8.27
N ILE EB 56 -65.80 -110.42 9.48
CA ILE EB 56 -64.63 -109.65 9.88
C ILE EB 56 -64.07 -110.23 11.17
N ILE EB 57 -62.75 -110.32 11.25
CA ILE EB 57 -62.06 -110.83 12.43
C ILE EB 57 -61.01 -109.80 12.84
N PHE EB 58 -61.15 -109.25 14.04
CA PHE EB 58 -60.27 -108.20 14.50
C PHE EB 58 -58.98 -108.77 15.06
N VAL EB 59 -57.89 -108.05 14.82
CA VAL EB 59 -56.54 -108.59 14.94
C VAL EB 59 -55.78 -107.80 16.00
N PRO EB 60 -54.98 -108.44 16.86
CA PRO EB 60 -54.09 -107.69 17.76
C PRO EB 60 -53.04 -106.91 16.99
N VAL EB 61 -52.61 -105.79 17.56
CA VAL EB 61 -51.74 -104.83 16.88
C VAL EB 61 -50.27 -105.23 16.85
N PRO EB 62 -49.60 -105.67 17.94
CA PRO EB 62 -48.15 -105.96 17.80
C PRO EB 62 -47.84 -107.19 16.97
N GLN EB 63 -48.78 -108.10 16.79
CA GLN EB 63 -48.57 -109.28 15.99
C GLN EB 63 -49.07 -109.11 14.56
N LEU EB 64 -49.41 -107.88 14.16
CA LEU EB 64 -50.03 -107.63 12.87
C LEU EB 64 -49.06 -107.89 11.71
N LYS EB 65 -47.76 -107.77 11.96
CA LYS EB 65 -46.77 -108.15 10.94
C LYS EB 65 -46.84 -109.66 10.66
N SER EB 66 -46.90 -110.48 11.70
CA SER EB 66 -47.05 -111.92 11.53
C SER EB 66 -48.42 -112.27 10.95
N PHE EB 67 -49.46 -111.52 11.30
CA PHE EB 67 -50.78 -111.78 10.74
C PHE EB 67 -50.85 -111.44 9.25
N GLN EB 68 -50.18 -110.38 8.82
CA GLN EB 68 -50.16 -110.09 7.39
C GLN EB 68 -49.21 -111.02 6.63
N LYS EB 69 -48.21 -111.59 7.31
CA LYS EB 69 -47.42 -112.64 6.67
C LYS EB 69 -48.21 -113.93 6.53
N ILE EB 70 -49.07 -114.25 7.49
CA ILE EB 70 -49.88 -115.46 7.45
C ILE EB 70 -51.22 -115.20 6.75
N GLN EB 71 -51.41 -113.98 6.21
CA GLN EB 71 -52.71 -113.51 5.71
C GLN EB 71 -53.21 -114.32 4.52
N VAL EB 72 -52.31 -114.69 3.60
CA VAL EB 72 -52.73 -115.24 2.32
C VAL EB 72 -53.21 -116.68 2.48
N ARG EB 73 -52.38 -117.53 3.05
CA ARG EB 73 -52.68 -118.97 3.11
C ARG EB 73 -53.82 -119.28 4.07
N LEU EB 74 -53.98 -118.49 5.13
CA LEU EB 74 -55.04 -118.75 6.09
C LEU EB 74 -56.41 -118.39 5.50
N VAL EB 75 -56.47 -117.33 4.71
CA VAL EB 75 -57.67 -117.02 3.93
C VAL EB 75 -57.90 -118.08 2.86
N ARG EB 76 -56.82 -118.65 2.31
CA ARG EB 76 -56.98 -119.75 1.34
C ARG EB 76 -57.56 -121.00 2.00
N GLU EB 77 -57.24 -121.28 3.26
CA GLU EB 77 -57.90 -122.39 3.92
C GLU EB 77 -59.31 -122.03 4.41
N LEU EB 78 -59.56 -120.78 4.80
CA LEU EB 78 -60.91 -120.40 5.23
C LEU EB 78 -61.88 -120.25 4.07
N GLU EB 79 -61.39 -120.14 2.83
CA GLU EB 79 -62.28 -120.01 1.69
C GLU EB 79 -63.11 -121.28 1.46
N LYS EB 80 -62.50 -122.45 1.64
CA LYS EB 80 -63.25 -123.69 1.54
C LYS EB 80 -64.06 -123.99 2.80
N LYS EB 81 -63.73 -123.36 3.93
CA LYS EB 81 -64.54 -123.52 5.13
C LYS EB 81 -65.81 -122.70 5.04
N PHE EB 82 -65.67 -121.38 4.92
CA PHE EB 82 -66.79 -120.48 4.68
C PHE EB 82 -66.83 -120.20 3.18
N SER EB 83 -67.67 -120.94 2.46
CA SER EB 83 -67.67 -120.89 1.00
C SER EB 83 -68.32 -119.62 0.50
N GLY EB 84 -69.50 -119.29 1.01
CA GLY EB 84 -70.24 -118.13 0.54
C GLY EB 84 -69.98 -116.86 1.31
N LYS EB 85 -68.80 -116.73 1.91
CA LYS EB 85 -68.44 -115.56 2.68
C LYS EB 85 -66.98 -115.20 2.42
N HIS EB 86 -66.71 -113.92 2.23
CA HIS EB 86 -65.35 -113.40 2.09
C HIS EB 86 -64.84 -112.99 3.47
N VAL EB 87 -63.56 -113.28 3.74
CA VAL EB 87 -62.94 -112.98 5.02
C VAL EB 87 -61.80 -111.98 4.80
N VAL EB 88 -61.64 -111.07 5.75
CA VAL EB 88 -60.56 -110.09 5.72
C VAL EB 88 -60.17 -109.79 7.17
N PHE EB 89 -58.91 -109.44 7.39
CA PHE EB 89 -58.37 -109.19 8.72
C PHE EB 89 -58.03 -107.71 8.89
N ILE EB 90 -58.65 -107.07 9.88
CA ILE EB 90 -58.42 -105.67 10.20
C ILE EB 90 -58.03 -105.58 11.66
N ALA EB 91 -56.90 -104.94 11.95
CA ALA EB 91 -56.41 -104.85 13.32
C ALA EB 91 -57.27 -103.89 14.14
N GLN EB 92 -57.52 -104.26 15.40
CA GLN EB 92 -58.34 -103.49 16.32
C GLN EB 92 -57.49 -102.41 16.97
N ARG EB 93 -57.66 -101.18 16.53
CA ARG EB 93 -56.88 -100.04 17.02
C ARG EB 93 -57.80 -99.08 17.78
N ARG EB 94 -57.36 -98.65 18.95
CA ARG EB 94 -58.17 -97.79 19.81
C ARG EB 94 -58.19 -96.37 19.29
N ILE EB 95 -59.38 -95.78 19.21
CA ILE EB 95 -59.55 -94.40 18.79
C ILE EB 95 -59.50 -93.50 20.03
N LEU EB 96 -58.94 -92.30 19.87
CA LEU EB 96 -58.85 -91.34 20.96
C LEU EB 96 -59.44 -90.01 20.48
N PRO EB 97 -60.27 -89.36 21.29
CA PRO EB 97 -60.92 -88.13 20.85
C PRO EB 97 -59.98 -86.93 20.88
N LYS EB 98 -60.43 -85.86 20.24
CA LYS EB 98 -59.70 -84.59 20.28
C LYS EB 98 -59.83 -83.98 21.68
N PRO EB 99 -58.73 -83.48 22.25
CA PRO EB 99 -58.83 -82.74 23.52
C PRO EB 99 -59.52 -81.40 23.30
N THR EB 100 -60.66 -81.22 23.98
CA THR EB 100 -61.49 -80.04 23.83
C THR EB 100 -60.93 -78.97 24.79
N ARG EB 101 -61.52 -77.77 24.78
CA ARG EB 101 -61.14 -76.73 25.75
C ARG EB 101 -61.47 -77.16 27.18
N LYS EB 102 -62.54 -77.94 27.36
CA LYS EB 102 -62.87 -78.45 28.68
C LYS EB 102 -61.97 -79.62 29.05
N SER EB 103 -61.99 -80.68 28.26
CA SER EB 103 -61.15 -81.85 28.51
C SER EB 103 -59.71 -81.58 28.07
N LYS EB 108 -53.17 -86.74 32.12
CA LYS EB 108 -53.44 -87.04 30.72
C LYS EB 108 -52.24 -86.69 29.84
N GLN EB 109 -51.71 -87.69 29.14
CA GLN EB 109 -50.55 -87.52 28.28
C GLN EB 109 -50.96 -86.95 26.92
N LYS EB 110 -49.98 -86.84 26.02
CA LYS EB 110 -50.24 -86.39 24.65
C LYS EB 110 -50.90 -87.52 23.87
N ARG EB 111 -51.91 -87.16 23.10
CA ARG EB 111 -52.53 -88.12 22.20
C ARG EB 111 -51.59 -88.38 21.04
N PRO EB 112 -51.13 -89.62 20.83
CA PRO EB 112 -50.25 -89.89 19.70
C PRO EB 112 -51.00 -89.87 18.38
N ARG EB 113 -50.33 -89.32 17.37
CA ARG EB 113 -50.97 -89.00 16.10
C ARG EB 113 -51.23 -90.21 15.23
N SER EB 114 -50.75 -91.40 15.61
CA SER EB 114 -51.14 -92.62 14.93
C SER EB 114 -52.51 -93.12 15.37
N ARG EB 115 -53.10 -92.51 16.41
CA ARG EB 115 -54.35 -92.98 16.99
C ARG EB 115 -55.51 -92.02 16.70
N THR EB 116 -55.36 -91.15 15.72
CA THR EB 116 -56.39 -90.18 15.39
C THR EB 116 -57.42 -90.79 14.45
N LEU EB 117 -58.34 -89.96 13.96
CA LEU EB 117 -59.43 -90.45 13.12
C LEU EB 117 -58.95 -90.83 11.73
N THR EB 118 -57.89 -90.18 11.24
CA THR EB 118 -57.40 -90.42 9.89
C THR EB 118 -56.43 -91.59 9.81
N ALA EB 119 -55.47 -91.66 10.75
CA ALA EB 119 -54.43 -92.69 10.69
C ALA EB 119 -54.98 -94.08 10.96
N VAL EB 120 -55.96 -94.20 11.87
CA VAL EB 120 -56.57 -95.49 12.16
C VAL EB 120 -57.36 -95.98 10.95
N HIS EB 121 -58.09 -95.09 10.29
CA HIS EB 121 -58.85 -95.48 9.11
C HIS EB 121 -57.94 -95.83 7.94
N ASP EB 122 -56.81 -95.13 7.82
CA ASP EB 122 -55.83 -95.47 6.79
C ASP EB 122 -55.19 -96.83 7.07
N ALA EB 123 -54.96 -97.15 8.34
CA ALA EB 123 -54.45 -98.47 8.70
C ALA EB 123 -55.49 -99.56 8.48
N ILE EB 124 -56.77 -99.25 8.68
CA ILE EB 124 -57.85 -100.19 8.37
C ILE EB 124 -57.90 -100.47 6.87
N LEU EB 125 -57.73 -99.42 6.05
CA LEU EB 125 -57.72 -99.61 4.59
C LEU EB 125 -56.48 -100.40 4.15
N GLU EB 126 -55.35 -100.18 4.81
CA GLU EB 126 -54.14 -100.94 4.52
C GLU EB 126 -54.30 -102.40 4.92
N ASP EB 127 -55.01 -102.67 6.01
CA ASP EB 127 -55.31 -104.05 6.40
C ASP EB 127 -56.30 -104.69 5.44
N LEU EB 128 -57.23 -103.90 4.88
CA LEU EB 128 -58.13 -104.40 3.85
C LEU EB 128 -57.41 -104.82 2.58
N VAL EB 129 -56.81 -103.88 1.87
CA VAL EB 129 -56.15 -104.22 0.58
C VAL EB 129 -54.68 -104.48 0.89
N PHE EB 130 -54.40 -105.71 1.35
CA PHE EB 130 -53.03 -106.20 1.51
C PHE EB 130 -52.39 -106.78 0.24
N PRO EB 131 -53.03 -107.68 -0.55
CA PRO EB 131 -52.32 -108.22 -1.72
C PRO EB 131 -52.10 -107.21 -2.84
N SER EB 132 -52.88 -106.13 -2.87
CA SER EB 132 -52.65 -105.00 -3.77
C SER EB 132 -52.55 -103.76 -2.89
N GLU EB 133 -51.33 -103.29 -2.66
CA GLU EB 133 -51.11 -102.14 -1.79
C GLU EB 133 -51.57 -100.85 -2.47
N ILE EB 134 -51.77 -99.82 -1.65
CA ILE EB 134 -52.43 -98.60 -2.10
C ILE EB 134 -51.49 -97.79 -2.98
N VAL EB 135 -51.90 -97.54 -4.22
CA VAL EB 135 -51.10 -96.77 -5.16
C VAL EB 135 -51.49 -95.29 -5.12
N GLY EB 136 -52.78 -95.00 -5.05
CA GLY EB 136 -53.23 -93.62 -4.99
C GLY EB 136 -54.59 -93.51 -4.35
N LYS EB 137 -54.87 -92.31 -3.84
CA LYS EB 137 -56.13 -92.02 -3.17
C LYS EB 137 -56.75 -90.77 -3.77
N ARG EB 138 -57.95 -90.92 -4.32
CA ARG EB 138 -58.76 -89.80 -4.77
C ARG EB 138 -59.95 -89.68 -3.83
N ILE EB 139 -60.41 -88.45 -3.61
CA ILE EB 139 -61.65 -88.21 -2.88
C ILE EB 139 -62.50 -87.29 -3.76
N ARG EB 140 -63.52 -87.86 -4.39
CA ARG EB 140 -64.44 -87.11 -5.24
C ARG EB 140 -65.61 -86.63 -4.38
N VAL EB 141 -65.87 -85.33 -4.39
CA VAL EB 141 -66.95 -84.77 -3.60
C VAL EB 141 -68.15 -84.57 -4.51
N LYS EB 142 -69.22 -85.33 -4.27
CA LYS EB 142 -70.40 -85.25 -5.12
C LYS EB 142 -71.18 -83.97 -4.83
N LEU EB 143 -72.17 -83.70 -5.69
CA LEU EB 143 -72.84 -82.40 -5.70
C LEU EB 143 -73.68 -82.16 -4.44
N ASP EB 144 -74.12 -83.23 -3.79
CA ASP EB 144 -74.82 -83.07 -2.51
C ASP EB 144 -73.87 -82.67 -1.40
N GLY EB 145 -72.59 -83.04 -1.51
CA GLY EB 145 -71.58 -82.71 -0.51
C GLY EB 145 -70.85 -83.91 0.05
N SER EB 146 -71.37 -85.12 -0.14
CA SER EB 146 -70.75 -86.31 0.41
C SER EB 146 -69.54 -86.73 -0.40
N ARG EB 147 -68.58 -87.36 0.28
CA ARG EB 147 -67.32 -87.77 -0.31
C ARG EB 147 -67.36 -89.23 -0.75
N LEU EB 148 -66.52 -89.54 -1.73
CA LEU EB 148 -66.38 -90.90 -2.24
C LEU EB 148 -64.90 -91.14 -2.49
N ILE EB 149 -64.34 -92.14 -1.85
CA ILE EB 149 -62.89 -92.40 -1.90
C ILE EB 149 -62.62 -93.45 -2.96
N LYS EB 150 -61.81 -93.08 -3.96
CA LYS EB 150 -61.37 -93.99 -5.00
C LYS EB 150 -59.94 -94.43 -4.68
N VAL EB 151 -59.76 -95.73 -4.49
CA VAL EB 151 -58.46 -96.30 -4.11
C VAL EB 151 -57.90 -97.03 -5.32
N HIS EB 152 -56.69 -96.65 -5.73
CA HIS EB 152 -56.00 -97.33 -6.82
C HIS EB 152 -55.19 -98.49 -6.26
N LEU EB 153 -55.27 -99.63 -6.94
CA LEU EB 153 -54.62 -100.85 -6.48
C LEU EB 153 -53.62 -101.34 -7.52
N ASP EB 154 -52.76 -102.27 -7.10
CA ASP EB 154 -51.69 -102.78 -7.94
C ASP EB 154 -52.22 -103.91 -8.82
N LYS EB 155 -51.56 -104.09 -9.97
CA LYS EB 155 -51.90 -105.19 -10.86
C LYS EB 155 -51.34 -106.52 -10.37
N ALA EB 156 -50.41 -106.51 -9.42
CA ALA EB 156 -49.95 -107.74 -8.79
C ALA EB 156 -51.02 -108.26 -7.85
N GLN EB 157 -51.28 -109.57 -7.93
CA GLN EB 157 -52.39 -110.25 -7.24
C GLN EB 157 -53.72 -109.58 -7.54
N GLN EB 158 -53.98 -109.38 -8.85
CA GLN EB 158 -55.20 -108.70 -9.27
C GLN EB 158 -56.42 -109.59 -9.12
N ASN EB 159 -56.28 -110.88 -9.44
CA ASN EB 159 -57.42 -111.80 -9.37
C ASN EB 159 -57.77 -112.20 -7.95
N ASN EB 160 -56.90 -111.95 -6.98
CA ASN EB 160 -57.17 -112.25 -5.58
C ASN EB 160 -57.79 -111.09 -4.83
N VAL EB 161 -57.96 -109.93 -5.47
CA VAL EB 161 -58.48 -108.75 -4.80
C VAL EB 161 -59.58 -108.15 -5.66
N GLU EB 162 -59.71 -108.65 -6.90
CA GLU EB 162 -60.69 -108.09 -7.83
C GLU EB 162 -62.12 -108.48 -7.45
N HIS EB 163 -62.31 -109.66 -6.87
CA HIS EB 163 -63.63 -110.13 -6.49
C HIS EB 163 -64.03 -109.73 -5.07
N LYS EB 164 -63.27 -108.85 -4.42
CA LYS EB 164 -63.55 -108.43 -3.06
C LYS EB 164 -63.79 -106.93 -2.96
N VAL EB 165 -64.12 -106.27 -4.07
CA VAL EB 165 -64.24 -104.81 -4.09
C VAL EB 165 -65.49 -104.37 -3.34
N GLU EB 166 -66.64 -104.96 -3.69
CA GLU EB 166 -67.90 -104.64 -3.00
C GLU EB 166 -67.87 -105.10 -1.54
N THR EB 167 -67.18 -106.21 -1.26
CA THR EB 167 -67.07 -106.69 0.11
C THR EB 167 -66.24 -105.74 0.97
N PHE EB 168 -65.12 -105.26 0.43
CA PHE EB 168 -64.29 -104.30 1.16
C PHE EB 168 -65.00 -102.96 1.33
N SER EB 169 -65.77 -102.55 0.32
CA SER EB 169 -66.57 -101.33 0.43
C SER EB 169 -67.65 -101.47 1.49
N GLY EB 170 -68.27 -102.65 1.60
CA GLY EB 170 -69.27 -102.87 2.63
C GLY EB 170 -68.69 -102.92 4.03
N VAL EB 171 -67.50 -103.53 4.17
CA VAL EB 171 -66.82 -103.56 5.47
C VAL EB 171 -66.42 -102.15 5.91
N TYR EB 172 -65.86 -101.35 4.99
CA TYR EB 172 -65.47 -99.99 5.35
C TYR EB 172 -66.68 -99.10 5.57
N LYS EB 173 -67.81 -99.38 4.89
CA LYS EB 173 -69.03 -98.62 5.13
C LYS EB 173 -69.65 -98.97 6.48
N LYS EB 174 -69.54 -100.23 6.89
CA LYS EB 174 -70.05 -100.61 8.21
C LYS EB 174 -69.17 -100.06 9.32
N LEU EB 175 -67.85 -100.00 9.08
CA LEU EB 175 -66.95 -99.46 10.10
C LEU EB 175 -67.06 -97.93 10.21
N THR EB 176 -66.82 -97.22 9.11
CA THR EB 176 -66.77 -95.77 9.13
C THR EB 176 -68.03 -95.11 8.57
N GLY EB 177 -68.43 -95.48 7.36
CA GLY EB 177 -69.58 -94.86 6.73
C GLY EB 177 -69.20 -93.97 5.57
N LYS EB 178 -68.22 -94.38 4.78
CA LYS EB 178 -67.77 -93.63 3.60
C LYS EB 178 -67.74 -94.56 2.41
N ASP EB 179 -68.33 -94.13 1.30
CA ASP EB 179 -68.37 -94.93 0.08
C ASP EB 179 -66.99 -94.96 -0.55
N VAL EB 180 -66.48 -96.17 -0.83
CA VAL EB 180 -65.16 -96.37 -1.41
C VAL EB 180 -65.29 -97.27 -2.62
N ASN EB 181 -64.78 -96.80 -3.76
CA ASN EB 181 -64.63 -97.62 -4.95
C ASN EB 181 -63.15 -97.92 -5.19
N PHE EB 182 -62.91 -99.01 -5.91
CA PHE EB 182 -61.56 -99.45 -6.23
C PHE EB 182 -61.32 -99.34 -7.74
N GLU EB 183 -60.11 -98.93 -8.10
CA GLU EB 183 -59.71 -98.82 -9.49
C GLU EB 183 -58.36 -99.51 -9.69
N PHE EB 184 -58.13 -99.93 -10.92
CA PHE EB 184 -56.89 -100.61 -11.33
C PHE EB 184 -56.21 -99.74 -12.39
N PRO EB 185 -55.28 -98.87 -12.01
CA PRO EB 185 -54.60 -98.04 -12.99
C PRO EB 185 -53.60 -98.84 -13.82
N GLU EB 186 -53.32 -98.33 -15.01
CA GLU EB 186 -52.44 -99.03 -15.95
C GLU EB 186 -51.44 -98.11 -16.63
N PHE EB 187 -51.43 -96.81 -16.34
CA PHE EB 187 -50.53 -95.90 -17.02
C PHE EB 187 -49.21 -95.73 -16.27
N GLN EB 188 -49.22 -95.78 -14.94
CA GLN EB 188 -47.97 -95.82 -14.19
C GLN EB 188 -47.45 -97.26 -14.09
N LEU EB 189 -48.23 -98.14 -13.47
CA LEU EB 189 -47.82 -99.53 -13.28
C LEU EB 189 -49.04 -100.43 -13.17
N GLY FB 1 -45.53 -27.16 55.37
CA GLY FB 1 -44.53 -28.00 56.00
C GLY FB 1 -44.11 -29.12 55.09
N ILE FB 2 -43.65 -30.23 55.68
CA ILE FB 2 -43.35 -31.43 54.90
C ILE FB 2 -44.66 -32.05 54.44
N SER FB 3 -44.67 -32.55 53.20
CA SER FB 3 -45.86 -33.09 52.59
C SER FB 3 -45.68 -34.58 52.31
N ARG FB 4 -46.73 -35.35 52.59
CA ARG FB 4 -46.77 -36.77 52.23
C ARG FB 4 -47.44 -36.86 50.86
N ASP FB 5 -46.64 -37.06 49.82
CA ASP FB 5 -47.19 -37.11 48.48
C ASP FB 5 -46.36 -38.02 47.59
N ASN FB 6 -47.03 -38.79 46.76
CA ASN FB 6 -46.36 -39.63 45.76
C ASN FB 6 -46.10 -38.90 44.45
N TRP FB 7 -46.48 -37.62 44.35
CA TRP FB 7 -46.28 -36.86 43.12
C TRP FB 7 -45.08 -35.92 43.18
N HIS FB 8 -44.43 -35.76 44.33
CA HIS FB 8 -43.31 -34.83 44.41
C HIS FB 8 -42.00 -35.46 43.97
N LYS FB 9 -42.00 -36.74 43.61
CA LYS FB 9 -40.78 -37.48 43.30
C LYS FB 9 -40.93 -38.12 41.91
N ARG FB 10 -39.93 -38.91 41.55
CA ARG FB 10 -39.80 -39.41 40.19
C ARG FB 10 -40.79 -40.54 39.90
N ARG FB 11 -40.85 -40.93 38.63
CA ARG FB 11 -41.71 -42.03 38.20
C ARG FB 11 -41.04 -43.38 38.49
N LYS FB 12 -41.64 -44.44 37.97
CA LYS FB 12 -40.98 -45.75 37.97
C LYS FB 12 -39.85 -45.78 36.96
N THR FB 13 -40.05 -45.15 35.80
CA THR FB 13 -39.05 -45.18 34.74
C THR FB 13 -37.87 -44.26 35.02
N GLY FB 14 -38.11 -43.12 35.66
CA GLY FB 14 -37.05 -42.17 35.97
C GLY FB 14 -37.37 -40.73 35.61
N GLY FB 15 -38.50 -40.43 34.97
CA GLY FB 15 -38.84 -39.06 34.65
C GLY FB 15 -39.31 -38.30 35.88
N LYS FB 16 -39.47 -36.98 35.69
CA LYS FB 16 -39.88 -36.10 36.77
C LYS FB 16 -41.34 -35.73 36.63
N ARG FB 17 -42.06 -35.77 37.76
CA ARG FB 17 -43.46 -35.36 37.79
C ARG FB 17 -43.53 -33.85 37.98
N LYS FB 18 -44.06 -33.15 37.00
CA LYS FB 18 -44.22 -31.72 37.14
C LYS FB 18 -45.44 -31.41 37.98
N PRO FB 19 -45.37 -30.42 38.88
CA PRO FB 19 -46.47 -30.17 39.82
C PRO FB 19 -47.66 -29.51 39.14
N TYR FB 20 -48.82 -30.17 39.24
CA TYR FB 20 -50.07 -29.61 38.74
C TYR FB 20 -50.91 -28.99 39.84
N HIS FB 21 -50.53 -29.18 41.10
CA HIS FB 21 -51.13 -28.46 42.21
C HIS FB 21 -50.06 -28.25 43.28
N LYS FB 22 -50.37 -27.38 44.24
CA LYS FB 22 -49.47 -27.10 45.34
C LYS FB 22 -49.68 -28.14 46.46
N LYS FB 23 -49.06 -27.92 47.61
CA LYS FB 23 -49.23 -28.82 48.73
C LYS FB 23 -50.61 -28.66 49.35
N ARG FB 24 -51.18 -29.78 49.77
CA ARG FB 24 -52.55 -29.81 50.30
C ARG FB 24 -52.54 -30.01 51.80
N LYS FB 25 -53.74 -29.93 52.38
CA LYS FB 25 -53.89 -30.13 53.82
C LYS FB 25 -54.02 -31.62 54.16
N TYR FB 26 -54.59 -32.42 53.24
CA TYR FB 26 -54.65 -33.85 53.47
C TYR FB 26 -53.31 -34.53 53.27
N GLU FB 27 -52.35 -33.84 52.66
CA GLU FB 27 -50.96 -34.31 52.57
C GLU FB 27 -50.14 -33.76 53.74
N LEU FB 28 -50.66 -34.00 54.94
CA LEU FB 28 -50.14 -33.40 56.16
C LEU FB 28 -48.91 -34.16 56.65
N GLY FB 29 -47.87 -33.41 57.00
CA GLY FB 29 -46.70 -33.99 57.64
C GLY FB 29 -46.26 -33.13 58.80
N ARG FB 30 -46.07 -33.78 59.95
CA ARG FB 30 -45.71 -33.09 61.18
C ARG FB 30 -44.37 -33.61 61.67
N PRO FB 31 -43.63 -32.80 62.44
CA PRO FB 31 -42.33 -33.25 62.95
C PRO FB 31 -42.46 -34.38 63.97
N ALA FB 32 -41.31 -34.99 64.27
CA ALA FB 32 -41.26 -36.14 65.14
C ALA FB 32 -41.49 -35.74 66.59
N ALA FB 33 -41.96 -36.70 67.38
CA ALA FB 33 -42.13 -36.48 68.81
C ALA FB 33 -40.79 -36.56 69.54
N ASN FB 34 -40.08 -37.70 69.38
CA ASN FB 34 -38.78 -37.99 69.98
C ASN FB 34 -38.83 -37.84 71.50
N THR FB 35 -39.62 -38.71 72.12
CA THR FB 35 -39.84 -38.64 73.56
C THR FB 35 -38.62 -39.15 74.33
N LYS FB 36 -38.49 -38.67 75.57
CA LYS FB 36 -37.36 -38.97 76.43
C LYS FB 36 -37.87 -39.69 77.69
N ILE FB 37 -36.97 -39.88 78.64
CA ILE FB 37 -37.30 -40.51 79.92
C ILE FB 37 -37.28 -39.44 81.00
N GLY FB 38 -38.42 -39.22 81.63
CA GLY FB 38 -38.54 -38.23 82.68
C GLY FB 38 -39.96 -38.08 83.17
N PRO FB 39 -40.32 -36.90 83.67
CA PRO FB 39 -41.70 -36.66 84.09
C PRO FB 39 -42.64 -36.59 82.89
N ARG FB 40 -43.88 -36.99 83.11
CA ARG FB 40 -44.84 -37.19 82.02
C ARG FB 40 -45.24 -35.85 81.41
N ARG FB 41 -44.85 -35.65 80.15
CA ARG FB 41 -45.23 -34.45 79.39
C ARG FB 41 -45.85 -34.91 78.07
N ILE FB 42 -47.18 -34.96 78.03
CA ILE FB 42 -47.93 -35.40 76.86
C ILE FB 42 -48.77 -34.24 76.38
N HIS FB 43 -48.53 -33.80 75.15
CA HIS FB 43 -49.29 -32.73 74.52
C HIS FB 43 -50.36 -33.32 73.61
N THR FB 44 -51.40 -32.53 73.36
CA THR FB 44 -52.47 -32.93 72.46
C THR FB 44 -52.33 -32.21 71.12
N VAL FB 45 -52.70 -32.93 70.05
CA VAL FB 45 -52.61 -32.42 68.69
C VAL FB 45 -53.94 -32.71 68.01
N ARG FB 46 -54.60 -31.64 67.53
CA ARG FB 46 -55.82 -31.83 66.75
C ARG FB 46 -55.45 -32.35 65.37
N VAL FB 47 -56.15 -33.41 64.93
CA VAL FB 47 -55.81 -34.08 63.68
C VAL FB 47 -56.99 -34.05 62.73
N ARG FB 48 -56.85 -34.72 61.59
CA ARG FB 48 -57.89 -34.74 60.56
C ARG FB 48 -59.13 -35.46 61.07
N GLY FB 49 -60.27 -34.79 60.96
CA GLY FB 49 -61.54 -35.31 61.46
C GLY FB 49 -61.99 -34.75 62.78
N GLY FB 50 -61.20 -33.85 63.39
CA GLY FB 50 -61.55 -33.29 64.68
C GLY FB 50 -61.10 -34.10 65.87
N ASN FB 51 -60.36 -35.19 65.65
CA ASN FB 51 -59.89 -36.03 66.75
C ASN FB 51 -58.59 -35.46 67.32
N LYS FB 52 -58.08 -36.12 68.35
CA LYS FB 52 -56.88 -35.68 69.04
C LYS FB 52 -55.90 -36.85 69.19
N LYS FB 53 -54.65 -36.60 68.81
CA LYS FB 53 -53.54 -37.51 69.09
C LYS FB 53 -52.70 -36.95 70.23
N TYR FB 54 -51.85 -37.81 70.79
CA TYR FB 54 -51.12 -37.49 72.01
C TYR FB 54 -49.63 -37.69 71.77
N ARG FB 55 -48.88 -36.58 71.77
CA ARG FB 55 -47.44 -36.59 71.59
C ARG FB 55 -46.78 -36.69 72.96
N ALA FB 56 -46.04 -37.77 73.19
CA ALA FB 56 -45.18 -37.86 74.35
C ALA FB 56 -43.88 -37.11 74.08
N LEU FB 57 -43.38 -36.41 75.09
CA LEU FB 57 -42.11 -35.71 74.94
C LEU FB 57 -41.10 -36.12 76.01
N ARG FB 58 -41.56 -36.40 77.22
CA ARG FB 58 -40.77 -37.05 78.26
C ARG FB 58 -41.71 -38.02 78.96
N LEU FB 59 -41.29 -39.28 79.09
CA LEU FB 59 -42.16 -40.30 79.67
C LEU FB 59 -41.32 -41.39 80.29
N ASP FB 60 -41.66 -41.78 81.52
CA ASP FB 60 -40.94 -42.84 82.23
C ASP FB 60 -41.77 -44.08 82.48
N VAL FB 61 -43.06 -43.96 82.75
CA VAL FB 61 -43.90 -45.10 83.09
C VAL FB 61 -44.36 -45.80 81.82
N GLY FB 62 -44.71 -47.08 81.97
CA GLY FB 62 -45.21 -47.87 80.86
C GLY FB 62 -45.86 -49.14 81.34
N ASN FB 63 -47.07 -49.43 80.86
CA ASN FB 63 -47.83 -50.58 81.32
C ASN FB 63 -47.39 -51.79 80.51
N PHE FB 64 -46.44 -52.55 81.06
CA PHE FB 64 -45.73 -53.59 80.33
C PHE FB 64 -46.28 -54.96 80.69
N SER FB 65 -46.45 -55.81 79.68
CA SER FB 65 -47.11 -57.09 79.84
C SER FB 65 -46.11 -58.24 79.82
N TRP FB 66 -46.34 -59.23 80.68
CA TRP FB 66 -45.55 -60.45 80.74
C TRP FB 66 -46.46 -61.57 80.25
N GLY FB 67 -46.10 -62.16 79.12
CA GLY FB 67 -47.00 -62.99 78.32
C GLY FB 67 -47.04 -64.46 78.63
N SER FB 68 -46.09 -64.98 79.41
CA SER FB 68 -46.16 -66.38 79.79
C SER FB 68 -47.24 -66.62 80.83
N GLU FB 69 -47.57 -65.61 81.62
CA GLU FB 69 -48.69 -65.66 82.54
C GLU FB 69 -49.71 -64.56 82.28
N CYS FB 70 -49.46 -63.70 81.30
CA CYS FB 70 -50.39 -62.71 80.76
C CYS FB 70 -50.87 -61.73 81.85
N CYS FB 71 -49.90 -60.96 82.35
CA CYS FB 71 -50.19 -59.94 83.36
C CYS FB 71 -49.33 -58.72 83.11
N THR FB 72 -49.94 -57.54 83.16
CA THR FB 72 -49.22 -56.29 82.95
C THR FB 72 -49.10 -55.53 84.26
N ARG FB 73 -48.05 -54.71 84.34
CA ARG FB 73 -47.84 -53.80 85.45
C ARG FB 73 -47.30 -52.48 84.95
N LYS FB 74 -47.68 -51.40 85.64
CA LYS FB 74 -47.16 -50.08 85.32
C LYS FB 74 -45.72 -49.98 85.83
N THR FB 75 -44.76 -49.88 84.92
CA THR FB 75 -43.36 -50.01 85.25
C THR FB 75 -42.58 -48.82 84.70
N ARG FB 76 -41.73 -48.23 85.54
CA ARG FB 76 -40.90 -47.11 85.12
C ARG FB 76 -39.74 -47.58 84.25
N ILE FB 77 -39.49 -46.86 83.16
CA ILE FB 77 -38.39 -47.15 82.25
C ILE FB 77 -37.16 -46.41 82.75
N ILE FB 78 -36.02 -47.11 82.81
CA ILE FB 78 -34.80 -46.52 83.34
C ILE FB 78 -33.68 -46.44 82.31
N ASP FB 79 -33.66 -47.28 81.28
CA ASP FB 79 -32.54 -47.30 80.35
C ASP FB 79 -33.03 -47.79 79.00
N VAL FB 80 -32.36 -47.33 77.93
CA VAL FB 80 -32.61 -47.77 76.56
C VAL FB 80 -31.33 -48.42 76.07
N VAL FB 81 -31.44 -49.68 75.62
CA VAL FB 81 -30.27 -50.50 75.33
C VAL FB 81 -30.14 -50.80 73.84
N TYR FB 82 -31.22 -51.22 73.18
CA TYR FB 82 -31.13 -51.66 71.80
C TYR FB 82 -32.27 -51.07 70.98
N ASN FB 83 -31.95 -50.69 69.75
CA ASN FB 83 -32.93 -50.22 68.77
C ASN FB 83 -32.41 -50.61 67.40
N ALA FB 84 -33.22 -51.38 66.66
CA ALA FB 84 -32.81 -51.85 65.35
C ALA FB 84 -32.92 -50.78 64.26
N SER FB 85 -33.54 -49.64 64.56
CA SER FB 85 -33.75 -48.61 63.54
C SER FB 85 -32.50 -47.76 63.35
N ASN FB 86 -32.07 -47.07 64.41
CA ASN FB 86 -30.99 -46.11 64.31
C ASN FB 86 -30.08 -46.24 65.52
N ASN FB 87 -28.77 -46.11 65.29
CA ASN FB 87 -27.82 -46.15 66.40
C ASN FB 87 -27.89 -44.89 67.25
N GLU FB 88 -28.32 -43.77 66.64
CA GLU FB 88 -28.48 -42.52 67.38
C GLU FB 88 -29.63 -42.60 68.36
N LEU FB 89 -30.63 -43.44 68.08
CA LEU FB 89 -31.72 -43.68 69.03
C LEU FB 89 -31.28 -44.51 70.24
N VAL FB 90 -30.13 -45.17 70.16
CA VAL FB 90 -29.51 -45.80 71.33
C VAL FB 90 -28.56 -44.82 72.02
N ARG FB 91 -27.85 -44.02 71.23
CA ARG FB 91 -26.92 -43.03 71.77
C ARG FB 91 -27.64 -41.98 72.60
N THR FB 92 -28.57 -41.26 72.00
CA THR FB 92 -29.50 -40.43 72.75
C THR FB 92 -30.71 -41.27 73.09
N LYS FB 93 -31.07 -41.31 74.37
CA LYS FB 93 -32.12 -42.19 74.85
C LYS FB 93 -33.50 -41.71 74.39
N THR FB 94 -33.96 -42.22 73.25
CA THR FB 94 -35.22 -41.82 72.65
C THR FB 94 -36.10 -43.04 72.48
N LEU FB 95 -37.32 -42.97 73.02
CA LEU FB 95 -38.26 -44.08 72.96
C LEU FB 95 -39.10 -44.00 71.69
N VAL FB 96 -38.98 -45.01 70.84
CA VAL FB 96 -39.90 -45.22 69.73
C VAL FB 96 -40.42 -46.65 69.82
N LYS FB 97 -41.22 -47.04 68.83
CA LYS FB 97 -41.73 -48.40 68.77
C LYS FB 97 -40.60 -49.37 68.47
N ASN FB 98 -40.70 -50.57 69.06
CA ASN FB 98 -39.71 -51.65 68.96
C ASN FB 98 -38.35 -51.23 69.51
N CYS FB 99 -38.36 -50.67 70.71
CA CYS FB 99 -37.16 -50.45 71.50
C CYS FB 99 -37.04 -51.51 72.58
N ILE FB 100 -35.80 -51.86 72.91
CA ILE FB 100 -35.49 -52.80 73.97
C ILE FB 100 -35.00 -52.00 75.17
N VAL FB 101 -35.79 -52.00 76.24
CA VAL FB 101 -35.51 -51.16 77.40
C VAL FB 101 -35.34 -52.03 78.64
N LEU FB 102 -34.60 -51.51 79.60
CA LEU FB 102 -34.45 -52.12 80.92
C LEU FB 102 -35.53 -51.58 81.84
N ILE FB 103 -36.34 -52.46 82.39
CA ILE FB 103 -37.48 -52.10 83.22
C ILE FB 103 -37.31 -52.73 84.60
N ASP FB 104 -38.00 -52.14 85.57
CA ASP FB 104 -37.94 -52.63 86.95
C ASP FB 104 -38.71 -53.94 87.06
N SER FB 105 -38.13 -54.90 87.78
CA SER FB 105 -38.72 -56.23 87.93
C SER FB 105 -39.41 -56.43 89.26
N THR FB 106 -39.47 -55.40 90.11
CA THR FB 106 -40.07 -55.53 91.44
C THR FB 106 -41.60 -55.72 91.48
N PRO FB 107 -42.45 -55.14 90.60
CA PRO FB 107 -43.86 -55.56 90.63
C PRO FB 107 -44.08 -56.98 90.16
N TYR FB 108 -43.30 -57.46 89.18
CA TYR FB 108 -43.40 -58.85 88.76
C TYR FB 108 -42.90 -59.79 89.86
N ARG FB 109 -41.87 -59.37 90.59
CA ARG FB 109 -41.39 -60.13 91.73
C ARG FB 109 -42.43 -60.19 92.84
N GLN FB 110 -43.11 -59.07 93.10
CA GLN FB 110 -44.16 -59.05 94.12
C GLN FB 110 -45.36 -59.91 93.71
N TRP FB 111 -45.72 -59.89 92.42
CA TRP FB 111 -46.81 -60.72 91.94
C TRP FB 111 -46.45 -62.19 92.00
N TYR FB 112 -45.20 -62.54 91.66
CA TYR FB 112 -44.77 -63.93 91.71
C TYR FB 112 -44.70 -64.46 93.13
N GLU FB 113 -44.18 -63.64 94.06
CA GLU FB 113 -44.10 -64.05 95.46
C GLU FB 113 -45.46 -64.03 96.15
N SER FB 114 -46.43 -63.29 95.61
CA SER FB 114 -47.78 -63.31 96.16
C SER FB 114 -48.65 -64.42 95.57
N HIS FB 115 -48.36 -64.86 94.34
CA HIS FB 115 -49.16 -65.89 93.70
C HIS FB 115 -48.59 -67.28 93.93
N TYR FB 116 -47.34 -67.49 93.54
CA TYR FB 116 -46.76 -68.83 93.55
C TYR FB 116 -46.04 -69.18 94.84
N ALA FB 117 -45.85 -68.20 95.74
CA ALA FB 117 -45.24 -68.39 97.06
C ALA FB 117 -43.83 -68.96 96.97
N LEU FB 118 -43.05 -68.49 96.01
CA LEU FB 118 -41.69 -68.93 95.79
C LEU FB 118 -40.75 -67.73 95.82
N PRO FB 119 -39.52 -67.91 96.30
CA PRO FB 119 -38.56 -66.80 96.29
C PRO FB 119 -38.10 -66.47 94.88
N LEU FB 120 -38.01 -65.18 94.60
CA LEU FB 120 -37.67 -64.69 93.28
C LEU FB 120 -36.61 -63.61 93.43
N GLY FB 121 -35.56 -63.69 92.64
CA GLY FB 121 -34.38 -62.89 92.91
C GLY FB 121 -33.73 -63.41 94.17
N ARG FB 122 -33.56 -62.50 95.15
CA ARG FB 122 -33.18 -62.81 96.53
C ARG FB 122 -31.84 -63.55 96.61
N LYS FB 123 -30.78 -62.81 96.26
CA LYS FB 123 -29.42 -63.29 96.45
C LYS FB 123 -29.17 -63.63 97.91
N LYS FB 124 -28.48 -64.75 98.14
CA LYS FB 124 -28.35 -65.32 99.47
C LYS FB 124 -27.47 -64.46 100.37
N GLY FB 125 -28.02 -64.07 101.52
CA GLY FB 125 -27.31 -63.24 102.47
C GLY FB 125 -28.18 -62.13 103.04
N ALA FB 126 -29.31 -61.85 102.39
CA ALA FB 126 -30.18 -60.76 102.78
C ALA FB 126 -31.54 -61.30 103.21
N LYS FB 127 -32.14 -60.64 104.21
CA LYS FB 127 -33.47 -60.95 104.68
C LYS FB 127 -34.26 -59.65 104.81
N LEU FB 128 -35.58 -59.75 104.62
CA LEU FB 128 -36.43 -58.57 104.63
C LEU FB 128 -36.78 -58.18 106.06
N THR FB 129 -36.31 -57.01 106.49
CA THR FB 129 -36.61 -56.48 107.83
C THR FB 129 -38.01 -55.91 108.05
N PRO FB 130 -38.73 -55.31 107.09
CA PRO FB 130 -40.15 -55.00 107.36
C PRO FB 130 -41.07 -56.20 107.42
N GLU FB 131 -40.61 -57.41 107.07
CA GLU FB 131 -41.24 -58.71 107.31
C GLU FB 131 -42.53 -58.90 106.51
N GLU FB 132 -42.86 -57.98 105.59
CA GLU FB 132 -44.14 -58.05 104.88
C GLU FB 132 -44.17 -59.20 103.88
N GLU FB 133 -43.11 -59.36 103.09
CA GLU FB 133 -43.04 -60.48 102.15
C GLU FB 133 -42.86 -61.80 102.89
N GLU FB 134 -42.27 -61.76 104.10
CA GLU FB 134 -42.18 -62.96 104.92
C GLU FB 134 -43.56 -63.40 105.40
N ILE FB 135 -44.41 -62.44 105.76
CA ILE FB 135 -45.80 -62.76 106.12
C ILE FB 135 -46.57 -63.25 104.90
N LEU FB 136 -46.31 -62.65 103.73
CA LEU FB 136 -46.99 -63.09 102.50
C LEU FB 136 -46.52 -64.46 102.05
N ASN FB 137 -45.30 -64.87 102.41
CA ASN FB 137 -44.81 -66.19 102.05
C ASN FB 137 -45.15 -67.27 103.07
N LYS FB 138 -45.23 -66.92 104.35
CA LYS FB 138 -45.60 -67.87 105.40
C LYS FB 138 -47.10 -67.80 105.65
N LYS FB 139 -47.54 -68.43 106.75
CA LYS FB 139 -48.91 -68.37 107.28
C LYS FB 139 -49.95 -68.90 106.28
N ARG FB 140 -49.84 -70.20 105.98
CA ARG FB 140 -50.78 -70.87 105.09
C ARG FB 140 -51.71 -71.77 105.89
N SER FB 141 -52.88 -72.03 105.32
CA SER FB 141 -53.92 -72.82 105.96
C SER FB 141 -53.79 -74.28 105.55
N LYS FB 142 -54.82 -75.08 105.86
CA LYS FB 142 -54.75 -76.52 105.62
C LYS FB 142 -55.01 -76.85 104.15
N LYS FB 143 -56.19 -76.50 103.64
CA LYS FB 143 -56.60 -76.93 102.30
C LYS FB 143 -56.13 -75.99 101.19
N ILE FB 144 -55.68 -74.78 101.54
CA ILE FB 144 -55.16 -73.88 100.51
C ILE FB 144 -53.71 -74.23 100.17
N GLN FB 145 -53.05 -75.02 101.02
CA GLN FB 145 -51.68 -75.46 100.74
C GLN FB 145 -51.62 -76.38 99.53
N LYS FB 146 -52.70 -77.13 99.27
CA LYS FB 146 -52.79 -77.91 98.04
C LYS FB 146 -52.82 -77.00 96.81
N LYS FB 147 -53.53 -75.88 96.90
CA LYS FB 147 -53.59 -74.95 95.77
C LYS FB 147 -52.25 -74.24 95.56
N TYR FB 148 -51.58 -73.87 96.66
CA TYR FB 148 -50.23 -73.31 96.54
C TYR FB 148 -49.23 -74.32 96.00
N ASP FB 149 -49.40 -75.62 96.33
CA ASP FB 149 -48.51 -76.64 95.78
C ASP FB 149 -48.78 -76.89 94.30
N GLU FB 150 -50.05 -76.84 93.89
CA GLU FB 150 -50.36 -76.98 92.47
C GLU FB 150 -49.89 -75.76 91.68
N ARG FB 151 -49.84 -74.59 92.31
CA ARG FB 151 -49.18 -73.45 91.68
C ARG FB 151 -47.68 -73.64 91.60
N LYS FB 152 -47.08 -74.21 92.66
CA LYS FB 152 -45.63 -74.42 92.71
C LYS FB 152 -45.17 -75.45 91.69
N LYS FB 153 -46.04 -76.42 91.35
CA LYS FB 153 -45.69 -77.43 90.35
C LYS FB 153 -45.52 -76.83 88.96
N ASN FB 154 -46.28 -75.78 88.63
CA ASN FB 154 -46.25 -75.17 87.30
C ASN FB 154 -45.61 -73.79 87.32
N ALA FB 155 -44.53 -73.64 88.09
CA ALA FB 155 -43.84 -72.36 88.23
C ALA FB 155 -42.37 -72.44 87.80
N LYS FB 156 -42.10 -73.16 86.71
CA LYS FB 156 -40.75 -73.26 86.18
C LYS FB 156 -40.39 -71.98 85.43
N ILE FB 157 -39.21 -71.42 85.75
CA ILE FB 157 -38.75 -70.19 85.13
C ILE FB 157 -37.48 -70.48 84.35
N SER FB 158 -37.26 -69.73 83.27
CA SER FB 158 -36.11 -69.93 82.41
C SER FB 158 -34.84 -69.40 83.07
N SER FB 159 -33.70 -69.83 82.52
CA SER FB 159 -32.41 -69.50 83.12
C SER FB 159 -32.03 -68.04 82.86
N LEU FB 160 -32.20 -67.57 81.63
CA LEU FB 160 -31.87 -66.19 81.30
C LEU FB 160 -32.85 -65.23 81.98
N LEU FB 161 -34.13 -65.62 82.04
CA LEU FB 161 -35.12 -64.83 82.77
C LEU FB 161 -34.80 -64.80 84.26
N GLU FB 162 -34.31 -65.91 84.82
CA GLU FB 162 -33.95 -65.94 86.23
C GLU FB 162 -32.73 -65.07 86.51
N GLU FB 163 -31.77 -65.05 85.58
CA GLU FB 163 -30.62 -64.15 85.72
C GLU FB 163 -31.03 -62.69 85.60
N GLN FB 164 -32.02 -62.40 84.75
CA GLN FB 164 -32.48 -61.01 84.63
C GLN FB 164 -33.28 -60.56 85.84
N PHE FB 165 -34.07 -61.48 86.44
CA PHE FB 165 -34.72 -61.15 87.71
C PHE FB 165 -33.71 -61.03 88.85
N GLN FB 166 -32.60 -61.77 88.78
CA GLN FB 166 -31.57 -61.63 89.79
C GLN FB 166 -30.85 -60.30 89.67
N GLN FB 167 -30.60 -59.84 88.44
CA GLN FB 167 -30.04 -58.51 88.23
C GLN FB 167 -31.05 -57.42 88.58
N GLY FB 168 -32.34 -57.70 88.44
CA GLY FB 168 -33.37 -56.76 88.82
C GLY FB 168 -33.96 -55.94 87.69
N LYS FB 169 -33.44 -56.09 86.48
CA LYS FB 169 -33.93 -55.34 85.33
C LYS FB 169 -34.29 -56.31 84.20
N LEU FB 170 -35.48 -56.15 83.65
CA LEU FB 170 -35.96 -56.99 82.57
C LEU FB 170 -35.85 -56.26 81.25
N LEU FB 171 -35.79 -57.03 80.17
CA LEU FB 171 -35.77 -56.49 78.82
C LEU FB 171 -37.19 -56.47 78.27
N ALA FB 172 -37.64 -55.30 77.83
CA ALA FB 172 -39.00 -55.12 77.34
C ALA FB 172 -38.97 -54.44 75.98
N CYS FB 173 -39.76 -54.96 75.04
CA CYS FB 173 -39.90 -54.38 73.72
C CYS FB 173 -41.14 -53.48 73.70
N ILE FB 174 -40.94 -52.24 73.25
CA ILE FB 174 -42.03 -51.28 73.14
C ILE FB 174 -42.91 -51.66 71.96
N ALA FB 175 -44.15 -52.05 72.24
CA ALA FB 175 -45.07 -52.53 71.22
C ALA FB 175 -46.08 -51.49 70.79
N SER FB 176 -46.50 -50.60 71.68
CA SER FB 176 -47.44 -49.55 71.33
C SER FB 176 -46.69 -48.37 70.72
N ARG FB 177 -47.37 -47.68 69.82
CA ARG FB 177 -46.81 -46.49 69.20
C ARG FB 177 -46.77 -45.32 70.20
N PRO FB 178 -45.60 -44.82 70.58
CA PRO FB 178 -45.52 -43.88 71.70
C PRO FB 178 -45.88 -42.45 71.32
N GLY FB 179 -45.55 -42.03 70.10
CA GLY FB 179 -45.81 -40.67 69.68
C GLY FB 179 -47.19 -40.41 69.12
N GLN FB 180 -47.98 -41.46 68.91
CA GLN FB 180 -49.31 -41.31 68.34
C GLN FB 180 -50.38 -41.22 69.42
N CYS FB 181 -50.49 -42.25 70.25
CA CYS FB 181 -51.52 -42.30 71.28
C CYS FB 181 -51.03 -41.82 72.65
N GLY FB 182 -49.73 -41.57 72.80
CA GLY FB 182 -49.16 -41.11 74.04
C GLY FB 182 -48.70 -42.22 74.97
N ARG FB 183 -49.30 -43.39 74.88
CA ARG FB 183 -48.90 -44.53 75.69
C ARG FB 183 -47.73 -45.25 75.03
N ALA FB 184 -46.83 -45.76 75.86
CA ALA FB 184 -45.58 -46.38 75.42
C ALA FB 184 -45.46 -47.79 75.97
N ASP FB 185 -46.53 -48.57 75.80
CA ASP FB 185 -46.61 -49.91 76.37
C ASP FB 185 -45.77 -50.91 75.57
N GLY FB 186 -45.69 -52.14 76.08
CA GLY FB 186 -44.87 -53.15 75.45
C GLY FB 186 -44.95 -54.46 76.21
N TYR FB 187 -44.06 -55.37 75.83
CA TYR FB 187 -44.07 -56.72 76.40
C TYR FB 187 -42.65 -57.17 76.73
N VAL FB 188 -42.55 -57.96 77.81
CA VAL FB 188 -41.26 -58.45 78.29
C VAL FB 188 -40.80 -59.60 77.40
N LEU FB 189 -39.53 -59.57 77.00
CA LEU FB 189 -38.99 -60.58 76.10
C LEU FB 189 -38.80 -61.91 76.82
N GLU FB 190 -39.05 -63.01 76.12
CA GLU FB 190 -38.88 -64.35 76.64
C GLU FB 190 -38.36 -65.28 75.56
N GLY FB 191 -37.55 -66.25 75.98
CA GLY FB 191 -37.15 -67.35 75.12
C GLY FB 191 -36.19 -67.02 73.99
N LYS FB 192 -36.51 -67.49 72.79
CA LYS FB 192 -35.65 -67.26 71.63
C LYS FB 192 -35.61 -65.79 71.23
N GLU FB 193 -36.69 -65.06 71.50
CA GLU FB 193 -36.70 -63.61 71.31
C GLU FB 193 -35.66 -62.94 72.18
N LEU FB 194 -35.65 -63.30 73.48
CA LEU FB 194 -34.67 -62.74 74.40
C LEU FB 194 -33.25 -63.19 74.08
N GLU FB 195 -33.07 -64.42 73.59
CA GLU FB 195 -31.75 -64.88 73.18
C GLU FB 195 -31.24 -64.12 71.97
N PHE FB 196 -32.12 -63.84 70.99
CA PHE FB 196 -31.72 -63.08 69.82
C PHE FB 196 -31.38 -61.63 70.18
N TYR FB 197 -32.19 -61.00 71.04
CA TYR FB 197 -31.89 -59.62 71.41
C TYR FB 197 -30.66 -59.52 72.31
N LEU FB 198 -30.41 -60.50 73.18
CA LEU FB 198 -29.20 -60.48 73.97
C LEU FB 198 -27.96 -60.77 73.12
N ARG FB 199 -28.10 -61.59 72.07
CA ARG FB 199 -27.00 -61.78 71.14
C ARG FB 199 -26.70 -60.50 70.35
N LYS FB 200 -27.75 -59.76 69.98
CA LYS FB 200 -27.51 -58.49 69.29
C LYS FB 200 -26.93 -57.42 70.23
N ILE FB 201 -27.33 -57.41 71.50
CA ILE FB 201 -26.74 -56.48 72.46
C ILE FB 201 -25.28 -56.83 72.72
N LYS FB 202 -24.96 -58.13 72.78
CA LYS FB 202 -23.57 -58.55 72.97
C LYS FB 202 -22.73 -58.25 71.73
N ALA FB 203 -23.31 -58.35 70.54
CA ALA FB 203 -22.60 -57.99 69.33
C ALA FB 203 -22.41 -56.48 69.22
N ARG FB 204 -23.35 -55.69 69.75
CA ARG FB 204 -23.17 -54.25 69.80
C ARG FB 204 -22.07 -53.86 70.78
N LYS FB 205 -22.04 -54.50 71.95
CA LYS FB 205 -21.07 -54.11 72.98
C LYS FB 205 -19.67 -54.58 72.62
N GLY FB 206 -19.52 -55.86 72.28
CA GLY FB 206 -18.23 -56.41 71.91
C GLY FB 206 -17.32 -56.68 73.10
N PRO GB 1 -74.02 -19.70 34.10
CA PRO GB 1 -75.08 -20.69 33.90
C PRO GB 1 -76.47 -20.05 33.99
N VAL GB 2 -77.14 -19.92 32.84
CA VAL GB 2 -78.48 -19.38 32.79
C VAL GB 2 -79.44 -20.46 32.32
N ALA GB 3 -80.73 -20.26 32.60
CA ALA GB 3 -81.76 -21.25 32.33
C ALA GB 3 -82.40 -20.96 30.98
N ARG GB 4 -81.85 -21.57 29.93
CA ARG GB 4 -82.38 -21.44 28.58
C ARG GB 4 -81.92 -22.64 27.75
N SER GB 5 -82.42 -22.71 26.53
CA SER GB 5 -82.43 -23.94 25.75
C SER GB 5 -81.17 -24.16 24.93
N TRP GB 6 -80.79 -23.15 24.12
CA TRP GB 6 -79.73 -23.24 23.09
C TRP GB 6 -79.98 -24.39 22.11
N VAL GB 7 -81.23 -24.63 21.73
CA VAL GB 7 -81.57 -25.67 20.77
C VAL GB 7 -82.21 -25.00 19.56
N CYS GB 8 -81.53 -25.10 18.42
CA CYS GB 8 -82.04 -24.55 17.17
C CYS GB 8 -81.64 -25.48 16.03
N ARG GB 9 -82.32 -25.30 14.90
CA ARG GB 9 -82.07 -26.16 13.74
C ARG GB 9 -82.44 -25.39 12.48
N LYS GB 10 -81.55 -25.44 11.49
CA LYS GB 10 -81.85 -24.80 10.21
C LYS GB 10 -82.88 -25.61 9.44
N THR GB 11 -84.00 -24.96 9.11
CA THR GB 11 -85.07 -25.62 8.38
C THR GB 11 -84.81 -25.72 6.88
N TYR GB 12 -83.81 -25.00 6.37
CA TYR GB 12 -83.49 -25.00 4.96
C TYR GB 12 -82.03 -25.34 4.75
N VAL GB 13 -81.73 -25.94 3.61
CA VAL GB 13 -80.36 -26.24 3.19
C VAL GB 13 -80.18 -25.74 1.77
N THR GB 14 -79.18 -24.89 1.57
CA THR GB 14 -78.85 -24.38 0.25
C THR GB 14 -78.32 -25.51 -0.63
N PRO GB 15 -78.61 -25.49 -1.93
CA PRO GB 15 -78.11 -26.55 -2.81
C PRO GB 15 -76.61 -26.44 -3.03
N ARG GB 16 -76.04 -27.55 -3.54
CA ARG GB 16 -74.59 -27.61 -3.73
C ARG GB 16 -74.16 -26.76 -4.90
N ARG GB 17 -74.86 -26.85 -6.02
CA ARG GB 17 -74.52 -25.99 -7.15
C ARG GB 17 -75.43 -24.78 -7.14
N PRO GB 18 -74.87 -23.56 -7.17
CA PRO GB 18 -75.70 -22.37 -6.97
C PRO GB 18 -76.52 -21.94 -8.19
N PHE GB 19 -76.02 -22.18 -9.39
CA PHE GB 19 -76.62 -21.59 -10.59
C PHE GB 19 -76.93 -22.66 -11.64
N GLU GB 20 -77.59 -23.73 -11.21
CA GLU GB 20 -78.10 -24.72 -12.16
C GLU GB 20 -79.34 -24.15 -12.87
N LYS GB 21 -79.30 -24.19 -14.21
CA LYS GB 21 -80.40 -23.65 -15.01
C LYS GB 21 -81.67 -24.47 -14.84
N SER GB 22 -81.54 -25.81 -14.78
CA SER GB 22 -82.70 -26.67 -14.60
C SER GB 22 -83.29 -26.54 -13.21
N ARG GB 23 -82.43 -26.37 -12.19
CA ARG GB 23 -82.92 -26.20 -10.82
C ARG GB 23 -83.63 -24.85 -10.65
N LEU GB 24 -83.06 -23.79 -11.22
CA LEU GB 24 -83.72 -22.48 -11.18
C LEU GB 24 -85.00 -22.48 -11.99
N ASP GB 25 -85.04 -23.25 -13.09
CA ASP GB 25 -86.27 -23.39 -13.88
C ASP GB 25 -87.36 -24.09 -13.08
N GLN GB 26 -86.99 -25.18 -12.38
CA GLN GB 26 -87.95 -25.93 -11.56
C GLN GB 26 -88.46 -25.09 -10.40
N GLU GB 27 -87.57 -24.37 -9.71
CA GLU GB 27 -88.00 -23.54 -8.59
C GLU GB 27 -88.82 -22.34 -9.05
N LEU GB 28 -88.49 -21.78 -10.22
CA LEU GB 28 -89.26 -20.67 -10.75
C LEU GB 28 -90.66 -21.12 -11.16
N LYS GB 29 -90.77 -22.33 -11.72
CA LYS GB 29 -92.07 -22.90 -12.04
C LYS GB 29 -92.87 -23.19 -10.77
N LEU GB 30 -92.21 -23.68 -9.71
CA LEU GB 30 -92.90 -23.95 -8.44
C LEU GB 30 -93.46 -22.67 -7.81
N ILE GB 31 -92.67 -21.60 -7.80
CA ILE GB 31 -93.15 -20.35 -7.22
C ILE GB 31 -94.23 -19.73 -8.09
N GLY GB 32 -94.05 -19.74 -9.42
CA GLY GB 32 -95.07 -19.20 -10.30
C GLY GB 32 -96.34 -20.03 -10.37
N GLU GB 33 -96.30 -21.28 -9.92
CA GLU GB 33 -97.50 -22.08 -9.85
C GLU GB 33 -98.21 -21.97 -8.51
N TYR GB 34 -97.48 -21.95 -7.40
CA TYR GB 34 -98.09 -22.05 -6.08
C TYR GB 34 -97.99 -20.78 -5.24
N GLY GB 35 -97.51 -19.68 -5.81
CA GLY GB 35 -97.51 -18.39 -5.14
C GLY GB 35 -96.64 -18.29 -3.89
N LEU GB 36 -95.33 -18.34 -4.05
CA LEU GB 36 -94.41 -18.34 -2.94
C LEU GB 36 -93.62 -17.04 -2.89
N ARG GB 37 -92.94 -16.82 -1.77
CA ARG GB 37 -92.33 -15.52 -1.49
C ARG GB 37 -90.87 -15.42 -1.94
N ASN GB 38 -90.09 -16.49 -1.83
CA ASN GB 38 -88.68 -16.48 -2.21
C ASN GB 38 -88.24 -17.91 -2.48
N LYS GB 39 -86.92 -18.12 -2.55
CA LYS GB 39 -86.36 -19.45 -2.78
C LYS GB 39 -86.14 -20.23 -1.51
N ARG GB 40 -86.00 -19.54 -0.37
CA ARG GB 40 -85.92 -20.24 0.93
C ARG GB 40 -87.25 -20.94 1.25
N GLU GB 41 -88.36 -20.37 0.78
CA GLU GB 41 -89.67 -20.97 0.96
C GLU GB 41 -89.78 -22.28 0.16
N VAL GB 42 -89.02 -22.41 -0.93
CA VAL GB 42 -88.92 -23.68 -1.64
C VAL GB 42 -87.93 -24.61 -0.95
N TRP GB 43 -86.81 -24.07 -0.48
CA TRP GB 43 -85.72 -24.88 0.05
C TRP GB 43 -86.09 -25.53 1.38
N ARG GB 44 -86.91 -24.87 2.21
CA ARG GB 44 -87.28 -25.49 3.47
C ARG GB 44 -88.26 -26.65 3.26
N VAL GB 45 -89.14 -26.55 2.26
CA VAL GB 45 -90.03 -27.65 1.96
C VAL GB 45 -89.24 -28.78 1.29
N LYS GB 46 -88.25 -28.42 0.47
CA LYS GB 46 -87.36 -29.42 -0.11
C LYS GB 46 -86.55 -30.15 0.95
N PHE GB 47 -86.17 -29.45 2.03
CA PHE GB 47 -85.41 -30.12 3.08
C PHE GB 47 -86.31 -30.95 4.02
N THR GB 48 -87.56 -30.54 4.22
CA THR GB 48 -88.50 -31.43 4.91
C THR GB 48 -88.80 -32.67 4.07
N LEU GB 49 -88.88 -32.51 2.75
CA LEU GB 49 -88.98 -33.65 1.84
C LEU GB 49 -87.74 -34.54 1.92
N ALA GB 50 -86.57 -33.93 2.07
CA ALA GB 50 -85.33 -34.69 2.24
C ALA GB 50 -85.34 -35.48 3.53
N LYS GB 51 -85.84 -34.87 4.62
CA LYS GB 51 -86.01 -35.57 5.90
C LYS GB 51 -86.94 -36.77 5.76
N ILE GB 52 -88.10 -36.57 5.13
CA ILE GB 52 -89.11 -37.62 5.06
C ILE GB 52 -88.63 -38.76 4.15
N ARG GB 53 -88.03 -38.43 3.00
CA ARG GB 53 -87.53 -39.46 2.11
C ARG GB 53 -86.30 -40.17 2.66
N LYS GB 54 -85.46 -39.47 3.44
CA LYS GB 54 -84.31 -40.13 4.06
C LYS GB 54 -84.75 -41.08 5.17
N ALA GB 55 -85.77 -40.67 5.94
CA ALA GB 55 -86.35 -41.58 6.94
C ALA GB 55 -87.02 -42.78 6.27
N ALA GB 56 -87.66 -42.56 5.12
CA ALA GB 56 -88.29 -43.66 4.38
C ALA GB 56 -87.25 -44.63 3.83
N ARG GB 57 -86.12 -44.11 3.33
CA ARG GB 57 -85.04 -44.99 2.89
C ARG GB 57 -84.42 -45.74 4.05
N GLU GB 58 -84.30 -45.09 5.21
CA GLU GB 58 -83.77 -45.77 6.39
C GLU GB 58 -84.71 -46.86 6.88
N LEU GB 59 -86.02 -46.69 6.70
CA LEU GB 59 -86.96 -47.74 7.08
C LEU GB 59 -86.98 -48.87 6.05
N LEU GB 60 -86.88 -48.54 4.76
CA LEU GB 60 -86.83 -49.59 3.73
C LEU GB 60 -85.51 -50.37 3.73
N THR GB 61 -84.44 -49.81 4.28
CA THR GB 61 -83.23 -50.60 4.47
C THR GB 61 -83.38 -51.61 5.61
N LEU GB 62 -84.33 -51.40 6.52
CA LEU GB 62 -84.54 -52.33 7.62
C LEU GB 62 -85.30 -53.56 7.14
N ASP GB 63 -85.21 -54.62 7.95
CA ASP GB 63 -85.86 -55.88 7.62
C ASP GB 63 -87.34 -55.83 7.97
N GLU GB 64 -88.13 -56.62 7.26
CA GLU GB 64 -89.57 -56.70 7.52
C GLU GB 64 -89.82 -57.41 8.85
N LYS GB 65 -90.95 -57.08 9.48
CA LYS GB 65 -91.34 -57.55 10.82
C LYS GB 65 -90.32 -57.14 11.89
N ASP GB 66 -89.83 -55.90 11.82
CA ASP GB 66 -88.98 -55.25 12.80
C ASP GB 66 -89.81 -54.25 13.60
N PRO GB 67 -89.67 -54.25 14.94
CA PRO GB 67 -90.53 -53.37 15.76
C PRO GB 67 -90.25 -51.89 15.59
N ARG GB 68 -88.97 -51.49 15.51
CA ARG GB 68 -88.63 -50.10 15.27
C ARG GB 68 -89.07 -49.65 13.88
N ARG GB 69 -88.94 -50.53 12.88
CA ARG GB 69 -89.36 -50.22 11.53
C ARG GB 69 -90.87 -50.04 11.45
N LEU GB 70 -91.64 -50.95 12.06
CA LEU GB 70 -93.09 -50.83 12.02
C LEU GB 70 -93.58 -49.63 12.82
N PHE GB 71 -92.93 -49.33 13.95
CA PHE GB 71 -93.33 -48.20 14.78
C PHE GB 71 -93.07 -46.87 14.07
N GLU GB 72 -91.85 -46.70 13.53
CA GLU GB 72 -91.53 -45.46 12.83
C GLU GB 72 -92.29 -45.33 11.52
N GLY GB 73 -92.55 -46.45 10.85
CA GLY GB 73 -93.33 -46.40 9.62
C GLY GB 73 -94.78 -46.03 9.85
N ASN GB 74 -95.41 -46.63 10.88
CA ASN GB 74 -96.79 -46.28 11.21
C ASN GB 74 -96.90 -44.85 11.72
N ALA GB 75 -95.89 -44.38 12.45
CA ALA GB 75 -95.90 -42.99 12.91
C ALA GB 75 -95.76 -42.01 11.75
N LEU GB 76 -94.87 -42.31 10.79
CA LEU GB 76 -94.69 -41.41 9.65
C LEU GB 76 -95.90 -41.42 8.72
N LEU GB 77 -96.53 -42.60 8.55
CA LEU GB 77 -97.75 -42.67 7.75
C LEU GB 77 -98.91 -41.96 8.44
N ARG GB 78 -98.98 -42.03 9.77
CA ARG GB 78 -99.98 -41.28 10.52
C ARG GB 78 -99.76 -39.77 10.37
N ARG GB 79 -98.50 -39.34 10.37
CA ARG GB 79 -98.20 -37.92 10.17
C ARG GB 79 -98.58 -37.47 8.76
N LEU GB 80 -98.31 -38.30 7.74
CA LEU GB 80 -98.68 -37.95 6.37
C LEU GB 80 -100.19 -37.92 6.17
N VAL GB 81 -100.91 -38.84 6.82
CA VAL GB 81 -102.37 -38.84 6.74
C VAL GB 81 -102.95 -37.61 7.44
N ARG GB 82 -102.42 -37.26 8.62
CA ARG GB 82 -102.99 -36.13 9.34
C ARG GB 82 -102.59 -34.78 8.75
N ILE GB 83 -101.50 -34.70 7.99
CA ILE GB 83 -101.25 -33.47 7.24
C ILE GB 83 -101.94 -33.48 5.89
N GLY GB 84 -102.37 -34.64 5.41
CA GLY GB 84 -103.25 -34.69 4.26
C GLY GB 84 -102.59 -34.70 2.91
N VAL GB 85 -101.29 -35.03 2.84
CA VAL GB 85 -100.64 -35.15 1.54
C VAL GB 85 -100.88 -36.53 0.94
N LEU GB 86 -100.78 -37.58 1.75
CA LEU GB 86 -100.96 -38.95 1.31
C LEU GB 86 -102.39 -39.40 1.53
N ASP GB 87 -102.89 -40.21 0.60
CA ASP GB 87 -104.27 -40.69 0.67
C ASP GB 87 -104.41 -41.75 1.76
N GLU GB 88 -105.66 -42.02 2.15
CA GLU GB 88 -105.94 -42.99 3.19
C GLU GB 88 -105.86 -44.43 2.70
N GLY GB 89 -105.80 -44.65 1.39
CA GLY GB 89 -105.63 -46.00 0.86
C GLY GB 89 -104.21 -46.27 0.46
N LYS GB 90 -103.39 -45.21 0.40
CA LYS GB 90 -101.99 -45.31 0.03
C LYS GB 90 -101.09 -45.29 1.28
N MET GB 91 -101.63 -45.61 2.45
CA MET GB 91 -100.88 -45.59 3.70
C MET GB 91 -99.92 -46.77 3.79
N LYS GB 92 -98.87 -46.74 2.95
CA LYS GB 92 -97.82 -47.75 2.94
C LYS GB 92 -96.49 -47.03 2.84
N LEU GB 93 -95.49 -47.54 3.56
CA LEU GB 93 -94.20 -46.85 3.63
C LEU GB 93 -93.38 -46.99 2.35
N ASP GB 94 -93.78 -47.86 1.42
CA ASP GB 94 -93.08 -47.94 0.14
C ASP GB 94 -93.53 -46.89 -0.85
N TYR GB 95 -94.70 -46.28 -0.64
CA TYR GB 95 -95.22 -45.25 -1.53
C TYR GB 95 -94.89 -43.83 -1.06
N ILE GB 96 -94.12 -43.69 0.02
CA ILE GB 96 -93.65 -42.37 0.43
C ILE GB 96 -92.64 -41.83 -0.56
N LEU GB 97 -91.84 -42.72 -1.16
CA LEU GB 97 -90.76 -42.31 -2.05
C LEU GB 97 -91.27 -41.83 -3.40
N GLY GB 98 -92.53 -42.08 -3.74
CA GLY GB 98 -93.11 -41.56 -4.96
C GLY GB 98 -93.95 -40.32 -4.72
N LEU GB 99 -93.49 -39.45 -3.82
CA LEU GB 99 -94.21 -38.25 -3.46
C LEU GB 99 -93.36 -37.03 -3.80
N LYS GB 100 -94.01 -35.90 -4.06
CA LYS GB 100 -93.38 -34.82 -4.81
C LYS GB 100 -93.60 -33.47 -4.14
N ILE GB 101 -92.78 -32.50 -4.59
CA ILE GB 101 -92.76 -31.16 -4.04
C ILE GB 101 -94.08 -30.44 -4.31
N GLU GB 102 -94.70 -30.70 -5.46
CA GLU GB 102 -95.99 -30.10 -5.77
C GLU GB 102 -97.08 -30.66 -4.84
N ASP GB 103 -97.01 -31.95 -4.51
CA ASP GB 103 -97.97 -32.50 -3.55
C ASP GB 103 -97.72 -32.00 -2.14
N PHE GB 104 -96.48 -31.62 -1.81
CA PHE GB 104 -96.25 -30.96 -0.53
C PHE GB 104 -96.75 -29.51 -0.53
N LEU GB 105 -96.61 -28.80 -1.65
CA LEU GB 105 -97.05 -27.42 -1.74
C LEU GB 105 -98.56 -27.27 -1.93
N GLU GB 106 -99.27 -28.32 -2.33
CA GLU GB 106 -100.73 -28.23 -2.45
C GLU GB 106 -101.44 -28.14 -1.10
N ARG GB 107 -100.76 -28.46 0.00
CA ARG GB 107 -101.39 -28.42 1.31
C ARG GB 107 -101.07 -27.14 2.08
N ARG GB 108 -100.47 -26.15 1.43
CA ARG GB 108 -100.27 -24.85 2.06
C ARG GB 108 -101.60 -24.14 2.18
N LEU GB 109 -101.78 -23.37 3.27
CA LEU GB 109 -103.04 -22.70 3.55
C LEU GB 109 -103.36 -21.63 2.51
N GLN GB 110 -102.34 -21.02 1.91
CA GLN GB 110 -102.54 -20.15 0.76
C GLN GB 110 -103.17 -20.91 -0.40
N THR GB 111 -102.60 -22.08 -0.71
CA THR GB 111 -103.15 -22.92 -1.77
C THR GB 111 -104.50 -23.50 -1.36
N GLN GB 112 -104.72 -23.76 -0.07
CA GLN GB 112 -106.02 -24.28 0.37
C GLN GB 112 -107.11 -23.22 0.25
N VAL GB 113 -106.81 -21.95 0.57
CA VAL GB 113 -107.76 -20.87 0.35
C VAL GB 113 -108.03 -20.67 -1.13
N PHE GB 114 -106.97 -20.80 -1.97
CA PHE GB 114 -107.17 -20.66 -3.41
C PHE GB 114 -107.99 -21.82 -4.00
N LYS GB 115 -107.87 -23.03 -3.46
CA LYS GB 115 -108.65 -24.15 -3.98
C LYS GB 115 -110.07 -24.16 -3.44
N LEU GB 116 -110.30 -23.72 -2.21
CA LEU GB 116 -111.67 -23.56 -1.73
C LEU GB 116 -112.38 -22.37 -2.37
N GLY GB 117 -111.62 -21.37 -2.85
CA GLY GB 117 -112.18 -20.35 -3.71
C GLY GB 117 -112.81 -19.16 -3.03
N LEU GB 118 -112.55 -18.94 -1.74
CA LEU GB 118 -113.04 -17.73 -1.09
C LEU GB 118 -112.21 -16.51 -1.48
N ALA GB 119 -111.02 -16.72 -2.04
CA ALA GB 119 -110.19 -15.66 -2.58
C ALA GB 119 -110.29 -15.66 -4.11
N LYS GB 120 -109.57 -14.74 -4.74
CA LYS GB 120 -109.57 -14.61 -6.19
C LYS GB 120 -108.32 -15.19 -6.83
N SER GB 121 -107.15 -14.87 -6.30
CA SER GB 121 -105.88 -15.41 -6.78
C SER GB 121 -105.11 -16.00 -5.61
N ILE GB 122 -103.96 -16.62 -5.94
CA ILE GB 122 -103.09 -17.20 -4.91
C ILE GB 122 -102.45 -16.09 -4.09
N HIS GB 123 -101.94 -15.06 -4.78
CA HIS GB 123 -101.34 -13.93 -4.07
C HIS GB 123 -102.40 -13.08 -3.38
N HIS GB 124 -103.63 -13.04 -3.91
CA HIS GB 124 -104.72 -12.38 -3.20
C HIS GB 124 -105.13 -13.17 -1.97
N ALA GB 125 -105.02 -14.50 -2.01
CA ALA GB 125 -105.22 -15.30 -0.81
C ALA GB 125 -104.15 -15.01 0.24
N ARG GB 126 -102.90 -14.83 -0.21
CA ARG GB 126 -101.82 -14.43 0.70
C ARG GB 126 -102.06 -13.04 1.27
N VAL GB 127 -102.65 -12.14 0.48
CA VAL GB 127 -103.05 -10.81 0.96
C VAL GB 127 -104.12 -10.95 2.05
N LEU GB 128 -105.07 -11.86 1.87
CA LEU GB 128 -106.10 -12.08 2.88
C LEU GB 128 -105.52 -12.67 4.16
N ILE GB 129 -104.54 -13.57 4.02
CA ILE GB 129 -103.83 -14.13 5.17
C ILE GB 129 -103.07 -13.04 5.93
N ARG GB 130 -102.44 -12.13 5.19
CA ARG GB 130 -101.73 -11.01 5.80
C ARG GB 130 -102.69 -10.05 6.50
N GLN GB 131 -103.80 -9.74 5.86
CA GLN GB 131 -104.76 -8.76 6.37
C GLN GB 131 -105.72 -9.34 7.40
N ARG GB 132 -105.61 -10.65 7.69
CA ARG GB 132 -106.26 -11.30 8.83
C ARG GB 132 -107.78 -11.25 8.74
N HIS GB 133 -108.32 -11.78 7.64
CA HIS GB 133 -109.76 -11.84 7.46
C HIS GB 133 -110.33 -13.23 7.66
N ILE GB 134 -109.49 -14.26 7.77
CA ILE GB 134 -109.95 -15.63 7.86
C ILE GB 134 -109.54 -16.21 9.21
N ARG GB 135 -110.26 -17.27 9.60
CA ARG GB 135 -109.97 -17.99 10.84
C ARG GB 135 -110.01 -19.48 10.56
N VAL GB 136 -109.34 -20.24 11.42
CA VAL GB 136 -109.37 -21.70 11.38
C VAL GB 136 -109.71 -22.17 12.79
N ARG GB 137 -110.94 -22.66 12.96
CA ARG GB 137 -111.50 -23.15 14.23
C ARG GB 137 -111.44 -22.08 15.32
N LYS GB 138 -112.02 -20.91 15.01
CA LYS GB 138 -112.06 -19.73 15.87
C LYS GB 138 -110.66 -19.28 16.28
N GLN GB 139 -109.73 -19.36 15.34
CA GLN GB 139 -108.34 -18.95 15.57
C GLN GB 139 -107.83 -18.27 14.31
N VAL GB 140 -107.47 -17.00 14.43
CA VAL GB 140 -107.01 -16.23 13.28
C VAL GB 140 -105.61 -16.70 12.89
N VAL GB 141 -105.43 -17.02 11.61
CA VAL GB 141 -104.14 -17.48 11.09
C VAL GB 141 -103.56 -16.35 10.24
N ASN GB 142 -102.52 -15.72 10.75
CA ASN GB 142 -101.85 -14.61 10.08
C ASN GB 142 -100.67 -15.08 9.22
N ILE GB 143 -100.16 -16.28 9.48
CA ILE GB 143 -98.94 -16.77 8.84
C ILE GB 143 -99.34 -17.87 7.85
N PRO GB 144 -99.00 -17.75 6.57
CA PRO GB 144 -99.47 -18.72 5.57
C PRO GB 144 -98.72 -20.05 5.56
N SER GB 145 -97.81 -20.28 6.50
CA SER GB 145 -97.10 -21.56 6.59
C SER GB 145 -97.84 -22.58 7.44
N PHE GB 146 -99.13 -22.36 7.70
CA PHE GB 146 -99.92 -23.25 8.53
C PHE GB 146 -100.24 -24.51 7.75
N ILE GB 147 -99.77 -25.66 8.24
CA ILE GB 147 -100.04 -26.94 7.58
C ILE GB 147 -101.49 -27.32 7.87
N VAL GB 148 -102.32 -27.30 6.84
CA VAL GB 148 -103.75 -27.55 6.99
C VAL GB 148 -103.98 -29.05 7.11
N ARG GB 149 -104.60 -29.47 8.21
CA ARG GB 149 -104.91 -30.87 8.42
C ARG GB 149 -106.14 -31.27 7.61
N LEU GB 150 -106.27 -32.58 7.38
CA LEU GB 150 -107.41 -33.08 6.62
C LEU GB 150 -108.71 -32.96 7.41
N ASP GB 151 -108.64 -33.09 8.73
CA ASP GB 151 -109.82 -32.89 9.56
C ASP GB 151 -110.18 -31.42 9.69
N SER GB 152 -109.18 -30.54 9.67
CA SER GB 152 -109.39 -29.11 9.81
C SER GB 152 -109.45 -28.38 8.47
N GLN GB 153 -109.54 -29.12 7.36
CA GLN GB 153 -109.63 -28.49 6.04
C GLN GB 153 -110.97 -27.80 5.84
N LYS GB 154 -112.06 -28.42 6.30
CA LYS GB 154 -113.39 -27.87 6.09
C LYS GB 154 -113.73 -26.74 7.06
N HIS GB 155 -112.89 -26.50 8.06
CA HIS GB 155 -113.15 -25.45 9.05
C HIS GB 155 -112.48 -24.12 8.69
N ILE GB 156 -112.17 -23.89 7.42
CA ILE GB 156 -111.56 -22.65 6.98
C ILE GB 156 -112.65 -21.72 6.46
N ASP GB 157 -112.82 -20.58 7.11
CA ASP GB 157 -113.80 -19.58 6.70
C ASP GB 157 -113.31 -18.21 7.12
N PHE GB 158 -114.12 -17.19 6.85
CA PHE GB 158 -113.77 -15.83 7.25
C PHE GB 158 -113.87 -15.66 8.75
N SER GB 159 -113.03 -14.79 9.30
CA SER GB 159 -112.95 -14.62 10.74
C SER GB 159 -114.11 -13.78 11.26
N LEU GB 160 -114.22 -13.71 12.58
CA LEU GB 160 -115.31 -12.97 13.21
C LEU GB 160 -115.09 -11.47 13.11
N ARG GB 161 -113.99 -10.99 13.69
CA ARG GB 161 -113.59 -9.59 13.50
C ARG GB 161 -113.02 -9.45 12.10
N SER GB 162 -113.90 -9.16 11.15
CA SER GB 162 -113.51 -9.04 9.76
C SER GB 162 -114.50 -8.15 9.02
N PRO GB 163 -114.02 -7.14 8.30
CA PRO GB 163 -114.92 -6.33 7.47
C PRO GB 163 -115.46 -7.08 6.26
N TYR GB 164 -114.81 -8.16 5.83
CA TYR GB 164 -115.32 -9.00 4.76
C TYR GB 164 -116.35 -10.01 5.25
N GLY GB 165 -116.49 -10.18 6.57
CA GLY GB 165 -117.52 -11.04 7.13
C GLY GB 165 -118.48 -10.27 8.02
N GLY GB 166 -118.76 -10.80 9.20
CA GLY GB 166 -119.65 -10.14 10.13
C GLY GB 166 -118.95 -9.23 11.12
N GLY GB 167 -118.40 -8.11 10.63
CA GLY GB 167 -117.70 -7.19 11.49
C GLY GB 167 -117.80 -5.74 11.05
N ARG GB 168 -117.03 -4.87 11.70
CA ARG GB 168 -117.04 -3.47 11.36
C ARG GB 168 -116.26 -3.23 10.06
N PRO GB 169 -116.68 -2.28 9.23
CA PRO GB 169 -115.94 -2.00 8.01
C PRO GB 169 -114.62 -1.29 8.29
N GLY GB 170 -113.75 -1.29 7.28
CA GLY GB 170 -112.38 -0.86 7.44
C GLY GB 170 -112.17 0.63 7.24
N ARG GB 171 -110.89 0.99 7.06
CA ARG GB 171 -110.47 2.38 7.09
C ARG GB 171 -110.97 3.14 5.86
N VAL GB 172 -110.95 2.50 4.69
CA VAL GB 172 -111.36 3.18 3.46
C VAL GB 172 -112.88 3.42 3.47
N LYS GB 173 -113.64 2.44 3.97
CA LYS GB 173 -115.09 2.60 4.06
C LYS GB 173 -115.47 3.65 5.11
N ARG GB 174 -114.76 3.68 6.24
CA ARG GB 174 -115.02 4.70 7.26
C ARG GB 174 -114.64 6.09 6.76
N LYS GB 175 -113.55 6.20 5.99
CA LYS GB 175 -113.15 7.49 5.44
C LYS GB 175 -114.12 7.97 4.37
N ASN GB 176 -114.64 7.03 3.55
CA ASN GB 176 -115.63 7.41 2.55
C ASN GB 176 -116.95 7.82 3.19
N ALA GB 177 -117.35 7.14 4.26
CA ALA GB 177 -118.56 7.52 4.98
C ALA GB 177 -118.40 8.87 5.67
N LYS GB 178 -117.22 9.14 6.24
CA LYS GB 178 -116.97 10.43 6.89
C LYS GB 178 -116.93 11.56 5.87
N LYS GB 179 -116.33 11.31 4.70
CA LYS GB 179 -116.30 12.33 3.65
C LYS GB 179 -117.69 12.56 3.07
N GLY GB 180 -118.51 11.51 2.97
CA GLY GB 180 -119.88 11.69 2.49
C GLY GB 180 -120.75 12.46 3.46
N GLN GB 181 -120.60 12.17 4.77
CA GLN GB 181 -121.37 12.92 5.76
C GLN GB 181 -120.87 14.35 5.89
N GLY GB 182 -119.58 14.59 5.70
CA GLY GB 182 -119.07 15.95 5.71
C GLY GB 182 -119.49 16.74 4.48
N GLY GB 183 -119.62 16.08 3.33
CA GLY GB 183 -120.12 16.75 2.15
C GLY GB 183 -121.62 16.99 2.18
N ALA GB 184 -122.36 16.10 2.85
CA ALA GB 184 -123.81 16.28 2.97
C ALA GB 184 -124.14 17.35 4.00
N GLY GB 185 -123.53 17.27 5.18
CA GLY GB 185 -123.79 18.24 6.23
C GLY GB 185 -124.14 17.60 7.56
N ASP HB 1 -29.98 -69.77 57.96
CA ASP HB 1 -31.40 -70.02 57.83
C ASP HB 1 -32.18 -68.72 57.72
N ILE HB 2 -32.84 -68.33 58.82
CA ILE HB 2 -33.64 -67.10 58.84
C ILE HB 2 -33.06 -66.15 59.88
N GLN HB 3 -33.72 -65.00 60.05
CA GLN HB 3 -33.39 -63.98 61.05
C GLN HB 3 -31.98 -63.43 60.86
N THR HB 4 -31.75 -62.85 59.68
CA THR HB 4 -30.48 -62.22 59.36
C THR HB 4 -30.55 -60.69 59.44
N GLU HB 5 -31.71 -60.15 59.80
CA GLU HB 5 -31.88 -58.71 59.95
C GLU HB 5 -31.51 -58.28 61.36
N ARG HB 6 -31.66 -56.99 61.64
CA ARG HB 6 -31.30 -56.47 62.95
C ARG HB 6 -32.34 -56.83 64.00
N ALA HB 7 -33.62 -56.68 63.68
CA ALA HB 7 -34.69 -56.96 64.62
C ALA HB 7 -35.10 -58.43 64.55
N TYR HB 8 -36.00 -58.81 65.46
CA TYR HB 8 -36.46 -60.19 65.50
C TYR HB 8 -37.55 -60.42 64.46
N GLN HB 9 -37.57 -61.62 63.89
CA GLN HB 9 -38.50 -61.97 62.84
C GLN HB 9 -39.53 -62.96 63.40
N LYS HB 10 -40.79 -62.54 63.46
CA LYS HB 10 -41.86 -63.39 63.96
C LYS HB 10 -43.16 -63.00 63.29
N GLN HB 11 -44.15 -63.89 63.40
CA GLN HB 11 -45.49 -63.58 62.93
C GLN HB 11 -46.28 -62.85 64.02
N PRO HB 12 -47.06 -61.82 63.65
CA PRO HB 12 -47.78 -61.05 64.68
C PRO HB 12 -48.99 -61.77 65.26
N THR HB 13 -49.40 -62.91 64.70
CA THR HB 13 -50.58 -63.61 65.19
C THR HB 13 -50.23 -64.65 66.26
N ILE HB 14 -49.27 -65.52 65.96
CA ILE HB 14 -48.98 -66.65 66.85
C ILE HB 14 -48.11 -66.19 68.02
N PHE HB 15 -48.16 -66.96 69.10
CA PHE HB 15 -47.34 -66.76 70.28
C PHE HB 15 -46.47 -67.99 70.49
N GLN HB 16 -45.21 -67.76 70.90
CA GLN HB 16 -44.22 -68.83 70.90
C GLN HB 16 -43.49 -68.98 72.23
N ASN HB 17 -43.83 -68.22 73.26
CA ASN HB 17 -43.14 -68.28 74.55
C ASN HB 17 -44.03 -68.86 75.64
N LYS HB 18 -44.83 -69.88 75.28
CA LYS HB 18 -45.74 -70.50 76.23
C LYS HB 18 -44.98 -71.43 77.17
N LYS HB 19 -45.67 -71.89 78.21
CA LYS HB 19 -45.07 -72.78 79.19
C LYS HB 19 -44.90 -74.17 78.60
N ARG HB 20 -43.66 -74.63 78.50
CA ARG HB 20 -43.34 -75.95 77.99
C ARG HB 20 -43.23 -76.92 79.17
N VAL HB 21 -44.21 -77.82 79.27
CA VAL HB 21 -44.44 -78.83 80.34
C VAL HB 21 -44.08 -78.37 81.75
N LYS HB 30 -41.94 -77.77 67.85
CA LYS HB 30 -42.36 -77.08 66.64
C LYS HB 30 -43.19 -75.85 66.97
N LEU HB 31 -42.84 -74.73 66.34
CA LEU HB 31 -43.59 -73.49 66.56
C LEU HB 31 -44.90 -73.52 65.78
N PRO HB 32 -45.98 -72.99 66.37
CA PRO HB 32 -47.25 -72.90 65.61
C PRO HB 32 -47.17 -71.81 64.56
N ARG HB 33 -47.62 -72.14 63.35
CA ARG HB 33 -47.55 -71.23 62.22
C ARG HB 33 -48.96 -70.83 61.79
N TYR HB 34 -49.17 -69.54 61.58
CA TYR HB 34 -50.46 -69.03 61.13
C TYR HB 34 -50.53 -69.02 59.61
N TYR HB 35 -51.67 -69.48 59.08
CA TYR HB 35 -51.98 -69.37 57.66
C TYR HB 35 -53.47 -69.13 57.52
N LYS HB 36 -53.88 -68.76 56.31
CA LYS HB 36 -55.28 -68.44 56.08
C LYS HB 36 -55.65 -68.75 54.63
N ASN HB 37 -56.95 -68.90 54.40
CA ASN HB 37 -57.45 -69.05 53.05
C ASN HB 37 -57.39 -67.71 52.31
N ILE HB 38 -57.37 -67.79 50.98
CA ILE HB 38 -57.18 -66.59 50.17
C ILE HB 38 -58.41 -66.25 49.33
N GLY HB 39 -59.27 -67.23 49.03
CA GLY HB 39 -60.47 -66.98 48.27
C GLY HB 39 -60.28 -67.18 46.78
N LEU HB 40 -61.39 -67.02 46.04
CA LEU HB 40 -61.47 -67.15 44.59
C LEU HB 40 -61.01 -68.52 44.09
N GLY HB 41 -61.24 -69.56 44.88
CA GLY HB 41 -60.90 -70.92 44.48
C GLY HB 41 -59.43 -71.24 44.42
N PHE HB 42 -58.55 -70.35 44.89
CA PHE HB 42 -57.12 -70.60 44.86
C PHE HB 42 -56.71 -71.44 46.06
N LYS HB 43 -56.06 -72.57 45.80
CA LYS HB 43 -55.62 -73.46 46.86
C LYS HB 43 -54.31 -72.96 47.46
N THR HB 44 -54.17 -73.14 48.78
CA THR HB 44 -52.96 -72.72 49.47
C THR HB 44 -51.80 -73.66 49.17
N PRO HB 45 -50.58 -73.15 49.09
CA PRO HB 45 -49.42 -74.01 48.85
C PRO HB 45 -49.01 -74.75 50.13
N LYS HB 46 -48.32 -75.88 49.90
CA LYS HB 46 -47.88 -76.70 51.02
C LYS HB 46 -46.71 -76.05 51.77
N GLU HB 47 -45.81 -75.40 51.04
CA GLU HB 47 -44.58 -74.89 51.66
C GLU HB 47 -44.83 -73.66 52.51
N ALA HB 48 -45.92 -72.93 52.26
CA ALA HB 48 -46.26 -71.78 53.11
C ALA HB 48 -46.69 -72.24 54.50
N ILE HB 49 -47.24 -73.43 54.61
CA ILE HB 49 -47.61 -73.99 55.92
C ILE HB 49 -46.45 -74.78 56.52
N GLU HB 50 -45.67 -75.47 55.67
CA GLU HB 50 -44.60 -76.33 56.16
C GLU HB 50 -43.35 -75.56 56.57
N GLY HB 51 -43.11 -74.39 55.97
CA GLY HB 51 -41.87 -73.68 56.18
C GLY HB 51 -41.77 -73.00 57.54
N THR HB 52 -40.57 -72.51 57.83
CA THR HB 52 -40.26 -71.85 59.09
C THR HB 52 -39.95 -70.37 58.92
N TYR HB 53 -40.00 -69.86 57.69
CA TYR HB 53 -39.77 -68.45 57.40
C TYR HB 53 -40.96 -67.61 57.85
N ILE HB 54 -40.81 -66.29 57.75
CA ILE HB 54 -41.93 -65.38 57.81
C ILE HB 54 -41.86 -64.46 56.60
N ASP HB 55 -43.00 -63.82 56.32
CA ASP HB 55 -43.07 -62.74 55.34
C ASP HB 55 -44.33 -61.94 55.65
N LYS HB 56 -44.15 -60.66 56.00
CA LYS HB 56 -45.31 -59.84 56.35
C LYS HB 56 -46.11 -59.42 55.13
N LYS HB 57 -45.57 -59.61 53.93
CA LYS HB 57 -46.25 -59.25 52.69
C LYS HB 57 -46.71 -60.47 51.90
N CYS HB 58 -46.58 -61.66 52.48
CA CYS HB 58 -47.07 -62.86 51.84
C CYS HB 58 -48.60 -62.89 51.88
N PRO HB 59 -49.26 -63.27 50.79
CA PRO HB 59 -50.73 -63.30 50.78
C PRO HB 59 -51.34 -64.44 51.58
N PHE HB 60 -50.55 -65.35 52.11
CA PHE HB 60 -51.04 -66.46 52.93
C PHE HB 60 -50.63 -66.35 54.39
N THR HB 61 -49.41 -65.92 54.67
CA THR HB 61 -48.89 -65.82 56.03
C THR HB 61 -48.50 -64.38 56.36
N GLY HB 62 -49.36 -63.43 55.99
CA GLY HB 62 -49.08 -62.03 56.23
C GLY HB 62 -50.35 -61.24 56.42
N ASN HB 63 -50.17 -59.94 56.67
CA ASN HB 63 -51.30 -59.03 56.92
C ASN HB 63 -51.64 -58.29 55.62
N VAL HB 64 -52.16 -59.05 54.67
CA VAL HB 64 -52.60 -58.50 53.39
C VAL HB 64 -53.74 -59.36 52.86
N SER HB 65 -54.70 -58.72 52.21
CA SER HB 65 -55.89 -59.38 51.69
C SER HB 65 -56.02 -59.11 50.19
N ILE HB 66 -56.36 -60.16 49.44
CA ILE HB 66 -56.51 -60.03 48.00
C ILE HB 66 -57.91 -59.52 47.68
N ARG HB 67 -57.98 -58.37 47.01
CA ARG HB 67 -59.24 -57.77 46.62
C ARG HB 67 -59.19 -57.45 45.13
N GLY HB 68 -60.29 -56.89 44.63
CA GLY HB 68 -60.33 -56.33 43.28
C GLY HB 68 -60.15 -57.31 42.14
N ARG HB 69 -59.01 -57.22 41.46
CA ARG HB 69 -58.78 -57.93 40.22
C ARG HB 69 -57.81 -59.09 40.42
N ILE HB 70 -57.94 -60.10 39.56
CA ILE HB 70 -57.04 -61.25 39.50
C ILE HB 70 -56.59 -61.38 38.06
N LEU HB 71 -55.29 -61.20 37.81
CA LEU HB 71 -54.75 -61.13 36.47
C LEU HB 71 -53.62 -62.17 36.31
N SER HB 72 -52.99 -62.15 35.14
CA SER HB 72 -51.92 -63.08 34.83
C SER HB 72 -50.77 -62.34 34.17
N GLY HB 73 -49.61 -63.01 34.12
CA GLY HB 73 -48.45 -62.44 33.47
C GLY HB 73 -47.42 -63.52 33.22
N VAL HB 74 -46.29 -63.12 32.65
CA VAL HB 74 -45.17 -64.02 32.40
C VAL HB 74 -43.91 -63.43 33.03
N VAL HB 75 -43.12 -64.27 33.69
CA VAL HB 75 -41.98 -63.82 34.47
C VAL HB 75 -40.81 -63.55 33.54
N THR HB 76 -40.21 -62.35 33.65
CA THR HB 76 -39.08 -61.98 32.83
C THR HB 76 -37.85 -61.51 33.60
N LYS HB 77 -38.00 -61.11 34.86
CA LYS HB 77 -36.87 -60.65 35.67
C LYS HB 77 -37.01 -61.16 37.09
N MET HB 78 -35.93 -61.71 37.64
CA MET HB 78 -35.91 -62.20 39.01
C MET HB 78 -34.70 -61.67 39.78
N LYS HB 79 -34.14 -60.54 39.37
CA LYS HB 79 -32.92 -60.01 39.99
C LYS HB 79 -33.17 -59.34 41.33
N MET HB 80 -34.43 -59.13 41.70
CA MET HB 80 -34.78 -58.48 42.96
C MET HB 80 -35.02 -59.54 44.04
N GLN HB 81 -35.01 -59.10 45.30
CA GLN HB 81 -35.26 -59.99 46.42
C GLN HB 81 -36.70 -59.83 46.91
N ARG HB 82 -37.35 -60.96 47.17
CA ARG HB 82 -38.74 -61.09 47.62
C ARG HB 82 -39.77 -60.49 46.66
N THR HB 83 -39.37 -60.20 45.42
CA THR HB 83 -40.25 -59.63 44.42
C THR HB 83 -39.64 -59.86 43.05
N ILE HB 84 -40.51 -59.95 42.03
CA ILE HB 84 -40.10 -60.19 40.65
C ILE HB 84 -40.80 -59.17 39.76
N VAL HB 85 -40.42 -59.18 38.49
CA VAL HB 85 -41.00 -58.31 37.46
C VAL HB 85 -41.64 -59.21 36.41
N ILE HB 86 -42.93 -59.05 36.20
CA ILE HB 86 -43.66 -59.83 35.22
C ILE HB 86 -43.83 -59.01 33.95
N ARG HB 87 -44.25 -59.68 32.88
CA ARG HB 87 -44.48 -59.05 31.59
C ARG HB 87 -45.88 -59.41 31.12
N ARG HB 88 -46.58 -58.44 30.52
CA ARG HB 88 -47.99 -58.58 30.17
C ARG HB 88 -48.21 -58.22 28.71
N ASP HB 89 -48.36 -59.23 27.87
CA ASP HB 89 -48.67 -58.99 26.46
C ASP HB 89 -50.16 -58.78 26.27
N TYR HB 90 -50.52 -57.74 25.52
CA TYR HB 90 -51.91 -57.50 25.16
C TYR HB 90 -51.93 -56.76 23.83
N LEU HB 91 -53.05 -56.88 23.12
CA LEU HB 91 -53.20 -56.36 21.77
C LEU HB 91 -54.21 -55.20 21.79
N HIS HB 92 -53.83 -54.08 21.20
CA HIS HB 92 -54.67 -52.90 21.13
C HIS HB 92 -55.24 -52.73 19.72
N TYR HB 93 -56.54 -52.44 19.66
CA TYR HB 93 -57.26 -52.31 18.39
C TYR HB 93 -57.54 -50.84 18.13
N ILE HB 94 -56.85 -50.27 17.15
CA ILE HB 94 -57.14 -48.92 16.68
C ILE HB 94 -58.37 -48.98 15.77
N ARG HB 95 -59.32 -48.07 16.00
CA ARG HB 95 -60.55 -48.07 15.21
C ARG HB 95 -60.30 -47.69 13.75
N LYS HB 96 -59.31 -46.84 13.50
CA LYS HB 96 -59.04 -46.41 12.13
C LYS HB 96 -58.36 -47.52 11.33
N TYR HB 97 -57.16 -47.91 11.74
CA TYR HB 97 -56.43 -49.00 11.11
C TYR HB 97 -56.86 -50.28 11.79
N ASN HB 98 -57.65 -51.11 11.10
CA ASN HB 98 -58.28 -52.27 11.72
C ASN HB 98 -57.31 -53.42 11.94
N ARG HB 99 -56.24 -53.16 12.69
CA ARG HB 99 -55.21 -54.16 12.99
C ARG HB 99 -54.95 -54.15 14.49
N PHE HB 100 -53.91 -54.85 14.93
CA PHE HB 100 -53.51 -54.93 16.32
C PHE HB 100 -52.13 -54.30 16.50
N GLU HB 101 -51.66 -54.27 17.74
CA GLU HB 101 -50.30 -53.84 18.05
C GLU HB 101 -49.89 -54.43 19.38
N LYS HB 102 -48.60 -54.68 19.52
CA LYS HB 102 -48.05 -55.27 20.74
C LYS HB 102 -47.71 -54.15 21.72
N ARG HB 103 -48.37 -54.16 22.87
CA ARG HB 103 -48.01 -53.29 23.98
C ARG HB 103 -47.81 -54.13 25.23
N HIS HB 104 -46.88 -53.70 26.08
CA HIS HB 104 -46.62 -54.41 27.32
C HIS HB 104 -46.43 -53.42 28.45
N LYS HB 105 -46.97 -53.77 29.62
CA LYS HB 105 -46.78 -53.01 30.85
C LYS HB 105 -46.20 -53.96 31.89
N ASN HB 106 -44.92 -53.78 32.20
CA ASN HB 106 -44.20 -54.67 33.11
C ASN HB 106 -44.31 -54.16 34.54
N MET HB 107 -45.36 -54.57 35.23
CA MET HB 107 -45.55 -54.22 36.62
C MET HB 107 -44.66 -55.07 37.52
N SER HB 108 -44.37 -54.54 38.71
CA SER HB 108 -43.60 -55.25 39.71
C SER HB 108 -44.56 -55.92 40.68
N VAL HB 109 -44.42 -57.24 40.84
CA VAL HB 109 -45.29 -58.04 41.69
C VAL HB 109 -44.45 -58.68 42.78
N HIS HB 110 -44.92 -58.59 44.03
CA HIS HB 110 -44.25 -59.19 45.16
C HIS HB 110 -44.31 -60.72 45.06
N LEU HB 111 -43.17 -61.33 44.75
CA LEU HB 111 -43.07 -62.79 44.71
C LEU HB 111 -42.96 -63.30 46.14
N SER HB 112 -44.01 -63.98 46.60
CA SER HB 112 -43.98 -64.58 47.92
C SER HB 112 -43.02 -65.77 47.93
N PRO HB 113 -42.28 -65.98 49.03
CA PRO HB 113 -41.33 -67.09 49.09
C PRO HB 113 -41.93 -68.47 49.31
N CYS HB 114 -43.25 -68.63 49.17
CA CYS HB 114 -43.84 -69.96 49.21
C CYS HB 114 -43.63 -70.75 47.93
N PHE HB 115 -43.21 -70.07 46.85
CA PHE HB 115 -42.85 -70.73 45.60
C PHE HB 115 -41.34 -70.63 45.42
N ARG HB 116 -40.71 -71.75 45.08
CA ARG HB 116 -39.27 -71.81 44.89
C ARG HB 116 -38.87 -72.21 43.48
N ASP HB 117 -39.64 -73.06 42.81
CA ASP HB 117 -39.34 -73.49 41.45
C ASP HB 117 -39.95 -72.49 40.46
N VAL HB 118 -39.34 -71.31 40.43
CA VAL HB 118 -39.79 -70.21 39.58
C VAL HB 118 -38.63 -69.81 38.68
N GLN HB 119 -38.83 -69.93 37.37
CA GLN HB 119 -37.87 -69.50 36.37
C GLN HB 119 -38.49 -68.42 35.49
N ILE HB 120 -37.71 -67.93 34.54
CA ILE HB 120 -38.24 -66.97 33.57
C ILE HB 120 -39.08 -67.71 32.53
N GLY HB 121 -40.05 -67.00 31.97
CA GLY HB 121 -40.97 -67.59 31.03
C GLY HB 121 -42.13 -68.34 31.64
N ASP HB 122 -42.25 -68.35 32.97
CA ASP HB 122 -43.33 -69.06 33.66
C ASP HB 122 -44.57 -68.16 33.72
N ILE HB 123 -45.71 -68.73 33.36
CA ILE HB 123 -46.98 -68.02 33.45
C ILE HB 123 -47.41 -68.00 34.91
N VAL HB 124 -47.60 -66.80 35.47
CA VAL HB 124 -47.88 -66.62 36.87
C VAL HB 124 -49.21 -65.88 37.01
N THR HB 125 -49.89 -66.13 38.13
CA THR HB 125 -51.17 -65.51 38.44
C THR HB 125 -50.99 -64.50 39.56
N VAL HB 126 -51.40 -63.26 39.32
CA VAL HB 126 -51.22 -62.17 40.26
C VAL HB 126 -52.59 -61.69 40.73
N GLY HB 127 -52.60 -61.03 41.88
CA GLY HB 127 -53.82 -60.53 42.46
C GLY HB 127 -53.68 -59.16 43.10
N GLU HB 128 -54.66 -58.30 42.90
CA GLU HB 128 -54.65 -56.95 43.45
C GLU HB 128 -54.76 -56.97 44.96
N CYS HB 129 -54.01 -56.08 45.61
CA CYS HB 129 -54.07 -55.93 47.06
C CYS HB 129 -53.80 -54.47 47.40
N ARG HB 130 -53.52 -54.20 48.66
CA ARG HB 130 -53.10 -52.87 49.07
C ARG HB 130 -51.67 -52.62 48.56
N PRO HB 131 -51.29 -51.36 48.37
CA PRO HB 131 -49.92 -51.07 47.90
C PRO HB 131 -48.88 -51.35 48.99
N LEU HB 132 -48.05 -52.38 48.76
CA LEU HB 132 -47.00 -52.73 49.70
C LEU HB 132 -45.73 -51.92 49.49
N SER HB 133 -45.54 -51.32 48.32
CA SER HB 133 -44.40 -50.45 48.06
C SER HB 133 -44.84 -49.41 47.03
N LYS HB 134 -43.87 -48.76 46.39
CA LYS HB 134 -44.19 -47.65 45.50
C LYS HB 134 -44.84 -48.13 44.21
N THR HB 135 -44.40 -49.28 43.67
CA THR HB 135 -44.93 -49.78 42.42
C THR HB 135 -45.56 -51.17 42.53
N VAL HB 136 -45.52 -51.81 43.69
CA VAL HB 136 -46.08 -53.14 43.87
C VAL HB 136 -47.45 -53.03 44.52
N ARG HB 137 -48.47 -53.54 43.83
CA ARG HB 137 -49.82 -53.62 44.36
C ARG HB 137 -50.40 -55.02 44.18
N PHE HB 138 -49.56 -56.02 43.95
CA PHE HB 138 -50.01 -57.33 43.53
C PHE HB 138 -49.23 -58.41 44.25
N ASN HB 139 -49.92 -59.49 44.61
CA ASN HB 139 -49.29 -60.68 45.16
C ASN HB 139 -49.33 -61.82 44.15
N VAL HB 140 -48.36 -62.72 44.28
CA VAL HB 140 -48.32 -63.95 43.51
C VAL HB 140 -49.21 -64.98 44.19
N LEU HB 141 -50.23 -65.45 43.48
CA LEU HB 141 -51.18 -66.41 44.06
C LEU HB 141 -50.84 -67.85 43.70
N LYS HB 142 -50.68 -68.15 42.41
CA LYS HB 142 -50.27 -69.48 41.99
C LYS HB 142 -49.33 -69.37 40.80
N VAL HB 143 -48.44 -70.34 40.68
CA VAL HB 143 -47.39 -70.35 39.67
C VAL HB 143 -47.56 -71.59 38.81
N THR HB 144 -47.70 -71.38 37.50
CA THR HB 144 -47.75 -72.48 36.54
C THR HB 144 -46.42 -72.55 35.81
N LYS HB 145 -45.92 -73.77 35.62
CA LYS HB 145 -44.66 -73.97 34.94
C LYS HB 145 -44.84 -73.73 33.44
N ALA HB 146 -43.75 -73.34 32.78
CA ALA HB 146 -43.78 -72.98 31.37
C ALA HB 146 -43.99 -74.22 30.49
N ALA HB 147 -44.15 -73.98 29.19
CA ALA HB 147 -44.43 -75.04 28.24
C ALA HB 147 -43.19 -75.89 28.01
N GLY HB 148 -43.29 -77.17 28.34
CA GLY HB 148 -42.15 -78.07 28.21
C GLY HB 148 -41.10 -77.81 29.28
N THR HB 149 -39.88 -78.28 28.99
CA THR HB 149 -38.67 -78.11 29.81
C THR HB 149 -38.90 -78.65 31.24
N LYS HB 150 -39.07 -79.97 31.30
CA LYS HB 150 -39.33 -80.64 32.57
C LYS HB 150 -38.13 -80.56 33.51
N LYS HB 151 -36.91 -80.58 32.97
CA LYS HB 151 -35.71 -80.45 33.78
C LYS HB 151 -35.55 -79.04 34.31
N GLY IB 1 -36.15 -70.09 -4.29
CA GLY IB 1 -35.03 -69.19 -4.03
C GLY IB 1 -34.10 -69.69 -2.95
N ARG IB 2 -32.80 -69.62 -3.21
CA ARG IB 2 -31.80 -70.04 -2.24
C ARG IB 2 -31.70 -69.03 -1.11
N MET IB 3 -30.97 -69.41 -0.05
CA MET IB 3 -30.84 -68.54 1.11
C MET IB 3 -29.90 -67.38 0.84
N HIS IB 4 -28.67 -67.68 0.42
CA HIS IB 4 -27.64 -66.68 0.17
C HIS IB 4 -27.18 -66.73 -1.28
N ALA IB 5 -28.11 -66.97 -2.19
CA ALA IB 5 -27.82 -67.06 -3.62
C ALA IB 5 -29.08 -66.75 -4.39
N PRO IB 6 -28.99 -66.16 -5.58
CA PRO IB 6 -30.18 -65.88 -6.38
C PRO IB 6 -30.71 -67.06 -7.18
N GLY IB 7 -30.24 -68.27 -6.91
CA GLY IB 7 -30.68 -69.42 -7.67
C GLY IB 7 -32.06 -69.90 -7.25
N LYS IB 8 -32.75 -70.52 -8.21
CA LYS IB 8 -34.09 -71.07 -8.02
C LYS IB 8 -34.12 -72.53 -8.43
N GLY IB 9 -33.16 -73.30 -7.92
CA GLY IB 9 -32.99 -74.67 -8.36
C GLY IB 9 -34.04 -75.60 -7.77
N LEU IB 10 -34.43 -76.59 -8.56
CA LEU IB 10 -35.39 -77.62 -8.17
C LEU IB 10 -34.75 -78.97 -8.47
N SER IB 11 -34.01 -79.50 -7.49
CA SER IB 11 -33.37 -80.81 -7.62
C SER IB 11 -33.22 -81.38 -6.23
N GLN IB 12 -34.15 -82.25 -5.85
CA GLN IB 12 -34.09 -82.91 -4.55
C GLN IB 12 -34.72 -84.29 -4.69
N SER IB 13 -34.77 -85.01 -3.58
CA SER IB 13 -35.31 -86.36 -3.57
C SER IB 13 -36.83 -86.34 -3.67
N ALA IB 14 -37.36 -87.34 -4.36
CA ALA IB 14 -38.81 -87.52 -4.52
C ALA IB 14 -39.15 -88.91 -3.98
N LEU IB 15 -39.51 -88.97 -2.70
CA LEU IB 15 -39.86 -90.23 -2.07
C LEU IB 15 -41.18 -90.74 -2.64
N PRO IB 16 -41.29 -92.06 -2.89
CA PRO IB 16 -42.53 -92.59 -3.47
C PRO IB 16 -43.68 -92.63 -2.49
N TYR IB 17 -44.88 -92.91 -3.01
CA TYR IB 17 -46.07 -92.95 -2.17
C TYR IB 17 -46.08 -94.18 -1.27
N ARG IB 18 -45.73 -95.34 -1.82
CA ARG IB 18 -45.83 -96.60 -1.12
C ARG IB 18 -44.65 -96.74 -0.15
N ARG IB 19 -44.94 -96.59 1.14
CA ARG IB 19 -43.91 -96.66 2.18
C ARG IB 19 -43.63 -98.08 2.65
N SER IB 20 -44.35 -99.07 2.12
CA SER IB 20 -44.17 -100.44 2.56
C SER IB 20 -42.86 -101.01 2.04
N VAL IB 21 -42.38 -102.06 2.71
CA VAL IB 21 -41.15 -102.74 2.31
C VAL IB 21 -41.41 -103.51 1.03
N PRO IB 22 -40.45 -103.62 0.13
CA PRO IB 22 -40.65 -104.35 -1.12
C PRO IB 22 -40.55 -105.86 -0.90
N THR IB 23 -40.78 -106.60 -1.99
CA THR IB 23 -40.75 -108.05 -1.92
C THR IB 23 -39.31 -108.57 -1.88
N TRP IB 24 -38.40 -107.95 -2.65
CA TRP IB 24 -37.04 -108.45 -2.75
C TRP IB 24 -36.21 -108.20 -1.50
N LEU IB 25 -36.62 -107.27 -0.65
CA LEU IB 25 -35.84 -106.91 0.53
C LEU IB 25 -35.99 -108.00 1.58
N LYS IB 26 -34.99 -108.86 1.68
CA LYS IB 26 -34.94 -109.92 2.69
C LYS IB 26 -34.19 -109.50 3.94
N LEU IB 27 -33.59 -108.30 3.95
CA LEU IB 27 -32.87 -107.81 5.11
C LEU IB 27 -33.86 -107.42 6.20
N THR IB 28 -33.68 -107.97 7.39
CA THR IB 28 -34.56 -107.64 8.51
C THR IB 28 -34.21 -106.28 9.09
N SER IB 29 -35.16 -105.75 9.87
CA SER IB 29 -35.00 -104.42 10.45
C SER IB 29 -33.88 -104.39 11.48
N ASP IB 30 -33.73 -105.48 12.25
CA ASP IB 30 -32.63 -105.58 13.19
C ASP IB 30 -31.28 -105.67 12.48
N ASP IB 31 -31.24 -106.34 11.32
CA ASP IB 31 -30.00 -106.40 10.54
C ASP IB 31 -29.65 -105.04 9.95
N VAL IB 32 -30.66 -104.28 9.52
CA VAL IB 32 -30.43 -102.94 9.02
C VAL IB 32 -29.92 -102.03 10.14
N LYS IB 33 -30.54 -102.12 11.33
CA LYS IB 33 -30.09 -101.33 12.47
C LYS IB 33 -28.69 -101.70 12.92
N GLU IB 34 -28.31 -102.98 12.85
CA GLU IB 34 -26.95 -103.35 13.23
C GLU IB 34 -25.93 -102.99 12.16
N GLN IB 35 -26.34 -102.92 10.88
CA GLN IB 35 -25.45 -102.37 9.87
C GLN IB 35 -25.23 -100.87 10.10
N ILE IB 36 -26.29 -100.16 10.50
CA ILE IB 36 -26.17 -98.75 10.88
C ILE IB 36 -25.25 -98.59 12.08
N TYR IB 37 -25.36 -99.50 13.06
CA TYR IB 37 -24.51 -99.44 14.24
C TYR IB 37 -23.07 -99.77 13.91
N LYS IB 38 -22.83 -100.66 12.95
CA LYS IB 38 -21.47 -100.95 12.51
C LYS IB 38 -20.86 -99.76 11.77
N LEU IB 39 -21.66 -99.07 10.96
CA LEU IB 39 -21.16 -97.86 10.28
C LEU IB 39 -20.91 -96.74 11.28
N ALA IB 40 -21.71 -96.65 12.34
CA ALA IB 40 -21.48 -95.64 13.36
C ALA IB 40 -20.28 -95.98 14.23
N LYS IB 41 -20.00 -97.28 14.44
CA LYS IB 41 -18.81 -97.69 15.16
C LYS IB 41 -17.56 -97.43 14.33
N LYS IB 42 -17.67 -97.58 13.00
CA LYS IB 42 -16.58 -97.16 12.11
C LYS IB 42 -16.40 -95.65 12.15
N GLY IB 43 -17.49 -94.91 12.26
CA GLY IB 43 -17.43 -93.47 12.34
C GLY IB 43 -17.80 -92.81 11.03
N LEU IB 44 -19.05 -92.36 10.92
CA LEU IB 44 -19.56 -91.89 9.63
C LEU IB 44 -20.76 -91.00 9.89
N THR IB 45 -20.90 -89.96 9.07
CA THR IB 45 -22.06 -89.09 9.15
C THR IB 45 -23.32 -89.84 8.68
N PRO IB 46 -24.49 -89.54 9.25
CA PRO IB 46 -25.72 -90.27 8.88
C PRO IB 46 -26.13 -90.11 7.44
N SER IB 47 -25.77 -88.99 6.80
CA SER IB 47 -25.98 -88.82 5.36
C SER IB 47 -25.22 -89.87 4.57
N GLN IB 48 -23.94 -90.04 4.88
CA GLN IB 48 -23.12 -91.03 4.17
C GLN IB 48 -23.49 -92.45 4.58
N ILE IB 49 -24.02 -92.63 5.80
CA ILE IB 49 -24.57 -93.92 6.20
C ILE IB 49 -25.75 -94.31 5.31
N GLY IB 50 -26.68 -93.36 5.10
CA GLY IB 50 -27.80 -93.61 4.21
C GLY IB 50 -27.39 -93.81 2.76
N VAL IB 51 -26.34 -93.11 2.32
CA VAL IB 51 -25.83 -93.28 0.96
C VAL IB 51 -25.24 -94.68 0.77
N ILE IB 52 -24.42 -95.14 1.72
CA ILE IB 52 -23.84 -96.48 1.66
C ILE IB 52 -24.93 -97.56 1.77
N LEU IB 53 -25.97 -97.31 2.58
CA LEU IB 53 -27.06 -98.27 2.69
C LEU IB 53 -27.87 -98.38 1.40
N ARG IB 54 -28.17 -97.25 0.75
CA ARG IB 54 -28.93 -97.35 -0.49
C ARG IB 54 -28.08 -97.76 -1.68
N ASP IB 55 -26.75 -97.68 -1.58
CA ASP IB 55 -25.91 -98.13 -2.68
C ASP IB 55 -25.54 -99.61 -2.58
N SER IB 56 -24.94 -100.00 -1.46
CA SER IB 56 -24.43 -101.36 -1.33
C SER IB 56 -25.55 -102.35 -1.02
N HIS IB 57 -26.23 -102.17 0.10
CA HIS IB 57 -27.23 -103.13 0.55
C HIS IB 57 -28.55 -102.99 -0.19
N GLY IB 58 -28.80 -101.87 -0.86
CA GLY IB 58 -30.00 -101.71 -1.65
C GLY IB 58 -31.28 -101.54 -0.85
N VAL IB 59 -31.20 -101.05 0.38
CA VAL IB 59 -32.38 -100.78 1.19
C VAL IB 59 -32.93 -99.42 0.76
N ALA IB 60 -34.26 -99.27 0.82
CA ALA IB 60 -34.88 -98.06 0.29
C ALA IB 60 -34.74 -96.88 1.26
N GLN IB 61 -35.37 -96.99 2.43
CA GLN IB 61 -35.33 -95.95 3.45
C GLN IB 61 -35.31 -96.60 4.82
N VAL IB 62 -34.46 -96.10 5.71
CA VAL IB 62 -34.43 -96.58 7.09
C VAL IB 62 -35.73 -96.20 7.80
N ARG IB 63 -36.26 -95.01 7.51
CA ARG IB 63 -37.53 -94.60 8.10
C ARG IB 63 -38.70 -95.43 7.57
N PHE IB 64 -38.62 -95.91 6.33
CA PHE IB 64 -39.68 -96.76 5.81
C PHE IB 64 -39.59 -98.16 6.37
N VAL IB 65 -38.39 -98.73 6.45
CA VAL IB 65 -38.23 -100.11 6.90
C VAL IB 65 -38.38 -100.21 8.41
N THR IB 66 -37.51 -99.52 9.14
CA THR IB 66 -37.56 -99.55 10.60
C THR IB 66 -38.56 -98.49 11.08
N GLY IB 67 -38.58 -98.25 12.39
CA GLY IB 67 -39.53 -97.34 12.98
C GLY IB 67 -39.10 -95.88 12.94
N ASN IB 68 -37.80 -95.64 13.09
CA ASN IB 68 -37.26 -94.29 13.21
C ASN IB 68 -36.23 -94.03 12.12
N LYS IB 69 -35.81 -92.77 12.04
CA LYS IB 69 -34.78 -92.31 11.11
C LYS IB 69 -33.41 -92.45 11.77
N ILE IB 70 -32.36 -92.16 10.99
CA ILE IB 70 -31.01 -92.67 11.28
C ILE IB 70 -30.40 -91.96 12.49
N LEU IB 71 -30.37 -90.62 12.46
CA LEU IB 71 -29.81 -89.87 13.58
C LEU IB 71 -30.67 -90.01 14.83
N ARG IB 72 -31.97 -90.26 14.66
CA ARG IB 72 -32.84 -90.54 15.79
C ARG IB 72 -32.50 -91.89 16.43
N ILE IB 73 -32.16 -92.90 15.63
CA ILE IB 73 -31.75 -94.19 16.17
C ILE IB 73 -30.39 -94.08 16.86
N LEU IB 74 -29.46 -93.32 16.27
CA LEU IB 74 -28.17 -93.07 16.92
C LEU IB 74 -28.33 -92.28 18.21
N LYS IB 75 -29.32 -91.38 18.28
CA LYS IB 75 -29.57 -90.64 19.50
C LYS IB 75 -30.23 -91.51 20.57
N SER IB 76 -31.11 -92.43 20.16
CA SER IB 76 -31.71 -93.35 21.11
C SER IB 76 -30.72 -94.38 21.62
N LYS IB 77 -29.72 -94.72 20.81
CA LYS IB 77 -28.68 -95.63 21.28
C LYS IB 77 -27.67 -94.92 22.17
N GLY IB 78 -26.98 -93.92 21.61
CA GLY IB 78 -25.96 -93.19 22.36
C GLY IB 78 -24.71 -92.91 21.56
N LEU IB 79 -24.70 -93.29 20.29
CA LEU IB 79 -23.56 -93.05 19.41
C LEU IB 79 -23.68 -91.75 18.63
N ALA IB 80 -24.73 -90.97 18.85
CA ALA IB 80 -24.87 -89.70 18.15
C ALA IB 80 -23.92 -88.67 18.74
N PRO IB 81 -23.34 -87.80 17.91
CA PRO IB 81 -22.45 -86.76 18.43
C PRO IB 81 -23.23 -85.66 19.15
N ASP IB 82 -22.47 -84.81 19.84
CA ASP IB 82 -23.05 -83.74 20.65
C ASP IB 82 -23.50 -82.53 19.83
N LEU IB 83 -23.18 -82.48 18.54
CA LEU IB 83 -23.52 -81.34 17.70
C LEU IB 83 -23.86 -81.85 16.31
N PRO IB 84 -24.82 -81.23 15.62
CA PRO IB 84 -25.30 -81.79 14.36
C PRO IB 84 -24.30 -81.68 13.22
N GLU IB 85 -24.47 -82.56 12.23
CA GLU IB 85 -23.49 -82.70 11.16
C GLU IB 85 -23.50 -81.54 10.17
N ASP IB 86 -24.67 -80.92 9.92
CA ASP IB 86 -24.71 -79.76 9.03
C ASP IB 86 -24.02 -78.56 9.66
N LEU IB 87 -24.24 -78.34 10.96
CA LEU IB 87 -23.50 -77.31 11.70
C LEU IB 87 -22.01 -77.64 11.76
N TYR IB 88 -21.67 -78.93 11.87
CA TYR IB 88 -20.28 -79.37 11.89
C TYR IB 88 -19.57 -79.03 10.59
N HIS IB 89 -20.18 -79.35 9.46
CA HIS IB 89 -19.57 -79.06 8.17
C HIS IB 89 -19.56 -77.57 7.85
N LEU IB 90 -20.55 -76.81 8.34
CA LEU IB 90 -20.48 -75.36 8.15
C LEU IB 90 -19.38 -74.72 9.01
N ILE IB 91 -19.15 -75.25 10.22
CA ILE IB 91 -18.04 -74.77 11.04
C ILE IB 91 -16.70 -75.12 10.42
N LYS IB 92 -16.59 -76.32 9.84
CA LYS IB 92 -15.35 -76.72 9.16
C LYS IB 92 -15.11 -75.86 7.92
N LYS IB 93 -16.16 -75.54 7.17
CA LYS IB 93 -16.03 -74.66 6.02
C LYS IB 93 -15.64 -73.24 6.44
N ALA IB 94 -16.16 -72.77 7.59
CA ALA IB 94 -15.80 -71.44 8.08
C ALA IB 94 -14.34 -71.40 8.54
N VAL IB 95 -13.86 -72.48 9.15
CA VAL IB 95 -12.45 -72.56 9.54
C VAL IB 95 -11.56 -72.57 8.30
N ALA IB 96 -11.97 -73.28 7.25
CA ALA IB 96 -11.20 -73.31 6.00
C ALA IB 96 -11.16 -71.93 5.33
N VAL IB 97 -12.30 -71.23 5.29
CA VAL IB 97 -12.33 -69.91 4.65
C VAL IB 97 -11.59 -68.88 5.52
N ARG IB 98 -11.62 -69.01 6.84
CA ARG IB 98 -10.88 -68.09 7.69
C ARG IB 98 -9.38 -68.31 7.58
N LYS IB 99 -8.96 -69.57 7.41
CA LYS IB 99 -7.55 -69.86 7.10
C LYS IB 99 -7.16 -69.28 5.74
N HIS IB 100 -8.08 -69.33 4.77
CA HIS IB 100 -7.81 -68.78 3.45
C HIS IB 100 -7.68 -67.26 3.50
N LEU IB 101 -8.52 -66.58 4.30
CA LEU IB 101 -8.38 -65.13 4.46
C LEU IB 101 -7.11 -64.76 5.21
N GLU IB 102 -6.74 -65.56 6.22
CA GLU IB 102 -5.52 -65.30 6.96
C GLU IB 102 -4.28 -65.47 6.08
N ARG IB 103 -4.34 -66.40 5.12
CA ARG IB 103 -3.24 -66.50 4.16
C ARG IB 103 -3.31 -65.44 3.07
N ASN IB 104 -4.51 -65.01 2.68
CA ASN IB 104 -4.70 -63.99 1.64
C ASN IB 104 -5.81 -63.04 2.11
N ARG IB 105 -5.42 -61.98 2.79
CA ARG IB 105 -6.34 -60.93 3.22
C ARG IB 105 -7.00 -60.19 2.06
N LYS IB 106 -6.43 -60.22 0.86
CA LYS IB 106 -6.94 -59.46 -0.27
C LYS IB 106 -8.08 -60.15 -1.02
N ASP IB 107 -8.67 -61.21 -0.45
CA ASP IB 107 -9.72 -61.96 -1.15
C ASP IB 107 -11.07 -61.54 -0.59
N LYS IB 108 -11.60 -60.44 -1.14
CA LYS IB 108 -12.83 -59.86 -0.62
C LYS IB 108 -14.05 -60.71 -0.97
N ASP IB 109 -13.99 -61.46 -2.06
CA ASP IB 109 -15.06 -62.39 -2.40
C ASP IB 109 -15.15 -63.52 -1.37
N ALA IB 110 -13.99 -64.06 -0.96
CA ALA IB 110 -13.98 -65.07 0.09
C ALA IB 110 -14.34 -64.46 1.44
N LYS IB 111 -14.06 -63.18 1.65
CA LYS IB 111 -14.52 -62.51 2.87
C LYS IB 111 -16.04 -62.41 2.91
N PHE IB 112 -16.66 -62.06 1.78
CA PHE IB 112 -18.12 -62.01 1.69
C PHE IB 112 -18.74 -63.38 1.87
N ARG IB 113 -18.12 -64.41 1.28
CA ARG IB 113 -18.58 -65.78 1.50
C ARG IB 113 -18.42 -66.21 2.95
N LEU IB 114 -17.37 -65.73 3.64
CA LEU IB 114 -17.19 -66.02 5.06
C LEU IB 114 -18.29 -65.37 5.89
N ILE IB 115 -18.70 -64.15 5.53
CA ILE IB 115 -19.82 -63.49 6.20
C ILE IB 115 -21.10 -64.29 6.01
N LEU IB 116 -21.32 -64.82 4.80
CA LEU IB 116 -22.51 -65.63 4.54
C LEU IB 116 -22.49 -66.94 5.32
N ILE IB 117 -21.33 -67.60 5.40
CA ILE IB 117 -21.20 -68.85 6.15
C ILE IB 117 -21.41 -68.61 7.64
N GLU IB 118 -20.88 -67.50 8.17
CA GLU IB 118 -21.10 -67.15 9.57
C GLU IB 118 -22.57 -66.85 9.86
N SER IB 119 -23.27 -66.21 8.91
CA SER IB 119 -24.69 -65.94 9.08
C SER IB 119 -25.49 -67.23 9.11
N ARG IB 120 -25.15 -68.19 8.25
CA ARG IB 120 -25.85 -69.48 8.26
C ARG IB 120 -25.54 -70.28 9.52
N ILE IB 121 -24.30 -70.18 10.02
CA ILE IB 121 -23.93 -70.83 11.28
C ILE IB 121 -24.72 -70.26 12.45
N HIS IB 122 -24.88 -68.93 12.50
CA HIS IB 122 -25.64 -68.35 13.61
C HIS IB 122 -27.14 -68.61 13.49
N ARG IB 123 -27.67 -68.72 12.26
CA ARG IB 123 -29.06 -69.11 12.09
C ARG IB 123 -29.31 -70.53 12.60
N LEU IB 124 -28.46 -71.48 12.20
CA LEU IB 124 -28.62 -72.84 12.71
C LEU IB 124 -28.28 -72.92 14.21
N ALA IB 125 -27.42 -72.04 14.70
CA ALA IB 125 -27.06 -72.03 16.11
C ALA IB 125 -28.25 -71.61 16.97
N ARG IB 126 -28.94 -70.52 16.58
CA ARG IB 126 -30.12 -70.13 17.33
C ARG IB 126 -31.27 -71.11 17.13
N TYR IB 127 -31.32 -71.81 15.99
CA TYR IB 127 -32.33 -72.84 15.82
C TYR IB 127 -32.11 -74.03 16.75
N TYR IB 128 -30.88 -74.51 16.86
CA TYR IB 128 -30.66 -75.62 17.79
C TYR IB 128 -30.66 -75.17 19.25
N LYS IB 129 -30.46 -73.88 19.52
CA LYS IB 129 -30.74 -73.37 20.87
C LYS IB 129 -32.22 -73.42 21.19
N THR IB 130 -33.09 -73.07 20.22
CA THR IB 130 -34.52 -73.17 20.46
C THR IB 130 -34.99 -74.63 20.52
N LYS IB 131 -34.31 -75.53 19.81
CA LYS IB 131 -34.65 -76.95 19.87
C LYS IB 131 -33.99 -77.67 21.04
N ARG IB 132 -33.08 -76.98 21.77
CA ARG IB 132 -32.53 -77.43 23.05
C ARG IB 132 -31.73 -78.73 22.94
N VAL IB 133 -30.94 -78.84 21.87
CA VAL IB 133 -29.94 -79.90 21.79
C VAL IB 133 -28.53 -79.38 22.04
N LEU IB 134 -28.35 -78.06 22.03
CA LEU IB 134 -27.17 -77.32 22.44
C LEU IB 134 -27.50 -76.49 23.67
N PRO IB 135 -26.54 -76.29 24.58
CA PRO IB 135 -26.83 -75.54 25.80
C PRO IB 135 -27.01 -74.06 25.49
N PRO IB 136 -27.76 -73.34 26.34
CA PRO IB 136 -27.94 -71.90 26.10
C PRO IB 136 -26.67 -71.08 26.30
N ASN IB 137 -25.71 -71.57 27.07
CA ASN IB 137 -24.45 -70.87 27.27
C ASN IB 137 -23.46 -71.13 26.14
N TRP IB 138 -23.81 -71.95 25.16
CA TRP IB 138 -22.95 -72.17 24.01
C TRP IB 138 -22.91 -70.94 23.13
N LYS IB 139 -21.74 -70.66 22.56
CA LYS IB 139 -21.60 -69.52 21.67
C LYS IB 139 -20.47 -69.80 20.70
N TYR IB 140 -20.68 -69.52 19.42
CA TYR IB 140 -19.68 -69.76 18.40
C TYR IB 140 -18.62 -68.67 18.45
N GLU IB 141 -17.36 -69.07 18.59
CA GLU IB 141 -16.24 -68.15 18.64
C GLU IB 141 -15.20 -68.58 17.62
N SER IB 142 -14.61 -67.59 16.92
CA SER IB 142 -13.63 -67.89 15.88
C SER IB 142 -12.34 -68.47 16.43
N SER IB 143 -12.01 -68.19 17.69
CA SER IB 143 -10.80 -68.77 18.29
C SER IB 143 -11.02 -70.24 18.63
N THR IB 144 -12.15 -70.56 19.26
CA THR IB 144 -12.46 -71.92 19.66
C THR IB 144 -13.05 -72.75 18.53
N ALA IB 145 -13.28 -72.15 17.36
CA ALA IB 145 -13.82 -72.89 16.22
C ALA IB 145 -12.81 -73.85 15.61
N SER IB 146 -11.50 -73.60 15.81
CA SER IB 146 -10.49 -74.49 15.25
C SER IB 146 -10.40 -75.79 16.02
N ALA IB 147 -10.80 -75.79 17.30
CA ALA IB 147 -10.83 -77.03 18.06
C ALA IB 147 -12.00 -77.92 17.64
N LEU IB 148 -13.12 -77.32 17.26
CA LEU IB 148 -14.27 -78.07 16.72
C LEU IB 148 -13.98 -78.31 15.24
N VAL IB 149 -13.36 -79.45 14.96
CA VAL IB 149 -12.88 -79.77 13.61
C VAL IB 149 -14.03 -80.04 12.65
N SER JB 1 26.78 -51.02 -59.13
CA SER JB 1 26.59 -50.59 -60.52
C SER JB 1 27.05 -51.67 -61.49
N LEU JB 2 27.45 -52.82 -60.95
CA LEU JB 2 27.93 -53.94 -61.74
C LEU JB 2 27.17 -55.19 -61.33
N GLY JB 3 26.50 -55.83 -62.29
CA GLY JB 3 25.73 -57.02 -62.02
C GLY JB 3 26.35 -58.26 -62.63
N PRO JB 4 26.58 -59.28 -61.80
CA PRO JB 4 27.10 -60.56 -62.31
C PRO JB 4 26.04 -61.48 -62.89
N GLN JB 5 24.81 -61.03 -63.02
CA GLN JB 5 23.70 -61.86 -63.45
C GLN JB 5 23.71 -62.08 -64.95
N VAL JB 6 23.24 -63.26 -65.37
CA VAL JB 6 22.99 -63.52 -66.78
C VAL JB 6 21.55 -63.09 -67.10
N ALA JB 7 21.36 -62.54 -68.30
CA ALA JB 7 20.08 -61.90 -68.63
C ALA JB 7 18.98 -62.93 -68.87
N GLU JB 8 19.27 -63.98 -69.65
CA GLU JB 8 18.27 -64.96 -69.98
C GLU JB 8 17.98 -65.93 -68.84
N GLY JB 9 18.96 -66.17 -67.97
CA GLY JB 9 18.83 -67.18 -66.94
C GLY JB 9 17.85 -66.87 -65.81
N GLU JB 10 18.17 -65.89 -64.98
CA GLU JB 10 17.37 -65.60 -63.79
C GLU JB 10 17.20 -64.10 -63.62
N ASN JB 11 16.47 -63.73 -62.58
CA ASN JB 11 16.25 -62.34 -62.19
C ASN JB 11 16.92 -62.09 -60.85
N VAL JB 12 17.26 -60.82 -60.60
CA VAL JB 12 17.85 -60.40 -59.33
C VAL JB 12 16.73 -59.89 -58.44
N PHE JB 13 16.66 -60.41 -57.22
CA PHE JB 13 15.55 -60.16 -56.32
C PHE JB 13 15.91 -59.11 -55.28
N GLY JB 14 14.99 -58.20 -55.03
CA GLY JB 14 15.05 -57.28 -53.91
C GLY JB 14 13.70 -57.21 -53.24
N VAL JB 15 13.51 -56.32 -52.28
CA VAL JB 15 12.20 -56.15 -51.65
C VAL JB 15 11.96 -54.65 -51.52
N CYS JB 16 10.68 -54.26 -51.57
CA CYS JB 16 10.27 -52.89 -51.38
C CYS JB 16 9.24 -52.84 -50.25
N HIS JB 17 9.55 -52.06 -49.21
CA HIS JB 17 8.65 -51.83 -48.09
C HIS JB 17 7.83 -50.59 -48.40
N ILE JB 18 6.62 -50.79 -48.89
CA ILE JB 18 5.76 -49.67 -49.27
C ILE JB 18 4.99 -49.25 -48.03
N PHE JB 19 5.41 -48.13 -47.44
CA PHE JB 19 4.75 -47.56 -46.28
C PHE JB 19 3.71 -46.54 -46.76
N ALA JB 20 2.46 -46.77 -46.40
CA ALA JB 20 1.33 -45.98 -46.90
C ALA JB 20 0.60 -45.35 -45.71
N SER JB 21 1.04 -44.17 -45.31
CA SER JB 21 0.34 -43.38 -44.32
C SER JB 21 -0.68 -42.47 -45.01
N PHE JB 22 -1.48 -41.78 -44.20
CA PHE JB 22 -2.46 -40.84 -44.71
C PHE JB 22 -1.89 -39.45 -44.93
N ASN JB 23 -0.58 -39.28 -44.81
CA ASN JB 23 0.05 -37.99 -45.12
C ASN JB 23 1.31 -38.08 -45.96
N ASP JB 24 1.94 -39.26 -46.10
CA ASP JB 24 3.12 -39.41 -46.95
C ASP JB 24 3.25 -40.89 -47.30
N THR JB 25 4.02 -41.16 -48.36
CA THR JB 25 4.22 -42.53 -48.85
C THR JB 25 5.71 -42.80 -49.00
N PHE JB 26 6.20 -43.84 -48.33
CA PHE JB 26 7.59 -44.27 -48.42
C PHE JB 26 7.69 -45.45 -49.38
N VAL JB 27 8.57 -45.34 -50.38
CA VAL JB 27 8.92 -46.45 -51.25
C VAL JB 27 10.40 -46.73 -51.05
N HIS JB 28 10.70 -47.84 -50.38
CA HIS JB 28 12.04 -48.13 -49.88
C HIS JB 28 12.45 -49.52 -50.34
N VAL JB 29 13.47 -49.58 -51.19
CA VAL JB 29 13.95 -50.84 -51.76
C VAL JB 29 15.22 -51.26 -51.05
N THR JB 30 15.17 -52.42 -50.43
CA THR JB 30 16.32 -53.05 -49.76
C THR JB 30 16.55 -54.43 -50.35
N ASP JB 31 17.55 -55.13 -49.81
CA ASP JB 31 17.91 -56.47 -50.27
C ASP JB 31 17.04 -57.51 -49.54
N LEU JB 32 17.44 -58.78 -49.64
CA LEU JB 32 16.69 -59.85 -48.98
C LEU JB 32 16.82 -59.78 -47.47
N SER JB 33 17.92 -59.22 -46.96
CA SER JB 33 18.06 -59.02 -45.52
C SER JB 33 17.25 -57.82 -45.05
N GLY JB 34 17.17 -56.78 -45.87
CA GLY JB 34 16.59 -55.52 -45.46
C GLY JB 34 17.57 -54.56 -44.85
N LYS JB 35 18.77 -55.02 -44.48
CA LYS JB 35 19.77 -54.16 -43.86
C LYS JB 35 20.38 -53.19 -44.87
N GLU JB 36 20.71 -53.67 -46.07
CA GLU JB 36 21.33 -52.85 -47.10
C GLU JB 36 20.25 -52.26 -48.00
N THR JB 37 20.22 -50.94 -48.09
CA THR JB 37 19.21 -50.25 -48.89
C THR JB 37 19.74 -49.93 -50.29
N ILE JB 38 18.81 -49.57 -51.17
CA ILE JB 38 19.16 -49.18 -52.53
C ILE JB 38 18.63 -47.78 -52.82
N CYS JB 39 17.32 -47.60 -52.72
CA CYS JB 39 16.71 -46.32 -53.05
C CYS JB 39 15.52 -46.07 -52.12
N ARG JB 40 15.35 -44.80 -51.74
CA ARG JB 40 14.21 -44.40 -50.91
C ARG JB 40 13.89 -42.94 -51.25
N VAL JB 41 12.91 -42.74 -52.12
CA VAL JB 41 12.39 -41.41 -52.41
C VAL JB 41 10.91 -41.41 -52.02
N THR JB 42 10.43 -40.25 -51.60
CA THR JB 42 9.08 -40.10 -51.08
C THR JB 42 8.22 -39.30 -52.05
N GLY JB 43 6.95 -39.10 -51.67
CA GLY JB 43 6.11 -38.18 -52.41
C GLY JB 43 6.42 -36.73 -52.12
N GLY JB 44 6.89 -36.44 -50.91
CA GLY JB 44 7.26 -35.08 -50.56
C GLY JB 44 8.55 -34.61 -51.20
N MET JB 45 9.44 -35.53 -51.57
CA MET JB 45 10.63 -35.15 -52.31
C MET JB 45 10.30 -34.79 -53.75
N LYS JB 46 9.23 -35.38 -54.30
CA LYS JB 46 8.86 -35.13 -55.69
C LYS JB 46 7.90 -33.95 -55.83
N VAL JB 47 6.92 -33.83 -54.94
CA VAL JB 47 5.96 -32.73 -54.97
C VAL JB 47 6.23 -31.83 -53.77
N LYS JB 48 6.46 -30.54 -54.04
CA LYS JB 48 6.83 -29.59 -52.99
C LYS JB 48 5.60 -28.90 -52.42
N ALA JB 49 4.69 -29.72 -51.90
CA ALA JB 49 3.52 -29.25 -51.17
C ALA JB 49 3.10 -30.34 -50.21
N ASP JB 50 2.84 -29.95 -48.95
CA ASP JB 50 2.62 -30.94 -47.89
C ASP JB 50 1.24 -31.59 -47.98
N ARG JB 51 0.30 -30.98 -48.71
CA ARG JB 51 -1.07 -31.48 -48.71
C ARG JB 51 -1.29 -32.62 -49.68
N ASP JB 52 -0.41 -32.81 -50.66
CA ASP JB 52 -0.55 -33.87 -51.65
C ASP JB 52 0.70 -34.74 -51.67
N GLU JB 53 1.29 -34.97 -50.50
CA GLU JB 53 2.41 -35.92 -50.42
C GLU JB 53 1.93 -37.36 -50.48
N SER JB 54 0.76 -37.65 -49.92
CA SER JB 54 0.15 -38.98 -50.00
C SER JB 54 -0.74 -39.13 -51.23
N SER JB 55 -0.65 -38.21 -52.18
CA SER JB 55 -1.45 -38.24 -53.40
C SER JB 55 -0.96 -39.35 -54.32
N PRO JB 56 -1.86 -39.92 -55.14
CA PRO JB 56 -1.43 -40.95 -56.09
C PRO JB 56 -0.46 -40.45 -57.14
N TYR JB 57 -0.50 -39.16 -57.49
CA TYR JB 57 0.46 -38.60 -58.45
C TYR JB 57 1.86 -38.55 -57.85
N ALA JB 58 1.97 -38.11 -56.60
CA ALA JB 58 3.26 -38.09 -55.92
C ALA JB 58 3.79 -39.50 -55.67
N ALA JB 59 2.90 -40.44 -55.34
CA ALA JB 59 3.31 -41.83 -55.17
C ALA JB 59 3.75 -42.45 -56.49
N MET JB 60 3.10 -42.07 -57.61
CA MET JB 60 3.51 -42.53 -58.93
C MET JB 60 4.88 -41.98 -59.31
N LEU JB 61 5.13 -40.70 -59.03
CA LEU JB 61 6.44 -40.11 -59.30
C LEU JB 61 7.53 -40.75 -58.44
N ALA JB 62 7.21 -41.04 -57.17
CA ALA JB 62 8.18 -41.70 -56.30
C ALA JB 62 8.48 -43.12 -56.76
N ALA JB 63 7.45 -43.85 -57.21
CA ALA JB 63 7.65 -45.20 -57.71
C ALA JB 63 8.45 -45.20 -59.01
N GLN JB 64 8.21 -44.22 -59.89
CA GLN JB 64 8.99 -44.12 -61.12
C GLN JB 64 10.45 -43.76 -60.84
N ASP JB 65 10.70 -42.88 -59.86
CA ASP JB 65 12.07 -42.53 -59.52
C ASP JB 65 12.79 -43.72 -58.87
N VAL JB 66 12.09 -44.48 -58.02
CA VAL JB 66 12.64 -45.70 -57.44
C VAL JB 66 12.95 -46.73 -58.52
N ALA JB 67 12.04 -46.89 -59.49
CA ALA JB 67 12.26 -47.87 -60.56
C ALA JB 67 13.41 -47.47 -61.46
N GLN JB 68 13.57 -46.16 -61.71
CA GLN JB 68 14.70 -45.70 -62.51
C GLN JB 68 16.03 -45.89 -61.77
N ARG JB 69 16.04 -45.58 -60.47
CA ARG JB 69 17.25 -45.75 -59.66
C ARG JB 69 17.59 -47.23 -59.49
N CYS JB 70 16.58 -48.11 -59.55
CA CYS JB 70 16.82 -49.55 -59.44
C CYS JB 70 17.26 -50.15 -60.76
N LYS JB 71 16.77 -49.64 -61.89
CA LYS JB 71 17.28 -50.05 -63.19
C LYS JB 71 18.67 -49.49 -63.46
N GLU JB 72 19.08 -48.42 -62.75
CA GLU JB 72 20.47 -47.99 -62.84
C GLU JB 72 21.44 -49.01 -62.22
N LEU JB 73 20.96 -49.89 -61.35
CA LEU JB 73 21.76 -50.99 -60.81
C LEU JB 73 21.55 -52.30 -61.57
N GLY JB 74 20.30 -52.73 -61.72
CA GLY JB 74 20.03 -53.93 -62.48
C GLY JB 74 19.20 -54.97 -61.74
N ILE JB 75 18.66 -54.63 -60.58
CA ILE JB 75 17.77 -55.54 -59.88
C ILE JB 75 16.43 -55.58 -60.62
N THR JB 76 15.99 -56.79 -60.96
CA THR JB 76 14.86 -56.99 -61.87
C THR JB 76 13.54 -57.23 -61.14
N ALA JB 77 13.53 -58.13 -60.16
CA ALA JB 77 12.31 -58.49 -59.47
C ALA JB 77 12.32 -57.91 -58.05
N LEU JB 78 11.14 -57.51 -57.59
CA LEU JB 78 10.95 -57.00 -56.24
C LEU JB 78 9.80 -57.74 -55.59
N HIS JB 79 10.01 -58.19 -54.36
CA HIS JB 79 8.91 -58.55 -53.50
C HIS JB 79 8.31 -57.28 -52.90
N ILE JB 80 7.02 -57.34 -52.57
CA ILE JB 80 6.30 -56.17 -52.07
C ILE JB 80 5.86 -56.46 -50.65
N LYS JB 81 6.26 -55.60 -49.72
CA LYS JB 81 5.83 -55.68 -48.33
C LYS JB 81 5.08 -54.40 -48.02
N LEU JB 82 3.76 -54.50 -47.96
CA LEU JB 82 2.90 -53.35 -47.70
C LEU JB 82 2.79 -53.11 -46.20
N ARG JB 83 2.87 -51.85 -45.80
CA ARG JB 83 2.87 -51.48 -44.39
C ARG JB 83 2.09 -50.19 -44.22
N ALA JB 84 1.02 -50.25 -43.42
CA ALA JB 84 0.26 -49.07 -43.04
C ALA JB 84 0.94 -48.39 -41.86
N THR JB 85 0.22 -47.46 -41.22
CA THR JB 85 0.76 -46.79 -40.04
C THR JB 85 0.91 -47.76 -38.87
N GLY JB 86 -0.12 -48.57 -38.62
CA GLY JB 86 -0.02 -49.62 -37.63
C GLY JB 86 -0.03 -49.10 -36.20
N GLY JB 87 0.16 -50.05 -35.28
CA GLY JB 87 0.11 -49.71 -33.87
C GLY JB 87 -1.31 -49.43 -33.42
N ASN JB 88 -1.43 -48.55 -32.41
CA ASN JB 88 -2.75 -48.17 -31.92
C ASN JB 88 -3.53 -47.33 -32.93
N ARG JB 89 -2.86 -46.72 -33.89
CA ARG JB 89 -3.53 -45.92 -34.92
C ARG JB 89 -4.10 -46.82 -36.00
N THR JB 90 -4.48 -46.22 -37.14
CA THR JB 90 -5.21 -46.91 -38.18
C THR JB 90 -4.34 -47.96 -38.89
N LYS JB 91 -5.00 -49.01 -39.38
CA LYS JB 91 -4.33 -50.12 -40.05
C LYS JB 91 -4.63 -50.16 -41.54
N THR JB 92 -5.40 -49.21 -42.06
CA THR JB 92 -5.72 -49.13 -43.47
C THR JB 92 -4.67 -48.32 -44.21
N PRO JB 93 -4.03 -48.88 -45.24
CA PRO JB 93 -3.05 -48.12 -46.01
C PRO JB 93 -3.69 -46.98 -46.78
N GLY JB 94 -2.88 -45.97 -47.09
CA GLY JB 94 -3.35 -44.79 -47.78
C GLY JB 94 -3.61 -45.02 -49.24
N PRO JB 95 -4.00 -43.96 -49.96
CA PRO JB 95 -4.30 -44.11 -51.40
C PRO JB 95 -3.07 -44.24 -52.27
N GLY JB 96 -1.88 -43.93 -51.73
CA GLY JB 96 -0.67 -43.98 -52.55
C GLY JB 96 -0.12 -45.37 -52.79
N ALA JB 97 -0.57 -46.36 -52.01
CA ALA JB 97 0.01 -47.70 -52.07
C ALA JB 97 -0.29 -48.39 -53.39
N GLN JB 98 -1.57 -48.47 -53.77
CA GLN JB 98 -1.96 -49.11 -55.02
C GLN JB 98 -1.45 -48.33 -56.22
N SER JB 99 -1.38 -47.00 -56.12
CA SER JB 99 -0.88 -46.19 -57.22
C SER JB 99 0.61 -46.40 -57.44
N ALA JB 100 1.40 -46.47 -56.36
CA ALA JB 100 2.83 -46.73 -56.50
C ALA JB 100 3.11 -48.15 -56.96
N LEU JB 101 2.28 -49.10 -56.51
CA LEU JB 101 2.44 -50.49 -56.94
C LEU JB 101 2.14 -50.64 -58.43
N ARG JB 102 1.04 -50.04 -58.89
CA ARG JB 102 0.71 -50.06 -60.32
C ARG JB 102 1.71 -49.26 -61.14
N ALA JB 103 2.29 -48.19 -60.56
CA ALA JB 103 3.28 -47.40 -61.27
C ALA JB 103 4.57 -48.18 -61.49
N LEU JB 104 5.04 -48.90 -60.46
CA LEU JB 104 6.24 -49.71 -60.66
C LEU JB 104 5.96 -50.94 -61.52
N ALA JB 105 4.71 -51.45 -61.49
CA ALA JB 105 4.35 -52.56 -62.36
C ALA JB 105 4.32 -52.15 -63.83
N ARG JB 106 3.82 -50.94 -64.11
CA ARG JB 106 3.87 -50.43 -65.48
C ARG JB 106 5.27 -49.98 -65.87
N SER JB 107 6.09 -49.58 -64.90
CA SER JB 107 7.48 -49.24 -65.19
C SER JB 107 8.31 -50.47 -65.51
N GLY JB 108 7.95 -51.63 -64.97
CA GLY JB 108 8.56 -52.87 -65.44
C GLY JB 108 9.39 -53.62 -64.43
N MET JB 109 9.01 -53.54 -63.17
CA MET JB 109 9.66 -54.31 -62.11
C MET JB 109 8.90 -55.62 -61.93
N LYS JB 110 9.62 -56.74 -61.95
CA LYS JB 110 8.97 -58.04 -61.90
C LYS JB 110 8.43 -58.32 -60.50
N ILE JB 111 7.11 -58.51 -60.39
CA ILE JB 111 6.47 -58.67 -59.10
C ILE JB 111 6.76 -60.06 -58.56
N GLY JB 112 7.24 -60.14 -57.32
CA GLY JB 112 7.42 -61.42 -56.67
C GLY JB 112 6.20 -61.79 -55.86
N ARG JB 113 6.34 -61.80 -54.54
CA ARG JB 113 5.21 -62.02 -53.63
C ARG JB 113 4.87 -60.73 -52.92
N ILE JB 114 3.57 -60.51 -52.73
CA ILE JB 114 3.05 -59.35 -52.01
C ILE JB 114 2.53 -59.84 -50.67
N GLU JB 115 2.99 -59.20 -49.59
CA GLU JB 115 2.55 -59.57 -48.26
C GLU JB 115 2.43 -58.32 -47.40
N ASP JB 116 1.95 -58.51 -46.18
CA ASP JB 116 1.65 -57.42 -45.27
C ASP JB 116 2.64 -57.44 -44.11
N VAL JB 117 3.32 -56.31 -43.89
CA VAL JB 117 4.22 -56.16 -42.76
C VAL JB 117 3.72 -55.03 -41.87
N THR JB 118 2.40 -54.82 -41.87
CA THR JB 118 1.80 -53.78 -41.05
C THR JB 118 2.00 -54.11 -39.57
N PRO JB 119 2.51 -53.18 -38.77
CA PRO JB 119 2.76 -53.49 -37.35
C PRO JB 119 1.48 -53.53 -36.54
N ILE JB 120 0.66 -54.55 -36.79
CA ILE JB 120 -0.58 -54.77 -36.05
C ILE JB 120 -0.20 -55.13 -34.62
N PRO JB 121 -0.62 -54.34 -33.63
CA PRO JB 121 -0.31 -54.67 -32.25
C PRO JB 121 -1.17 -55.85 -31.81
N SER JB 122 -0.58 -56.69 -30.96
CA SER JB 122 -1.39 -57.68 -30.27
C SER JB 122 -2.35 -56.93 -29.37
N ASP JB 123 -1.82 -56.23 -28.38
CA ASP JB 123 -2.63 -55.57 -27.35
C ASP JB 123 -1.92 -54.27 -26.99
N SER JB 124 -2.33 -53.18 -27.63
CA SER JB 124 -1.58 -51.94 -27.61
C SER JB 124 -1.85 -51.13 -26.36
N THR JB 125 -1.15 -50.00 -26.26
CA THR JB 125 -1.37 -49.03 -25.20
C THR JB 125 -2.49 -48.08 -25.61
N ARG JB 126 -2.62 -46.97 -24.88
CA ARG JB 126 -3.74 -46.07 -25.07
C ARG JB 126 -3.57 -45.25 -26.35
N ARG JB 127 -4.65 -45.16 -27.12
CA ARG JB 127 -4.67 -44.41 -28.37
C ARG JB 127 -4.53 -42.92 -28.10
N LYS JB 128 -3.86 -42.21 -29.02
CA LYS JB 128 -3.76 -40.76 -28.99
C LYS JB 128 -5.15 -40.16 -29.11
N GLY JB 129 -5.62 -39.54 -28.06
CA GLY JB 129 -6.97 -39.01 -27.98
C GLY JB 129 -7.53 -39.23 -26.59
N GLY JB 130 -8.55 -38.45 -26.26
CA GLY JB 130 -9.17 -38.53 -24.97
C GLY JB 130 -10.18 -39.67 -24.89
N ARG JB 131 -11.07 -39.55 -23.90
CA ARG JB 131 -12.15 -40.50 -23.73
C ARG JB 131 -13.23 -40.32 -24.81
N ARG JB 132 -13.27 -39.16 -25.45
CA ARG JB 132 -14.24 -38.84 -26.48
C ARG JB 132 -13.66 -38.83 -27.89
N GLY JB 133 -12.37 -38.54 -28.05
CA GLY JB 133 -11.70 -38.74 -29.32
C GLY JB 133 -11.45 -37.45 -30.07
N ARG JB 134 -11.00 -37.63 -31.31
CA ARG JB 134 -10.68 -36.51 -32.21
C ARG JB 134 -11.95 -36.05 -32.90
N ARG JB 135 -12.77 -35.32 -32.16
CA ARG JB 135 -14.00 -34.76 -32.72
C ARG JB 135 -13.68 -33.51 -33.53
N LEU JB 136 -14.43 -33.33 -34.61
CA LEU JB 136 -14.22 -32.21 -35.53
C LEU JB 136 -15.48 -31.95 -36.35
N GLY KB 1 -49.94 -25.10 -128.47
CA GLY KB 1 -51.12 -25.89 -128.22
C GLY KB 1 -51.60 -25.78 -126.78
N PRO KB 2 -51.53 -26.89 -126.03
CA PRO KB 2 -51.93 -26.85 -124.62
C PRO KB 2 -50.95 -26.03 -123.80
N LEU KB 3 -51.48 -25.18 -122.93
CA LEU KB 3 -50.65 -24.32 -122.09
C LEU KB 3 -50.19 -25.09 -120.87
N GLN KB 4 -48.87 -25.22 -120.70
CA GLN KB 4 -48.29 -25.99 -119.59
C GLN KB 4 -47.95 -25.07 -118.42
N SER KB 5 -48.97 -24.36 -117.92
CA SER KB 5 -48.78 -23.41 -116.84
C SER KB 5 -48.70 -24.16 -115.50
N VAL KB 6 -47.56 -24.02 -114.82
CA VAL KB 6 -47.34 -24.63 -113.52
C VAL KB 6 -47.05 -23.53 -112.51
N GLN KB 7 -47.89 -23.41 -111.48
CA GLN KB 7 -47.83 -22.33 -110.50
C GLN KB 7 -47.59 -22.92 -109.13
N VAL KB 8 -46.34 -22.87 -108.65
CA VAL KB 8 -45.94 -23.55 -107.42
C VAL KB 8 -45.36 -22.54 -106.45
N PHE KB 9 -45.89 -22.50 -105.23
CA PHE KB 9 -45.41 -21.58 -104.21
C PHE KB 9 -44.39 -22.25 -103.29
N GLY KB 10 -43.64 -21.41 -102.58
CA GLY KB 10 -42.69 -21.82 -101.57
C GLY KB 10 -42.66 -20.81 -100.45
N ARG KB 11 -42.74 -21.27 -99.20
CA ARG KB 11 -42.99 -20.41 -98.05
C ARG KB 11 -41.80 -20.42 -97.10
N LYS KB 12 -41.28 -19.23 -96.81
CA LYS KB 12 -40.41 -19.00 -95.66
C LYS KB 12 -41.32 -18.50 -94.54
N LYS KB 13 -40.76 -17.91 -93.47
CA LYS KB 13 -41.56 -17.40 -92.35
C LYS KB 13 -42.55 -16.32 -92.80
N THR KB 14 -42.12 -15.46 -93.71
CA THR KB 14 -43.00 -14.44 -94.27
C THR KB 14 -42.92 -14.47 -95.79
N ALA KB 15 -41.75 -14.83 -96.32
CA ALA KB 15 -41.51 -14.80 -97.76
C ALA KB 15 -42.24 -15.95 -98.45
N THR KB 16 -43.16 -15.61 -99.34
CA THR KB 16 -43.87 -16.59 -100.17
C THR KB 16 -43.57 -16.25 -101.63
N ALA KB 17 -42.86 -17.16 -102.30
CA ALA KB 17 -42.46 -16.96 -103.69
C ALA KB 17 -43.14 -17.98 -104.57
N VAL KB 18 -43.77 -17.52 -105.64
CA VAL KB 18 -44.54 -18.40 -106.53
C VAL KB 18 -43.83 -18.45 -107.88
N ALA KB 19 -43.29 -19.61 -108.21
CA ALA KB 19 -42.65 -19.82 -109.50
C ALA KB 19 -43.67 -20.29 -110.53
N HIS KB 20 -43.50 -19.81 -111.76
CA HIS KB 20 -44.41 -20.10 -112.86
C HIS KB 20 -43.60 -20.70 -114.01
N CYS KB 21 -43.85 -21.96 -114.31
CA CYS KB 21 -43.15 -22.68 -115.37
C CYS KB 21 -44.08 -22.88 -116.56
N LYS KB 22 -43.51 -22.79 -117.76
CA LYS KB 22 -44.20 -23.04 -119.02
C LYS KB 22 -43.25 -23.73 -119.98
N ARG KB 23 -43.70 -23.92 -121.21
CA ARG KB 23 -42.82 -24.37 -122.29
C ARG KB 23 -42.15 -23.16 -122.94
N GLY KB 24 -40.84 -23.24 -123.10
CA GLY KB 24 -40.11 -22.14 -123.71
C GLY KB 24 -38.62 -22.37 -123.81
N ASN KB 25 -37.85 -21.30 -123.79
CA ASN KB 25 -36.40 -21.37 -123.89
C ASN KB 25 -35.77 -21.41 -122.50
N GLY KB 26 -34.44 -21.51 -122.48
CA GLY KB 26 -33.71 -21.58 -121.22
C GLY KB 26 -33.42 -20.24 -120.59
N LEU KB 27 -34.43 -19.60 -120.03
CA LEU KB 27 -34.28 -18.34 -119.33
C LEU KB 27 -35.02 -18.41 -118.00
N ILE KB 28 -34.38 -17.93 -116.94
CA ILE KB 28 -34.95 -17.91 -115.59
C ILE KB 28 -34.79 -16.51 -115.04
N LYS KB 29 -35.90 -15.88 -114.66
CA LYS KB 29 -35.86 -14.53 -114.12
C LYS KB 29 -36.80 -14.42 -112.93
N VAL KB 30 -36.46 -13.52 -112.02
CA VAL KB 30 -37.24 -13.25 -110.81
C VAL KB 30 -37.62 -11.78 -110.82
N ASN KB 31 -38.93 -11.51 -110.85
CA ASN KB 31 -39.52 -10.16 -110.95
C ASN KB 31 -39.01 -9.42 -112.19
N GLY KB 32 -38.85 -10.13 -113.29
CA GLY KB 32 -38.36 -9.57 -114.52
C GLY KB 32 -36.86 -9.58 -114.69
N ARG KB 33 -36.09 -9.52 -113.61
CA ARG KB 33 -34.64 -9.54 -113.72
C ARG KB 33 -34.11 -10.96 -113.50
N PRO KB 34 -33.03 -11.34 -114.18
CA PRO KB 34 -32.51 -12.71 -114.00
C PRO KB 34 -31.75 -12.89 -112.70
N LEU KB 35 -31.16 -14.08 -112.53
CA LEU KB 35 -30.46 -14.41 -111.29
C LEU KB 35 -29.10 -13.74 -111.15
N GLU KB 36 -28.62 -13.05 -112.20
CA GLU KB 36 -27.29 -12.46 -112.17
C GLU KB 36 -27.22 -11.21 -111.30
N MET KB 37 -28.34 -10.50 -111.10
CA MET KB 37 -28.38 -9.30 -110.27
C MET KB 37 -29.52 -9.39 -109.24
N ILE KB 38 -29.22 -10.05 -108.12
CA ILE KB 38 -30.10 -10.11 -106.97
C ILE KB 38 -29.22 -9.86 -105.75
N GLU KB 39 -29.39 -8.71 -105.10
CA GLU KB 39 -28.55 -8.38 -103.97
C GLU KB 39 -29.10 -9.05 -102.70
N PRO KB 40 -28.22 -9.63 -101.85
CA PRO KB 40 -26.76 -9.71 -101.90
C PRO KB 40 -26.18 -10.67 -102.95
N ARG KB 41 -25.09 -10.26 -103.57
CA ARG KB 41 -24.50 -11.01 -104.67
C ARG KB 41 -23.60 -12.14 -104.21
N THR KB 42 -23.41 -12.31 -102.90
CA THR KB 42 -22.63 -13.44 -102.40
C THR KB 42 -23.39 -14.75 -102.54
N LEU KB 43 -24.73 -14.70 -102.51
CA LEU KB 43 -25.56 -15.89 -102.72
C LEU KB 43 -25.99 -16.03 -104.18
N GLN KB 44 -25.01 -16.00 -105.08
CA GLN KB 44 -25.23 -16.34 -106.48
C GLN KB 44 -25.16 -17.84 -106.68
N TYR KB 45 -24.22 -18.51 -106.01
CA TYR KB 45 -24.11 -19.96 -106.09
C TYR KB 45 -25.29 -20.64 -105.42
N LYS KB 46 -25.85 -20.04 -104.37
CA LYS KB 46 -27.03 -20.59 -103.72
C LYS KB 46 -28.27 -20.51 -104.60
N LEU KB 47 -28.32 -19.57 -105.54
CA LEU KB 47 -29.39 -19.54 -106.52
C LEU KB 47 -29.08 -20.41 -107.73
N LEU KB 48 -27.81 -20.61 -108.05
CA LEU KB 48 -27.42 -21.47 -109.16
C LEU KB 48 -27.23 -22.93 -108.76
N GLU KB 49 -27.51 -23.29 -107.50
CA GLU KB 49 -27.51 -24.69 -107.07
C GLU KB 49 -28.35 -25.66 -107.91
N PRO KB 50 -29.64 -25.40 -108.24
CA PRO KB 50 -30.35 -26.39 -109.06
C PRO KB 50 -29.84 -26.48 -110.49
N VAL KB 51 -29.35 -25.37 -111.05
CA VAL KB 51 -28.77 -25.40 -112.40
C VAL KB 51 -27.49 -26.21 -112.42
N LEU KB 52 -26.63 -26.03 -111.41
CA LEU KB 52 -25.37 -26.76 -111.38
C LEU KB 52 -25.57 -28.22 -110.96
N LEU KB 53 -26.64 -28.53 -110.24
CA LEU KB 53 -26.87 -29.91 -109.85
C LEU KB 53 -27.68 -30.70 -110.88
N LEU KB 54 -28.42 -30.01 -111.76
CA LEU KB 54 -29.27 -30.70 -112.71
C LEU KB 54 -28.88 -30.46 -114.17
N GLY KB 55 -27.85 -29.64 -114.42
CA GLY KB 55 -27.43 -29.36 -115.78
C GLY KB 55 -28.29 -28.29 -116.44
N LYS KB 56 -27.78 -27.79 -117.57
CA LYS KB 56 -28.49 -26.77 -118.34
C LYS KB 56 -29.53 -27.37 -119.27
N GLU KB 57 -29.46 -28.67 -119.56
CA GLU KB 57 -30.40 -29.31 -120.46
C GLU KB 57 -31.80 -29.41 -119.82
N ARG KB 58 -31.85 -29.62 -118.50
CA ARG KB 58 -33.13 -29.75 -117.83
C ARG KB 58 -33.83 -28.41 -117.67
N PHE KB 59 -33.08 -27.30 -117.77
CA PHE KB 59 -33.63 -25.96 -117.69
C PHE KB 59 -33.71 -25.28 -119.05
N ALA KB 60 -33.20 -25.92 -120.11
CA ALA KB 60 -33.17 -25.30 -121.43
C ALA KB 60 -34.55 -25.21 -122.07
N GLY KB 61 -35.49 -26.05 -121.65
CA GLY KB 61 -36.82 -26.04 -122.19
C GLY KB 61 -37.90 -25.43 -121.32
N VAL KB 62 -37.54 -24.95 -120.14
CA VAL KB 62 -38.51 -24.43 -119.18
C VAL KB 62 -38.13 -22.99 -118.86
N ASP KB 63 -39.09 -22.08 -119.03
CA ASP KB 63 -38.94 -20.69 -118.61
C ASP KB 63 -39.61 -20.48 -117.25
N ILE KB 64 -38.95 -19.73 -116.37
CA ILE KB 64 -39.40 -19.56 -114.99
C ILE KB 64 -39.54 -18.07 -114.71
N ARG KB 65 -40.74 -17.66 -114.30
CA ARG KB 65 -41.02 -16.30 -113.85
C ARG KB 65 -41.60 -16.36 -112.45
N VAL KB 66 -41.00 -15.61 -111.53
CA VAL KB 66 -41.34 -15.70 -110.11
C VAL KB 66 -41.83 -14.34 -109.62
N ARG KB 67 -43.00 -14.32 -109.01
CA ARG KB 67 -43.46 -13.15 -108.27
C ARG KB 67 -43.13 -13.32 -106.79
N VAL KB 68 -42.74 -12.23 -106.15
CA VAL KB 68 -42.12 -12.24 -104.82
C VAL KB 68 -42.79 -11.20 -103.94
N LYS KB 69 -43.23 -11.62 -102.75
CA LYS KB 69 -43.66 -10.68 -101.74
C LYS KB 69 -43.41 -11.28 -100.35
N GLY KB 70 -43.13 -10.41 -99.38
CA GLY KB 70 -42.94 -10.81 -98.01
C GLY KB 70 -41.50 -11.22 -97.70
N GLY KB 71 -41.18 -11.15 -96.41
CA GLY KB 71 -39.90 -11.63 -95.91
C GLY KB 71 -38.80 -10.59 -95.93
N GLY KB 72 -37.56 -11.10 -95.82
CA GLY KB 72 -36.36 -10.31 -95.95
C GLY KB 72 -35.52 -10.76 -97.12
N HIS KB 73 -34.25 -10.35 -97.11
CA HIS KB 73 -33.34 -10.68 -98.21
C HIS KB 73 -33.05 -12.17 -98.29
N VAL KB 74 -32.55 -12.75 -97.20
CA VAL KB 74 -32.25 -14.17 -97.14
C VAL KB 74 -33.52 -15.00 -97.25
N ALA KB 75 -34.64 -14.49 -96.70
CA ALA KB 75 -35.92 -15.18 -96.78
C ALA KB 75 -36.41 -15.26 -98.22
N GLN KB 76 -36.29 -14.17 -99.00
CA GLN KB 76 -36.71 -14.20 -100.39
C GLN KB 76 -35.77 -15.01 -101.26
N ILE KB 77 -34.47 -14.99 -100.96
CA ILE KB 77 -33.52 -15.82 -101.71
C ILE KB 77 -33.80 -17.30 -101.51
N TYR KB 78 -34.00 -17.71 -100.25
CA TYR KB 78 -34.34 -19.10 -100.00
C TYR KB 78 -35.75 -19.46 -100.47
N ALA KB 79 -36.65 -18.48 -100.52
CA ALA KB 79 -38.00 -18.73 -101.02
C ALA KB 79 -38.00 -18.99 -102.52
N ILE KB 80 -37.25 -18.18 -103.29
CA ILE KB 80 -37.19 -18.44 -104.73
C ILE KB 80 -36.35 -19.69 -105.02
N ARG KB 81 -35.35 -19.96 -104.17
CA ARG KB 81 -34.54 -21.17 -104.29
C ARG KB 81 -35.37 -22.42 -104.07
N GLN KB 82 -36.32 -22.37 -103.13
CA GLN KB 82 -37.22 -23.51 -102.94
C GLN KB 82 -38.28 -23.57 -104.03
N SER KB 83 -38.77 -22.41 -104.48
CA SER KB 83 -39.93 -22.38 -105.37
C SER KB 83 -39.57 -22.85 -106.77
N ILE KB 84 -38.37 -22.51 -107.27
CA ILE KB 84 -38.02 -22.96 -108.62
C ILE KB 84 -37.77 -24.47 -108.65
N SER KB 85 -37.25 -25.03 -107.55
CA SER KB 85 -37.02 -26.47 -107.48
C SER KB 85 -38.33 -27.23 -107.35
N LYS KB 86 -39.24 -26.74 -106.50
CA LYS KB 86 -40.55 -27.38 -106.37
C LYS KB 86 -41.39 -27.24 -107.62
N ALA KB 87 -41.25 -26.12 -108.34
CA ALA KB 87 -41.97 -25.95 -109.60
C ALA KB 87 -41.42 -26.88 -110.68
N LEU KB 88 -40.09 -27.10 -110.69
CA LEU KB 88 -39.53 -28.04 -111.65
C LEU KB 88 -39.94 -29.47 -111.33
N VAL KB 89 -40.02 -29.82 -110.03
CA VAL KB 89 -40.48 -31.15 -109.63
C VAL KB 89 -41.95 -31.35 -110.00
N ALA KB 90 -42.78 -30.33 -109.80
CA ALA KB 90 -44.20 -30.45 -110.15
C ALA KB 90 -44.40 -30.50 -111.66
N TYR KB 91 -43.57 -29.77 -112.42
CA TYR KB 91 -43.64 -29.81 -113.89
C TYR KB 91 -43.24 -31.18 -114.42
N TYR KB 92 -42.14 -31.74 -113.89
CA TYR KB 92 -41.71 -33.06 -114.32
C TYR KB 92 -42.61 -34.17 -113.78
N GLN KB 93 -43.39 -33.89 -112.74
CA GLN KB 93 -44.40 -34.85 -112.30
C GLN KB 93 -45.62 -34.82 -113.21
N LYS KB 94 -46.04 -33.62 -113.64
CA LYS KB 94 -47.30 -33.51 -114.36
C LYS KB 94 -47.15 -33.82 -115.84
N TYR KB 95 -46.11 -33.32 -116.50
CA TYR KB 95 -46.08 -33.35 -117.96
C TYR KB 95 -45.13 -34.37 -118.57
N VAL KB 96 -44.16 -34.90 -117.81
CA VAL KB 96 -43.33 -35.99 -118.33
C VAL KB 96 -43.37 -37.14 -117.34
N ASP KB 97 -42.57 -38.17 -117.59
CA ASP KB 97 -42.62 -39.41 -116.82
C ASP KB 97 -42.17 -39.20 -115.37
N GLU KB 98 -42.62 -40.11 -114.50
CA GLU KB 98 -42.41 -39.98 -113.06
C GLU KB 98 -41.03 -40.47 -112.64
N ALA KB 99 -40.32 -41.22 -113.50
CA ALA KB 99 -39.02 -41.77 -113.12
C ALA KB 99 -37.95 -40.69 -113.03
N SER KB 100 -37.90 -39.77 -114.00
CA SER KB 100 -36.94 -38.67 -113.95
C SER KB 100 -37.29 -37.70 -112.83
N LYS KB 101 -38.59 -37.51 -112.58
CA LYS KB 101 -39.04 -36.74 -111.42
C LYS KB 101 -38.58 -37.37 -110.11
N LYS KB 102 -38.65 -38.69 -110.01
CA LYS KB 102 -38.22 -39.39 -108.81
C LYS KB 102 -36.71 -39.32 -108.62
N GLU KB 103 -35.96 -39.39 -109.72
CA GLU KB 103 -34.50 -39.28 -109.63
C GLU KB 103 -34.06 -37.87 -109.24
N ILE KB 104 -34.71 -36.85 -109.79
CA ILE KB 104 -34.37 -35.47 -109.43
C ILE KB 104 -34.79 -35.16 -108.00
N LYS KB 105 -35.93 -35.73 -107.56
CA LYS KB 105 -36.33 -35.60 -106.16
C LYS KB 105 -35.36 -36.29 -105.23
N ASP KB 106 -34.81 -37.45 -105.65
CA ASP KB 106 -33.80 -38.13 -104.85
C ASP KB 106 -32.51 -37.31 -104.75
N ILE KB 107 -32.11 -36.66 -105.86
CA ILE KB 107 -30.94 -35.79 -105.84
C ILE KB 107 -31.16 -34.60 -104.91
N LEU KB 108 -32.36 -34.01 -104.94
CA LEU KB 108 -32.65 -32.86 -104.09
C LEU KB 108 -32.73 -33.25 -102.61
N ILE KB 109 -33.30 -34.42 -102.31
CA ILE KB 109 -33.37 -34.89 -100.91
C ILE KB 109 -31.98 -35.24 -100.40
N GLN KB 110 -31.15 -35.86 -101.24
CA GLN KB 110 -29.77 -36.14 -100.85
C GLN KB 110 -28.93 -34.87 -100.72
N TYR KB 111 -29.29 -33.79 -101.40
CA TYR KB 111 -28.55 -32.55 -101.20
C TYR KB 111 -29.01 -31.81 -99.95
N ASP KB 112 -30.28 -31.38 -99.91
CA ASP KB 112 -30.74 -30.55 -98.80
C ASP KB 112 -32.27 -30.61 -98.74
N ARG KB 113 -32.79 -30.63 -97.52
CA ARG KB 113 -34.24 -30.66 -97.31
C ARG KB 113 -34.89 -29.30 -97.61
N THR KB 114 -34.09 -28.23 -97.65
CA THR KB 114 -34.60 -26.89 -97.90
C THR KB 114 -35.16 -26.73 -99.32
N LEU KB 115 -34.69 -27.54 -100.28
CA LEU KB 115 -35.13 -27.41 -101.65
C LEU KB 115 -36.59 -27.83 -101.85
N LEU KB 116 -37.09 -28.73 -101.00
CA LEU KB 116 -38.46 -29.22 -101.12
C LEU KB 116 -39.33 -28.90 -99.92
N VAL KB 117 -38.87 -29.21 -98.71
CA VAL KB 117 -39.67 -29.06 -97.51
C VAL KB 117 -39.42 -27.68 -96.91
N ALA KB 118 -40.49 -26.93 -96.69
CA ALA KB 118 -40.41 -25.63 -96.05
C ALA KB 118 -40.17 -25.77 -94.56
N ASP KB 119 -39.58 -24.74 -93.97
CA ASP KB 119 -39.29 -24.77 -92.53
C ASP KB 119 -40.51 -24.30 -91.74
N PRO KB 120 -40.96 -25.06 -90.75
CA PRO KB 120 -42.10 -24.62 -89.92
C PRO KB 120 -41.72 -23.65 -88.82
N ARG KB 121 -40.47 -23.16 -88.79
CA ARG KB 121 -40.03 -22.25 -87.74
C ARG KB 121 -40.55 -20.84 -88.03
N ARG KB 122 -41.31 -20.29 -87.09
CA ARG KB 122 -41.80 -18.92 -87.17
C ARG KB 122 -41.42 -18.19 -85.89
N CYS KB 123 -41.66 -16.87 -85.89
CA CYS KB 123 -41.23 -16.03 -84.79
C CYS KB 123 -42.14 -16.24 -83.58
N GLU KB 124 -41.55 -16.65 -82.46
CA GLU KB 124 -42.28 -16.81 -81.22
C GLU KB 124 -42.67 -15.45 -80.66
N SER KB 125 -43.86 -15.36 -80.08
CA SER KB 125 -44.40 -14.10 -79.61
C SER KB 125 -43.67 -13.62 -78.35
N LYS KB 126 -43.49 -12.31 -78.26
CA LYS KB 126 -42.91 -11.70 -77.07
C LYS KB 126 -43.93 -11.73 -75.94
N LYS KB 127 -43.44 -12.02 -74.73
CA LYS KB 127 -44.30 -12.11 -73.56
C LYS KB 127 -44.21 -10.83 -72.75
N PHE KB 128 -45.18 -10.64 -71.86
CA PHE KB 128 -45.13 -9.52 -70.93
C PHE KB 128 -44.11 -9.80 -69.84
N GLY KB 129 -43.38 -8.77 -69.44
CA GLY KB 129 -42.30 -8.92 -68.49
C GLY KB 129 -40.97 -9.31 -69.09
N GLY KB 130 -40.79 -9.14 -70.39
CA GLY KB 130 -39.53 -9.44 -71.04
C GLY KB 130 -39.36 -8.69 -72.35
N PRO KB 131 -38.10 -8.43 -72.71
CA PRO KB 131 -37.83 -7.73 -73.99
C PRO KB 131 -37.96 -8.62 -75.21
N GLY KB 132 -38.07 -9.93 -75.05
CA GLY KB 132 -38.20 -10.83 -76.17
C GLY KB 132 -39.11 -12.01 -75.88
N ALA KB 133 -38.97 -13.08 -76.68
CA ALA KB 133 -39.83 -14.24 -76.54
C ALA KB 133 -39.45 -15.07 -75.31
N ARG KB 134 -38.16 -15.18 -75.02
CA ARG KB 134 -37.69 -15.94 -73.87
C ARG KB 134 -37.00 -15.10 -72.82
N ALA KB 135 -36.35 -14.00 -73.21
CA ALA KB 135 -35.60 -13.18 -72.27
C ALA KB 135 -36.55 -12.41 -71.36
N ARG KB 136 -36.06 -12.11 -70.15
CA ARG KB 136 -36.80 -11.34 -69.17
C ARG KB 136 -36.01 -10.09 -68.81
N TYR KB 137 -36.69 -9.14 -68.18
CA TYR KB 137 -36.00 -7.94 -67.72
C TYR KB 137 -35.14 -8.26 -66.50
N GLN KB 138 -34.19 -7.37 -66.23
CA GLN KB 138 -33.16 -7.61 -65.22
C GLN KB 138 -33.77 -7.40 -63.84
N LYS KB 139 -33.80 -8.44 -63.03
CA LYS KB 139 -34.38 -8.36 -61.70
C LYS KB 139 -33.36 -7.79 -60.72
N SER KB 140 -33.80 -6.87 -59.88
CA SER KB 140 -32.95 -6.19 -58.91
C SER KB 140 -33.33 -6.63 -57.50
N TYR KB 141 -32.43 -7.33 -56.84
CA TYR KB 141 -32.62 -7.68 -55.44
C TYR KB 141 -32.17 -6.53 -54.55
N ARG KB 142 -33.01 -6.18 -53.57
CA ARG KB 142 -32.91 -5.04 -52.63
C ARG KB 142 -32.44 -3.70 -53.22
N GLY LB 1 -42.74 -36.74 -72.90
CA GLY LB 1 -43.74 -37.27 -71.99
C GLY LB 1 -45.08 -37.51 -72.65
N ARG LB 2 -45.32 -38.73 -73.08
CA ARG LB 2 -46.56 -39.12 -73.76
C ARG LB 2 -47.18 -40.25 -72.95
N VAL LB 3 -47.96 -39.88 -71.92
CA VAL LB 3 -48.58 -40.82 -71.01
C VAL LB 3 -50.08 -40.54 -70.98
N ARG LB 4 -50.87 -41.58 -71.17
CA ARG LB 4 -52.32 -41.46 -71.21
C ARG LB 4 -52.89 -41.41 -69.80
N THR LB 5 -54.04 -40.75 -69.65
CA THR LB 5 -54.67 -40.58 -68.35
C THR LB 5 -55.87 -41.53 -68.20
N LYS LB 6 -56.51 -41.47 -67.04
CA LYS LB 6 -57.57 -42.42 -66.71
C LYS LB 6 -58.84 -42.16 -67.52
N THR LB 7 -59.10 -40.90 -67.89
CA THR LB 7 -60.25 -40.58 -68.72
C THR LB 7 -60.10 -41.10 -70.14
N VAL LB 8 -58.86 -41.29 -70.60
CA VAL LB 8 -58.63 -42.00 -71.85
C VAL LB 8 -58.73 -43.51 -71.65
N LYS LB 9 -58.07 -44.00 -70.60
CA LYS LB 9 -57.84 -45.44 -70.47
C LYS LB 9 -59.12 -46.20 -70.09
N LYS LB 10 -59.89 -45.69 -69.12
CA LYS LB 10 -61.11 -46.38 -68.71
C LYS LB 10 -62.17 -46.33 -69.79
N ALA LB 11 -62.26 -45.20 -70.51
CA ALA LB 11 -63.20 -45.09 -71.62
C ALA LB 11 -62.81 -46.01 -72.77
N ALA LB 12 -61.51 -46.16 -73.03
CA ALA LB 12 -61.07 -47.08 -74.07
C ALA LB 12 -61.31 -48.53 -73.67
N ARG LB 13 -61.17 -48.84 -72.38
CA ARG LB 13 -61.48 -50.19 -71.91
C ARG LB 13 -62.97 -50.50 -72.04
N VAL LB 14 -63.82 -49.52 -71.77
CA VAL LB 14 -65.26 -49.71 -71.93
C VAL LB 14 -65.62 -49.88 -73.42
N ILE LB 15 -64.95 -49.12 -74.30
CA ILE LB 15 -65.18 -49.24 -75.74
C ILE LB 15 -64.77 -50.62 -76.25
N ILE LB 16 -63.61 -51.11 -75.84
CA ILE LB 16 -63.17 -52.43 -76.29
C ILE LB 16 -64.01 -53.54 -75.64
N GLU LB 17 -64.49 -53.32 -74.42
CA GLU LB 17 -65.33 -54.32 -73.76
C GLU LB 17 -66.70 -54.43 -74.41
N LYS LB 18 -67.28 -53.31 -74.86
CA LYS LB 18 -68.62 -53.34 -75.42
C LYS LB 18 -68.65 -53.55 -76.93
N TYR LB 19 -67.56 -53.23 -77.63
CA TYR LB 19 -67.54 -53.25 -79.10
C TYR LB 19 -66.28 -53.92 -79.62
N TYR LB 20 -65.97 -55.12 -79.10
CA TYR LB 20 -64.75 -55.81 -79.49
C TYR LB 20 -64.80 -56.31 -80.93
N THR LB 21 -66.00 -56.66 -81.42
CA THR LB 21 -66.11 -57.18 -82.79
C THR LB 21 -65.96 -56.07 -83.83
N ARG LB 22 -66.41 -54.86 -83.51
CA ARG LB 22 -66.32 -53.76 -84.47
C ARG LB 22 -64.90 -53.23 -84.58
N LEU LB 23 -64.12 -53.34 -83.52
CA LEU LB 23 -62.76 -52.82 -83.52
C LEU LB 23 -61.80 -53.82 -84.17
N GLY LB 24 -60.72 -53.29 -84.73
CA GLY LB 24 -59.75 -54.11 -85.41
C GLY LB 24 -58.31 -53.76 -85.09
N ASN LB 25 -57.44 -53.83 -86.09
CA ASN LB 25 -56.02 -53.57 -85.92
C ASN LB 25 -55.59 -52.23 -86.50
N ASP LB 26 -56.19 -51.79 -87.60
CA ASP LB 26 -55.76 -50.58 -88.28
C ASP LB 26 -56.25 -49.35 -87.53
N PHE LB 27 -55.31 -48.41 -87.30
CA PHE LB 27 -55.60 -47.19 -86.54
C PHE LB 27 -56.63 -46.32 -87.23
N HIS LB 28 -56.48 -46.12 -88.53
CA HIS LB 28 -57.38 -45.24 -89.26
C HIS LB 28 -58.73 -45.88 -89.56
N THR LB 29 -58.91 -47.17 -89.26
CA THR LB 29 -60.23 -47.77 -89.27
C THR LB 29 -60.89 -47.69 -87.90
N ASN LB 30 -60.22 -48.18 -86.86
CA ASN LB 30 -60.89 -48.18 -85.56
C ASN LB 30 -60.97 -46.80 -84.92
N LYS LB 31 -60.20 -45.82 -85.42
CA LYS LB 31 -60.39 -44.43 -85.04
C LYS LB 31 -61.76 -43.93 -85.47
N ARG LB 32 -62.13 -44.16 -86.73
CA ARG LB 32 -63.45 -43.79 -87.22
C ARG LB 32 -64.54 -44.65 -86.58
N VAL LB 33 -64.22 -45.91 -86.24
CA VAL LB 33 -65.20 -46.75 -85.54
C VAL LB 33 -65.50 -46.19 -84.15
N CYS LB 34 -64.46 -45.80 -83.41
CA CYS LB 34 -64.66 -45.19 -82.09
C CYS LB 34 -65.32 -43.82 -82.19
N GLU LB 35 -65.06 -43.08 -83.27
CA GLU LB 35 -65.77 -41.83 -83.52
C GLU LB 35 -67.26 -42.06 -83.71
N GLU LB 36 -67.62 -43.12 -84.45
CA GLU LB 36 -69.04 -43.37 -84.71
C GLU LB 36 -69.74 -43.96 -83.50
N ILE LB 37 -69.05 -44.75 -82.68
CA ILE LB 37 -69.77 -45.39 -81.58
C ILE LB 37 -69.76 -44.53 -80.33
N ALA LB 38 -68.73 -43.70 -80.12
CA ALA LB 38 -68.60 -42.91 -78.91
C ALA LB 38 -68.62 -41.43 -79.25
N ILE LB 39 -69.29 -40.65 -78.40
CA ILE LB 39 -69.39 -39.20 -78.59
C ILE LB 39 -68.17 -38.60 -77.89
N ILE LB 40 -67.16 -38.27 -78.68
CA ILE LB 40 -65.95 -37.63 -78.19
C ILE LB 40 -65.93 -36.20 -78.72
N PRO LB 41 -65.90 -35.19 -77.85
CA PRO LB 41 -66.06 -33.80 -78.33
C PRO LB 41 -64.83 -33.19 -78.98
N SER LB 42 -63.70 -33.89 -79.03
CA SER LB 42 -62.49 -33.30 -79.58
C SER LB 42 -61.62 -34.35 -80.27
N LYS LB 43 -60.97 -33.91 -81.34
CA LYS LB 43 -60.14 -34.79 -82.16
C LYS LB 43 -58.91 -35.28 -81.40
N LYS LB 44 -58.35 -34.45 -80.52
CA LYS LB 44 -57.17 -34.85 -79.76
C LYS LB 44 -57.48 -35.97 -78.79
N LEU LB 45 -58.58 -35.82 -78.02
CA LEU LB 45 -59.01 -36.88 -77.12
C LEU LB 45 -59.44 -38.13 -77.89
N ARG LB 46 -60.04 -37.94 -79.07
CA ARG LB 46 -60.43 -39.06 -79.91
C ARG LB 46 -59.20 -39.84 -80.39
N ASN LB 47 -58.13 -39.12 -80.74
CA ASN LB 47 -56.90 -39.77 -81.18
C ASN LB 47 -56.20 -40.47 -80.03
N LYS LB 48 -56.24 -39.89 -78.82
CA LYS LB 48 -55.68 -40.55 -77.64
C LYS LB 48 -56.40 -41.85 -77.34
N ILE LB 49 -57.74 -41.82 -77.36
CA ILE LB 49 -58.54 -43.01 -77.09
C ILE LB 49 -58.32 -44.07 -78.18
N ALA LB 50 -58.23 -43.64 -79.45
CA ALA LB 50 -58.02 -44.59 -80.54
C ALA LB 50 -56.62 -45.21 -80.48
N GLY LB 51 -55.61 -44.43 -80.09
CA GLY LB 51 -54.28 -44.98 -79.93
C GLY LB 51 -54.17 -45.97 -78.79
N TYR LB 52 -54.87 -45.69 -77.68
CA TYR LB 52 -54.85 -46.65 -76.59
C TYR LB 52 -55.67 -47.90 -76.92
N VAL LB 53 -56.69 -47.76 -77.76
CA VAL LB 53 -57.43 -48.93 -78.25
C VAL LB 53 -56.54 -49.79 -79.14
N THR LB 54 -55.75 -49.17 -80.03
CA THR LB 54 -54.81 -49.93 -80.86
C THR LB 54 -53.74 -50.60 -80.02
N HIS LB 55 -53.28 -49.94 -78.97
CA HIS LB 55 -52.25 -50.55 -78.12
C HIS LB 55 -52.81 -51.70 -77.30
N LEU LB 56 -54.06 -51.58 -76.83
CA LEU LB 56 -54.69 -52.71 -76.14
C LEU LB 56 -54.99 -53.86 -77.10
N MET LB 57 -55.32 -53.57 -78.37
CA MET LB 57 -55.48 -54.65 -79.33
C MET LB 57 -54.16 -55.34 -79.65
N LYS LB 58 -53.06 -54.59 -79.64
CA LYS LB 58 -51.74 -55.22 -79.74
C LYS LB 58 -51.45 -56.09 -78.55
N ARG LB 59 -51.86 -55.65 -77.34
CA ARG LB 59 -51.71 -56.49 -76.15
C ARG LB 59 -52.57 -57.75 -76.23
N ILE LB 60 -53.76 -57.65 -76.84
CA ILE LB 60 -54.63 -58.81 -77.01
C ILE LB 60 -54.03 -59.80 -78.01
N GLN LB 61 -53.49 -59.29 -79.12
CA GLN LB 61 -52.81 -60.17 -80.08
C GLN LB 61 -51.51 -60.76 -79.53
N ARG LB 62 -50.88 -60.09 -78.55
CA ARG LB 62 -49.70 -60.69 -77.94
C ARG LB 62 -50.07 -61.71 -76.87
N GLY LB 63 -51.17 -61.49 -76.14
CA GLY LB 63 -51.59 -62.43 -75.13
C GLY LB 63 -52.82 -61.97 -74.35
N PRO LB 64 -53.00 -62.52 -73.15
CA PRO LB 64 -54.16 -62.13 -72.34
C PRO LB 64 -53.95 -60.82 -71.61
N VAL LB 65 -55.05 -60.08 -71.45
CA VAL LB 65 -55.05 -58.80 -70.75
C VAL LB 65 -55.88 -58.96 -69.48
N ARG LB 66 -55.35 -58.44 -68.36
CA ARG LB 66 -56.01 -58.62 -67.07
C ARG LB 66 -57.30 -57.82 -66.97
N GLY LB 67 -57.21 -56.50 -67.13
CA GLY LB 67 -58.35 -55.63 -66.94
C GLY LB 67 -59.28 -55.52 -68.15
N ILE LB 68 -59.84 -56.65 -68.58
CA ILE LB 68 -60.76 -56.68 -69.70
C ILE LB 68 -61.63 -57.91 -69.55
N SER LB 69 -62.84 -57.86 -70.13
CA SER LB 69 -63.77 -59.01 -70.13
C SER LB 69 -64.25 -59.21 -71.56
N ILE LB 70 -63.49 -59.98 -72.34
CA ILE LB 70 -63.85 -60.34 -73.70
C ILE LB 70 -64.66 -61.64 -73.64
N LYS LB 71 -65.74 -61.69 -74.42
CA LYS LB 71 -66.61 -62.87 -74.42
C LYS LB 71 -65.91 -64.08 -75.03
N LEU LB 72 -65.09 -63.87 -76.07
CA LEU LB 72 -64.37 -64.98 -76.68
C LEU LB 72 -63.28 -65.53 -75.77
N GLN LB 73 -62.55 -64.64 -75.10
CA GLN LB 73 -61.55 -65.09 -74.14
C GLN LB 73 -62.19 -65.73 -72.91
N GLU LB 74 -63.39 -65.27 -72.53
CA GLU LB 74 -64.10 -65.90 -71.41
C GLU LB 74 -64.59 -67.28 -71.80
N GLU LB 75 -65.03 -67.46 -73.05
CA GLU LB 75 -65.42 -68.78 -73.54
C GLU LB 75 -64.22 -69.71 -73.63
N GLU LB 76 -63.06 -69.19 -74.05
CA GLU LB 76 -61.86 -70.00 -74.09
C GLU LB 76 -61.38 -70.37 -72.69
N ARG LB 77 -61.53 -69.45 -71.73
CA ARG LB 77 -61.19 -69.73 -70.34
C ARG LB 77 -62.12 -70.80 -69.74
N GLU LB 78 -63.42 -70.71 -70.06
CA GLU LB 78 -64.36 -71.72 -69.60
C GLU LB 78 -64.10 -73.08 -70.25
N ARG LB 79 -63.67 -73.08 -71.52
CA ARG LB 79 -63.33 -74.34 -72.18
C ARG LB 79 -62.07 -74.97 -71.59
N ARG LB 80 -61.05 -74.14 -71.29
CA ARG LB 80 -59.84 -74.66 -70.68
C ARG LB 80 -60.07 -75.11 -69.24
N ASP LB 81 -61.05 -74.52 -68.55
CA ASP LB 81 -61.40 -75.01 -67.23
C ASP LB 81 -62.21 -76.31 -67.31
N ASN LB 82 -63.15 -76.41 -68.24
CA ASN LB 82 -63.97 -77.60 -68.40
C ASN LB 82 -63.31 -78.69 -69.24
N TYR LB 83 -62.05 -78.50 -69.64
CA TYR LB 83 -61.33 -79.57 -70.32
C TYR LB 83 -61.06 -80.73 -69.38
N VAL LB 84 -61.34 -81.94 -69.85
CA VAL LB 84 -61.20 -83.16 -69.07
C VAL LB 84 -59.95 -83.89 -69.57
N PRO LB 85 -58.96 -84.14 -68.71
CA PRO LB 85 -57.75 -84.85 -69.16
C PRO LB 85 -57.93 -86.34 -69.28
N GLU LB 86 -56.82 -87.06 -69.46
CA GLU LB 86 -56.80 -88.52 -69.57
C GLU LB 86 -56.89 -89.10 -68.15
N VAL LB 87 -56.61 -90.40 -67.99
CA VAL LB 87 -56.76 -91.06 -66.70
C VAL LB 87 -55.77 -90.49 -65.66
N SER LB 88 -56.17 -90.59 -64.39
CA SER LB 88 -55.58 -89.78 -63.34
C SER LB 88 -54.22 -90.32 -62.90
N ALA LB 89 -53.45 -89.43 -62.28
CA ALA LB 89 -52.24 -89.83 -61.56
C ALA LB 89 -52.55 -90.29 -60.14
N LEU LB 90 -53.81 -90.18 -59.71
CA LEU LB 90 -54.20 -90.74 -58.41
C LEU LB 90 -54.42 -92.25 -58.51
N ASP LB 91 -54.82 -92.73 -59.69
CA ASP LB 91 -55.04 -94.16 -59.93
C ASP LB 91 -53.72 -94.74 -60.43
N GLN LB 92 -52.93 -95.29 -59.51
CA GLN LB 92 -51.64 -95.87 -59.84
C GLN LB 92 -51.57 -97.28 -59.28
N GLU LB 93 -50.74 -98.12 -59.93
CA GLU LB 93 -50.53 -99.47 -59.45
C GLU LB 93 -49.48 -99.53 -58.33
N ILE LB 94 -48.57 -98.57 -58.29
CA ILE LB 94 -47.53 -98.50 -57.27
C ILE LB 94 -47.68 -97.17 -56.54
N ILE LB 95 -47.97 -97.24 -55.24
CA ILE LB 95 -48.09 -96.07 -54.39
C ILE LB 95 -47.08 -96.22 -53.26
N GLU LB 96 -46.16 -95.26 -53.16
CA GLU LB 96 -45.11 -95.33 -52.15
C GLU LB 96 -45.67 -95.02 -50.77
N VAL LB 97 -45.42 -95.93 -49.82
CA VAL LB 97 -45.99 -95.85 -48.48
C VAL LB 97 -44.84 -95.80 -47.48
N ASP LB 98 -44.84 -94.79 -46.63
CA ASP LB 98 -43.89 -94.68 -45.54
C ASP LB 98 -44.26 -95.66 -44.42
N PRO LB 99 -43.28 -96.14 -43.64
CA PRO LB 99 -43.58 -97.18 -42.64
C PRO LB 99 -44.46 -96.72 -41.49
N ASP LB 100 -44.34 -95.47 -41.04
CA ASP LB 100 -45.23 -94.99 -39.99
C ASP LB 100 -46.65 -94.78 -40.52
N THR LB 101 -46.79 -94.42 -41.81
CA THR LB 101 -48.10 -94.39 -42.42
C THR LB 101 -48.69 -95.79 -42.54
N LYS LB 102 -47.84 -96.79 -42.82
CA LYS LB 102 -48.29 -98.17 -42.83
C LYS LB 102 -48.74 -98.62 -41.45
N GLU LB 103 -48.05 -98.16 -40.40
CA GLU LB 103 -48.44 -98.49 -39.03
C GLU LB 103 -49.77 -97.85 -38.65
N MET LB 104 -50.00 -96.59 -39.03
CA MET LB 104 -51.27 -95.98 -38.67
C MET LB 104 -52.42 -96.52 -39.53
N LEU LB 105 -52.14 -96.94 -40.77
CA LEU LB 105 -53.17 -97.63 -41.54
C LEU LB 105 -53.47 -99.02 -40.98
N LYS LB 106 -52.46 -99.69 -40.41
CA LYS LB 106 -52.71 -100.96 -39.73
C LYS LB 106 -53.54 -100.76 -38.48
N LEU LB 107 -53.31 -99.64 -37.76
CA LEU LB 107 -54.14 -99.32 -36.60
C LEU LB 107 -55.54 -98.87 -37.00
N LEU LB 108 -55.73 -98.37 -38.21
CA LEU LB 108 -57.06 -98.08 -38.72
C LEU LB 108 -57.73 -99.36 -39.22
N ASP LB 109 -58.86 -99.20 -39.93
CA ASP LB 109 -59.62 -100.36 -40.38
C ASP LB 109 -58.96 -101.07 -41.55
N PHE LB 110 -58.47 -100.33 -42.55
CA PHE LB 110 -57.87 -100.91 -43.74
C PHE LB 110 -56.36 -101.04 -43.49
N GLY LB 111 -55.95 -102.19 -42.97
CA GLY LB 111 -54.55 -102.43 -42.68
C GLY LB 111 -53.79 -102.98 -43.87
N SER LB 112 -54.23 -104.11 -44.41
CA SER LB 112 -53.61 -104.74 -45.57
C SER LB 112 -54.36 -104.32 -46.83
N LEU LB 113 -53.63 -103.80 -47.80
CA LEU LB 113 -54.22 -103.26 -49.02
C LEU LB 113 -53.68 -104.01 -50.23
N SER LB 114 -54.15 -103.61 -51.41
CA SER LB 114 -53.84 -104.33 -52.64
C SER LB 114 -52.63 -103.74 -53.37
N ASN LB 115 -52.70 -102.45 -53.71
CA ASN LB 115 -51.73 -101.82 -54.61
C ASN LB 115 -50.88 -100.77 -53.91
N LEU LB 116 -50.41 -101.08 -52.70
CA LEU LB 116 -49.48 -100.21 -51.99
C LEU LB 116 -48.09 -100.83 -52.01
N GLN LB 117 -47.09 -99.96 -51.89
CA GLN LB 117 -45.68 -100.38 -51.89
C GLN LB 117 -44.98 -99.67 -50.75
N VAL LB 118 -44.67 -100.41 -49.68
CA VAL LB 118 -43.98 -99.82 -48.54
C VAL LB 118 -42.51 -99.61 -48.90
N THR LB 119 -41.98 -98.46 -48.52
CA THR LB 119 -40.60 -98.10 -48.85
C THR LB 119 -39.76 -98.04 -47.58
N GLN LB 120 -38.45 -97.93 -47.77
CA GLN LB 120 -37.50 -97.83 -46.67
C GLN LB 120 -37.52 -96.42 -46.08
N PRO LB 121 -37.35 -96.29 -44.77
CA PRO LB 121 -37.35 -94.95 -44.16
C PRO LB 121 -36.04 -94.22 -44.42
N THR LB 122 -36.14 -92.90 -44.53
CA THR LB 122 -34.99 -92.06 -44.85
C THR LB 122 -34.04 -92.03 -43.66
N VAL LB 123 -32.97 -92.83 -43.74
CA VAL LB 123 -32.00 -92.90 -42.66
C VAL LB 123 -31.13 -91.66 -42.68
N GLY LB 124 -30.80 -91.14 -41.50
CA GLY LB 124 -30.06 -89.90 -41.40
C GLY LB 124 -30.99 -88.73 -41.22
N MET LB 125 -31.09 -88.21 -39.99
CA MET LB 125 -32.06 -87.16 -39.68
C MET LB 125 -31.39 -85.79 -39.85
N ASN LB 126 -31.28 -85.39 -41.12
CA ASN LB 126 -30.69 -84.11 -41.50
C ASN LB 126 -31.68 -83.43 -42.44
N PHE LB 127 -32.48 -82.51 -41.89
CA PHE LB 127 -33.54 -81.88 -42.68
C PHE LB 127 -33.66 -80.38 -42.43
N LYS LB 128 -32.78 -79.79 -41.65
CA LYS LB 128 -32.87 -78.36 -41.31
C LYS LB 128 -31.77 -77.58 -41.98
N THR LB 129 -32.10 -76.37 -42.42
CA THR LB 129 -31.11 -75.47 -43.01
C THR LB 129 -30.18 -74.97 -41.91
N PRO LB 130 -28.86 -74.94 -42.14
CA PRO LB 130 -27.94 -74.40 -41.14
C PRO LB 130 -28.14 -72.91 -40.92
N ARG LB 131 -27.73 -72.46 -39.75
CA ARG LB 131 -28.06 -71.12 -39.26
C ARG LB 131 -27.07 -70.08 -39.77
N GLY LB 132 -27.52 -68.84 -39.79
CA GLY LB 132 -26.70 -67.74 -40.28
C GLY LB 132 -27.09 -67.31 -41.68
N MET MB 1 -84.79 -63.57 -13.20
CA MET MB 1 -85.09 -62.16 -13.44
C MET MB 1 -86.50 -61.83 -13.01
N GLN MB 2 -87.14 -62.77 -12.32
CA GLN MB 2 -88.53 -62.59 -11.93
C GLN MB 2 -88.64 -61.62 -10.75
N ASN MB 3 -89.76 -60.91 -10.70
CA ASN MB 3 -90.07 -60.00 -9.62
C ASN MB 3 -90.79 -60.76 -8.51
N ASP MB 4 -91.40 -60.02 -7.58
CA ASP MB 4 -92.17 -60.64 -6.51
C ASP MB 4 -93.42 -61.33 -7.05
N ALA MB 5 -94.02 -60.77 -8.10
CA ALA MB 5 -95.17 -61.42 -8.73
C ALA MB 5 -94.76 -62.61 -9.59
N GLY MB 6 -93.55 -62.60 -10.15
CA GLY MB 6 -93.07 -63.68 -10.98
C GLY MB 6 -93.06 -63.38 -12.47
N GLU MB 7 -93.11 -62.12 -12.87
CA GLU MB 7 -93.18 -61.76 -14.28
C GLU MB 7 -91.79 -61.64 -14.86
N PHE MB 8 -91.63 -62.14 -16.09
CA PHE MB 8 -90.41 -61.92 -16.87
C PHE MB 8 -90.33 -60.44 -17.21
N VAL MB 9 -89.47 -59.71 -16.53
CA VAL MB 9 -89.49 -58.25 -16.59
C VAL MB 9 -88.33 -57.68 -17.41
N ASP MB 10 -87.26 -58.43 -17.62
CA ASP MB 10 -86.17 -57.94 -18.47
C ASP MB 10 -86.58 -57.92 -19.93
N LEU MB 11 -86.04 -56.94 -20.66
CA LEU MB 11 -86.54 -56.68 -22.01
C LEU MB 11 -85.97 -57.65 -23.05
N TYR MB 12 -84.83 -58.30 -22.77
CA TYR MB 12 -84.46 -59.51 -23.49
C TYR MB 12 -83.62 -60.39 -22.57
N VAL MB 13 -83.47 -61.64 -22.96
CA VAL MB 13 -82.61 -62.60 -22.28
C VAL MB 13 -81.45 -62.93 -23.22
N PRO MB 14 -80.20 -62.70 -22.83
CA PRO MB 14 -79.09 -62.84 -23.76
C PRO MB 14 -78.72 -64.29 -24.03
N ARG MB 15 -77.97 -64.48 -25.11
CA ARG MB 15 -77.44 -65.80 -25.45
C ARG MB 15 -76.32 -66.18 -24.49
N LYS MB 16 -76.00 -67.47 -24.48
CA LYS MB 16 -74.95 -68.01 -23.62
C LYS MB 16 -74.10 -68.97 -24.42
N CYS MB 17 -72.78 -68.81 -24.33
CA CYS MB 17 -71.86 -69.69 -25.04
C CYS MB 17 -71.88 -71.08 -24.42
N SER MB 18 -71.92 -72.10 -25.29
CA SER MB 18 -71.95 -73.49 -24.87
C SER MB 18 -70.57 -74.07 -24.62
N ALA MB 19 -69.52 -73.23 -24.64
CA ALA MB 19 -68.15 -73.67 -24.42
C ALA MB 19 -67.53 -73.10 -23.17
N SER MB 20 -67.71 -71.81 -22.90
CA SER MB 20 -67.14 -71.15 -21.74
C SER MB 20 -68.17 -70.78 -20.69
N ASN MB 21 -69.46 -71.02 -20.96
CA ASN MB 21 -70.59 -70.77 -20.05
C ASN MB 21 -70.64 -69.29 -19.65
N ARG MB 22 -70.62 -68.40 -20.64
CA ARG MB 22 -70.61 -66.97 -20.44
C ARG MB 22 -71.59 -66.34 -21.42
N ILE MB 23 -72.30 -65.30 -20.98
CA ILE MB 23 -73.33 -64.68 -21.81
C ILE MB 23 -72.71 -63.85 -22.91
N ILE MB 24 -73.52 -63.45 -23.88
CA ILE MB 24 -73.09 -62.72 -25.06
C ILE MB 24 -73.75 -61.35 -25.04
N GLY MB 25 -72.92 -60.30 -25.14
CA GLY MB 25 -73.44 -58.94 -25.14
C GLY MB 25 -74.17 -58.58 -26.41
N ALA MB 26 -74.70 -57.36 -26.42
CA ALA MB 26 -75.49 -56.90 -27.55
C ALA MB 26 -74.60 -56.53 -28.74
N LYS MB 27 -73.43 -55.99 -28.49
CA LYS MB 27 -72.47 -55.66 -29.55
C LYS MB 27 -71.26 -56.59 -29.53
N ASP MB 28 -71.50 -57.86 -29.21
CA ASP MB 28 -70.48 -58.90 -29.36
C ASP MB 28 -70.65 -59.47 -30.77
N HIS MB 29 -70.06 -58.76 -31.73
CA HIS MB 29 -70.30 -59.00 -33.15
C HIS MB 29 -69.46 -60.16 -33.72
N ALA MB 30 -68.85 -60.99 -32.88
CA ALA MB 30 -68.15 -62.17 -33.34
C ALA MB 30 -68.79 -63.47 -32.85
N SER MB 31 -69.88 -63.39 -32.10
CA SER MB 31 -70.53 -64.60 -31.60
C SER MB 31 -71.33 -65.26 -32.71
N ILE MB 32 -71.14 -66.57 -32.86
CA ILE MB 32 -71.66 -67.32 -34.00
C ILE MB 32 -72.51 -68.48 -33.48
N GLN MB 33 -73.69 -68.64 -34.05
CA GLN MB 33 -74.52 -69.84 -33.85
C GLN MB 33 -74.17 -70.85 -34.93
N MET MB 34 -73.34 -71.82 -34.57
CA MET MB 34 -73.05 -72.96 -35.43
C MET MB 34 -74.27 -73.87 -35.53
N ASN MB 35 -74.54 -74.35 -36.74
CA ASN MB 35 -75.64 -75.27 -37.01
C ASN MB 35 -75.06 -76.56 -37.54
N VAL MB 36 -75.29 -77.66 -36.83
CA VAL MB 36 -74.85 -78.99 -37.23
C VAL MB 36 -76.05 -79.76 -37.75
N ALA MB 37 -75.93 -80.30 -38.95
CA ALA MB 37 -77.03 -81.03 -39.57
C ALA MB 37 -77.14 -82.43 -38.99
N GLU MB 38 -78.18 -83.16 -39.43
CA GLU MB 38 -78.43 -84.52 -38.99
C GLU MB 38 -78.51 -85.45 -40.19
N VAL MB 39 -78.06 -86.69 -39.98
CA VAL MB 39 -78.04 -87.73 -41.00
C VAL MB 39 -78.85 -88.92 -40.50
N ASP MB 40 -79.82 -89.36 -41.30
CA ASP MB 40 -80.62 -90.52 -40.94
C ASP MB 40 -79.77 -91.79 -41.01
N LYS MB 41 -80.03 -92.71 -40.07
CA LYS MB 41 -79.23 -93.92 -39.97
C LYS MB 41 -79.61 -94.97 -41.00
N VAL MB 42 -80.77 -94.83 -41.64
CA VAL MB 42 -81.22 -95.80 -42.63
C VAL MB 42 -81.16 -95.25 -44.05
N THR MB 43 -81.21 -93.93 -44.24
CA THR MB 43 -81.18 -93.32 -45.57
C THR MB 43 -79.80 -92.72 -45.86
N GLY MB 44 -79.30 -91.88 -44.96
CA GLY MB 44 -78.03 -91.21 -45.16
C GLY MB 44 -78.11 -89.81 -45.72
N ARG MB 45 -79.22 -89.11 -45.53
CA ARG MB 45 -79.42 -87.79 -46.10
C ARG MB 45 -79.80 -86.81 -44.99
N PHE MB 46 -80.04 -85.57 -45.40
CA PHE MB 46 -80.43 -84.52 -44.45
C PHE MB 46 -81.88 -84.70 -44.02
N ASN MB 47 -82.15 -84.46 -42.74
CA ASN MB 47 -83.46 -84.69 -42.15
C ASN MB 47 -84.29 -83.41 -42.03
N GLY MB 48 -83.76 -82.38 -41.38
CA GLY MB 48 -84.50 -81.16 -41.16
C GLY MB 48 -84.28 -80.56 -39.78
N GLN MB 49 -83.89 -81.39 -38.83
CA GLN MB 49 -83.58 -80.92 -37.49
C GLN MB 49 -82.10 -80.61 -37.36
N PHE MB 50 -81.79 -79.70 -36.45
CA PHE MB 50 -80.45 -79.12 -36.33
C PHE MB 50 -79.91 -79.31 -34.91
N LYS MB 51 -78.62 -79.00 -34.76
CA LYS MB 51 -77.99 -78.88 -33.46
C LYS MB 51 -77.30 -77.52 -33.40
N THR MB 52 -77.76 -76.65 -32.51
CA THR MB 52 -77.27 -75.29 -32.43
C THR MB 52 -76.17 -75.18 -31.38
N TYR MB 53 -75.23 -74.28 -31.62
CA TYR MB 53 -74.11 -74.03 -30.71
C TYR MB 53 -73.76 -72.55 -30.75
N ALA MB 54 -73.30 -72.04 -29.61
CA ALA MB 54 -72.91 -70.64 -29.50
C ALA MB 54 -71.41 -70.53 -29.27
N ILE MB 55 -70.76 -69.63 -30.00
CA ILE MB 55 -69.36 -69.32 -29.80
C ILE MB 55 -69.25 -67.82 -29.56
N CYS MB 56 -68.72 -67.44 -28.39
CA CYS MB 56 -68.46 -66.03 -28.13
C CYS MB 56 -67.17 -65.60 -28.83
N GLY MB 57 -66.98 -64.28 -28.90
CA GLY MB 57 -65.86 -63.74 -29.65
C GLY MB 57 -64.51 -63.95 -29.01
N ALA MB 58 -64.47 -64.12 -27.68
CA ALA MB 58 -63.20 -64.29 -26.98
C ALA MB 58 -62.55 -65.62 -27.32
N ILE MB 59 -63.36 -66.68 -27.46
CA ILE MB 59 -62.83 -67.99 -27.84
C ILE MB 59 -62.31 -67.97 -29.27
N ARG MB 60 -62.97 -67.23 -30.17
CA ARG MB 60 -62.48 -67.09 -31.53
C ARG MB 60 -61.16 -66.32 -31.59
N ARG MB 61 -61.09 -65.17 -30.92
CA ARG MB 61 -59.86 -64.38 -30.95
C ARG MB 61 -58.76 -64.98 -30.08
N MET MB 62 -59.07 -65.97 -29.25
CA MET MB 62 -58.03 -66.72 -28.54
C MET MB 62 -57.52 -67.89 -29.38
N GLY MB 63 -58.41 -68.66 -29.96
CA GLY MB 63 -58.03 -69.75 -30.84
C GLY MB 63 -58.46 -71.15 -30.42
N GLU MB 64 -59.50 -71.28 -29.60
CA GLU MB 64 -59.98 -72.57 -29.12
C GLU MB 64 -61.41 -72.84 -29.58
N SER MB 65 -61.75 -72.39 -30.79
CA SER MB 65 -63.13 -72.50 -31.25
C SER MB 65 -63.45 -73.91 -31.75
N ASP MB 66 -62.64 -74.43 -32.67
CA ASP MB 66 -62.95 -75.73 -33.27
C ASP MB 66 -62.73 -76.88 -32.30
N ASP MB 67 -61.81 -76.71 -31.33
CA ASP MB 67 -61.67 -77.71 -30.28
C ASP MB 67 -62.93 -77.79 -29.42
N SER MB 68 -63.52 -76.65 -29.10
CA SER MB 68 -64.75 -76.63 -28.33
C SER MB 68 -65.92 -77.19 -29.14
N ILE MB 69 -65.96 -76.89 -30.44
CA ILE MB 69 -67.00 -77.44 -31.32
C ILE MB 69 -66.85 -78.96 -31.43
N LEU MB 70 -65.61 -79.45 -31.51
CA LEU MB 70 -65.35 -80.88 -31.57
C LEU MB 70 -65.76 -81.57 -30.27
N ARG MB 71 -65.47 -80.95 -29.12
CA ARG MB 71 -65.84 -81.53 -27.84
C ARG MB 71 -67.36 -81.54 -27.65
N LEU MB 72 -68.03 -80.46 -28.07
CA LEU MB 72 -69.49 -80.42 -27.95
C LEU MB 72 -70.16 -81.41 -28.90
N ALA MB 73 -69.61 -81.59 -30.10
CA ALA MB 73 -70.18 -82.56 -31.04
C ALA MB 73 -69.91 -83.99 -30.58
N LYS MB 74 -68.76 -84.23 -29.96
CA LYS MB 74 -68.48 -85.56 -29.40
C LYS MB 74 -69.35 -85.84 -28.18
N ALA MB 75 -69.69 -84.80 -27.40
CA ALA MB 75 -70.58 -84.99 -26.26
C ALA MB 75 -72.02 -85.21 -26.70
N ASP MB 76 -72.47 -84.51 -27.73
CA ASP MB 76 -73.83 -84.65 -28.22
C ASP MB 76 -74.02 -85.83 -29.16
N GLY MB 77 -72.95 -86.43 -29.66
CA GLY MB 77 -73.03 -87.63 -30.45
C GLY MB 77 -72.87 -87.46 -31.95
N ILE MB 78 -72.31 -86.35 -32.41
CA ILE MB 78 -72.06 -86.15 -33.83
C ILE MB 78 -70.78 -86.85 -34.26
N VAL MB 79 -69.68 -86.52 -33.61
CA VAL MB 79 -68.39 -87.16 -33.88
C VAL MB 79 -68.38 -88.51 -33.16
N SER MB 80 -67.80 -89.53 -33.82
CA SER MB 80 -67.68 -90.85 -33.22
C SER MB 80 -66.78 -90.83 -32.00
N LYS MB 81 -67.01 -91.78 -31.09
CA LYS MB 81 -66.28 -91.81 -29.83
C LYS MB 81 -64.83 -92.29 -30.00
N ASN MB 82 -64.49 -92.86 -31.16
CA ASN MB 82 -63.11 -93.28 -31.39
C ASN MB 82 -62.21 -92.07 -31.59
N PHE MB 83 -62.47 -91.29 -32.64
CA PHE MB 83 -61.76 -90.06 -33.01
C PHE MB 83 -60.25 -90.24 -33.16
N VAL NB 1 -41.73 -66.39 0.51
CA VAL NB 1 -42.20 -67.76 0.34
C VAL NB 1 -43.73 -67.78 0.30
N ARG NB 2 -44.29 -68.99 0.32
CA ARG NB 2 -45.74 -69.18 0.26
C ARG NB 2 -46.35 -68.79 1.60
N MET NB 3 -46.92 -67.59 1.68
CA MET NB 3 -47.48 -67.10 2.93
C MET NB 3 -48.93 -67.56 3.09
N ASN NB 4 -49.79 -67.21 2.14
CA ASN NB 4 -51.21 -67.51 2.22
C ASN NB 4 -51.56 -68.52 1.14
N VAL NB 5 -51.68 -69.78 1.56
CA VAL NB 5 -51.96 -70.89 0.65
C VAL NB 5 -53.35 -70.74 0.05
N LEU NB 6 -54.32 -70.29 0.87
CA LEU NB 6 -55.68 -70.05 0.41
C LEU NB 6 -55.72 -68.95 -0.64
N ALA NB 7 -54.98 -67.87 -0.42
CA ALA NB 7 -54.95 -66.77 -1.39
C ALA NB 7 -54.28 -67.19 -2.69
N ASP NB 8 -53.22 -68.01 -2.60
CA ASP NB 8 -52.55 -68.50 -3.80
C ASP NB 8 -53.47 -69.43 -4.61
N ALA NB 9 -54.20 -70.31 -3.93
CA ALA NB 9 -55.11 -71.22 -4.63
C ALA NB 9 -56.29 -70.48 -5.25
N LEU NB 10 -56.82 -69.47 -4.55
CA LEU NB 10 -57.94 -68.75 -5.13
C LEU NB 10 -57.51 -67.80 -6.24
N LYS NB 11 -56.28 -67.28 -6.19
CA LYS NB 11 -55.78 -66.54 -7.35
C LYS NB 11 -55.50 -67.46 -8.53
N SER NB 12 -55.13 -68.72 -8.26
CA SER NB 12 -54.97 -69.71 -9.33
C SER NB 12 -56.30 -70.00 -10.01
N ILE NB 13 -57.35 -70.25 -9.23
CA ILE NB 13 -58.65 -70.50 -9.87
C ILE NB 13 -59.25 -69.23 -10.45
N ASN NB 14 -58.86 -68.05 -9.96
CA ASN NB 14 -59.30 -66.80 -10.59
C ASN NB 14 -58.66 -66.62 -11.96
N ASN NB 15 -57.37 -66.96 -12.08
CA ASN NB 15 -56.71 -66.93 -13.39
C ASN NB 15 -57.29 -67.98 -14.33
N ALA NB 16 -57.67 -69.13 -13.77
CA ALA NB 16 -58.31 -70.18 -14.58
C ALA NB 16 -59.68 -69.75 -15.07
N GLU NB 17 -60.45 -69.05 -14.23
CA GLU NB 17 -61.75 -68.53 -14.66
C GLU NB 17 -61.59 -67.39 -15.66
N LYS NB 18 -60.55 -66.57 -15.53
CA LYS NB 18 -60.35 -65.47 -16.48
C LYS NB 18 -59.90 -65.99 -17.84
N ARG NB 19 -59.10 -67.05 -17.87
CA ARG NB 19 -58.72 -67.61 -19.17
C ARG NB 19 -59.85 -68.45 -19.76
N GLY NB 20 -60.48 -69.31 -18.97
CA GLY NB 20 -61.61 -70.08 -19.45
C GLY NB 20 -61.39 -71.57 -19.47
N LYS NB 21 -60.53 -72.07 -18.59
CA LYS NB 21 -60.25 -73.49 -18.54
C LYS NB 21 -61.42 -74.25 -17.91
N ARG NB 22 -61.62 -75.49 -18.39
CA ARG NB 22 -62.69 -76.32 -17.84
C ARG NB 22 -62.33 -76.87 -16.47
N GLN NB 23 -61.05 -77.13 -16.23
CA GLN NB 23 -60.60 -77.58 -14.92
C GLN NB 23 -59.18 -77.11 -14.69
N VAL NB 24 -58.79 -77.02 -13.42
CA VAL NB 24 -57.49 -76.49 -13.04
C VAL NB 24 -56.96 -77.32 -11.87
N LEU NB 25 -55.64 -77.42 -11.80
CA LEU NB 25 -54.94 -78.09 -10.71
C LEU NB 25 -54.31 -77.05 -9.80
N ILE NB 26 -54.92 -76.82 -8.64
CA ILE NB 26 -54.27 -76.03 -7.60
C ILE NB 26 -53.39 -76.95 -6.78
N ARG NB 27 -52.18 -76.49 -6.48
CA ARG NB 27 -51.12 -77.38 -6.05
C ARG NB 27 -51.16 -77.81 -4.59
N PRO NB 28 -51.46 -76.96 -3.59
CA PRO NB 28 -51.63 -77.49 -2.24
C PRO NB 28 -53.08 -77.82 -1.94
N CYS NB 29 -53.26 -78.49 -0.79
CA CYS NB 29 -54.58 -78.88 -0.29
C CYS NB 29 -54.65 -78.52 1.19
N SER NB 30 -55.40 -77.48 1.51
CA SER NB 30 -55.61 -77.07 2.89
C SER NB 30 -57.06 -77.29 3.29
N LYS NB 31 -57.28 -77.34 4.60
CA LYS NB 31 -58.63 -77.53 5.14
C LYS NB 31 -59.53 -76.34 4.83
N VAL NB 32 -58.97 -75.13 4.89
CA VAL NB 32 -59.71 -73.92 4.55
C VAL NB 32 -60.08 -73.94 3.07
N ILE NB 33 -59.17 -74.44 2.22
CA ILE NB 33 -59.44 -74.53 0.78
C ILE NB 33 -60.53 -75.54 0.49
N VAL NB 34 -60.48 -76.71 1.16
CA VAL NB 34 -61.49 -77.75 0.93
C VAL NB 34 -62.87 -77.30 1.42
N ARG NB 35 -62.93 -76.66 2.59
CA ARG NB 35 -64.21 -76.16 3.09
C ARG NB 35 -64.74 -75.00 2.24
N PHE NB 36 -63.85 -74.16 1.71
CA PHE NB 36 -64.27 -73.08 0.82
C PHE NB 36 -64.82 -73.64 -0.50
N LEU NB 37 -64.19 -74.69 -1.02
CA LEU NB 37 -64.70 -75.34 -2.23
C LEU NB 37 -66.04 -76.00 -1.98
N THR NB 38 -66.24 -76.59 -0.80
CA THR NB 38 -67.55 -77.15 -0.49
C THR NB 38 -68.62 -76.09 -0.30
N VAL NB 39 -68.24 -74.90 0.20
CA VAL NB 39 -69.21 -73.81 0.29
C VAL NB 39 -69.60 -73.30 -1.10
N MET NB 40 -68.61 -73.17 -2.00
CA MET NB 40 -68.94 -72.79 -3.38
C MET NB 40 -69.73 -73.89 -4.10
N MET NB 41 -69.53 -75.15 -3.72
CA MET NB 41 -70.34 -76.23 -4.23
C MET NB 41 -71.79 -76.13 -3.77
N LYS NB 42 -72.00 -75.95 -2.47
CA LYS NB 42 -73.35 -75.89 -1.92
C LYS NB 42 -74.09 -74.63 -2.34
N HIS NB 43 -73.37 -73.57 -2.73
CA HIS NB 43 -74.04 -72.40 -3.29
C HIS NB 43 -74.00 -72.36 -4.81
N GLY NB 44 -73.39 -73.35 -5.45
CA GLY NB 44 -73.60 -73.59 -6.87
C GLY NB 44 -72.92 -72.63 -7.81
N TYR NB 45 -71.66 -72.29 -7.56
CA TYR NB 45 -70.89 -71.48 -8.50
C TYR NB 45 -69.87 -72.28 -9.29
N ILE NB 46 -69.31 -73.34 -8.71
CA ILE NB 46 -68.40 -74.23 -9.42
C ILE NB 46 -69.06 -75.60 -9.52
N GLY NB 47 -68.39 -76.51 -10.22
CA GLY NB 47 -68.85 -77.88 -10.34
C GLY NB 47 -68.41 -78.72 -9.16
N GLU NB 48 -68.43 -80.04 -9.36
CA GLU NB 48 -67.99 -80.98 -8.34
C GLU NB 48 -66.53 -81.33 -8.56
N PHE NB 49 -65.77 -81.40 -7.47
CA PHE NB 49 -64.31 -81.49 -7.54
C PHE NB 49 -63.84 -82.79 -6.90
N GLU NB 50 -62.51 -82.94 -6.86
CA GLU NB 50 -61.90 -84.06 -6.18
C GLU NB 50 -60.53 -83.62 -5.67
N ILE NB 51 -60.04 -84.33 -4.67
CA ILE NB 51 -58.70 -84.09 -4.14
C ILE NB 51 -57.88 -85.36 -4.30
N ILE NB 52 -56.58 -85.17 -4.49
CA ILE NB 52 -55.60 -86.23 -4.65
C ILE NB 52 -54.78 -86.25 -3.38
N ASP NB 53 -54.99 -87.27 -2.56
CA ASP NB 53 -54.50 -87.29 -1.18
C ASP NB 53 -53.31 -88.23 -1.08
N ASP NB 54 -52.11 -87.70 -1.31
CA ASP NB 54 -50.90 -88.36 -0.88
C ASP NB 54 -50.61 -87.99 0.58
N HIS NB 55 -49.49 -88.48 1.11
CA HIS NB 55 -49.12 -88.11 2.48
C HIS NB 55 -48.20 -86.89 2.51
N ARG NB 56 -48.61 -85.86 1.79
CA ARG NB 56 -47.94 -84.56 1.76
C ARG NB 56 -49.04 -83.51 1.73
N ALA NB 57 -48.68 -82.28 1.36
CA ALA NB 57 -49.68 -81.33 0.92
C ALA NB 57 -50.27 -81.83 -0.40
N GLY NB 58 -51.51 -82.31 -0.35
CA GLY NB 58 -52.12 -82.96 -1.49
C GLY NB 58 -52.49 -82.00 -2.60
N LYS NB 59 -53.06 -82.54 -3.66
CA LYS NB 59 -53.48 -81.74 -4.79
C LYS NB 59 -54.99 -81.72 -4.88
N ILE NB 60 -55.54 -80.75 -5.63
CA ILE NB 60 -56.98 -80.61 -5.79
C ILE NB 60 -57.26 -80.33 -7.27
N VAL NB 61 -58.18 -81.10 -7.86
CA VAL NB 61 -58.65 -80.86 -9.22
C VAL NB 61 -60.11 -80.42 -9.14
N VAL NB 62 -60.40 -79.22 -9.64
CA VAL NB 62 -61.73 -78.64 -9.57
C VAL NB 62 -62.27 -78.47 -10.98
N ASN NB 63 -63.40 -79.13 -11.26
CA ASN NB 63 -64.10 -78.90 -12.51
C ASN NB 63 -64.81 -77.55 -12.46
N LEU NB 64 -64.48 -76.68 -13.40
CA LEU NB 64 -64.93 -75.29 -13.37
C LEU NB 64 -66.01 -75.05 -14.41
N THR NB 65 -66.97 -74.21 -14.05
CA THR NB 65 -67.98 -73.70 -14.96
C THR NB 65 -67.80 -72.19 -15.11
N GLY NB 66 -68.66 -71.57 -15.91
CA GLY NB 66 -68.63 -70.13 -16.09
C GLY NB 66 -69.48 -69.34 -15.11
N ARG NB 67 -70.00 -69.98 -14.07
CA ARG NB 67 -70.84 -69.31 -13.10
C ARG NB 67 -70.05 -68.56 -12.03
N LEU NB 68 -68.72 -68.70 -12.03
CA LEU NB 68 -67.86 -68.01 -11.07
C LEU NB 68 -67.25 -66.79 -11.76
N ASN NB 69 -67.70 -65.60 -11.36
CA ASN NB 69 -67.20 -64.38 -11.97
C ASN NB 69 -65.77 -64.08 -11.52
N LYS NB 70 -65.58 -63.89 -10.22
CA LYS NB 70 -64.25 -63.64 -9.68
C LYS NB 70 -64.20 -64.19 -8.26
N CYS NB 71 -63.18 -64.99 -7.98
CA CYS NB 71 -62.96 -65.55 -6.66
C CYS NB 71 -61.79 -64.83 -6.01
N GLY NB 72 -62.08 -64.06 -4.95
CA GLY NB 72 -61.09 -63.25 -4.30
C GLY NB 72 -60.74 -63.75 -2.91
N VAL NB 73 -59.98 -62.94 -2.20
CA VAL NB 73 -59.48 -63.27 -0.87
C VAL NB 73 -59.35 -61.97 -0.07
N ILE NB 74 -59.67 -62.04 1.22
CA ILE NB 74 -59.52 -60.92 2.13
C ILE NB 74 -58.44 -61.32 3.14
N SER NB 75 -57.23 -60.80 2.94
CA SER NB 75 -56.11 -61.06 3.82
C SER NB 75 -55.70 -59.77 4.51
N PRO NB 76 -55.43 -59.78 5.82
CA PRO NB 76 -55.49 -60.91 6.76
C PRO NB 76 -56.89 -61.24 7.25
N ARG NB 77 -56.96 -62.10 8.26
CA ARG NB 77 -58.23 -62.57 8.80
C ARG NB 77 -58.76 -61.53 9.77
N PHE NB 78 -59.57 -60.60 9.24
CA PHE NB 78 -60.16 -59.58 10.09
C PHE NB 78 -61.34 -60.13 10.88
N ASP NB 79 -61.52 -59.61 12.09
CA ASP NB 79 -62.69 -59.95 12.88
C ASP NB 79 -63.94 -59.24 12.34
N VAL NB 80 -65.04 -59.98 12.25
CA VAL NB 80 -66.30 -59.48 11.71
C VAL NB 80 -67.38 -59.81 12.73
N GLN NB 81 -68.07 -58.77 13.21
CA GLN NB 81 -69.18 -58.93 14.13
C GLN NB 81 -70.48 -58.99 13.32
N LEU NB 82 -71.61 -58.90 14.02
CA LEU NB 82 -72.90 -58.79 13.34
C LEU NB 82 -73.30 -57.35 13.09
N LYS NB 83 -72.55 -56.38 13.63
CA LYS NB 83 -72.87 -54.98 13.44
C LYS NB 83 -72.15 -54.38 12.24
N ASP NB 84 -71.07 -55.00 11.80
CA ASP NB 84 -70.26 -54.47 10.70
C ASP NB 84 -70.41 -55.26 9.41
N LEU NB 85 -71.08 -56.42 9.45
CA LEU NB 85 -71.18 -57.29 8.28
C LEU NB 85 -72.01 -56.66 7.16
N GLU NB 86 -72.95 -55.79 7.51
CA GLU NB 86 -73.66 -55.01 6.50
C GLU NB 86 -72.72 -54.09 5.75
N LYS NB 87 -71.77 -53.47 6.45
CA LYS NB 87 -70.79 -52.63 5.78
C LYS NB 87 -69.81 -53.46 4.97
N TRP NB 88 -69.47 -54.67 5.46
CA TRP NB 88 -68.60 -55.59 4.71
C TRP NB 88 -69.25 -56.00 3.39
N GLN NB 89 -70.52 -56.40 3.42
CA GLN NB 89 -71.19 -56.77 2.18
C GLN NB 89 -71.57 -55.55 1.34
N ASN NB 90 -71.57 -54.36 1.94
CA ASN NB 90 -71.78 -53.14 1.17
C ASN NB 90 -70.54 -52.78 0.36
N ASN NB 91 -69.35 -52.90 0.95
CA ASN NB 91 -68.15 -52.49 0.24
C ASN NB 91 -67.36 -53.65 -0.38
N LEU NB 92 -67.87 -54.88 -0.31
CA LEU NB 92 -67.16 -55.99 -0.93
C LEU NB 92 -67.98 -56.77 -1.95
N LEU NB 93 -69.30 -56.97 -1.69
CA LEU NB 93 -70.09 -57.72 -2.65
C LEU NB 93 -70.61 -56.84 -3.78
N PRO NB 94 -70.84 -57.41 -4.96
CA PRO NB 94 -71.40 -56.62 -6.06
C PRO NB 94 -72.86 -56.23 -5.84
N SER NB 95 -73.63 -57.03 -5.11
CA SER NB 95 -75.03 -56.72 -4.87
C SER NB 95 -75.50 -57.44 -3.62
N ARG NB 96 -76.73 -57.14 -3.21
CA ARG NB 96 -77.39 -57.84 -2.14
C ARG NB 96 -78.28 -58.98 -2.64
N GLN NB 97 -78.26 -59.24 -3.94
CA GLN NB 97 -79.00 -60.34 -4.54
C GLN NB 97 -78.16 -61.61 -4.62
N PHE NB 98 -76.94 -61.50 -5.15
CA PHE NB 98 -76.04 -62.65 -5.22
C PHE NB 98 -74.71 -62.33 -4.53
N GLY NB 99 -73.76 -63.25 -4.61
CA GLY NB 99 -72.47 -63.06 -3.99
C GLY NB 99 -72.47 -63.39 -2.52
N PHE NB 100 -71.42 -64.08 -2.06
CA PHE NB 100 -71.37 -64.51 -0.66
C PHE NB 100 -69.96 -64.30 -0.12
N ILE NB 101 -69.87 -63.65 1.03
CA ILE NB 101 -68.62 -63.47 1.76
C ILE NB 101 -68.51 -64.60 2.77
N VAL NB 102 -67.52 -65.45 2.61
CA VAL NB 102 -67.28 -66.51 3.58
C VAL NB 102 -66.56 -65.91 4.78
N LEU NB 103 -66.77 -66.50 5.95
CA LEU NB 103 -66.05 -66.13 7.16
C LEU NB 103 -66.09 -67.31 8.12
N THR NB 104 -64.94 -67.71 8.63
CA THR NB 104 -64.88 -68.87 9.50
C THR NB 104 -65.34 -68.52 10.92
N THR NB 105 -66.14 -69.40 11.50
CA THR NB 105 -66.63 -69.29 12.87
C THR NB 105 -66.33 -70.58 13.59
N SER NB 106 -66.58 -70.57 14.90
CA SER NB 106 -66.40 -71.79 15.70
C SER NB 106 -67.49 -72.81 15.43
N ALA NB 107 -68.66 -72.37 14.94
CA ALA NB 107 -69.69 -73.33 14.55
C ALA NB 107 -69.35 -73.98 13.21
N GLY NB 108 -68.54 -73.32 12.40
CA GLY NB 108 -68.15 -73.86 11.11
C GLY NB 108 -67.87 -72.75 10.12
N ILE NB 109 -67.17 -73.12 9.05
CA ILE NB 109 -66.86 -72.19 7.98
C ILE NB 109 -68.11 -72.00 7.14
N MET NB 110 -68.59 -70.76 7.04
CA MET NB 110 -69.87 -70.48 6.43
C MET NB 110 -69.86 -69.07 5.86
N ASP NB 111 -70.91 -68.74 5.11
CA ASP NB 111 -71.01 -67.44 4.47
C ASP NB 111 -71.86 -66.48 5.29
N HIS NB 112 -72.16 -65.30 4.71
CA HIS NB 112 -72.74 -64.22 5.49
C HIS NB 112 -74.22 -64.42 5.77
N GLU NB 113 -74.98 -65.02 4.85
CA GLU NB 113 -76.40 -65.28 5.11
C GLU NB 113 -76.56 -66.35 6.19
N GLU NB 114 -75.71 -67.38 6.17
CA GLU NB 114 -75.75 -68.38 7.22
C GLU NB 114 -75.23 -67.82 8.54
N ALA NB 115 -74.33 -66.84 8.48
CA ALA NB 115 -73.91 -66.13 9.69
C ALA NB 115 -75.05 -65.31 10.27
N ARG NB 116 -75.85 -64.66 9.42
CA ARG NB 116 -77.03 -63.95 9.89
C ARG NB 116 -78.09 -64.89 10.44
N ARG NB 117 -78.18 -66.11 9.88
CA ARG NB 117 -79.14 -67.08 10.41
C ARG NB 117 -78.70 -67.62 11.77
N LYS NB 118 -77.41 -67.96 11.92
CA LYS NB 118 -76.93 -68.57 13.14
C LYS NB 118 -76.51 -67.58 14.22
N HIS NB 119 -76.45 -66.28 13.88
CA HIS NB 119 -76.15 -65.17 14.80
C HIS NB 119 -74.78 -65.36 15.46
N THR NB 120 -73.74 -65.42 14.62
CA THR NB 120 -72.38 -65.66 15.07
C THR NB 120 -71.41 -65.06 14.06
N GLY NB 121 -70.55 -64.15 14.51
CA GLY NB 121 -69.49 -63.60 13.69
C GLY NB 121 -68.19 -64.37 13.87
N GLY NB 122 -67.16 -63.89 13.18
CA GLY NB 122 -65.88 -64.58 13.23
C GLY NB 122 -64.88 -63.94 12.29
N LYS NB 123 -63.84 -64.71 11.99
CA LYS NB 123 -62.76 -64.21 11.13
C LYS NB 123 -63.10 -64.38 9.67
N ILE NB 124 -62.89 -63.32 8.89
CA ILE NB 124 -63.20 -63.33 7.47
C ILE NB 124 -62.10 -64.09 6.72
N LEU NB 125 -62.48 -64.76 5.64
CA LEU NB 125 -61.54 -65.51 4.80
C LEU NB 125 -61.46 -64.95 3.39
N GLY NB 126 -62.58 -64.76 2.72
CA GLY NB 126 -62.57 -64.25 1.37
C GLY NB 126 -63.97 -64.05 0.86
N PHE NB 127 -64.06 -63.77 -0.44
CA PHE NB 127 -65.33 -63.54 -1.11
C PHE NB 127 -65.35 -64.30 -2.42
N PHE NB 128 -66.56 -64.61 -2.88
CA PHE NB 128 -66.72 -65.36 -4.13
C PHE NB 128 -68.08 -65.02 -4.73
N PHE NB 129 -68.08 -64.79 -6.04
CA PHE NB 129 -69.30 -64.44 -6.75
C PHE NB 129 -69.19 -64.81 -8.23
N GLY OB 1 -52.70 -49.09 0.89
CA GLY OB 1 -51.64 -49.52 1.80
C GLY OB 1 -50.61 -50.40 1.14
N LYS OB 2 -49.48 -50.60 1.83
CA LYS OB 2 -48.42 -51.45 1.31
C LYS OB 2 -48.22 -52.72 2.11
N CYS OB 3 -48.02 -52.60 3.42
CA CYS OB 3 -47.95 -53.77 4.29
C CYS OB 3 -49.36 -54.10 4.78
N ARG OB 4 -49.74 -55.37 4.67
CA ARG OB 4 -51.09 -55.82 4.93
C ARG OB 4 -51.11 -56.90 6.00
N GLY OB 5 -50.38 -56.69 7.09
CA GLY OB 5 -50.37 -57.66 8.17
C GLY OB 5 -51.59 -57.55 9.05
N LEU OB 6 -51.63 -58.42 10.06
CA LEU OB 6 -52.74 -58.44 11.00
C LEU OB 6 -52.48 -57.55 12.20
N ARG OB 7 -51.23 -57.25 12.51
CA ARG OB 7 -50.88 -56.42 13.66
C ARG OB 7 -49.87 -55.35 13.28
N THR OB 8 -49.99 -54.81 12.06
CA THR OB 8 -49.13 -53.74 11.58
C THR OB 8 -49.75 -52.36 11.78
N ALA OB 9 -50.57 -52.19 12.82
CA ALA OB 9 -51.26 -50.92 13.03
C ALA OB 9 -50.29 -49.84 13.46
N ARG OB 10 -49.33 -50.16 14.33
CA ARG OB 10 -48.34 -49.16 14.72
C ARG OB 10 -47.39 -48.82 13.57
N LYS OB 11 -47.12 -49.78 12.68
CA LYS OB 11 -46.29 -49.51 11.51
C LYS OB 11 -47.00 -48.59 10.53
N LEU OB 12 -48.28 -48.86 10.27
CA LEU OB 12 -49.06 -47.99 9.40
C LEU OB 12 -49.27 -46.61 10.00
N ARG OB 13 -49.48 -46.54 11.32
CA ARG OB 13 -49.68 -45.27 11.99
C ARG OB 13 -48.41 -44.43 12.00
N SER OB 14 -47.26 -45.06 12.25
CA SER OB 14 -46.00 -44.32 12.24
C SER OB 14 -45.60 -43.90 10.83
N HIS OB 15 -45.90 -44.74 9.82
CA HIS OB 15 -45.58 -44.38 8.45
C HIS OB 15 -46.46 -43.23 7.96
N ARG OB 16 -47.76 -43.27 8.24
CA ARG OB 16 -48.63 -42.16 7.87
C ARG OB 16 -48.33 -40.91 8.70
N ARG OB 17 -47.90 -41.07 9.94
CA ARG OB 17 -47.53 -39.93 10.76
C ARG OB 17 -46.26 -39.26 10.24
N ASP OB 18 -45.34 -40.04 9.67
CA ASP OB 18 -44.16 -39.45 9.06
C ASP OB 18 -44.45 -38.88 7.68
N GLN OB 19 -45.42 -39.44 6.95
CA GLN OB 19 -45.70 -38.99 5.59
C GLN OB 19 -46.78 -37.92 5.52
N LYS OB 20 -47.44 -37.58 6.63
CA LYS OB 20 -48.33 -36.41 6.61
C LYS OB 20 -47.54 -35.11 6.51
N TRP OB 21 -46.30 -35.09 7.00
CA TRP OB 21 -45.50 -33.87 6.99
C TRP OB 21 -45.09 -33.46 5.58
N HIS OB 22 -45.06 -34.40 4.65
CA HIS OB 22 -44.67 -34.08 3.28
C HIS OB 22 -45.79 -33.38 2.50
N ASP OB 23 -47.00 -33.31 3.05
CA ASP OB 23 -48.05 -32.49 2.46
C ASP OB 23 -47.81 -31.03 2.81
N LYS OB 24 -48.18 -30.14 1.89
CA LYS OB 24 -47.93 -28.72 2.09
C LYS OB 24 -48.90 -28.11 3.11
N GLN OB 25 -50.19 -28.47 3.01
CA GLN OB 25 -51.19 -27.89 3.89
C GLN OB 25 -51.05 -28.39 5.32
N TYR OB 26 -50.67 -29.65 5.51
CA TYR OB 26 -50.46 -30.19 6.85
C TYR OB 26 -49.27 -29.52 7.54
N LYS OB 27 -48.19 -29.30 6.79
CA LYS OB 27 -47.01 -28.63 7.34
C LYS OB 27 -47.30 -27.16 7.65
N LYS OB 28 -48.02 -26.48 6.76
CA LYS OB 28 -48.39 -25.10 6.99
C LYS OB 28 -49.36 -24.95 8.16
N ALA OB 29 -50.17 -25.98 8.41
CA ALA OB 29 -51.10 -25.93 9.53
C ALA OB 29 -50.45 -26.32 10.85
N HIS OB 30 -49.45 -27.20 10.83
CA HIS OB 30 -48.94 -27.78 12.06
C HIS OB 30 -47.50 -27.41 12.41
N LEU OB 31 -46.84 -26.54 11.64
CA LEU OB 31 -45.60 -25.96 12.11
C LEU OB 31 -45.77 -24.46 12.35
N GLY OB 32 -45.09 -23.98 13.39
CA GLY OB 32 -45.16 -22.60 13.80
C GLY OB 32 -44.27 -21.66 13.03
N THR OB 33 -43.49 -22.17 12.06
CA THR OB 33 -42.63 -21.30 11.28
C THR OB 33 -43.43 -20.39 10.35
N ALA OB 34 -44.40 -20.98 9.63
CA ALA OB 34 -45.27 -20.18 8.76
C ALA OB 34 -46.19 -19.28 9.58
N LEU OB 35 -46.61 -19.73 10.76
CA LEU OB 35 -47.47 -18.92 11.61
C LEU OB 35 -46.71 -17.75 12.22
N LYS OB 36 -45.41 -17.92 12.47
CA LYS OB 36 -44.59 -16.81 12.93
C LYS OB 36 -44.26 -15.86 11.78
N ALA OB 37 -43.99 -16.41 10.60
CA ALA OB 37 -43.67 -15.59 9.44
C ALA OB 37 -44.88 -14.89 8.84
N ASN OB 38 -46.09 -15.32 9.20
CA ASN OB 38 -47.30 -14.61 8.80
C ASN OB 38 -47.36 -13.28 9.52
N PRO OB 39 -47.42 -12.14 8.82
CA PRO OB 39 -47.49 -10.85 9.52
C PRO OB 39 -48.79 -10.65 10.28
N PHE OB 40 -49.87 -11.28 9.83
CA PHE OB 40 -51.13 -11.22 10.57
C PHE OB 40 -51.09 -12.06 11.83
N GLY OB 41 -50.31 -13.13 11.83
CA GLY OB 41 -50.27 -14.04 12.96
C GLY OB 41 -51.47 -14.96 13.04
N GLY OB 42 -51.91 -15.49 11.91
CA GLY OB 42 -53.12 -16.28 11.89
C GLY OB 42 -54.39 -15.47 12.01
N ALA OB 43 -54.33 -14.19 11.68
CA ALA OB 43 -55.46 -13.28 11.78
C ALA OB 43 -56.01 -12.96 10.40
N SER OB 44 -57.12 -12.23 10.39
CA SER OB 44 -57.79 -11.85 9.15
C SER OB 44 -57.56 -10.39 8.78
N HIS OB 45 -57.47 -9.52 9.78
CA HIS OB 45 -57.29 -8.09 9.57
C HIS OB 45 -56.22 -7.56 10.51
N ALA OB 46 -55.59 -6.46 10.11
CA ALA OB 46 -54.57 -5.83 10.95
C ALA OB 46 -54.50 -4.35 10.66
N LYS OB 47 -54.44 -3.54 11.71
CA LYS OB 47 -54.25 -2.10 11.55
C LYS OB 47 -52.77 -1.76 11.48
N GLY OB 48 -52.47 -0.72 10.70
CA GLY OB 48 -51.08 -0.33 10.51
C GLY OB 48 -50.96 1.13 10.15
N ILE OB 49 -49.73 1.55 9.90
CA ILE OB 49 -49.40 2.95 9.64
C ILE OB 49 -48.82 3.04 8.23
N VAL OB 50 -49.39 3.93 7.42
CA VAL OB 50 -48.86 4.22 6.09
C VAL OB 50 -47.55 4.98 6.22
N LEU OB 51 -46.50 4.48 5.56
CA LEU OB 51 -45.22 5.18 5.54
C LEU OB 51 -44.82 5.68 4.16
N GLU OB 52 -45.11 4.93 3.10
CA GLU OB 52 -44.88 5.43 1.74
C GLU OB 52 -45.83 4.72 0.79
N LYS OB 53 -45.94 5.28 -0.42
CA LYS OB 53 -46.79 4.75 -1.48
C LYS OB 53 -45.92 4.44 -2.69
N VAL OB 54 -46.03 3.22 -3.20
CA VAL OB 54 -45.12 2.69 -4.21
C VAL OB 54 -45.92 2.35 -5.46
N GLY OB 55 -45.44 2.82 -6.61
CA GLY OB 55 -45.95 2.40 -7.89
C GLY OB 55 -45.22 1.17 -8.41
N VAL OB 56 -45.91 0.03 -8.42
CA VAL OB 56 -45.32 -1.25 -8.79
C VAL OB 56 -45.66 -1.56 -10.23
N GLU OB 57 -44.64 -1.83 -11.05
CA GLU OB 57 -44.87 -2.25 -12.42
C GLU OB 57 -45.48 -3.65 -12.44
N ALA OB 58 -46.39 -3.88 -13.39
CA ALA OB 58 -47.11 -5.14 -13.43
C ALA OB 58 -46.27 -6.22 -14.12
N LYS OB 59 -46.87 -7.41 -14.23
CA LYS OB 59 -46.26 -8.59 -14.83
C LYS OB 59 -46.35 -8.58 -16.34
N GLN OB 60 -46.37 -9.86 -16.84
CA GLN OB 60 -46.56 -10.42 -18.17
C GLN OB 60 -47.86 -10.01 -18.81
N PRO OB 61 -48.06 -10.44 -20.05
CA PRO OB 61 -48.67 -9.47 -20.99
C PRO OB 61 -49.42 -8.27 -20.42
N ASN OB 62 -50.28 -8.46 -19.43
CA ASN OB 62 -51.03 -7.35 -18.88
C ASN OB 62 -50.10 -6.44 -18.08
N SER OB 63 -49.92 -5.22 -18.57
CA SER OB 63 -49.01 -4.24 -17.97
C SER OB 63 -49.80 -3.06 -17.44
N ALA OB 64 -49.37 -2.56 -16.28
CA ALA OB 64 -49.98 -1.42 -15.60
C ALA OB 64 -49.01 -0.96 -14.51
N ILE OB 65 -49.35 0.16 -13.88
CA ILE OB 65 -48.62 0.64 -12.72
C ILE OB 65 -49.58 0.61 -11.53
N ARG OB 66 -49.49 -0.45 -10.74
CA ARG OB 66 -50.39 -0.64 -9.61
C ARG OB 66 -49.94 0.24 -8.44
N LYS OB 67 -50.89 0.61 -7.61
CA LYS OB 67 -50.66 1.58 -6.53
C LYS OB 67 -50.69 0.83 -5.20
N CYS OB 68 -49.53 0.47 -4.68
CA CYS OB 68 -49.42 -0.22 -3.41
C CYS OB 68 -48.96 0.74 -2.33
N VAL OB 69 -49.17 0.33 -1.08
CA VAL OB 69 -48.86 1.14 0.10
C VAL OB 69 -48.01 0.29 1.03
N ARG OB 70 -46.87 0.84 1.46
CA ARG OB 70 -46.04 0.16 2.46
C ARG OB 70 -46.61 0.46 3.84
N VAL OB 71 -47.17 -0.56 4.48
CA VAL OB 71 -47.86 -0.44 5.76
C VAL OB 71 -47.02 -1.10 6.84
N GLN OB 72 -46.69 -0.35 7.89
CA GLN OB 72 -45.99 -0.88 9.05
C GLN OB 72 -47.02 -1.24 10.11
N LEU OB 73 -47.02 -2.50 10.53
CA LEU OB 73 -48.03 -2.99 11.46
C LEU OB 73 -47.77 -2.47 12.87
N ILE OB 74 -48.72 -2.72 13.76
CA ILE OB 74 -48.64 -2.28 15.15
C ILE OB 74 -48.17 -3.39 16.06
N LYS OB 75 -48.75 -4.59 15.92
CA LYS OB 75 -48.44 -5.70 16.79
C LYS OB 75 -47.08 -6.35 16.50
N ASN OB 76 -46.54 -6.16 15.29
CA ASN OB 76 -45.27 -6.78 14.95
C ASN OB 76 -44.28 -5.74 14.43
N GLY OB 77 -44.78 -4.67 13.81
CA GLY OB 77 -43.93 -3.70 13.16
C GLY OB 77 -43.45 -4.09 11.79
N LYS OB 78 -43.96 -5.18 11.23
CA LYS OB 78 -43.54 -5.64 9.91
C LYS OB 78 -44.14 -4.76 8.82
N LYS OB 79 -43.46 -4.73 7.67
CA LYS OB 79 -43.84 -3.89 6.56
C LYS OB 79 -44.45 -4.73 5.45
N ILE OB 80 -45.59 -4.29 4.93
CA ILE OB 80 -46.40 -5.03 3.98
C ILE OB 80 -46.71 -4.15 2.79
N THR OB 81 -46.49 -4.66 1.59
CA THR OB 81 -47.07 -4.07 0.39
C THR OB 81 -48.56 -4.43 0.37
N ALA OB 82 -49.42 -3.45 0.62
CA ALA OB 82 -50.86 -3.65 0.57
C ALA OB 82 -51.42 -2.96 -0.66
N PHE OB 83 -52.44 -3.58 -1.26
CA PHE OB 83 -52.97 -3.14 -2.53
C PHE OB 83 -54.22 -2.28 -2.33
N VAL OB 84 -54.24 -1.12 -2.97
CA VAL OB 84 -55.42 -0.24 -2.96
C VAL OB 84 -56.32 -0.68 -4.11
N PRO OB 85 -57.48 -1.30 -3.83
CA PRO OB 85 -58.26 -1.95 -4.89
C PRO OB 85 -58.88 -1.04 -5.93
N ASN OB 86 -59.68 -0.05 -5.53
CA ASN OB 86 -60.55 0.65 -6.45
C ASN OB 86 -59.82 1.78 -7.17
N ASP OB 87 -60.53 2.43 -8.09
CA ASP OB 87 -59.97 3.48 -8.92
C ASP OB 87 -60.02 4.81 -8.18
N GLY OB 88 -58.91 5.56 -8.24
CA GLY OB 88 -58.85 6.88 -7.64
C GLY OB 88 -58.82 6.92 -6.13
N CYS OB 89 -58.56 5.78 -5.48
CA CYS OB 89 -58.62 5.69 -4.03
C CYS OB 89 -57.24 5.80 -3.39
N LEU OB 90 -56.20 6.14 -4.16
CA LEU OB 90 -54.90 6.40 -3.55
C LEU OB 90 -54.86 7.79 -2.91
N ASN OB 91 -55.59 8.76 -3.49
CA ASN OB 91 -55.61 10.11 -2.97
C ASN OB 91 -56.33 10.23 -1.63
N PHE OB 92 -57.17 9.25 -1.29
CA PHE OB 92 -57.79 9.20 0.03
C PHE OB 92 -56.84 8.76 1.13
N ILE OB 93 -55.66 8.25 0.76
CA ILE OB 93 -54.67 7.77 1.71
C ILE OB 93 -53.47 8.71 1.67
N GLU OB 94 -53.12 9.27 2.82
CA GLU OB 94 -51.97 10.15 2.96
C GLU OB 94 -50.91 9.49 3.85
N GLU OB 95 -49.83 10.22 4.09
CA GLU OB 95 -48.75 9.71 4.93
C GLU OB 95 -49.17 9.72 6.40
N ASN OB 96 -48.73 8.69 7.12
CA ASN OB 96 -48.98 8.49 8.56
C ASN OB 96 -50.48 8.41 8.86
N ASP OB 97 -51.12 7.41 8.26
CA ASP OB 97 -52.53 7.13 8.47
C ASP OB 97 -52.70 5.66 8.83
N GLU OB 98 -53.53 5.40 9.84
CA GLU OB 98 -53.80 4.04 10.28
C GLU OB 98 -54.82 3.41 9.33
N VAL OB 99 -54.38 2.40 8.57
CA VAL OB 99 -55.25 1.72 7.62
C VAL OB 99 -55.40 0.26 8.04
N LEU OB 100 -56.49 -0.35 7.59
CA LEU OB 100 -56.79 -1.75 7.86
C LEU OB 100 -56.39 -2.58 6.64
N VAL OB 101 -55.66 -3.67 6.90
CA VAL OB 101 -55.07 -4.50 5.86
C VAL OB 101 -55.56 -5.93 6.06
N ALA OB 102 -56.04 -6.55 4.98
CA ALA OB 102 -56.51 -7.93 4.99
C ALA OB 102 -55.82 -8.70 3.86
N GLY OB 103 -56.14 -9.98 3.74
CA GLY OB 103 -55.65 -10.80 2.65
C GLY OB 103 -56.41 -10.54 1.36
N PHE OB 104 -56.10 -11.36 0.35
CA PHE OB 104 -56.80 -11.24 -0.92
C PHE OB 104 -57.62 -12.47 -1.29
N GLY OB 105 -57.34 -13.64 -0.72
CA GLY OB 105 -58.14 -14.83 -0.93
C GLY OB 105 -57.36 -16.06 -1.33
N ARG OB 106 -56.16 -15.90 -1.88
CA ARG OB 106 -55.33 -17.01 -2.30
C ARG OB 106 -54.43 -17.51 -1.16
N LYS OB 107 -54.65 -17.01 0.05
CA LYS OB 107 -54.01 -17.47 1.30
C LYS OB 107 -52.48 -17.28 1.25
N GLY OB 108 -52.08 -16.02 1.09
CA GLY OB 108 -50.67 -15.68 1.06
C GLY OB 108 -50.01 -15.95 -0.27
N HIS OB 109 -50.47 -15.28 -1.32
CA HIS OB 109 -49.92 -15.44 -2.66
C HIS OB 109 -50.23 -14.18 -3.46
N ALA OB 110 -49.28 -13.75 -4.29
CA ALA OB 110 -49.51 -12.61 -5.16
C ALA OB 110 -50.45 -13.00 -6.29
N VAL OB 111 -51.39 -12.11 -6.60
CA VAL OB 111 -52.55 -12.47 -7.41
C VAL OB 111 -52.53 -11.67 -8.70
N GLY OB 112 -52.57 -12.40 -9.83
CA GLY OB 112 -52.78 -11.79 -11.14
C GLY OB 112 -51.62 -10.98 -11.66
N ASP OB 113 -51.85 -9.68 -11.85
CA ASP OB 113 -50.86 -8.81 -12.49
C ASP OB 113 -49.92 -8.15 -11.49
N ILE OB 114 -50.12 -8.35 -10.19
CA ILE OB 114 -49.41 -7.59 -9.17
C ILE OB 114 -48.36 -8.52 -8.54
N PRO OB 115 -47.08 -8.34 -8.84
CA PRO OB 115 -46.08 -9.29 -8.33
C PRO OB 115 -45.65 -8.96 -6.90
N GLY OB 116 -45.50 -10.01 -6.09
CA GLY OB 116 -44.97 -9.90 -4.75
C GLY OB 116 -45.87 -9.20 -3.75
N VAL OB 117 -47.13 -8.97 -4.06
CA VAL OB 117 -48.06 -8.26 -3.18
C VAL OB 117 -49.17 -9.23 -2.80
N ARG OB 118 -49.24 -9.56 -1.50
CA ARG OB 118 -50.19 -10.56 -1.01
C ARG OB 118 -51.44 -9.96 -0.39
N PHE OB 119 -51.37 -8.74 0.13
CA PHE OB 119 -52.42 -8.20 0.98
C PHE OB 119 -53.03 -6.95 0.33
N LYS OB 120 -54.17 -6.51 0.88
CA LYS OB 120 -54.89 -5.37 0.35
C LYS OB 120 -55.44 -4.53 1.49
N VAL OB 121 -55.94 -3.34 1.13
CA VAL OB 121 -56.45 -2.35 2.08
C VAL OB 121 -57.97 -2.43 2.09
N VAL OB 122 -58.56 -2.47 3.30
CA VAL OB 122 -60.00 -2.49 3.47
C VAL OB 122 -60.51 -1.14 3.99
N LYS OB 123 -60.04 -0.72 5.17
CA LYS OB 123 -60.51 0.51 5.81
C LYS OB 123 -59.35 1.48 5.98
N VAL OB 124 -59.67 2.77 5.88
CA VAL OB 124 -58.68 3.84 6.01
C VAL OB 124 -59.18 4.78 7.10
N ALA OB 125 -58.57 4.70 8.30
CA ALA OB 125 -58.86 5.54 9.46
C ALA OB 125 -60.33 5.45 9.88
N ASN OB 126 -60.79 4.21 10.10
CA ASN OB 126 -62.16 3.85 10.47
C ASN OB 126 -63.21 4.29 9.44
N VAL OB 127 -62.78 4.54 8.20
CA VAL OB 127 -63.66 4.85 7.08
C VAL OB 127 -63.25 3.93 5.94
N SER OB 128 -64.21 3.16 5.44
CA SER OB 128 -63.89 2.12 4.46
C SER OB 128 -63.60 2.72 3.09
N LEU OB 129 -62.71 2.04 2.36
CA LEU OB 129 -62.37 2.47 1.01
C LEU OB 129 -63.54 2.26 0.05
N LEU OB 130 -64.44 1.32 0.37
CA LEU OB 130 -65.66 1.16 -0.42
C LEU OB 130 -66.57 2.38 -0.28
N ALA OB 131 -66.71 2.91 0.93
CA ALA OB 131 -67.49 4.13 1.12
C ALA OB 131 -66.79 5.34 0.54
N LEU OB 132 -65.45 5.38 0.59
CA LEU OB 132 -64.72 6.48 -0.04
C LEU OB 132 -64.80 6.43 -1.56
N TYR OB 133 -64.94 5.24 -2.14
CA TYR OB 133 -65.11 5.12 -3.57
C TYR OB 133 -66.55 5.41 -4.00
N LYS OB 134 -67.52 5.00 -3.20
CA LYS OB 134 -68.92 5.24 -3.52
C LYS OB 134 -69.37 6.67 -3.24
N GLY OB 135 -68.66 7.39 -2.36
CA GLY OB 135 -69.05 8.74 -2.02
C GLY OB 135 -70.09 8.84 -0.93
N LYS OB 136 -70.26 7.78 -0.13
CA LYS OB 136 -71.26 7.79 0.93
C LYS OB 136 -70.81 8.62 2.13
N LYS OB 137 -69.58 8.43 2.57
CA LYS OB 137 -69.02 9.16 3.69
C LYS OB 137 -67.96 10.15 3.22
N GLU OB 138 -67.41 10.89 4.18
CA GLU OB 138 -66.40 11.91 3.91
C GLU OB 138 -65.22 11.69 4.83
N ARG OB 139 -64.02 11.93 4.30
CA ARG OB 139 -62.80 11.82 5.10
C ARG OB 139 -62.77 12.93 6.15
N PRO OB 140 -62.55 12.62 7.42
CA PRO OB 140 -62.55 13.66 8.46
C PRO OB 140 -61.29 14.52 8.38
N ARG OB 141 -61.48 15.83 8.30
CA ARG OB 141 -60.38 16.78 8.21
C ARG OB 141 -60.45 17.81 9.33
N THR PB 1 -121.72 -10.84 27.41
CA THR PB 1 -121.33 -11.96 26.55
C THR PB 1 -120.01 -12.57 26.99
N VAL PB 2 -119.40 -11.96 28.01
CA VAL PB 2 -118.14 -12.48 28.55
C VAL PB 2 -118.43 -13.75 29.34
N THR PB 3 -117.79 -14.86 28.95
CA THR PB 3 -118.04 -16.16 29.55
C THR PB 3 -116.78 -16.65 30.24
N ILE PB 4 -116.92 -17.04 31.50
CA ILE PB 4 -115.80 -17.59 32.28
C ILE PB 4 -116.07 -19.06 32.55
N ARG PB 5 -115.14 -19.90 32.12
CA ARG PB 5 -115.14 -21.32 32.47
C ARG PB 5 -113.95 -21.61 33.37
N THR PB 6 -114.11 -22.61 34.25
CA THR PB 6 -113.10 -22.99 35.21
C THR PB 6 -112.70 -24.44 34.97
N ARG PB 7 -111.45 -24.65 34.57
CA ARG PB 7 -110.89 -25.98 34.40
C ARG PB 7 -109.90 -26.26 35.53
N LYS PB 8 -109.54 -27.55 35.66
CA LYS PB 8 -108.51 -28.03 36.60
C LYS PB 8 -108.82 -27.64 38.04
N PHE PB 9 -110.07 -27.83 38.45
CA PHE PB 9 -110.52 -27.40 39.76
C PHE PB 9 -109.94 -28.28 40.86
N MET PB 10 -109.41 -27.66 41.90
CA MET PB 10 -108.76 -28.39 42.98
C MET PB 10 -109.09 -27.73 44.31
N THR PB 11 -109.31 -28.56 45.33
CA THR PB 11 -109.67 -28.12 46.68
C THR PB 11 -108.48 -28.40 47.59
N ASN PB 12 -107.68 -27.38 47.89
CA ASN PB 12 -106.51 -27.54 48.72
C ASN PB 12 -106.86 -27.14 50.15
N ARG PB 13 -107.16 -28.13 50.99
CA ARG PB 13 -107.47 -27.86 52.39
C ARG PB 13 -106.22 -27.52 53.18
N LEU PB 14 -105.07 -28.08 52.78
CA LEU PB 14 -103.80 -27.70 53.40
C LEU PB 14 -103.39 -26.28 53.04
N LEU PB 15 -103.88 -25.75 51.91
CA LEU PB 15 -103.73 -24.34 51.58
C LEU PB 15 -104.97 -23.52 51.95
N GLN PB 16 -106.07 -24.18 52.35
CA GLN PB 16 -107.35 -23.57 52.71
C GLN PB 16 -107.89 -22.69 51.59
N ARG PB 17 -107.98 -23.27 50.39
CA ARG PB 17 -108.39 -22.51 49.21
C ARG PB 17 -108.95 -23.46 48.16
N LYS PB 18 -109.61 -22.86 47.18
CA LYS PB 18 -109.93 -23.50 45.91
C LYS PB 18 -109.02 -22.91 44.86
N GLN PB 19 -108.66 -23.70 43.85
CA GLN PB 19 -107.85 -23.17 42.75
C GLN PB 19 -108.36 -23.72 41.43
N MET PB 20 -108.20 -22.91 40.37
CA MET PB 20 -108.67 -23.28 39.05
C MET PB 20 -107.92 -22.47 37.99
N VAL PB 21 -108.03 -22.95 36.76
CA VAL PB 21 -107.55 -22.25 35.57
C VAL PB 21 -108.76 -21.60 34.90
N ILE PB 22 -108.71 -20.29 34.76
CA ILE PB 22 -109.84 -19.50 34.29
C ILE PB 22 -109.67 -19.24 32.79
N ASP PB 23 -110.67 -19.65 32.01
CA ASP PB 23 -110.73 -19.39 30.58
C ASP PB 23 -111.82 -18.35 30.34
N VAL PB 24 -111.43 -17.19 29.83
CA VAL PB 24 -112.35 -16.09 29.57
C VAL PB 24 -112.53 -15.97 28.06
N LEU PB 25 -113.76 -16.16 27.60
CA LEU PB 25 -114.13 -15.98 26.21
C LEU PB 25 -114.88 -14.65 26.09
N HIS PB 26 -114.32 -13.72 25.33
CA HIS PB 26 -114.93 -12.40 25.11
C HIS PB 26 -114.96 -12.12 23.61
N PRO PB 27 -116.08 -12.43 22.94
CA PRO PB 27 -116.13 -12.25 21.49
C PRO PB 27 -116.26 -10.80 21.06
N GLY PB 28 -115.19 -10.27 20.48
CA GLY PB 28 -115.23 -8.96 19.86
C GLY PB 28 -115.06 -7.79 20.81
N LYS PB 29 -114.21 -7.92 21.83
CA LYS PB 29 -113.91 -6.82 22.72
C LYS PB 29 -112.50 -7.01 23.27
N ALA PB 30 -112.09 -6.09 24.13
CA ALA PB 30 -110.74 -6.07 24.67
C ALA PB 30 -110.63 -7.01 25.86
N THR PB 31 -109.49 -6.95 26.56
CA THR PB 31 -109.25 -7.79 27.73
C THR PB 31 -110.01 -7.21 28.92
N VAL PB 32 -110.82 -8.05 29.57
CA VAL PB 32 -111.61 -7.59 30.72
C VAL PB 32 -110.69 -7.43 31.93
N PRO PB 33 -110.94 -6.47 32.81
CA PRO PB 33 -110.04 -6.25 33.95
C PRO PB 33 -110.27 -7.23 35.08
N LYS PB 34 -109.28 -7.24 35.99
CA LYS PB 34 -109.29 -8.15 37.14
C LYS PB 34 -110.43 -7.85 38.10
N THR PB 35 -110.88 -6.59 38.15
CA THR PB 35 -112.04 -6.25 38.98
C THR PB 35 -113.30 -6.93 38.46
N GLU PB 36 -113.52 -6.90 37.14
CA GLU PB 36 -114.66 -7.59 36.55
C GLU PB 36 -114.52 -9.11 36.66
N ILE PB 37 -113.29 -9.62 36.61
CA ILE PB 37 -113.05 -11.05 36.83
C ILE PB 37 -113.45 -11.44 38.25
N ARG PB 38 -113.04 -10.65 39.25
CA ARG PB 38 -113.39 -10.93 40.63
C ARG PB 38 -114.89 -10.80 40.88
N GLU PB 39 -115.54 -9.82 40.23
CA GLU PB 39 -117.00 -9.68 40.36
C GLU PB 39 -117.73 -10.87 39.75
N LYS PB 40 -117.29 -11.35 38.58
CA LYS PB 40 -118.00 -12.46 37.95
C LYS PB 40 -117.73 -13.78 38.66
N LEU PB 41 -116.51 -13.98 39.18
CA LEU PB 41 -116.28 -15.15 40.04
C LEU PB 41 -117.04 -15.05 41.36
N ALA PB 42 -117.25 -13.84 41.89
CA ALA PB 42 -118.03 -13.69 43.10
C ALA PB 42 -119.49 -14.03 42.87
N LYS PB 43 -120.08 -13.54 41.78
CA LYS PB 43 -121.47 -13.87 41.49
C LYS PB 43 -121.62 -15.30 40.97
N MET PB 44 -120.52 -15.95 40.56
CA MET PB 44 -120.59 -17.36 40.20
C MET PB 44 -120.54 -18.26 41.42
N TYR PB 45 -119.54 -18.06 42.29
CA TYR PB 45 -119.32 -18.93 43.44
C TYR PB 45 -120.10 -18.50 44.68
N LYS PB 46 -120.89 -17.41 44.59
CA LYS PB 46 -121.77 -16.92 45.65
C LYS PB 46 -121.01 -16.57 46.93
N THR PB 47 -119.77 -16.10 46.79
CA THR PB 47 -118.93 -15.71 47.91
C THR PB 47 -118.53 -14.25 47.77
N THR PB 48 -117.83 -13.74 48.78
CA THR PB 48 -117.36 -12.37 48.76
C THR PB 48 -116.14 -12.24 47.84
N PRO PB 49 -116.05 -11.15 47.07
CA PRO PB 49 -114.92 -10.99 46.16
C PRO PB 49 -113.62 -10.59 46.83
N ASP PB 50 -113.60 -10.41 48.15
CA ASP PB 50 -112.38 -10.02 48.86
C ASP PB 50 -111.37 -11.14 48.96
N VAL PB 51 -111.79 -12.40 48.82
CA VAL PB 51 -110.89 -13.53 48.93
C VAL PB 51 -110.60 -14.16 47.57
N ILE PB 52 -110.95 -13.48 46.48
CA ILE PB 52 -110.75 -13.98 45.12
C ILE PB 52 -109.58 -13.22 44.52
N PHE PB 53 -108.46 -13.91 44.32
CA PHE PB 53 -107.24 -13.33 43.76
C PHE PB 53 -106.94 -14.03 42.45
N VAL PB 54 -106.99 -13.29 41.34
CA VAL PB 54 -106.78 -13.82 40.01
C VAL PB 54 -105.59 -13.08 39.38
N PHE PB 55 -104.64 -13.82 38.83
CA PHE PB 55 -103.45 -13.24 38.24
C PHE PB 55 -103.05 -14.03 37.00
N GLY PB 56 -102.11 -13.47 36.25
CA GLY PB 56 -101.45 -14.16 35.16
C GLY PB 56 -102.28 -14.41 33.92
N PHE PB 57 -102.83 -13.35 33.32
CA PHE PB 57 -103.60 -13.49 32.10
C PHE PB 57 -102.69 -13.59 30.88
N ARG PB 58 -103.02 -14.50 29.98
CA ARG PB 58 -102.37 -14.62 28.68
C ARG PB 58 -103.43 -14.65 27.61
N THR PB 59 -103.34 -13.73 26.66
CA THR PB 59 -104.33 -13.58 25.59
C THR PB 59 -103.86 -14.33 24.36
N HIS PB 60 -104.68 -15.25 23.85
CA HIS PB 60 -104.33 -15.97 22.65
C HIS PB 60 -104.47 -15.08 21.42
N PHE PB 61 -103.86 -15.52 20.32
CA PHE PB 61 -103.88 -14.74 19.10
C PHE PB 61 -105.25 -14.84 18.44
N GLY PB 62 -105.77 -13.70 17.99
CA GLY PB 62 -107.10 -13.64 17.41
C GLY PB 62 -108.03 -12.75 18.21
N GLY PB 63 -107.96 -12.83 19.54
CA GLY PB 63 -108.72 -11.94 20.39
C GLY PB 63 -110.08 -12.46 20.78
N GLY PB 64 -110.14 -13.72 21.22
CA GLY PB 64 -111.39 -14.29 21.67
C GLY PB 64 -111.21 -15.25 22.83
N LYS PB 65 -110.01 -15.29 23.39
CA LYS PB 65 -109.71 -16.26 24.44
C LYS PB 65 -108.53 -15.75 25.27
N THR PB 66 -108.73 -15.67 26.59
CA THR PB 66 -107.63 -15.44 27.52
C THR PB 66 -107.63 -16.55 28.57
N THR PB 67 -106.46 -16.84 29.10
CA THR PB 67 -106.29 -17.91 30.08
C THR PB 67 -105.47 -17.40 31.25
N GLY PB 68 -105.97 -17.60 32.46
CA GLY PB 68 -105.26 -17.21 33.67
C GLY PB 68 -105.42 -18.27 34.74
N PHE PB 69 -104.86 -17.97 35.91
CA PHE PB 69 -104.96 -18.84 37.07
C PHE PB 69 -105.60 -18.08 38.22
N GLY PB 70 -106.40 -18.77 39.02
CA GLY PB 70 -107.08 -18.12 40.13
C GLY PB 70 -107.21 -19.03 41.32
N MET PB 71 -107.25 -18.41 42.51
CA MET PB 71 -107.57 -19.12 43.73
C MET PB 71 -108.56 -18.29 44.54
N ILE PB 72 -109.35 -18.99 45.36
CA ILE PB 72 -110.37 -18.39 46.21
C ILE PB 72 -110.13 -18.88 47.64
N TYR PB 73 -109.89 -17.96 48.56
CA TYR PB 73 -109.61 -18.30 49.94
C TYR PB 73 -110.90 -18.48 50.73
N ASP PB 74 -110.74 -18.67 52.04
CA ASP PB 74 -111.86 -18.74 52.96
C ASP PB 74 -112.01 -17.48 53.79
N SER PB 75 -110.90 -16.84 54.14
CA SER PB 75 -110.94 -15.62 54.93
C SER PB 75 -109.73 -14.75 54.60
N LEU PB 76 -109.84 -13.47 54.95
CA LEU PB 76 -108.74 -12.54 54.72
C LEU PB 76 -107.56 -12.83 55.63
N ASP PB 77 -107.80 -13.40 56.81
CA ASP PB 77 -106.71 -13.82 57.68
C ASP PB 77 -105.92 -14.97 57.07
N TYR PB 78 -106.61 -15.93 56.46
CA TYR PB 78 -105.91 -17.00 55.75
C TYR PB 78 -105.21 -16.49 54.50
N ALA PB 79 -105.81 -15.49 53.82
CA ALA PB 79 -105.17 -14.90 52.65
C ALA PB 79 -103.88 -14.18 53.02
N LYS PB 80 -103.89 -13.43 54.11
CA LYS PB 80 -102.67 -12.80 54.60
C LYS PB 80 -101.71 -13.82 55.22
N LYS PB 81 -102.20 -14.99 55.62
CA LYS PB 81 -101.33 -16.04 56.12
C LYS PB 81 -100.52 -16.66 54.98
N ASN PB 82 -101.20 -17.19 53.95
CA ASN PB 82 -100.51 -17.69 52.76
C ASN PB 82 -101.07 -17.02 51.49
N GLU PB 83 -100.57 -15.81 51.23
CA GLU PB 83 -100.71 -15.09 49.98
C GLU PB 83 -99.54 -14.11 49.93
N PRO PB 84 -98.86 -13.99 48.78
CA PRO PB 84 -97.71 -13.09 48.70
C PRO PB 84 -98.08 -11.62 48.87
N LYS PB 85 -97.18 -10.88 49.53
CA LYS PB 85 -97.41 -9.48 49.87
C LYS PB 85 -97.49 -8.60 48.62
N HIS PB 86 -96.81 -9.00 47.54
CA HIS PB 86 -96.88 -8.20 46.33
C HIS PB 86 -98.24 -8.31 45.66
N ARG PB 87 -98.85 -9.50 45.67
CA ARG PB 87 -100.18 -9.62 45.10
C ARG PB 87 -101.24 -9.09 46.06
N LEU PB 88 -100.93 -9.01 47.36
CA LEU PB 88 -101.78 -8.24 48.27
C LEU PB 88 -101.72 -6.76 47.96
N ALA PB 89 -100.53 -6.24 47.65
CA ALA PB 89 -100.37 -4.83 47.30
C ALA PB 89 -100.92 -4.52 45.90
N ARG PB 90 -101.09 -5.54 45.05
CA ARG PB 90 -101.78 -5.35 43.79
C ARG PB 90 -103.23 -4.91 44.00
N HIS PB 91 -103.87 -5.40 45.05
CA HIS PB 91 -105.25 -5.03 45.37
C HIS PB 91 -105.34 -3.88 46.36
N GLY PB 92 -104.35 -3.73 47.24
CA GLY PB 92 -104.24 -2.51 48.05
C GLY PB 92 -104.43 -2.70 49.54
N LEU PB 93 -104.49 -3.93 50.07
CA LEU PB 93 -104.60 -4.10 51.51
C LEU PB 93 -103.24 -4.14 52.21
N TYR PB 94 -102.15 -4.00 51.45
CA TYR PB 94 -100.80 -4.01 52.00
C TYR PB 94 -99.95 -2.99 51.25
N GLU PB 95 -99.03 -2.34 51.97
CA GLU PB 95 -98.08 -1.40 51.39
C GLU PB 95 -96.68 -1.82 51.78
N LYS PB 96 -95.84 -2.09 50.78
CA LYS PB 96 -94.47 -2.50 51.02
C LYS PB 96 -93.59 -1.28 51.30
N LYS PB 97 -92.31 -1.53 51.57
CA LYS PB 97 -91.37 -0.47 51.87
C LYS PB 97 -91.02 0.31 50.61
N LYS PB 98 -90.52 1.53 50.82
CA LYS PB 98 -90.14 2.42 49.73
C LYS PB 98 -88.64 2.69 49.67
N THR PB 99 -87.85 2.17 50.60
CA THR PB 99 -86.41 2.35 50.56
C THR PB 99 -85.82 1.42 49.50
N SER PB 100 -85.11 2.00 48.54
CA SER PB 100 -84.59 1.23 47.42
C SER PB 100 -83.35 0.44 47.80
N ARG PB 101 -83.04 -0.57 46.98
CA ARG PB 101 -82.13 -1.63 47.39
C ARG PB 101 -80.68 -1.18 47.38
N LYS PB 102 -80.31 -0.27 46.46
CA LYS PB 102 -78.94 0.25 46.44
C LYS PB 102 -78.66 1.11 47.67
N GLN PB 103 -79.60 1.97 48.05
CA GLN PB 103 -79.46 2.74 49.28
C GLN PB 103 -79.52 1.86 50.52
N ARG PB 104 -80.27 0.75 50.48
CA ARG PB 104 -80.25 -0.17 51.61
C ARG PB 104 -78.91 -0.88 51.73
N LYS PB 105 -78.31 -1.27 50.60
CA LYS PB 105 -76.98 -1.87 50.63
C LYS PB 105 -75.92 -0.88 51.12
N GLU PB 106 -76.06 0.40 50.70
CA GLU PB 106 -75.13 1.43 51.16
C GLU PB 106 -75.27 1.68 52.66
N ARG PB 107 -76.51 1.69 53.17
CA ARG PB 107 -76.74 1.87 54.59
C ARG PB 107 -76.23 0.67 55.39
N LYS PB 108 -76.40 -0.54 54.85
CA LYS PB 108 -75.92 -1.74 55.53
C LYS PB 108 -74.40 -1.78 55.58
N ASN PB 109 -73.72 -1.40 54.49
CA ASN PB 109 -72.26 -1.39 54.52
C ASN PB 109 -71.72 -0.23 55.35
N ARG PB 110 -72.46 0.88 55.47
CA ARG PB 110 -72.03 1.94 56.39
C ARG PB 110 -72.21 1.52 57.83
N MET PB 111 -73.29 0.79 58.15
CA MET PB 111 -73.47 0.26 59.50
C MET PB 111 -72.49 -0.86 59.81
N LYS PB 112 -71.96 -1.54 58.78
CA LYS PB 112 -70.94 -2.57 59.00
C LYS PB 112 -69.62 -1.95 59.47
N LYS PB 113 -69.30 -0.74 59.02
CA LYS PB 113 -68.03 -0.13 59.37
C LYS PB 113 -68.02 0.34 60.83
N VAL PB 114 -68.99 1.15 61.20
CA VAL PB 114 -69.04 1.74 62.54
C VAL PB 114 -69.55 0.68 63.51
N ARG PB 115 -68.80 0.47 64.59
CA ARG PB 115 -69.10 -0.55 65.59
C ARG PB 115 -69.61 0.11 66.86
N GLY PB 116 -70.72 -0.42 67.40
CA GLY PB 116 -71.29 0.03 68.64
C GLY PB 116 -72.77 0.29 68.51
N THR PB 117 -73.31 1.06 69.45
CA THR PB 117 -74.73 1.40 69.45
C THR PB 117 -75.06 2.47 68.40
N ALA PB 118 -74.05 3.25 67.98
CA ALA PB 118 -74.18 4.38 67.06
C ALA PB 118 -74.57 4.00 65.62
N LYS PB 119 -74.89 2.74 65.32
CA LYS PB 119 -75.36 2.36 63.98
C LYS PB 119 -76.69 3.02 63.65
N ALA PB 120 -77.53 3.27 64.66
CA ALA PB 120 -78.77 4.02 64.43
C ALA PB 120 -78.49 5.47 64.09
N ASN PB 121 -77.40 6.03 64.62
CA ASN PB 121 -76.98 7.37 64.23
C ASN PB 121 -76.31 7.39 62.86
N VAL PB 122 -75.68 6.29 62.45
CA VAL PB 122 -75.11 6.20 61.10
C VAL PB 122 -76.22 6.10 60.07
N GLY PB 123 -77.16 5.18 60.28
CA GLY PB 123 -78.29 5.03 59.39
C GLY PB 123 -79.26 6.19 59.45
N ALA PB 124 -79.30 6.98 58.38
CA ALA PB 124 -80.11 8.20 58.24
C ALA PB 124 -79.90 9.20 59.39
N THR QB 1 -38.16 -41.07 -24.09
CA THR QB 1 -38.73 -42.40 -23.90
C THR QB 1 -37.71 -43.48 -24.25
N LYS QB 2 -38.03 -44.72 -23.89
CA LYS QB 2 -37.15 -45.86 -24.19
C LYS QB 2 -37.23 -46.16 -25.67
N LYS QB 3 -36.16 -45.81 -26.40
CA LYS QB 3 -36.20 -45.89 -27.85
C LYS QB 3 -35.93 -47.31 -28.35
N ARG QB 4 -35.08 -48.06 -27.66
CA ARG QB 4 -34.72 -49.42 -28.07
C ARG QB 4 -34.91 -50.36 -26.90
N ARG QB 5 -35.17 -51.63 -27.20
CA ARG QB 5 -35.30 -52.63 -26.14
C ARG QB 5 -33.94 -52.96 -25.55
N ASN QB 6 -33.02 -53.47 -26.36
CA ASN QB 6 -31.60 -53.46 -25.99
C ASN QB 6 -31.07 -52.05 -26.22
N ASN QB 7 -30.72 -51.37 -25.13
CA ASN QB 7 -30.62 -49.92 -25.11
C ASN QB 7 -29.43 -49.38 -25.90
N GLY QB 8 -29.55 -49.39 -27.23
CA GLY QB 8 -28.51 -48.88 -28.10
C GLY QB 8 -27.29 -49.77 -28.24
N ARG QB 9 -27.32 -50.97 -27.68
CA ARG QB 9 -26.16 -51.84 -27.66
C ARG QB 9 -26.63 -53.29 -27.66
N ALA QB 10 -25.73 -54.21 -27.36
CA ALA QB 10 -26.05 -55.63 -27.36
C ALA QB 10 -25.76 -56.25 -26.01
N LYS QB 11 -26.19 -55.59 -24.93
CA LYS QB 11 -25.99 -56.05 -23.57
C LYS QB 11 -27.35 -56.32 -22.95
N LYS QB 12 -27.50 -57.51 -22.36
CA LYS QB 12 -28.70 -57.86 -21.62
C LYS QB 12 -28.40 -58.38 -20.22
N GLY QB 13 -27.32 -59.13 -20.04
CA GLY QB 13 -27.01 -59.70 -18.74
C GLY QB 13 -25.57 -59.50 -18.32
N ARG QB 14 -24.76 -58.90 -19.18
CA ARG QB 14 -23.35 -58.67 -18.89
C ARG QB 14 -23.16 -57.53 -17.90
N GLY QB 15 -23.57 -56.32 -18.28
CA GLY QB 15 -23.45 -55.18 -17.40
C GLY QB 15 -22.26 -54.29 -17.69
N HIS QB 16 -21.11 -54.89 -18.01
CA HIS QB 16 -19.90 -54.13 -18.28
C HIS QB 16 -18.99 -54.91 -19.22
N VAL QB 17 -18.53 -54.25 -20.27
CA VAL QB 17 -17.58 -54.82 -21.22
C VAL QB 17 -16.35 -53.91 -21.28
N GLN QB 18 -15.33 -54.36 -22.06
CA GLN QB 18 -14.14 -53.52 -22.16
C GLN QB 18 -14.29 -52.49 -23.27
N PRO QB 19 -13.69 -51.31 -23.10
CA PRO QB 19 -13.79 -50.29 -24.16
C PRO QB 19 -12.79 -50.51 -25.28
N ILE QB 20 -13.22 -50.14 -26.49
CA ILE QB 20 -12.41 -50.21 -27.70
C ILE QB 20 -12.36 -48.82 -28.30
N ARG QB 21 -11.17 -48.41 -28.75
CA ARG QB 21 -11.03 -47.11 -29.40
C ARG QB 21 -11.51 -47.20 -30.84
N CYS QB 22 -12.14 -46.13 -31.31
CA CYS QB 22 -12.65 -46.09 -32.68
C CYS QB 22 -11.49 -45.98 -33.67
N THR QB 23 -11.83 -46.14 -34.95
CA THR QB 23 -10.83 -46.07 -36.01
C THR QB 23 -10.80 -44.71 -36.69
N ASN QB 24 -11.97 -44.11 -36.92
CA ASN QB 24 -12.02 -42.77 -37.50
C ASN QB 24 -11.62 -41.74 -36.47
N CYS QB 25 -12.38 -41.64 -35.38
CA CYS QB 25 -12.00 -40.85 -34.22
C CYS QB 25 -11.28 -41.76 -33.23
N ALA QB 26 -11.09 -41.27 -32.01
CA ALA QB 26 -10.53 -42.05 -30.91
C ALA QB 26 -11.56 -42.23 -29.80
N ARG QB 27 -12.83 -42.38 -30.19
CA ARG QB 27 -13.93 -42.49 -29.24
C ARG QB 27 -13.87 -43.84 -28.53
N CYS QB 28 -14.03 -43.81 -27.20
CA CYS QB 28 -14.05 -45.02 -26.39
C CYS QB 28 -15.45 -45.61 -26.43
N VAL QB 29 -15.63 -46.70 -27.16
CA VAL QB 29 -16.96 -47.28 -27.35
C VAL QB 29 -16.99 -48.61 -26.62
N PRO QB 30 -18.10 -49.02 -26.02
CA PRO QB 30 -18.23 -50.41 -25.58
C PRO QB 30 -18.14 -51.38 -26.74
N LYS QB 31 -17.73 -52.61 -26.42
CA LYS QB 31 -17.44 -53.61 -27.46
C LYS QB 31 -18.69 -54.05 -28.20
N ASP QB 32 -19.77 -54.30 -27.48
CA ASP QB 32 -21.01 -54.73 -28.11
C ASP QB 32 -21.81 -53.57 -28.70
N LYS QB 33 -21.41 -52.32 -28.44
CA LYS QB 33 -22.13 -51.18 -28.98
C LYS QB 33 -21.54 -50.72 -30.31
N ALA QB 34 -20.26 -51.00 -30.54
CA ALA QB 34 -19.58 -50.48 -31.71
C ALA QB 34 -20.03 -51.18 -32.99
N ILE QB 35 -20.11 -50.40 -34.06
CA ILE QB 35 -20.38 -50.94 -35.39
C ILE QB 35 -19.10 -51.56 -35.92
N LYS QB 36 -19.16 -52.84 -36.25
CA LYS QB 36 -17.98 -53.61 -36.61
C LYS QB 36 -18.09 -54.04 -38.07
N LYS QB 37 -17.06 -53.72 -38.87
CA LYS QB 37 -17.01 -54.12 -40.26
C LYS QB 37 -15.76 -54.96 -40.48
N PHE QB 38 -15.95 -56.25 -40.78
CA PHE QB 38 -14.84 -57.12 -41.12
C PHE QB 38 -14.56 -56.94 -42.62
N VAL QB 39 -13.81 -55.88 -42.92
CA VAL QB 39 -13.52 -55.50 -44.30
C VAL QB 39 -12.50 -56.48 -44.88
N ILE QB 40 -12.94 -57.22 -45.89
CA ILE QB 40 -12.06 -57.98 -46.77
C ILE QB 40 -11.61 -57.04 -47.87
N ARG QB 41 -10.39 -57.23 -48.36
CA ARG QB 41 -9.86 -56.30 -49.35
C ARG QB 41 -8.82 -57.03 -50.20
N ASN QB 42 -9.16 -57.31 -51.46
CA ASN QB 42 -8.15 -57.67 -52.43
C ASN QB 42 -7.30 -56.43 -52.72
N ILE QB 43 -5.97 -56.59 -52.63
CA ILE QB 43 -5.04 -55.46 -52.59
C ILE QB 43 -5.10 -54.63 -53.87
N VAL QB 44 -5.44 -55.25 -55.00
CA VAL QB 44 -5.87 -54.55 -56.20
C VAL QB 44 -7.20 -55.17 -56.62
N GLU QB 45 -8.08 -54.35 -57.17
CA GLU QB 45 -9.46 -54.78 -57.43
C GLU QB 45 -9.79 -54.88 -58.92
N ALA QB 46 -9.56 -53.81 -59.69
CA ALA QB 46 -9.94 -53.80 -61.10
C ALA QB 46 -8.78 -53.51 -62.03
N ALA QB 47 -7.98 -52.47 -61.74
CA ALA QB 47 -7.05 -51.94 -62.73
C ALA QB 47 -5.75 -52.74 -62.78
N ALA QB 48 -5.11 -52.94 -61.64
CA ALA QB 48 -3.74 -53.46 -61.61
C ALA QB 48 -3.67 -54.98 -61.56
N VAL QB 49 -4.79 -55.69 -61.49
CA VAL QB 49 -4.75 -57.15 -61.58
C VAL QB 49 -4.32 -57.59 -62.99
N ARG QB 50 -4.73 -56.84 -64.02
CA ARG QB 50 -4.28 -57.08 -65.38
C ARG QB 50 -2.78 -56.83 -65.55
N ASP QB 51 -2.25 -55.88 -64.77
CA ASP QB 51 -0.81 -55.60 -64.84
C ASP QB 51 0.00 -56.64 -64.07
N ILE QB 52 -0.50 -57.08 -62.91
CA ILE QB 52 0.22 -58.06 -62.10
C ILE QB 52 0.20 -59.43 -62.77
N SER QB 53 -0.91 -59.79 -63.45
CA SER QB 53 -1.01 -61.09 -64.11
C SER QB 53 -0.05 -61.25 -65.29
N GLU QB 54 0.54 -60.17 -65.79
CA GLU QB 54 1.57 -60.25 -66.82
C GLU QB 54 2.94 -59.79 -66.35
N ALA QB 55 3.02 -59.07 -65.21
CA ALA QB 55 4.30 -58.61 -64.70
C ALA QB 55 4.85 -59.48 -63.58
N SER QB 56 4.07 -60.42 -63.06
CA SER QB 56 4.56 -61.28 -61.99
C SER QB 56 5.49 -62.35 -62.55
N VAL QB 57 6.30 -62.92 -61.66
CA VAL QB 57 7.24 -63.95 -62.06
C VAL QB 57 6.55 -65.32 -62.11
N PHE QB 58 5.84 -65.67 -61.05
CA PHE QB 58 5.19 -66.97 -60.97
C PHE QB 58 3.93 -66.99 -61.83
N ASP QB 59 3.70 -68.13 -62.49
CA ASP QB 59 2.54 -68.30 -63.35
C ASP QB 59 1.31 -68.63 -62.51
N ALA QB 60 0.23 -67.88 -62.75
CA ALA QB 60 -1.07 -68.05 -62.08
C ALA QB 60 -0.95 -67.92 -60.56
N TYR QB 61 -0.19 -66.91 -60.12
CA TYR QB 61 -0.02 -66.66 -58.70
C TYR QB 61 -1.24 -65.92 -58.16
N VAL QB 62 -1.81 -66.43 -57.07
CA VAL QB 62 -3.03 -65.87 -56.51
C VAL QB 62 -2.70 -64.57 -55.78
N LEU QB 63 -3.61 -63.60 -55.87
CA LEU QB 63 -3.35 -62.33 -55.21
C LEU QB 63 -3.67 -62.41 -53.73
N PRO QB 64 -2.88 -61.76 -52.89
CA PRO QB 64 -3.15 -61.76 -51.45
C PRO QB 64 -4.30 -60.83 -51.09
N LYS QB 65 -4.77 -60.99 -49.85
CA LYS QB 65 -5.85 -60.18 -49.31
C LYS QB 65 -5.34 -59.40 -48.10
N LEU QB 66 -6.22 -58.58 -47.54
CA LEU QB 66 -5.90 -57.76 -46.37
C LEU QB 66 -7.17 -57.58 -45.55
N TYR QB 67 -7.25 -58.31 -44.43
CA TYR QB 67 -8.43 -58.35 -43.58
C TYR QB 67 -8.29 -57.33 -42.46
N VAL QB 68 -9.25 -56.41 -42.33
CA VAL QB 68 -9.23 -55.41 -41.26
C VAL QB 68 -10.60 -55.38 -40.59
N LYS QB 69 -10.63 -55.58 -39.28
CA LYS QB 69 -11.87 -55.46 -38.51
C LYS QB 69 -11.96 -54.03 -37.99
N LEU QB 70 -12.71 -53.18 -38.71
CA LEU QB 70 -12.88 -51.79 -38.34
C LEU QB 70 -13.96 -51.62 -37.28
N HIS QB 71 -13.71 -50.75 -36.31
CA HIS QB 71 -14.63 -50.44 -35.23
C HIS QB 71 -14.99 -48.95 -35.33
N TYR QB 72 -16.28 -48.68 -35.54
CA TYR QB 72 -16.78 -47.32 -35.60
C TYR QB 72 -17.81 -47.09 -34.51
N CYS QB 73 -18.01 -45.84 -34.14
CA CYS QB 73 -19.07 -45.48 -33.21
C CYS QB 73 -20.32 -45.08 -34.00
N VAL QB 74 -21.32 -44.56 -33.29
CA VAL QB 74 -22.56 -44.13 -33.92
C VAL QB 74 -22.32 -42.91 -34.80
N SER QB 75 -21.60 -41.92 -34.27
CA SER QB 75 -21.34 -40.69 -35.01
C SER QB 75 -20.43 -40.94 -36.22
N CYS QB 76 -19.38 -41.76 -36.04
CA CYS QB 76 -18.49 -42.06 -37.15
C CYS QB 76 -19.18 -42.92 -38.21
N ALA QB 77 -20.02 -43.87 -37.78
CA ALA QB 77 -20.72 -44.74 -38.72
C ALA QB 77 -21.74 -43.96 -39.53
N ILE QB 78 -22.47 -43.04 -38.91
CA ILE QB 78 -23.45 -42.28 -39.66
C ILE QB 78 -22.79 -41.17 -40.50
N HIS QB 79 -21.65 -40.63 -40.04
CA HIS QB 79 -20.96 -39.61 -40.81
C HIS QB 79 -20.26 -40.21 -42.03
N SER QB 80 -19.78 -41.44 -41.91
CA SER QB 80 -19.23 -42.17 -43.05
C SER QB 80 -20.29 -43.02 -43.76
N LYS QB 81 -21.55 -42.90 -43.34
CA LYS QB 81 -22.71 -43.52 -43.98
C LYS QB 81 -22.63 -45.05 -43.97
N VAL QB 82 -22.15 -45.60 -42.85
CA VAL QB 82 -22.18 -47.05 -42.67
C VAL QB 82 -23.59 -47.51 -42.33
N VAL QB 83 -24.19 -46.90 -41.31
CA VAL QB 83 -25.57 -47.17 -40.93
C VAL QB 83 -26.38 -45.89 -41.11
N ARG QB 84 -27.68 -46.06 -41.31
CA ARG QB 84 -28.58 -44.94 -41.53
C ARG QB 84 -29.78 -45.06 -40.59
N ASN QB 85 -30.53 -43.96 -40.49
CA ASN QB 85 -31.77 -43.98 -39.73
C ASN QB 85 -32.87 -44.70 -40.50
N ARG QB 86 -33.77 -45.34 -39.74
CA ARG QB 86 -34.86 -46.10 -40.31
C ARG QB 86 -36.16 -45.73 -39.61
N SER QB 87 -37.28 -46.11 -40.23
CA SER QB 87 -38.59 -45.90 -39.62
C SER QB 87 -38.77 -46.81 -38.41
N ARG QB 88 -39.66 -46.40 -37.51
CA ARG QB 88 -39.87 -47.12 -36.26
C ARG QB 88 -40.47 -48.51 -36.47
N GLU QB 89 -41.21 -48.71 -37.56
CA GLU QB 89 -41.70 -50.04 -37.91
C GLU QB 89 -40.63 -50.91 -38.55
N ALA QB 90 -39.53 -50.31 -39.02
CA ALA QB 90 -38.43 -51.04 -39.62
C ALA QB 90 -37.18 -51.05 -38.75
N ARG QB 91 -37.24 -50.49 -37.54
CA ARG QB 91 -36.11 -50.54 -36.62
C ARG QB 91 -35.84 -51.97 -36.15
N LYS QB 92 -36.90 -52.72 -35.85
CA LYS QB 92 -36.75 -54.07 -35.29
C LYS QB 92 -36.26 -55.07 -36.33
N ASP QB 93 -36.36 -54.76 -37.61
CA ASP QB 93 -35.86 -55.64 -38.66
C ASP QB 93 -34.34 -55.61 -38.71
N ARG QB 94 -33.70 -56.48 -37.94
CA ARG QB 94 -32.25 -56.50 -37.82
C ARG QB 94 -31.59 -57.50 -38.77
N THR QB 95 -32.17 -57.75 -39.92
CA THR QB 95 -31.53 -58.57 -40.93
C THR QB 95 -30.39 -57.80 -41.59
N PRO QB 96 -29.25 -58.45 -41.86
CA PRO QB 96 -28.14 -57.75 -42.50
C PRO QB 96 -28.40 -57.51 -43.98
N PRO QB 97 -27.75 -56.52 -44.59
CA PRO QB 97 -27.92 -56.32 -46.04
C PRO QB 97 -27.24 -57.42 -46.81
N PRO QB 98 -27.77 -57.79 -47.98
CA PRO QB 98 -27.29 -58.99 -48.69
C PRO QB 98 -25.96 -58.74 -49.42
N ARG QB 99 -25.57 -59.75 -50.21
CA ARG QB 99 -24.30 -59.77 -50.92
C ARG QB 99 -24.62 -59.85 -52.42
N PHE QB 100 -25.50 -58.94 -52.87
CA PHE QB 100 -25.79 -58.86 -54.29
C PHE QB 100 -24.67 -58.19 -55.07
N ARG QB 101 -23.94 -57.29 -54.45
CA ARG QB 101 -22.82 -56.60 -55.10
C ARG QB 101 -21.76 -56.18 -54.09
N PRO RB 1 -55.25 -75.64 -25.22
CA PRO RB 1 -56.48 -76.41 -25.05
C PRO RB 1 -57.23 -76.06 -23.78
N LEU RB 2 -58.55 -75.94 -23.87
CA LEU RB 2 -59.37 -75.59 -22.71
C LEU RB 2 -59.56 -76.79 -21.79
N ALA RB 3 -60.18 -77.85 -22.29
CA ALA RB 3 -60.41 -79.07 -21.53
C ALA RB 3 -59.21 -79.99 -21.70
N LYS RB 4 -58.45 -80.18 -20.62
CA LYS RB 4 -57.29 -81.07 -20.62
C LYS RB 4 -57.52 -82.19 -19.63
N ASP RB 5 -56.98 -83.36 -19.94
CA ASP RB 5 -57.15 -84.55 -19.09
C ASP RB 5 -56.24 -84.46 -17.86
N LEU RB 6 -56.73 -83.71 -16.88
CA LEU RB 6 -56.04 -83.61 -15.60
C LEU RB 6 -56.50 -84.67 -14.60
N LEU RB 7 -57.68 -85.24 -14.79
CA LEU RB 7 -58.13 -86.33 -13.93
C LEU RB 7 -57.37 -87.62 -14.25
N HIS RB 8 -57.38 -88.02 -15.51
CA HIS RB 8 -56.68 -89.22 -15.98
C HIS RB 8 -55.65 -88.79 -17.01
N PRO RB 9 -54.43 -88.42 -16.58
CA PRO RB 9 -53.42 -87.95 -17.53
C PRO RB 9 -52.79 -89.10 -18.30
N SER RB 10 -52.23 -88.75 -19.45
CA SER RB 10 -51.60 -89.74 -20.31
C SER RB 10 -50.21 -90.10 -19.78
N PRO RB 11 -49.81 -91.37 -19.92
CA PRO RB 11 -48.46 -91.75 -19.47
C PRO RB 11 -47.36 -91.17 -20.34
N GLU RB 12 -47.65 -90.87 -21.61
CA GLU RB 12 -46.67 -90.22 -22.48
C GLU RB 12 -46.35 -88.80 -22.04
N GLU RB 13 -47.24 -88.16 -21.27
CA GLU RB 13 -46.94 -86.86 -20.68
C GLU RB 13 -46.46 -86.99 -19.24
N GLU RB 14 -46.91 -88.02 -18.52
CA GLU RB 14 -46.47 -88.18 -17.14
C GLU RB 14 -45.02 -88.68 -17.05
N LYS RB 15 -44.56 -89.42 -18.07
CA LYS RB 15 -43.15 -89.76 -18.12
C LYS RB 15 -42.30 -88.64 -18.73
N ARG RB 16 -42.95 -87.66 -19.36
CA ARG RB 16 -42.26 -86.53 -19.97
C ARG RB 16 -42.04 -85.39 -18.97
N LYS RB 17 -43.02 -85.13 -18.11
CA LYS RB 17 -42.95 -84.00 -17.19
C LYS RB 17 -41.91 -84.25 -16.08
N HIS RB 18 -41.72 -83.21 -15.26
CA HIS RB 18 -40.73 -83.26 -14.19
C HIS RB 18 -41.19 -84.20 -13.08
N LYS RB 19 -40.21 -84.82 -12.40
CA LYS RB 19 -40.50 -85.87 -11.44
C LYS RB 19 -41.18 -85.33 -10.18
N LYS RB 20 -40.94 -84.07 -9.85
CA LYS RB 20 -41.70 -83.41 -8.80
C LYS RB 20 -43.03 -82.87 -9.30
N LYS RB 21 -43.13 -82.59 -10.60
CA LYS RB 21 -44.30 -81.97 -11.18
C LYS RB 21 -45.28 -82.98 -11.76
N ARG RB 22 -45.13 -84.26 -11.46
CA ARG RB 22 -46.12 -85.23 -11.88
C ARG RB 22 -47.38 -85.09 -11.03
N LEU RB 23 -48.49 -85.65 -11.54
CA LEU RB 23 -49.74 -85.63 -10.79
C LEU RB 23 -49.65 -86.55 -9.57
N VAL RB 24 -49.38 -87.83 -9.81
CA VAL RB 24 -48.99 -88.76 -8.76
C VAL RB 24 -47.47 -88.81 -8.77
N GLN RB 25 -46.85 -88.43 -7.65
CA GLN RB 25 -45.42 -88.20 -7.60
C GLN RB 25 -44.67 -89.53 -7.57
N SER RB 26 -43.70 -89.67 -8.46
CA SER RB 26 -42.89 -90.87 -8.60
C SER RB 26 -41.48 -90.49 -9.02
N PRO RB 27 -40.46 -91.16 -8.47
CA PRO RB 27 -39.08 -90.87 -8.87
C PRO RB 27 -38.74 -91.47 -10.23
N ASN RB 28 -37.61 -91.03 -10.77
CA ASN RB 28 -37.11 -91.55 -12.04
C ASN RB 28 -36.01 -92.59 -11.87
N SER RB 29 -35.72 -93.00 -10.64
CA SER RB 29 -34.65 -93.93 -10.36
C SER RB 29 -35.22 -95.30 -9.98
N TYR RB 30 -34.32 -96.27 -9.81
CA TYR RB 30 -34.73 -97.65 -9.61
C TYR RB 30 -33.60 -98.45 -8.98
N PHE RB 31 -33.98 -99.46 -8.21
CA PHE RB 31 -33.07 -100.53 -7.83
C PHE RB 31 -32.93 -101.51 -8.98
N MET RB 32 -31.79 -102.20 -9.03
CA MET RB 32 -31.60 -103.17 -10.09
C MET RB 32 -30.69 -104.30 -9.62
N ASP RB 33 -30.92 -105.48 -10.18
CA ASP RB 33 -30.10 -106.65 -9.93
C ASP RB 33 -28.93 -106.66 -10.89
N VAL RB 34 -27.71 -106.61 -10.35
CA VAL RB 34 -26.49 -106.55 -11.14
C VAL RB 34 -25.64 -107.77 -10.82
N LYS RB 35 -25.18 -108.48 -11.86
CA LYS RB 35 -24.31 -109.63 -11.66
C LYS RB 35 -23.19 -109.64 -12.69
N CYS RB 36 -22.04 -110.14 -12.26
CA CYS RB 36 -20.81 -110.30 -13.01
C CYS RB 36 -20.46 -111.77 -13.15
N PRO RB 37 -19.77 -112.17 -14.23
CA PRO RB 37 -19.43 -113.59 -14.40
C PRO RB 37 -18.33 -114.09 -13.48
N GLY RB 38 -17.68 -113.22 -12.70
CA GLY RB 38 -16.67 -113.65 -11.76
C GLY RB 38 -17.26 -114.36 -10.54
N CYS RB 39 -18.16 -113.68 -9.84
CA CYS RB 39 -18.78 -114.24 -8.65
C CYS RB 39 -20.09 -114.95 -9.01
N TYR RB 40 -20.85 -115.32 -7.99
CA TYR RB 40 -22.09 -116.06 -8.16
C TYR RB 40 -23.33 -115.28 -7.77
N LYS RB 41 -23.31 -114.59 -6.62
CA LYS RB 41 -24.49 -113.90 -6.14
C LYS RB 41 -24.72 -112.61 -6.93
N ILE RB 42 -25.91 -112.04 -6.75
CA ILE RB 42 -26.37 -110.89 -7.51
C ILE RB 42 -26.59 -109.74 -6.53
N THR RB 43 -26.01 -108.58 -6.83
CA THR RB 43 -26.12 -107.43 -5.94
C THR RB 43 -27.30 -106.55 -6.31
N THR RB 44 -27.82 -105.84 -5.30
CA THR RB 44 -28.91 -104.89 -5.48
C THR RB 44 -28.31 -103.50 -5.47
N VAL RB 45 -28.30 -102.85 -6.63
CA VAL RB 45 -27.58 -101.59 -6.84
C VAL RB 45 -28.60 -100.52 -7.24
N PHE RB 46 -28.51 -99.37 -6.59
CA PHE RB 46 -29.31 -98.21 -6.97
C PHE RB 46 -28.81 -97.66 -8.30
N SER RB 47 -29.72 -97.05 -9.07
CA SER RB 47 -29.38 -96.62 -10.42
C SER RB 47 -28.43 -95.42 -10.41
N HIS RB 48 -28.81 -94.35 -9.72
CA HIS RB 48 -27.96 -93.17 -9.58
C HIS RB 48 -27.05 -93.38 -8.37
N ALA RB 49 -26.12 -94.33 -8.52
CA ALA RB 49 -25.42 -94.90 -7.38
C ALA RB 49 -24.37 -93.95 -6.81
N GLN RB 50 -23.65 -93.22 -7.67
CA GLN RB 50 -22.69 -92.15 -7.40
C GLN RB 50 -21.54 -92.54 -6.47
N THR RB 51 -21.38 -93.82 -6.13
CA THR RB 51 -20.28 -94.28 -5.30
C THR RB 51 -19.66 -95.51 -5.96
N VAL RB 52 -18.47 -95.87 -5.50
CA VAL RB 52 -17.83 -97.09 -5.97
C VAL RB 52 -18.49 -98.29 -5.30
N VAL RB 53 -18.87 -99.28 -6.11
CA VAL RB 53 -19.60 -100.44 -5.64
C VAL RB 53 -18.69 -101.64 -5.81
N LEU RB 54 -18.20 -102.18 -4.69
CA LEU RB 54 -17.37 -103.36 -4.69
C LEU RB 54 -18.23 -104.59 -4.40
N CYS RB 55 -17.82 -105.72 -4.97
CA CYS RB 55 -18.56 -106.96 -4.77
C CYS RB 55 -18.15 -107.59 -3.43
N VAL RB 56 -18.70 -108.78 -3.16
CA VAL RB 56 -18.36 -109.48 -1.92
C VAL RB 56 -16.96 -110.07 -2.04
N GLY RB 57 -16.24 -110.08 -0.93
CA GLY RB 57 -14.87 -110.56 -0.92
C GLY RB 57 -13.87 -109.65 -1.59
N CYS RB 58 -14.26 -108.40 -1.87
CA CYS RB 58 -13.44 -107.39 -2.56
C CYS RB 58 -12.92 -107.89 -3.91
N SER RB 59 -13.84 -108.32 -4.76
CA SER RB 59 -13.47 -108.87 -6.05
C SER RB 59 -13.10 -107.77 -7.06
N THR RB 60 -14.06 -106.92 -7.38
CA THR RB 60 -13.86 -105.86 -8.37
C THR RB 60 -14.86 -104.75 -8.11
N VAL RB 61 -14.73 -103.68 -8.89
CA VAL RB 61 -15.63 -102.54 -8.84
C VAL RB 61 -16.76 -102.77 -9.84
N LEU RB 62 -17.97 -102.35 -9.45
CA LEU RB 62 -19.15 -102.50 -10.30
C LEU RB 62 -19.63 -101.19 -10.90
N CYS RB 63 -19.63 -100.11 -10.13
CA CYS RB 63 -20.14 -98.83 -10.58
C CYS RB 63 -19.08 -97.74 -10.42
N GLN RB 64 -19.14 -96.75 -11.30
CA GLN RB 64 -18.28 -95.58 -11.26
C GLN RB 64 -19.11 -94.34 -10.94
N PRO RB 65 -18.59 -93.44 -10.09
CA PRO RB 65 -19.36 -92.24 -9.74
C PRO RB 65 -19.40 -91.24 -10.89
N THR RB 66 -20.60 -90.94 -11.37
CA THR RB 66 -20.83 -90.00 -12.45
C THR RB 66 -21.80 -88.91 -12.00
N GLY RB 67 -22.23 -88.08 -12.94
CA GLY RB 67 -23.17 -87.03 -12.62
C GLY RB 67 -24.59 -87.54 -12.49
N GLY RB 68 -24.98 -88.47 -13.35
CA GLY RB 68 -26.30 -89.06 -13.30
C GLY RB 68 -26.28 -90.54 -13.00
N LYS RB 69 -26.59 -91.36 -14.02
CA LYS RB 69 -26.54 -92.80 -13.85
C LYS RB 69 -25.09 -93.26 -13.80
N ALA RB 70 -24.81 -94.23 -12.92
CA ALA RB 70 -23.46 -94.72 -12.74
C ALA RB 70 -23.06 -95.62 -13.91
N ARG RB 71 -21.84 -95.40 -14.41
CA ARG RB 71 -21.30 -96.23 -15.49
C ARG RB 71 -20.93 -97.60 -14.94
N LEU RB 72 -21.52 -98.64 -15.51
CA LEU RB 72 -21.25 -100.00 -15.05
C LEU RB 72 -19.93 -100.51 -15.60
N THR RB 73 -19.41 -101.54 -14.97
CA THR RB 73 -18.21 -102.21 -15.46
C THR RB 73 -18.55 -102.99 -16.73
N GLU RB 74 -17.64 -102.93 -17.71
CA GLU RB 74 -17.83 -103.62 -18.97
C GLU RB 74 -17.85 -105.14 -18.76
N GLY RB 75 -19.01 -105.75 -19.04
CA GLY RB 75 -19.20 -107.16 -18.82
C GLY RB 75 -19.94 -107.47 -17.53
N CYS RB 76 -21.01 -106.72 -17.27
CA CYS RB 76 -21.84 -106.93 -16.09
C CYS RB 76 -23.30 -106.73 -16.49
N SER RB 77 -24.13 -107.74 -16.24
CA SER RB 77 -25.52 -107.66 -16.66
C SER RB 77 -26.39 -107.09 -15.55
N PHE RB 78 -27.43 -106.37 -15.96
CA PHE RB 78 -28.31 -105.64 -15.06
C PHE RB 78 -29.75 -105.86 -15.47
N ARG RB 79 -30.63 -105.96 -14.48
CA ARG RB 79 -32.06 -106.10 -14.70
C ARG RB 79 -32.80 -105.21 -13.72
N ARG RB 80 -33.64 -104.32 -14.24
CA ARG RB 80 -34.46 -103.48 -13.37
C ARG RB 80 -35.59 -104.30 -12.76
N LYS RB 81 -36.08 -103.85 -11.61
CA LYS RB 81 -37.08 -104.56 -10.84
C LYS RB 81 -38.23 -103.63 -10.46
N GLN RB 82 -39.31 -104.24 -10.00
CA GLN RB 82 -40.50 -103.50 -9.59
C GLN RB 82 -41.25 -104.31 -8.54
N HIS RB 83 -42.28 -103.69 -7.97
CA HIS RB 83 -43.11 -104.35 -6.97
C HIS RB 83 -44.54 -103.81 -7.01
N SER SB 1 -46.80 6.74 -13.65
CA SER SB 1 -46.31 7.02 -12.30
C SER SB 1 -47.47 7.04 -11.31
N LEU SB 2 -47.32 7.84 -10.26
CA LEU SB 2 -48.34 7.98 -9.23
C LEU SB 2 -49.15 9.26 -9.37
N ALA SB 3 -48.91 10.04 -10.42
CA ALA SB 3 -49.61 11.30 -10.61
C ALA SB 3 -50.86 11.17 -11.46
N ARG SB 4 -51.15 9.99 -11.99
CA ARG SB 4 -52.33 9.77 -12.82
C ARG SB 4 -53.40 8.95 -12.11
N VAL SB 5 -53.56 9.16 -10.81
CA VAL SB 5 -54.54 8.42 -10.02
C VAL SB 5 -55.91 9.05 -10.23
N GLY SB 6 -56.90 8.23 -10.61
CA GLY SB 6 -58.24 8.72 -10.83
C GLY SB 6 -58.41 9.49 -12.11
N LYS SB 7 -57.65 9.14 -13.15
CA LYS SB 7 -57.64 9.88 -14.40
C LYS SB 7 -58.98 9.77 -15.13
N VAL SB 8 -59.44 8.53 -15.35
CA VAL SB 8 -60.67 8.29 -16.10
C VAL SB 8 -61.89 8.75 -15.31
N ARG SB 9 -61.87 8.53 -13.98
CA ARG SB 9 -62.97 9.01 -13.14
C ARG SB 9 -63.01 10.53 -13.08
N GLY SB 10 -61.86 11.19 -13.23
CA GLY SB 10 -61.85 12.64 -13.31
C GLY SB 10 -62.31 13.17 -14.66
N GLN SB 11 -62.00 12.47 -15.75
CA GLN SB 11 -62.23 13.03 -17.08
C GLN SB 11 -63.52 12.53 -17.75
N THR SB 12 -64.21 11.54 -17.17
CA THR SB 12 -65.49 11.16 -17.74
C THR SB 12 -66.60 12.12 -17.28
N LEU SB 13 -67.67 12.16 -18.06
CA LEU SB 13 -68.79 13.05 -17.81
C LEU SB 13 -69.80 12.37 -16.89
N LYS SB 14 -70.16 13.05 -15.81
CA LYS SB 14 -71.13 12.52 -14.86
C LYS SB 14 -72.53 12.62 -15.45
N VAL SB 15 -73.22 11.49 -15.55
CA VAL SB 15 -74.59 11.42 -16.05
C VAL SB 15 -75.50 11.13 -14.87
N ALA SB 16 -76.53 11.96 -14.69
CA ALA SB 16 -77.42 11.82 -13.56
C ALA SB 16 -78.33 10.61 -13.73
N LYS SB 17 -78.86 10.14 -12.60
CA LYS SB 17 -79.72 8.97 -12.58
C LYS SB 17 -81.12 9.32 -13.08
N GLN SB 18 -81.61 8.56 -14.04
CA GLN SB 18 -82.94 8.80 -14.59
C GLN SB 18 -84.01 8.34 -13.60
N GLU SB 19 -85.05 9.16 -13.43
CA GLU SB 19 -86.15 8.82 -12.54
C GLU SB 19 -86.96 7.67 -13.11
N LYS SB 20 -87.50 6.83 -12.22
CA LYS SB 20 -88.16 5.61 -12.64
C LYS SB 20 -89.17 5.22 -11.57
N LYS SB 21 -90.27 4.61 -12.04
CA LYS SB 21 -91.26 4.01 -11.15
C LYS SB 21 -90.61 2.92 -10.30
N LYS SB 22 -90.93 2.92 -9.01
CA LYS SB 22 -90.29 2.02 -8.06
C LYS SB 22 -90.72 0.58 -8.31
N LYS SB 23 -89.78 -0.35 -8.13
CA LYS SB 23 -90.01 -1.74 -8.47
C LYS SB 23 -90.78 -2.45 -7.38
N ARG SB 24 -91.73 -3.28 -7.81
CA ARG SB 24 -92.37 -4.22 -6.89
C ARG SB 24 -91.36 -5.25 -6.40
N THR SB 25 -91.49 -5.64 -5.14
CA THR SB 25 -90.48 -6.43 -4.45
C THR SB 25 -91.06 -7.71 -3.87
N GLY SB 26 -90.22 -8.72 -3.77
CA GLY SB 26 -90.59 -9.92 -3.02
C GLY SB 26 -91.43 -10.88 -3.83
N ARG SB 27 -92.57 -11.27 -3.26
CA ARG SB 27 -93.47 -12.19 -3.94
C ARG SB 27 -94.06 -11.57 -5.20
N ALA SB 28 -94.31 -10.26 -5.17
CA ALA SB 28 -94.81 -9.57 -6.35
C ALA SB 28 -93.73 -9.45 -7.42
N LYS SB 29 -92.48 -9.28 -7.00
CA LYS SB 29 -91.36 -9.25 -7.94
C LYS SB 29 -91.19 -10.61 -8.61
N ARG SB 30 -91.28 -11.69 -7.84
CA ARG SB 30 -91.12 -13.01 -8.42
C ARG SB 30 -92.34 -13.40 -9.27
N ARG SB 31 -93.53 -12.91 -8.90
CA ARG SB 31 -94.72 -13.13 -9.72
C ARG SB 31 -94.60 -12.42 -11.06
N MET SB 32 -94.17 -11.16 -11.05
CA MET SB 32 -93.95 -10.40 -12.28
C MET SB 32 -92.82 -11.02 -13.11
N GLN SB 33 -91.81 -11.58 -12.43
CA GLN SB 33 -90.72 -12.27 -13.13
C GLN SB 33 -91.22 -13.52 -13.84
N TYR SB 34 -92.06 -14.32 -13.17
CA TYR SB 34 -92.65 -15.51 -13.79
C TYR SB 34 -93.57 -15.13 -14.95
N ASN SB 35 -94.31 -14.02 -14.80
CA ASN SB 35 -95.22 -13.58 -15.85
C ASN SB 35 -94.46 -13.07 -17.08
N ARG SB 36 -93.29 -12.45 -16.89
CA ARG SB 36 -92.51 -12.06 -18.06
C ARG SB 36 -91.60 -13.18 -18.57
N ARG SB 37 -91.41 -14.26 -17.80
CA ARG SB 37 -90.69 -15.41 -18.34
C ARG SB 37 -91.59 -16.29 -19.20
N PHE SB 38 -92.64 -16.86 -18.60
CA PHE SB 38 -93.30 -18.01 -19.21
C PHE SB 38 -94.60 -17.68 -19.96
N VAL SB 39 -95.57 -17.06 -19.27
CA VAL SB 39 -96.93 -17.04 -19.81
C VAL SB 39 -97.11 -16.02 -20.93
N ASN SB 40 -96.15 -15.12 -21.12
CA ASN SB 40 -96.25 -14.15 -22.21
C ASN SB 40 -95.71 -14.68 -23.53
N VAL SB 41 -94.61 -15.45 -23.49
CA VAL SB 41 -93.98 -15.91 -24.72
C VAL SB 41 -94.62 -17.21 -25.18
N VAL SB 42 -94.36 -17.57 -26.44
CA VAL SB 42 -94.82 -18.82 -27.02
C VAL SB 42 -93.59 -19.61 -27.46
N PRO SB 43 -93.65 -20.95 -27.51
CA PRO SB 43 -92.50 -21.73 -28.01
C PRO SB 43 -92.28 -21.56 -29.50
N THR SB 44 -91.17 -20.92 -29.88
CA THR SB 44 -90.83 -20.68 -31.27
C THR SB 44 -89.62 -21.52 -31.66
N PHE SB 45 -89.41 -21.64 -32.97
CA PHE SB 45 -88.32 -22.45 -33.50
C PHE SB 45 -87.00 -21.71 -33.39
N GLY SB 46 -85.93 -22.46 -33.14
CA GLY SB 46 -84.61 -21.91 -33.04
C GLY SB 46 -84.16 -21.68 -31.61
N LYS SB 47 -83.01 -21.04 -31.49
CA LYS SB 47 -82.43 -20.73 -30.18
C LYS SB 47 -83.14 -19.54 -29.57
N LYS SB 48 -83.60 -19.70 -28.33
CA LYS SB 48 -84.31 -18.63 -27.64
C LYS SB 48 -83.32 -17.61 -27.10
N LYS SB 49 -83.60 -16.33 -27.38
CA LYS SB 49 -82.71 -15.25 -26.94
C LYS SB 49 -82.91 -14.98 -25.46
N GLY SB 50 -81.93 -14.29 -24.87
CA GLY SB 50 -81.95 -14.00 -23.46
C GLY SB 50 -82.86 -12.83 -23.14
N PRO SB 51 -82.94 -12.51 -21.83
CA PRO SB 51 -83.77 -11.36 -21.44
C PRO SB 51 -83.18 -10.03 -21.83
N ASN SB 52 -81.86 -9.88 -21.75
CA ASN SB 52 -81.19 -8.61 -22.06
C ASN SB 52 -80.74 -8.55 -23.51
N ALA SB 53 -81.19 -9.48 -24.35
CA ALA SB 53 -80.75 -9.55 -25.74
C ALA SB 53 -81.44 -8.44 -26.55
N ASN SB 54 -80.63 -7.59 -27.20
CA ASN SB 54 -81.12 -6.49 -28.00
C ASN SB 54 -80.45 -6.48 -29.37
N SER SB 55 -81.12 -5.84 -30.33
CA SER SB 55 -80.61 -5.76 -31.70
C SER SB 55 -80.58 -4.32 -32.20
N MET TB 1 -75.52 6.91 -92.02
CA MET TB 1 -75.62 7.94 -91.00
C MET TB 1 -74.85 9.18 -91.48
N ALA TB 2 -75.31 10.38 -91.09
CA ALA TB 2 -74.72 11.61 -91.62
C ALA TB 2 -73.33 11.86 -91.06
N VAL TB 3 -73.08 11.49 -89.81
CA VAL TB 3 -71.75 11.68 -89.24
C VAL TB 3 -70.81 10.55 -89.66
N GLN TB 4 -71.36 9.39 -90.05
CA GLN TB 4 -70.64 8.23 -90.60
C GLN TB 4 -69.59 7.72 -89.61
N ILE TB 5 -70.09 7.17 -88.50
CA ILE TB 5 -69.20 6.56 -87.51
C ILE TB 5 -68.62 5.26 -88.07
N SER TB 6 -67.48 4.86 -87.51
CA SER TB 6 -66.81 3.64 -87.94
C SER TB 6 -67.40 2.42 -87.24
N LYS TB 7 -67.19 1.25 -87.83
CA LYS TB 7 -67.67 0.02 -87.21
C LYS TB 7 -66.81 -0.39 -86.01
N LYS TB 8 -65.53 -0.03 -86.04
CA LYS TB 8 -64.64 -0.26 -84.91
C LYS TB 8 -65.12 0.48 -83.67
N ARG TB 9 -65.47 1.76 -83.82
CA ARG TB 9 -66.08 2.50 -82.73
C ARG TB 9 -67.52 2.07 -82.48
N LYS TB 10 -68.20 1.52 -83.48
CA LYS TB 10 -69.62 1.22 -83.35
C LYS TB 10 -69.87 -0.02 -82.49
N PHE TB 11 -69.08 -1.08 -82.70
CA PHE TB 11 -69.22 -2.26 -81.85
C PHE TB 11 -68.74 -2.00 -80.42
N VAL TB 12 -67.73 -1.15 -80.25
CA VAL TB 12 -67.28 -0.77 -78.91
C VAL TB 12 -68.35 0.08 -78.21
N ALA TB 13 -69.00 0.98 -78.95
CA ALA TB 13 -70.08 1.77 -78.39
C ALA TB 13 -71.30 0.91 -78.07
N ASP TB 14 -71.55 -0.13 -78.85
CA ASP TB 14 -72.61 -1.08 -78.53
C ASP TB 14 -72.27 -1.89 -77.27
N GLY TB 15 -70.99 -2.22 -77.09
CA GLY TB 15 -70.59 -2.90 -75.87
C GLY TB 15 -70.71 -2.01 -74.63
N ILE TB 16 -70.35 -0.74 -74.77
CA ILE TB 16 -70.54 0.23 -73.68
C ILE TB 16 -72.02 0.45 -73.41
N PHE TB 17 -72.84 0.45 -74.46
CA PHE TB 17 -74.29 0.52 -74.33
C PHE TB 17 -74.83 -0.65 -73.52
N LYS TB 18 -74.40 -1.87 -73.84
CA LYS TB 18 -74.84 -3.05 -73.10
C LYS TB 18 -74.34 -3.03 -71.66
N ALA TB 19 -73.11 -2.54 -71.44
CA ALA TB 19 -72.56 -2.51 -70.08
C ALA TB 19 -73.27 -1.49 -69.20
N GLU TB 20 -73.48 -0.28 -69.72
CA GLU TB 20 -74.18 0.76 -68.97
C GLU TB 20 -75.65 0.40 -68.75
N LEU TB 21 -76.28 -0.25 -69.74
CA LEU TB 21 -77.67 -0.67 -69.60
C LEU TB 21 -77.81 -1.78 -68.57
N ASN TB 22 -76.85 -2.73 -68.57
CA ASN TB 22 -76.83 -3.81 -67.60
C ASN TB 22 -76.61 -3.27 -66.19
N GLU TB 23 -75.71 -2.30 -66.04
CA GLU TB 23 -75.46 -1.74 -64.72
C GLU TB 23 -76.64 -0.91 -64.23
N PHE TB 24 -77.29 -0.16 -65.13
CA PHE TB 24 -78.46 0.62 -64.75
C PHE TB 24 -79.62 -0.26 -64.31
N LEU TB 25 -79.92 -1.31 -65.08
CA LEU TB 25 -81.00 -2.19 -64.65
C LEU TB 25 -80.62 -3.07 -63.47
N THR TB 26 -79.32 -3.30 -63.24
CA THR TB 26 -78.91 -4.00 -62.04
C THR TB 26 -79.10 -3.14 -60.80
N ARG TB 27 -78.74 -1.85 -60.88
CA ARG TB 27 -78.94 -0.96 -59.74
C ARG TB 27 -80.41 -0.60 -59.55
N GLU TB 28 -81.22 -0.63 -60.62
CA GLU TB 28 -82.60 -0.17 -60.50
C GLU TB 28 -83.57 -1.30 -60.20
N LEU TB 29 -83.39 -2.48 -60.79
CA LEU TB 29 -84.26 -3.63 -60.54
C LEU TB 29 -83.65 -4.62 -59.56
N ALA TB 30 -82.89 -4.13 -58.58
CA ALA TB 30 -82.23 -5.03 -57.64
C ALA TB 30 -83.22 -5.67 -56.68
N GLU TB 31 -84.18 -4.89 -56.18
CA GLU TB 31 -85.17 -5.39 -55.24
C GLU TB 31 -86.29 -6.18 -55.91
N ASP TB 32 -86.32 -6.26 -57.24
CA ASP TB 32 -87.37 -6.93 -57.96
C ASP TB 32 -86.91 -8.22 -58.66
N GLY TB 33 -85.62 -8.53 -58.61
CA GLY TB 33 -85.13 -9.77 -59.18
C GLY TB 33 -84.64 -9.68 -60.61
N TYR TB 34 -83.72 -8.76 -60.87
CA TYR TB 34 -83.15 -8.61 -62.20
C TYR TB 34 -82.18 -9.76 -62.51
N SER TB 35 -82.20 -10.22 -63.76
CA SER TB 35 -81.32 -11.30 -64.19
C SER TB 35 -80.62 -11.06 -65.53
N GLY TB 36 -81.14 -10.21 -66.40
CA GLY TB 36 -80.41 -9.90 -67.60
C GLY TB 36 -81.24 -9.12 -68.61
N VAL TB 37 -80.60 -8.79 -69.73
CA VAL TB 37 -81.25 -8.14 -70.86
C VAL TB 37 -80.82 -8.84 -72.14
N GLU TB 38 -81.65 -8.67 -73.17
CA GLU TB 38 -81.30 -9.13 -74.53
C GLU TB 38 -81.88 -8.12 -75.51
N VAL TB 39 -81.01 -7.55 -76.33
CA VAL TB 39 -81.38 -6.44 -77.22
C VAL TB 39 -81.36 -6.93 -78.67
N ARG TB 40 -82.30 -6.41 -79.46
CA ARG TB 40 -82.40 -6.68 -80.89
C ARG TB 40 -82.58 -5.35 -81.62
N VAL TB 41 -81.78 -5.11 -82.64
CA VAL TB 41 -81.88 -3.91 -83.45
C VAL TB 41 -82.40 -4.29 -84.82
N THR TB 42 -83.48 -3.63 -85.24
CA THR TB 42 -84.09 -3.76 -86.55
C THR TB 42 -84.02 -2.40 -87.24
N PRO TB 43 -84.36 -2.30 -88.53
CA PRO TB 43 -84.59 -0.96 -89.10
C PRO TB 43 -85.77 -0.27 -88.42
N THR TB 44 -85.49 0.92 -87.88
CA THR TB 44 -86.39 1.92 -87.30
C THR TB 44 -86.91 1.49 -85.91
N ARG TB 45 -86.63 0.25 -85.48
CA ARG TB 45 -87.09 -0.20 -84.18
C ARG TB 45 -85.97 -0.92 -83.42
N THR TB 46 -86.06 -0.90 -82.10
CA THR TB 46 -85.12 -1.57 -81.22
C THR TB 46 -85.90 -2.25 -80.10
N GLU TB 47 -85.97 -3.58 -80.16
CA GLU TB 47 -86.68 -4.37 -79.16
C GLU TB 47 -85.69 -4.82 -78.09
N ILE TB 48 -86.16 -4.91 -76.85
CA ILE TB 48 -85.31 -5.48 -75.80
C ILE TB 48 -86.14 -6.23 -74.76
N ILE TB 49 -85.76 -7.49 -74.52
CA ILE TB 49 -86.36 -8.31 -73.48
C ILE TB 49 -85.55 -8.14 -72.20
N ILE TB 50 -86.17 -7.57 -71.19
CA ILE TB 50 -85.69 -7.67 -69.82
C ILE TB 50 -86.03 -9.07 -69.33
N LEU TB 51 -85.05 -9.79 -68.82
CA LEU TB 51 -85.25 -11.12 -68.28
C LEU TB 51 -85.12 -11.00 -66.76
N ALA TB 52 -86.26 -11.09 -66.06
CA ALA TB 52 -86.31 -10.90 -64.62
C ALA TB 52 -87.20 -11.97 -64.01
N THR TB 53 -87.24 -12.01 -62.68
CA THR TB 53 -88.01 -13.04 -61.97
C THR TB 53 -89.42 -12.57 -61.63
N ARG TB 54 -89.55 -11.47 -60.90
CA ARG TB 54 -90.86 -10.99 -60.45
C ARG TB 54 -91.39 -9.98 -61.48
N THR TB 55 -92.17 -10.51 -62.43
CA THR TB 55 -92.65 -9.69 -63.53
C THR TB 55 -93.69 -8.67 -63.07
N GLN TB 56 -94.54 -9.03 -62.10
CA GLN TB 56 -95.50 -8.07 -61.56
C GLN TB 56 -94.79 -6.94 -60.83
N ASN TB 57 -93.69 -7.24 -60.15
CA ASN TB 57 -92.92 -6.21 -59.46
C ASN TB 57 -92.09 -5.36 -60.41
N VAL TB 58 -91.68 -5.89 -61.56
CA VAL TB 58 -90.98 -5.01 -62.51
C VAL TB 58 -91.95 -4.25 -63.40
N LEU TB 59 -93.22 -4.66 -63.49
CA LEU TB 59 -94.17 -3.85 -64.25
C LEU TB 59 -94.82 -2.78 -63.36
N GLY TB 60 -95.14 -3.11 -62.12
CA GLY TB 60 -95.70 -2.13 -61.21
C GLY TB 60 -97.20 -1.96 -61.35
N GLU TB 61 -97.64 -0.75 -61.68
CA GLU TB 61 -99.06 -0.43 -61.80
C GLU TB 61 -99.36 -0.26 -63.30
N LYS TB 62 -99.66 -1.38 -63.97
CA LYS TB 62 -100.04 -1.46 -65.38
C LYS TB 62 -98.93 -0.88 -66.28
N GLY TB 63 -97.75 -1.48 -66.16
CA GLY TB 63 -96.62 -1.09 -67.00
C GLY TB 63 -96.06 0.29 -66.75
N ARG TB 64 -96.29 0.85 -65.55
CA ARG TB 64 -95.86 2.22 -65.27
C ARG TB 64 -94.34 2.33 -65.21
N ARG TB 65 -93.70 1.41 -64.49
CA ARG TB 65 -92.24 1.44 -64.41
C ARG TB 65 -91.60 1.01 -65.73
N ILE TB 66 -92.30 0.21 -66.53
CA ILE TB 66 -91.82 -0.13 -67.87
C ILE TB 66 -91.83 1.10 -68.77
N ARG TB 67 -92.90 1.90 -68.71
CA ARG TB 67 -92.94 3.15 -69.46
C ARG TB 67 -91.90 4.15 -68.95
N GLU TB 68 -91.64 4.14 -67.64
CA GLU TB 68 -90.57 4.98 -67.08
C GLU TB 68 -89.21 4.56 -67.61
N LEU TB 69 -88.97 3.25 -67.74
CA LEU TB 69 -87.68 2.78 -68.27
C LEU TB 69 -87.54 3.07 -69.76
N THR TB 70 -88.64 2.99 -70.53
CA THR TB 70 -88.60 3.41 -71.93
C THR TB 70 -88.28 4.89 -72.05
N ALA TB 71 -88.85 5.71 -71.17
CA ALA TB 71 -88.54 7.13 -71.18
C ALA TB 71 -87.10 7.41 -70.73
N VAL TB 72 -86.56 6.58 -69.83
CA VAL TB 72 -85.15 6.67 -69.44
C VAL TB 72 -84.24 6.43 -70.65
N VAL TB 73 -84.51 5.34 -71.38
CA VAL TB 73 -83.69 5.02 -72.54
C VAL TB 73 -83.84 6.07 -73.64
N GLN TB 74 -85.06 6.57 -73.83
CA GLN TB 74 -85.33 7.59 -74.85
C GLN TB 74 -84.65 8.92 -74.51
N LYS TB 75 -84.63 9.31 -73.23
CA LYS TB 75 -84.01 10.58 -72.87
C LYS TB 75 -82.48 10.48 -72.81
N ARG TB 76 -81.95 9.34 -72.35
CA ARG TB 76 -80.51 9.28 -72.14
C ARG TB 76 -79.76 8.91 -73.40
N PHE TB 77 -80.31 8.01 -74.22
CA PHE TB 77 -79.59 7.51 -75.38
C PHE TB 77 -80.00 8.20 -76.68
N GLY TB 78 -80.82 9.26 -76.60
CA GLY TB 78 -81.17 10.05 -77.78
C GLY TB 78 -82.05 9.35 -78.78
N PHE TB 79 -82.80 8.33 -78.36
CA PHE TB 79 -83.64 7.58 -79.29
C PHE TB 79 -84.91 8.38 -79.63
N PRO TB 80 -85.43 8.20 -80.85
CA PRO TB 80 -86.68 8.88 -81.23
C PRO TB 80 -87.91 8.36 -80.49
N GLU TB 81 -89.06 8.99 -80.74
CA GLU TB 81 -90.29 8.62 -80.07
C GLU TB 81 -90.82 7.30 -80.61
N GLY TB 82 -90.94 6.30 -79.74
CA GLY TB 82 -91.42 5.00 -80.14
C GLY TB 82 -90.44 4.15 -80.89
N SER TB 83 -89.15 4.51 -80.89
CA SER TB 83 -88.14 3.74 -81.60
C SER TB 83 -87.55 2.61 -80.76
N VAL TB 84 -87.86 2.55 -79.47
CA VAL TB 84 -87.38 1.50 -78.59
C VAL TB 84 -88.59 0.93 -77.85
N GLU TB 85 -88.55 -0.38 -77.61
CA GLU TB 85 -89.63 -1.08 -76.91
C GLU TB 85 -89.04 -2.10 -75.96
N LEU TB 86 -89.58 -2.13 -74.74
CA LEU TB 86 -89.13 -3.03 -73.68
C LEU TB 86 -90.20 -4.06 -73.36
N TYR TB 87 -89.76 -5.28 -73.05
CA TYR TB 87 -90.68 -6.36 -72.72
C TYR TB 87 -90.09 -7.20 -71.59
N ALA TB 88 -90.84 -7.35 -70.51
CA ALA TB 88 -90.37 -8.10 -69.35
C ALA TB 88 -90.81 -9.56 -69.45
N GLU TB 89 -89.87 -10.47 -69.18
CA GLU TB 89 -90.13 -11.91 -69.29
C GLU TB 89 -89.58 -12.63 -68.06
N LYS TB 90 -90.31 -13.65 -67.62
CA LYS TB 90 -89.98 -14.38 -66.41
C LYS TB 90 -88.86 -15.38 -66.66
N VAL TB 91 -87.93 -15.45 -65.72
CA VAL TB 91 -86.81 -16.39 -65.79
C VAL TB 91 -87.33 -17.80 -65.54
N ALA TB 92 -87.14 -18.68 -66.52
CA ALA TB 92 -87.39 -20.09 -66.29
C ALA TB 92 -86.23 -20.69 -65.50
N THR TB 93 -86.56 -21.63 -64.59
CA THR TB 93 -85.69 -22.31 -63.62
C THR TB 93 -84.66 -21.39 -62.97
N ARG TB 94 -85.14 -20.38 -62.22
CA ARG TB 94 -84.33 -19.31 -61.67
C ARG TB 94 -83.33 -19.76 -60.60
N GLY TB 95 -83.41 -21.00 -60.12
CA GLY TB 95 -82.45 -21.50 -59.16
C GLY TB 95 -81.05 -21.68 -59.71
N LEU TB 96 -80.92 -21.83 -61.03
CA LEU TB 96 -79.61 -21.94 -61.67
C LEU TB 96 -78.98 -20.59 -61.97
N CYS TB 97 -79.75 -19.50 -61.89
CA CYS TB 97 -79.19 -18.18 -62.14
C CYS TB 97 -78.34 -17.75 -60.94
N ALA TB 98 -77.08 -17.41 -61.19
CA ALA TB 98 -76.16 -17.12 -60.11
C ALA TB 98 -76.39 -15.74 -59.52
N ILE TB 99 -76.70 -14.74 -60.36
CA ILE TB 99 -76.90 -13.40 -59.83
C ILE TB 99 -78.25 -13.24 -59.15
N ALA TB 100 -79.23 -14.08 -59.49
CA ALA TB 100 -80.52 -14.03 -58.81
C ALA TB 100 -80.41 -14.60 -57.39
N GLN TB 101 -79.67 -15.69 -57.23
CA GLN TB 101 -79.42 -16.22 -55.89
C GLN TB 101 -78.52 -15.28 -55.09
N ALA TB 102 -77.62 -14.57 -55.77
CA ALA TB 102 -76.77 -13.60 -55.09
C ALA TB 102 -77.58 -12.40 -54.60
N GLU TB 103 -78.50 -11.90 -55.42
CA GLU TB 103 -79.32 -10.78 -54.96
C GLU TB 103 -80.32 -11.22 -53.90
N SER TB 104 -80.81 -12.45 -53.99
CA SER TB 104 -81.64 -13.01 -52.92
C SER TB 104 -80.87 -13.13 -51.61
N LEU TB 105 -79.61 -13.56 -51.68
CA LEU TB 105 -78.81 -13.72 -50.46
C LEU TB 105 -78.45 -12.38 -49.84
N ARG TB 106 -78.13 -11.36 -50.67
CA ARG TB 106 -77.80 -10.06 -50.08
C ARG TB 106 -79.04 -9.36 -49.54
N TYR TB 107 -80.22 -9.56 -50.16
CA TYR TB 107 -81.42 -9.02 -49.53
C TYR TB 107 -81.86 -9.80 -48.29
N LYS TB 108 -81.54 -11.09 -48.18
CA LYS TB 108 -81.75 -11.80 -46.92
C LYS TB 108 -80.84 -11.27 -45.82
N LEU TB 109 -79.55 -11.05 -46.14
CA LEU TB 109 -78.63 -10.49 -45.16
C LEU TB 109 -78.95 -9.05 -44.83
N LEU TB 110 -79.59 -8.32 -45.76
CA LEU TB 110 -80.02 -6.96 -45.47
C LEU TB 110 -81.28 -6.95 -44.61
N GLY TB 111 -82.18 -7.90 -44.81
CA GLY TB 111 -83.33 -8.03 -43.94
C GLY TB 111 -82.96 -8.48 -42.54
N GLY TB 112 -81.89 -9.27 -42.41
CA GLY TB 112 -81.36 -9.56 -41.09
C GLY TB 112 -81.24 -11.03 -40.75
N LEU TB 113 -81.35 -11.88 -41.77
CA LEU TB 113 -81.15 -13.31 -41.56
C LEU TB 113 -79.66 -13.59 -41.32
N ALA TB 114 -79.39 -14.60 -40.50
CA ALA TB 114 -78.02 -14.95 -40.15
C ALA TB 114 -77.28 -15.52 -41.35
N VAL TB 115 -75.95 -15.48 -41.28
CA VAL TB 115 -75.11 -15.83 -42.43
C VAL TB 115 -75.15 -17.33 -42.68
N ARG TB 116 -75.01 -18.14 -41.62
CA ARG TB 116 -74.99 -19.59 -41.75
C ARG TB 116 -76.35 -20.12 -42.21
N ARG TB 117 -77.43 -19.62 -41.58
CA ARG TB 117 -78.77 -20.04 -41.95
C ARG TB 117 -79.14 -19.59 -43.35
N ALA TB 118 -78.68 -18.39 -43.74
CA ALA TB 118 -78.97 -17.88 -45.08
C ALA TB 118 -78.22 -18.67 -46.15
N CYS TB 119 -76.96 -19.03 -45.89
CA CYS TB 119 -76.21 -19.84 -46.85
C CYS TB 119 -76.78 -21.26 -46.93
N TYR TB 120 -77.23 -21.80 -45.80
CA TYR TB 120 -77.89 -23.11 -45.81
C TYR TB 120 -79.19 -23.07 -46.60
N GLY TB 121 -79.97 -22.00 -46.45
CA GLY TB 121 -81.21 -21.87 -47.20
C GLY TB 121 -80.99 -21.71 -48.69
N VAL TB 122 -79.99 -20.92 -49.07
CA VAL TB 122 -79.68 -20.73 -50.49
C VAL TB 122 -79.16 -22.02 -51.11
N LEU TB 123 -78.28 -22.74 -50.40
CA LEU TB 123 -77.74 -24.00 -50.90
C LEU TB 123 -78.82 -25.06 -51.00
N ARG TB 124 -79.73 -25.12 -50.02
CA ARG TB 124 -80.83 -26.08 -50.06
C ARG TB 124 -81.81 -25.75 -51.18
N PHE TB 125 -82.06 -24.46 -51.42
CA PHE TB 125 -82.97 -24.06 -52.50
C PHE TB 125 -82.38 -24.39 -53.86
N ILE TB 126 -81.08 -24.17 -54.06
CA ILE TB 126 -80.53 -24.45 -55.38
C ILE TB 126 -80.28 -25.94 -55.58
N MET TB 127 -80.06 -26.72 -54.52
CA MET TB 127 -80.01 -28.17 -54.69
C MET TB 127 -81.39 -28.80 -54.84
N GLU TB 128 -82.44 -28.14 -54.35
CA GLU TB 128 -83.79 -28.57 -54.66
C GLU TB 128 -84.18 -28.21 -56.08
N SER TB 129 -83.71 -27.05 -56.56
CA SER TB 129 -83.94 -26.67 -57.95
C SER TB 129 -83.16 -27.55 -58.91
N GLY TB 130 -82.00 -28.06 -58.49
CA GLY TB 130 -81.24 -29.00 -59.29
C GLY TB 130 -80.08 -28.36 -60.02
N ALA TB 131 -78.87 -28.53 -59.47
CA ALA TB 131 -77.67 -27.98 -60.06
C ALA TB 131 -76.54 -28.98 -59.91
N LYS TB 132 -75.47 -28.76 -60.68
CA LYS TB 132 -74.33 -29.67 -60.64
C LYS TB 132 -73.48 -29.44 -59.40
N GLY TB 133 -73.33 -28.18 -59.00
CA GLY TB 133 -72.57 -27.85 -57.80
C GLY TB 133 -72.75 -26.39 -57.47
N CYS TB 134 -72.03 -25.96 -56.44
CA CYS TB 134 -72.14 -24.58 -55.99
C CYS TB 134 -70.85 -24.15 -55.31
N GLU TB 135 -70.75 -22.84 -55.09
CA GLU TB 135 -69.64 -22.25 -54.34
C GLU TB 135 -70.14 -20.93 -53.76
N VAL TB 136 -70.49 -20.95 -52.48
CA VAL TB 136 -71.01 -19.77 -51.78
C VAL TB 136 -69.90 -19.28 -50.86
N VAL TB 137 -69.22 -18.22 -51.28
CA VAL TB 137 -68.12 -17.64 -50.52
C VAL TB 137 -68.58 -16.26 -50.03
N VAL TB 138 -68.80 -16.14 -48.73
CA VAL TB 138 -69.22 -14.89 -48.12
C VAL TB 138 -68.02 -14.32 -47.39
N SER TB 139 -67.47 -13.23 -47.93
CA SER TB 139 -66.30 -12.57 -47.37
C SER TB 139 -66.72 -11.27 -46.70
N GLY TB 140 -66.15 -11.00 -45.54
CA GLY TB 140 -66.48 -9.79 -44.81
C GLY TB 140 -66.12 -9.96 -43.35
N LYS TB 141 -66.55 -8.98 -42.55
CA LYS TB 141 -66.34 -9.00 -41.11
C LYS TB 141 -67.47 -9.78 -40.46
N LEU TB 142 -67.12 -10.75 -39.62
CA LEU TB 142 -68.08 -11.59 -38.93
C LEU TB 142 -67.64 -11.76 -37.48
N ARG TB 143 -68.62 -11.68 -36.57
CA ARG TB 143 -68.50 -11.83 -35.10
C ARG TB 143 -67.31 -11.06 -34.51
N GLY TB 144 -67.03 -9.89 -35.04
CA GLY TB 144 -65.93 -9.07 -34.58
C GLY TB 144 -65.42 -8.18 -35.69
N GLN TB 145 -64.23 -7.65 -35.47
CA GLN TB 145 -63.60 -6.74 -36.43
C GLN TB 145 -62.70 -7.47 -37.42
N ARG TB 146 -62.23 -8.66 -37.09
CA ARG TB 146 -61.40 -9.43 -38.01
C ARG TB 146 -62.24 -9.99 -39.14
N ALA TB 147 -61.74 -9.89 -40.37
CA ALA TB 147 -62.45 -10.41 -41.53
C ALA TB 147 -62.40 -11.93 -41.53
N LYS TB 148 -63.57 -12.55 -41.49
CA LYS TB 148 -63.71 -14.00 -41.55
C LYS TB 148 -64.49 -14.39 -42.80
N SER TB 149 -63.91 -15.27 -43.61
CA SER TB 149 -64.50 -15.68 -44.88
C SER TB 149 -64.98 -17.12 -44.79
N MET TB 150 -66.22 -17.35 -45.18
CA MET TB 150 -66.82 -18.68 -45.19
C MET TB 150 -66.87 -19.23 -46.62
N LYS TB 151 -67.10 -20.54 -46.71
CA LYS TB 151 -67.14 -21.22 -48.01
C LYS TB 151 -67.95 -22.49 -47.86
N PHE TB 152 -69.03 -22.60 -48.65
CA PHE TB 152 -69.96 -23.74 -48.59
C PHE TB 152 -70.00 -24.38 -49.97
N VAL TB 153 -69.20 -25.43 -50.17
CA VAL TB 153 -69.05 -26.07 -51.47
C VAL TB 153 -69.39 -27.55 -51.34
N ASP TB 154 -70.35 -28.01 -52.13
CA ASP TB 154 -70.60 -29.44 -52.28
C ASP TB 154 -71.06 -29.72 -53.70
N GLY TB 155 -70.62 -30.87 -54.23
CA GLY TB 155 -70.93 -31.27 -55.59
C GLY TB 155 -69.79 -30.98 -56.54
N LEU TB 156 -70.07 -31.25 -57.81
CA LEU TB 156 -69.09 -31.06 -58.88
C LEU TB 156 -68.96 -29.58 -59.22
N MET TB 157 -67.72 -29.08 -59.20
CA MET TB 157 -67.43 -27.68 -59.55
C MET TB 157 -66.08 -27.60 -60.25
N ILE TB 158 -66.09 -27.07 -61.47
CA ILE TB 158 -64.86 -26.91 -62.25
C ILE TB 158 -64.33 -25.49 -62.06
N HIS TB 159 -63.02 -25.34 -62.23
CA HIS TB 159 -62.37 -24.06 -61.98
C HIS TB 159 -61.51 -23.59 -63.14
N SER TB 160 -60.87 -24.49 -63.85
CA SER TB 160 -59.84 -24.13 -64.82
C SER TB 160 -60.31 -24.42 -66.24
N GLY TB 161 -59.58 -23.85 -67.20
CA GLY TB 161 -59.79 -24.13 -68.60
C GLY TB 161 -60.81 -23.21 -69.24
N ASP TB 162 -60.96 -23.41 -70.55
CA ASP TB 162 -62.05 -22.79 -71.29
C ASP TB 162 -63.48 -23.12 -70.82
N PRO TB 163 -63.82 -24.32 -70.28
CA PRO TB 163 -65.20 -24.51 -69.77
C PRO TB 163 -65.64 -23.62 -68.62
N VAL TB 164 -64.74 -22.93 -67.91
CA VAL TB 164 -65.17 -22.02 -66.86
C VAL TB 164 -65.77 -20.74 -67.43
N ASN TB 165 -65.58 -20.49 -68.72
CA ASN TB 165 -66.14 -19.30 -69.35
C ASN TB 165 -67.64 -19.41 -69.56
N TYR TB 166 -68.13 -20.57 -70.04
CA TYR TB 166 -69.55 -20.67 -70.37
C TYR TB 166 -70.18 -21.99 -69.91
N TYR TB 167 -69.58 -22.68 -68.94
CA TYR TB 167 -70.23 -23.83 -68.31
C TYR TB 167 -70.63 -23.59 -66.86
N VAL TB 168 -70.08 -22.56 -66.21
CA VAL TB 168 -70.51 -22.15 -64.88
C VAL TB 168 -71.03 -20.72 -64.98
N ASP TB 169 -71.53 -20.21 -63.85
CA ASP TB 169 -71.97 -18.83 -63.75
C ASP TB 169 -71.44 -18.26 -62.45
N THR TB 170 -70.82 -17.08 -62.53
CA THR TB 170 -70.16 -16.44 -61.39
C THR TB 170 -70.86 -15.13 -61.09
N ALA TB 171 -71.19 -14.92 -59.81
CA ALA TB 171 -71.84 -13.71 -59.35
C ALA TB 171 -71.05 -13.13 -58.19
N VAL TB 172 -70.69 -11.86 -58.30
CA VAL TB 172 -69.97 -11.15 -57.25
C VAL TB 172 -70.82 -9.93 -56.88
N ARG TB 173 -71.35 -9.93 -55.66
CA ARG TB 173 -72.24 -8.87 -55.21
C ARG TB 173 -71.77 -8.33 -53.87
N HIS TB 174 -72.30 -7.17 -53.51
CA HIS TB 174 -72.00 -6.51 -52.25
C HIS TB 174 -73.26 -6.47 -51.40
N VAL TB 175 -73.08 -6.34 -50.09
CA VAL TB 175 -74.21 -6.08 -49.19
C VAL TB 175 -73.72 -5.10 -48.11
N LEU TB 176 -74.53 -4.08 -47.87
CA LEU TB 176 -74.18 -2.98 -46.98
C LEU TB 176 -74.87 -3.20 -45.64
N LEU TB 177 -74.16 -3.76 -44.68
CA LEU TB 177 -74.69 -3.94 -43.35
C LEU TB 177 -74.46 -2.67 -42.53
N ARG TB 178 -74.89 -2.71 -41.26
CA ARG TB 178 -74.70 -1.56 -40.38
C ARG TB 178 -73.25 -1.44 -39.95
N GLN TB 179 -72.57 -2.57 -39.76
CA GLN TB 179 -71.20 -2.54 -39.27
C GLN TB 179 -70.19 -2.39 -40.41
N GLY TB 180 -70.39 -3.12 -41.50
CA GLY TB 180 -69.50 -3.03 -42.63
C GLY TB 180 -70.16 -3.46 -43.91
N VAL TB 181 -69.34 -3.73 -44.92
CA VAL TB 181 -69.80 -4.18 -46.23
C VAL TB 181 -69.24 -5.57 -46.47
N LEU TB 182 -70.12 -6.53 -46.75
CA LEU TB 182 -69.72 -7.91 -46.99
C LEU TB 182 -69.83 -8.25 -48.47
N GLY TB 183 -68.92 -9.10 -48.93
CA GLY TB 183 -68.93 -9.56 -50.31
C GLY TB 183 -69.49 -10.96 -50.44
N ILE TB 184 -70.20 -11.20 -51.52
CA ILE TB 184 -70.88 -12.47 -51.77
C ILE TB 184 -70.44 -12.98 -53.13
N LYS TB 185 -69.82 -14.16 -53.15
CA LYS TB 185 -69.44 -14.84 -54.38
C LYS TB 185 -70.27 -16.11 -54.51
N VAL TB 186 -71.11 -16.16 -55.53
CA VAL TB 186 -71.95 -17.33 -55.82
C VAL TB 186 -71.54 -17.86 -57.18
N LYS TB 187 -70.91 -19.03 -57.19
CA LYS TB 187 -70.54 -19.71 -58.42
C LYS TB 187 -71.37 -20.98 -58.52
N ILE TB 188 -72.13 -21.11 -59.60
CA ILE TB 188 -73.04 -22.24 -59.80
C ILE TB 188 -72.66 -22.93 -61.10
N MET TB 189 -72.38 -24.23 -61.03
CA MET TB 189 -72.08 -25.02 -62.22
C MET TB 189 -73.38 -25.54 -62.81
N LEU TB 190 -73.62 -25.23 -64.09
CA LEU TB 190 -74.86 -25.64 -64.73
C LEU TB 190 -74.71 -27.04 -65.32
N PRO TB 191 -75.74 -27.88 -65.19
CA PRO TB 191 -75.70 -29.20 -65.81
C PRO TB 191 -75.93 -29.10 -67.32
N TRP TB 192 -75.60 -30.20 -68.00
CA TRP TB 192 -75.66 -30.25 -69.45
C TRP TB 192 -76.97 -30.88 -69.92
N ASP TB 193 -77.53 -30.32 -70.99
CA ASP TB 193 -78.71 -30.85 -71.65
C ASP TB 193 -78.51 -30.85 -73.16
N PRO TB 194 -79.08 -31.83 -73.86
CA PRO TB 194 -78.98 -31.81 -75.33
C PRO TB 194 -79.80 -30.71 -75.97
N SER TB 195 -80.85 -30.24 -75.30
CA SER TB 195 -81.70 -29.19 -75.88
C SER TB 195 -81.03 -27.82 -75.78
N GLY TB 196 -80.46 -27.50 -74.63
CA GLY TB 196 -79.82 -26.22 -74.42
C GLY TB 196 -80.65 -25.18 -73.69
N LYS TB 197 -81.74 -25.59 -73.04
CA LYS TB 197 -82.58 -24.66 -72.30
C LYS TB 197 -82.09 -24.46 -70.88
N ILE TB 198 -81.94 -25.54 -70.12
CA ILE TB 198 -81.49 -25.44 -68.73
C ILE TB 198 -79.98 -25.31 -68.64
N GLY TB 199 -79.24 -25.67 -69.68
CA GLY TB 199 -77.80 -25.60 -69.66
C GLY TB 199 -77.20 -25.38 -71.03
N PRO TB 200 -75.91 -25.68 -71.18
CA PRO TB 200 -75.25 -25.48 -72.47
C PRO TB 200 -75.58 -26.60 -73.45
N LYS TB 201 -75.22 -26.37 -74.71
CA LYS TB 201 -75.45 -27.34 -75.77
C LYS TB 201 -74.27 -28.28 -75.97
N LYS TB 202 -73.05 -27.74 -75.98
CA LYS TB 202 -71.87 -28.57 -76.11
C LYS TB 202 -71.61 -29.31 -74.81
N PRO TB 203 -71.27 -30.60 -74.86
CA PRO TB 203 -71.00 -31.35 -73.63
C PRO TB 203 -69.64 -31.01 -73.03
N LEU TB 204 -69.35 -31.67 -71.90
CA LEU TB 204 -68.08 -31.46 -71.22
C LEU TB 204 -66.96 -32.19 -71.97
N PRO TB 205 -65.74 -31.66 -71.96
CA PRO TB 205 -64.63 -32.35 -72.63
C PRO TB 205 -64.18 -33.61 -71.90
N ASP TB 206 -64.27 -33.64 -70.58
CA ASP TB 206 -63.83 -34.81 -69.82
C ASP TB 206 -64.82 -35.96 -69.92
N HIS TB 207 -66.10 -35.67 -70.07
CA HIS TB 207 -67.14 -36.70 -70.11
C HIS TB 207 -67.13 -37.36 -71.49
N VAL TB 208 -66.85 -38.66 -71.52
CA VAL TB 208 -66.87 -39.44 -72.75
C VAL TB 208 -68.17 -40.22 -72.77
N SER TB 209 -69.05 -39.88 -73.72
CA SER TB 209 -70.35 -40.53 -73.84
C SER TB 209 -70.21 -41.77 -74.70
N ILE TB 210 -70.56 -42.93 -74.14
CA ILE TB 210 -70.49 -44.21 -74.82
C ILE TB 210 -71.89 -44.82 -74.82
N VAL TB 211 -72.41 -45.11 -76.01
CA VAL TB 211 -73.74 -45.69 -76.11
C VAL TB 211 -73.68 -47.19 -75.85
N GLU TB 212 -74.84 -47.77 -75.58
CA GLU TB 212 -74.94 -49.20 -75.30
C GLU TB 212 -75.18 -49.97 -76.61
N PRO TB 213 -74.50 -51.10 -76.79
CA PRO TB 213 -74.75 -51.91 -78.00
C PRO TB 213 -76.09 -52.61 -77.93
N LYS TB 214 -76.75 -52.71 -79.07
CA LYS TB 214 -78.05 -53.39 -79.14
C LYS TB 214 -77.88 -54.89 -79.03
N ASP TB 215 -78.82 -55.53 -78.34
CA ASP TB 215 -78.76 -56.97 -78.08
C ASP TB 215 -79.13 -57.71 -79.36
N GLU TB 216 -78.12 -58.16 -80.09
CA GLU TB 216 -78.32 -58.90 -81.33
C GLU TB 216 -77.95 -60.36 -81.14
N ILE TB 217 -78.52 -61.22 -81.98
CA ILE TB 217 -78.28 -62.65 -81.95
C ILE TB 217 -77.56 -63.02 -83.24
N LEU TB 218 -76.41 -63.68 -83.10
CA LEU TB 218 -75.62 -64.07 -84.26
C LEU TB 218 -76.29 -65.25 -84.98
N PRO TB 219 -76.45 -65.19 -86.29
CA PRO TB 219 -77.09 -66.30 -87.01
C PRO TB 219 -76.10 -67.42 -87.33
N THR TB 220 -76.59 -68.65 -87.21
CA THR TB 220 -75.78 -69.84 -87.52
C THR TB 220 -76.29 -70.61 -88.73
N THR TB 221 -77.37 -70.15 -89.36
CA THR TB 221 -77.94 -70.80 -90.53
C THR TB 221 -78.18 -69.77 -91.62
N PRO TB 222 -77.63 -69.97 -92.83
CA PRO TB 222 -77.86 -68.99 -93.91
C PRO TB 222 -79.29 -69.00 -94.42
N ILE TB 223 -80.02 -67.91 -94.17
CA ILE TB 223 -81.39 -67.77 -94.64
C ILE TB 223 -81.49 -66.55 -95.54
N SER TB 224 -82.63 -66.42 -96.23
CA SER TB 224 -82.86 -65.31 -97.15
C SER TB 224 -84.11 -64.55 -96.74
N GLU TB 225 -84.21 -63.34 -97.28
CA GLU TB 225 -85.32 -62.41 -97.01
C GLU TB 225 -85.82 -61.84 -98.34
N GLN TB 226 -86.08 -62.72 -99.30
CA GLN TB 226 -86.46 -62.31 -100.65
C GLN TB 226 -87.91 -61.84 -100.66
N LYS TB 227 -88.14 -60.68 -101.30
CA LYS TB 227 -89.48 -60.14 -101.44
C LYS TB 227 -89.58 -59.40 -102.76
N GLY TB 228 -90.75 -59.46 -103.37
CA GLY TB 228 -91.00 -58.80 -104.65
C GLY TB 228 -90.33 -59.48 -105.83
N THR UB 1 -21.21 -28.11 -112.71
CA THR UB 1 -20.53 -29.27 -112.15
C THR UB 1 -21.47 -30.21 -111.37
N PRO UB 2 -22.14 -31.10 -112.10
CA PRO UB 2 -23.06 -32.03 -111.41
C PRO UB 2 -22.37 -33.16 -110.68
N ASP UB 3 -21.13 -33.49 -111.03
CA ASP UB 3 -20.44 -34.60 -110.38
C ASP UB 3 -19.83 -34.16 -109.05
N ILE UB 4 -18.91 -33.21 -109.09
CA ILE UB 4 -18.17 -32.77 -107.92
C ILE UB 4 -18.66 -31.38 -107.51
N LYS UB 5 -18.61 -31.09 -106.21
CA LYS UB 5 -19.05 -29.81 -105.68
C LYS UB 5 -17.86 -28.89 -105.50
N LEU UB 6 -17.97 -27.69 -106.05
CA LEU UB 6 -16.91 -26.68 -105.97
C LEU UB 6 -17.27 -25.68 -104.88
N PHE UB 7 -16.58 -25.76 -103.74
CA PHE UB 7 -16.74 -24.77 -102.68
C PHE UB 7 -16.12 -23.45 -103.12
N GLY UB 8 -16.92 -22.57 -103.71
CA GLY UB 8 -16.37 -21.42 -104.39
C GLY UB 8 -15.61 -21.88 -105.62
N LYS UB 9 -14.28 -21.81 -105.54
CA LYS UB 9 -13.41 -22.40 -106.54
C LYS UB 9 -12.62 -23.59 -105.99
N TRP UB 10 -13.02 -24.11 -104.83
CA TRP UB 10 -12.28 -25.16 -104.15
C TRP UB 10 -13.00 -26.50 -104.22
N SER UB 11 -12.23 -27.56 -104.44
CA SER UB 11 -12.79 -28.89 -104.60
C SER UB 11 -13.19 -29.48 -103.25
N THR UB 12 -14.10 -30.46 -103.31
CA THR UB 12 -14.47 -31.20 -102.12
C THR UB 12 -13.36 -32.15 -101.69
N ASP UB 13 -12.68 -32.76 -102.64
CA ASP UB 13 -11.67 -33.77 -102.38
C ASP UB 13 -10.35 -33.10 -101.99
N ASP UB 14 -9.29 -33.93 -101.95
CA ASP UB 14 -7.93 -33.56 -101.53
C ASP UB 14 -7.94 -33.00 -100.10
N VAL UB 15 -8.67 -33.70 -99.23
CA VAL UB 15 -8.75 -33.37 -97.80
C VAL UB 15 -8.26 -34.59 -97.04
N GLN UB 16 -7.07 -34.49 -96.47
CA GLN UB 16 -6.42 -35.60 -95.78
C GLN UB 16 -6.61 -35.41 -94.28
N ILE UB 17 -7.62 -36.06 -93.73
CA ILE UB 17 -7.87 -36.01 -92.29
C ILE UB 17 -6.89 -36.98 -91.63
N ASN UB 18 -5.86 -36.43 -90.97
CA ASN UB 18 -4.82 -37.28 -90.39
C ASN UB 18 -5.31 -37.96 -89.11
N ASP UB 19 -6.01 -37.24 -88.25
CA ASP UB 19 -6.48 -37.79 -86.99
C ASP UB 19 -7.69 -38.69 -87.23
N ILE UB 20 -7.58 -39.95 -86.79
CA ILE UB 20 -8.70 -40.88 -86.91
C ILE UB 20 -9.79 -40.60 -85.89
N SER UB 21 -9.49 -39.82 -84.86
CA SER UB 21 -10.48 -39.49 -83.84
C SER UB 21 -11.51 -38.47 -84.32
N LEU UB 22 -11.26 -37.80 -85.44
CA LEU UB 22 -12.10 -36.69 -85.87
C LEU UB 22 -12.76 -36.93 -87.23
N GLN UB 23 -12.68 -38.16 -87.76
CA GLN UB 23 -13.17 -38.45 -89.10
C GLN UB 23 -14.69 -38.40 -89.19
N ASP UB 24 -15.40 -38.61 -88.08
CA ASP UB 24 -16.84 -38.47 -88.04
C ASP UB 24 -17.30 -37.07 -87.64
N TYR UB 25 -16.49 -36.34 -86.87
CA TYR UB 25 -16.87 -35.05 -86.35
C TYR UB 25 -16.43 -33.89 -87.23
N ILE UB 26 -15.55 -34.12 -88.20
CA ILE UB 26 -15.24 -33.14 -89.24
C ILE UB 26 -16.04 -33.55 -90.47
N ALA UB 27 -17.12 -32.82 -90.75
CA ALA UB 27 -18.03 -33.14 -91.85
C ALA UB 27 -17.72 -32.20 -93.02
N VAL UB 28 -16.74 -32.60 -93.82
CA VAL UB 28 -16.28 -31.77 -94.92
C VAL UB 28 -16.18 -32.61 -96.19
N LYS UB 29 -16.23 -33.93 -96.03
CA LYS UB 29 -15.92 -34.87 -97.11
C LYS UB 29 -17.19 -35.47 -97.68
N GLU UB 30 -17.52 -35.08 -98.92
CA GLU UB 30 -18.37 -35.80 -99.88
C GLU UB 30 -19.87 -35.76 -99.53
N LYS UB 31 -20.22 -35.26 -98.36
CA LYS UB 31 -21.64 -35.23 -98.03
C LYS UB 31 -22.13 -33.86 -97.57
N TYR UB 32 -21.33 -33.14 -96.79
CA TYR UB 32 -21.77 -31.88 -96.19
C TYR UB 32 -21.04 -30.67 -96.76
N ALA UB 33 -20.20 -30.86 -97.76
CA ALA UB 33 -19.60 -29.74 -98.47
C ALA UB 33 -20.62 -29.11 -99.41
N LYS UB 34 -20.59 -27.79 -99.51
CA LYS UB 34 -21.54 -27.04 -100.33
C LYS UB 34 -20.77 -25.99 -101.11
N TYR UB 35 -21.51 -25.07 -101.73
CA TYR UB 35 -20.88 -23.97 -102.45
C TYR UB 35 -20.46 -22.86 -101.50
N LEU UB 36 -21.36 -22.43 -100.63
CA LEU UB 36 -21.11 -21.44 -99.60
C LEU UB 36 -21.52 -21.99 -98.25
N PRO UB 37 -20.86 -21.59 -97.16
CA PRO UB 37 -21.23 -22.13 -95.83
C PRO UB 37 -22.51 -21.54 -95.27
N HIS UB 38 -23.15 -20.57 -95.93
CA HIS UB 38 -24.39 -20.01 -95.44
C HIS UB 38 -25.52 -21.00 -95.58
N SER UB 39 -26.40 -21.05 -94.58
CA SER UB 39 -27.51 -21.98 -94.58
C SER UB 39 -28.66 -21.37 -93.79
N ALA UB 40 -29.72 -22.17 -93.56
CA ALA UB 40 -30.89 -21.68 -92.86
C ALA UB 40 -30.79 -21.92 -91.35
N GLY UB 41 -30.66 -23.17 -90.95
CA GLY UB 41 -30.59 -23.51 -89.53
C GLY UB 41 -30.78 -24.98 -89.25
N ARG UB 42 -31.45 -25.28 -88.12
CA ARG UB 42 -31.94 -26.59 -87.68
C ARG UB 42 -30.80 -27.50 -87.19
N TYR UB 43 -29.54 -27.09 -87.37
CA TYR UB 43 -28.40 -27.94 -86.98
C TYR UB 43 -28.21 -28.05 -85.48
N ALA UB 44 -28.84 -27.20 -84.68
CA ALA UB 44 -28.66 -27.23 -83.23
C ALA UB 44 -29.97 -27.58 -82.52
N ALA UB 45 -30.81 -28.40 -83.15
CA ALA UB 45 -32.05 -28.85 -82.53
C ALA UB 45 -31.83 -30.08 -81.65
N LYS UB 46 -31.09 -31.05 -82.16
CA LYS UB 46 -30.80 -32.28 -81.44
C LYS UB 46 -29.38 -32.18 -80.86
N ARG UB 47 -29.05 -33.13 -79.98
CA ARG UB 47 -27.75 -33.13 -79.30
C ARG UB 47 -26.59 -33.36 -80.27
N PHE UB 48 -26.60 -34.51 -80.95
CA PHE UB 48 -25.52 -34.86 -81.86
C PHE UB 48 -25.79 -34.45 -83.30
N ARG UB 49 -26.77 -33.57 -83.52
CA ARG UB 49 -26.98 -33.00 -84.84
C ARG UB 49 -25.98 -31.89 -85.14
N LYS UB 50 -25.33 -31.36 -84.11
CA LYS UB 50 -24.32 -30.32 -84.28
C LYS UB 50 -23.06 -30.87 -84.95
N ALA UB 51 -22.80 -32.17 -84.80
CA ALA UB 51 -21.63 -32.76 -85.44
C ALA UB 51 -21.79 -32.88 -86.95
N GLN UB 52 -23.02 -32.99 -87.43
CA GLN UB 52 -23.28 -33.08 -88.87
C GLN UB 52 -23.18 -31.73 -89.58
N CYS UB 53 -23.07 -30.63 -88.84
CA CYS UB 53 -22.85 -29.32 -89.45
C CYS UB 53 -21.43 -29.23 -89.97
N PRO UB 54 -21.23 -28.69 -91.18
CA PRO UB 54 -19.86 -28.56 -91.71
C PRO UB 54 -19.04 -27.53 -90.95
N ILE UB 55 -17.73 -27.74 -90.94
CA ILE UB 55 -16.83 -26.99 -90.08
C ILE UB 55 -16.66 -25.55 -90.56
N VAL UB 56 -16.85 -25.30 -91.86
CA VAL UB 56 -16.77 -23.94 -92.36
C VAL UB 56 -18.00 -23.15 -91.92
N GLU UB 57 -19.17 -23.79 -91.93
CA GLU UB 57 -20.37 -23.17 -91.38
C GLU UB 57 -20.26 -22.97 -89.87
N ARG UB 58 -19.55 -23.87 -89.18
CA ARG UB 58 -19.36 -23.71 -87.73
C ARG UB 58 -18.43 -22.54 -87.42
N LEU UB 59 -17.37 -22.35 -88.22
CA LEU UB 59 -16.53 -21.17 -88.08
C LEU UB 59 -17.30 -19.89 -88.43
N THR UB 60 -18.12 -19.95 -89.48
CA THR UB 60 -18.99 -18.85 -89.86
C THR UB 60 -19.94 -18.46 -88.74
N ASN UB 61 -20.52 -19.44 -88.07
CA ASN UB 61 -21.47 -19.16 -86.99
C ASN UB 61 -20.77 -18.75 -85.70
N SER UB 62 -19.56 -19.22 -85.47
CA SER UB 62 -18.83 -18.86 -84.25
C SER UB 62 -18.11 -17.52 -84.37
N MET UB 63 -17.93 -17.01 -85.60
CA MET UB 63 -17.23 -15.74 -85.75
C MET UB 63 -18.06 -14.56 -85.27
N MET UB 64 -19.37 -14.59 -85.51
CA MET UB 64 -20.23 -13.45 -85.16
C MET UB 64 -20.50 -13.45 -83.66
N MET UB 65 -19.86 -12.52 -82.94
CA MET UB 65 -19.95 -12.43 -81.49
C MET UB 65 -19.96 -10.96 -81.07
N HIS UB 66 -20.09 -10.75 -79.75
CA HIS UB 66 -19.90 -9.46 -79.07
C HIS UB 66 -20.89 -8.39 -79.51
N GLY UB 67 -22.17 -8.74 -79.48
CA GLY UB 67 -23.23 -7.76 -79.55
C GLY UB 67 -23.45 -7.10 -80.89
N ARG UB 68 -22.48 -6.30 -81.33
CA ARG UB 68 -22.63 -5.51 -82.54
C ARG UB 68 -22.52 -6.35 -83.80
N ASN UB 69 -22.00 -7.57 -83.71
CA ASN UB 69 -21.78 -8.42 -84.87
C ASN UB 69 -22.68 -9.65 -84.89
N ASN UB 70 -23.49 -9.86 -83.86
CA ASN UB 70 -24.39 -11.01 -83.80
C ASN UB 70 -25.53 -10.82 -84.80
N GLY UB 71 -25.51 -11.61 -85.87
CA GLY UB 71 -26.54 -11.53 -86.87
C GLY UB 71 -26.07 -10.98 -88.20
N LYS UB 72 -24.80 -11.20 -88.55
CA LYS UB 72 -24.26 -10.80 -89.86
C LYS UB 72 -23.58 -12.02 -90.46
N LYS UB 73 -24.39 -12.91 -91.02
CA LYS UB 73 -23.86 -14.19 -91.49
C LYS UB 73 -23.34 -14.08 -92.91
N LEU UB 74 -23.99 -13.28 -93.76
CA LEU UB 74 -23.47 -12.96 -95.08
C LEU UB 74 -22.13 -12.25 -94.96
N MET UB 75 -22.03 -11.36 -93.97
CA MET UB 75 -20.82 -10.57 -93.76
C MET UB 75 -19.67 -11.44 -93.25
N THR UB 76 -19.95 -12.37 -92.34
CA THR UB 76 -18.86 -13.26 -91.93
C THR UB 76 -18.58 -14.37 -92.95
N VAL UB 77 -19.52 -14.68 -93.85
CA VAL UB 77 -19.20 -15.52 -95.00
C VAL UB 77 -18.21 -14.81 -95.92
N ARG UB 78 -18.41 -13.49 -96.12
CA ARG UB 78 -17.43 -12.68 -96.85
C ARG UB 78 -16.06 -12.71 -96.15
N ILE UB 79 -16.06 -12.63 -94.82
CA ILE UB 79 -14.81 -12.69 -94.04
C ILE UB 79 -14.10 -14.02 -94.24
N VAL UB 80 -14.83 -15.13 -94.12
CA VAL UB 80 -14.24 -16.46 -94.25
C VAL UB 80 -13.75 -16.72 -95.67
N LYS UB 81 -14.46 -16.19 -96.67
CA LYS UB 81 -14.06 -16.36 -98.06
C LYS UB 81 -12.76 -15.61 -98.36
N HIS UB 82 -12.68 -14.35 -97.93
CA HIS UB 82 -11.44 -13.60 -98.14
C HIS UB 82 -10.29 -14.14 -97.29
N ALA UB 83 -10.61 -14.71 -96.13
CA ALA UB 83 -9.56 -15.34 -95.32
C ALA UB 83 -9.03 -16.61 -95.98
N PHE UB 84 -9.91 -17.38 -96.63
CA PHE UB 84 -9.45 -18.54 -97.40
C PHE UB 84 -8.59 -18.12 -98.59
N GLU UB 85 -8.94 -16.98 -99.21
CA GLU UB 85 -8.11 -16.44 -100.28
C GLU UB 85 -6.72 -16.06 -99.78
N ILE UB 86 -6.64 -15.44 -98.60
CA ILE UB 86 -5.34 -15.06 -98.05
C ILE UB 86 -4.54 -16.29 -97.62
N ILE UB 87 -5.22 -17.33 -97.11
CA ILE UB 87 -4.56 -18.58 -96.73
C ILE UB 87 -3.95 -19.26 -97.96
N HIS UB 88 -4.69 -19.27 -99.08
CA HIS UB 88 -4.13 -19.87 -100.29
C HIS UB 88 -3.01 -19.01 -100.88
N LEU UB 89 -3.14 -17.69 -100.82
CA LEU UB 89 -2.09 -16.84 -101.40
C LEU UB 89 -0.85 -16.74 -100.53
N LEU UB 90 -0.91 -17.18 -99.27
CA LEU UB 90 0.32 -17.32 -98.48
C LEU UB 90 0.89 -18.73 -98.53
N THR UB 91 0.09 -19.75 -98.19
CA THR UB 91 0.61 -21.11 -98.11
C THR UB 91 0.78 -21.73 -99.49
N GLY UB 92 -0.27 -21.69 -100.31
CA GLY UB 92 -0.25 -22.36 -101.59
C GLY UB 92 -0.93 -23.72 -101.60
N GLU UB 93 -1.51 -24.13 -100.48
CA GLU UB 93 -2.21 -25.40 -100.35
C GLU UB 93 -3.71 -25.15 -100.25
N ASN UB 94 -4.46 -26.21 -100.00
CA ASN UB 94 -5.90 -26.12 -99.84
C ASN UB 94 -6.22 -25.46 -98.51
N PRO UB 95 -6.96 -24.34 -98.49
CA PRO UB 95 -7.30 -23.70 -97.21
C PRO UB 95 -8.17 -24.55 -96.32
N LEU UB 96 -8.98 -25.45 -96.89
CA LEU UB 96 -9.74 -26.40 -96.08
C LEU UB 96 -8.80 -27.37 -95.37
N GLN UB 97 -7.76 -27.84 -96.07
CA GLN UB 97 -6.76 -28.70 -95.44
C GLN UB 97 -5.96 -27.95 -94.38
N VAL UB 98 -5.68 -26.66 -94.62
CA VAL UB 98 -5.00 -25.83 -93.61
C VAL UB 98 -5.88 -25.67 -92.38
N LEU UB 99 -7.19 -25.52 -92.57
CA LEU UB 99 -8.09 -25.36 -91.43
C LEU UB 99 -8.24 -26.67 -90.66
N VAL UB 100 -8.27 -27.81 -91.36
CA VAL UB 100 -8.36 -29.11 -90.68
C VAL UB 100 -7.07 -29.39 -89.89
N ASN UB 101 -5.91 -29.06 -90.47
CA ASN UB 101 -4.65 -29.19 -89.75
C ASN UB 101 -4.58 -28.23 -88.56
N ALA UB 102 -5.19 -27.04 -88.69
CA ALA UB 102 -5.25 -26.10 -87.59
C ALA UB 102 -6.11 -26.63 -86.44
N ILE UB 103 -7.25 -27.26 -86.77
CA ILE UB 103 -8.10 -27.88 -85.76
C ILE UB 103 -7.36 -29.01 -85.05
N ILE UB 104 -6.66 -29.85 -85.81
CA ILE UB 104 -5.95 -30.99 -85.23
C ILE UB 104 -4.79 -30.52 -84.35
N ASN UB 105 -4.01 -29.54 -84.82
CA ASN UB 105 -2.86 -29.06 -84.07
C ASN UB 105 -3.21 -28.04 -83.00
N SER UB 106 -4.46 -27.57 -82.93
CA SER UB 106 -4.86 -26.61 -81.91
C SER UB 106 -5.84 -27.16 -80.90
N GLY UB 107 -6.48 -28.29 -81.16
CA GLY UB 107 -7.40 -28.88 -80.22
C GLY UB 107 -6.70 -29.53 -79.05
N PRO UB 108 -7.02 -29.08 -77.83
CA PRO UB 108 -6.35 -29.63 -76.65
C PRO UB 108 -6.85 -31.03 -76.31
N ARG UB 109 -5.90 -31.91 -76.00
CA ARG UB 109 -6.20 -33.31 -75.73
C ARG UB 109 -6.59 -33.57 -74.29
N GLU UB 110 -6.42 -32.60 -73.40
CA GLU UB 110 -6.79 -32.77 -71.99
C GLU UB 110 -7.26 -31.42 -71.45
N ASP UB 111 -7.91 -31.48 -70.29
CA ASP UB 111 -8.45 -30.29 -69.67
C ASP UB 111 -8.57 -30.56 -68.17
N SER UB 112 -8.82 -29.51 -67.40
CA SER UB 112 -9.01 -29.62 -65.96
C SER UB 112 -10.47 -29.37 -65.62
N THR UB 113 -10.93 -30.00 -64.54
CA THR UB 113 -12.33 -29.90 -64.13
C THR UB 113 -12.43 -30.12 -62.62
N ARG UB 114 -13.63 -29.87 -62.10
CA ARG UB 114 -13.90 -30.02 -60.67
C ARG UB 114 -14.85 -31.19 -60.48
N ILE UB 115 -14.49 -32.09 -59.56
CA ILE UB 115 -15.33 -33.24 -59.25
C ILE UB 115 -15.92 -33.09 -57.85
N ARG UB 122 -8.68 -27.24 -55.81
CA ARG UB 122 -8.35 -28.62 -56.17
C ARG UB 122 -9.14 -29.07 -57.40
N ARG UB 123 -8.45 -29.20 -58.54
CA ARG UB 123 -9.05 -29.63 -59.78
C ARG UB 123 -8.26 -30.81 -60.33
N GLN UB 124 -8.95 -31.67 -61.08
CA GLN UB 124 -8.35 -32.88 -61.64
C GLN UB 124 -8.39 -32.82 -63.16
N ALA UB 125 -7.40 -33.46 -63.78
CA ALA UB 125 -7.24 -33.43 -65.23
C ALA UB 125 -7.89 -34.65 -65.86
N VAL UB 126 -8.79 -34.42 -66.82
CA VAL UB 126 -9.44 -35.47 -67.59
C VAL UB 126 -9.32 -35.13 -69.07
N ASP UB 127 -9.44 -36.16 -69.90
CA ASP UB 127 -9.44 -35.93 -71.34
C ASP UB 127 -10.84 -35.56 -71.81
N VAL UB 128 -10.91 -34.99 -73.00
CA VAL UB 128 -12.15 -34.40 -73.50
C VAL UB 128 -12.72 -35.26 -74.62
N SER UB 129 -13.99 -35.00 -74.94
CA SER UB 129 -14.63 -35.58 -76.10
C SER UB 129 -14.01 -35.00 -77.38
N PRO UB 130 -14.03 -35.74 -78.49
CA PRO UB 130 -13.51 -35.17 -79.74
C PRO UB 130 -14.36 -34.03 -80.28
N LEU UB 131 -15.70 -34.10 -80.12
CA LEU UB 131 -16.55 -32.98 -80.49
C LEU UB 131 -16.28 -31.77 -79.61
N ARG UB 132 -16.07 -32.00 -78.30
CA ARG UB 132 -15.69 -30.93 -77.38
C ARG UB 132 -14.33 -30.34 -77.75
N ARG UB 133 -13.41 -31.17 -78.28
CA ARG UB 133 -12.11 -30.69 -78.68
C ARG UB 133 -12.20 -29.84 -79.94
N VAL UB 134 -13.07 -30.22 -80.90
CA VAL UB 134 -13.33 -29.39 -82.07
C VAL UB 134 -13.96 -28.07 -81.67
N ASN UB 135 -14.89 -28.11 -80.70
CA ASN UB 135 -15.54 -26.89 -80.20
C ASN UB 135 -14.52 -25.95 -79.55
N GLN UB 136 -13.64 -26.51 -78.71
CA GLN UB 136 -12.62 -25.72 -78.04
C GLN UB 136 -11.62 -25.14 -79.01
N ALA UB 137 -11.25 -25.91 -80.05
CA ALA UB 137 -10.30 -25.43 -81.04
C ALA UB 137 -10.88 -24.28 -81.86
N ILE UB 138 -12.14 -24.41 -82.29
CA ILE UB 138 -12.81 -23.34 -83.04
C ILE UB 138 -12.95 -22.09 -82.17
N TRP UB 139 -13.31 -22.25 -80.90
CA TRP UB 139 -13.47 -21.10 -80.02
C TRP UB 139 -12.15 -20.40 -79.74
N LEU UB 140 -11.07 -21.17 -79.56
CA LEU UB 140 -9.77 -20.57 -79.30
C LEU UB 140 -9.21 -19.85 -80.54
N LEU UB 141 -9.40 -20.43 -81.73
CA LEU UB 141 -8.89 -19.74 -82.92
C LEU UB 141 -9.72 -18.51 -83.26
N CYS UB 142 -11.03 -18.55 -83.00
CA CYS UB 142 -11.86 -17.36 -83.22
C CYS UB 142 -11.52 -16.27 -82.20
N THR UB 143 -11.25 -16.65 -80.95
CA THR UB 143 -10.86 -15.68 -79.94
C THR UB 143 -9.49 -15.07 -80.26
N GLY UB 144 -8.57 -15.88 -80.78
CA GLY UB 144 -7.27 -15.36 -81.18
C GLY UB 144 -7.36 -14.43 -82.38
N ALA UB 145 -8.22 -14.76 -83.35
CA ALA UB 145 -8.41 -13.88 -84.50
C ALA UB 145 -9.07 -12.56 -84.10
N ARG UB 146 -10.04 -12.61 -83.20
CA ARG UB 146 -10.70 -11.38 -82.76
C ARG UB 146 -9.78 -10.53 -81.89
N GLU UB 147 -8.92 -11.17 -81.09
CA GLU UB 147 -7.94 -10.45 -80.29
C GLU UB 147 -6.87 -9.81 -81.17
N ALA UB 148 -6.49 -10.49 -82.25
CA ALA UB 148 -5.50 -9.91 -83.16
C ALA UB 148 -6.10 -8.79 -84.00
N ALA UB 149 -7.39 -8.86 -84.32
CA ALA UB 149 -8.02 -7.83 -85.13
C ALA UB 149 -8.58 -6.67 -84.32
N PHE UB 150 -8.67 -6.81 -83.00
CA PHE UB 150 -9.17 -5.73 -82.15
C PHE UB 150 -8.09 -4.65 -82.02
N ARG UB 151 -8.42 -3.42 -82.45
CA ARG UB 151 -7.54 -2.25 -82.42
C ARG UB 151 -6.24 -2.49 -83.19
N ASN UB 152 -6.38 -2.71 -84.50
CA ASN UB 152 -5.24 -3.03 -85.33
C ASN UB 152 -5.54 -2.61 -86.77
N ILE UB 153 -4.47 -2.26 -87.49
CA ILE UB 153 -4.59 -1.96 -88.91
C ILE UB 153 -4.88 -3.24 -89.68
N LYS UB 154 -4.32 -4.36 -89.23
CA LYS UB 154 -4.51 -5.66 -89.86
C LYS UB 154 -5.96 -6.11 -89.73
N THR UB 155 -6.58 -6.44 -90.86
CA THR UB 155 -8.02 -6.70 -90.92
C THR UB 155 -8.36 -8.06 -90.32
N ILE UB 156 -9.67 -8.31 -90.21
CA ILE UB 156 -10.17 -9.53 -89.58
C ILE UB 156 -9.86 -10.75 -90.45
N ALA UB 157 -9.91 -10.59 -91.78
CA ALA UB 157 -9.59 -11.71 -92.67
C ALA UB 157 -8.12 -12.06 -92.61
N GLU UB 158 -7.25 -11.05 -92.58
CA GLU UB 158 -5.82 -11.28 -92.45
C GLU UB 158 -5.45 -11.89 -91.10
N CYS UB 159 -6.13 -11.44 -90.04
CA CYS UB 159 -5.85 -12.00 -88.71
C CYS UB 159 -6.34 -13.44 -88.59
N LEU UB 160 -7.51 -13.75 -89.15
CA LEU UB 160 -8.01 -15.12 -89.11
C LEU UB 160 -7.16 -16.03 -89.98
N ALA UB 161 -6.66 -15.52 -91.11
CA ALA UB 161 -5.75 -16.28 -91.95
C ALA UB 161 -4.43 -16.55 -91.24
N ASP UB 162 -3.88 -15.53 -90.55
CA ASP UB 162 -2.63 -15.71 -89.82
C ASP UB 162 -2.80 -16.67 -88.66
N GLU UB 163 -3.95 -16.63 -87.98
CA GLU UB 163 -4.19 -17.56 -86.88
C GLU UB 163 -4.33 -19.00 -87.37
N LEU UB 164 -5.05 -19.22 -88.48
CA LEU UB 164 -5.18 -20.58 -89.00
C LEU UB 164 -3.86 -21.11 -89.56
N ILE UB 165 -3.06 -20.25 -90.20
CA ILE UB 165 -1.79 -20.71 -90.75
C ILE UB 165 -0.78 -20.98 -89.63
N ASN UB 166 -0.76 -20.13 -88.59
CA ASN UB 166 0.13 -20.38 -87.47
C ASN UB 166 -0.31 -21.59 -86.64
N ALA UB 167 -1.62 -21.87 -86.59
CA ALA UB 167 -2.08 -23.06 -85.90
C ALA UB 167 -1.79 -24.32 -86.70
N ALA UB 168 -1.85 -24.25 -88.03
CA ALA UB 168 -1.49 -25.41 -88.84
C ALA UB 168 0.01 -25.65 -88.85
N LYS UB 169 0.80 -24.58 -88.72
CA LYS UB 169 2.25 -24.73 -88.65
C LYS UB 169 2.70 -25.23 -87.28
N GLY UB 170 2.09 -24.73 -86.21
CA GLY UB 170 2.48 -25.14 -84.88
C GLY UB 170 3.75 -24.49 -84.38
N SER UB 171 3.97 -23.22 -84.72
CA SER UB 171 5.17 -22.51 -84.32
C SER UB 171 4.99 -21.74 -83.02
N SER UB 172 3.94 -22.04 -82.26
CA SER UB 172 3.61 -21.42 -80.96
C SER UB 172 3.46 -19.91 -81.06
N ASN UB 173 3.00 -19.41 -82.21
CA ASN UB 173 2.76 -18.00 -82.41
C ASN UB 173 1.27 -17.65 -82.32
N SER UB 174 0.41 -18.59 -82.65
CA SER UB 174 -1.04 -18.36 -82.59
C SER UB 174 -1.52 -18.34 -81.14
N TYR UB 175 -2.53 -17.50 -80.90
CA TYR UB 175 -3.12 -17.41 -79.56
C TYR UB 175 -3.85 -18.68 -79.18
N ALA UB 176 -4.42 -19.39 -80.17
CA ALA UB 176 -5.05 -20.68 -79.89
C ALA UB 176 -4.03 -21.72 -79.49
N ILE UB 177 -2.85 -21.72 -80.14
CA ILE UB 177 -1.77 -22.63 -79.77
C ILE UB 177 -1.23 -22.28 -78.39
N LYS UB 178 -1.15 -20.99 -78.08
CA LYS UB 178 -0.66 -20.55 -76.77
C LYS UB 178 -1.62 -20.93 -75.65
N LYS UB 179 -2.93 -20.77 -75.88
CA LYS UB 179 -3.90 -21.18 -74.86
C LYS UB 179 -3.99 -22.70 -74.77
N LYS UB 180 -3.75 -23.42 -75.86
CA LYS UB 180 -3.70 -24.88 -75.80
C LYS UB 180 -2.52 -25.36 -74.96
N ASP UB 181 -1.35 -24.73 -75.15
CA ASP UB 181 -0.18 -25.06 -74.33
C ASP UB 181 -0.38 -24.66 -72.88
N GLU UB 182 -1.09 -23.55 -72.62
CA GLU UB 182 -1.36 -23.12 -71.26
C GLU UB 182 -2.31 -24.09 -70.56
N LEU UB 183 -3.38 -24.52 -71.24
CA LEU UB 183 -4.29 -25.50 -70.66
C LEU UB 183 -3.63 -26.86 -70.47
N GLU UB 184 -2.72 -27.24 -71.38
CA GLU UB 184 -1.98 -28.49 -71.21
C GLU UB 184 -1.03 -28.41 -70.01
N ARG UB 185 -0.40 -27.25 -69.80
CA ARG UB 185 0.48 -27.08 -68.65
C ARG UB 185 -0.30 -27.08 -67.33
N VAL UB 186 -1.46 -26.42 -67.32
CA VAL UB 186 -2.31 -26.41 -66.11
C VAL UB 186 -2.84 -27.80 -65.81
N ALA UB 187 -3.22 -28.55 -66.85
CA ALA UB 187 -3.72 -29.91 -66.64
C ALA UB 187 -2.62 -30.87 -66.21
N LYS UB 188 -1.39 -30.67 -66.71
CA LYS UB 188 -0.27 -31.46 -66.22
C LYS UB 188 0.09 -31.09 -64.78
N SER UB 189 -0.16 -29.83 -64.40
CA SER UB 189 0.11 -29.40 -63.03
C SER UB 189 -0.88 -30.01 -62.05
N ASN UB 190 -2.18 -29.84 -62.31
CA ASN UB 190 -3.18 -30.31 -61.33
C ASN UB 190 -3.67 -31.73 -61.60
N ARG UB 191 -2.74 -32.66 -61.75
CA ARG UB 191 -3.10 -34.06 -61.92
C ARG UB 191 -2.22 -34.94 -61.05
N MET VB 1 -79.58 28.51 -53.81
CA MET VB 1 -79.83 28.51 -55.24
C MET VB 1 -80.88 29.53 -55.65
N LEU VB 2 -80.44 30.74 -55.98
CA LEU VB 2 -81.34 31.73 -56.56
C LEU VB 2 -81.52 31.35 -58.03
N MET VB 3 -82.75 31.09 -58.40
CA MET VB 3 -83.00 30.61 -59.75
C MET VB 3 -83.91 31.57 -60.49
N PRO VB 4 -83.77 31.66 -61.81
CA PRO VB 4 -84.74 32.42 -62.60
C PRO VB 4 -86.10 31.73 -62.58
N LYS VB 5 -87.16 32.55 -62.49
CA LYS VB 5 -88.51 32.01 -62.42
C LYS VB 5 -88.91 31.35 -63.73
N LYS VB 6 -88.44 31.88 -64.86
CA LYS VB 6 -88.73 31.28 -66.16
C LYS VB 6 -88.09 29.90 -66.28
N ASN VB 7 -86.83 29.76 -65.87
CA ASN VB 7 -86.17 28.45 -65.90
C ASN VB 7 -86.78 27.49 -64.89
N ARG VB 8 -87.22 27.99 -63.73
CA ARG VB 8 -87.86 27.13 -62.74
C ARG VB 8 -89.19 26.59 -63.24
N ILE VB 9 -90.00 27.46 -63.84
CA ILE VB 9 -91.28 27.05 -64.44
C ILE VB 9 -91.04 26.10 -65.62
N ALA VB 10 -89.97 26.32 -66.39
CA ALA VB 10 -89.68 25.43 -67.52
C ALA VB 10 -89.25 24.03 -67.06
N ILE VB 11 -88.41 23.95 -66.03
CA ILE VB 11 -87.98 22.66 -65.52
C ILE VB 11 -89.13 21.93 -64.83
N TYR VB 12 -89.97 22.65 -64.09
CA TYR VB 12 -91.15 22.03 -63.49
C TYR VB 12 -92.18 21.62 -64.54
N GLU VB 13 -92.25 22.35 -65.65
CA GLU VB 13 -93.16 21.97 -66.73
C GLU VB 13 -92.67 20.74 -67.47
N LEU VB 14 -91.35 20.61 -67.63
CA LEU VB 14 -90.79 19.38 -68.19
C LEU VB 14 -91.01 18.21 -67.25
N LEU VB 15 -90.84 18.44 -65.94
CA LEU VB 15 -91.06 17.40 -64.94
C LEU VB 15 -92.53 17.00 -64.86
N PHE VB 16 -93.44 17.92 -65.20
CA PHE VB 16 -94.86 17.60 -65.20
C PHE VB 16 -95.31 16.92 -66.49
N LYS VB 17 -94.74 17.32 -67.64
CA LYS VB 17 -95.11 16.66 -68.89
C LYS VB 17 -94.46 15.29 -69.04
N GLU VB 18 -93.37 15.04 -68.30
CA GLU VB 18 -92.86 13.68 -68.16
C GLU VB 18 -92.26 13.57 -66.77
N GLY VB 19 -92.78 12.64 -65.97
CA GLY VB 19 -92.40 12.58 -64.57
C GLY VB 19 -90.95 12.13 -64.36
N VAL VB 20 -90.53 11.09 -65.07
CA VAL VB 20 -89.13 10.68 -65.02
C VAL VB 20 -88.28 11.64 -65.83
N MET VB 21 -87.20 12.13 -65.21
CA MET VB 21 -86.32 13.08 -65.89
C MET VB 21 -84.86 12.73 -65.61
N VAL VB 22 -84.01 12.96 -66.61
CA VAL VB 22 -82.59 12.64 -66.54
C VAL VB 22 -81.80 13.94 -66.38
N ALA VB 23 -80.57 13.80 -65.90
CA ALA VB 23 -79.61 14.91 -65.93
C ALA VB 23 -78.21 14.34 -65.97
N LYS VB 24 -77.27 15.17 -66.41
CA LYS VB 24 -75.88 14.82 -66.60
C LYS VB 24 -75.05 15.39 -65.44
N LYS VB 25 -74.15 14.57 -64.90
CA LYS VB 25 -73.31 15.02 -63.79
C LYS VB 25 -72.21 15.91 -64.34
N ASP VB 26 -72.54 17.19 -64.49
CA ASP VB 26 -71.57 18.20 -64.91
C ASP VB 26 -72.11 19.56 -64.49
N VAL VB 27 -71.42 20.21 -63.56
CA VAL VB 27 -71.82 21.55 -63.14
C VAL VB 27 -71.55 22.56 -64.25
N HIS VB 28 -70.52 22.34 -65.05
CA HIS VB 28 -70.06 23.31 -66.04
C HIS VB 28 -70.74 23.05 -67.39
N MET VB 29 -72.05 23.27 -67.41
CA MET VB 29 -72.84 23.13 -68.62
C MET VB 29 -73.68 24.38 -68.86
N PRO VB 30 -73.56 25.02 -70.03
CA PRO VB 30 -74.39 26.20 -70.32
C PRO VB 30 -75.86 25.85 -70.49
N LYS VB 31 -76.17 24.85 -71.30
CA LYS VB 31 -77.54 24.49 -71.62
C LYS VB 31 -77.78 23.01 -71.35
N HIS VB 32 -79.01 22.70 -70.97
CA HIS VB 32 -79.40 21.31 -70.77
C HIS VB 32 -79.52 20.63 -72.14
N PRO VB 33 -79.02 19.39 -72.27
CA PRO VB 33 -79.02 18.75 -73.61
C PRO VB 33 -80.39 18.32 -74.11
N GLU VB 34 -81.38 18.19 -73.24
CA GLU VB 34 -82.72 17.83 -73.68
C GLU VB 34 -83.54 19.06 -74.06
N LEU VB 35 -83.60 20.05 -73.18
CA LEU VB 35 -84.33 21.29 -73.45
C LEU VB 35 -83.30 22.34 -73.84
N ALA VB 36 -83.01 22.40 -75.14
CA ALA VB 36 -82.04 23.34 -75.68
C ALA VB 36 -82.67 24.63 -76.17
N ASP VB 37 -83.94 24.88 -75.80
CA ASP VB 37 -84.61 26.10 -76.22
C ASP VB 37 -84.29 27.24 -75.24
N LYS VB 38 -84.47 27.00 -73.95
CA LYS VB 38 -84.23 28.01 -72.93
C LYS VB 38 -82.77 27.94 -72.48
N ASN VB 39 -82.44 28.64 -71.40
CA ASN VB 39 -81.09 28.56 -70.85
C ASN VB 39 -80.91 27.25 -70.07
N VAL VB 40 -81.69 27.09 -69.00
CA VAL VB 40 -81.80 25.95 -68.06
C VAL VB 40 -80.48 25.23 -67.77
N PRO VB 41 -79.57 25.82 -67.00
CA PRO VB 41 -78.28 25.19 -66.74
C PRO VB 41 -78.40 23.92 -65.91
N ASN VB 42 -77.45 23.00 -66.15
CA ASN VB 42 -77.50 21.68 -65.55
C ASN VB 42 -77.30 21.72 -64.04
N LEU VB 43 -76.55 22.71 -63.54
CA LEU VB 43 -76.42 22.87 -62.10
C LEU VB 43 -77.75 23.29 -61.47
N HIS VB 44 -78.50 24.16 -62.15
CA HIS VB 44 -79.84 24.52 -61.68
C HIS VB 44 -80.79 23.33 -61.72
N VAL VB 45 -80.66 22.50 -62.77
CA VAL VB 45 -81.50 21.30 -62.89
C VAL VB 45 -81.22 20.32 -61.75
N MET VB 46 -79.92 20.07 -61.49
CA MET VB 46 -79.52 19.13 -60.45
C MET VB 46 -79.91 19.62 -59.07
N LYS VB 47 -79.73 20.92 -58.80
CA LYS VB 47 -80.07 21.41 -57.47
C LYS VB 47 -81.57 21.54 -57.26
N ALA VB 48 -82.34 21.84 -58.32
CA ALA VB 48 -83.80 21.85 -58.17
C ALA VB 48 -84.35 20.46 -57.94
N MET VB 49 -83.83 19.46 -58.66
CA MET VB 49 -84.27 18.09 -58.41
C MET VB 49 -83.76 17.56 -57.08
N GLN VB 50 -82.62 18.04 -56.60
CA GLN VB 50 -82.16 17.65 -55.26
C GLN VB 50 -83.02 18.29 -54.18
N SER VB 51 -83.51 19.51 -54.43
CA SER VB 51 -84.45 20.14 -53.49
C SER VB 51 -85.80 19.41 -53.50
N LEU VB 52 -86.21 18.88 -54.65
CA LEU VB 52 -87.40 18.04 -54.69
C LEU VB 52 -87.15 16.69 -54.02
N LYS VB 53 -85.92 16.18 -54.07
CA LYS VB 53 -85.61 14.87 -53.52
C LYS VB 53 -85.50 14.90 -51.99
N SER VB 54 -84.96 15.98 -51.45
CA SER VB 54 -84.65 16.04 -50.02
C SER VB 54 -85.90 16.06 -49.15
N ARG VB 55 -87.02 16.55 -49.67
CA ARG VB 55 -88.28 16.49 -48.95
C ARG VB 55 -89.14 15.31 -49.39
N GLY VB 56 -88.56 14.33 -50.06
CA GLY VB 56 -89.21 13.06 -50.34
C GLY VB 56 -90.34 13.10 -51.35
N TYR VB 57 -90.10 13.71 -52.51
CA TYR VB 57 -91.10 13.76 -53.56
C TYR VB 57 -90.71 13.02 -54.84
N VAL VB 58 -89.53 12.40 -54.89
CA VAL VB 58 -89.04 11.80 -56.13
C VAL VB 58 -88.06 10.68 -55.75
N LYS VB 59 -87.79 9.79 -56.71
CA LYS VB 59 -86.93 8.63 -56.50
C LYS VB 59 -85.65 8.78 -57.31
N GLU VB 60 -84.52 8.38 -56.71
CA GLU VB 60 -83.19 8.63 -57.24
C GLU VB 60 -82.56 7.36 -57.81
N GLN VB 61 -81.86 7.50 -58.93
CA GLN VB 61 -81.07 6.40 -59.49
C GLN VB 61 -79.88 7.01 -60.23
N PHE VB 62 -78.83 6.21 -60.43
CA PHE VB 62 -77.59 6.69 -61.04
C PHE VB 62 -76.96 5.59 -61.90
N ALA VB 63 -76.59 5.93 -63.14
CA ALA VB 63 -75.85 5.02 -64.04
C ALA VB 63 -74.65 5.77 -64.64
N TRP VB 64 -73.57 5.81 -63.86
CA TRP VB 64 -72.17 6.12 -64.21
C TRP VB 64 -71.87 7.57 -64.58
N ARG VB 65 -72.84 8.32 -65.11
CA ARG VB 65 -72.66 9.75 -65.36
C ARG VB 65 -73.94 10.54 -65.19
N HIS VB 66 -75.07 9.91 -64.86
CA HIS VB 66 -76.38 10.52 -65.07
C HIS VB 66 -77.28 10.22 -63.89
N PHE VB 67 -77.95 11.26 -63.40
CA PHE VB 67 -78.91 11.13 -62.32
C PHE VB 67 -80.31 11.04 -62.89
N TYR VB 68 -81.05 10.02 -62.45
CA TYR VB 68 -82.38 9.69 -62.94
C TYR VB 68 -83.37 9.92 -61.81
N TRP VB 69 -84.49 10.57 -62.12
CA TRP VB 69 -85.52 10.84 -61.13
C TRP VB 69 -86.85 10.27 -61.59
N TYR VB 70 -87.44 9.44 -60.74
CA TYR VB 70 -88.77 8.84 -60.95
C TYR VB 70 -89.77 9.60 -60.09
N LEU VB 71 -90.70 10.30 -60.72
CA LEU VB 71 -91.62 11.17 -60.00
C LEU VB 71 -92.78 10.35 -59.44
N THR VB 72 -93.04 10.50 -58.14
CA THR VB 72 -94.10 9.76 -57.47
C THR VB 72 -95.40 10.56 -57.48
N ASN VB 73 -96.46 9.95 -56.94
CA ASN VB 73 -97.79 10.56 -56.96
C ASN VB 73 -97.87 11.78 -56.04
N GLU VB 74 -97.10 11.78 -54.95
CA GLU VB 74 -97.02 12.98 -54.11
C GLU VB 74 -96.35 14.13 -54.86
N GLY VB 75 -95.34 13.82 -55.68
CA GLY VB 75 -94.77 14.83 -56.55
C GLY VB 75 -95.72 15.30 -57.63
N ILE VB 76 -96.57 14.39 -58.14
CA ILE VB 76 -97.62 14.77 -59.08
C ILE VB 76 -98.59 15.76 -58.44
N GLN VB 77 -99.02 15.47 -57.21
CA GLN VB 77 -99.93 16.35 -56.50
C GLN VB 77 -99.28 17.69 -56.14
N TYR VB 78 -97.98 17.66 -55.81
CA TYR VB 78 -97.26 18.89 -55.50
C TYR VB 78 -97.09 19.78 -56.72
N LEU VB 79 -96.74 19.19 -57.87
CA LEU VB 79 -96.63 19.97 -59.10
C LEU VB 79 -97.99 20.46 -59.58
N ARG VB 80 -99.06 19.69 -59.33
CA ARG VB 80 -100.41 20.15 -59.66
C ARG VB 80 -100.81 21.35 -58.80
N ASP VB 81 -100.54 21.29 -57.49
CA ASP VB 81 -100.85 22.41 -56.61
C ASP VB 81 -99.96 23.61 -56.88
N TYR VB 82 -98.74 23.38 -57.39
CA TYR VB 82 -97.86 24.50 -57.71
C TYR VB 82 -98.27 25.19 -59.01
N LEU VB 83 -98.58 24.40 -60.04
CA LEU VB 83 -98.91 24.96 -61.35
C LEU VB 83 -100.37 25.35 -61.50
N HIS VB 84 -101.21 25.00 -60.51
CA HIS VB 84 -102.65 25.34 -60.48
C HIS VB 84 -103.39 24.77 -61.69
N LEU VB 85 -103.00 23.58 -62.11
CA LEU VB 85 -103.57 22.90 -63.27
C LEU VB 85 -104.69 21.95 -62.84
N PRO VB 86 -105.67 21.73 -63.72
CA PRO VB 86 -106.76 20.81 -63.38
C PRO VB 86 -106.26 19.37 -63.33
N PRO VB 87 -106.87 18.52 -62.50
CA PRO VB 87 -106.39 17.14 -62.36
C PRO VB 87 -106.82 16.19 -63.46
N GLU VB 88 -107.47 16.67 -64.52
CA GLU VB 88 -107.92 15.78 -65.58
C GLU VB 88 -106.76 15.36 -66.49
N ILE VB 89 -105.92 16.32 -66.88
CA ILE VB 89 -104.77 16.00 -67.72
C ILE VB 89 -103.70 15.29 -66.89
N VAL VB 90 -103.05 14.30 -67.49
CA VAL VB 90 -102.10 13.44 -66.79
C VAL VB 90 -100.76 13.52 -67.50
N PRO VB 91 -99.67 13.22 -66.80
CA PRO VB 91 -98.37 13.09 -67.47
C PRO VB 91 -98.33 11.89 -68.41
N ALA VB 92 -97.33 11.90 -69.30
CA ALA VB 92 -97.28 10.93 -70.39
C ALA VB 92 -96.80 9.55 -69.93
N THR VB 93 -96.25 9.44 -68.71
CA THR VB 93 -95.79 8.15 -68.24
C THR VB 93 -96.93 7.27 -67.72
N LEU VB 94 -98.11 7.85 -67.46
CA LEU VB 94 -99.29 7.07 -67.13
C LEU VB 94 -100.20 6.84 -68.33
N ARG VB 95 -99.77 7.20 -69.52
CA ARG VB 95 -100.60 7.11 -70.71
C ARG VB 95 -100.74 5.67 -71.15
N ARG VB 96 -101.93 5.31 -71.63
CA ARG VB 96 -102.18 3.99 -72.18
C ARG VB 96 -103.25 4.08 -73.25
N VAL WB 1 -118.21 44.10 -54.43
CA VAL WB 1 -117.40 43.66 -55.55
C VAL WB 1 -116.07 43.14 -55.05
N ASN WB 2 -115.96 42.97 -53.73
CA ASN WB 2 -114.72 42.47 -53.13
C ASN WB 2 -114.48 41.00 -53.49
N THR WB 3 -115.55 40.20 -53.60
CA THR WB 3 -115.39 38.81 -54.01
C THR WB 3 -114.96 38.70 -55.46
N ALA WB 4 -115.49 39.58 -56.32
CA ALA WB 4 -115.07 39.61 -57.72
C ALA WB 4 -113.62 40.08 -57.85
N LEU WB 5 -113.21 41.04 -57.01
CA LEU WB 5 -111.82 41.48 -57.00
C LEU WB 5 -110.90 40.37 -56.51
N GLN WB 6 -111.36 39.60 -55.52
CA GLN WB 6 -110.61 38.43 -55.04
C GLN WB 6 -110.46 37.38 -56.13
N GLU WB 7 -111.52 37.14 -56.90
CA GLU WB 7 -111.47 36.15 -57.97
C GLU WB 7 -110.55 36.59 -59.10
N VAL WB 8 -110.60 37.87 -59.47
CA VAL WB 8 -109.70 38.39 -60.51
C VAL WB 8 -108.26 38.38 -60.03
N LEU WB 9 -108.04 38.65 -58.73
CA LEU WB 9 -106.69 38.59 -58.17
C LEU WB 9 -106.15 37.16 -58.13
N LYS WB 10 -107.01 36.18 -57.84
CA LYS WB 10 -106.55 34.79 -57.83
C LYS WB 10 -106.29 34.28 -59.25
N THR WB 11 -107.10 34.69 -60.22
CA THR WB 11 -106.81 34.32 -61.60
C THR WB 11 -105.56 35.02 -62.13
N ALA WB 12 -105.28 36.23 -61.65
CA ALA WB 12 -104.03 36.89 -62.01
C ALA WB 12 -102.83 36.22 -61.37
N LEU WB 13 -102.98 35.72 -60.13
CA LEU WB 13 -101.92 34.91 -59.51
C LEU WB 13 -101.70 33.59 -60.25
N ILE WB 14 -102.76 33.02 -60.82
CA ILE WB 14 -102.60 31.80 -61.60
C ILE WB 14 -101.90 32.09 -62.93
N HIS WB 15 -102.41 33.08 -63.67
CA HIS WB 15 -101.86 33.37 -65.00
C HIS WB 15 -100.53 34.12 -64.97
N ASP WB 16 -100.11 34.62 -63.81
CA ASP WB 16 -98.81 35.28 -63.58
C ASP WB 16 -98.65 36.49 -64.50
N GLY WB 17 -99.52 37.48 -64.28
CA GLY WB 17 -99.51 38.70 -65.07
C GLY WB 17 -99.36 39.94 -64.22
N LEU WB 18 -99.65 39.83 -62.93
CA LEU WB 18 -99.60 40.98 -62.03
C LEU WB 18 -98.17 41.40 -61.74
N ALA WB 19 -97.96 42.70 -61.66
CA ALA WB 19 -96.65 43.29 -61.31
C ALA WB 19 -96.86 44.08 -60.03
N ARG WB 20 -96.76 43.40 -58.88
CA ARG WB 20 -97.02 44.02 -57.60
C ARG WB 20 -95.73 44.56 -56.99
N GLY WB 21 -95.89 45.31 -55.90
CA GLY WB 21 -94.82 46.13 -55.38
C GLY WB 21 -94.80 47.50 -56.03
N ILE WB 22 -94.13 48.44 -55.36
CA ILE WB 22 -94.14 49.82 -55.84
C ILE WB 22 -93.22 50.01 -57.04
N ARG WB 23 -92.09 49.28 -57.09
CA ARG WB 23 -91.17 49.43 -58.21
C ARG WB 23 -91.72 48.76 -59.47
N GLU WB 24 -92.25 47.54 -59.34
CA GLU WB 24 -92.92 46.91 -60.48
C GLU WB 24 -94.24 47.59 -60.82
N ALA WB 25 -94.86 48.28 -59.87
CA ALA WB 25 -96.01 49.12 -60.19
C ALA WB 25 -95.58 50.31 -61.05
N ALA WB 26 -94.43 50.90 -60.75
CA ALA WB 26 -93.90 51.96 -61.61
C ALA WB 26 -93.52 51.41 -62.98
N LYS WB 27 -93.02 50.16 -63.02
CA LYS WB 27 -92.75 49.48 -64.30
C LYS WB 27 -94.01 49.33 -65.13
N ALA WB 28 -95.10 48.86 -64.52
CA ALA WB 28 -96.35 48.66 -65.25
C ALA WB 28 -96.98 49.98 -65.66
N LEU WB 29 -96.93 50.99 -64.78
CA LEU WB 29 -97.51 52.30 -65.09
C LEU WB 29 -96.66 53.10 -66.07
N ASP WB 30 -95.39 52.75 -66.26
CA ASP WB 30 -94.58 53.40 -67.28
C ASP WB 30 -94.52 52.62 -68.58
N LYS WB 31 -94.82 51.32 -68.56
CA LYS WB 31 -94.89 50.52 -69.77
C LYS WB 31 -96.31 50.27 -70.24
N ARG WB 32 -97.31 50.88 -69.58
CA ARG WB 32 -98.72 50.86 -69.99
C ARG WB 32 -99.30 49.45 -70.01
N GLN WB 33 -98.88 48.62 -69.06
CA GLN WB 33 -99.41 47.28 -68.89
C GLN WB 33 -100.34 47.16 -67.69
N ALA WB 34 -100.84 48.29 -67.18
CA ALA WB 34 -101.66 48.32 -65.98
C ALA WB 34 -103.13 48.34 -66.37
N HIS WB 35 -103.90 47.39 -65.83
CA HIS WB 35 -105.34 47.36 -66.01
C HIS WB 35 -106.11 47.66 -64.74
N LEU WB 36 -105.55 47.35 -63.57
CA LEU WB 36 -106.21 47.60 -62.30
C LEU WB 36 -105.14 47.74 -61.23
N CYS WB 37 -105.38 48.64 -60.28
CA CYS WB 37 -104.50 48.85 -59.13
C CYS WB 37 -105.33 48.94 -57.87
N VAL WB 38 -104.85 48.29 -56.81
CA VAL WB 38 -105.51 48.33 -55.51
C VAL WB 38 -104.53 48.88 -54.48
N LEU WB 39 -105.04 49.76 -53.62
CA LEU WB 39 -104.25 50.56 -52.69
C LEU WB 39 -104.92 50.51 -51.32
N ALA WB 40 -104.11 50.31 -50.27
CA ALA WB 40 -104.64 50.32 -48.92
C ALA WB 40 -104.75 51.75 -48.40
N SER WB 41 -105.47 51.90 -47.29
CA SER WB 41 -105.76 53.19 -46.70
C SER WB 41 -105.17 53.27 -45.29
N ASN WB 42 -105.53 54.37 -44.59
CA ASN WB 42 -105.31 54.68 -43.17
C ASN WB 42 -103.94 54.24 -42.62
N CYS WB 43 -102.89 54.58 -43.37
CA CYS WB 43 -101.52 54.39 -42.92
C CYS WB 43 -100.80 55.72 -42.93
N ASP WB 44 -99.66 55.78 -42.23
CA ASP WB 44 -98.86 56.99 -42.13
C ASP WB 44 -97.87 57.05 -43.31
N GLU WB 45 -98.44 57.20 -44.50
CA GLU WB 45 -97.66 57.27 -45.75
C GLU WB 45 -98.15 58.44 -46.59
N PRO WB 46 -97.93 59.71 -46.14
CA PRO WB 46 -98.52 60.86 -46.84
C PRO WB 46 -97.93 61.13 -48.22
N MET WB 47 -96.60 61.24 -48.31
CA MET WB 47 -95.95 61.49 -49.59
C MET WB 47 -96.05 60.26 -50.49
N TYR WB 48 -96.05 59.07 -49.90
CA TYR WB 48 -96.21 57.84 -50.66
C TYR WB 48 -97.59 57.78 -51.32
N VAL WB 49 -98.64 58.10 -50.57
CA VAL WB 49 -99.98 58.03 -51.15
C VAL WB 49 -100.20 59.19 -52.12
N LYS WB 50 -99.51 60.32 -51.91
CA LYS WB 50 -99.64 61.42 -52.87
C LYS WB 50 -98.95 61.08 -54.19
N LEU WB 51 -97.76 60.46 -54.12
CA LEU WB 51 -97.06 60.03 -55.33
C LEU WB 51 -97.83 58.93 -56.07
N VAL WB 52 -98.38 57.95 -55.33
CA VAL WB 52 -99.05 56.86 -56.03
C VAL WB 52 -100.40 57.32 -56.57
N GLU WB 53 -101.06 58.31 -55.93
CA GLU WB 53 -102.29 58.84 -56.51
C GLU WB 53 -102.00 59.73 -57.70
N ALA WB 54 -100.85 60.41 -57.73
CA ALA WB 54 -100.46 61.16 -58.92
C ALA WB 54 -100.18 60.22 -60.09
N LEU WB 55 -99.42 59.15 -59.84
CA LEU WB 55 -99.11 58.19 -60.90
C LEU WB 55 -100.34 57.41 -61.35
N CYS WB 56 -101.33 57.23 -60.47
CA CYS WB 56 -102.55 56.54 -60.85
C CYS WB 56 -103.60 57.46 -61.46
N ALA WB 57 -103.54 58.76 -61.21
CA ALA WB 57 -104.39 59.72 -61.89
C ALA WB 57 -103.74 60.32 -63.11
N GLU WB 58 -102.52 59.87 -63.46
CA GLU WB 58 -101.86 60.28 -64.69
C GLU WB 58 -102.67 59.97 -65.95
N HIS WB 59 -102.88 58.69 -66.28
CA HIS WB 59 -103.61 58.35 -67.51
C HIS WB 59 -104.14 56.93 -67.43
N GLN WB 60 -105.49 56.80 -67.40
CA GLN WB 60 -106.23 55.59 -67.73
C GLN WB 60 -105.87 54.41 -66.81
N ILE WB 61 -106.18 54.57 -65.53
CA ILE WB 61 -105.83 53.58 -64.51
C ILE WB 61 -107.03 53.40 -63.59
N ASN WB 62 -107.52 52.16 -63.48
CA ASN WB 62 -108.64 51.84 -62.60
C ASN WB 62 -108.13 51.52 -61.20
N LEU WB 63 -108.88 51.99 -60.19
CA LEU WB 63 -108.41 51.98 -58.81
C LEU WB 63 -109.44 51.34 -57.88
N ILE WB 64 -108.92 50.57 -56.91
CA ILE WB 64 -109.69 50.02 -55.80
C ILE WB 64 -109.00 50.47 -54.52
N LYS WB 65 -109.78 51.00 -53.58
CA LYS WB 65 -109.27 51.48 -52.30
C LYS WB 65 -109.76 50.56 -51.19
N VAL WB 66 -108.84 49.81 -50.61
CA VAL WB 66 -109.15 48.92 -49.50
C VAL WB 66 -108.61 49.56 -48.23
N ASP WB 67 -108.99 49.02 -47.07
CA ASP WB 67 -108.67 49.66 -45.80
C ASP WB 67 -107.27 49.33 -45.31
N ASP WB 68 -106.96 48.05 -45.10
CA ASP WB 68 -105.81 47.65 -44.31
C ASP WB 68 -104.75 46.94 -45.15
N ASN WB 69 -103.48 47.22 -44.81
CA ASN WB 69 -102.35 46.46 -45.37
C ASN WB 69 -102.45 44.98 -44.99
N LYS WB 70 -102.89 44.69 -43.76
CA LYS WB 70 -103.04 43.31 -43.32
C LYS WB 70 -104.15 42.59 -44.08
N LYS WB 71 -105.25 43.29 -44.37
CA LYS WB 71 -106.33 42.70 -45.14
C LYS WB 71 -105.92 42.49 -46.59
N LEU WB 72 -105.14 43.42 -47.16
CA LEU WB 72 -104.65 43.25 -48.52
C LEU WB 72 -103.65 42.09 -48.61
N GLY WB 73 -102.82 41.94 -47.57
CA GLY WB 73 -101.89 40.82 -47.55
C GLY WB 73 -102.58 39.48 -47.37
N GLU WB 74 -103.63 39.45 -46.54
CA GLU WB 74 -104.43 38.24 -46.38
C GLU WB 74 -105.20 37.89 -47.65
N TRP WB 75 -105.62 38.90 -48.41
CA TRP WB 75 -106.30 38.64 -49.67
C TRP WB 75 -105.33 38.21 -50.77
N VAL WB 76 -104.09 38.70 -50.75
CA VAL WB 76 -103.17 38.29 -51.82
C VAL WB 76 -102.53 36.93 -51.51
N GLY WB 77 -102.33 36.60 -50.23
CA GLY WB 77 -101.86 35.29 -49.83
C GLY WB 77 -100.46 34.91 -50.27
N LEU WB 78 -99.45 35.57 -49.73
CA LEU WB 78 -98.06 35.35 -50.14
C LEU WB 78 -97.38 34.23 -49.35
N CYS WB 79 -97.52 34.24 -48.02
CA CYS WB 79 -96.80 33.33 -47.15
C CYS WB 79 -97.79 32.58 -46.26
N LYS WB 80 -98.81 32.02 -46.90
CA LYS WB 80 -99.86 31.27 -46.21
C LYS WB 80 -99.28 29.94 -45.74
N ILE WB 81 -98.97 29.86 -44.45
CA ILE WB 81 -98.52 28.63 -43.80
C ILE WB 81 -99.72 28.02 -43.10
N ASP WB 82 -99.80 26.68 -43.11
CA ASP WB 82 -100.92 25.89 -42.57
C ASP WB 82 -102.23 26.28 -43.27
N ARG WB 83 -102.27 25.90 -44.57
CA ARG WB 83 -103.43 26.20 -45.42
C ARG WB 83 -104.71 25.56 -44.91
N GLU WB 84 -104.61 24.43 -44.22
CA GLU WB 84 -105.77 23.82 -43.55
C GLU WB 84 -106.05 24.62 -42.28
N GLY WB 85 -106.73 25.75 -42.45
CA GLY WB 85 -106.97 26.68 -41.37
C GLY WB 85 -106.74 28.11 -41.78
N LYS WB 86 -105.92 28.84 -41.00
CA LYS WB 86 -105.65 30.25 -41.24
C LYS WB 86 -104.17 30.46 -41.59
N PRO WB 87 -103.85 31.49 -42.37
CA PRO WB 87 -102.44 31.81 -42.65
C PRO WB 87 -101.72 32.29 -41.39
N ARG WB 88 -100.54 31.72 -41.15
CA ARG WB 88 -99.82 31.98 -39.91
C ARG WB 88 -99.09 33.32 -39.95
N LYS WB 89 -98.15 33.48 -40.87
CA LYS WB 89 -97.31 34.67 -40.96
C LYS WB 89 -97.52 35.32 -42.33
N VAL WB 90 -98.30 36.39 -42.37
CA VAL WB 90 -98.61 37.09 -43.60
C VAL WB 90 -98.06 38.51 -43.50
N VAL WB 91 -97.72 39.08 -44.64
CA VAL WB 91 -97.13 40.41 -44.70
C VAL WB 91 -98.19 41.43 -45.06
N GLY WB 92 -97.86 42.71 -44.89
CA GLY WB 92 -98.78 43.78 -45.23
C GLY WB 92 -98.33 44.61 -46.41
N CYS WB 93 -99.01 44.46 -47.55
CA CYS WB 93 -98.69 45.19 -48.77
C CYS WB 93 -99.69 46.33 -48.97
N SER WB 94 -99.27 47.31 -49.76
CA SER WB 94 -100.08 48.49 -50.05
C SER WB 94 -100.51 48.58 -51.51
N CYS WB 95 -99.56 48.56 -52.44
CA CYS WB 95 -99.85 48.77 -53.85
C CYS WB 95 -99.77 47.43 -54.59
N VAL WB 96 -100.85 47.05 -55.27
CA VAL WB 96 -100.83 45.88 -56.15
C VAL WB 96 -101.42 46.27 -57.49
N VAL WB 97 -100.64 46.12 -58.56
CA VAL WB 97 -101.09 46.35 -59.92
C VAL WB 97 -101.19 44.99 -60.63
N VAL WB 98 -102.35 44.71 -61.21
CA VAL WB 98 -102.58 43.43 -61.85
C VAL WB 98 -102.74 43.62 -63.35
N LYS WB 99 -102.56 42.52 -64.08
CA LYS WB 99 -102.74 42.47 -65.53
C LYS WB 99 -103.43 41.15 -65.83
N ASP WB 100 -104.73 41.20 -66.06
CA ASP WB 100 -105.53 39.99 -66.28
C ASP WB 100 -105.31 39.51 -67.71
N TYR WB 101 -104.79 38.29 -67.85
CA TYR WB 101 -104.64 37.66 -69.15
C TYR WB 101 -105.91 36.91 -69.54
N GLY WB 102 -106.46 36.12 -68.63
CA GLY WB 102 -107.71 35.44 -68.85
C GLY WB 102 -108.90 36.29 -68.45
N LYS WB 103 -109.21 37.31 -69.26
CA LYS WB 103 -110.27 38.26 -68.94
C LYS WB 103 -111.68 37.70 -69.15
N GLU WB 104 -111.81 36.50 -69.74
CA GLU WB 104 -113.12 35.90 -69.97
C GLU WB 104 -113.64 35.34 -68.65
N SER WB 105 -114.25 36.23 -67.87
CA SER WB 105 -114.75 35.87 -66.55
C SER WB 105 -115.89 36.83 -66.19
N GLN WB 106 -116.86 36.28 -65.45
CA GLN WB 106 -117.99 37.10 -65.00
C GLN WB 106 -117.56 38.13 -63.96
N ALA WB 107 -116.53 37.80 -63.16
CA ALA WB 107 -115.99 38.78 -62.22
C ALA WB 107 -115.30 39.92 -62.95
N LYS WB 108 -114.55 39.61 -64.01
CA LYS WB 108 -113.94 40.66 -64.83
C LYS WB 108 -115.00 41.50 -65.52
N ASP WB 109 -116.09 40.86 -65.96
CA ASP WB 109 -117.19 41.59 -66.59
C ASP WB 109 -117.89 42.52 -65.62
N VAL WB 110 -118.12 42.07 -64.38
CA VAL WB 110 -118.83 42.92 -63.42
C VAL WB 110 -117.91 44.02 -62.89
N ILE WB 111 -116.59 43.79 -62.85
CA ILE WB 111 -115.68 44.87 -62.48
C ILE WB 111 -115.58 45.90 -63.60
N GLU WB 112 -115.62 45.45 -64.87
CA GLU WB 112 -115.66 46.38 -65.99
C GLU WB 112 -116.97 47.18 -66.00
N GLU WB 113 -118.09 46.54 -65.64
CA GLU WB 113 -119.36 47.26 -65.52
C GLU WB 113 -119.33 48.25 -64.35
N TYR WB 114 -118.65 47.89 -63.26
CA TYR WB 114 -118.58 48.78 -62.10
C TYR WB 114 -117.71 50.00 -62.38
N PHE WB 115 -116.63 49.82 -63.15
CA PHE WB 115 -115.84 50.98 -63.56
C PHE WB 115 -116.49 51.75 -64.71
N LYS WB 116 -117.38 51.13 -65.47
CA LYS WB 116 -118.15 51.87 -66.46
C LYS WB 116 -119.20 52.73 -65.78
N CYS WB 117 -119.81 52.22 -64.71
CA CYS WB 117 -120.80 53.00 -63.95
C CYS WB 117 -120.11 54.01 -63.04
N PHE XB 1 -19.67 54.40 -72.47
CA PHE XB 1 -19.46 55.56 -73.35
C PHE XB 1 -20.21 55.46 -74.65
N ARG XB 2 -19.91 54.40 -75.40
CA ARG XB 2 -20.65 54.14 -76.63
C ARG XB 2 -22.10 53.81 -76.30
N LYS XB 3 -22.99 54.20 -77.21
CA LYS XB 3 -24.40 53.88 -77.06
C LYS XB 3 -24.58 52.38 -77.21
N PHE XB 4 -25.50 51.81 -76.44
CA PHE XB 4 -25.79 50.39 -76.55
C PHE XB 4 -26.39 50.09 -77.91
N THR XB 5 -25.80 49.12 -78.60
CA THR XB 5 -26.12 48.85 -79.99
C THR XB 5 -27.04 47.65 -80.07
N TYR XB 6 -28.33 47.89 -79.93
CA TYR XB 6 -29.31 46.89 -80.33
C TYR XB 6 -29.27 46.77 -81.85
N ARG XB 7 -29.68 45.58 -82.35
CA ARG XB 7 -29.21 44.92 -83.58
C ARG XB 7 -28.84 45.83 -84.74
N GLY XB 8 -29.70 46.78 -85.07
CA GLY XB 8 -29.34 47.90 -85.93
C GLY XB 8 -30.10 49.13 -85.51
N VAL XB 9 -30.68 49.09 -84.31
CA VAL XB 9 -31.77 49.98 -83.90
C VAL XB 9 -31.36 50.70 -82.62
N ASP XB 10 -31.54 52.02 -82.61
CA ASP XB 10 -31.29 52.86 -81.45
C ASP XB 10 -32.50 52.81 -80.49
N LEU XB 11 -32.39 53.49 -79.35
CA LEU XB 11 -33.43 53.43 -78.34
C LEU XB 11 -34.67 54.22 -78.75
N ASP XB 12 -34.47 55.39 -79.37
CA ASP XB 12 -35.62 56.16 -79.86
C ASP XB 12 -36.33 55.43 -81.00
N GLN XB 13 -35.58 54.70 -81.83
CA GLN XB 13 -36.20 53.91 -82.88
C GLN XB 13 -36.88 52.67 -82.32
N LEU XB 14 -36.40 52.14 -81.18
CA LEU XB 14 -37.14 51.09 -80.48
C LEU XB 14 -38.43 51.64 -79.90
N LEU XB 15 -38.41 52.88 -79.42
CA LEU XB 15 -39.62 53.49 -78.86
C LEU XB 15 -40.64 53.79 -79.94
N ASP XB 16 -40.18 54.22 -81.11
CA ASP XB 16 -41.07 54.48 -82.26
C ASP XB 16 -40.85 53.41 -83.32
N MET XB 17 -41.58 52.31 -83.19
CA MET XB 17 -41.48 51.21 -84.14
C MET XB 17 -42.80 50.45 -84.20
N SER XB 18 -43.20 50.09 -85.42
CA SER XB 18 -44.38 49.26 -85.62
C SER XB 18 -44.14 47.83 -85.15
N TYR XB 19 -45.25 47.14 -84.86
CA TYR XB 19 -45.18 45.81 -84.28
C TYR XB 19 -44.69 44.78 -85.30
N GLU XB 20 -45.05 44.94 -86.57
CA GLU XB 20 -44.59 44.01 -87.60
C GLU XB 20 -43.09 44.14 -87.84
N GLN XB 21 -42.59 45.38 -87.86
CA GLN XB 21 -41.14 45.60 -87.92
C GLN XB 21 -40.44 45.06 -86.68
N LEU XB 22 -41.10 45.11 -85.52
CA LEU XB 22 -40.52 44.57 -84.29
C LEU XB 22 -40.42 43.04 -84.36
N MET XB 23 -41.48 42.38 -84.86
CA MET XB 23 -41.49 40.93 -85.03
C MET XB 23 -40.43 40.50 -86.03
N GLN XB 24 -40.30 41.22 -87.15
CA GLN XB 24 -39.24 40.94 -88.10
C GLN XB 24 -37.86 41.28 -87.54
N LEU XB 25 -37.80 42.16 -86.54
CA LEU XB 25 -36.52 42.55 -85.97
C LEU XB 25 -35.94 41.45 -85.09
N TYR XB 26 -36.69 41.00 -84.08
CA TYR XB 26 -36.05 40.03 -83.19
C TYR XB 26 -36.76 38.68 -83.18
N SER XB 27 -36.39 37.83 -82.20
CA SER XB 27 -36.26 36.38 -82.34
C SER XB 27 -37.59 35.65 -82.60
N ALA XB 28 -37.46 34.35 -82.84
CA ALA XB 28 -38.52 33.54 -83.47
C ALA XB 28 -39.64 33.20 -82.49
N ARG XB 29 -39.29 32.74 -81.28
CA ARG XB 29 -40.31 32.44 -80.28
C ARG XB 29 -41.09 33.68 -79.88
N GLN XB 30 -40.39 34.81 -79.77
CA GLN XB 30 -41.02 36.05 -79.38
C GLN XB 30 -41.91 36.60 -80.51
N ARG XB 31 -41.47 36.48 -81.76
CA ARG XB 31 -42.31 36.96 -82.86
C ARG XB 31 -43.48 36.03 -83.11
N ARG XB 32 -43.34 34.73 -82.78
CA ARG XB 32 -44.48 33.82 -82.90
C ARG XB 32 -45.52 34.11 -81.81
N ARG XB 33 -45.04 34.42 -80.60
CA ARG XB 33 -45.92 34.85 -79.52
C ARG XB 33 -46.66 36.14 -79.87
N LEU XB 34 -45.93 37.13 -80.41
CA LEU XB 34 -46.57 38.39 -80.78
C LEU XB 34 -47.48 38.25 -81.99
N SER XB 35 -47.18 37.32 -82.90
CA SER XB 35 -48.04 37.11 -84.06
C SER XB 35 -49.31 36.36 -83.67
N ARG XB 36 -49.23 35.45 -82.69
CA ARG XB 36 -50.45 34.86 -82.17
C ARG XB 36 -51.25 35.87 -81.36
N GLY XB 37 -50.57 36.81 -80.72
CA GLY XB 37 -51.22 37.99 -80.19
C GLY XB 37 -51.21 38.03 -78.67
N LEU XB 38 -51.62 39.19 -78.17
CA LEU XB 38 -51.64 39.47 -76.74
C LEU XB 38 -53.02 39.16 -76.17
N ARG XB 39 -53.17 39.38 -74.86
CA ARG XB 39 -54.44 39.26 -74.18
C ARG XB 39 -54.71 40.51 -73.36
N ARG XB 40 -56.01 40.74 -73.07
CA ARG XB 40 -56.42 41.96 -72.37
C ARG XB 40 -55.92 42.02 -70.94
N LYS XB 41 -55.63 40.87 -70.33
CA LYS XB 41 -55.02 40.84 -69.00
C LYS XB 41 -53.62 41.44 -69.02
N GLN XB 42 -52.93 41.34 -70.16
CA GLN XB 42 -51.63 41.98 -70.35
C GLN XB 42 -51.73 43.38 -70.95
N HIS XB 43 -52.80 43.66 -71.72
CA HIS XB 43 -53.05 45.02 -72.17
C HIS XB 43 -53.34 45.94 -70.99
N SER XB 44 -54.07 45.44 -69.99
CA SER XB 44 -54.28 46.20 -68.76
C SER XB 44 -52.98 46.43 -68.01
N LEU XB 45 -52.04 45.48 -68.09
CA LEU XB 45 -50.73 45.67 -67.48
C LEU XB 45 -49.93 46.74 -68.22
N LEU XB 46 -50.02 46.77 -69.55
CA LEU XB 46 -49.39 47.86 -70.31
C LEU XB 46 -50.01 49.21 -69.98
N LYS XB 47 -51.33 49.26 -69.77
CA LYS XB 47 -51.97 50.51 -69.38
C LYS XB 47 -51.54 50.95 -67.98
N ARG XB 48 -51.34 49.98 -67.07
CA ARG XB 48 -50.85 50.31 -65.73
C ARG XB 48 -49.41 50.80 -65.77
N LEU XB 49 -48.59 50.22 -66.65
CA LEU XB 49 -47.21 50.69 -66.82
C LEU XB 49 -47.15 52.08 -67.43
N ARG XB 50 -48.05 52.38 -68.38
CA ARG XB 50 -48.14 53.73 -68.93
C ARG XB 50 -48.60 54.72 -67.88
N LYS XB 51 -49.54 54.31 -67.01
CA LYS XB 51 -49.98 55.17 -65.92
C LYS XB 51 -48.86 55.43 -64.92
N ALA XB 52 -48.05 54.41 -64.63
CA ALA XB 52 -46.91 54.58 -63.73
C ALA XB 52 -45.84 55.48 -64.33
N LYS XB 53 -45.62 55.36 -65.65
CA LYS XB 53 -44.65 56.21 -66.32
C LYS XB 53 -45.11 57.67 -66.39
N LYS XB 54 -46.42 57.89 -66.59
CA LYS XB 54 -46.93 59.26 -66.59
C LYS XB 54 -47.00 59.86 -65.19
N GLU XB 55 -47.23 59.04 -64.17
CA GLU XB 55 -47.23 59.54 -62.79
C GLU XB 55 -45.83 59.59 -62.18
N ALA XB 56 -44.82 59.09 -62.87
CA ALA XB 56 -43.46 59.15 -62.34
C ALA XB 56 -42.91 60.57 -62.47
N PRO XB 57 -42.38 61.15 -61.40
CA PRO XB 57 -41.69 62.44 -61.50
C PRO XB 57 -40.38 62.31 -62.26
N PRO XB 58 -39.86 63.42 -62.82
CA PRO XB 58 -38.60 63.34 -63.59
C PRO XB 58 -37.37 62.97 -62.77
N MET XB 59 -37.16 63.67 -61.65
CA MET XB 59 -36.01 63.39 -60.79
C MET XB 59 -36.35 62.38 -59.69
N GLU XB 60 -36.95 61.25 -60.09
CA GLU XB 60 -37.34 60.21 -59.15
C GLU XB 60 -37.59 58.93 -59.93
N LYS XB 61 -37.23 57.79 -59.34
CA LYS XB 61 -37.56 56.48 -59.91
C LYS XB 61 -39.08 56.29 -59.93
N PRO XB 62 -39.61 55.56 -60.92
CA PRO XB 62 -41.05 55.37 -61.01
C PRO XB 62 -41.56 54.44 -59.92
N GLU XB 63 -42.89 54.40 -59.80
CA GLU XB 63 -43.53 53.60 -58.77
C GLU XB 63 -43.51 52.12 -59.17
N VAL XB 64 -43.94 51.28 -58.24
CA VAL XB 64 -43.77 49.83 -58.34
C VAL XB 64 -45.10 49.19 -58.70
N VAL XB 65 -45.14 48.50 -59.83
CA VAL XB 65 -46.28 47.65 -60.17
C VAL XB 65 -46.02 46.26 -59.62
N LYS XB 66 -47.08 45.46 -59.54
CA LYS XB 66 -46.99 44.11 -59.00
C LYS XB 66 -47.58 43.13 -60.01
N THR XB 67 -46.73 42.24 -60.54
CA THR XB 67 -47.14 41.34 -61.61
C THR XB 67 -46.99 39.89 -61.14
N HIS XB 68 -48.03 39.09 -61.39
CA HIS XB 68 -47.93 37.64 -61.28
C HIS XB 68 -47.80 36.98 -62.64
N LEU XB 69 -47.58 37.77 -63.69
CA LEU XB 69 -47.44 37.25 -65.05
C LEU XB 69 -45.95 37.10 -65.36
N ARG XB 70 -45.45 35.89 -65.16
CA ARG XB 70 -44.03 35.61 -65.42
C ARG XB 70 -43.72 35.56 -66.91
N ASP XB 71 -44.72 35.27 -67.73
CA ASP XB 71 -44.56 35.10 -69.17
C ASP XB 71 -44.90 36.39 -69.91
N MET XB 72 -44.21 37.46 -69.56
CA MET XB 72 -44.43 38.76 -70.17
C MET XB 72 -43.20 39.20 -70.94
N ILE XB 73 -43.41 39.58 -72.21
CA ILE XB 73 -42.31 40.02 -73.05
C ILE XB 73 -41.87 41.41 -72.61
N ILE XB 74 -40.57 41.57 -72.33
CA ILE XB 74 -40.04 42.88 -71.96
C ILE XB 74 -39.92 43.70 -73.25
N LEU XB 75 -40.84 44.62 -73.43
CA LEU XB 75 -40.97 45.49 -74.58
C LEU XB 75 -40.09 46.71 -74.41
N PRO XB 76 -39.69 47.38 -75.50
CA PRO XB 76 -38.98 48.66 -75.37
C PRO XB 76 -39.84 49.78 -74.82
N GLU XB 77 -41.16 49.67 -74.90
CA GLU XB 77 -42.03 50.61 -74.19
C GLU XB 77 -42.01 50.36 -72.69
N MET XB 78 -41.81 49.11 -72.29
CA MET XB 78 -41.82 48.72 -70.88
C MET XB 78 -40.62 49.24 -70.11
N VAL XB 79 -39.51 49.53 -70.81
CA VAL XB 79 -38.23 49.84 -70.18
C VAL XB 79 -38.31 51.16 -69.43
N GLY XB 80 -37.87 51.15 -68.17
CA GLY XB 80 -37.94 52.31 -67.32
C GLY XB 80 -39.08 52.24 -66.31
N SER XB 81 -39.22 51.08 -65.66
CA SER XB 81 -40.28 50.89 -64.69
C SER XB 81 -39.78 49.96 -63.58
N MET XB 82 -40.54 49.90 -62.50
CA MET XB 82 -40.24 49.07 -61.35
C MET XB 82 -41.32 47.99 -61.25
N VAL XB 83 -40.92 46.73 -61.38
CA VAL XB 83 -41.86 45.62 -61.45
C VAL XB 83 -41.57 44.63 -60.34
N GLY XB 84 -42.60 44.23 -59.61
CA GLY XB 84 -42.49 43.18 -58.62
C GLY XB 84 -42.97 41.87 -59.18
N VAL XB 85 -42.04 41.02 -59.58
CA VAL XB 85 -42.38 39.75 -60.22
C VAL XB 85 -42.69 38.73 -59.14
N TYR XB 86 -43.75 37.95 -59.36
CA TYR XB 86 -44.22 36.95 -58.40
C TYR XB 86 -43.58 35.61 -58.69
N ASN XB 87 -43.01 34.97 -57.66
CA ASN XB 87 -42.48 33.63 -57.79
C ASN XB 87 -43.41 32.59 -57.17
N GLY XB 88 -44.21 32.99 -56.20
CA GLY XB 88 -44.98 32.05 -55.43
C GLY XB 88 -45.09 32.46 -53.97
N LYS XB 89 -44.13 33.24 -53.49
CA LYS XB 89 -44.16 33.76 -52.12
C LYS XB 89 -44.18 35.28 -52.06
N THR XB 90 -43.21 35.94 -52.69
CA THR XB 90 -42.97 37.35 -52.49
C THR XB 90 -43.05 38.11 -53.82
N PHE XB 91 -42.70 39.39 -53.76
CA PHE XB 91 -42.73 40.29 -54.91
C PHE XB 91 -41.29 40.76 -55.13
N ASN XB 92 -40.58 40.10 -56.05
CA ASN XB 92 -39.18 40.43 -56.28
C ASN XB 92 -39.07 41.73 -57.07
N GLN XB 93 -38.38 42.70 -56.49
CA GLN XB 93 -38.22 44.02 -57.09
C GLN XB 93 -37.22 43.95 -58.24
N VAL XB 94 -37.63 44.40 -59.42
CA VAL XB 94 -36.83 44.38 -60.62
C VAL XB 94 -36.92 45.74 -61.29
N GLU XB 95 -35.77 46.40 -61.47
CA GLU XB 95 -35.65 47.49 -62.42
C GLU XB 95 -35.12 46.92 -63.73
N ILE XB 96 -35.57 47.48 -64.84
CA ILE XB 96 -35.27 46.93 -66.16
C ILE XB 96 -34.51 47.96 -66.98
N LYS XB 97 -33.27 47.60 -67.32
CA LYS XB 97 -32.44 48.39 -68.22
C LYS XB 97 -32.86 48.13 -69.67
N PRO XB 98 -32.38 48.93 -70.64
CA PRO XB 98 -32.69 48.61 -72.04
C PRO XB 98 -32.04 47.35 -72.60
N GLU XB 99 -31.16 46.70 -71.82
CA GLU XB 99 -30.62 45.40 -72.19
C GLU XB 99 -31.53 44.24 -71.79
N MET XB 100 -32.70 44.53 -71.20
CA MET XB 100 -33.66 43.50 -70.81
C MET XB 100 -34.57 43.08 -71.96
N ILE XB 101 -34.48 43.73 -73.11
CA ILE XB 101 -35.43 43.50 -74.20
C ILE XB 101 -35.14 42.16 -74.85
N GLY XB 102 -36.16 41.31 -74.91
CA GLY XB 102 -36.03 39.98 -75.46
C GLY XB 102 -36.06 38.86 -74.45
N HIS XB 103 -36.60 39.09 -73.26
CA HIS XB 103 -36.65 38.09 -72.21
C HIS XB 103 -38.00 38.16 -71.50
N TYR XB 104 -38.31 37.10 -70.77
CA TYR XB 104 -39.53 37.04 -69.97
C TYR XB 104 -39.23 37.49 -68.55
N LEU XB 105 -40.30 37.84 -67.82
CA LEU XB 105 -40.14 38.26 -66.44
C LEU XB 105 -39.87 37.10 -65.50
N GLY XB 106 -40.09 35.86 -65.95
CA GLY XB 106 -39.82 34.70 -65.11
C GLY XB 106 -38.35 34.41 -64.93
N GLU XB 107 -37.49 34.95 -65.79
CA GLU XB 107 -36.05 34.72 -65.66
C GLU XB 107 -35.46 35.55 -64.53
N PHE XB 108 -36.04 36.71 -64.23
CA PHE XB 108 -35.42 37.69 -63.36
C PHE XB 108 -35.91 37.61 -61.93
N SER XB 109 -36.48 36.47 -61.54
CA SER XB 109 -36.87 36.23 -60.15
C SER XB 109 -36.83 34.72 -59.93
N ILE XB 110 -36.00 34.27 -59.01
CA ILE XB 110 -35.84 32.84 -58.76
C ILE XB 110 -37.00 32.35 -57.90
N THR XB 111 -37.63 31.26 -58.33
CA THR XB 111 -38.73 30.67 -57.59
C THR XB 111 -38.21 29.85 -56.41
N TYR XB 112 -37.28 28.95 -56.68
CA TYR XB 112 -36.68 28.14 -55.63
C TYR XB 112 -35.55 28.91 -54.96
N LYS XB 113 -34.95 28.30 -53.95
CA LYS XB 113 -33.82 28.84 -53.23
C LYS XB 113 -32.56 28.04 -53.54
N PRO XB 114 -31.43 28.71 -53.79
CA PRO XB 114 -30.17 27.96 -54.00
C PRO XB 114 -29.73 27.23 -52.74
N VAL XB 115 -29.53 25.93 -52.87
CA VAL XB 115 -29.37 25.05 -51.72
C VAL XB 115 -27.94 25.11 -51.20
N LYS XB 116 -27.81 24.86 -49.90
CA LYS XB 116 -26.52 24.70 -49.24
C LYS XB 116 -26.60 23.41 -48.43
N HIS XB 117 -25.80 22.42 -48.80
CA HIS XB 117 -25.91 21.10 -48.18
C HIS XB 117 -25.27 21.08 -46.79
N GLY XB 118 -24.09 21.67 -46.63
CA GLY XB 118 -23.43 21.68 -45.35
C GLY XB 118 -23.74 22.92 -44.54
N ARG XB 119 -24.72 22.83 -43.65
CA ARG XB 119 -25.07 23.95 -42.78
C ARG XB 119 -24.12 24.10 -41.59
N PRO XB 120 -23.73 23.01 -40.86
CA PRO XB 120 -22.69 23.34 -39.87
C PRO XB 120 -21.30 23.39 -40.49
N SER YB 1 4.19 12.15 -108.06
CA SER YB 1 3.00 12.96 -107.81
C SER YB 1 2.55 12.84 -106.36
N LEU YB 2 2.67 11.64 -105.80
CA LEU YB 2 2.28 11.37 -104.42
C LEU YB 2 3.48 11.29 -103.49
N VAL YB 3 4.67 11.61 -103.96
CA VAL YB 3 5.86 11.71 -103.10
C VAL YB 3 5.81 13.07 -102.42
N ILE YB 4 6.66 13.26 -101.42
CA ILE YB 4 6.75 14.54 -100.70
C ILE YB 4 7.32 15.61 -101.63
N PRO YB 5 6.59 16.70 -101.88
CA PRO YB 5 7.12 17.74 -102.77
C PRO YB 5 8.07 18.67 -102.04
N GLU YB 6 8.49 19.74 -102.71
CA GLU YB 6 9.16 20.82 -102.02
C GLU YB 6 8.12 21.66 -101.26
N LYS YB 7 8.62 22.65 -100.50
CA LYS YB 7 7.86 23.61 -99.67
C LYS YB 7 6.78 22.94 -98.80
N PHE YB 8 7.04 21.71 -98.33
CA PHE YB 8 6.06 20.95 -97.57
C PHE YB 8 6.08 21.41 -96.12
N GLN YB 9 4.98 22.00 -95.66
CA GLN YB 9 4.88 22.52 -94.31
C GLN YB 9 4.21 21.49 -93.41
N HIS YB 10 4.83 21.22 -92.26
CA HIS YB 10 4.24 20.29 -91.29
C HIS YB 10 3.27 21.00 -90.36
N ILE YB 11 3.58 22.23 -89.96
CA ILE YB 11 2.76 23.01 -89.05
C ILE YB 11 2.38 24.31 -89.75
N LEU YB 12 1.10 24.46 -90.08
CA LEU YB 12 0.59 25.69 -90.65
C LEU YB 12 0.10 26.64 -89.56
N ARG YB 13 0.33 27.93 -89.79
CA ARG YB 13 -0.09 28.99 -88.87
C ARG YB 13 -1.21 29.76 -89.55
N VAL YB 14 -2.45 29.33 -89.31
CA VAL YB 14 -3.64 29.96 -89.88
C VAL YB 14 -4.57 30.31 -88.73
N LEU YB 15 -4.77 31.61 -88.50
CA LEU YB 15 -5.63 32.18 -87.46
C LEU YB 15 -5.25 31.66 -86.08
N ASN YB 16 -4.02 32.03 -85.67
CA ASN YB 16 -3.30 31.76 -84.42
C ASN YB 16 -3.58 30.39 -83.80
N THR YB 17 -3.55 29.35 -84.64
CA THR YB 17 -3.79 27.98 -84.22
C THR YB 17 -3.01 27.06 -85.14
N ASN YB 18 -2.22 26.16 -84.56
CA ASN YB 18 -1.37 25.29 -85.36
C ASN YB 18 -2.21 24.22 -86.07
N ILE YB 19 -1.90 23.99 -87.33
CA ILE YB 19 -2.59 23.00 -88.16
C ILE YB 19 -1.57 21.94 -88.56
N ASP YB 20 -1.89 20.68 -88.26
CA ASP YB 20 -1.03 19.57 -88.66
C ASP YB 20 -1.28 19.25 -90.13
N GLY YB 21 -0.22 19.27 -90.94
CA GLY YB 21 -0.31 18.94 -92.34
C GLY YB 21 -0.39 17.47 -92.65
N ARG YB 22 -0.28 16.62 -91.64
CA ARG YB 22 -0.44 15.18 -91.84
C ARG YB 22 -1.90 14.82 -92.14
N ARG YB 23 -2.83 15.63 -91.67
CA ARG YB 23 -4.25 15.39 -91.88
C ARG YB 23 -4.68 16.00 -93.22
N LYS YB 24 -5.83 15.54 -93.73
CA LYS YB 24 -6.43 16.10 -94.93
C LYS YB 24 -6.90 17.54 -94.64
N ILE YB 25 -7.13 18.31 -95.70
CA ILE YB 25 -7.45 19.73 -95.57
C ILE YB 25 -8.83 19.91 -94.93
N ALA YB 26 -9.81 19.14 -95.37
CA ALA YB 26 -11.20 19.29 -94.92
C ALA YB 26 -11.42 18.89 -93.47
N PHE YB 27 -10.43 18.28 -92.82
CA PHE YB 27 -10.51 17.94 -91.42
C PHE YB 27 -9.40 18.57 -90.60
N ALA YB 28 -8.38 19.14 -91.25
CA ALA YB 28 -7.36 19.92 -90.58
C ALA YB 28 -7.71 21.39 -90.46
N ILE YB 29 -8.65 21.86 -91.29
CA ILE YB 29 -9.25 23.17 -91.04
C ILE YB 29 -10.09 23.12 -89.76
N THR YB 30 -10.70 21.96 -89.47
CA THR YB 30 -11.58 21.79 -88.31
C THR YB 30 -10.87 21.89 -86.98
N ALA YB 31 -9.53 21.84 -86.94
CA ALA YB 31 -8.80 22.04 -85.70
C ALA YB 31 -8.90 23.48 -85.22
N ILE YB 32 -9.11 24.43 -86.13
CA ILE YB 32 -9.40 25.81 -85.76
C ILE YB 32 -10.79 25.86 -85.14
N LYS YB 33 -10.92 26.57 -84.02
CA LYS YB 33 -12.22 26.74 -83.39
C LYS YB 33 -13.12 27.64 -84.24
N GLY YB 34 -14.43 27.44 -84.10
CA GLY YB 34 -15.40 28.18 -84.86
C GLY YB 34 -15.69 27.63 -86.24
N VAL YB 35 -14.89 26.68 -86.72
CA VAL YB 35 -15.12 26.02 -88.01
C VAL YB 35 -15.06 24.51 -87.79
N GLY YB 36 -16.08 23.81 -88.27
CA GLY YB 36 -16.12 22.38 -88.14
C GLY YB 36 -16.13 21.67 -89.48
N ARG YB 37 -16.62 20.43 -89.49
CA ARG YB 37 -16.53 19.58 -90.67
C ARG YB 37 -17.43 20.09 -91.79
N ARG YB 38 -18.67 20.46 -91.46
CA ARG YB 38 -19.63 20.89 -92.47
C ARG YB 38 -19.23 22.22 -93.09
N TYR YB 39 -18.86 23.20 -92.25
CA TYR YB 39 -18.46 24.51 -92.77
C TYR YB 39 -17.13 24.42 -93.51
N ALA YB 40 -16.24 23.50 -93.10
CA ALA YB 40 -15.00 23.29 -93.82
C ALA YB 40 -15.26 22.72 -95.22
N HIS YB 41 -16.18 21.74 -95.30
CA HIS YB 41 -16.55 21.19 -96.62
C HIS YB 41 -17.23 22.24 -97.50
N VAL YB 42 -18.04 23.12 -96.89
CA VAL YB 42 -18.72 24.15 -97.66
C VAL YB 42 -17.73 25.18 -98.19
N VAL YB 43 -16.74 25.58 -97.37
CA VAL YB 43 -15.73 26.52 -97.83
C VAL YB 43 -14.86 25.90 -98.92
N LEU YB 44 -14.42 24.65 -98.73
CA LEU YB 44 -13.60 24.01 -99.75
C LEU YB 44 -14.38 23.60 -101.00
N ARG YB 45 -15.71 23.59 -100.94
CA ARG YB 45 -16.49 23.34 -102.15
C ARG YB 45 -16.81 24.64 -102.88
N LYS YB 46 -17.14 25.72 -102.15
CA LYS YB 46 -17.40 27.00 -102.78
C LYS YB 46 -16.13 27.66 -103.31
N ALA YB 47 -14.96 27.28 -102.80
CA ALA YB 47 -13.73 27.65 -103.46
C ALA YB 47 -13.27 26.51 -104.35
N ASP YB 48 -12.64 26.84 -105.48
CA ASP YB 48 -12.22 25.86 -106.47
C ASP YB 48 -10.97 25.14 -105.96
N ILE YB 49 -11.20 24.19 -105.04
CA ILE YB 49 -10.14 23.47 -104.36
C ILE YB 49 -10.45 21.98 -104.44
N ASP YB 50 -9.51 21.21 -104.99
CA ASP YB 50 -9.60 19.76 -104.96
C ASP YB 50 -9.20 19.29 -103.57
N LEU YB 51 -10.16 18.71 -102.85
CA LEU YB 51 -9.98 18.37 -101.44
C LEU YB 51 -9.34 17.00 -101.22
N THR YB 52 -8.85 16.36 -102.28
CA THR YB 52 -8.15 15.09 -102.13
C THR YB 52 -6.69 15.28 -101.71
N LYS YB 53 -6.18 16.50 -101.75
CA LYS YB 53 -4.80 16.77 -101.40
C LYS YB 53 -4.64 16.91 -99.89
N ARG YB 54 -3.41 16.68 -99.43
CA ARG YB 54 -3.10 16.84 -98.01
C ARG YB 54 -2.90 18.32 -97.68
N ALA YB 55 -2.67 18.59 -96.40
CA ALA YB 55 -2.57 19.95 -95.89
C ALA YB 55 -1.15 20.50 -95.92
N GLY YB 56 -0.32 20.03 -96.85
CA GLY YB 56 1.04 20.54 -96.96
C GLY YB 56 1.46 20.87 -98.38
N GLU YB 57 0.63 20.49 -99.36
CA GLU YB 57 0.96 20.73 -100.76
C GLU YB 57 0.31 21.99 -101.31
N LEU YB 58 -0.55 22.65 -100.53
CA LEU YB 58 -1.29 23.82 -100.97
C LEU YB 58 -0.51 25.09 -100.63
N THR YB 59 -0.55 26.06 -101.55
CA THR YB 59 0.40 27.17 -101.56
C THR YB 59 -0.06 28.34 -100.71
N GLU YB 60 0.81 29.35 -100.60
CA GLU YB 60 0.64 30.42 -99.63
C GLU YB 60 -0.37 31.48 -100.09
N ASP YB 61 -0.37 31.85 -101.38
CA ASP YB 61 -1.41 32.75 -101.88
C ASP YB 61 -2.77 32.07 -101.88
N GLU YB 62 -2.78 30.75 -102.10
CA GLU YB 62 -4.02 30.00 -102.07
C GLU YB 62 -4.57 29.90 -100.64
N VAL YB 63 -3.70 29.71 -99.64
CA VAL YB 63 -4.23 29.71 -98.28
C VAL YB 63 -4.57 31.11 -97.79
N GLU YB 64 -3.96 32.16 -98.34
CA GLU YB 64 -4.44 33.51 -98.07
C GLU YB 64 -5.83 33.72 -98.64
N ARG YB 65 -6.09 33.15 -99.82
CA ARG YB 65 -7.44 33.17 -100.39
C ARG YB 65 -8.42 32.41 -99.51
N VAL YB 66 -7.98 31.27 -98.95
CA VAL YB 66 -8.83 30.49 -98.04
C VAL YB 66 -9.13 31.28 -96.77
N ILE YB 67 -8.13 32.00 -96.25
CA ILE YB 67 -8.32 32.85 -95.06
C ILE YB 67 -9.32 33.96 -95.35
N THR YB 68 -9.22 34.60 -96.53
CA THR YB 68 -10.17 35.66 -96.87
C THR YB 68 -11.58 35.12 -97.06
N ILE YB 69 -11.72 33.93 -97.63
CA ILE YB 69 -13.05 33.32 -97.81
C ILE YB 69 -13.65 32.94 -96.47
N MET YB 70 -12.84 32.39 -95.56
CA MET YB 70 -13.34 32.03 -94.23
C MET YB 70 -13.66 33.26 -93.38
N GLN YB 71 -12.95 34.37 -93.58
CA GLN YB 71 -13.26 35.57 -92.82
C GLN YB 71 -14.45 36.34 -93.40
N ASN YB 72 -14.69 36.21 -94.71
CA ASN YB 72 -15.82 36.87 -95.36
C ASN YB 72 -16.76 35.82 -95.92
N PRO YB 73 -17.75 35.39 -95.13
CA PRO YB 73 -18.68 34.35 -95.63
C PRO YB 73 -19.72 34.90 -96.59
N ARG YB 74 -20.09 36.17 -96.46
CA ARG YB 74 -21.16 36.73 -97.28
C ARG YB 74 -20.69 36.99 -98.70
N GLN YB 75 -19.50 37.56 -98.87
CA GLN YB 75 -19.06 38.00 -100.19
C GLN YB 75 -18.58 36.85 -101.08
N TYR YB 76 -18.42 35.64 -100.55
CA TYR YB 76 -17.96 34.51 -101.33
C TYR YB 76 -19.02 33.42 -101.46
N LYS YB 77 -20.29 33.84 -101.45
CA LYS YB 77 -21.47 33.02 -101.76
C LYS YB 77 -21.59 31.81 -100.83
N ILE YB 78 -21.80 32.13 -99.55
CA ILE YB 78 -22.16 31.15 -98.53
C ILE YB 78 -23.46 31.61 -97.89
N PRO YB 79 -24.50 30.78 -97.85
CA PRO YB 79 -25.79 31.23 -97.31
C PRO YB 79 -25.75 31.41 -95.80
N ASP YB 80 -26.85 31.95 -95.28
CA ASP YB 80 -26.93 32.37 -93.89
C ASP YB 80 -27.42 31.26 -92.95
N TRP YB 81 -27.23 29.99 -93.30
CA TRP YB 81 -27.59 28.91 -92.40
C TRP YB 81 -26.41 28.04 -92.02
N PHE YB 82 -25.19 28.53 -92.22
CA PHE YB 82 -23.98 27.93 -91.66
C PHE YB 82 -23.35 28.79 -90.59
N LEU YB 83 -23.99 29.91 -90.25
CA LEU YB 83 -23.39 30.91 -89.39
C LEU YB 83 -23.77 30.66 -87.94
N ASN YB 84 -22.78 30.68 -87.06
CA ASN YB 84 -23.00 30.47 -85.64
C ASN YB 84 -23.42 31.72 -84.89
N ARG YB 85 -23.48 32.87 -85.58
CA ARG YB 85 -23.92 34.12 -84.98
C ARG YB 85 -24.91 34.80 -85.94
N GLN YB 86 -25.95 34.06 -86.31
CA GLN YB 86 -27.09 34.64 -86.99
C GLN YB 86 -27.77 35.64 -86.08
N LYS YB 87 -27.98 36.86 -86.59
CA LYS YB 87 -28.69 37.96 -85.91
C LYS YB 87 -28.02 38.30 -84.57
N ASP YB 88 -26.81 38.84 -84.69
CA ASP YB 88 -26.01 39.19 -83.52
C ASP YB 88 -26.66 40.34 -82.75
N VAL YB 89 -26.33 40.40 -81.46
CA VAL YB 89 -26.92 41.42 -80.59
C VAL YB 89 -26.30 42.79 -80.88
N LYS YB 90 -24.98 42.87 -80.95
CA LYS YB 90 -24.31 44.17 -81.00
C LYS YB 90 -24.39 44.79 -82.39
N ASP YB 91 -23.78 44.15 -83.40
CA ASP YB 91 -23.76 44.72 -84.73
C ASP YB 91 -24.90 44.24 -85.63
N GLY YB 92 -25.53 43.11 -85.29
CA GLY YB 92 -26.61 42.58 -86.11
C GLY YB 92 -26.18 42.07 -87.46
N LYS YB 93 -24.95 41.57 -87.56
CA LYS YB 93 -24.37 41.17 -88.83
C LYS YB 93 -24.25 39.65 -88.89
N TYR YB 94 -24.70 39.08 -90.01
CA TYR YB 94 -24.59 37.64 -90.22
C TYR YB 94 -23.18 37.29 -90.65
N SER YB 95 -22.44 36.58 -89.79
CA SER YB 95 -21.04 36.30 -90.07
C SER YB 95 -20.60 35.06 -89.32
N GLN YB 96 -19.59 34.39 -89.88
CA GLN YB 96 -18.92 33.27 -89.22
C GLN YB 96 -17.68 33.80 -88.51
N VAL YB 97 -17.53 33.45 -87.25
CA VAL YB 97 -16.50 34.01 -86.38
C VAL YB 97 -15.50 32.90 -86.05
N LEU YB 98 -14.20 33.23 -86.09
CA LEU YB 98 -13.13 32.22 -86.15
C LEU YB 98 -12.21 32.31 -84.93
N ALA YB 99 -12.44 31.42 -83.97
CA ALA YB 99 -11.46 30.90 -83.01
C ALA YB 99 -10.99 31.87 -81.92
N ASN YB 100 -11.30 33.14 -82.04
CA ASN YB 100 -11.04 34.04 -80.93
C ASN YB 100 -12.25 34.88 -80.58
N GLY YB 101 -12.95 35.38 -81.60
CA GLY YB 101 -14.20 36.08 -81.36
C GLY YB 101 -15.33 35.16 -80.97
N LEU YB 102 -15.20 33.86 -81.24
CA LEU YB 102 -16.18 32.89 -80.74
C LEU YB 102 -16.19 32.87 -79.22
N ASP YB 103 -15.01 32.71 -78.60
CA ASP YB 103 -14.91 32.78 -77.15
C ASP YB 103 -15.17 34.19 -76.63
N ASN YB 104 -14.80 35.22 -77.40
CA ASN YB 104 -15.07 36.60 -76.99
C ASN YB 104 -16.57 36.89 -76.92
N LYS YB 105 -17.31 36.50 -77.95
CA LYS YB 105 -18.76 36.71 -77.94
C LYS YB 105 -19.46 35.76 -76.97
N LEU YB 106 -18.89 34.58 -76.72
CA LEU YB 106 -19.45 33.69 -75.72
C LEU YB 106 -19.35 34.29 -74.32
N ARG YB 107 -18.17 34.81 -73.95
CA ARG YB 107 -18.07 35.44 -72.65
C ARG YB 107 -18.77 36.80 -72.59
N GLU YB 108 -18.96 37.47 -73.74
CA GLU YB 108 -19.76 38.69 -73.70
C GLU YB 108 -21.25 38.40 -73.54
N ASP YB 109 -21.73 37.28 -74.08
CA ASP YB 109 -23.10 36.86 -73.81
C ASP YB 109 -23.27 36.45 -72.36
N LEU YB 110 -22.26 35.77 -71.79
CA LEU YB 110 -22.31 35.44 -70.37
C LEU YB 110 -22.22 36.69 -69.50
N GLU YB 111 -21.46 37.69 -69.94
CA GLU YB 111 -21.39 38.97 -69.23
C GLU YB 111 -22.71 39.73 -69.32
N ARG YB 112 -23.41 39.63 -70.46
CA ARG YB 112 -24.72 40.24 -70.61
C ARG YB 112 -25.74 39.57 -69.69
N LEU YB 113 -25.69 38.24 -69.60
CA LEU YB 113 -26.58 37.50 -68.70
C LEU YB 113 -26.25 37.81 -67.23
N LYS YB 114 -24.98 37.99 -66.91
CA LYS YB 114 -24.58 38.40 -65.57
C LYS YB 114 -25.04 39.82 -65.26
N LYS YB 115 -25.00 40.70 -66.26
CA LYS YB 115 -25.37 42.10 -66.05
C LYS YB 115 -26.88 42.25 -65.90
N ILE YB 116 -27.65 41.39 -66.58
CA ILE YB 116 -29.10 41.45 -66.42
C ILE YB 116 -29.60 40.57 -65.29
N ARG YB 117 -28.74 39.71 -64.72
CA ARG YB 117 -29.04 38.88 -63.55
C ARG YB 117 -30.20 37.92 -63.79
N ALA YB 118 -30.27 37.38 -65.00
CA ALA YB 118 -31.33 36.42 -65.33
C ALA YB 118 -31.04 35.07 -64.69
N HIS YB 119 -32.03 34.18 -64.76
CA HIS YB 119 -31.86 32.83 -64.23
C HIS YB 119 -30.84 32.04 -65.01
N ARG YB 120 -30.72 32.30 -66.31
CA ARG YB 120 -29.72 31.66 -67.15
C ARG YB 120 -28.30 32.06 -66.72
N GLY YB 121 -28.10 33.37 -66.48
CA GLY YB 121 -26.83 33.83 -65.97
C GLY YB 121 -26.53 33.37 -64.56
N LEU YB 122 -27.58 33.20 -63.74
CA LEU YB 122 -27.37 32.68 -62.39
C LEU YB 122 -26.96 31.21 -62.42
N ARG YB 123 -27.53 30.42 -63.32
CA ARG YB 123 -27.12 29.02 -63.42
C ARG YB 123 -25.73 28.90 -64.03
N HIS YB 124 -25.35 29.81 -64.94
CA HIS YB 124 -23.97 29.80 -65.44
C HIS YB 124 -22.99 30.21 -64.35
N PHE YB 125 -23.35 31.18 -63.51
CA PHE YB 125 -22.47 31.60 -62.42
C PHE YB 125 -22.38 30.53 -61.33
N TRP YB 126 -23.45 29.79 -61.11
CA TRP YB 126 -23.44 28.69 -60.16
C TRP YB 126 -22.81 27.43 -60.74
N GLY YB 127 -22.62 27.36 -62.04
CA GLY YB 127 -21.95 26.22 -62.64
C GLY YB 127 -22.82 25.00 -62.79
N LEU YB 128 -24.13 25.19 -62.95
CA LEU YB 128 -25.08 24.11 -63.03
C LEU YB 128 -25.58 23.98 -64.47
N ARG YB 129 -26.50 23.03 -64.67
CA ARG YB 129 -27.11 22.86 -65.98
C ARG YB 129 -28.12 23.96 -66.24
N VAL YB 130 -28.21 24.41 -67.49
CA VAL YB 130 -29.02 25.57 -67.81
C VAL YB 130 -30.06 25.29 -68.89
N ARG YB 131 -29.95 24.23 -69.68
CA ARG YB 131 -30.94 23.90 -70.69
C ARG YB 131 -32.07 23.03 -70.14
N GLY YB 132 -32.29 23.04 -68.83
CA GLY YB 132 -33.38 22.29 -68.24
C GLY YB 132 -33.09 20.83 -68.00
N GLN YB 133 -31.88 20.49 -67.59
CA GLN YB 133 -31.53 19.11 -67.30
C GLN YB 133 -31.91 18.74 -65.87
N HIS YB 134 -31.41 17.60 -65.43
CA HIS YB 134 -31.77 17.01 -64.14
C HIS YB 134 -30.48 16.66 -63.41
N THR YB 135 -30.22 17.37 -62.30
CA THR YB 135 -28.96 17.27 -61.58
C THR YB 135 -29.07 16.37 -60.35
N LYS YB 136 -30.19 15.66 -60.18
CA LYS YB 136 -30.31 14.76 -59.03
C LYS YB 136 -29.46 13.51 -59.23
N THR YB 137 -29.49 12.93 -60.43
CA THR YB 137 -28.82 11.67 -60.70
C THR YB 137 -27.52 11.83 -61.47
N THR YB 138 -27.35 12.90 -62.22
CA THR YB 138 -26.20 13.10 -63.09
C THR YB 138 -25.44 14.36 -62.70
N GLY YB 139 -24.21 14.46 -63.20
CA GLY YB 139 -23.36 15.60 -62.90
C GLY YB 139 -22.59 15.43 -61.61
N ARG YB 140 -21.81 14.35 -61.51
CA ARG YB 140 -21.06 14.04 -60.30
C ARG YB 140 -19.56 14.20 -60.43
N ARG YB 141 -18.99 13.92 -61.61
CA ARG YB 141 -17.54 13.95 -61.75
C ARG YB 141 -16.98 15.37 -61.81
N GLY YB 142 -17.82 16.37 -62.09
CA GLY YB 142 -17.33 17.73 -62.14
C GLY YB 142 -17.26 18.40 -60.78
N ARG YB 143 -18.11 17.98 -59.85
CA ARG YB 143 -18.17 18.55 -58.51
C ARG YB 143 -17.72 17.49 -57.51
N THR YB 144 -16.42 17.48 -57.22
CA THR YB 144 -15.74 16.58 -56.28
C THR YB 144 -16.01 15.09 -56.56
N GLY ZB 1 -33.69 -6.43 -128.04
CA GLY ZB 1 -32.50 -6.21 -127.23
C GLY ZB 1 -32.71 -6.58 -125.78
N VAL ZB 2 -32.17 -5.76 -124.88
CA VAL ZB 2 -32.26 -6.00 -123.44
C VAL ZB 2 -32.92 -4.79 -122.79
N THR ZB 3 -33.34 -4.98 -121.54
CA THR ZB 3 -33.92 -3.93 -120.72
C THR ZB 3 -32.96 -3.60 -119.57
N VAL ZB 4 -33.42 -2.72 -118.67
CA VAL ZB 4 -32.57 -2.31 -117.55
C VAL ZB 4 -32.49 -3.38 -116.47
N LYS ZB 5 -33.40 -4.36 -116.47
CA LYS ZB 5 -33.34 -5.45 -115.51
C LYS ZB 5 -32.26 -6.47 -115.85
N ASP ZB 6 -31.84 -6.54 -117.11
CA ASP ZB 6 -30.69 -7.33 -117.51
C ASP ZB 6 -29.37 -6.62 -117.21
N VAL ZB 7 -29.42 -5.34 -116.86
CA VAL ZB 7 -28.26 -4.49 -116.66
C VAL ZB 7 -28.01 -4.35 -115.16
N ASN ZB 8 -26.74 -4.49 -114.75
CA ASN ZB 8 -26.32 -4.21 -113.38
C ASN ZB 8 -26.55 -2.73 -113.07
N GLN ZB 9 -27.37 -2.47 -112.04
CA GLN ZB 9 -27.84 -1.11 -111.79
C GLN ZB 9 -26.74 -0.21 -111.21
N GLN ZB 10 -25.75 -0.81 -110.53
CA GLN ZB 10 -24.73 -0.04 -109.83
C GLN ZB 10 -23.84 0.73 -110.80
N GLU ZB 11 -23.46 0.11 -111.91
CA GLU ZB 11 -22.76 0.84 -112.96
C GLU ZB 11 -23.71 1.55 -113.92
N PHE ZB 12 -24.99 1.17 -113.91
CA PHE ZB 12 -25.96 1.80 -114.80
C PHE ZB 12 -26.31 3.21 -114.37
N VAL ZB 13 -26.41 3.44 -113.05
CA VAL ZB 13 -26.67 4.79 -112.57
C VAL ZB 13 -25.45 5.69 -112.80
N ARG ZB 14 -24.23 5.13 -112.74
CA ARG ZB 14 -23.04 5.92 -113.06
C ARG ZB 14 -22.95 6.19 -114.56
N ALA ZB 15 -23.43 5.26 -115.38
CA ALA ZB 15 -23.43 5.48 -116.83
C ALA ZB 15 -24.44 6.56 -117.22
N LEU ZB 16 -25.60 6.59 -116.58
CA LEU ZB 16 -26.54 7.68 -116.86
C LEU ZB 16 -26.07 8.99 -116.24
N ALA ZB 17 -25.30 8.93 -115.15
CA ALA ZB 17 -24.67 10.14 -114.64
C ALA ZB 17 -23.63 10.68 -115.62
N ALA ZB 18 -22.88 9.79 -116.26
CA ALA ZB 18 -21.95 10.21 -117.31
C ALA ZB 18 -22.70 10.73 -118.53
N PHE ZB 19 -23.87 10.18 -118.82
CA PHE ZB 19 -24.71 10.70 -119.89
C PHE ZB 19 -25.20 12.12 -119.59
N LEU ZB 20 -25.56 12.38 -118.32
CA LEU ZB 20 -25.96 13.72 -117.94
C LEU ZB 20 -24.76 14.69 -117.91
N LYS ZB 21 -23.57 14.17 -117.60
CA LYS ZB 21 -22.35 14.97 -117.76
C LYS ZB 21 -22.09 15.31 -119.22
N LYS ZB 22 -22.40 14.37 -120.13
CA LYS ZB 22 -22.24 14.63 -121.56
C LYS ZB 22 -23.26 15.65 -122.05
N SER ZB 23 -24.50 15.57 -121.56
CA SER ZB 23 -25.54 16.51 -121.99
C SER ZB 23 -25.31 17.89 -121.39
N GLY ZB 24 -25.39 18.01 -120.07
CA GLY ZB 24 -25.09 19.26 -119.38
C GLY ZB 24 -26.06 20.39 -119.60
N LYS ZB 25 -27.37 20.12 -119.56
CA LYS ZB 25 -28.36 21.18 -119.74
C LYS ZB 25 -29.55 21.01 -118.81
N LEU ZB 26 -29.35 20.34 -117.66
CA LEU ZB 26 -30.45 20.04 -116.75
C LEU ZB 26 -30.95 21.23 -115.95
N LYS ZB 27 -30.27 22.39 -116.02
CA LYS ZB 27 -30.59 23.62 -115.29
C LYS ZB 27 -30.60 23.33 -113.77
N VAL ZB 28 -29.40 23.04 -113.27
CA VAL ZB 28 -29.21 22.71 -111.86
C VAL ZB 28 -29.43 23.96 -111.01
N PRO ZB 29 -29.92 23.81 -109.78
CA PRO ZB 29 -30.02 24.97 -108.89
C PRO ZB 29 -28.66 25.47 -108.44
N GLU ZB 30 -28.66 26.68 -107.89
CA GLU ZB 30 -27.43 27.29 -107.40
C GLU ZB 30 -26.97 26.66 -106.10
N TRP ZB 31 -27.90 26.21 -105.27
CA TRP ZB 31 -27.61 25.69 -103.93
C TRP ZB 31 -27.33 24.19 -103.90
N VAL ZB 32 -26.87 23.62 -105.02
CA VAL ZB 32 -26.57 22.18 -105.05
C VAL ZB 32 -25.30 21.88 -104.26
N ASP ZB 33 -24.25 22.67 -104.46
CA ASP ZB 33 -22.95 22.38 -103.88
C ASP ZB 33 -22.82 22.82 -102.42
N THR ZB 34 -23.93 23.11 -101.74
CA THR ZB 34 -23.87 23.54 -100.34
C THR ZB 34 -24.96 22.92 -99.47
N VAL ZB 35 -25.83 22.09 -100.03
CA VAL ZB 35 -26.99 21.59 -99.29
C VAL ZB 35 -26.73 20.14 -98.88
N LYS ZB 36 -27.33 19.75 -97.75
CA LYS ZB 36 -27.35 18.38 -97.29
C LYS ZB 36 -28.62 17.70 -97.78
N LEU ZB 37 -28.49 16.46 -98.25
CA LEU ZB 37 -29.55 15.78 -98.99
C LEU ZB 37 -30.73 15.36 -98.13
N ALA ZB 38 -30.62 15.41 -96.81
CA ALA ZB 38 -31.71 15.00 -95.94
C ALA ZB 38 -31.54 15.68 -94.59
N LYS ZB 39 -32.57 15.54 -93.76
CA LYS ZB 39 -32.51 16.03 -92.38
C LYS ZB 39 -31.78 15.07 -91.45
N HIS ZB 40 -31.59 13.81 -91.87
CA HIS ZB 40 -30.92 12.82 -91.04
C HIS ZB 40 -29.48 12.55 -91.46
N LYS ZB 41 -29.03 13.11 -92.58
CA LYS ZB 41 -27.63 12.97 -92.96
C LYS ZB 41 -26.74 13.84 -92.08
N GLU ZB 42 -25.43 13.63 -92.19
CA GLU ZB 42 -24.47 14.33 -91.35
C GLU ZB 42 -23.47 15.17 -92.13
N LEU ZB 43 -22.88 14.64 -93.20
CA LEU ZB 43 -21.87 15.34 -93.97
C LEU ZB 43 -22.38 15.69 -95.36
N ALA ZB 44 -21.62 16.58 -96.02
CA ALA ZB 44 -21.77 16.80 -97.44
C ALA ZB 44 -21.21 15.60 -98.20
N PRO ZB 45 -21.72 15.33 -99.40
CA PRO ZB 45 -21.20 14.18 -100.17
C PRO ZB 45 -19.77 14.39 -100.65
N TYR ZB 46 -19.06 13.27 -100.79
CA TYR ZB 46 -17.68 13.30 -101.26
C TYR ZB 46 -17.61 13.59 -102.75
N ASP ZB 47 -18.67 13.26 -103.49
CA ASP ZB 47 -18.68 13.45 -104.93
C ASP ZB 47 -19.35 14.78 -105.26
N GLU ZB 48 -18.75 15.53 -106.19
CA GLU ZB 48 -19.26 16.85 -106.52
C GLU ZB 48 -20.45 16.83 -107.48
N ASN ZB 49 -20.69 15.71 -108.16
CA ASN ZB 49 -21.82 15.64 -109.08
C ASN ZB 49 -22.80 14.54 -108.66
N TRP ZB 50 -23.15 14.53 -107.38
CA TRP ZB 50 -24.16 13.61 -106.86
C TRP ZB 50 -25.56 13.88 -107.41
N PHE ZB 51 -25.81 15.11 -107.89
CA PHE ZB 51 -27.12 15.47 -108.40
C PHE ZB 51 -27.46 14.67 -109.66
N TYR ZB 52 -26.47 14.45 -110.52
CA TYR ZB 52 -26.72 13.71 -111.76
C TYR ZB 52 -26.92 12.24 -111.48
N THR ZB 53 -26.20 11.69 -110.51
CA THR ZB 53 -26.36 10.29 -110.13
C THR ZB 53 -27.71 10.06 -109.46
N ARG ZB 54 -28.16 11.01 -108.62
CA ARG ZB 54 -29.47 10.88 -108.02
C ARG ZB 54 -30.58 11.10 -109.05
N ALA ZB 55 -30.34 11.92 -110.07
CA ALA ZB 55 -31.30 12.03 -111.16
C ALA ZB 55 -31.38 10.75 -111.98
N ALA ZB 56 -30.25 10.05 -112.14
CA ALA ZB 56 -30.25 8.74 -112.76
C ALA ZB 56 -31.05 7.74 -111.94
N SER ZB 57 -30.87 7.77 -110.62
CA SER ZB 57 -31.62 6.91 -109.72
C SER ZB 57 -33.12 7.22 -109.76
N THR ZB 58 -33.46 8.51 -109.84
CA THR ZB 58 -34.85 8.93 -110.00
C THR ZB 58 -35.44 8.40 -111.30
N ALA ZB 59 -34.64 8.43 -112.38
CA ALA ZB 59 -35.09 7.94 -113.67
C ALA ZB 59 -35.37 6.44 -113.65
N ARG ZB 60 -34.48 5.65 -113.03
CA ARG ZB 60 -34.72 4.22 -112.99
C ARG ZB 60 -35.82 3.82 -112.00
N HIS ZB 61 -35.98 4.56 -110.89
CA HIS ZB 61 -37.13 4.29 -110.01
C HIS ZB 61 -38.45 4.62 -110.68
N LEU ZB 62 -38.51 5.74 -111.42
CA LEU ZB 62 -39.74 6.06 -112.14
C LEU ZB 62 -39.95 5.17 -113.35
N TYR ZB 63 -38.90 4.52 -113.85
CA TYR ZB 63 -39.09 3.49 -114.88
C TYR ZB 63 -39.66 2.21 -114.27
N LEU ZB 64 -39.20 1.84 -113.07
CA LEU ZB 64 -39.70 0.62 -112.45
C LEU ZB 64 -41.13 0.79 -111.93
N ARG ZB 65 -41.44 1.93 -111.33
CA ARG ZB 65 -42.80 2.17 -110.87
C ARG ZB 65 -43.12 3.67 -110.93
N GLY ZB 66 -44.35 3.98 -111.31
CA GLY ZB 66 -44.79 5.35 -111.45
C GLY ZB 66 -45.62 5.82 -110.27
N GLY ZB 67 -46.14 7.04 -110.40
CA GLY ZB 67 -46.94 7.64 -109.36
C GLY ZB 67 -46.18 8.05 -108.12
N ALA ZB 68 -44.88 8.28 -108.24
CA ALA ZB 68 -44.04 8.63 -107.10
C ALA ZB 68 -43.83 10.14 -107.07
N GLY ZB 69 -44.50 10.81 -106.14
CA GLY ZB 69 -44.31 12.22 -105.91
C GLY ZB 69 -43.25 12.48 -104.87
N VAL ZB 70 -43.34 13.67 -104.25
CA VAL ZB 70 -42.32 14.15 -103.33
C VAL ZB 70 -42.27 13.29 -102.07
N GLY ZB 71 -43.43 12.85 -101.59
CA GLY ZB 71 -43.46 11.99 -100.41
C GLY ZB 71 -42.85 10.62 -100.66
N SER ZB 72 -43.09 10.04 -101.84
CA SER ZB 72 -42.48 8.77 -102.19
C SER ZB 72 -40.98 8.92 -102.43
N MET ZB 73 -40.54 10.08 -102.94
CA MET ZB 73 -39.10 10.31 -103.10
C MET ZB 73 -38.41 10.48 -101.74
N THR ZB 74 -39.06 11.16 -100.80
CA THR ZB 74 -38.50 11.23 -99.45
C THR ZB 74 -38.54 9.89 -98.74
N LYS ZB 75 -39.49 9.02 -99.10
CA LYS ZB 75 -39.52 7.68 -98.53
C LYS ZB 75 -38.39 6.82 -99.08
N ILE ZB 76 -38.14 6.88 -100.40
CA ILE ZB 76 -37.06 6.09 -100.98
C ILE ZB 76 -35.68 6.65 -100.62
N TYR ZB 77 -35.58 7.95 -100.30
CA TYR ZB 77 -34.31 8.50 -99.82
C TYR ZB 77 -34.29 8.77 -98.33
N GLY ZB 78 -35.20 8.16 -97.57
CA GLY ZB 78 -35.12 8.17 -96.13
C GLY ZB 78 -34.09 7.17 -95.61
N GLY ZB 79 -33.75 7.32 -94.34
CA GLY ZB 79 -32.79 6.44 -93.73
C GLY ZB 79 -32.74 6.59 -92.23
N ARG ZB 80 -31.55 6.38 -91.68
CA ARG ZB 80 -31.37 6.40 -90.23
C ARG ZB 80 -31.25 7.83 -89.72
N GLN ZB 81 -32.18 8.20 -88.85
CA GLN ZB 81 -32.07 9.42 -88.04
C GLN ZB 81 -31.37 9.01 -86.76
N ARG ZB 82 -30.08 9.29 -86.69
CA ARG ZB 82 -29.27 9.00 -85.50
C ARG ZB 82 -29.40 10.19 -84.55
N ASN ZB 83 -30.26 10.04 -83.54
CA ASN ZB 83 -30.58 11.12 -82.62
C ASN ZB 83 -29.48 11.41 -81.62
N GLY ZB 84 -28.42 10.60 -81.59
CA GLY ZB 84 -27.32 10.83 -80.67
C GLY ZB 84 -27.40 9.96 -79.43
N VAL ZB 85 -27.69 10.57 -78.29
CA VAL ZB 85 -27.79 9.82 -77.05
C VAL ZB 85 -29.09 9.02 -76.98
N MET ZB 86 -30.09 9.38 -77.79
CA MET ZB 86 -31.35 8.68 -77.96
C MET ZB 86 -31.20 7.60 -79.03
N PRO ZB 87 -32.03 6.56 -79.00
CA PRO ZB 87 -31.95 5.54 -80.06
C PRO ZB 87 -32.37 6.08 -81.42
N SER ZB 88 -31.73 5.54 -82.46
CA SER ZB 88 -31.95 6.01 -83.81
C SER ZB 88 -33.28 5.49 -84.35
N HIS ZB 89 -33.82 6.20 -85.33
CA HIS ZB 89 -35.11 5.87 -85.92
C HIS ZB 89 -35.02 6.00 -87.44
N PHE ZB 90 -36.18 5.96 -88.08
CA PHE ZB 90 -36.26 6.22 -89.52
C PHE ZB 90 -36.77 7.63 -89.77
N SER ZB 91 -36.17 8.30 -90.75
CA SER ZB 91 -36.59 9.64 -91.15
C SER ZB 91 -36.62 9.73 -92.66
N ARG ZB 92 -37.52 10.55 -93.19
CA ARG ZB 92 -37.61 10.76 -94.62
C ARG ZB 92 -36.49 11.67 -95.11
N GLY ZB 93 -36.33 11.72 -96.43
CA GLY ZB 93 -35.36 12.60 -97.05
C GLY ZB 93 -35.86 14.02 -97.13
N SER ZB 94 -35.08 14.86 -97.81
CA SER ZB 94 -35.45 16.25 -98.01
C SER ZB 94 -36.37 16.39 -99.21
N LYS ZB 95 -37.38 17.24 -99.07
CA LYS ZB 95 -38.38 17.39 -100.11
C LYS ZB 95 -37.87 18.20 -101.29
N SER ZB 96 -37.14 19.28 -101.02
CA SER ZB 96 -36.84 20.28 -102.05
C SER ZB 96 -35.83 19.77 -103.06
N VAL ZB 97 -34.91 18.88 -102.65
CA VAL ZB 97 -33.90 18.39 -103.58
C VAL ZB 97 -34.53 17.46 -104.63
N ALA ZB 98 -35.41 16.56 -104.19
CA ALA ZB 98 -36.12 15.71 -105.15
C ALA ZB 98 -37.14 16.51 -105.94
N ARG ZB 99 -37.68 17.58 -105.36
CA ARG ZB 99 -38.56 18.48 -106.09
C ARG ZB 99 -37.81 19.19 -107.21
N ARG ZB 100 -36.56 19.59 -106.97
CA ARG ZB 100 -35.75 20.18 -108.03
C ARG ZB 100 -35.32 19.14 -109.06
N VAL ZB 101 -35.14 17.88 -108.65
CA VAL ZB 101 -34.91 16.80 -109.61
C VAL ZB 101 -36.10 16.65 -110.55
N LEU ZB 102 -37.32 16.67 -109.98
CA LEU ZB 102 -38.52 16.57 -110.80
C LEU ZB 102 -38.73 17.82 -111.66
N GLN ZB 103 -38.36 19.00 -111.16
CA GLN ZB 103 -38.46 20.21 -111.97
C GLN ZB 103 -37.46 20.20 -113.13
N ALA ZB 104 -36.26 19.63 -112.93
CA ALA ZB 104 -35.31 19.51 -114.03
C ALA ZB 104 -35.79 18.50 -115.06
N LEU ZB 105 -36.31 17.36 -114.61
CA LEU ZB 105 -36.81 16.33 -115.52
C LEU ZB 105 -38.18 16.69 -116.11
N GLU ZB 106 -38.81 17.77 -115.65
CA GLU ZB 106 -39.96 18.34 -116.34
C GLU ZB 106 -39.55 19.49 -117.26
N GLY ZB 107 -38.45 20.18 -116.94
CA GLY ZB 107 -37.96 21.24 -117.80
C GLY ZB 107 -37.39 20.70 -119.10
N LEU ZB 108 -36.64 19.61 -119.02
CA LEU ZB 108 -36.30 18.85 -120.22
C LEU ZB 108 -36.97 17.49 -120.14
N LYS ZB 109 -37.53 17.05 -121.27
CA LYS ZB 109 -38.50 15.96 -121.30
C LYS ZB 109 -37.88 14.59 -121.03
N MET ZB 110 -37.94 14.16 -119.77
CA MET ZB 110 -37.64 12.78 -119.40
C MET ZB 110 -38.71 12.16 -118.52
N VAL ZB 111 -39.47 12.96 -117.77
CA VAL ZB 111 -40.66 12.49 -117.07
C VAL ZB 111 -41.83 13.37 -117.48
N GLU ZB 112 -43.02 13.04 -116.97
CA GLU ZB 112 -44.22 13.81 -117.24
C GLU ZB 112 -45.20 13.59 -116.09
N LYS ZB 113 -45.89 14.65 -115.69
CA LYS ZB 113 -46.87 14.54 -114.62
C LYS ZB 113 -48.08 13.73 -115.08
N ASP ZB 114 -48.65 12.96 -114.16
CA ASP ZB 114 -49.71 12.02 -114.45
C ASP ZB 114 -50.99 12.45 -113.72
N GLN ZB 115 -52.13 11.97 -114.22
CA GLN ZB 115 -53.40 12.21 -113.55
C GLN ZB 115 -53.44 11.51 -112.19
N ASP ZB 116 -54.23 12.10 -111.28
CA ASP ZB 116 -54.32 11.70 -109.87
C ASP ZB 116 -52.95 11.72 -109.18
N GLY ZB 117 -52.12 12.69 -109.55
CA GLY ZB 117 -50.81 12.86 -108.95
C GLY ZB 117 -49.78 11.88 -109.48
N GLY ZB 118 -48.52 12.21 -109.23
CA GLY ZB 118 -47.41 11.35 -109.57
C GLY ZB 118 -46.72 11.73 -110.86
N ARG ZB 119 -45.54 11.13 -111.05
CA ARG ZB 119 -44.73 11.34 -112.24
C ARG ZB 119 -44.53 10.02 -112.96
N LYS ZB 120 -44.98 9.96 -114.22
CA LYS ZB 120 -44.72 8.84 -115.10
C LYS ZB 120 -43.52 9.17 -115.97
N LEU ZB 121 -43.03 8.17 -116.69
CA LEU ZB 121 -41.84 8.30 -117.52
C LEU ZB 121 -42.23 8.28 -118.98
N THR ZB 122 -41.74 9.27 -119.73
CA THR ZB 122 -42.13 9.46 -121.12
C THR ZB 122 -41.45 8.43 -122.02
N PRO ZB 123 -42.05 8.12 -123.18
CA PRO ZB 123 -41.38 7.22 -124.14
C PRO ZB 123 -40.02 7.70 -124.65
N GLN ZB 124 -39.77 9.02 -124.68
CA GLN ZB 124 -38.43 9.50 -125.02
C GLN ZB 124 -37.41 9.12 -123.95
N GLY ZB 125 -37.80 9.24 -122.68
CA GLY ZB 125 -36.95 8.77 -121.60
C GLY ZB 125 -36.76 7.27 -121.61
N GLN ZB 126 -37.81 6.52 -121.97
CA GLN ZB 126 -37.68 5.07 -122.09
C GLN ZB 126 -36.74 4.68 -123.23
N ARG ZB 127 -36.80 5.43 -124.33
CA ARG ZB 127 -35.87 5.26 -125.44
C ARG ZB 127 -34.42 5.48 -125.00
N ASP ZB 128 -34.17 6.59 -124.30
CA ASP ZB 128 -32.82 6.91 -123.85
C ASP ZB 128 -32.32 5.90 -122.82
N LEU ZB 129 -33.19 5.46 -121.91
CA LEU ZB 129 -32.82 4.50 -120.88
C LEU ZB 129 -32.51 3.13 -121.48
N ASP ZB 130 -33.28 2.69 -122.49
CA ASP ZB 130 -32.97 1.40 -123.09
C ASP ZB 130 -31.75 1.48 -124.00
N ARG ZB 131 -31.49 2.64 -124.63
CA ARG ZB 131 -30.27 2.78 -125.41
C ARG ZB 131 -29.03 2.78 -124.53
N ILE ZB 132 -29.08 3.45 -123.37
CA ILE ZB 132 -27.91 3.39 -122.50
C ILE ZB 132 -27.81 2.05 -121.79
N ALA ZB 133 -28.93 1.32 -121.63
CA ALA ZB 133 -28.86 -0.06 -121.15
C ALA ZB 133 -28.15 -0.95 -122.17
N GLY ZB 134 -28.45 -0.76 -123.45
CA GLY ZB 134 -27.71 -1.45 -124.49
C GLY ZB 134 -26.25 -1.04 -124.56
N GLN ZB 135 -25.95 0.23 -124.22
CA GLN ZB 135 -24.55 0.68 -124.14
C GLN ZB 135 -23.80 -0.03 -123.01
N VAL ZB 136 -24.42 -0.15 -121.84
CA VAL ZB 136 -23.77 -0.85 -120.73
C VAL ZB 136 -23.65 -2.35 -121.03
N ALA ZB 137 -24.63 -2.91 -121.74
CA ALA ZB 137 -24.55 -4.32 -122.14
C ALA ZB 137 -23.43 -4.55 -123.15
N ALA ZB 138 -23.27 -3.66 -124.13
CA ALA ZB 138 -22.18 -3.77 -125.09
C ALA ZB 138 -20.83 -3.50 -124.45
N ALA ZB 139 -20.81 -2.69 -123.38
CA ALA ZB 139 -19.57 -2.47 -122.65
C ALA ZB 139 -19.18 -3.71 -121.84
N LYS ZB 140 -20.14 -4.38 -121.21
CA LYS ZB 140 -19.82 -5.54 -120.40
C LYS ZB 140 -19.62 -6.80 -121.24
N LYS ZB 141 -20.09 -6.82 -122.49
CA LYS ZB 141 -19.75 -7.91 -123.39
C LYS ZB 141 -18.30 -7.79 -123.85
N HIS AC 1 -80.14 -2.18 -109.20
CA HIS AC 1 -80.39 -3.61 -109.26
C HIS AC 1 -79.25 -4.40 -108.63
N ARG AC 2 -78.08 -3.77 -108.53
CA ARG AC 2 -76.89 -4.38 -107.94
C ARG AC 2 -76.84 -3.93 -106.47
N ILE AC 3 -77.43 -4.73 -105.59
CA ILE AC 3 -77.64 -4.36 -104.20
C ILE AC 3 -76.70 -5.16 -103.32
N ARG AC 4 -76.05 -4.46 -102.38
CA ARG AC 4 -74.91 -4.97 -101.63
C ARG AC 4 -75.31 -5.17 -100.18
N ILE AC 5 -75.04 -6.35 -99.63
CA ILE AC 5 -75.33 -6.66 -98.23
C ILE AC 5 -74.01 -6.87 -97.50
N THR AC 6 -73.78 -6.08 -96.45
CA THR AC 6 -72.61 -6.20 -95.60
C THR AC 6 -73.03 -6.81 -94.27
N LEU AC 7 -72.38 -7.90 -93.89
CA LEU AC 7 -72.68 -8.63 -92.67
C LEU AC 7 -71.50 -8.47 -91.73
N THR AC 8 -71.69 -7.76 -90.62
CA THR AC 8 -70.64 -7.58 -89.62
C THR AC 8 -71.05 -8.29 -88.33
N SER AC 9 -70.14 -9.09 -87.78
CA SER AC 9 -70.51 -9.89 -86.62
C SER AC 9 -69.32 -10.17 -85.73
N ARG AC 10 -69.60 -10.38 -84.45
CA ARG AC 10 -68.60 -10.74 -83.45
C ARG AC 10 -68.43 -12.25 -83.35
N ASN AC 11 -69.52 -12.99 -83.38
CA ASN AC 11 -69.48 -14.44 -83.30
C ASN AC 11 -69.29 -15.04 -84.70
N VAL AC 12 -68.81 -16.28 -84.73
CA VAL AC 12 -68.39 -16.91 -85.98
C VAL AC 12 -69.51 -17.77 -86.57
N LYS AC 13 -69.99 -18.75 -85.81
CA LYS AC 13 -70.94 -19.71 -86.35
C LYS AC 13 -72.33 -19.10 -86.54
N SER AC 14 -72.67 -18.07 -85.76
CA SER AC 14 -73.93 -17.36 -85.97
C SER AC 14 -73.89 -16.58 -87.28
N LEU AC 15 -72.76 -15.94 -87.58
CA LEU AC 15 -72.57 -15.25 -88.85
C LEU AC 15 -72.57 -16.24 -90.01
N GLU AC 16 -72.00 -17.44 -89.79
CA GLU AC 16 -72.03 -18.48 -90.81
C GLU AC 16 -73.46 -18.96 -91.07
N LYS AC 17 -74.26 -19.08 -90.01
CA LYS AC 17 -75.66 -19.47 -90.18
C LYS AC 17 -76.46 -18.39 -90.90
N VAL AC 18 -76.19 -17.12 -90.60
CA VAL AC 18 -76.90 -16.02 -91.26
C VAL AC 18 -76.55 -15.96 -92.74
N CYS AC 19 -75.26 -16.07 -93.08
CA CYS AC 19 -74.88 -15.98 -94.48
C CYS AC 19 -75.32 -17.22 -95.25
N ALA AC 20 -75.34 -18.40 -94.60
CA ALA AC 20 -75.86 -19.59 -95.26
C ALA AC 20 -77.36 -19.50 -95.48
N ASP AC 21 -78.08 -18.86 -94.54
CA ASP AC 21 -79.52 -18.65 -94.73
C ASP AC 21 -79.78 -17.66 -95.86
N LEU AC 22 -78.92 -16.64 -95.99
CA LEU AC 22 -79.07 -15.71 -97.12
C LEU AC 22 -78.77 -16.39 -98.45
N ILE AC 23 -77.77 -17.29 -98.48
CA ILE AC 23 -77.47 -18.06 -99.67
C ILE AC 23 -78.64 -18.97 -100.06
N ARG AC 24 -79.23 -19.66 -99.07
CA ARG AC 24 -80.36 -20.53 -99.35
C ARG AC 24 -81.59 -19.74 -99.78
N GLY AC 25 -81.80 -18.56 -99.21
CA GLY AC 25 -82.92 -17.72 -99.64
C GLY AC 25 -82.74 -17.21 -101.06
N ALA AC 26 -81.52 -16.80 -101.42
CA ALA AC 26 -81.25 -16.36 -102.79
C ALA AC 26 -81.35 -17.51 -103.78
N LYS AC 27 -80.94 -18.72 -103.38
CA LYS AC 27 -81.04 -19.87 -104.27
C LYS AC 27 -82.50 -20.32 -104.44
N GLU AC 28 -83.31 -20.20 -103.40
CA GLU AC 28 -84.73 -20.55 -103.54
C GLU AC 28 -85.50 -19.48 -104.30
N LYS AC 29 -85.10 -18.21 -104.21
CA LYS AC 29 -85.77 -17.17 -104.97
C LYS AC 29 -85.17 -16.97 -106.36
N ASN AC 30 -84.10 -17.72 -106.69
CA ASN AC 30 -83.61 -17.94 -108.06
C ASN AC 30 -83.21 -16.64 -108.76
N LEU AC 31 -82.19 -15.99 -108.21
CA LEU AC 31 -81.64 -14.79 -108.80
C LEU AC 31 -80.14 -14.97 -109.00
N LYS AC 32 -79.56 -14.09 -109.81
CA LYS AC 32 -78.12 -14.11 -110.04
C LYS AC 32 -77.40 -13.59 -108.80
N VAL AC 33 -76.69 -14.47 -108.10
CA VAL AC 33 -76.06 -14.15 -106.83
C VAL AC 33 -74.57 -14.50 -106.91
N LYS AC 34 -73.74 -13.60 -106.38
CA LYS AC 34 -72.32 -13.86 -106.28
C LYS AC 34 -72.01 -14.61 -104.98
N GLY AC 35 -70.77 -15.05 -104.86
CA GLY AC 35 -70.33 -15.75 -103.67
C GLY AC 35 -70.12 -14.79 -102.51
N PRO AC 36 -70.30 -15.29 -101.27
CA PRO AC 36 -70.02 -14.46 -100.10
C PRO AC 36 -68.53 -14.21 -99.94
N VAL AC 37 -68.13 -12.95 -99.94
CA VAL AC 37 -66.73 -12.55 -99.92
C VAL AC 37 -66.35 -12.21 -98.49
N ARG AC 38 -65.30 -12.86 -97.99
CA ARG AC 38 -64.85 -12.69 -96.61
C ARG AC 38 -63.80 -11.58 -96.56
N MET AC 39 -64.15 -10.44 -95.94
CA MET AC 39 -63.15 -9.45 -95.60
C MET AC 39 -62.28 -9.99 -94.46
N PRO AC 40 -61.01 -9.58 -94.37
CA PRO AC 40 -60.15 -10.09 -93.30
C PRO AC 40 -60.57 -9.59 -91.92
N THR AC 41 -60.48 -10.48 -90.94
CA THR AC 41 -60.96 -10.23 -89.60
C THR AC 41 -60.10 -9.19 -88.90
N LYS AC 42 -60.66 -8.61 -87.83
CA LYS AC 42 -59.97 -7.58 -87.07
C LYS AC 42 -59.97 -7.95 -85.60
N THR AC 43 -58.77 -8.02 -85.01
CA THR AC 43 -58.60 -8.37 -83.61
C THR AC 43 -58.28 -7.10 -82.84
N LEU AC 44 -59.30 -6.54 -82.19
CA LEU AC 44 -59.12 -5.39 -81.31
C LEU AC 44 -58.34 -5.82 -80.09
N ARG AC 45 -57.12 -5.30 -79.93
CA ARG AC 45 -56.19 -5.70 -78.89
C ARG AC 45 -56.13 -4.60 -77.83
N ILE AC 46 -56.38 -4.96 -76.59
CA ILE AC 46 -56.22 -4.06 -75.44
C ILE AC 46 -55.25 -4.71 -74.47
N THR AC 47 -54.21 -3.96 -74.08
CA THR AC 47 -53.20 -4.44 -73.14
C THR AC 47 -53.19 -3.50 -71.94
N THR AC 48 -53.77 -3.94 -70.83
CA THR AC 48 -53.82 -3.17 -69.59
C THR AC 48 -53.20 -4.00 -68.46
N ARG AC 49 -53.17 -3.41 -67.28
CA ARG AC 49 -52.64 -4.06 -66.09
C ARG AC 49 -53.73 -4.87 -65.39
N LYS AC 50 -53.33 -6.02 -64.85
CA LYS AC 50 -54.25 -6.82 -64.05
C LYS AC 50 -54.49 -6.16 -62.69
N THR AC 51 -53.47 -5.54 -62.12
CA THR AC 51 -53.56 -4.96 -60.79
C THR AC 51 -54.22 -3.59 -60.87
N PRO AC 52 -55.15 -3.26 -59.96
CA PRO AC 52 -55.67 -1.88 -59.93
C PRO AC 52 -54.61 -0.85 -59.57
N CYS AC 53 -53.81 -1.13 -58.54
CA CYS AC 53 -52.66 -0.29 -58.22
C CYS AC 53 -51.45 -0.76 -59.04
N GLY AC 54 -50.26 -0.28 -58.69
CA GLY AC 54 -49.07 -0.70 -59.39
C GLY AC 54 -48.08 -1.41 -58.48
N GLU AC 55 -48.60 -2.25 -57.58
CA GLU AC 55 -47.79 -2.90 -56.56
C GLU AC 55 -47.86 -4.41 -56.78
N GLY AC 56 -46.77 -4.98 -57.25
CA GLY AC 56 -46.70 -6.40 -57.51
C GLY AC 56 -45.89 -6.67 -58.77
N SER AC 57 -45.94 -7.92 -59.22
CA SER AC 57 -45.25 -8.29 -60.45
C SER AC 57 -45.99 -7.69 -61.65
N LYS AC 58 -45.22 -7.31 -62.66
CA LYS AC 58 -45.75 -6.59 -63.82
C LYS AC 58 -46.46 -7.59 -64.73
N THR AC 59 -47.77 -7.71 -64.57
CA THR AC 59 -48.61 -8.58 -65.39
C THR AC 59 -49.45 -7.73 -66.34
N TRP AC 60 -49.76 -8.31 -67.50
CA TRP AC 60 -50.47 -7.59 -68.54
C TRP AC 60 -51.53 -8.50 -69.16
N ASP AC 61 -52.72 -7.94 -69.38
CA ASP AC 61 -53.80 -8.64 -70.06
C ASP AC 61 -53.70 -8.49 -71.57
N ARG AC 62 -54.40 -9.38 -72.27
CA ARG AC 62 -54.57 -9.31 -73.72
C ARG AC 62 -56.06 -9.48 -74.02
N PHE AC 63 -56.81 -8.40 -73.96
CA PHE AC 63 -58.22 -8.43 -74.32
C PHE AC 63 -58.34 -8.41 -75.83
N GLN AC 64 -58.96 -9.44 -76.41
CA GLN AC 64 -59.08 -9.60 -77.85
C GLN AC 64 -60.55 -9.61 -78.22
N MET AC 65 -60.95 -8.69 -79.10
CA MET AC 65 -62.28 -8.68 -79.68
C MET AC 65 -62.16 -8.95 -81.17
N ARG AC 66 -62.58 -10.13 -81.61
CA ARG AC 66 -62.46 -10.51 -83.00
C ARG AC 66 -63.76 -10.18 -83.73
N ILE AC 67 -63.69 -9.25 -84.68
CA ILE AC 67 -64.84 -8.85 -85.48
C ILE AC 67 -64.60 -9.38 -86.90
N HIS AC 68 -65.70 -9.68 -87.60
CA HIS AC 68 -65.69 -10.31 -88.90
C HIS AC 68 -66.66 -9.58 -89.81
N LYS AC 69 -66.36 -9.60 -91.11
CA LYS AC 69 -67.19 -8.91 -92.09
C LYS AC 69 -67.23 -9.71 -93.39
N ARG AC 70 -68.44 -9.88 -93.92
CA ARG AC 70 -68.66 -10.53 -95.21
C ARG AC 70 -69.52 -9.63 -96.08
N LEU AC 71 -69.48 -9.88 -97.38
CA LEU AC 71 -70.32 -9.13 -98.31
C LEU AC 71 -70.95 -10.07 -99.33
N ILE AC 72 -72.21 -9.77 -99.68
CA ILE AC 72 -72.99 -10.55 -100.64
C ILE AC 72 -73.63 -9.58 -101.63
N ASP AC 73 -73.36 -9.79 -102.92
CA ASP AC 73 -73.98 -8.97 -103.96
C ASP AC 73 -75.21 -9.68 -104.51
N LEU AC 74 -76.22 -8.90 -104.87
CA LEU AC 74 -77.46 -9.43 -105.42
C LEU AC 74 -77.85 -8.65 -106.66
N HIS AC 75 -78.27 -9.39 -107.70
CA HIS AC 75 -78.79 -8.80 -108.94
C HIS AC 75 -80.30 -8.95 -108.89
N SER AC 76 -80.96 -8.02 -108.21
CA SER AC 76 -82.39 -8.10 -107.95
C SER AC 76 -82.89 -6.72 -107.55
N PRO AC 77 -84.20 -6.44 -107.72
CA PRO AC 77 -84.75 -5.17 -107.22
C PRO AC 77 -84.78 -5.05 -105.70
N SER AC 78 -85.22 -3.90 -105.20
CA SER AC 78 -85.15 -3.60 -103.78
C SER AC 78 -86.17 -4.37 -102.97
N GLU AC 79 -87.32 -4.72 -103.56
CA GLU AC 79 -88.36 -5.43 -102.83
C GLU AC 79 -87.93 -6.83 -102.47
N ILE AC 80 -87.20 -7.51 -103.36
CA ILE AC 80 -86.66 -8.84 -103.09
C ILE AC 80 -85.65 -8.80 -101.96
N VAL AC 81 -84.79 -7.77 -101.96
CA VAL AC 81 -83.75 -7.65 -100.95
C VAL AC 81 -84.35 -7.34 -99.58
N LYS AC 82 -85.35 -6.46 -99.54
CA LYS AC 82 -86.03 -6.17 -98.28
C LYS AC 82 -86.82 -7.37 -97.77
N GLN AC 83 -87.43 -8.14 -98.69
CA GLN AC 83 -88.17 -9.34 -98.30
C GLN AC 83 -87.23 -10.41 -97.75
N ILE AC 84 -86.01 -10.51 -98.28
CA ILE AC 84 -85.06 -11.48 -97.75
C ILE AC 84 -84.50 -11.01 -96.40
N THR AC 85 -84.09 -9.74 -96.32
CA THR AC 85 -83.44 -9.24 -95.11
C THR AC 85 -84.41 -8.96 -93.96
N SER AC 86 -85.72 -8.94 -94.20
CA SER AC 86 -86.66 -8.75 -93.11
C SER AC 86 -87.01 -10.04 -92.37
N ILE AC 87 -86.45 -11.17 -92.78
CA ILE AC 87 -86.79 -12.47 -92.21
C ILE AC 87 -85.54 -13.09 -91.60
N SER AC 88 -85.70 -13.63 -90.38
CA SER AC 88 -84.69 -14.42 -89.64
C SER AC 88 -83.42 -13.60 -89.38
N ILE AC 89 -83.60 -12.55 -88.56
CA ILE AC 89 -82.52 -11.72 -88.09
C ILE AC 89 -82.24 -12.04 -86.62
N GLU AC 90 -80.97 -11.97 -86.24
CA GLU AC 90 -80.53 -12.27 -84.89
C GLU AC 90 -79.53 -11.21 -84.45
N PRO AC 91 -79.40 -10.96 -83.12
CA PRO AC 91 -78.60 -9.79 -82.67
C PRO AC 91 -77.10 -9.91 -82.91
N GLY AC 92 -76.57 -11.09 -83.23
CA GLY AC 92 -75.14 -11.21 -83.42
C GLY AC 92 -74.63 -10.60 -84.71
N VAL AC 93 -75.48 -10.43 -85.71
CA VAL AC 93 -75.08 -10.00 -87.04
C VAL AC 93 -75.78 -8.67 -87.35
N GLU AC 94 -74.99 -7.66 -87.70
CA GLU AC 94 -75.50 -6.39 -88.19
C GLU AC 94 -75.49 -6.40 -89.71
N VAL AC 95 -76.59 -5.97 -90.31
CA VAL AC 95 -76.79 -6.02 -91.75
C VAL AC 95 -76.84 -4.60 -92.28
N GLU AC 96 -76.06 -4.32 -93.31
CA GLU AC 96 -76.07 -3.03 -93.99
C GLU AC 96 -76.42 -3.24 -95.45
N VAL AC 97 -77.50 -2.60 -95.90
CA VAL AC 97 -77.99 -2.76 -97.26
C VAL AC 97 -77.69 -1.48 -98.03
N THR AC 98 -76.87 -1.60 -99.07
CA THR AC 98 -76.53 -0.50 -99.95
C THR AC 98 -77.21 -0.71 -101.30
N ILE AC 99 -77.94 0.31 -101.76
CA ILE AC 99 -78.68 0.19 -103.01
C ILE AC 99 -77.73 0.24 -104.20
N ALA AC 100 -76.85 1.23 -104.23
CA ALA AC 100 -75.88 1.36 -105.31
C ALA AC 100 -74.61 0.58 -105.01
N ARG BC 1 0.64 5.48 -74.43
CA ARG BC 1 1.97 4.95 -74.15
C ARG BC 1 2.79 4.84 -75.44
N ASP BC 2 2.15 4.34 -76.50
CA ASP BC 2 2.80 4.18 -77.80
C ASP BC 2 2.01 4.92 -78.85
N LYS BC 3 2.73 5.56 -79.78
CA LYS BC 3 2.11 6.32 -80.86
C LYS BC 3 2.72 5.90 -82.18
N LEU BC 4 1.87 5.59 -83.15
CA LEU BC 4 2.32 5.15 -84.47
C LEU BC 4 2.78 6.35 -85.27
N ASN BC 5 4.07 6.38 -85.62
CA ASN BC 5 4.65 7.45 -86.43
C ASN BC 5 4.70 6.96 -87.88
N ASN BC 6 3.54 6.98 -88.52
CA ASN BC 6 3.40 6.52 -89.90
C ASN BC 6 3.53 7.69 -90.86
N LEU BC 7 4.20 7.45 -91.99
CA LEU BC 7 4.43 8.49 -92.98
C LEU BC 7 3.16 8.77 -93.78
N VAL BC 8 3.01 10.02 -94.19
CA VAL BC 8 1.81 10.45 -94.90
C VAL BC 8 2.03 10.41 -96.41
N LEU BC 9 3.21 10.76 -96.88
CA LEU BC 9 3.57 10.65 -98.29
C LEU BC 9 4.92 9.95 -98.40
N PHE BC 10 5.38 9.77 -99.63
CA PHE BC 10 6.56 8.96 -99.89
C PHE BC 10 7.85 9.74 -99.65
N ASP BC 11 8.80 9.08 -98.98
CA ASP BC 11 10.19 9.49 -99.04
C ASP BC 11 10.85 8.86 -100.26
N LYS BC 12 12.08 9.28 -100.55
CA LYS BC 12 12.81 8.70 -101.67
C LYS BC 12 13.23 7.26 -101.37
N ALA BC 13 13.77 7.02 -100.17
CA ALA BC 13 14.17 5.67 -99.78
C ALA BC 13 12.96 4.76 -99.63
N THR BC 14 11.86 5.27 -99.08
CA THR BC 14 10.65 4.45 -98.94
C THR BC 14 10.00 4.19 -100.29
N TYR BC 15 10.09 5.13 -101.23
CA TYR BC 15 9.56 4.89 -102.56
C TYR BC 15 10.39 3.86 -103.32
N ASP BC 16 11.72 3.92 -103.17
CA ASP BC 16 12.58 2.90 -103.77
C ASP BC 16 12.36 1.54 -103.12
N LYS BC 17 12.10 1.51 -101.81
CA LYS BC 17 11.81 0.24 -101.14
C LYS BC 17 10.46 -0.32 -101.58
N LEU BC 18 9.47 0.54 -101.83
CA LEU BC 18 8.18 0.08 -102.33
C LEU BC 18 8.28 -0.37 -103.78
N CYS BC 19 9.17 0.22 -104.56
CA CYS BC 19 9.39 -0.27 -105.92
C CYS BC 19 10.23 -1.53 -105.97
N LYS BC 20 11.03 -1.80 -104.94
CA LYS BC 20 11.91 -2.97 -104.96
C LYS BC 20 11.29 -4.19 -104.27
N GLU BC 21 10.96 -4.06 -102.98
CA GLU BC 21 10.63 -5.23 -102.17
C GLU BC 21 9.15 -5.58 -102.17
N VAL BC 22 8.26 -4.61 -102.33
CA VAL BC 22 6.82 -4.83 -102.29
C VAL BC 22 6.31 -5.68 -103.46
N PRO BC 23 6.75 -5.51 -104.73
CA PRO BC 23 6.35 -6.50 -105.75
C PRO BC 23 7.00 -7.87 -105.61
N ASN BC 24 7.84 -8.11 -104.60
CA ASN BC 24 8.38 -9.43 -104.32
C ASN BC 24 7.73 -10.08 -103.10
N TYR BC 25 6.67 -9.50 -102.57
CA TYR BC 25 5.96 -10.04 -101.42
C TYR BC 25 4.78 -10.89 -101.87
N LYS BC 26 4.55 -12.01 -101.18
CA LYS BC 26 3.42 -12.87 -101.51
C LYS BC 26 2.09 -12.22 -101.16
N LEU BC 27 2.01 -11.56 -100.00
CA LEU BC 27 0.86 -10.73 -99.64
C LEU BC 27 1.19 -9.29 -99.98
N ILE BC 28 0.47 -8.73 -100.95
CA ILE BC 28 0.55 -7.31 -101.26
C ILE BC 28 -0.84 -6.75 -100.94
N THR BC 29 -1.03 -6.35 -99.69
CA THR BC 29 -2.28 -5.87 -99.12
C THR BC 29 -1.96 -4.65 -98.29
N PRO BC 30 -2.86 -3.64 -98.25
CA PRO BC 30 -2.46 -2.33 -97.69
C PRO BC 30 -2.17 -2.33 -96.21
N ALA BC 31 -2.78 -3.23 -95.42
CA ALA BC 31 -2.45 -3.32 -94.01
C ALA BC 31 -1.03 -3.84 -93.78
N VAL BC 32 -0.65 -4.87 -94.54
CA VAL BC 32 0.71 -5.42 -94.43
C VAL BC 32 1.73 -4.43 -94.99
N VAL BC 33 1.36 -3.70 -96.05
CA VAL BC 33 2.23 -2.68 -96.61
C VAL BC 33 2.45 -1.53 -95.62
N SER BC 34 1.39 -1.10 -94.94
CA SER BC 34 1.51 -0.06 -93.93
C SER BC 34 2.31 -0.52 -92.72
N GLU BC 35 2.14 -1.78 -92.33
CA GLU BC 35 2.88 -2.32 -91.18
C GLU BC 35 4.36 -2.48 -91.50
N ARG BC 36 4.69 -2.85 -92.73
CA ARG BC 36 6.08 -3.08 -93.11
C ARG BC 36 6.78 -1.84 -93.62
N LEU BC 37 6.06 -0.76 -93.93
CA LEU BC 37 6.68 0.45 -94.45
C LEU BC 37 6.46 1.68 -93.59
N LYS BC 38 5.70 1.58 -92.49
CA LYS BC 38 5.39 2.69 -91.57
C LYS BC 38 4.74 3.85 -92.31
N ILE BC 39 3.66 3.56 -93.02
CA ILE BC 39 2.92 4.54 -93.80
C ILE BC 39 1.44 4.42 -93.45
N ARG BC 40 0.65 5.32 -94.01
CA ARG BC 40 -0.80 5.28 -93.83
C ARG BC 40 -1.39 4.13 -94.62
N GLY BC 41 -2.52 3.61 -94.15
CA GLY BC 41 -3.26 2.62 -94.91
C GLY BC 41 -3.86 3.21 -96.18
N SER BC 42 -4.28 4.47 -96.11
CA SER BC 42 -4.78 5.16 -97.30
C SER BC 42 -3.67 5.42 -98.30
N LEU BC 43 -2.47 5.77 -97.81
CA LEU BC 43 -1.33 5.91 -98.70
C LEU BC 43 -0.92 4.57 -99.29
N ALA BC 44 -1.09 3.48 -98.54
CA ALA BC 44 -0.85 2.15 -99.07
C ALA BC 44 -1.84 1.79 -100.17
N ARG BC 45 -3.11 2.15 -99.99
CA ARG BC 45 -4.11 1.90 -101.02
C ARG BC 45 -3.87 2.76 -102.26
N ALA BC 46 -3.41 4.00 -102.06
CA ALA BC 46 -3.03 4.84 -103.20
C ALA BC 46 -1.81 4.30 -103.92
N ALA BC 47 -0.85 3.74 -103.19
CA ALA BC 47 0.29 3.10 -103.82
C ALA BC 47 -0.13 1.85 -104.58
N LEU BC 48 -1.13 1.13 -104.07
CA LEU BC 48 -1.67 -0.02 -104.81
C LEU BC 48 -2.39 0.40 -106.07
N GLN BC 49 -3.10 1.53 -106.03
CA GLN BC 49 -3.72 2.06 -107.25
C GLN BC 49 -2.68 2.51 -108.26
N GLU BC 50 -1.57 3.10 -107.78
CA GLU BC 50 -0.48 3.48 -108.66
C GLU BC 50 0.21 2.25 -109.27
N LEU BC 51 0.37 1.18 -108.50
CA LEU BC 51 0.96 -0.03 -109.05
C LEU BC 51 0.01 -0.75 -110.00
N LEU BC 52 -1.31 -0.61 -109.78
CA LEU BC 52 -2.26 -1.14 -110.74
C LEU BC 52 -2.23 -0.35 -112.04
N SER BC 53 -2.05 0.97 -111.94
CA SER BC 53 -1.92 1.79 -113.15
C SER BC 53 -0.60 1.56 -113.87
N LYS BC 54 0.44 1.19 -113.12
CA LYS BC 54 1.75 0.94 -113.73
C LYS BC 54 1.82 -0.44 -114.36
N GLY BC 55 1.30 -1.46 -113.69
CA GLY BC 55 1.26 -2.80 -114.26
C GLY BC 55 2.31 -3.75 -113.71
N LEU BC 56 2.52 -3.74 -112.39
CA LEU BC 56 3.49 -4.61 -111.75
C LEU BC 56 2.88 -5.65 -110.82
N ILE BC 57 1.65 -5.43 -110.33
CA ILE BC 57 1.00 -6.35 -109.42
C ILE BC 57 -0.28 -6.85 -110.09
N LYS BC 58 -0.85 -7.91 -109.51
CA LYS BC 58 -2.02 -8.58 -110.08
C LYS BC 58 -3.14 -8.64 -109.07
N LEU BC 59 -4.32 -8.14 -109.45
CA LEU BC 59 -5.47 -8.17 -108.56
C LEU BC 59 -6.02 -9.59 -108.46
N VAL BC 60 -6.53 -9.92 -107.28
CA VAL BC 60 -7.16 -11.22 -107.04
C VAL BC 60 -8.67 -11.06 -106.82
N SER BC 61 -9.07 -10.32 -105.79
CA SER BC 61 -10.48 -10.06 -105.52
C SER BC 61 -10.59 -8.75 -104.78
N LYS BC 62 -11.24 -7.76 -105.40
CA LYS BC 62 -11.38 -6.45 -104.80
C LYS BC 62 -12.67 -6.38 -103.97
N HIS BC 63 -12.66 -5.49 -102.97
CA HIS BC 63 -13.78 -5.31 -102.07
C HIS BC 63 -13.68 -3.92 -101.49
N ARG BC 64 -14.82 -3.41 -100.98
CA ARG BC 64 -14.86 -2.07 -100.42
C ARG BC 64 -14.08 -1.93 -99.11
N ALA BC 65 -13.82 -3.04 -98.43
CA ALA BC 65 -13.07 -3.03 -97.17
C ALA BC 65 -11.62 -3.42 -97.36
N GLN BC 66 -11.35 -4.44 -98.18
CA GLN BC 66 -10.00 -4.94 -98.36
C GLN BC 66 -9.77 -5.32 -99.82
N VAL BC 67 -8.69 -4.80 -100.39
CA VAL BC 67 -8.25 -5.17 -101.73
C VAL BC 67 -7.10 -6.17 -101.62
N ILE BC 68 -7.03 -7.10 -102.57
CA ILE BC 68 -6.07 -8.20 -102.53
C ILE BC 68 -5.25 -8.17 -103.81
N TYR BC 69 -3.93 -8.00 -103.66
CA TYR BC 69 -3.01 -7.98 -104.78
C TYR BC 69 -1.87 -8.95 -104.52
N THR BC 70 -1.35 -9.53 -105.60
CA THR BC 70 -0.23 -10.47 -105.53
C THR BC 70 0.79 -10.10 -106.61
N ARG BC 71 1.79 -10.95 -106.76
CA ARG BC 71 2.90 -10.71 -107.67
C ARG BC 71 2.50 -10.98 -109.12
N ASN BC 72 3.46 -10.81 -110.02
CA ASN BC 72 3.30 -11.19 -111.40
C ASN BC 72 3.45 -12.71 -111.54
N THR BC 73 2.97 -13.25 -112.66
CA THR BC 73 3.05 -14.68 -112.90
C THR BC 73 4.50 -15.10 -113.15
N LYS BC 74 4.76 -16.39 -112.93
CA LYS BC 74 6.12 -16.93 -113.04
C LYS BC 74 6.46 -17.31 -114.47
N GLY BC 75 5.58 -18.05 -115.15
CA GLY BC 75 5.81 -18.47 -116.51
C GLY BC 75 5.65 -17.35 -117.52
N GLN CC 1 6.27 -41.52 -71.68
CA GLN CC 1 5.04 -42.26 -71.89
C GLN CC 1 4.43 -41.92 -73.25
N PRO CC 2 3.98 -42.93 -73.99
CA PRO CC 2 3.43 -42.70 -75.32
C PRO CC 2 2.00 -42.17 -75.24
N ILE CC 3 1.42 -41.94 -76.43
CA ILE CC 3 0.07 -41.42 -76.57
C ILE CC 3 -0.77 -42.47 -77.28
N LYS CC 4 -1.88 -42.87 -76.65
CA LYS CC 4 -2.69 -43.97 -77.14
C LYS CC 4 -4.04 -43.47 -77.66
N LEU CC 5 -4.78 -44.38 -78.28
CA LEU CC 5 -6.12 -44.12 -78.79
C LEU CC 5 -7.07 -45.18 -78.25
N ALA CC 6 -8.28 -44.77 -77.89
CA ALA CC 6 -9.24 -45.68 -77.27
C ALA CC 6 -10.63 -45.41 -77.79
N ARG CC 7 -11.35 -46.47 -78.14
CA ARG CC 7 -12.72 -46.35 -78.63
C ARG CC 7 -13.71 -46.52 -77.49
N VAL CC 8 -14.69 -45.63 -77.43
CA VAL CC 8 -15.75 -45.70 -76.42
C VAL CC 8 -16.66 -46.87 -76.74
N THR CC 9 -16.88 -47.76 -75.76
CA THR CC 9 -17.82 -48.85 -75.95
C THR CC 9 -19.07 -48.75 -75.08
N LYS CC 10 -19.03 -47.97 -73.99
CA LYS CC 10 -20.18 -47.83 -73.09
C LYS CC 10 -19.96 -46.59 -72.22
N VAL CC 11 -21.01 -45.79 -72.08
CA VAL CC 11 -21.04 -44.70 -71.11
C VAL CC 11 -21.84 -45.16 -69.89
N LEU CC 12 -21.34 -44.85 -68.70
CA LEU CC 12 -21.91 -45.37 -67.46
C LEU CC 12 -22.84 -44.37 -66.79
N GLY CC 13 -22.34 -43.17 -66.50
CA GLY CC 13 -23.19 -42.21 -65.82
C GLY CC 13 -22.52 -40.85 -65.74
N ARG CC 14 -23.27 -39.89 -65.21
CA ARG CC 14 -22.79 -38.52 -65.05
C ARG CC 14 -22.06 -38.38 -63.72
N THR CC 15 -20.82 -37.94 -63.77
CA THR CC 15 -20.00 -37.75 -62.59
C THR CC 15 -19.76 -36.26 -62.35
N GLY CC 16 -19.02 -35.95 -61.29
CA GLY CC 16 -18.75 -34.58 -60.92
C GLY CC 16 -19.85 -33.98 -60.07
N SER CC 17 -19.56 -32.80 -59.52
CA SER CC 17 -20.52 -32.11 -58.68
C SER CC 17 -21.61 -31.44 -59.50
N GLN CC 18 -21.22 -30.66 -60.51
CA GLN CC 18 -22.19 -30.02 -61.40
C GLN CC 18 -22.74 -30.98 -62.46
N GLY CC 19 -22.22 -32.20 -62.56
CA GLY CC 19 -22.67 -33.14 -63.57
C GLY CC 19 -22.14 -32.77 -64.94
N GLN CC 20 -20.82 -32.65 -65.06
CA GLN CC 20 -20.18 -32.21 -66.29
C GLN CC 20 -19.23 -33.23 -66.89
N CYS CC 21 -19.10 -34.41 -66.29
CA CYS CC 21 -18.16 -35.42 -66.78
C CYS CC 21 -18.88 -36.77 -66.85
N THR CC 22 -18.83 -37.40 -68.01
CA THR CC 22 -19.43 -38.71 -68.20
C THR CC 22 -18.43 -39.81 -67.82
N GLN CC 23 -18.95 -40.88 -67.23
CA GLN CC 23 -18.14 -42.04 -66.87
C GLN CC 23 -18.16 -43.01 -68.04
N VAL CC 24 -17.01 -43.23 -68.65
CA VAL CC 24 -16.89 -43.82 -69.98
C VAL CC 24 -16.01 -45.05 -69.92
N ARG CC 25 -16.52 -46.18 -70.43
CA ARG CC 25 -15.74 -47.38 -70.64
C ARG CC 25 -15.08 -47.32 -72.01
N VAL CC 26 -13.74 -47.32 -72.04
CA VAL CC 26 -12.98 -47.24 -73.28
C VAL CC 26 -12.19 -48.54 -73.48
N GLU CC 27 -12.33 -49.12 -74.67
CA GLU CC 27 -11.52 -50.23 -75.14
C GLU CC 27 -10.32 -49.67 -75.88
N PHE CC 28 -9.13 -50.15 -75.54
CA PHE CC 28 -7.94 -49.77 -76.29
C PHE CC 28 -7.93 -50.47 -77.64
N MET CC 29 -7.82 -49.70 -78.72
CA MET CC 29 -7.83 -50.26 -80.06
C MET CC 29 -6.55 -50.97 -80.44
N ASP CC 30 -5.45 -50.73 -79.71
CA ASP CC 30 -4.23 -51.48 -79.95
C ASP CC 30 -4.32 -52.87 -79.34
N ASP CC 31 -4.69 -52.96 -78.06
CA ASP CC 31 -4.90 -54.23 -77.37
C ASP CC 31 -6.35 -54.23 -76.86
N THR CC 32 -7.21 -54.99 -77.53
CA THR CC 32 -8.63 -54.98 -77.23
C THR CC 32 -8.98 -55.79 -75.98
N SER CC 33 -8.03 -56.54 -75.41
CA SER CC 33 -8.30 -57.30 -74.21
C SER CC 33 -8.17 -56.46 -72.94
N ARG CC 34 -7.64 -55.24 -73.07
CA ARG CC 34 -7.46 -54.35 -71.94
C ARG CC 34 -8.32 -53.10 -72.13
N SER CC 35 -9.20 -52.84 -71.18
CA SER CC 35 -10.13 -51.73 -71.24
C SER CC 35 -10.22 -51.07 -69.87
N ILE CC 36 -10.44 -49.75 -69.86
CA ILE CC 36 -10.47 -48.99 -68.62
C ILE CC 36 -11.72 -48.12 -68.55
N ILE CC 37 -11.88 -47.48 -67.39
CA ILE CC 37 -13.01 -46.59 -67.10
C ILE CC 37 -12.44 -45.23 -66.76
N ARG CC 38 -12.87 -44.20 -67.47
CA ARG CC 38 -12.37 -42.85 -67.24
C ARG CC 38 -13.53 -41.87 -67.12
N ASN CC 39 -13.18 -40.62 -66.85
CA ASN CC 39 -14.14 -39.52 -66.88
C ASN CC 39 -13.80 -38.62 -68.07
N VAL CC 40 -14.80 -38.31 -68.89
CA VAL CC 40 -14.60 -37.53 -70.10
C VAL CC 40 -15.57 -36.34 -70.08
N LYS CC 41 -15.04 -35.15 -70.34
CA LYS CC 41 -15.87 -33.96 -70.46
C LYS CC 41 -16.57 -33.94 -71.81
N GLY CC 42 -17.64 -33.15 -71.89
CA GLY CC 42 -18.35 -32.94 -73.13
C GLY CC 42 -19.30 -34.06 -73.48
N PRO CC 43 -20.06 -33.89 -74.57
CA PRO CC 43 -20.99 -34.94 -74.99
C PRO CC 43 -20.26 -36.11 -75.63
N VAL CC 44 -20.56 -37.32 -75.16
CA VAL CC 44 -19.91 -38.54 -75.61
C VAL CC 44 -20.97 -39.52 -76.11
N ARG CC 45 -20.84 -39.95 -77.35
CA ARG CC 45 -21.64 -41.05 -77.88
C ARG CC 45 -20.76 -42.29 -77.99
N GLU CC 46 -21.41 -43.45 -77.94
CA GLU CC 46 -20.69 -44.71 -77.93
C GLU CC 46 -20.21 -45.06 -79.33
N GLY CC 47 -18.91 -45.31 -79.45
CA GLY CC 47 -18.34 -45.70 -80.73
C GLY CC 47 -17.53 -44.61 -81.42
N ASP CC 48 -16.74 -43.87 -80.64
CA ASP CC 48 -15.83 -42.88 -81.21
C ASP CC 48 -14.46 -42.99 -80.53
N VAL CC 49 -13.46 -42.45 -81.20
CA VAL CC 49 -12.06 -42.60 -80.80
C VAL CC 49 -11.65 -41.36 -80.01
N LEU CC 50 -11.00 -41.58 -78.87
CA LEU CC 50 -10.42 -40.53 -78.06
C LEU CC 50 -8.91 -40.72 -77.96
N THR CC 51 -8.21 -39.61 -77.76
CA THR CC 51 -6.75 -39.57 -77.74
C THR CC 51 -6.30 -39.44 -76.30
N LEU CC 52 -5.82 -40.54 -75.72
CA LEU CC 52 -5.38 -40.56 -74.34
C LEU CC 52 -3.90 -40.20 -74.27
N LEU CC 53 -3.57 -39.21 -73.43
CA LEU CC 53 -2.16 -38.83 -73.28
C LEU CC 53 -1.42 -39.77 -72.34
N GLU CC 54 -2.09 -40.31 -71.33
CA GLU CC 54 -1.51 -41.33 -70.49
C GLU CC 54 -2.61 -42.26 -69.99
N SER CC 55 -2.24 -43.51 -69.70
CA SER CC 55 -3.15 -44.51 -69.18
C SER CC 55 -2.84 -44.87 -67.73
N GLU CC 56 -2.07 -44.03 -67.04
CA GLU CC 56 -1.69 -44.33 -65.66
C GLU CC 56 -2.79 -43.94 -64.68
N ARG CC 57 -3.29 -42.71 -64.79
CA ARG CC 57 -4.32 -42.23 -63.88
C ARG CC 57 -5.68 -42.82 -64.26
N GLU CC 58 -6.43 -43.22 -63.25
CA GLU CC 58 -7.76 -43.78 -63.44
C GLU CC 58 -8.62 -43.46 -62.23
N ALA CC 59 -9.75 -42.79 -62.46
CA ALA CC 59 -10.61 -42.36 -61.37
C ALA CC 59 -11.36 -43.53 -60.77
N ARG CC 60 -11.78 -43.35 -59.52
CA ARG CC 60 -12.50 -44.40 -58.80
C ARG CC 60 -13.94 -44.49 -59.26
N ARG CC 61 -14.44 -45.72 -59.36
CA ARG CC 61 -15.83 -45.95 -59.75
C ARG CC 61 -16.75 -45.68 -58.57
N LEU CC 62 -17.80 -44.90 -58.81
CA LEU CC 62 -18.76 -44.57 -57.76
C LEU CC 62 -20.01 -45.43 -57.90
N GLY DC 1 -65.91 39.45 -63.19
CA GLY DC 1 -67.07 38.88 -62.55
C GLY DC 1 -66.90 37.43 -62.16
N HIS DC 2 -67.79 36.95 -61.28
CA HIS DC 2 -67.75 35.55 -60.88
C HIS DC 2 -68.12 34.64 -62.04
N GLN DC 3 -69.10 35.03 -62.86
CA GLN DC 3 -69.41 34.28 -64.07
C GLN DC 3 -68.31 34.41 -65.12
N GLN DC 4 -67.51 35.47 -65.06
CA GLN DC 4 -66.40 35.65 -65.99
C GLN DC 4 -65.15 34.91 -65.56
N LEU DC 5 -65.03 34.54 -64.29
CA LEU DC 5 -63.85 33.82 -63.81
C LEU DC 5 -64.12 32.42 -63.28
N TYR DC 6 -65.37 31.97 -63.28
CA TYR DC 6 -65.66 30.61 -62.84
C TYR DC 6 -65.39 29.58 -63.93
N TRP DC 7 -65.43 30.00 -65.20
CA TRP DC 7 -65.16 29.12 -66.32
C TRP DC 7 -64.25 29.83 -67.32
N SER DC 8 -63.16 30.40 -66.81
CA SER DC 8 -62.14 31.02 -67.66
C SER DC 8 -61.03 30.07 -68.06
N HIS DC 9 -61.23 28.76 -67.89
CA HIS DC 9 -60.12 27.89 -68.22
C HIS DC 9 -60.37 27.15 -69.53
N PRO DC 10 -59.42 27.19 -70.46
CA PRO DC 10 -59.58 26.45 -71.72
C PRO DC 10 -59.44 24.95 -71.48
N ARG DC 11 -60.52 24.22 -71.76
CA ARG DC 11 -60.57 22.78 -71.60
C ARG DC 11 -60.62 22.08 -72.95
N LYS DC 12 -59.88 22.60 -73.93
CA LYS DC 12 -59.86 22.05 -75.27
C LYS DC 12 -58.82 20.94 -75.44
N PHE DC 13 -58.06 20.63 -74.40
CA PHE DC 13 -56.96 19.69 -74.50
C PHE DC 13 -56.62 19.19 -73.10
N GLY DC 14 -55.62 18.31 -73.05
CA GLY DC 14 -55.09 17.83 -71.78
C GLY DC 14 -55.81 16.61 -71.26
N GLN DC 15 -55.27 16.06 -70.17
CA GLN DC 15 -55.84 14.89 -69.52
C GLN DC 15 -56.85 15.24 -68.44
N GLY DC 16 -57.04 16.52 -68.14
CA GLY DC 16 -58.06 16.94 -67.19
C GLY DC 16 -59.37 17.36 -67.83
N SER DC 17 -59.35 17.68 -69.11
CA SER DC 17 -60.60 17.95 -69.82
C SER DC 17 -61.38 16.66 -70.05
N ARG DC 18 -60.70 15.59 -70.44
CA ARG DC 18 -61.30 14.28 -70.56
C ARG DC 18 -61.20 13.53 -69.23
N SER DC 19 -62.09 12.56 -69.05
CA SER DC 19 -62.15 11.81 -67.80
C SER DC 19 -62.81 10.46 -68.09
N CYS DC 20 -62.94 9.66 -67.04
CA CYS DC 20 -63.65 8.40 -67.13
C CYS DC 20 -65.15 8.65 -67.26
N ARG DC 21 -65.85 7.68 -67.85
CA ARG DC 21 -67.30 7.74 -67.94
C ARG DC 21 -67.98 6.88 -66.91
N VAL DC 22 -67.24 6.37 -65.92
CA VAL DC 22 -67.81 5.67 -64.79
C VAL DC 22 -67.38 6.38 -63.51
N CYS DC 23 -66.06 6.49 -63.31
CA CYS DC 23 -65.50 7.08 -62.11
C CYS DC 23 -65.33 8.59 -62.21
N SER DC 24 -65.21 9.12 -63.43
CA SER DC 24 -64.87 10.52 -63.71
C SER DC 24 -63.56 10.94 -63.04
N ASN DC 25 -62.57 10.06 -63.08
CA ASN DC 25 -61.23 10.37 -62.61
C ASN DC 25 -60.33 10.69 -63.80
N ARG DC 26 -59.10 11.09 -63.51
CA ARG DC 26 -58.16 11.58 -64.52
C ARG DC 26 -56.89 10.76 -64.53
N HIS DC 27 -57.01 9.45 -64.33
CA HIS DC 27 -55.85 8.56 -64.34
C HIS DC 27 -56.21 7.24 -65.02
N GLY DC 28 -55.32 6.78 -65.89
CA GLY DC 28 -55.48 5.49 -66.54
C GLY DC 28 -56.61 5.41 -67.54
N LEU DC 29 -56.83 6.47 -68.31
CA LEU DC 29 -57.96 6.53 -69.22
C LEU DC 29 -57.68 5.71 -70.48
N ILE DC 30 -58.66 4.90 -70.86
CA ILE DC 30 -58.59 4.13 -72.11
C ILE DC 30 -59.37 4.95 -73.13
N ARG DC 31 -58.67 5.84 -73.83
CA ARG DC 31 -59.28 6.66 -74.86
C ARG DC 31 -59.39 5.91 -76.19
N LYS DC 32 -58.86 4.69 -76.26
CA LYS DC 32 -58.82 3.93 -77.51
C LYS DC 32 -60.22 3.42 -77.86
N TYR DC 33 -60.60 3.61 -79.13
CA TYR DC 33 -61.90 3.24 -79.70
C TYR DC 33 -63.08 3.89 -78.98
N GLY DC 34 -62.87 5.08 -78.40
CA GLY DC 34 -63.96 5.79 -77.76
C GLY DC 34 -64.48 5.18 -76.49
N LEU DC 35 -63.65 4.37 -75.81
CA LEU DC 35 -64.04 3.82 -74.50
C LEU DC 35 -64.12 4.93 -73.46
N ASN DC 36 -63.07 5.75 -73.35
CA ASN DC 36 -63.01 6.94 -72.48
C ASN DC 36 -63.27 6.60 -71.02
N MET DC 37 -62.68 5.50 -70.57
CA MET DC 37 -62.95 4.98 -69.24
C MET DC 37 -61.66 4.42 -68.65
N CYS DC 38 -61.64 4.29 -67.33
CA CYS DC 38 -60.43 3.86 -66.65
C CYS DC 38 -60.23 2.36 -66.80
N ARG DC 39 -58.98 1.93 -66.56
CA ARG DC 39 -58.62 0.53 -66.82
C ARG DC 39 -59.21 -0.42 -65.79
N GLN DC 40 -59.48 0.05 -64.57
CA GLN DC 40 -60.09 -0.80 -63.56
C GLN DC 40 -61.54 -1.10 -63.90
N CYS DC 41 -62.30 -0.08 -64.30
CA CYS DC 41 -63.66 -0.32 -64.74
C CYS DC 41 -63.71 -1.05 -66.08
N PHE DC 42 -62.67 -0.89 -66.91
CA PHE DC 42 -62.60 -1.68 -68.14
C PHE DC 42 -62.40 -3.16 -67.83
N ARG DC 43 -61.54 -3.47 -66.86
CA ARG DC 43 -61.38 -4.85 -66.42
C ARG DC 43 -62.66 -5.37 -65.76
N GLN DC 44 -63.40 -4.48 -65.09
CA GLN DC 44 -64.65 -4.90 -64.45
C GLN DC 44 -65.74 -5.21 -65.48
N TYR DC 45 -65.84 -4.41 -66.54
CA TYR DC 45 -66.94 -4.51 -67.48
C TYR DC 45 -66.52 -4.99 -68.88
N ALA DC 46 -65.34 -5.62 -68.99
CA ALA DC 46 -64.93 -6.17 -70.28
C ALA DC 46 -65.81 -7.32 -70.74
N LYS DC 47 -66.36 -8.09 -69.79
CA LYS DC 47 -67.28 -9.17 -70.17
C LYS DC 47 -68.60 -8.62 -70.68
N ASP DC 48 -69.07 -7.50 -70.11
CA ASP DC 48 -70.29 -6.87 -70.60
C ASP DC 48 -70.08 -6.14 -71.92
N ILE DC 49 -68.87 -5.59 -72.14
CA ILE DC 49 -68.60 -4.93 -73.42
C ILE DC 49 -68.42 -5.96 -74.52
N GLY DC 50 -67.55 -6.95 -74.32
CA GLY DC 50 -67.35 -7.99 -75.31
C GLY DC 50 -65.91 -8.42 -75.45
N PHE DC 51 -65.00 -7.73 -74.76
CA PHE DC 51 -63.60 -8.11 -74.77
C PHE DC 51 -63.39 -9.34 -73.90
N ILE DC 52 -62.75 -10.36 -74.46
CA ILE DC 52 -62.53 -11.62 -73.77
C ILE DC 52 -61.07 -12.03 -73.98
N LYS DC 53 -60.48 -12.66 -72.96
CA LYS DC 53 -59.10 -13.09 -73.01
C LYS DC 53 -59.02 -14.40 -73.78
N LEU DC 54 -58.77 -14.28 -75.09
CA LEU DC 54 -58.59 -15.46 -75.93
C LEU DC 54 -57.15 -15.96 -75.92
N ASP DC 55 -56.19 -15.06 -76.09
CA ASP DC 55 -54.78 -15.43 -76.10
C ASP DC 55 -53.91 -14.23 -75.71
N LYS EC 1 -57.00 27.02 -36.70
CA LYS EC 1 -55.83 27.67 -36.13
C LYS EC 1 -56.02 29.18 -36.05
N SER EC 2 -55.22 29.84 -35.21
CA SER EC 2 -55.31 31.28 -35.05
C SER EC 2 -54.67 32.00 -36.23
N TYR EC 3 -55.22 33.16 -36.58
CA TYR EC 3 -54.78 33.94 -37.71
C TYR EC 3 -54.21 35.28 -37.25
N THR EC 4 -53.41 35.89 -38.13
CA THR EC 4 -52.87 37.22 -37.89
C THR EC 4 -53.54 38.28 -38.76
N THR EC 5 -53.69 38.02 -40.05
CA THR EC 5 -54.37 38.96 -40.94
C THR EC 5 -55.87 38.88 -40.72
N PRO EC 6 -56.55 40.00 -40.47
CA PRO EC 6 -58.01 39.96 -40.28
C PRO EC 6 -58.72 39.71 -41.60
N LYS EC 7 -59.90 39.10 -41.49
CA LYS EC 7 -60.68 38.75 -42.67
C LYS EC 7 -61.36 39.99 -43.26
N LYS EC 8 -61.77 39.87 -44.51
CA LYS EC 8 -62.50 40.92 -45.19
C LYS EC 8 -64.00 40.70 -45.01
N ASN EC 9 -64.68 41.72 -44.51
CA ASN EC 9 -66.10 41.60 -44.18
C ASN EC 9 -66.97 41.61 -45.44
N LYS EC 10 -68.19 41.10 -45.28
CA LYS EC 10 -69.17 41.12 -46.35
C LYS EC 10 -69.70 42.54 -46.54
N HIS EC 11 -69.98 42.88 -47.80
CA HIS EC 11 -70.55 44.19 -48.14
C HIS EC 11 -71.96 44.30 -47.57
N LYS EC 12 -72.11 45.18 -46.58
CA LYS EC 12 -73.41 45.38 -45.94
C LYS EC 12 -74.36 46.11 -46.89
N ARG EC 13 -75.52 45.51 -47.14
CA ARG EC 13 -76.48 46.07 -48.08
C ARG EC 13 -77.15 47.29 -47.48
N LYS EC 14 -76.97 48.44 -48.11
CA LYS EC 14 -77.57 49.69 -47.65
C LYS EC 14 -79.02 49.72 -48.14
N LYS EC 15 -79.95 49.40 -47.24
CA LYS EC 15 -81.36 49.40 -47.59
C LYS EC 15 -81.90 50.83 -47.72
N VAL EC 16 -82.83 50.99 -48.64
CA VAL EC 16 -83.39 52.30 -48.97
C VAL EC 16 -84.89 52.25 -48.72
N LYS EC 17 -85.35 53.06 -47.76
CA LYS EC 17 -86.78 53.17 -47.49
C LYS EC 17 -87.44 54.01 -48.58
N LEU EC 18 -88.37 53.38 -49.32
CA LEU EC 18 -89.24 54.01 -50.33
C LEU EC 18 -88.40 54.66 -51.44
N ALA EC 19 -87.72 53.79 -52.20
CA ALA EC 19 -86.84 54.24 -53.27
C ALA EC 19 -87.59 54.85 -54.45
N VAL EC 20 -88.88 54.53 -54.60
CA VAL EC 20 -89.66 55.12 -55.68
C VAL EC 20 -90.01 56.58 -55.35
N LEU EC 21 -90.08 56.93 -54.07
CA LEU EC 21 -90.36 58.29 -53.64
C LEU EC 21 -89.25 59.27 -54.03
N LYS EC 22 -88.03 58.80 -54.22
CA LYS EC 22 -86.92 59.63 -54.65
C LYS EC 22 -86.80 59.74 -56.17
N TYR EC 23 -87.76 59.19 -56.91
CA TYR EC 23 -87.70 59.20 -58.37
C TYR EC 23 -88.46 60.39 -58.97
N TYR EC 24 -89.74 60.50 -58.66
CA TYR EC 24 -90.61 61.50 -59.26
C TYR EC 24 -90.76 62.72 -58.36
N LYS EC 25 -91.29 63.79 -58.94
CA LYS EC 25 -91.68 64.99 -58.21
C LYS EC 25 -93.17 65.21 -58.41
N VAL EC 26 -93.90 65.32 -57.32
CA VAL EC 26 -95.36 65.41 -57.36
C VAL EC 26 -95.78 66.87 -57.45
N ASP EC 27 -96.88 67.12 -58.14
CA ASP EC 27 -97.51 68.43 -58.23
C ASP EC 27 -98.96 68.30 -57.79
N GLU EC 28 -99.55 69.44 -57.41
CA GLU EC 28 -100.95 69.45 -56.99
C GLU EC 28 -101.92 69.21 -58.14
N ASN EC 29 -101.48 69.40 -59.38
CA ASN EC 29 -102.29 69.07 -60.54
C ASN EC 29 -102.00 67.62 -60.96
N GLY EC 30 -102.57 67.20 -62.08
CA GLY EC 30 -102.39 65.84 -62.56
C GLY EC 30 -101.22 65.68 -63.49
N LYS EC 31 -100.00 65.87 -62.98
CA LYS EC 31 -98.80 65.69 -63.77
C LYS EC 31 -97.67 65.22 -62.86
N ILE EC 32 -96.63 64.67 -63.48
CA ILE EC 32 -95.45 64.18 -62.77
C ILE EC 32 -94.20 64.74 -63.44
N SER EC 33 -93.15 64.90 -62.65
CA SER EC 33 -91.86 65.37 -63.12
C SER EC 33 -90.84 64.24 -62.93
N ARG EC 34 -90.07 63.96 -63.98
CA ARG EC 34 -89.11 62.87 -63.97
C ARG EC 34 -87.71 63.46 -63.77
N LEU EC 35 -87.11 63.16 -62.62
CA LEU EC 35 -85.78 63.66 -62.31
C LEU EC 35 -84.69 62.88 -63.05
N ARG EC 36 -84.64 61.58 -62.83
CA ARG EC 36 -83.58 60.76 -63.39
C ARG EC 36 -83.90 60.38 -64.84
N ARG EC 37 -82.84 60.28 -65.63
CA ARG EC 37 -82.97 60.00 -67.06
C ARG EC 37 -83.35 58.54 -67.28
N GLU EC 38 -84.29 58.32 -68.20
CA GLU EC 38 -84.67 56.98 -68.58
C GLU EC 38 -83.60 56.36 -69.47
N CYS EC 39 -83.57 55.04 -69.51
CA CYS EC 39 -82.59 54.37 -70.36
C CYS EC 39 -83.16 54.15 -71.76
N PRO EC 40 -82.44 54.55 -72.81
CA PRO EC 40 -82.99 54.42 -74.16
C PRO EC 40 -82.74 53.07 -74.81
N SER EC 41 -82.38 52.07 -74.02
CA SER EC 41 -82.06 50.75 -74.56
C SER EC 41 -83.32 50.03 -75.03
N ASP EC 42 -83.11 48.98 -75.84
CA ASP EC 42 -84.23 48.23 -76.39
C ASP EC 42 -84.81 47.25 -75.38
N GLU EC 43 -83.96 46.68 -74.51
CA GLU EC 43 -84.45 45.75 -73.51
C GLU EC 43 -85.18 46.46 -72.37
N CYS EC 44 -84.93 47.75 -72.19
CA CYS EC 44 -85.58 48.56 -71.17
C CYS EC 44 -86.01 49.89 -71.79
N GLY EC 45 -87.27 49.96 -72.22
CA GLY EC 45 -87.76 51.10 -72.96
C GLY EC 45 -87.92 52.39 -72.16
N ALA EC 46 -88.88 52.41 -71.23
CA ALA EC 46 -89.17 53.62 -70.48
C ALA EC 46 -89.33 53.41 -68.97
N GLY EC 47 -89.60 52.19 -68.50
CA GLY EC 47 -89.85 51.99 -67.09
C GLY EC 47 -88.62 51.93 -66.20
N VAL EC 48 -87.42 51.99 -66.79
CA VAL EC 48 -86.18 51.85 -66.04
C VAL EC 48 -85.47 53.20 -66.02
N PHE EC 49 -85.27 53.73 -64.81
CA PHE EC 49 -84.48 54.93 -64.63
C PHE EC 49 -83.00 54.58 -64.52
N MET EC 50 -82.16 55.61 -64.64
CA MET EC 50 -80.72 55.45 -64.55
C MET EC 50 -80.21 56.03 -63.24
N ALA EC 51 -78.97 55.68 -62.92
CA ALA EC 51 -78.35 56.14 -61.68
C ALA EC 51 -77.91 57.59 -61.82
N SER EC 52 -78.24 58.40 -60.82
CA SER EC 52 -77.91 59.82 -60.80
C SER EC 52 -76.71 60.01 -59.86
N HIS EC 53 -75.52 59.87 -60.41
CA HIS EC 53 -74.29 60.05 -59.65
C HIS EC 53 -73.87 61.52 -59.69
N PHE EC 54 -72.69 61.81 -59.16
CA PHE EC 54 -72.24 63.20 -59.03
C PHE EC 54 -71.57 63.72 -60.30
N ASP EC 55 -71.10 62.85 -61.18
CA ASP EC 55 -70.36 63.32 -62.34
C ASP EC 55 -70.88 62.77 -63.66
N ARG EC 56 -71.33 61.53 -63.71
CA ARG EC 56 -71.83 60.96 -64.95
C ARG EC 56 -73.00 60.02 -64.64
N HIS EC 57 -73.76 59.67 -65.67
CA HIS EC 57 -74.94 58.83 -65.53
C HIS EC 57 -74.65 57.43 -66.06
N TYR EC 58 -75.34 56.44 -65.50
CA TYR EC 58 -75.05 55.05 -65.81
C TYR EC 58 -76.28 54.19 -65.54
N CYS EC 59 -76.53 53.25 -66.45
CA CYS EC 59 -77.56 52.24 -66.28
C CYS EC 59 -76.88 50.88 -66.12
N GLY EC 60 -77.28 50.15 -65.08
CA GLY EC 60 -76.56 48.98 -64.61
C GLY EC 60 -76.65 47.72 -65.44
N LYS EC 61 -77.87 47.15 -65.56
CA LYS EC 61 -78.02 45.81 -66.11
C LYS EC 61 -77.81 45.77 -67.62
N CYS EC 62 -77.84 46.90 -68.31
CA CYS EC 62 -77.44 46.96 -69.71
C CYS EC 62 -76.06 47.58 -69.89
N CYS EC 63 -75.48 48.15 -68.83
CA CYS EC 63 -74.15 48.74 -68.79
C CYS EC 63 -74.01 49.87 -69.82
N LEU EC 64 -74.77 50.93 -69.60
CA LEU EC 64 -74.82 52.05 -70.52
C LEU EC 64 -74.34 53.31 -69.79
N THR EC 65 -73.30 53.95 -70.33
CA THR EC 65 -72.60 55.03 -69.66
C THR EC 65 -72.78 56.33 -70.46
N TYR EC 66 -73.11 57.42 -69.77
CA TYR EC 66 -73.16 58.75 -70.37
C TYR EC 66 -72.32 59.70 -69.52
N CYS EC 67 -71.20 60.16 -70.07
CA CYS EC 67 -70.30 61.09 -69.39
C CYS EC 67 -70.51 62.50 -69.90
N PHE EC 68 -69.91 63.45 -69.20
CA PHE EC 68 -70.03 64.86 -69.55
C PHE EC 68 -68.74 65.38 -70.19
N THR FC 1 -51.24 -78.79 -110.52
CA THR FC 1 -50.13 -79.11 -111.41
C THR FC 1 -49.36 -77.85 -111.81
N GLU FC 2 -49.91 -76.69 -111.45
CA GLU FC 2 -49.29 -75.42 -111.76
C GLU FC 2 -49.29 -74.54 -110.51
N GLN FC 3 -48.36 -73.59 -110.47
CA GLN FC 3 -48.10 -72.82 -109.27
C GLN FC 3 -47.71 -71.40 -109.68
N MET FC 4 -47.91 -70.45 -108.76
CA MET FC 4 -47.48 -69.09 -108.98
C MET FC 4 -46.00 -68.94 -108.61
N THR FC 5 -45.31 -68.06 -109.31
CA THR FC 5 -43.89 -67.80 -109.08
C THR FC 5 -43.63 -66.31 -109.10
N LEU FC 6 -42.47 -65.93 -108.58
CA LEU FC 6 -42.08 -64.53 -108.43
C LEU FC 6 -41.25 -64.09 -109.64
N ARG FC 7 -41.48 -62.87 -110.09
CA ARG FC 7 -40.63 -62.22 -111.09
C ARG FC 7 -40.16 -60.85 -110.66
N GLY FC 8 -40.99 -60.08 -109.96
CA GLY FC 8 -40.62 -58.73 -109.60
C GLY FC 8 -41.55 -58.13 -108.58
N THR FC 9 -41.11 -56.99 -108.05
CA THR FC 9 -41.83 -56.18 -107.07
C THR FC 9 -42.02 -54.78 -107.61
N LEU FC 10 -42.88 -54.03 -106.94
CA LEU FC 10 -43.16 -52.63 -107.25
C LEU FC 10 -43.13 -51.85 -105.95
N LYS FC 11 -42.21 -50.88 -105.87
CA LYS FC 11 -42.02 -50.02 -104.69
C LYS FC 11 -42.08 -48.57 -105.15
N GLY FC 12 -43.27 -47.97 -105.09
CA GLY FC 12 -43.42 -46.56 -105.41
C GLY FC 12 -44.43 -45.88 -104.50
N HIS FC 13 -44.60 -46.40 -103.30
CA HIS FC 13 -45.68 -46.00 -102.42
C HIS FC 13 -45.15 -45.69 -101.03
N ASN FC 14 -45.78 -44.69 -100.40
CA ASN FC 14 -45.55 -44.38 -98.99
C ASN FC 14 -46.61 -44.99 -98.08
N GLY FC 15 -47.88 -44.86 -98.44
CA GLY FC 15 -48.94 -45.65 -97.86
C GLY FC 15 -49.18 -46.87 -98.73
N TRP FC 16 -49.61 -47.96 -98.12
CA TRP FC 16 -49.69 -49.21 -98.85
C TRP FC 16 -50.91 -49.26 -99.78
N VAL FC 17 -50.81 -50.14 -100.77
CA VAL FC 17 -51.77 -50.21 -101.87
C VAL FC 17 -53.09 -50.80 -101.37
N THR FC 18 -54.18 -50.06 -101.57
CA THR FC 18 -55.49 -50.47 -101.11
C THR FC 18 -56.38 -51.04 -102.20
N GLN FC 19 -56.09 -50.74 -103.47
CA GLN FC 19 -56.95 -51.15 -104.57
C GLN FC 19 -56.13 -51.23 -105.85
N ILE FC 20 -56.35 -52.29 -106.61
CA ILE FC 20 -55.68 -52.49 -107.90
C ILE FC 20 -56.75 -52.39 -108.99
N ALA FC 21 -56.54 -51.47 -109.94
CA ALA FC 21 -57.46 -51.24 -111.04
C ALA FC 21 -56.85 -51.82 -112.31
N THR FC 22 -57.60 -52.75 -112.93
CA THR FC 22 -57.20 -53.48 -114.12
C THR FC 22 -58.01 -53.00 -115.32
N THR FC 23 -57.64 -53.51 -116.49
CA THR FC 23 -58.39 -53.26 -117.72
C THR FC 23 -58.09 -54.39 -118.70
N PRO FC 24 -59.04 -54.75 -119.57
CA PRO FC 24 -58.75 -55.73 -120.61
C PRO FC 24 -58.18 -55.08 -121.87
N GLN FC 25 -58.35 -53.76 -121.98
CA GLN FC 25 -57.91 -53.05 -123.19
C GLN FC 25 -56.41 -52.81 -123.20
N PHE FC 26 -55.83 -52.42 -122.06
CA PHE FC 26 -54.40 -52.13 -121.99
C PHE FC 26 -53.70 -53.24 -121.20
N PRO FC 27 -52.95 -54.12 -121.87
CA PRO FC 27 -52.30 -55.23 -121.14
C PRO FC 27 -51.06 -54.77 -120.36
N ASP FC 28 -50.29 -53.84 -120.91
CA ASP FC 28 -49.08 -53.35 -120.25
C ASP FC 28 -49.36 -52.09 -119.43
N MET FC 29 -50.36 -52.15 -118.56
CA MET FC 29 -50.75 -51.01 -117.76
C MET FC 29 -51.54 -51.51 -116.56
N ILE FC 30 -51.35 -50.87 -115.42
CA ILE FC 30 -52.14 -51.15 -114.22
C ILE FC 30 -52.25 -49.84 -113.44
N LEU FC 31 -53.28 -49.73 -112.62
CA LEU FC 31 -53.45 -48.56 -111.76
C LEU FC 31 -53.51 -49.04 -110.33
N SER FC 32 -52.98 -48.24 -109.40
CA SER FC 32 -52.93 -48.64 -108.00
C SER FC 32 -53.32 -47.46 -107.12
N ALA FC 33 -54.49 -47.58 -106.47
CA ALA FC 33 -54.78 -46.71 -105.35
C ALA FC 33 -53.93 -47.12 -104.16
N SER FC 34 -53.81 -46.21 -103.20
CA SER FC 34 -52.88 -46.43 -102.11
C SER FC 34 -53.38 -45.70 -100.86
N ARG FC 35 -52.72 -45.99 -99.74
CA ARG FC 35 -53.13 -45.38 -98.47
C ARG FC 35 -52.71 -43.92 -98.40
N ASP FC 36 -51.59 -43.56 -99.02
CA ASP FC 36 -51.18 -42.16 -99.05
C ASP FC 36 -52.00 -41.39 -100.10
N LYS FC 37 -51.64 -40.13 -100.34
CA LYS FC 37 -52.42 -39.26 -101.20
C LYS FC 37 -52.23 -39.53 -102.68
N THR FC 38 -51.37 -40.47 -103.06
CA THR FC 38 -51.01 -40.68 -104.46
C THR FC 38 -51.66 -41.95 -105.00
N ILE FC 39 -52.11 -41.87 -106.25
CA ILE FC 39 -52.57 -43.02 -107.03
C ILE FC 39 -51.59 -43.19 -108.19
N ILE FC 40 -50.98 -44.36 -108.29
CA ILE FC 40 -49.85 -44.57 -109.19
C ILE FC 40 -50.28 -45.39 -110.39
N MET FC 41 -50.06 -44.83 -111.58
CA MET FC 41 -50.16 -45.57 -112.84
C MET FC 41 -48.82 -46.23 -113.13
N TRP FC 42 -48.85 -47.50 -113.52
CA TRP FC 42 -47.62 -48.24 -113.79
C TRP FC 42 -47.49 -48.54 -115.27
N LYS FC 43 -46.25 -48.50 -115.76
CA LYS FC 43 -45.90 -48.93 -117.11
C LYS FC 43 -45.12 -50.22 -116.95
N LEU FC 44 -45.70 -51.32 -117.42
CA LEU FC 44 -45.15 -52.66 -117.20
C LEU FC 44 -44.06 -52.91 -118.23
N THR FC 45 -42.80 -52.81 -117.80
CA THR FC 45 -41.68 -52.94 -118.72
C THR FC 45 -41.20 -54.38 -118.87
N ARG FC 46 -41.43 -55.21 -117.84
CA ARG FC 46 -41.10 -56.64 -117.81
C ARG FC 46 -39.60 -56.85 -118.02
N ASP FC 47 -38.79 -56.09 -117.29
CA ASP FC 47 -37.35 -56.14 -117.41
C ASP FC 47 -36.73 -56.91 -116.25
N GLU FC 48 -35.42 -57.11 -116.33
CA GLU FC 48 -34.69 -57.81 -115.29
C GLU FC 48 -34.50 -56.95 -114.04
N THR FC 49 -34.24 -55.65 -114.23
CA THR FC 49 -34.01 -54.76 -113.09
C THR FC 49 -35.33 -54.47 -112.37
N ASN FC 50 -36.33 -53.98 -113.09
CA ASN FC 50 -37.62 -53.64 -112.50
C ASN FC 50 -38.72 -54.18 -113.41
N TYR FC 51 -39.83 -54.60 -112.77
CA TYR FC 51 -40.96 -55.10 -113.53
C TYR FC 51 -41.80 -53.96 -114.10
N GLY FC 52 -41.93 -52.87 -113.36
CA GLY FC 52 -42.69 -51.73 -113.83
C GLY FC 52 -42.05 -50.43 -113.40
N ILE FC 53 -42.38 -49.37 -114.14
CA ILE FC 53 -41.90 -48.02 -113.87
C ILE FC 53 -43.12 -47.15 -113.60
N PRO FC 54 -43.14 -46.39 -112.51
CA PRO FC 54 -44.28 -45.48 -112.28
C PRO FC 54 -44.28 -44.35 -113.30
N GLN FC 55 -45.46 -44.05 -113.83
CA GLN FC 55 -45.62 -43.06 -114.90
C GLN FC 55 -46.35 -41.81 -114.45
N ARG FC 56 -47.44 -41.95 -113.70
CA ARG FC 56 -48.26 -40.81 -113.33
C ARG FC 56 -48.75 -40.97 -111.90
N ALA FC 57 -48.58 -39.92 -111.11
CA ALA FC 57 -49.10 -39.83 -109.75
C ALA FC 57 -50.29 -38.90 -109.74
N LEU FC 58 -51.42 -39.38 -109.23
CA LEU FC 58 -52.69 -38.67 -109.29
C LEU FC 58 -52.96 -38.08 -107.91
N ARG FC 59 -52.42 -36.90 -107.65
CA ARG FC 59 -52.62 -36.21 -106.39
C ARG FC 59 -53.90 -35.38 -106.44
N GLY FC 60 -54.46 -35.10 -105.26
CA GLY FC 60 -55.64 -34.27 -105.18
C GLY FC 60 -56.66 -34.67 -104.14
N HIS FC 61 -56.46 -35.80 -103.49
CA HIS FC 61 -57.39 -36.30 -102.48
C HIS FC 61 -57.09 -35.68 -101.12
N SER FC 62 -58.16 -35.34 -100.39
CA SER FC 62 -58.02 -34.71 -99.08
C SER FC 62 -57.70 -35.70 -97.98
N HIS FC 63 -57.96 -36.99 -98.19
CA HIS FC 63 -57.69 -38.00 -97.17
C HIS FC 63 -57.27 -39.27 -97.92
N PHE FC 64 -57.32 -40.40 -97.24
CA PHE FC 64 -56.69 -41.64 -97.70
C PHE FC 64 -57.55 -42.30 -98.77
N VAL FC 65 -56.94 -42.72 -99.87
CA VAL FC 65 -57.68 -43.22 -101.03
C VAL FC 65 -58.13 -44.64 -100.77
N SER FC 66 -59.42 -44.92 -101.02
CA SER FC 66 -60.01 -46.22 -100.75
C SER FC 66 -60.14 -47.09 -102.00
N ASP FC 67 -60.84 -46.59 -103.01
CA ASP FC 67 -61.20 -47.40 -104.18
C ASP FC 67 -60.85 -46.65 -105.45
N VAL FC 68 -60.57 -47.42 -106.51
CA VAL FC 68 -60.39 -46.86 -107.85
C VAL FC 68 -60.82 -47.95 -108.84
N VAL FC 69 -61.34 -47.52 -109.99
CA VAL FC 69 -61.80 -48.45 -111.02
C VAL FC 69 -61.70 -47.75 -112.38
N ILE FC 70 -61.11 -48.46 -113.36
CA ILE FC 70 -60.95 -47.96 -114.72
C ILE FC 70 -62.17 -48.37 -115.53
N SER FC 71 -62.67 -47.47 -116.37
CA SER FC 71 -63.80 -47.78 -117.24
C SER FC 71 -63.39 -48.78 -118.32
N SER FC 72 -64.41 -49.36 -118.97
CA SER FC 72 -64.18 -50.38 -119.98
C SER FC 72 -63.59 -49.81 -121.27
N ASP FC 73 -63.69 -48.50 -121.48
CA ASP FC 73 -63.10 -47.90 -122.67
C ASP FC 73 -61.58 -47.85 -122.54
N GLY FC 74 -61.08 -47.62 -121.33
CA GLY FC 74 -59.66 -47.46 -121.11
C GLY FC 74 -59.16 -46.03 -121.17
N GLN FC 75 -60.05 -45.05 -121.05
CA GLN FC 75 -59.68 -43.64 -121.10
C GLN FC 75 -59.93 -42.89 -119.81
N PHE FC 76 -60.74 -43.42 -118.91
CA PHE FC 76 -61.08 -42.73 -117.67
C PHE FC 76 -61.09 -43.72 -116.52
N ALA FC 77 -60.89 -43.20 -115.31
CA ALA FC 77 -60.90 -44.02 -114.11
C ALA FC 77 -61.42 -43.19 -112.95
N LEU FC 78 -62.37 -43.74 -112.20
CA LEU FC 78 -62.96 -43.02 -111.08
C LEU FC 78 -62.36 -43.54 -109.78
N SER FC 79 -62.11 -42.62 -108.87
CA SER FC 79 -61.50 -42.90 -107.57
C SER FC 79 -62.35 -42.31 -106.46
N GLY FC 80 -62.46 -43.06 -105.36
CA GLY FC 80 -63.16 -42.62 -104.18
C GLY FC 80 -62.29 -42.76 -102.94
N SER FC 81 -62.08 -41.65 -102.25
CA SER FC 81 -61.21 -41.57 -101.09
C SER FC 81 -62.03 -41.53 -99.82
N TRP FC 82 -61.35 -41.34 -98.70
CA TRP FC 82 -61.99 -41.17 -97.39
C TRP FC 82 -62.26 -39.71 -97.07
N ASP FC 83 -62.51 -38.88 -98.07
CA ASP FC 83 -62.88 -37.49 -97.85
C ASP FC 83 -64.34 -37.20 -98.11
N GLY FC 84 -64.95 -37.91 -99.07
CA GLY FC 84 -66.34 -37.68 -99.42
C GLY FC 84 -66.57 -37.23 -100.85
N THR FC 85 -65.53 -37.21 -101.68
CA THR FC 85 -65.65 -36.81 -103.07
C THR FC 85 -65.26 -37.95 -103.99
N LEU FC 86 -65.77 -37.90 -105.21
CA LEU FC 86 -65.44 -38.87 -106.25
C LEU FC 86 -64.79 -38.15 -107.42
N ARG FC 87 -63.72 -38.73 -107.96
CA ARG FC 87 -62.92 -38.07 -108.99
C ARG FC 87 -62.90 -38.93 -110.25
N LEU FC 88 -63.24 -38.34 -111.39
CA LEU FC 88 -63.18 -39.03 -112.67
C LEU FC 88 -61.90 -38.56 -113.37
N TRP FC 89 -60.80 -39.25 -113.09
CA TRP FC 89 -59.50 -38.88 -113.65
C TRP FC 89 -59.41 -39.34 -115.10
N ASP FC 90 -58.93 -38.45 -115.97
CA ASP FC 90 -58.56 -38.81 -117.32
C ASP FC 90 -57.25 -39.58 -117.29
N LEU FC 91 -57.16 -40.66 -118.07
CA LEU FC 91 -55.95 -41.47 -118.06
C LEU FC 91 -54.83 -40.84 -118.86
N THR FC 92 -55.16 -40.16 -119.96
CA THR FC 92 -54.13 -39.56 -120.81
C THR FC 92 -53.55 -38.29 -120.19
N THR FC 93 -54.41 -37.29 -119.97
CA THR FC 93 -53.93 -36.01 -119.46
C THR FC 93 -53.62 -36.05 -117.97
N GLY FC 94 -54.46 -36.73 -117.19
CA GLY FC 94 -54.25 -36.78 -115.75
C GLY FC 94 -54.81 -35.59 -115.02
N THR FC 95 -56.10 -35.30 -115.23
CA THR FC 95 -56.75 -34.18 -114.57
C THR FC 95 -58.16 -34.57 -114.21
N THR FC 96 -58.74 -33.81 -113.28
CA THR FC 96 -60.08 -34.10 -112.77
C THR FC 96 -61.11 -33.64 -113.80
N THR FC 97 -61.74 -34.60 -114.47
CA THR FC 97 -62.80 -34.25 -115.42
C THR FC 97 -64.11 -33.99 -114.72
N ARG FC 98 -64.53 -34.89 -113.84
CA ARG FC 98 -65.76 -34.73 -113.08
C ARG FC 98 -65.47 -34.94 -111.60
N ARG FC 99 -66.14 -34.15 -110.75
CA ARG FC 99 -65.98 -34.19 -109.31
C ARG FC 99 -67.35 -34.34 -108.68
N PHE FC 100 -67.66 -35.54 -108.20
CA PHE FC 100 -68.94 -35.82 -107.57
C PHE FC 100 -68.85 -35.48 -106.08
N VAL FC 101 -69.65 -34.51 -105.66
CA VAL FC 101 -69.70 -34.04 -104.29
C VAL FC 101 -71.11 -34.26 -103.77
N GLY FC 102 -71.23 -34.72 -102.52
CA GLY FC 102 -72.53 -34.99 -101.94
C GLY FC 102 -72.53 -36.15 -100.96
N HIS FC 103 -71.43 -36.88 -100.87
CA HIS FC 103 -71.27 -37.89 -99.84
C HIS FC 103 -71.00 -37.23 -98.50
N THR FC 104 -71.69 -37.68 -97.46
CA THR FC 104 -71.50 -37.09 -96.15
C THR FC 104 -70.25 -37.65 -95.47
N LYS FC 105 -70.22 -38.96 -95.24
CA LYS FC 105 -69.08 -39.59 -94.58
C LYS FC 105 -68.13 -40.14 -95.64
N ASP FC 106 -67.18 -40.97 -95.20
CA ASP FC 106 -66.06 -41.37 -96.04
C ASP FC 106 -66.48 -42.44 -97.04
N VAL FC 107 -66.10 -42.27 -98.30
CA VAL FC 107 -66.50 -43.18 -99.37
C VAL FC 107 -65.62 -44.42 -99.31
N LEU FC 108 -66.25 -45.60 -99.36
CA LEU FC 108 -65.52 -46.85 -99.35
C LEU FC 108 -65.47 -47.56 -100.70
N SER FC 109 -66.58 -47.66 -101.43
CA SER FC 109 -66.60 -48.43 -102.66
C SER FC 109 -67.39 -47.69 -103.74
N VAL FC 110 -67.05 -48.02 -104.99
CA VAL FC 110 -67.66 -47.39 -106.15
C VAL FC 110 -67.66 -48.40 -107.30
N ALA FC 111 -68.67 -48.31 -108.17
CA ALA FC 111 -68.78 -49.26 -109.27
C ALA FC 111 -69.37 -48.59 -110.51
N PHE FC 112 -68.72 -48.83 -111.66
CA PHE FC 112 -69.23 -48.50 -112.98
C PHE FC 112 -70.17 -49.59 -113.49
N SER FC 113 -71.10 -49.17 -114.34
CA SER FC 113 -71.97 -50.10 -115.05
C SER FC 113 -71.23 -50.72 -116.23
N SER FC 114 -71.93 -51.63 -116.94
CA SER FC 114 -71.33 -52.27 -118.10
C SER FC 114 -71.21 -51.30 -119.28
N ASP FC 115 -72.12 -50.35 -119.39
CA ASP FC 115 -72.05 -49.31 -120.41
C ASP FC 115 -71.36 -48.05 -119.91
N ASN FC 116 -70.80 -48.09 -118.69
CA ASN FC 116 -70.17 -46.95 -118.01
C ASN FC 116 -71.11 -45.76 -117.90
N ARG FC 117 -72.38 -46.05 -117.60
CA ARG FC 117 -73.42 -45.04 -117.45
C ARG FC 117 -73.86 -44.84 -116.02
N GLN FC 118 -74.06 -45.93 -115.28
CA GLN FC 118 -74.49 -45.88 -113.89
C GLN FC 118 -73.27 -46.00 -112.98
N ILE FC 119 -73.21 -45.17 -111.95
CA ILE FC 119 -72.11 -45.19 -110.99
C ILE FC 119 -72.72 -45.31 -109.60
N VAL FC 120 -72.55 -46.46 -108.97
CA VAL FC 120 -73.14 -46.73 -107.66
C VAL FC 120 -72.05 -46.70 -106.61
N SER FC 121 -72.25 -45.92 -105.55
CA SER FC 121 -71.25 -45.69 -104.52
C SER FC 121 -71.79 -46.08 -103.16
N GLY FC 122 -70.93 -46.70 -102.35
CA GLY FC 122 -71.22 -47.04 -100.97
C GLY FC 122 -70.23 -46.40 -100.02
N SER FC 123 -70.72 -45.57 -99.11
CA SER FC 123 -69.92 -44.76 -98.21
C SER FC 123 -70.20 -45.15 -96.76
N ARG FC 124 -69.47 -44.52 -95.84
CA ARG FC 124 -69.59 -44.82 -94.42
C ARG FC 124 -70.80 -44.17 -93.76
N ASP FC 125 -71.57 -43.36 -94.48
CA ASP FC 125 -72.85 -42.95 -93.96
C ASP FC 125 -73.89 -44.04 -94.23
N LYS FC 126 -75.10 -43.84 -93.72
CA LYS FC 126 -76.15 -44.84 -93.88
C LYS FC 126 -76.96 -44.63 -95.16
N THR FC 127 -76.24 -44.47 -96.28
CA THR FC 127 -76.82 -44.26 -97.59
C THR FC 127 -76.01 -45.04 -98.62
N ILE FC 128 -76.68 -45.46 -99.68
CA ILE FC 128 -76.03 -45.92 -100.91
C ILE FC 128 -76.53 -45.01 -102.03
N LYS FC 129 -75.60 -44.46 -102.81
CA LYS FC 129 -75.91 -43.45 -103.81
C LYS FC 129 -75.72 -44.01 -105.22
N LEU FC 130 -76.37 -43.34 -106.17
CA LEU FC 130 -76.47 -43.80 -107.55
C LEU FC 130 -76.48 -42.57 -108.44
N TRP FC 131 -75.44 -42.44 -109.25
CA TRP FC 131 -75.13 -41.22 -109.99
C TRP FC 131 -74.98 -41.54 -111.47
N ASN FC 132 -75.04 -40.48 -112.28
CA ASN FC 132 -74.68 -40.55 -113.69
C ASN FC 132 -73.20 -40.19 -113.84
N THR FC 133 -72.77 -39.95 -115.07
CA THR FC 133 -71.40 -39.50 -115.32
C THR FC 133 -71.33 -37.99 -115.53
N LEU FC 134 -72.42 -37.27 -115.31
CA LEU FC 134 -72.48 -35.83 -115.54
C LEU FC 134 -72.66 -35.02 -114.26
N GLY FC 135 -72.86 -35.66 -113.12
CA GLY FC 135 -73.02 -34.95 -111.87
C GLY FC 135 -74.46 -34.65 -111.52
N VAL FC 136 -75.33 -35.65 -111.68
CA VAL FC 136 -76.75 -35.52 -111.39
C VAL FC 136 -77.09 -36.54 -110.30
N CYS FC 137 -77.67 -36.05 -109.20
CA CYS FC 137 -78.08 -36.91 -108.10
C CYS FC 137 -79.30 -37.72 -108.54
N LYS FC 138 -79.05 -38.93 -109.04
CA LYS FC 138 -80.14 -39.72 -109.59
C LYS FC 138 -80.92 -40.45 -108.49
N TYR FC 139 -80.22 -41.17 -107.61
CA TYR FC 139 -80.92 -41.95 -106.61
C TYR FC 139 -80.05 -42.13 -105.38
N THR FC 140 -80.69 -42.25 -104.21
CA THR FC 140 -80.00 -42.47 -102.95
C THR FC 140 -80.97 -43.12 -101.98
N VAL FC 141 -80.59 -44.25 -101.38
CA VAL FC 141 -81.43 -44.83 -100.34
C VAL FC 141 -81.15 -44.13 -99.01
N GLN FC 142 -82.22 -43.80 -98.29
CA GLN FC 142 -82.10 -43.12 -97.00
C GLN FC 142 -82.69 -43.95 -95.87
N ASP FC 143 -83.94 -44.40 -95.99
CA ASP FC 143 -84.57 -45.13 -94.91
C ASP FC 143 -84.22 -46.62 -94.97
N GLU FC 144 -84.60 -47.29 -96.05
CA GLU FC 144 -84.35 -48.73 -96.21
C GLU FC 144 -82.95 -48.90 -96.78
N SER FC 145 -81.98 -49.11 -95.90
CA SER FC 145 -80.59 -49.25 -96.29
C SER FC 145 -79.86 -50.04 -95.20
N HIS FC 146 -78.54 -50.01 -95.25
CA HIS FC 146 -77.74 -50.64 -94.20
C HIS FC 146 -77.78 -49.80 -92.93
N SER FC 147 -77.99 -50.47 -91.79
CA SER FC 147 -78.04 -49.79 -90.50
C SER FC 147 -76.66 -49.37 -90.00
N GLU FC 148 -75.60 -49.88 -90.62
CA GLU FC 148 -74.23 -49.48 -90.30
C GLU FC 148 -73.56 -49.10 -91.62
N TRP FC 149 -72.23 -49.01 -91.59
CA TRP FC 149 -71.44 -48.59 -92.75
C TRP FC 149 -71.64 -49.53 -93.94
N VAL FC 150 -71.54 -48.97 -95.15
CA VAL FC 150 -71.68 -49.72 -96.38
C VAL FC 150 -70.28 -50.03 -96.88
N SER FC 151 -69.88 -51.31 -96.82
CA SER FC 151 -68.49 -51.67 -97.09
C SER FC 151 -68.19 -51.73 -98.58
N CYS FC 152 -68.84 -52.63 -99.32
CA CYS FC 152 -68.51 -52.86 -100.71
C CYS FC 152 -69.77 -53.06 -101.54
N VAL FC 153 -69.68 -52.64 -102.81
CA VAL FC 153 -70.74 -52.85 -103.80
C VAL FC 153 -70.11 -53.44 -105.06
N ARG FC 154 -70.84 -54.36 -105.69
CA ARG FC 154 -70.48 -54.90 -107.00
C ARG FC 154 -71.74 -55.03 -107.84
N PHE FC 155 -71.56 -55.28 -109.13
CA PHE FC 155 -72.68 -55.40 -110.05
C PHE FC 155 -72.79 -56.84 -110.55
N SER FC 156 -73.82 -57.08 -111.37
CA SER FC 156 -73.84 -58.30 -112.17
C SER FC 156 -73.20 -58.02 -113.53
N PRO FC 157 -72.27 -58.85 -113.97
CA PRO FC 157 -71.68 -58.64 -115.31
C PRO FC 157 -72.63 -58.91 -116.46
N ASN FC 158 -73.74 -59.60 -116.23
CA ASN FC 158 -74.73 -59.83 -117.27
C ASN FC 158 -75.45 -58.53 -117.59
N SER FC 159 -75.47 -58.17 -118.87
CA SER FC 159 -76.13 -56.94 -119.30
C SER FC 159 -77.65 -57.04 -119.24
N SER FC 160 -78.21 -58.25 -119.27
CA SER FC 160 -79.65 -58.44 -119.19
C SER FC 160 -80.18 -58.46 -117.77
N ASN FC 161 -79.31 -58.39 -116.77
CA ASN FC 161 -79.72 -58.41 -115.37
C ASN FC 161 -79.29 -57.13 -114.67
N PRO FC 162 -80.21 -56.18 -114.44
CA PRO FC 162 -79.86 -54.97 -113.66
C PRO FC 162 -79.86 -55.23 -112.16
N ILE FC 163 -78.88 -56.01 -111.71
CA ILE FC 163 -78.81 -56.51 -110.35
C ILE FC 163 -77.48 -56.06 -109.74
N ILE FC 164 -77.55 -55.41 -108.58
CA ILE FC 164 -76.36 -54.99 -107.86
C ILE FC 164 -76.37 -55.68 -106.50
N VAL FC 165 -75.18 -55.91 -105.95
CA VAL FC 165 -74.99 -56.61 -104.68
C VAL FC 165 -74.18 -55.71 -103.75
N SER FC 166 -74.75 -55.40 -102.59
CA SER FC 166 -74.14 -54.48 -101.64
C SER FC 166 -74.01 -55.16 -100.29
N CYS FC 167 -72.78 -55.33 -99.82
CA CYS FC 167 -72.58 -55.81 -98.46
C CYS FC 167 -72.41 -54.62 -97.54
N GLY FC 168 -71.96 -54.87 -96.32
CA GLY FC 168 -71.74 -53.79 -95.38
C GLY FC 168 -71.22 -54.31 -94.06
N TRP FC 169 -71.05 -53.37 -93.14
CA TRP FC 169 -70.61 -53.63 -91.78
C TRP FC 169 -71.77 -54.04 -90.87
N ASP FC 170 -72.96 -54.20 -91.42
CA ASP FC 170 -74.15 -54.62 -90.71
C ASP FC 170 -74.35 -56.12 -90.71
N LYS FC 171 -73.32 -56.89 -91.11
CA LYS FC 171 -73.32 -58.36 -91.19
C LYS FC 171 -74.42 -58.89 -92.12
N LEU FC 172 -74.70 -58.15 -93.19
CA LEU FC 172 -75.78 -58.52 -94.12
C LEU FC 172 -75.33 -58.30 -95.55
N VAL FC 173 -75.99 -59.00 -96.47
CA VAL FC 173 -75.80 -58.83 -97.91
C VAL FC 173 -77.14 -58.47 -98.51
N LYS FC 174 -77.26 -57.25 -99.05
CA LYS FC 174 -78.46 -56.83 -99.74
C LYS FC 174 -78.26 -56.98 -101.25
N VAL FC 175 -79.34 -57.31 -101.96
CA VAL FC 175 -79.34 -57.39 -103.40
C VAL FC 175 -80.40 -56.44 -103.94
N TRP FC 176 -79.96 -55.41 -104.66
CA TRP FC 176 -80.85 -54.36 -105.14
C TRP FC 176 -81.01 -54.46 -106.65
N ASN FC 177 -82.11 -53.89 -107.14
CA ASN FC 177 -82.45 -53.90 -108.55
C ASN FC 177 -82.38 -52.47 -109.09
N LEU FC 178 -81.81 -52.31 -110.28
CA LEU FC 178 -81.70 -50.99 -110.89
C LEU FC 178 -82.99 -50.52 -111.56
N ALA FC 179 -83.98 -51.41 -111.70
CA ALA FC 179 -85.20 -51.05 -112.43
C ALA FC 179 -86.17 -50.30 -111.53
N ASN FC 180 -86.64 -50.95 -110.47
CA ASN FC 180 -87.64 -50.37 -109.59
C ASN FC 180 -87.02 -49.75 -108.34
N CYS FC 181 -85.69 -49.86 -108.20
CA CYS FC 181 -84.90 -49.29 -107.11
C CYS FC 181 -85.34 -49.82 -105.74
N LYS FC 182 -85.65 -51.11 -105.69
CA LYS FC 182 -85.99 -51.79 -104.44
C LYS FC 182 -85.16 -53.06 -104.34
N LEU FC 183 -85.08 -53.61 -103.12
CA LEU FC 183 -84.21 -54.74 -102.85
C LEU FC 183 -84.88 -56.05 -103.27
N LYS FC 184 -84.09 -56.93 -103.88
CA LYS FC 184 -84.62 -58.23 -104.27
C LYS FC 184 -84.58 -59.21 -103.10
N THR FC 185 -83.42 -59.35 -102.46
CA THR FC 185 -83.28 -60.29 -101.36
C THR FC 185 -82.22 -59.80 -100.38
N ASN FC 186 -82.23 -60.42 -99.19
CA ASN FC 186 -81.25 -60.16 -98.15
C ASN FC 186 -80.74 -61.50 -97.65
N HIS FC 187 -79.45 -61.54 -97.33
CA HIS FC 187 -78.77 -62.79 -96.99
C HIS FC 187 -78.27 -62.72 -95.55
N ILE FC 188 -78.87 -63.51 -94.67
CA ILE FC 188 -78.51 -63.55 -93.25
C ILE FC 188 -77.74 -64.84 -93.00
N GLY FC 189 -76.73 -64.79 -92.14
CA GLY FC 189 -76.01 -66.00 -91.80
C GLY FC 189 -74.53 -65.84 -91.52
N HIS FC 190 -73.99 -64.63 -91.72
CA HIS FC 190 -72.56 -64.39 -91.54
C HIS FC 190 -72.32 -63.77 -90.17
N THR FC 191 -71.41 -64.38 -89.39
CA THR FC 191 -71.00 -63.83 -88.11
C THR FC 191 -69.78 -62.95 -88.31
N GLY FC 192 -69.79 -61.77 -87.72
CA GLY FC 192 -68.75 -60.79 -87.93
C GLY FC 192 -68.99 -59.95 -89.18
N TYR FC 193 -68.34 -58.80 -89.23
CA TYR FC 193 -68.53 -57.86 -90.33
C TYR FC 193 -67.96 -58.42 -91.64
N LEU FC 194 -68.42 -57.84 -92.74
CA LEU FC 194 -68.01 -58.26 -94.08
C LEU FC 194 -66.97 -57.28 -94.61
N ASN FC 195 -65.89 -57.82 -95.18
CA ASN FC 195 -64.85 -57.00 -95.77
C ASN FC 195 -64.97 -56.88 -97.30
N THR FC 196 -65.20 -57.99 -97.99
CA THR FC 196 -65.20 -57.97 -99.44
C THR FC 196 -66.25 -58.92 -100.01
N VAL FC 197 -66.76 -58.55 -101.19
CA VAL FC 197 -67.74 -59.32 -101.94
C VAL FC 197 -67.36 -59.22 -103.41
N THR FC 198 -67.26 -60.36 -104.10
CA THR FC 198 -67.01 -60.37 -105.52
C THR FC 198 -68.01 -61.27 -106.23
N VAL FC 199 -68.23 -60.98 -107.51
CA VAL FC 199 -69.21 -61.67 -108.34
C VAL FC 199 -68.46 -62.27 -109.52
N SER FC 200 -68.81 -63.52 -109.89
CA SER FC 200 -68.18 -64.16 -111.03
C SER FC 200 -68.54 -63.44 -112.33
N PRO FC 201 -67.65 -63.50 -113.35
CA PRO FC 201 -67.97 -62.85 -114.63
C PRO FC 201 -69.11 -63.50 -115.38
N ASP FC 202 -69.47 -64.74 -115.07
CA ASP FC 202 -70.66 -65.34 -115.69
C ASP FC 202 -71.94 -64.72 -115.16
N GLY FC 203 -71.91 -64.16 -113.95
CA GLY FC 203 -73.09 -63.56 -113.36
C GLY FC 203 -73.99 -64.56 -112.66
N SER FC 204 -73.44 -65.65 -112.16
CA SER FC 204 -74.24 -66.70 -111.53
C SER FC 204 -73.88 -66.97 -110.07
N LEU FC 205 -72.62 -66.81 -109.68
CA LEU FC 205 -72.21 -67.06 -108.31
C LEU FC 205 -71.43 -65.89 -107.74
N CYS FC 206 -71.39 -65.83 -106.41
CA CYS FC 206 -70.88 -64.70 -105.66
C CYS FC 206 -70.17 -65.18 -104.40
N ALA FC 207 -69.04 -64.57 -104.09
CA ALA FC 207 -68.26 -64.90 -102.91
C ALA FC 207 -68.25 -63.73 -101.94
N SER FC 208 -68.40 -64.03 -100.65
CA SER FC 208 -68.42 -63.01 -99.61
C SER FC 208 -67.48 -63.41 -98.48
N GLY FC 209 -66.64 -62.47 -98.04
CA GLY FC 209 -65.70 -62.75 -96.98
C GLY FC 209 -65.56 -61.57 -96.03
N GLY FC 210 -65.21 -61.88 -94.79
CA GLY FC 210 -65.13 -60.88 -93.75
C GLY FC 210 -64.14 -61.18 -92.64
N LYS FC 211 -64.55 -60.89 -91.39
CA LYS FC 211 -63.65 -61.03 -90.25
C LYS FC 211 -63.37 -62.49 -89.92
N ASP FC 212 -64.41 -63.32 -89.90
CA ASP FC 212 -64.30 -64.71 -89.45
C ASP FC 212 -63.54 -65.58 -90.45
N GLY FC 213 -63.30 -65.09 -91.68
CA GLY FC 213 -62.65 -65.90 -92.67
C GLY FC 213 -63.52 -66.97 -93.27
N GLN FC 214 -64.84 -66.81 -93.16
CA GLN FC 214 -65.81 -67.78 -93.69
C GLN FC 214 -66.28 -67.25 -95.04
N ALA FC 215 -65.60 -67.70 -96.09
CA ALA FC 215 -65.97 -67.31 -97.46
C ALA FC 215 -67.23 -68.05 -97.86
N MET FC 216 -68.33 -67.33 -97.98
CA MET FC 216 -69.63 -67.91 -98.30
C MET FC 216 -69.95 -67.73 -99.78
N LEU FC 217 -70.57 -68.74 -100.38
CA LEU FC 217 -70.97 -68.71 -101.78
C LEU FC 217 -72.48 -68.53 -101.89
N TRP FC 218 -72.89 -67.63 -102.77
CA TRP FC 218 -74.30 -67.33 -103.02
C TRP FC 218 -74.58 -67.38 -104.50
N ASP FC 219 -75.85 -67.54 -104.85
CA ASP FC 219 -76.30 -67.60 -106.22
C ASP FC 219 -77.06 -66.31 -106.57
N LEU FC 220 -76.91 -65.87 -107.82
CA LEU FC 220 -77.52 -64.63 -108.27
C LEU FC 220 -78.92 -64.83 -108.84
N ASN FC 221 -79.18 -65.98 -109.46
CA ASN FC 221 -80.51 -66.23 -110.03
C ASN FC 221 -81.54 -66.50 -108.94
N GLU FC 222 -81.12 -67.08 -107.82
CA GLU FC 222 -82.00 -67.34 -106.70
C GLU FC 222 -81.20 -67.17 -105.42
N GLY FC 223 -81.82 -66.54 -104.42
CA GLY FC 223 -81.11 -66.25 -103.18
C GLY FC 223 -80.96 -67.46 -102.27
N LYS FC 224 -80.10 -68.40 -102.67
CA LYS FC 224 -79.87 -69.62 -101.90
C LYS FC 224 -78.38 -69.79 -101.65
N HIS FC 225 -78.06 -70.31 -100.47
CA HIS FC 225 -76.68 -70.55 -100.06
C HIS FC 225 -76.15 -71.82 -100.70
N LEU FC 226 -74.84 -71.83 -100.98
CA LEU FC 226 -74.22 -72.99 -101.62
C LEU FC 226 -73.28 -73.74 -100.68
N TYR FC 227 -72.22 -73.09 -100.20
CA TYR FC 227 -71.23 -73.68 -99.29
C TYR FC 227 -70.30 -72.58 -98.78
N THR FC 228 -69.60 -72.89 -97.69
CA THR FC 228 -68.75 -71.95 -96.97
C THR FC 228 -67.39 -72.57 -96.73
N LEU FC 229 -66.34 -71.81 -97.02
CA LEU FC 229 -64.96 -72.25 -96.84
C LEU FC 229 -64.32 -71.48 -95.70
N ASP FC 230 -63.27 -72.04 -95.12
CA ASP FC 230 -62.50 -71.38 -94.09
C ASP FC 230 -61.18 -70.85 -94.65
N GLY FC 231 -60.75 -69.72 -94.10
CA GLY FC 231 -59.50 -69.12 -94.52
C GLY FC 231 -58.51 -68.94 -93.37
N GLY FC 232 -58.98 -69.12 -92.15
CA GLY FC 232 -58.13 -69.02 -90.98
C GLY FC 232 -58.03 -67.61 -90.42
N ASP FC 233 -57.38 -66.73 -91.16
CA ASP FC 233 -57.22 -65.33 -90.76
C ASP FC 233 -58.32 -64.51 -91.43
N ILE FC 234 -58.24 -63.19 -91.34
CA ILE FC 234 -59.26 -62.32 -91.90
C ILE FC 234 -59.11 -62.25 -93.42
N ILE FC 235 -60.24 -62.30 -94.13
CA ILE FC 235 -60.24 -62.18 -95.58
C ILE FC 235 -60.25 -60.70 -95.94
N ASN FC 236 -59.23 -60.27 -96.69
CA ASN FC 236 -59.12 -58.88 -97.12
C ASN FC 236 -59.72 -58.64 -98.50
N ALA FC 237 -59.34 -59.47 -99.47
CA ALA FC 237 -59.84 -59.31 -100.84
C ALA FC 237 -60.13 -60.67 -101.44
N LEU FC 238 -61.30 -60.77 -102.08
CA LEU FC 238 -61.69 -61.95 -102.85
C LEU FC 238 -61.70 -61.61 -104.33
N CYS FC 239 -61.38 -62.60 -105.16
CA CYS FC 239 -61.33 -62.35 -106.61
C CYS FC 239 -61.54 -63.67 -107.35
N PHE FC 240 -62.51 -63.67 -108.28
CA PHE FC 240 -62.63 -64.79 -109.20
C PHE FC 240 -61.63 -64.65 -110.34
N SER FC 241 -61.15 -65.79 -110.83
CA SER FC 241 -60.23 -65.77 -111.95
C SER FC 241 -60.99 -65.47 -113.24
N PRO FC 242 -60.41 -64.66 -114.14
CA PRO FC 242 -61.15 -64.30 -115.36
C PRO FC 242 -61.25 -65.43 -116.37
N ASN FC 243 -60.16 -66.18 -116.58
CA ASN FC 243 -60.17 -67.30 -117.51
C ASN FC 243 -60.33 -68.65 -116.83
N ARG FC 244 -59.77 -68.82 -115.64
CA ARG FC 244 -59.81 -70.09 -114.92
C ARG FC 244 -61.00 -70.12 -113.96
N TYR FC 245 -61.30 -71.32 -113.49
CA TYR FC 245 -62.43 -71.55 -112.59
C TYR FC 245 -61.94 -71.58 -111.15
N TRP FC 246 -61.33 -70.46 -110.73
CA TRP FC 246 -60.67 -70.34 -109.44
C TRP FC 246 -61.23 -69.17 -108.65
N LEU FC 247 -61.18 -69.31 -107.32
CA LEU FC 247 -61.48 -68.23 -106.38
C LEU FC 247 -60.26 -67.99 -105.51
N CYS FC 248 -59.80 -66.74 -105.46
CA CYS FC 248 -58.59 -66.37 -104.73
C CYS FC 248 -58.95 -65.45 -103.57
N ALA FC 249 -58.24 -65.61 -102.46
CA ALA FC 249 -58.54 -64.89 -101.23
C ALA FC 249 -57.26 -64.37 -100.59
N ALA FC 250 -57.38 -63.23 -99.91
CA ALA FC 250 -56.31 -62.66 -99.11
C ALA FC 250 -56.55 -63.03 -97.65
N THR FC 251 -56.15 -64.25 -97.29
CA THR FC 251 -56.38 -64.77 -95.94
C THR FC 251 -55.17 -64.42 -95.08
N GLY FC 252 -55.09 -63.14 -94.70
CA GLY FC 252 -54.05 -62.68 -93.82
C GLY FC 252 -52.71 -62.55 -94.52
N PRO FC 253 -51.68 -63.22 -93.97
CA PRO FC 253 -50.34 -63.10 -94.54
C PRO FC 253 -50.08 -63.94 -95.78
N SER FC 254 -51.09 -64.62 -96.32
CA SER FC 254 -50.89 -65.53 -97.43
C SER FC 254 -51.95 -65.30 -98.51
N ILE FC 255 -51.62 -65.74 -99.72
CA ILE FC 255 -52.54 -65.74 -100.86
C ILE FC 255 -53.10 -67.15 -100.99
N LYS FC 256 -54.39 -67.33 -100.76
CA LYS FC 256 -54.95 -68.68 -100.66
C LYS FC 256 -56.01 -68.86 -101.74
N ILE FC 257 -55.78 -69.82 -102.65
CA ILE FC 257 -56.68 -70.01 -103.78
C ILE FC 257 -57.42 -71.33 -103.61
N TRP FC 258 -58.48 -71.48 -104.40
CA TRP FC 258 -59.29 -72.68 -104.43
C TRP FC 258 -59.89 -72.87 -105.82
N ASP FC 259 -60.19 -74.12 -106.15
CA ASP FC 259 -61.05 -74.45 -107.28
C ASP FC 259 -62.47 -74.60 -106.76
N LEU FC 260 -63.44 -74.03 -107.50
CA LEU FC 260 -64.82 -74.03 -107.01
C LEU FC 260 -65.47 -75.40 -107.14
N GLU FC 261 -65.06 -76.19 -108.15
CA GLU FC 261 -65.63 -77.52 -108.32
C GLU FC 261 -65.04 -78.50 -107.30
N GLY FC 262 -63.71 -78.54 -107.20
CA GLY FC 262 -63.06 -79.41 -106.24
C GLY FC 262 -62.85 -78.72 -104.90
N LYS FC 263 -63.62 -79.13 -103.89
CA LYS FC 263 -63.62 -78.47 -102.59
C LYS FC 263 -62.36 -78.88 -101.82
N ILE FC 264 -61.24 -78.27 -102.19
CA ILE FC 264 -59.95 -78.57 -101.59
C ILE FC 264 -59.06 -77.35 -101.81
N ILE FC 265 -58.08 -77.16 -100.93
CA ILE FC 265 -57.13 -76.07 -101.08
C ILE FC 265 -56.16 -76.39 -102.21
N VAL FC 266 -55.86 -75.39 -103.03
CA VAL FC 266 -54.97 -75.60 -104.17
C VAL FC 266 -53.58 -75.08 -103.83
N ASP FC 267 -53.48 -73.76 -103.61
CA ASP FC 267 -52.19 -73.13 -103.33
C ASP FC 267 -52.32 -72.11 -102.22
N GLU FC 268 -51.30 -72.08 -101.37
CA GLU FC 268 -51.13 -71.06 -100.34
C GLU FC 268 -49.76 -70.43 -100.54
N LEU FC 269 -49.75 -69.15 -100.86
CA LEU FC 269 -48.55 -68.40 -101.25
C LEU FC 269 -48.10 -67.56 -100.07
N LYS FC 270 -46.88 -67.82 -99.58
CA LYS FC 270 -46.23 -67.02 -98.56
C LYS FC 270 -44.87 -66.58 -99.07
N GLN FC 271 -44.43 -65.41 -98.62
CA GLN FC 271 -43.17 -64.86 -99.09
C GLN FC 271 -41.98 -65.56 -98.41
N GLU FC 272 -40.84 -65.53 -99.09
CA GLU FC 272 -39.61 -66.13 -98.59
C GLU FC 272 -38.65 -65.08 -98.04
N VAL FC 273 -39.09 -63.84 -97.91
CA VAL FC 273 -38.25 -62.74 -97.46
C VAL FC 273 -38.66 -62.33 -96.05
N ILE FC 274 -39.18 -63.29 -95.27
CA ILE FC 274 -39.67 -63.04 -93.92
C ILE FC 274 -38.47 -62.72 -93.03
N SER FC 275 -38.36 -61.46 -92.60
CA SER FC 275 -37.32 -61.03 -91.68
C SER FC 275 -37.87 -60.63 -90.31
N THR FC 276 -39.18 -60.40 -90.20
CA THR FC 276 -39.80 -60.05 -88.92
C THR FC 276 -40.06 -61.34 -88.14
N SER FC 277 -39.00 -61.83 -87.50
CA SER FC 277 -39.04 -63.08 -86.77
C SER FC 277 -38.83 -62.90 -85.27
N SER FC 278 -38.91 -61.67 -84.77
CA SER FC 278 -38.72 -61.37 -83.35
C SER FC 278 -39.89 -60.53 -82.85
N LYS FC 279 -40.98 -61.23 -82.48
CA LYS FC 279 -42.16 -60.65 -81.83
C LYS FC 279 -42.82 -59.55 -82.67
N ALA FC 280 -42.87 -59.76 -83.98
CA ALA FC 280 -43.39 -58.77 -84.91
C ALA FC 280 -44.44 -59.39 -85.82
N GLU FC 281 -45.33 -58.56 -86.30
CA GLU FC 281 -46.37 -59.00 -87.22
C GLU FC 281 -45.87 -58.94 -88.66
N PRO FC 282 -46.01 -60.01 -89.44
CA PRO FC 282 -45.59 -59.97 -90.84
C PRO FC 282 -46.56 -59.14 -91.67
N PRO FC 283 -46.12 -58.60 -92.81
CA PRO FC 283 -47.04 -57.84 -93.66
C PRO FC 283 -48.05 -58.77 -94.34
N GLN FC 284 -49.32 -58.49 -94.13
CA GLN FC 284 -50.39 -59.35 -94.61
C GLN FC 284 -50.76 -59.01 -96.05
N CYS FC 285 -51.52 -59.91 -96.67
CA CYS FC 285 -52.02 -59.69 -98.02
C CYS FC 285 -53.31 -58.88 -97.93
N THR FC 286 -53.30 -57.68 -98.53
CA THR FC 286 -54.43 -56.78 -98.40
C THR FC 286 -55.06 -56.35 -99.72
N SER FC 287 -54.35 -56.46 -100.84
CA SER FC 287 -54.95 -56.14 -102.13
C SER FC 287 -54.29 -56.99 -103.20
N LEU FC 288 -55.10 -57.56 -104.09
CA LEU FC 288 -54.58 -58.41 -105.16
C LEU FC 288 -55.63 -58.56 -106.24
N ALA FC 289 -55.15 -58.68 -107.49
CA ALA FC 289 -56.03 -58.80 -108.64
C ALA FC 289 -55.30 -59.48 -109.77
N TRP FC 290 -56.07 -60.18 -110.61
CA TRP FC 290 -55.51 -60.84 -111.78
C TRP FC 290 -55.29 -59.85 -112.92
N SER FC 291 -54.65 -60.32 -113.98
CA SER FC 291 -54.48 -59.55 -115.19
C SER FC 291 -55.64 -59.83 -116.15
N ALA FC 292 -55.52 -59.39 -117.39
CA ALA FC 292 -56.57 -59.61 -118.37
C ALA FC 292 -56.57 -61.04 -118.89
N ASP FC 293 -55.39 -61.67 -118.98
CA ASP FC 293 -55.27 -63.01 -119.54
C ASP FC 293 -55.26 -64.12 -118.51
N GLY FC 294 -55.07 -63.79 -117.23
CA GLY FC 294 -55.01 -64.79 -116.19
C GLY FC 294 -53.64 -65.37 -115.94
N GLN FC 295 -52.60 -64.87 -116.62
CA GLN FC 295 -51.23 -65.34 -116.45
C GLN FC 295 -50.55 -64.72 -115.24
N THR FC 296 -50.85 -63.47 -114.94
CA THR FC 296 -50.14 -62.70 -113.92
C THR FC 296 -51.14 -62.18 -112.91
N LEU FC 297 -50.75 -62.20 -111.63
CA LEU FC 297 -51.50 -61.58 -110.55
C LEU FC 297 -50.61 -60.52 -109.90
N PHE FC 298 -51.23 -59.42 -109.48
CA PHE FC 298 -50.54 -58.37 -108.74
C PHE FC 298 -51.06 -58.38 -107.30
N ALA FC 299 -50.14 -58.30 -106.35
CA ALA FC 299 -50.50 -58.36 -104.93
C ALA FC 299 -49.77 -57.24 -104.19
N GLY FC 300 -50.51 -56.18 -103.87
CA GLY FC 300 -50.04 -55.16 -102.97
C GLY FC 300 -50.30 -55.53 -101.52
N TYR FC 301 -49.24 -55.51 -100.73
CA TYR FC 301 -49.28 -55.87 -99.32
C TYR FC 301 -49.27 -54.59 -98.47
N THR FC 302 -49.12 -54.76 -97.15
CA THR FC 302 -49.10 -53.64 -96.22
C THR FC 302 -47.71 -53.07 -96.00
N ASP FC 303 -46.72 -53.49 -96.80
CA ASP FC 303 -45.35 -53.02 -96.63
C ASP FC 303 -44.85 -52.23 -97.85
N ASN FC 304 -45.75 -51.46 -98.46
CA ASN FC 304 -45.48 -50.58 -99.61
C ASN FC 304 -44.90 -51.33 -100.80
N LEU FC 305 -45.36 -52.57 -101.00
CA LEU FC 305 -44.84 -53.44 -102.06
C LEU FC 305 -45.98 -54.06 -102.82
N VAL FC 306 -45.76 -54.23 -104.13
CA VAL FC 306 -46.68 -54.97 -105.00
C VAL FC 306 -45.85 -56.06 -105.68
N ARG FC 307 -46.00 -57.30 -105.20
CA ARG FC 307 -45.30 -58.43 -105.80
C ARG FC 307 -46.13 -59.05 -106.91
N VAL FC 308 -45.45 -59.57 -107.93
CA VAL FC 308 -46.16 -60.23 -109.02
C VAL FC 308 -46.15 -61.74 -108.76
N TRP FC 309 -47.10 -62.43 -109.39
CA TRP FC 309 -47.25 -63.87 -109.24
C TRP FC 309 -47.70 -64.43 -110.59
N GLN FC 310 -46.78 -65.08 -111.30
CA GLN FC 310 -47.06 -65.56 -112.64
C GLN FC 310 -47.21 -67.08 -112.66
N VAL FC 311 -48.04 -67.57 -113.58
CA VAL FC 311 -48.30 -69.00 -113.69
C VAL FC 311 -47.07 -69.69 -114.29
N THR FC 312 -46.60 -70.75 -113.63
CA THR FC 312 -45.50 -71.53 -114.18
C THR FC 312 -45.95 -72.40 -115.34
N ILE FC 313 -46.89 -73.30 -115.10
CA ILE FC 313 -47.38 -74.20 -116.12
C ILE FC 313 -48.73 -73.73 -116.65
#